data_8XLH
#
_entry.id   8XLH
#
loop_
_entity.id
_entity.type
_entity.pdbx_description
1 polymer 'Ryanodine receptor 1'
2 polymer 'Peptidyl-prolyl cis-trans isomerase FKBP1B'
3 polymer Calmodulin-1
4 non-polymer 'ZINC ION'
5 non-polymer 'CALCIUM ION'
6 non-polymer "ADENOSINE-5'-TRIPHOSPHATE"
7 non-polymer CAFFEINE
#
loop_
_entity_poly.entity_id
_entity_poly.type
_entity_poly.pdbx_seq_one_letter_code
_entity_poly.pdbx_strand_id
1 'polypeptide(L)'
;MGDGGEGEDEVQFLRTDDEVVLQCSATVLKEQLKLCLAAEGFGNRLCFLEPTSNAQNVPPDLAICCFTLEQSLSVRALQE
MLANTVEAGVESSQGGGHRTLLYGHAILLRHAHSRMYLSCLTTSRSMTDKLAFDVGLQEDATGEACWWTMHPASKQRSEG
EKVRVGDDLILVSVSSERYLHLSTASGELQVDASFMQTLWNMNPICSCCEEGYVTGGHVLRLFHGHMDECLTISAADSDD
QRRLVYYEGGAVCTHARSLWRLEPLRISWSGSHLRWGQPLRIRHVTTGRYLALTEDQGLVVVDACKAHTKATSFCFRVSK
EKLDTAPKRDVEGMGPPEIKYGESLCFVQHVASGLWLTYAAPDPKALRLGVLKKKAILHQEGHMDDALFLTRCQQEESQA
ARMIHSTAGLYNQFIKGLDSFSGKPRGSGPPAGPALPIEAVILSLQDLIGYFEPPSEELQHEEKQSKLRSLRNRQSLFQE
EGMLSLVLNCIDRLNVYTTAAHFAEYAGEEAAESWKEIVNLLYELLASLIRGNRANCALFSTNLDWVVSKLDRLEASSGI
LEVLYCVLIESPEVLNIIQENHIKSIISLLDKHGRNHKVLDVLCSLCVCNGVAVRSNQDLITENLLPGRELLLQTNLINY
VTSIRPNIFVGRAEGSTQYGKWYFEVMVDEVVPFLTAQATHLRVGWALTEGYSPYPGGGEGWGGNGVGDDLYSYGFDGLH
LWTGHVARPVTSPGQHLLAPEDVVSCCLDLSVPSISFRINGCPVQGVFEAFNLDGLFFPVVSFSAGVKVRFLLGGRHGEF
KFLPPPGYAPCHEAVLPRERLRLEPIKEYRREGPRGPHLVGPSRCLSHTDFVPCPVDTVQIVLPPHLERIREKLAENIHE
LWALTRIEQGWTYGPVRDDNKRLHPCLVNFHSLPEPERNYNLQMSGETLKTLLALGCHVGMADEKAEDNLKKTKLPKTYM
MSNGYKPAPLDLSHVRLTPAQTTLVDRLAENGHNVWARDRVAQGWSYSAVQDIPARRNPRLVPYRLLDEATKRSNRDSLC
QAVRTLLGYGYNIEPPDQEPSQVENQSRWDRVRIFRAEKSYTVQSGRWYFEFEAVTTGEMRVGWARPELRPDVELGADEL
AYVFNGHRGQRWHLGSEPFGRPWQSGDVVGCMIDLTENTIIFTLNGEVLMSDSGSETAFREIEIGDGFLPVCSLGPGQVG
HLNLGQDVSSLRFFAICGLQEGFEPFAINMQRPVTTWFSKSLPQFEPVPPEHPHYEVARMDGTVDTPPCLRLAHRTWGSQ
NSLVEMLFLRLSLPVQFHQHFRCTAGATPLAPPGLQPPAEDEARAAEPDPDYENLRRSAGGWGEAEGGKEGTAKEGTPGG
TPQPGVEAQPVRAENEKDATTEKNKKRGFLFKAKKAAMMTQPPATPALPRLPHDVVPADNRDDPEIILNTTTYYYSVRVF
AGQEPSCVWVGWVTPDYHQHDMNFDLSKVRAVTVTMGDEQGNVHSSLKCSNCYMVWGGDFVSPGQQGRISHTDLVIGCLV
DLATGLMTFTANGKESNTFFQVEPNTKLFPAVFVLPTHQNVIQFELGKQKNIMPLSAAMFLSERKNPAPQCPPRLEVQML
MPVSWSRMPNHFLQVETRRAGERLGWAVQCQDPLTMMALHIPEENRCMDILELSERLDLQRFHSHTLRLYRAVCALGNNR
VAHALCSHVDQAQLLHALEDAHLPGPLRAGYYDLLISIHLESACRSRRSMLSEYIVPLTPETRAITLFPPGRKGGNARRH
GLPGVGVTTSLRPPHHFSPPCFVAALPAAGVAEAPARLSPAIPLEALRDKALRMLGEAVRDGGQHARDPVGGSVEFQFVP
VLKLVSTLLVMGIFGDEDVKQILKMIEPEVFTEEEEEEEEEEEEEEEEEEDEEEKEEDEEEEEKEDAEKEEEEAPEGEKE
DLEEGLLQMKLPESVKLQMCNLLEYFCDQELQHRVESLAAFAERYVDKLQANQRSRYALLMRAFTMSAAETARRTREFRS
PPQEQINMLLHFKDEADEEDCPLPEDIRQDLQDFHQDLLAHCGIQLEGEEEEPEEETSLSSRLRSLLETVRLVKKKEEKP
EEELPAEEKKPQSLQELVSHMVVRWAQEDYVQSPELVRAMFSLLHRQYDGLGELLRALPRAYTISPSSVEDTMSLLECLG
QIRSLLIVQMGPQEENLMIQSIGNIMNNKVFYQHPNLMRALGMHETVMEVMVNVLGGGETKEIRFPKMVTSCCRFLCYFC
RISRQNQRSMFDHLSYLLENSGIGLGMQGSTPLDVAAASVIDNNELALALQEQDLEKVVSYLAGCGLQSCPMLLAKGYPD
IGWNPCGGERYLDFLRFAVFVNGESVEENANVVVRLLIRKPECFGPALRGEGGSGLLAAIEEAIRISEDPARDGPGVRRD
RRREHFGEEPPEENRVHLGHAIMSFYAALIDLLGRCAPEMHLIQAGKGEALRIRAILRSLVPLDDLVGIISLPLQIPTLG
KDGALVQPKMSASFVPDHKASMVLFLDRVYGIENQDFLLHVLDVGFLPDMRAAASLDTATFSTTEMALALNRYLCLAVLP
LITKCAPLFAGTEHRAIMVDSMLHTVYRLSRGRSLTKAQRDVIEDCLMALCRYIRPSMLQHLLRRLVFDVPILNEFAKMP
LKLLTNHYERCWKYYCLPTGWANFGVTSEEELHLTRKLFWGIFDSLAHKKYDQELYRMAMPCLCAIAGALPPDYVDASYS
SKAEKKATVDAEGNFDPRPVETLNVIIPEKLDSFINKFAEYTHEKWAFDKIQNNWSYGENVDEELKTHPMLRPYKTFSEK
DKEIYRWPIKESLKAMIAWEWTIEKAREGEEERTEKKKTRKISQTAQTYDPREGYNPQPPDLSGVTLSRELQAMAEQLAE
NYHNTWGRKKKQELEAKGGGTHPLLVPYDTLTAKEKARDREKAQELLKFLQMNGYAVTRGLKDMELDTSSIEKRFAFGFL
QQLLRWMDISQEFIAHLEAVVSSGRVEKSPHEQEIKFFAKILLPLINQYFTNHCLYFLSTPAKVLGSGGHASNKEKEMIT
SLFCKLAALVRHRVSLFGTDAPAVVNCLHILARSLDARTVMKSGPEIVKAGLRSFFESASEDIEKMVENLRLGKVSQART
QVKGVGQNLTYTTVALLPVLTTLFQHIAQHQFGDDVILDDVQVSCYRTLCSIYSLGTTKNTYVEKLRPALGECLARLAAA
MPVAFLEPQLNEYNACSVYTTKSPRERAILGLPNSVEEMCPDIPVLDRLMADIGGLAESGARYTEMPHVIEITLPMLCSY
LPRWWERGPEAPPPALPAGAPPPCTAVTSDHLNSLLGNILRIIVNNLGIDEATWMKRLAVFAQPIVSRARPELLHSHFIP
TIGRLRKRAGKVVAEEEQLRLEAKAEAEEGELLVRDEFSVLCRDLYALYPLLIRYVDNNRAHWLTEPNANAEELFRMVGE
IFIYWSKSHNFKREEQNFVVQNEINNMSFLTADSKSKMAKAGDAQSGGSDQERTKKKRRGDRYSVQTSLIVATLKKMLPI
GLNMCAPTDQDLIMLAKTRYALKDTDEEVREFLQNNLHLQGKVEGSPSLRWQMALYRGLPGREEDADDPEKIVRRVQEVS
AVLYHLEQTEHPYKSKKAVWHKLLSKQRRRAVVACFRMTPLYNLPTHRACNMFLESYKAAWILTEDHSFEDRMIDDLSKA
GEQEEEEEEVEEKKPDPLHQLVLHFSRTALTEKSKLDEDYLYMAYADIMAKSCHLEEGGENGEAEEEEVEVSFEEKEMEK
QRLLYQQSRLHTRGAAEMVLQMISACKGETGAMVSSTLKLGISILNGGNAEVQQKMLDYLKDKKEVGFFQSIQALMQTCS
VLDLNAFERQNKAEGLGMVNEDGTVINRQNGEKVMADDEFTQDLFRFLQLLCEGHNNDFQNYLRTQTGNTTTINIIICTV
DYLLRLQESISDFYWYYSGKDVIEEQGKRNFSKAMSVAKQVFNSLTEYIQGPCTGNQQSLAHSRLWDAVVGFLHVFAHMM
MKLAQDSSQIELLKELLDLQKDMVVMLLSLLEGNVVNGMIARQMVDMLVESSSNVEMILKFFDMFLKLKDIVGSEAFQDY
VTDPRGLISKKDFQKAMDSQKQFTGPEIQFLLSCSEADENEMINFEEFANRFQEPARDIGFNVAVLLTNLSEHVPHDPRL
RNFLELAESILEYFRPYLGRIEIMGASRRIERIYFEISETNRAQWEMPQVKESKRQFIFDVVNEGGEAEKMELFVSFCED
TIFEMQIAAQISEPEGEPEADEDEGMGEAAAEGAEEGAAGAEGAAGTVAAGATARLAAAAARALRGLSYRSLRRRVRRLR
RLTAREAATALAALLWAVVARAGAAGAGAAAGALRLLWGSLFGGGLVEGAKKVTVTELLAGMPDPTSDEVHGEQPAGPGG
DADGAGEGEGEGDAAEGDGDEEVAGHEAGPGGAEGVVAVADGGPFRPEGAGGLGDMGDTTPAEPPTPEGSPILKRKLGVD
GEEEELVPEPEPEPEPEPEKADEENGEKEEVPEAPPEPPKKAPPSPPAKKEEAGGAGMEFWGELEVQRVKFLNYLSRNFY
TLKYLALFLAFAINFILLFYKVSDSPPGEDDMEGSAAGDLAGAGSGGGSGWGSGAGEEAEGDEDENMVYYFLEESTGYME
PALWCLSLLHTLVAFLMIIGYNCLKVPLVIFKREKELARKLEFDGLYITEQPGDDDVKGQWDRLVLNTPSFPSNYWDKFV
KRKVLDKHGDIFGRERIAELLGMDLASLEITAHNERKPDPPPGLLTWLMSIDVKYQIWKFGVIFTDNSFLYSGWYMVMSL
LGHYNNFFFAAHLLDIAMEVKTLRTILSSVTHNGKQLVMTVGLLAVVVYLYTVVAFNFFRKFYNKSEDEDEPDMKCDDMM
TCYLFHMYVGVRAGGGIGDEIEDPAGDEYELYRVVFDITFFFFVIVILLAIIQGLIIDAFGELRDQQEQVKEDMETKCFI
CGIGSDYFDTTPHGFETHTLEEHNLANYMFFLMYLINKDETEHTGQESYVWKMYQERCWDFFPAGDCFRKQYEDQLS
;
A,D,C,B
2 'polypeptide(L)'
;GVEIETISPGDGRTFPKKGQTCVVHYTGMLQNGKKFDSSRDRNKPFKFRIGKQEVIKGFEEGAAQMSLGQRAKLTCTPDV
AYGATGHPGVIPPNATLIFDVELLNLE
;
E,H,G,F
3 'polypeptide(L)'
;MADQLTEEQIAEFKEAFSLFDKDGDGTITTKALGTVMRSLGQNPTEAELQDMINEVDADGNGTIDFPAFLTMMARKMKDT
DSEEEIREAFRVFDKDGNGYISAAALRHVMTNLGEKLTDEEVDEMIREADIDGDGQVNYEAFVQMMTAK
;
I,L,K,J
#
loop_
_chem_comp.id
_chem_comp.type
_chem_comp.name
_chem_comp.formula
ATP non-polymer ADENOSINE-5'-TRIPHOSPHATE 'C10 H16 N5 O13 P3'
CA non-polymer 'CALCIUM ION' 'Ca 2'
CFF non-polymer CAFFEINE 'C8 H10 N4 O2'
ZN non-polymer 'ZINC ION' 'Zn 2'
#
# COMPACT_ATOMS: atom_id res chain seq x y z
N GLN A 12 -29.19 -18.34 -4.41
CA GLN A 12 -29.86 -17.11 -4.82
C GLN A 12 -31.30 -17.38 -5.23
N PHE A 13 -31.48 -18.21 -6.27
CA PHE A 13 -32.82 -18.60 -6.70
C PHE A 13 -32.79 -20.05 -7.15
N LEU A 14 -33.95 -20.68 -7.16
CA LEU A 14 -34.06 -22.06 -7.59
C LEU A 14 -33.93 -22.18 -9.11
N ARG A 15 -33.33 -23.28 -9.53
CA ARG A 15 -33.09 -23.54 -10.95
C ARG A 15 -33.46 -24.98 -11.24
N THR A 16 -33.58 -25.31 -12.52
CA THR A 16 -33.82 -26.70 -12.88
C THR A 16 -32.57 -27.54 -12.60
N ASP A 17 -32.79 -28.86 -12.54
CA ASP A 17 -31.71 -29.82 -12.30
C ASP A 17 -31.01 -29.57 -10.97
N ASP A 18 -31.78 -29.16 -9.96
CA ASP A 18 -31.26 -28.93 -8.62
C ASP A 18 -31.88 -29.94 -7.65
N GLU A 19 -31.09 -30.34 -6.65
CA GLU A 19 -31.54 -31.31 -5.66
C GLU A 19 -31.91 -30.58 -4.37
N VAL A 20 -33.13 -30.85 -3.89
CA VAL A 20 -33.73 -30.11 -2.80
C VAL A 20 -34.53 -31.07 -1.92
N VAL A 21 -35.04 -30.56 -0.80
CA VAL A 21 -35.85 -31.34 0.12
C VAL A 21 -37.01 -30.50 0.61
N LEU A 22 -38.16 -31.14 0.82
CA LEU A 22 -39.31 -30.49 1.39
C LEU A 22 -39.17 -30.35 2.90
N GLN A 23 -39.99 -29.51 3.49
CA GLN A 23 -39.92 -29.26 4.93
C GLN A 23 -41.23 -28.66 5.41
N CYS A 24 -41.76 -29.20 6.50
CA CYS A 24 -42.94 -28.65 7.16
C CYS A 24 -42.68 -28.59 8.66
N SER A 25 -43.35 -27.65 9.32
CA SER A 25 -43.14 -27.39 10.74
C SER A 25 -44.49 -27.41 11.45
N ALA A 26 -44.69 -28.40 12.31
CA ALA A 26 -45.91 -28.53 13.11
C ALA A 26 -45.52 -28.90 14.53
N THR A 27 -45.89 -28.05 15.48
CA THR A 27 -45.60 -28.32 16.88
C THR A 27 -46.50 -29.43 17.43
N VAL A 28 -45.95 -30.21 18.36
CA VAL A 28 -46.66 -31.32 18.99
C VAL A 28 -46.69 -31.16 20.51
N LEU A 29 -45.54 -30.97 21.12
CA LEU A 29 -45.41 -30.83 22.58
C LEU A 29 -45.29 -29.36 22.99
N LYS A 30 -46.02 -28.49 22.31
CA LYS A 30 -45.93 -27.03 22.46
C LYS A 30 -44.57 -26.49 22.04
N GLU A 31 -43.77 -27.29 21.36
CA GLU A 31 -42.49 -26.88 20.80
C GLU A 31 -42.43 -27.30 19.35
N GLN A 32 -41.75 -26.49 18.53
CA GLN A 32 -41.72 -26.74 17.10
C GLN A 32 -40.91 -27.99 16.77
N LEU A 33 -41.45 -28.82 15.89
CA LEU A 33 -40.77 -30.02 15.41
C LEU A 33 -40.71 -29.94 13.89
N LYS A 34 -39.51 -30.01 13.34
CA LYS A 34 -39.34 -29.98 11.89
C LYS A 34 -39.58 -31.38 11.32
N LEU A 35 -40.41 -31.45 10.29
CA LEU A 35 -40.78 -32.72 9.66
C LEU A 35 -40.55 -32.62 8.17
N CYS A 36 -39.84 -33.60 7.62
CA CYS A 36 -39.59 -33.66 6.19
C CYS A 36 -40.36 -34.83 5.58
N LEU A 37 -40.36 -34.90 4.26
CA LEU A 37 -41.12 -35.90 3.52
C LEU A 37 -40.13 -36.79 2.77
N ALA A 38 -40.26 -38.10 2.96
CA ALA A 38 -39.35 -39.04 2.31
C ALA A 38 -40.01 -40.41 2.24
N ALA A 39 -39.50 -41.23 1.32
CA ALA A 39 -39.98 -42.59 1.14
C ALA A 39 -38.82 -43.47 0.70
N GLU A 40 -38.90 -44.75 1.03
CA GLU A 40 -37.78 -45.66 0.78
C GLU A 40 -37.70 -46.08 -0.68
N GLY A 41 -38.83 -46.22 -1.37
CA GLY A 41 -38.81 -46.64 -2.76
C GLY A 41 -39.25 -48.09 -2.96
N PHE A 42 -38.28 -48.97 -3.21
CA PHE A 42 -38.59 -50.37 -3.53
C PHE A 42 -39.22 -51.10 -2.34
N GLY A 43 -40.51 -51.43 -2.45
CA GLY A 43 -41.21 -52.21 -1.44
C GLY A 43 -42.28 -51.44 -0.69
N ASN A 44 -42.22 -50.11 -0.70
CA ASN A 44 -43.25 -49.30 -0.04
C ASN A 44 -43.55 -48.10 -0.94
N ARG A 45 -44.62 -48.20 -1.72
CA ARG A 45 -45.03 -47.10 -2.59
C ARG A 45 -45.56 -45.91 -1.81
N LEU A 46 -45.86 -46.07 -0.52
CA LEU A 46 -46.37 -44.98 0.28
C LEU A 46 -45.22 -44.08 0.77
N CYS A 47 -45.59 -42.97 1.39
CA CYS A 47 -44.64 -41.99 1.87
C CYS A 47 -44.99 -41.62 3.30
N PHE A 48 -43.98 -41.24 4.08
CA PHE A 48 -44.15 -40.96 5.50
C PHE A 48 -43.29 -39.76 5.87
N LEU A 49 -43.23 -39.46 7.17
CA LEU A 49 -42.53 -38.31 7.70
C LEU A 49 -41.32 -38.74 8.51
N GLU A 50 -40.26 -37.94 8.47
CA GLU A 50 -39.03 -38.20 9.19
C GLU A 50 -38.69 -37.02 10.09
N PRO A 51 -38.81 -37.15 11.42
CA PRO A 51 -38.45 -36.03 12.31
C PRO A 51 -36.96 -35.71 12.23
N THR A 52 -36.65 -34.43 12.27
CA THR A 52 -35.27 -33.95 12.22
C THR A 52 -35.11 -32.82 13.24
N SER A 53 -35.56 -33.07 14.47
CA SER A 53 -35.55 -32.05 15.51
C SER A 53 -34.47 -32.26 16.57
N ASN A 54 -33.81 -33.41 16.59
CA ASN A 54 -32.79 -33.73 17.60
C ASN A 54 -31.50 -34.15 16.91
N ALA A 55 -31.05 -33.33 15.96
CA ALA A 55 -29.82 -33.66 15.23
C ALA A 55 -28.62 -33.76 16.14
N GLN A 56 -28.65 -33.08 17.29
CA GLN A 56 -27.53 -33.15 18.22
C GLN A 56 -27.42 -34.52 18.89
N ASN A 57 -28.50 -35.29 18.92
CA ASN A 57 -28.45 -36.62 19.52
C ASN A 57 -28.99 -37.70 18.59
N VAL A 58 -30.04 -37.41 17.84
CA VAL A 58 -30.65 -38.38 16.94
C VAL A 58 -30.20 -38.05 15.52
N PRO A 59 -29.45 -38.92 14.85
CA PRO A 59 -29.01 -38.65 13.48
C PRO A 59 -30.14 -38.87 12.50
N PRO A 60 -30.63 -37.81 11.85
CA PRO A 60 -31.70 -37.99 10.88
C PRO A 60 -31.22 -38.70 9.62
N ASP A 61 -32.13 -39.45 9.01
CA ASP A 61 -31.83 -40.20 7.80
C ASP A 61 -32.14 -39.31 6.60
N LEU A 62 -31.11 -38.78 5.97
CA LEU A 62 -31.26 -37.92 4.80
C LEU A 62 -30.83 -38.63 3.51
N ALA A 63 -30.67 -39.95 3.54
CA ALA A 63 -30.31 -40.68 2.32
C ALA A 63 -31.50 -40.80 1.38
N ILE A 64 -32.73 -40.75 1.91
CA ILE A 64 -33.93 -40.93 1.12
C ILE A 64 -34.77 -39.67 1.05
N CYS A 65 -34.36 -38.59 1.72
CA CYS A 65 -35.13 -37.35 1.69
C CYS A 65 -34.81 -36.49 0.47
N CYS A 66 -33.73 -36.77 -0.24
CA CYS A 66 -33.33 -35.92 -1.36
C CYS A 66 -34.30 -36.05 -2.53
N PHE A 67 -34.66 -34.90 -3.09
CA PHE A 67 -35.49 -34.81 -4.28
C PHE A 67 -34.72 -34.03 -5.35
N THR A 68 -35.33 -33.85 -6.52
CA THR A 68 -34.71 -33.08 -7.57
C THR A 68 -35.78 -32.55 -8.52
N LEU A 69 -35.51 -31.38 -9.09
CA LEU A 69 -36.43 -30.73 -10.02
C LEU A 69 -35.97 -30.95 -11.45
N GLU A 70 -36.86 -31.48 -12.28
CA GLU A 70 -36.52 -31.83 -13.65
C GLU A 70 -37.23 -31.00 -14.71
N GLN A 71 -38.48 -30.62 -14.48
CA GLN A 71 -39.24 -29.89 -15.47
C GLN A 71 -40.03 -28.78 -14.79
N SER A 72 -40.29 -27.72 -15.54
CA SER A 72 -41.10 -26.61 -15.05
C SER A 72 -41.77 -25.96 -16.25
N LEU A 73 -43.10 -26.00 -16.29
CA LEU A 73 -43.84 -25.54 -17.45
C LEU A 73 -45.08 -24.79 -17.01
N SER A 74 -45.59 -23.96 -17.91
CA SER A 74 -46.89 -23.32 -17.68
C SER A 74 -48.00 -24.34 -17.86
N VAL A 75 -49.18 -24.00 -17.34
CA VAL A 75 -50.29 -24.94 -17.35
C VAL A 75 -50.71 -25.27 -18.78
N ARG A 76 -50.78 -24.26 -19.65
CA ARG A 76 -51.16 -24.51 -21.04
C ARG A 76 -50.11 -25.35 -21.76
N ALA A 77 -48.83 -25.08 -21.52
CA ALA A 77 -47.77 -25.90 -22.10
C ALA A 77 -47.92 -27.35 -21.65
N LEU A 78 -48.20 -27.55 -20.37
CA LEU A 78 -48.41 -28.90 -19.85
C LEU A 78 -49.58 -29.58 -20.56
N GLN A 79 -50.71 -28.87 -20.67
CA GLN A 79 -51.91 -29.50 -21.24
C GLN A 79 -51.75 -29.77 -22.72
N GLU A 80 -50.99 -28.96 -23.44
CA GLU A 80 -50.77 -29.28 -24.86
C GLU A 80 -49.76 -30.41 -25.00
N MET A 81 -48.78 -30.49 -24.10
CA MET A 81 -47.86 -31.63 -24.12
C MET A 81 -48.58 -32.93 -23.80
N LEU A 82 -49.62 -32.87 -22.97
CA LEU A 82 -50.34 -34.09 -22.60
C LEU A 82 -50.92 -34.82 -23.80
N ALA A 83 -51.26 -34.09 -24.86
CA ALA A 83 -51.81 -34.72 -26.05
C ALA A 83 -50.75 -35.33 -26.95
N ASN A 84 -49.47 -35.10 -26.67
CA ASN A 84 -48.39 -35.64 -27.48
C ASN A 84 -47.34 -36.32 -26.61
N GLY A 97 -31.68 -27.24 -20.97
CA GLY A 97 -31.50 -25.87 -20.53
C GLY A 97 -31.64 -25.71 -19.04
N HIS A 98 -31.90 -24.47 -18.60
CA HIS A 98 -32.05 -24.17 -17.18
C HIS A 98 -33.03 -23.00 -17.04
N ARG A 99 -34.24 -23.30 -16.61
CA ARG A 99 -35.26 -22.28 -16.37
C ARG A 99 -35.34 -21.97 -14.89
N THR A 100 -35.98 -20.84 -14.59
CA THR A 100 -36.19 -20.39 -13.22
C THR A 100 -37.66 -20.52 -12.85
N LEU A 101 -37.92 -20.98 -11.64
CA LEU A 101 -39.29 -21.20 -11.21
C LEU A 101 -40.02 -19.88 -10.98
N LEU A 102 -41.30 -19.85 -11.34
CA LEU A 102 -42.18 -18.74 -11.04
C LEU A 102 -43.49 -19.28 -10.49
N TYR A 103 -44.10 -18.53 -9.59
CA TYR A 103 -45.39 -18.94 -9.02
C TYR A 103 -46.45 -19.00 -10.11
N GLY A 104 -47.22 -20.09 -10.11
CA GLY A 104 -48.21 -20.34 -11.12
C GLY A 104 -47.82 -21.42 -12.11
N HIS A 105 -46.53 -21.73 -12.23
CA HIS A 105 -46.09 -22.78 -13.13
C HIS A 105 -46.35 -24.15 -12.50
N ALA A 106 -46.14 -25.18 -13.31
CA ALA A 106 -46.24 -26.56 -12.85
C ALA A 106 -44.85 -27.05 -12.43
N ILE A 107 -44.78 -28.31 -12.00
CA ILE A 107 -43.53 -28.88 -11.53
C ILE A 107 -43.59 -30.39 -11.66
N LEU A 108 -42.42 -31.02 -11.74
CA LEU A 108 -42.29 -32.48 -11.82
C LEU A 108 -41.23 -32.89 -10.81
N LEU A 109 -41.67 -33.34 -9.64
CA LEU A 109 -40.72 -33.83 -8.65
C LEU A 109 -40.13 -35.15 -9.10
N ARG A 110 -38.99 -35.51 -8.50
CA ARG A 110 -38.32 -36.76 -8.86
C ARG A 110 -37.45 -37.19 -7.68
N HIS A 111 -37.76 -38.34 -7.11
CA HIS A 111 -36.96 -38.84 -6.00
C HIS A 111 -35.58 -39.24 -6.50
N ALA A 112 -34.54 -38.75 -5.82
CA ALA A 112 -33.18 -38.89 -6.35
C ALA A 112 -32.70 -40.33 -6.30
N HIS A 113 -32.89 -41.00 -5.16
CA HIS A 113 -32.27 -42.30 -4.95
C HIS A 113 -32.97 -43.39 -5.76
N SER A 114 -34.26 -43.58 -5.54
CA SER A 114 -34.99 -44.64 -6.22
C SER A 114 -35.29 -44.30 -7.67
N ARG A 115 -35.14 -43.04 -8.07
CA ARG A 115 -35.40 -42.60 -9.45
C ARG A 115 -36.84 -42.85 -9.86
N MET A 116 -37.77 -42.50 -8.98
CA MET A 116 -39.19 -42.63 -9.25
C MET A 116 -39.86 -41.29 -9.04
N TYR A 117 -40.92 -41.05 -9.81
CA TYR A 117 -41.57 -39.74 -9.83
C TYR A 117 -42.65 -39.67 -8.75
N LEU A 118 -42.61 -38.61 -7.95
CA LEU A 118 -43.64 -38.39 -6.95
C LEU A 118 -44.98 -38.07 -7.61
N SER A 119 -46.05 -38.62 -7.06
CA SER A 119 -47.38 -38.46 -7.65
C SER A 119 -48.42 -38.59 -6.56
N CYS A 120 -49.68 -38.80 -6.97
CA CYS A 120 -50.78 -38.98 -6.05
C CYS A 120 -51.60 -40.18 -6.51
N LEU A 121 -51.86 -41.12 -5.60
CA LEU A 121 -52.55 -42.34 -5.94
C LEU A 121 -54.06 -42.18 -5.72
N THR A 122 -54.81 -43.25 -5.95
CA THR A 122 -56.27 -43.24 -5.83
C THR A 122 -56.74 -44.32 -4.85
N THR A 123 -55.97 -44.55 -3.80
CA THR A 123 -56.31 -45.55 -2.80
C THR A 123 -57.01 -44.87 -1.62
N SER A 124 -57.48 -45.69 -0.69
CA SER A 124 -58.21 -45.22 0.49
C SER A 124 -57.41 -45.56 1.74
N ARG A 125 -57.29 -44.60 2.64
CA ARG A 125 -56.55 -44.82 3.89
C ARG A 125 -57.16 -43.96 4.98
N SER A 126 -56.92 -44.39 6.23
CA SER A 126 -57.27 -43.66 7.45
C SER A 126 -58.77 -43.70 7.72
N MET A 127 -59.56 -44.23 6.78
CA MET A 127 -61.00 -44.41 6.94
C MET A 127 -61.68 -43.14 7.48
N THR A 128 -61.36 -42.01 6.84
CA THR A 128 -61.86 -40.72 7.30
C THR A 128 -63.19 -40.32 6.65
N ASP A 129 -63.75 -41.18 5.79
CA ASP A 129 -64.97 -40.87 5.04
C ASP A 129 -64.81 -39.51 4.34
N LYS A 130 -63.75 -39.42 3.56
CA LYS A 130 -63.26 -38.11 3.13
C LYS A 130 -62.67 -38.24 1.73
N LEU A 131 -61.89 -37.24 1.34
CA LEU A 131 -61.26 -37.16 0.03
C LEU A 131 -59.74 -37.21 0.17
N ALA A 132 -59.26 -38.14 1.01
CA ALA A 132 -57.85 -38.19 1.36
C ALA A 132 -56.96 -38.39 0.14
N PHE A 133 -57.10 -39.55 -0.53
CA PHE A 133 -56.26 -39.90 -1.67
C PHE A 133 -54.78 -39.83 -1.30
N ASP A 134 -54.39 -40.73 -0.40
CA ASP A 134 -53.05 -40.78 0.16
C ASP A 134 -51.98 -40.71 -0.93
N VAL A 135 -50.86 -40.09 -0.60
CA VAL A 135 -49.81 -39.82 -1.57
C VAL A 135 -49.00 -41.09 -1.84
N GLY A 136 -48.44 -41.18 -3.05
CA GLY A 136 -47.58 -42.28 -3.41
C GLY A 136 -46.90 -42.01 -4.73
N LEU A 137 -45.77 -42.68 -4.93
CA LEU A 137 -44.93 -42.52 -6.11
C LEU A 137 -44.73 -43.89 -6.75
N GLN A 138 -45.09 -44.04 -8.03
CA GLN A 138 -44.92 -45.34 -8.68
C GLN A 138 -43.98 -45.31 -9.87
N GLU A 139 -44.35 -44.71 -11.00
CA GLU A 139 -43.45 -44.62 -12.14
C GLU A 139 -43.82 -43.42 -13.02
N ASP A 140 -44.81 -42.64 -12.59
CA ASP A 140 -45.73 -41.98 -13.53
C ASP A 140 -45.01 -40.91 -14.33
N ALA A 141 -44.19 -41.37 -15.28
CA ALA A 141 -43.67 -40.48 -16.30
C ALA A 141 -44.79 -39.94 -17.17
N THR A 142 -45.79 -40.77 -17.46
CA THR A 142 -46.95 -40.33 -18.20
C THR A 142 -47.68 -39.24 -17.43
N GLY A 143 -47.90 -38.11 -18.10
CA GLY A 143 -48.37 -36.90 -17.44
C GLY A 143 -49.85 -36.80 -17.20
N GLU A 144 -50.35 -37.50 -16.20
CA GLU A 144 -51.75 -37.28 -15.86
C GLU A 144 -51.96 -36.88 -14.41
N ALA A 145 -51.20 -37.45 -13.47
CA ALA A 145 -51.37 -37.14 -12.06
C ALA A 145 -50.03 -36.94 -11.36
N CYS A 146 -48.96 -36.68 -12.11
CA CYS A 146 -47.62 -36.57 -11.56
C CYS A 146 -47.12 -35.13 -11.52
N TRP A 147 -48.02 -34.16 -11.62
CA TRP A 147 -47.65 -32.76 -11.73
C TRP A 147 -48.33 -31.95 -10.64
N TRP A 148 -47.64 -30.89 -10.20
CA TRP A 148 -48.16 -30.00 -9.18
C TRP A 148 -47.99 -28.56 -9.63
N THR A 149 -48.93 -27.71 -9.23
CA THR A 149 -48.81 -26.27 -9.38
C THR A 149 -48.65 -25.64 -8.01
N MET A 150 -47.81 -24.61 -7.93
CA MET A 150 -47.48 -23.97 -6.67
C MET A 150 -48.00 -22.54 -6.68
N HIS A 151 -48.51 -22.11 -5.53
CA HIS A 151 -49.05 -20.76 -5.38
C HIS A 151 -48.41 -20.11 -4.17
N PRO A 152 -48.25 -18.78 -4.19
CA PRO A 152 -47.75 -18.08 -3.02
C PRO A 152 -48.74 -18.17 -1.86
N ALA A 153 -48.20 -18.11 -0.65
CA ALA A 153 -49.04 -18.28 0.54
C ALA A 153 -49.72 -16.96 0.91
N SER A 154 -48.94 -15.93 1.17
CA SER A 154 -49.47 -14.66 1.66
C SER A 154 -49.63 -13.66 0.51
N LYS A 155 -50.25 -12.53 0.83
CA LYS A 155 -50.54 -11.49 -0.16
C LYS A 155 -49.31 -10.72 -0.60
N GLN A 156 -48.17 -10.90 0.07
CA GLN A 156 -46.96 -10.17 -0.33
C GLN A 156 -46.50 -10.56 -1.72
N ARG A 157 -46.64 -11.82 -2.11
CA ARG A 157 -46.21 -12.30 -3.41
C ARG A 157 -47.38 -12.29 -4.38
N SER A 158 -47.08 -12.62 -5.64
CA SER A 158 -48.09 -12.63 -6.69
C SER A 158 -47.63 -13.57 -7.79
N GLU A 159 -48.48 -13.79 -8.78
CA GLU A 159 -48.15 -14.69 -9.87
C GLU A 159 -47.09 -14.07 -10.77
N GLY A 160 -46.37 -14.94 -11.48
CA GLY A 160 -45.33 -14.48 -12.37
C GLY A 160 -44.14 -13.85 -11.69
N GLU A 161 -43.92 -14.15 -10.41
CA GLU A 161 -42.79 -13.62 -9.66
C GLU A 161 -41.74 -14.69 -9.46
N LYS A 162 -40.48 -14.26 -9.43
CA LYS A 162 -39.38 -15.19 -9.22
C LYS A 162 -39.44 -15.74 -7.79
N VAL A 163 -38.96 -16.96 -7.62
CA VAL A 163 -39.12 -17.70 -6.37
C VAL A 163 -37.88 -17.47 -5.52
N ARG A 164 -38.04 -16.68 -4.46
CA ARG A 164 -36.96 -16.43 -3.52
C ARG A 164 -36.63 -17.71 -2.76
N VAL A 165 -35.34 -17.94 -2.54
CA VAL A 165 -34.90 -19.12 -1.80
C VAL A 165 -35.43 -19.04 -0.38
N GLY A 166 -36.03 -20.12 0.09
CA GLY A 166 -36.56 -20.16 1.44
C GLY A 166 -37.94 -19.56 1.59
N ASP A 167 -38.72 -19.49 0.52
CA ASP A 167 -40.09 -18.99 0.60
C ASP A 167 -41.01 -20.05 1.20
N ASP A 168 -42.30 -19.74 1.23
CA ASP A 168 -43.33 -20.67 1.67
C ASP A 168 -44.27 -20.95 0.51
N LEU A 169 -44.48 -22.22 0.21
CA LEU A 169 -45.26 -22.64 -0.95
C LEU A 169 -46.50 -23.39 -0.53
N ILE A 170 -47.51 -23.33 -1.41
CA ILE A 170 -48.70 -24.18 -1.31
C ILE A 170 -48.77 -24.97 -2.60
N LEU A 171 -48.85 -26.30 -2.49
CA LEU A 171 -48.82 -27.17 -3.65
C LEU A 171 -50.18 -27.80 -3.88
N VAL A 172 -50.60 -27.85 -5.14
CA VAL A 172 -51.91 -28.37 -5.53
C VAL A 172 -51.71 -29.38 -6.64
N SER A 173 -52.40 -30.52 -6.53
CA SER A 173 -52.34 -31.54 -7.57
C SER A 173 -53.02 -31.02 -8.83
N VAL A 174 -52.38 -31.26 -9.99
CA VAL A 174 -52.97 -30.84 -11.25
C VAL A 174 -54.21 -31.68 -11.57
N SER A 175 -54.16 -32.99 -11.28
CA SER A 175 -55.23 -33.88 -11.67
C SER A 175 -56.40 -33.84 -10.69
N SER A 176 -56.14 -34.14 -9.42
CA SER A 176 -57.20 -34.24 -8.43
C SER A 176 -57.63 -32.91 -7.85
N GLU A 177 -56.74 -31.91 -7.87
CA GLU A 177 -57.04 -30.56 -7.39
C GLU A 177 -57.28 -30.54 -5.88
N ARG A 178 -56.34 -31.13 -5.14
CA ARG A 178 -56.36 -31.12 -3.69
C ARG A 178 -55.02 -30.65 -3.15
N TYR A 179 -55.05 -29.80 -2.13
CA TYR A 179 -53.82 -29.42 -1.44
C TYR A 179 -53.20 -30.61 -0.74
N LEU A 180 -51.88 -30.72 -0.82
CA LEU A 180 -51.16 -31.76 -0.10
C LEU A 180 -51.25 -31.44 1.40
N HIS A 181 -52.09 -32.19 2.11
CA HIS A 181 -52.45 -31.86 3.48
C HIS A 181 -51.65 -32.69 4.47
N LEU A 182 -51.06 -32.01 5.46
CA LEU A 182 -50.49 -32.68 6.63
C LEU A 182 -51.64 -33.02 7.57
N SER A 183 -52.25 -34.17 7.34
CA SER A 183 -53.47 -34.57 8.05
C SER A 183 -53.08 -35.36 9.29
N THR A 184 -53.11 -34.68 10.44
CA THR A 184 -52.92 -35.35 11.72
C THR A 184 -54.26 -35.87 12.24
N ALA A 185 -54.19 -36.94 13.02
CA ALA A 185 -55.40 -37.60 13.51
C ALA A 185 -55.09 -38.19 14.89
N SER A 186 -55.93 -39.13 15.33
CA SER A 186 -55.72 -39.76 16.63
C SER A 186 -54.39 -40.49 16.68
N GLY A 187 -54.00 -41.13 15.59
CA GLY A 187 -52.73 -41.83 15.54
C GLY A 187 -51.56 -40.88 15.35
N GLU A 188 -50.55 -41.31 14.60
CA GLU A 188 -49.38 -40.49 14.33
C GLU A 188 -49.72 -39.48 13.23
N LEU A 189 -48.71 -38.78 12.73
CA LEU A 189 -48.91 -37.77 11.71
C LEU A 189 -48.79 -38.40 10.33
N GLN A 190 -49.81 -38.16 9.49
CA GLN A 190 -49.88 -38.74 8.16
C GLN A 190 -50.01 -37.61 7.13
N VAL A 191 -49.67 -37.94 5.89
CA VAL A 191 -49.70 -36.99 4.78
C VAL A 191 -50.64 -37.50 3.71
N ASP A 192 -51.51 -36.62 3.22
CA ASP A 192 -52.42 -36.91 2.13
C ASP A 192 -52.81 -35.58 1.49
N ALA A 193 -53.85 -35.60 0.65
CA ALA A 193 -54.34 -34.37 0.01
C ALA A 193 -55.86 -34.33 0.14
N SER A 194 -56.36 -33.82 1.28
CA SER A 194 -57.80 -33.86 1.49
C SER A 194 -58.43 -32.48 1.73
N PHE A 195 -58.05 -31.76 2.80
CA PHE A 195 -58.92 -30.70 3.29
C PHE A 195 -58.34 -29.29 3.19
N MET A 196 -57.21 -28.99 3.83
CA MET A 196 -56.72 -27.61 3.78
C MET A 196 -55.25 -27.48 3.40
N GLN A 197 -54.72 -26.28 3.59
CA GLN A 197 -53.37 -25.92 3.18
C GLN A 197 -52.34 -26.57 4.08
N THR A 198 -51.09 -26.55 3.60
CA THR A 198 -49.95 -27.01 4.38
C THR A 198 -48.74 -26.20 3.95
N LEU A 199 -48.21 -25.39 4.85
CA LEU A 199 -47.09 -24.50 4.52
C LEU A 199 -45.82 -25.32 4.39
N TRP A 200 -45.29 -25.41 3.17
CA TRP A 200 -44.07 -26.14 2.89
C TRP A 200 -42.95 -25.14 2.59
N ASN A 201 -41.84 -25.29 3.31
CA ASN A 201 -40.65 -24.47 3.11
C ASN A 201 -39.63 -25.27 2.34
N MET A 202 -39.10 -24.67 1.27
CA MET A 202 -38.15 -25.37 0.42
C MET A 202 -36.76 -25.32 1.06
N ASN A 203 -35.84 -26.11 0.51
CA ASN A 203 -34.50 -26.14 1.09
C ASN A 203 -33.47 -26.56 0.06
N PRO A 204 -32.53 -25.68 -0.28
CA PRO A 204 -31.52 -26.00 -1.31
C PRO A 204 -30.43 -26.94 -0.81
N ILE A 205 -30.67 -28.25 -0.88
CA ILE A 205 -29.66 -29.22 -0.45
C ILE A 205 -28.35 -29.01 -1.18
N CYS A 206 -28.41 -28.84 -2.49
CA CYS A 206 -27.21 -28.66 -3.30
C CYS A 206 -27.62 -28.11 -4.66
N SER A 207 -26.64 -27.98 -5.56
CA SER A 207 -26.85 -27.44 -6.90
C SER A 207 -25.83 -28.10 -7.82
N CYS A 208 -25.60 -27.50 -8.99
CA CYS A 208 -24.68 -28.06 -9.97
C CYS A 208 -23.25 -27.90 -9.47
N CYS A 209 -22.72 -28.97 -8.87
CA CYS A 209 -21.40 -28.93 -8.28
C CYS A 209 -20.31 -28.96 -9.36
N GLU A 210 -19.07 -28.77 -8.92
CA GLU A 210 -17.92 -28.79 -9.81
C GLU A 210 -17.38 -30.21 -9.93
N GLU A 211 -16.87 -30.53 -11.13
CA GLU A 211 -16.35 -31.86 -11.39
C GLU A 211 -15.03 -32.09 -10.66
N GLY A 212 -14.83 -33.33 -10.22
CA GLY A 212 -13.56 -33.71 -9.63
C GLY A 212 -13.31 -33.18 -8.24
N TYR A 213 -14.35 -32.83 -7.50
CA TYR A 213 -14.22 -32.30 -6.15
C TYR A 213 -15.20 -33.00 -5.23
N VAL A 214 -14.76 -33.26 -4.00
CA VAL A 214 -15.57 -34.00 -3.03
C VAL A 214 -16.71 -33.12 -2.55
N THR A 215 -17.92 -33.67 -2.54
CA THR A 215 -19.09 -33.00 -2.00
C THR A 215 -19.75 -33.89 -0.96
N GLY A 216 -20.54 -33.26 -0.09
CA GLY A 216 -21.25 -34.03 0.91
C GLY A 216 -22.32 -34.92 0.31
N GLY A 217 -22.66 -35.96 1.06
CA GLY A 217 -23.71 -36.87 0.65
C GLY A 217 -23.33 -37.88 -0.40
N HIS A 218 -22.04 -38.10 -0.65
CA HIS A 218 -21.60 -39.08 -1.62
C HIS A 218 -21.30 -40.42 -0.95
N VAL A 219 -21.31 -41.48 -1.76
CA VAL A 219 -21.00 -42.82 -1.30
C VAL A 219 -19.74 -43.27 -2.03
N LEU A 220 -18.71 -43.62 -1.27
CA LEU A 220 -17.38 -43.73 -1.86
C LEU A 220 -16.47 -44.50 -0.91
N ARG A 221 -15.31 -44.92 -1.43
CA ARG A 221 -14.40 -45.82 -0.76
C ARG A 221 -13.19 -45.07 -0.22
N LEU A 222 -12.48 -45.71 0.69
CA LEU A 222 -11.36 -45.14 1.43
C LEU A 222 -10.11 -46.01 1.23
N PHE A 223 -9.34 -45.73 0.18
CA PHE A 223 -8.03 -46.37 0.07
C PHE A 223 -7.04 -45.81 1.07
N HIS A 224 -6.07 -46.66 1.41
CA HIS A 224 -4.93 -46.31 2.23
C HIS A 224 -3.67 -46.77 1.53
N GLY A 225 -2.57 -46.11 1.85
CA GLY A 225 -1.29 -46.49 1.25
C GLY A 225 -1.12 -45.96 -0.16
N HIS A 226 -0.57 -46.80 -1.04
CA HIS A 226 -0.18 -46.35 -2.38
C HIS A 226 -1.04 -46.95 -3.47
N MET A 227 -1.17 -48.28 -3.54
CA MET A 227 -1.79 -48.93 -4.69
C MET A 227 -3.07 -49.68 -4.32
N ASP A 228 -2.98 -50.70 -3.45
CA ASP A 228 -4.11 -51.60 -3.18
C ASP A 228 -4.21 -51.83 -1.68
N GLU A 229 -5.01 -51.00 -1.02
CA GLU A 229 -5.30 -51.13 0.40
C GLU A 229 -6.46 -50.18 0.72
N CYS A 230 -7.41 -50.63 1.53
CA CYS A 230 -8.59 -49.82 1.77
C CYS A 230 -9.20 -50.18 3.12
N LEU A 231 -9.99 -49.25 3.65
CA LEU A 231 -10.72 -49.49 4.88
C LEU A 231 -11.85 -50.49 4.64
N THR A 232 -12.23 -51.19 5.70
CA THR A 232 -13.27 -52.21 5.61
C THR A 232 -13.72 -52.57 7.02
N ILE A 233 -14.67 -53.51 7.08
CA ILE A 233 -15.20 -54.04 8.32
C ILE A 233 -15.08 -55.57 8.24
N SER A 234 -15.42 -56.26 9.32
CA SER A 234 -15.37 -57.71 9.34
C SER A 234 -16.37 -58.29 8.33
N ALA A 235 -16.11 -59.54 7.95
CA ALA A 235 -16.91 -60.21 6.94
C ALA A 235 -18.28 -60.60 7.49
N ALA A 236 -19.11 -61.16 6.62
CA ALA A 236 -20.45 -61.57 6.99
C ALA A 236 -20.44 -62.90 7.75
N ASP A 237 -21.58 -63.23 8.33
CA ASP A 237 -21.79 -64.49 9.05
C ASP A 237 -20.79 -64.64 10.21
N SER A 238 -20.87 -63.70 11.14
CA SER A 238 -20.02 -63.71 12.33
C SER A 238 -20.77 -63.08 13.49
N ASP A 239 -20.35 -63.45 14.70
CA ASP A 239 -20.98 -62.97 15.92
C ASP A 239 -20.37 -61.67 16.43
N ASP A 240 -19.37 -61.11 15.73
CA ASP A 240 -18.72 -59.89 16.16
C ASP A 240 -19.64 -58.67 16.11
N GLN A 241 -20.80 -58.79 15.46
CA GLN A 241 -21.79 -57.72 15.33
C GLN A 241 -21.24 -56.50 14.59
N ARG A 242 -20.19 -56.68 13.79
CA ARG A 242 -19.61 -55.62 12.97
C ARG A 242 -19.25 -54.40 13.81
N ARG A 243 -18.37 -54.60 14.78
CA ARG A 243 -18.00 -53.55 15.72
C ARG A 243 -16.54 -53.14 15.63
N LEU A 244 -15.78 -53.65 14.65
CA LEU A 244 -14.36 -53.39 14.57
C LEU A 244 -14.00 -52.95 13.16
N VAL A 245 -12.95 -52.14 13.05
CA VAL A 245 -12.51 -51.55 11.79
C VAL A 245 -11.17 -52.17 11.39
N TYR A 246 -11.02 -52.46 10.09
CA TYR A 246 -9.85 -53.17 9.61
C TYR A 246 -9.36 -52.58 8.29
N TYR A 247 -8.29 -53.16 7.76
CA TYR A 247 -7.72 -52.81 6.48
C TYR A 247 -7.63 -54.04 5.60
N GLU A 248 -7.71 -53.86 4.28
CA GLU A 248 -7.72 -54.99 3.37
C GLU A 248 -7.23 -54.56 2.00
N GLY A 249 -6.58 -55.49 1.30
CA GLY A 249 -6.02 -55.23 -0.02
C GLY A 249 -7.03 -55.29 -1.16
N GLY A 250 -6.60 -55.83 -2.30
CA GLY A 250 -7.43 -55.83 -3.49
C GLY A 250 -8.39 -57.00 -3.57
N ALA A 251 -9.13 -57.24 -2.48
CA ALA A 251 -10.16 -58.26 -2.44
C ALA A 251 -11.54 -57.66 -2.20
N VAL A 252 -11.68 -56.80 -1.19
CA VAL A 252 -12.95 -56.15 -0.90
C VAL A 252 -13.14 -54.87 -1.70
N CYS A 253 -12.13 -54.47 -2.50
CA CYS A 253 -12.22 -53.23 -3.25
C CYS A 253 -13.35 -53.23 -4.27
N THR A 254 -13.88 -54.39 -4.63
CA THR A 254 -15.06 -54.48 -5.50
C THR A 254 -16.28 -55.00 -4.74
N HIS A 255 -16.39 -54.68 -3.46
CA HIS A 255 -17.43 -55.22 -2.61
C HIS A 255 -18.16 -54.10 -1.88
N ALA A 256 -19.40 -54.37 -1.47
CA ALA A 256 -20.21 -53.36 -0.80
C ALA A 256 -19.77 -53.11 0.63
N ARG A 257 -18.91 -53.97 1.19
CA ARG A 257 -18.50 -53.82 2.57
C ARG A 257 -17.67 -52.54 2.78
N SER A 258 -16.83 -52.20 1.81
CA SER A 258 -15.91 -51.07 1.93
C SER A 258 -16.51 -49.74 1.49
N LEU A 259 -17.83 -49.59 1.45
CA LEU A 259 -18.46 -48.36 1.00
C LEU A 259 -18.83 -47.50 2.20
N TRP A 260 -18.51 -46.21 2.13
CA TRP A 260 -18.76 -45.27 3.21
C TRP A 260 -19.49 -44.04 2.67
N ARG A 261 -20.30 -43.43 3.54
CA ARG A 261 -21.05 -42.22 3.22
C ARG A 261 -20.70 -41.14 4.22
N LEU A 262 -20.51 -39.92 3.71
CA LEU A 262 -20.18 -38.77 4.53
C LEU A 262 -21.41 -37.90 4.72
N GLU A 263 -21.73 -37.60 5.97
CA GLU A 263 -22.93 -36.83 6.31
C GLU A 263 -22.52 -35.62 7.15
N PRO A 264 -22.49 -34.43 6.57
CA PRO A 264 -22.15 -33.24 7.36
C PRO A 264 -23.26 -32.90 8.36
N LEU A 265 -22.91 -32.05 9.32
CA LEU A 265 -23.81 -31.78 10.43
C LEU A 265 -24.90 -30.77 10.09
N ARG A 266 -24.76 -30.01 9.01
CA ARG A 266 -25.78 -29.03 8.66
C ARG A 266 -26.99 -29.70 8.04
N ILE A 267 -28.11 -28.96 8.05
CA ILE A 267 -29.33 -29.43 7.40
C ILE A 267 -29.43 -28.89 5.97
N SER A 268 -28.99 -27.65 5.75
CA SER A 268 -29.00 -27.05 4.42
C SER A 268 -27.60 -27.03 3.84
N TRP A 269 -27.53 -27.08 2.52
CA TRP A 269 -26.26 -27.07 1.78
C TRP A 269 -25.35 -28.21 2.19
N SER A 270 -25.95 -29.33 2.60
CA SER A 270 -25.16 -30.50 2.99
C SER A 270 -24.39 -31.08 1.82
N GLY A 271 -24.88 -30.89 0.60
CA GLY A 271 -24.24 -31.38 -0.60
C GLY A 271 -23.20 -30.47 -1.19
N SER A 272 -22.86 -29.38 -0.50
CA SER A 272 -21.88 -28.44 -1.02
C SER A 272 -20.49 -29.07 -1.08
N HIS A 273 -19.55 -28.34 -1.68
CA HIS A 273 -18.18 -28.81 -1.76
C HIS A 273 -17.59 -28.98 -0.37
N LEU A 274 -16.79 -30.03 -0.20
CA LEU A 274 -16.18 -30.33 1.09
C LEU A 274 -14.82 -29.66 1.17
N ARG A 275 -14.57 -28.97 2.28
CA ARG A 275 -13.38 -28.16 2.47
C ARG A 275 -12.68 -28.54 3.76
N TRP A 276 -11.40 -28.16 3.85
CA TRP A 276 -10.61 -28.49 5.02
C TRP A 276 -11.18 -27.82 6.26
N GLY A 277 -11.08 -28.51 7.40
CA GLY A 277 -11.59 -27.95 8.65
C GLY A 277 -13.09 -27.85 8.67
N GLN A 278 -13.76 -28.99 8.65
CA GLN A 278 -15.23 -29.03 8.64
C GLN A 278 -15.71 -30.30 9.32
N PRO A 279 -16.41 -30.19 10.45
CA PRO A 279 -16.88 -31.40 11.13
C PRO A 279 -17.90 -32.15 10.30
N LEU A 280 -17.87 -33.47 10.43
CA LEU A 280 -18.73 -34.34 9.63
C LEU A 280 -18.77 -35.71 10.28
N ARG A 281 -19.73 -36.52 9.85
CA ARG A 281 -19.92 -37.87 10.34
C ARG A 281 -19.59 -38.88 9.23
N ILE A 282 -19.42 -40.13 9.63
CA ILE A 282 -19.13 -41.22 8.69
C ILE A 282 -20.14 -42.33 8.91
N ARG A 283 -20.73 -42.81 7.82
CA ARG A 283 -21.78 -43.83 7.86
C ARG A 283 -21.40 -45.00 6.97
N HIS A 284 -21.61 -46.22 7.47
CA HIS A 284 -21.48 -47.42 6.67
C HIS A 284 -22.81 -47.70 5.99
N VAL A 285 -22.77 -47.98 4.70
CA VAL A 285 -23.99 -47.99 3.89
C VAL A 285 -24.80 -49.25 4.14
N THR A 286 -24.20 -50.43 3.95
CA THR A 286 -24.97 -51.67 4.11
C THR A 286 -25.21 -52.00 5.57
N THR A 287 -24.28 -51.63 6.46
CA THR A 287 -24.50 -51.85 7.89
C THR A 287 -25.50 -50.87 8.45
N GLY A 288 -25.60 -49.68 7.87
CA GLY A 288 -26.47 -48.63 8.40
C GLY A 288 -26.04 -48.12 9.75
N ARG A 289 -24.74 -47.94 9.95
CA ARG A 289 -24.20 -47.55 11.25
C ARG A 289 -23.09 -46.52 11.04
N TYR A 290 -22.82 -45.76 12.10
CA TYR A 290 -21.74 -44.78 12.10
C TYR A 290 -20.50 -45.35 12.77
N LEU A 291 -19.48 -44.51 12.89
CA LEU A 291 -18.21 -44.87 13.51
C LEU A 291 -17.91 -43.92 14.66
N ALA A 292 -17.52 -44.47 15.80
CA ALA A 292 -17.33 -43.66 17.00
C ALA A 292 -16.39 -44.35 17.96
N LEU A 293 -15.90 -43.56 18.92
CA LEU A 293 -15.08 -44.04 20.03
C LEU A 293 -15.67 -43.42 21.30
N THR A 294 -16.47 -44.20 22.04
CA THR A 294 -17.26 -43.60 23.11
C THR A 294 -16.42 -43.35 24.36
N GLU A 295 -16.00 -44.43 25.04
CA GLU A 295 -15.10 -44.18 26.17
C GLU A 295 -13.88 -45.08 26.21
N ASP A 296 -14.06 -46.39 25.97
CA ASP A 296 -12.95 -47.33 26.10
C ASP A 296 -12.91 -48.42 25.05
N GLN A 297 -13.98 -48.66 24.29
CA GLN A 297 -14.06 -49.85 23.45
C GLN A 297 -13.26 -49.72 22.16
N GLY A 298 -12.80 -48.52 21.81
CA GLY A 298 -12.05 -48.32 20.59
C GLY A 298 -12.91 -47.72 19.49
N LEU A 299 -12.33 -47.72 18.28
CA LEU A 299 -13.02 -47.21 17.09
C LEU A 299 -14.07 -48.24 16.69
N VAL A 300 -15.21 -48.18 17.37
CA VAL A 300 -16.27 -49.16 17.22
C VAL A 300 -17.35 -48.60 16.32
N VAL A 301 -17.92 -49.46 15.47
CA VAL A 301 -19.00 -49.07 14.57
C VAL A 301 -20.28 -49.00 15.40
N VAL A 302 -20.65 -47.79 15.83
CA VAL A 302 -21.82 -47.62 16.68
C VAL A 302 -23.08 -47.51 15.83
N ASP A 303 -24.22 -47.79 16.45
CA ASP A 303 -25.50 -47.75 15.75
C ASP A 303 -25.91 -46.30 15.48
N ALA A 304 -27.10 -46.13 14.92
CA ALA A 304 -27.66 -44.82 14.65
C ALA A 304 -28.51 -44.28 15.79
N CYS A 305 -28.25 -44.74 17.02
CA CYS A 305 -28.97 -44.27 18.20
C CYS A 305 -28.06 -43.81 19.32
N LYS A 306 -26.75 -43.99 19.20
CA LYS A 306 -25.79 -43.57 20.22
C LYS A 306 -24.65 -42.79 19.57
N ALA A 307 -25.01 -41.84 18.71
CA ALA A 307 -24.06 -41.05 17.93
C ALA A 307 -24.34 -39.56 18.09
N HIS A 308 -24.42 -39.12 19.34
CA HIS A 308 -24.86 -37.75 19.64
C HIS A 308 -23.76 -36.73 19.41
N THR A 309 -23.24 -36.68 18.18
CA THR A 309 -22.39 -35.63 17.61
C THR A 309 -21.12 -35.39 18.41
N LYS A 310 -20.92 -36.18 19.46
CA LYS A 310 -19.70 -36.13 20.27
C LYS A 310 -18.86 -37.38 20.15
N ALA A 311 -19.49 -38.55 20.03
CA ALA A 311 -18.74 -39.78 19.81
C ALA A 311 -18.20 -39.87 18.40
N THR A 312 -18.93 -39.34 17.41
CA THR A 312 -18.46 -39.42 16.02
C THR A 312 -17.45 -38.30 15.74
N SER A 313 -17.93 -37.05 15.70
CA SER A 313 -17.12 -35.83 15.68
C SER A 313 -15.82 -35.95 14.88
N PHE A 314 -15.90 -36.27 13.60
CA PHE A 314 -14.71 -36.37 12.75
C PHE A 314 -14.55 -35.13 11.87
N CYS A 315 -13.33 -34.94 11.39
CA CYS A 315 -13.02 -33.85 10.47
C CYS A 315 -11.74 -34.22 9.73
N PHE A 316 -11.39 -33.40 8.73
CA PHE A 316 -10.20 -33.61 7.94
C PHE A 316 -9.20 -32.48 8.18
N ARG A 317 -7.93 -32.83 8.18
CA ARG A 317 -6.85 -31.86 8.39
C ARG A 317 -5.84 -32.00 7.26
N VAL A 318 -5.22 -30.88 6.89
CA VAL A 318 -4.31 -30.86 5.75
C VAL A 318 -3.07 -31.72 6.03
N SER A 319 -2.47 -31.53 7.21
CA SER A 319 -1.25 -32.25 7.57
C SER A 319 -1.22 -32.41 9.08
N LYS A 320 -0.07 -32.81 9.60
CA LYS A 320 0.09 -32.95 11.05
C LYS A 320 0.94 -31.80 11.61
N VAL A 331 -21.04 -20.26 5.11
CA VAL A 331 -21.20 -20.11 3.66
C VAL A 331 -22.57 -20.64 3.23
N GLU A 332 -23.40 -19.74 2.70
CA GLU A 332 -24.72 -20.08 2.21
C GLU A 332 -24.74 -20.34 0.70
N GLY A 333 -23.60 -20.73 0.14
CA GLY A 333 -23.53 -21.03 -1.28
C GLY A 333 -22.90 -22.39 -1.56
N MET A 334 -22.39 -22.57 -2.77
CA MET A 334 -21.76 -23.85 -3.12
C MET A 334 -20.45 -24.04 -2.37
N GLY A 335 -19.70 -22.98 -2.13
CA GLY A 335 -18.44 -23.07 -1.41
C GLY A 335 -17.27 -23.29 -2.34
N PRO A 336 -16.06 -23.05 -1.83
CA PRO A 336 -14.85 -23.22 -2.65
C PRO A 336 -14.49 -24.69 -2.78
N PRO A 337 -14.37 -25.19 -4.02
CA PRO A 337 -14.00 -26.60 -4.22
C PRO A 337 -12.51 -26.81 -3.99
N GLU A 338 -12.17 -27.62 -2.99
CA GLU A 338 -10.79 -27.84 -2.60
C GLU A 338 -10.37 -29.30 -2.70
N ILE A 339 -11.10 -30.20 -2.06
CA ILE A 339 -10.66 -31.59 -1.90
C ILE A 339 -10.96 -32.36 -3.18
N LYS A 340 -9.92 -32.89 -3.82
CA LYS A 340 -10.03 -33.59 -5.09
C LYS A 340 -10.24 -35.09 -4.85
N TYR A 341 -10.41 -35.82 -5.96
CA TYR A 341 -10.49 -37.28 -5.96
C TYR A 341 -9.12 -37.87 -6.21
N GLY A 342 -8.68 -38.77 -5.32
CA GLY A 342 -7.54 -39.61 -5.57
C GLY A 342 -6.19 -39.03 -5.20
N GLU A 343 -6.11 -37.72 -4.96
CA GLU A 343 -4.83 -37.11 -4.66
C GLU A 343 -4.90 -36.04 -3.56
N SER A 344 -6.05 -35.90 -2.89
CA SER A 344 -6.18 -34.87 -1.86
C SER A 344 -5.33 -35.20 -0.64
N LEU A 345 -5.12 -36.49 -0.35
CA LEU A 345 -4.25 -36.93 0.74
C LEU A 345 -4.69 -36.36 2.09
N CYS A 346 -5.99 -36.38 2.35
CA CYS A 346 -6.51 -35.84 3.59
C CYS A 346 -6.11 -36.73 4.77
N PHE A 347 -6.06 -36.12 5.95
CA PHE A 347 -5.76 -36.79 7.20
C PHE A 347 -6.98 -36.75 8.10
N VAL A 348 -7.38 -37.90 8.62
CA VAL A 348 -8.55 -38.01 9.49
C VAL A 348 -8.15 -37.71 10.92
N GLN A 349 -9.00 -37.01 11.64
CA GLN A 349 -8.72 -36.62 13.03
C GLN A 349 -10.03 -36.46 13.78
N HIS A 350 -10.09 -37.05 14.98
CA HIS A 350 -11.25 -36.84 15.84
C HIS A 350 -11.22 -35.42 16.39
N VAL A 351 -12.41 -34.79 16.46
CA VAL A 351 -12.47 -33.39 16.85
C VAL A 351 -12.32 -33.23 18.35
N ALA A 352 -13.13 -33.94 19.12
CA ALA A 352 -13.12 -33.77 20.58
C ALA A 352 -11.79 -34.24 21.18
N SER A 353 -11.34 -35.43 20.80
CA SER A 353 -10.13 -35.99 21.39
C SER A 353 -8.86 -35.51 20.72
N GLY A 354 -8.94 -34.92 19.53
CA GLY A 354 -7.76 -34.41 18.86
C GLY A 354 -6.74 -35.46 18.47
N LEU A 355 -7.12 -36.73 18.45
CA LEU A 355 -6.20 -37.80 18.14
C LEU A 355 -6.02 -37.96 16.63
N TRP A 356 -5.13 -38.85 16.24
CA TRP A 356 -4.89 -39.19 14.85
C TRP A 356 -5.15 -40.68 14.65
N LEU A 357 -5.70 -41.04 13.50
CA LEU A 357 -6.09 -42.42 13.25
C LEU A 357 -4.98 -43.13 12.47
N THR A 358 -4.60 -44.31 12.96
CA THR A 358 -3.62 -45.15 12.29
C THR A 358 -3.86 -46.58 12.74
N TYR A 359 -3.01 -47.49 12.25
CA TYR A 359 -3.16 -48.92 12.51
C TYR A 359 -2.27 -49.33 13.66
N ALA A 360 -2.82 -50.07 14.62
CA ALA A 360 -2.00 -50.65 15.68
C ALA A 360 -1.09 -51.74 15.13
N ALA A 361 -1.63 -52.61 14.28
CA ALA A 361 -0.92 -53.67 13.58
C ALA A 361 -0.14 -54.57 14.54
N PRO A 362 -0.72 -54.96 15.67
CA PRO A 362 -0.07 -55.97 16.53
C PRO A 362 -0.29 -57.36 15.94
N ASP A 363 0.76 -57.92 15.36
CA ASP A 363 0.67 -59.17 14.61
C ASP A 363 1.55 -60.24 15.24
N PRO A 364 0.97 -61.33 15.74
CA PRO A 364 1.81 -62.45 16.20
C PRO A 364 2.28 -63.31 15.04
N LYS A 365 2.95 -64.42 15.33
CA LYS A 365 3.43 -65.29 14.27
C LYS A 365 2.28 -65.89 13.47
N ALA A 366 1.22 -66.34 14.17
CA ALA A 366 0.07 -66.91 13.47
C ALA A 366 -0.66 -65.86 12.64
N LEU A 367 -0.78 -64.64 13.17
CA LEU A 367 -1.52 -63.60 12.45
C LEU A 367 -0.82 -63.18 11.17
N ARG A 368 0.52 -63.19 11.17
CA ARG A 368 1.27 -62.76 9.98
C ARG A 368 1.01 -63.68 8.80
N LEU A 369 1.03 -64.99 9.03
CA LEU A 369 0.82 -65.97 7.97
C LEU A 369 -0.63 -66.40 7.85
N GLY A 370 -1.52 -65.88 8.68
CA GLY A 370 -2.93 -66.25 8.61
C GLY A 370 -3.78 -65.15 8.00
N VAL A 371 -4.52 -64.44 8.84
CA VAL A 371 -5.39 -63.37 8.37
C VAL A 371 -4.57 -62.12 8.11
N LEU A 372 -4.71 -61.57 6.90
CA LEU A 372 -3.99 -60.35 6.51
C LEU A 372 -4.82 -59.11 6.90
N LYS A 373 -5.05 -58.98 8.20
CA LYS A 373 -5.96 -57.97 8.73
C LYS A 373 -5.31 -57.19 9.85
N LYS A 374 -5.57 -55.89 9.87
CA LYS A 374 -5.01 -54.96 10.85
C LYS A 374 -6.13 -54.15 11.47
N LYS A 375 -5.89 -53.62 12.67
CA LYS A 375 -6.90 -52.85 13.38
C LYS A 375 -6.45 -51.40 13.47
N ALA A 376 -7.38 -50.48 13.22
CA ALA A 376 -7.11 -49.06 13.24
C ALA A 376 -7.50 -48.47 14.59
N ILE A 377 -6.64 -47.59 15.11
CA ILE A 377 -6.87 -46.97 16.41
C ILE A 377 -6.51 -45.49 16.31
N LEU A 378 -7.17 -44.68 17.14
CA LEU A 378 -6.92 -43.24 17.21
C LEU A 378 -5.76 -43.00 18.17
N HIS A 379 -4.54 -43.20 17.67
CA HIS A 379 -3.36 -42.96 18.48
C HIS A 379 -3.14 -41.46 18.66
N GLN A 380 -2.39 -41.12 19.71
CA GLN A 380 -2.16 -39.72 20.03
C GLN A 380 -1.23 -39.05 19.04
N GLU A 381 -0.33 -39.78 18.40
CA GLU A 381 0.61 -39.17 17.47
C GLU A 381 0.52 -39.84 16.11
N GLY A 382 0.22 -41.15 16.11
CA GLY A 382 -0.03 -41.86 14.87
C GLY A 382 1.22 -42.23 14.11
N HIS A 383 1.02 -42.85 12.95
CA HIS A 383 2.11 -43.21 12.06
C HIS A 383 2.31 -42.09 11.03
N MET A 384 3.13 -42.36 10.03
CA MET A 384 3.48 -41.40 8.99
C MET A 384 3.07 -41.87 7.60
N ASP A 385 2.17 -42.84 7.51
CA ASP A 385 1.85 -43.48 6.24
C ASP A 385 0.34 -43.62 6.05
N ASP A 386 -0.42 -42.61 6.46
CA ASP A 386 -1.87 -42.67 6.27
C ASP A 386 -2.24 -42.24 4.86
N ALA A 387 -1.99 -40.96 4.52
CA ALA A 387 -2.22 -40.41 3.19
C ALA A 387 -3.53 -40.90 2.58
N LEU A 388 -4.61 -40.74 3.33
CA LEU A 388 -5.91 -41.29 2.93
C LEU A 388 -6.48 -40.47 1.79
N PHE A 389 -6.44 -41.02 0.58
CA PHE A 389 -7.06 -40.40 -0.59
C PHE A 389 -8.36 -41.11 -0.95
N LEU A 390 -9.22 -40.38 -1.64
CA LEU A 390 -10.61 -40.77 -1.83
C LEU A 390 -10.87 -41.11 -3.29
N THR A 391 -11.72 -42.11 -3.51
CA THR A 391 -12.13 -42.54 -4.83
C THR A 391 -13.64 -42.50 -4.93
N ARG A 392 -14.16 -42.11 -6.09
CA ARG A 392 -15.58 -41.93 -6.30
C ARG A 392 -16.17 -43.16 -7.01
N CYS A 393 -17.20 -43.75 -6.41
CA CYS A 393 -17.98 -44.83 -7.00
C CYS A 393 -19.46 -44.47 -6.82
N GLN A 394 -19.99 -43.65 -7.71
CA GLN A 394 -21.39 -43.21 -7.68
C GLN A 394 -22.02 -43.65 -8.99
N GLN A 395 -22.64 -44.82 -8.99
CA GLN A 395 -23.15 -45.44 -10.20
C GLN A 395 -24.26 -46.41 -9.81
N GLU A 396 -24.62 -47.31 -10.72
CA GLU A 396 -25.72 -48.23 -10.48
C GLU A 396 -25.51 -49.08 -9.23
N GLU A 397 -24.25 -49.36 -8.86
CA GLU A 397 -24.01 -50.15 -7.67
C GLU A 397 -24.35 -49.39 -6.39
N SER A 398 -24.16 -48.06 -6.39
CA SER A 398 -24.49 -47.27 -5.20
C SER A 398 -25.99 -47.32 -4.91
N GLN A 399 -26.81 -47.28 -5.96
CA GLN A 399 -28.25 -47.48 -5.77
C GLN A 399 -28.53 -48.86 -5.20
N ALA A 400 -27.83 -49.88 -5.70
CA ALA A 400 -27.97 -51.21 -5.13
C ALA A 400 -27.05 -51.39 -3.93
N ALA A 401 -27.05 -50.43 -3.02
CA ALA A 401 -26.42 -50.55 -1.72
C ALA A 401 -27.42 -50.34 -0.59
N ARG A 402 -28.21 -49.27 -0.66
CA ARG A 402 -29.30 -49.06 0.29
C ARG A 402 -30.34 -50.17 0.21
N MET A 403 -30.46 -50.83 -0.94
CA MET A 403 -31.39 -51.94 -1.07
C MET A 403 -31.06 -53.06 -0.10
N ILE A 404 -29.77 -53.35 0.08
CA ILE A 404 -29.36 -54.43 0.99
C ILE A 404 -29.84 -54.12 2.41
N HIS A 405 -29.59 -52.92 2.89
CA HIS A 405 -29.98 -52.56 4.25
C HIS A 405 -31.50 -52.60 4.42
N SER A 406 -32.24 -52.07 3.45
CA SER A 406 -33.69 -52.06 3.57
C SER A 406 -34.28 -53.46 3.53
N THR A 407 -33.82 -54.29 2.59
CA THR A 407 -34.38 -55.65 2.47
C THR A 407 -33.94 -56.52 3.63
N ALA A 408 -32.67 -56.45 4.01
CA ALA A 408 -32.19 -57.25 5.13
C ALA A 408 -32.76 -56.78 6.46
N GLY A 409 -33.15 -55.51 6.57
CA GLY A 409 -33.84 -55.05 7.75
C GLY A 409 -35.32 -55.33 7.76
N LEU A 410 -35.89 -55.67 6.60
CA LEU A 410 -37.30 -56.04 6.50
C LEU A 410 -37.51 -57.55 6.56
N TYR A 411 -36.49 -58.34 6.21
CA TYR A 411 -36.65 -59.79 6.19
C TYR A 411 -36.54 -60.38 7.59
N ASN A 412 -35.39 -60.19 8.25
CA ASN A 412 -35.16 -60.85 9.54
C ASN A 412 -36.25 -60.51 10.54
N GLN A 413 -36.80 -59.30 10.47
CA GLN A 413 -37.93 -58.95 11.34
C GLN A 413 -39.14 -59.80 11.02
N PHE A 414 -39.32 -60.19 9.76
CA PHE A 414 -40.42 -61.07 9.40
C PHE A 414 -40.25 -62.46 10.02
N ILE A 415 -39.07 -63.05 9.85
CA ILE A 415 -38.82 -64.38 10.43
C ILE A 415 -38.87 -64.32 11.95
N LYS A 416 -38.28 -63.29 12.55
CA LYS A 416 -38.27 -63.17 14.00
C LYS A 416 -39.69 -63.10 14.55
N GLY A 417 -40.55 -62.30 13.91
CA GLY A 417 -41.96 -62.29 14.29
C GLY A 417 -42.64 -63.61 14.00
N LEU A 418 -42.31 -64.22 12.86
CA LEU A 418 -42.85 -65.53 12.53
C LEU A 418 -42.40 -66.59 13.51
N ASP A 419 -41.17 -66.46 14.03
CA ASP A 419 -40.61 -67.49 14.89
C ASP A 419 -41.25 -67.54 16.27
N SER A 420 -41.94 -66.46 16.68
CA SER A 420 -42.52 -66.41 18.02
C SER A 420 -43.54 -67.52 18.22
N PHE A 421 -44.43 -67.72 17.26
CA PHE A 421 -45.43 -68.79 17.33
C PHE A 421 -44.92 -70.06 16.66
N SER A 422 -43.73 -70.51 17.08
CA SER A 422 -43.14 -71.70 16.46
C SER A 422 -43.95 -72.96 16.78
N GLY A 423 -44.39 -73.11 18.02
CA GLY A 423 -45.08 -74.32 18.42
C GLY A 423 -46.29 -74.11 19.32
N LYS A 424 -47.01 -73.01 19.13
CA LYS A 424 -48.17 -72.70 19.96
C LYS A 424 -49.45 -72.77 19.14
N PRO A 425 -50.27 -73.81 19.29
CA PRO A 425 -51.59 -73.81 18.65
C PRO A 425 -52.41 -72.60 19.10
N ARG A 426 -53.18 -72.05 18.17
CA ARG A 426 -53.87 -70.79 18.42
C ARG A 426 -55.01 -70.98 19.42
N GLY A 427 -55.11 -70.03 20.34
CA GLY A 427 -56.25 -69.92 21.23
C GLY A 427 -57.39 -69.24 20.51
N SER A 428 -58.11 -70.00 19.69
CA SER A 428 -59.06 -69.49 18.70
C SER A 428 -59.79 -68.26 19.19
N GLY A 429 -59.79 -67.22 18.36
CA GLY A 429 -60.14 -65.89 18.80
C GLY A 429 -58.92 -64.98 18.71
N PRO A 430 -58.37 -64.60 19.86
CA PRO A 430 -57.09 -63.90 19.86
C PRO A 430 -56.04 -64.68 19.10
N PRO A 431 -55.61 -64.19 17.93
CA PRO A 431 -54.67 -64.97 17.11
C PRO A 431 -53.28 -65.06 17.69
N ALA A 432 -52.70 -63.91 18.04
CA ALA A 432 -51.31 -63.81 18.46
C ALA A 432 -51.12 -62.43 19.08
N GLY A 433 -49.86 -62.05 19.31
CA GLY A 433 -49.55 -60.75 19.85
C GLY A 433 -49.32 -59.73 18.75
N PRO A 434 -48.06 -59.34 18.54
CA PRO A 434 -47.75 -58.42 17.45
C PRO A 434 -48.12 -59.01 16.10
N ALA A 435 -48.61 -58.15 15.20
CA ALA A 435 -49.06 -58.59 13.89
C ALA A 435 -47.87 -58.83 12.97
N LEU A 436 -48.15 -59.29 11.76
CA LEU A 436 -47.13 -59.59 10.78
C LEU A 436 -47.38 -58.79 9.50
N PRO A 437 -46.32 -58.36 8.82
CA PRO A 437 -46.50 -57.67 7.54
C PRO A 437 -46.57 -58.64 6.38
N ILE A 438 -47.60 -58.52 5.54
CA ILE A 438 -47.77 -59.37 4.37
C ILE A 438 -47.81 -58.56 3.08
N GLU A 439 -48.52 -57.42 3.08
CA GLU A 439 -48.55 -56.59 1.88
C GLU A 439 -47.18 -56.02 1.55
N ALA A 440 -46.38 -55.72 2.58
CA ALA A 440 -45.06 -55.15 2.35
C ALA A 440 -44.15 -56.12 1.61
N VAL A 441 -44.11 -57.39 2.06
CA VAL A 441 -43.17 -58.34 1.47
C VAL A 441 -43.57 -58.71 0.05
N ILE A 442 -44.88 -58.87 -0.20
CA ILE A 442 -45.31 -59.28 -1.54
C ILE A 442 -44.87 -58.24 -2.58
N LEU A 443 -45.03 -56.96 -2.25
CA LEU A 443 -44.52 -55.91 -3.13
C LEU A 443 -43.00 -55.95 -3.20
N SER A 444 -42.34 -56.23 -2.07
CA SER A 444 -40.89 -56.24 -2.05
C SER A 444 -40.33 -57.34 -2.95
N LEU A 445 -40.84 -58.57 -2.81
CA LEU A 445 -40.34 -59.66 -3.65
C LEU A 445 -40.63 -59.41 -5.12
N GLN A 446 -41.81 -58.87 -5.44
CA GLN A 446 -42.15 -58.60 -6.83
C GLN A 446 -41.23 -57.58 -7.46
N ASP A 447 -40.47 -56.82 -6.67
CA ASP A 447 -39.52 -55.86 -7.24
C ASP A 447 -38.20 -56.53 -7.62
N LEU A 448 -37.64 -57.34 -6.72
CA LEU A 448 -36.32 -57.93 -6.98
C LEU A 448 -36.35 -58.87 -8.17
N ILE A 449 -37.42 -59.67 -8.31
CA ILE A 449 -37.53 -60.55 -9.46
C ILE A 449 -37.55 -59.72 -10.75
N GLY A 450 -38.27 -58.60 -10.74
CA GLY A 450 -38.17 -57.68 -11.85
C GLY A 450 -36.80 -57.04 -11.95
N TYR A 451 -36.20 -56.72 -10.80
CA TYR A 451 -34.88 -56.11 -10.79
C TYR A 451 -33.83 -57.07 -11.34
N PHE A 452 -33.92 -58.35 -10.98
CA PHE A 452 -32.98 -59.37 -11.42
C PHE A 452 -33.44 -60.08 -12.69
N GLU A 453 -34.40 -59.51 -13.40
CA GLU A 453 -34.93 -60.17 -14.59
C GLU A 453 -33.83 -60.28 -15.65
N PRO A 454 -33.66 -61.45 -16.26
CA PRO A 454 -32.51 -61.67 -17.16
C PRO A 454 -32.62 -60.82 -18.41
N PRO A 455 -31.51 -60.61 -19.11
CA PRO A 455 -31.54 -59.78 -20.32
C PRO A 455 -32.46 -60.36 -21.38
N SER A 456 -33.05 -59.48 -22.19
CA SER A 456 -34.03 -59.86 -23.18
C SER A 456 -33.36 -60.58 -24.33
N GLU A 457 -34.15 -60.91 -25.36
CA GLU A 457 -33.67 -61.69 -26.49
C GLU A 457 -33.51 -60.88 -27.78
N GLU A 458 -34.37 -59.90 -28.02
CA GLU A 458 -34.33 -59.14 -29.27
C GLU A 458 -33.20 -58.13 -29.33
N LEU A 459 -32.54 -57.86 -28.20
CA LEU A 459 -31.49 -56.86 -28.18
C LEU A 459 -30.25 -57.35 -28.91
N GLN A 460 -29.47 -56.41 -29.43
CA GLN A 460 -28.26 -56.73 -30.18
C GLN A 460 -27.17 -57.23 -29.23
N HIS A 461 -26.04 -57.66 -29.82
CA HIS A 461 -24.99 -58.28 -29.03
C HIS A 461 -24.35 -57.31 -28.06
N GLU A 462 -24.00 -56.11 -28.54
CA GLU A 462 -23.27 -55.16 -27.70
C GLU A 462 -24.08 -54.76 -26.48
N GLU A 463 -25.36 -54.47 -26.66
CA GLU A 463 -26.20 -54.08 -25.53
C GLU A 463 -26.43 -55.27 -24.60
N LYS A 464 -26.64 -56.46 -25.18
CA LYS A 464 -26.81 -57.65 -24.36
C LYS A 464 -25.59 -57.96 -23.53
N GLN A 465 -24.40 -57.88 -24.15
CA GLN A 465 -23.17 -58.16 -23.42
C GLN A 465 -22.92 -57.14 -22.32
N SER A 466 -23.22 -55.86 -22.60
CA SER A 466 -22.99 -54.82 -21.60
C SER A 466 -23.83 -55.07 -20.35
N LYS A 467 -25.11 -55.41 -20.53
CA LYS A 467 -25.96 -55.68 -19.37
C LYS A 467 -25.62 -57.01 -18.72
N LEU A 468 -25.09 -57.96 -19.48
CA LEU A 468 -24.70 -59.25 -18.91
C LEU A 468 -23.59 -59.10 -17.88
N ARG A 469 -22.73 -58.09 -18.02
CA ARG A 469 -21.74 -57.80 -17.00
C ARG A 469 -22.36 -57.11 -15.80
N SER A 470 -23.40 -56.30 -16.02
CA SER A 470 -24.04 -55.57 -14.94
C SER A 470 -25.06 -56.40 -14.19
N LEU A 471 -25.28 -57.65 -14.58
CA LEU A 471 -26.15 -58.56 -13.85
C LEU A 471 -25.37 -59.56 -13.01
N ARG A 472 -24.29 -60.12 -13.55
CA ARG A 472 -23.49 -61.07 -12.79
C ARG A 472 -22.91 -60.42 -11.54
N ASN A 473 -22.46 -59.17 -11.66
CA ASN A 473 -21.87 -58.48 -10.52
C ASN A 473 -22.91 -58.32 -9.40
N ARG A 474 -24.10 -57.84 -9.74
CA ARG A 474 -25.13 -57.63 -8.72
C ARG A 474 -25.60 -58.95 -8.12
N GLN A 475 -25.61 -60.03 -8.90
CA GLN A 475 -25.95 -61.33 -8.33
C GLN A 475 -24.93 -61.75 -7.29
N SER A 476 -23.65 -61.54 -7.56
CA SER A 476 -22.62 -61.84 -6.57
C SER A 476 -22.66 -60.87 -5.41
N LEU A 477 -23.07 -59.62 -5.67
CA LEU A 477 -23.15 -58.60 -4.63
C LEU A 477 -24.23 -58.89 -3.59
N PHE A 478 -25.23 -59.70 -3.94
CA PHE A 478 -26.28 -60.06 -3.00
C PHE A 478 -25.97 -61.32 -2.21
N GLN A 479 -24.82 -61.94 -2.46
CA GLN A 479 -24.39 -63.12 -1.73
C GLN A 479 -23.43 -62.79 -0.59
N GLU A 480 -22.57 -61.79 -0.78
CA GLU A 480 -21.57 -61.45 0.23
C GLU A 480 -22.19 -60.78 1.45
N GLU A 481 -23.42 -60.31 1.35
CA GLU A 481 -24.14 -59.69 2.46
C GLU A 481 -25.25 -60.62 2.96
N GLY A 482 -24.98 -61.92 2.98
CA GLY A 482 -26.03 -62.87 3.26
C GLY A 482 -27.02 -62.93 2.11
N MET A 483 -28.31 -62.94 2.47
CA MET A 483 -29.42 -62.87 1.51
C MET A 483 -29.54 -64.15 0.67
N LEU A 484 -28.57 -65.04 0.79
CA LEU A 484 -28.75 -66.42 0.35
C LEU A 484 -29.16 -67.31 1.51
N SER A 485 -28.49 -67.15 2.66
CA SER A 485 -28.98 -67.79 3.88
C SER A 485 -30.35 -67.27 4.26
N LEU A 486 -30.57 -65.96 4.10
CA LEU A 486 -31.85 -65.36 4.47
C LEU A 486 -33.00 -65.98 3.71
N VAL A 487 -32.89 -66.03 2.38
CA VAL A 487 -33.94 -66.64 1.58
C VAL A 487 -34.02 -68.14 1.88
N LEU A 488 -32.88 -68.76 2.21
CA LEU A 488 -32.90 -70.13 2.69
C LEU A 488 -33.61 -70.23 4.04
N ASN A 489 -33.36 -69.27 4.93
CA ASN A 489 -33.94 -69.32 6.26
C ASN A 489 -35.46 -69.20 6.22
N CYS A 490 -35.98 -68.35 5.34
CA CYS A 490 -37.44 -68.22 5.22
C CYS A 490 -38.07 -69.53 4.79
N ILE A 491 -37.43 -70.24 3.85
CA ILE A 491 -37.98 -71.51 3.39
C ILE A 491 -38.03 -72.52 4.53
N ASP A 492 -36.99 -72.55 5.37
CA ASP A 492 -36.97 -73.48 6.49
C ASP A 492 -38.16 -73.24 7.42
N ARG A 493 -38.41 -71.98 7.76
CA ARG A 493 -39.50 -71.67 8.69
C ARG A 493 -40.86 -71.90 8.05
N LEU A 494 -41.06 -71.42 6.82
CA LEU A 494 -42.37 -71.57 6.17
C LEU A 494 -42.69 -73.03 5.87
N ASN A 495 -41.68 -73.80 5.44
CA ASN A 495 -41.93 -75.16 4.97
C ASN A 495 -42.29 -76.11 6.10
N VAL A 496 -42.20 -75.68 7.35
CA VAL A 496 -42.67 -76.49 8.47
C VAL A 496 -44.18 -76.74 8.34
N TYR A 497 -44.92 -75.70 7.97
CA TYR A 497 -46.37 -75.80 7.79
C TYR A 497 -46.67 -76.56 6.51
N THR A 498 -47.09 -77.81 6.64
CA THR A 498 -47.29 -78.69 5.50
C THR A 498 -48.72 -78.55 4.97
N THR A 499 -49.13 -79.48 4.09
CA THR A 499 -50.51 -79.60 3.62
C THR A 499 -50.98 -78.35 2.90
N ALA A 500 -51.67 -77.47 3.62
CA ALA A 500 -52.24 -76.27 3.03
C ALA A 500 -52.28 -75.19 4.09
N ALA A 501 -53.03 -74.12 3.80
CA ALA A 501 -53.20 -73.04 4.77
C ALA A 501 -53.93 -73.48 6.02
N HIS A 502 -54.63 -74.63 5.97
CA HIS A 502 -55.38 -75.10 7.12
C HIS A 502 -54.45 -75.40 8.30
N PHE A 503 -53.31 -76.03 8.05
CA PHE A 503 -52.36 -76.26 9.14
C PHE A 503 -51.71 -74.95 9.58
N ALA A 504 -51.53 -74.00 8.66
CA ALA A 504 -51.04 -72.69 9.03
C ALA A 504 -52.08 -71.84 9.74
N GLU A 505 -53.23 -72.44 10.13
CA GLU A 505 -54.31 -71.66 10.71
C GLU A 505 -53.87 -70.97 12.00
N TYR A 506 -53.06 -71.65 12.82
CA TYR A 506 -52.65 -71.08 14.10
C TYR A 506 -51.49 -70.10 13.92
N ALA A 507 -51.66 -69.22 12.94
CA ALA A 507 -50.77 -68.09 12.77
C ALA A 507 -51.54 -66.82 12.41
N GLY A 508 -52.87 -66.86 12.39
CA GLY A 508 -53.68 -65.77 11.88
C GLY A 508 -54.41 -66.19 10.62
N GLU A 509 -55.68 -66.55 10.74
CA GLU A 509 -56.43 -67.07 9.60
C GLU A 509 -56.66 -66.02 8.53
N GLU A 510 -56.48 -64.75 8.85
CA GLU A 510 -56.59 -63.70 7.83
C GLU A 510 -55.45 -63.76 6.83
N ALA A 511 -54.29 -64.29 7.24
CA ALA A 511 -53.16 -64.45 6.35
C ALA A 511 -53.08 -65.83 5.72
N ALA A 512 -54.01 -66.73 6.05
CA ALA A 512 -53.96 -68.09 5.53
C ALA A 512 -54.16 -68.12 4.03
N GLU A 513 -55.13 -67.36 3.53
CA GLU A 513 -55.41 -67.38 2.10
C GLU A 513 -54.31 -66.75 1.26
N SER A 514 -53.35 -66.06 1.88
CA SER A 514 -52.18 -65.52 1.19
C SER A 514 -50.94 -66.38 1.46
N TRP A 515 -51.11 -67.70 1.54
CA TRP A 515 -50.00 -68.61 1.80
C TRP A 515 -49.31 -69.06 0.53
N LYS A 516 -50.08 -69.50 -0.47
CA LYS A 516 -49.49 -70.14 -1.64
C LYS A 516 -48.50 -69.21 -2.34
N GLU A 517 -48.91 -67.96 -2.60
CA GLU A 517 -48.06 -67.06 -3.36
C GLU A 517 -46.77 -66.74 -2.63
N ILE A 518 -46.82 -66.53 -1.31
CA ILE A 518 -45.59 -66.27 -0.57
C ILE A 518 -44.64 -67.44 -0.69
N VAL A 519 -45.15 -68.67 -0.55
CA VAL A 519 -44.30 -69.83 -0.70
C VAL A 519 -43.72 -69.88 -2.11
N ASN A 520 -44.53 -69.56 -3.12
CA ASN A 520 -44.07 -69.58 -4.49
C ASN A 520 -42.96 -68.55 -4.72
N LEU A 521 -43.21 -67.29 -4.32
CA LEU A 521 -42.39 -66.18 -4.79
C LEU A 521 -40.92 -66.30 -4.40
N LEU A 522 -40.61 -66.96 -3.28
CA LEU A 522 -39.22 -67.11 -2.89
C LEU A 522 -38.44 -67.93 -3.90
N TYR A 523 -39.05 -68.98 -4.44
CA TYR A 523 -38.30 -69.97 -5.22
C TYR A 523 -37.77 -69.37 -6.52
N GLU A 524 -38.60 -68.68 -7.29
CA GLU A 524 -38.07 -68.09 -8.52
C GLU A 524 -37.18 -66.89 -8.22
N LEU A 525 -37.33 -66.28 -7.04
CA LEU A 525 -36.36 -65.28 -6.61
C LEU A 525 -34.98 -65.89 -6.47
N LEU A 526 -34.88 -67.06 -5.82
CA LEU A 526 -33.60 -67.72 -5.67
C LEU A 526 -33.05 -68.18 -7.01
N ALA A 527 -33.94 -68.54 -7.95
CA ALA A 527 -33.49 -68.92 -9.28
C ALA A 527 -32.80 -67.75 -9.98
N SER A 528 -33.28 -66.53 -9.74
CA SER A 528 -32.64 -65.36 -10.33
C SER A 528 -31.23 -65.17 -9.78
N LEU A 529 -31.02 -65.44 -8.49
CA LEU A 529 -29.71 -65.30 -7.89
C LEU A 529 -28.73 -66.40 -8.30
N ILE A 530 -29.19 -67.45 -8.97
CA ILE A 530 -28.35 -68.57 -9.34
C ILE A 530 -28.18 -68.68 -10.85
N ARG A 531 -29.24 -68.42 -11.61
CA ARG A 531 -29.19 -68.59 -13.05
C ARG A 531 -28.09 -67.74 -13.66
N GLY A 532 -27.27 -68.38 -14.51
CA GLY A 532 -26.20 -67.68 -15.19
C GLY A 532 -24.91 -67.66 -14.42
N ASN A 533 -24.96 -67.18 -13.17
CA ASN A 533 -23.75 -67.03 -12.37
C ASN A 533 -23.18 -68.40 -12.01
N ARG A 534 -21.87 -68.43 -11.80
CA ARG A 534 -21.13 -69.66 -11.52
C ARG A 534 -20.68 -69.78 -10.08
N ALA A 535 -20.20 -68.68 -9.47
CA ALA A 535 -19.68 -68.75 -8.11
C ALA A 535 -20.76 -69.15 -7.12
N ASN A 536 -21.97 -68.60 -7.27
CA ASN A 536 -23.05 -68.90 -6.33
C ASN A 536 -23.46 -70.37 -6.40
N CYS A 537 -23.34 -70.98 -7.59
CA CYS A 537 -23.77 -72.37 -7.75
C CYS A 537 -22.96 -73.32 -6.88
N ALA A 538 -21.70 -72.99 -6.61
CA ALA A 538 -20.86 -73.88 -5.81
C ALA A 538 -21.34 -73.98 -4.37
N LEU A 539 -22.12 -73.02 -3.90
CA LEU A 539 -22.53 -73.00 -2.50
C LEU A 539 -23.49 -74.14 -2.18
N PHE A 540 -24.22 -74.65 -3.18
CA PHE A 540 -25.23 -75.66 -2.95
C PHE A 540 -24.70 -77.08 -2.92
N SER A 541 -23.38 -77.27 -3.00
CA SER A 541 -22.83 -78.62 -2.91
C SER A 541 -23.15 -79.26 -1.56
N THR A 542 -23.01 -78.50 -0.47
CA THR A 542 -23.36 -79.02 0.85
C THR A 542 -24.86 -79.07 1.06
N ASN A 543 -25.61 -78.17 0.42
CA ASN A 543 -27.06 -78.12 0.56
C ASN A 543 -27.79 -78.84 -0.56
N LEU A 544 -27.08 -79.65 -1.36
CA LEU A 544 -27.72 -80.39 -2.43
C LEU A 544 -28.80 -81.33 -1.89
N ASP A 545 -28.50 -82.01 -0.78
CA ASP A 545 -29.47 -82.94 -0.22
C ASP A 545 -30.76 -82.24 0.21
N TRP A 546 -30.67 -80.97 0.60
CA TRP A 546 -31.84 -80.28 1.11
C TRP A 546 -32.83 -79.94 -0.01
N VAL A 547 -32.33 -79.39 -1.12
CA VAL A 547 -33.22 -78.99 -2.21
C VAL A 547 -33.87 -80.22 -2.84
N VAL A 548 -33.09 -81.28 -3.06
CA VAL A 548 -33.61 -82.47 -3.71
C VAL A 548 -34.59 -83.19 -2.80
N SER A 549 -34.61 -82.86 -1.51
CA SER A 549 -35.42 -83.60 -0.57
C SER A 549 -36.90 -83.50 -0.89
N LYS A 550 -37.42 -82.28 -1.05
CA LYS A 550 -38.87 -82.13 -1.15
C LYS A 550 -39.46 -82.72 -2.43
N LEU A 551 -39.30 -82.02 -3.56
CA LEU A 551 -39.75 -82.49 -4.88
C LEU A 551 -41.17 -83.03 -4.87
N ASP A 552 -41.97 -82.72 -3.85
CA ASP A 552 -43.29 -83.36 -3.72
C ASP A 552 -44.42 -82.43 -3.35
N ARG A 553 -44.16 -81.23 -2.81
CA ARG A 553 -45.24 -80.35 -2.40
C ARG A 553 -46.16 -80.01 -3.57
N LEU A 554 -47.47 -80.10 -3.32
CA LEU A 554 -48.45 -79.88 -4.36
C LEU A 554 -48.40 -78.46 -4.92
N GLU A 555 -47.84 -77.51 -4.17
CA GLU A 555 -47.53 -76.19 -4.72
C GLU A 555 -46.03 -75.93 -4.54
N ALA A 556 -45.25 -76.61 -5.37
CA ALA A 556 -43.85 -76.28 -5.56
C ALA A 556 -43.36 -76.59 -6.96
N SER A 557 -44.23 -77.06 -7.86
CA SER A 557 -43.78 -77.76 -9.06
C SER A 557 -42.89 -76.89 -9.93
N SER A 558 -43.35 -75.68 -10.25
CA SER A 558 -42.55 -74.79 -11.09
C SER A 558 -41.29 -74.32 -10.35
N GLY A 559 -41.42 -74.04 -9.06
CA GLY A 559 -40.27 -73.52 -8.32
C GLY A 559 -39.12 -74.49 -8.23
N ILE A 560 -39.38 -75.72 -7.80
CA ILE A 560 -38.30 -76.65 -7.50
C ILE A 560 -37.64 -77.18 -8.77
N LEU A 561 -38.44 -77.49 -9.79
CA LEU A 561 -37.85 -78.02 -11.02
C LEU A 561 -36.99 -76.98 -11.73
N GLU A 562 -37.28 -75.70 -11.52
CA GLU A 562 -36.47 -74.67 -12.16
C GLU A 562 -35.21 -74.35 -11.35
N VAL A 563 -35.30 -74.34 -10.02
CA VAL A 563 -34.11 -74.09 -9.22
C VAL A 563 -33.12 -75.24 -9.36
N LEU A 564 -33.62 -76.46 -9.47
CA LEU A 564 -32.73 -77.60 -9.67
C LEU A 564 -32.11 -77.57 -11.07
N TYR A 565 -32.87 -77.10 -12.06
CA TYR A 565 -32.37 -77.06 -13.43
C TYR A 565 -31.20 -76.09 -13.58
N CYS A 566 -31.21 -74.99 -12.84
CA CYS A 566 -30.19 -73.96 -13.02
C CYS A 566 -28.91 -74.25 -12.26
N VAL A 567 -28.92 -75.16 -11.30
CA VAL A 567 -27.70 -75.51 -10.57
C VAL A 567 -26.95 -76.69 -11.18
N LEU A 568 -27.57 -77.43 -12.11
CA LEU A 568 -26.88 -78.50 -12.82
C LEU A 568 -26.46 -78.10 -14.22
N ILE A 569 -26.57 -76.82 -14.58
CA ILE A 569 -26.16 -76.35 -15.90
C ILE A 569 -24.84 -75.61 -15.86
N GLU A 570 -24.36 -75.22 -14.67
CA GLU A 570 -23.14 -74.44 -14.55
C GLU A 570 -22.02 -75.17 -13.84
N SER A 571 -22.29 -75.74 -12.66
CA SER A 571 -21.24 -76.33 -11.85
C SER A 571 -21.21 -77.84 -12.04
N PRO A 572 -20.12 -78.41 -12.56
CA PRO A 572 -20.00 -79.88 -12.57
C PRO A 572 -19.66 -80.47 -11.22
N GLU A 573 -19.29 -79.65 -10.24
CA GLU A 573 -18.91 -80.17 -8.93
C GLU A 573 -20.13 -80.76 -8.20
N VAL A 574 -21.23 -80.02 -8.16
CA VAL A 574 -22.45 -80.55 -7.54
C VAL A 574 -22.96 -81.75 -8.31
N LEU A 575 -22.62 -81.86 -9.59
CA LEU A 575 -23.02 -83.01 -10.40
C LEU A 575 -22.42 -84.31 -9.87
N ASN A 576 -21.30 -84.22 -9.17
CA ASN A 576 -20.57 -85.39 -8.67
C ASN A 576 -20.98 -85.82 -7.27
N ILE A 577 -22.04 -85.25 -6.72
CA ILE A 577 -22.38 -85.48 -5.31
C ILE A 577 -23.77 -86.11 -5.23
N ILE A 578 -24.08 -87.00 -6.18
CA ILE A 578 -25.31 -87.78 -6.17
C ILE A 578 -24.93 -89.25 -6.16
N GLN A 579 -25.37 -89.99 -5.14
CA GLN A 579 -24.85 -91.35 -4.93
C GLN A 579 -25.73 -92.44 -5.53
N GLU A 580 -26.90 -92.70 -4.93
CA GLU A 580 -27.78 -93.72 -5.49
C GLU A 580 -29.25 -93.40 -5.32
N ASN A 581 -29.58 -92.53 -4.37
CA ASN A 581 -30.96 -92.33 -3.97
C ASN A 581 -31.59 -91.07 -4.54
N HIS A 582 -30.78 -90.04 -4.81
CA HIS A 582 -31.31 -88.83 -5.40
C HIS A 582 -31.80 -89.07 -6.81
N ILE A 583 -31.15 -89.98 -7.54
CA ILE A 583 -31.57 -90.31 -8.89
C ILE A 583 -32.95 -90.93 -8.89
N LYS A 584 -33.19 -91.89 -7.98
CA LYS A 584 -34.50 -92.53 -7.97
C LYS A 584 -35.58 -91.59 -7.43
N SER A 585 -35.18 -90.59 -6.63
CA SER A 585 -36.14 -89.60 -6.16
C SER A 585 -36.71 -88.78 -7.31
N ILE A 586 -35.83 -88.25 -8.16
CA ILE A 586 -36.28 -87.49 -9.32
C ILE A 586 -36.94 -88.43 -10.33
N ILE A 587 -36.52 -89.68 -10.39
CA ILE A 587 -37.20 -90.66 -11.24
C ILE A 587 -38.65 -90.83 -10.78
N SER A 588 -38.85 -90.94 -9.48
CA SER A 588 -40.21 -91.07 -8.94
C SER A 588 -41.03 -89.82 -9.21
N LEU A 589 -40.37 -88.66 -9.36
CA LEU A 589 -41.09 -87.43 -9.68
C LEU A 589 -41.83 -87.57 -11.01
N LEU A 590 -41.17 -88.15 -12.01
CA LEU A 590 -41.84 -88.39 -13.29
C LEU A 590 -43.02 -89.35 -13.12
N ASP A 591 -42.94 -90.25 -12.13
CA ASP A 591 -43.98 -91.26 -11.93
C ASP A 591 -45.20 -90.69 -11.21
N LYS A 592 -45.06 -89.56 -10.50
CA LYS A 592 -46.17 -89.01 -9.73
C LYS A 592 -46.75 -87.72 -10.29
N HIS A 593 -46.00 -87.00 -11.13
CA HIS A 593 -46.47 -85.72 -11.67
C HIS A 593 -46.73 -85.78 -13.17
N GLY A 594 -46.82 -86.98 -13.73
CA GLY A 594 -47.22 -87.12 -15.12
C GLY A 594 -46.04 -87.08 -16.06
N ARG A 595 -46.37 -87.02 -17.34
CA ARG A 595 -45.37 -86.96 -18.40
C ARG A 595 -44.99 -85.51 -18.62
N ASN A 596 -43.82 -85.12 -18.11
CA ASN A 596 -43.36 -83.74 -18.16
C ASN A 596 -41.99 -83.73 -18.83
N HIS A 597 -41.88 -83.02 -19.96
CA HIS A 597 -40.62 -82.95 -20.67
C HIS A 597 -39.55 -82.23 -19.89
N LYS A 598 -39.94 -81.41 -18.91
CA LYS A 598 -38.95 -80.67 -18.12
C LYS A 598 -38.06 -81.60 -17.33
N VAL A 599 -38.65 -82.61 -16.68
CA VAL A 599 -37.85 -83.56 -15.90
C VAL A 599 -36.90 -84.34 -16.80
N LEU A 600 -37.40 -84.82 -17.94
CA LEU A 600 -36.56 -85.58 -18.86
C LEU A 600 -35.38 -84.74 -19.33
N ASP A 601 -35.58 -83.43 -19.51
CA ASP A 601 -34.48 -82.54 -19.84
C ASP A 601 -33.45 -82.49 -18.71
N VAL A 602 -33.91 -82.49 -17.47
CA VAL A 602 -33.01 -82.42 -16.33
C VAL A 602 -32.10 -83.65 -16.28
N LEU A 603 -32.66 -84.83 -16.58
CA LEU A 603 -31.84 -86.04 -16.59
C LEU A 603 -30.74 -85.96 -17.63
N CYS A 604 -30.97 -85.24 -18.73
CA CYS A 604 -29.89 -85.01 -19.70
C CYS A 604 -28.76 -84.20 -19.11
N SER A 605 -29.04 -83.39 -18.09
CA SER A 605 -27.98 -82.64 -17.42
C SER A 605 -27.08 -83.55 -16.59
N LEU A 606 -27.63 -84.60 -15.99
CA LEU A 606 -26.79 -85.56 -15.27
C LEU A 606 -25.80 -86.24 -16.19
N CYS A 607 -26.05 -86.21 -17.50
CA CYS A 607 -25.16 -86.77 -18.50
C CYS A 607 -23.98 -85.84 -18.71
N VAL A 608 -23.28 -86.00 -19.84
CA VAL A 608 -22.08 -85.24 -20.15
C VAL A 608 -22.23 -83.76 -19.79
N CYS A 609 -21.25 -83.22 -19.08
CA CYS A 609 -21.20 -81.81 -18.74
C CYS A 609 -20.45 -81.09 -19.86
N ASN A 610 -19.99 -79.86 -19.62
CA ASN A 610 -19.35 -79.08 -20.68
C ASN A 610 -18.02 -79.74 -21.06
N GLY A 611 -18.05 -80.51 -22.14
CA GLY A 611 -16.86 -81.20 -22.61
C GLY A 611 -16.63 -82.53 -21.93
N VAL A 612 -16.58 -82.53 -20.61
CA VAL A 612 -16.25 -83.73 -19.85
C VAL A 612 -17.52 -84.52 -19.57
N ALA A 613 -17.38 -85.84 -19.54
CA ALA A 613 -18.47 -86.74 -19.25
C ALA A 613 -18.09 -87.62 -18.06
N VAL A 614 -19.09 -87.99 -17.27
CA VAL A 614 -18.89 -88.80 -16.07
C VAL A 614 -19.65 -90.11 -16.24
N ARG A 615 -18.99 -91.21 -15.86
CA ARG A 615 -19.56 -92.54 -16.01
C ARG A 615 -20.05 -93.16 -14.71
N SER A 616 -19.67 -92.60 -13.56
CA SER A 616 -20.12 -93.16 -12.29
C SER A 616 -21.64 -93.14 -12.15
N ASN A 617 -22.31 -92.19 -12.80
CA ASN A 617 -23.76 -92.13 -12.78
C ASN A 617 -24.40 -92.32 -14.14
N GLN A 618 -23.62 -92.37 -15.22
CA GLN A 618 -24.20 -92.64 -16.53
C GLN A 618 -24.38 -94.14 -16.77
N ASP A 619 -24.85 -94.84 -15.74
CA ASP A 619 -25.48 -96.15 -15.88
C ASP A 619 -26.69 -96.35 -14.98
N LEU A 620 -26.80 -95.59 -13.89
CA LEU A 620 -27.87 -95.80 -12.92
C LEU A 620 -29.23 -95.54 -13.54
N ILE A 621 -29.36 -94.46 -14.33
CA ILE A 621 -30.61 -94.21 -15.02
C ILE A 621 -30.91 -95.32 -16.03
N THR A 622 -29.86 -95.92 -16.61
CA THR A 622 -30.07 -97.01 -17.55
C THR A 622 -30.61 -98.25 -16.86
N GLU A 623 -30.25 -98.45 -15.59
CA GLU A 623 -30.68 -99.62 -14.83
C GLU A 623 -31.89 -99.36 -13.95
N ASN A 624 -32.31 -98.10 -13.81
CA ASN A 624 -33.45 -97.76 -12.97
C ASN A 624 -34.64 -97.27 -13.76
N LEU A 625 -34.44 -96.28 -14.64
CA LEU A 625 -35.50 -95.76 -15.49
C LEU A 625 -35.12 -96.11 -16.93
N LEU A 626 -35.48 -97.33 -17.35
CA LEU A 626 -35.19 -97.90 -18.66
C LEU A 626 -35.53 -99.39 -18.71
N PRO A 627 -35.07 -100.23 -17.77
CA PRO A 627 -35.44 -101.66 -17.87
C PRO A 627 -36.93 -101.89 -17.72
N GLY A 628 -37.55 -101.33 -16.69
CA GLY A 628 -39.00 -101.36 -16.62
C GLY A 628 -39.62 -100.65 -17.80
N ARG A 629 -40.64 -101.28 -18.39
CA ARG A 629 -41.21 -100.83 -19.65
C ARG A 629 -42.62 -100.30 -19.46
N GLU A 630 -42.84 -99.53 -18.40
CA GLU A 630 -44.14 -98.95 -18.10
C GLU A 630 -44.17 -97.43 -18.18
N LEU A 631 -43.02 -96.76 -17.98
CA LEU A 631 -43.01 -95.31 -17.96
C LEU A 631 -42.94 -94.71 -19.36
N LEU A 632 -41.92 -95.10 -20.13
CA LEU A 632 -41.67 -94.48 -21.42
C LEU A 632 -42.62 -95.01 -22.48
N LEU A 633 -42.42 -94.56 -23.72
CA LEU A 633 -43.28 -94.92 -24.85
C LEU A 633 -42.47 -95.84 -25.77
N GLN A 634 -42.63 -97.14 -25.58
CA GLN A 634 -41.94 -98.12 -26.43
C GLN A 634 -42.53 -98.15 -27.83
N THR A 635 -41.74 -98.61 -28.78
CA THR A 635 -42.18 -98.66 -30.18
C THR A 635 -41.53 -99.83 -30.88
N ASN A 636 -42.13 -100.24 -31.99
CA ASN A 636 -41.72 -101.42 -32.73
C ASN A 636 -42.46 -101.44 -34.06
N LEU A 637 -42.26 -102.51 -34.82
CA LEU A 637 -42.89 -102.71 -36.13
C LEU A 637 -43.96 -103.78 -36.03
N ILE A 638 -45.11 -103.51 -36.65
CA ILE A 638 -46.24 -104.45 -36.69
C ILE A 638 -46.67 -104.64 -38.13
N ASN A 639 -46.99 -105.88 -38.48
CA ASN A 639 -47.51 -106.19 -39.81
C ASN A 639 -49.02 -105.92 -39.85
N TYR A 640 -49.67 -106.29 -40.94
CA TYR A 640 -51.07 -105.98 -41.17
C TYR A 640 -51.87 -107.27 -41.31
N VAL A 641 -53.16 -107.18 -40.99
CA VAL A 641 -54.08 -108.32 -41.09
C VAL A 641 -55.43 -107.80 -41.54
N THR A 642 -56.21 -108.70 -42.16
CA THR A 642 -57.53 -108.35 -42.68
C THR A 642 -58.45 -109.55 -42.49
N SER A 643 -59.75 -109.28 -42.40
CA SER A 643 -60.75 -110.31 -42.17
C SER A 643 -61.76 -110.31 -43.31
N ILE A 644 -62.25 -111.50 -43.65
CA ILE A 644 -63.19 -111.71 -44.75
C ILE A 644 -64.31 -112.61 -44.25
N ARG A 645 -65.55 -112.28 -44.62
CA ARG A 645 -66.71 -113.07 -44.22
C ARG A 645 -67.66 -113.22 -45.40
N PRO A 646 -68.48 -114.27 -45.41
CA PRO A 646 -69.49 -114.42 -46.47
C PRO A 646 -70.71 -113.54 -46.27
N ASN A 647 -71.71 -113.68 -47.12
CA ASN A 647 -72.93 -112.89 -46.99
C ASN A 647 -73.95 -113.52 -46.05
N ILE A 648 -73.68 -114.72 -45.53
CA ILE A 648 -74.70 -115.43 -44.76
C ILE A 648 -74.88 -114.75 -43.40
N PHE A 649 -76.08 -114.88 -42.85
CA PHE A 649 -76.46 -114.17 -41.62
C PHE A 649 -77.37 -115.10 -40.82
N VAL A 650 -76.87 -115.63 -39.72
CA VAL A 650 -77.61 -116.58 -38.90
C VAL A 650 -77.80 -115.98 -37.50
N GLY A 651 -79.01 -116.13 -36.97
CA GLY A 651 -79.32 -115.65 -35.63
C GLY A 651 -80.51 -116.38 -35.06
N ARG A 652 -80.69 -116.23 -33.75
CA ARG A 652 -81.74 -116.91 -33.01
C ARG A 652 -82.65 -115.88 -32.34
N ALA A 653 -83.95 -116.02 -32.57
CA ALA A 653 -84.95 -115.12 -31.99
C ALA A 653 -86.32 -115.77 -32.16
N GLU A 654 -87.32 -115.18 -31.49
CA GLU A 654 -88.69 -115.66 -31.60
C GLU A 654 -89.20 -115.40 -33.01
N GLY A 655 -89.34 -116.46 -33.79
CA GLY A 655 -89.73 -116.37 -35.18
C GLY A 655 -88.91 -117.31 -36.01
N SER A 656 -88.74 -116.97 -37.28
CA SER A 656 -87.94 -117.77 -38.20
C SER A 656 -86.49 -117.70 -37.76
N THR A 657 -86.00 -118.78 -37.15
CA THR A 657 -84.63 -118.82 -36.65
C THR A 657 -83.88 -120.06 -37.13
N GLN A 658 -84.36 -120.68 -38.21
CA GLN A 658 -83.74 -121.88 -38.82
C GLN A 658 -83.63 -122.95 -37.74
N TYR A 659 -82.46 -123.57 -37.56
CA TYR A 659 -82.30 -124.70 -36.64
C TYR A 659 -81.28 -124.45 -35.53
N GLY A 660 -80.40 -123.46 -35.68
CA GLY A 660 -79.32 -123.33 -34.73
C GLY A 660 -78.34 -124.48 -34.81
N LYS A 661 -78.03 -124.94 -36.01
CA LYS A 661 -77.10 -126.06 -36.20
C LYS A 661 -76.47 -125.90 -37.58
N TRP A 662 -75.20 -125.47 -37.61
CA TRP A 662 -74.54 -125.11 -38.86
C TRP A 662 -73.13 -125.68 -38.84
N TYR A 663 -72.57 -125.89 -40.03
CA TYR A 663 -71.33 -126.65 -40.19
C TYR A 663 -70.62 -126.25 -41.47
N PHE A 664 -69.29 -126.08 -41.39
CA PHE A 664 -68.51 -125.81 -42.59
C PHE A 664 -67.04 -126.16 -42.33
N GLU A 665 -66.29 -126.30 -43.41
CA GLU A 665 -64.86 -126.57 -43.33
C GLU A 665 -64.10 -125.55 -44.18
N VAL A 666 -62.80 -125.77 -44.40
CA VAL A 666 -61.98 -124.82 -45.14
C VAL A 666 -60.70 -125.51 -45.57
N MET A 667 -60.09 -125.01 -46.64
CA MET A 667 -58.86 -125.58 -47.19
C MET A 667 -57.73 -124.55 -47.15
N VAL A 668 -56.58 -124.97 -46.62
CA VAL A 668 -55.41 -124.11 -46.47
C VAL A 668 -54.19 -124.79 -47.08
N ASP A 669 -53.44 -124.06 -47.89
CA ASP A 669 -52.26 -124.57 -48.58
C ASP A 669 -51.17 -123.51 -48.65
N GLU A 670 -50.89 -122.86 -47.52
CA GLU A 670 -49.89 -121.81 -47.45
C GLU A 670 -48.65 -122.29 -46.70
N VAL A 671 -47.47 -121.98 -47.25
CA VAL A 671 -46.20 -122.48 -46.71
C VAL A 671 -45.26 -121.35 -46.33
N VAL A 672 -45.80 -120.22 -45.87
CA VAL A 672 -44.98 -119.04 -45.57
C VAL A 672 -45.08 -118.69 -44.08
N PRO A 673 -44.27 -119.30 -43.23
CA PRO A 673 -44.43 -119.06 -41.79
C PRO A 673 -43.71 -117.82 -41.28
N PHE A 674 -42.61 -117.45 -41.93
CA PHE A 674 -41.84 -116.32 -41.42
C PHE A 674 -41.47 -115.33 -42.51
N LEU A 675 -42.30 -115.23 -43.54
CA LEU A 675 -42.07 -114.20 -44.53
C LEU A 675 -42.29 -112.84 -43.91
N THR A 676 -41.33 -111.93 -44.11
CA THR A 676 -41.28 -110.61 -43.49
C THR A 676 -41.35 -110.72 -41.96
N ALA A 677 -40.29 -111.31 -41.40
CA ALA A 677 -40.05 -111.36 -39.96
C ALA A 677 -41.14 -112.10 -39.19
N GLN A 678 -42.11 -111.37 -38.68
CA GLN A 678 -43.13 -111.94 -37.80
C GLN A 678 -43.87 -113.07 -38.49
N ALA A 679 -44.53 -113.89 -37.67
CA ALA A 679 -45.26 -115.04 -38.18
C ALA A 679 -46.48 -114.60 -38.97
N THR A 680 -47.04 -115.53 -39.74
CA THR A 680 -48.21 -115.28 -40.58
C THR A 680 -49.46 -115.66 -39.80
N HIS A 681 -50.21 -114.66 -39.38
CA HIS A 681 -51.42 -114.89 -38.59
C HIS A 681 -52.49 -115.58 -39.44
N LEU A 682 -53.09 -116.63 -38.89
CA LEU A 682 -54.15 -117.36 -39.59
C LEU A 682 -55.13 -117.90 -38.56
N ARG A 683 -56.38 -117.45 -38.63
CA ARG A 683 -57.41 -117.84 -37.66
C ARG A 683 -58.78 -117.89 -38.34
N VAL A 684 -59.67 -118.69 -37.77
CA VAL A 684 -61.03 -118.85 -38.26
C VAL A 684 -61.97 -118.97 -37.07
N GLY A 685 -63.21 -118.52 -37.25
CA GLY A 685 -64.19 -118.65 -36.18
C GLY A 685 -65.42 -117.82 -36.44
N TRP A 686 -66.10 -117.45 -35.35
CA TRP A 686 -67.32 -116.66 -35.35
C TRP A 686 -67.08 -115.26 -34.79
N ALA A 687 -67.95 -114.34 -35.20
CA ALA A 687 -68.01 -112.99 -34.63
C ALA A 687 -69.42 -112.46 -34.81
N LEU A 688 -69.90 -111.71 -33.83
CA LEU A 688 -71.24 -111.17 -33.90
C LEU A 688 -71.27 -109.87 -34.70
N THR A 689 -72.47 -109.36 -34.93
CA THR A 689 -72.64 -108.25 -35.87
C THR A 689 -72.50 -106.89 -35.19
N GLU A 690 -71.48 -106.75 -34.36
CA GLU A 690 -71.04 -105.46 -33.82
C GLU A 690 -69.53 -105.41 -33.69
N GLY A 691 -68.82 -106.11 -34.57
CA GLY A 691 -67.38 -106.22 -34.49
C GLY A 691 -66.64 -104.90 -34.59
N TYR A 692 -66.71 -104.27 -35.78
CA TYR A 692 -65.97 -103.05 -36.09
C TYR A 692 -64.46 -103.22 -35.88
N SER A 693 -64.01 -104.48 -35.80
CA SER A 693 -62.60 -104.74 -35.56
C SER A 693 -61.65 -104.27 -36.66
N PRO A 694 -61.93 -104.47 -37.98
CA PRO A 694 -60.87 -104.34 -38.99
C PRO A 694 -59.95 -103.15 -38.82
N TYR A 695 -60.48 -101.92 -38.92
CA TYR A 695 -59.78 -100.67 -38.68
C TYR A 695 -58.30 -100.75 -39.06
N PRO A 696 -57.97 -100.97 -40.34
CA PRO A 696 -56.59 -101.27 -40.72
C PRO A 696 -55.58 -100.26 -40.19
N GLY A 697 -54.67 -100.73 -39.34
CA GLY A 697 -53.69 -99.87 -38.71
C GLY A 697 -53.52 -100.17 -37.23
N GLY A 698 -53.73 -99.16 -36.39
CA GLY A 698 -53.58 -99.35 -34.97
C GLY A 698 -54.67 -100.22 -34.38
N GLY A 699 -54.41 -100.75 -33.20
CA GLY A 699 -55.35 -101.61 -32.50
C GLY A 699 -55.25 -101.43 -31.01
N GLU A 700 -55.38 -102.53 -30.27
CA GLU A 700 -55.35 -102.49 -28.82
C GLU A 700 -54.06 -103.07 -28.25
N GLY A 701 -53.82 -104.37 -28.43
CA GLY A 701 -52.58 -104.95 -27.96
C GLY A 701 -51.39 -104.52 -28.78
N TRP A 702 -51.34 -104.96 -30.04
CA TRP A 702 -50.29 -104.56 -30.96
C TRP A 702 -50.89 -104.54 -32.37
N GLY A 703 -51.28 -103.36 -32.83
CA GLY A 703 -51.78 -103.19 -34.18
C GLY A 703 -53.22 -103.62 -34.33
N GLY A 704 -53.76 -103.33 -35.52
CA GLY A 704 -55.14 -103.66 -35.83
C GLY A 704 -55.33 -105.13 -36.11
N ASN A 705 -55.27 -105.94 -35.05
CA ASN A 705 -55.33 -107.39 -35.14
C ASN A 705 -56.66 -107.90 -35.69
N GLY A 706 -56.77 -109.21 -35.87
CA GLY A 706 -57.92 -109.85 -36.47
C GLY A 706 -58.86 -110.46 -35.45
N VAL A 707 -59.34 -111.66 -35.76
CA VAL A 707 -60.37 -112.30 -34.95
C VAL A 707 -59.78 -112.85 -33.66
N GLY A 708 -60.59 -112.85 -32.59
CA GLY A 708 -60.27 -113.51 -31.35
C GLY A 708 -59.78 -112.58 -30.25
N ASP A 709 -59.32 -111.39 -30.60
CA ASP A 709 -58.76 -110.47 -29.61
C ASP A 709 -59.81 -109.45 -29.13
N ASP A 710 -60.96 -109.93 -28.71
CA ASP A 710 -62.04 -109.09 -28.20
C ASP A 710 -63.10 -110.00 -27.57
N LEU A 711 -64.21 -109.41 -27.15
CA LEU A 711 -65.36 -110.16 -26.66
C LEU A 711 -66.47 -110.26 -27.69
N TYR A 712 -66.24 -109.77 -28.91
CA TYR A 712 -67.23 -109.83 -29.98
C TYR A 712 -66.84 -110.80 -31.07
N SER A 713 -65.81 -111.62 -30.85
CA SER A 713 -65.35 -112.58 -31.84
C SER A 713 -64.71 -113.77 -31.14
N TYR A 714 -65.00 -114.96 -31.64
CA TYR A 714 -64.48 -116.20 -31.10
C TYR A 714 -63.81 -116.97 -32.22
N GLY A 715 -62.55 -117.35 -32.01
CA GLY A 715 -61.79 -117.97 -33.09
C GLY A 715 -60.78 -118.96 -32.57
N PHE A 716 -60.10 -119.60 -33.51
CA PHE A 716 -59.14 -120.66 -33.25
C PHE A 716 -57.98 -120.51 -34.23
N ASP A 717 -56.77 -120.87 -33.77
CA ASP A 717 -55.58 -120.74 -34.59
C ASP A 717 -54.92 -122.06 -34.94
N GLY A 718 -55.13 -123.10 -34.14
CA GLY A 718 -54.48 -124.37 -34.36
C GLY A 718 -53.93 -124.91 -33.05
N LEU A 719 -53.56 -123.99 -32.16
CA LEU A 719 -53.01 -124.37 -30.87
C LEU A 719 -53.57 -123.56 -29.71
N HIS A 720 -54.43 -122.57 -29.98
CA HIS A 720 -54.89 -121.70 -28.91
C HIS A 720 -56.31 -121.22 -29.18
N LEU A 721 -57.01 -120.90 -28.11
CA LEU A 721 -58.33 -120.27 -28.18
C LEU A 721 -58.22 -118.82 -27.75
N TRP A 722 -58.75 -117.91 -28.55
CA TRP A 722 -58.58 -116.48 -28.34
C TRP A 722 -59.92 -115.82 -28.04
N THR A 723 -60.02 -115.21 -26.86
CA THR A 723 -61.18 -114.44 -26.43
C THR A 723 -60.69 -113.36 -25.48
N GLY A 724 -60.87 -112.10 -25.85
CA GLY A 724 -60.39 -111.02 -25.00
C GLY A 724 -58.90 -110.78 -25.09
N HIS A 725 -58.29 -111.06 -26.24
CA HIS A 725 -56.88 -110.83 -26.53
C HIS A 725 -55.95 -111.70 -25.69
N VAL A 726 -56.49 -112.67 -24.96
CA VAL A 726 -55.68 -113.60 -24.18
C VAL A 726 -55.93 -115.01 -24.72
N ALA A 727 -54.86 -115.80 -24.81
CA ALA A 727 -54.91 -117.11 -25.44
C ALA A 727 -54.62 -118.20 -24.43
N ARG A 728 -55.21 -119.38 -24.68
CA ARG A 728 -55.00 -120.56 -23.87
C ARG A 728 -54.71 -121.76 -24.77
N PRO A 729 -53.77 -122.61 -24.39
CA PRO A 729 -53.43 -123.76 -25.23
C PRO A 729 -54.55 -124.79 -25.26
N VAL A 730 -54.59 -125.55 -26.36
CA VAL A 730 -55.56 -126.61 -26.54
C VAL A 730 -54.81 -127.93 -26.75
N THR A 731 -55.55 -129.03 -26.66
CA THR A 731 -54.99 -130.36 -26.85
C THR A 731 -55.73 -131.07 -27.98
N SER A 732 -54.99 -131.87 -28.73
CA SER A 732 -55.52 -132.60 -29.87
C SER A 732 -54.42 -133.55 -30.36
N PRO A 733 -54.79 -134.59 -31.11
CA PRO A 733 -53.76 -135.46 -31.71
C PRO A 733 -53.10 -134.79 -32.90
N GLY A 734 -51.80 -134.52 -32.76
CA GLY A 734 -51.04 -133.82 -33.78
C GLY A 734 -50.37 -132.58 -33.24
N GLN A 735 -51.12 -131.80 -32.44
CA GLN A 735 -50.59 -130.65 -31.71
C GLN A 735 -49.77 -129.68 -32.56
N HIS A 736 -50.19 -129.45 -33.80
CA HIS A 736 -49.54 -128.46 -34.65
C HIS A 736 -50.59 -127.46 -35.13
N LEU A 737 -50.17 -126.19 -35.22
CA LEU A 737 -51.06 -125.14 -35.69
C LEU A 737 -51.38 -125.34 -37.17
N LEU A 738 -52.17 -124.42 -37.73
CA LEU A 738 -52.61 -124.55 -39.11
C LEU A 738 -51.42 -124.67 -40.05
N ALA A 739 -51.43 -125.70 -40.87
CA ALA A 739 -50.37 -126.04 -41.81
C ALA A 739 -51.01 -126.27 -43.17
N PRO A 740 -50.23 -126.22 -44.25
CA PRO A 740 -50.80 -126.52 -45.57
C PRO A 740 -51.35 -127.93 -45.62
N GLU A 741 -52.40 -128.10 -46.45
CA GLU A 741 -53.09 -129.38 -46.63
C GLU A 741 -53.70 -129.85 -45.30
N ASP A 742 -54.67 -129.07 -44.83
CA ASP A 742 -55.34 -129.36 -43.57
C ASP A 742 -56.79 -128.87 -43.64
N VAL A 743 -57.62 -129.39 -42.74
CA VAL A 743 -59.04 -129.06 -42.65
C VAL A 743 -59.40 -128.81 -41.20
N VAL A 744 -60.17 -127.75 -40.95
CA VAL A 744 -60.72 -127.48 -39.63
C VAL A 744 -62.23 -127.39 -39.75
N SER A 745 -62.93 -127.95 -38.78
CA SER A 745 -64.38 -127.96 -38.77
C SER A 745 -64.89 -127.23 -37.53
N CYS A 746 -65.73 -126.22 -37.74
CA CYS A 746 -66.38 -125.49 -36.67
C CYS A 746 -67.76 -126.05 -36.40
N CYS A 747 -68.35 -125.61 -35.29
CA CYS A 747 -69.65 -126.09 -34.85
C CYS A 747 -70.49 -124.92 -34.34
N LEU A 748 -71.81 -125.05 -34.47
CA LEU A 748 -72.74 -124.06 -33.97
C LEU A 748 -73.99 -124.75 -33.46
N ASP A 749 -74.41 -124.40 -32.25
CA ASP A 749 -75.57 -125.04 -31.61
C ASP A 749 -76.18 -124.04 -30.63
N LEU A 750 -77.24 -123.35 -31.04
CA LEU A 750 -77.80 -122.25 -30.27
C LEU A 750 -78.97 -122.68 -29.39
N SER A 751 -78.81 -123.73 -28.61
CA SER A 751 -79.72 -124.00 -27.50
C SER A 751 -78.97 -124.17 -26.20
N VAL A 752 -77.86 -124.89 -26.23
CA VAL A 752 -76.77 -124.93 -25.26
C VAL A 752 -76.05 -123.58 -25.23
N PRO A 753 -76.37 -122.63 -26.13
CA PRO A 753 -75.39 -122.18 -27.13
C PRO A 753 -73.94 -122.19 -26.71
N SER A 754 -73.16 -122.84 -27.56
CA SER A 754 -71.75 -123.15 -27.36
C SER A 754 -71.11 -123.40 -28.70
N ILE A 755 -69.82 -123.10 -28.83
CA ILE A 755 -69.07 -123.30 -30.06
C ILE A 755 -67.98 -124.32 -29.80
N SER A 756 -67.92 -125.35 -30.65
CA SER A 756 -66.85 -126.33 -30.64
C SER A 756 -66.12 -126.29 -31.98
N PHE A 757 -64.93 -126.90 -31.99
CA PHE A 757 -64.12 -126.97 -33.19
C PHE A 757 -63.62 -128.40 -33.37
N ARG A 758 -63.24 -128.72 -34.61
CA ARG A 758 -62.80 -130.06 -34.96
C ARG A 758 -61.64 -129.96 -35.92
N ILE A 759 -60.52 -130.58 -35.57
CA ILE A 759 -59.38 -130.71 -36.47
C ILE A 759 -59.78 -131.72 -37.54
N ASN A 760 -58.94 -131.85 -38.58
CA ASN A 760 -59.29 -132.60 -39.79
C ASN A 760 -60.15 -133.84 -39.55
N GLY A 761 -59.80 -134.65 -38.56
CA GLY A 761 -60.60 -135.83 -38.29
C GLY A 761 -60.82 -136.15 -36.82
N CYS A 762 -60.46 -135.22 -35.94
CA CYS A 762 -60.53 -135.47 -34.50
C CYS A 762 -61.11 -134.25 -33.81
N PRO A 763 -61.78 -134.44 -32.66
CA PRO A 763 -62.35 -133.30 -31.95
C PRO A 763 -61.29 -132.49 -31.22
N VAL A 764 -61.56 -131.20 -31.07
CA VAL A 764 -60.71 -130.29 -30.32
C VAL A 764 -61.32 -130.12 -28.93
N GLN A 765 -60.52 -130.44 -27.90
CA GLN A 765 -61.03 -130.51 -26.53
C GLN A 765 -61.13 -129.10 -25.95
N GLY A 766 -62.26 -128.46 -26.23
CA GLY A 766 -62.54 -127.15 -25.69
C GLY A 766 -63.77 -126.52 -26.32
N VAL A 767 -64.63 -125.94 -25.50
CA VAL A 767 -65.90 -125.36 -25.95
C VAL A 767 -66.13 -124.04 -25.23
N PHE A 768 -66.73 -123.08 -25.93
CA PHE A 768 -67.11 -121.80 -25.27
C PHE A 768 -68.61 -121.85 -24.98
N GLU A 769 -69.10 -121.14 -23.97
CA GLU A 769 -70.55 -121.12 -23.70
C GLU A 769 -70.98 -119.80 -23.07
N ALA A 770 -72.13 -119.78 -22.40
CA ALA A 770 -72.59 -118.57 -21.67
C ALA A 770 -72.34 -117.30 -22.47
N PHE A 771 -72.68 -117.29 -23.76
CA PHE A 771 -72.55 -116.04 -24.57
C PHE A 771 -73.62 -115.03 -24.12
N ASN A 772 -73.99 -114.11 -25.00
CA ASN A 772 -75.06 -113.11 -24.73
C ASN A 772 -75.67 -112.81 -26.10
N LEU A 773 -75.98 -113.86 -26.86
CA LEU A 773 -76.45 -113.75 -28.23
C LEU A 773 -77.60 -112.75 -28.36
N ASP A 774 -77.35 -111.68 -29.11
CA ASP A 774 -78.36 -110.66 -29.36
C ASP A 774 -78.47 -110.25 -30.82
N GLY A 775 -77.45 -110.48 -31.64
CA GLY A 775 -77.52 -110.15 -33.04
C GLY A 775 -77.42 -111.37 -33.93
N LEU A 776 -76.41 -111.41 -34.79
CA LEU A 776 -76.21 -112.51 -35.73
C LEU A 776 -74.73 -112.87 -35.71
N PHE A 777 -74.29 -113.66 -36.68
CA PHE A 777 -72.93 -114.20 -36.63
C PHE A 777 -72.32 -114.24 -38.01
N PHE A 778 -70.99 -114.12 -38.05
CA PHE A 778 -70.21 -114.14 -39.28
C PHE A 778 -69.24 -115.32 -39.26
N PRO A 779 -69.14 -116.09 -40.34
CA PRO A 779 -67.96 -116.95 -40.52
C PRO A 779 -66.75 -116.09 -40.88
N VAL A 780 -65.81 -115.93 -39.95
CA VAL A 780 -64.72 -114.98 -40.11
C VAL A 780 -63.41 -115.72 -40.27
N VAL A 781 -62.51 -115.15 -41.09
CA VAL A 781 -61.18 -115.68 -41.33
C VAL A 781 -60.18 -114.54 -41.14
N SER A 782 -58.97 -114.88 -40.73
CA SER A 782 -57.91 -113.91 -40.50
C SER A 782 -56.66 -114.35 -41.24
N PHE A 783 -55.95 -113.38 -41.83
CA PHE A 783 -54.76 -113.70 -42.63
C PHE A 783 -53.86 -112.47 -42.68
N SER A 784 -52.55 -112.69 -42.63
CA SER A 784 -51.60 -111.58 -42.68
C SER A 784 -51.30 -111.17 -44.12
N ALA A 785 -50.69 -112.07 -44.90
CA ALA A 785 -50.27 -111.78 -46.27
C ALA A 785 -49.80 -113.06 -46.93
N GLY A 786 -49.78 -113.06 -48.25
CA GLY A 786 -49.33 -114.21 -49.03
C GLY A 786 -50.16 -115.46 -48.79
N VAL A 787 -51.49 -115.33 -48.86
CA VAL A 787 -52.40 -116.39 -48.49
C VAL A 787 -53.44 -116.58 -49.59
N LYS A 788 -53.66 -117.85 -49.97
CA LYS A 788 -54.56 -118.25 -51.04
C LYS A 788 -55.55 -119.32 -50.55
N VAL A 789 -56.14 -119.09 -49.38
CA VAL A 789 -57.03 -120.08 -48.77
C VAL A 789 -58.30 -120.25 -49.60
N ARG A 790 -58.68 -121.51 -49.82
CA ARG A 790 -59.98 -121.86 -50.39
C ARG A 790 -60.99 -122.07 -49.26
N PHE A 791 -62.19 -121.56 -49.47
CA PHE A 791 -63.18 -121.45 -48.39
C PHE A 791 -64.37 -122.34 -48.74
N LEU A 792 -64.70 -123.28 -47.86
CA LEU A 792 -65.65 -124.35 -48.15
C LEU A 792 -67.03 -124.00 -47.60
N LEU A 793 -68.06 -124.18 -48.42
CA LEU A 793 -69.44 -123.92 -48.00
C LEU A 793 -70.32 -125.17 -48.03
N GLY A 794 -70.37 -125.89 -49.16
CA GLY A 794 -71.22 -127.06 -49.22
C GLY A 794 -71.94 -127.32 -50.53
N GLY A 795 -73.27 -127.38 -50.47
CA GLY A 795 -74.05 -127.86 -51.61
C GLY A 795 -73.85 -127.04 -52.88
N ARG A 796 -73.58 -125.74 -52.73
CA ARG A 796 -73.33 -124.91 -53.90
C ARG A 796 -72.15 -125.43 -54.69
N HIS A 797 -70.95 -125.37 -54.09
CA HIS A 797 -69.79 -126.04 -54.65
C HIS A 797 -68.90 -126.72 -53.62
N GLY A 798 -68.98 -126.37 -52.34
CA GLY A 798 -68.10 -126.92 -51.33
C GLY A 798 -68.22 -128.43 -51.16
N GLU A 799 -67.19 -129.16 -51.58
CA GLU A 799 -67.18 -130.61 -51.46
C GLU A 799 -66.80 -130.97 -50.04
N PHE A 800 -67.81 -131.24 -49.20
CA PHE A 800 -67.55 -131.62 -47.82
C PHE A 800 -66.74 -132.91 -47.77
N LYS A 801 -65.49 -132.82 -47.32
CA LYS A 801 -64.66 -134.01 -47.19
C LYS A 801 -65.24 -134.98 -46.17
N PHE A 802 -65.75 -134.45 -45.06
CA PHE A 802 -66.22 -135.27 -43.95
C PHE A 802 -67.73 -135.11 -43.76
N LEU A 803 -68.30 -136.02 -42.98
CA LEU A 803 -69.73 -136.03 -42.73
C LEU A 803 -70.08 -135.16 -41.53
N PRO A 804 -71.01 -134.22 -41.67
CA PRO A 804 -71.40 -133.42 -40.53
C PRO A 804 -72.04 -134.29 -39.46
N PRO A 805 -71.91 -133.89 -38.20
CA PRO A 805 -72.59 -134.63 -37.11
C PRO A 805 -74.09 -134.60 -37.29
N PRO A 806 -74.87 -135.38 -36.53
CA PRO A 806 -76.29 -135.53 -36.85
C PRO A 806 -77.09 -134.25 -36.62
N GLY A 807 -77.41 -133.60 -37.74
CA GLY A 807 -78.28 -132.44 -37.78
C GLY A 807 -77.50 -131.14 -37.82
N TYR A 808 -77.24 -130.65 -39.04
CA TYR A 808 -76.45 -129.43 -39.26
C TYR A 808 -76.68 -128.98 -40.69
N ALA A 809 -77.25 -127.80 -40.88
CA ALA A 809 -77.43 -127.29 -42.22
C ALA A 809 -76.09 -126.93 -42.85
N PRO A 810 -75.90 -127.24 -44.14
CA PRO A 810 -74.62 -126.92 -44.79
C PRO A 810 -74.40 -125.43 -45.03
N CYS A 811 -75.28 -124.57 -44.53
CA CYS A 811 -75.07 -123.12 -44.48
C CYS A 811 -75.21 -122.45 -45.85
N HIS A 812 -75.43 -123.21 -46.91
CA HIS A 812 -75.75 -122.61 -48.20
C HIS A 812 -77.21 -122.23 -48.31
N GLU A 813 -78.10 -122.90 -47.55
CA GLU A 813 -79.51 -122.56 -47.59
C GLU A 813 -79.77 -121.16 -47.08
N ALA A 814 -79.09 -120.77 -46.00
CA ALA A 814 -79.28 -119.46 -45.40
C ALA A 814 -78.58 -118.41 -46.24
N VAL A 815 -79.34 -117.73 -47.11
CA VAL A 815 -78.84 -116.60 -47.88
C VAL A 815 -79.99 -115.62 -47.99
N LEU A 816 -79.67 -114.34 -48.17
CA LEU A 816 -80.72 -113.35 -48.38
C LEU A 816 -81.42 -113.68 -49.69
N PRO A 817 -82.72 -113.96 -49.69
CA PRO A 817 -83.43 -114.38 -50.90
C PRO A 817 -83.77 -113.21 -51.82
N ARG A 818 -82.79 -112.34 -52.05
CA ARG A 818 -82.97 -111.21 -52.95
C ARG A 818 -81.74 -110.95 -53.82
N GLU A 819 -80.70 -111.77 -53.73
CA GLU A 819 -79.47 -111.59 -54.49
C GLU A 819 -78.66 -112.88 -54.37
N ARG A 820 -77.45 -112.87 -54.92
CA ARG A 820 -76.54 -114.01 -54.84
C ARG A 820 -75.57 -113.81 -53.68
N LEU A 821 -74.74 -114.82 -53.43
CA LEU A 821 -73.76 -114.79 -52.36
C LEU A 821 -72.37 -114.48 -52.92
N ARG A 822 -71.55 -113.86 -52.08
CA ARG A 822 -70.24 -113.38 -52.49
C ARG A 822 -69.39 -113.13 -51.26
N LEU A 823 -68.10 -112.93 -51.48
CA LEU A 823 -67.16 -112.60 -50.40
C LEU A 823 -66.87 -111.11 -50.43
N GLU A 824 -67.03 -110.46 -49.28
CA GLU A 824 -66.77 -109.04 -49.14
C GLU A 824 -66.05 -108.78 -47.83
N PRO A 825 -65.19 -107.76 -47.78
CA PRO A 825 -64.54 -107.41 -46.51
C PRO A 825 -65.46 -106.57 -45.63
N ILE A 826 -65.42 -106.86 -44.33
CA ILE A 826 -66.32 -106.22 -43.39
C ILE A 826 -65.85 -104.82 -43.04
N LYS A 827 -66.80 -103.90 -42.94
CA LYS A 827 -66.55 -102.52 -42.53
C LYS A 827 -65.54 -101.82 -43.45
N GLU A 828 -65.62 -102.13 -44.73
CA GLU A 828 -64.75 -101.48 -45.70
C GLU A 828 -65.14 -100.01 -45.87
N TYR A 829 -64.14 -99.13 -45.89
CA TYR A 829 -64.37 -97.71 -46.14
C TYR A 829 -63.51 -97.14 -47.26
N ARG A 830 -62.77 -97.99 -47.98
CA ARG A 830 -62.14 -97.58 -49.23
C ARG A 830 -62.18 -98.76 -50.18
N ARG A 831 -62.59 -98.50 -51.42
CA ARG A 831 -62.62 -99.54 -52.44
C ARG A 831 -62.08 -99.00 -53.75
N GLU A 832 -61.52 -99.89 -54.56
CA GLU A 832 -60.92 -99.51 -55.84
C GLU A 832 -62.01 -99.23 -56.88
N GLY A 833 -61.59 -98.63 -58.00
CA GLY A 833 -62.49 -98.28 -59.06
C GLY A 833 -61.76 -97.74 -60.27
N PRO A 834 -62.50 -97.53 -61.37
CA PRO A 834 -61.86 -96.99 -62.58
C PRO A 834 -61.18 -95.65 -62.37
N ARG A 835 -61.81 -94.74 -61.63
CA ARG A 835 -61.12 -93.52 -61.23
C ARG A 835 -60.10 -93.80 -60.13
N GLY A 836 -60.32 -94.84 -59.34
CA GLY A 836 -59.41 -95.20 -58.29
C GLY A 836 -60.11 -95.43 -56.97
N PRO A 837 -59.59 -94.81 -55.91
CA PRO A 837 -60.20 -94.98 -54.59
C PRO A 837 -61.63 -94.46 -54.55
N HIS A 838 -62.47 -95.16 -53.77
CA HIS A 838 -63.84 -94.75 -53.53
C HIS A 838 -64.08 -94.76 -52.03
N LEU A 839 -64.49 -93.62 -51.49
CA LEU A 839 -64.78 -93.49 -50.07
C LEU A 839 -66.25 -93.86 -49.82
N VAL A 840 -66.48 -94.90 -49.03
CA VAL A 840 -67.82 -95.37 -48.73
C VAL A 840 -68.06 -95.26 -47.23
N GLY A 841 -69.25 -94.79 -46.87
CA GLY A 841 -69.61 -94.62 -45.49
C GLY A 841 -70.19 -95.89 -44.89
N PRO A 842 -70.80 -95.78 -43.71
CA PRO A 842 -71.37 -96.96 -43.05
C PRO A 842 -72.50 -97.57 -43.87
N SER A 843 -72.55 -98.89 -43.89
CA SER A 843 -73.60 -99.62 -44.60
C SER A 843 -74.76 -99.93 -43.64
N ARG A 844 -75.73 -100.68 -44.12
CA ARG A 844 -76.88 -101.09 -43.33
C ARG A 844 -76.80 -102.58 -43.01
N CYS A 845 -77.53 -102.99 -41.98
CA CYS A 845 -77.53 -104.38 -41.54
C CYS A 845 -78.86 -104.70 -40.86
N LEU A 846 -79.16 -106.00 -40.79
CA LEU A 846 -80.38 -106.46 -40.17
C LEU A 846 -80.19 -106.55 -38.65
N SER A 847 -81.17 -107.14 -37.96
CA SER A 847 -81.11 -107.26 -36.52
C SER A 847 -81.97 -108.45 -36.09
N HIS A 848 -81.95 -108.75 -34.79
CA HIS A 848 -82.74 -109.86 -34.27
C HIS A 848 -84.23 -109.61 -34.45
N THR A 849 -84.70 -108.39 -34.16
CA THR A 849 -86.11 -108.08 -34.30
C THR A 849 -86.54 -108.11 -35.77
N ASP A 850 -85.67 -107.66 -36.67
CA ASP A 850 -86.02 -107.63 -38.09
C ASP A 850 -86.26 -109.03 -38.63
N PHE A 851 -85.43 -110.00 -38.23
CA PHE A 851 -85.59 -111.37 -38.68
C PHE A 851 -86.62 -112.11 -37.84
N VAL A 852 -87.83 -111.56 -37.76
CA VAL A 852 -88.92 -112.18 -37.00
C VAL A 852 -90.25 -111.75 -37.59
N PRO A 853 -90.96 -112.64 -38.28
CA PRO A 853 -92.29 -112.27 -38.80
C PRO A 853 -93.25 -111.96 -37.66
N CYS A 854 -94.17 -111.03 -37.91
CA CYS A 854 -95.16 -110.60 -36.93
C CYS A 854 -96.49 -110.36 -37.60
N PRO A 855 -97.44 -111.28 -37.47
CA PRO A 855 -98.78 -111.01 -37.97
C PRO A 855 -99.42 -109.79 -37.31
N VAL A 856 -100.27 -109.11 -38.07
CA VAL A 856 -100.94 -107.94 -37.53
C VAL A 856 -101.89 -108.33 -36.40
N ASP A 857 -102.19 -107.36 -35.55
CA ASP A 857 -103.07 -107.57 -34.40
C ASP A 857 -104.52 -107.76 -34.82
N LEU A 863 -121.36 -103.98 -35.49
CA LEU A 863 -121.01 -104.32 -36.87
C LEU A 863 -122.13 -103.95 -37.82
N PRO A 864 -121.81 -103.14 -38.83
CA PRO A 864 -122.82 -102.77 -39.83
C PRO A 864 -123.34 -103.98 -40.56
N PRO A 865 -124.63 -104.03 -40.88
CA PRO A 865 -125.18 -105.21 -41.57
C PRO A 865 -124.53 -105.49 -42.91
N HIS A 866 -124.21 -104.44 -43.68
CA HIS A 866 -123.69 -104.64 -45.03
C HIS A 866 -122.30 -105.28 -45.01
N LEU A 867 -121.54 -105.07 -43.93
CA LEU A 867 -120.23 -105.71 -43.83
C LEU A 867 -120.36 -107.23 -43.83
N GLU A 868 -121.32 -107.75 -43.07
CA GLU A 868 -121.58 -109.18 -43.01
C GLU A 868 -122.66 -109.64 -43.99
N ARG A 869 -123.23 -108.71 -44.76
CA ARG A 869 -124.27 -109.09 -45.71
C ARG A 869 -123.69 -109.57 -47.03
N ILE A 870 -122.57 -108.97 -47.47
CA ILE A 870 -122.01 -109.31 -48.77
C ILE A 870 -121.51 -110.75 -48.77
N ARG A 871 -120.49 -111.03 -47.95
CA ARG A 871 -119.96 -112.38 -47.76
C ARG A 871 -119.76 -113.14 -49.06
N GLU A 872 -120.71 -114.04 -49.37
CA GLU A 872 -120.60 -114.87 -50.56
C GLU A 872 -120.53 -114.02 -51.83
N LYS A 873 -121.20 -112.87 -51.83
CA LYS A 873 -121.18 -112.01 -53.01
C LYS A 873 -119.76 -111.60 -53.37
N LEU A 874 -118.95 -111.24 -52.36
CA LEU A 874 -117.54 -111.02 -52.60
C LEU A 874 -116.78 -112.33 -52.77
N ALA A 875 -117.20 -113.37 -52.04
CA ALA A 875 -116.55 -114.67 -52.16
C ALA A 875 -116.74 -115.26 -53.54
N GLU A 876 -117.97 -115.23 -54.06
CA GLU A 876 -118.20 -115.73 -55.41
C GLU A 876 -117.46 -114.90 -56.43
N ASN A 877 -117.40 -113.58 -56.23
CA ASN A 877 -116.61 -112.72 -57.10
C ASN A 877 -115.14 -113.09 -57.04
N ILE A 878 -114.65 -113.44 -55.85
CA ILE A 878 -113.31 -114.00 -55.74
C ILE A 878 -113.27 -115.40 -56.32
N HIS A 879 -114.34 -116.18 -56.12
CA HIS A 879 -114.38 -117.56 -56.60
C HIS A 879 -114.52 -117.64 -58.11
N GLU A 880 -114.84 -116.54 -58.80
CA GLU A 880 -114.83 -116.55 -60.25
C GLU A 880 -113.44 -116.82 -60.80
N LEU A 881 -112.42 -116.20 -60.20
CA LEU A 881 -111.05 -116.36 -60.68
C LEU A 881 -110.49 -117.73 -60.35
N TRP A 882 -111.12 -118.49 -59.46
CA TRP A 882 -110.57 -119.78 -59.06
C TRP A 882 -110.48 -120.77 -60.22
N ALA A 883 -111.23 -120.56 -61.29
CA ALA A 883 -111.08 -121.36 -62.49
C ALA A 883 -110.45 -120.60 -63.65
N LEU A 884 -110.37 -119.28 -63.56
CA LEU A 884 -109.95 -118.43 -64.68
C LEU A 884 -108.68 -118.96 -65.34
N THR A 885 -107.57 -118.99 -64.61
CA THR A 885 -106.33 -119.55 -65.13
C THR A 885 -106.26 -121.07 -64.96
N ARG A 886 -107.10 -121.64 -64.09
CA ARG A 886 -107.28 -123.08 -64.07
C ARG A 886 -108.10 -123.61 -65.24
N ILE A 887 -108.70 -122.74 -66.05
CA ILE A 887 -109.06 -123.13 -67.41
C ILE A 887 -107.82 -123.25 -68.27
N GLU A 888 -106.91 -122.29 -68.17
CA GLU A 888 -105.64 -122.38 -68.89
C GLU A 888 -104.83 -123.58 -68.41
N GLN A 889 -104.94 -123.91 -67.12
CA GLN A 889 -104.32 -125.13 -66.62
C GLN A 889 -105.04 -126.40 -67.10
N GLY A 890 -106.31 -126.29 -67.45
CA GLY A 890 -107.07 -127.45 -67.90
C GLY A 890 -107.42 -128.39 -66.76
N TRP A 891 -108.11 -127.87 -65.75
CA TRP A 891 -108.38 -128.62 -64.53
C TRP A 891 -109.87 -128.75 -64.27
N THR A 892 -110.65 -129.13 -65.29
CA THR A 892 -112.09 -129.00 -65.21
C THR A 892 -112.73 -129.99 -64.23
N TYR A 893 -112.88 -129.54 -62.98
CA TYR A 893 -113.51 -130.27 -61.89
C TYR A 893 -113.11 -131.76 -61.86
N GLY A 894 -111.83 -131.97 -61.60
CA GLY A 894 -111.34 -133.32 -61.40
C GLY A 894 -111.92 -133.96 -60.16
N PRO A 895 -112.67 -135.06 -60.35
CA PRO A 895 -113.36 -135.69 -59.22
C PRO A 895 -112.45 -136.44 -58.26
N VAL A 896 -111.15 -136.57 -58.56
CA VAL A 896 -110.26 -137.38 -57.73
C VAL A 896 -109.03 -136.59 -57.30
N ARG A 897 -109.06 -135.28 -57.48
CA ARG A 897 -108.00 -134.36 -57.06
C ARG A 897 -106.66 -134.78 -57.67
N ASP A 898 -106.58 -134.63 -58.99
CA ASP A 898 -105.37 -134.94 -59.72
C ASP A 898 -104.31 -133.86 -59.50
N ASP A 899 -103.41 -134.10 -58.54
CA ASP A 899 -102.41 -133.11 -58.20
C ASP A 899 -101.33 -132.98 -59.27
N ASN A 900 -101.21 -133.94 -60.18
CA ASN A 900 -100.13 -133.93 -61.15
C ASN A 900 -100.64 -134.03 -62.59
N LYS A 901 -101.76 -134.72 -62.80
CA LYS A 901 -102.33 -134.90 -64.13
C LYS A 901 -103.48 -133.94 -64.39
N ARG A 902 -103.38 -132.73 -63.86
CA ARG A 902 -104.12 -131.55 -64.32
C ARG A 902 -105.64 -131.71 -64.13
N LEU A 903 -106.05 -131.82 -62.87
CA LEU A 903 -107.46 -131.76 -62.50
C LEU A 903 -107.59 -131.26 -61.07
N HIS A 904 -108.79 -130.75 -60.73
CA HIS A 904 -109.03 -130.09 -59.45
C HIS A 904 -110.38 -130.48 -58.87
N PRO A 905 -110.47 -130.69 -57.56
CA PRO A 905 -111.72 -131.20 -56.96
C PRO A 905 -112.62 -130.17 -56.30
N CYS A 906 -112.24 -128.89 -56.24
CA CYS A 906 -113.02 -127.87 -55.57
C CYS A 906 -113.51 -126.81 -56.55
N LEU A 907 -113.72 -127.21 -57.80
CA LEU A 907 -114.06 -126.29 -58.87
C LEU A 907 -115.55 -126.33 -59.19
N VAL A 908 -116.38 -126.06 -58.18
CA VAL A 908 -117.84 -126.04 -58.31
C VAL A 908 -118.41 -124.92 -57.44
N ASN A 909 -119.74 -124.84 -57.41
CA ASN A 909 -120.43 -123.83 -56.62
C ASN A 909 -120.25 -124.11 -55.12
N PHE A 910 -120.55 -123.08 -54.32
CA PHE A 910 -120.26 -123.12 -52.89
C PHE A 910 -120.98 -124.28 -52.20
N HIS A 911 -122.28 -124.42 -52.46
CA HIS A 911 -123.03 -125.51 -51.84
C HIS A 911 -122.61 -126.85 -52.43
N SER A 912 -122.32 -126.90 -53.73
CA SER A 912 -121.75 -128.10 -54.33
C SER A 912 -120.33 -128.36 -53.85
N LEU A 913 -119.66 -127.37 -53.26
CA LEU A 913 -118.31 -127.55 -52.76
C LEU A 913 -118.31 -128.45 -51.53
N PRO A 914 -117.16 -129.05 -51.21
CA PRO A 914 -117.05 -129.84 -49.98
C PRO A 914 -117.22 -129.01 -48.72
N GLU A 915 -117.19 -129.66 -47.57
CA GLU A 915 -117.48 -128.98 -46.31
C GLU A 915 -116.54 -127.82 -46.00
N PRO A 916 -115.18 -127.97 -46.05
CA PRO A 916 -114.29 -126.86 -45.72
C PRO A 916 -113.96 -125.98 -46.93
N GLU A 917 -114.99 -125.47 -47.60
CA GLU A 917 -114.81 -124.64 -48.78
C GLU A 917 -115.58 -123.32 -48.72
N ARG A 918 -116.44 -123.11 -47.73
CA ARG A 918 -117.16 -121.84 -47.61
C ARG A 918 -116.38 -120.84 -46.76
N ASN A 919 -115.97 -121.26 -45.56
CA ASN A 919 -115.06 -120.44 -44.77
C ASN A 919 -113.66 -120.40 -45.37
N TYR A 920 -113.34 -121.33 -46.26
CA TYR A 920 -112.06 -121.29 -46.98
C TYR A 920 -111.90 -119.98 -47.76
N ASN A 921 -113.01 -119.43 -48.25
CA ASN A 921 -112.99 -118.16 -48.96
C ASN A 921 -113.71 -117.05 -48.20
N LEU A 922 -114.18 -117.30 -46.99
CA LEU A 922 -114.90 -116.28 -46.24
C LEU A 922 -114.31 -116.04 -44.85
N GLN A 923 -113.86 -117.09 -44.15
CA GLN A 923 -113.32 -116.89 -42.81
C GLN A 923 -112.05 -116.05 -42.85
N MET A 924 -111.14 -116.38 -43.77
CA MET A 924 -109.94 -115.56 -43.96
C MET A 924 -110.25 -114.23 -44.64
N SER A 925 -111.45 -114.07 -45.20
CA SER A 925 -111.88 -112.80 -45.76
C SER A 925 -112.76 -112.01 -44.81
N GLY A 926 -113.68 -112.67 -44.09
CA GLY A 926 -114.48 -111.98 -43.11
C GLY A 926 -113.65 -111.41 -41.96
N GLU A 927 -112.68 -112.19 -41.48
CA GLU A 927 -111.73 -111.66 -40.50
C GLU A 927 -110.88 -110.56 -41.11
N THR A 928 -110.51 -110.70 -42.38
CA THR A 928 -109.77 -109.65 -43.07
C THR A 928 -110.56 -108.35 -43.09
N LEU A 929 -111.85 -108.43 -43.44
CA LEU A 929 -112.71 -107.26 -43.36
C LEU A 929 -112.89 -106.80 -41.92
N LYS A 930 -113.00 -107.75 -40.98
CA LYS A 930 -113.08 -107.38 -39.58
C LYS A 930 -111.81 -106.69 -39.11
N THR A 931 -110.65 -107.20 -39.54
CA THR A 931 -109.38 -106.54 -39.24
C THR A 931 -109.18 -105.28 -40.07
N LEU A 932 -109.92 -105.14 -41.18
CA LEU A 932 -109.72 -104.01 -42.09
C LEU A 932 -109.96 -102.68 -41.39
N LEU A 933 -110.79 -102.66 -40.35
CA LEU A 933 -110.96 -101.44 -39.57
C LEU A 933 -109.66 -101.08 -38.85
N ALA A 934 -108.92 -102.08 -38.36
CA ALA A 934 -107.63 -101.83 -37.74
C ALA A 934 -106.58 -101.41 -38.77
N LEU A 935 -106.82 -101.64 -40.06
CA LEU A 935 -105.90 -101.20 -41.09
C LEU A 935 -105.87 -99.69 -41.26
N GLY A 936 -106.83 -98.97 -40.66
CA GLY A 936 -106.86 -97.52 -40.78
C GLY A 936 -107.37 -97.01 -42.10
N CYS A 937 -107.97 -97.87 -42.94
CA CYS A 937 -108.47 -97.44 -44.22
C CYS A 937 -109.75 -96.62 -44.06
N HIS A 938 -110.04 -95.80 -45.07
CA HIS A 938 -111.23 -94.96 -45.10
C HIS A 938 -112.19 -95.57 -46.12
N VAL A 939 -113.01 -96.51 -45.65
CA VAL A 939 -113.90 -97.27 -46.51
C VAL A 939 -115.31 -97.24 -45.92
N GLY A 940 -116.31 -97.13 -46.80
CA GLY A 940 -117.69 -97.21 -46.38
C GLY A 940 -118.59 -97.66 -47.52
N MET A 941 -119.36 -98.71 -47.30
CA MET A 941 -120.18 -99.28 -48.35
C MET A 941 -121.36 -98.35 -48.62
N ALA A 942 -121.24 -97.53 -49.67
CA ALA A 942 -122.27 -96.56 -49.99
C ALA A 942 -122.50 -96.40 -51.49
N ASP A 943 -121.92 -97.26 -52.33
CA ASP A 943 -122.09 -97.12 -53.78
C ASP A 943 -123.55 -97.29 -54.19
N GLU A 944 -124.08 -98.51 -54.03
CA GLU A 944 -125.49 -98.80 -54.31
C GLU A 944 -125.90 -98.34 -55.70
N LYS A 945 -125.01 -98.48 -56.69
CA LYS A 945 -125.34 -98.12 -58.05
C LYS A 945 -126.24 -99.18 -58.66
N ALA A 946 -127.56 -99.05 -58.47
CA ALA A 946 -128.57 -99.99 -58.93
C ALA A 946 -128.43 -101.35 -58.24
N GLU A 947 -127.41 -101.49 -57.38
CA GLU A 947 -127.19 -102.65 -56.54
C GLU A 947 -126.90 -103.91 -57.36
N ASP A 948 -126.91 -103.79 -58.68
CA ASP A 948 -126.61 -104.93 -59.55
C ASP A 948 -125.81 -104.55 -60.79
N ASN A 949 -125.34 -103.30 -60.89
CA ASN A 949 -124.63 -102.86 -62.08
C ASN A 949 -123.29 -103.54 -62.26
N LEU A 950 -122.79 -104.25 -61.24
CA LEU A 950 -121.54 -104.98 -61.37
C LEU A 950 -121.73 -106.19 -62.27
N LYS A 951 -121.48 -106.03 -63.57
CA LYS A 951 -121.73 -107.07 -64.54
C LYS A 951 -120.48 -107.92 -64.77
N LYS A 952 -120.71 -109.20 -65.03
CA LYS A 952 -119.63 -110.16 -65.19
C LYS A 952 -119.15 -110.22 -66.64
N THR A 953 -117.94 -110.75 -66.82
CA THR A 953 -117.32 -110.91 -68.13
C THR A 953 -117.18 -112.40 -68.41
N LYS A 954 -117.79 -112.86 -69.50
CA LYS A 954 -117.88 -114.29 -69.75
C LYS A 954 -117.84 -114.54 -71.26
N LEU A 955 -118.25 -115.74 -71.66
CA LEU A 955 -118.33 -116.23 -73.03
C LEU A 955 -116.99 -116.25 -73.77
N PRO A 956 -115.91 -116.82 -73.20
CA PRO A 956 -114.70 -117.09 -74.00
C PRO A 956 -114.71 -118.50 -74.58
N LYS A 957 -115.49 -118.68 -75.65
CA LYS A 957 -115.73 -119.98 -76.28
C LYS A 957 -116.52 -120.87 -75.33
N THR A 958 -116.32 -122.18 -75.39
CA THR A 958 -117.09 -123.11 -74.56
C THR A 958 -116.97 -122.77 -73.07
N TYR A 959 -115.77 -122.88 -72.51
CA TYR A 959 -115.42 -122.37 -71.19
C TYR A 959 -116.34 -122.89 -70.08
N MET A 960 -117.12 -123.92 -70.35
CA MET A 960 -118.16 -124.38 -69.43
C MET A 960 -117.89 -125.81 -69.01
N MET A 961 -118.22 -126.13 -67.77
CA MET A 961 -117.84 -127.37 -67.09
C MET A 961 -119.06 -128.27 -66.94
N SER A 962 -118.88 -129.37 -66.19
CA SER A 962 -120.03 -130.15 -65.75
C SER A 962 -120.84 -129.44 -64.68
N ASN A 963 -120.21 -128.56 -63.89
CA ASN A 963 -120.93 -127.87 -62.82
C ASN A 963 -121.82 -126.76 -63.33
N GLY A 964 -121.46 -126.16 -64.46
CA GLY A 964 -122.17 -125.01 -64.99
C GLY A 964 -121.67 -123.68 -64.48
N TYR A 965 -120.49 -123.64 -63.85
CA TYR A 965 -119.97 -122.39 -63.32
C TYR A 965 -119.71 -121.38 -64.42
N LYS A 966 -118.94 -121.78 -65.44
CA LYS A 966 -118.48 -120.89 -66.51
C LYS A 966 -117.97 -119.59 -65.89
N PRO A 967 -116.80 -119.61 -65.25
CA PRO A 967 -116.39 -118.48 -64.39
C PRO A 967 -116.46 -117.14 -65.13
N ALA A 968 -116.92 -116.13 -64.41
CA ALA A 968 -117.17 -114.80 -65.00
C ALA A 968 -116.96 -113.75 -63.92
N PRO A 969 -115.75 -113.21 -63.81
CA PRO A 969 -115.51 -112.13 -62.84
C PRO A 969 -116.39 -110.92 -63.13
N LEU A 970 -116.85 -110.28 -62.06
CA LEU A 970 -117.80 -109.17 -62.14
C LEU A 970 -117.07 -107.91 -62.61
N ASP A 971 -117.72 -106.75 -62.41
CA ASP A 971 -117.24 -105.48 -62.94
C ASP A 971 -116.32 -104.74 -61.97
N LEU A 972 -115.60 -105.46 -61.14
CA LEU A 972 -114.57 -104.86 -60.29
C LEU A 972 -113.29 -104.62 -61.07
N SER A 973 -113.41 -104.02 -62.25
CA SER A 973 -112.27 -103.72 -63.11
C SER A 973 -111.97 -102.24 -63.24
N HIS A 974 -113.00 -101.40 -63.28
CA HIS A 974 -112.79 -99.95 -63.41
C HIS A 974 -112.75 -99.28 -62.04
N VAL A 975 -111.89 -99.78 -61.16
CA VAL A 975 -111.66 -99.22 -59.83
C VAL A 975 -110.16 -99.01 -59.70
N ARG A 976 -109.71 -97.77 -59.88
CA ARG A 976 -108.29 -97.44 -59.88
C ARG A 976 -107.74 -97.08 -58.51
N LEU A 977 -108.43 -97.48 -57.44
CA LEU A 977 -107.96 -97.36 -56.05
C LEU A 977 -107.48 -95.97 -55.67
N THR A 978 -106.79 -95.86 -54.55
CA THR A 978 -106.29 -94.61 -53.99
C THR A 978 -104.83 -94.75 -53.63
N PRO A 979 -104.10 -93.63 -53.54
CA PRO A 979 -102.67 -93.72 -53.15
C PRO A 979 -102.44 -94.56 -51.90
N ALA A 980 -103.30 -94.44 -50.91
CA ALA A 980 -103.19 -95.31 -49.73
C ALA A 980 -103.56 -96.75 -50.07
N GLN A 981 -104.55 -96.94 -50.95
CA GLN A 981 -104.97 -98.29 -51.30
C GLN A 981 -103.87 -99.04 -52.06
N THR A 982 -103.00 -98.33 -52.77
CA THR A 982 -101.86 -98.98 -53.41
C THR A 982 -100.96 -99.64 -52.37
N THR A 983 -100.85 -99.04 -51.19
CA THR A 983 -100.10 -99.64 -50.09
C THR A 983 -100.99 -100.40 -49.12
N LEU A 984 -102.25 -100.00 -48.96
CA LEU A 984 -103.17 -100.71 -48.08
C LEU A 984 -103.37 -102.15 -48.55
N VAL A 985 -103.51 -102.34 -49.86
CA VAL A 985 -103.58 -103.70 -50.40
C VAL A 985 -102.27 -104.44 -50.14
N ASP A 986 -101.14 -103.75 -50.32
CA ASP A 986 -99.84 -104.35 -49.98
C ASP A 986 -99.73 -104.58 -48.48
N ARG A 987 -100.20 -103.63 -47.67
CA ARG A 987 -100.17 -103.81 -46.22
C ARG A 987 -101.04 -104.99 -45.81
N LEU A 988 -102.23 -105.13 -46.41
CA LEU A 988 -103.05 -106.31 -46.18
C LEU A 988 -102.34 -107.56 -46.67
N ALA A 989 -101.69 -107.47 -47.83
CA ALA A 989 -100.92 -108.61 -48.34
C ALA A 989 -99.79 -108.99 -47.39
N GLU A 990 -99.14 -107.99 -46.79
CA GLU A 990 -98.10 -108.27 -45.81
C GLU A 990 -98.68 -109.01 -44.61
N ASN A 991 -99.88 -108.61 -44.17
CA ASN A 991 -100.53 -109.30 -43.06
C ASN A 991 -100.83 -110.75 -43.44
N GLY A 992 -101.29 -110.99 -44.67
CA GLY A 992 -101.58 -112.35 -45.09
C GLY A 992 -100.36 -113.24 -45.10
N HIS A 993 -99.24 -112.71 -45.61
CA HIS A 993 -97.99 -113.47 -45.56
C HIS A 993 -97.53 -113.68 -44.13
N ASN A 994 -97.66 -112.66 -43.28
CA ASN A 994 -97.24 -112.79 -41.89
C ASN A 994 -98.14 -113.76 -41.13
N VAL A 995 -99.45 -113.68 -41.36
CA VAL A 995 -100.38 -114.57 -40.65
C VAL A 995 -100.10 -116.02 -41.02
N TRP A 996 -99.93 -116.29 -42.31
CA TRP A 996 -99.60 -117.64 -42.74
C TRP A 996 -98.23 -118.07 -42.22
N ALA A 997 -97.30 -117.12 -42.08
CA ALA A 997 -96.00 -117.44 -41.51
C ALA A 997 -96.13 -117.92 -40.07
N ARG A 998 -96.98 -117.25 -39.29
CA ARG A 998 -97.21 -117.70 -37.91
C ARG A 998 -97.85 -119.07 -37.89
N ASP A 999 -98.79 -119.34 -38.80
CA ASP A 999 -99.39 -120.66 -38.88
C ASP A 999 -98.37 -121.72 -39.25
N ARG A 1000 -97.48 -121.41 -40.21
CA ARG A 1000 -96.43 -122.35 -40.56
C ARG A 1000 -95.45 -122.53 -39.40
N VAL A 1001 -95.13 -121.45 -38.70
CA VAL A 1001 -94.20 -121.53 -37.57
C VAL A 1001 -94.79 -122.35 -36.43
N ALA A 1002 -96.12 -122.30 -36.27
CA ALA A 1002 -96.76 -123.02 -35.17
C ALA A 1002 -96.52 -124.52 -35.28
N GLN A 1003 -96.59 -125.07 -36.49
CA GLN A 1003 -96.38 -126.49 -36.69
C GLN A 1003 -94.89 -126.82 -36.83
N GLY A 1004 -94.09 -126.37 -35.86
CA GLY A 1004 -92.66 -126.64 -35.86
C GLY A 1004 -91.94 -126.07 -37.07
N TRP A 1005 -92.24 -124.82 -37.42
CA TRP A 1005 -91.70 -124.16 -38.60
C TRP A 1005 -91.98 -124.99 -39.86
N SER A 1006 -93.26 -125.22 -40.10
CA SER A 1006 -93.78 -126.04 -41.20
C SER A 1006 -93.30 -127.48 -41.13
N TYR A 1007 -92.76 -127.90 -39.99
CA TYR A 1007 -92.31 -129.29 -39.77
C TYR A 1007 -91.29 -129.70 -40.83
N SER A 1008 -90.41 -128.78 -41.21
CA SER A 1008 -89.38 -129.02 -42.21
C SER A 1008 -89.98 -129.53 -43.51
N ALA A 1009 -89.62 -130.75 -43.90
CA ALA A 1009 -90.15 -131.37 -45.10
C ALA A 1009 -90.31 -132.87 -44.92
N ARG A 1020 -90.30 -122.89 -46.26
CA ARG A 1020 -89.40 -122.16 -47.16
C ARG A 1020 -89.95 -120.78 -47.48
N LEU A 1021 -90.49 -120.12 -46.45
CA LEU A 1021 -91.05 -118.77 -46.60
C LEU A 1021 -90.47 -117.88 -45.51
N VAL A 1022 -90.06 -116.66 -45.90
CA VAL A 1022 -89.40 -115.73 -44.99
C VAL A 1022 -90.36 -114.60 -44.62
N PRO A 1023 -89.98 -113.71 -43.72
CA PRO A 1023 -90.88 -112.63 -43.33
C PRO A 1023 -91.17 -111.67 -44.48
N TYR A 1024 -92.31 -111.00 -44.39
CA TYR A 1024 -92.72 -110.07 -45.45
C TYR A 1024 -91.73 -108.91 -45.55
N ARG A 1025 -91.61 -108.38 -46.77
CA ARG A 1025 -90.72 -107.28 -47.14
C ARG A 1025 -89.26 -107.73 -47.14
N LEU A 1026 -89.00 -108.95 -46.66
CA LEU A 1026 -87.69 -109.57 -46.76
C LEU A 1026 -87.66 -110.74 -47.73
N LEU A 1027 -88.82 -111.21 -48.17
CA LEU A 1027 -88.92 -112.41 -48.99
C LEU A 1027 -88.48 -112.08 -50.43
N ASP A 1028 -88.70 -113.05 -51.31
CA ASP A 1028 -88.24 -112.94 -52.70
C ASP A 1028 -89.12 -111.94 -53.46
N GLU A 1029 -88.87 -111.83 -54.76
CA GLU A 1029 -89.65 -110.94 -55.63
C GLU A 1029 -90.84 -111.65 -56.25
N ALA A 1030 -90.69 -112.92 -56.59
CA ALA A 1030 -91.79 -113.66 -57.21
C ALA A 1030 -92.99 -113.77 -56.29
N THR A 1031 -92.75 -114.05 -55.01
CA THR A 1031 -93.86 -114.15 -54.05
C THR A 1031 -94.54 -112.79 -53.87
N LYS A 1032 -93.81 -111.70 -54.05
CA LYS A 1032 -94.40 -110.37 -53.95
C LYS A 1032 -95.33 -110.04 -55.11
N ARG A 1033 -95.34 -110.85 -56.17
CA ARG A 1033 -96.16 -110.58 -57.34
C ARG A 1033 -97.54 -111.22 -57.24
N SER A 1034 -97.59 -112.52 -56.94
CA SER A 1034 -98.86 -113.22 -56.93
C SER A 1034 -99.79 -112.69 -55.85
N ASN A 1035 -99.26 -112.40 -54.66
CA ASN A 1035 -100.08 -112.00 -53.53
C ASN A 1035 -100.79 -110.68 -53.75
N ARG A 1036 -100.28 -109.82 -54.64
CA ARG A 1036 -100.94 -108.54 -54.87
C ARG A 1036 -102.21 -108.72 -55.69
N ASP A 1037 -102.11 -109.45 -56.81
CA ASP A 1037 -103.26 -109.60 -57.71
C ASP A 1037 -104.36 -110.43 -57.04
N SER A 1038 -103.99 -111.47 -56.30
CA SER A 1038 -104.99 -112.32 -55.67
C SER A 1038 -105.82 -111.54 -54.66
N LEU A 1039 -105.17 -110.75 -53.81
CA LEU A 1039 -105.89 -109.93 -52.85
C LEU A 1039 -106.55 -108.72 -53.50
N CYS A 1040 -106.04 -108.25 -54.63
CA CYS A 1040 -106.62 -107.07 -55.27
C CYS A 1040 -108.06 -107.33 -55.68
N GLN A 1041 -108.33 -108.49 -56.31
CA GLN A 1041 -109.67 -108.81 -56.75
C GLN A 1041 -110.66 -108.79 -55.58
N ALA A 1042 -110.25 -109.32 -54.42
CA ALA A 1042 -111.06 -109.18 -53.22
C ALA A 1042 -111.19 -107.72 -52.82
N VAL A 1043 -110.12 -106.95 -52.97
CA VAL A 1043 -110.14 -105.54 -52.58
C VAL A 1043 -110.80 -104.65 -53.63
N ARG A 1044 -110.94 -105.13 -54.87
CA ARG A 1044 -111.57 -104.30 -55.90
C ARG A 1044 -113.06 -104.12 -55.69
N THR A 1045 -113.67 -104.84 -54.74
CA THR A 1045 -115.08 -104.67 -54.45
C THR A 1045 -115.39 -103.29 -53.86
N LEU A 1046 -114.37 -102.53 -53.48
CA LEU A 1046 -114.58 -101.17 -53.00
C LEU A 1046 -115.28 -100.33 -54.07
N LEU A 1047 -116.17 -99.46 -53.60
CA LEU A 1047 -117.02 -98.62 -54.45
C LEU A 1047 -117.95 -99.42 -55.34
N GLY A 1048 -118.12 -100.71 -55.07
CA GLY A 1048 -119.05 -101.53 -55.82
C GLY A 1048 -120.25 -101.94 -55.00
N TYR A 1049 -120.04 -102.12 -53.69
CA TYR A 1049 -121.11 -102.50 -52.78
C TYR A 1049 -121.37 -101.40 -51.76
N ASP A 1070 -71.56 -93.94 -36.28
CA ASP A 1070 -72.83 -94.68 -36.24
C ASP A 1070 -73.85 -94.07 -37.18
N ARG A 1071 -73.71 -92.77 -37.43
CA ARG A 1071 -74.63 -92.03 -38.29
C ARG A 1071 -73.94 -91.45 -39.51
N VAL A 1072 -72.82 -90.75 -39.33
CA VAL A 1072 -72.05 -90.19 -40.42
C VAL A 1072 -70.58 -90.51 -40.21
N ARG A 1073 -69.83 -90.52 -41.31
CA ARG A 1073 -68.38 -90.77 -41.30
C ARG A 1073 -67.74 -89.66 -42.13
N ILE A 1074 -67.37 -88.57 -41.47
CA ILE A 1074 -66.84 -87.39 -42.18
C ILE A 1074 -65.37 -87.62 -42.51
N PHE A 1075 -64.87 -86.85 -43.48
CA PHE A 1075 -63.49 -86.93 -43.92
C PHE A 1075 -62.95 -85.52 -44.09
N ARG A 1076 -61.65 -85.38 -43.84
CA ARG A 1076 -60.97 -84.09 -43.96
C ARG A 1076 -59.52 -84.34 -44.37
N ALA A 1077 -58.78 -83.28 -44.61
CA ALA A 1077 -57.32 -83.30 -44.78
C ALA A 1077 -56.62 -83.00 -43.44
N GLU A 1078 -55.38 -83.45 -43.25
CA GLU A 1078 -54.58 -83.13 -42.08
C GLU A 1078 -54.33 -81.64 -42.00
N LYS A 1079 -54.30 -81.11 -40.77
CA LYS A 1079 -54.30 -79.66 -40.56
C LYS A 1079 -52.88 -79.08 -40.53
N SER A 1080 -52.10 -79.37 -41.59
CA SER A 1080 -50.92 -78.57 -41.89
C SER A 1080 -50.84 -78.19 -43.36
N TYR A 1081 -51.86 -78.55 -44.16
CA TYR A 1081 -52.15 -77.94 -45.46
C TYR A 1081 -53.07 -76.72 -45.33
N THR A 1082 -53.36 -76.26 -44.11
CA THR A 1082 -54.25 -75.11 -43.85
C THR A 1082 -53.83 -73.91 -44.68
N VAL A 1083 -54.72 -73.42 -45.54
CA VAL A 1083 -54.39 -72.39 -46.53
C VAL A 1083 -54.88 -71.01 -46.09
N GLN A 1084 -54.08 -69.95 -46.26
CA GLN A 1084 -54.37 -68.63 -45.75
C GLN A 1084 -54.26 -67.54 -46.80
N SER A 1085 -53.90 -67.87 -48.04
CA SER A 1085 -53.84 -66.91 -49.12
C SER A 1085 -53.73 -67.60 -50.47
N GLY A 1086 -54.54 -67.18 -51.43
CA GLY A 1086 -54.48 -67.70 -52.77
C GLY A 1086 -55.84 -68.13 -53.25
N ARG A 1087 -55.86 -68.79 -54.42
CA ARG A 1087 -57.08 -69.27 -55.04
C ARG A 1087 -56.88 -70.74 -55.41
N TRP A 1088 -57.79 -71.57 -54.90
CA TRP A 1088 -57.62 -73.02 -54.80
C TRP A 1088 -58.86 -73.74 -55.28
N TYR A 1089 -58.75 -74.99 -55.69
CA TYR A 1089 -59.89 -75.69 -56.26
C TYR A 1089 -59.80 -77.18 -56.01
N PHE A 1090 -60.94 -77.85 -55.89
CA PHE A 1090 -61.04 -79.30 -55.90
C PHE A 1090 -62.43 -79.69 -56.34
N GLU A 1091 -62.60 -80.94 -56.78
CA GLU A 1091 -63.90 -81.44 -57.20
C GLU A 1091 -64.28 -82.70 -56.43
N PHE A 1092 -65.57 -82.98 -56.41
CA PHE A 1092 -66.15 -84.14 -55.75
C PHE A 1092 -66.92 -84.98 -56.76
N GLU A 1093 -66.91 -86.28 -56.55
CA GLU A 1093 -67.59 -87.22 -57.43
C GLU A 1093 -68.48 -88.12 -56.60
N ALA A 1094 -69.75 -88.25 -57.00
CA ALA A 1094 -70.71 -89.09 -56.30
C ALA A 1094 -71.34 -90.07 -57.28
N VAL A 1095 -71.71 -91.24 -56.77
CA VAL A 1095 -72.34 -92.26 -57.60
C VAL A 1095 -73.82 -92.27 -57.31
N THR A 1096 -74.18 -92.49 -56.05
CA THR A 1096 -75.58 -92.52 -55.64
C THR A 1096 -76.06 -91.09 -55.41
N THR A 1097 -77.27 -90.95 -54.86
CA THR A 1097 -77.89 -89.66 -54.61
C THR A 1097 -78.43 -89.62 -53.18
N GLY A 1098 -77.56 -89.95 -52.22
CA GLY A 1098 -77.95 -89.93 -50.82
C GLY A 1098 -77.81 -88.57 -50.19
N GLU A 1099 -77.11 -88.49 -49.05
CA GLU A 1099 -76.90 -87.22 -48.35
C GLU A 1099 -75.40 -86.96 -48.27
N MET A 1100 -74.94 -85.96 -49.01
CA MET A 1100 -73.52 -85.61 -49.08
C MET A 1100 -73.34 -84.19 -48.58
N ARG A 1101 -72.28 -83.97 -47.80
CA ARG A 1101 -71.89 -82.64 -47.35
C ARG A 1101 -70.56 -82.28 -47.97
N VAL A 1102 -70.51 -81.14 -48.65
CA VAL A 1102 -69.33 -80.71 -49.38
C VAL A 1102 -69.09 -79.24 -49.10
N GLY A 1103 -67.85 -78.90 -48.78
CA GLY A 1103 -67.52 -77.51 -48.50
C GLY A 1103 -66.14 -77.40 -47.90
N TRP A 1104 -65.83 -76.23 -47.36
CA TRP A 1104 -64.60 -75.94 -46.64
C TRP A 1104 -64.83 -76.00 -45.15
N ALA A 1105 -63.76 -76.04 -44.36
CA ALA A 1105 -63.91 -76.14 -42.92
C ALA A 1105 -62.69 -75.54 -42.24
N ARG A 1106 -62.90 -75.02 -41.04
CA ARG A 1106 -61.81 -74.53 -40.22
C ARG A 1106 -61.07 -75.71 -39.57
N PRO A 1107 -59.79 -75.54 -39.25
CA PRO A 1107 -59.02 -76.68 -38.75
C PRO A 1107 -59.53 -77.27 -37.44
N GLU A 1108 -60.29 -76.50 -36.65
CA GLU A 1108 -60.77 -76.99 -35.36
C GLU A 1108 -62.12 -77.69 -35.52
N LEU A 1109 -62.13 -78.72 -36.36
CA LEU A 1109 -63.35 -79.46 -36.64
C LEU A 1109 -63.63 -80.45 -35.53
N ARG A 1110 -64.65 -80.18 -34.72
CA ARG A 1110 -65.03 -81.05 -33.62
C ARG A 1110 -65.89 -82.20 -34.13
N PRO A 1111 -65.52 -83.46 -33.87
CA PRO A 1111 -66.38 -84.58 -34.28
C PRO A 1111 -67.63 -84.71 -33.42
N ASP A 1112 -68.44 -85.72 -33.70
CA ASP A 1112 -69.74 -85.95 -33.05
C ASP A 1112 -70.72 -84.80 -33.24
N VAL A 1113 -70.44 -83.89 -34.18
CA VAL A 1113 -71.32 -82.77 -34.47
C VAL A 1113 -71.53 -82.72 -35.97
N GLU A 1114 -72.79 -82.68 -36.39
CA GLU A 1114 -73.07 -82.52 -37.81
C GLU A 1114 -72.50 -81.20 -38.31
N LEU A 1115 -71.74 -81.26 -39.39
CA LEU A 1115 -71.06 -80.07 -39.88
C LEU A 1115 -72.05 -79.12 -40.53
N GLY A 1116 -71.74 -77.83 -40.45
CA GLY A 1116 -72.60 -76.80 -41.00
C GLY A 1116 -73.64 -76.26 -40.06
N ALA A 1117 -73.80 -76.86 -38.88
CA ALA A 1117 -74.78 -76.37 -37.92
C ALA A 1117 -74.30 -75.13 -37.17
N ASP A 1118 -73.03 -74.76 -37.32
CA ASP A 1118 -72.49 -73.59 -36.65
C ASP A 1118 -71.40 -73.00 -37.54
N GLU A 1119 -70.56 -72.14 -36.95
CA GLU A 1119 -69.54 -71.40 -37.68
C GLU A 1119 -68.31 -72.23 -38.03
N LEU A 1120 -68.21 -73.46 -37.55
CA LEU A 1120 -67.00 -74.25 -37.75
C LEU A 1120 -66.74 -74.56 -39.22
N ALA A 1121 -67.81 -74.86 -39.97
CA ALA A 1121 -67.61 -75.29 -41.35
C ALA A 1121 -68.67 -74.67 -42.25
N TYR A 1122 -68.23 -74.23 -43.43
CA TYR A 1122 -69.12 -73.78 -44.48
C TYR A 1122 -69.32 -74.94 -45.44
N VAL A 1123 -70.57 -75.38 -45.60
CA VAL A 1123 -70.86 -76.61 -46.34
C VAL A 1123 -72.11 -76.42 -47.18
N PHE A 1124 -72.19 -77.16 -48.27
CA PHE A 1124 -73.35 -77.18 -49.15
C PHE A 1124 -73.90 -78.59 -49.25
N ASN A 1125 -75.22 -78.73 -49.14
CA ASN A 1125 -75.90 -80.00 -49.29
C ASN A 1125 -76.76 -79.94 -50.55
N GLY A 1126 -76.41 -80.77 -51.53
CA GLY A 1126 -77.13 -80.84 -52.78
C GLY A 1126 -78.26 -81.86 -52.81
N HIS A 1127 -78.60 -82.47 -51.68
CA HIS A 1127 -79.75 -83.37 -51.67
C HIS A 1127 -81.06 -82.60 -51.71
N ARG A 1128 -81.14 -81.50 -50.95
CA ARG A 1128 -82.34 -80.68 -50.91
C ARG A 1128 -82.03 -79.23 -51.28
N GLY A 1129 -80.86 -78.98 -51.87
CA GLY A 1129 -80.47 -77.63 -52.21
C GLY A 1129 -80.31 -76.73 -51.00
N GLN A 1130 -79.56 -77.20 -50.00
CA GLN A 1130 -79.36 -76.45 -48.77
C GLN A 1130 -77.88 -76.17 -48.54
N ARG A 1131 -77.59 -74.97 -48.04
CA ARG A 1131 -76.26 -74.61 -47.55
C ARG A 1131 -76.36 -74.36 -46.06
N TRP A 1132 -75.45 -74.96 -45.30
CA TRP A 1132 -75.52 -74.93 -43.84
C TRP A 1132 -74.39 -74.09 -43.26
N HIS A 1133 -74.76 -73.05 -42.53
CA HIS A 1133 -73.84 -72.29 -41.68
C HIS A 1133 -74.68 -71.59 -40.64
N LEU A 1134 -74.56 -71.99 -39.39
CA LEU A 1134 -75.42 -71.53 -38.29
C LEU A 1134 -76.88 -71.92 -38.53
N GLY A 1135 -77.11 -72.94 -39.33
CA GLY A 1135 -78.44 -73.34 -39.74
C GLY A 1135 -78.55 -73.48 -41.24
N SER A 1136 -79.66 -74.09 -41.66
CA SER A 1136 -79.86 -74.37 -43.07
C SER A 1136 -80.39 -73.13 -43.79
N GLU A 1137 -80.30 -73.18 -45.13
CA GLU A 1137 -80.72 -72.13 -46.05
C GLU A 1137 -80.94 -72.75 -47.42
N PRO A 1138 -82.05 -72.44 -48.10
CA PRO A 1138 -82.29 -73.03 -49.43
C PRO A 1138 -81.36 -72.41 -50.47
N PHE A 1139 -80.62 -73.26 -51.18
CA PHE A 1139 -79.65 -72.79 -52.16
C PHE A 1139 -79.37 -73.92 -53.16
N GLY A 1140 -79.76 -73.71 -54.41
CA GLY A 1140 -79.46 -74.67 -55.46
C GLY A 1140 -80.50 -75.75 -55.59
N ARG A 1141 -80.29 -76.60 -56.59
CA ARG A 1141 -81.18 -77.68 -56.94
C ARG A 1141 -80.65 -79.01 -56.45
N PRO A 1142 -81.51 -80.03 -56.30
CA PRO A 1142 -81.03 -81.35 -55.90
C PRO A 1142 -80.12 -82.00 -56.92
N TRP A 1143 -79.65 -83.21 -56.62
CA TRP A 1143 -78.67 -83.89 -57.43
C TRP A 1143 -79.32 -84.69 -58.56
N GLN A 1144 -78.45 -85.22 -59.43
CA GLN A 1144 -78.76 -86.33 -60.32
C GLN A 1144 -77.67 -87.37 -60.13
N SER A 1145 -77.49 -88.27 -61.08
CA SER A 1145 -76.34 -89.16 -61.02
C SER A 1145 -75.09 -88.42 -61.50
N GLY A 1146 -73.92 -88.93 -61.09
CA GLY A 1146 -72.66 -88.31 -61.46
C GLY A 1146 -72.19 -87.26 -60.46
N ASP A 1147 -72.90 -86.14 -60.39
CA ASP A 1147 -72.70 -85.11 -59.37
C ASP A 1147 -71.23 -84.67 -59.30
N VAL A 1148 -70.77 -84.07 -60.40
CA VAL A 1148 -69.42 -83.53 -60.46
C VAL A 1148 -69.51 -82.10 -59.95
N VAL A 1149 -69.09 -81.89 -58.71
CA VAL A 1149 -69.21 -80.59 -58.05
C VAL A 1149 -67.85 -80.16 -57.55
N GLY A 1150 -67.54 -78.86 -57.72
CA GLY A 1150 -66.29 -78.31 -57.23
C GLY A 1150 -66.53 -77.15 -56.29
N CYS A 1151 -65.46 -76.70 -55.65
CA CYS A 1151 -65.55 -75.64 -54.64
C CYS A 1151 -64.60 -74.52 -55.00
N MET A 1152 -65.15 -73.32 -55.18
CA MET A 1152 -64.35 -72.15 -55.47
C MET A 1152 -63.89 -71.53 -54.14
N ILE A 1153 -62.79 -70.79 -54.18
CA ILE A 1153 -62.39 -70.08 -52.96
C ILE A 1153 -61.44 -68.94 -53.29
N ASP A 1154 -61.70 -67.77 -52.70
CA ASP A 1154 -60.84 -66.62 -52.96
C ASP A 1154 -60.80 -65.78 -51.68
N LEU A 1155 -59.68 -65.83 -50.97
CA LEU A 1155 -59.53 -65.10 -49.74
C LEU A 1155 -59.27 -63.61 -49.94
N THR A 1156 -58.94 -63.18 -51.17
CA THR A 1156 -58.72 -61.76 -51.41
C THR A 1156 -59.98 -60.96 -51.17
N GLU A 1157 -61.09 -61.38 -51.79
CA GLU A 1157 -62.38 -60.76 -51.56
C GLU A 1157 -63.24 -61.51 -50.55
N ASN A 1158 -62.71 -62.59 -49.98
CA ASN A 1158 -63.40 -63.34 -48.92
C ASN A 1158 -64.76 -63.87 -49.40
N THR A 1159 -64.70 -64.70 -50.44
CA THR A 1159 -65.91 -65.19 -51.09
C THR A 1159 -65.74 -66.66 -51.45
N ILE A 1160 -66.82 -67.43 -51.29
CA ILE A 1160 -66.85 -68.85 -51.62
C ILE A 1160 -67.95 -69.09 -52.64
N ILE A 1161 -67.62 -69.80 -53.71
CA ILE A 1161 -68.55 -70.07 -54.80
C ILE A 1161 -68.60 -71.59 -55.00
N PHE A 1162 -69.77 -72.08 -55.40
CA PHE A 1162 -69.91 -73.49 -55.78
C PHE A 1162 -70.31 -73.60 -57.24
N THR A 1163 -69.86 -74.68 -57.88
CA THR A 1163 -70.17 -74.94 -59.27
C THR A 1163 -70.64 -76.37 -59.42
N LEU A 1164 -71.75 -76.58 -60.15
CA LEU A 1164 -72.28 -77.89 -60.43
C LEU A 1164 -72.17 -78.17 -61.91
N ASN A 1165 -71.49 -79.27 -62.26
CA ASN A 1165 -71.25 -79.64 -63.65
C ASN A 1165 -70.63 -78.47 -64.43
N GLY A 1166 -69.71 -77.78 -63.78
CA GLY A 1166 -69.11 -76.60 -64.37
C GLY A 1166 -70.07 -75.45 -64.58
N GLU A 1167 -71.02 -75.27 -63.67
CA GLU A 1167 -71.99 -74.17 -63.75
C GLU A 1167 -72.25 -73.64 -62.36
N VAL A 1168 -72.06 -72.34 -62.17
CA VAL A 1168 -72.23 -71.71 -60.86
C VAL A 1168 -73.71 -71.72 -60.49
N LEU A 1169 -73.99 -71.95 -59.21
CA LEU A 1169 -75.36 -71.97 -58.71
C LEU A 1169 -75.76 -70.59 -58.23
N MET A 1170 -76.88 -70.09 -58.74
CA MET A 1170 -77.38 -68.77 -58.34
C MET A 1170 -77.98 -68.83 -56.94
N SER A 1171 -78.14 -67.65 -56.35
CA SER A 1171 -78.76 -67.53 -55.04
C SER A 1171 -80.28 -67.47 -55.20
N ASP A 1172 -80.97 -67.13 -54.11
CA ASP A 1172 -82.43 -67.00 -54.17
C ASP A 1172 -82.84 -65.91 -55.15
N SER A 1173 -82.24 -64.73 -55.02
CA SER A 1173 -82.46 -63.65 -55.97
C SER A 1173 -81.45 -63.65 -57.11
N GLY A 1174 -80.39 -64.44 -57.00
CA GLY A 1174 -79.37 -64.49 -58.03
C GLY A 1174 -78.14 -63.69 -57.66
N SER A 1175 -77.11 -64.36 -57.18
CA SER A 1175 -75.86 -63.71 -56.77
C SER A 1175 -74.76 -64.76 -56.77
N GLU A 1176 -73.61 -64.39 -56.22
CA GLU A 1176 -72.44 -65.27 -56.21
C GLU A 1176 -72.39 -66.06 -54.90
N THR A 1177 -73.33 -67.01 -54.80
CA THR A 1177 -73.36 -68.04 -53.77
C THR A 1177 -73.65 -67.45 -52.39
N ALA A 1178 -73.76 -66.12 -52.31
CA ALA A 1178 -74.19 -65.42 -51.10
C ALA A 1178 -73.27 -65.66 -49.91
N PHE A 1179 -72.18 -66.40 -50.13
CA PHE A 1179 -71.19 -66.64 -49.07
C PHE A 1179 -70.10 -65.58 -49.21
N ARG A 1180 -70.19 -64.53 -48.41
CA ARG A 1180 -69.22 -63.44 -48.50
C ARG A 1180 -68.86 -62.99 -47.10
N GLU A 1181 -67.80 -62.19 -47.03
CA GLU A 1181 -67.30 -61.60 -45.78
C GLU A 1181 -66.92 -62.71 -44.79
N ILE A 1182 -65.87 -63.44 -45.16
CA ILE A 1182 -65.35 -64.54 -44.36
C ILE A 1182 -63.97 -64.14 -43.85
N GLU A 1183 -63.71 -64.42 -42.57
CA GLU A 1183 -62.44 -64.07 -41.94
C GLU A 1183 -61.44 -65.19 -42.16
N ILE A 1184 -60.16 -64.80 -42.29
CA ILE A 1184 -59.11 -65.77 -42.56
C ILE A 1184 -58.96 -66.73 -41.38
N GLY A 1185 -58.83 -66.18 -40.17
CA GLY A 1185 -58.68 -66.98 -38.98
C GLY A 1185 -57.45 -67.86 -38.99
N ASP A 1186 -57.66 -69.18 -38.98
CA ASP A 1186 -56.58 -70.15 -39.03
C ASP A 1186 -56.59 -70.95 -40.33
N GLY A 1187 -56.97 -70.32 -41.43
CA GLY A 1187 -57.02 -71.01 -42.70
C GLY A 1187 -58.23 -71.89 -42.84
N PHE A 1188 -58.26 -72.65 -43.93
CA PHE A 1188 -59.32 -73.61 -44.29
C PHE A 1188 -58.77 -74.91 -44.87
N LEU A 1189 -59.57 -75.97 -44.81
CA LEU A 1189 -59.26 -77.31 -45.32
C LEU A 1189 -60.43 -77.85 -46.15
N PRO A 1190 -60.19 -78.63 -47.22
CA PRO A 1190 -61.24 -79.43 -47.83
C PRO A 1190 -61.86 -80.38 -46.82
N VAL A 1191 -63.19 -80.48 -46.78
CA VAL A 1191 -63.89 -81.43 -45.93
C VAL A 1191 -65.00 -82.08 -46.74
N CYS A 1192 -65.33 -83.32 -46.38
CA CYS A 1192 -66.39 -84.05 -47.04
C CYS A 1192 -66.93 -85.10 -46.09
N SER A 1193 -68.25 -85.26 -46.10
CA SER A 1193 -68.93 -86.28 -45.31
C SER A 1193 -69.61 -87.27 -46.23
N LEU A 1194 -70.26 -88.26 -45.63
CA LEU A 1194 -70.99 -89.26 -46.42
C LEU A 1194 -72.08 -89.84 -45.53
N GLY A 1195 -73.30 -89.89 -46.05
CA GLY A 1195 -74.37 -90.59 -45.37
C GLY A 1195 -74.26 -92.08 -45.58
N PRO A 1196 -75.13 -92.82 -44.89
CA PRO A 1196 -75.04 -94.29 -44.96
C PRO A 1196 -75.27 -94.80 -46.37
N GLY A 1197 -74.53 -95.85 -46.72
CA GLY A 1197 -74.71 -96.56 -47.97
C GLY A 1197 -74.14 -95.89 -49.19
N GLN A 1198 -73.94 -94.58 -49.17
CA GLN A 1198 -73.46 -93.87 -50.35
C GLN A 1198 -71.95 -93.96 -50.46
N VAL A 1199 -71.43 -93.48 -51.60
CA VAL A 1199 -70.00 -93.54 -51.90
C VAL A 1199 -69.57 -92.22 -52.53
N GLY A 1200 -68.39 -91.74 -52.14
CA GLY A 1200 -67.86 -90.51 -52.70
C GLY A 1200 -66.45 -90.73 -53.23
N HIS A 1201 -66.04 -89.83 -54.13
CA HIS A 1201 -64.74 -89.91 -54.78
C HIS A 1201 -64.16 -88.50 -54.89
N LEU A 1202 -63.21 -88.19 -54.02
CA LEU A 1202 -62.57 -86.88 -54.05
C LEU A 1202 -61.52 -86.80 -55.16
N ASN A 1203 -61.17 -85.57 -55.53
CA ASN A 1203 -60.12 -85.33 -56.51
C ASN A 1203 -59.44 -84.02 -56.13
N LEU A 1204 -58.29 -84.06 -55.44
CA LEU A 1204 -57.55 -82.84 -55.08
C LEU A 1204 -56.66 -82.31 -56.23
N GLY A 1205 -56.70 -82.94 -57.41
CA GLY A 1205 -56.09 -82.43 -58.63
C GLY A 1205 -54.57 -82.62 -58.73
N GLN A 1206 -54.02 -83.68 -58.13
CA GLN A 1206 -52.58 -83.96 -58.19
C GLN A 1206 -52.07 -84.22 -59.62
N ASP A 1207 -52.94 -84.64 -60.54
CA ASP A 1207 -52.68 -84.63 -61.98
C ASP A 1207 -53.86 -84.00 -62.75
N VAL A 1208 -53.56 -83.11 -63.69
CA VAL A 1208 -54.57 -82.23 -64.31
C VAL A 1208 -55.46 -82.95 -65.33
N SER A 1209 -55.00 -84.00 -66.02
CA SER A 1209 -55.85 -84.66 -67.01
C SER A 1209 -57.07 -85.30 -66.36
N SER A 1210 -56.90 -85.92 -65.20
CA SER A 1210 -58.01 -86.60 -64.53
C SER A 1210 -59.10 -85.61 -64.12
N LEU A 1211 -58.75 -84.36 -63.83
CA LEU A 1211 -59.70 -83.30 -63.46
C LEU A 1211 -60.60 -83.01 -64.68
N ARG A 1212 -61.91 -83.33 -64.59
CA ARG A 1212 -62.74 -83.56 -65.76
C ARG A 1212 -63.19 -82.27 -66.44
N PHE A 1213 -64.02 -81.46 -65.78
CA PHE A 1213 -64.51 -80.26 -66.44
C PHE A 1213 -63.46 -79.15 -66.40
N PHE A 1214 -63.06 -78.76 -65.17
CA PHE A 1214 -62.13 -77.66 -64.92
C PHE A 1214 -62.28 -76.63 -66.03
N ALA A 1215 -61.26 -76.46 -66.90
CA ALA A 1215 -61.19 -75.73 -68.17
C ALA A 1215 -62.17 -74.57 -68.29
N ILE A 1216 -63.47 -74.91 -68.41
CA ILE A 1216 -64.49 -73.88 -68.58
C ILE A 1216 -64.54 -72.97 -67.35
N CYS A 1217 -64.32 -73.54 -66.17
CA CYS A 1217 -64.12 -72.77 -64.95
C CYS A 1217 -62.73 -73.11 -64.40
N GLY A 1218 -62.03 -72.09 -63.89
CA GLY A 1218 -60.64 -72.27 -63.57
C GLY A 1218 -59.70 -71.37 -64.35
N LEU A 1219 -59.00 -71.94 -65.33
CA LEU A 1219 -57.95 -71.27 -66.09
C LEU A 1219 -58.21 -69.79 -66.36
N GLN A 1220 -59.35 -69.45 -66.96
CA GLN A 1220 -59.56 -68.05 -67.33
C GLN A 1220 -60.33 -67.28 -66.26
N GLU A 1221 -59.94 -67.46 -64.99
CA GLU A 1221 -60.27 -66.48 -63.98
C GLU A 1221 -59.23 -66.50 -62.86
N GLY A 1222 -58.18 -67.31 -62.97
CA GLY A 1222 -57.19 -67.44 -61.92
C GLY A 1222 -57.47 -68.45 -60.82
N PHE A 1223 -57.30 -69.73 -61.10
CA PHE A 1223 -57.43 -70.80 -60.10
C PHE A 1223 -56.47 -71.95 -60.38
N GLU A 1224 -56.02 -72.62 -59.33
CA GLU A 1224 -55.09 -73.74 -59.42
C GLU A 1224 -55.54 -74.83 -58.44
N PRO A 1225 -55.53 -76.13 -58.79
CA PRO A 1225 -56.09 -77.14 -57.90
C PRO A 1225 -55.25 -77.37 -56.64
N PHE A 1226 -55.89 -77.82 -55.57
CA PHE A 1226 -55.35 -77.84 -54.21
C PHE A 1226 -54.00 -78.58 -54.07
N ALA A 1227 -53.79 -79.66 -54.81
CA ALA A 1227 -52.57 -80.48 -54.74
C ALA A 1227 -51.69 -80.42 -56.01
N ILE A 1228 -51.71 -79.32 -56.76
CA ILE A 1228 -51.13 -79.25 -58.13
C ILE A 1228 -49.69 -79.74 -58.29
N ASN A 1229 -48.83 -79.59 -57.27
CA ASN A 1229 -47.39 -79.89 -57.37
C ASN A 1229 -46.83 -80.55 -56.11
N MET A 1230 -47.21 -81.80 -55.87
CA MET A 1230 -46.67 -82.64 -54.80
C MET A 1230 -46.28 -84.03 -55.34
N GLN A 1231 -45.14 -84.57 -54.91
CA GLN A 1231 -44.64 -85.89 -55.34
C GLN A 1231 -45.36 -87.08 -54.68
N ARG A 1232 -46.15 -86.84 -53.64
CA ARG A 1232 -46.90 -87.87 -52.90
C ARG A 1232 -48.32 -87.39 -52.56
N PRO A 1233 -49.34 -88.25 -52.61
CA PRO A 1233 -50.73 -87.87 -52.41
C PRO A 1233 -51.03 -87.42 -50.98
N VAL A 1234 -52.06 -86.60 -50.82
CA VAL A 1234 -52.50 -86.03 -49.54
C VAL A 1234 -53.04 -87.11 -48.59
N THR A 1235 -52.44 -87.26 -47.40
CA THR A 1235 -53.02 -88.05 -46.32
C THR A 1235 -54.31 -87.41 -45.82
N THR A 1236 -55.19 -88.25 -45.26
CA THR A 1236 -56.50 -87.80 -44.81
C THR A 1236 -56.84 -88.49 -43.49
N TRP A 1237 -57.81 -87.90 -42.78
CA TRP A 1237 -58.30 -88.39 -41.50
C TRP A 1237 -59.78 -88.68 -41.58
N PHE A 1238 -60.31 -89.26 -40.50
CA PHE A 1238 -61.72 -89.57 -40.40
C PHE A 1238 -62.07 -89.83 -38.94
N SER A 1239 -63.37 -89.79 -38.66
CA SER A 1239 -63.88 -90.10 -37.32
C SER A 1239 -64.07 -91.59 -37.18
N LYS A 1240 -63.66 -92.14 -36.03
CA LYS A 1240 -63.60 -93.59 -35.87
C LYS A 1240 -64.95 -94.17 -35.48
N SER A 1241 -65.51 -93.70 -34.35
CA SER A 1241 -66.80 -94.05 -33.74
C SER A 1241 -66.55 -94.72 -32.40
N LEU A 1242 -65.65 -95.71 -32.39
CA LEU A 1242 -65.28 -96.48 -31.21
C LEU A 1242 -64.90 -95.56 -30.06
N PRO A 1243 -65.67 -95.53 -28.97
CA PRO A 1243 -65.38 -94.62 -27.86
C PRO A 1243 -64.07 -94.96 -27.17
N GLN A 1244 -63.41 -93.91 -26.66
CA GLN A 1244 -62.16 -94.09 -25.93
C GLN A 1244 -62.11 -93.09 -24.79
N PHE A 1245 -61.49 -93.49 -23.68
CA PHE A 1245 -61.41 -92.64 -22.51
C PHE A 1245 -60.43 -91.49 -22.73
N GLU A 1246 -60.76 -90.34 -22.14
CA GLU A 1246 -59.95 -89.13 -22.24
C GLU A 1246 -60.27 -88.25 -21.04
N PRO A 1247 -59.29 -87.50 -20.54
CA PRO A 1247 -59.55 -86.65 -19.36
C PRO A 1247 -60.60 -85.59 -19.66
N VAL A 1248 -61.39 -85.26 -18.64
CA VAL A 1248 -62.50 -84.33 -18.82
C VAL A 1248 -61.96 -82.92 -19.01
N PRO A 1249 -62.37 -82.22 -20.07
CA PRO A 1249 -61.93 -80.83 -20.26
C PRO A 1249 -62.65 -79.90 -19.31
N PRO A 1250 -61.92 -79.04 -18.59
CA PRO A 1250 -62.59 -78.15 -17.62
C PRO A 1250 -63.25 -76.95 -18.28
N GLU A 1251 -63.94 -77.20 -19.39
CA GLU A 1251 -64.78 -76.19 -20.02
C GLU A 1251 -66.09 -76.80 -20.51
N HIS A 1252 -66.32 -78.01 -19.98
CA HIS A 1252 -67.55 -78.79 -20.30
C HIS A 1252 -68.71 -78.02 -19.71
N PRO A 1253 -69.63 -77.52 -20.54
CA PRO A 1253 -70.76 -76.80 -20.06
C PRO A 1253 -71.18 -77.28 -18.68
N HIS A 1254 -71.86 -78.42 -18.65
CA HIS A 1254 -72.42 -78.86 -17.37
C HIS A 1254 -71.70 -80.13 -16.91
N TYR A 1255 -70.51 -79.94 -16.34
CA TYR A 1255 -69.78 -80.92 -15.55
C TYR A 1255 -68.61 -80.24 -14.85
N GLU A 1256 -68.52 -80.36 -13.53
CA GLU A 1256 -67.46 -79.72 -12.76
C GLU A 1256 -66.90 -80.72 -11.77
N VAL A 1257 -65.58 -80.88 -11.77
CA VAL A 1257 -64.89 -81.79 -10.88
C VAL A 1257 -63.76 -81.02 -10.19
N ALA A 1258 -63.45 -81.42 -8.97
CA ALA A 1258 -62.40 -80.74 -8.20
C ALA A 1258 -61.90 -81.68 -7.11
N ARG A 1259 -60.69 -81.38 -6.63
CA ARG A 1259 -60.10 -82.06 -5.50
C ARG A 1259 -60.55 -81.38 -4.22
N MET A 1260 -60.82 -82.16 -3.18
CA MET A 1260 -61.52 -81.62 -2.00
C MET A 1260 -60.55 -81.12 -0.93
N ASP A 1261 -59.75 -82.02 -0.37
CA ASP A 1261 -58.94 -81.66 0.80
C ASP A 1261 -58.01 -82.78 1.25
N GLY A 1262 -57.26 -82.52 2.32
CA GLY A 1262 -56.43 -83.52 2.96
C GLY A 1262 -56.55 -83.48 4.47
N THR A 1263 -57.75 -83.15 4.95
CA THR A 1263 -57.97 -82.94 6.37
C THR A 1263 -57.75 -84.23 7.16
N VAL A 1264 -57.59 -84.07 8.48
CA VAL A 1264 -57.33 -85.21 9.35
C VAL A 1264 -58.54 -86.14 9.38
N ASP A 1265 -59.75 -85.59 9.53
CA ASP A 1265 -60.93 -86.44 9.65
C ASP A 1265 -61.27 -87.10 8.33
N THR A 1266 -61.55 -86.29 7.30
CA THR A 1266 -61.94 -86.88 6.02
C THR A 1266 -60.71 -87.13 5.15
N PRO A 1267 -60.67 -88.27 4.47
CA PRO A 1267 -59.55 -88.54 3.56
C PRO A 1267 -59.72 -87.78 2.26
N PRO A 1268 -58.67 -87.67 1.45
CA PRO A 1268 -58.81 -86.99 0.16
C PRO A 1268 -59.85 -87.67 -0.71
N CYS A 1269 -60.66 -86.80 -1.34
CA CYS A 1269 -61.81 -87.28 -2.13
C CYS A 1269 -62.10 -86.36 -3.33
N LEU A 1270 -62.58 -86.94 -4.43
CA LEU A 1270 -62.98 -86.15 -5.61
C LEU A 1270 -64.51 -86.14 -5.68
N ARG A 1271 -65.14 -85.03 -6.03
CA ARG A 1271 -66.58 -84.82 -6.07
C ARG A 1271 -66.96 -84.30 -7.46
N LEU A 1272 -68.26 -84.17 -7.70
CA LEU A 1272 -68.78 -83.69 -8.98
C LEU A 1272 -69.79 -82.58 -8.72
N ALA A 1273 -70.32 -82.04 -9.82
CA ALA A 1273 -71.33 -80.99 -9.78
C ALA A 1273 -72.12 -81.05 -11.08
N HIS A 1274 -73.09 -80.16 -11.21
CA HIS A 1274 -73.96 -80.13 -12.39
C HIS A 1274 -74.70 -78.81 -12.39
N ARG A 1275 -75.34 -78.51 -13.52
CA ARG A 1275 -76.19 -77.32 -13.65
C ARG A 1275 -77.64 -77.76 -13.81
N THR A 1276 -78.23 -78.24 -12.72
CA THR A 1276 -79.58 -78.77 -12.74
C THR A 1276 -80.62 -77.67 -12.94
N TRP A 1277 -80.99 -77.43 -14.19
CA TRP A 1277 -81.99 -76.43 -14.52
C TRP A 1277 -82.56 -76.67 -15.92
N GLY A 1278 -82.81 -75.59 -16.64
CA GLY A 1278 -83.35 -75.68 -17.99
C GLY A 1278 -82.22 -75.86 -19.00
N SER A 1279 -82.29 -75.10 -20.09
CA SER A 1279 -81.29 -75.14 -21.16
C SER A 1279 -81.14 -76.55 -21.74
N GLN A 1280 -80.38 -77.39 -21.06
CA GLN A 1280 -80.11 -78.74 -21.54
C GLN A 1280 -80.17 -79.76 -20.42
N ASN A 1281 -79.91 -81.03 -20.77
CA ASN A 1281 -79.95 -82.12 -19.81
C ASN A 1281 -78.73 -83.02 -19.95
N SER A 1282 -78.88 -84.28 -19.54
CA SER A 1282 -77.78 -85.23 -19.60
C SER A 1282 -78.27 -86.68 -19.55
N LEU A 1283 -77.37 -87.60 -19.90
CA LEU A 1283 -77.68 -89.02 -19.88
C LEU A 1283 -76.88 -89.73 -18.80
N VAL A 1284 -76.30 -90.88 -19.15
CA VAL A 1284 -75.51 -91.66 -18.20
C VAL A 1284 -74.02 -91.45 -18.42
N GLU A 1285 -73.37 -90.80 -17.46
CA GLU A 1285 -71.94 -90.51 -17.56
C GLU A 1285 -71.08 -91.67 -17.11
N MET A 1286 -70.76 -92.58 -18.02
CA MET A 1286 -69.94 -93.73 -17.69
C MET A 1286 -68.50 -93.31 -17.39
N LEU A 1287 -68.27 -92.84 -16.17
CA LEU A 1287 -66.97 -92.31 -15.77
C LEU A 1287 -66.03 -93.41 -15.28
N PHE A 1288 -64.74 -93.08 -15.20
CA PHE A 1288 -63.72 -94.01 -14.72
C PHE A 1288 -62.42 -93.27 -14.40
N LEU A 1289 -61.74 -93.66 -13.33
CA LEU A 1289 -60.56 -92.87 -12.91
C LEU A 1289 -59.40 -93.21 -13.84
N ARG A 1290 -58.18 -92.73 -13.56
CA ARG A 1290 -57.06 -92.91 -14.51
C ARG A 1290 -55.84 -93.55 -13.86
N LEU A 1291 -55.68 -94.86 -14.03
CA LEU A 1291 -54.52 -95.60 -13.47
C LEU A 1291 -54.79 -97.10 -13.59
N SER A 1292 -54.39 -97.90 -12.60
CA SER A 1292 -54.55 -99.35 -12.76
C SER A 1292 -54.27 -100.07 -11.45
N LEU A 1293 -54.21 -101.42 -11.48
CA LEU A 1293 -53.84 -102.21 -10.27
C LEU A 1293 -53.56 -103.65 -10.69
N PRO A 1294 -52.47 -103.91 -11.43
CA PRO A 1294 -52.14 -105.26 -11.93
C PRO A 1294 -52.23 -106.25 -10.77
N VAL A 1295 -52.44 -107.55 -11.02
CA VAL A 1295 -52.67 -108.37 -9.81
C VAL A 1295 -51.33 -108.72 -9.16
N GLN A 1296 -50.75 -109.90 -9.43
CA GLN A 1296 -49.40 -110.15 -8.85
C GLN A 1296 -48.72 -111.38 -9.44
N PHE A 1297 -48.45 -111.38 -10.75
CA PHE A 1297 -47.67 -112.48 -11.35
C PHE A 1297 -47.39 -112.17 -12.82
N ASP A 1422 -54.36 -99.97 13.23
CA ASP A 1422 -53.87 -101.25 12.77
C ASP A 1422 -52.54 -101.62 13.40
N ASP A 1423 -52.23 -102.90 13.40
CA ASP A 1423 -50.91 -103.33 13.81
C ASP A 1423 -49.92 -103.04 12.68
N PRO A 1424 -48.70 -102.62 13.03
CA PRO A 1424 -47.67 -102.43 11.98
C PRO A 1424 -47.20 -103.73 11.34
N GLU A 1425 -47.50 -104.89 11.93
CA GLU A 1425 -47.18 -106.14 11.29
C GLU A 1425 -48.14 -106.45 10.16
N ILE A 1426 -49.45 -106.34 10.42
CA ILE A 1426 -50.44 -106.71 9.42
C ILE A 1426 -50.50 -105.70 8.27
N ILE A 1427 -50.25 -104.42 8.54
CA ILE A 1427 -50.43 -103.42 7.51
C ILE A 1427 -49.22 -103.33 6.58
N LEU A 1428 -48.11 -103.96 6.95
CA LEU A 1428 -46.95 -103.94 6.08
C LEU A 1428 -46.78 -105.26 5.34
N ASN A 1429 -47.74 -106.17 5.45
CA ASN A 1429 -47.71 -107.43 4.72
C ASN A 1429 -48.98 -107.66 3.92
N THR A 1430 -50.01 -106.87 4.15
CA THR A 1430 -51.32 -107.08 3.54
C THR A 1430 -51.30 -106.79 2.04
N THR A 1431 -52.02 -107.63 1.29
CA THR A 1431 -52.33 -107.36 -0.10
C THR A 1431 -53.85 -107.41 -0.25
N THR A 1432 -54.50 -106.33 0.15
CA THR A 1432 -55.91 -106.06 -0.11
C THR A 1432 -56.18 -104.59 0.18
N TYR A 1433 -56.64 -103.83 -0.82
CA TYR A 1433 -56.93 -102.40 -0.58
C TYR A 1433 -58.32 -101.93 -0.98
N TYR A 1434 -58.73 -100.84 -0.38
CA TYR A 1434 -60.06 -100.29 -0.21
C TYR A 1434 -60.15 -98.92 -0.84
N TYR A 1435 -61.22 -98.69 -1.59
CA TYR A 1435 -61.63 -97.34 -1.96
C TYR A 1435 -63.10 -97.20 -1.64
N SER A 1436 -63.61 -96.00 -1.77
CA SER A 1436 -64.95 -95.70 -1.28
C SER A 1436 -65.61 -94.62 -2.13
N VAL A 1437 -66.90 -94.80 -2.36
CA VAL A 1437 -67.73 -93.76 -2.94
C VAL A 1437 -68.89 -93.52 -1.99
N ARG A 1438 -69.43 -92.32 -2.02
CA ARG A 1438 -70.59 -91.97 -1.21
C ARG A 1438 -71.61 -91.28 -2.10
N VAL A 1439 -72.75 -91.93 -2.29
CA VAL A 1439 -73.83 -91.34 -3.04
C VAL A 1439 -74.52 -90.32 -2.14
N PHE A 1440 -74.60 -89.05 -2.49
CA PHE A 1440 -75.23 -88.10 -1.60
C PHE A 1440 -76.69 -88.17 -1.74
N ALA A 1441 -77.36 -87.38 -0.94
CA ALA A 1441 -78.81 -87.30 -0.92
C ALA A 1441 -79.31 -86.65 -2.20
N GLY A 1442 -80.54 -86.99 -2.58
CA GLY A 1442 -81.10 -86.53 -3.82
C GLY A 1442 -80.65 -87.32 -5.04
N GLN A 1443 -79.80 -88.32 -4.85
CA GLN A 1443 -79.43 -89.23 -5.93
C GLN A 1443 -79.91 -90.62 -5.58
N GLU A 1444 -80.61 -91.24 -6.52
CA GLU A 1444 -81.16 -92.57 -6.27
C GLU A 1444 -80.09 -93.62 -6.49
N PRO A 1445 -79.87 -94.51 -5.54
CA PRO A 1445 -79.00 -95.68 -5.79
C PRO A 1445 -79.56 -96.67 -6.80
N SER A 1446 -80.83 -96.55 -7.17
CA SER A 1446 -81.39 -97.32 -8.27
C SER A 1446 -80.71 -97.01 -9.59
N CYS A 1447 -80.24 -95.78 -9.78
CA CYS A 1447 -79.54 -95.37 -10.98
C CYS A 1447 -78.06 -95.12 -10.73
N VAL A 1448 -77.42 -95.95 -9.91
CA VAL A 1448 -76.01 -95.83 -9.59
C VAL A 1448 -75.39 -97.22 -9.69
N TRP A 1449 -74.30 -97.33 -10.43
CA TRP A 1449 -73.57 -98.59 -10.54
C TRP A 1449 -72.12 -98.32 -10.14
N VAL A 1450 -71.60 -99.12 -9.22
CA VAL A 1450 -70.27 -98.92 -8.68
C VAL A 1450 -69.49 -100.21 -8.83
N GLY A 1451 -68.25 -100.11 -9.31
CA GLY A 1451 -67.35 -101.25 -9.31
C GLY A 1451 -66.06 -101.08 -10.07
N TRP A 1452 -65.74 -102.04 -10.94
CA TRP A 1452 -64.43 -102.10 -11.58
C TRP A 1452 -64.59 -102.41 -13.07
N VAL A 1453 -63.65 -101.88 -13.86
CA VAL A 1453 -63.72 -101.93 -15.32
C VAL A 1453 -62.31 -102.13 -15.86
N THR A 1454 -62.15 -103.13 -16.75
CA THR A 1454 -60.93 -103.40 -17.48
C THR A 1454 -60.88 -102.55 -18.76
N PRO A 1455 -59.70 -102.25 -19.28
CA PRO A 1455 -59.59 -101.33 -20.44
C PRO A 1455 -60.34 -101.72 -21.70
N ASP A 1456 -60.55 -103.00 -21.98
CA ASP A 1456 -61.28 -103.37 -23.19
C ASP A 1456 -62.79 -103.39 -22.94
N TYR A 1457 -63.33 -102.21 -22.69
CA TYR A 1457 -64.75 -102.02 -22.44
C TYR A 1457 -65.18 -100.71 -23.09
N HIS A 1458 -66.05 -100.79 -24.09
CA HIS A 1458 -66.48 -99.63 -24.85
C HIS A 1458 -67.98 -99.65 -25.10
N GLN A 1459 -68.79 -99.88 -24.07
CA GLN A 1459 -70.24 -99.84 -24.20
C GLN A 1459 -70.74 -98.47 -23.77
N HIS A 1460 -71.12 -97.65 -24.74
CA HIS A 1460 -71.65 -96.31 -24.50
C HIS A 1460 -73.12 -96.34 -24.88
N ASP A 1461 -73.99 -96.53 -23.90
CA ASP A 1461 -75.43 -96.56 -24.13
C ASP A 1461 -76.13 -95.91 -22.95
N MET A 1462 -77.30 -95.35 -23.22
CA MET A 1462 -78.11 -94.76 -22.18
C MET A 1462 -79.11 -95.73 -21.58
N ASN A 1463 -79.16 -96.96 -22.08
CA ASN A 1463 -80.15 -97.92 -21.59
C ASN A 1463 -79.43 -99.05 -20.86
N PHE A 1464 -78.31 -98.74 -20.23
CA PHE A 1464 -77.49 -99.77 -19.62
C PHE A 1464 -78.10 -100.28 -18.33
N ASP A 1465 -78.28 -101.59 -18.24
CA ASP A 1465 -78.55 -102.28 -17.00
C ASP A 1465 -77.53 -103.38 -16.87
N LEU A 1466 -77.48 -104.02 -15.69
CA LEU A 1466 -76.49 -105.05 -15.42
C LEU A 1466 -76.65 -106.29 -16.29
N SER A 1467 -77.82 -106.49 -16.92
CA SER A 1467 -77.96 -107.51 -17.94
C SER A 1467 -77.15 -107.20 -19.18
N LYS A 1468 -76.91 -105.91 -19.46
CA LYS A 1468 -76.15 -105.50 -20.64
C LYS A 1468 -74.67 -105.43 -20.34
N VAL A 1469 -74.12 -106.50 -19.77
CA VAL A 1469 -72.70 -106.59 -19.47
C VAL A 1469 -72.18 -107.81 -20.19
N ARG A 1470 -71.08 -107.64 -20.93
CA ARG A 1470 -70.46 -108.77 -21.60
C ARG A 1470 -69.85 -109.69 -20.58
N ALA A 1471 -70.08 -110.99 -20.74
CA ALA A 1471 -69.54 -112.02 -19.87
C ALA A 1471 -69.48 -113.32 -20.65
N VAL A 1472 -68.29 -113.88 -20.79
CA VAL A 1472 -68.06 -115.07 -21.57
C VAL A 1472 -67.44 -116.12 -20.66
N THR A 1473 -68.06 -117.28 -20.60
CA THR A 1473 -67.61 -118.37 -19.74
C THR A 1473 -66.82 -119.36 -20.59
N VAL A 1474 -65.57 -119.58 -20.21
CA VAL A 1474 -64.70 -120.53 -20.88
C VAL A 1474 -64.54 -121.76 -19.99
N THR A 1475 -64.84 -122.93 -20.53
CA THR A 1475 -64.67 -124.19 -19.83
C THR A 1475 -63.77 -125.08 -20.66
N MET A 1476 -62.94 -125.88 -20.00
CA MET A 1476 -62.09 -126.85 -20.66
C MET A 1476 -62.14 -128.15 -19.88
N GLY A 1477 -61.99 -129.26 -20.59
CA GLY A 1477 -61.97 -130.55 -19.94
C GLY A 1477 -60.97 -131.51 -20.57
N ASP A 1478 -61.08 -132.78 -20.22
CA ASP A 1478 -60.22 -133.80 -20.77
C ASP A 1478 -60.86 -134.40 -22.02
N GLU A 1479 -60.21 -135.39 -22.60
CA GLU A 1479 -60.81 -136.17 -23.68
C GLU A 1479 -61.96 -137.03 -23.20
N GLN A 1480 -62.03 -137.33 -21.89
CA GLN A 1480 -63.15 -138.05 -21.32
C GLN A 1480 -64.41 -137.18 -21.27
N GLY A 1481 -64.26 -135.87 -21.36
CA GLY A 1481 -65.38 -134.94 -21.30
C GLY A 1481 -65.59 -134.32 -19.94
N ASN A 1482 -64.98 -134.87 -18.88
CA ASN A 1482 -65.06 -134.28 -17.56
C ASN A 1482 -64.27 -132.98 -17.53
N VAL A 1483 -64.89 -131.94 -16.97
CA VAL A 1483 -64.34 -130.59 -17.04
C VAL A 1483 -63.14 -130.48 -16.10
N HIS A 1484 -62.44 -129.44 -16.47
CA HIS A 1484 -61.22 -129.21 -15.90
C HIS A 1484 -60.90 -127.85 -15.36
N SER A 1485 -61.72 -126.86 -15.70
CA SER A 1485 -61.77 -125.48 -15.24
C SER A 1485 -62.97 -124.81 -15.91
N SER A 1486 -63.45 -123.77 -15.26
CA SER A 1486 -64.57 -122.98 -15.78
C SER A 1486 -64.29 -121.51 -15.50
N LEU A 1487 -63.71 -120.82 -16.48
CA LEU A 1487 -63.30 -119.44 -16.31
C LEU A 1487 -64.34 -118.52 -16.92
N LYS A 1488 -64.61 -117.42 -16.24
CA LYS A 1488 -65.52 -116.40 -16.72
C LYS A 1488 -64.80 -115.07 -16.83
N CYS A 1489 -64.63 -114.59 -18.05
CA CYS A 1489 -64.08 -113.26 -18.30
C CYS A 1489 -65.24 -112.30 -18.50
N SER A 1490 -65.22 -111.18 -17.79
CA SER A 1490 -66.17 -110.11 -18.00
C SER A 1490 -65.40 -108.81 -18.20
N ASN A 1491 -65.97 -107.92 -19.00
CA ASN A 1491 -65.34 -106.62 -19.22
C ASN A 1491 -65.76 -105.58 -18.19
N CYS A 1492 -66.38 -106.00 -17.09
CA CYS A 1492 -66.99 -105.11 -16.13
C CYS A 1492 -67.23 -105.89 -14.84
N TYR A 1493 -66.86 -105.30 -13.71
CA TYR A 1493 -67.05 -105.92 -12.40
C TYR A 1493 -67.65 -104.89 -11.48
N MET A 1494 -68.99 -104.85 -11.43
CA MET A 1494 -69.69 -103.86 -10.63
C MET A 1494 -70.82 -104.52 -9.84
N VAL A 1495 -71.45 -103.70 -8.99
CA VAL A 1495 -72.64 -104.05 -8.24
C VAL A 1495 -73.71 -103.03 -8.58
N TRP A 1496 -74.91 -103.27 -8.07
CA TRP A 1496 -75.99 -102.30 -8.19
C TRP A 1496 -76.22 -101.65 -6.83
N GLY A 1497 -76.19 -100.31 -6.81
CA GLY A 1497 -76.54 -99.59 -5.60
C GLY A 1497 -77.98 -99.70 -5.21
N GLY A 1498 -78.86 -99.98 -6.18
CA GLY A 1498 -80.26 -100.23 -5.89
C GLY A 1498 -80.52 -101.57 -5.25
N ASP A 1499 -79.52 -102.45 -5.20
CA ASP A 1499 -79.67 -103.74 -4.55
C ASP A 1499 -79.42 -103.66 -3.04
N PHE A 1500 -79.24 -102.46 -2.48
CA PHE A 1500 -79.07 -102.33 -1.04
C PHE A 1500 -80.10 -101.40 -0.44
N VAL A 1501 -80.46 -100.33 -1.14
CA VAL A 1501 -81.48 -99.42 -0.67
C VAL A 1501 -82.70 -99.55 -1.56
N ILE A 1509 -87.62 -91.70 -1.26
CA ILE A 1509 -86.93 -90.50 -0.80
C ILE A 1509 -86.13 -90.80 0.46
N SER A 1510 -84.84 -91.06 0.28
CA SER A 1510 -83.96 -91.32 1.42
C SER A 1510 -83.18 -90.07 1.76
N HIS A 1511 -83.18 -89.69 3.03
CA HIS A 1511 -82.42 -88.55 3.50
C HIS A 1511 -81.04 -88.92 4.01
N THR A 1512 -80.53 -90.09 3.64
CA THR A 1512 -79.23 -90.57 4.08
C THR A 1512 -78.39 -91.01 2.90
N ASP A 1513 -77.10 -91.18 3.14
CA ASP A 1513 -76.13 -91.40 2.09
C ASP A 1513 -75.68 -92.86 2.08
N LEU A 1514 -76.04 -93.57 1.02
CA LEU A 1514 -75.59 -94.94 0.80
C LEU A 1514 -74.12 -94.92 0.42
N VAL A 1515 -73.26 -95.46 1.28
CA VAL A 1515 -71.83 -95.46 1.06
C VAL A 1515 -71.42 -96.87 0.66
N ILE A 1516 -70.87 -97.02 -0.53
CA ILE A 1516 -70.46 -98.32 -1.04
C ILE A 1516 -68.95 -98.35 -1.11
N GLY A 1517 -68.35 -99.34 -0.49
CA GLY A 1517 -66.91 -99.54 -0.54
C GLY A 1517 -66.58 -100.92 -1.07
N CYS A 1518 -65.46 -101.03 -1.78
CA CYS A 1518 -65.08 -102.27 -2.45
C CYS A 1518 -63.74 -102.75 -1.91
N LEU A 1519 -63.50 -104.04 -2.07
CA LEU A 1519 -62.32 -104.70 -1.52
C LEU A 1519 -61.72 -105.60 -2.57
N VAL A 1520 -60.44 -105.38 -2.88
CA VAL A 1520 -59.75 -106.14 -3.91
C VAL A 1520 -58.45 -106.69 -3.31
N ASP A 1521 -58.32 -108.01 -3.36
CA ASP A 1521 -57.18 -108.72 -2.78
C ASP A 1521 -56.25 -109.15 -3.91
N LEU A 1522 -55.08 -108.51 -4.00
CA LEU A 1522 -54.21 -108.64 -5.16
C LEU A 1522 -53.53 -109.99 -5.27
N ALA A 1523 -53.14 -110.60 -4.16
CA ALA A 1523 -52.40 -111.86 -4.26
C ALA A 1523 -53.33 -113.04 -4.52
N THR A 1524 -54.64 -112.84 -4.43
CA THR A 1524 -55.59 -113.89 -4.75
C THR A 1524 -56.47 -113.54 -5.93
N GLY A 1525 -56.58 -112.26 -6.27
CA GLY A 1525 -57.51 -111.85 -7.30
C GLY A 1525 -58.95 -111.91 -6.87
N LEU A 1526 -59.21 -111.93 -5.56
CA LEU A 1526 -60.55 -112.02 -5.03
C LEU A 1526 -61.08 -110.63 -4.77
N MET A 1527 -62.28 -110.34 -5.28
CA MET A 1527 -62.90 -109.03 -5.15
C MET A 1527 -64.22 -109.16 -4.43
N THR A 1528 -64.39 -108.37 -3.36
CA THR A 1528 -65.62 -108.33 -2.59
C THR A 1528 -66.05 -106.88 -2.42
N PHE A 1529 -67.28 -106.69 -1.97
CA PHE A 1529 -67.91 -105.37 -1.92
C PHE A 1529 -68.69 -105.23 -0.62
N THR A 1530 -68.48 -104.12 0.07
CA THR A 1530 -69.13 -103.86 1.35
C THR A 1530 -70.15 -102.75 1.20
N ALA A 1531 -71.31 -102.94 1.82
CA ALA A 1531 -72.38 -101.95 1.79
C ALA A 1531 -72.59 -101.43 3.19
N ASN A 1532 -72.09 -100.20 3.44
CA ASN A 1532 -72.17 -99.52 4.74
C ASN A 1532 -71.56 -100.37 5.86
N GLY A 1533 -70.46 -101.05 5.55
CA GLY A 1533 -69.85 -101.95 6.51
C GLY A 1533 -70.52 -103.30 6.64
N LYS A 1534 -71.62 -103.54 5.93
CA LYS A 1534 -72.28 -104.83 5.91
C LYS A 1534 -71.95 -105.49 4.57
N GLU A 1535 -71.33 -106.66 4.64
CA GLU A 1535 -70.85 -107.34 3.44
C GLU A 1535 -72.02 -107.83 2.59
N SER A 1536 -71.90 -107.63 1.30
CA SER A 1536 -72.90 -108.06 0.35
C SER A 1536 -72.65 -109.53 0.00
N ASN A 1537 -73.66 -110.15 -0.60
CA ASN A 1537 -73.58 -111.55 -0.96
C ASN A 1537 -72.65 -111.81 -2.13
N THR A 1538 -72.43 -110.83 -2.99
CA THR A 1538 -71.66 -111.06 -4.20
C THR A 1538 -70.17 -111.02 -3.93
N PHE A 1539 -69.41 -111.51 -4.90
CA PHE A 1539 -67.95 -111.59 -4.85
C PHE A 1539 -67.47 -111.86 -6.26
N PHE A 1540 -66.17 -111.67 -6.47
CA PHE A 1540 -65.59 -111.83 -7.80
C PHE A 1540 -64.15 -112.30 -7.71
N GLN A 1541 -63.77 -113.18 -8.64
CA GLN A 1541 -62.42 -113.71 -8.71
C GLN A 1541 -61.96 -113.72 -10.16
N VAL A 1542 -60.71 -113.33 -10.38
CA VAL A 1542 -60.21 -113.07 -11.73
C VAL A 1542 -58.98 -113.91 -12.07
N GLU A 1543 -58.47 -113.71 -13.28
CA GLU A 1543 -57.25 -114.35 -13.74
C GLU A 1543 -56.03 -113.76 -13.03
N PRO A 1544 -54.87 -114.44 -13.09
CA PRO A 1544 -53.68 -113.88 -12.43
C PRO A 1544 -53.19 -112.56 -13.00
N ASN A 1545 -52.84 -112.50 -14.27
CA ASN A 1545 -52.23 -111.30 -14.83
C ASN A 1545 -53.30 -110.49 -15.53
N THR A 1546 -54.00 -109.67 -14.76
CA THR A 1546 -54.96 -108.74 -15.33
C THR A 1546 -54.97 -107.46 -14.50
N LYS A 1547 -55.44 -106.39 -15.12
CA LYS A 1547 -55.51 -105.10 -14.47
C LYS A 1547 -56.97 -104.68 -14.37
N LEU A 1548 -57.20 -103.60 -13.63
CA LEU A 1548 -58.56 -103.14 -13.37
C LEU A 1548 -58.55 -101.65 -13.10
N PHE A 1549 -59.48 -100.83 -13.54
CA PHE A 1549 -59.49 -99.43 -13.16
C PHE A 1549 -60.73 -99.27 -12.38
N PRO A 1550 -60.78 -98.60 -11.30
CA PRO A 1550 -61.96 -98.31 -10.48
C PRO A 1550 -63.00 -97.57 -11.29
N ALA A 1551 -64.27 -97.91 -11.11
CA ALA A 1551 -65.31 -97.41 -12.00
C ALA A 1551 -66.58 -97.07 -11.24
N VAL A 1552 -67.26 -96.02 -11.69
CA VAL A 1552 -68.58 -95.63 -11.21
C VAL A 1552 -69.40 -95.21 -12.42
N PHE A 1553 -70.57 -95.83 -12.59
CA PHE A 1553 -71.49 -95.42 -13.65
C PHE A 1553 -72.70 -94.82 -12.97
N VAL A 1554 -73.20 -93.71 -13.51
CA VAL A 1554 -74.27 -92.99 -12.83
C VAL A 1554 -75.09 -92.21 -13.86
N LEU A 1555 -76.40 -92.19 -13.65
CA LEU A 1555 -77.26 -91.19 -14.25
C LEU A 1555 -77.62 -90.20 -13.15
N PRO A 1556 -77.23 -88.93 -13.26
CA PRO A 1556 -77.34 -88.00 -12.12
C PRO A 1556 -78.76 -87.47 -12.00
N THR A 1557 -79.19 -87.25 -10.75
CA THR A 1557 -80.51 -86.65 -10.48
C THR A 1557 -80.44 -85.62 -9.37
N HIS A 1558 -79.36 -84.88 -9.23
CA HIS A 1558 -79.24 -83.90 -8.17
C HIS A 1558 -78.25 -82.82 -8.60
N GLN A 1559 -78.16 -81.76 -7.81
CA GLN A 1559 -77.12 -80.77 -8.02
C GLN A 1559 -75.76 -81.32 -7.59
N ASN A 1560 -75.73 -82.14 -6.55
CA ASN A 1560 -74.52 -82.81 -6.10
C ASN A 1560 -74.76 -84.31 -6.16
N VAL A 1561 -73.89 -85.05 -6.84
CA VAL A 1561 -74.25 -86.43 -7.14
C VAL A 1561 -73.45 -87.44 -6.33
N ILE A 1562 -72.15 -87.55 -6.59
CA ILE A 1562 -71.31 -88.58 -5.97
C ILE A 1562 -70.03 -87.94 -5.48
N GLN A 1563 -69.11 -88.70 -4.90
CA GLN A 1563 -67.87 -88.16 -4.41
C GLN A 1563 -66.89 -89.23 -4.13
N PHE A 1564 -66.08 -89.59 -5.15
CA PHE A 1564 -65.10 -90.70 -5.05
C PHE A 1564 -64.14 -90.43 -3.89
N GLU A 1565 -64.34 -91.06 -2.75
CA GLU A 1565 -63.37 -90.89 -1.65
C GLU A 1565 -62.18 -91.81 -1.84
N LEU A 1566 -61.04 -91.46 -1.26
CA LEU A 1566 -59.83 -92.30 -1.32
C LEU A 1566 -59.32 -92.54 0.10
N GLY A 1567 -60.01 -93.43 0.79
CA GLY A 1567 -59.69 -93.71 2.16
C GLY A 1567 -59.33 -95.16 2.44
N LYS A 1568 -58.88 -95.41 3.66
CA LYS A 1568 -58.49 -96.73 4.11
C LYS A 1568 -59.39 -97.18 5.25
N GLN A 1569 -59.49 -98.49 5.43
CA GLN A 1569 -60.24 -99.07 6.54
C GLN A 1569 -59.27 -99.38 7.68
N LYS A 1570 -59.73 -100.19 8.64
CA LYS A 1570 -59.09 -100.28 9.94
C LYS A 1570 -57.73 -100.99 9.88
N ASN A 1571 -57.55 -101.88 8.89
CA ASN A 1571 -56.29 -102.61 8.86
C ASN A 1571 -55.78 -102.86 7.43
N ILE A 1572 -56.16 -102.04 6.46
CA ILE A 1572 -55.78 -102.23 5.06
C ILE A 1572 -55.39 -100.90 4.45
N MET A 1573 -54.37 -100.87 3.61
CA MET A 1573 -53.95 -99.58 3.10
C MET A 1573 -54.77 -99.11 1.98
N PRO A 1574 -54.67 -97.80 1.62
CA PRO A 1574 -55.43 -97.23 0.49
C PRO A 1574 -54.91 -97.59 -0.91
N LEU A 1575 -55.64 -97.19 -1.96
CA LEU A 1575 -55.27 -97.54 -3.34
C LEU A 1575 -53.97 -96.82 -3.69
N SER A 1576 -53.68 -95.75 -2.98
CA SER A 1576 -52.54 -94.88 -3.27
C SER A 1576 -51.23 -95.63 -3.17
N ALA A 1577 -51.04 -96.40 -2.10
CA ALA A 1577 -49.83 -97.21 -1.95
C ALA A 1577 -49.99 -98.59 -2.58
N ALA A 1578 -50.46 -98.60 -3.83
CA ALA A 1578 -50.55 -99.83 -4.60
C ALA A 1578 -50.17 -99.67 -6.06
N MET A 1579 -50.23 -98.46 -6.62
CA MET A 1579 -49.98 -98.22 -8.03
C MET A 1579 -48.58 -97.69 -8.30
N PHE A 1580 -47.94 -97.08 -7.32
CA PHE A 1580 -46.61 -96.50 -7.46
C PHE A 1580 -45.62 -97.38 -6.72
N LEU A 1581 -44.57 -97.81 -7.44
CA LEU A 1581 -43.58 -98.70 -6.82
C LEU A 1581 -42.85 -98.02 -5.67
N SER A 1582 -42.55 -96.72 -5.82
CA SER A 1582 -41.88 -95.99 -4.75
C SER A 1582 -42.77 -95.88 -3.52
N GLU A 1583 -44.07 -95.66 -3.71
CA GLU A 1583 -45.00 -95.50 -2.60
C GLU A 1583 -45.54 -96.82 -2.07
N ARG A 1584 -45.09 -97.95 -2.60
CA ARG A 1584 -45.61 -99.26 -2.22
C ARG A 1584 -45.28 -99.65 -0.78
N LYS A 1585 -44.64 -98.78 0.00
CA LYS A 1585 -44.32 -99.09 1.39
C LYS A 1585 -44.78 -98.00 2.36
N ASN A 1586 -45.49 -96.98 1.88
CA ASN A 1586 -45.97 -95.91 2.73
C ASN A 1586 -47.48 -96.02 2.90
N PRO A 1587 -47.98 -96.41 4.08
CA PRO A 1587 -49.42 -96.64 4.22
C PRO A 1587 -50.27 -95.38 4.17
N ALA A 1588 -49.68 -94.19 4.24
CA ALA A 1588 -50.45 -92.96 4.25
C ALA A 1588 -51.10 -92.74 2.88
N PRO A 1589 -52.41 -92.49 2.82
CA PRO A 1589 -53.05 -92.24 1.52
C PRO A 1589 -52.52 -90.99 0.86
N GLN A 1590 -52.49 -91.01 -0.47
CA GLN A 1590 -51.97 -89.91 -1.27
C GLN A 1590 -52.88 -89.68 -2.46
N CYS A 1591 -52.85 -88.45 -2.96
CA CYS A 1591 -53.61 -88.07 -4.16
C CYS A 1591 -52.73 -87.26 -5.10
N PRO A 1592 -51.81 -87.93 -5.80
CA PRO A 1592 -50.94 -87.23 -6.75
C PRO A 1592 -51.74 -86.70 -7.93
N PRO A 1593 -51.22 -85.68 -8.62
CA PRO A 1593 -52.01 -85.05 -9.69
C PRO A 1593 -52.32 -85.95 -10.87
N ARG A 1594 -51.64 -87.09 -11.01
CA ARG A 1594 -51.89 -87.96 -12.15
C ARG A 1594 -53.28 -88.58 -12.10
N LEU A 1595 -53.87 -88.68 -10.92
CA LEU A 1595 -55.19 -89.30 -10.77
C LEU A 1595 -56.25 -88.32 -11.26
N GLU A 1596 -56.80 -88.59 -12.45
CA GLU A 1596 -57.82 -87.75 -13.04
C GLU A 1596 -58.95 -88.62 -13.58
N VAL A 1597 -60.15 -88.04 -13.62
CA VAL A 1597 -61.32 -88.76 -14.09
C VAL A 1597 -61.39 -88.70 -15.61
N GLN A 1598 -62.10 -89.65 -16.20
CA GLN A 1598 -62.28 -89.71 -17.64
C GLN A 1598 -63.77 -89.81 -17.98
N MET A 1599 -64.13 -89.22 -19.12
CA MET A 1599 -65.48 -89.27 -19.65
C MET A 1599 -65.44 -89.84 -21.06
N LEU A 1600 -66.30 -90.80 -21.34
CA LEU A 1600 -66.28 -91.47 -22.64
C LEU A 1600 -66.90 -90.57 -23.71
N MET A 1601 -66.23 -90.50 -24.87
CA MET A 1601 -66.75 -89.81 -26.06
C MET A 1601 -66.61 -90.76 -27.23
N PRO A 1602 -67.67 -90.97 -28.00
CA PRO A 1602 -67.63 -91.95 -29.11
C PRO A 1602 -67.09 -91.34 -30.41
N VAL A 1603 -65.88 -90.78 -30.35
CA VAL A 1603 -65.24 -90.21 -31.52
C VAL A 1603 -63.74 -90.14 -31.29
N SER A 1604 -62.98 -90.19 -32.37
CA SER A 1604 -61.54 -89.99 -32.33
C SER A 1604 -61.12 -89.43 -33.69
N TRP A 1605 -59.82 -89.46 -33.96
CA TRP A 1605 -59.31 -89.04 -35.26
C TRP A 1605 -58.17 -89.99 -35.61
N SER A 1606 -58.44 -90.95 -36.50
CA SER A 1606 -57.45 -91.95 -36.91
C SER A 1606 -56.98 -91.65 -38.32
N ARG A 1607 -55.73 -92.00 -38.62
CA ARG A 1607 -55.17 -91.73 -39.94
C ARG A 1607 -55.51 -92.81 -40.95
N MET A 1608 -55.35 -92.46 -42.22
CA MET A 1608 -55.67 -93.34 -43.34
C MET A 1608 -54.39 -93.80 -44.00
N PRO A 1609 -54.02 -95.08 -43.87
CA PRO A 1609 -52.79 -95.56 -44.48
C PRO A 1609 -52.80 -95.36 -45.98
N ASN A 1610 -51.63 -95.02 -46.53
CA ASN A 1610 -51.49 -94.75 -47.95
C ASN A 1610 -51.47 -96.00 -48.81
N HIS A 1611 -51.34 -97.19 -48.23
CA HIS A 1611 -51.31 -98.42 -49.01
C HIS A 1611 -52.03 -99.51 -48.25
N PHE A 1612 -52.92 -100.22 -48.93
CA PHE A 1612 -53.69 -101.31 -48.35
C PHE A 1612 -53.18 -102.65 -48.85
N LEU A 1613 -53.90 -103.71 -48.47
CA LEU A 1613 -53.48 -105.07 -48.76
C LEU A 1613 -53.81 -105.51 -50.18
N GLN A 1614 -54.30 -104.61 -51.03
CA GLN A 1614 -54.69 -104.92 -52.42
C GLN A 1614 -55.78 -105.98 -52.35
N VAL A 1615 -55.60 -107.17 -52.90
CA VAL A 1615 -56.63 -108.20 -52.88
C VAL A 1615 -56.68 -108.85 -51.50
N GLU A 1622 -64.11 -117.53 -56.69
CA GLU A 1622 -64.80 -117.59 -57.97
C GLU A 1622 -64.79 -119.00 -58.54
N ARG A 1623 -63.59 -119.56 -58.70
CA ARG A 1623 -63.43 -120.91 -59.22
C ARG A 1623 -63.69 -121.91 -58.09
N LEU A 1624 -63.35 -123.18 -58.32
CA LEU A 1624 -63.47 -124.23 -57.32
C LEU A 1624 -62.94 -123.78 -55.96
N GLY A 1625 -63.83 -123.79 -54.96
CA GLY A 1625 -63.47 -123.42 -53.61
C GLY A 1625 -63.63 -121.95 -53.28
N TRP A 1626 -63.74 -121.08 -54.28
CA TRP A 1626 -63.84 -119.63 -54.06
C TRP A 1626 -62.68 -119.12 -53.19
N ALA A 1627 -61.47 -119.26 -53.75
CA ALA A 1627 -60.25 -118.93 -53.02
C ALA A 1627 -60.08 -117.42 -52.90
N VAL A 1628 -59.27 -117.03 -51.91
CA VAL A 1628 -58.91 -115.64 -51.71
C VAL A 1628 -57.56 -115.39 -52.36
N GLN A 1629 -57.29 -114.13 -52.67
CA GLN A 1629 -56.06 -113.74 -53.35
C GLN A 1629 -55.29 -112.77 -52.47
N CYS A 1630 -54.02 -113.08 -52.22
CA CYS A 1630 -53.14 -112.21 -51.44
C CYS A 1630 -51.70 -112.63 -51.68
N GLN A 1631 -50.88 -111.73 -52.22
CA GLN A 1631 -49.48 -112.03 -52.48
C GLN A 1631 -48.53 -111.13 -51.70
N ASP A 1632 -48.69 -109.81 -51.79
CA ASP A 1632 -47.70 -108.87 -51.28
C ASP A 1632 -47.81 -108.72 -49.76
N PRO A 1633 -46.69 -108.46 -49.09
CA PRO A 1633 -46.72 -108.14 -47.66
C PRO A 1633 -46.69 -106.62 -47.42
N LEU A 1634 -47.09 -106.25 -46.21
CA LEU A 1634 -47.12 -104.85 -45.82
C LEU A 1634 -47.00 -104.75 -44.30
N THR A 1635 -46.40 -103.65 -43.84
CA THR A 1635 -46.15 -103.46 -42.41
C THR A 1635 -46.21 -101.99 -42.06
N MET A 1636 -46.15 -101.70 -40.76
CA MET A 1636 -46.25 -100.34 -40.27
C MET A 1636 -45.58 -100.23 -38.90
N MET A 1637 -45.24 -99.00 -38.53
CA MET A 1637 -44.60 -98.71 -37.24
C MET A 1637 -45.67 -98.31 -36.23
N ALA A 1638 -45.45 -98.68 -34.97
CA ALA A 1638 -46.48 -98.53 -33.94
C ALA A 1638 -45.88 -98.18 -32.59
N LEU A 1639 -46.73 -97.63 -31.72
CA LEU A 1639 -46.41 -97.26 -30.34
C LEU A 1639 -47.24 -98.08 -29.37
N HIS A 1640 -46.76 -98.22 -28.14
CA HIS A 1640 -47.38 -99.07 -27.14
C HIS A 1640 -47.41 -98.38 -25.78
N ILE A 1641 -47.95 -97.17 -25.71
CA ILE A 1641 -48.11 -96.48 -24.43
C ILE A 1641 -48.70 -97.45 -23.40
N PRO A 1642 -47.93 -97.78 -22.35
CA PRO A 1642 -48.25 -98.97 -21.54
C PRO A 1642 -49.29 -98.75 -20.45
N GLU A 1643 -49.65 -97.50 -20.14
CA GLU A 1643 -50.55 -97.23 -19.01
C GLU A 1643 -51.89 -97.93 -19.16
N GLU A 1644 -52.54 -97.73 -20.30
CA GLU A 1644 -53.79 -98.39 -20.61
C GLU A 1644 -53.71 -99.37 -21.78
N ASN A 1645 -52.63 -99.34 -22.56
CA ASN A 1645 -52.37 -100.26 -23.68
C ASN A 1645 -53.36 -100.08 -24.84
N ARG A 1646 -53.22 -98.96 -25.58
CA ARG A 1646 -53.60 -99.03 -26.99
C ARG A 1646 -52.34 -99.34 -27.77
N CYS A 1647 -52.42 -99.25 -29.09
CA CYS A 1647 -51.25 -99.34 -29.95
C CYS A 1647 -51.53 -98.41 -31.12
N MET A 1648 -50.95 -97.21 -31.08
CA MET A 1648 -51.19 -96.19 -32.09
C MET A 1648 -50.01 -96.08 -33.05
N ASP A 1649 -50.28 -95.49 -34.20
CA ASP A 1649 -49.28 -95.34 -35.25
C ASP A 1649 -48.38 -94.14 -34.97
N ILE A 1650 -47.11 -94.26 -35.37
CA ILE A 1650 -46.18 -93.15 -35.23
C ILE A 1650 -46.52 -92.01 -36.18
N LEU A 1651 -47.08 -92.33 -37.35
CA LEU A 1651 -47.29 -91.30 -38.35
C LEU A 1651 -48.27 -90.22 -37.89
N GLU A 1652 -49.12 -90.51 -36.90
CA GLU A 1652 -50.09 -89.52 -36.47
C GLU A 1652 -49.56 -88.60 -35.38
N LEU A 1653 -48.35 -88.84 -34.87
CA LEU A 1653 -47.75 -87.92 -33.92
C LEU A 1653 -47.43 -86.57 -34.53
N SER A 1654 -47.47 -86.44 -35.86
CA SER A 1654 -47.35 -85.13 -36.48
C SER A 1654 -48.54 -84.23 -36.18
N GLU A 1655 -49.64 -84.77 -35.66
CA GLU A 1655 -50.87 -84.01 -35.41
C GLU A 1655 -51.27 -84.00 -33.95
N ARG A 1656 -50.35 -84.27 -33.04
CA ARG A 1656 -50.62 -84.18 -31.60
C ARG A 1656 -49.92 -83.01 -30.94
N LEU A 1657 -48.66 -82.76 -31.31
CA LEU A 1657 -47.91 -81.57 -30.91
C LEU A 1657 -47.61 -81.51 -29.42
N ASP A 1658 -48.08 -82.50 -28.67
CA ASP A 1658 -47.76 -82.60 -27.25
C ASP A 1658 -47.15 -83.95 -26.88
N LEU A 1659 -47.67 -85.04 -27.46
CA LEU A 1659 -47.04 -86.34 -27.26
C LEU A 1659 -45.75 -86.45 -28.07
N GLN A 1660 -45.69 -85.78 -29.22
CA GLN A 1660 -44.45 -85.71 -29.98
C GLN A 1660 -43.36 -84.99 -29.20
N ARG A 1661 -43.72 -83.92 -28.49
CA ARG A 1661 -42.73 -83.14 -27.76
C ARG A 1661 -42.07 -83.97 -26.67
N PHE A 1662 -42.86 -84.77 -25.95
CA PHE A 1662 -42.29 -85.69 -24.97
C PHE A 1662 -41.39 -86.72 -25.61
N HIS A 1663 -41.83 -87.33 -26.70
CA HIS A 1663 -41.02 -88.36 -27.34
C HIS A 1663 -39.80 -87.78 -28.03
N SER A 1664 -39.87 -86.52 -28.46
CA SER A 1664 -38.71 -85.87 -29.07
C SER A 1664 -37.55 -85.79 -28.08
N HIS A 1665 -37.84 -85.40 -26.83
CA HIS A 1665 -36.80 -85.36 -25.81
C HIS A 1665 -36.35 -86.76 -25.40
N THR A 1666 -37.22 -87.77 -25.56
CA THR A 1666 -36.85 -89.12 -25.16
C THR A 1666 -35.65 -89.62 -25.96
N LEU A 1667 -35.71 -89.49 -27.29
CA LEU A 1667 -34.58 -89.92 -28.10
C LEU A 1667 -33.36 -89.00 -27.91
N ARG A 1668 -33.55 -87.83 -27.30
CA ARG A 1668 -32.40 -87.01 -26.91
C ARG A 1668 -31.70 -87.61 -25.69
N LEU A 1669 -32.45 -88.20 -24.77
CA LEU A 1669 -31.83 -88.88 -23.63
C LEU A 1669 -30.94 -90.03 -24.10
N TYR A 1670 -31.41 -90.82 -25.06
CA TYR A 1670 -30.61 -91.93 -25.56
C TYR A 1670 -29.33 -91.43 -26.20
N ARG A 1671 -29.39 -90.32 -26.94
CA ARG A 1671 -28.18 -89.68 -27.42
C ARG A 1671 -27.29 -89.22 -26.27
N ALA A 1672 -27.90 -88.84 -25.14
CA ALA A 1672 -27.16 -88.37 -23.98
C ALA A 1672 -26.64 -89.51 -23.13
N VAL A 1673 -27.40 -90.61 -23.05
CA VAL A 1673 -26.92 -91.77 -22.31
C VAL A 1673 -25.69 -92.36 -22.96
N CYS A 1674 -25.66 -92.43 -24.29
CA CYS A 1674 -24.45 -92.84 -24.97
C CYS A 1674 -23.46 -91.69 -24.90
N ALA A 1675 -22.70 -91.64 -23.81
CA ALA A 1675 -21.78 -90.54 -23.54
C ALA A 1675 -20.59 -90.65 -24.48
N LEU A 1676 -19.54 -89.89 -24.20
CA LEU A 1676 -18.38 -89.85 -25.08
C LEU A 1676 -17.65 -91.19 -25.02
N GLY A 1677 -18.32 -92.25 -25.47
CA GLY A 1677 -17.77 -93.59 -25.48
C GLY A 1677 -18.24 -94.39 -24.29
N ASN A 1678 -19.30 -95.18 -24.45
CA ASN A 1678 -19.88 -95.93 -23.34
C ASN A 1678 -20.35 -97.31 -23.82
N ASN A 1679 -19.48 -98.01 -24.54
CA ASN A 1679 -19.86 -99.27 -25.20
C ASN A 1679 -20.58 -100.25 -24.28
N ARG A 1680 -20.41 -100.12 -22.96
CA ARG A 1680 -21.19 -100.94 -22.04
C ARG A 1680 -22.68 -100.73 -22.22
N VAL A 1681 -23.17 -99.52 -21.91
CA VAL A 1681 -24.61 -99.28 -21.95
C VAL A 1681 -25.13 -99.00 -23.36
N ALA A 1682 -24.24 -98.83 -24.33
CA ALA A 1682 -24.68 -98.56 -25.70
C ALA A 1682 -25.47 -99.75 -26.26
N HIS A 1683 -25.00 -100.97 -25.99
CA HIS A 1683 -25.67 -102.14 -26.54
C HIS A 1683 -27.02 -102.39 -25.89
N ALA A 1684 -27.15 -102.06 -24.61
CA ALA A 1684 -28.44 -102.23 -23.94
C ALA A 1684 -29.53 -101.42 -24.60
N LEU A 1685 -29.18 -100.34 -25.29
CA LEU A 1685 -30.17 -99.59 -26.06
C LEU A 1685 -30.57 -100.32 -27.32
N CYS A 1686 -29.69 -101.17 -27.85
CA CYS A 1686 -30.00 -101.88 -29.10
C CYS A 1686 -31.23 -102.77 -28.94
N SER A 1687 -31.34 -103.47 -27.82
CA SER A 1687 -32.55 -104.24 -27.56
C SER A 1687 -33.75 -103.35 -27.32
N HIS A 1688 -33.53 -102.09 -26.91
CA HIS A 1688 -34.63 -101.19 -26.60
C HIS A 1688 -35.17 -100.50 -27.85
N VAL A 1689 -34.30 -99.82 -28.59
CA VAL A 1689 -34.79 -99.08 -29.75
C VAL A 1689 -35.04 -100.01 -30.93
N ASP A 1690 -33.97 -100.57 -31.50
CA ASP A 1690 -34.09 -101.40 -32.71
C ASP A 1690 -32.76 -101.89 -33.24
N GLN A 1691 -32.85 -102.69 -34.30
CA GLN A 1691 -31.80 -102.77 -35.30
C GLN A 1691 -32.39 -102.63 -36.71
N ALA A 1692 -33.70 -102.72 -36.86
CA ALA A 1692 -34.36 -102.74 -38.16
C ALA A 1692 -35.08 -101.45 -38.52
N GLN A 1693 -35.94 -100.92 -37.64
CA GLN A 1693 -36.71 -99.75 -38.03
C GLN A 1693 -35.85 -98.50 -38.17
N LEU A 1694 -34.68 -98.45 -37.55
CA LEU A 1694 -33.72 -97.41 -37.90
C LEU A 1694 -33.36 -97.52 -39.38
N LEU A 1695 -32.97 -98.71 -39.83
CA LEU A 1695 -32.71 -98.90 -41.26
C LEU A 1695 -33.99 -98.76 -42.08
N HIS A 1696 -35.16 -98.85 -41.45
CA HIS A 1696 -36.42 -98.61 -42.14
C HIS A 1696 -36.84 -97.15 -42.08
N ALA A 1697 -36.30 -96.38 -41.13
CA ALA A 1697 -36.61 -94.95 -41.04
C ALA A 1697 -35.96 -94.16 -42.16
N LEU A 1698 -34.93 -94.71 -42.80
CA LEU A 1698 -34.24 -93.98 -43.86
C LEU A 1698 -35.17 -93.69 -45.04
N GLU A 1699 -35.68 -94.76 -45.67
CA GLU A 1699 -36.47 -94.57 -46.88
C GLU A 1699 -37.83 -93.93 -46.60
N ASP A 1700 -38.27 -93.90 -45.34
CA ASP A 1700 -39.58 -93.34 -45.04
C ASP A 1700 -39.58 -91.83 -45.32
N ALA A 1701 -40.69 -91.35 -45.87
CA ALA A 1701 -40.81 -89.98 -46.34
C ALA A 1701 -41.76 -89.12 -45.51
N HIS A 1702 -42.90 -89.66 -45.10
CA HIS A 1702 -43.84 -88.92 -44.27
C HIS A 1702 -43.22 -88.71 -42.90
N LEU A 1703 -42.94 -87.46 -42.55
CA LEU A 1703 -42.08 -87.19 -41.41
C LEU A 1703 -42.53 -85.97 -40.62
N PRO A 1704 -42.78 -86.11 -39.31
CA PRO A 1704 -43.22 -84.96 -38.51
C PRO A 1704 -42.18 -83.88 -38.31
N GLY A 1705 -40.90 -84.14 -38.58
CA GLY A 1705 -39.87 -83.14 -38.37
C GLY A 1705 -38.94 -83.44 -37.21
N PRO A 1706 -39.10 -82.72 -36.09
CA PRO A 1706 -38.20 -82.92 -34.94
C PRO A 1706 -38.15 -84.35 -34.45
N LEU A 1707 -39.11 -85.17 -34.87
CA LEU A 1707 -39.16 -86.61 -34.64
C LEU A 1707 -38.23 -87.24 -35.68
N ARG A 1708 -38.55 -88.46 -36.12
CA ARG A 1708 -37.67 -89.40 -36.83
C ARG A 1708 -36.50 -88.79 -37.57
N ALA A 1709 -36.66 -87.63 -38.21
CA ALA A 1709 -35.49 -86.90 -38.69
C ALA A 1709 -34.43 -86.77 -37.61
N GLY A 1710 -34.84 -86.84 -36.33
CA GLY A 1710 -33.88 -86.92 -35.24
C GLY A 1710 -33.31 -88.30 -34.99
N TYR A 1711 -33.94 -89.35 -35.54
CA TYR A 1711 -33.35 -90.69 -35.44
C TYR A 1711 -31.99 -90.77 -36.14
N TYR A 1712 -31.81 -90.00 -37.21
CA TYR A 1712 -30.52 -89.99 -37.89
C TYR A 1712 -29.39 -89.61 -36.93
N ASP A 1713 -29.70 -88.80 -35.92
CA ASP A 1713 -28.72 -88.46 -34.90
C ASP A 1713 -28.58 -89.53 -33.82
N LEU A 1714 -29.44 -90.54 -33.84
CA LEU A 1714 -29.28 -91.70 -32.96
C LEU A 1714 -28.59 -92.86 -33.65
N LEU A 1715 -28.87 -93.05 -34.94
CA LEU A 1715 -28.14 -94.04 -35.72
C LEU A 1715 -26.65 -93.70 -35.79
N ILE A 1716 -26.31 -92.42 -35.68
CA ILE A 1716 -24.93 -91.96 -35.84
C ILE A 1716 -24.25 -91.98 -34.48
N SER A 1717 -24.98 -92.38 -33.44
CA SER A 1717 -24.46 -92.32 -32.08
C SER A 1717 -24.29 -93.67 -31.42
N ILE A 1718 -24.92 -94.72 -31.93
CA ILE A 1718 -24.82 -96.05 -31.34
C ILE A 1718 -23.99 -96.99 -32.20
N HIS A 1719 -23.60 -96.55 -33.40
CA HIS A 1719 -22.79 -97.39 -34.27
C HIS A 1719 -21.49 -96.72 -34.70
N LEU A 1720 -21.41 -95.40 -34.71
CA LEU A 1720 -20.22 -94.68 -35.11
C LEU A 1720 -19.75 -93.75 -33.98
N GLU A 1721 -18.79 -92.90 -34.32
CA GLU A 1721 -18.03 -92.00 -33.44
C GLU A 1721 -17.36 -92.78 -32.32
N SER A 1722 -17.38 -94.11 -32.40
CA SER A 1722 -16.49 -94.93 -31.60
C SER A 1722 -15.11 -95.04 -32.24
N ALA A 1723 -14.99 -94.67 -33.51
CA ALA A 1723 -13.73 -94.67 -34.23
C ALA A 1723 -13.52 -93.32 -34.89
N CYS A 1724 -14.61 -92.66 -35.29
CA CYS A 1724 -14.51 -91.31 -35.83
C CYS A 1724 -13.90 -90.36 -34.80
N ARG A 1725 -14.34 -90.47 -33.55
CA ARG A 1725 -13.75 -89.66 -32.49
C ARG A 1725 -12.27 -89.96 -32.30
N SER A 1726 -11.82 -91.15 -32.68
CA SER A 1726 -10.41 -91.51 -32.61
C SER A 1726 -9.68 -91.30 -33.93
N ARG A 1727 -10.27 -91.73 -35.04
CA ARG A 1727 -9.64 -91.57 -36.34
C ARG A 1727 -9.50 -90.11 -36.76
N ARG A 1728 -10.32 -89.21 -36.23
CA ARG A 1728 -10.14 -87.79 -36.51
C ARG A 1728 -8.82 -87.28 -35.95
N SER A 1729 -8.46 -87.71 -34.74
CA SER A 1729 -7.16 -87.37 -34.18
C SER A 1729 -6.02 -87.96 -35.00
N MET A 1730 -6.27 -89.08 -35.67
CA MET A 1730 -5.27 -89.76 -36.49
C MET A 1730 -4.96 -89.03 -37.80
N LEU A 1731 -5.74 -88.02 -38.15
CA LEU A 1731 -5.62 -87.38 -39.46
C LEU A 1731 -4.55 -86.31 -39.53
N SER A 1732 -3.90 -85.98 -38.42
CA SER A 1732 -2.94 -84.87 -38.43
C SER A 1732 -1.52 -85.32 -38.76
N GLU A 1733 -1.08 -86.45 -38.20
CA GLU A 1733 0.25 -86.96 -38.48
C GLU A 1733 0.22 -87.88 -39.70
N TYR A 1734 1.33 -87.90 -40.43
CA TYR A 1734 1.41 -88.52 -41.75
C TYR A 1734 2.57 -89.51 -41.83
N ILE A 1735 2.62 -90.44 -40.88
CA ILE A 1735 3.66 -91.47 -40.91
C ILE A 1735 3.54 -92.27 -42.20
N VAL A 1736 4.66 -92.48 -42.88
CA VAL A 1736 4.69 -93.22 -44.14
C VAL A 1736 5.83 -94.25 -44.14
N PRO A 1737 5.58 -95.49 -44.52
CA PRO A 1737 6.64 -96.50 -44.55
C PRO A 1737 7.27 -96.66 -45.94
N LEU A 1738 8.44 -97.28 -45.94
CA LEU A 1738 9.14 -97.61 -47.18
C LEU A 1738 8.44 -98.79 -47.86
N THR A 1739 7.68 -98.51 -48.91
CA THR A 1739 6.98 -99.58 -49.61
C THR A 1739 7.22 -99.48 -51.10
N PRO A 1740 7.16 -100.62 -51.81
CA PRO A 1740 7.26 -100.56 -53.28
C PRO A 1740 6.17 -99.71 -53.92
N GLU A 1741 4.97 -99.70 -53.35
CA GLU A 1741 3.90 -98.86 -53.88
C GLU A 1741 4.27 -97.38 -53.78
N THR A 1742 4.89 -96.99 -52.66
CA THR A 1742 5.30 -95.60 -52.48
C THR A 1742 6.33 -95.15 -53.51
N ARG A 1743 7.07 -96.09 -54.10
CA ARG A 1743 8.15 -95.75 -55.02
C ARG A 1743 7.67 -95.10 -56.30
N ALA A 1744 6.36 -95.14 -56.59
CA ALA A 1744 5.80 -94.58 -57.80
C ALA A 1744 4.64 -93.66 -57.42
N ILE A 1745 4.94 -92.39 -57.17
CA ILE A 1745 3.93 -91.37 -56.87
C ILE A 1745 4.40 -90.06 -57.47
N THR A 1746 3.53 -89.42 -58.23
CA THR A 1746 3.88 -88.17 -58.92
C THR A 1746 2.60 -87.40 -59.22
N LEU A 1747 2.71 -86.37 -60.05
CA LEU A 1747 1.58 -85.52 -60.42
C LEU A 1747 0.96 -86.07 -61.70
N PHE A 1748 0.16 -87.13 -61.54
CA PHE A 1748 -0.60 -87.78 -62.61
C PHE A 1748 0.32 -88.08 -63.80
N PRO A 1749 1.18 -89.09 -63.69
CA PRO A 1749 2.18 -89.34 -64.74
C PRO A 1749 1.62 -90.00 -65.99
N PRO A 1750 0.33 -90.33 -66.08
CA PRO A 1750 -0.26 -90.53 -67.41
C PRO A 1750 -0.60 -89.24 -68.15
N GLY A 1751 -0.14 -88.10 -67.67
CA GLY A 1751 -0.37 -86.85 -68.39
C GLY A 1751 0.57 -86.72 -69.58
N ARG A 1752 0.05 -86.11 -70.64
CA ARG A 1752 0.79 -85.94 -71.89
C ARG A 1752 1.01 -84.44 -72.12
N LYS A 1753 2.24 -83.99 -71.98
CA LYS A 1753 2.62 -82.59 -72.23
C LYS A 1753 1.81 -81.64 -71.36
N GLY A 1754 0.60 -81.32 -71.80
CA GLY A 1754 -0.27 -80.44 -71.02
C GLY A 1754 -0.62 -81.02 -69.66
N GLY A 1755 -0.69 -82.35 -69.58
CA GLY A 1755 -0.98 -83.01 -68.30
C GLY A 1755 0.09 -82.79 -67.25
N ASN A 1756 1.29 -82.40 -67.65
CA ASN A 1756 2.32 -82.04 -66.68
C ASN A 1756 1.96 -80.77 -65.93
N ALA A 1757 1.46 -79.76 -66.64
CA ALA A 1757 1.08 -78.49 -66.05
C ALA A 1757 -0.42 -78.37 -65.81
N ARG A 1758 -1.17 -79.45 -65.99
CA ARG A 1758 -2.62 -79.44 -65.78
C ARG A 1758 -3.01 -80.83 -65.29
N ARG A 1759 -4.31 -81.13 -65.34
CA ARG A 1759 -4.84 -82.44 -64.95
C ARG A 1759 -4.41 -82.81 -63.53
N HIS A 1760 -4.93 -82.00 -62.58
CA HIS A 1760 -4.57 -82.18 -61.18
C HIS A 1760 -4.98 -83.53 -60.63
N GLY A 1761 -5.92 -84.21 -61.29
CA GLY A 1761 -6.44 -85.46 -60.76
C GLY A 1761 -7.55 -85.24 -59.76
N LEU A 1762 -8.56 -86.11 -59.78
CA LEU A 1762 -9.70 -85.95 -58.89
C LEU A 1762 -9.22 -86.10 -57.44
N PRO A 1763 -9.61 -85.19 -56.55
CA PRO A 1763 -9.12 -85.25 -55.17
C PRO A 1763 -9.58 -86.50 -54.45
N GLY A 1764 -8.66 -87.43 -54.23
CA GLY A 1764 -8.94 -88.67 -53.55
C GLY A 1764 -9.24 -89.80 -54.53
N VAL A 1765 -8.26 -90.66 -54.76
CA VAL A 1765 -8.45 -91.81 -55.63
C VAL A 1765 -8.05 -93.09 -54.89
N GLY A 1766 -6.92 -93.06 -54.20
CA GLY A 1766 -6.42 -94.23 -53.51
C GLY A 1766 -4.92 -94.10 -53.29
N VAL A 1767 -4.29 -95.27 -53.11
CA VAL A 1767 -2.86 -95.42 -52.80
C VAL A 1767 -2.35 -94.30 -51.90
N THR A 1768 -2.45 -94.52 -50.58
CA THR A 1768 -2.01 -93.55 -49.60
C THR A 1768 -0.92 -94.07 -48.68
N THR A 1769 -0.91 -95.37 -48.39
CA THR A 1769 0.12 -96.04 -47.59
C THR A 1769 0.28 -95.45 -46.19
N SER A 1770 -0.65 -94.62 -45.74
CA SER A 1770 -0.56 -94.07 -44.39
C SER A 1770 -0.95 -95.15 -43.37
N LEU A 1771 -0.44 -94.98 -42.15
CA LEU A 1771 -0.68 -95.93 -41.07
C LEU A 1771 -1.86 -95.48 -40.22
N ARG A 1772 -2.93 -96.25 -40.24
CA ARG A 1772 -4.13 -95.94 -39.47
C ARG A 1772 -4.67 -97.23 -38.86
N PRO A 1773 -5.12 -97.18 -37.60
CA PRO A 1773 -5.67 -98.38 -36.98
C PRO A 1773 -6.98 -98.80 -37.63
N PRO A 1774 -7.26 -100.09 -37.68
CA PRO A 1774 -8.53 -100.55 -38.25
C PRO A 1774 -9.67 -100.56 -37.23
N HIS A 1775 -10.88 -100.38 -37.75
CA HIS A 1775 -12.06 -100.36 -36.90
C HIS A 1775 -12.38 -101.77 -36.41
N HIS A 1776 -12.81 -101.86 -35.16
CA HIS A 1776 -13.20 -103.12 -34.55
C HIS A 1776 -14.65 -103.05 -34.08
N PHE A 1777 -15.43 -104.08 -34.42
CA PHE A 1777 -16.85 -104.10 -34.14
C PHE A 1777 -17.26 -105.50 -33.69
N SER A 1778 -18.30 -105.57 -32.87
CA SER A 1778 -18.80 -106.83 -32.36
C SER A 1778 -20.31 -106.90 -32.53
N PRO A 1779 -20.86 -108.09 -32.73
CA PRO A 1779 -22.30 -108.23 -32.91
C PRO A 1779 -23.01 -108.40 -31.57
N PRO A 1780 -24.19 -107.81 -31.42
CA PRO A 1780 -24.92 -107.96 -30.15
C PRO A 1780 -25.55 -109.34 -30.02
N CYS A 1781 -25.46 -109.91 -28.82
CA CYS A 1781 -26.04 -111.21 -28.52
C CYS A 1781 -26.33 -111.24 -27.03
N PHE A 1782 -27.61 -111.26 -26.65
CA PHE A 1782 -28.01 -111.21 -25.25
C PHE A 1782 -28.32 -112.59 -24.68
N VAL A 1783 -28.17 -113.65 -25.48
CA VAL A 1783 -28.28 -115.00 -24.96
C VAL A 1783 -26.93 -115.60 -24.63
N ALA A 1784 -25.84 -114.85 -24.81
CA ALA A 1784 -24.52 -115.34 -24.50
C ALA A 1784 -24.38 -115.56 -22.99
N ALA A 1785 -23.42 -116.40 -22.63
CA ALA A 1785 -23.19 -116.74 -21.24
C ALA A 1785 -22.74 -115.51 -20.46
N LEU A 1786 -23.01 -115.52 -19.17
CA LEU A 1786 -22.66 -114.39 -18.30
C LEU A 1786 -21.14 -114.24 -18.25
N PRO A 1787 -20.59 -113.08 -18.60
CA PRO A 1787 -19.14 -112.92 -18.64
C PRO A 1787 -18.49 -113.06 -17.26
N ALA A 1788 -18.93 -112.25 -16.30
CA ALA A 1788 -18.35 -112.25 -14.97
C ALA A 1788 -19.27 -111.56 -13.97
N GLU A 1793 -12.26 -107.79 -20.21
CA GLU A 1793 -11.41 -107.89 -21.39
C GLU A 1793 -11.42 -106.58 -22.18
N ALA A 1794 -12.24 -106.53 -23.22
CA ALA A 1794 -12.41 -105.30 -23.99
C ALA A 1794 -13.02 -104.22 -23.09
N PRO A 1795 -12.75 -102.94 -23.38
CA PRO A 1795 -13.20 -101.91 -22.44
C PRO A 1795 -14.73 -101.76 -22.46
N ALA A 1796 -15.34 -102.45 -21.50
CA ALA A 1796 -16.77 -102.50 -21.21
C ALA A 1796 -17.57 -103.15 -22.33
N ARG A 1797 -17.03 -103.12 -23.56
CA ARG A 1797 -17.12 -104.07 -24.66
C ARG A 1797 -16.50 -103.41 -25.88
N LEU A 1798 -16.38 -104.12 -27.00
CA LEU A 1798 -15.65 -103.56 -28.12
C LEU A 1798 -16.44 -102.48 -28.86
N SER A 1799 -17.57 -102.86 -29.49
CA SER A 1799 -18.46 -101.95 -30.20
C SER A 1799 -19.66 -102.69 -30.78
N PRO A 1800 -20.79 -102.02 -30.98
CA PRO A 1800 -21.89 -102.62 -31.75
C PRO A 1800 -21.53 -102.73 -33.22
N ALA A 1801 -22.21 -103.63 -33.91
CA ALA A 1801 -21.98 -103.88 -35.32
C ALA A 1801 -23.17 -103.41 -36.16
N ILE A 1802 -22.97 -103.38 -37.46
CA ILE A 1802 -23.98 -102.97 -38.43
C ILE A 1802 -23.51 -103.34 -39.83
N PRO A 1803 -24.41 -103.70 -40.74
CA PRO A 1803 -23.99 -103.99 -42.12
C PRO A 1803 -23.56 -102.75 -42.89
N LEU A 1804 -22.27 -102.42 -42.84
CA LEU A 1804 -21.75 -101.25 -43.56
C LEU A 1804 -22.07 -101.33 -45.05
N GLU A 1805 -22.11 -102.52 -45.62
CA GLU A 1805 -22.34 -102.66 -47.07
C GLU A 1805 -23.70 -102.09 -47.46
N ALA A 1806 -24.74 -102.37 -46.68
CA ALA A 1806 -26.08 -101.86 -47.00
C ALA A 1806 -26.14 -100.36 -46.84
N LEU A 1807 -25.49 -99.82 -45.81
CA LEU A 1807 -25.57 -98.38 -45.54
C LEU A 1807 -24.96 -97.57 -46.67
N ARG A 1808 -23.82 -98.01 -47.19
CA ARG A 1808 -23.12 -97.23 -48.21
C ARG A 1808 -23.97 -97.08 -49.47
N ASP A 1809 -24.49 -98.18 -49.99
CA ASP A 1809 -25.31 -98.12 -51.20
C ASP A 1809 -26.60 -97.35 -50.95
N LYS A 1810 -27.25 -97.59 -49.80
CA LYS A 1810 -28.53 -96.96 -49.52
C LYS A 1810 -28.38 -95.45 -49.38
N ALA A 1811 -27.33 -94.99 -48.71
CA ALA A 1811 -27.17 -93.56 -48.48
C ALA A 1811 -27.01 -92.81 -49.80
N LEU A 1812 -26.15 -93.30 -50.69
CA LEU A 1812 -25.94 -92.63 -51.97
C LEU A 1812 -27.20 -92.64 -52.82
N ARG A 1813 -27.91 -93.77 -52.86
CA ARG A 1813 -29.15 -93.83 -53.60
C ARG A 1813 -30.17 -92.86 -53.03
N MET A 1814 -30.23 -92.76 -51.70
CA MET A 1814 -31.11 -91.80 -51.06
C MET A 1814 -30.77 -90.37 -51.48
N LEU A 1815 -29.49 -90.03 -51.48
CA LEU A 1815 -29.08 -88.68 -51.87
C LEU A 1815 -29.28 -88.46 -53.36
N GLY A 1816 -29.31 -89.53 -54.16
CA GLY A 1816 -29.62 -89.39 -55.57
C GLY A 1816 -31.01 -88.83 -55.81
N GLU A 1817 -31.97 -89.24 -54.97
CA GLU A 1817 -33.31 -88.66 -55.03
C GLU A 1817 -33.29 -87.19 -54.65
N ALA A 1818 -32.45 -86.82 -53.67
CA ALA A 1818 -32.48 -85.46 -53.14
C ALA A 1818 -32.17 -84.42 -54.22
N VAL A 1819 -31.12 -84.64 -55.00
CA VAL A 1819 -30.75 -83.67 -56.03
C VAL A 1819 -31.84 -83.55 -57.09
N ARG A 1820 -32.40 -84.68 -57.52
CA ARG A 1820 -33.45 -84.64 -58.53
C ARG A 1820 -34.73 -84.01 -57.98
N ASP A 1821 -35.11 -84.33 -56.75
CA ASP A 1821 -36.31 -83.81 -56.11
C ASP A 1821 -36.18 -82.34 -55.74
N GLY A 1822 -34.97 -81.84 -55.47
CA GLY A 1822 -34.79 -80.42 -55.20
C GLY A 1822 -35.02 -79.54 -56.41
N GLY A 1823 -34.51 -79.96 -57.57
CA GLY A 1823 -34.74 -79.22 -58.79
C GLY A 1823 -36.19 -79.21 -59.23
N GLN A 1824 -36.94 -80.28 -58.97
CA GLN A 1824 -38.34 -80.36 -59.35
C GLN A 1824 -39.25 -79.38 -58.59
N HIS A 1825 -38.85 -78.92 -57.40
CA HIS A 1825 -39.65 -78.14 -56.46
C HIS A 1825 -40.92 -78.85 -55.93
N ALA A 1826 -41.47 -78.34 -54.84
CA ALA A 1826 -42.66 -78.88 -54.16
C ALA A 1826 -43.24 -77.86 -53.18
N ARG A 1827 -44.47 -78.11 -52.69
CA ARG A 1827 -45.06 -77.37 -51.56
C ARG A 1827 -45.11 -78.15 -50.24
N ASP A 1828 -44.53 -79.34 -50.21
CA ASP A 1828 -44.29 -80.11 -49.00
C ASP A 1828 -43.05 -80.99 -49.17
N PRO A 1829 -41.83 -80.46 -48.95
CA PRO A 1829 -40.62 -81.28 -49.02
C PRO A 1829 -40.61 -82.33 -47.93
N VAL A 1830 -39.74 -83.33 -48.12
CA VAL A 1830 -39.61 -84.40 -47.15
C VAL A 1830 -39.18 -83.83 -45.81
N GLY A 1831 -39.94 -84.14 -44.77
CA GLY A 1831 -39.67 -83.66 -43.44
C GLY A 1831 -40.38 -82.38 -43.07
N GLY A 1832 -40.83 -81.60 -44.06
CA GLY A 1832 -41.59 -80.40 -43.77
C GLY A 1832 -41.03 -79.13 -44.39
N SER A 1833 -39.70 -78.96 -44.37
CA SER A 1833 -39.09 -77.75 -44.92
C SER A 1833 -37.66 -78.08 -45.34
N VAL A 1834 -37.46 -78.29 -46.64
CA VAL A 1834 -36.19 -78.48 -47.34
C VAL A 1834 -35.04 -78.94 -46.46
N GLU A 1835 -34.72 -78.17 -45.42
CA GLU A 1835 -33.50 -78.42 -44.65
C GLU A 1835 -33.59 -79.73 -43.85
N PHE A 1836 -34.76 -80.06 -43.31
CA PHE A 1836 -34.94 -81.43 -42.83
C PHE A 1836 -34.76 -82.48 -43.90
N GLN A 1837 -34.88 -82.13 -45.18
CA GLN A 1837 -34.66 -83.10 -46.23
C GLN A 1837 -33.19 -83.21 -46.63
N PHE A 1838 -32.36 -82.28 -46.16
CA PHE A 1838 -30.94 -82.27 -46.51
C PHE A 1838 -30.01 -82.51 -45.33
N VAL A 1839 -30.15 -81.74 -44.24
CA VAL A 1839 -29.11 -81.75 -43.20
C VAL A 1839 -28.95 -83.11 -42.52
N PRO A 1840 -30.01 -83.86 -42.16
CA PRO A 1840 -29.75 -85.11 -41.44
C PRO A 1840 -29.18 -86.20 -42.33
N VAL A 1841 -29.45 -86.17 -43.63
CA VAL A 1841 -29.03 -87.25 -44.51
C VAL A 1841 -27.60 -87.09 -44.99
N LEU A 1842 -27.18 -85.87 -45.33
CA LEU A 1842 -25.79 -85.69 -45.77
C LEU A 1842 -24.83 -85.58 -44.59
N LYS A 1843 -25.32 -85.32 -43.38
CA LYS A 1843 -24.47 -85.43 -42.21
C LYS A 1843 -24.00 -86.87 -42.01
N LEU A 1844 -24.89 -87.84 -42.28
CA LEU A 1844 -24.48 -89.24 -42.25
C LEU A 1844 -23.41 -89.51 -43.31
N VAL A 1845 -23.53 -88.88 -44.47
CA VAL A 1845 -22.55 -89.08 -45.54
C VAL A 1845 -21.17 -88.62 -45.07
N SER A 1846 -21.11 -87.47 -44.40
CA SER A 1846 -19.82 -86.93 -43.95
C SER A 1846 -19.15 -87.85 -42.95
N THR A 1847 -19.91 -88.40 -42.00
CA THR A 1847 -19.31 -89.26 -40.98
C THR A 1847 -18.77 -90.55 -41.60
N LEU A 1848 -19.51 -91.14 -42.53
CA LEU A 1848 -19.01 -92.33 -43.22
C LEU A 1848 -17.82 -92.02 -44.11
N LEU A 1849 -17.66 -90.76 -44.51
CA LEU A 1849 -16.61 -90.41 -45.45
C LEU A 1849 -15.24 -90.39 -44.79
N VAL A 1850 -15.17 -89.92 -43.54
CA VAL A 1850 -13.86 -89.84 -42.87
C VAL A 1850 -13.31 -91.24 -42.59
N MET A 1851 -14.17 -92.20 -42.27
CA MET A 1851 -13.72 -93.58 -42.10
C MET A 1851 -13.25 -94.20 -43.41
N GLY A 1852 -13.55 -93.58 -44.55
CA GLY A 1852 -13.17 -94.14 -45.84
C GLY A 1852 -13.88 -95.42 -46.19
N ILE A 1853 -15.15 -95.57 -45.80
CA ILE A 1853 -15.92 -96.73 -46.24
C ILE A 1853 -16.07 -96.72 -47.76
N PHE A 1854 -16.31 -95.55 -48.33
CA PHE A 1854 -16.35 -95.42 -49.78
C PHE A 1854 -14.97 -95.65 -50.39
N GLY A 1855 -14.94 -96.27 -51.57
CA GLY A 1855 -13.68 -96.56 -52.23
C GLY A 1855 -13.68 -96.34 -53.73
N ASP A 1856 -12.73 -95.56 -54.22
CA ASP A 1856 -12.50 -95.31 -55.64
C ASP A 1856 -13.77 -94.98 -56.40
N GLU A 1857 -14.55 -96.01 -56.75
CA GLU A 1857 -15.76 -95.80 -57.55
C GLU A 1857 -16.77 -94.93 -56.82
N ASP A 1858 -16.94 -95.16 -55.52
CA ASP A 1858 -18.00 -94.50 -54.78
C ASP A 1858 -17.77 -92.99 -54.70
N VAL A 1859 -16.56 -92.57 -54.36
CA VAL A 1859 -16.28 -91.14 -54.26
C VAL A 1859 -16.33 -90.48 -55.63
N LYS A 1860 -16.07 -91.23 -56.70
CA LYS A 1860 -16.20 -90.65 -58.03
C LYS A 1860 -17.64 -90.31 -58.39
N GLN A 1861 -18.61 -90.82 -57.63
CA GLN A 1861 -20.01 -90.43 -57.81
C GLN A 1861 -20.42 -89.27 -56.91
N ILE A 1862 -19.92 -89.21 -55.68
CA ILE A 1862 -20.27 -88.07 -54.82
C ILE A 1862 -19.73 -86.78 -55.42
N LEU A 1863 -18.62 -86.86 -56.15
CA LEU A 1863 -18.15 -85.70 -56.90
C LEU A 1863 -19.09 -85.39 -58.07
N LYS A 1864 -19.74 -86.39 -58.63
CA LYS A 1864 -20.68 -86.16 -59.73
C LYS A 1864 -21.92 -85.39 -59.28
N MET A 1865 -22.14 -85.24 -57.98
CA MET A 1865 -23.19 -84.35 -57.49
C MET A 1865 -22.85 -82.88 -57.68
N ILE A 1866 -21.61 -82.57 -58.03
CA ILE A 1866 -21.21 -81.22 -58.43
C ILE A 1866 -20.59 -81.33 -59.83
N GLU A 1867 -21.17 -82.22 -60.65
CA GLU A 1867 -20.67 -82.71 -61.93
C GLU A 1867 -19.97 -81.69 -62.83
N PRO A 1868 -20.60 -80.56 -63.17
CA PRO A 1868 -20.08 -79.77 -64.31
C PRO A 1868 -18.61 -79.37 -64.22
N GLU A 1869 -18.10 -79.09 -63.02
CA GLU A 1869 -16.71 -78.67 -62.89
C GLU A 1869 -15.78 -79.84 -62.56
N VAL A 1870 -16.02 -80.49 -61.42
CA VAL A 1870 -15.08 -81.52 -60.95
C VAL A 1870 -15.13 -82.77 -61.82
N PHE A 1871 -16.32 -83.17 -62.26
CA PHE A 1871 -16.48 -84.42 -62.99
C PHE A 1871 -16.07 -84.21 -64.45
N THR A 1872 -16.40 -85.19 -65.30
CA THR A 1872 -16.04 -85.17 -66.72
C THR A 1872 -14.53 -85.07 -66.91
N GLU A 1873 -13.80 -85.95 -66.23
CA GLU A 1873 -12.36 -86.01 -66.38
C GLU A 1873 -11.96 -86.40 -67.80
N GLU A 1874 -12.66 -87.38 -68.37
CA GLU A 1874 -12.37 -87.82 -69.73
C GLU A 1874 -12.95 -86.85 -70.76
N LEU A 1922 -29.93 -80.39 -66.58
CA LEU A 1922 -30.11 -81.78 -66.19
C LEU A 1922 -29.75 -81.98 -64.71
N GLU A 1923 -28.71 -82.78 -64.46
CA GLU A 1923 -28.26 -83.06 -63.11
C GLU A 1923 -27.41 -81.89 -62.60
N GLU A 1924 -28.09 -80.81 -62.23
CA GLU A 1924 -27.43 -79.62 -61.73
C GLU A 1924 -26.69 -79.94 -60.43
N GLY A 1925 -25.54 -79.29 -60.26
CA GLY A 1925 -24.74 -79.55 -59.08
C GLY A 1925 -25.37 -79.04 -57.80
N LEU A 1926 -24.90 -79.60 -56.69
CA LEU A 1926 -25.38 -79.15 -55.39
C LEU A 1926 -25.03 -77.69 -55.12
N LEU A 1927 -23.94 -77.21 -55.71
CA LEU A 1927 -23.53 -75.82 -55.54
C LEU A 1927 -24.08 -74.94 -56.67
N GLN A 1928 -25.38 -75.05 -56.92
CA GLN A 1928 -26.00 -74.29 -58.00
C GLN A 1928 -27.23 -73.52 -57.52
N MET A 1929 -27.93 -74.07 -56.55
CA MET A 1929 -29.21 -73.54 -56.11
C MET A 1929 -29.07 -72.84 -54.76
N LYS A 1930 -30.05 -71.98 -54.47
CA LYS A 1930 -30.07 -71.29 -53.18
C LYS A 1930 -30.44 -72.25 -52.06
N LEU A 1931 -29.75 -72.12 -50.94
CA LEU A 1931 -29.92 -73.01 -49.80
C LEU A 1931 -30.05 -72.21 -48.52
N PRO A 1932 -30.72 -72.76 -47.51
CA PRO A 1932 -30.82 -72.06 -46.22
C PRO A 1932 -29.48 -72.00 -45.52
N GLU A 1933 -29.46 -71.27 -44.41
CA GLU A 1933 -28.22 -70.96 -43.69
C GLU A 1933 -27.76 -72.08 -42.76
N SER A 1934 -28.25 -73.31 -42.94
CA SER A 1934 -27.81 -74.44 -42.15
C SER A 1934 -27.11 -75.50 -42.98
N VAL A 1935 -27.68 -75.87 -44.14
CA VAL A 1935 -27.02 -76.85 -45.00
C VAL A 1935 -25.72 -76.30 -45.56
N LYS A 1936 -25.62 -74.99 -45.75
CA LYS A 1936 -24.36 -74.41 -46.23
C LYS A 1936 -23.23 -74.71 -45.27
N LEU A 1937 -23.50 -74.71 -43.97
CA LEU A 1937 -22.49 -75.08 -42.99
C LEU A 1937 -22.00 -76.51 -43.21
N GLN A 1938 -22.93 -77.43 -43.45
CA GLN A 1938 -22.56 -78.82 -43.65
C GLN A 1938 -21.73 -78.99 -44.92
N MET A 1939 -22.05 -78.24 -45.98
CA MET A 1939 -21.25 -78.29 -47.19
C MET A 1939 -19.80 -77.94 -46.90
N CYS A 1940 -19.57 -76.96 -46.02
CA CYS A 1940 -18.21 -76.64 -45.60
C CYS A 1940 -17.56 -77.83 -44.89
N ASN A 1941 -18.32 -78.51 -44.03
CA ASN A 1941 -17.79 -79.69 -43.37
C ASN A 1941 -17.46 -80.80 -44.36
N LEU A 1942 -18.12 -80.81 -45.51
CA LEU A 1942 -17.83 -81.80 -46.54
C LEU A 1942 -16.63 -81.39 -47.39
N LEU A 1943 -16.58 -80.12 -47.79
CA LEU A 1943 -15.45 -79.63 -48.58
C LEU A 1943 -14.16 -79.65 -47.78
N GLU A 1944 -14.24 -79.48 -46.46
CA GLU A 1944 -13.04 -79.47 -45.64
C GLU A 1944 -12.32 -80.81 -45.67
N TYR A 1945 -13.06 -81.92 -45.75
CA TYR A 1945 -12.43 -83.23 -45.78
C TYR A 1945 -11.58 -83.43 -47.04
N PHE A 1946 -11.85 -82.66 -48.09
CA PHE A 1946 -11.12 -82.88 -49.34
C PHE A 1946 -9.82 -82.09 -49.40
N CYS A 1947 -9.69 -81.02 -48.61
CA CYS A 1947 -8.46 -80.23 -48.64
C CYS A 1947 -7.28 -81.04 -48.14
N ASP A 1948 -7.42 -81.66 -46.96
CA ASP A 1948 -6.32 -82.44 -46.40
C ASP A 1948 -6.08 -83.73 -47.18
N GLN A 1949 -7.08 -84.24 -47.91
CA GLN A 1949 -6.82 -85.36 -48.81
C GLN A 1949 -5.79 -84.99 -49.86
N GLU A 1950 -5.88 -83.79 -50.42
CA GLU A 1950 -4.81 -83.30 -51.28
C GLU A 1950 -3.52 -83.10 -50.49
N LEU A 1951 -3.62 -82.58 -49.26
CA LEU A 1951 -2.43 -82.42 -48.43
C LEU A 1951 -1.79 -83.77 -48.13
N GLN A 1952 -2.61 -84.77 -47.78
CA GLN A 1952 -2.07 -86.10 -47.56
C GLN A 1952 -1.43 -86.64 -48.83
N HIS A 1953 -1.99 -86.34 -49.99
CA HIS A 1953 -1.34 -86.70 -51.24
C HIS A 1953 -0.06 -85.93 -51.45
N ARG A 1954 0.01 -84.69 -50.95
CA ARG A 1954 1.17 -83.85 -51.17
C ARG A 1954 2.40 -84.40 -50.47
N VAL A 1955 2.28 -84.73 -49.17
CA VAL A 1955 3.45 -85.17 -48.41
C VAL A 1955 3.95 -86.52 -48.90
N GLU A 1956 3.05 -87.38 -49.39
CA GLU A 1956 3.49 -88.66 -49.93
C GLU A 1956 4.37 -88.47 -51.16
N SER A 1957 4.05 -87.47 -51.99
CA SER A 1957 4.89 -87.17 -53.14
C SER A 1957 6.29 -86.77 -52.70
N LEU A 1958 6.40 -85.99 -51.62
CA LEU A 1958 7.72 -85.63 -51.10
C LEU A 1958 8.46 -86.87 -50.60
N ALA A 1959 7.76 -87.76 -49.90
CA ALA A 1959 8.39 -89.00 -49.46
C ALA A 1959 8.91 -89.81 -50.64
N ALA A 1960 8.16 -89.82 -51.73
CA ALA A 1960 8.62 -90.50 -52.94
C ALA A 1960 9.91 -89.87 -53.46
N PHE A 1961 9.99 -88.55 -53.47
CA PHE A 1961 11.23 -87.87 -53.83
C PHE A 1961 12.27 -88.01 -52.74
N ALA A 1962 11.84 -88.19 -51.49
CA ALA A 1962 12.75 -88.35 -50.38
C ALA A 1962 13.35 -89.75 -50.32
N GLU A 1963 13.08 -90.58 -51.32
CA GLU A 1963 13.60 -91.94 -51.39
C GLU A 1963 14.62 -92.13 -52.51
N ARG A 1964 14.27 -91.82 -53.77
CA ARG A 1964 15.21 -92.10 -54.85
C ARG A 1964 16.35 -91.10 -54.89
N TYR A 1965 16.12 -89.85 -54.48
CA TYR A 1965 17.20 -88.87 -54.54
C TYR A 1965 18.23 -89.07 -53.43
N VAL A 1966 17.79 -89.48 -52.25
CA VAL A 1966 18.75 -89.77 -51.19
C VAL A 1966 19.53 -91.03 -51.50
N ASP A 1967 18.97 -91.95 -52.30
CA ASP A 1967 19.68 -93.18 -52.64
C ASP A 1967 20.89 -92.89 -53.51
N LYS A 1968 20.71 -92.13 -54.59
CA LYS A 1968 21.85 -91.80 -55.46
C LYS A 1968 22.85 -90.92 -54.74
N LEU A 1969 22.37 -90.05 -53.84
CA LEU A 1969 23.25 -89.17 -53.10
C LEU A 1969 24.24 -89.97 -52.26
N GLN A 1970 23.76 -91.01 -51.59
CA GLN A 1970 24.65 -91.86 -50.81
C GLN A 1970 25.61 -92.63 -51.71
N ALA A 1971 25.11 -93.12 -52.86
CA ALA A 1971 25.96 -93.87 -53.77
C ALA A 1971 27.01 -92.97 -54.43
N ASN A 1972 26.60 -91.79 -54.88
CA ASN A 1972 27.54 -90.87 -55.51
C ASN A 1972 28.57 -90.34 -54.51
N GLN A 1973 28.20 -90.26 -53.24
CA GLN A 1973 29.13 -89.75 -52.24
C GLN A 1973 30.26 -90.75 -51.99
N ARG A 1974 29.95 -92.06 -52.05
CA ARG A 1974 30.99 -93.08 -51.98
C ARG A 1974 31.97 -92.95 -53.15
N SER A 1975 31.44 -92.70 -54.35
CA SER A 1975 32.33 -92.48 -55.50
C SER A 1975 33.21 -91.27 -55.25
N ARG A 1976 32.68 -90.25 -54.59
CA ARG A 1976 33.49 -89.09 -54.22
C ARG A 1976 34.56 -89.45 -53.21
N TYR A 1977 34.36 -90.53 -52.45
CA TYR A 1977 35.37 -90.97 -51.49
C TYR A 1977 36.60 -91.52 -52.20
N ALA A 1978 36.41 -92.59 -52.98
CA ALA A 1978 37.55 -93.27 -53.60
C ALA A 1978 38.31 -92.38 -54.56
N LEU A 1979 37.64 -91.36 -55.13
CA LEU A 1979 38.34 -90.38 -55.95
C LEU A 1979 39.35 -89.61 -55.12
N LEU A 1980 39.01 -89.28 -53.87
CA LEU A 1980 39.89 -88.54 -52.98
C LEU A 1980 40.31 -89.36 -51.77
N MET A 1981 40.13 -90.68 -51.81
CA MET A 1981 40.55 -91.57 -50.74
C MET A 1981 42.05 -91.83 -50.83
N ARG A 1982 42.52 -92.86 -50.14
CA ARG A 1982 43.92 -93.25 -50.07
C ARG A 1982 44.66 -93.08 -51.40
N ALA A 1983 43.99 -93.36 -52.51
CA ALA A 1983 44.54 -93.07 -53.84
C ALA A 1983 45.10 -91.66 -53.87
N PHE A 1984 44.25 -90.67 -53.64
CA PHE A 1984 44.64 -89.26 -53.45
C PHE A 1984 45.55 -88.79 -54.58
N THR A 1985 46.40 -87.81 -54.29
CA THR A 1985 47.37 -87.31 -55.25
C THR A 1985 48.43 -86.45 -54.57
N MET A 1986 48.18 -85.15 -54.48
CA MET A 1986 49.17 -84.20 -53.98
C MET A 1986 48.44 -82.93 -53.55
N SER A 1987 49.19 -81.84 -53.43
CA SER A 1987 48.78 -80.46 -53.15
C SER A 1987 48.47 -80.18 -51.69
N ALA A 1988 48.57 -81.18 -50.79
CA ALA A 1988 48.53 -80.94 -49.35
C ALA A 1988 47.26 -80.25 -48.90
N ALA A 1989 47.10 -78.97 -49.26
CA ALA A 1989 45.96 -78.18 -48.80
C ALA A 1989 44.62 -78.77 -49.26
N GLU A 1990 44.64 -79.62 -50.29
CA GLU A 1990 43.40 -80.31 -50.69
C GLU A 1990 42.83 -81.13 -49.55
N THR A 1991 43.68 -81.65 -48.67
CA THR A 1991 43.19 -82.37 -47.50
C THR A 1991 42.38 -81.46 -46.59
N ALA A 1992 42.80 -80.21 -46.46
CA ALA A 1992 42.03 -79.24 -45.68
C ALA A 1992 40.68 -78.97 -46.30
N ARG A 1993 40.62 -78.92 -47.63
CA ARG A 1993 39.35 -78.71 -48.32
C ARG A 1993 38.38 -79.85 -48.07
N ARG A 1994 38.87 -81.09 -48.09
CA ARG A 1994 38.01 -82.25 -47.85
C ARG A 1994 37.94 -82.50 -46.36
N THR A 1995 36.96 -81.87 -45.71
CA THR A 1995 36.76 -81.96 -44.27
C THR A 1995 35.36 -82.40 -43.89
N ARG A 1996 34.34 -81.97 -44.64
CA ARG A 1996 32.98 -82.44 -44.37
C ARG A 1996 32.91 -83.95 -44.49
N GLU A 1997 33.76 -84.53 -45.34
CA GLU A 1997 33.63 -85.92 -45.74
C GLU A 1997 33.97 -86.88 -44.62
N PHE A 1998 34.71 -86.43 -43.60
CA PHE A 1998 35.01 -87.29 -42.45
C PHE A 1998 34.66 -86.59 -41.14
N ARG A 1999 34.79 -85.26 -41.10
CA ARG A 1999 34.45 -84.48 -39.92
C ARG A 1999 33.02 -83.98 -40.02
N SER A 2000 32.57 -83.34 -38.93
CA SER A 2000 31.24 -82.77 -38.77
C SER A 2000 30.19 -83.88 -38.62
N PRO A 2001 29.13 -83.64 -37.85
CA PRO A 2001 28.09 -84.65 -37.72
C PRO A 2001 27.37 -84.87 -39.04
N PRO A 2002 26.71 -86.01 -39.20
CA PRO A 2002 26.05 -86.29 -40.49
C PRO A 2002 25.06 -85.23 -40.93
N GLN A 2003 24.31 -84.64 -40.01
CA GLN A 2003 23.38 -83.59 -40.37
C GLN A 2003 24.10 -82.38 -40.96
N GLU A 2004 25.31 -82.08 -40.47
CA GLU A 2004 26.08 -80.97 -41.02
C GLU A 2004 26.45 -81.23 -42.48
N GLN A 2005 26.77 -82.49 -42.81
CA GLN A 2005 27.11 -82.82 -44.19
C GLN A 2005 25.96 -82.56 -45.13
N ILE A 2006 24.73 -82.91 -44.72
CA ILE A 2006 23.57 -82.67 -45.57
C ILE A 2006 23.42 -81.20 -45.89
N ASN A 2007 23.65 -80.33 -44.90
CA ASN A 2007 23.51 -78.89 -45.14
C ASN A 2007 24.47 -78.42 -46.23
N MET A 2008 25.71 -78.87 -46.18
CA MET A 2008 26.71 -78.44 -47.16
C MET A 2008 26.35 -78.93 -48.56
N LEU A 2009 25.98 -80.20 -48.69
CA LEU A 2009 25.71 -80.78 -50.00
C LEU A 2009 24.35 -80.38 -50.56
N LEU A 2010 23.42 -79.90 -49.71
CA LEU A 2010 22.10 -79.52 -50.17
C LEU A 2010 21.96 -78.02 -50.39
N HIS A 2011 22.85 -77.21 -49.78
CA HIS A 2011 22.77 -75.77 -49.89
C HIS A 2011 22.77 -75.29 -51.33
N PHE A 2012 23.77 -75.72 -52.10
CA PHE A 2012 23.93 -75.22 -53.46
C PHE A 2012 22.89 -75.77 -54.42
N LYS A 2013 22.30 -76.93 -54.12
CA LYS A 2013 21.37 -77.58 -55.04
C LYS A 2013 20.19 -76.69 -55.39
N ASP A 2014 19.39 -76.33 -54.39
CA ASP A 2014 18.23 -75.47 -54.61
C ASP A 2014 18.53 -73.99 -54.36
N GLU A 2015 19.81 -73.62 -54.29
CA GLU A 2015 20.19 -72.22 -54.15
C GLU A 2015 20.14 -71.52 -55.50
N ALA A 2016 20.59 -70.27 -55.53
CA ALA A 2016 20.62 -69.47 -56.74
C ALA A 2016 22.01 -68.92 -56.98
N ASP A 2017 22.41 -68.86 -58.25
CA ASP A 2017 23.67 -68.26 -58.66
C ASP A 2017 24.88 -68.93 -58.02
N GLU A 2018 25.36 -68.38 -56.90
CA GLU A 2018 26.58 -68.86 -56.29
C GLU A 2018 26.45 -70.30 -55.83
N GLU A 2019 27.49 -71.10 -56.11
CA GLU A 2019 27.54 -72.49 -55.71
C GLU A 2019 28.92 -72.81 -55.17
N ASP A 2020 28.97 -73.45 -54.00
CA ASP A 2020 30.22 -73.81 -53.33
C ASP A 2020 30.23 -75.30 -53.06
N CYS A 2021 31.39 -75.93 -53.30
CA CYS A 2021 31.56 -77.36 -53.18
C CYS A 2021 30.42 -78.13 -53.88
N PRO A 2022 30.24 -77.93 -55.18
CA PRO A 2022 29.02 -78.39 -55.85
C PRO A 2022 29.06 -79.89 -56.10
N LEU A 2023 27.96 -80.39 -56.62
CA LEU A 2023 27.77 -81.77 -57.05
C LEU A 2023 27.83 -81.84 -58.57
N PRO A 2024 27.91 -83.05 -59.13
CA PRO A 2024 27.84 -83.17 -60.60
C PRO A 2024 26.57 -82.54 -61.15
N GLU A 2025 26.70 -81.88 -62.30
CA GLU A 2025 25.56 -81.19 -62.89
C GLU A 2025 24.68 -82.16 -63.66
N ASP A 2026 24.31 -83.26 -63.02
CA ASP A 2026 23.37 -84.24 -63.52
C ASP A 2026 22.26 -84.54 -62.52
N ILE A 2027 22.59 -84.56 -61.23
CA ILE A 2027 21.58 -84.74 -60.19
C ILE A 2027 21.04 -83.42 -59.66
N ARG A 2028 21.58 -82.29 -60.10
CA ARG A 2028 21.10 -80.98 -59.71
C ARG A 2028 20.08 -80.41 -60.69
N GLN A 2029 19.50 -81.25 -61.53
CA GLN A 2029 18.49 -80.81 -62.49
C GLN A 2029 17.07 -81.24 -62.12
N ASP A 2030 16.92 -82.39 -61.45
CA ASP A 2030 15.59 -82.84 -61.07
C ASP A 2030 14.99 -81.94 -60.00
N LEU A 2031 15.81 -81.43 -59.07
CA LEU A 2031 15.30 -80.48 -58.10
C LEU A 2031 14.76 -79.23 -58.79
N GLN A 2032 15.51 -78.68 -59.74
CA GLN A 2032 15.04 -77.53 -60.49
C GLN A 2032 13.83 -77.87 -61.34
N ASP A 2033 13.53 -79.16 -61.53
CA ASP A 2033 12.28 -79.58 -62.12
C ASP A 2033 11.24 -79.96 -61.07
N PHE A 2034 11.62 -80.74 -60.07
CA PHE A 2034 10.68 -81.12 -59.00
C PHE A 2034 10.24 -79.90 -58.22
N HIS A 2035 11.20 -79.08 -57.76
CA HIS A 2035 10.83 -77.86 -57.03
C HIS A 2035 10.04 -76.92 -57.92
N GLN A 2036 10.37 -76.89 -59.23
CA GLN A 2036 9.50 -76.23 -60.18
C GLN A 2036 8.15 -76.91 -60.27
N ASP A 2037 8.15 -78.25 -60.32
CA ASP A 2037 6.89 -78.99 -60.41
C ASP A 2037 6.03 -78.75 -59.17
N LEU A 2038 6.66 -78.80 -57.99
CA LEU A 2038 5.92 -78.49 -56.77
C LEU A 2038 5.40 -77.06 -56.79
N LEU A 2039 6.25 -76.10 -57.15
CA LEU A 2039 5.77 -74.72 -57.24
C LEU A 2039 5.15 -74.43 -58.61
N ALA A 2040 4.32 -75.37 -59.05
CA ALA A 2040 3.31 -75.16 -60.07
C ALA A 2040 1.99 -75.78 -59.70
N HIS A 2041 1.98 -76.76 -58.80
CA HIS A 2041 0.78 -77.47 -58.39
C HIS A 2041 -0.01 -76.69 -57.35
N CYS A 2042 0.66 -76.26 -56.27
CA CYS A 2042 -0.05 -75.70 -55.13
C CYS A 2042 -0.76 -74.39 -55.46
N GLY A 2043 0.00 -73.30 -55.65
CA GLY A 2043 -0.61 -72.03 -55.96
C GLY A 2043 0.10 -71.16 -56.97
N ILE A 2044 1.34 -71.52 -57.32
CA ILE A 2044 2.22 -70.58 -58.00
C ILE A 2044 1.76 -70.37 -59.44
N GLN A 2045 1.65 -69.11 -59.84
CA GLN A 2045 1.35 -68.81 -61.23
C GLN A 2045 2.57 -69.04 -62.12
N LEU A 2046 3.75 -68.62 -61.65
CA LEU A 2046 5.01 -68.78 -62.38
C LEU A 2046 4.94 -68.14 -63.76
N GLU A 2047 4.75 -66.82 -63.76
CA GLU A 2047 4.65 -66.04 -64.99
C GLU A 2047 5.99 -66.01 -65.72
N LYS A 2089 -14.94 -68.00 -66.66
CA LYS A 2089 -14.55 -69.25 -67.32
C LYS A 2089 -14.75 -70.44 -66.40
N LYS A 2090 -14.52 -71.64 -66.94
CA LYS A 2090 -14.62 -72.84 -66.14
C LYS A 2090 -13.48 -72.89 -65.13
N PRO A 2091 -13.76 -73.09 -63.84
CA PRO A 2091 -12.67 -73.16 -62.86
C PRO A 2091 -11.62 -74.20 -63.19
N GLN A 2092 -12.05 -75.39 -63.64
CA GLN A 2092 -11.15 -76.47 -64.05
C GLN A 2092 -10.15 -76.85 -62.95
N SER A 2093 -10.46 -76.52 -61.70
CA SER A 2093 -9.58 -76.81 -60.58
C SER A 2093 -10.34 -76.58 -59.28
N LEU A 2094 -9.99 -77.37 -58.27
CA LEU A 2094 -10.60 -77.19 -56.95
C LEU A 2094 -10.25 -75.84 -56.36
N GLN A 2095 -9.00 -75.40 -56.55
CA GLN A 2095 -8.57 -74.10 -56.03
C GLN A 2095 -9.45 -72.98 -56.57
N GLU A 2096 -9.67 -72.96 -57.89
CA GLU A 2096 -10.52 -71.94 -58.49
C GLU A 2096 -11.97 -72.11 -58.06
N LEU A 2097 -12.43 -73.35 -57.93
CA LEU A 2097 -13.83 -73.59 -57.61
C LEU A 2097 -14.20 -73.05 -56.23
N VAL A 2098 -13.41 -73.39 -55.22
CA VAL A 2098 -13.72 -72.97 -53.85
C VAL A 2098 -13.61 -71.45 -53.72
N SER A 2099 -12.53 -70.88 -54.26
CA SER A 2099 -12.30 -69.44 -54.11
C SER A 2099 -13.38 -68.64 -54.80
N HIS A 2100 -13.78 -69.04 -56.01
CA HIS A 2100 -14.80 -68.32 -56.74
C HIS A 2100 -16.19 -68.52 -56.15
N MET A 2101 -16.37 -69.52 -55.30
CA MET A 2101 -17.71 -69.84 -54.79
C MET A 2101 -17.98 -69.21 -53.44
N VAL A 2102 -17.01 -69.27 -52.52
CA VAL A 2102 -17.22 -68.72 -51.18
C VAL A 2102 -17.50 -67.22 -51.25
N VAL A 2103 -16.84 -66.52 -52.17
CA VAL A 2103 -17.08 -65.09 -52.33
C VAL A 2103 -18.53 -64.83 -52.74
N ARG A 2104 -19.09 -65.68 -53.62
CA ARG A 2104 -20.46 -65.50 -54.05
C ARG A 2104 -21.43 -65.59 -52.88
N TRP A 2105 -21.16 -66.49 -51.93
CA TRP A 2105 -22.07 -66.67 -50.81
C TRP A 2105 -22.16 -65.43 -49.93
N ALA A 2106 -21.03 -64.74 -49.74
CA ALA A 2106 -21.04 -63.53 -48.93
C ALA A 2106 -21.61 -62.33 -49.69
N GLN A 2107 -21.40 -62.26 -51.00
CA GLN A 2107 -21.91 -61.13 -51.78
C GLN A 2107 -23.43 -61.12 -51.87
N GLU A 2108 -24.08 -62.26 -51.68
CA GLU A 2108 -25.52 -62.39 -51.88
C GLU A 2108 -26.27 -62.68 -50.59
N ASP A 2109 -25.63 -62.46 -49.44
CA ASP A 2109 -26.28 -62.70 -48.16
C ASP A 2109 -25.49 -62.00 -47.07
N TYR A 2110 -26.18 -61.64 -45.99
CA TYR A 2110 -25.57 -61.14 -44.76
C TYR A 2110 -25.67 -62.28 -43.74
N VAL A 2111 -24.60 -63.04 -43.61
CA VAL A 2111 -24.64 -64.32 -42.90
C VAL A 2111 -24.68 -64.06 -41.39
N GLN A 2112 -25.72 -64.57 -40.74
CA GLN A 2112 -25.81 -64.59 -39.28
C GLN A 2112 -25.21 -65.91 -38.78
N SER A 2113 -25.43 -66.24 -37.50
CA SER A 2113 -24.92 -67.47 -36.89
C SER A 2113 -23.41 -67.50 -36.96
N PRO A 2114 -22.71 -66.72 -36.10
CA PRO A 2114 -21.25 -66.61 -36.18
C PRO A 2114 -20.51 -67.93 -36.34
N GLU A 2115 -21.10 -69.03 -35.84
CA GLU A 2115 -20.46 -70.33 -36.00
C GLU A 2115 -20.31 -70.68 -37.48
N LEU A 2116 -21.21 -70.19 -38.33
CA LEU A 2116 -21.08 -70.44 -39.76
C LEU A 2116 -19.93 -69.62 -40.35
N VAL A 2117 -19.93 -68.31 -40.13
CA VAL A 2117 -18.98 -67.44 -40.80
C VAL A 2117 -17.53 -67.80 -40.48
N ARG A 2118 -17.31 -68.40 -39.31
CA ARG A 2118 -15.97 -68.88 -38.99
C ARG A 2118 -15.55 -70.06 -39.85
N ALA A 2119 -16.51 -70.75 -40.46
CA ALA A 2119 -16.18 -71.97 -41.21
C ALA A 2119 -15.53 -71.64 -42.55
N MET A 2120 -16.26 -70.95 -43.43
CA MET A 2120 -15.73 -70.73 -44.77
C MET A 2120 -14.49 -69.86 -44.77
N PHE A 2121 -14.36 -68.95 -43.80
CA PHE A 2121 -13.17 -68.10 -43.76
C PHE A 2121 -11.92 -68.88 -43.41
N SER A 2122 -12.04 -70.06 -42.82
CA SER A 2122 -10.90 -70.94 -42.66
C SER A 2122 -10.59 -71.73 -43.92
N LEU A 2123 -11.47 -71.72 -44.92
CA LEU A 2123 -11.20 -72.45 -46.16
C LEU A 2123 -10.34 -71.64 -47.11
N LEU A 2124 -10.85 -70.50 -47.59
CA LEU A 2124 -10.15 -69.79 -48.66
C LEU A 2124 -8.77 -69.34 -48.22
N HIS A 2125 -8.55 -69.13 -46.92
CA HIS A 2125 -7.21 -68.86 -46.43
C HIS A 2125 -6.28 -70.02 -46.75
N ARG A 2126 -6.74 -71.26 -46.57
CA ARG A 2126 -5.93 -72.41 -46.95
C ARG A 2126 -5.74 -72.50 -48.46
N GLN A 2127 -6.79 -72.25 -49.23
CA GLN A 2127 -6.66 -72.28 -50.68
C GLN A 2127 -5.90 -71.09 -51.26
N TYR A 2128 -5.62 -70.07 -50.47
CA TYR A 2128 -4.80 -68.97 -50.94
C TYR A 2128 -3.38 -69.01 -50.42
N ASP A 2129 -3.12 -69.75 -49.34
CA ASP A 2129 -1.78 -69.95 -48.81
C ASP A 2129 -1.53 -71.45 -48.78
N GLY A 2130 -1.04 -71.97 -49.90
CA GLY A 2130 -0.78 -73.39 -50.01
C GLY A 2130 0.45 -73.81 -49.25
N LEU A 2131 1.55 -73.11 -49.51
CA LEU A 2131 2.81 -73.42 -48.86
C LEU A 2131 2.73 -73.23 -47.35
N GLY A 2132 1.90 -72.31 -46.88
CA GLY A 2132 1.76 -72.10 -45.44
C GLY A 2132 1.28 -73.35 -44.72
N GLU A 2133 0.27 -74.01 -45.28
CA GLU A 2133 -0.19 -75.27 -44.70
C GLU A 2133 0.88 -76.34 -44.79
N LEU A 2134 1.56 -76.43 -45.94
CA LEU A 2134 2.62 -77.43 -46.11
C LEU A 2134 3.74 -77.20 -45.10
N LEU A 2135 4.21 -75.95 -44.97
CA LEU A 2135 5.28 -75.66 -44.04
C LEU A 2135 4.88 -75.99 -42.60
N ARG A 2136 3.58 -75.91 -42.29
CA ARG A 2136 3.07 -76.23 -40.98
C ARG A 2136 2.64 -77.69 -40.84
N ALA A 2137 3.01 -78.53 -41.81
CA ALA A 2137 2.65 -79.94 -41.78
C ALA A 2137 3.85 -80.87 -41.72
N LEU A 2138 4.96 -80.49 -42.35
CA LEU A 2138 6.17 -81.30 -42.32
C LEU A 2138 6.65 -81.67 -40.92
N PRO A 2139 6.62 -80.78 -39.90
CA PRO A 2139 7.08 -81.19 -38.57
C PRO A 2139 6.24 -82.30 -37.93
N ARG A 2140 5.20 -82.76 -38.63
CA ARG A 2140 4.40 -83.89 -38.18
C ARG A 2140 4.55 -85.10 -39.09
N ALA A 2141 5.52 -85.09 -40.00
CA ALA A 2141 5.73 -86.17 -40.95
C ALA A 2141 6.97 -86.96 -40.58
N TYR A 2142 6.94 -88.26 -40.82
CA TYR A 2142 8.04 -89.13 -40.43
C TYR A 2142 8.04 -90.38 -41.30
N THR A 2143 9.22 -90.87 -41.63
CA THR A 2143 9.39 -92.05 -42.47
C THR A 2143 10.02 -93.19 -41.67
N ILE A 2144 9.49 -94.39 -41.82
CA ILE A 2144 9.99 -95.58 -41.16
C ILE A 2144 10.16 -96.69 -42.21
N SER A 2145 10.74 -97.79 -41.77
CA SER A 2145 11.11 -98.91 -42.62
C SER A 2145 10.22 -100.13 -42.36
N PRO A 2146 10.11 -101.04 -43.33
CA PRO A 2146 9.32 -102.27 -43.12
C PRO A 2146 9.91 -103.13 -42.01
N SER A 2147 9.18 -104.19 -41.70
CA SER A 2147 9.46 -105.14 -40.62
C SER A 2147 9.29 -104.51 -39.25
N SER A 2148 8.98 -103.22 -39.18
CA SER A 2148 8.68 -102.54 -37.94
C SER A 2148 7.28 -101.95 -37.89
N VAL A 2149 6.56 -101.96 -39.02
CA VAL A 2149 5.22 -101.37 -39.05
C VAL A 2149 4.28 -102.14 -38.13
N GLU A 2150 4.44 -103.47 -38.05
CA GLU A 2150 3.59 -104.26 -37.17
C GLU A 2150 3.78 -103.86 -35.71
N ASP A 2151 5.04 -103.61 -35.32
CA ASP A 2151 5.30 -103.16 -33.95
C ASP A 2151 4.69 -101.79 -33.69
N THR A 2152 4.84 -100.86 -34.63
CA THR A 2152 4.23 -99.54 -34.47
C THR A 2152 2.71 -99.60 -34.50
N MET A 2153 2.16 -100.55 -35.27
CA MET A 2153 0.69 -100.66 -35.37
C MET A 2153 0.07 -100.91 -34.02
N SER A 2154 0.68 -101.78 -33.21
CA SER A 2154 0.18 -102.01 -31.86
C SER A 2154 0.31 -100.76 -31.01
N LEU A 2155 1.43 -100.04 -31.13
CA LEU A 2155 1.62 -98.81 -30.37
C LEU A 2155 0.58 -97.76 -30.73
N LEU A 2156 0.34 -97.58 -32.03
CA LEU A 2156 -0.60 -96.57 -32.48
C LEU A 2156 -2.01 -96.87 -32.00
N GLU A 2157 -2.44 -98.12 -32.13
CA GLU A 2157 -3.77 -98.50 -31.68
C GLU A 2157 -3.89 -98.37 -30.16
N CYS A 2158 -2.85 -98.79 -29.43
CA CYS A 2158 -2.89 -98.70 -27.98
C CYS A 2158 -2.89 -97.25 -27.50
N LEU A 2159 -2.19 -96.36 -28.22
CA LEU A 2159 -2.12 -94.97 -27.80
C LEU A 2159 -3.49 -94.29 -27.89
N GLY A 2160 -4.36 -94.76 -28.79
CA GLY A 2160 -5.65 -94.11 -28.96
C GLY A 2160 -6.48 -94.10 -27.69
N GLN A 2161 -6.43 -95.19 -26.91
CA GLN A 2161 -7.26 -95.27 -25.71
C GLN A 2161 -6.89 -94.22 -24.68
N ILE A 2162 -5.63 -93.80 -24.66
CA ILE A 2162 -5.23 -92.72 -23.75
C ILE A 2162 -5.93 -91.42 -24.13
N ARG A 2163 -6.02 -91.14 -25.44
CA ARG A 2163 -6.66 -89.91 -25.88
C ARG A 2163 -8.13 -89.87 -25.51
N SER A 2164 -8.81 -91.02 -25.56
CA SER A 2164 -10.20 -91.09 -25.15
C SER A 2164 -10.36 -91.03 -23.64
N LEU A 2165 -9.28 -91.23 -22.88
CA LEU A 2165 -9.36 -91.17 -21.44
C LEU A 2165 -9.44 -89.73 -20.94
N LEU A 2166 -8.84 -88.79 -21.67
CA LEU A 2166 -8.83 -87.40 -21.22
C LEU A 2166 -10.24 -86.81 -21.15
N ILE A 2167 -11.07 -87.07 -22.16
CA ILE A 2167 -12.39 -86.45 -22.22
C ILE A 2167 -13.28 -86.98 -21.11
N VAL A 2168 -13.24 -88.29 -20.86
CA VAL A 2168 -14.07 -88.88 -19.81
C VAL A 2168 -13.51 -88.53 -18.44
N GLN A 2169 -14.40 -88.27 -17.49
CA GLN A 2169 -14.00 -88.07 -16.11
C GLN A 2169 -13.43 -89.36 -15.53
N MET A 2170 -12.51 -89.22 -14.58
CA MET A 2170 -11.79 -90.37 -14.03
C MET A 2170 -12.72 -91.34 -13.34
N GLY A 2171 -12.65 -92.60 -13.74
CA GLY A 2171 -13.45 -93.66 -13.13
C GLY A 2171 -12.59 -94.82 -12.68
N PRO A 2172 -13.01 -95.48 -11.59
CA PRO A 2172 -12.21 -96.61 -11.09
C PRO A 2172 -11.98 -97.71 -12.11
N GLN A 2173 -13.00 -98.02 -12.92
CA GLN A 2173 -12.81 -98.97 -14.01
C GLN A 2173 -11.89 -98.40 -15.07
N GLU A 2174 -12.08 -97.12 -15.43
CA GLU A 2174 -11.20 -96.48 -16.40
C GLU A 2174 -9.78 -96.33 -15.86
N GLU A 2175 -9.65 -96.15 -14.54
CA GLU A 2175 -8.32 -96.05 -13.95
C GLU A 2175 -7.53 -97.33 -14.16
N ASN A 2176 -8.17 -98.48 -14.00
CA ASN A 2176 -7.53 -99.76 -14.32
C ASN A 2176 -7.06 -99.79 -15.76
N LEU A 2177 -7.91 -99.34 -16.69
CA LEU A 2177 -7.62 -99.47 -18.11
C LEU A 2177 -6.27 -98.84 -18.49
N MET A 2178 -6.00 -97.65 -17.95
CA MET A 2178 -4.78 -96.94 -18.35
C MET A 2178 -3.53 -97.67 -17.89
N ILE A 2179 -3.56 -98.26 -16.68
CA ILE A 2179 -2.35 -98.84 -16.11
C ILE A 2179 -1.81 -99.95 -17.01
N GLN A 2180 -2.69 -100.84 -17.48
CA GLN A 2180 -2.26 -101.80 -18.49
C GLN A 2180 -1.92 -101.09 -19.80
N SER A 2181 -2.68 -100.04 -20.14
CA SER A 2181 -2.42 -99.31 -21.37
C SER A 2181 -1.01 -98.73 -21.38
N ILE A 2182 -0.64 -98.00 -20.33
CA ILE A 2182 0.72 -97.46 -20.26
C ILE A 2182 1.73 -98.58 -20.09
N GLY A 2183 1.38 -99.64 -19.36
CA GLY A 2183 2.29 -100.76 -19.21
C GLY A 2183 2.61 -101.45 -20.52
N ASN A 2184 1.64 -101.54 -21.43
CA ASN A 2184 1.90 -102.09 -22.74
C ASN A 2184 2.65 -101.12 -23.65
N ILE A 2185 2.59 -99.82 -23.36
CA ILE A 2185 3.36 -98.85 -24.16
C ILE A 2185 4.85 -99.10 -23.98
N MET A 2186 5.30 -99.34 -22.76
CA MET A 2186 6.73 -99.49 -22.51
C MET A 2186 7.20 -100.92 -22.72
N ASN A 2187 6.75 -101.53 -23.82
CA ASN A 2187 7.31 -102.80 -24.23
C ASN A 2187 7.32 -102.99 -25.75
N ASN A 2188 7.06 -101.96 -26.54
CA ASN A 2188 6.71 -102.14 -27.94
C ASN A 2188 7.93 -102.11 -28.87
N LYS A 2189 9.13 -101.98 -28.33
CA LYS A 2189 10.37 -101.99 -29.10
C LYS A 2189 10.50 -100.75 -30.00
N VAL A 2190 9.47 -99.91 -30.06
CA VAL A 2190 9.51 -98.72 -30.88
C VAL A 2190 9.66 -97.44 -30.04
N PHE A 2191 9.18 -97.45 -28.80
CA PHE A 2191 9.48 -96.34 -27.90
C PHE A 2191 10.85 -96.51 -27.27
N TYR A 2192 11.82 -96.92 -28.08
CA TYR A 2192 13.24 -96.84 -27.74
C TYR A 2192 14.13 -96.46 -28.92
N GLN A 2193 13.68 -96.66 -30.15
CA GLN A 2193 14.50 -96.47 -31.34
C GLN A 2193 14.23 -95.14 -32.03
N HIS A 2194 13.00 -94.63 -31.98
CA HIS A 2194 12.60 -93.42 -32.69
C HIS A 2194 11.94 -92.46 -31.72
N PRO A 2195 12.71 -91.82 -30.85
CA PRO A 2195 12.13 -90.81 -29.96
C PRO A 2195 11.50 -89.65 -30.70
N ASN A 2196 11.98 -89.34 -31.90
CA ASN A 2196 11.42 -88.22 -32.66
C ASN A 2196 9.94 -88.42 -32.96
N LEU A 2197 9.50 -89.67 -33.12
CA LEU A 2197 8.07 -89.94 -33.25
C LEU A 2197 7.31 -89.43 -32.04
N MET A 2198 7.76 -89.79 -30.84
CA MET A 2198 6.93 -89.63 -29.67
C MET A 2198 6.78 -88.17 -29.27
N ARG A 2199 7.70 -87.30 -29.70
CA ARG A 2199 7.48 -85.86 -29.58
C ARG A 2199 6.59 -85.32 -30.70
N ALA A 2200 6.51 -86.02 -31.84
CA ALA A 2200 5.61 -85.59 -32.89
C ALA A 2200 4.18 -86.04 -32.60
N LEU A 2201 4.01 -87.25 -32.08
CA LEU A 2201 2.71 -87.64 -31.55
C LEU A 2201 2.42 -86.93 -30.24
N GLY A 2202 3.46 -86.65 -29.46
CA GLY A 2202 3.32 -85.86 -28.25
C GLY A 2202 2.43 -86.48 -27.20
N MET A 2203 2.60 -87.78 -26.92
CA MET A 2203 1.78 -88.38 -25.87
C MET A 2203 2.15 -87.83 -24.50
N HIS A 2204 3.38 -87.35 -24.33
CA HIS A 2204 3.77 -86.75 -23.07
C HIS A 2204 2.90 -85.53 -22.76
N GLU A 2205 2.51 -84.79 -23.81
CA GLU A 2205 1.55 -83.71 -23.62
C GLU A 2205 0.23 -84.24 -23.08
N THR A 2206 -0.34 -85.25 -23.75
CA THR A 2206 -1.67 -85.72 -23.39
C THR A 2206 -1.69 -86.36 -22.00
N VAL A 2207 -0.69 -87.17 -21.68
CA VAL A 2207 -0.66 -87.82 -20.38
C VAL A 2207 -0.53 -86.79 -19.26
N MET A 2208 0.00 -85.61 -19.57
CA MET A 2208 0.19 -84.60 -18.54
C MET A 2208 -1.13 -84.12 -17.97
N GLU A 2209 -2.15 -83.90 -18.83
CA GLU A 2209 -3.44 -83.47 -18.31
C GLU A 2209 -4.10 -84.56 -17.49
N VAL A 2210 -3.79 -85.83 -17.77
CA VAL A 2210 -4.36 -86.91 -16.97
C VAL A 2210 -3.99 -86.75 -15.51
N MET A 2211 -2.75 -86.36 -15.24
CA MET A 2211 -2.31 -86.17 -13.85
C MET A 2211 -2.96 -84.94 -13.23
N VAL A 2212 -3.11 -83.86 -13.99
CA VAL A 2212 -3.59 -82.61 -13.38
C VAL A 2212 -5.07 -82.72 -13.00
N ASN A 2213 -5.86 -83.50 -13.74
CA ASN A 2213 -7.29 -83.61 -13.40
C ASN A 2213 -7.48 -84.33 -12.07
N VAL A 2214 -6.80 -85.46 -11.88
CA VAL A 2214 -7.00 -86.24 -10.66
C VAL A 2214 -6.47 -85.50 -9.45
N LEU A 2215 -5.37 -84.77 -9.60
CA LEU A 2215 -4.75 -84.08 -8.48
C LEU A 2215 -5.40 -82.74 -8.18
N GLY A 2216 -6.23 -82.22 -9.09
CA GLY A 2216 -6.91 -80.96 -8.85
C GLY A 2216 -7.89 -81.02 -7.71
N GLY A 2217 -7.57 -80.35 -6.60
CA GLY A 2217 -8.40 -80.40 -5.41
C GLY A 2217 -8.09 -79.25 -4.48
N GLY A 2218 -9.03 -79.01 -3.57
CA GLY A 2218 -8.88 -77.89 -2.65
C GLY A 2218 -7.72 -78.06 -1.68
N GLU A 2219 -7.57 -79.23 -1.10
CA GLU A 2219 -6.55 -79.47 -0.08
C GLU A 2219 -6.07 -80.91 -0.20
N THR A 2220 -5.34 -81.36 0.82
CA THR A 2220 -4.79 -82.72 0.83
C THR A 2220 -5.88 -83.78 0.91
N LYS A 2221 -7.08 -83.42 1.36
CA LYS A 2221 -8.17 -84.39 1.41
C LYS A 2221 -8.59 -84.86 0.03
N GLU A 2222 -8.29 -84.08 -1.02
CA GLU A 2222 -8.62 -84.46 -2.39
C GLU A 2222 -7.46 -85.25 -3.00
N ILE A 2223 -7.25 -86.45 -2.45
CA ILE A 2223 -6.25 -87.37 -2.97
C ILE A 2223 -6.96 -88.58 -3.55
N ARG A 2224 -8.14 -88.36 -4.11
CA ARG A 2224 -8.91 -89.43 -4.71
C ARG A 2224 -8.15 -90.05 -5.87
N PHE A 2225 -8.36 -91.36 -6.05
CA PHE A 2225 -7.66 -92.16 -7.06
C PHE A 2225 -6.15 -92.11 -6.90
N PRO A 2226 -5.59 -92.61 -5.79
CA PRO A 2226 -4.14 -92.80 -5.72
C PRO A 2226 -3.73 -94.04 -6.49
N LYS A 2227 -2.45 -94.42 -6.40
CA LYS A 2227 -1.86 -95.57 -7.07
C LYS A 2227 -1.84 -95.43 -8.59
N MET A 2228 -2.33 -94.33 -9.14
CA MET A 2228 -2.23 -94.06 -10.57
C MET A 2228 -1.25 -92.95 -10.88
N VAL A 2229 -1.12 -91.95 -10.01
CA VAL A 2229 -0.08 -90.94 -10.16
C VAL A 2229 1.30 -91.59 -10.09
N THR A 2230 1.48 -92.50 -9.13
CA THR A 2230 2.74 -93.23 -9.03
C THR A 2230 2.94 -94.13 -10.25
N SER A 2231 1.87 -94.78 -10.71
CA SER A 2231 1.98 -95.69 -11.84
C SER A 2231 2.26 -94.97 -13.16
N CYS A 2232 1.99 -93.66 -13.23
CA CYS A 2232 2.22 -92.89 -14.45
C CYS A 2232 3.46 -92.02 -14.37
N CYS A 2233 3.72 -91.42 -13.21
CA CYS A 2233 4.91 -90.59 -13.05
C CYS A 2233 6.20 -91.37 -13.26
N ARG A 2234 6.18 -92.68 -13.01
CA ARG A 2234 7.35 -93.50 -13.31
C ARG A 2234 7.64 -93.51 -14.80
N PHE A 2235 6.60 -93.55 -15.62
CA PHE A 2235 6.79 -93.54 -17.08
C PHE A 2235 7.42 -92.23 -17.54
N LEU A 2236 7.04 -91.11 -16.95
CA LEU A 2236 7.57 -89.83 -17.38
C LEU A 2236 9.08 -89.74 -17.15
N CYS A 2237 9.55 -90.25 -16.00
CA CYS A 2237 10.98 -90.16 -15.69
C CYS A 2237 11.83 -90.89 -16.72
N TYR A 2238 11.43 -92.10 -17.09
CA TYR A 2238 12.17 -92.86 -18.09
C TYR A 2238 12.13 -92.20 -19.45
N PHE A 2239 11.03 -91.50 -19.78
CA PHE A 2239 10.98 -90.76 -21.02
C PHE A 2239 12.03 -89.67 -21.04
N CYS A 2240 12.25 -89.02 -19.90
CA CYS A 2240 13.21 -87.92 -19.79
C CYS A 2240 14.66 -88.38 -19.88
N ARG A 2241 14.92 -89.69 -19.84
CA ARG A 2241 16.28 -90.23 -19.86
C ARG A 2241 16.52 -91.04 -21.11
N ILE A 2242 16.07 -90.54 -22.27
CA ILE A 2242 16.31 -91.21 -23.54
C ILE A 2242 17.10 -90.36 -24.51
N SER A 2243 16.96 -89.03 -24.48
CA SER A 2243 17.71 -88.16 -25.37
C SER A 2243 17.72 -86.75 -24.80
N ARG A 2244 18.68 -85.95 -25.26
CA ARG A 2244 18.77 -84.58 -24.78
C ARG A 2244 17.55 -83.76 -25.19
N GLN A 2245 17.10 -83.88 -26.44
CA GLN A 2245 15.95 -83.12 -26.89
C GLN A 2245 14.70 -83.54 -26.13
N ASN A 2246 14.60 -84.81 -25.74
CA ASN A 2246 13.51 -85.24 -24.89
C ASN A 2246 13.56 -84.51 -23.54
N GLN A 2247 14.76 -84.25 -23.03
CA GLN A 2247 14.88 -83.53 -21.75
C GLN A 2247 14.40 -82.09 -21.90
N ARG A 2248 14.77 -81.42 -22.98
CA ARG A 2248 14.35 -80.04 -23.22
C ARG A 2248 12.83 -79.94 -23.37
N SER A 2249 12.24 -80.84 -24.16
CA SER A 2249 10.84 -80.69 -24.52
C SER A 2249 9.92 -80.70 -23.29
N MET A 2250 10.25 -81.51 -22.28
CA MET A 2250 9.45 -81.57 -21.08
C MET A 2250 9.92 -80.59 -20.01
N PHE A 2251 11.15 -80.10 -20.13
CA PHE A 2251 11.70 -79.15 -19.15
C PHE A 2251 10.89 -77.86 -19.12
N ASP A 2252 10.40 -77.41 -20.29
CA ASP A 2252 9.73 -76.13 -20.38
C ASP A 2252 8.50 -76.05 -19.48
N HIS A 2253 7.93 -77.18 -19.08
CA HIS A 2253 6.79 -77.21 -18.19
C HIS A 2253 7.19 -77.28 -16.71
N LEU A 2254 8.44 -76.90 -16.39
CA LEU A 2254 8.89 -76.98 -15.00
C LEU A 2254 8.08 -76.06 -14.09
N SER A 2255 7.83 -74.83 -14.53
CA SER A 2255 7.02 -73.92 -13.72
C SER A 2255 5.60 -74.45 -13.55
N TYR A 2256 5.04 -75.01 -14.61
CA TYR A 2256 3.72 -75.63 -14.53
C TYR A 2256 3.71 -76.80 -13.55
N LEU A 2257 4.76 -77.62 -13.58
CA LEU A 2257 4.79 -78.83 -12.78
C LEU A 2257 4.88 -78.51 -11.29
N LEU A 2258 5.79 -77.60 -10.92
CA LEU A 2258 5.97 -77.28 -9.50
C LEU A 2258 4.75 -76.58 -8.90
N GLU A 2259 3.89 -75.99 -9.73
CA GLU A 2259 2.72 -75.28 -9.19
C GLU A 2259 1.81 -76.23 -8.42
N ASN A 2260 1.68 -77.47 -8.91
CA ASN A 2260 0.82 -78.48 -8.31
C ASN A 2260 1.63 -79.72 -7.95
N SER A 2261 2.73 -79.55 -7.23
CA SER A 2261 3.58 -80.66 -6.83
C SER A 2261 3.81 -80.75 -5.33
N GLY A 2262 3.97 -79.61 -4.65
CA GLY A 2262 4.28 -79.63 -3.24
C GLY A 2262 3.07 -79.62 -2.31
N ILE A 2263 2.03 -80.35 -2.67
CA ILE A 2263 0.82 -80.41 -1.86
C ILE A 2263 0.53 -81.86 -1.48
N GLY A 2264 0.37 -82.72 -2.49
CA GLY A 2264 0.05 -84.11 -2.27
C GLY A 2264 1.26 -84.95 -1.94
N LEU A 2265 1.76 -84.84 -0.71
CA LEU A 2265 2.94 -85.57 -0.26
C LEU A 2265 2.53 -86.62 0.76
N GLY A 2266 3.15 -87.79 0.68
CA GLY A 2266 2.89 -88.84 1.65
C GLY A 2266 2.93 -90.26 1.10
N MET A 2267 2.93 -90.40 -0.22
CA MET A 2267 2.96 -91.72 -0.83
C MET A 2267 4.41 -92.08 -1.20
N GLN A 2268 4.57 -93.22 -1.88
CA GLN A 2268 5.89 -93.72 -2.22
C GLN A 2268 6.01 -93.99 -3.70
N GLY A 2269 7.09 -94.64 -4.11
CA GLY A 2269 7.32 -94.96 -5.51
C GLY A 2269 7.74 -93.74 -6.30
N SER A 2270 6.83 -92.78 -6.43
CA SER A 2270 7.11 -91.57 -7.18
C SER A 2270 6.15 -90.46 -6.72
N THR A 2271 6.38 -89.27 -7.24
CA THR A 2271 5.62 -88.07 -6.95
C THR A 2271 6.00 -87.08 -8.04
N PRO A 2272 5.17 -86.09 -8.38
CA PRO A 2272 5.55 -85.17 -9.47
C PRO A 2272 6.83 -84.40 -9.18
N LEU A 2273 7.21 -84.26 -7.91
CA LEU A 2273 8.47 -83.60 -7.58
C LEU A 2273 9.66 -84.37 -8.13
N ASP A 2274 9.58 -85.70 -8.15
CA ASP A 2274 10.70 -86.51 -8.63
C ASP A 2274 10.96 -86.25 -10.11
N VAL A 2275 9.92 -86.26 -10.94
CA VAL A 2275 10.13 -86.01 -12.36
C VAL A 2275 10.55 -84.57 -12.58
N ALA A 2276 10.15 -83.66 -11.69
CA ALA A 2276 10.65 -82.30 -11.75
C ALA A 2276 12.16 -82.26 -11.54
N ALA A 2277 12.66 -83.03 -10.58
CA ALA A 2277 14.10 -83.12 -10.36
C ALA A 2277 14.80 -83.79 -11.53
N ALA A 2278 14.21 -84.86 -12.05
CA ALA A 2278 14.81 -85.59 -13.16
C ALA A 2278 14.82 -84.81 -14.47
N SER A 2279 14.10 -83.68 -14.53
CA SER A 2279 14.08 -82.88 -15.76
C SER A 2279 15.43 -82.23 -16.06
N VAL A 2280 16.29 -82.07 -15.06
CA VAL A 2280 17.65 -81.60 -15.28
C VAL A 2280 18.61 -82.32 -14.33
N ILE A 2281 19.37 -83.28 -14.87
CA ILE A 2281 20.28 -84.04 -14.02
C ILE A 2281 21.69 -84.07 -14.59
N ASP A 2282 21.81 -84.01 -15.92
CA ASP A 2282 23.14 -84.07 -16.53
C ASP A 2282 23.26 -83.16 -17.75
N ASN A 2283 22.36 -82.20 -17.91
CA ASN A 2283 22.33 -81.40 -19.13
C ASN A 2283 23.59 -80.53 -19.26
N ASN A 2284 23.93 -79.82 -18.18
CA ASN A 2284 25.04 -78.87 -18.04
C ASN A 2284 24.76 -77.56 -18.77
N GLU A 2285 23.69 -77.48 -19.55
CA GLU A 2285 23.22 -76.22 -20.13
C GLU A 2285 21.79 -75.90 -19.74
N LEU A 2286 20.96 -76.90 -19.47
CA LEU A 2286 19.64 -76.63 -18.91
C LEU A 2286 19.75 -75.99 -17.54
N ALA A 2287 20.72 -76.44 -16.73
CA ALA A 2287 20.94 -75.85 -15.42
C ALA A 2287 21.28 -74.37 -15.53
N LEU A 2288 22.00 -73.99 -16.59
CA LEU A 2288 22.30 -72.57 -16.81
C LEU A 2288 21.08 -71.80 -17.29
N ALA A 2289 20.03 -72.49 -17.74
CA ALA A 2289 18.84 -71.84 -18.28
C ALA A 2289 17.71 -71.79 -17.27
N LEU A 2290 18.02 -71.71 -15.98
CA LEU A 2290 16.99 -71.51 -14.98
C LEU A 2290 16.51 -70.07 -15.01
N GLN A 2291 15.48 -69.78 -14.22
CA GLN A 2291 14.91 -68.44 -14.23
C GLN A 2291 14.66 -67.92 -12.82
N GLU A 2292 15.47 -68.37 -11.86
CA GLU A 2292 15.45 -67.83 -10.49
C GLU A 2292 14.10 -68.06 -9.82
N GLN A 2293 13.03 -67.50 -10.39
CA GLN A 2293 11.71 -67.60 -9.78
C GLN A 2293 11.32 -69.05 -9.52
N ASP A 2294 11.75 -69.97 -10.40
CA ASP A 2294 11.54 -71.38 -10.13
C ASP A 2294 12.26 -71.82 -8.85
N LEU A 2295 13.51 -71.39 -8.69
CA LEU A 2295 14.24 -71.71 -7.47
C LEU A 2295 13.69 -70.94 -6.28
N GLU A 2296 13.22 -69.72 -6.49
CA GLU A 2296 12.66 -68.93 -5.39
C GLU A 2296 11.39 -69.59 -4.85
N LYS A 2297 10.52 -70.05 -5.74
CA LYS A 2297 9.22 -70.54 -5.30
C LYS A 2297 9.34 -71.88 -4.58
N VAL A 2298 10.26 -72.74 -5.02
CA VAL A 2298 10.46 -74.02 -4.32
C VAL A 2298 11.04 -73.77 -2.93
N VAL A 2299 11.85 -72.73 -2.77
CA VAL A 2299 12.34 -72.38 -1.44
C VAL A 2299 11.19 -71.99 -0.52
N SER A 2300 10.24 -71.21 -1.06
CA SER A 2300 9.08 -70.81 -0.27
C SER A 2300 8.29 -72.03 0.21
N TYR A 2301 8.30 -73.11 -0.56
CA TYR A 2301 7.74 -74.37 -0.08
C TYR A 2301 8.47 -74.85 1.17
N LEU A 2302 9.81 -74.78 1.14
CA LEU A 2302 10.60 -75.24 2.28
C LEU A 2302 10.37 -74.36 3.50
N ALA A 2303 10.00 -73.10 3.30
CA ALA A 2303 9.58 -72.27 4.41
C ALA A 2303 8.34 -72.85 5.09
N GLY A 2304 7.47 -73.47 4.31
CA GLY A 2304 6.29 -74.10 4.89
C GLY A 2304 6.63 -75.25 5.81
N CYS A 2305 7.52 -76.15 5.37
CA CYS A 2305 7.85 -77.32 6.18
C CYS A 2305 8.75 -76.98 7.36
N GLY A 2306 9.03 -75.71 7.62
CA GLY A 2306 9.78 -75.32 8.78
C GLY A 2306 8.89 -74.84 9.92
N LEU A 2307 7.59 -74.72 9.67
CA LEU A 2307 6.65 -74.31 10.70
C LEU A 2307 5.37 -75.12 10.75
N GLN A 2308 5.13 -76.04 9.81
CA GLN A 2308 3.90 -76.81 9.78
C GLN A 2308 4.00 -77.95 10.79
N SER A 2309 3.02 -78.85 10.77
CA SER A 2309 3.03 -79.99 11.66
C SER A 2309 2.64 -81.29 10.96
N CYS A 2310 2.45 -81.26 9.64
CA CYS A 2310 2.06 -82.44 8.87
C CYS A 2310 0.77 -83.05 9.39
N PRO A 2311 -0.38 -82.41 9.17
CA PRO A 2311 -1.64 -82.94 9.72
C PRO A 2311 -1.98 -84.35 9.26
N MET A 2312 -1.63 -84.72 8.01
CA MET A 2312 -1.80 -86.09 7.58
C MET A 2312 -0.93 -87.04 8.40
N LEU A 2313 0.32 -86.65 8.65
CA LEU A 2313 1.16 -87.41 9.57
C LEU A 2313 0.57 -87.40 10.97
N LEU A 2314 0.02 -86.27 11.40
CA LEU A 2314 -0.64 -86.19 12.70
C LEU A 2314 -1.88 -87.07 12.75
N ALA A 2315 -2.56 -87.28 11.62
CA ALA A 2315 -3.82 -88.02 11.64
C ALA A 2315 -3.63 -89.44 12.15
N LYS A 2316 -2.40 -89.97 12.07
CA LYS A 2316 -2.09 -91.27 12.63
C LYS A 2316 -1.90 -91.23 14.15
N GLY A 2317 -2.14 -90.07 14.77
CA GLY A 2317 -1.96 -89.91 16.20
C GLY A 2317 -0.50 -89.86 16.60
N TYR A 2318 0.23 -88.87 16.08
CA TYR A 2318 1.66 -88.71 16.30
C TYR A 2318 1.92 -87.36 16.97
N PRO A 2319 3.05 -87.23 17.69
CA PRO A 2319 3.33 -85.97 18.41
C PRO A 2319 3.28 -84.74 17.52
N ASP A 2320 4.11 -84.71 16.46
CA ASP A 2320 4.16 -83.59 15.54
C ASP A 2320 4.47 -82.29 16.31
N ILE A 2321 5.68 -82.27 16.86
CA ILE A 2321 6.03 -81.24 17.83
C ILE A 2321 6.12 -79.87 17.17
N GLY A 2322 7.10 -79.67 16.28
CA GLY A 2322 7.29 -78.35 15.72
C GLY A 2322 7.31 -78.27 14.20
N TRP A 2323 7.69 -79.36 13.54
CA TRP A 2323 7.89 -79.33 12.10
C TRP A 2323 8.03 -80.76 11.60
N ASN A 2324 8.01 -80.90 10.28
CA ASN A 2324 8.09 -82.21 9.65
C ASN A 2324 9.38 -82.38 8.85
N PRO A 2325 10.26 -83.31 9.24
CA PRO A 2325 11.45 -83.58 8.42
C PRO A 2325 11.17 -84.38 7.15
N CYS A 2326 10.04 -85.10 7.09
CA CYS A 2326 9.73 -85.89 5.91
C CYS A 2326 9.56 -85.00 4.69
N GLY A 2327 8.76 -83.94 4.82
CA GLY A 2327 8.57 -83.04 3.69
C GLY A 2327 9.84 -82.30 3.30
N GLY A 2328 10.61 -81.85 4.30
CA GLY A 2328 11.81 -81.09 4.00
C GLY A 2328 12.85 -81.88 3.22
N GLU A 2329 12.99 -83.17 3.53
CA GLU A 2329 13.98 -84.00 2.85
C GLU A 2329 13.67 -84.19 1.37
N ARG A 2330 12.45 -83.89 0.93
CA ARG A 2330 12.10 -84.03 -0.47
C ARG A 2330 12.40 -82.78 -1.28
N TYR A 2331 12.04 -81.60 -0.75
CA TYR A 2331 12.36 -80.36 -1.44
C TYR A 2331 13.86 -80.20 -1.61
N LEU A 2332 14.62 -80.49 -0.56
CA LEU A 2332 16.07 -80.27 -0.59
C LEU A 2332 16.75 -81.22 -1.57
N ASP A 2333 16.23 -82.44 -1.71
CA ASP A 2333 16.79 -83.37 -2.69
C ASP A 2333 16.74 -82.80 -4.10
N PHE A 2334 15.72 -81.99 -4.40
CA PHE A 2334 15.66 -81.35 -5.71
C PHE A 2334 16.77 -80.32 -5.87
N LEU A 2335 17.00 -79.50 -4.84
CA LEU A 2335 18.00 -78.44 -4.94
C LEU A 2335 19.40 -79.00 -5.18
N ARG A 2336 19.65 -80.22 -4.73
CA ARG A 2336 20.97 -80.83 -4.95
C ARG A 2336 21.28 -80.98 -6.43
N PHE A 2337 20.26 -81.17 -7.26
CA PHE A 2337 20.45 -81.38 -8.69
C PHE A 2337 20.53 -80.08 -9.49
N ALA A 2338 20.39 -78.93 -8.84
CA ALA A 2338 20.46 -77.65 -9.51
C ALA A 2338 21.65 -76.81 -9.06
N VAL A 2339 22.50 -77.34 -8.20
CA VAL A 2339 23.68 -76.61 -7.75
C VAL A 2339 24.89 -77.14 -8.51
N PHE A 2340 24.91 -78.43 -8.80
CA PHE A 2340 25.95 -79.03 -9.60
C PHE A 2340 25.29 -79.92 -10.65
N VAL A 2341 26.00 -80.11 -11.77
CA VAL A 2341 25.52 -80.95 -12.85
C VAL A 2341 26.49 -82.10 -13.16
N ASN A 2342 27.79 -81.82 -13.20
CA ASN A 2342 28.77 -82.87 -13.50
C ASN A 2342 30.08 -82.47 -12.81
N GLY A 2343 30.32 -83.07 -11.65
CA GLY A 2343 31.57 -82.87 -10.94
C GLY A 2343 31.84 -81.46 -10.46
N GLU A 2344 30.96 -80.94 -9.60
CA GLU A 2344 31.20 -79.71 -8.84
C GLU A 2344 31.45 -78.51 -9.77
N SER A 2345 30.40 -78.17 -10.51
CA SER A 2345 30.47 -77.03 -11.43
C SER A 2345 29.23 -76.16 -11.31
N VAL A 2346 29.05 -75.25 -12.28
CA VAL A 2346 27.94 -74.29 -12.35
C VAL A 2346 27.68 -73.63 -11.00
N GLU A 2347 28.19 -72.40 -10.84
CA GLU A 2347 28.08 -71.69 -9.57
C GLU A 2347 27.13 -70.49 -9.61
N GLU A 2348 26.75 -70.01 -10.80
CA GLU A 2348 25.89 -68.84 -10.87
C GLU A 2348 24.57 -69.06 -10.15
N ASN A 2349 23.90 -70.17 -10.44
CA ASN A 2349 22.69 -70.50 -9.70
C ASN A 2349 23.02 -70.92 -8.27
N ALA A 2350 24.18 -71.54 -8.07
CA ALA A 2350 24.60 -71.88 -6.71
C ALA A 2350 24.81 -70.63 -5.86
N ASN A 2351 25.41 -69.59 -6.44
CA ASN A 2351 25.66 -68.36 -5.71
C ASN A 2351 24.36 -67.74 -5.19
N VAL A 2352 23.34 -67.69 -6.05
CA VAL A 2352 22.08 -67.07 -5.65
C VAL A 2352 21.29 -67.94 -4.69
N VAL A 2353 21.58 -69.25 -4.62
CA VAL A 2353 20.86 -70.12 -3.70
C VAL A 2353 21.20 -69.76 -2.26
N VAL A 2354 22.49 -69.60 -1.95
CA VAL A 2354 22.90 -69.32 -0.58
C VAL A 2354 22.48 -67.90 -0.19
N ARG A 2355 22.58 -66.94 -1.12
CA ARG A 2355 22.16 -65.59 -0.83
C ARG A 2355 20.65 -65.47 -0.66
N LEU A 2356 19.89 -66.39 -1.25
CA LEU A 2356 18.44 -66.41 -1.09
C LEU A 2356 18.02 -67.21 0.12
N LEU A 2357 18.68 -68.34 0.37
CA LEU A 2357 18.33 -69.20 1.50
C LEU A 2357 18.58 -68.50 2.83
N ILE A 2358 19.60 -67.65 2.90
CA ILE A 2358 19.91 -66.97 4.16
C ILE A 2358 18.80 -65.98 4.52
N ARG A 2359 18.12 -65.43 3.51
CA ARG A 2359 17.13 -64.38 3.76
C ARG A 2359 16.02 -64.90 4.67
N LYS A 2360 15.65 -66.16 4.53
CA LYS A 2360 14.63 -66.77 5.37
C LYS A 2360 15.30 -67.69 6.39
N PRO A 2361 15.64 -67.18 7.58
CA PRO A 2361 16.30 -68.04 8.58
C PRO A 2361 15.43 -69.20 9.05
N GLU A 2362 14.12 -69.07 8.96
CA GLU A 2362 13.23 -70.17 9.37
C GLU A 2362 13.42 -71.42 8.52
N CYS A 2363 14.07 -71.30 7.36
CA CYS A 2363 14.37 -72.46 6.54
C CYS A 2363 15.21 -73.49 7.30
N PHE A 2364 16.12 -73.03 8.14
CA PHE A 2364 16.88 -73.94 8.99
C PHE A 2364 15.97 -74.57 10.04
N GLY A 2365 16.23 -75.83 10.34
CA GLY A 2365 15.54 -76.51 11.41
C GLY A 2365 15.74 -75.79 12.73
N PRO A 2366 14.66 -75.59 13.49
CA PRO A 2366 14.75 -74.75 14.69
C PRO A 2366 15.62 -75.34 15.80
N ALA A 2367 16.12 -76.56 15.63
CA ALA A 2367 17.06 -77.10 16.63
C ALA A 2367 18.31 -76.25 16.72
N LEU A 2368 18.76 -75.71 15.59
CA LEU A 2368 19.90 -74.80 15.54
C LEU A 2368 19.52 -73.59 14.70
N ARG A 2369 20.47 -72.67 14.56
CA ARG A 2369 20.28 -71.43 13.79
C ARG A 2369 19.04 -70.69 14.27
N GLY A 2370 18.93 -70.53 15.58
CA GLY A 2370 17.80 -69.86 16.17
C GLY A 2370 18.18 -69.01 17.38
N GLU A 2371 17.20 -68.69 18.21
CA GLU A 2371 17.44 -67.87 19.40
C GLU A 2371 17.55 -68.67 20.68
N GLY A 2372 16.84 -69.79 20.79
CA GLY A 2372 16.88 -70.59 21.99
C GLY A 2372 18.20 -71.30 22.19
N GLY A 2373 18.52 -72.24 21.29
CA GLY A 2373 19.76 -72.98 21.39
C GLY A 2373 20.09 -73.60 20.05
N SER A 2374 21.26 -74.22 19.99
CA SER A 2374 21.73 -74.84 18.76
C SER A 2374 21.97 -76.34 18.89
N GLY A 2375 22.67 -76.77 19.94
CA GLY A 2375 22.88 -78.18 20.17
C GLY A 2375 23.58 -78.91 19.04
N LEU A 2376 24.69 -78.33 18.55
CA LEU A 2376 25.39 -78.88 17.40
C LEU A 2376 25.62 -80.38 17.53
N LEU A 2377 26.30 -80.80 18.59
CA LEU A 2377 26.45 -82.22 18.87
C LEU A 2377 25.37 -82.76 19.78
N ALA A 2378 24.39 -81.93 20.15
CA ALA A 2378 23.30 -82.36 21.01
C ALA A 2378 22.00 -82.62 20.26
N ALA A 2379 21.72 -81.87 19.20
CA ALA A 2379 20.48 -82.09 18.45
C ALA A 2379 20.45 -83.49 17.86
N ILE A 2380 21.56 -83.92 17.25
CA ILE A 2380 21.65 -85.31 16.81
C ILE A 2380 21.67 -86.25 18.00
N GLU A 2381 22.39 -85.89 19.06
CA GLU A 2381 22.40 -86.70 20.26
C GLU A 2381 21.00 -86.79 20.87
N GLU A 2382 20.24 -85.69 20.83
CA GLU A 2382 18.85 -85.75 21.26
C GLU A 2382 18.06 -86.72 20.38
N ALA A 2383 18.30 -86.70 19.07
CA ALA A 2383 17.65 -87.65 18.18
C ALA A 2383 18.08 -89.08 18.52
N ILE A 2384 19.34 -89.26 18.93
CA ILE A 2384 19.80 -90.58 19.34
C ILE A 2384 19.04 -91.04 20.58
N ARG A 2385 18.79 -90.13 21.53
CA ARG A 2385 18.02 -90.48 22.71
C ARG A 2385 16.60 -90.91 22.33
N ILE A 2386 15.96 -90.20 21.41
CA ILE A 2386 14.64 -90.59 20.95
C ILE A 2386 14.71 -91.77 19.98
N SER A 2387 15.89 -92.05 19.42
CA SER A 2387 16.03 -93.19 18.51
C SER A 2387 15.69 -94.50 19.22
N GLU A 2388 16.30 -94.73 20.38
CA GLU A 2388 15.99 -95.90 21.19
C GLU A 2388 14.94 -95.58 22.25
N ASP A 2389 13.83 -94.98 21.83
CA ASP A 2389 12.71 -94.64 22.72
C ASP A 2389 11.41 -94.92 21.99
N PRO A 2390 11.01 -96.19 21.91
CA PRO A 2390 9.77 -96.52 21.17
C PRO A 2390 8.54 -95.82 21.73
N ALA A 2391 8.51 -95.54 23.03
CA ALA A 2391 7.35 -94.87 23.62
C ALA A 2391 7.16 -93.47 23.06
N ARG A 2392 8.24 -92.70 22.93
CA ARG A 2392 8.16 -91.32 22.46
C ARG A 2392 7.67 -91.26 21.02
N ASP A 2393 8.49 -91.76 20.10
CA ASP A 2393 8.28 -91.84 18.65
C ASP A 2393 6.88 -91.48 18.17
N GLY A 2394 6.14 -92.47 17.65
CA GLY A 2394 4.77 -92.28 17.28
C GLY A 2394 3.91 -93.45 17.71
N PRO A 2395 4.34 -94.14 18.78
CA PRO A 2395 3.74 -95.35 19.38
C PRO A 2395 3.44 -96.43 18.36
N ASN A 2414 8.50 -92.15 10.30
CA ASN A 2414 7.41 -92.54 9.42
C ASN A 2414 7.02 -93.99 9.64
N ARG A 2415 7.09 -94.79 8.56
CA ARG A 2415 6.78 -96.21 8.66
C ARG A 2415 7.79 -96.98 9.47
N VAL A 2416 8.93 -96.38 9.80
CA VAL A 2416 9.97 -97.02 10.60
C VAL A 2416 10.09 -96.37 11.97
N HIS A 2417 10.45 -95.09 12.02
CA HIS A 2417 10.59 -94.33 13.26
C HIS A 2417 10.67 -92.85 12.90
N LEU A 2418 10.91 -92.02 13.92
CA LEU A 2418 11.01 -90.57 13.76
C LEU A 2418 12.44 -90.06 13.84
N GLY A 2419 13.28 -90.70 14.67
CA GLY A 2419 14.66 -90.23 14.79
C GLY A 2419 15.44 -90.32 13.50
N HIS A 2420 15.18 -91.34 12.69
CA HIS A 2420 15.85 -91.45 11.40
C HIS A 2420 15.47 -90.28 10.49
N ALA A 2421 14.21 -89.85 10.54
CA ALA A 2421 13.78 -88.71 9.74
C ALA A 2421 14.52 -87.44 10.16
N ILE A 2422 14.71 -87.22 11.46
CA ILE A 2422 15.49 -86.08 11.93
C ILE A 2422 16.93 -86.18 11.46
N MET A 2423 17.52 -87.37 11.56
CA MET A 2423 18.88 -87.56 11.07
C MET A 2423 18.96 -87.31 9.58
N SER A 2424 17.95 -87.76 8.83
CA SER A 2424 17.96 -87.58 7.38
C SER A 2424 17.98 -86.10 7.01
N PHE A 2425 17.23 -85.27 7.72
CA PHE A 2425 17.13 -83.85 7.38
C PHE A 2425 18.48 -83.16 7.49
N TYR A 2426 19.02 -83.08 8.71
CA TYR A 2426 20.21 -82.27 8.94
C TYR A 2426 21.41 -82.80 8.15
N ALA A 2427 21.52 -84.12 8.01
CA ALA A 2427 22.58 -84.68 7.19
C ALA A 2427 22.43 -84.24 5.73
N ALA A 2428 21.19 -84.22 5.23
CA ALA A 2428 20.97 -83.80 3.84
C ALA A 2428 21.19 -82.31 3.66
N LEU A 2429 20.88 -81.50 4.68
CA LEU A 2429 21.07 -80.05 4.56
C LEU A 2429 22.55 -79.71 4.42
N ILE A 2430 23.40 -80.30 5.27
CA ILE A 2430 24.83 -80.05 5.17
C ILE A 2430 25.39 -80.62 3.89
N ASP A 2431 24.80 -81.70 3.37
CA ASP A 2431 25.18 -82.21 2.06
C ASP A 2431 24.94 -81.16 0.98
N LEU A 2432 23.82 -80.44 1.07
CA LEU A 2432 23.57 -79.35 0.15
C LEU A 2432 24.62 -78.25 0.30
N LEU A 2433 24.85 -77.78 1.53
CA LEU A 2433 25.88 -76.78 1.77
C LEU A 2433 27.26 -77.38 1.96
N GLY A 2434 27.62 -78.34 1.12
CA GLY A 2434 28.99 -78.80 0.99
C GLY A 2434 29.35 -78.79 -0.47
N ARG A 2435 28.32 -78.93 -1.30
CA ARG A 2435 28.46 -78.87 -2.75
C ARG A 2435 28.01 -77.52 -3.31
N CYS A 2436 27.26 -76.75 -2.52
CA CYS A 2436 27.00 -75.35 -2.81
C CYS A 2436 28.18 -74.46 -2.43
N ALA A 2437 29.33 -75.07 -2.14
CA ALA A 2437 30.59 -74.40 -1.87
C ALA A 2437 30.90 -73.43 -3.00
N PRO A 2438 31.75 -72.41 -2.78
CA PRO A 2438 31.98 -71.40 -3.82
C PRO A 2438 32.45 -72.02 -5.13
N GLU A 2439 33.59 -72.70 -5.10
CA GLU A 2439 34.11 -73.41 -6.25
C GLU A 2439 35.36 -74.19 -5.86
N MET A 2440 35.92 -74.94 -6.81
CA MET A 2440 37.24 -75.50 -6.58
C MET A 2440 38.28 -74.38 -6.55
N HIS A 2441 39.51 -74.73 -6.16
CA HIS A 2441 40.54 -73.73 -6.00
C HIS A 2441 40.97 -73.09 -7.32
N LEU A 2442 40.34 -73.44 -8.44
CA LEU A 2442 40.61 -72.72 -9.69
C LEU A 2442 40.20 -71.26 -9.57
N ILE A 2443 39.10 -70.99 -8.86
CA ILE A 2443 38.63 -69.63 -8.65
C ILE A 2443 39.03 -69.09 -7.28
N GLN A 2444 39.02 -69.96 -6.26
CA GLN A 2444 39.28 -69.50 -4.89
C GLN A 2444 40.73 -69.07 -4.68
N ALA A 2445 41.64 -69.44 -5.59
CA ALA A 2445 43.04 -69.06 -5.46
C ALA A 2445 43.44 -67.94 -6.40
N GLY A 2446 42.51 -67.39 -7.18
CA GLY A 2446 42.84 -66.33 -8.10
C GLY A 2446 41.78 -65.26 -8.24
N LYS A 2447 40.95 -65.09 -7.21
CA LYS A 2447 39.84 -64.14 -7.27
C LYS A 2447 39.51 -63.75 -5.84
N GLY A 2448 38.58 -62.82 -5.69
CA GLY A 2448 38.18 -62.35 -4.37
C GLY A 2448 36.68 -62.29 -4.17
N GLU A 2449 35.93 -62.69 -5.19
CA GLU A 2449 34.47 -62.75 -5.06
C GLU A 2449 34.04 -64.02 -4.33
N ALA A 2450 34.56 -65.17 -4.75
CA ALA A 2450 34.17 -66.44 -4.16
C ALA A 2450 34.54 -66.54 -2.69
N LEU A 2451 35.57 -65.82 -2.25
CA LEU A 2451 35.97 -65.88 -0.85
C LEU A 2451 34.89 -65.33 0.06
N ARG A 2452 34.06 -64.41 -0.44
CA ARG A 2452 32.96 -63.90 0.36
C ARG A 2452 31.98 -65.00 0.71
N ILE A 2453 31.65 -65.86 -0.26
CA ILE A 2453 30.71 -66.95 0.01
C ILE A 2453 31.33 -67.96 0.97
N ARG A 2454 32.61 -68.27 0.80
CA ARG A 2454 33.26 -69.26 1.65
C ARG A 2454 33.25 -68.82 3.11
N ALA A 2455 33.43 -67.52 3.37
CA ALA A 2455 33.37 -67.03 4.74
C ALA A 2455 31.99 -67.22 5.35
N ILE A 2456 30.94 -67.03 4.55
CA ILE A 2456 29.57 -67.13 5.07
C ILE A 2456 29.29 -68.56 5.53
N LEU A 2457 29.48 -69.53 4.63
CA LEU A 2457 29.10 -70.90 4.95
C LEU A 2457 29.98 -71.49 6.03
N ARG A 2458 31.26 -71.09 6.07
CA ARG A 2458 32.14 -71.55 7.14
C ARG A 2458 31.72 -71.00 8.50
N SER A 2459 31.05 -69.86 8.53
CA SER A 2459 30.64 -69.25 9.79
C SER A 2459 29.38 -69.89 10.37
N LEU A 2460 28.72 -70.78 9.64
CA LEU A 2460 27.49 -71.40 10.12
C LEU A 2460 27.69 -72.80 10.67
N VAL A 2461 28.78 -73.47 10.31
CA VAL A 2461 29.08 -74.80 10.82
C VAL A 2461 30.44 -74.76 11.51
N PRO A 2462 30.47 -74.65 12.83
CA PRO A 2462 31.74 -74.70 13.55
C PRO A 2462 32.46 -76.03 13.33
N LEU A 2463 33.79 -75.95 13.18
CA LEU A 2463 34.56 -77.16 12.91
C LEU A 2463 34.71 -78.02 14.15
N ASP A 2464 34.70 -77.40 15.34
CA ASP A 2464 34.91 -78.16 16.57
C ASP A 2464 33.82 -79.20 16.78
N ASP A 2465 32.56 -78.82 16.57
CA ASP A 2465 31.48 -79.79 16.69
C ASP A 2465 31.47 -80.75 15.50
N LEU A 2466 31.80 -80.26 14.31
CA LEU A 2466 31.73 -81.08 13.12
C LEU A 2466 32.73 -82.24 13.18
N VAL A 2467 33.93 -81.98 13.68
CA VAL A 2467 34.94 -83.04 13.75
C VAL A 2467 34.50 -84.14 14.70
N GLY A 2468 33.82 -83.77 15.80
CA GLY A 2468 33.39 -84.75 16.77
C GLY A 2468 32.20 -85.58 16.32
N ILE A 2469 31.45 -85.12 15.32
CA ILE A 2469 30.24 -85.84 14.93
C ILE A 2469 30.55 -87.17 14.25
N ILE A 2470 31.77 -87.34 13.76
CA ILE A 2470 32.15 -88.62 13.09
C ILE A 2470 32.66 -89.53 14.20
N SER A 2471 31.72 -90.20 14.85
CA SER A 2471 32.01 -91.09 15.98
C SER A 2471 30.71 -91.79 16.37
N LEU A 2472 30.84 -92.73 17.30
CA LEU A 2472 29.72 -93.45 17.89
C LEU A 2472 28.92 -94.22 16.85
N PRO A 2473 29.45 -95.31 16.30
CA PRO A 2473 28.63 -96.20 15.48
C PRO A 2473 27.75 -97.08 16.35
N LEU A 2474 26.56 -97.40 15.84
CA LEU A 2474 25.55 -98.07 16.65
C LEU A 2474 26.02 -99.44 17.12
N GLN A 2475 26.21 -100.38 16.20
CA GLN A 2475 26.61 -101.75 16.55
C GLN A 2475 26.90 -102.50 15.26
N ILE A 2476 27.25 -103.78 15.41
CA ILE A 2476 27.45 -104.69 14.27
C ILE A 2476 26.71 -105.98 14.55
N PRO A 2477 26.10 -106.56 13.51
CA PRO A 2477 25.40 -107.84 13.70
C PRO A 2477 26.30 -108.90 14.30
N THR A 2478 25.76 -109.65 15.27
CA THR A 2478 26.52 -110.65 16.00
C THR A 2478 25.55 -111.65 16.60
N LEU A 2479 26.11 -112.78 17.04
CA LEU A 2479 25.36 -113.86 17.67
C LEU A 2479 24.25 -114.38 16.77
N GLN A 2487 21.94 -111.56 14.10
CA GLN A 2487 21.11 -110.55 14.73
C GLN A 2487 21.55 -109.15 14.33
N PRO A 2488 20.99 -108.64 13.23
CA PRO A 2488 21.35 -107.32 12.73
C PRO A 2488 20.47 -106.24 13.35
N LYS A 2489 20.78 -104.98 13.02
CA LYS A 2489 20.01 -103.85 13.53
C LYS A 2489 18.86 -103.51 12.59
N MET A 2490 18.28 -102.34 12.78
CA MET A 2490 17.15 -101.91 11.95
C MET A 2490 17.42 -100.55 11.30
N SER A 2491 16.89 -100.37 10.09
CA SER A 2491 17.03 -99.10 9.38
C SER A 2491 15.93 -98.14 9.79
N ALA A 2492 15.75 -97.99 11.10
CA ALA A 2492 14.71 -97.12 11.64
C ALA A 2492 15.32 -96.05 12.54
N SER A 2493 16.55 -96.28 12.97
CA SER A 2493 17.23 -95.33 13.85
C SER A 2493 18.31 -94.56 13.10
N PHE A 2494 19.00 -93.68 13.81
CA PHE A 2494 20.07 -92.88 13.22
C PHE A 2494 21.27 -93.76 12.87
N VAL A 2495 21.35 -94.16 11.61
CA VAL A 2495 22.42 -95.04 11.15
C VAL A 2495 23.75 -94.31 11.06
N PRO A 2496 24.69 -94.91 10.34
CA PRO A 2496 26.02 -94.33 10.17
C PRO A 2496 26.41 -94.29 8.70
N ASP A 2497 25.60 -94.93 7.87
CA ASP A 2497 25.85 -94.96 6.43
C ASP A 2497 25.67 -93.56 5.84
N HIS A 2498 24.70 -92.82 6.38
CA HIS A 2498 24.44 -91.46 5.92
C HIS A 2498 25.13 -90.44 6.81
N LYS A 2499 26.41 -90.68 7.08
CA LYS A 2499 27.22 -89.74 7.86
C LYS A 2499 28.35 -89.21 6.99
N ALA A 2500 28.38 -89.66 5.74
CA ALA A 2500 29.40 -89.23 4.79
C ALA A 2500 29.05 -87.84 4.24
N SER A 2501 27.88 -87.34 4.62
CA SER A 2501 27.45 -86.02 4.21
C SER A 2501 28.22 -84.95 5.00
N MET A 2502 28.89 -85.38 6.05
CA MET A 2502 29.73 -84.48 6.84
C MET A 2502 31.19 -84.62 6.42
N VAL A 2503 31.48 -85.64 5.63
CA VAL A 2503 32.82 -85.85 5.12
C VAL A 2503 33.10 -84.88 3.97
N LEU A 2504 32.14 -84.77 3.06
CA LEU A 2504 32.27 -83.85 1.93
C LEU A 2504 32.06 -82.41 2.40
N PHE A 2505 31.54 -82.26 3.61
CA PHE A 2505 31.27 -80.94 4.17
C PHE A 2505 32.54 -80.30 4.72
N LEU A 2506 33.56 -81.13 4.92
CA LEU A 2506 34.83 -80.64 5.46
C LEU A 2506 35.94 -80.80 4.43
N ASP A 2507 35.68 -81.60 3.41
CA ASP A 2507 36.66 -81.83 2.36
C ASP A 2507 36.73 -80.64 1.41
N ARG A 2508 35.64 -79.90 1.32
CA ARG A 2508 35.56 -78.76 0.41
C ARG A 2508 34.95 -77.53 1.10
N VAL A 2509 35.51 -77.16 2.23
CA VAL A 2509 35.05 -75.98 2.96
C VAL A 2509 36.14 -75.47 3.90
N TYR A 2510 36.64 -76.37 4.74
CA TYR A 2510 37.72 -76.04 5.66
C TYR A 2510 39.01 -76.73 5.20
N GLY A 2511 38.87 -77.98 4.78
CA GLY A 2511 39.96 -78.77 4.18
C GLY A 2511 41.12 -79.06 5.13
N ILE A 2512 41.88 -80.10 4.80
CA ILE A 2512 43.06 -80.47 5.57
C ILE A 2512 44.18 -79.46 5.30
N GLU A 2513 45.07 -79.29 6.27
CA GLU A 2513 46.14 -78.31 6.14
C GLU A 2513 47.40 -78.71 6.90
N ASN A 2514 47.40 -78.45 8.21
CA ASN A 2514 48.57 -78.68 9.04
C ASN A 2514 48.79 -80.16 9.33
N GLN A 2515 48.71 -80.53 10.61
CA GLN A 2515 48.90 -81.91 11.03
C GLN A 2515 47.74 -82.39 11.89
N ASP A 2516 46.57 -81.77 11.68
CA ASP A 2516 45.37 -82.16 12.41
C ASP A 2516 44.78 -83.43 11.83
N PHE A 2517 45.35 -83.89 10.71
CA PHE A 2517 44.92 -85.12 10.07
C PHE A 2517 45.12 -86.31 11.01
N LEU A 2518 46.13 -86.21 11.87
CA LEU A 2518 46.40 -87.25 12.85
C LEU A 2518 45.27 -87.34 13.86
N LEU A 2519 44.79 -86.19 14.33
CA LEU A 2519 43.66 -86.13 15.23
C LEU A 2519 42.39 -86.54 14.49
N HIS A 2520 42.37 -86.25 13.18
CA HIS A 2520 41.27 -86.66 12.33
C HIS A 2520 41.34 -88.15 12.07
N VAL A 2521 42.55 -88.70 12.05
CA VAL A 2521 42.75 -90.13 11.89
C VAL A 2521 42.59 -90.83 13.23
N LEU A 2522 42.48 -90.04 14.30
CA LEU A 2522 42.25 -90.59 15.63
C LEU A 2522 40.76 -90.60 15.94
N ASP A 2523 39.95 -90.66 14.88
CA ASP A 2523 38.50 -90.70 15.02
C ASP A 2523 37.88 -91.36 13.79
N VAL A 2524 38.53 -91.20 12.65
CA VAL A 2524 38.06 -91.80 11.41
C VAL A 2524 38.53 -93.26 11.31
N GLY A 2525 39.70 -93.53 11.88
CA GLY A 2525 40.25 -94.89 11.86
C GLY A 2525 39.54 -95.78 12.87
N PHE A 2526 38.83 -95.15 13.81
CA PHE A 2526 38.04 -95.90 14.80
C PHE A 2526 36.94 -96.67 14.09
N LEU A 2527 36.37 -96.07 13.05
CA LEU A 2527 35.36 -96.74 12.24
C LEU A 2527 36.02 -97.71 11.28
N PRO A 2528 37.23 -97.35 10.84
CA PRO A 2528 38.00 -98.21 9.94
C PRO A 2528 38.56 -99.41 10.69
N ASP A 2529 38.56 -99.32 12.02
CA ASP A 2529 39.02 -100.42 12.86
C ASP A 2529 38.09 -101.62 12.71
N MET A 2530 36.84 -101.34 12.35
CA MET A 2530 35.87 -102.39 12.08
C MET A 2530 35.85 -102.71 10.59
N ARG A 2531 37.03 -102.86 10.01
CA ARG A 2531 37.16 -103.15 8.59
C ARG A 2531 36.67 -104.56 8.28
N ALA A 2532 37.52 -105.55 8.53
CA ALA A 2532 37.18 -106.95 8.27
C ALA A 2532 36.61 -107.58 9.54
N ALA A 2533 35.85 -106.80 10.31
CA ALA A 2533 35.23 -107.30 11.52
C ALA A 2533 33.97 -108.08 11.21
N ALA A 2534 33.59 -108.08 9.93
CA ALA A 2534 32.42 -108.83 9.48
C ALA A 2534 32.69 -109.48 8.13
N SER A 2535 33.80 -109.09 7.51
CA SER A 2535 34.18 -109.62 6.21
C SER A 2535 34.75 -111.02 6.33
N LEU A 2536 33.90 -111.99 6.68
CA LEU A 2536 34.32 -113.37 6.84
C LEU A 2536 33.12 -114.31 6.80
N ASP A 2537 32.29 -114.23 7.84
CA ASP A 2537 31.12 -115.09 7.95
C ASP A 2537 30.12 -114.79 6.84
N THR A 2538 29.42 -113.67 6.96
CA THR A 2538 28.40 -113.29 5.98
C THR A 2538 28.36 -111.79 5.76
N ALA A 2539 28.29 -111.03 6.85
CA ALA A 2539 28.18 -109.57 6.82
C ALA A 2539 26.94 -109.12 6.07
N THR A 2540 25.86 -108.89 6.80
CA THR A 2540 24.59 -108.49 6.20
C THR A 2540 24.68 -107.08 5.61
N PHE A 2541 24.41 -106.08 6.44
CA PHE A 2541 24.45 -104.69 5.99
C PHE A 2541 25.86 -104.26 5.61
N SER A 2542 26.15 -104.29 4.32
CA SER A 2542 27.47 -103.91 3.82
C SER A 2542 27.51 -102.43 3.48
N THR A 2543 26.92 -101.61 4.32
CA THR A 2543 26.88 -100.17 4.12
C THR A 2543 28.22 -99.53 4.48
N THR A 2544 29.07 -100.29 5.15
CA THR A 2544 30.40 -99.82 5.52
C THR A 2544 31.28 -99.70 4.28
N GLU A 2545 30.98 -100.51 3.27
CA GLU A 2545 31.71 -100.45 2.01
C GLU A 2545 31.33 -99.18 1.26
N MET A 2546 30.13 -98.68 1.53
CA MET A 2546 29.66 -97.45 0.91
C MET A 2546 30.36 -96.24 1.52
N ALA A 2547 30.87 -96.42 2.73
CA ALA A 2547 31.62 -95.36 3.41
C ALA A 2547 33.06 -95.35 2.93
N LEU A 2548 33.42 -96.35 2.14
CA LEU A 2548 34.75 -96.42 1.55
C LEU A 2548 34.72 -95.88 0.13
N ALA A 2549 33.90 -94.87 -0.09
CA ALA A 2549 33.79 -94.22 -1.39
C ALA A 2549 33.86 -92.70 -1.21
N LEU A 2550 34.09 -92.28 0.02
CA LEU A 2550 34.18 -90.86 0.35
C LEU A 2550 35.01 -90.62 1.60
N ASN A 2551 35.82 -91.62 1.98
CA ASN A 2551 36.68 -91.51 3.14
C ASN A 2551 38.10 -91.95 2.81
N ARG A 2552 38.21 -93.15 2.24
CA ARG A 2552 39.51 -93.68 1.82
C ARG A 2552 40.00 -92.91 0.60
N TYR A 2553 39.07 -92.37 -0.18
CA TYR A 2553 39.41 -91.58 -1.35
C TYR A 2553 39.97 -90.23 -0.91
N LEU A 2554 39.47 -89.73 0.22
CA LEU A 2554 39.94 -88.46 0.75
C LEU A 2554 41.30 -88.61 1.40
N CYS A 2555 41.56 -89.80 1.96
CA CYS A 2555 42.85 -90.08 2.58
C CYS A 2555 43.89 -90.34 1.51
N LEU A 2556 43.47 -90.90 0.39
CA LEU A 2556 44.37 -91.16 -0.73
C LEU A 2556 44.50 -89.90 -1.59
N ALA A 2557 44.75 -88.77 -0.93
CA ALA A 2557 44.88 -87.50 -1.61
C ALA A 2557 45.73 -86.56 -0.76
N VAL A 2558 46.51 -87.15 0.15
CA VAL A 2558 47.38 -86.37 1.02
C VAL A 2558 48.71 -87.10 1.23
N LEU A 2559 49.74 -86.64 0.53
CA LEU A 2559 51.07 -87.23 0.66
C LEU A 2559 51.80 -86.64 1.85
N PRO A 2560 51.14 -85.74 2.57
CA PRO A 2560 51.71 -85.11 3.75
C PRO A 2560 51.86 -86.13 4.87
N LEU A 2561 53.10 -86.55 5.12
CA LEU A 2561 53.38 -87.51 6.18
C LEU A 2561 54.70 -87.19 6.87
N ILE A 2562 54.73 -87.37 8.18
CA ILE A 2562 55.93 -87.07 8.96
C ILE A 2562 56.37 -88.27 9.78
N THR A 2563 56.61 -88.04 11.07
CA THR A 2563 57.06 -89.11 11.97
C THR A 2563 56.58 -88.86 13.40
N LYS A 2564 57.44 -89.19 14.36
CA LYS A 2564 57.15 -89.00 15.78
C LYS A 2564 55.90 -89.77 16.23
N CYS A 2565 55.58 -90.84 15.50
CA CYS A 2565 54.41 -91.66 15.81
C CYS A 2565 54.49 -93.00 15.11
N ALA A 2566 53.67 -93.94 15.56
CA ALA A 2566 53.63 -95.27 14.96
C ALA A 2566 52.20 -95.77 14.81
N PRO A 2567 51.25 -94.85 14.93
CA PRO A 2567 49.84 -95.19 14.80
C PRO A 2567 49.50 -95.52 13.35
N LEU A 2568 50.35 -95.05 12.44
CA LEU A 2568 50.18 -95.32 11.02
C LEU A 2568 50.38 -96.80 10.72
N PHE A 2569 51.22 -97.44 11.53
CA PHE A 2569 51.50 -98.87 11.38
C PHE A 2569 50.23 -99.69 11.59
N ALA A 2570 49.39 -99.24 12.53
CA ALA A 2570 48.11 -99.88 12.78
C ALA A 2570 47.17 -99.60 11.61
N GLY A 2571 47.35 -98.45 10.99
CA GLY A 2571 46.51 -98.05 9.86
C GLY A 2571 47.02 -98.65 8.55
N THR A 2572 48.32 -98.95 8.51
CA THR A 2572 48.93 -99.52 7.32
C THR A 2572 48.42 -100.94 7.09
N GLU A 2573 48.40 -101.73 8.15
CA GLU A 2573 47.92 -103.11 8.06
C GLU A 2573 46.40 -103.12 7.91
N HIS A 2574 45.75 -102.11 8.44
CA HIS A 2574 44.29 -102.00 8.37
C HIS A 2574 43.82 -101.92 6.93
N ARG A 2575 44.57 -101.18 6.10
CA ARG A 2575 44.27 -101.09 4.68
C ARG A 2575 44.55 -102.43 4.02
N ALA A 2576 45.58 -103.12 4.49
CA ALA A 2576 45.92 -104.45 3.98
C ALA A 2576 44.89 -105.46 4.47
N ILE A 2577 44.32 -105.20 5.64
CA ILE A 2577 43.30 -106.08 6.21
C ILE A 2577 41.99 -105.90 5.44
N MET A 2578 41.78 -104.72 4.88
CA MET A 2578 40.59 -104.45 4.09
C MET A 2578 40.76 -105.05 2.69
N VAL A 2579 42.01 -105.20 2.27
CA VAL A 2579 42.31 -105.78 0.96
C VAL A 2579 42.54 -107.27 1.07
N ASP A 2580 42.25 -107.83 2.24
CA ASP A 2580 42.43 -109.27 2.48
C ASP A 2580 41.46 -110.06 1.61
N SER A 2581 40.22 -109.57 1.53
CA SER A 2581 39.20 -110.22 0.71
C SER A 2581 39.52 -110.05 -0.77
N MET A 2582 39.73 -111.17 -1.46
CA MET A 2582 40.05 -111.14 -2.88
C MET A 2582 38.78 -111.06 -3.72
N LEU A 2583 37.63 -111.35 -3.10
CA LEU A 2583 36.36 -111.32 -3.79
C LEU A 2583 35.20 -111.20 -2.81
N HIS A 2584 35.49 -111.42 -1.53
CA HIS A 2584 34.46 -111.37 -0.49
C HIS A 2584 33.91 -109.96 -0.32
N THR A 2585 32.88 -109.63 -1.09
CA THR A 2585 32.22 -108.32 -1.04
C THR A 2585 33.23 -107.19 -1.24
N VAL A 2586 33.61 -106.95 -2.49
CA VAL A 2586 34.60 -105.92 -2.79
C VAL A 2586 34.20 -105.10 -4.01
N TYR A 2587 33.56 -105.76 -4.97
CA TYR A 2587 33.19 -105.15 -6.26
C TYR A 2587 34.43 -104.78 -7.07
N ARG A 2588 34.48 -105.27 -8.30
CA ARG A 2588 35.66 -105.08 -9.16
C ARG A 2588 36.01 -103.61 -9.40
N LEU A 2589 35.04 -102.73 -9.18
CA LEU A 2589 35.27 -101.30 -9.35
C LEU A 2589 35.60 -100.62 -8.02
N SER A 2590 34.95 -101.09 -6.95
CA SER A 2590 35.15 -100.51 -5.63
C SER A 2590 36.43 -101.03 -4.99
N ARG A 2591 36.98 -102.11 -5.54
CA ARG A 2591 38.20 -102.69 -5.02
C ARG A 2591 39.41 -101.86 -5.43
N GLY A 2592 39.28 -101.13 -6.54
CA GLY A 2592 40.37 -100.31 -7.06
C GLY A 2592 40.62 -99.09 -6.17
N ARG A 2593 39.58 -98.66 -5.45
CA ARG A 2593 39.71 -97.51 -4.56
C ARG A 2593 40.60 -97.85 -3.37
N SER A 2594 40.42 -99.04 -2.82
CA SER A 2594 41.23 -99.50 -1.69
C SER A 2594 42.62 -99.92 -2.16
N LEU A 2595 42.70 -100.37 -3.41
CA LEU A 2595 43.96 -100.81 -3.98
C LEU A 2595 44.87 -99.62 -4.29
N THR A 2596 44.26 -98.53 -4.74
CA THR A 2596 45.01 -97.31 -5.05
C THR A 2596 45.19 -96.46 -3.82
N LYS A 2597 44.60 -96.89 -2.71
CA LYS A 2597 44.70 -96.16 -1.44
C LYS A 2597 46.03 -96.44 -0.76
N ALA A 2598 46.58 -97.61 -1.02
CA ALA A 2598 47.84 -98.01 -0.39
C ALA A 2598 48.99 -97.98 -1.38
N GLN A 2599 48.68 -98.17 -2.67
CA GLN A 2599 49.68 -98.18 -3.72
C GLN A 2599 50.39 -96.83 -3.84
N ARG A 2600 49.71 -95.78 -3.39
CA ARG A 2600 50.28 -94.43 -3.42
C ARG A 2600 50.58 -93.95 -2.00
N ASP A 2601 50.24 -94.77 -1.02
CA ASP A 2601 50.49 -94.42 0.38
C ASP A 2601 51.90 -94.79 0.80
N VAL A 2602 52.61 -95.48 -0.10
CA VAL A 2602 53.97 -95.92 0.17
C VAL A 2602 54.97 -94.80 -0.05
N ILE A 2603 54.71 -93.97 -1.06
CA ILE A 2603 55.60 -92.87 -1.40
C ILE A 2603 55.35 -91.65 -0.53
N GLU A 2604 55.43 -91.84 0.79
CA GLU A 2604 55.22 -90.76 1.75
C GLU A 2604 55.75 -91.14 3.12
N ASP A 2605 55.90 -92.43 3.36
CA ASP A 2605 56.41 -92.93 4.63
C ASP A 2605 57.89 -92.59 4.79
N CYS A 2606 58.39 -92.71 6.02
CA CYS A 2606 59.77 -92.37 6.32
C CYS A 2606 60.69 -93.57 6.17
N LEU A 2607 60.40 -94.42 5.19
CA LEU A 2607 61.18 -95.63 4.93
C LEU A 2607 61.29 -96.51 6.17
N MET A 2608 60.26 -96.48 7.01
CA MET A 2608 60.24 -97.26 8.23
C MET A 2608 59.12 -98.28 8.22
N ALA A 2609 58.68 -98.66 7.02
CA ALA A 2609 57.64 -99.67 6.87
C ALA A 2609 58.19 -101.02 7.32
N LEU A 2610 58.09 -101.27 8.63
CA LEU A 2610 58.67 -102.48 9.23
C LEU A 2610 57.76 -103.69 9.08
N CYS A 2611 56.78 -103.81 9.98
CA CYS A 2611 55.93 -104.98 10.05
C CYS A 2611 55.10 -105.19 8.79
N ARG A 2612 54.91 -104.12 8.02
CA ARG A 2612 54.14 -104.19 6.79
C ARG A 2612 54.80 -105.14 5.79
N TYR A 2613 56.13 -105.16 5.79
CA TYR A 2613 56.88 -106.07 4.94
C TYR A 2613 56.81 -107.48 5.51
N ILE A 2614 56.86 -107.58 6.84
CA ILE A 2614 56.77 -108.87 7.51
C ILE A 2614 55.36 -109.42 7.43
N ARG A 2615 54.38 -108.52 7.25
CA ARG A 2615 53.00 -108.93 7.10
C ARG A 2615 52.85 -109.71 5.79
N PRO A 2616 53.53 -109.23 4.76
CA PRO A 2616 53.58 -109.94 3.49
C PRO A 2616 54.54 -111.12 3.61
N SER A 2617 55.82 -110.80 3.80
CA SER A 2617 56.87 -111.81 3.99
C SER A 2617 56.86 -112.87 2.89
N MET A 2618 56.32 -114.04 3.21
CA MET A 2618 56.22 -115.13 2.24
C MET A 2618 54.76 -115.42 1.93
N LEU A 2619 53.86 -114.80 2.69
CA LEU A 2619 52.42 -114.93 2.43
C LEU A 2619 52.11 -114.27 1.09
N GLN A 2620 52.84 -113.22 0.77
CA GLN A 2620 52.74 -112.58 -0.53
C GLN A 2620 53.35 -113.50 -1.58
N HIS A 2621 54.43 -114.18 -1.20
CA HIS A 2621 55.06 -115.15 -2.08
C HIS A 2621 54.15 -116.38 -2.21
N LEU A 2622 53.43 -116.68 -1.14
CA LEU A 2622 52.45 -117.76 -1.15
C LEU A 2622 51.31 -117.41 -2.07
N LEU A 2623 50.58 -118.42 -2.55
CA LEU A 2623 49.50 -118.23 -3.51
C LEU A 2623 50.02 -117.49 -4.74
N ARG A 2624 51.18 -117.91 -5.23
CA ARG A 2624 51.80 -117.29 -6.39
C ARG A 2624 51.18 -117.80 -7.69
N ARG A 2625 49.86 -117.87 -7.71
CA ARG A 2625 49.12 -118.32 -8.88
C ARG A 2625 47.68 -117.83 -8.78
N LEU A 2626 47.46 -116.84 -7.94
CA LEU A 2626 46.13 -116.30 -7.71
C LEU A 2626 46.00 -114.89 -8.26
N VAL A 2627 44.78 -114.35 -8.23
CA VAL A 2627 44.53 -113.00 -8.71
C VAL A 2627 44.94 -111.96 -7.67
N PHE A 2628 45.16 -112.43 -6.44
CA PHE A 2628 45.55 -111.55 -5.34
C PHE A 2628 47.06 -111.29 -5.37
N ASP A 2629 47.73 -111.82 -6.38
CA ASP A 2629 49.17 -111.65 -6.52
C ASP A 2629 49.54 -110.22 -6.89
N VAL A 2630 48.82 -109.65 -7.86
CA VAL A 2630 49.13 -108.32 -8.37
C VAL A 2630 48.75 -107.23 -7.36
N PRO A 2631 48.22 -107.63 -6.22
CA PRO A 2631 47.83 -106.68 -5.19
C PRO A 2631 49.05 -106.06 -4.51
N ILE A 2632 50.08 -106.88 -4.30
CA ILE A 2632 51.29 -106.42 -3.62
C ILE A 2632 52.53 -106.64 -4.48
N LEU A 2633 52.36 -107.27 -5.63
CA LEU A 2633 53.48 -107.53 -6.53
C LEU A 2633 54.05 -106.23 -7.08
N ASN A 2634 53.17 -105.40 -7.64
CA ASN A 2634 53.57 -104.11 -8.19
C ASN A 2634 53.90 -103.14 -7.06
N GLU A 2635 53.31 -103.39 -5.89
CA GLU A 2635 53.54 -102.54 -4.73
C GLU A 2635 54.93 -102.79 -4.15
N PHE A 2636 55.41 -104.01 -4.26
CA PHE A 2636 56.73 -104.37 -3.77
C PHE A 2636 57.82 -103.81 -4.68
N ALA A 2637 57.52 -103.72 -5.97
CA ALA A 2637 58.46 -103.20 -6.94
C ALA A 2637 58.65 -101.70 -6.77
N LYS A 2638 57.67 -101.05 -6.15
CA LYS A 2638 57.73 -99.60 -5.92
C LYS A 2638 58.69 -99.28 -4.78
N MET A 2639 58.90 -100.25 -3.90
CA MET A 2639 59.79 -100.06 -2.76
C MET A 2639 61.25 -100.21 -3.20
N PRO A 2640 61.51 -101.20 -4.06
CA PRO A 2640 62.86 -101.46 -4.53
C PRO A 2640 63.30 -100.44 -5.57
N LEU A 2641 62.34 -99.81 -6.24
CA LEU A 2641 62.65 -98.82 -7.26
C LEU A 2641 62.79 -97.43 -6.63
N LYS A 2642 62.73 -97.38 -5.31
CA LYS A 2642 62.90 -96.13 -4.58
C LYS A 2642 63.87 -96.32 -3.42
N LEU A 2643 64.73 -97.31 -3.55
CA LEU A 2643 65.71 -97.62 -2.51
C LEU A 2643 66.88 -98.43 -3.06
N LEU A 2644 67.21 -98.19 -4.33
CA LEU A 2644 68.31 -98.90 -4.98
C LEU A 2644 69.65 -98.26 -4.66
N THR A 2645 69.75 -97.66 -3.49
CA THR A 2645 70.97 -97.00 -3.05
C THR A 2645 70.93 -96.74 -1.55
N ASN A 2646 69.86 -97.18 -0.91
CA ASN A 2646 69.69 -97.01 0.53
C ASN A 2646 68.77 -98.07 1.11
N HIS A 2647 68.13 -97.75 2.23
CA HIS A 2647 67.22 -98.65 2.93
C HIS A 2647 67.90 -99.97 3.28
N TYR A 2648 69.22 -99.90 3.48
CA TYR A 2648 69.99 -101.08 3.84
C TYR A 2648 70.52 -100.93 5.25
N GLU A 2649 69.88 -100.05 6.02
CA GLU A 2649 70.27 -99.81 7.41
C GLU A 2649 69.38 -100.60 8.37
N ARG A 2650 69.34 -101.92 8.18
CA ARG A 2650 68.54 -102.79 9.03
C ARG A 2650 69.30 -104.08 9.34
N CYS A 2651 68.56 -105.15 9.58
CA CYS A 2651 69.17 -106.44 9.87
C CYS A 2651 68.24 -107.58 9.48
N TRP A 2652 67.18 -107.77 10.26
CA TRP A 2652 66.20 -108.81 10.00
C TRP A 2652 65.47 -108.56 8.68
N LYS A 2653 65.25 -107.28 8.38
CA LYS A 2653 64.62 -106.89 7.13
C LYS A 2653 65.52 -107.22 5.95
N TYR A 2654 66.81 -107.02 6.14
CA TYR A 2654 67.80 -107.38 5.11
C TYR A 2654 67.81 -108.89 4.92
N TYR A 2655 67.57 -109.61 6.01
CA TYR A 2655 67.48 -111.06 5.97
C TYR A 2655 66.13 -111.48 5.40
N CYS A 2656 65.11 -110.66 5.64
CA CYS A 2656 63.77 -110.94 5.16
C CYS A 2656 63.69 -110.76 3.65
N LEU A 2657 64.49 -109.84 3.13
CA LEU A 2657 64.54 -109.57 1.70
C LEU A 2657 65.06 -110.79 0.95
N PRO A 2658 66.16 -111.35 1.44
CA PRO A 2658 66.75 -112.54 0.84
C PRO A 2658 65.84 -113.75 1.09
N THR A 2659 65.17 -113.75 2.24
CA THR A 2659 64.24 -114.82 2.58
C THR A 2659 63.09 -114.83 1.59
N GLY A 2660 62.71 -113.64 1.13
CA GLY A 2660 61.65 -113.51 0.14
C GLY A 2660 62.20 -113.76 -1.26
N TRP A 2661 63.42 -113.28 -1.50
CA TRP A 2661 64.05 -113.40 -2.80
C TRP A 2661 64.29 -114.86 -3.18
N ALA A 2662 64.76 -115.65 -2.22
CA ALA A 2662 65.02 -117.06 -2.45
C ALA A 2662 63.72 -117.83 -2.64
N ASN A 2663 62.71 -117.43 -1.88
CA ASN A 2663 61.40 -118.09 -1.96
C ASN A 2663 60.61 -117.58 -3.15
N PHE A 2664 61.05 -116.46 -3.74
CA PHE A 2664 60.37 -115.87 -4.87
C PHE A 2664 60.54 -116.71 -6.13
N GLY A 2665 61.51 -117.63 -6.10
CA GLY A 2665 61.75 -118.53 -7.22
C GLY A 2665 60.51 -119.38 -7.49
N VAL A 2666 60.27 -120.35 -6.61
CA VAL A 2666 59.10 -121.21 -6.69
C VAL A 2666 58.95 -121.87 -8.06
N THR A 2667 57.76 -121.78 -8.64
CA THR A 2667 57.48 -122.38 -9.93
C THR A 2667 58.12 -121.56 -11.05
N SER A 2668 59.35 -121.92 -11.42
CA SER A 2668 60.05 -121.27 -12.51
C SER A 2668 59.73 -121.97 -13.83
N GLU A 2669 59.12 -123.14 -13.74
CA GLU A 2669 58.76 -123.92 -14.91
C GLU A 2669 57.45 -124.67 -14.66
N GLU A 2670 56.33 -124.00 -14.94
CA GLU A 2670 55.01 -124.59 -14.75
C GLU A 2670 54.00 -123.98 -15.71
N GLU A 2671 53.46 -122.82 -15.33
CA GLU A 2671 52.50 -122.11 -16.18
C GLU A 2671 53.20 -121.56 -17.41
N LEU A 2672 53.00 -122.23 -18.55
CA LEU A 2672 53.64 -121.82 -19.79
C LEU A 2672 52.87 -120.70 -20.49
N HIS A 2673 51.90 -120.14 -19.78
CA HIS A 2673 51.09 -119.04 -20.33
C HIS A 2673 51.97 -117.82 -20.58
N LEU A 2674 51.93 -117.32 -21.81
CA LEU A 2674 52.74 -116.17 -22.20
C LEU A 2674 52.21 -114.89 -21.55
N THR A 2675 50.92 -114.85 -21.28
CA THR A 2675 50.30 -113.68 -20.68
C THR A 2675 50.12 -113.85 -19.18
N ARG A 2676 50.84 -114.81 -18.61
CA ARG A 2676 50.74 -115.08 -17.18
C ARG A 2676 51.43 -114.00 -16.37
N LYS A 2677 51.35 -114.11 -15.05
CA LYS A 2677 51.96 -113.15 -14.15
C LYS A 2677 53.48 -113.22 -14.22
N LEU A 2678 53.99 -114.35 -14.72
CA LEU A 2678 55.43 -114.54 -14.87
C LEU A 2678 56.02 -113.51 -15.82
N PHE A 2679 55.34 -113.30 -16.94
CA PHE A 2679 55.78 -112.32 -17.92
C PHE A 2679 55.35 -110.91 -17.51
N TRP A 2680 54.46 -110.84 -16.53
CA TRP A 2680 54.00 -109.55 -16.01
C TRP A 2680 54.87 -109.10 -14.85
N GLY A 2681 55.01 -109.97 -13.85
CA GLY A 2681 55.83 -109.66 -12.68
C GLY A 2681 57.26 -110.14 -12.87
N ILE A 2682 57.75 -110.06 -14.10
CA ILE A 2682 59.13 -110.43 -14.40
C ILE A 2682 60.08 -109.37 -13.87
N PHE A 2683 59.60 -108.13 -13.82
CA PHE A 2683 60.39 -107.02 -13.30
C PHE A 2683 60.53 -107.13 -11.78
N ASP A 2684 59.62 -107.86 -11.16
CA ASP A 2684 59.65 -108.07 -9.72
C ASP A 2684 60.82 -108.97 -9.33
N SER A 2685 61.32 -109.73 -10.29
CA SER A 2685 62.45 -110.62 -10.06
C SER A 2685 63.75 -109.81 -10.01
N LEU A 2686 63.81 -108.76 -10.83
CA LEU A 2686 64.99 -107.89 -10.87
C LEU A 2686 65.06 -107.02 -9.61
N ALA A 2687 63.93 -106.87 -8.94
CA ALA A 2687 63.85 -106.06 -7.72
C ALA A 2687 64.53 -106.79 -6.57
N HIS A 2688 65.85 -106.93 -6.66
CA HIS A 2688 66.62 -107.60 -5.62
C HIS A 2688 68.07 -107.10 -5.65
N LYS A 2689 68.27 -105.95 -6.28
CA LYS A 2689 69.60 -105.35 -6.37
C LYS A 2689 69.90 -104.52 -5.13
N LYS A 2690 68.97 -104.53 -4.18
CA LYS A 2690 69.15 -103.80 -2.92
C LYS A 2690 70.27 -104.45 -2.10
N TYR A 2691 70.30 -105.78 -2.10
CA TYR A 2691 71.33 -106.53 -1.40
C TYR A 2691 72.66 -106.37 -2.10
N ASP A 2692 73.65 -105.85 -1.38
CA ASP A 2692 74.97 -105.62 -1.96
C ASP A 2692 75.75 -106.91 -2.08
N GLN A 2693 76.85 -107.01 -1.33
CA GLN A 2693 77.66 -108.22 -1.31
C GLN A 2693 77.18 -109.16 -0.21
N GLU A 2694 75.87 -109.29 -0.09
CA GLU A 2694 75.28 -110.15 0.92
C GLU A 2694 75.14 -111.58 0.39
N LEU A 2695 76.14 -112.01 -0.38
CA LEU A 2695 76.19 -113.38 -0.87
C LEU A 2695 76.53 -114.31 0.28
N TYR A 2696 77.17 -113.76 1.31
CA TYR A 2696 77.48 -114.51 2.51
C TYR A 2696 76.74 -113.91 3.70
N ARG A 2697 75.45 -113.62 3.50
CA ARG A 2697 74.65 -112.99 4.54
C ARG A 2697 74.12 -114.02 5.54
N MET A 2698 73.87 -115.24 5.07
CA MET A 2698 73.34 -116.29 5.92
C MET A 2698 73.84 -117.67 5.48
N ALA A 2699 73.38 -118.70 6.17
CA ALA A 2699 73.78 -120.07 5.88
C ALA A 2699 72.94 -120.67 4.75
N MET A 2700 72.24 -121.77 5.05
CA MET A 2700 71.40 -122.44 4.08
C MET A 2700 70.37 -123.33 4.76
N PRO A 2701 69.13 -122.88 4.77
CA PRO A 2701 68.05 -123.64 5.39
C PRO A 2701 66.75 -123.48 4.60
N CYS A 2702 65.78 -124.35 4.90
CA CYS A 2702 64.49 -124.31 4.23
C CYS A 2702 63.37 -124.78 5.17
N LEU A 2703 62.49 -125.64 4.66
CA LEU A 2703 61.38 -126.17 5.45
C LEU A 2703 61.70 -127.56 5.95
N LEU A 2751 66.71 -137.99 26.18
CA LEU A 2751 67.06 -139.26 25.56
C LEU A 2751 66.88 -140.41 26.55
N ASP A 2752 67.47 -140.27 27.72
CA ASP A 2752 67.44 -141.30 28.76
C ASP A 2752 66.97 -140.62 30.04
N SER A 2753 67.06 -141.34 31.16
CA SER A 2753 66.67 -140.79 32.45
C SER A 2753 67.39 -139.49 32.79
N PHE A 2754 68.47 -139.17 32.06
CA PHE A 2754 69.13 -137.88 32.23
C PHE A 2754 68.27 -136.74 31.71
N ILE A 2755 67.29 -137.02 30.85
CA ILE A 2755 66.44 -135.97 30.32
C ILE A 2755 65.58 -135.35 31.41
N ASN A 2756 65.26 -136.12 32.46
CA ASN A 2756 64.51 -135.56 33.58
C ASN A 2756 65.30 -134.48 34.31
N LYS A 2757 66.62 -134.48 34.19
CA LYS A 2757 67.46 -133.44 34.75
C LYS A 2757 67.60 -132.22 33.84
N PHE A 2758 67.15 -132.31 32.59
CA PHE A 2758 67.14 -131.12 31.74
C PHE A 2758 66.05 -130.14 32.19
N ALA A 2759 64.90 -130.67 32.60
CA ALA A 2759 63.87 -129.80 33.17
C ALA A 2759 64.36 -129.12 34.43
N GLU A 2760 65.30 -129.74 35.15
CA GLU A 2760 65.96 -129.06 36.25
C GLU A 2760 66.69 -127.81 35.78
N TYR A 2761 67.47 -127.95 34.69
CA TYR A 2761 68.20 -126.80 34.16
C TYR A 2761 67.26 -125.69 33.74
N THR A 2762 66.17 -126.03 33.05
CA THR A 2762 65.19 -125.02 32.67
C THR A 2762 64.59 -124.36 33.90
N HIS A 2763 64.46 -125.10 34.99
CA HIS A 2763 64.03 -124.53 36.26
C HIS A 2763 65.17 -123.89 37.04
N GLU A 2764 66.39 -124.45 36.96
CA GLU A 2764 67.51 -123.88 37.71
C GLU A 2764 67.77 -122.44 37.30
N LYS A 2765 67.72 -122.16 36.00
CA LYS A 2765 67.78 -120.77 35.54
C LYS A 2765 66.49 -120.03 35.88
N TRP A 2766 65.36 -120.72 35.85
CA TRP A 2766 64.08 -120.07 36.13
C TRP A 2766 63.87 -119.84 37.61
N ALA A 2767 64.42 -120.69 38.48
CA ALA A 2767 64.32 -120.47 39.91
C ALA A 2767 65.29 -119.40 40.40
N PHE A 2768 66.48 -119.33 39.80
CA PHE A 2768 67.52 -118.45 40.32
C PHE A 2768 67.13 -116.98 40.23
N ASP A 2769 66.54 -116.56 39.11
CA ASP A 2769 66.23 -115.15 38.92
C ASP A 2769 65.05 -114.69 39.76
N LYS A 2770 64.21 -115.61 40.23
CA LYS A 2770 63.06 -115.22 41.05
C LYS A 2770 63.50 -114.62 42.39
N ILE A 2771 64.40 -115.31 43.09
CA ILE A 2771 64.96 -114.74 44.31
C ILE A 2771 65.73 -113.47 43.99
N GLN A 2772 66.40 -113.45 42.83
CA GLN A 2772 67.08 -112.24 42.37
C GLN A 2772 66.09 -111.10 42.13
N ASN A 2773 64.83 -111.42 41.86
CA ASN A 2773 63.82 -110.43 41.52
C ASN A 2773 62.63 -110.48 42.48
N ASN A 2774 62.90 -110.70 43.77
CA ASN A 2774 61.96 -110.61 44.88
C ASN A 2774 60.92 -111.73 44.92
N TRP A 2775 60.93 -112.67 43.97
CA TRP A 2775 59.99 -113.78 43.96
C TRP A 2775 60.58 -114.89 44.81
N SER A 2776 60.23 -114.93 46.09
CA SER A 2776 60.92 -115.84 47.02
C SER A 2776 60.22 -117.18 47.14
N TYR A 2777 59.02 -117.21 47.74
CA TYR A 2777 58.27 -118.45 47.93
C TYR A 2777 56.97 -118.14 48.67
N GLY A 2778 56.02 -119.07 48.57
CA GLY A 2778 54.99 -119.21 49.58
C GLY A 2778 53.57 -119.51 49.12
N GLU A 2779 53.06 -118.92 48.03
CA GLU A 2779 51.83 -119.47 47.49
C GLU A 2779 51.86 -119.65 45.98
N ASN A 2780 52.29 -118.62 45.25
CA ASN A 2780 52.28 -118.62 43.79
C ASN A 2780 52.92 -117.35 43.23
N VAL A 2781 52.86 -117.19 41.91
CA VAL A 2781 53.18 -115.90 41.30
C VAL A 2781 51.98 -114.97 41.50
N ASP A 2782 52.22 -113.82 42.10
CA ASP A 2782 51.15 -112.87 42.38
C ASP A 2782 51.74 -111.48 42.56
N GLU A 2783 50.90 -110.47 42.43
CA GLU A 2783 51.34 -109.09 42.61
C GLU A 2783 51.40 -108.72 44.09
N GLU A 2784 50.37 -109.07 44.86
CA GLU A 2784 50.34 -108.77 46.29
C GLU A 2784 51.28 -109.69 47.07
N LEU A 2785 51.55 -110.89 46.58
CA LEU A 2785 52.42 -111.84 47.25
C LEU A 2785 53.86 -111.77 46.78
N LYS A 2786 54.08 -111.71 45.47
CA LYS A 2786 55.41 -111.68 44.87
C LYS A 2786 56.26 -112.84 45.38
N THR A 2787 55.78 -114.05 45.11
CA THR A 2787 56.39 -115.28 45.60
C THR A 2787 56.70 -116.21 44.43
N HIS A 2788 57.48 -117.25 44.73
CA HIS A 2788 57.83 -118.27 43.76
C HIS A 2788 57.00 -119.51 44.04
N PRO A 2789 56.09 -119.91 43.15
CA PRO A 2789 55.19 -121.05 43.46
C PRO A 2789 55.93 -122.36 43.64
N MET A 2790 56.69 -122.77 42.63
CA MET A 2790 57.32 -124.08 42.61
C MET A 2790 58.78 -123.94 43.03
N LEU A 2791 58.97 -123.79 44.34
CA LEU A 2791 60.31 -123.75 44.92
C LEU A 2791 60.68 -125.17 45.34
N ARG A 2792 61.03 -125.99 44.34
CA ARG A 2792 61.30 -127.39 44.57
C ARG A 2792 62.06 -127.96 43.38
N PRO A 2793 63.03 -128.83 43.59
CA PRO A 2793 63.77 -129.39 42.46
C PRO A 2793 62.91 -130.37 41.66
N TYR A 2794 63.24 -130.47 40.37
CA TYR A 2794 62.53 -131.38 39.47
C TYR A 2794 63.04 -132.82 39.56
N LYS A 2795 64.15 -133.07 40.25
CA LYS A 2795 64.69 -134.42 40.35
C LYS A 2795 63.68 -135.38 40.97
N THR A 2796 63.02 -134.94 42.04
CA THR A 2796 61.91 -135.66 42.65
C THR A 2796 60.71 -134.72 42.62
N PHE A 2797 59.98 -134.75 41.51
CA PHE A 2797 58.93 -133.78 41.23
C PHE A 2797 57.58 -134.47 41.10
N SER A 2798 56.53 -133.67 41.23
CA SER A 2798 55.16 -134.14 41.03
C SER A 2798 54.85 -134.17 39.53
N GLU A 2799 53.57 -134.33 39.18
CA GLU A 2799 53.15 -134.44 37.80
C GLU A 2799 52.64 -133.13 37.21
N LYS A 2800 52.78 -132.01 37.92
CA LYS A 2800 52.24 -130.76 37.40
C LYS A 2800 53.09 -130.19 36.27
N ASP A 2801 54.40 -130.47 36.27
CA ASP A 2801 55.27 -130.03 35.18
C ASP A 2801 55.39 -131.06 34.06
N LYS A 2802 54.78 -132.24 34.22
CA LYS A 2802 54.74 -133.21 33.14
C LYS A 2802 53.90 -132.72 31.96
N GLU A 2803 53.11 -131.67 32.16
CA GLU A 2803 52.36 -131.05 31.08
C GLU A 2803 53.20 -130.10 30.24
N ILE A 2804 54.41 -129.76 30.71
CA ILE A 2804 55.31 -128.87 29.99
C ILE A 2804 56.57 -129.63 29.59
N TYR A 2805 57.25 -130.19 30.59
CA TYR A 2805 58.47 -130.95 30.39
C TYR A 2805 58.10 -132.40 30.07
N ARG A 2806 59.08 -133.30 30.10
CA ARG A 2806 58.91 -134.72 29.79
C ARG A 2806 58.66 -134.90 28.30
N TRP A 2807 57.58 -135.61 27.93
CA TRP A 2807 57.36 -135.96 26.54
C TRP A 2807 57.44 -134.78 25.57
N PRO A 2808 56.88 -133.60 25.86
CA PRO A 2808 57.17 -132.45 24.99
C PRO A 2808 58.65 -132.11 24.91
N ILE A 2809 59.39 -132.23 26.02
CA ILE A 2809 60.83 -132.02 25.95
C ILE A 2809 61.55 -133.29 25.52
N LYS A 2810 60.92 -134.46 25.66
CA LYS A 2810 61.50 -135.68 25.09
C LYS A 2810 61.50 -135.62 23.57
N GLU A 2811 60.35 -135.30 22.97
CA GLU A 2811 60.28 -135.20 21.51
C GLU A 2811 61.16 -134.07 21.00
N SER A 2812 61.44 -133.07 21.84
CA SER A 2812 62.45 -132.08 21.50
C SER A 2812 63.83 -132.72 21.39
N LEU A 2813 64.11 -133.69 22.25
CA LEU A 2813 65.37 -134.42 22.24
C LEU A 2813 65.25 -135.80 21.59
N LYS A 2814 64.05 -136.16 21.10
CA LYS A 2814 63.84 -137.41 20.40
C LYS A 2814 63.67 -137.25 18.90
N ALA A 2815 63.27 -136.06 18.44
CA ALA A 2815 63.22 -135.80 17.00
C ALA A 2815 64.62 -135.73 16.41
N MET A 2816 65.60 -135.26 17.20
CA MET A 2816 66.96 -135.14 16.71
C MET A 2816 67.57 -136.50 16.40
N ILE A 2817 67.29 -137.49 17.25
CA ILE A 2817 67.84 -138.83 17.01
C ILE A 2817 67.16 -139.51 15.82
N ALA A 2818 66.01 -138.99 15.38
CA ALA A 2818 65.32 -139.57 14.23
C ALA A 2818 66.05 -139.25 12.94
N TRP A 2819 66.20 -137.96 12.63
CA TRP A 2819 66.91 -137.54 11.43
C TRP A 2819 68.41 -137.43 11.68
N TYR A 2855 65.64 -122.52 48.68
CA TYR A 2855 66.15 -123.31 47.57
C TYR A 2855 66.70 -122.41 46.47
N ASN A 2856 68.03 -122.43 46.31
CA ASN A 2856 68.72 -121.58 45.35
C ASN A 2856 69.60 -122.46 44.47
N PRO A 2857 69.02 -123.10 43.46
CA PRO A 2857 69.84 -123.91 42.53
C PRO A 2857 70.76 -123.03 41.70
N GLN A 2858 71.90 -123.59 41.33
CA GLN A 2858 72.90 -122.86 40.56
C GLN A 2858 73.03 -123.44 39.16
N PRO A 2859 72.47 -122.79 38.14
CA PRO A 2859 72.64 -123.28 36.77
C PRO A 2859 74.02 -122.92 36.25
N PRO A 2860 74.77 -123.90 35.73
CA PRO A 2860 76.11 -123.61 35.22
C PRO A 2860 76.06 -122.87 33.89
N ASP A 2861 77.20 -122.31 33.53
CA ASP A 2861 77.33 -121.63 32.24
C ASP A 2861 77.39 -122.65 31.12
N LEU A 2862 76.60 -122.42 30.07
CA LEU A 2862 76.51 -123.35 28.95
C LEU A 2862 77.31 -122.92 27.73
N SER A 2863 77.73 -121.65 27.66
CA SER A 2863 78.40 -121.12 26.50
C SER A 2863 79.91 -121.38 26.50
N GLY A 2864 80.37 -122.39 27.22
CA GLY A 2864 81.79 -122.70 27.24
C GLY A 2864 82.33 -123.06 25.87
N VAL A 2865 81.54 -123.77 25.07
CA VAL A 2865 81.90 -124.13 23.71
C VAL A 2865 80.88 -123.51 22.77
N THR A 2866 81.34 -122.62 21.90
CA THR A 2866 80.47 -122.00 20.92
C THR A 2866 80.08 -123.02 19.85
N LEU A 2867 78.85 -122.89 19.36
CA LEU A 2867 78.33 -123.81 18.35
C LEU A 2867 78.92 -123.44 16.99
N SER A 2868 79.81 -124.27 16.48
CA SER A 2868 80.40 -124.04 15.16
C SER A 2868 79.37 -124.32 14.07
N ARG A 2869 79.76 -124.03 12.82
CA ARG A 2869 78.85 -124.17 11.70
C ARG A 2869 78.28 -125.58 11.57
N GLU A 2870 79.00 -126.59 12.07
CA GLU A 2870 78.44 -127.94 12.12
C GLU A 2870 77.21 -127.98 13.02
N LEU A 2871 77.24 -127.23 14.13
CA LEU A 2871 76.13 -127.17 15.07
C LEU A 2871 75.35 -125.87 15.00
N GLN A 2872 75.94 -124.79 14.49
CA GLN A 2872 75.20 -123.52 14.41
C GLN A 2872 74.02 -123.62 13.46
N ALA A 2873 74.22 -124.22 12.28
CA ALA A 2873 73.12 -124.45 11.36
C ALA A 2873 72.17 -125.52 11.89
N MET A 2874 72.60 -126.32 12.86
CA MET A 2874 71.71 -127.28 13.49
C MET A 2874 70.79 -126.63 14.52
N ALA A 2875 71.28 -125.58 15.20
CA ALA A 2875 70.39 -124.73 15.99
C ALA A 2875 69.45 -123.95 15.09
N GLU A 2876 69.93 -123.59 13.89
CA GLU A 2876 69.04 -123.06 12.85
C GLU A 2876 67.90 -124.02 12.56
N GLN A 2877 68.15 -125.32 12.75
CA GLN A 2877 67.12 -126.34 12.64
C GLN A 2877 66.39 -126.57 13.96
N LEU A 2878 67.07 -126.39 15.10
CA LEU A 2878 66.40 -126.50 16.39
C LEU A 2878 65.38 -125.39 16.58
N ALA A 2879 65.72 -124.16 16.15
CA ALA A 2879 64.75 -123.09 16.17
C ALA A 2879 63.62 -123.34 15.18
N GLU A 2880 63.90 -124.07 14.10
CA GLU A 2880 62.87 -124.46 13.15
C GLU A 2880 61.85 -125.39 13.80
N ASN A 2881 62.27 -126.15 14.81
CA ASN A 2881 61.34 -127.03 15.53
C ASN A 2881 60.27 -126.23 16.24
N TYR A 2882 60.63 -125.07 16.78
CA TYR A 2882 59.66 -124.24 17.52
C TYR A 2882 58.55 -123.75 16.59
N HIS A 2883 58.83 -123.63 15.30
CA HIS A 2883 57.82 -123.26 14.32
C HIS A 2883 57.31 -124.47 13.54
N ASN A 2884 57.84 -125.67 13.81
CA ASN A 2884 57.33 -126.89 13.21
C ASN A 2884 56.47 -127.69 14.19
N THR A 2885 57.01 -128.05 15.35
CA THR A 2885 56.23 -128.79 16.34
C THR A 2885 55.10 -127.93 16.89
N TRP A 2886 55.43 -126.72 17.34
CA TRP A 2886 54.40 -125.80 17.81
C TRP A 2886 53.72 -125.08 16.65
N GLY A 2887 54.45 -124.85 15.55
CA GLY A 2887 53.86 -124.17 14.41
C GLY A 2887 52.77 -124.97 13.74
N ARG A 2888 52.94 -126.29 13.64
CA ARG A 2888 51.86 -127.14 13.15
C ARG A 2888 50.67 -127.08 14.09
N LYS A 2889 50.93 -127.07 15.41
CA LYS A 2889 49.86 -126.83 16.36
C LYS A 2889 49.27 -125.44 16.19
N LYS A 2890 50.13 -124.46 15.85
CA LYS A 2890 49.64 -123.11 15.60
C LYS A 2890 48.65 -123.09 14.44
N LYS A 2891 48.94 -123.83 13.37
CA LYS A 2891 47.95 -123.97 12.30
C LYS A 2891 46.71 -124.71 12.80
N GLN A 2892 46.88 -125.66 13.71
CA GLN A 2892 45.76 -126.38 14.30
C GLN A 2892 45.20 -125.70 15.53
N GLU A 2893 45.78 -124.56 15.95
CA GLU A 2893 45.25 -123.79 17.07
C GLU A 2893 44.17 -122.82 16.63
N LEU A 2894 44.41 -122.07 15.56
CA LEU A 2894 43.43 -121.12 15.06
C LEU A 2894 42.35 -121.79 14.21
N GLU A 2895 42.60 -123.01 13.73
CA GLU A 2895 41.62 -123.76 12.95
C GLU A 2895 40.81 -124.73 13.79
N ALA A 2896 41.01 -124.74 15.10
CA ALA A 2896 40.23 -125.57 16.02
C ALA A 2896 39.47 -124.72 17.04
N LYS A 2897 39.41 -123.41 16.83
CA LYS A 2897 38.70 -122.50 17.71
C LYS A 2897 37.42 -121.95 17.12
N GLY A 2898 37.32 -121.87 15.79
CA GLY A 2898 36.13 -121.35 15.15
C GLY A 2898 36.40 -120.18 14.23
N GLY A 2899 37.64 -120.06 13.77
CA GLY A 2899 38.04 -119.02 12.84
C GLY A 2899 39.25 -118.27 13.35
N GLY A 2900 39.54 -117.16 12.69
CA GLY A 2900 40.67 -116.32 13.04
C GLY A 2900 41.88 -116.59 12.17
N THR A 2901 42.65 -115.53 11.93
CA THR A 2901 43.87 -115.62 11.14
C THR A 2901 44.97 -114.80 11.79
N HIS A 2902 46.21 -115.25 11.63
CA HIS A 2902 47.36 -114.57 12.20
C HIS A 2902 48.47 -114.48 11.15
N PRO A 2903 49.20 -113.36 11.12
CA PRO A 2903 50.26 -113.21 10.12
C PRO A 2903 51.48 -114.09 10.37
N LEU A 2904 51.55 -114.77 11.52
CA LEU A 2904 52.75 -115.55 11.85
C LEU A 2904 52.91 -116.77 10.95
N LEU A 2905 51.87 -117.18 10.23
CA LEU A 2905 51.94 -118.40 9.43
C LEU A 2905 52.81 -118.19 8.19
N VAL A 2906 54.11 -118.04 8.40
CA VAL A 2906 55.08 -117.90 7.31
C VAL A 2906 56.28 -118.78 7.64
N PRO A 2907 57.04 -119.18 6.62
CA PRO A 2907 58.23 -120.01 6.88
C PRO A 2907 59.21 -119.33 7.81
N TYR A 2908 60.11 -120.13 8.39
CA TYR A 2908 60.97 -119.66 9.47
C TYR A 2908 61.96 -118.60 8.98
N ASP A 2909 62.39 -118.69 7.72
CA ASP A 2909 63.34 -117.71 7.18
C ASP A 2909 62.77 -116.29 7.19
N THR A 2910 61.46 -116.14 7.24
CA THR A 2910 60.82 -114.83 7.17
C THR A 2910 60.29 -114.37 8.53
N LEU A 2911 60.78 -114.96 9.62
CA LEU A 2911 60.32 -114.56 10.95
C LEU A 2911 60.85 -113.19 11.32
N THR A 2912 60.18 -112.56 12.28
CA THR A 2912 60.55 -111.23 12.74
C THR A 2912 61.83 -111.29 13.58
N ALA A 2913 62.40 -110.11 13.84
CA ALA A 2913 63.60 -110.02 14.65
C ALA A 2913 63.38 -110.50 16.08
N LYS A 2914 62.14 -110.45 16.56
CA LYS A 2914 61.87 -110.91 17.93
C LYS A 2914 61.94 -112.43 18.02
N GLU A 2915 61.43 -113.14 17.01
CA GLU A 2915 61.45 -114.59 17.01
C GLU A 2915 62.71 -115.19 16.43
N LYS A 2916 63.61 -114.37 15.89
CA LYS A 2916 64.90 -114.83 15.39
C LYS A 2916 66.04 -114.53 16.35
N ALA A 2917 65.73 -114.10 17.58
CA ALA A 2917 66.77 -113.79 18.56
C ALA A 2917 66.51 -114.53 19.86
N ARG A 2918 65.25 -114.81 20.16
CA ARG A 2918 64.86 -115.51 21.38
C ARG A 2918 64.65 -116.99 21.17
N ASP A 2919 63.98 -117.39 20.09
CA ASP A 2919 63.81 -118.81 19.79
C ASP A 2919 65.15 -119.45 19.43
N ARG A 2920 66.03 -118.72 18.74
CA ARG A 2920 67.38 -119.22 18.53
C ARG A 2920 68.13 -119.38 19.84
N GLU A 2921 67.96 -118.43 20.76
CA GLU A 2921 68.48 -118.61 22.11
C GLU A 2921 67.84 -119.82 22.78
N LYS A 2922 66.52 -119.99 22.61
CA LYS A 2922 65.86 -121.19 23.09
C LYS A 2922 66.36 -122.44 22.38
N ALA A 2923 67.03 -122.28 21.23
CA ALA A 2923 67.57 -123.40 20.46
C ALA A 2923 69.07 -123.55 20.61
N GLN A 2924 69.81 -122.45 20.66
CA GLN A 2924 71.27 -122.53 20.79
C GLN A 2924 71.68 -123.12 22.12
N GLU A 2925 70.97 -122.77 23.20
CA GLU A 2925 71.36 -123.24 24.53
C GLU A 2925 71.06 -124.72 24.73
N LEU A 2926 70.09 -125.27 23.98
CA LEU A 2926 69.80 -126.69 24.11
C LEU A 2926 70.97 -127.55 23.67
N LEU A 2927 71.60 -127.19 22.55
CA LEU A 2927 72.81 -127.88 22.12
C LEU A 2927 73.92 -127.72 23.17
N LYS A 2928 74.01 -126.54 23.78
CA LYS A 2928 74.98 -126.34 24.84
C LYS A 2928 74.70 -127.25 26.03
N PHE A 2929 73.42 -127.50 26.33
CA PHE A 2929 73.09 -128.49 27.34
C PHE A 2929 73.45 -129.90 26.87
N LEU A 2930 73.34 -130.17 25.57
CA LEU A 2930 73.74 -131.48 25.06
C LEU A 2930 75.23 -131.72 25.31
N GLN A 2931 76.06 -130.70 25.06
CA GLN A 2931 77.49 -130.85 25.26
C GLN A 2931 77.85 -131.06 26.74
N MET A 2932 76.94 -130.75 27.65
CA MET A 2932 77.12 -131.14 29.04
C MET A 2932 77.12 -132.65 29.16
N ASN A 2933 78.06 -133.18 29.96
CA ASN A 2933 78.19 -134.62 30.19
C ASN A 2933 78.48 -135.39 28.91
N GLY A 2934 79.10 -134.73 27.93
CA GLY A 2934 79.58 -135.38 26.74
C GLY A 2934 78.55 -136.06 25.86
N TYR A 2935 77.47 -135.35 25.54
CA TYR A 2935 76.46 -135.85 24.60
C TYR A 2935 76.49 -134.95 23.36
N ALA A 2936 77.40 -135.27 22.44
CA ALA A 2936 77.55 -134.51 21.20
C ALA A 2936 76.91 -135.27 20.05
N VAL A 2937 76.02 -134.59 19.33
CA VAL A 2937 75.29 -135.16 18.20
C VAL A 2937 75.48 -134.23 17.00
N THR A 2938 76.28 -134.66 16.03
CA THR A 2938 76.51 -133.90 14.81
C THR A 2938 76.24 -134.80 13.61
N ARG A 2939 75.64 -134.22 12.57
CA ARG A 2939 75.35 -134.97 11.36
C ARG A 2939 76.33 -134.62 10.25
N LEU A 2946 82.33 -118.17 8.92
CA LEU A 2946 81.74 -117.30 7.90
C LEU A 2946 82.36 -117.56 6.54
N ASP A 2947 82.42 -118.83 6.14
CA ASP A 2947 82.98 -119.21 4.85
C ASP A 2947 82.16 -118.62 3.72
N THR A 2948 82.83 -117.88 2.84
CA THR A 2948 82.16 -117.23 1.71
C THR A 2948 81.65 -118.25 0.71
N SER A 2949 80.55 -118.92 1.05
CA SER A 2949 79.92 -119.86 0.14
C SER A 2949 79.28 -119.08 -1.01
N SER A 2950 78.94 -117.83 -0.73
CA SER A 2950 78.42 -116.88 -1.71
C SER A 2950 77.07 -117.29 -2.28
N ILE A 2951 76.02 -116.59 -1.86
CA ILE A 2951 74.69 -116.80 -2.42
C ILE A 2951 74.68 -116.45 -3.89
N GLU A 2952 75.52 -115.48 -4.26
CA GLU A 2952 75.68 -115.11 -5.67
C GLU A 2952 76.22 -116.29 -6.46
N LYS A 2953 77.19 -116.99 -5.87
CA LYS A 2953 77.73 -118.20 -6.48
C LYS A 2953 76.71 -119.33 -6.32
N ARG A 2954 75.94 -119.28 -5.25
CA ARG A 2954 74.88 -120.26 -5.03
C ARG A 2954 73.78 -120.02 -6.05
N PHE A 2955 73.54 -118.76 -6.37
CA PHE A 2955 72.62 -118.40 -7.44
C PHE A 2955 73.20 -118.89 -8.76
N ALA A 2956 74.51 -118.76 -8.90
CA ALA A 2956 75.22 -119.30 -10.05
C ALA A 2956 75.18 -120.82 -10.00
N PHE A 2957 75.23 -121.36 -8.79
CA PHE A 2957 75.12 -122.81 -8.59
C PHE A 2957 73.69 -123.25 -8.89
N GLY A 2958 72.73 -122.39 -8.54
CA GLY A 2958 71.33 -122.64 -8.88
C GLY A 2958 71.16 -122.47 -10.38
N PHE A 2959 72.01 -121.63 -10.97
CA PHE A 2959 72.04 -121.45 -12.41
C PHE A 2959 72.83 -122.59 -13.05
N LEU A 2960 73.80 -123.11 -12.30
CA LEU A 2960 74.63 -124.22 -12.77
C LEU A 2960 73.78 -125.45 -12.98
N GLN A 2961 72.84 -125.69 -12.07
CA GLN A 2961 71.91 -126.82 -12.20
C GLN A 2961 71.07 -126.65 -13.45
N GLN A 2962 70.76 -125.39 -13.79
CA GLN A 2962 70.06 -125.08 -15.02
C GLN A 2962 71.03 -125.08 -16.19
N LEU A 2963 72.29 -124.73 -15.91
CA LEU A 2963 73.33 -124.73 -16.93
C LEU A 2963 73.76 -126.15 -17.27
N LEU A 2964 73.88 -126.99 -16.24
CA LEU A 2964 74.23 -128.40 -16.43
C LEU A 2964 73.13 -129.09 -17.22
N ARG A 2965 71.88 -128.67 -16.98
CA ARG A 2965 70.76 -129.13 -17.79
C ARG A 2965 70.80 -128.41 -19.13
N TRP A 2966 69.86 -127.47 -19.32
CA TRP A 2966 69.80 -126.65 -20.53
C TRP A 2966 69.86 -127.49 -21.79
N MET A 2967 71.08 -127.69 -22.31
CA MET A 2967 71.27 -128.47 -23.52
C MET A 2967 71.13 -129.96 -23.25
N ASP A 2968 71.12 -130.33 -21.97
CA ASP A 2968 70.99 -131.73 -21.58
C ASP A 2968 69.54 -132.19 -21.69
N ILE A 2969 68.61 -131.25 -21.64
CA ILE A 2969 67.20 -131.58 -21.69
C ILE A 2969 66.53 -131.00 -22.94
N SER A 2970 67.02 -129.85 -23.40
CA SER A 2970 66.45 -129.19 -24.57
C SER A 2970 67.14 -129.66 -25.85
N GLN A 2971 68.46 -129.48 -25.92
CA GLN A 2971 69.22 -129.85 -27.11
C GLN A 2971 69.19 -131.36 -27.35
N GLU A 2972 68.85 -132.11 -26.32
CA GLU A 2972 68.70 -133.56 -26.45
C GLU A 2972 67.43 -133.89 -27.23
N PHE A 2973 66.57 -132.88 -27.37
CA PHE A 2973 65.33 -133.03 -28.13
C PHE A 2973 65.24 -131.99 -29.24
N ILE A 2974 65.90 -130.84 -29.03
CA ILE A 2974 65.91 -129.79 -30.02
C ILE A 2974 66.75 -130.19 -31.23
N ALA A 2975 67.89 -130.82 -30.95
CA ALA A 2975 68.77 -131.30 -32.01
C ALA A 2975 68.41 -132.73 -32.41
N HIS A 2976 67.32 -133.23 -31.84
CA HIS A 2976 66.84 -134.58 -32.15
C HIS A 2976 65.38 -134.54 -32.59
N ILE A 2995 57.29 -128.32 -24.19
CA ILE A 2995 57.32 -128.55 -22.75
C ILE A 2995 57.25 -127.24 -22.00
N LYS A 2996 56.86 -127.30 -20.73
CA LYS A 2996 56.75 -126.11 -19.89
C LYS A 2996 58.13 -125.69 -19.39
N PHE A 2997 59.11 -126.56 -19.57
CA PHE A 2997 60.48 -126.27 -19.14
C PHE A 2997 61.13 -125.22 -20.04
N PHE A 2998 60.51 -124.96 -21.19
CA PHE A 2998 61.03 -123.96 -22.12
C PHE A 2998 60.46 -122.58 -21.82
N ALA A 2999 60.31 -122.29 -20.52
CA ALA A 2999 59.80 -121.00 -20.09
C ALA A 2999 60.75 -120.36 -19.09
N LYS A 3000 61.54 -121.20 -18.41
CA LYS A 3000 62.50 -120.72 -17.43
C LYS A 3000 63.63 -119.97 -18.12
N ILE A 3001 63.90 -120.33 -19.37
CA ILE A 3001 64.92 -119.66 -20.16
C ILE A 3001 64.45 -118.27 -20.59
N LEU A 3002 63.13 -118.10 -20.62
CA LEU A 3002 62.54 -116.81 -20.98
C LEU A 3002 62.22 -116.01 -19.73
N LEU A 3003 62.88 -116.34 -18.63
CA LEU A 3003 62.65 -115.65 -17.38
C LEU A 3003 63.96 -115.43 -16.62
N PRO A 3004 64.87 -116.38 -16.75
CA PRO A 3004 66.15 -116.30 -16.07
C PRO A 3004 67.17 -115.52 -16.90
N LEU A 3005 67.10 -115.67 -18.21
CA LEU A 3005 68.01 -114.97 -19.11
C LEU A 3005 67.77 -113.47 -19.07
N ILE A 3006 66.51 -113.08 -18.88
CA ILE A 3006 66.15 -111.67 -18.79
C ILE A 3006 66.60 -111.09 -17.45
N ASN A 3007 66.62 -111.93 -16.43
CA ASN A 3007 67.01 -111.49 -15.08
C ASN A 3007 68.52 -111.39 -14.97
N GLN A 3008 69.24 -112.10 -15.84
CA GLN A 3008 70.69 -112.11 -15.82
C GLN A 3008 71.26 -110.85 -16.47
N TYR A 3009 70.44 -110.16 -17.25
CA TYR A 3009 70.88 -108.96 -17.94
C TYR A 3009 70.91 -107.75 -17.01
N PHE A 3010 70.29 -107.91 -15.84
CA PHE A 3010 70.20 -106.82 -14.87
C PHE A 3010 71.28 -106.93 -13.80
N THR A 3011 71.26 -108.03 -13.06
CA THR A 3011 72.16 -108.23 -11.92
C THR A 3011 73.63 -108.11 -12.32
N ASN A 3012 73.97 -108.61 -13.50
CA ASN A 3012 75.34 -108.53 -13.99
C ASN A 3012 75.71 -107.08 -14.32
N HIS A 3013 74.71 -106.33 -14.79
CA HIS A 3013 74.93 -104.93 -15.15
C HIS A 3013 74.65 -104.01 -13.96
N CYS A 3014 74.01 -104.56 -12.93
CA CYS A 3014 73.71 -103.79 -11.73
C CYS A 3014 74.96 -103.67 -10.86
N LEU A 3015 75.58 -104.82 -10.56
CA LEU A 3015 76.78 -104.84 -9.74
C LEU A 3015 77.94 -104.20 -10.50
N TYR A 3016 78.54 -104.96 -11.41
CA TYR A 3016 79.66 -104.50 -12.23
C TYR A 3016 80.81 -103.99 -11.37
N PHE A 3017 80.95 -104.57 -10.18
CA PHE A 3017 82.01 -104.19 -9.25
C PHE A 3017 82.42 -105.41 -8.42
N LEU A 3018 81.86 -106.56 -8.75
CA LEU A 3018 82.21 -107.80 -8.07
C LEU A 3018 83.65 -108.18 -8.40
N SER A 3019 84.12 -107.72 -9.56
CA SER A 3019 85.49 -107.95 -9.99
C SER A 3019 86.43 -106.93 -9.35
N THR A 3020 86.59 -107.02 -8.03
CA THR A 3020 87.44 -106.10 -7.30
C THR A 3020 87.87 -106.68 -5.95
N PRO A 3021 86.93 -107.31 -5.25
CA PRO A 3021 87.20 -107.87 -3.94
C PRO A 3021 87.16 -109.40 -3.95
N ALA A 3022 86.04 -109.96 -3.52
CA ALA A 3022 85.87 -111.41 -3.45
C ALA A 3022 85.83 -112.02 -4.86
N LYS A 3023 87.00 -112.18 -5.46
CA LYS A 3023 87.09 -112.71 -6.82
C LYS A 3023 86.91 -114.23 -6.84
N VAL A 3024 86.03 -114.70 -7.72
CA VAL A 3024 85.79 -116.12 -7.89
C VAL A 3024 85.72 -116.47 -9.36
N LEU A 3025 86.43 -117.53 -9.75
CA LEU A 3025 86.46 -117.96 -11.14
C LEU A 3025 85.18 -118.68 -11.51
N GLY A 3026 84.31 -118.90 -10.53
CA GLY A 3026 83.04 -119.57 -10.75
C GLY A 3026 82.15 -118.74 -11.68
N SER A 3027 82.34 -117.43 -11.64
CA SER A 3027 81.58 -116.53 -12.50
C SER A 3027 82.03 -116.66 -13.94
N GLY A 3028 83.32 -116.86 -14.14
CA GLY A 3028 83.90 -117.01 -15.48
C GLY A 3028 83.49 -118.35 -16.10
N GLY A 3029 83.14 -119.31 -15.24
CA GLY A 3029 82.73 -120.62 -15.70
C GLY A 3029 81.39 -120.54 -16.42
N HIS A 3030 80.45 -119.82 -15.82
CA HIS A 3030 79.11 -119.67 -16.39
C HIS A 3030 79.15 -118.97 -17.74
N ALA A 3031 80.16 -118.13 -17.94
CA ALA A 3031 80.35 -117.43 -19.21
C ALA A 3031 80.72 -118.43 -20.30
N SER A 3032 81.49 -119.44 -19.92
CA SER A 3032 81.91 -120.47 -20.87
C SER A 3032 80.94 -121.64 -20.88
N ASN A 3033 80.31 -121.89 -19.74
CA ASN A 3033 79.34 -122.98 -19.64
C ASN A 3033 78.11 -122.66 -20.48
N LYS A 3034 77.82 -121.38 -20.64
CA LYS A 3034 76.70 -120.94 -21.47
C LYS A 3034 77.18 -120.76 -22.91
N GLU A 3035 78.47 -120.48 -23.07
CA GLU A 3035 79.05 -120.31 -24.40
C GLU A 3035 78.94 -121.59 -25.20
N LYS A 3036 79.11 -122.73 -24.52
CA LYS A 3036 78.96 -124.03 -25.16
C LYS A 3036 77.50 -124.28 -25.51
N GLU A 3037 76.60 -123.75 -24.68
CA GLU A 3037 75.17 -123.87 -24.93
C GLU A 3037 74.75 -122.85 -25.97
N MET A 3038 75.53 -121.78 -26.10
CA MET A 3038 75.26 -120.75 -27.09
C MET A 3038 75.79 -121.15 -28.45
N ILE A 3039 76.53 -122.26 -28.48
CA ILE A 3039 77.09 -122.77 -29.72
C ILE A 3039 76.01 -123.43 -30.57
N THR A 3040 76.04 -124.77 -30.64
CA THR A 3040 75.11 -125.53 -31.47
C THR A 3040 75.13 -125.01 -32.90
N SER A 3041 74.42 -123.92 -33.13
CA SER A 3041 74.47 -123.22 -34.40
C SER A 3041 74.91 -121.78 -34.15
N LEU A 3042 76.22 -121.57 -34.10
CA LEU A 3042 76.79 -120.25 -33.80
C LEU A 3042 76.73 -119.32 -35.02
N PHE A 3043 75.73 -119.53 -35.87
CA PHE A 3043 75.52 -118.70 -37.05
C PHE A 3043 74.08 -118.83 -37.52
N CYS A 3044 73.21 -119.31 -36.63
CA CYS A 3044 71.80 -119.50 -36.95
C CYS A 3044 70.94 -119.56 -35.70
N LYS A 3045 70.90 -120.73 -35.06
CA LYS A 3045 70.07 -120.97 -33.88
C LYS A 3045 68.61 -120.68 -34.16
N LEU A 3046 67.85 -120.34 -33.11
CA LEU A 3046 66.43 -120.04 -33.26
C LEU A 3046 65.90 -119.28 -32.05
N ALA A 3047 64.58 -119.09 -32.02
CA ALA A 3047 63.90 -118.44 -30.90
C ALA A 3047 64.39 -117.01 -30.67
N ALA A 3048 65.29 -116.84 -29.70
CA ALA A 3048 65.77 -115.53 -29.31
C ALA A 3048 67.24 -115.33 -29.63
N LEU A 3049 67.61 -114.10 -29.97
CA LEU A 3049 69.00 -113.75 -30.22
C LEU A 3049 69.49 -112.78 -29.15
N VAL A 3050 68.65 -112.54 -28.16
CA VAL A 3050 68.98 -111.63 -27.06
C VAL A 3050 70.03 -112.24 -26.14
N ARG A 3051 70.22 -113.55 -26.24
CA ARG A 3051 71.24 -114.24 -25.46
C ARG A 3051 72.62 -113.76 -25.88
N HIS A 3052 72.75 -113.37 -27.15
CA HIS A 3052 73.99 -112.80 -27.65
C HIS A 3052 74.23 -111.44 -26.99
N ARG A 3053 73.16 -110.69 -26.80
CA ARG A 3053 73.23 -109.40 -26.12
C ARG A 3053 73.44 -109.63 -24.63
N VAL A 3054 72.88 -110.71 -24.11
CA VAL A 3054 73.07 -111.08 -22.71
C VAL A 3054 74.51 -111.52 -22.48
N SER A 3055 75.10 -112.08 -23.53
CA SER A 3055 76.51 -112.47 -23.47
C SER A 3055 77.39 -111.24 -23.50
N LEU A 3056 76.94 -110.22 -24.21
CA LEU A 3056 77.67 -108.96 -24.30
C LEU A 3056 77.70 -108.25 -22.94
N PHE A 3057 76.66 -108.49 -22.14
CA PHE A 3057 76.57 -107.91 -20.81
C PHE A 3057 77.56 -108.60 -19.88
N GLY A 3058 77.68 -109.91 -20.02
CA GLY A 3058 78.60 -110.70 -19.21
C GLY A 3058 80.02 -110.54 -19.73
N THR A 3059 80.14 -110.02 -20.95
CA THR A 3059 81.44 -109.79 -21.57
C THR A 3059 82.19 -108.68 -20.83
N ASP A 3060 81.45 -107.72 -20.32
CA ASP A 3060 82.04 -106.59 -19.60
C ASP A 3060 82.61 -107.04 -18.25
N ALA A 3061 82.01 -108.09 -17.68
CA ALA A 3061 82.43 -108.61 -16.39
C ALA A 3061 83.85 -109.16 -16.46
N PRO A 3062 84.19 -109.77 -17.59
CA PRO A 3062 85.52 -110.32 -17.79
C PRO A 3062 86.46 -109.29 -18.40
N ALA A 3063 86.13 -108.86 -19.61
CA ALA A 3063 86.92 -107.85 -20.30
C ALA A 3063 86.29 -106.47 -20.11
N VAL A 3134 98.64 -116.01 -10.87
CA VAL A 3134 97.54 -116.71 -10.18
C VAL A 3134 96.86 -117.68 -11.13
N ALA A 3135 95.69 -118.17 -10.72
CA ALA A 3135 94.93 -119.11 -11.53
C ALA A 3135 94.43 -118.45 -12.81
N LEU A 3136 93.57 -117.44 -12.67
CA LEU A 3136 93.02 -116.70 -13.79
C LEU A 3136 92.31 -117.62 -14.79
N LEU A 3137 93.09 -118.32 -15.60
CA LEU A 3137 92.54 -119.23 -16.59
C LEU A 3137 92.94 -120.67 -16.31
N PRO A 3138 92.08 -121.61 -16.69
CA PRO A 3138 92.35 -123.03 -16.48
C PRO A 3138 91.68 -123.87 -17.56
N VAL A 3139 90.81 -124.79 -17.14
CA VAL A 3139 90.08 -125.64 -18.08
C VAL A 3139 89.06 -124.83 -18.86
N LEU A 3140 89.46 -124.39 -20.05
CA LEU A 3140 88.58 -123.58 -20.89
C LEU A 3140 88.93 -123.72 -22.36
N THR A 3141 90.07 -123.14 -22.75
CA THR A 3141 90.54 -123.13 -24.13
C THR A 3141 89.48 -122.57 -25.07
N THR A 3142 88.79 -121.53 -24.62
CA THR A 3142 87.77 -120.87 -25.42
C THR A 3142 88.39 -120.21 -26.64
N LEU A 3143 89.58 -119.65 -26.46
CA LEU A 3143 90.32 -119.06 -27.56
C LEU A 3143 90.67 -120.12 -28.60
N PHE A 3144 91.02 -121.31 -28.10
CA PHE A 3144 91.29 -122.44 -28.97
C PHE A 3144 89.99 -122.87 -29.65
N GLN A 3145 88.89 -122.78 -28.91
CA GLN A 3145 87.58 -123.11 -29.44
C GLN A 3145 87.12 -122.01 -30.40
N HIS A 3146 87.65 -120.81 -30.22
CA HIS A 3146 87.32 -119.68 -31.07
C HIS A 3146 88.01 -119.82 -32.42
N ILE A 3147 89.12 -120.55 -32.44
CA ILE A 3147 89.89 -120.75 -33.66
C ILE A 3147 89.24 -121.80 -34.56
N ALA A 3148 88.25 -122.50 -34.02
CA ALA A 3148 87.58 -123.57 -34.76
C ALA A 3148 86.79 -123.03 -35.95
N GLN A 3149 85.64 -122.42 -35.65
CA GLN A 3149 84.74 -121.94 -36.69
C GLN A 3149 85.31 -120.73 -37.44
N HIS A 3150 86.25 -120.03 -36.79
CA HIS A 3150 86.84 -118.84 -37.40
C HIS A 3150 87.83 -119.21 -38.50
N GLN A 3151 88.33 -120.44 -38.44
CA GLN A 3151 89.29 -120.92 -39.44
C GLN A 3151 88.64 -121.03 -40.81
N PHE A 3152 87.60 -121.85 -40.89
CA PHE A 3152 86.88 -122.06 -42.16
C PHE A 3152 86.12 -120.80 -42.56
N GLY A 3153 85.96 -119.87 -41.62
CA GLY A 3153 85.29 -118.61 -41.88
C GLY A 3153 86.13 -117.75 -42.83
N ASP A 3154 87.42 -118.05 -42.89
CA ASP A 3154 88.31 -117.38 -43.82
C ASP A 3154 88.10 -117.90 -45.24
N ASP A 3155 87.63 -119.14 -45.33
CA ASP A 3155 87.33 -119.75 -46.62
C ASP A 3155 85.93 -119.37 -47.06
N VAL A 3156 85.17 -118.77 -46.15
CA VAL A 3156 83.82 -118.31 -46.46
C VAL A 3156 83.88 -117.17 -47.46
N ILE A 3157 84.95 -116.39 -47.40
CA ILE A 3157 85.18 -115.32 -48.36
C ILE A 3157 85.52 -115.93 -49.71
N LEU A 3158 86.18 -117.08 -49.68
CA LEU A 3158 86.51 -117.82 -50.89
C LEU A 3158 85.33 -118.69 -51.30
N ASP A 3159 84.35 -118.80 -50.42
CA ASP A 3159 83.13 -119.56 -50.71
C ASP A 3159 82.08 -118.64 -51.34
N ASP A 3160 82.49 -117.42 -51.65
CA ASP A 3160 81.62 -116.44 -52.27
C ASP A 3160 82.42 -115.40 -53.04
N VAL A 3161 83.63 -115.78 -53.43
CA VAL A 3161 84.50 -114.89 -54.17
C VAL A 3161 84.21 -114.97 -55.66
N CYS A 3170 78.23 -120.36 -42.64
CA CYS A 3170 78.81 -119.14 -42.08
C CYS A 3170 78.16 -117.90 -42.67
N SER A 3171 77.26 -117.29 -41.89
CA SER A 3171 76.56 -116.10 -42.33
C SER A 3171 76.21 -115.21 -41.15
N ILE A 3172 76.20 -115.80 -39.96
CA ILE A 3172 75.91 -115.06 -38.73
C ILE A 3172 76.98 -115.30 -37.69
N TYR A 3173 77.98 -116.11 -38.05
CA TYR A 3173 79.15 -116.31 -37.20
C TYR A 3173 80.04 -115.09 -37.29
N SER A 3174 79.87 -114.34 -38.38
CA SER A 3174 80.55 -113.07 -38.58
C SER A 3174 79.73 -111.95 -37.97
N LEU A 3175 78.60 -112.33 -37.35
CA LEU A 3175 77.70 -111.36 -36.74
C LEU A 3175 77.57 -111.63 -35.24
N GLY A 3176 77.02 -112.79 -34.90
CA GLY A 3176 76.79 -113.14 -33.50
C GLY A 3176 78.09 -113.59 -32.82
N THR A 3177 78.80 -114.50 -33.47
CA THR A 3177 80.04 -115.03 -32.91
C THR A 3177 81.18 -114.03 -33.04
N THR A 3178 80.93 -112.96 -33.81
CA THR A 3178 81.93 -111.91 -33.98
C THR A 3178 81.55 -110.69 -33.15
N LYS A 3179 80.35 -110.72 -32.57
CA LYS A 3179 79.89 -109.64 -31.72
C LYS A 3179 80.68 -109.62 -30.41
N ASN A 3180 80.55 -110.69 -29.64
CA ASN A 3180 81.25 -110.82 -28.37
C ASN A 3180 82.75 -110.98 -28.60
N THR A 3181 83.12 -111.43 -29.79
CA THR A 3181 84.52 -111.58 -30.15
C THR A 3181 85.19 -110.22 -30.28
N TYR A 3182 84.60 -109.35 -31.08
CA TYR A 3182 85.10 -108.00 -31.27
C TYR A 3182 84.91 -107.17 -29.99
N VAL A 3183 83.90 -107.53 -29.21
CA VAL A 3183 83.63 -106.84 -27.96
C VAL A 3183 84.73 -107.13 -26.94
N GLU A 3184 84.82 -108.37 -26.50
CA GLU A 3184 85.78 -108.79 -25.47
C GLU A 3184 87.21 -108.47 -25.86
N LYS A 3185 87.50 -108.45 -27.16
CA LYS A 3185 88.82 -108.11 -27.65
C LYS A 3185 89.09 -106.61 -27.43
N LEU A 3186 88.09 -105.80 -27.72
CA LEU A 3186 88.20 -104.35 -27.55
C LEU A 3186 87.88 -103.95 -26.11
N ARG A 3187 87.28 -104.88 -25.36
CA ARG A 3187 86.92 -104.61 -23.97
C ARG A 3187 88.03 -105.03 -23.03
N PRO A 3188 89.04 -105.71 -23.56
CA PRO A 3188 90.20 -106.13 -22.77
C PRO A 3188 90.86 -104.91 -22.14
N ALA A 3189 91.68 -104.21 -22.92
CA ALA A 3189 92.27 -102.94 -22.53
C ALA A 3189 93.02 -102.99 -21.20
N LEU A 3190 92.27 -103.09 -20.10
CA LEU A 3190 92.85 -103.08 -18.77
C LEU A 3190 93.78 -104.26 -18.53
N GLY A 3191 93.21 -105.43 -18.21
CA GLY A 3191 94.00 -106.61 -17.92
C GLY A 3191 94.51 -107.26 -19.21
N GLU A 3192 95.49 -108.14 -19.06
CA GLU A 3192 96.08 -108.85 -20.20
C GLU A 3192 96.77 -110.12 -19.73
N CYS A 3193 96.15 -111.26 -19.99
CA CYS A 3193 96.71 -112.56 -19.58
C CYS A 3193 97.99 -112.87 -20.34
N LEU A 3194 97.85 -113.44 -21.52
CA LEU A 3194 99.01 -113.80 -22.35
C LEU A 3194 98.61 -113.93 -23.81
N ALA A 3195 99.30 -114.81 -24.53
CA ALA A 3195 99.02 -115.03 -25.95
C ALA A 3195 99.43 -116.44 -26.39
N ARG A 3196 98.73 -117.44 -25.86
CA ARG A 3196 99.02 -118.82 -26.20
C ARG A 3196 98.18 -119.28 -27.38
N LEU A 3197 98.84 -119.48 -28.52
CA LEU A 3197 98.20 -119.92 -29.77
C LEU A 3197 97.10 -118.96 -30.22
N ALA A 3198 97.11 -117.75 -29.69
CA ALA A 3198 96.15 -116.71 -30.08
C ALA A 3198 96.60 -116.07 -31.38
N ALA A 3199 97.90 -115.84 -31.48
CA ALA A 3199 98.48 -115.25 -32.69
C ALA A 3199 98.37 -116.24 -33.85
N ALA A 3200 98.34 -117.53 -33.51
CA ALA A 3200 98.17 -118.58 -34.51
C ALA A 3200 96.82 -118.43 -35.20
N MET A 3201 95.78 -118.23 -34.41
CA MET A 3201 94.44 -118.02 -34.94
C MET A 3201 94.33 -116.62 -35.53
N PRO A 3202 95.09 -115.69 -34.96
CA PRO A 3202 95.09 -114.30 -35.44
C PRO A 3202 95.71 -114.21 -36.82
N VAL A 3203 96.90 -114.81 -36.98
CA VAL A 3203 97.59 -114.80 -38.26
C VAL A 3203 96.81 -115.60 -39.30
N ALA A 3204 96.03 -116.57 -38.82
CA ALA A 3204 95.17 -117.36 -39.70
C ALA A 3204 93.93 -116.54 -40.07
N PHE A 3205 93.74 -115.43 -39.35
CA PHE A 3205 92.60 -114.55 -39.61
C PHE A 3205 93.08 -113.23 -40.21
N LEU A 3206 94.23 -112.74 -39.75
CA LEU A 3206 94.76 -111.48 -40.23
C LEU A 3206 95.17 -111.56 -41.70
N GLU A 3207 96.11 -112.46 -42.00
CA GLU A 3207 96.59 -112.64 -43.36
C GLU A 3207 95.47 -113.08 -44.30
N PRO A 3208 94.50 -113.79 -43.74
CA PRO A 3208 93.33 -114.23 -44.51
C PRO A 3208 92.45 -113.04 -44.85
N GLN A 3209 92.32 -112.12 -43.89
CA GLN A 3209 91.50 -110.93 -44.08
C GLN A 3209 92.30 -109.82 -44.75
N LEU A 3210 93.63 -109.93 -44.71
CA LEU A 3210 94.50 -108.94 -45.33
C LEU A 3210 94.39 -109.03 -46.85
N ASN A 3211 93.91 -110.16 -47.35
CA ASN A 3211 93.74 -110.36 -48.78
C ASN A 3211 92.30 -110.70 -49.13
N GLU A 3212 91.42 -110.62 -48.13
CA GLU A 3212 90.01 -110.92 -48.34
C GLU A 3212 89.26 -109.73 -48.93
N TYR A 3213 89.97 -108.61 -49.07
CA TYR A 3213 89.37 -107.40 -49.63
C TYR A 3213 89.57 -107.33 -51.13
N ASN A 3214 90.20 -108.37 -51.69
CA ASN A 3214 90.44 -108.45 -53.12
C ASN A 3214 89.23 -109.08 -53.82
N ALA A 3215 88.52 -109.94 -53.10
CA ALA A 3215 87.33 -110.59 -53.64
C ALA A 3215 86.22 -109.58 -53.84
N CYS A 3216 85.90 -109.31 -55.10
CA CYS A 3216 84.85 -108.36 -55.44
C CYS A 3216 83.47 -108.94 -55.23
N SER A 3217 82.46 -108.34 -55.87
CA SER A 3217 81.07 -108.78 -55.76
C SER A 3217 80.61 -108.82 -54.30
N VAL A 3218 80.97 -109.89 -53.61
CA VAL A 3218 80.61 -110.05 -52.21
C VAL A 3218 81.79 -109.69 -51.31
N TYR A 3219 81.85 -108.43 -50.90
CA TYR A 3219 82.92 -107.94 -50.04
C TYR A 3219 82.58 -108.16 -48.56
N THR A 3220 81.45 -108.81 -48.32
CA THR A 3220 80.97 -109.09 -46.96
C THR A 3220 80.83 -107.81 -46.13
N THR A 3221 81.18 -107.90 -44.86
CA THR A 3221 81.06 -106.76 -43.95
C THR A 3221 82.43 -106.23 -43.53
N LYS A 3222 82.47 -104.92 -43.25
CA LYS A 3222 83.71 -104.28 -42.81
C LYS A 3222 83.71 -104.11 -41.30
N SER A 3223 82.69 -104.66 -40.65
CA SER A 3223 82.58 -104.59 -39.19
C SER A 3223 83.64 -105.44 -38.52
N PRO A 3224 83.76 -106.68 -38.99
CA PRO A 3224 84.77 -107.60 -38.46
C PRO A 3224 86.16 -107.19 -38.95
N ARG A 3225 86.19 -106.33 -39.96
CA ARG A 3225 87.45 -105.78 -40.46
C ARG A 3225 88.03 -104.80 -39.45
N GLU A 3226 87.16 -104.29 -38.58
CA GLU A 3226 87.58 -103.40 -37.51
C GLU A 3226 87.79 -104.19 -36.23
N ARG A 3227 87.45 -105.48 -36.27
CA ARG A 3227 87.62 -106.36 -35.12
C ARG A 3227 89.08 -106.77 -34.99
N ALA A 3228 89.81 -106.75 -36.11
CA ALA A 3228 91.24 -107.04 -36.10
C ALA A 3228 91.97 -105.94 -35.33
N ILE A 3229 91.49 -104.72 -35.48
CA ILE A 3229 92.03 -103.59 -34.75
C ILE A 3229 91.58 -103.65 -33.29
N LEU A 3230 90.38 -104.17 -33.08
CA LEU A 3230 89.83 -104.31 -31.74
C LEU A 3230 90.63 -105.35 -30.94
N GLY A 3231 91.17 -106.33 -31.64
CA GLY A 3231 91.96 -107.38 -31.02
C GLY A 3231 93.44 -107.03 -31.06
N LEU A 3232 93.76 -105.90 -31.68
CA LEU A 3232 95.15 -105.46 -31.81
C LEU A 3232 95.64 -104.87 -30.49
N PRO A 3233 95.77 -105.71 -29.48
CA PRO A 3233 96.25 -105.28 -28.17
C PRO A 3233 96.78 -106.48 -27.38
N ASN A 3234 97.09 -107.56 -28.09
CA ASN A 3234 97.60 -108.77 -27.45
C ASN A 3234 99.09 -108.68 -27.21
N SER A 3235 99.87 -108.86 -28.28
CA SER A 3235 101.32 -108.80 -28.19
C SER A 3235 101.95 -108.34 -29.50
N VAL A 3236 103.11 -108.89 -29.81
CA VAL A 3236 103.83 -108.53 -31.03
C VAL A 3236 103.11 -109.07 -32.26
N PRO A 3241 101.00 -117.09 -42.48
CA PRO A 3241 102.10 -116.27 -42.01
C PRO A 3241 102.59 -115.32 -43.11
N ASP A 3242 102.49 -114.02 -42.86
CA ASP A 3242 102.96 -113.03 -43.81
C ASP A 3242 104.48 -113.10 -43.94
N ILE A 3243 105.15 -113.23 -42.80
CA ILE A 3243 106.60 -113.36 -42.75
C ILE A 3243 107.04 -113.94 -41.41
N PRO A 3244 106.11 -114.61 -40.74
CA PRO A 3244 106.38 -115.19 -39.43
C PRO A 3244 107.14 -116.50 -39.58
N VAL A 3245 108.43 -116.41 -39.89
CA VAL A 3245 109.27 -117.58 -40.04
C VAL A 3245 109.53 -118.21 -38.68
N LEU A 3246 110.21 -117.46 -37.81
CA LEU A 3246 110.50 -117.93 -36.45
C LEU A 3246 109.43 -117.46 -35.48
N ASP A 3247 108.17 -117.72 -35.82
CA ASP A 3247 107.05 -117.29 -35.00
C ASP A 3247 105.79 -118.13 -35.26
N ARG A 3248 105.70 -118.72 -36.44
CA ARG A 3248 104.51 -119.47 -36.82
C ARG A 3248 104.83 -120.95 -37.06
N LEU A 3249 105.13 -121.30 -38.31
CA LEU A 3249 105.37 -122.69 -38.69
C LEU A 3249 106.62 -123.26 -38.00
N MET A 3250 107.72 -122.52 -38.09
CA MET A 3250 108.97 -122.97 -37.48
C MET A 3250 109.07 -122.52 -36.03
N ALA A 3251 108.10 -122.95 -35.22
CA ALA A 3251 108.07 -122.60 -33.80
C ALA A 3251 107.18 -123.56 -33.02
N ASP A 3252 107.35 -124.85 -33.26
CA ASP A 3252 106.56 -125.87 -32.56
C ASP A 3252 107.40 -126.57 -31.50
N ILE A 3253 108.54 -125.97 -31.17
CA ILE A 3253 109.44 -126.54 -30.17
C ILE A 3253 108.99 -126.18 -28.76
N GLY A 3254 108.72 -124.90 -28.54
CA GLY A 3254 108.28 -124.43 -27.23
C GLY A 3254 107.49 -123.13 -27.36
N ALA A 3261 110.17 -116.31 -26.50
CA ALA A 3261 109.24 -115.19 -26.53
C ALA A 3261 109.84 -113.96 -25.86
N ARG A 3262 111.15 -113.80 -26.03
CA ARG A 3262 111.87 -112.67 -25.43
C ARG A 3262 111.78 -111.43 -26.33
N TYR A 3263 112.94 -110.86 -26.64
CA TYR A 3263 113.00 -109.65 -27.44
C TYR A 3263 113.28 -109.95 -28.91
N THR A 3264 112.44 -110.81 -29.49
CA THR A 3264 112.56 -111.13 -30.91
C THR A 3264 112.21 -109.90 -31.75
N GLU A 3265 113.23 -109.20 -32.23
CA GLU A 3265 113.04 -107.97 -32.98
C GLU A 3265 112.33 -108.21 -34.32
N MET A 3266 111.09 -108.67 -34.25
CA MET A 3266 110.29 -108.94 -35.44
C MET A 3266 108.82 -109.11 -35.06
N PRO A 3267 107.97 -108.27 -35.62
CA PRO A 3267 106.54 -108.32 -35.35
C PRO A 3267 105.76 -107.83 -36.57
N HIS A 3268 105.40 -106.56 -36.56
CA HIS A 3268 104.74 -105.94 -37.70
C HIS A 3268 105.78 -105.29 -38.59
N VAL A 3269 107.02 -105.78 -38.49
CA VAL A 3269 108.13 -105.26 -39.27
C VAL A 3269 108.08 -105.77 -40.71
N ILE A 3270 107.15 -106.68 -40.98
CA ILE A 3270 106.94 -107.20 -42.33
C ILE A 3270 106.33 -106.11 -43.21
N GLU A 3271 105.79 -105.08 -42.56
CA GLU A 3271 105.21 -103.95 -43.26
C GLU A 3271 105.52 -102.67 -42.50
N ILE A 3272 106.66 -102.64 -41.83
CA ILE A 3272 107.08 -101.46 -41.07
C ILE A 3272 107.30 -100.28 -42.01
N THR A 3273 108.22 -100.42 -42.94
CA THR A 3273 108.48 -99.40 -43.94
C THR A 3273 107.73 -99.72 -45.23
N LEU A 3274 107.38 -101.00 -45.38
CA LEU A 3274 106.68 -101.46 -46.58
C LEU A 3274 105.29 -100.83 -46.67
N PRO A 3275 104.48 -101.01 -45.64
CA PRO A 3275 103.15 -100.41 -45.61
C PRO A 3275 103.27 -98.89 -45.52
N MET A 3276 104.38 -98.42 -44.95
CA MET A 3276 104.66 -97.00 -44.89
C MET A 3276 104.93 -96.45 -46.28
N LEU A 3277 105.72 -97.20 -47.05
CA LEU A 3277 105.99 -96.84 -48.43
C LEU A 3277 104.75 -97.09 -49.29
N CYS A 3278 103.98 -98.11 -48.92
CA CYS A 3278 102.74 -98.43 -49.63
C CYS A 3278 101.73 -97.31 -49.44
N SER A 3279 101.60 -96.84 -48.19
CA SER A 3279 100.69 -95.75 -47.88
C SER A 3279 101.18 -94.45 -48.53
N TYR A 3280 102.49 -94.23 -48.48
CA TYR A 3280 103.09 -93.05 -49.08
C TYR A 3280 102.86 -93.04 -50.59
N LEU A 3281 102.89 -94.22 -51.19
CA LEU A 3281 102.62 -94.35 -52.62
C LEU A 3281 101.12 -94.26 -52.87
N PRO A 3282 100.33 -94.78 -51.94
CA PRO A 3282 98.89 -94.70 -52.03
C PRO A 3282 98.46 -93.24 -51.86
N ARG A 3283 99.17 -92.52 -51.01
CA ARG A 3283 98.91 -91.10 -50.80
C ARG A 3283 99.42 -90.29 -51.99
N TRP A 3284 100.54 -90.74 -52.56
CA TRP A 3284 101.12 -90.08 -53.73
C TRP A 3284 100.16 -90.15 -54.90
N TRP A 3285 99.55 -91.32 -55.09
CA TRP A 3285 98.52 -91.50 -56.10
C TRP A 3285 97.25 -90.77 -55.67
N GLU A 3286 96.33 -90.59 -56.62
CA GLU A 3286 95.07 -89.92 -56.32
C GLU A 3286 94.27 -90.71 -55.28
N ARG A 3287 94.07 -91.99 -55.55
CA ARG A 3287 93.37 -92.90 -54.65
C ARG A 3287 91.97 -92.38 -54.30
N GLY A 3288 91.35 -91.69 -55.24
CA GLY A 3288 90.01 -91.13 -55.01
C GLY A 3288 88.92 -92.07 -55.50
N PRO A 3289 88.99 -93.33 -55.08
CA PRO A 3289 88.01 -94.32 -55.48
C PRO A 3289 87.84 -95.39 -54.41
N GLU A 3290 86.76 -96.16 -54.51
CA GLU A 3290 86.50 -97.24 -53.58
C GLU A 3290 87.48 -98.39 -53.79
N ALA A 3291 87.99 -98.50 -55.01
CA ALA A 3291 88.98 -99.50 -55.35
C ALA A 3291 90.29 -99.21 -54.63
N PRO A 3292 90.53 -97.93 -54.38
CA PRO A 3292 91.70 -97.51 -53.61
C PRO A 3292 91.54 -97.94 -52.17
N PRO A 3293 92.66 -98.01 -51.45
CA PRO A 3293 92.68 -98.50 -50.07
C PRO A 3293 92.06 -99.89 -49.99
N PRO A 3294 90.73 -99.96 -49.99
CA PRO A 3294 89.99 -101.21 -49.95
C PRO A 3294 90.43 -102.07 -48.78
N ALA A 3295 91.57 -102.74 -48.94
CA ALA A 3295 92.18 -103.49 -47.86
C ALA A 3295 92.59 -102.52 -46.76
N LEU A 3296 93.23 -101.42 -47.15
CA LEU A 3296 93.62 -100.39 -46.21
C LEU A 3296 92.39 -99.74 -45.58
N PRO A 3297 91.32 -99.66 -46.36
CA PRO A 3297 90.07 -99.09 -45.87
C PRO A 3297 89.40 -100.03 -44.88
N ALA A 3298 89.97 -101.23 -44.72
CA ALA A 3298 89.41 -102.22 -43.82
C ALA A 3298 90.50 -102.93 -43.01
N GLY A 3299 91.69 -102.34 -42.94
CA GLY A 3299 92.78 -102.95 -42.17
C GLY A 3299 93.83 -101.92 -41.73
N ALA A 3300 93.98 -100.83 -42.47
CA ALA A 3300 94.98 -99.82 -42.13
C ALA A 3300 94.53 -99.00 -40.93
N PRO A 3301 93.30 -99.23 -40.48
CA PRO A 3301 92.80 -98.61 -39.26
C PRO A 3301 93.43 -99.30 -38.05
N PRO A 3302 93.97 -100.49 -38.29
CA PRO A 3302 94.66 -101.25 -37.25
C PRO A 3302 96.13 -100.89 -37.20
N PRO A 3303 96.57 -100.06 -38.14
CA PRO A 3303 97.96 -99.63 -38.21
C PRO A 3303 98.26 -98.58 -37.16
N CYS A 3304 97.21 -98.04 -36.56
CA CYS A 3304 97.36 -97.02 -35.52
C CYS A 3304 97.41 -97.64 -34.14
N THR A 3305 96.95 -98.89 -34.03
CA THR A 3305 96.95 -99.61 -32.76
C THR A 3305 98.36 -100.05 -32.38
N ALA A 3306 99.29 -99.93 -33.34
CA ALA A 3306 100.68 -100.32 -33.11
C ALA A 3306 101.41 -99.29 -32.25
N VAL A 3307 100.76 -98.17 -31.99
CA VAL A 3307 101.35 -97.11 -31.18
C VAL A 3307 101.10 -97.36 -29.70
N THR A 3308 100.61 -98.55 -29.38
CA THR A 3308 100.30 -98.91 -28.00
C THR A 3308 101.55 -99.29 -27.22
N SER A 3309 102.05 -100.49 -27.48
CA SER A 3309 103.21 -101.01 -26.77
C SER A 3309 104.48 -100.23 -27.10
N ASP A 3310 104.46 -99.50 -28.21
CA ASP A 3310 105.61 -98.71 -28.62
C ASP A 3310 105.61 -97.34 -27.94
N HIS A 3311 105.33 -97.35 -26.63
CA HIS A 3311 105.23 -96.12 -25.84
C HIS A 3311 104.26 -95.14 -26.49
N LEU A 3312 104.72 -93.92 -26.71
CA LEU A 3312 103.95 -92.94 -27.44
C LEU A 3312 104.12 -93.20 -28.94
N ASN A 3313 105.31 -92.87 -29.44
CA ASN A 3313 105.67 -93.11 -30.83
C ASN A 3313 107.17 -92.93 -31.02
N SER A 3314 107.91 -94.03 -30.97
CA SER A 3314 109.35 -94.00 -31.19
C SER A 3314 109.63 -93.44 -32.58
N LEU A 3315 108.87 -93.93 -33.55
CA LEU A 3315 108.89 -93.37 -34.89
C LEU A 3315 107.88 -92.21 -34.93
N LEU A 3316 108.24 -91.11 -34.30
CA LEU A 3316 107.35 -89.97 -34.15
C LEU A 3316 106.93 -89.38 -35.49
N GLY A 3317 107.87 -89.34 -36.44
CA GLY A 3317 107.60 -88.81 -37.76
C GLY A 3317 106.60 -89.69 -38.50
N ASN A 3318 106.61 -90.98 -38.19
CA ASN A 3318 105.68 -91.92 -38.79
C ASN A 3318 104.27 -91.65 -38.32
N ILE A 3319 104.13 -91.33 -37.03
CA ILE A 3319 102.83 -91.01 -36.45
C ILE A 3319 102.43 -89.58 -36.81
N LEU A 3320 103.39 -88.81 -37.31
CA LEU A 3320 103.14 -87.42 -37.71
C LEU A 3320 102.95 -87.33 -39.21
N ARG A 3321 102.86 -88.48 -39.87
CA ARG A 3321 102.69 -88.52 -41.32
C ARG A 3321 101.61 -89.51 -41.73
N ILE A 3322 101.44 -90.56 -40.94
CA ILE A 3322 100.43 -91.58 -41.23
C ILE A 3322 99.03 -90.97 -41.23
N ILE A 3323 98.81 -90.01 -40.34
CA ILE A 3323 97.55 -89.29 -40.28
C ILE A 3323 97.50 -88.24 -41.38
N VAL A 3324 98.65 -87.64 -41.67
CA VAL A 3324 98.76 -86.64 -42.72
C VAL A 3324 98.51 -87.26 -44.08
N ASN A 3325 99.03 -88.47 -44.28
CA ASN A 3325 98.80 -89.21 -45.52
C ASN A 3325 97.35 -89.68 -45.56
N ASN A 3326 96.80 -89.99 -44.39
CA ASN A 3326 95.40 -90.35 -44.28
C ASN A 3326 94.54 -89.13 -44.55
N LEU A 3327 95.03 -87.97 -44.13
CA LEU A 3327 94.35 -86.71 -44.37
C LEU A 3327 94.37 -86.38 -45.86
N GLY A 3328 95.44 -86.81 -46.53
CA GLY A 3328 95.56 -86.61 -47.97
C GLY A 3328 94.48 -87.40 -48.70
N ILE A 3329 94.13 -88.56 -48.15
CA ILE A 3329 93.04 -89.36 -48.68
C ILE A 3329 91.72 -88.64 -48.46
N ASP A 3330 91.65 -87.89 -47.36
CA ASP A 3330 90.49 -87.06 -47.07
C ASP A 3330 90.58 -85.76 -47.85
N GLU A 3331 91.81 -85.35 -48.15
CA GLU A 3331 92.05 -84.15 -48.95
C GLU A 3331 91.74 -84.43 -50.41
N ALA A 3332 91.70 -85.71 -50.76
CA ALA A 3332 91.36 -86.13 -52.12
C ALA A 3332 89.90 -85.79 -52.41
N THR A 3333 89.10 -85.68 -51.35
CA THR A 3333 87.69 -85.32 -51.42
C THR A 3333 86.83 -86.36 -52.15
N TRP A 3334 85.83 -86.86 -51.44
CA TRP A 3334 84.91 -87.86 -52.00
C TRP A 3334 83.94 -87.22 -52.98
N MET A 3335 82.91 -87.97 -53.34
CA MET A 3335 81.91 -87.48 -54.29
C MET A 3335 80.55 -87.33 -53.61
N LYS A 3336 79.50 -87.81 -54.28
CA LYS A 3336 78.15 -87.75 -53.74
C LYS A 3336 78.02 -88.68 -52.54
N ARG A 3337 77.66 -89.93 -52.79
CA ARG A 3337 77.61 -90.93 -51.74
C ARG A 3337 79.03 -91.28 -51.33
N LEU A 3338 79.73 -92.03 -52.18
CA LEU A 3338 81.14 -92.36 -52.01
C LEU A 3338 81.44 -92.94 -50.63
N ALA A 3339 82.09 -92.13 -49.79
CA ALA A 3339 82.45 -92.58 -48.44
C ALA A 3339 81.32 -92.29 -47.45
N VAL A 3340 80.13 -92.77 -47.77
CA VAL A 3340 78.97 -92.61 -46.89
C VAL A 3340 79.15 -93.42 -45.61
N PHE A 3341 79.53 -94.68 -45.78
CA PHE A 3341 79.80 -95.55 -44.64
C PHE A 3341 81.30 -95.59 -44.36
N ALA A 3342 82.09 -95.11 -45.32
CA ALA A 3342 83.53 -95.09 -45.19
C ALA A 3342 83.99 -93.81 -44.50
N GLN A 3343 83.53 -93.60 -43.28
CA GLN A 3343 83.89 -92.43 -42.50
C GLN A 3343 83.72 -92.71 -41.01
N PRO A 3344 83.39 -93.96 -40.70
CA PRO A 3344 83.21 -94.38 -39.31
C PRO A 3344 84.55 -94.74 -38.68
N ILE A 3345 85.61 -94.62 -39.47
CA ILE A 3345 86.96 -94.91 -38.98
C ILE A 3345 87.56 -93.67 -38.32
N VAL A 3346 86.76 -92.63 -38.17
CA VAL A 3346 87.20 -91.40 -37.54
C VAL A 3346 87.37 -91.60 -36.03
N SER A 3347 86.78 -92.66 -35.50
CA SER A 3347 86.89 -92.99 -34.09
C SER A 3347 88.33 -93.34 -33.74
N ARG A 3348 89.00 -94.07 -34.64
CA ARG A 3348 90.39 -94.42 -34.45
C ARG A 3348 91.27 -93.22 -34.72
N ALA A 3349 90.77 -92.29 -35.54
CA ALA A 3349 91.50 -91.07 -35.85
C ALA A 3349 91.57 -90.15 -34.64
N ARG A 3350 90.65 -90.35 -33.70
CA ARG A 3350 90.63 -89.58 -32.46
C ARG A 3350 91.51 -90.24 -31.41
N PRO A 3351 92.54 -90.95 -31.87
CA PRO A 3351 93.47 -91.61 -30.99
C PRO A 3351 94.89 -91.49 -31.55
N GLU A 3352 94.98 -91.19 -32.84
CA GLU A 3352 96.27 -91.00 -33.50
C GLU A 3352 96.81 -89.61 -33.16
N LEU A 3353 95.95 -88.76 -32.61
CA LEU A 3353 96.35 -87.42 -32.23
C LEU A 3353 96.80 -87.37 -30.78
N LEU A 3354 97.04 -88.54 -30.20
CA LEU A 3354 97.48 -88.63 -28.81
C LEU A 3354 98.86 -88.01 -28.65
N HIS A 3355 99.87 -88.66 -29.23
CA HIS A 3355 101.22 -88.13 -29.22
C HIS A 3355 101.47 -87.30 -30.48
N SER A 3356 100.44 -86.59 -30.91
CA SER A 3356 100.52 -85.76 -32.11
C SER A 3356 101.52 -84.63 -31.93
N HIS A 3357 102.78 -84.92 -32.21
CA HIS A 3357 103.83 -83.91 -32.13
C HIS A 3357 103.90 -83.13 -33.44
N PHE A 3358 102.73 -82.81 -33.98
CA PHE A 3358 102.64 -82.08 -35.24
C PHE A 3358 102.95 -80.60 -35.05
N ILE A 3359 104.11 -80.30 -34.50
CA ILE A 3359 104.55 -78.93 -34.33
C ILE A 3359 104.88 -78.34 -35.69
N PRO A 3360 105.11 -79.23 -36.66
CA PRO A 3360 105.33 -78.81 -38.04
C PRO A 3360 104.09 -78.11 -38.57
N THR A 3361 103.04 -78.90 -38.81
CA THR A 3361 101.78 -78.37 -39.35
C THR A 3361 102.04 -77.55 -40.60
N ILE A 3362 101.95 -76.23 -40.45
CA ILE A 3362 102.24 -75.29 -41.54
C ILE A 3362 101.49 -75.64 -42.81
N GLY A 3363 102.07 -76.52 -43.61
CA GLY A 3363 101.42 -77.01 -44.82
C GLY A 3363 100.26 -77.92 -44.44
N ARG A 3364 100.47 -78.73 -43.42
CA ARG A 3364 99.42 -79.60 -42.89
C ARG A 3364 98.35 -78.75 -42.23
N LEU A 3365 98.78 -77.65 -41.63
CA LEU A 3365 97.84 -76.68 -41.06
C LEU A 3365 97.10 -75.99 -42.19
N ARG A 3366 97.82 -75.69 -43.27
CA ARG A 3366 97.22 -75.10 -44.46
C ARG A 3366 96.36 -76.14 -45.17
N LYS A 3367 96.75 -77.41 -45.07
CA LYS A 3367 95.98 -78.50 -45.63
C LYS A 3367 94.62 -78.58 -44.94
N ARG A 3368 94.60 -78.20 -43.67
CA ARG A 3368 93.36 -78.17 -42.90
C ARG A 3368 92.68 -76.81 -43.07
N ALA A 3369 93.43 -75.83 -43.55
CA ALA A 3369 92.92 -74.47 -43.70
C ALA A 3369 92.47 -74.20 -45.14
N GLY A 3370 93.40 -74.39 -46.08
CA GLY A 3370 93.11 -74.09 -47.49
C GLY A 3370 91.99 -74.98 -48.03
N LYS A 3371 91.93 -76.21 -47.56
CA LYS A 3371 90.86 -77.12 -47.96
C LYS A 3371 89.53 -76.62 -47.42
N VAL A 3372 89.53 -76.21 -46.16
CA VAL A 3372 88.34 -75.65 -45.53
C VAL A 3372 87.99 -74.34 -46.22
N VAL A 3373 89.01 -73.57 -46.59
CA VAL A 3373 88.82 -72.33 -47.33
C VAL A 3373 88.25 -72.64 -48.71
N ALA A 3374 88.72 -73.73 -49.30
CA ALA A 3374 88.19 -74.22 -50.56
C ALA A 3374 86.77 -74.73 -50.33
N GLU A 3375 86.55 -75.34 -49.18
CA GLU A 3375 85.23 -75.80 -48.79
C GLU A 3375 84.33 -74.61 -48.51
N GLU A 3376 84.91 -73.57 -47.91
CA GLU A 3376 84.19 -72.33 -47.64
C GLU A 3376 83.83 -71.66 -48.96
N GLU A 3377 84.74 -71.75 -49.92
CA GLU A 3377 84.51 -71.20 -51.26
C GLU A 3377 83.46 -72.05 -51.98
N GLN A 3378 83.52 -73.36 -51.75
CA GLN A 3378 82.55 -74.28 -52.34
C GLN A 3378 81.18 -74.08 -51.73
N LEU A 3379 81.16 -73.86 -50.40
CA LEU A 3379 79.91 -73.60 -49.70
C LEU A 3379 79.36 -72.25 -50.15
N ARG A 3380 80.24 -71.27 -50.33
CA ARG A 3380 79.85 -69.95 -50.80
C ARG A 3380 79.35 -70.05 -52.24
N LEU A 3381 79.89 -71.00 -53.00
CA LEU A 3381 79.46 -71.24 -54.36
C LEU A 3381 78.10 -71.92 -54.37
N GLU A 3382 77.71 -72.47 -53.23
CA GLU A 3382 76.43 -73.14 -53.09
C GLU A 3382 75.44 -72.25 -52.33
N ALA A 3383 75.93 -71.52 -51.34
CA ALA A 3383 75.08 -70.65 -50.53
C ALA A 3383 74.63 -69.44 -51.33
N LYS A 3384 75.56 -68.82 -52.06
CA LYS A 3384 75.24 -67.67 -52.89
C LYS A 3384 74.40 -68.11 -54.09
N ALA A 3385 74.50 -69.40 -54.44
CA ALA A 3385 73.68 -69.97 -55.50
C ALA A 3385 72.25 -70.18 -54.99
N GLU A 3386 72.09 -70.06 -53.67
CA GLU A 3386 70.77 -70.19 -53.05
C GLU A 3386 70.33 -68.83 -52.53
N ALA A 3387 71.30 -67.97 -52.21
CA ALA A 3387 71.01 -66.64 -51.70
C ALA A 3387 70.64 -65.69 -52.83
N GLU A 3388 71.29 -65.87 -53.98
CA GLU A 3388 71.03 -65.02 -55.14
C GLU A 3388 70.16 -65.75 -56.16
N GLU A 3389 69.20 -66.52 -55.68
CA GLU A 3389 68.30 -67.26 -56.55
C GLU A 3389 66.88 -67.29 -55.99
N GLY A 3390 66.24 -66.13 -55.98
CA GLY A 3390 64.86 -66.03 -55.51
C GLY A 3390 63.95 -65.62 -56.67
N GLU A 3391 64.01 -66.37 -57.76
CA GLU A 3391 63.22 -66.08 -58.95
C GLU A 3391 61.94 -66.91 -58.98
N LEU A 3392 61.42 -67.21 -57.79
CA LEU A 3392 60.18 -67.98 -57.65
C LEU A 3392 60.24 -69.31 -58.38
N LEU A 3393 61.03 -70.23 -57.85
CA LEU A 3393 61.17 -71.56 -58.45
C LEU A 3393 61.61 -72.58 -57.41
N VAL A 3394 60.76 -73.56 -57.14
CA VAL A 3394 61.06 -74.60 -56.16
C VAL A 3394 61.87 -75.73 -56.78
N ARG A 3395 62.28 -75.54 -58.03
CA ARG A 3395 63.09 -76.53 -58.73
C ARG A 3395 64.54 -76.45 -58.27
N ASP A 3396 64.91 -75.31 -57.68
CA ASP A 3396 66.26 -75.10 -57.19
C ASP A 3396 66.47 -75.82 -55.86
N GLU A 3397 65.38 -76.30 -55.27
CA GLU A 3397 65.45 -77.01 -54.00
C GLU A 3397 66.26 -78.29 -54.13
N PHE A 3398 66.28 -78.85 -55.34
CA PHE A 3398 67.08 -80.04 -55.62
C PHE A 3398 68.52 -79.65 -55.92
N SER A 3399 68.71 -78.43 -56.41
CA SER A 3399 70.03 -77.94 -56.79
C SER A 3399 70.70 -77.19 -55.65
N VAL A 3400 70.07 -76.10 -55.21
CA VAL A 3400 70.61 -75.29 -54.13
C VAL A 3400 70.68 -76.08 -52.83
N LEU A 3401 69.54 -76.60 -52.40
CA LEU A 3401 69.50 -77.46 -51.22
C LEU A 3401 69.90 -78.88 -51.61
N CYS A 3402 69.55 -79.85 -50.77
CA CYS A 3402 69.88 -81.26 -51.00
C CYS A 3402 71.38 -81.49 -51.13
N ARG A 3403 71.99 -80.87 -52.15
CA ARG A 3403 73.42 -80.97 -52.37
C ARG A 3403 74.20 -80.31 -51.24
N ASP A 3404 73.53 -79.42 -50.50
CA ASP A 3404 74.14 -78.75 -49.35
C ASP A 3404 74.45 -79.77 -48.25
N LEU A 3405 73.64 -80.81 -48.18
CA LEU A 3405 73.82 -81.87 -47.18
C LEU A 3405 75.03 -82.72 -47.51
N TYR A 3406 75.42 -82.73 -48.78
CA TYR A 3406 76.59 -83.49 -49.22
C TYR A 3406 77.86 -82.85 -48.69
N ALA A 3407 77.93 -81.53 -48.78
CA ALA A 3407 79.08 -80.78 -48.27
C ALA A 3407 79.02 -80.68 -46.76
N LEU A 3408 77.81 -80.73 -46.22
CA LEU A 3408 77.61 -80.65 -44.77
C LEU A 3408 78.20 -81.87 -44.08
N TYR A 3409 77.85 -83.05 -44.59
CA TYR A 3409 78.36 -84.31 -44.03
C TYR A 3409 79.87 -84.40 -44.23
N PRO A 3410 80.36 -83.77 -45.29
CA PRO A 3410 81.79 -83.72 -45.55
C PRO A 3410 82.47 -82.80 -44.54
N LEU A 3411 81.77 -81.74 -44.17
CA LEU A 3411 82.30 -80.76 -43.21
C LEU A 3411 82.29 -81.33 -41.81
N LEU A 3412 81.40 -82.28 -41.56
CA LEU A 3412 81.31 -82.92 -40.25
C LEU A 3412 82.28 -84.10 -40.14
N ILE A 3413 83.41 -83.99 -40.83
CA ILE A 3413 84.42 -85.03 -40.82
C ILE A 3413 85.78 -84.46 -40.42
N ARG A 3414 86.12 -83.31 -40.99
CA ARG A 3414 87.40 -82.67 -40.69
C ARG A 3414 87.34 -81.92 -39.36
N TYR A 3415 86.13 -81.49 -38.99
CA TYR A 3415 85.94 -80.73 -37.75
C TYR A 3415 86.10 -81.62 -36.53
N VAL A 3416 85.87 -82.92 -36.71
CA VAL A 3416 85.99 -83.88 -35.62
C VAL A 3416 87.44 -84.32 -35.43
N ASP A 3417 88.33 -83.76 -36.25
CA ASP A 3417 89.74 -84.08 -36.18
C ASP A 3417 90.55 -82.87 -35.71
N ASN A 3418 90.10 -81.68 -36.11
CA ASN A 3418 90.80 -80.46 -35.75
C ASN A 3418 90.55 -80.07 -34.29
N ASN A 3419 89.49 -80.62 -33.71
CA ASN A 3419 89.14 -80.33 -32.32
C ASN A 3419 90.20 -80.84 -31.36
N ARG A 3420 90.52 -82.12 -31.47
CA ARG A 3420 91.56 -82.73 -30.63
C ARG A 3420 92.92 -82.14 -30.97
N ALA A 3421 93.06 -81.66 -32.20
CA ALA A 3421 94.30 -81.04 -32.64
C ALA A 3421 94.50 -79.69 -31.94
N HIS A 3422 93.39 -79.01 -31.67
CA HIS A 3422 93.44 -77.72 -31.00
C HIS A 3422 93.43 -77.89 -29.48
N TRP A 3423 93.25 -79.13 -29.04
CA TRP A 3423 93.24 -79.44 -27.62
C TRP A 3423 94.65 -79.73 -27.11
N LEU A 3424 95.65 -79.28 -27.87
CA LEU A 3424 97.04 -79.46 -27.50
C LEU A 3424 97.88 -78.34 -28.12
N THR A 3425 97.38 -77.78 -29.20
CA THR A 3425 98.05 -76.67 -29.87
C THR A 3425 97.43 -75.34 -29.45
N GLU A 3426 97.31 -75.14 -28.14
CA GLU A 3426 96.73 -73.92 -27.60
C GLU A 3426 97.63 -73.27 -26.57
N PRO A 3427 98.48 -74.08 -25.94
CA PRO A 3427 99.41 -73.59 -24.93
C PRO A 3427 100.45 -72.66 -25.55
N ASN A 3428 101.36 -73.23 -26.33
CA ASN A 3428 102.41 -72.45 -26.99
C ASN A 3428 101.83 -71.52 -28.05
N ALA A 3429 100.65 -71.88 -28.55
CA ALA A 3429 99.98 -71.08 -29.58
C ALA A 3429 99.53 -69.74 -29.01
N ASN A 3430 98.91 -69.77 -27.83
CA ASN A 3430 98.43 -68.56 -27.18
C ASN A 3430 99.57 -67.83 -26.49
N ALA A 3431 100.62 -68.59 -26.14
CA ALA A 3431 101.80 -67.99 -25.51
C ALA A 3431 102.76 -67.47 -26.58
N GLU A 3432 103.85 -66.86 -26.13
CA GLU A 3432 104.87 -66.30 -27.03
C GLU A 3432 104.25 -65.30 -28.00
N GLU A 3433 103.73 -65.81 -29.12
CA GLU A 3433 103.13 -64.96 -30.14
C GLU A 3433 101.86 -65.58 -30.69
N LEU A 3434 101.64 -65.45 -31.99
CA LEU A 3434 100.46 -65.99 -32.64
C LEU A 3434 100.69 -66.15 -34.14
N PHE A 3435 100.01 -65.33 -34.93
CA PHE A 3435 100.16 -65.30 -36.40
C PHE A 3435 99.79 -66.61 -37.09
N ARG A 3436 100.32 -67.73 -36.60
CA ARG A 3436 100.08 -69.03 -37.19
C ARG A 3436 98.59 -69.40 -37.17
N MET A 3437 98.01 -69.44 -35.98
CA MET A 3437 96.62 -69.81 -35.82
C MET A 3437 95.69 -68.65 -36.19
N VAL A 3438 96.27 -67.48 -36.45
CA VAL A 3438 95.49 -66.30 -36.81
C VAL A 3438 94.83 -66.50 -38.17
N GLY A 3439 95.45 -67.32 -39.02
CA GLY A 3439 94.89 -67.63 -40.33
C GLY A 3439 93.65 -68.49 -40.19
N GLU A 3440 93.70 -69.42 -39.24
CA GLU A 3440 92.57 -70.31 -38.98
C GLU A 3440 91.39 -69.54 -38.42
N ILE A 3441 91.68 -68.60 -37.53
CA ILE A 3441 90.63 -67.79 -36.89
C ILE A 3441 89.95 -66.88 -37.90
N PHE A 3442 90.73 -66.36 -38.84
CA PHE A 3442 90.19 -65.46 -39.85
C PHE A 3442 89.36 -66.24 -40.87
N ILE A 3443 89.61 -67.54 -40.97
CA ILE A 3443 88.89 -68.39 -41.91
C ILE A 3443 87.92 -69.32 -41.19
N TYR A 3444 87.73 -69.09 -39.89
CA TYR A 3444 86.81 -69.91 -39.11
C TYR A 3444 85.39 -69.36 -39.17
N TRP A 3445 85.17 -68.41 -40.08
CA TRP A 3445 83.86 -67.83 -40.26
C TRP A 3445 83.02 -68.66 -41.24
N SER A 3446 83.12 -69.98 -41.11
CA SER A 3446 82.37 -70.90 -41.97
C SER A 3446 80.89 -70.83 -41.64
N LYS A 3447 80.54 -71.16 -40.41
CA LYS A 3447 79.16 -71.12 -39.96
C LYS A 3447 78.68 -69.67 -39.87
N SER A 3448 79.63 -68.76 -39.69
CA SER A 3448 79.34 -67.33 -39.65
C SER A 3448 78.87 -66.86 -41.03
N HIS A 3449 79.35 -67.57 -42.06
CA HIS A 3449 78.93 -67.30 -43.43
C HIS A 3449 77.93 -68.36 -43.89
N ASN A 3450 77.31 -69.03 -42.92
CA ASN A 3450 76.35 -70.08 -43.21
C ASN A 3450 75.30 -70.18 -42.10
N PHE A 3451 75.59 -71.00 -41.09
CA PHE A 3451 74.67 -71.24 -40.00
C PHE A 3451 74.25 -69.96 -39.29
N LYS A 3452 75.16 -68.98 -39.26
CA LYS A 3452 74.88 -67.70 -38.64
C LYS A 3452 74.48 -66.67 -39.69
N ARG A 3453 74.61 -67.05 -40.96
CA ARG A 3453 74.27 -66.15 -42.06
C ARG A 3453 72.85 -66.39 -42.55
N GLU A 3454 71.99 -66.86 -41.64
CA GLU A 3454 70.59 -67.12 -41.94
C GLU A 3454 70.40 -68.12 -43.07
N GLU A 3455 71.38 -68.99 -43.27
CA GLU A 3455 71.28 -70.04 -44.28
C GLU A 3455 70.47 -71.20 -43.70
N GLN A 3456 69.16 -71.16 -43.91
CA GLN A 3456 68.27 -72.20 -43.42
C GLN A 3456 68.63 -73.56 -43.99
N ASN A 3457 69.08 -73.57 -45.24
CA ASN A 3457 69.49 -74.80 -45.90
C ASN A 3457 70.70 -75.42 -45.21
N PHE A 3458 71.70 -74.59 -44.92
CA PHE A 3458 72.88 -75.05 -44.20
C PHE A 3458 72.48 -75.40 -42.76
N VAL A 3459 71.49 -74.68 -42.24
CA VAL A 3459 70.95 -74.98 -40.92
C VAL A 3459 70.08 -76.22 -40.98
N VAL A 3460 69.59 -76.53 -42.18
CA VAL A 3460 68.78 -77.73 -42.38
C VAL A 3460 69.67 -78.96 -42.47
N GLN A 3461 70.40 -79.25 -41.40
CA GLN A 3461 71.20 -80.46 -41.32
C GLN A 3461 70.26 -81.66 -41.41
N ASN A 3462 69.15 -81.57 -40.69
CA ASN A 3462 68.08 -82.57 -40.73
C ASN A 3462 68.63 -83.99 -40.55
N GLU A 3463 68.94 -84.63 -41.67
CA GLU A 3463 69.53 -85.97 -41.65
C GLU A 3463 70.91 -85.89 -41.02
N ILE A 3464 71.64 -84.82 -41.32
CA ILE A 3464 72.95 -84.58 -40.73
C ILE A 3464 72.79 -84.29 -39.24
N ASN A 3465 71.64 -83.73 -38.88
CA ASN A 3465 71.34 -83.44 -37.48
C ASN A 3465 70.78 -84.69 -36.79
N ASN A 3466 70.26 -85.62 -37.58
CA ASN A 3466 69.69 -86.84 -37.03
C ASN A 3466 70.62 -88.03 -37.23
N MET A 3467 70.56 -88.64 -38.41
CA MET A 3467 71.36 -89.82 -38.70
C MET A 3467 72.71 -89.45 -39.32
N SER A 3468 73.15 -88.22 -39.06
CA SER A 3468 74.43 -87.72 -39.56
C SER A 3468 74.53 -87.83 -41.08
N VAL A 3511 70.39 -76.93 -31.59
CA VAL A 3511 71.01 -77.56 -30.44
C VAL A 3511 72.50 -77.26 -30.39
N ALA A 3512 73.27 -78.17 -29.80
CA ALA A 3512 74.71 -78.00 -29.67
C ALA A 3512 75.46 -79.18 -30.25
N THR A 3513 76.02 -79.00 -31.45
CA THR A 3513 76.76 -80.06 -32.12
C THR A 3513 77.72 -79.48 -33.16
N LEU A 3514 78.97 -79.27 -32.74
CA LEU A 3514 80.03 -78.77 -33.61
C LEU A 3514 79.63 -77.48 -34.33
N LYS A 3515 79.98 -77.39 -35.61
CA LYS A 3515 79.67 -76.22 -36.43
C LYS A 3515 80.22 -74.93 -35.82
N LYS A 3516 79.53 -74.42 -34.81
CA LYS A 3516 79.96 -73.20 -34.14
C LYS A 3516 80.56 -73.51 -32.77
N MET A 3517 80.35 -74.74 -32.31
CA MET A 3517 80.88 -75.17 -31.03
C MET A 3517 82.40 -75.27 -31.06
N LEU A 3518 82.95 -75.51 -32.26
CA LEU A 3518 84.39 -75.60 -32.43
C LEU A 3518 85.03 -74.21 -32.39
N PRO A 3519 84.26 -73.20 -32.78
CA PRO A 3519 84.75 -71.84 -32.79
C PRO A 3519 84.96 -71.30 -31.38
N ILE A 3520 84.21 -71.86 -30.43
CA ILE A 3520 84.30 -71.45 -29.03
C ILE A 3520 85.63 -71.81 -28.42
N GLY A 3521 86.26 -72.85 -28.94
CA GLY A 3521 87.54 -73.32 -28.42
C GLY A 3521 88.68 -72.39 -28.82
N LEU A 3522 88.48 -71.66 -29.91
CA LEU A 3522 89.50 -70.75 -30.42
C LEU A 3522 89.03 -69.30 -30.39
N ASN A 3523 87.83 -69.08 -29.87
CA ASN A 3523 87.27 -67.74 -29.76
C ASN A 3523 88.16 -66.87 -28.86
N MET A 3524 88.70 -67.49 -27.82
CA MET A 3524 89.60 -66.81 -26.90
C MET A 3524 90.92 -66.50 -27.59
N CYS A 3525 91.36 -67.42 -28.44
CA CYS A 3525 92.60 -67.23 -29.18
C CYS A 3525 92.42 -66.19 -30.27
N ALA A 3526 91.17 -65.97 -30.69
CA ALA A 3526 90.86 -64.99 -31.70
C ALA A 3526 90.89 -63.58 -31.10
N PRO A 3527 90.37 -63.46 -29.88
CA PRO A 3527 90.36 -62.18 -29.19
C PRO A 3527 91.68 -61.94 -28.47
N THR A 3528 92.55 -62.96 -28.48
CA THR A 3528 93.85 -62.86 -27.81
C THR A 3528 94.76 -61.90 -28.57
N ASP A 3529 94.66 -61.91 -29.89
CA ASP A 3529 95.47 -61.04 -30.73
C ASP A 3529 94.72 -59.77 -31.10
N GLN A 3530 93.61 -59.54 -30.40
CA GLN A 3530 92.79 -58.35 -30.65
C GLN A 3530 93.39 -57.12 -29.96
N ASP A 3531 92.55 -56.39 -29.25
CA ASP A 3531 92.97 -55.17 -28.56
C ASP A 3531 93.88 -55.49 -27.38
N LEU A 3532 95.14 -55.08 -27.47
CA LEU A 3532 96.09 -55.26 -26.38
C LEU A 3532 96.08 -54.04 -25.47
N ILE A 3533 95.03 -53.25 -25.59
CA ILE A 3533 94.88 -52.04 -24.77
C ILE A 3533 93.43 -51.59 -24.74
N MET A 3534 93.08 -50.67 -25.65
CA MET A 3534 91.76 -50.07 -25.67
C MET A 3534 90.82 -50.79 -26.64
N LEU A 3535 89.79 -51.43 -26.09
CA LEU A 3535 88.76 -52.04 -26.91
C LEU A 3535 87.73 -50.98 -27.28
N ALA A 3536 86.69 -50.84 -26.44
CA ALA A 3536 85.69 -49.79 -26.57
C ALA A 3536 84.97 -49.77 -27.92
N LYS A 3537 85.72 -49.49 -28.99
CA LYS A 3537 85.16 -49.39 -30.33
C LYS A 3537 84.50 -50.69 -30.79
N THR A 3538 84.93 -51.81 -30.21
CA THR A 3538 84.35 -53.10 -30.51
C THR A 3538 82.88 -53.12 -30.08
N ARG A 3539 82.58 -52.46 -28.97
CA ARG A 3539 81.22 -52.37 -28.47
C ARG A 3539 80.38 -51.49 -29.38
N TYR A 3540 81.00 -50.45 -29.92
CA TYR A 3540 80.33 -49.57 -30.87
C TYR A 3540 80.11 -50.28 -32.20
N ALA A 3541 81.05 -51.17 -32.53
CA ALA A 3541 80.96 -51.96 -33.74
C ALA A 3541 79.93 -53.07 -33.57
N LEU A 3542 79.76 -53.52 -32.33
CA LEU A 3542 78.76 -54.53 -32.02
C LEU A 3542 77.36 -53.93 -32.17
N LYS A 3543 77.24 -52.65 -31.82
CA LYS A 3543 75.99 -51.94 -31.98
C LYS A 3543 75.76 -51.58 -33.44
N ASP A 3544 76.86 -51.38 -34.16
CA ASP A 3544 76.79 -51.06 -35.58
C ASP A 3544 76.35 -52.27 -36.39
N THR A 3545 76.93 -53.43 -36.07
CA THR A 3545 76.58 -54.67 -36.74
C THR A 3545 75.16 -55.10 -36.34
N ASP A 3546 74.72 -54.64 -35.18
CA ASP A 3546 73.37 -54.92 -34.71
C ASP A 3546 72.35 -54.15 -35.53
N GLU A 3547 72.81 -53.05 -36.13
CA GLU A 3547 71.96 -52.24 -36.99
C GLU A 3547 72.00 -52.74 -38.42
N GLU A 3548 72.70 -53.85 -38.63
CA GLU A 3548 72.84 -54.46 -39.95
C GLU A 3548 73.42 -53.49 -40.97
N VAL A 3549 74.74 -53.29 -40.91
CA VAL A 3549 75.42 -52.40 -41.85
C VAL A 3549 76.30 -53.20 -42.80
N ARG A 3550 75.72 -54.24 -43.40
CA ARG A 3550 76.41 -55.11 -44.34
C ARG A 3550 77.67 -55.72 -43.75
N GLU A 3551 78.82 -55.28 -44.23
CA GLU A 3551 80.11 -55.80 -43.75
C GLU A 3551 81.19 -54.73 -43.85
N PHE A 3552 81.64 -54.47 -45.07
CA PHE A 3552 82.65 -53.44 -45.31
C PHE A 3552 82.01 -52.06 -45.29
N LEU A 3553 80.68 -52.04 -45.32
CA LEU A 3553 79.93 -50.78 -45.29
C LEU A 3553 79.92 -50.20 -43.88
N GLN A 3554 80.36 -51.00 -42.91
CA GLN A 3554 80.44 -50.55 -41.53
C GLN A 3554 81.88 -50.18 -41.17
N ASN A 3555 82.83 -50.83 -41.82
CA ASN A 3555 84.24 -50.58 -41.58
C ASN A 3555 84.62 -49.15 -41.95
N ASN A 3556 84.03 -48.66 -43.03
CA ASN A 3556 84.24 -47.28 -43.46
C ASN A 3556 83.65 -46.32 -42.43
N LEU A 3557 82.53 -46.73 -41.84
CA LEU A 3557 81.90 -45.96 -40.78
C LEU A 3557 82.70 -46.12 -39.49
N HIS A 3558 83.34 -47.28 -39.33
CA HIS A 3558 84.18 -47.54 -38.18
C HIS A 3558 85.51 -46.83 -38.33
N LEU A 3559 85.89 -46.54 -39.58
CA LEU A 3559 87.12 -45.82 -39.86
C LEU A 3559 87.02 -44.40 -39.34
N GLN A 3560 85.79 -43.89 -39.24
CA GLN A 3560 85.53 -42.57 -38.70
C GLN A 3560 84.97 -42.69 -37.29
N GLY A 3561 85.84 -42.97 -36.32
CA GLY A 3561 85.43 -43.11 -34.93
C GLY A 3561 86.46 -42.50 -33.98
N LYS A 3562 86.89 -41.29 -34.31
CA LYS A 3562 87.88 -40.56 -33.51
C LYS A 3562 89.14 -41.37 -33.32
N VAL A 3563 89.28 -41.98 -32.14
CA VAL A 3563 90.43 -42.80 -31.81
C VAL A 3563 90.15 -43.69 -30.60
N GLU A 3564 91.07 -44.59 -30.30
CA GLU A 3564 90.96 -45.44 -29.13
C GLU A 3564 91.24 -44.62 -27.87
N GLY A 3565 90.33 -44.70 -26.90
CA GLY A 3565 90.47 -43.92 -25.66
C GLY A 3565 90.57 -44.84 -24.45
N SER A 3566 91.65 -44.67 -23.69
CA SER A 3566 91.88 -45.46 -22.49
C SER A 3566 92.93 -44.79 -21.59
N PRO A 3567 92.48 -44.24 -20.47
CA PRO A 3567 93.39 -43.57 -19.53
C PRO A 3567 92.74 -43.41 -18.15
N SER A 3568 92.32 -44.53 -17.57
CA SER A 3568 91.70 -44.51 -16.24
C SER A 3568 91.88 -45.85 -15.54
N LEU A 3569 90.76 -46.44 -15.11
CA LEU A 3569 90.79 -47.73 -14.43
C LEU A 3569 91.21 -48.83 -15.39
N ARG A 3570 91.35 -50.06 -14.89
CA ARG A 3570 91.86 -51.18 -15.67
C ARG A 3570 93.19 -50.79 -16.31
N TRP A 3571 93.35 -50.97 -17.64
CA TRP A 3571 94.52 -50.61 -18.44
C TRP A 3571 95.81 -51.16 -17.84
N GLN A 3572 96.40 -50.52 -16.84
CA GLN A 3572 97.55 -51.04 -16.09
C GLN A 3572 97.24 -52.34 -15.32
N MET A 3573 95.98 -52.57 -14.98
CA MET A 3573 95.51 -53.87 -14.49
C MET A 3573 95.41 -54.95 -15.56
N ALA A 3574 95.51 -54.59 -16.86
CA ALA A 3574 95.30 -55.49 -17.99
C ALA A 3574 96.29 -55.29 -19.16
N LEU A 3575 96.40 -54.08 -19.73
CA LEU A 3575 97.29 -53.84 -20.87
C LEU A 3575 98.76 -53.84 -20.45
N TYR A 3576 99.02 -53.84 -19.16
CA TYR A 3576 100.39 -53.89 -18.65
C TYR A 3576 101.05 -55.21 -19.04
N ARG A 3577 100.25 -56.28 -18.97
CA ARG A 3577 100.73 -57.60 -19.37
C ARG A 3577 100.79 -57.70 -20.88
N GLY A 3578 99.87 -57.00 -21.55
CA GLY A 3578 99.82 -56.99 -23.01
C GLY A 3578 100.96 -56.14 -23.58
N LEU A 3579 101.50 -55.23 -22.77
CA LEU A 3579 102.60 -54.39 -23.19
C LEU A 3579 103.94 -55.09 -22.93
N PRO A 3580 103.85 -56.37 -22.55
CA PRO A 3580 105.05 -57.16 -22.27
C PRO A 3580 104.96 -58.52 -22.95
N GLY A 3581 103.78 -58.85 -23.44
CA GLY A 3581 103.55 -60.14 -24.09
C GLY A 3581 103.41 -59.98 -25.60
N ARG A 3582 103.02 -58.79 -26.04
CA ARG A 3582 102.84 -58.51 -27.46
C ARG A 3582 104.19 -58.32 -28.15
N GLU A 3583 104.70 -57.10 -28.10
CA GLU A 3583 105.97 -56.74 -28.75
C GLU A 3583 105.94 -57.09 -30.23
N GLU A 3584 105.04 -56.46 -30.96
CA GLU A 3584 104.90 -56.72 -32.39
C GLU A 3584 104.96 -55.43 -33.21
N ASP A 3585 103.83 -54.72 -33.29
CA ASP A 3585 103.76 -53.48 -34.05
C ASP A 3585 102.60 -52.61 -33.58
N ALA A 3586 102.52 -51.40 -34.14
CA ALA A 3586 101.45 -50.46 -33.80
C ALA A 3586 101.32 -49.39 -34.87
N ASP A 3587 100.20 -49.40 -35.58
CA ASP A 3587 99.95 -48.45 -36.66
C ASP A 3587 98.47 -48.30 -36.96
N ASP A 3588 98.16 -47.58 -38.03
CA ASP A 3588 96.78 -47.36 -38.43
C ASP A 3588 96.39 -48.31 -39.57
N PRO A 3589 97.28 -49.24 -39.89
CA PRO A 3589 97.02 -50.22 -40.93
C PRO A 3589 96.00 -51.24 -40.46
N GLU A 3590 95.91 -51.41 -39.15
CA GLU A 3590 94.93 -52.32 -38.56
C GLU A 3590 93.52 -51.77 -38.76
N LYS A 3591 93.27 -50.59 -38.20
CA LYS A 3591 91.97 -49.91 -38.29
C LYS A 3591 90.86 -50.85 -37.85
N ILE A 3592 89.94 -51.14 -38.77
CA ILE A 3592 88.92 -52.14 -38.53
C ILE A 3592 89.53 -53.52 -38.79
N VAL A 3593 88.98 -54.25 -39.75
CA VAL A 3593 89.50 -55.55 -40.17
C VAL A 3593 89.72 -56.49 -38.98
N ARG A 3594 90.84 -56.29 -38.29
CA ARG A 3594 91.15 -57.05 -37.09
C ARG A 3594 90.13 -56.73 -36.00
N ARG A 3595 89.62 -55.51 -36.03
CA ARG A 3595 88.57 -55.10 -35.10
C ARG A 3595 87.20 -55.49 -35.66
N VAL A 3596 87.13 -55.56 -36.99
CA VAL A 3596 85.88 -55.95 -37.66
C VAL A 3596 85.81 -57.46 -37.80
N GLN A 3597 86.84 -58.15 -37.31
CA GLN A 3597 86.89 -59.60 -37.38
C GLN A 3597 85.89 -60.24 -36.41
N GLU A 3598 86.19 -60.13 -35.12
CA GLU A 3598 85.36 -60.74 -34.08
C GLU A 3598 84.12 -59.89 -33.78
N VAL A 3599 84.05 -58.71 -34.39
CA VAL A 3599 82.93 -57.80 -34.16
C VAL A 3599 81.62 -58.43 -34.66
N SER A 3600 81.50 -58.60 -35.97
CA SER A 3600 80.31 -59.18 -36.55
C SER A 3600 80.25 -60.69 -36.29
N ALA A 3601 81.40 -61.27 -35.96
CA ALA A 3601 81.48 -62.70 -35.71
C ALA A 3601 80.79 -63.05 -34.39
N VAL A 3602 81.19 -62.38 -33.31
CA VAL A 3602 80.62 -62.63 -32.00
C VAL A 3602 79.23 -61.99 -31.88
N LEU A 3603 78.90 -61.13 -32.83
CA LEU A 3603 77.59 -60.48 -32.86
C LEU A 3603 76.49 -61.50 -33.07
N TYR A 3604 76.63 -62.27 -34.15
CA TYR A 3604 75.66 -63.33 -34.46
C TYR A 3604 75.75 -64.45 -33.44
N HIS A 3605 76.94 -64.65 -32.88
CA HIS A 3605 77.15 -65.67 -31.86
C HIS A 3605 76.38 -65.30 -30.60
N LEU A 3606 76.27 -63.99 -30.35
CA LEU A 3606 75.50 -63.49 -29.21
C LEU A 3606 74.01 -63.69 -29.48
N GLU A 3607 73.61 -63.50 -30.73
CA GLU A 3607 72.22 -63.68 -31.13
C GLU A 3607 71.81 -65.13 -31.01
N GLN A 3608 72.77 -66.02 -31.22
CA GLN A 3608 72.53 -67.46 -31.09
C GLN A 3608 72.37 -67.84 -29.62
N THR A 3609 72.86 -66.96 -28.74
CA THR A 3609 72.76 -67.19 -27.31
C THR A 3609 71.80 -66.20 -26.66
N GLU A 3610 71.23 -65.32 -27.48
CA GLU A 3610 70.28 -64.33 -26.98
C GLU A 3610 68.92 -64.97 -26.74
N HIS A 3611 67.96 -64.62 -27.59
CA HIS A 3611 66.62 -65.17 -27.51
C HIS A 3611 66.61 -66.60 -28.05
N PRO A 3612 67.65 -66.93 -28.79
CA PRO A 3612 67.79 -68.28 -29.36
C PRO A 3612 68.30 -69.26 -28.31
N TYR A 3613 68.86 -68.72 -27.22
CA TYR A 3613 69.36 -69.54 -26.13
C TYR A 3613 69.43 -68.73 -24.84
N LEU A 3623 40.22 -71.08 -22.93
CA LEU A 3623 41.06 -72.23 -23.37
C LEU A 3623 40.15 -73.43 -23.65
N LEU A 3624 39.54 -73.98 -22.59
CA LEU A 3624 38.61 -75.14 -22.76
C LEU A 3624 38.04 -75.51 -21.40
N SER A 3625 36.72 -75.48 -21.27
CA SER A 3625 36.07 -75.88 -20.00
C SER A 3625 36.10 -77.41 -19.85
N LYS A 3626 35.46 -77.92 -18.80
CA LYS A 3626 35.41 -79.38 -18.59
C LYS A 3626 34.52 -79.97 -19.67
N GLN A 3627 33.78 -79.12 -20.38
CA GLN A 3627 32.81 -79.66 -21.37
C GLN A 3627 33.39 -79.57 -22.79
N ARG A 3628 33.52 -78.36 -23.33
CA ARG A 3628 34.00 -78.22 -24.73
C ARG A 3628 35.10 -79.26 -24.93
N ARG A 3629 36.02 -79.35 -23.98
CA ARG A 3629 37.09 -80.35 -24.06
C ARG A 3629 36.50 -81.64 -24.61
N ARG A 3630 35.64 -82.30 -23.84
CA ARG A 3630 35.08 -83.60 -24.26
C ARG A 3630 34.71 -83.53 -25.74
N ALA A 3631 33.77 -82.67 -26.09
CA ALA A 3631 33.28 -82.60 -27.47
C ALA A 3631 34.43 -82.77 -28.47
N VAL A 3632 35.50 -82.00 -28.33
CA VAL A 3632 36.57 -82.08 -29.37
C VAL A 3632 36.88 -83.56 -29.60
N VAL A 3633 37.24 -84.31 -28.56
CA VAL A 3633 37.45 -85.77 -28.73
C VAL A 3633 36.30 -86.30 -29.60
N ALA A 3634 35.07 -86.28 -29.07
CA ALA A 3634 33.92 -86.84 -29.80
C ALA A 3634 33.98 -86.48 -31.28
N CYS A 3635 34.04 -85.19 -31.60
CA CYS A 3635 33.98 -84.74 -33.01
C CYS A 3635 34.91 -85.60 -33.87
N PHE A 3636 35.94 -86.19 -33.28
CA PHE A 3636 36.90 -86.93 -34.11
C PHE A 3636 36.33 -88.30 -34.47
N ARG A 3637 35.30 -88.76 -33.77
CA ARG A 3637 34.79 -90.14 -34.00
C ARG A 3637 33.43 -90.14 -34.72
N MET A 3638 32.96 -89.00 -35.23
CA MET A 3638 31.60 -88.91 -35.84
C MET A 3638 31.50 -89.86 -37.05
N THR A 3639 30.29 -90.35 -37.35
CA THR A 3639 30.13 -91.38 -38.40
C THR A 3639 30.01 -90.81 -39.81
N PRO A 3640 30.62 -91.44 -40.84
CA PRO A 3640 30.39 -91.02 -42.22
C PRO A 3640 28.93 -91.16 -42.61
N LEU A 3641 28.56 -90.47 -43.67
CA LEU A 3641 27.17 -90.48 -44.12
C LEU A 3641 26.80 -91.79 -44.79
N TYR A 3642 27.77 -92.44 -45.44
CA TYR A 3642 27.40 -93.62 -46.23
C TYR A 3642 27.10 -94.87 -45.37
N ASN A 3643 27.05 -94.85 -44.05
CA ASN A 3643 26.64 -96.02 -43.27
C ASN A 3643 25.29 -95.81 -42.61
N LEU A 3644 24.49 -94.88 -43.13
CA LEU A 3644 23.27 -94.74 -42.36
C LEU A 3644 22.14 -95.55 -42.98
N PRO A 3645 21.26 -96.09 -42.15
CA PRO A 3645 20.10 -96.81 -42.68
C PRO A 3645 19.23 -95.89 -43.52
N THR A 3646 18.60 -96.47 -44.54
CA THR A 3646 17.85 -95.66 -45.49
C THR A 3646 16.71 -94.91 -44.83
N HIS A 3647 15.99 -95.57 -43.91
CA HIS A 3647 14.84 -94.92 -43.28
C HIS A 3647 15.27 -93.70 -42.48
N ARG A 3648 16.38 -93.80 -41.75
CA ARG A 3648 16.82 -92.67 -40.95
C ARG A 3648 17.42 -91.56 -41.81
N ALA A 3649 18.08 -91.92 -42.91
CA ALA A 3649 18.73 -90.94 -43.77
C ALA A 3649 17.73 -90.17 -44.62
N CYS A 3650 16.44 -90.37 -44.43
CA CYS A 3650 15.39 -89.62 -45.11
C CYS A 3650 14.78 -88.55 -44.21
N ASN A 3651 14.55 -88.86 -42.93
CA ASN A 3651 14.03 -87.87 -42.01
C ASN A 3651 14.96 -86.68 -41.86
N MET A 3652 16.27 -86.91 -41.87
CA MET A 3652 17.21 -85.80 -41.82
C MET A 3652 17.14 -84.95 -43.07
N PHE A 3653 16.83 -85.56 -44.21
CA PHE A 3653 16.73 -84.79 -45.45
C PHE A 3653 15.59 -83.78 -45.39
N LEU A 3654 14.41 -84.23 -44.98
CA LEU A 3654 13.25 -83.34 -44.93
C LEU A 3654 13.47 -82.21 -43.93
N GLU A 3655 13.93 -82.54 -42.72
CA GLU A 3655 14.15 -81.52 -41.71
C GLU A 3655 15.23 -80.53 -42.14
N SER A 3656 16.28 -81.03 -42.81
CA SER A 3656 17.33 -80.14 -43.31
C SER A 3656 16.89 -79.39 -44.56
N TYR A 3657 15.95 -79.93 -45.34
CA TYR A 3657 15.54 -79.32 -46.59
C TYR A 3657 14.48 -78.23 -46.33
N LYS A 3658 14.41 -77.73 -45.10
CA LYS A 3658 13.71 -76.48 -44.81
C LYS A 3658 14.63 -75.33 -45.17
N ALA A 3659 15.16 -75.36 -46.40
CA ALA A 3659 15.98 -74.29 -46.95
C ALA A 3659 15.55 -73.96 -48.37
N ALA A 3660 14.35 -74.40 -48.78
CA ALA A 3660 13.76 -73.98 -50.04
C ALA A 3660 12.36 -73.42 -49.91
N TRP A 3661 11.66 -73.68 -48.80
CA TRP A 3661 10.40 -73.00 -48.52
C TRP A 3661 10.57 -71.78 -47.63
N ILE A 3662 11.35 -71.91 -46.55
CA ILE A 3662 11.42 -70.84 -45.57
C ILE A 3662 12.01 -69.57 -46.16
N LEU A 3663 12.83 -69.69 -47.21
CA LEU A 3663 13.39 -68.51 -47.86
C LEU A 3663 12.63 -68.08 -49.10
N THR A 3664 12.00 -69.00 -49.82
CA THR A 3664 11.22 -68.60 -50.98
C THR A 3664 10.01 -67.80 -50.53
N GLU A 3665 9.60 -66.86 -51.37
CA GLU A 3665 8.46 -66.00 -51.10
C GLU A 3665 7.41 -66.19 -52.19
N ASP A 3666 6.17 -66.41 -51.77
CA ASP A 3666 5.06 -66.51 -52.71
C ASP A 3666 4.42 -65.17 -53.00
N HIS A 3667 4.52 -64.23 -52.05
CA HIS A 3667 3.83 -62.95 -52.13
C HIS A 3667 2.36 -63.19 -52.40
N SER A 3668 1.97 -63.07 -53.67
CA SER A 3668 0.64 -63.46 -54.15
C SER A 3668 -0.46 -62.91 -53.26
N PHE A 3669 -0.98 -63.75 -52.37
CA PHE A 3669 -2.04 -63.33 -51.46
C PHE A 3669 -1.56 -62.25 -50.51
N GLU A 3670 -1.93 -60.99 -50.81
CA GLU A 3670 -1.55 -59.77 -50.11
C GLU A 3670 -2.25 -58.60 -50.79
N ASP A 3671 -1.90 -58.39 -52.06
CA ASP A 3671 -2.50 -57.35 -52.90
C ASP A 3671 -3.67 -57.88 -53.72
N ARG A 3672 -3.58 -59.12 -54.20
CA ARG A 3672 -4.71 -59.73 -54.88
C ARG A 3672 -5.82 -60.14 -53.91
N MET A 3673 -5.50 -60.23 -52.61
CA MET A 3673 -6.50 -60.62 -51.62
C MET A 3673 -7.50 -59.50 -51.41
N ILE A 3674 -7.03 -58.34 -50.94
CA ILE A 3674 -7.92 -57.22 -50.69
C ILE A 3674 -8.49 -56.66 -51.99
N ASP A 3675 -7.94 -57.05 -53.14
CA ASP A 3675 -8.48 -56.59 -54.41
C ASP A 3675 -9.74 -57.36 -54.79
N ASP A 3676 -9.64 -58.69 -54.92
CA ASP A 3676 -10.81 -59.47 -55.30
C ASP A 3676 -11.81 -59.57 -54.16
N LEU A 3677 -11.32 -59.78 -52.94
CA LEU A 3677 -12.18 -59.65 -51.76
C LEU A 3677 -12.39 -58.17 -51.46
N SER A 3678 -13.34 -57.89 -50.57
CA SER A 3678 -13.64 -56.51 -50.15
C SER A 3678 -14.03 -55.65 -51.34
N LYS A 3679 -13.04 -54.93 -51.89
CA LYS A 3679 -13.27 -54.09 -53.05
C LYS A 3679 -13.83 -54.92 -54.19
N ALA A 3680 -14.72 -54.32 -54.96
CA ALA A 3680 -15.47 -54.98 -56.02
C ALA A 3680 -16.33 -56.12 -55.51
N GLY A 3681 -16.49 -56.26 -54.20
CA GLY A 3681 -17.36 -57.28 -53.67
C GLY A 3681 -18.81 -57.05 -54.03
N GLU A 3682 -19.29 -55.81 -53.89
CA GLU A 3682 -20.66 -55.46 -54.23
C GLU A 3682 -20.75 -55.37 -55.75
N GLN A 3683 -21.03 -56.50 -56.39
CA GLN A 3683 -21.12 -56.56 -57.84
C GLN A 3683 -22.54 -56.22 -58.30
N GLU A 3684 -22.82 -56.44 -59.58
CA GLU A 3684 -24.14 -56.16 -60.14
C GLU A 3684 -25.20 -57.15 -59.69
N GLU A 3685 -24.86 -58.08 -58.79
CA GLU A 3685 -25.84 -59.03 -58.30
C GLU A 3685 -26.99 -58.32 -57.57
N GLU A 3686 -26.67 -57.29 -56.80
CA GLU A 3686 -27.70 -56.52 -56.11
C GLU A 3686 -28.64 -55.86 -57.11
N GLU A 3687 -29.94 -55.95 -56.83
CA GLU A 3687 -30.96 -55.45 -57.74
C GLU A 3687 -31.54 -54.11 -57.31
N GLU A 3688 -31.78 -53.92 -56.01
CA GLU A 3688 -32.38 -52.68 -55.54
C GLU A 3688 -31.96 -52.43 -54.09
N GLU A 3689 -32.11 -51.18 -53.66
CA GLU A 3689 -31.82 -50.78 -52.30
C GLU A 3689 -32.73 -49.62 -51.93
N VAL A 3690 -32.84 -49.37 -50.63
CA VAL A 3690 -33.75 -48.33 -50.14
C VAL A 3690 -32.98 -47.27 -49.36
N GLU A 3691 -32.38 -47.65 -48.25
CA GLU A 3691 -31.69 -46.68 -47.41
C GLU A 3691 -30.26 -47.07 -47.09
N GLU A 3692 -29.99 -48.35 -46.87
CA GLU A 3692 -28.66 -48.84 -46.52
C GLU A 3692 -28.11 -49.71 -47.65
N LYS A 3693 -26.94 -50.29 -47.41
CA LYS A 3693 -26.29 -51.14 -48.39
C LYS A 3693 -25.82 -52.43 -47.73
N LYS A 3694 -25.84 -53.51 -48.50
CA LYS A 3694 -25.42 -54.79 -48.00
C LYS A 3694 -23.91 -54.78 -47.72
N PRO A 3695 -23.48 -55.16 -46.53
CA PRO A 3695 -22.04 -55.14 -46.22
C PRO A 3695 -21.25 -56.03 -47.18
N ASP A 3696 -20.13 -55.50 -47.66
CA ASP A 3696 -19.26 -56.24 -48.56
C ASP A 3696 -18.50 -57.32 -47.79
N PRO A 3697 -17.95 -58.33 -48.50
CA PRO A 3697 -17.41 -59.52 -47.80
C PRO A 3697 -16.41 -59.22 -46.71
N LEU A 3698 -15.54 -58.22 -46.87
CA LEU A 3698 -14.60 -57.89 -45.80
C LEU A 3698 -15.32 -57.40 -44.57
N HIS A 3699 -16.41 -56.63 -44.76
CA HIS A 3699 -17.11 -56.05 -43.64
C HIS A 3699 -17.65 -57.11 -42.69
N GLN A 3700 -18.09 -58.26 -43.22
CA GLN A 3700 -18.51 -59.34 -42.35
C GLN A 3700 -17.35 -59.87 -41.53
N LEU A 3701 -16.16 -59.96 -42.13
CA LEU A 3701 -15.02 -60.57 -41.45
C LEU A 3701 -14.63 -59.79 -40.20
N VAL A 3702 -14.43 -58.48 -40.32
CA VAL A 3702 -13.92 -57.70 -39.20
C VAL A 3702 -14.92 -57.68 -38.06
N LEU A 3703 -16.20 -57.49 -38.38
CA LEU A 3703 -17.22 -57.44 -37.33
C LEU A 3703 -17.31 -58.76 -36.59
N HIS A 3704 -17.01 -59.87 -37.28
CA HIS A 3704 -16.93 -61.15 -36.60
C HIS A 3704 -15.85 -61.14 -35.52
N PHE A 3705 -14.67 -60.60 -35.83
CA PHE A 3705 -13.63 -60.47 -34.82
C PHE A 3705 -14.05 -59.51 -33.72
N SER A 3706 -14.74 -58.43 -34.08
CA SER A 3706 -15.33 -57.56 -33.08
C SER A 3706 -16.39 -58.30 -32.28
N ARG A 3707 -17.16 -59.16 -32.94
CA ARG A 3707 -18.20 -59.93 -32.26
C ARG A 3707 -17.59 -60.84 -31.20
N THR A 3708 -16.57 -61.62 -31.57
CA THR A 3708 -15.94 -62.51 -30.61
C THR A 3708 -15.11 -61.77 -29.58
N ALA A 3709 -14.66 -60.54 -29.87
CA ALA A 3709 -13.91 -59.77 -28.89
C ALA A 3709 -14.80 -59.36 -27.72
N LEU A 3710 -16.06 -58.98 -28.01
CA LEU A 3710 -16.97 -58.54 -26.97
C LEU A 3710 -17.54 -59.68 -26.14
N THR A 3711 -17.32 -60.93 -26.55
CA THR A 3711 -17.82 -62.06 -25.78
C THR A 3711 -17.26 -62.01 -24.36
N GLU A 3712 -18.15 -62.14 -23.37
CA GLU A 3712 -17.75 -62.01 -21.98
C GLU A 3712 -16.94 -63.24 -21.57
N LYS A 3713 -15.63 -63.07 -21.47
CA LYS A 3713 -14.73 -64.17 -21.12
C LYS A 3713 -13.67 -63.64 -20.16
N SER A 3714 -12.89 -64.56 -19.60
CA SER A 3714 -11.86 -64.19 -18.64
C SER A 3714 -10.52 -63.89 -19.33
N LYS A 3715 -10.08 -64.78 -20.21
CA LYS A 3715 -8.84 -64.61 -20.94
C LYS A 3715 -9.04 -65.02 -22.39
N LEU A 3716 -8.45 -64.25 -23.30
CA LEU A 3716 -8.57 -64.55 -24.72
C LEU A 3716 -7.89 -65.87 -25.06
N ASP A 3717 -8.48 -66.61 -26.00
CA ASP A 3717 -7.92 -67.87 -26.45
C ASP A 3717 -6.86 -67.62 -27.51
N GLU A 3718 -6.40 -68.67 -28.17
CA GLU A 3718 -5.34 -68.51 -29.16
C GLU A 3718 -5.89 -68.03 -30.51
N ASP A 3719 -6.76 -68.82 -31.13
CA ASP A 3719 -7.42 -68.44 -32.38
C ASP A 3719 -6.39 -68.03 -33.43
N TYR A 3720 -5.59 -69.01 -33.85
CA TYR A 3720 -4.56 -68.74 -34.85
C TYR A 3720 -5.16 -68.17 -36.12
N LEU A 3721 -6.44 -68.47 -36.38
CA LEU A 3721 -7.13 -67.89 -37.52
C LEU A 3721 -7.06 -66.37 -37.47
N TYR A 3722 -7.12 -65.79 -36.28
CA TYR A 3722 -6.98 -64.34 -36.14
C TYR A 3722 -5.59 -63.88 -36.57
N MET A 3723 -4.55 -64.64 -36.20
CA MET A 3723 -3.20 -64.29 -36.61
C MET A 3723 -3.05 -64.34 -38.13
N ALA A 3724 -3.65 -65.34 -38.78
CA ALA A 3724 -3.48 -65.50 -40.21
C ALA A 3724 -4.01 -64.30 -40.98
N TYR A 3725 -5.11 -63.71 -40.51
CA TYR A 3725 -5.69 -62.55 -41.19
C TYR A 3725 -5.18 -61.22 -40.66
N ALA A 3726 -4.75 -61.16 -39.40
CA ALA A 3726 -4.21 -59.92 -38.88
C ALA A 3726 -2.94 -59.52 -39.63
N ASP A 3727 -2.06 -60.47 -39.90
CA ASP A 3727 -0.81 -60.17 -40.58
C ASP A 3727 -1.05 -59.75 -42.03
N ILE A 3728 -1.93 -60.47 -42.74
CA ILE A 3728 -2.12 -60.17 -44.15
C ILE A 3728 -2.83 -58.83 -44.34
N MET A 3729 -3.58 -58.36 -43.34
CA MET A 3729 -4.15 -57.02 -43.43
C MET A 3729 -3.10 -55.93 -43.25
N ALA A 3730 -1.95 -56.25 -42.66
CA ALA A 3730 -0.94 -55.23 -42.41
C ALA A 3730 -0.08 -54.96 -43.64
N LYS A 3731 0.40 -56.01 -44.30
CA LYS A 3731 1.23 -55.83 -45.49
C LYS A 3731 0.45 -55.26 -46.67
N SER A 3732 -0.88 -55.25 -46.61
CA SER A 3732 -1.68 -54.70 -47.70
C SER A 3732 -1.56 -53.19 -47.80
N CYS A 3733 -0.97 -52.52 -46.81
CA CYS A 3733 -0.87 -51.06 -46.78
C CYS A 3733 0.56 -50.56 -46.97
N HIS A 3734 1.50 -51.08 -46.19
CA HIS A 3734 2.88 -50.58 -46.16
C HIS A 3734 3.74 -51.08 -47.32
N LEU A 3735 3.13 -51.61 -48.39
CA LEU A 3735 3.89 -52.13 -49.50
C LEU A 3735 4.85 -51.08 -50.07
N GLU A 3736 4.36 -49.86 -50.27
CA GLU A 3736 5.18 -48.77 -50.78
C GLU A 3736 5.86 -47.97 -49.68
N GLU A 3737 5.59 -48.28 -48.41
CA GLU A 3737 6.18 -47.56 -47.29
C GLU A 3737 7.68 -47.85 -47.20
N GLU A 3747 23.32 -42.76 -52.72
CA GLU A 3747 22.95 -44.06 -53.27
C GLU A 3747 21.56 -44.01 -53.90
N GLU A 3748 20.99 -42.81 -53.98
CA GLU A 3748 19.67 -42.62 -54.55
C GLU A 3748 19.51 -41.16 -54.95
N VAL A 3749 19.01 -40.92 -56.17
CA VAL A 3749 18.81 -39.56 -56.64
C VAL A 3749 17.73 -38.87 -55.80
N GLU A 3750 17.75 -37.54 -55.84
CA GLU A 3750 16.77 -36.75 -55.10
C GLU A 3750 15.38 -36.93 -55.71
N VAL A 3751 14.39 -37.09 -54.84
CA VAL A 3751 13.01 -37.32 -55.29
C VAL A 3751 12.39 -35.99 -55.70
N SER A 3752 11.76 -35.98 -56.87
CA SER A 3752 11.08 -34.78 -57.33
C SER A 3752 9.79 -34.56 -56.54
N PHE A 3753 9.26 -33.33 -56.65
CA PHE A 3753 8.08 -32.95 -55.87
C PHE A 3753 6.85 -33.76 -56.30
N GLU A 3754 6.63 -33.87 -57.61
CA GLU A 3754 5.38 -34.46 -58.10
C GLU A 3754 5.24 -35.93 -57.72
N GLU A 3755 6.33 -36.69 -57.73
CA GLU A 3755 6.23 -38.13 -57.50
C GLU A 3755 5.95 -38.46 -56.05
N LYS A 3756 6.51 -37.68 -55.11
CA LYS A 3756 6.44 -38.07 -53.71
C LYS A 3756 5.02 -37.99 -53.16
N GLU A 3757 4.17 -37.12 -53.72
CA GLU A 3757 2.77 -37.14 -53.32
C GLU A 3757 2.06 -38.42 -53.74
N MET A 3758 2.47 -39.03 -54.86
CA MET A 3758 1.83 -40.27 -55.30
C MET A 3758 1.97 -41.36 -54.25
N GLU A 3759 3.13 -41.46 -53.61
CA GLU A 3759 3.29 -42.45 -52.55
C GLU A 3759 2.40 -42.13 -51.36
N LYS A 3760 2.42 -40.88 -50.88
CA LYS A 3760 1.60 -40.56 -49.72
C LYS A 3760 0.12 -40.42 -50.06
N GLN A 3761 -0.25 -40.37 -51.34
CA GLN A 3761 -1.65 -40.51 -51.70
C GLN A 3761 -2.05 -41.97 -51.87
N ARG A 3762 -1.20 -42.77 -52.49
CA ARG A 3762 -1.47 -44.20 -52.59
C ARG A 3762 -1.54 -44.84 -51.22
N LEU A 3763 -0.61 -44.50 -50.33
CA LEU A 3763 -0.67 -45.00 -48.96
C LEU A 3763 -1.94 -44.51 -48.26
N LEU A 3764 -2.30 -43.24 -48.47
CA LEU A 3764 -3.52 -42.71 -47.86
C LEU A 3764 -4.75 -43.41 -48.37
N TYR A 3765 -4.76 -43.84 -49.63
CA TYR A 3765 -5.90 -44.57 -50.17
C TYR A 3765 -5.86 -46.05 -49.82
N GLN A 3766 -4.67 -46.65 -49.78
CA GLN A 3766 -4.57 -48.07 -49.48
C GLN A 3766 -5.15 -48.39 -48.11
N GLN A 3767 -4.88 -47.53 -47.13
CA GLN A 3767 -5.49 -47.69 -45.81
C GLN A 3767 -6.84 -46.98 -45.68
N SER A 3768 -7.23 -46.18 -46.67
CA SER A 3768 -8.53 -45.52 -46.62
C SER A 3768 -9.65 -46.56 -46.66
N ARG A 3769 -9.53 -47.56 -47.54
CA ARG A 3769 -10.50 -48.63 -47.60
C ARG A 3769 -10.53 -49.46 -46.31
N LEU A 3770 -9.46 -49.41 -45.53
CA LEU A 3770 -9.32 -50.27 -44.37
C LEU A 3770 -9.66 -49.57 -43.05
N HIS A 3771 -10.12 -48.32 -43.08
CA HIS A 3771 -10.70 -47.71 -41.88
C HIS A 3771 -12.15 -47.30 -42.06
N THR A 3772 -12.58 -46.97 -43.27
CA THR A 3772 -14.00 -46.75 -43.51
C THR A 3772 -14.78 -48.03 -43.31
N ARG A 3773 -14.21 -49.18 -43.70
CA ARG A 3773 -14.89 -50.47 -43.65
C ARG A 3773 -14.74 -51.10 -42.26
N GLY A 3774 -15.30 -50.41 -41.27
CA GLY A 3774 -15.21 -50.85 -39.90
C GLY A 3774 -13.79 -50.86 -39.38
N ALA A 3775 -13.24 -52.06 -39.18
CA ALA A 3775 -11.82 -52.24 -38.88
C ALA A 3775 -11.33 -51.39 -37.73
N ALA A 3776 -10.73 -50.24 -38.03
CA ALA A 3776 -9.98 -49.41 -37.09
C ALA A 3776 -10.56 -49.41 -35.69
N GLU A 3777 -11.88 -49.32 -35.58
CA GLU A 3777 -12.52 -49.47 -34.27
C GLU A 3777 -12.72 -50.96 -33.95
N MET A 3778 -11.64 -51.74 -34.04
CA MET A 3778 -11.63 -53.07 -33.43
C MET A 3778 -10.30 -53.29 -32.69
N VAL A 3779 -9.26 -52.58 -33.13
CA VAL A 3779 -7.95 -52.75 -32.50
C VAL A 3779 -7.97 -52.25 -31.06
N LEU A 3780 -8.73 -51.18 -30.79
CA LEU A 3780 -8.91 -50.75 -29.41
C LEU A 3780 -9.72 -51.78 -28.63
N GLN A 3781 -10.70 -52.39 -29.27
CA GLN A 3781 -11.50 -53.43 -28.64
C GLN A 3781 -10.68 -54.69 -28.38
N MET A 3782 -9.72 -54.99 -29.26
CA MET A 3782 -8.92 -56.20 -29.10
C MET A 3782 -7.90 -56.04 -27.99
N ILE A 3783 -7.26 -54.87 -27.88
CA ILE A 3783 -6.28 -54.65 -26.82
C ILE A 3783 -6.95 -54.63 -25.46
N SER A 3784 -8.14 -54.02 -25.37
CA SER A 3784 -8.83 -53.90 -24.09
C SER A 3784 -9.17 -55.27 -23.52
N ALA A 3785 -9.53 -56.22 -24.38
CA ALA A 3785 -9.90 -57.56 -23.90
C ALA A 3785 -8.71 -58.25 -23.24
N CYS A 3786 -7.52 -58.11 -23.81
CA CYS A 3786 -6.32 -58.71 -23.24
C CYS A 3786 -5.78 -57.78 -22.16
N LYS A 3787 -6.03 -58.15 -20.90
CA LYS A 3787 -5.71 -57.25 -19.78
C LYS A 3787 -4.22 -56.95 -19.65
N GLY A 3788 -3.42 -57.97 -19.33
CA GLY A 3788 -2.01 -57.72 -19.07
C GLY A 3788 -1.06 -58.81 -19.50
N GLU A 3789 -1.49 -59.68 -20.40
CA GLU A 3789 -0.71 -60.85 -20.81
C GLU A 3789 -0.11 -60.57 -22.18
N THR A 3790 1.22 -60.42 -22.22
CA THR A 3790 1.91 -60.05 -23.45
C THR A 3790 2.19 -61.27 -24.34
N GLY A 3791 1.16 -62.07 -24.59
CA GLY A 3791 1.28 -63.21 -25.46
C GLY A 3791 1.35 -62.78 -26.92
N ALA A 3792 1.19 -63.78 -27.79
CA ALA A 3792 1.18 -63.51 -29.22
C ALA A 3792 -0.05 -62.75 -29.68
N MET A 3793 -1.07 -62.61 -28.82
CA MET A 3793 -2.31 -61.93 -29.18
C MET A 3793 -2.08 -60.47 -29.56
N VAL A 3794 -1.61 -59.68 -28.60
CA VAL A 3794 -1.43 -58.25 -28.82
C VAL A 3794 -0.28 -57.98 -29.78
N SER A 3795 0.74 -58.84 -29.78
CA SER A 3795 1.89 -58.62 -30.64
C SER A 3795 1.47 -58.58 -32.11
N SER A 3796 0.62 -59.52 -32.52
CA SER A 3796 0.10 -59.50 -33.88
C SER A 3796 -0.98 -58.44 -34.07
N THR A 3797 -1.54 -57.91 -32.99
CA THR A 3797 -2.54 -56.85 -33.10
C THR A 3797 -1.90 -55.47 -33.16
N LEU A 3798 -0.92 -55.21 -32.28
CA LEU A 3798 -0.19 -53.95 -32.34
C LEU A 3798 0.54 -53.79 -33.67
N LYS A 3799 1.00 -54.90 -34.26
CA LYS A 3799 1.62 -54.82 -35.57
C LYS A 3799 0.66 -54.25 -36.60
N LEU A 3800 -0.62 -54.64 -36.51
CA LEU A 3800 -1.63 -54.09 -37.42
C LEU A 3800 -1.79 -52.59 -37.21
N GLY A 3801 -1.98 -52.17 -35.95
CA GLY A 3801 -2.34 -50.78 -35.67
C GLY A 3801 -1.37 -49.76 -36.22
N ILE A 3802 -0.09 -50.14 -36.35
CA ILE A 3802 0.89 -49.24 -36.96
C ILE A 3802 0.56 -49.00 -38.42
N SER A 3803 0.05 -50.02 -39.11
CA SER A 3803 -0.14 -49.90 -40.55
C SER A 3803 -1.31 -49.01 -40.92
N ILE A 3804 -2.35 -48.95 -40.09
CA ILE A 3804 -3.50 -48.10 -40.41
C ILE A 3804 -3.14 -46.62 -40.29
N LEU A 3805 -2.39 -46.27 -39.25
CA LEU A 3805 -2.16 -44.86 -38.92
C LEU A 3805 -0.69 -44.47 -39.03
N ASN A 3806 0.01 -45.00 -40.03
CA ASN A 3806 1.32 -44.45 -40.36
C ASN A 3806 1.18 -43.03 -40.91
N GLY A 3807 2.32 -42.37 -41.09
CA GLY A 3807 2.28 -40.97 -41.48
C GLY A 3807 1.58 -40.16 -40.41
N GLY A 3808 0.64 -39.32 -40.84
CA GLY A 3808 -0.18 -38.60 -39.87
C GLY A 3808 -1.58 -39.18 -39.75
N ASN A 3809 -2.24 -39.42 -40.88
CA ASN A 3809 -3.57 -40.00 -40.94
C ASN A 3809 -4.51 -39.36 -39.92
N ALA A 3810 -4.86 -38.09 -40.18
CA ALA A 3810 -5.69 -37.35 -39.24
C ALA A 3810 -7.06 -37.99 -39.07
N GLU A 3811 -7.64 -38.50 -40.16
CA GLU A 3811 -9.01 -39.00 -40.11
C GLU A 3811 -9.14 -40.21 -39.19
N VAL A 3812 -8.19 -41.14 -39.25
CA VAL A 3812 -8.32 -42.34 -38.43
C VAL A 3812 -8.18 -42.02 -36.94
N GLN A 3813 -7.37 -41.00 -36.61
CA GLN A 3813 -7.26 -40.59 -35.22
C GLN A 3813 -8.58 -40.05 -34.70
N GLN A 3814 -9.32 -39.33 -35.54
CA GLN A 3814 -10.60 -38.77 -35.11
C GLN A 3814 -11.60 -39.85 -34.75
N LYS A 3815 -11.65 -40.93 -35.54
CA LYS A 3815 -12.59 -42.01 -35.26
C LYS A 3815 -12.26 -42.69 -33.93
N MET A 3816 -10.98 -42.91 -33.67
CA MET A 3816 -10.59 -43.55 -32.42
C MET A 3816 -10.95 -42.70 -31.20
N LEU A 3817 -10.77 -41.38 -31.31
CA LEU A 3817 -11.10 -40.52 -30.18
C LEU A 3817 -12.60 -40.55 -29.91
N ASP A 3818 -13.42 -40.56 -30.96
CA ASP A 3818 -14.87 -40.52 -30.78
C ASP A 3818 -15.36 -41.73 -30.01
N TYR A 3819 -14.84 -42.92 -30.33
CA TYR A 3819 -15.29 -44.13 -29.65
C TYR A 3819 -14.94 -44.08 -28.17
N LEU A 3820 -13.72 -43.65 -27.83
CA LEU A 3820 -13.33 -43.59 -26.42
C LEU A 3820 -14.19 -42.61 -25.66
N LYS A 3821 -14.62 -41.54 -26.30
CA LYS A 3821 -15.56 -40.60 -25.70
C LYS A 3821 -16.98 -41.15 -25.65
N ASP A 3822 -17.27 -42.21 -26.39
CA ASP A 3822 -18.62 -42.75 -26.50
C ASP A 3822 -18.84 -43.93 -25.57
N LYS A 3823 -17.95 -44.94 -25.63
CA LYS A 3823 -18.08 -46.08 -24.73
C LYS A 3823 -17.90 -45.65 -23.28
N LYS A 3824 -16.96 -44.74 -23.02
CA LYS A 3824 -16.80 -44.11 -21.71
C LYS A 3824 -16.56 -45.14 -20.60
N GLU A 3825 -15.92 -46.24 -20.95
CA GLU A 3825 -15.42 -47.21 -20.00
C GLU A 3825 -13.91 -47.14 -19.98
N VAL A 3826 -13.30 -47.60 -18.88
CA VAL A 3826 -11.85 -47.48 -18.81
C VAL A 3826 -11.23 -48.56 -19.66
N GLY A 3827 -11.24 -49.80 -19.17
CA GLY A 3827 -11.15 -51.00 -19.98
C GLY A 3827 -9.89 -51.16 -20.82
N PHE A 3828 -9.23 -50.04 -21.12
CA PHE A 3828 -8.14 -50.01 -22.09
C PHE A 3828 -6.86 -49.41 -21.51
N PHE A 3829 -6.96 -48.25 -20.84
CA PHE A 3829 -5.79 -47.64 -20.23
C PHE A 3829 -5.23 -48.48 -19.09
N GLN A 3830 -6.05 -49.35 -18.49
CA GLN A 3830 -5.51 -50.34 -17.56
C GLN A 3830 -4.52 -51.25 -18.26
N SER A 3831 -4.85 -51.69 -19.47
CA SER A 3831 -3.97 -52.61 -20.20
C SER A 3831 -2.66 -51.94 -20.55
N ILE A 3832 -2.71 -50.75 -21.14
CA ILE A 3832 -1.49 -50.05 -21.54
C ILE A 3832 -0.60 -49.81 -20.34
N GLN A 3833 -1.17 -49.34 -19.22
CA GLN A 3833 -0.38 -49.08 -18.03
C GLN A 3833 0.25 -50.37 -17.49
N ALA A 3834 -0.54 -51.45 -17.42
CA ALA A 3834 -0.02 -52.69 -16.88
C ALA A 3834 0.98 -53.34 -17.83
N LEU A 3835 0.68 -53.30 -19.13
CA LEU A 3835 1.50 -54.02 -20.10
C LEU A 3835 2.94 -53.50 -20.11
N MET A 3836 3.11 -52.18 -20.20
CA MET A 3836 4.45 -51.63 -20.33
C MET A 3836 5.27 -51.76 -19.05
N GLN A 3837 4.63 -52.04 -17.91
CA GLN A 3837 5.40 -52.31 -16.70
C GLN A 3837 6.02 -53.70 -16.71
N THR A 3838 5.57 -54.58 -17.60
CA THR A 3838 6.15 -55.91 -17.73
C THR A 3838 7.27 -55.96 -18.77
N CYS A 3839 7.56 -54.84 -19.43
CA CYS A 3839 8.64 -54.81 -20.39
C CYS A 3839 9.98 -55.01 -19.70
N SER A 3840 10.90 -55.65 -20.41
CA SER A 3840 12.20 -55.98 -19.84
C SER A 3840 13.21 -54.86 -20.10
N VAL A 3841 14.30 -54.91 -19.35
CA VAL A 3841 15.42 -54.00 -19.50
C VAL A 3841 16.69 -54.82 -19.63
N LEU A 3842 17.81 -54.12 -19.80
CA LEU A 3842 19.10 -54.78 -20.02
C LEU A 3842 19.55 -55.36 -18.68
N ASP A 3843 19.22 -56.63 -18.45
CA ASP A 3843 19.72 -57.34 -17.28
C ASP A 3843 21.17 -57.76 -17.50
N LEU A 3844 21.91 -57.87 -16.40
CA LEU A 3844 23.31 -58.26 -16.46
C LEU A 3844 23.55 -59.70 -16.01
N ASN A 3845 22.78 -60.20 -15.05
CA ASN A 3845 22.95 -61.59 -14.61
C ASN A 3845 22.68 -62.55 -15.76
N ALA A 3846 21.63 -62.30 -16.55
CA ALA A 3846 21.32 -63.17 -17.67
C ALA A 3846 22.43 -63.15 -18.72
N PHE A 3847 23.19 -62.06 -18.80
CA PHE A 3847 24.28 -61.99 -19.77
C PHE A 3847 25.36 -63.03 -19.46
N GLU A 3848 25.68 -63.21 -18.18
CA GLU A 3848 26.70 -64.19 -17.81
C GLU A 3848 26.28 -65.60 -18.18
N ARG A 3849 24.98 -65.89 -18.12
CA ARG A 3849 24.49 -67.21 -18.46
C ARG A 3849 24.76 -67.53 -19.93
N GLN A 3850 24.62 -66.54 -20.82
CA GLN A 3850 25.08 -66.72 -22.20
C GLN A 3850 26.59 -66.91 -22.26
N ASN A 3851 27.34 -66.11 -21.51
CA ASN A 3851 28.78 -66.03 -21.74
C ASN A 3851 29.50 -67.34 -21.46
N LYS A 3852 28.91 -68.24 -20.67
CA LYS A 3852 29.47 -69.58 -20.52
C LYS A 3852 28.73 -70.62 -21.32
N ALA A 3853 27.42 -70.44 -21.54
CA ALA A 3853 26.68 -71.35 -22.41
C ALA A 3853 27.20 -71.32 -23.83
N GLU A 3854 27.62 -70.14 -24.30
CA GLU A 3854 28.24 -70.03 -25.61
C GLU A 3854 29.62 -70.68 -25.66
N GLY A 3855 30.19 -71.03 -24.51
CA GLY A 3855 31.49 -71.71 -24.52
C GLY A 3855 31.45 -73.05 -25.22
N LEU A 3856 30.36 -73.78 -25.07
CA LEU A 3856 30.24 -75.06 -25.75
C LEU A 3856 29.85 -74.85 -27.21
N GLY A 3857 30.19 -75.77 -28.10
CA GLY A 3857 30.01 -75.60 -29.53
C GLY A 3857 29.08 -76.61 -30.18
N MET A 3858 28.99 -77.80 -29.60
CA MET A 3858 28.15 -78.85 -30.15
C MET A 3858 27.92 -79.92 -29.09
N VAL A 3859 26.76 -80.57 -29.17
CA VAL A 3859 26.43 -81.69 -28.30
C VAL A 3859 27.32 -82.87 -28.69
N ASN A 3860 27.31 -83.93 -27.87
CA ASN A 3860 28.11 -85.11 -28.17
C ASN A 3860 27.96 -85.55 -29.62
N GLU A 3861 26.75 -85.94 -30.01
CA GLU A 3861 26.41 -86.01 -31.43
C GLU A 3861 24.90 -85.79 -31.56
N ASP A 3862 24.50 -84.52 -31.70
CA ASP A 3862 23.12 -84.20 -32.07
C ASP A 3862 23.13 -82.85 -32.77
N GLY A 3863 23.27 -82.86 -34.10
CA GLY A 3863 23.07 -81.69 -34.93
C GLY A 3863 23.66 -80.38 -34.45
N THR A 3864 24.68 -80.45 -33.57
CA THR A 3864 25.24 -79.27 -32.92
C THR A 3864 24.15 -78.53 -32.12
N VAL A 3865 24.47 -77.32 -31.65
CA VAL A 3865 23.51 -76.52 -30.91
C VAL A 3865 22.40 -76.10 -31.88
N ILE A 3866 21.21 -76.68 -31.72
CA ILE A 3866 20.10 -76.40 -32.64
C ILE A 3866 19.62 -74.96 -32.46
N ASN A 3867 19.60 -74.47 -31.21
CA ASN A 3867 19.15 -73.11 -30.97
C ASN A 3867 20.08 -72.08 -31.58
N ARG A 3868 21.36 -72.41 -31.74
CA ARG A 3868 22.36 -71.54 -32.32
C ARG A 3868 22.42 -70.20 -31.61
N GLN A 3869 21.75 -69.19 -32.16
CA GLN A 3869 21.73 -67.87 -31.54
C GLN A 3869 21.05 -67.91 -30.17
N ASN A 3870 19.82 -68.44 -30.13
CA ASN A 3870 19.04 -68.53 -28.90
C ASN A 3870 18.98 -67.19 -28.18
N GLY A 3871 18.73 -66.12 -28.95
CA GLY A 3871 18.80 -64.76 -28.44
C GLY A 3871 17.87 -64.45 -27.29
N GLU A 3872 16.87 -65.31 -27.04
CA GLU A 3872 15.88 -65.03 -26.02
C GLU A 3872 16.55 -65.10 -24.66
N LYS A 3873 16.89 -63.94 -24.11
CA LYS A 3873 17.47 -63.83 -22.78
C LYS A 3873 17.61 -62.36 -22.36
N VAL A 3874 18.52 -61.62 -23.01
CA VAL A 3874 18.82 -60.26 -22.59
C VAL A 3874 17.61 -59.35 -22.79
N MET A 3875 17.03 -59.38 -23.99
CA MET A 3875 15.80 -58.64 -24.25
C MET A 3875 14.63 -59.56 -24.57
N ALA A 3876 14.75 -60.39 -25.62
CA ALA A 3876 13.67 -61.25 -26.09
C ALA A 3876 12.38 -60.47 -26.35
N ASP A 3877 12.46 -59.14 -26.39
CA ASP A 3877 11.27 -58.31 -26.57
C ASP A 3877 11.46 -57.13 -27.51
N ASP A 3878 12.69 -56.80 -27.92
CA ASP A 3878 12.92 -55.58 -28.70
C ASP A 3878 12.05 -55.53 -29.95
N GLU A 3879 11.76 -56.70 -30.55
CA GLU A 3879 10.86 -56.73 -31.69
C GLU A 3879 9.43 -56.35 -31.32
N PHE A 3880 9.11 -56.34 -30.03
CA PHE A 3880 7.76 -56.02 -29.57
C PHE A 3880 7.70 -54.72 -28.77
N THR A 3881 8.56 -54.55 -27.76
CA THR A 3881 8.50 -53.34 -26.95
C THR A 3881 8.87 -52.09 -27.72
N GLN A 3882 9.57 -52.23 -28.85
CA GLN A 3882 9.84 -51.08 -29.69
C GLN A 3882 8.60 -50.61 -30.45
N ASP A 3883 7.62 -51.48 -30.63
CA ASP A 3883 6.38 -51.13 -31.33
C ASP A 3883 5.34 -50.51 -30.41
N LEU A 3884 5.33 -50.89 -29.13
CA LEU A 3884 4.36 -50.32 -28.20
C LEU A 3884 4.54 -48.81 -28.08
N PHE A 3885 5.78 -48.35 -27.94
CA PHE A 3885 6.03 -46.92 -27.87
C PHE A 3885 5.78 -46.24 -29.20
N ARG A 3886 6.14 -46.88 -30.31
CA ARG A 3886 5.85 -46.31 -31.62
C ARG A 3886 4.34 -46.12 -31.81
N PHE A 3887 3.54 -47.06 -31.30
CA PHE A 3887 2.09 -46.92 -31.39
C PHE A 3887 1.63 -45.68 -30.64
N LEU A 3888 2.17 -45.45 -29.45
CA LEU A 3888 1.80 -44.26 -28.68
C LEU A 3888 2.25 -42.99 -29.39
N GLN A 3889 3.47 -42.99 -29.94
CA GLN A 3889 3.99 -41.79 -30.60
C GLN A 3889 3.13 -41.42 -31.80
N LEU A 3890 2.76 -42.40 -32.62
CA LEU A 3890 1.97 -42.12 -33.81
C LEU A 3890 0.57 -41.63 -33.49
N LEU A 3891 0.09 -41.88 -32.27
CA LEU A 3891 -1.22 -41.34 -31.88
C LEU A 3891 -1.19 -39.82 -31.86
N CYS A 3892 -0.17 -39.24 -31.24
CA CYS A 3892 -0.04 -37.79 -31.14
C CYS A 3892 0.86 -37.25 -32.24
N GLU A 3893 0.50 -37.54 -33.49
CA GLU A 3893 1.24 -37.08 -34.64
C GLU A 3893 0.47 -35.98 -35.36
N GLY A 3894 1.20 -35.09 -36.01
CA GLY A 3894 0.56 -33.95 -36.63
C GLY A 3894 0.14 -32.89 -35.64
N HIS A 3895 0.73 -32.88 -34.45
CA HIS A 3895 0.46 -31.86 -33.43
C HIS A 3895 -1.01 -31.85 -33.01
N ASN A 3896 -1.65 -33.01 -33.03
CA ASN A 3896 -3.03 -33.11 -32.57
C ASN A 3896 -3.10 -32.72 -31.10
N ASN A 3897 -3.99 -31.79 -30.77
CA ASN A 3897 -4.06 -31.21 -29.44
C ASN A 3897 -5.26 -31.75 -28.67
N ASP A 3898 -5.66 -32.99 -28.94
CA ASP A 3898 -6.67 -33.67 -28.15
C ASP A 3898 -6.14 -34.93 -27.48
N PHE A 3899 -5.47 -35.80 -28.24
CA PHE A 3899 -4.72 -36.90 -27.61
C PHE A 3899 -3.61 -36.36 -26.72
N GLN A 3900 -2.91 -35.33 -27.17
CA GLN A 3900 -1.84 -34.76 -26.35
C GLN A 3900 -2.37 -34.24 -25.03
N ASN A 3901 -3.67 -33.96 -24.93
CA ASN A 3901 -4.30 -33.59 -23.68
C ASN A 3901 -5.07 -34.74 -23.04
N TYR A 3902 -5.62 -35.64 -23.84
CA TYR A 3902 -6.39 -36.76 -23.30
C TYR A 3902 -5.51 -37.73 -22.53
N LEU A 3903 -4.31 -38.01 -23.04
CA LEU A 3903 -3.43 -38.97 -22.39
C LEU A 3903 -3.04 -38.52 -20.99
N ARG A 3904 -3.00 -37.21 -20.74
CA ARG A 3904 -2.65 -36.72 -19.42
C ARG A 3904 -3.73 -37.05 -18.40
N THR A 3905 -4.98 -36.73 -18.74
CA THR A 3905 -6.11 -37.00 -17.85
C THR A 3905 -7.32 -37.35 -18.70
N GLN A 3906 -8.06 -38.35 -18.26
CA GLN A 3906 -9.29 -38.77 -18.93
C GLN A 3906 -10.46 -38.12 -18.20
N THR A 3907 -11.11 -37.18 -18.86
CA THR A 3907 -12.29 -36.55 -18.27
C THR A 3907 -13.44 -37.53 -18.22
N GLY A 3908 -14.40 -37.24 -17.33
CA GLY A 3908 -15.47 -38.19 -17.11
C GLY A 3908 -14.94 -39.50 -16.56
N ASN A 3909 -15.44 -40.61 -17.11
CA ASN A 3909 -15.07 -41.96 -16.68
C ASN A 3909 -15.13 -42.09 -15.16
N THR A 3910 -14.22 -42.86 -14.59
CA THR A 3910 -14.15 -43.00 -13.14
C THR A 3910 -12.77 -42.70 -12.57
N THR A 3911 -11.70 -43.11 -13.26
CA THR A 3911 -10.35 -42.91 -12.78
C THR A 3911 -9.44 -42.55 -13.95
N THR A 3912 -8.33 -41.91 -13.62
CA THR A 3912 -7.33 -41.51 -14.61
C THR A 3912 -6.05 -42.30 -14.42
N ILE A 3913 -5.22 -42.34 -15.46
CA ILE A 3913 -4.00 -43.11 -15.48
C ILE A 3913 -2.77 -42.24 -15.67
N ASN A 3914 -2.85 -41.22 -16.53
CA ASN A 3914 -1.76 -40.29 -16.78
C ASN A 3914 -0.52 -41.00 -17.34
N ILE A 3915 -0.69 -41.49 -18.56
CA ILE A 3915 0.37 -42.21 -19.28
C ILE A 3915 1.67 -41.42 -19.32
N ILE A 3916 1.60 -40.09 -19.36
CA ILE A 3916 2.79 -39.26 -19.49
C ILE A 3916 3.80 -39.59 -18.40
N ILE A 3917 3.39 -39.44 -17.14
CA ILE A 3917 4.28 -39.76 -16.03
C ILE A 3917 4.50 -41.27 -15.93
N CYS A 3918 3.63 -42.06 -16.56
CA CYS A 3918 3.77 -43.52 -16.51
C CYS A 3918 4.80 -44.05 -17.50
N THR A 3919 5.27 -43.22 -18.44
CA THR A 3919 6.31 -43.64 -19.36
C THR A 3919 7.70 -43.15 -18.94
N VAL A 3920 7.78 -41.99 -18.28
CA VAL A 3920 9.08 -41.47 -17.87
C VAL A 3920 9.74 -42.41 -16.87
N ASP A 3921 8.95 -43.12 -16.06
CA ASP A 3921 9.52 -44.07 -15.11
C ASP A 3921 10.28 -45.18 -15.83
N TYR A 3922 9.76 -45.63 -16.98
CA TYR A 3922 10.49 -46.61 -17.77
C TYR A 3922 11.82 -46.06 -18.25
N LEU A 3923 11.85 -44.81 -18.70
CA LEU A 3923 13.13 -44.24 -19.13
C LEU A 3923 13.87 -43.68 -17.93
N LEU A 3924 13.83 -44.45 -16.86
CA LEU A 3924 14.72 -44.29 -15.73
C LEU A 3924 15.29 -45.62 -15.27
N ARG A 3925 14.48 -46.69 -15.27
CA ARG A 3925 15.00 -48.01 -14.98
C ARG A 3925 15.95 -48.48 -16.08
N LEU A 3926 15.59 -48.20 -17.34
CA LEU A 3926 16.48 -48.51 -18.45
C LEU A 3926 17.78 -47.74 -18.35
N GLN A 3927 17.72 -46.47 -17.93
CA GLN A 3927 18.94 -45.68 -17.77
C GLN A 3927 19.83 -46.26 -16.66
N GLU A 3928 19.23 -46.66 -15.53
CA GLU A 3928 20.00 -47.32 -14.49
C GLU A 3928 20.59 -48.64 -14.96
N SER A 3929 20.07 -49.22 -16.03
CA SER A 3929 20.59 -50.49 -16.52
C SER A 3929 21.82 -50.29 -17.40
N ILE A 3930 21.78 -49.30 -18.31
CA ILE A 3930 22.93 -49.05 -19.17
C ILE A 3930 24.12 -48.58 -18.34
N SER A 3931 23.89 -47.65 -17.41
CA SER A 3931 24.95 -47.19 -16.54
C SER A 3931 25.52 -48.33 -15.72
N ASP A 3932 24.67 -49.27 -15.31
CA ASP A 3932 25.13 -50.48 -14.66
C ASP A 3932 26.02 -51.30 -15.60
N PHE A 3933 25.61 -51.42 -16.87
CA PHE A 3933 26.39 -52.18 -17.83
C PHE A 3933 27.76 -51.56 -18.06
N TYR A 3934 27.87 -50.23 -17.94
CA TYR A 3934 29.14 -49.56 -18.18
C TYR A 3934 30.21 -50.00 -17.18
N TRP A 3935 29.84 -50.12 -15.90
CA TRP A 3935 30.81 -50.51 -14.89
C TRP A 3935 31.40 -51.89 -15.16
N TYR A 3936 30.57 -52.82 -15.67
CA TYR A 3936 31.07 -54.15 -15.95
C TYR A 3936 32.18 -54.14 -16.99
N TYR A 3937 32.19 -53.12 -17.87
CA TYR A 3937 33.20 -53.00 -18.91
C TYR A 3937 34.17 -51.86 -18.63
N SER A 3938 34.15 -51.29 -17.43
CA SER A 3938 35.04 -50.17 -17.13
C SER A 3938 36.50 -50.59 -17.05
N GLY A 3939 36.75 -51.81 -16.58
CA GLY A 3939 38.12 -52.26 -16.37
C GLY A 3939 38.74 -52.96 -17.55
N LYS A 3940 37.94 -53.30 -18.55
CA LYS A 3940 38.45 -53.93 -19.76
C LYS A 3940 39.04 -52.87 -20.68
N ASP A 3941 39.48 -53.30 -21.86
CA ASP A 3941 40.13 -52.38 -22.80
C ASP A 3941 39.49 -52.45 -24.17
N VAL A 3942 38.95 -53.62 -24.54
CA VAL A 3942 38.28 -53.82 -25.81
C VAL A 3942 36.98 -54.56 -25.57
N ILE A 3943 35.93 -54.14 -26.26
CA ILE A 3943 34.61 -54.75 -26.11
C ILE A 3943 34.48 -55.88 -27.13
N GLU A 3944 34.24 -57.10 -26.64
CA GLU A 3944 34.13 -58.24 -27.54
C GLU A 3944 32.86 -58.16 -28.38
N GLU A 3945 32.79 -59.02 -29.40
CA GLU A 3945 31.72 -58.92 -30.39
C GLU A 3945 30.35 -59.10 -29.76
N GLN A 3946 30.21 -60.04 -28.83
CA GLN A 3946 28.94 -60.20 -28.14
C GLN A 3946 28.72 -59.15 -27.05
N GLY A 3947 29.71 -58.32 -26.77
CA GLY A 3947 29.49 -57.18 -25.89
C GLY A 3947 28.92 -55.97 -26.59
N LYS A 3948 28.88 -55.97 -27.92
CA LYS A 3948 28.30 -54.89 -28.70
C LYS A 3948 26.95 -55.25 -29.32
N ARG A 3949 26.75 -56.52 -29.67
CA ARG A 3949 25.49 -56.92 -30.30
C ARG A 3949 24.31 -56.68 -29.37
N ASN A 3950 24.46 -57.05 -28.09
CA ASN A 3950 23.41 -56.76 -27.11
C ASN A 3950 23.36 -55.28 -26.77
N PHE A 3951 24.52 -54.62 -26.72
CA PHE A 3951 24.57 -53.21 -26.34
C PHE A 3951 23.81 -52.35 -27.33
N SER A 3952 24.01 -52.57 -28.63
CA SER A 3952 23.30 -51.78 -29.63
C SER A 3952 21.81 -52.03 -29.60
N LYS A 3953 21.40 -53.22 -29.13
CA LYS A 3953 19.97 -53.52 -28.99
C LYS A 3953 19.31 -52.56 -28.01
N ALA A 3954 19.94 -52.35 -26.86
CA ALA A 3954 19.35 -51.50 -25.83
C ALA A 3954 19.31 -50.04 -26.25
N MET A 3955 20.39 -49.54 -26.85
CA MET A 3955 20.45 -48.13 -27.21
C MET A 3955 19.44 -47.80 -28.30
N SER A 3956 19.17 -48.74 -29.20
CA SER A 3956 18.14 -48.50 -30.21
C SER A 3956 16.77 -48.33 -29.58
N VAL A 3957 16.47 -49.11 -28.54
CA VAL A 3957 15.21 -48.97 -27.83
C VAL A 3957 15.11 -47.60 -27.16
N ALA A 3958 16.20 -47.16 -26.53
CA ALA A 3958 16.18 -45.87 -25.83
C ALA A 3958 15.92 -44.72 -26.80
N LYS A 3959 16.43 -44.82 -28.03
CA LYS A 3959 16.17 -43.78 -29.02
C LYS A 3959 14.69 -43.70 -29.35
N GLN A 3960 14.03 -44.84 -29.50
CA GLN A 3960 12.60 -44.85 -29.82
C GLN A 3960 11.78 -44.22 -28.72
N VAL A 3961 12.14 -44.47 -27.46
CA VAL A 3961 11.43 -43.85 -26.34
C VAL A 3961 11.59 -42.34 -26.39
N PHE A 3962 12.80 -41.86 -26.66
CA PHE A 3962 13.03 -40.42 -26.70
C PHE A 3962 12.20 -39.74 -27.79
N ASN A 3963 12.01 -40.44 -28.93
CA ASN A 3963 11.19 -39.86 -29.98
C ASN A 3963 9.77 -39.60 -29.51
N SER A 3964 9.21 -40.54 -28.74
CA SER A 3964 7.84 -40.38 -28.25
C SER A 3964 7.73 -39.15 -27.35
N LEU A 3965 8.63 -39.02 -26.38
CA LEU A 3965 8.56 -37.93 -25.41
C LEU A 3965 8.48 -36.57 -26.10
N THR A 3966 9.17 -36.41 -27.23
CA THR A 3966 9.09 -35.16 -27.97
C THR A 3966 7.69 -34.92 -28.52
N GLU A 3967 7.00 -35.99 -28.96
CA GLU A 3967 5.72 -35.80 -29.63
C GLU A 3967 4.55 -35.65 -28.67
N TYR A 3968 4.80 -35.64 -27.35
CA TYR A 3968 3.79 -35.13 -26.44
C TYR A 3968 3.96 -33.64 -26.17
N ILE A 3969 5.07 -33.05 -26.59
CA ILE A 3969 5.39 -31.66 -26.31
C ILE A 3969 5.35 -30.80 -27.57
N GLN A 3970 5.76 -31.35 -28.71
CA GLN A 3970 5.70 -30.63 -29.97
C GLN A 3970 4.27 -30.16 -30.23
N GLY A 3971 4.14 -28.95 -30.76
CA GLY A 3971 2.83 -28.35 -30.85
C GLY A 3971 2.34 -27.96 -29.48
N PRO A 3972 2.97 -26.91 -28.90
CA PRO A 3972 2.96 -26.68 -27.44
C PRO A 3972 1.68 -27.04 -26.72
N CYS A 3973 1.83 -27.80 -25.65
CA CYS A 3973 0.74 -28.37 -24.85
C CYS A 3973 0.96 -28.04 -23.39
N THR A 3974 1.14 -26.75 -23.11
CA THR A 3974 1.63 -26.22 -21.84
C THR A 3974 1.18 -27.01 -20.62
N GLY A 3975 -0.08 -27.42 -20.59
CA GLY A 3975 -0.54 -28.28 -19.52
C GLY A 3975 0.29 -29.54 -19.39
N ASN A 3976 0.72 -30.10 -20.53
CA ASN A 3976 1.60 -31.26 -20.51
C ASN A 3976 3.04 -30.89 -20.18
N GLN A 3977 3.49 -29.69 -20.55
CA GLN A 3977 4.87 -29.29 -20.28
C GLN A 3977 5.14 -29.24 -18.79
N GLN A 3978 4.21 -28.70 -18.00
CA GLN A 3978 4.42 -28.60 -16.56
C GLN A 3978 4.50 -29.98 -15.91
N SER A 3979 3.83 -30.98 -16.50
CA SER A 3979 3.87 -32.32 -15.94
C SER A 3979 5.27 -32.89 -15.94
N LEU A 3980 5.98 -32.76 -17.06
CA LEU A 3980 7.35 -33.25 -17.12
C LEU A 3980 8.27 -32.45 -16.21
N ALA A 3981 8.03 -31.14 -16.07
CA ALA A 3981 8.85 -30.34 -15.18
C ALA A 3981 8.70 -30.81 -13.74
N HIS A 3982 7.48 -31.12 -13.30
CA HIS A 3982 7.23 -31.66 -11.97
C HIS A 3982 7.27 -33.18 -11.99
N SER A 3983 8.33 -33.73 -12.57
CA SER A 3983 8.46 -35.17 -12.74
C SER A 3983 9.90 -35.59 -12.51
N ARG A 3984 10.07 -36.88 -12.25
CA ARG A 3984 11.37 -37.49 -11.99
C ARG A 3984 12.13 -37.68 -13.31
N LEU A 3985 12.38 -36.57 -13.99
CA LEU A 3985 13.03 -36.56 -15.30
C LEU A 3985 14.46 -36.03 -15.27
N TRP A 3986 14.73 -34.97 -14.50
CA TRP A 3986 16.07 -34.41 -14.45
C TRP A 3986 17.09 -35.42 -13.93
N ASP A 3987 16.74 -36.18 -12.90
CA ASP A 3987 17.69 -37.16 -12.39
C ASP A 3987 17.98 -38.27 -13.40
N ALA A 3988 17.17 -38.36 -14.46
CA ALA A 3988 17.43 -39.34 -15.51
C ALA A 3988 18.44 -38.79 -16.53
N VAL A 3989 18.28 -37.54 -16.94
CA VAL A 3989 19.18 -36.98 -17.94
C VAL A 3989 20.58 -36.77 -17.38
N VAL A 3990 20.68 -36.33 -16.11
CA VAL A 3990 21.99 -36.12 -15.51
C VAL A 3990 22.76 -37.43 -15.45
N GLY A 3991 22.06 -38.53 -15.19
CA GLY A 3991 22.70 -39.84 -15.30
C GLY A 3991 23.10 -40.16 -16.72
N PHE A 3992 22.25 -39.81 -17.70
CA PHE A 3992 22.60 -40.02 -19.09
C PHE A 3992 23.83 -39.20 -19.48
N LEU A 3993 23.90 -37.95 -19.02
CA LEU A 3993 25.06 -37.12 -19.34
C LEU A 3993 26.34 -37.74 -18.80
N HIS A 3994 26.27 -38.37 -17.64
CA HIS A 3994 27.45 -39.01 -17.06
C HIS A 3994 27.92 -40.18 -17.91
N VAL A 3995 27.00 -41.07 -18.27
CA VAL A 3995 27.40 -42.27 -19.03
C VAL A 3995 27.79 -41.91 -20.45
N PHE A 3996 27.21 -40.86 -21.01
CA PHE A 3996 27.57 -40.44 -22.37
C PHE A 3996 29.03 -40.02 -22.47
N ALA A 3997 29.59 -39.45 -21.40
CA ALA A 3997 30.92 -38.88 -21.49
C ALA A 3997 31.99 -39.96 -21.58
N HIS A 3998 31.89 -40.98 -20.73
CA HIS A 3998 32.98 -41.96 -20.64
C HIS A 3998 33.06 -42.85 -21.87
N MET A 3999 31.92 -43.39 -22.32
CA MET A 3999 31.96 -44.24 -23.52
C MET A 3999 32.37 -43.43 -24.74
N MET A 4000 31.86 -42.20 -24.87
CA MET A 4000 32.33 -41.32 -25.94
C MET A 4000 33.83 -41.13 -25.86
N MET A 4001 34.39 -41.16 -24.64
CA MET A 4001 35.83 -41.03 -24.47
C MET A 4001 36.53 -42.38 -24.64
N LYS A 4002 35.95 -43.45 -24.07
CA LYS A 4002 36.58 -44.77 -24.17
C LYS A 4002 36.59 -45.29 -25.60
N LEU A 4003 35.48 -45.12 -26.32
CA LEU A 4003 35.36 -45.73 -27.65
C LEU A 4003 36.38 -45.16 -28.62
N ALA A 4004 36.74 -43.89 -28.47
CA ALA A 4004 37.67 -43.25 -29.40
C ALA A 4004 39.07 -43.85 -29.34
N GLN A 4005 39.40 -44.59 -28.28
CA GLN A 4005 40.74 -45.17 -28.13
C GLN A 4005 40.83 -46.54 -28.78
N ASP A 4006 40.37 -46.65 -30.02
CA ASP A 4006 40.36 -47.90 -30.75
C ASP A 4006 39.92 -47.61 -32.18
N SER A 4007 40.27 -48.52 -33.09
CA SER A 4007 39.92 -48.37 -34.50
C SER A 4007 38.87 -49.37 -34.97
N SER A 4008 38.66 -50.47 -34.26
CA SER A 4008 37.72 -51.49 -34.70
C SER A 4008 36.31 -51.25 -34.18
N GLN A 4009 36.16 -50.71 -32.99
CA GLN A 4009 34.86 -50.44 -32.40
C GLN A 4009 34.30 -49.07 -32.77
N ILE A 4010 34.92 -48.40 -33.75
CA ILE A 4010 34.47 -47.07 -34.15
C ILE A 4010 33.04 -47.11 -34.69
N GLU A 4011 32.61 -48.26 -35.23
CA GLU A 4011 31.29 -48.33 -35.85
C GLU A 4011 30.19 -48.10 -34.82
N LEU A 4012 30.37 -48.59 -33.60
CA LEU A 4012 29.36 -48.39 -32.56
C LEU A 4012 29.24 -46.92 -32.17
N LEU A 4013 30.33 -46.15 -32.32
CA LEU A 4013 30.32 -44.77 -31.85
C LEU A 4013 29.32 -43.93 -32.64
N LYS A 4014 29.13 -44.25 -33.93
CA LYS A 4014 28.24 -43.44 -34.77
C LYS A 4014 26.82 -43.40 -34.22
N GLU A 4015 26.23 -44.57 -33.94
CA GLU A 4015 24.87 -44.57 -33.43
C GLU A 4015 24.80 -44.11 -31.98
N LEU A 4016 25.92 -44.08 -31.26
CA LEU A 4016 25.91 -43.47 -29.94
C LEU A 4016 25.70 -41.96 -30.05
N LEU A 4017 26.32 -41.32 -31.04
CA LEU A 4017 26.10 -39.90 -31.25
C LEU A 4017 24.65 -39.62 -31.66
N ASP A 4018 24.05 -40.52 -32.44
CA ASP A 4018 22.66 -40.35 -32.83
C ASP A 4018 21.74 -40.29 -31.61
N LEU A 4019 22.08 -41.02 -30.54
CA LEU A 4019 21.31 -40.91 -29.31
C LEU A 4019 21.43 -39.52 -28.71
N GLN A 4020 22.62 -38.93 -28.79
CA GLN A 4020 22.81 -37.56 -28.30
C GLN A 4020 21.91 -36.59 -29.07
N LYS A 4021 21.82 -36.76 -30.39
CA LYS A 4021 20.95 -35.93 -31.20
C LYS A 4021 19.51 -36.01 -30.73
N ASP A 4022 19.03 -37.22 -30.47
CA ASP A 4022 17.64 -37.43 -30.11
C ASP A 4022 17.37 -37.16 -28.64
N MET A 4023 18.40 -36.84 -27.86
CA MET A 4023 18.22 -36.46 -26.46
C MET A 4023 18.19 -34.96 -26.25
N VAL A 4024 19.09 -34.23 -26.92
CA VAL A 4024 19.12 -32.78 -26.76
C VAL A 4024 17.91 -32.15 -27.44
N VAL A 4025 17.41 -32.76 -28.50
CA VAL A 4025 16.30 -32.16 -29.25
C VAL A 4025 15.05 -32.08 -28.39
N MET A 4026 14.84 -33.07 -27.51
CA MET A 4026 13.68 -33.03 -26.64
C MET A 4026 13.82 -31.92 -25.59
N LEU A 4027 15.04 -31.58 -25.20
CA LEU A 4027 15.23 -30.43 -24.33
C LEU A 4027 14.83 -29.13 -25.00
N LEU A 4028 14.99 -29.06 -26.33
CA LEU A 4028 14.47 -27.90 -27.06
C LEU A 4028 12.95 -27.85 -26.98
N SER A 4029 12.29 -29.01 -27.07
CA SER A 4029 10.83 -29.02 -27.03
C SER A 4029 10.31 -28.47 -25.72
N LEU A 4030 10.95 -28.84 -24.60
CA LEU A 4030 10.57 -28.23 -23.33
C LEU A 4030 10.74 -26.71 -23.38
N LEU A 4031 11.79 -26.26 -24.05
CA LEU A 4031 12.14 -24.85 -24.04
C LEU A 4031 11.33 -24.02 -25.04
N GLU A 4032 10.70 -24.64 -26.03
CA GLU A 4032 9.97 -23.87 -27.04
C GLU A 4032 8.72 -23.24 -26.43
N GLY A 4033 8.38 -22.04 -26.90
CA GLY A 4033 7.21 -21.37 -26.40
C GLY A 4033 7.35 -20.83 -25.00
N ASN A 4034 8.57 -20.66 -24.53
CA ASN A 4034 8.84 -20.25 -23.15
C ASN A 4034 8.94 -18.74 -23.05
N VAL A 4035 8.61 -18.22 -21.86
CA VAL A 4035 8.73 -16.80 -21.58
C VAL A 4035 10.15 -16.51 -21.10
N VAL A 4036 10.57 -15.26 -21.23
CA VAL A 4036 11.90 -14.89 -20.78
C VAL A 4036 11.97 -15.01 -19.27
N ASN A 4037 13.09 -15.51 -18.77
CA ASN A 4037 13.32 -15.67 -17.32
C ASN A 4037 12.22 -16.52 -16.70
N GLY A 4038 11.74 -17.51 -17.45
CA GLY A 4038 10.65 -18.36 -17.01
C GLY A 4038 11.10 -19.41 -16.03
N MET A 4039 10.12 -20.17 -15.54
CA MET A 4039 10.42 -21.19 -14.54
C MET A 4039 10.99 -22.45 -15.17
N ILE A 4040 10.53 -22.80 -16.38
CA ILE A 4040 11.07 -23.97 -17.07
C ILE A 4040 12.55 -23.79 -17.38
N ALA A 4041 12.93 -22.61 -17.88
CA ALA A 4041 14.31 -22.36 -18.23
C ALA A 4041 15.23 -22.29 -17.02
N ARG A 4042 14.69 -21.98 -15.84
CA ARG A 4042 15.52 -21.93 -14.64
C ARG A 4042 16.08 -23.31 -14.30
N GLN A 4043 15.23 -24.34 -14.39
CA GLN A 4043 15.71 -25.69 -14.12
C GLN A 4043 16.66 -26.18 -15.21
N MET A 4044 16.55 -25.65 -16.42
CA MET A 4044 17.47 -26.04 -17.50
C MET A 4044 18.91 -25.72 -17.11
N VAL A 4045 19.17 -24.48 -16.69
CA VAL A 4045 20.51 -24.13 -16.25
C VAL A 4045 20.82 -24.76 -14.90
N ASP A 4046 19.81 -24.90 -14.04
CA ASP A 4046 20.03 -25.49 -12.72
C ASP A 4046 20.50 -26.93 -12.82
N MET A 4047 19.85 -27.71 -13.70
CA MET A 4047 20.25 -29.10 -13.88
C MET A 4047 21.67 -29.22 -14.41
N LEU A 4048 22.12 -28.25 -15.19
CA LEU A 4048 23.49 -28.28 -15.70
C LEU A 4048 24.51 -28.04 -14.59
N VAL A 4049 24.12 -27.31 -13.54
CA VAL A 4049 25.07 -26.96 -12.48
C VAL A 4049 25.55 -28.21 -11.75
N GLU A 4050 24.61 -29.05 -11.30
CA GLU A 4050 25.02 -30.23 -10.55
C GLU A 4050 25.60 -31.32 -11.43
N SER A 4051 25.47 -31.20 -12.76
CA SER A 4051 26.13 -32.08 -13.70
C SER A 4051 27.32 -31.42 -14.38
N SER A 4052 27.78 -30.28 -13.85
CA SER A 4052 28.77 -29.46 -14.54
C SER A 4052 30.01 -30.26 -14.93
N SER A 4053 30.56 -31.01 -13.98
CA SER A 4053 31.81 -31.71 -14.22
C SER A 4053 31.75 -32.63 -15.42
N ASN A 4054 30.59 -33.26 -15.65
CA ASN A 4054 30.45 -34.15 -16.81
C ASN A 4054 30.24 -33.36 -18.09
N VAL A 4055 29.60 -32.19 -18.02
CA VAL A 4055 29.25 -31.44 -19.22
C VAL A 4055 30.50 -31.00 -19.97
N GLU A 4056 31.42 -30.35 -19.26
CA GLU A 4056 32.61 -29.82 -19.92
C GLU A 4056 33.53 -30.92 -20.44
N MET A 4057 33.40 -32.14 -19.92
CA MET A 4057 34.12 -33.27 -20.51
C MET A 4057 33.67 -33.51 -21.94
N ILE A 4058 32.36 -33.42 -22.19
CA ILE A 4058 31.86 -33.52 -23.56
C ILE A 4058 32.31 -32.33 -24.38
N LEU A 4059 32.20 -31.13 -23.82
CA LEU A 4059 32.59 -29.92 -24.56
C LEU A 4059 34.06 -29.95 -24.93
N LYS A 4060 34.92 -30.36 -24.00
CA LYS A 4060 36.34 -30.40 -24.28
C LYS A 4060 36.66 -31.39 -25.40
N PHE A 4061 35.86 -32.45 -25.52
CA PHE A 4061 36.13 -33.47 -26.53
C PHE A 4061 36.02 -32.90 -27.93
N PHE A 4062 35.00 -32.06 -28.19
CA PHE A 4062 34.86 -31.45 -29.50
C PHE A 4062 36.00 -30.50 -29.82
N ASP A 4063 36.54 -29.81 -28.81
CA ASP A 4063 37.58 -28.82 -29.06
C ASP A 4063 38.81 -29.45 -29.69
N MET A 4064 39.25 -30.60 -29.18
CA MET A 4064 40.47 -31.21 -29.68
C MET A 4064 40.36 -31.56 -31.15
N PHE A 4065 39.23 -32.14 -31.56
CA PHE A 4065 39.06 -32.56 -32.94
C PHE A 4065 38.64 -31.42 -33.86
N LEU A 4066 38.35 -30.25 -33.31
CA LEU A 4066 38.03 -29.06 -34.09
C LEU A 4066 39.21 -28.10 -34.19
N LYS A 4067 40.26 -28.31 -33.40
CA LYS A 4067 41.50 -27.55 -33.53
C LYS A 4067 42.63 -28.36 -34.14
N LEU A 4068 42.61 -29.69 -33.97
CA LEU A 4068 43.57 -30.54 -34.67
C LEU A 4068 43.39 -30.45 -36.18
N LYS A 4069 42.16 -30.24 -36.64
CA LYS A 4069 41.93 -29.97 -38.06
C LYS A 4069 42.62 -28.70 -38.51
N ASP A 4070 42.87 -27.76 -37.59
CA ASP A 4070 43.57 -26.53 -37.91
C ASP A 4070 45.08 -26.69 -37.81
N ILE A 4071 45.56 -27.43 -36.81
CA ILE A 4071 46.99 -27.68 -36.69
C ILE A 4071 47.48 -28.49 -37.89
N VAL A 4072 46.79 -29.59 -38.21
CA VAL A 4072 47.11 -30.38 -39.38
C VAL A 4072 46.63 -29.62 -40.60
N GLY A 4073 47.55 -29.00 -41.32
CA GLY A 4073 47.21 -28.17 -42.45
C GLY A 4073 48.04 -26.90 -42.47
N SER A 4074 48.40 -26.42 -41.29
CA SER A 4074 49.30 -25.27 -41.19
C SER A 4074 50.70 -25.67 -41.64
N GLU A 4075 51.39 -24.75 -42.30
CA GLU A 4075 52.72 -25.06 -42.81
C GLU A 4075 53.75 -25.23 -41.70
N ALA A 4076 53.46 -24.69 -40.51
CA ALA A 4076 54.34 -24.89 -39.37
C ALA A 4076 54.44 -26.37 -39.02
N PHE A 4077 53.31 -27.07 -39.03
CA PHE A 4077 53.34 -28.51 -38.78
C PHE A 4077 54.00 -29.26 -39.93
N GLN A 4078 53.92 -28.73 -41.14
CA GLN A 4078 54.54 -29.38 -42.30
C GLN A 4078 56.06 -29.41 -42.21
N ASP A 4079 56.66 -28.62 -41.32
CA ASP A 4079 58.12 -28.65 -41.19
C ASP A 4079 58.59 -29.97 -40.59
N TYR A 4080 57.93 -30.42 -39.52
CA TYR A 4080 58.38 -31.63 -38.84
C TYR A 4080 58.13 -32.90 -39.63
N VAL A 4081 57.23 -32.86 -40.62
CA VAL A 4081 56.98 -34.03 -41.45
C VAL A 4081 57.99 -34.03 -42.61
N THR A 4082 58.82 -35.08 -42.64
CA THR A 4082 59.76 -35.32 -43.75
C THR A 4082 59.60 -36.79 -44.15
N ASP A 4083 58.59 -37.06 -44.96
CA ASP A 4083 58.27 -38.41 -45.37
C ASP A 4083 57.49 -38.37 -46.68
N PRO A 4084 58.14 -38.59 -47.82
CA PRO A 4084 57.44 -38.42 -49.11
C PRO A 4084 56.18 -39.26 -49.26
N ARG A 4085 56.13 -40.45 -48.66
CA ARG A 4085 54.93 -41.27 -48.76
C ARG A 4085 53.77 -40.65 -47.99
N GLY A 4086 54.06 -39.96 -46.88
CA GLY A 4086 53.03 -39.19 -46.20
C GLY A 4086 52.88 -39.42 -44.71
N LEU A 4087 53.54 -40.45 -44.18
CA LEU A 4087 53.38 -40.80 -42.78
C LEU A 4087 54.22 -39.87 -41.90
N ILE A 4088 54.18 -40.13 -40.59
CA ILE A 4088 54.95 -39.36 -39.61
C ILE A 4088 55.29 -40.29 -38.45
N SER A 4089 56.32 -39.92 -37.70
CA SER A 4089 56.74 -40.70 -36.54
C SER A 4089 55.87 -40.34 -35.34
N LYS A 4090 56.16 -40.95 -34.19
CA LYS A 4090 55.39 -40.73 -32.97
C LYS A 4090 56.00 -39.64 -32.09
N LYS A 4091 57.31 -39.73 -31.82
CA LYS A 4091 57.94 -38.73 -30.96
C LYS A 4091 57.91 -37.35 -31.59
N ASP A 4092 58.07 -37.27 -32.91
CA ASP A 4092 58.01 -35.97 -33.58
C ASP A 4092 56.63 -35.34 -33.45
N PHE A 4093 55.57 -36.16 -33.53
CA PHE A 4093 54.23 -35.65 -33.30
C PHE A 4093 54.11 -35.05 -31.90
N GLN A 4094 54.70 -35.71 -30.90
CA GLN A 4094 54.69 -35.16 -29.55
C GLN A 4094 55.42 -33.83 -29.48
N LYS A 4095 56.56 -33.73 -30.17
CA LYS A 4095 57.30 -32.46 -30.19
C LYS A 4095 56.51 -31.38 -30.91
N ALA A 4096 55.92 -31.69 -32.07
CA ALA A 4096 55.18 -30.69 -32.82
C ALA A 4096 54.00 -30.16 -32.05
N MET A 4097 53.26 -31.05 -31.38
CA MET A 4097 52.16 -30.60 -30.52
C MET A 4097 52.67 -29.75 -29.37
N ASP A 4098 53.76 -30.19 -28.74
CA ASP A 4098 54.33 -29.46 -27.61
C ASP A 4098 54.89 -28.11 -28.06
N SER A 4099 55.50 -28.05 -29.25
CA SER A 4099 56.08 -26.80 -29.75
C SER A 4099 55.03 -25.69 -29.79
N GLN A 4100 53.84 -25.99 -30.29
CA GLN A 4100 52.77 -25.01 -30.32
C GLN A 4100 52.09 -24.90 -28.95
N LYS A 4101 51.27 -23.87 -28.80
CA LYS A 4101 50.61 -23.61 -27.53
C LYS A 4101 49.39 -24.52 -27.40
N GLN A 4102 48.57 -24.26 -26.36
CA GLN A 4102 47.42 -25.06 -25.96
C GLN A 4102 47.76 -26.55 -25.91
N PHE A 4103 46.73 -27.41 -25.91
CA PHE A 4103 46.92 -28.85 -25.89
C PHE A 4103 47.81 -29.28 -24.71
N THR A 4104 47.24 -29.09 -23.51
CA THR A 4104 47.91 -29.45 -22.28
C THR A 4104 48.44 -30.88 -22.34
N GLY A 4105 49.60 -31.10 -21.69
CA GLY A 4105 50.34 -32.34 -21.75
C GLY A 4105 49.51 -33.62 -21.72
N PRO A 4106 48.70 -33.82 -20.68
CA PRO A 4106 47.88 -35.04 -20.63
C PRO A 4106 46.98 -35.22 -21.84
N GLU A 4107 46.45 -34.13 -22.39
CA GLU A 4107 45.66 -34.23 -23.62
C GLU A 4107 46.50 -34.77 -24.78
N ILE A 4108 47.77 -34.34 -24.86
CA ILE A 4108 48.65 -34.86 -25.90
C ILE A 4108 48.84 -36.37 -25.73
N GLN A 4109 48.98 -36.83 -24.48
CA GLN A 4109 49.07 -38.26 -24.25
C GLN A 4109 47.82 -38.97 -24.73
N PHE A 4110 46.65 -38.38 -24.51
CA PHE A 4110 45.40 -38.96 -24.98
C PHE A 4110 45.35 -39.00 -26.51
N LEU A 4111 45.74 -37.90 -27.16
CA LEU A 4111 45.68 -37.84 -28.62
C LEU A 4111 46.61 -38.86 -29.25
N LEU A 4112 47.80 -39.04 -28.68
CA LEU A 4112 48.69 -40.09 -29.17
C LEU A 4112 48.09 -41.47 -28.95
N SER A 4113 47.43 -41.68 -27.81
CA SER A 4113 46.86 -42.98 -27.50
C SER A 4113 45.78 -43.37 -28.50
N CYS A 4114 44.89 -42.44 -28.85
CA CYS A 4114 43.82 -42.75 -29.79
C CYS A 4114 44.30 -42.83 -31.23
N SER A 4115 45.54 -42.42 -31.51
CA SER A 4115 46.08 -42.55 -32.85
C SER A 4115 46.34 -44.01 -33.18
N GLU A 4116 46.76 -44.25 -34.42
CA GLU A 4116 47.04 -45.59 -34.89
C GLU A 4116 48.42 -46.04 -34.43
N ALA A 4117 48.89 -47.15 -34.97
CA ALA A 4117 50.09 -47.82 -34.45
C ALA A 4117 50.79 -48.53 -35.60
N ASP A 4118 51.66 -49.49 -35.26
CA ASP A 4118 52.42 -50.35 -36.15
C ASP A 4118 53.71 -49.65 -36.56
N GLU A 4119 54.85 -50.29 -36.27
CA GLU A 4119 56.20 -49.82 -36.55
C GLU A 4119 56.58 -48.61 -35.69
N ASN A 4120 55.66 -48.09 -34.88
CA ASN A 4120 55.86 -46.92 -34.03
C ASN A 4120 56.18 -45.66 -34.82
N GLU A 4121 56.08 -45.72 -36.16
CA GLU A 4121 56.37 -44.57 -37.00
C GLU A 4121 55.38 -44.44 -38.15
N MET A 4122 54.18 -44.98 -38.00
CA MET A 4122 53.15 -44.93 -39.04
C MET A 4122 51.90 -44.29 -38.43
N ILE A 4123 51.79 -42.98 -38.59
CA ILE A 4123 50.65 -42.21 -38.10
C ILE A 4123 50.19 -41.34 -39.26
N ASN A 4124 49.17 -41.79 -39.99
CA ASN A 4124 48.66 -41.07 -41.16
C ASN A 4124 47.79 -39.93 -40.67
N PHE A 4125 48.36 -38.72 -40.62
CA PHE A 4125 47.63 -37.58 -40.09
C PHE A 4125 46.53 -37.10 -41.02
N GLU A 4126 46.71 -37.26 -42.34
CA GLU A 4126 45.73 -36.77 -43.29
C GLU A 4126 44.38 -37.47 -43.12
N GLU A 4127 44.39 -38.71 -42.65
CA GLU A 4127 43.16 -39.46 -42.37
C GLU A 4127 42.75 -39.40 -40.91
N PHE A 4128 43.72 -39.25 -40.00
CA PHE A 4128 43.41 -39.18 -38.58
C PHE A 4128 42.54 -37.98 -38.22
N ALA A 4129 42.61 -36.89 -38.99
CA ALA A 4129 41.79 -35.73 -38.71
C ALA A 4129 40.36 -35.91 -39.22
N ASN A 4130 40.21 -36.38 -40.44
CA ASN A 4130 38.89 -36.55 -41.05
C ASN A 4130 38.26 -37.88 -40.68
N ARG A 4131 38.17 -38.18 -39.38
CA ARG A 4131 37.44 -39.35 -38.92
C ARG A 4131 36.39 -39.01 -37.86
N PHE A 4132 36.27 -37.75 -37.46
CA PHE A 4132 35.23 -37.35 -36.53
C PHE A 4132 34.55 -36.05 -36.94
N GLN A 4133 34.78 -35.58 -38.17
CA GLN A 4133 34.10 -34.37 -38.62
C GLN A 4133 32.67 -34.68 -39.07
N GLU A 4134 32.53 -35.52 -40.09
CA GLU A 4134 31.19 -35.87 -40.57
C GLU A 4134 30.36 -36.58 -39.51
N PRO A 4135 30.84 -37.61 -38.82
CA PRO A 4135 30.00 -38.23 -37.78
C PRO A 4135 29.60 -37.30 -36.66
N ALA A 4136 30.45 -36.32 -36.33
CA ALA A 4136 30.16 -35.37 -35.26
C ALA A 4136 29.91 -33.97 -35.77
N ARG A 4137 29.56 -33.82 -37.06
CA ARG A 4137 29.14 -32.53 -37.56
C ARG A 4137 27.85 -32.08 -36.89
N ASP A 4138 26.96 -33.02 -36.61
CA ASP A 4138 25.78 -32.75 -35.80
C ASP A 4138 26.22 -32.73 -34.33
N ILE A 4139 25.25 -32.78 -33.41
CA ILE A 4139 25.52 -32.76 -31.98
C ILE A 4139 26.16 -31.43 -31.63
N GLY A 4140 27.37 -31.18 -32.14
CA GLY A 4140 28.02 -29.90 -31.93
C GLY A 4140 27.17 -28.74 -32.36
N PHE A 4141 26.39 -28.91 -33.43
CA PHE A 4141 25.46 -27.87 -33.82
C PHE A 4141 24.31 -27.75 -32.82
N ASN A 4142 23.77 -28.88 -32.38
CA ASN A 4142 22.58 -28.85 -31.52
C ASN A 4142 22.91 -28.58 -30.07
N VAL A 4143 24.17 -28.40 -29.71
CA VAL A 4143 24.52 -27.89 -28.39
C VAL A 4143 24.78 -26.40 -28.53
N ALA A 4144 25.24 -25.98 -29.71
CA ALA A 4144 25.37 -24.55 -29.99
C ALA A 4144 24.02 -23.86 -29.94
N VAL A 4145 22.99 -24.49 -30.52
CA VAL A 4145 21.65 -23.94 -30.43
C VAL A 4145 21.15 -23.96 -28.99
N LEU A 4146 21.45 -25.02 -28.25
CA LEU A 4146 21.00 -25.13 -26.87
C LEU A 4146 21.57 -24.02 -26.00
N LEU A 4147 22.89 -23.81 -26.06
CA LEU A 4147 23.50 -22.78 -25.24
C LEU A 4147 23.05 -21.40 -25.64
N THR A 4148 22.94 -21.14 -26.95
CA THR A 4148 22.53 -19.82 -27.42
C THR A 4148 21.12 -19.49 -26.97
N ASN A 4149 20.20 -20.46 -27.07
CA ASN A 4149 18.82 -20.21 -26.66
C ASN A 4149 18.74 -19.98 -25.15
N LEU A 4150 19.50 -20.75 -24.37
CA LEU A 4150 19.51 -20.54 -22.92
C LEU A 4150 20.10 -19.19 -22.56
N SER A 4151 21.16 -18.77 -23.25
CA SER A 4151 21.81 -17.51 -22.91
C SER A 4151 20.87 -16.33 -23.08
N GLU A 4152 19.98 -16.39 -24.07
CA GLU A 4152 19.08 -15.27 -24.32
C GLU A 4152 17.97 -15.20 -23.28
N HIS A 4153 17.29 -16.32 -23.04
CA HIS A 4153 16.12 -16.30 -22.16
C HIS A 4153 16.49 -15.96 -20.73
N VAL A 4154 17.58 -16.52 -20.21
CA VAL A 4154 18.09 -16.10 -18.92
C VAL A 4154 19.38 -15.30 -19.16
N PRO A 4155 19.34 -13.97 -19.01
CA PRO A 4155 20.49 -13.15 -19.43
C PRO A 4155 21.44 -12.79 -18.32
N HIS A 4156 21.06 -13.05 -17.06
CA HIS A 4156 21.89 -12.66 -15.91
C HIS A 4156 21.94 -13.84 -14.93
N ASP A 4157 22.92 -14.71 -15.14
CA ASP A 4157 23.20 -15.81 -14.23
C ASP A 4157 24.68 -16.17 -14.38
N PRO A 4158 25.50 -15.92 -13.37
CA PRO A 4158 26.95 -16.20 -13.52
C PRO A 4158 27.26 -17.67 -13.73
N ARG A 4159 26.40 -18.58 -13.26
CA ARG A 4159 26.64 -20.00 -13.50
C ARG A 4159 26.62 -20.31 -14.99
N LEU A 4160 25.70 -19.71 -15.73
CA LEU A 4160 25.57 -20.01 -17.16
C LEU A 4160 26.77 -19.51 -17.95
N ARG A 4161 27.31 -18.36 -17.58
CA ARG A 4161 28.40 -17.76 -18.34
C ARG A 4161 29.66 -18.64 -18.32
N ASN A 4162 29.88 -19.33 -17.20
CA ASN A 4162 31.08 -20.17 -17.08
C ASN A 4162 31.15 -21.21 -18.19
N PHE A 4163 30.02 -21.84 -18.52
CA PHE A 4163 30.01 -22.81 -19.61
C PHE A 4163 30.25 -22.15 -20.96
N LEU A 4164 29.74 -20.93 -21.15
CA LEU A 4164 29.81 -20.30 -22.46
C LEU A 4164 31.26 -20.05 -22.89
N GLU A 4165 32.11 -19.64 -21.96
CA GLU A 4165 33.51 -19.39 -22.30
C GLU A 4165 34.32 -20.67 -22.49
N LEU A 4166 33.73 -21.84 -22.22
CA LEU A 4166 34.40 -23.10 -22.46
C LEU A 4166 34.18 -23.62 -23.88
N ALA A 4167 33.36 -22.95 -24.67
CA ALA A 4167 33.00 -23.39 -26.01
C ALA A 4167 33.14 -22.26 -27.01
N GLU A 4168 34.26 -21.54 -26.94
CA GLU A 4168 34.55 -20.50 -27.93
C GLU A 4168 35.12 -21.07 -29.22
N SER A 4169 35.14 -22.39 -29.38
CA SER A 4169 35.46 -23.02 -30.66
C SER A 4169 34.21 -23.46 -31.40
N ILE A 4170 33.33 -24.21 -30.74
CA ILE A 4170 32.07 -24.62 -31.35
C ILE A 4170 31.22 -23.39 -31.67
N LEU A 4171 31.07 -22.49 -30.70
CA LEU A 4171 30.24 -21.31 -30.89
C LEU A 4171 30.78 -20.39 -31.96
N GLU A 4172 32.09 -20.44 -32.23
CA GLU A 4172 32.69 -19.62 -33.27
C GLU A 4172 32.68 -20.32 -34.63
N TYR A 4173 32.96 -21.62 -34.65
CA TYR A 4173 32.90 -22.36 -35.91
C TYR A 4173 31.50 -22.35 -36.50
N PHE A 4174 30.49 -22.57 -35.68
CA PHE A 4174 29.10 -22.55 -36.14
C PHE A 4174 28.49 -21.16 -36.00
N ARG A 4175 29.21 -20.12 -36.42
CA ARG A 4175 28.61 -18.79 -36.48
C ARG A 4175 27.82 -18.59 -37.78
N PRO A 4176 28.40 -18.87 -38.98
CA PRO A 4176 27.66 -18.70 -40.23
C PRO A 4176 26.86 -19.93 -40.63
N TYR A 4177 26.20 -20.55 -39.66
CA TYR A 4177 25.37 -21.72 -39.95
C TYR A 4177 24.01 -21.70 -39.28
N LEU A 4178 23.76 -20.84 -38.29
CA LEU A 4178 22.47 -20.76 -37.63
C LEU A 4178 21.83 -19.41 -37.94
N GLY A 4179 20.53 -19.45 -38.25
CA GLY A 4179 19.78 -18.25 -38.56
C GLY A 4179 18.75 -17.98 -37.48
N ARG A 4180 18.54 -16.70 -37.16
CA ARG A 4180 17.63 -16.28 -36.11
C ARG A 4180 16.45 -15.56 -36.73
N ILE A 4181 15.24 -16.01 -36.42
CA ILE A 4181 14.00 -15.45 -36.96
C ILE A 4181 13.16 -15.00 -35.78
N GLU A 4182 12.28 -14.03 -36.04
CA GLU A 4182 11.52 -13.35 -35.00
C GLU A 4182 10.05 -13.27 -35.38
N ILE A 4183 9.47 -14.41 -35.75
CA ILE A 4183 8.07 -14.47 -36.15
C ILE A 4183 7.16 -14.26 -34.95
N MET A 4184 5.87 -14.04 -35.21
CA MET A 4184 4.88 -13.82 -34.16
C MET A 4184 3.63 -14.62 -34.51
N GLY A 4185 3.19 -15.47 -33.59
CA GLY A 4185 2.01 -16.27 -33.90
C GLY A 4185 1.50 -17.01 -32.67
N ALA A 4186 0.42 -17.75 -32.90
CA ALA A 4186 -0.25 -18.55 -31.88
C ALA A 4186 -0.70 -17.70 -30.69
N SER A 4187 0.12 -17.64 -29.65
CA SER A 4187 -0.18 -16.97 -28.39
C SER A 4187 -0.18 -15.44 -28.48
N ARG A 4188 -0.15 -14.86 -29.68
CA ARG A 4188 -0.12 -13.41 -29.88
C ARG A 4188 1.10 -12.80 -29.17
N ARG A 4189 2.26 -13.40 -29.40
CA ARG A 4189 3.48 -12.98 -28.71
C ARG A 4189 4.67 -13.22 -29.64
N ILE A 4190 5.76 -12.51 -29.37
CA ILE A 4190 6.99 -12.64 -30.16
C ILE A 4190 7.78 -13.83 -29.65
N GLU A 4191 8.24 -14.66 -30.58
CA GLU A 4191 9.06 -15.82 -30.26
C GLU A 4191 10.18 -15.93 -31.28
N ARG A 4192 11.27 -16.56 -30.86
CA ARG A 4192 12.47 -16.69 -31.69
C ARG A 4192 12.57 -18.09 -32.26
N ILE A 4193 13.17 -18.19 -33.45
CA ILE A 4193 13.34 -19.45 -34.16
C ILE A 4193 14.80 -19.63 -34.52
N TYR A 4194 15.32 -20.83 -34.32
CA TYR A 4194 16.68 -21.19 -34.71
C TYR A 4194 16.63 -22.39 -35.65
N PHE A 4195 17.56 -22.44 -36.58
CA PHE A 4195 17.58 -23.50 -37.57
C PHE A 4195 18.97 -23.58 -38.18
N GLU A 4196 19.12 -24.44 -39.19
CA GLU A 4196 20.41 -24.75 -39.79
C GLU A 4196 20.35 -24.52 -41.29
N ILE A 4197 21.43 -23.99 -41.86
CA ILE A 4197 21.54 -23.72 -43.28
C ILE A 4197 22.84 -24.32 -43.79
N SER A 4198 22.77 -25.02 -44.93
CA SER A 4198 23.92 -25.70 -45.48
C SER A 4198 24.88 -24.71 -46.14
N GLU A 4199 26.10 -25.18 -46.40
CA GLU A 4199 27.09 -24.34 -47.07
C GLU A 4199 26.63 -23.98 -48.48
N THR A 4200 26.16 -24.99 -49.23
CA THR A 4200 25.70 -24.75 -50.59
C THR A 4200 24.49 -23.84 -50.62
N ASN A 4201 23.66 -23.90 -49.59
CA ASN A 4201 22.49 -23.04 -49.52
C ASN A 4201 22.91 -21.58 -49.48
N ARG A 4202 23.91 -21.26 -48.65
CA ARG A 4202 24.44 -19.90 -48.60
C ARG A 4202 25.38 -19.60 -49.74
N ALA A 4203 26.10 -20.61 -50.25
CA ALA A 4203 27.07 -20.36 -51.32
C ALA A 4203 26.39 -19.78 -52.55
N GLN A 4204 25.23 -20.32 -52.93
CA GLN A 4204 24.52 -19.78 -54.07
C GLN A 4204 23.69 -18.57 -53.67
N TRP A 4205 24.30 -17.61 -52.98
CA TRP A 4205 23.61 -16.38 -52.62
C TRP A 4205 24.48 -15.16 -52.86
N GLU A 4206 25.79 -15.33 -52.82
CA GLU A 4206 26.71 -14.21 -52.97
C GLU A 4206 27.27 -14.08 -54.38
N MET A 4207 26.84 -14.91 -55.30
CA MET A 4207 27.22 -14.74 -56.70
C MET A 4207 26.64 -13.42 -57.21
N PRO A 4208 27.38 -12.70 -58.06
CA PRO A 4208 26.96 -11.33 -58.42
C PRO A 4208 25.57 -11.22 -59.01
N GLN A 4209 25.09 -12.24 -59.72
CA GLN A 4209 23.78 -12.14 -60.36
C GLN A 4209 22.67 -11.95 -59.33
N VAL A 4210 22.70 -12.72 -58.24
CA VAL A 4210 21.66 -12.61 -57.23
C VAL A 4210 21.78 -11.29 -56.48
N LYS A 4211 23.01 -10.85 -56.21
CA LYS A 4211 23.21 -9.62 -55.44
C LYS A 4211 22.60 -8.42 -56.14
N GLU A 4212 22.79 -8.32 -57.46
CA GLU A 4212 22.18 -7.21 -58.19
C GLU A 4212 20.66 -7.30 -58.20
N SER A 4213 20.12 -8.53 -58.19
CA SER A 4213 18.67 -8.68 -58.09
C SER A 4213 18.15 -8.14 -56.76
N LYS A 4214 18.90 -8.35 -55.68
CA LYS A 4214 18.52 -7.77 -54.40
C LYS A 4214 18.45 -6.26 -54.47
N ARG A 4215 19.46 -5.64 -55.08
CA ARG A 4215 19.52 -4.17 -55.12
C ARG A 4215 18.37 -3.60 -55.93
N GLN A 4216 18.05 -4.21 -57.07
CA GLN A 4216 16.99 -3.68 -57.92
C GLN A 4216 15.62 -3.86 -57.27
N PHE A 4217 15.40 -4.99 -56.59
CA PHE A 4217 14.12 -5.21 -55.93
C PHE A 4217 13.91 -4.22 -54.78
N ILE A 4218 14.95 -3.98 -53.98
CA ILE A 4218 14.83 -3.03 -52.87
C ILE A 4218 14.55 -1.63 -53.40
N PHE A 4219 15.10 -1.29 -54.57
CA PHE A 4219 14.93 0.06 -55.10
C PHE A 4219 13.49 0.34 -55.48
N ASP A 4220 12.83 -0.59 -56.18
CA ASP A 4220 11.51 -0.34 -56.75
C ASP A 4220 10.38 -0.89 -55.88
N VAL A 4221 10.54 -0.94 -54.57
CA VAL A 4221 9.45 -1.24 -53.65
C VAL A 4221 9.27 -0.16 -52.59
N VAL A 4222 10.14 0.83 -52.52
CA VAL A 4222 10.02 1.91 -51.55
C VAL A 4222 9.45 3.14 -52.22
N ASN A 4223 9.74 3.31 -53.52
CA ASN A 4223 9.29 4.47 -54.28
C ASN A 4223 8.25 4.11 -55.35
N GLU A 4224 7.41 3.12 -55.06
CA GLU A 4224 6.16 2.88 -55.78
C GLU A 4224 5.10 2.49 -54.76
N GLY A 4225 4.00 1.96 -55.26
CA GLY A 4225 2.82 1.72 -54.45
C GLY A 4225 2.88 0.50 -53.56
N GLY A 4226 3.72 0.54 -52.53
CA GLY A 4226 3.71 -0.52 -51.54
C GLY A 4226 2.96 -0.16 -50.27
N GLU A 4227 3.69 0.08 -49.19
CA GLU A 4227 3.24 0.67 -47.93
C GLU A 4227 2.18 -0.14 -47.20
N ALA A 4228 1.61 -1.14 -47.87
CA ALA A 4228 0.77 -2.15 -47.23
C ALA A 4228 1.07 -3.54 -47.75
N GLU A 4229 0.86 -3.75 -49.05
CA GLU A 4229 1.03 -5.02 -49.75
C GLU A 4229 2.47 -5.27 -50.15
N LYS A 4230 3.43 -4.56 -49.56
CA LYS A 4230 4.83 -4.79 -49.86
C LYS A 4230 5.25 -6.19 -49.46
N MET A 4231 4.65 -6.76 -48.42
CA MET A 4231 5.10 -8.04 -47.89
C MET A 4231 4.87 -9.18 -48.88
N GLU A 4232 3.71 -9.20 -49.54
CA GLU A 4232 3.46 -10.27 -50.51
C GLU A 4232 4.41 -10.16 -51.69
N LEU A 4233 4.84 -8.94 -52.03
CA LEU A 4233 5.86 -8.79 -53.06
C LEU A 4233 7.17 -9.42 -52.62
N PHE A 4234 7.53 -9.27 -51.34
CA PHE A 4234 8.75 -9.87 -50.84
C PHE A 4234 8.69 -11.39 -50.92
N VAL A 4235 7.56 -11.98 -50.57
CA VAL A 4235 7.40 -13.42 -50.72
C VAL A 4235 7.47 -13.81 -52.19
N SER A 4236 6.84 -13.02 -53.06
CA SER A 4236 6.95 -13.26 -54.50
C SER A 4236 8.39 -13.11 -54.97
N PHE A 4237 9.14 -12.20 -54.33
CA PHE A 4237 10.57 -12.07 -54.63
C PHE A 4237 11.32 -13.36 -54.30
N CYS A 4238 11.01 -13.95 -53.14
CA CYS A 4238 11.69 -15.18 -52.75
C CYS A 4238 11.37 -16.32 -53.70
N GLU A 4239 10.10 -16.46 -54.09
CA GLU A 4239 9.64 -17.64 -54.83
C GLU A 4239 10.18 -17.73 -56.25
N ASP A 4240 10.79 -16.69 -56.82
CA ASP A 4240 11.46 -16.82 -58.12
C ASP A 4240 12.99 -16.76 -58.03
N THR A 4241 13.60 -16.19 -56.98
CA THR A 4241 15.01 -16.51 -56.71
C THR A 4241 15.17 -17.97 -56.35
N ILE A 4242 14.13 -18.59 -55.78
CA ILE A 4242 14.13 -20.04 -55.60
C ILE A 4242 14.36 -20.74 -56.94
N PHE A 4243 13.63 -20.32 -57.98
CA PHE A 4243 13.75 -20.92 -59.31
C PHE A 4243 15.09 -20.59 -59.97
N GLU A 4244 15.57 -19.35 -59.83
CA GLU A 4244 16.85 -18.93 -60.38
C GLU A 4244 18.04 -19.74 -59.84
N MET A 4245 18.09 -20.08 -58.54
CA MET A 4245 19.23 -20.82 -58.01
C MET A 4245 19.24 -22.26 -58.51
N GLN A 4246 18.05 -22.82 -58.76
CA GLN A 4246 18.00 -24.18 -59.30
C GLN A 4246 18.60 -24.25 -60.70
N ILE A 4247 18.33 -23.26 -61.55
CA ILE A 4247 18.87 -23.20 -62.91
C ILE A 4247 20.39 -23.15 -62.88
N ALA A 4248 20.99 -22.35 -61.99
CA ALA A 4248 22.43 -22.21 -61.94
C ALA A 4248 23.11 -23.52 -61.56
N ALA A 4249 22.47 -24.33 -60.72
CA ALA A 4249 23.04 -25.62 -60.36
C ALA A 4249 23.09 -26.55 -61.56
N GLN A 4250 22.09 -26.50 -62.42
CA GLN A 4250 22.00 -27.39 -63.58
C GLN A 4250 23.01 -27.06 -64.67
N ILE A 4251 23.72 -25.95 -64.57
CA ILE A 4251 24.72 -25.56 -65.56
C ILE A 4251 26.13 -25.66 -65.01
N SER A 4252 26.31 -26.29 -63.86
CA SER A 4252 27.63 -26.43 -63.25
C SER A 4252 27.72 -27.72 -62.45
N TRP A 4541 23.63 -41.52 -80.62
CA TRP A 4541 22.54 -40.81 -79.95
C TRP A 4541 22.92 -40.42 -78.52
N GLY A 4542 23.63 -41.29 -77.83
CA GLY A 4542 24.10 -40.90 -76.52
C GLY A 4542 24.96 -39.73 -76.89
N GLU A 4543 25.62 -39.82 -78.04
CA GLU A 4543 26.46 -38.73 -78.50
C GLU A 4543 25.65 -37.46 -78.55
N LEU A 4544 24.67 -37.40 -79.42
CA LEU A 4544 23.78 -36.26 -79.45
C LEU A 4544 23.60 -35.77 -78.04
N GLU A 4545 22.97 -36.53 -77.17
CA GLU A 4545 22.71 -36.05 -75.82
C GLU A 4545 23.88 -35.32 -75.19
N VAL A 4546 24.89 -36.09 -74.83
CA VAL A 4546 26.04 -35.49 -74.17
C VAL A 4546 26.48 -34.19 -74.84
N GLN A 4547 26.74 -34.25 -76.14
CA GLN A 4547 27.22 -33.07 -76.85
C GLN A 4547 26.25 -31.89 -76.71
N ARG A 4548 25.01 -32.03 -77.14
CA ARG A 4548 24.04 -30.98 -76.96
C ARG A 4548 24.23 -30.35 -75.63
N VAL A 4549 24.16 -31.15 -74.57
CA VAL A 4549 24.24 -30.50 -73.27
C VAL A 4549 25.55 -29.75 -73.07
N LYS A 4550 26.68 -30.43 -73.09
CA LYS A 4550 27.91 -29.68 -72.81
C LYS A 4550 27.95 -28.39 -73.63
N PHE A 4551 27.46 -28.40 -74.86
CA PHE A 4551 27.54 -27.21 -75.70
C PHE A 4551 26.64 -26.10 -75.23
N LEU A 4552 25.35 -26.37 -75.19
CA LEU A 4552 24.45 -25.34 -74.76
C LEU A 4552 24.88 -24.88 -73.38
N ASN A 4553 25.78 -25.58 -72.73
CA ASN A 4553 26.13 -25.06 -71.42
C ASN A 4553 27.48 -24.33 -71.30
N TYR A 4554 28.19 -24.27 -72.40
CA TYR A 4554 29.35 -23.40 -72.36
C TYR A 4554 28.77 -22.04 -72.79
N LEU A 4555 27.88 -22.03 -73.77
CA LEU A 4555 27.30 -20.79 -74.27
C LEU A 4555 26.15 -20.29 -73.46
N SER A 4556 26.16 -20.58 -72.19
CA SER A 4556 25.14 -20.06 -71.33
C SER A 4556 25.78 -19.76 -70.05
N ARG A 4557 27.09 -19.69 -70.02
CA ARG A 4557 27.77 -19.26 -68.84
C ARG A 4557 28.61 -18.16 -69.45
N ASN A 4558 29.20 -18.39 -70.61
CA ASN A 4558 29.91 -17.33 -71.31
C ASN A 4558 28.96 -16.36 -71.99
N PHE A 4559 27.81 -16.02 -71.41
CA PHE A 4559 26.84 -15.12 -72.02
C PHE A 4559 27.30 -13.65 -72.12
N TYR A 4560 27.97 -13.11 -71.11
CA TYR A 4560 28.32 -11.67 -71.12
C TYR A 4560 29.58 -11.30 -71.94
N THR A 4561 30.52 -12.23 -72.11
CA THR A 4561 31.71 -12.06 -72.87
C THR A 4561 31.28 -12.02 -74.28
N LEU A 4562 30.50 -12.99 -74.74
CA LEU A 4562 30.18 -12.94 -76.15
C LEU A 4562 29.51 -11.61 -76.37
N LYS A 4563 28.65 -11.14 -75.50
CA LYS A 4563 28.11 -9.79 -75.77
C LYS A 4563 29.20 -8.79 -76.05
N TYR A 4564 30.07 -8.38 -75.13
CA TYR A 4564 31.09 -7.33 -75.43
C TYR A 4564 31.97 -7.53 -76.65
N LEU A 4565 32.19 -8.76 -76.99
CA LEU A 4565 32.96 -9.02 -78.15
C LEU A 4565 32.24 -8.47 -79.35
N ALA A 4566 30.93 -8.51 -79.40
CA ALA A 4566 30.26 -8.05 -80.59
C ALA A 4566 30.54 -6.62 -80.71
N LEU A 4567 30.41 -5.90 -79.63
CA LEU A 4567 30.75 -4.49 -79.64
C LEU A 4567 32.15 -4.23 -80.15
N PHE A 4568 33.17 -4.89 -79.64
CA PHE A 4568 34.48 -4.61 -80.22
C PHE A 4568 34.51 -4.92 -81.71
N LEU A 4569 34.01 -6.06 -82.14
CA LEU A 4569 34.11 -6.35 -83.55
C LEU A 4569 33.36 -5.31 -84.39
N ALA A 4570 32.27 -4.72 -83.91
CA ALA A 4570 31.64 -3.69 -84.77
C ALA A 4570 32.26 -2.35 -84.65
N PHE A 4571 32.82 -1.99 -83.53
CA PHE A 4571 33.53 -0.74 -83.51
C PHE A 4571 34.70 -0.92 -84.44
N ALA A 4572 35.07 -2.15 -84.77
CA ALA A 4572 36.13 -2.29 -85.80
C ALA A 4572 35.60 -2.12 -87.20
N ILE A 4573 34.90 -3.10 -87.71
CA ILE A 4573 34.36 -3.01 -89.02
C ILE A 4573 33.86 -1.61 -89.22
N ASN A 4574 33.27 -0.88 -88.33
CA ASN A 4574 32.82 0.46 -88.74
C ASN A 4574 34.00 1.35 -89.16
N PHE A 4575 35.16 1.18 -88.54
CA PHE A 4575 36.34 2.03 -88.82
C PHE A 4575 37.04 1.74 -90.13
N ILE A 4576 37.00 0.49 -90.55
CA ILE A 4576 37.50 0.05 -91.84
C ILE A 4576 36.63 0.65 -92.95
N LEU A 4577 35.34 0.93 -92.71
CA LEU A 4577 34.52 1.68 -93.66
C LEU A 4577 34.95 3.16 -93.81
N LEU A 4578 35.71 3.74 -92.88
CA LEU A 4578 36.21 5.11 -93.06
C LEU A 4578 37.12 5.27 -94.28
N PHE A 4579 37.68 4.19 -94.82
CA PHE A 4579 38.57 4.23 -95.97
C PHE A 4579 37.88 3.96 -97.32
N TYR A 4580 36.54 3.95 -97.37
CA TYR A 4580 35.83 3.95 -98.66
C TYR A 4580 36.08 5.24 -99.45
N LYS A 4581 35.99 5.15 -100.77
CA LYS A 4581 36.20 6.25 -101.73
C LYS A 4581 35.31 6.05 -102.96
N VAL A 4582 35.10 7.08 -103.78
CA VAL A 4582 34.35 6.93 -105.04
C VAL A 4582 35.08 7.58 -106.22
N SER A 4583 35.03 6.94 -107.39
CA SER A 4583 35.66 7.42 -108.62
C SER A 4583 34.78 7.15 -109.84
N ASP A 4584 34.72 8.10 -110.78
CA ASP A 4584 34.03 7.93 -112.06
C ASP A 4584 34.75 6.99 -113.05
N SER A 4585 36.07 6.80 -112.87
CA SER A 4585 36.85 5.79 -113.59
C SER A 4585 37.17 4.60 -112.66
N PRO A 4586 36.75 3.37 -112.98
CA PRO A 4586 36.97 2.19 -112.13
C PRO A 4586 38.45 1.88 -111.83
N PRO A 4587 38.75 1.03 -110.82
CA PRO A 4587 40.10 0.59 -110.47
C PRO A 4587 40.92 0.08 -111.67
N ASN A 4626 29.48 3.92 -114.80
CA ASN A 4626 29.07 4.63 -113.60
C ASN A 4626 30.12 4.54 -112.48
N MET A 4627 30.04 5.44 -111.49
CA MET A 4627 31.03 5.56 -110.43
C MET A 4627 31.11 4.36 -109.49
N VAL A 4628 32.32 3.99 -109.07
CA VAL A 4628 32.61 2.74 -108.33
C VAL A 4628 33.08 3.00 -106.90
N TYR A 4629 32.46 2.35 -105.91
CA TYR A 4629 32.83 2.39 -104.49
C TYR A 4629 34.04 1.49 -104.16
N TYR A 4630 35.18 1.68 -104.81
CA TYR A 4630 36.36 0.88 -104.52
C TYR A 4630 36.97 1.22 -103.15
N PHE A 4631 37.76 0.32 -102.59
CA PHE A 4631 38.34 0.50 -101.27
C PHE A 4631 39.70 1.19 -101.34
N LEU A 4632 39.90 2.31 -100.64
CA LEU A 4632 41.12 3.13 -100.74
C LEU A 4632 42.01 2.93 -99.50
N GLU A 4633 42.52 1.71 -99.32
CA GLU A 4633 43.29 1.32 -98.15
C GLU A 4633 44.56 2.16 -97.92
N GLU A 4634 45.18 1.99 -96.75
CA GLU A 4634 46.46 2.61 -96.37
C GLU A 4634 47.67 2.01 -97.11
N SER A 4635 47.64 2.05 -98.45
CA SER A 4635 48.55 1.45 -99.42
C SER A 4635 48.68 -0.08 -99.40
N THR A 4636 48.83 -0.70 -98.22
CA THR A 4636 48.95 -2.15 -98.08
C THR A 4636 47.63 -2.87 -98.35
N GLY A 4637 47.67 -3.94 -99.14
CA GLY A 4637 46.54 -4.82 -99.41
C GLY A 4637 45.88 -5.56 -98.29
N TYR A 4638 46.18 -5.23 -97.06
CA TYR A 4638 45.64 -5.97 -95.92
C TYR A 4638 44.29 -5.45 -95.37
N MET A 4639 43.40 -4.83 -96.15
CA MET A 4639 42.15 -4.25 -95.60
C MET A 4639 40.94 -4.75 -96.34
N GLU A 4640 40.97 -4.70 -97.67
CA GLU A 4640 39.96 -5.35 -98.49
C GLU A 4640 39.70 -6.81 -98.10
N PRO A 4641 40.67 -7.60 -97.58
CA PRO A 4641 40.29 -8.95 -97.18
C PRO A 4641 39.74 -9.02 -95.77
N ALA A 4642 40.41 -8.44 -94.80
CA ALA A 4642 40.00 -8.46 -93.40
C ALA A 4642 38.59 -7.98 -93.21
N LEU A 4643 38.17 -6.96 -93.96
CA LEU A 4643 36.78 -6.59 -93.95
C LEU A 4643 35.97 -7.79 -94.46
N TRP A 4644 36.54 -8.61 -95.36
CA TRP A 4644 35.77 -9.82 -95.70
C TRP A 4644 35.79 -10.91 -94.63
N CYS A 4645 36.75 -10.91 -93.72
CA CYS A 4645 36.68 -11.91 -92.62
C CYS A 4645 36.13 -11.42 -91.28
N LEU A 4646 35.85 -10.13 -91.13
CA LEU A 4646 35.21 -9.70 -89.87
C LEU A 4646 33.73 -9.48 -90.10
N SER A 4647 33.21 -9.83 -91.25
CA SER A 4647 31.80 -9.78 -91.41
C SER A 4647 31.21 -11.16 -91.02
N LEU A 4648 31.79 -12.22 -91.56
CA LEU A 4648 31.31 -13.52 -91.17
C LEU A 4648 31.39 -13.77 -89.67
N LEU A 4649 32.32 -13.20 -88.95
CA LEU A 4649 32.32 -13.45 -87.53
C LEU A 4649 31.15 -12.67 -87.02
N HIS A 4650 31.11 -11.36 -87.17
CA HIS A 4650 29.91 -10.66 -86.71
C HIS A 4650 28.60 -11.40 -87.01
N THR A 4651 28.56 -12.37 -87.95
CA THR A 4651 27.27 -13.18 -88.00
C THR A 4651 27.27 -14.61 -87.35
N LEU A 4652 28.27 -15.05 -86.58
CA LEU A 4652 28.32 -16.25 -85.76
C LEU A 4652 27.99 -15.96 -84.31
N VAL A 4653 28.68 -14.97 -83.72
CA VAL A 4653 28.40 -14.62 -82.33
C VAL A 4653 27.00 -14.02 -82.20
N ALA A 4654 26.50 -13.39 -83.26
CA ALA A 4654 25.11 -12.95 -83.26
C ALA A 4654 24.16 -14.13 -83.14
N PHE A 4655 24.53 -15.28 -83.72
CA PHE A 4655 23.68 -16.46 -83.59
C PHE A 4655 23.72 -17.01 -82.16
N LEU A 4656 24.88 -16.99 -81.51
CA LEU A 4656 24.95 -17.39 -80.11
C LEU A 4656 24.22 -16.41 -79.20
N MET A 4657 24.11 -15.16 -79.53
CA MET A 4657 23.42 -14.35 -78.58
C MET A 4657 22.00 -14.90 -78.63
N ILE A 4658 21.43 -15.20 -79.78
CA ILE A 4658 20.05 -15.68 -79.78
C ILE A 4658 19.91 -17.07 -79.10
N ILE A 4659 20.64 -18.07 -79.56
CA ILE A 4659 20.58 -19.37 -78.90
C ILE A 4659 20.74 -19.19 -77.39
N GLY A 4660 21.71 -18.37 -76.94
CA GLY A 4660 22.05 -18.26 -75.53
C GLY A 4660 20.93 -17.67 -74.68
N TYR A 4661 20.31 -16.58 -75.11
CA TYR A 4661 19.17 -15.99 -74.41
C TYR A 4661 18.03 -17.00 -74.24
N ASN A 4662 17.80 -17.83 -75.26
CA ASN A 4662 16.72 -18.81 -75.29
C ASN A 4662 16.85 -19.90 -74.21
N CYS A 4663 17.98 -19.99 -73.50
CA CYS A 4663 18.16 -20.96 -72.42
C CYS A 4663 18.57 -20.35 -71.09
N LEU A 4664 19.21 -19.19 -71.07
CA LEU A 4664 19.58 -18.52 -69.82
C LEU A 4664 18.39 -17.78 -69.18
N LYS A 4665 17.55 -17.10 -69.97
CA LYS A 4665 16.60 -16.10 -69.45
C LYS A 4665 15.13 -16.39 -69.77
N VAL A 4666 14.83 -17.11 -70.84
CA VAL A 4666 13.45 -17.47 -71.17
C VAL A 4666 12.74 -18.31 -70.11
N PRO A 4667 13.34 -19.33 -69.47
CA PRO A 4667 12.65 -20.09 -68.43
C PRO A 4667 12.06 -19.23 -67.31
N LEU A 4668 12.71 -18.12 -66.94
CA LEU A 4668 12.21 -17.22 -65.92
C LEU A 4668 10.99 -16.41 -66.41
N VAL A 4669 11.01 -15.86 -67.62
CA VAL A 4669 9.87 -15.07 -68.11
C VAL A 4669 8.62 -15.92 -68.34
N ILE A 4670 8.77 -17.22 -68.58
CA ILE A 4670 7.65 -18.17 -68.56
C ILE A 4670 7.18 -18.42 -67.12
N PHE A 4671 8.07 -18.70 -66.17
CA PHE A 4671 7.69 -18.92 -64.78
C PHE A 4671 6.91 -17.76 -64.21
N LYS A 4672 7.36 -16.52 -64.41
CA LYS A 4672 6.66 -15.32 -63.93
C LYS A 4672 5.22 -15.18 -64.47
N ARG A 4673 4.87 -15.84 -65.57
CA ARG A 4673 3.53 -15.75 -66.19
C ARG A 4673 2.67 -16.97 -65.91
N GLU A 4674 3.24 -18.16 -65.92
CA GLU A 4674 2.53 -19.38 -65.52
C GLU A 4674 2.09 -19.34 -64.05
N LYS A 4675 2.86 -18.66 -63.19
CA LYS A 4675 2.49 -18.35 -61.80
C LYS A 4675 1.20 -17.55 -61.68
N GLU A 4676 0.96 -16.55 -62.53
CA GLU A 4676 -0.20 -15.68 -62.39
C GLU A 4676 -1.51 -16.41 -62.68
N LEU A 4677 -1.57 -17.21 -63.74
CA LEU A 4677 -2.77 -17.96 -64.13
C LEU A 4677 -3.30 -18.79 -62.97
N ALA A 4678 -2.39 -19.50 -62.27
CA ALA A 4678 -2.82 -20.30 -61.13
C ALA A 4678 -3.40 -19.43 -60.03
N ARG A 4679 -2.77 -18.29 -59.75
CA ARG A 4679 -3.19 -17.48 -58.61
C ARG A 4679 -4.45 -16.67 -58.92
N LYS A 4680 -4.68 -16.34 -60.19
CA LYS A 4680 -5.88 -15.61 -60.58
C LYS A 4680 -7.08 -16.52 -60.82
N LEU A 4681 -6.91 -17.83 -60.67
CA LEU A 4681 -7.99 -18.79 -60.74
C LEU A 4681 -8.35 -19.35 -59.37
N GLU A 4682 -7.34 -19.73 -58.58
CA GLU A 4682 -7.60 -20.30 -57.26
C GLU A 4682 -8.31 -19.33 -56.34
N PHE A 4683 -8.02 -18.05 -56.45
CA PHE A 4683 -8.55 -17.06 -55.50
C PHE A 4683 -9.47 -16.02 -56.14
N ASP A 4684 -9.55 -15.95 -57.46
CA ASP A 4684 -10.36 -14.94 -58.11
C ASP A 4684 -11.38 -15.57 -59.05
N GLY A 4685 -11.09 -16.76 -59.55
CA GLY A 4685 -11.97 -17.38 -60.52
C GLY A 4685 -12.07 -16.60 -61.81
N LEU A 4686 -10.93 -16.18 -62.36
CA LEU A 4686 -10.92 -15.30 -63.53
C LEU A 4686 -11.68 -15.92 -64.69
N TYR A 4687 -11.43 -17.20 -64.97
CA TYR A 4687 -12.03 -17.88 -66.11
C TYR A 4687 -13.23 -18.73 -65.72
N ILE A 4688 -13.72 -18.58 -64.49
CA ILE A 4688 -14.89 -19.30 -64.01
C ILE A 4688 -16.04 -18.34 -63.75
N THR A 4689 -15.79 -17.27 -63.01
CA THR A 4689 -16.86 -16.35 -62.60
C THR A 4689 -17.08 -15.25 -63.62
N GLU A 4690 -16.02 -14.56 -64.04
CA GLU A 4690 -16.14 -13.40 -64.91
C GLU A 4690 -15.35 -13.60 -66.21
N GLN A 4691 -15.24 -12.52 -66.99
CA GLN A 4691 -14.43 -12.41 -68.20
C GLN A 4691 -13.25 -11.46 -67.94
N PRO A 4692 -12.07 -11.73 -68.52
CA PRO A 4692 -10.84 -11.11 -68.01
C PRO A 4692 -10.83 -9.60 -68.01
N GLY A 4693 -10.87 -8.98 -69.19
CA GLY A 4693 -11.04 -7.55 -69.30
C GLY A 4693 -11.91 -7.16 -70.47
N ASP A 4694 -12.13 -8.12 -71.37
CA ASP A 4694 -12.91 -7.94 -72.60
C ASP A 4694 -12.18 -6.97 -73.54
N ASP A 4695 -11.04 -6.44 -73.09
CA ASP A 4695 -10.28 -5.49 -73.92
C ASP A 4695 -8.79 -5.79 -73.97
N ASP A 4696 -8.26 -6.42 -72.93
CA ASP A 4696 -6.82 -6.64 -72.86
C ASP A 4696 -6.38 -7.70 -73.88
N VAL A 4697 -5.07 -7.85 -74.00
CA VAL A 4697 -4.46 -8.82 -74.90
C VAL A 4697 -3.79 -9.96 -74.14
N LYS A 4698 -3.09 -9.65 -73.06
CA LYS A 4698 -2.49 -10.70 -72.23
C LYS A 4698 -3.43 -11.13 -71.10
N GLY A 4699 -4.69 -11.34 -71.47
CA GLY A 4699 -5.68 -11.88 -70.56
C GLY A 4699 -6.61 -12.86 -71.25
N GLN A 4700 -6.52 -12.92 -72.58
CA GLN A 4700 -7.32 -13.87 -73.36
C GLN A 4700 -6.48 -14.69 -74.34
N TRP A 4701 -5.29 -14.24 -74.72
CA TRP A 4701 -4.39 -15.11 -75.47
C TRP A 4701 -4.01 -16.34 -74.67
N ASP A 4702 -3.96 -16.21 -73.34
CA ASP A 4702 -3.68 -17.35 -72.46
C ASP A 4702 -4.90 -18.23 -72.21
N ARG A 4703 -6.04 -17.93 -72.83
CA ARG A 4703 -7.15 -18.87 -72.81
C ARG A 4703 -6.87 -20.12 -73.62
N LEU A 4704 -5.75 -20.15 -74.34
CA LEU A 4704 -5.43 -21.26 -75.22
C LEU A 4704 -4.58 -22.34 -74.56
N VAL A 4705 -4.28 -22.22 -73.27
CA VAL A 4705 -3.39 -23.16 -72.61
C VAL A 4705 -4.11 -24.04 -71.59
N LEU A 4706 -5.24 -23.60 -71.04
CA LEU A 4706 -5.87 -24.36 -69.96
C LEU A 4706 -6.31 -25.75 -70.40
N ASN A 4707 -6.65 -25.92 -71.69
CA ASN A 4707 -7.18 -27.20 -72.15
C ASN A 4707 -6.09 -28.26 -72.32
N THR A 4708 -4.82 -27.87 -72.50
CA THR A 4708 -3.82 -28.89 -72.72
C THR A 4708 -3.48 -29.59 -71.42
N PRO A 4709 -3.16 -30.89 -71.48
CA PRO A 4709 -2.78 -31.62 -70.25
C PRO A 4709 -1.31 -31.47 -69.91
N SER A 4710 -0.77 -30.26 -70.01
CA SER A 4710 0.60 -30.00 -69.60
C SER A 4710 0.76 -28.60 -69.01
N PHE A 4711 -0.32 -28.05 -68.44
CA PHE A 4711 -0.28 -26.67 -67.95
C PHE A 4711 0.80 -26.43 -66.92
N PRO A 4712 0.92 -27.22 -65.83
CA PRO A 4712 2.00 -26.90 -64.87
C PRO A 4712 3.36 -27.44 -65.31
N SER A 4713 4.07 -26.76 -66.21
CA SER A 4713 5.37 -27.23 -66.73
C SER A 4713 6.60 -26.70 -65.97
N ASN A 4714 6.53 -25.52 -65.37
CA ASN A 4714 7.67 -24.87 -64.69
C ASN A 4714 7.34 -24.39 -63.27
N TYR A 4715 6.10 -24.02 -62.98
CA TYR A 4715 5.64 -23.39 -61.73
C TYR A 4715 5.67 -24.27 -60.46
N TRP A 4716 6.41 -25.38 -60.43
CA TRP A 4716 6.44 -26.40 -59.35
C TRP A 4716 5.10 -27.10 -59.04
N ASP A 4717 3.98 -26.41 -58.97
CA ASP A 4717 2.68 -26.89 -58.51
C ASP A 4717 1.88 -27.63 -59.60
N LYS A 4718 2.32 -28.85 -59.94
CA LYS A 4718 1.73 -29.77 -60.88
C LYS A 4718 0.46 -30.35 -60.36
N PHE A 4719 -0.43 -29.51 -59.86
CA PHE A 4719 -1.74 -29.96 -59.43
C PHE A 4719 -2.58 -28.72 -59.41
N VAL A 4720 -2.21 -27.74 -60.20
CA VAL A 4720 -2.95 -26.50 -60.21
C VAL A 4720 -4.21 -26.73 -60.98
N LYS A 4721 -4.61 -27.97 -61.08
CA LYS A 4721 -5.78 -28.28 -61.89
C LYS A 4721 -6.80 -29.15 -61.15
N ARG A 4722 -6.40 -29.79 -60.06
CA ARG A 4722 -7.30 -30.64 -59.29
C ARG A 4722 -7.89 -29.92 -58.08
N LYS A 4723 -7.14 -29.05 -57.44
CA LYS A 4723 -7.59 -28.33 -56.26
C LYS A 4723 -8.33 -27.02 -56.58
N VAL A 4724 -8.38 -26.62 -57.85
CA VAL A 4724 -9.38 -25.63 -58.25
C VAL A 4724 -10.71 -26.34 -58.52
N LEU A 4725 -10.65 -27.59 -58.99
CA LEU A 4725 -11.86 -28.37 -59.26
C LEU A 4725 -12.70 -28.54 -58.01
N ASP A 4726 -12.10 -28.47 -56.84
CA ASP A 4726 -12.80 -28.75 -55.59
C ASP A 4726 -13.29 -27.51 -54.87
N LYS A 4727 -12.61 -26.37 -55.02
CA LYS A 4727 -13.08 -25.15 -54.36
C LYS A 4727 -14.37 -24.65 -55.00
N HIS A 4728 -14.30 -24.27 -56.28
CA HIS A 4728 -15.51 -23.86 -56.98
C HIS A 4728 -16.46 -25.05 -57.06
N GLY A 4729 -16.08 -26.07 -57.81
CA GLY A 4729 -16.74 -27.36 -57.72
C GLY A 4729 -18.25 -27.35 -57.83
N ASP A 4730 -18.90 -27.58 -56.68
CA ASP A 4730 -20.34 -27.80 -56.65
C ASP A 4730 -21.12 -26.59 -57.11
N ILE A 4731 -20.71 -25.38 -56.70
CA ILE A 4731 -21.48 -24.18 -57.02
C ILE A 4731 -21.53 -23.95 -58.53
N PHE A 4732 -20.48 -24.33 -59.23
CA PHE A 4732 -20.47 -24.23 -60.68
C PHE A 4732 -20.77 -25.60 -61.27
N GLY A 4733 -20.75 -25.70 -62.59
CA GLY A 4733 -20.97 -26.99 -63.22
C GLY A 4733 -19.84 -27.95 -62.99
N ARG A 4734 -20.04 -28.95 -62.14
CA ARG A 4734 -18.99 -29.94 -61.89
C ARG A 4734 -18.66 -30.72 -63.15
N GLU A 4735 -19.68 -31.05 -63.96
CA GLU A 4735 -19.45 -31.82 -65.17
C GLU A 4735 -18.95 -30.98 -66.33
N ARG A 4736 -18.99 -29.66 -66.24
CA ARG A 4736 -18.52 -28.82 -67.35
C ARG A 4736 -17.15 -28.21 -67.10
N ILE A 4737 -16.77 -27.94 -65.84
CA ILE A 4737 -15.40 -27.55 -65.57
C ILE A 4737 -14.45 -28.73 -65.65
N ALA A 4738 -14.99 -29.94 -65.75
CA ALA A 4738 -14.16 -31.13 -65.93
C ALA A 4738 -13.49 -31.15 -67.30
N GLU A 4739 -13.97 -30.37 -68.26
CA GLU A 4739 -13.33 -30.33 -69.58
C GLU A 4739 -12.84 -28.96 -69.98
N LEU A 4740 -13.43 -27.87 -69.48
CA LEU A 4740 -12.94 -26.56 -69.89
C LEU A 4740 -11.57 -26.26 -69.32
N LEU A 4741 -11.19 -26.90 -68.21
CA LEU A 4741 -9.79 -26.99 -67.81
C LEU A 4741 -9.15 -28.28 -68.30
N GLY A 4742 -9.29 -28.59 -69.59
CA GLY A 4742 -8.78 -29.84 -70.13
C GLY A 4742 -9.08 -31.03 -69.26
N MET A 4743 -8.07 -31.88 -69.05
CA MET A 4743 -8.07 -32.95 -68.05
C MET A 4743 -9.32 -33.82 -68.16
N ASP A 4744 -9.56 -34.38 -69.35
CA ASP A 4744 -10.74 -35.20 -69.61
C ASP A 4744 -10.68 -36.48 -68.78
N LEU A 4745 -11.83 -37.16 -68.72
CA LEU A 4745 -12.06 -38.37 -67.92
C LEU A 4745 -12.00 -38.09 -66.43
N ALA A 4746 -11.97 -36.82 -66.03
CA ALA A 4746 -11.86 -36.48 -64.61
C ALA A 4746 -13.08 -36.97 -63.82
N SER A 4747 -14.28 -36.72 -64.34
CA SER A 4747 -15.49 -37.09 -63.61
C SER A 4747 -15.65 -38.60 -63.52
N LEU A 4748 -15.09 -39.35 -64.47
CA LEU A 4748 -15.17 -40.80 -64.44
C LEU A 4748 -13.94 -41.43 -63.81
N GLU A 4749 -12.76 -41.17 -64.37
CA GLU A 4749 -11.50 -41.75 -63.87
C GLU A 4749 -10.77 -40.74 -62.99
N ILE A 4750 -11.40 -40.39 -61.86
CA ILE A 4750 -10.76 -39.48 -60.91
C ILE A 4750 -9.71 -40.21 -60.10
N THR A 4751 -10.12 -41.25 -59.37
CA THR A 4751 -9.24 -42.05 -58.54
C THR A 4751 -8.66 -43.24 -59.30
N ALA A 4752 -8.60 -43.18 -60.63
CA ALA A 4752 -8.05 -44.28 -61.41
C ALA A 4752 -6.60 -44.55 -61.05
N HIS A 4753 -5.85 -43.52 -60.67
CA HIS A 4753 -4.45 -43.67 -60.25
C HIS A 4753 -4.41 -44.13 -58.80
N ASN A 4754 -4.87 -45.36 -58.59
CA ASN A 4754 -4.92 -45.94 -57.25
C ASN A 4754 -4.22 -47.29 -57.20
N GLU A 4755 -4.23 -48.02 -58.30
CA GLU A 4755 -3.63 -49.36 -58.35
C GLU A 4755 -2.13 -49.30 -58.10
N ARG A 4756 -1.39 -48.66 -59.00
CA ARG A 4756 0.07 -48.59 -58.92
C ARG A 4756 0.54 -47.58 -59.96
N LYS A 4757 1.87 -47.49 -60.13
CA LYS A 4757 2.47 -46.60 -61.11
C LYS A 4757 3.12 -47.43 -62.22
N PRO A 4758 2.74 -47.23 -63.47
CA PRO A 4758 3.32 -48.00 -64.57
C PRO A 4758 4.67 -47.40 -65.00
N ASP A 4759 5.31 -48.09 -65.95
CA ASP A 4759 6.60 -47.65 -66.47
C ASP A 4759 6.45 -47.09 -67.88
N PRO A 4760 7.20 -46.05 -68.23
CA PRO A 4760 7.10 -45.49 -69.57
C PRO A 4760 7.97 -46.25 -70.55
N PRO A 4761 7.56 -46.36 -71.81
CA PRO A 4761 8.35 -47.08 -72.79
C PRO A 4761 9.39 -46.18 -73.45
N PRO A 4762 10.67 -46.55 -73.38
CA PRO A 4762 11.69 -45.77 -74.08
C PRO A 4762 11.58 -45.91 -75.58
N GLY A 4763 12.38 -45.12 -76.28
CA GLY A 4763 12.41 -45.17 -77.73
C GLY A 4763 13.12 -43.97 -78.31
N LEU A 4764 13.01 -43.86 -79.63
CA LEU A 4764 13.62 -42.75 -80.37
C LEU A 4764 12.87 -42.62 -81.69
N LEU A 4765 13.22 -41.57 -82.45
CA LEU A 4765 12.63 -41.29 -83.75
C LEU A 4765 11.13 -41.05 -83.65
N THR A 4766 10.37 -42.07 -83.24
CA THR A 4766 8.93 -41.94 -83.10
C THR A 4766 8.53 -41.01 -81.95
N TRP A 4767 9.47 -40.62 -81.08
CA TRP A 4767 9.14 -39.72 -79.98
C TRP A 4767 8.80 -38.31 -80.45
N LEU A 4768 9.06 -37.98 -81.71
CA LEU A 4768 8.81 -36.63 -82.22
C LEU A 4768 7.33 -36.35 -82.45
N MET A 4769 6.41 -37.24 -82.07
CA MET A 4769 4.98 -36.93 -82.11
C MET A 4769 4.41 -36.54 -80.76
N SER A 4770 5.10 -36.87 -79.67
CA SER A 4770 4.66 -36.51 -78.32
C SER A 4770 4.94 -35.03 -78.05
N ILE A 4771 4.35 -34.19 -78.87
CA ILE A 4771 4.47 -32.74 -78.75
C ILE A 4771 3.07 -32.16 -78.58
N ASP A 4772 2.82 -31.57 -77.42
CA ASP A 4772 1.55 -30.91 -77.16
C ASP A 4772 1.47 -29.58 -77.91
N VAL A 4773 1.38 -29.67 -79.23
CA VAL A 4773 1.54 -28.55 -80.15
C VAL A 4773 0.75 -27.31 -79.70
N LYS A 4774 -0.42 -27.53 -79.08
CA LYS A 4774 -1.24 -26.39 -78.65
C LYS A 4774 -0.53 -25.58 -77.57
N TYR A 4775 0.15 -26.21 -76.61
CA TYR A 4775 0.90 -25.47 -75.60
C TYR A 4775 2.06 -24.72 -76.24
N GLN A 4776 2.72 -25.28 -77.25
CA GLN A 4776 3.85 -24.57 -77.85
C GLN A 4776 3.43 -23.26 -78.50
N ILE A 4777 2.25 -23.24 -79.15
CA ILE A 4777 1.78 -22.01 -79.77
C ILE A 4777 1.63 -20.91 -78.73
N TRP A 4778 1.13 -21.26 -77.54
CA TRP A 4778 0.93 -20.29 -76.47
C TRP A 4778 2.27 -19.71 -76.03
N LYS A 4779 3.26 -20.53 -75.64
CA LYS A 4779 4.55 -19.97 -75.22
C LYS A 4779 5.24 -19.27 -76.38
N PHE A 4780 5.10 -19.77 -77.60
CA PHE A 4780 5.69 -19.12 -78.76
C PHE A 4780 4.87 -17.93 -79.23
N GLY A 4781 3.94 -17.46 -78.39
CA GLY A 4781 3.21 -16.24 -78.65
C GLY A 4781 3.42 -15.27 -77.52
N VAL A 4782 4.14 -15.70 -76.47
CA VAL A 4782 4.50 -14.92 -75.27
C VAL A 4782 5.92 -14.39 -75.43
N ILE A 4783 6.90 -15.22 -75.79
CA ILE A 4783 8.28 -14.75 -75.91
C ILE A 4783 8.45 -13.67 -77.00
N PHE A 4784 7.65 -13.70 -78.06
CA PHE A 4784 7.67 -12.70 -79.13
C PHE A 4784 7.03 -11.38 -78.72
N THR A 4785 6.61 -11.25 -77.46
CA THR A 4785 6.11 -9.98 -76.95
C THR A 4785 7.07 -9.32 -75.97
N ASP A 4786 8.06 -10.04 -75.46
CA ASP A 4786 9.07 -9.56 -74.52
C ASP A 4786 9.97 -8.52 -75.19
N ASN A 4787 10.22 -7.37 -74.59
CA ASN A 4787 11.04 -6.33 -75.21
C ASN A 4787 12.46 -6.82 -75.48
N SER A 4788 12.99 -7.81 -74.75
CA SER A 4788 14.33 -8.39 -74.99
C SER A 4788 14.49 -9.17 -76.31
N PHE A 4789 13.59 -10.07 -76.71
CA PHE A 4789 13.81 -10.98 -77.84
C PHE A 4789 13.27 -10.26 -78.99
N LEU A 4790 13.47 -8.97 -79.04
CA LEU A 4790 13.09 -8.27 -80.22
C LEU A 4790 14.05 -7.16 -80.32
N TYR A 4791 15.08 -7.16 -79.48
CA TYR A 4791 16.15 -6.20 -79.64
C TYR A 4791 17.12 -7.21 -79.93
N SER A 4792 16.90 -8.49 -79.76
CA SER A 4792 17.90 -9.44 -80.23
C SER A 4792 17.60 -9.84 -81.63
N GLY A 4793 16.37 -9.73 -82.07
CA GLY A 4793 16.06 -10.00 -83.45
C GLY A 4793 16.64 -8.96 -84.38
N TRP A 4794 16.55 -7.70 -84.01
CA TRP A 4794 17.02 -6.65 -84.87
C TRP A 4794 18.48 -6.58 -84.76
N TYR A 4795 19.16 -7.57 -84.24
CA TYR A 4795 20.62 -7.49 -84.34
C TYR A 4795 20.83 -8.41 -85.46
N MET A 4796 20.19 -9.55 -85.44
CA MET A 4796 20.42 -10.53 -86.46
C MET A 4796 20.02 -10.02 -87.81
N VAL A 4797 18.89 -9.38 -88.00
CA VAL A 4797 18.57 -8.99 -89.36
C VAL A 4797 19.22 -7.71 -89.86
N MET A 4798 20.17 -7.17 -89.10
CA MET A 4798 20.92 -6.04 -89.58
C MET A 4798 22.14 -6.69 -90.11
N SER A 4799 22.67 -7.72 -89.48
CA SER A 4799 23.91 -8.29 -89.97
C SER A 4799 23.78 -9.11 -91.27
N LEU A 4800 22.73 -9.86 -91.35
CA LEU A 4800 22.53 -10.61 -92.55
C LEU A 4800 22.34 -9.61 -93.65
N LEU A 4801 21.76 -8.46 -93.37
CA LEU A 4801 21.47 -7.49 -94.41
C LEU A 4801 22.79 -6.84 -94.79
N GLY A 4802 23.60 -6.53 -93.82
CA GLY A 4802 24.91 -5.99 -94.06
C GLY A 4802 25.61 -6.85 -95.02
N HIS A 4803 25.41 -8.15 -94.97
CA HIS A 4803 26.07 -8.93 -96.04
C HIS A 4803 25.63 -8.50 -97.43
N TYR A 4804 24.71 -7.55 -97.55
CA TYR A 4804 24.29 -7.00 -98.86
C TYR A 4804 24.77 -5.57 -99.25
N ASN A 4805 25.22 -4.74 -98.33
CA ASN A 4805 25.70 -3.41 -98.70
C ASN A 4805 26.89 -2.97 -97.85
N ASN A 4806 27.35 -3.86 -96.97
CA ASN A 4806 28.34 -3.61 -95.94
C ASN A 4806 28.37 -2.29 -95.28
N PHE A 4807 27.33 -1.45 -95.34
CA PHE A 4807 27.24 -0.18 -94.63
C PHE A 4807 26.19 -0.29 -93.53
N PHE A 4808 25.36 -1.35 -93.56
CA PHE A 4808 24.32 -1.50 -92.61
C PHE A 4808 24.93 -1.99 -91.36
N PHE A 4809 26.24 -2.15 -91.35
CA PHE A 4809 26.89 -2.64 -90.17
C PHE A 4809 27.10 -1.45 -89.27
N ALA A 4810 26.77 -0.21 -89.68
CA ALA A 4810 26.73 1.02 -88.85
C ALA A 4810 25.79 1.04 -87.62
N ALA A 4811 24.69 0.30 -87.61
CA ALA A 4811 23.70 0.33 -86.55
C ALA A 4811 24.21 -0.16 -85.18
N HIS A 4812 25.39 -0.73 -85.13
CA HIS A 4812 25.89 -1.27 -83.87
C HIS A 4812 26.75 -0.24 -83.17
N LEU A 4813 27.25 0.69 -83.93
CA LEU A 4813 27.92 1.74 -83.24
C LEU A 4813 26.81 2.22 -82.29
N LEU A 4814 25.56 1.91 -82.58
CA LEU A 4814 24.43 2.43 -81.77
C LEU A 4814 23.90 1.51 -80.71
N ASP A 4815 24.76 0.70 -80.15
CA ASP A 4815 24.31 -0.12 -79.05
C ASP A 4815 25.13 0.33 -77.90
N ILE A 4816 26.25 0.96 -78.18
CA ILE A 4816 27.02 1.54 -77.12
C ILE A 4816 26.04 2.13 -76.15
N ALA A 4817 25.21 3.03 -76.61
CA ALA A 4817 24.24 3.68 -75.76
C ALA A 4817 23.17 2.72 -75.41
N MET A 4818 23.52 1.67 -74.75
CA MET A 4818 22.56 0.68 -74.34
C MET A 4818 23.37 -0.24 -73.44
N GLU A 4819 24.67 0.03 -73.32
CA GLU A 4819 25.53 -0.73 -72.43
C GLU A 4819 26.09 0.30 -71.48
N VAL A 4820 27.38 0.55 -71.51
CA VAL A 4820 27.99 1.55 -70.65
C VAL A 4820 27.08 2.03 -69.51
N LYS A 4821 27.01 1.33 -68.40
CA LYS A 4821 26.06 1.68 -67.33
C LYS A 4821 25.77 3.16 -67.23
N THR A 4822 26.79 4.01 -67.40
CA THR A 4822 26.58 5.45 -67.29
C THR A 4822 25.63 5.96 -68.38
N LEU A 4823 25.87 5.54 -69.63
CA LEU A 4823 25.09 6.08 -70.74
C LEU A 4823 23.61 5.75 -70.62
N ARG A 4824 23.29 4.72 -69.90
CA ARG A 4824 21.93 4.45 -69.83
C ARG A 4824 21.42 5.54 -68.97
N THR A 4825 22.04 5.90 -67.88
CA THR A 4825 21.42 6.94 -67.01
C THR A 4825 20.97 8.26 -67.70
N ILE A 4826 21.86 8.81 -68.55
CA ILE A 4826 21.69 10.08 -69.26
C ILE A 4826 20.49 9.99 -70.16
N LEU A 4827 20.42 8.90 -70.91
CA LEU A 4827 19.42 8.72 -71.91
C LEU A 4827 18.15 8.46 -71.19
N SER A 4828 18.20 7.77 -70.08
CA SER A 4828 17.01 7.53 -69.27
C SER A 4828 16.41 8.82 -68.88
N SER A 4829 17.21 9.80 -68.43
CA SER A 4829 16.76 11.14 -68.06
C SER A 4829 16.07 11.86 -69.22
N VAL A 4830 16.59 11.76 -70.44
CA VAL A 4830 15.91 12.29 -71.64
C VAL A 4830 14.57 11.60 -71.86
N THR A 4831 14.51 10.26 -71.93
CA THR A 4831 13.28 9.56 -72.28
C THR A 4831 12.22 9.66 -71.26
N HIS A 4832 12.54 9.70 -69.96
CA HIS A 4832 11.57 9.84 -68.86
C HIS A 4832 10.56 11.00 -68.99
N ASN A 4833 10.99 12.23 -69.27
CA ASN A 4833 10.10 13.32 -69.69
C ASN A 4833 9.90 13.27 -71.22
N GLY A 4834 9.04 12.40 -71.77
CA GLY A 4834 9.05 12.15 -73.19
C GLY A 4834 7.75 12.38 -73.89
N LYS A 4835 6.66 12.49 -73.14
CA LYS A 4835 5.41 12.85 -73.74
C LYS A 4835 5.45 14.34 -73.68
N GLN A 4836 5.76 14.94 -72.54
CA GLN A 4836 5.95 16.39 -72.42
C GLN A 4836 6.91 16.97 -73.48
N LEU A 4837 7.93 16.23 -73.94
CA LEU A 4837 8.71 16.59 -75.13
C LEU A 4837 7.95 16.44 -76.46
N VAL A 4838 7.28 15.32 -76.76
CA VAL A 4838 6.61 15.21 -78.06
C VAL A 4838 5.48 16.24 -78.16
N MET A 4839 4.65 16.41 -77.15
CA MET A 4839 3.56 17.35 -77.31
C MET A 4839 3.99 18.81 -77.36
N THR A 4840 5.14 19.17 -76.79
CA THR A 4840 5.65 20.54 -76.93
C THR A 4840 6.27 20.78 -78.31
N VAL A 4841 6.85 19.76 -78.97
CA VAL A 4841 7.22 19.94 -80.38
C VAL A 4841 5.92 20.08 -81.12
N GLY A 4842 4.86 19.45 -80.64
CA GLY A 4842 3.58 19.63 -81.28
C GLY A 4842 3.19 21.08 -81.23
N LEU A 4843 2.79 21.58 -80.06
CA LEU A 4843 2.49 23.00 -79.91
C LEU A 4843 3.28 23.86 -80.80
N LEU A 4844 4.49 23.48 -81.18
CA LEU A 4844 5.12 24.34 -82.20
C LEU A 4844 4.31 24.23 -83.48
N ALA A 4845 4.45 23.22 -84.29
CA ALA A 4845 3.75 23.10 -85.57
C ALA A 4845 2.55 24.03 -85.66
N VAL A 4846 1.74 24.15 -84.61
CA VAL A 4846 0.52 24.99 -84.64
C VAL A 4846 0.78 26.48 -84.49
N VAL A 4847 1.82 26.83 -83.75
CA VAL A 4847 2.10 28.27 -83.59
C VAL A 4847 2.55 28.87 -84.92
N VAL A 4848 3.43 28.18 -85.62
CA VAL A 4848 3.91 28.59 -86.94
C VAL A 4848 2.84 28.44 -88.00
N TYR A 4849 1.81 27.64 -87.79
CA TYR A 4849 0.62 27.69 -88.63
C TYR A 4849 -0.11 29.03 -88.48
N LEU A 4850 -0.35 29.57 -87.27
CA LEU A 4850 -0.94 30.91 -87.12
C LEU A 4850 -0.07 31.99 -87.78
N TYR A 4851 1.26 31.95 -87.65
CA TYR A 4851 2.12 32.89 -88.37
C TYR A 4851 2.03 32.72 -89.90
N THR A 4852 1.83 31.50 -90.40
CA THR A 4852 1.68 31.25 -91.85
C THR A 4852 0.38 31.83 -92.38
N VAL A 4853 -0.75 31.61 -91.71
CA VAL A 4853 -2.04 32.14 -92.13
C VAL A 4853 -2.04 33.66 -92.18
N VAL A 4854 -1.38 34.34 -91.23
CA VAL A 4854 -1.21 35.79 -91.29
C VAL A 4854 -0.31 36.21 -92.45
N ALA A 4855 0.84 35.58 -92.65
CA ALA A 4855 1.74 35.96 -93.73
C ALA A 4855 1.06 35.88 -95.11
N PHE A 4856 0.36 34.78 -95.39
CA PHE A 4856 -0.32 34.57 -96.67
C PHE A 4856 -1.42 35.60 -96.95
N ASN A 4857 -2.13 36.05 -95.92
CA ASN A 4857 -3.25 37.00 -96.06
C ASN A 4857 -2.83 38.48 -96.10
N PHE A 4858 -1.56 38.83 -95.87
CA PHE A 4858 -1.15 40.23 -95.76
C PHE A 4858 0.21 40.56 -96.40
N PHE A 4859 1.25 39.80 -96.08
CA PHE A 4859 2.64 40.23 -96.25
C PHE A 4859 3.37 39.64 -97.46
N ARG A 4860 2.69 38.88 -98.33
CA ARG A 4860 3.37 38.07 -99.36
C ARG A 4860 4.27 38.84 -100.33
N LYS A 4861 4.09 40.14 -100.53
CA LYS A 4861 4.99 40.98 -101.34
C LYS A 4861 6.42 41.11 -100.79
N PHE A 4862 6.66 40.82 -99.50
CA PHE A 4862 7.99 40.89 -98.89
C PHE A 4862 8.86 39.63 -99.09
N TYR A 4863 8.25 38.50 -99.46
CA TYR A 4863 8.98 37.26 -99.74
C TYR A 4863 9.55 37.30 -101.16
N ASN A 4864 10.75 36.75 -101.38
CA ASN A 4864 11.43 36.78 -102.67
C ASN A 4864 12.55 35.72 -102.71
N LYS A 4865 13.07 35.41 -103.90
CA LYS A 4865 14.05 34.35 -104.10
C LYS A 4865 15.17 34.65 -105.11
N SER A 4866 15.12 35.76 -105.87
CA SER A 4866 16.12 36.05 -106.90
C SER A 4866 16.26 37.55 -107.19
N GLU A 4867 17.46 37.97 -107.60
CA GLU A 4867 17.74 39.29 -108.15
C GLU A 4867 17.61 39.38 -109.68
N ASP A 4868 17.33 38.26 -110.37
CA ASP A 4868 17.39 38.15 -111.84
C ASP A 4868 16.23 38.79 -112.63
N GLU A 4869 15.43 39.67 -112.01
CA GLU A 4869 14.21 40.25 -112.58
C GLU A 4869 13.14 39.22 -112.99
N ASP A 4870 12.01 39.69 -113.51
CA ASP A 4870 10.80 38.89 -113.79
C ASP A 4870 10.10 38.25 -112.57
N GLU A 4871 10.56 38.53 -111.35
CA GLU A 4871 9.98 38.08 -110.08
C GLU A 4871 9.67 36.57 -109.93
N PRO A 4872 10.58 35.64 -110.28
CA PRO A 4872 10.35 34.21 -110.11
C PRO A 4872 10.42 33.78 -108.63
N ASP A 4873 9.87 32.61 -108.32
CA ASP A 4873 9.95 31.96 -107.01
C ASP A 4873 9.40 32.77 -105.83
N MET A 4874 8.28 33.48 -105.99
CA MET A 4874 7.58 34.13 -104.88
C MET A 4874 7.03 33.07 -103.91
N LYS A 4875 7.63 32.93 -102.73
CA LYS A 4875 7.46 31.75 -101.85
C LYS A 4875 6.10 31.63 -101.16
N CYS A 4876 5.19 32.56 -101.41
CA CYS A 4876 3.84 32.57 -100.86
C CYS A 4876 2.72 32.40 -101.89
N ASP A 4877 3.02 32.16 -103.17
CA ASP A 4877 1.98 31.98 -104.20
C ASP A 4877 1.06 30.78 -103.93
N ASP A 4878 1.45 29.86 -103.06
CA ASP A 4878 0.60 28.81 -102.54
C ASP A 4878 0.79 28.63 -101.04
N MET A 4879 -0.29 28.34 -100.31
CA MET A 4879 -0.18 27.66 -99.01
C MET A 4879 0.47 26.28 -99.20
N MET A 4880 0.92 25.66 -98.11
CA MET A 4880 1.76 24.45 -98.10
C MET A 4880 3.16 24.61 -98.70
N THR A 4881 3.36 25.45 -99.73
CA THR A 4881 4.69 25.96 -100.09
C THR A 4881 5.15 26.98 -99.05
N CYS A 4882 4.29 27.91 -98.66
CA CYS A 4882 4.60 28.93 -97.65
C CYS A 4882 4.90 28.33 -96.27
N TYR A 4883 4.17 27.27 -95.88
CA TYR A 4883 4.38 26.57 -94.61
C TYR A 4883 5.71 25.81 -94.54
N LEU A 4884 6.49 25.75 -95.63
CA LEU A 4884 7.76 25.04 -95.68
C LEU A 4884 8.80 26.05 -96.09
N PHE A 4885 8.65 27.26 -95.60
CA PHE A 4885 9.68 28.27 -95.59
C PHE A 4885 9.84 28.62 -94.12
N HIS A 4886 8.72 28.81 -93.44
CA HIS A 4886 8.61 28.82 -91.99
C HIS A 4886 9.11 27.57 -91.24
N MET A 4887 9.64 26.45 -91.83
CA MET A 4887 10.33 25.52 -90.95
C MET A 4887 11.78 25.26 -91.35
N TYR A 4888 12.08 25.21 -92.65
CA TYR A 4888 13.46 24.98 -93.05
C TYR A 4888 14.30 26.24 -92.86
N VAL A 4889 13.73 27.42 -93.15
CA VAL A 4889 14.42 28.69 -92.99
C VAL A 4889 13.65 29.55 -91.97
N GLY A 4890 12.75 28.93 -91.22
CA GLY A 4890 11.86 29.58 -90.28
C GLY A 4890 12.40 29.45 -88.87
N VAL A 4891 11.88 28.48 -88.12
CA VAL A 4891 12.29 28.22 -86.74
C VAL A 4891 13.80 28.05 -86.64
N ARG A 4892 14.45 27.74 -87.78
CA ARG A 4892 15.89 27.64 -87.84
C ARG A 4892 16.52 29.02 -87.68
N ALA A 4893 17.84 29.07 -87.84
CA ALA A 4893 18.62 30.29 -87.62
C ALA A 4893 18.45 30.77 -86.18
N GLY A 4894 18.79 32.02 -85.91
CA GLY A 4894 18.72 32.52 -84.55
C GLY A 4894 18.20 33.93 -84.43
N GLY A 4895 17.56 34.40 -85.51
CA GLY A 4895 16.92 35.70 -85.51
C GLY A 4895 15.44 35.71 -85.96
N GLY A 4896 15.03 34.90 -86.90
CA GLY A 4896 13.64 34.87 -87.25
C GLY A 4896 13.33 35.29 -88.65
N ILE A 4897 12.17 34.93 -89.18
CA ILE A 4897 11.79 35.34 -90.49
C ILE A 4897 11.83 36.76 -90.26
N GLY A 4898 12.95 37.35 -90.62
CA GLY A 4898 13.13 38.75 -90.43
C GLY A 4898 14.45 38.79 -91.09
N ASP A 4899 15.12 37.65 -91.08
CA ASP A 4899 16.39 37.55 -91.77
C ASP A 4899 16.20 36.59 -92.90
N GLU A 4900 15.39 36.96 -93.88
CA GLU A 4900 15.09 36.11 -95.00
C GLU A 4900 13.75 36.55 -95.55
N ILE A 4901 13.56 37.84 -95.74
CA ILE A 4901 12.27 38.32 -96.16
C ILE A 4901 12.38 39.80 -96.34
N GLU A 4902 13.26 40.28 -97.20
CA GLU A 4902 13.46 41.73 -97.48
C GLU A 4902 13.31 42.69 -96.31
N ASP A 4903 13.48 43.98 -96.55
CA ASP A 4903 13.47 44.92 -95.43
C ASP A 4903 12.30 45.84 -95.52
N PRO A 4904 11.92 46.38 -94.37
CA PRO A 4904 10.67 47.15 -94.54
C PRO A 4904 10.77 48.56 -93.96
N ALA A 4905 11.62 49.37 -94.58
CA ALA A 4905 11.87 50.76 -94.22
C ALA A 4905 10.97 51.75 -94.97
N GLY A 4906 10.45 51.40 -96.16
CA GLY A 4906 9.75 52.32 -97.03
C GLY A 4906 8.27 52.44 -96.74
N ASP A 4907 7.94 52.61 -95.48
CA ASP A 4907 6.56 52.83 -95.14
C ASP A 4907 5.55 51.87 -95.68
N GLU A 4908 4.28 52.20 -95.45
CA GLU A 4908 3.21 51.36 -95.88
C GLU A 4908 3.42 50.04 -95.23
N TYR A 4909 2.66 49.75 -94.15
CA TYR A 4909 2.80 48.53 -93.36
C TYR A 4909 4.26 48.34 -92.90
N GLU A 4910 4.79 49.25 -92.07
CA GLU A 4910 6.13 49.13 -91.61
C GLU A 4910 5.96 48.69 -90.25
N LEU A 4911 5.34 49.50 -89.44
CA LEU A 4911 5.24 49.15 -88.06
C LEU A 4911 4.30 48.00 -87.92
N TYR A 4912 3.78 47.36 -88.98
CA TYR A 4912 3.12 46.06 -88.90
C TYR A 4912 4.12 44.91 -89.11
N ARG A 4913 5.24 45.14 -89.81
CA ARG A 4913 6.37 44.20 -89.89
C ARG A 4913 7.18 44.14 -88.60
N VAL A 4914 7.54 45.26 -87.96
CA VAL A 4914 8.38 45.16 -86.77
C VAL A 4914 7.63 44.50 -85.62
N VAL A 4915 6.34 44.83 -85.46
CA VAL A 4915 5.55 44.18 -84.42
C VAL A 4915 5.35 42.71 -84.75
N PHE A 4916 5.24 42.32 -86.03
CA PHE A 4916 5.10 40.92 -86.43
C PHE A 4916 6.39 40.13 -86.21
N ASP A 4917 7.56 40.77 -86.24
CA ASP A 4917 8.79 40.03 -86.06
C ASP A 4917 9.16 39.87 -84.59
N ILE A 4918 9.06 40.96 -83.82
CA ILE A 4918 9.46 40.91 -82.41
C ILE A 4918 8.60 39.90 -81.64
N THR A 4919 7.28 39.94 -81.85
CA THR A 4919 6.43 38.99 -81.15
C THR A 4919 6.71 37.56 -81.58
N PHE A 4920 7.17 37.37 -82.82
CA PHE A 4920 7.58 36.03 -83.25
C PHE A 4920 8.82 35.58 -82.51
N PHE A 4921 9.80 36.47 -82.37
CA PHE A 4921 11.09 36.09 -81.79
C PHE A 4921 10.93 35.63 -80.35
N PHE A 4922 10.10 36.33 -79.57
CA PHE A 4922 9.92 35.95 -78.17
C PHE A 4922 9.08 34.69 -78.04
N PHE A 4923 8.06 34.54 -78.88
CA PHE A 4923 7.07 33.48 -78.68
C PHE A 4923 7.48 32.13 -79.22
N VAL A 4924 8.61 32.01 -79.94
CA VAL A 4924 9.08 30.69 -80.35
C VAL A 4924 10.53 30.48 -79.95
N ILE A 4925 11.41 31.42 -80.31
CA ILE A 4925 12.83 31.25 -80.04
C ILE A 4925 13.11 31.34 -78.55
N VAL A 4926 12.67 32.40 -77.89
CA VAL A 4926 13.05 32.61 -76.48
C VAL A 4926 12.26 31.69 -75.54
N ILE A 4927 10.95 31.50 -75.76
CA ILE A 4927 10.15 30.62 -74.89
C ILE A 4927 10.20 29.14 -75.32
N LEU A 4928 9.74 28.75 -76.50
CA LEU A 4928 9.60 27.31 -76.82
C LEU A 4928 10.93 26.55 -76.84
N LEU A 4929 12.01 27.13 -77.38
CA LEU A 4929 13.35 26.54 -77.26
C LEU A 4929 14.00 26.72 -75.88
N ALA A 4930 13.34 27.40 -74.92
CA ALA A 4930 13.68 27.29 -73.49
C ALA A 4930 12.87 26.19 -72.79
N ILE A 4931 11.60 25.98 -73.11
CA ILE A 4931 10.82 24.85 -72.55
C ILE A 4931 11.44 23.50 -72.95
N ILE A 4932 11.81 23.29 -74.21
CA ILE A 4932 12.40 22.02 -74.68
C ILE A 4932 13.75 21.72 -74.00
N GLN A 4933 14.42 22.72 -73.46
CA GLN A 4933 15.62 22.55 -72.65
C GLN A 4933 15.30 22.46 -71.15
N GLY A 4934 14.28 23.14 -70.64
CA GLY A 4934 13.85 23.05 -69.24
C GLY A 4934 13.35 21.66 -68.84
N LEU A 4935 12.63 20.97 -69.72
CA LEU A 4935 12.19 19.59 -69.48
C LEU A 4935 13.34 18.59 -69.39
N ILE A 4936 14.51 18.90 -69.96
CA ILE A 4936 15.72 18.09 -69.82
C ILE A 4936 16.46 18.42 -68.53
N ILE A 4937 16.74 19.71 -68.26
CA ILE A 4937 17.50 20.14 -67.08
C ILE A 4937 16.79 19.77 -65.77
N ASP A 4938 15.46 19.78 -65.77
CA ASP A 4938 14.69 19.34 -64.62
C ASP A 4938 14.69 17.81 -64.41
N ALA A 4939 14.78 17.00 -65.48
CA ALA A 4939 14.70 15.55 -65.34
C ALA A 4939 15.88 14.97 -64.55
N PHE A 4940 17.09 15.52 -64.70
CA PHE A 4940 18.24 15.11 -63.89
C PHE A 4940 17.99 15.35 -62.40
N GLY A 4941 17.29 16.42 -62.03
CA GLY A 4941 16.90 16.68 -60.65
C GLY A 4941 15.97 15.61 -60.08
N GLU A 4942 14.91 15.24 -60.78
CA GLU A 4942 14.00 14.19 -60.32
C GLU A 4942 14.70 12.82 -60.25
N LEU A 4943 15.51 12.44 -61.25
CA LEU A 4943 16.16 11.13 -61.24
C LEU A 4943 17.26 11.03 -60.20
N ARG A 4944 17.95 12.12 -59.84
CA ARG A 4944 18.92 12.16 -58.73
C ARG A 4944 18.25 12.34 -57.38
N ASP A 4945 17.01 12.80 -57.34
CA ASP A 4945 16.23 12.78 -56.14
C ASP A 4945 15.82 11.32 -55.94
N GLN A 4946 14.88 10.83 -56.71
CA GLN A 4946 14.47 9.44 -56.61
C GLN A 4946 15.61 8.50 -56.30
N GLN A 4947 16.86 8.88 -56.48
CA GLN A 4947 17.96 8.03 -56.09
C GLN A 4947 18.58 8.57 -54.85
N GLU A 4948 17.81 9.24 -54.01
CA GLU A 4948 18.32 9.71 -52.75
C GLU A 4948 17.17 9.71 -51.83
N GLN A 4949 16.27 8.78 -52.03
CA GLN A 4949 15.21 8.62 -51.09
C GLN A 4949 15.59 7.24 -50.65
N VAL A 4950 15.77 6.32 -51.57
CA VAL A 4950 16.21 5.01 -51.18
C VAL A 4950 17.36 5.14 -50.18
N LYS A 4951 18.54 5.59 -50.58
CA LYS A 4951 19.71 5.71 -49.73
C LYS A 4951 19.45 6.61 -48.56
N GLU A 4952 18.22 6.77 -48.18
CA GLU A 4952 17.95 7.53 -46.99
C GLU A 4952 16.64 7.06 -46.46
N ASP A 4953 16.28 5.84 -46.80
CA ASP A 4953 15.09 5.25 -46.22
C ASP A 4953 15.41 3.80 -46.18
N MET A 4954 16.67 3.48 -46.27
CA MET A 4954 17.07 2.13 -46.14
C MET A 4954 18.31 2.42 -45.36
N GLU A 4955 18.20 3.30 -44.39
CA GLU A 4955 19.32 3.61 -43.53
C GLU A 4955 18.72 4.49 -42.48
N THR A 4956 17.41 4.41 -42.32
CA THR A 4956 16.71 5.17 -41.29
C THR A 4956 15.42 4.46 -41.01
N LYS A 4957 15.38 3.15 -41.20
CA LYS A 4957 14.20 2.34 -41.00
C LYS A 4957 14.50 0.90 -41.24
N CYS A 4958 13.59 0.03 -40.90
CA CYS A 4958 13.79 -1.37 -41.19
C CYS A 4958 13.11 -1.65 -42.49
N PHE A 4959 13.03 -2.91 -42.86
CA PHE A 4959 12.34 -3.26 -44.06
C PHE A 4959 11.40 -4.39 -43.77
N ILE A 4960 11.37 -4.90 -42.56
CA ILE A 4960 10.39 -5.92 -42.28
C ILE A 4960 9.40 -5.31 -41.33
N CYS A 4961 9.86 -4.75 -40.22
CA CYS A 4961 8.94 -4.07 -39.33
C CYS A 4961 8.60 -2.72 -39.91
N GLY A 4962 9.14 -1.65 -39.37
CA GLY A 4962 8.91 -0.32 -39.90
C GLY A 4962 9.36 0.68 -38.88
N ILE A 4963 10.16 0.25 -37.92
CA ILE A 4963 10.60 1.13 -36.85
C ILE A 4963 11.74 2.00 -37.29
N GLY A 4964 12.13 2.96 -36.47
CA GLY A 4964 13.13 3.91 -36.89
C GLY A 4964 14.54 3.56 -36.53
N SER A 4965 15.47 4.43 -36.88
CA SER A 4965 16.82 4.18 -36.52
C SER A 4965 16.93 4.62 -35.12
N ASP A 4966 16.02 5.48 -34.69
CA ASP A 4966 16.08 6.01 -33.33
C ASP A 4966 15.94 4.94 -32.29
N TYR A 4967 14.73 4.69 -31.83
CA TYR A 4967 14.51 3.72 -30.78
C TYR A 4967 15.67 2.77 -30.62
N PHE A 4968 16.07 2.11 -31.69
CA PHE A 4968 17.12 1.09 -31.65
C PHE A 4968 18.51 1.67 -31.42
N ASP A 4969 18.61 2.90 -30.91
CA ASP A 4969 19.90 3.49 -30.59
C ASP A 4969 19.98 3.91 -29.13
N THR A 4970 19.34 3.14 -28.24
CA THR A 4970 19.42 3.39 -26.80
C THR A 4970 20.65 2.73 -26.19
N THR A 4971 21.35 1.88 -26.93
CA THR A 4971 22.49 1.12 -26.45
C THR A 4971 23.65 1.30 -27.43
N PRO A 4972 24.83 0.71 -27.19
CA PRO A 4972 25.82 0.62 -28.27
C PRO A 4972 25.21 0.00 -29.52
N HIS A 4973 25.89 0.08 -30.66
CA HIS A 4973 25.22 0.03 -31.96
C HIS A 4973 24.15 -1.05 -32.00
N GLY A 4974 22.90 -0.61 -32.08
CA GLY A 4974 21.77 -1.52 -32.01
C GLY A 4974 21.07 -1.68 -33.34
N PHE A 4975 20.93 -0.56 -34.07
CA PHE A 4975 20.36 -0.66 -35.40
C PHE A 4975 21.25 -1.48 -36.32
N GLU A 4976 22.56 -1.42 -36.13
CA GLU A 4976 23.46 -2.31 -36.85
C GLU A 4976 23.27 -3.74 -36.36
N THR A 4977 22.78 -3.91 -35.13
CA THR A 4977 22.41 -5.28 -34.68
C THR A 4977 21.02 -5.65 -35.21
N HIS A 4978 19.97 -4.90 -34.88
CA HIS A 4978 18.61 -5.31 -35.34
C HIS A 4978 18.65 -5.75 -36.79
N THR A 4979 19.57 -5.27 -37.62
CA THR A 4979 19.56 -5.86 -38.94
C THR A 4979 20.84 -6.61 -39.27
N LEU A 4980 21.30 -7.42 -38.31
CA LEU A 4980 22.31 -8.43 -38.59
C LEU A 4980 22.06 -9.78 -37.92
N GLU A 4981 21.32 -9.84 -36.82
CA GLU A 4981 20.95 -11.07 -36.13
C GLU A 4981 19.44 -11.17 -35.92
N GLU A 4982 18.77 -10.07 -35.69
CA GLU A 4982 17.34 -10.16 -35.61
C GLU A 4982 16.88 -10.08 -37.05
N HIS A 4983 15.84 -9.31 -37.35
CA HIS A 4983 15.39 -9.15 -38.70
C HIS A 4983 16.60 -9.02 -39.61
N ASN A 4984 16.53 -9.52 -40.83
CA ASN A 4984 17.63 -9.42 -41.75
C ASN A 4984 17.35 -10.11 -43.06
N LEU A 4985 16.53 -9.50 -43.92
CA LEU A 4985 16.18 -10.07 -45.21
C LEU A 4985 16.67 -11.48 -45.36
N ALA A 4986 17.88 -11.65 -45.86
CA ALA A 4986 18.42 -12.97 -46.08
C ALA A 4986 17.85 -14.05 -45.16
N ASN A 4987 18.06 -13.94 -43.86
CA ASN A 4987 17.64 -15.00 -42.94
C ASN A 4987 16.24 -15.48 -43.24
N TYR A 4988 15.32 -14.56 -43.55
CA TYR A 4988 13.95 -14.95 -43.82
C TYR A 4988 13.83 -15.77 -45.10
N MET A 4989 14.76 -15.63 -46.04
CA MET A 4989 14.65 -16.39 -47.28
C MET A 4989 15.18 -17.80 -47.10
N PHE A 4990 16.32 -17.92 -46.49
CA PHE A 4990 16.88 -19.21 -46.28
C PHE A 4990 15.95 -20.05 -45.44
N PHE A 4991 14.93 -19.49 -44.82
CA PHE A 4991 13.98 -20.29 -44.09
C PHE A 4991 13.23 -20.95 -45.18
N LEU A 4992 12.62 -20.21 -46.07
CA LEU A 4992 11.79 -20.81 -47.08
C LEU A 4992 12.51 -21.85 -47.87
N MET A 4993 13.73 -22.21 -47.54
CA MET A 4993 14.35 -23.30 -48.26
C MET A 4993 14.76 -24.31 -47.28
N TYR A 4994 14.48 -24.09 -46.02
CA TYR A 4994 14.76 -25.07 -45.03
C TYR A 4994 13.50 -25.81 -45.08
N LEU A 4995 12.36 -25.15 -44.93
CA LEU A 4995 11.12 -25.89 -44.81
C LEU A 4995 10.93 -26.86 -45.97
N ILE A 4996 11.21 -26.41 -47.19
CA ILE A 4996 10.95 -27.23 -48.37
C ILE A 4996 11.80 -28.50 -48.34
N ASN A 4997 13.07 -28.38 -47.98
CA ASN A 4997 13.97 -29.53 -48.01
C ASN A 4997 13.56 -30.58 -46.99
N LYS A 4998 13.20 -30.16 -45.79
CA LYS A 4998 12.94 -31.11 -44.71
C LYS A 4998 11.65 -31.89 -44.96
N ASP A 4999 11.63 -33.11 -44.45
CA ASP A 4999 10.45 -33.97 -44.54
C ASP A 4999 9.33 -33.39 -43.65
N GLU A 5000 8.10 -33.82 -43.92
CA GLU A 5000 6.93 -33.22 -43.29
C GLU A 5000 6.74 -33.69 -41.85
N THR A 5001 7.12 -34.91 -41.53
CA THR A 5001 6.71 -35.52 -40.26
C THR A 5001 7.49 -35.00 -39.05
N GLU A 5002 8.57 -34.28 -39.49
CA GLU A 5002 9.54 -33.72 -38.59
C GLU A 5002 9.59 -32.24 -38.48
N HIS A 5003 8.76 -31.53 -39.17
CA HIS A 5003 8.75 -30.14 -38.98
C HIS A 5003 8.52 -30.04 -37.49
N THR A 5004 9.18 -29.13 -36.82
CA THR A 5004 9.03 -28.94 -35.39
C THR A 5004 7.69 -28.47 -35.13
N GLY A 5005 7.58 -27.37 -34.42
CA GLY A 5005 6.26 -26.92 -34.04
C GLY A 5005 6.02 -25.50 -34.34
N GLN A 5006 7.07 -24.76 -34.60
CA GLN A 5006 6.96 -23.38 -34.90
C GLN A 5006 7.30 -23.31 -36.33
N GLU A 5007 7.30 -24.42 -37.02
CA GLU A 5007 7.50 -24.40 -38.43
C GLU A 5007 6.25 -24.94 -38.98
N SER A 5008 5.64 -25.93 -38.43
CA SER A 5008 4.45 -26.35 -39.08
C SER A 5008 3.46 -25.22 -39.17
N TYR A 5009 3.63 -24.15 -38.40
CA TYR A 5009 2.72 -23.00 -38.45
C TYR A 5009 3.07 -22.07 -39.56
N VAL A 5010 4.35 -21.89 -39.88
CA VAL A 5010 4.77 -21.04 -40.96
C VAL A 5010 4.96 -21.84 -42.18
N TRP A 5011 4.25 -22.92 -42.34
CA TRP A 5011 4.29 -23.68 -43.55
C TRP A 5011 2.92 -24.13 -43.75
N LYS A 5012 1.96 -23.63 -42.98
CA LYS A 5012 0.58 -23.93 -43.19
C LYS A 5012 0.04 -22.60 -43.36
N MET A 5013 0.92 -21.67 -43.63
CA MET A 5013 0.50 -20.33 -43.84
C MET A 5013 1.38 -19.77 -44.90
N TYR A 5014 1.90 -20.58 -45.80
CA TYR A 5014 2.62 -20.02 -46.90
C TYR A 5014 1.84 -20.78 -47.89
N GLN A 5015 1.44 -22.00 -47.57
CA GLN A 5015 0.58 -22.74 -48.47
C GLN A 5015 -0.67 -21.91 -48.70
N GLU A 5016 -1.60 -21.79 -47.75
CA GLU A 5016 -2.72 -20.86 -47.88
C GLU A 5016 -1.98 -19.58 -47.87
N ARG A 5017 -2.59 -18.42 -48.15
CA ARG A 5017 -1.65 -17.31 -48.11
C ARG A 5017 -2.24 -16.21 -47.23
N CYS A 5018 -1.79 -16.19 -45.97
CA CYS A 5018 -2.42 -15.42 -44.90
C CYS A 5018 -1.35 -14.72 -44.07
N TRP A 5019 -0.46 -13.98 -44.74
CA TRP A 5019 0.76 -13.52 -44.09
C TRP A 5019 0.45 -12.60 -42.92
N ASP A 5020 0.60 -13.11 -41.70
CA ASP A 5020 0.33 -12.34 -40.50
C ASP A 5020 1.47 -12.52 -39.50
N PHE A 5021 2.25 -13.60 -39.69
CA PHE A 5021 3.27 -13.93 -38.70
C PHE A 5021 4.47 -13.00 -38.75
N PHE A 5022 4.64 -12.23 -39.83
CA PHE A 5022 5.70 -11.22 -39.83
C PHE A 5022 5.40 -10.20 -38.73
N PRO A 5023 6.43 -9.71 -38.02
CA PRO A 5023 6.19 -8.84 -36.87
C PRO A 5023 5.42 -7.58 -37.22
N ALA A 5024 5.95 -6.79 -38.15
CA ALA A 5024 5.29 -5.59 -38.68
C ALA A 5024 4.73 -4.70 -37.57
N GLY A 5025 5.65 -4.18 -36.75
CA GLY A 5025 5.25 -3.24 -35.73
C GLY A 5025 5.75 -3.55 -34.33
N ASP A 5026 6.17 -4.79 -34.09
CA ASP A 5026 6.60 -5.22 -32.78
C ASP A 5026 7.93 -5.95 -32.88
N CYS A 5027 8.71 -5.91 -31.81
CA CYS A 5027 10.03 -6.53 -31.78
C CYS A 5027 10.22 -7.25 -30.45
N PHE A 5028 11.11 -8.25 -30.46
CA PHE A 5028 11.40 -8.98 -29.23
C PHE A 5028 11.91 -8.06 -28.14
N ARG A 5029 12.76 -7.09 -28.50
CA ARG A 5029 13.18 -6.09 -27.53
C ARG A 5029 12.00 -5.24 -27.07
N LYS A 5030 11.11 -4.87 -27.99
CA LYS A 5030 10.00 -4.00 -27.61
C LYS A 5030 9.02 -4.69 -26.68
N GLN A 5031 8.69 -5.95 -26.94
CA GLN A 5031 7.70 -6.63 -26.10
C GLN A 5031 8.25 -6.88 -24.69
N TYR A 5032 9.36 -7.60 -24.61
CA TYR A 5032 9.99 -7.89 -23.35
C TYR A 5032 11.03 -6.88 -23.09
N GLU A 5033 10.64 -5.70 -22.63
CA GLU A 5033 11.59 -4.59 -22.43
C GLU A 5033 11.71 -4.19 -21.00
N ASP A 5034 11.17 -5.00 -20.12
CA ASP A 5034 11.29 -4.75 -18.71
C ASP A 5034 11.63 -6.07 -18.13
N GLN A 5035 11.02 -7.13 -18.66
CA GLN A 5035 11.23 -8.45 -18.11
C GLN A 5035 12.70 -8.65 -18.17
N LEU A 5036 13.40 -7.86 -18.98
CA LEU A 5036 14.84 -7.91 -18.96
C LEU A 5036 15.47 -7.24 -20.13
N SER A 5037 16.27 -6.23 -19.85
CA SER A 5037 16.98 -5.58 -20.91
C SER A 5037 18.44 -5.98 -20.83
N GLY B 1 -34.95 -126.78 -14.75
CA GLY B 1 -36.36 -126.44 -14.82
C GLY B 1 -36.76 -125.78 -16.12
N VAL B 2 -36.73 -126.55 -17.20
CA VAL B 2 -37.09 -126.07 -18.53
C VAL B 2 -38.24 -126.91 -19.05
N GLU B 3 -39.18 -126.25 -19.75
CA GLU B 3 -40.34 -126.90 -20.34
C GLU B 3 -40.29 -126.70 -21.85
N ILE B 4 -40.62 -127.75 -22.59
CA ILE B 4 -40.57 -127.73 -24.05
C ILE B 4 -41.93 -128.14 -24.59
N GLU B 5 -42.43 -127.39 -25.56
CA GLU B 5 -43.73 -127.66 -26.19
C GLU B 5 -43.58 -127.51 -27.69
N THR B 6 -43.74 -128.62 -28.42
CA THR B 6 -43.58 -128.59 -29.86
C THR B 6 -44.68 -127.76 -30.51
N ILE B 7 -44.31 -127.04 -31.56
CA ILE B 7 -45.24 -126.20 -32.31
C ILE B 7 -45.47 -126.74 -33.70
N SER B 8 -44.41 -127.17 -34.39
CA SER B 8 -44.51 -127.80 -35.69
C SER B 8 -43.58 -129.01 -35.70
N PRO B 9 -43.99 -130.12 -36.30
CA PRO B 9 -43.14 -131.32 -36.31
C PRO B 9 -41.85 -131.10 -37.10
N GLY B 10 -40.80 -131.80 -36.68
CA GLY B 10 -39.53 -131.74 -37.36
C GLY B 10 -39.09 -133.11 -37.84
N ASP B 11 -37.79 -133.30 -38.06
CA ASP B 11 -37.29 -134.60 -38.50
C ASP B 11 -37.55 -135.66 -37.45
N GLY B 12 -37.30 -135.36 -36.19
CA GLY B 12 -37.55 -136.28 -35.10
C GLY B 12 -36.54 -137.39 -34.94
N ARG B 13 -35.47 -137.40 -35.73
CA ARG B 13 -34.47 -138.45 -35.67
C ARG B 13 -33.07 -137.93 -35.41
N THR B 14 -32.68 -136.84 -36.05
CA THR B 14 -31.34 -136.29 -35.91
C THR B 14 -31.33 -135.23 -34.81
N PHE B 15 -30.48 -135.43 -33.80
CA PHE B 15 -30.40 -134.51 -32.69
C PHE B 15 -28.96 -134.02 -32.53
N PRO B 16 -28.76 -132.76 -32.16
CA PRO B 16 -27.40 -132.23 -32.00
C PRO B 16 -26.66 -132.95 -30.88
N LYS B 17 -25.35 -133.10 -31.08
CA LYS B 17 -24.47 -133.71 -30.10
C LYS B 17 -23.24 -132.83 -29.91
N LYS B 18 -22.37 -133.23 -28.98
CA LYS B 18 -21.20 -132.44 -28.68
C LYS B 18 -20.25 -132.38 -29.87
N GLY B 19 -19.54 -131.26 -29.99
CA GLY B 19 -18.62 -131.08 -31.10
C GLY B 19 -19.28 -130.84 -32.44
N GLN B 20 -20.49 -130.27 -32.43
CA GLN B 20 -21.25 -130.02 -33.66
C GLN B 20 -21.77 -128.59 -33.64
N THR B 21 -21.75 -127.94 -34.80
CA THR B 21 -22.23 -126.57 -34.91
C THR B 21 -23.74 -126.54 -35.06
N CYS B 22 -24.36 -125.54 -34.44
CA CYS B 22 -25.80 -125.33 -34.52
C CYS B 22 -26.07 -123.88 -34.89
N VAL B 23 -27.02 -123.67 -35.80
CA VAL B 23 -27.47 -122.34 -36.19
C VAL B 23 -28.90 -122.17 -35.75
N VAL B 24 -29.19 -121.05 -35.07
CA VAL B 24 -30.50 -120.82 -34.48
C VAL B 24 -30.97 -119.45 -34.96
N HIS B 25 -31.93 -119.44 -35.89
CA HIS B 25 -32.48 -118.20 -36.45
C HIS B 25 -33.77 -117.85 -35.72
N TYR B 26 -33.60 -117.51 -34.44
CA TYR B 26 -34.67 -117.48 -33.45
C TYR B 26 -35.18 -116.07 -33.20
N THR B 27 -36.15 -115.96 -32.28
CA THR B 27 -36.61 -114.70 -31.72
C THR B 27 -36.88 -114.94 -30.24
N GLY B 28 -36.83 -113.86 -29.46
CA GLY B 28 -37.02 -114.00 -28.02
C GLY B 28 -37.93 -112.95 -27.41
N MET B 29 -38.73 -113.35 -26.43
CA MET B 29 -39.67 -112.45 -25.77
C MET B 29 -39.55 -112.59 -24.26
N LEU B 30 -40.26 -111.73 -23.54
CA LEU B 30 -40.35 -111.78 -22.10
C LEU B 30 -41.70 -112.35 -21.68
N GLN B 31 -41.79 -112.73 -20.40
CA GLN B 31 -42.97 -113.44 -19.91
C GLN B 31 -44.23 -112.59 -20.01
N ASN B 32 -44.11 -111.27 -19.85
CA ASN B 32 -45.27 -110.40 -19.83
C ASN B 32 -45.78 -110.02 -21.21
N GLY B 33 -45.10 -110.42 -22.28
CA GLY B 33 -45.55 -110.15 -23.63
C GLY B 33 -44.73 -109.16 -24.41
N LYS B 34 -43.63 -108.66 -23.86
CA LYS B 34 -42.70 -107.80 -24.56
C LYS B 34 -41.52 -108.62 -25.05
N LYS B 35 -41.09 -108.36 -26.29
CA LYS B 35 -39.90 -109.04 -26.81
C LYS B 35 -38.70 -108.10 -26.78
N PHE B 36 -37.57 -108.63 -26.30
CA PHE B 36 -36.36 -107.85 -26.07
C PHE B 36 -35.17 -108.37 -26.86
N ASP B 37 -35.38 -109.33 -27.77
CA ASP B 37 -34.29 -109.83 -28.57
C ASP B 37 -34.87 -110.53 -29.79
N SER B 38 -34.08 -110.56 -30.86
CA SER B 38 -34.47 -111.23 -32.09
C SER B 38 -33.25 -111.46 -32.95
N SER B 39 -33.39 -112.40 -33.87
CA SER B 39 -32.39 -112.65 -34.92
C SER B 39 -32.96 -112.49 -36.31
N ARG B 40 -34.27 -112.65 -36.48
CA ARG B 40 -34.88 -112.43 -37.79
C ARG B 40 -34.79 -110.97 -38.21
N ASP B 41 -34.91 -110.05 -37.25
CA ASP B 41 -34.82 -108.63 -37.58
C ASP B 41 -33.44 -108.28 -38.12
N ARG B 42 -32.38 -108.82 -37.52
CA ARG B 42 -31.04 -108.62 -38.08
C ARG B 42 -30.79 -109.45 -39.31
N ASN B 43 -31.65 -110.44 -39.61
CA ASN B 43 -31.55 -111.25 -40.81
C ASN B 43 -30.19 -111.94 -40.92
N LYS B 44 -29.66 -112.37 -39.78
CA LYS B 44 -28.40 -113.12 -39.75
C LYS B 44 -28.61 -114.35 -38.87
N PRO B 45 -28.36 -115.55 -39.40
CA PRO B 45 -28.57 -116.76 -38.58
C PRO B 45 -27.54 -116.87 -37.47
N PHE B 46 -27.99 -116.76 -36.23
CA PHE B 46 -27.11 -116.92 -35.09
C PHE B 46 -26.58 -118.35 -35.06
N LYS B 47 -25.27 -118.49 -34.89
CA LYS B 47 -24.62 -119.79 -34.84
C LYS B 47 -23.81 -119.91 -33.56
N PHE B 48 -23.81 -121.12 -32.99
CA PHE B 48 -23.08 -121.37 -31.75
C PHE B 48 -22.71 -122.84 -31.70
N ARG B 49 -21.71 -123.15 -30.89
CA ARG B 49 -21.18 -124.50 -30.76
C ARG B 49 -21.46 -125.01 -29.35
N ILE B 50 -22.05 -126.19 -29.25
CA ILE B 50 -22.38 -126.78 -27.97
C ILE B 50 -21.11 -127.31 -27.30
N GLY B 51 -21.09 -127.26 -25.97
CA GLY B 51 -20.05 -127.87 -25.18
C GLY B 51 -19.09 -126.90 -24.51
N LYS B 52 -18.90 -125.71 -25.05
CA LYS B 52 -17.97 -124.74 -24.46
C LYS B 52 -18.65 -123.71 -23.59
N GLN B 53 -19.96 -123.82 -23.37
CA GLN B 53 -20.69 -122.96 -22.44
C GLN B 53 -20.55 -121.48 -22.75
N GLU B 54 -20.65 -121.14 -24.04
CA GLU B 54 -20.70 -119.74 -24.45
C GLU B 54 -22.12 -119.18 -24.45
N VAL B 55 -23.11 -120.01 -24.13
CA VAL B 55 -24.52 -119.62 -24.12
C VAL B 55 -25.09 -120.03 -22.77
N ILE B 56 -26.18 -119.36 -22.38
CA ILE B 56 -26.84 -119.68 -21.11
C ILE B 56 -27.24 -121.15 -21.10
N LYS B 57 -27.04 -121.79 -19.95
CA LYS B 57 -27.24 -123.23 -19.83
C LYS B 57 -28.68 -123.63 -20.15
N GLY B 58 -29.65 -122.83 -19.70
CA GLY B 58 -31.04 -123.13 -20.03
C GLY B 58 -31.29 -123.25 -21.52
N PHE B 59 -30.76 -122.31 -22.30
CA PHE B 59 -30.96 -122.34 -23.75
C PHE B 59 -30.36 -123.59 -24.37
N GLU B 60 -29.14 -123.96 -23.95
CA GLU B 60 -28.48 -125.10 -24.57
C GLU B 60 -29.16 -126.41 -24.20
N GLU B 61 -29.56 -126.55 -22.94
CA GLU B 61 -30.25 -127.77 -22.54
C GLU B 61 -31.65 -127.85 -23.14
N GLY B 62 -32.28 -126.71 -23.40
CA GLY B 62 -33.53 -126.74 -24.15
C GLY B 62 -33.33 -127.18 -25.59
N ALA B 63 -32.29 -126.64 -26.24
CA ALA B 63 -32.05 -126.98 -27.64
C ALA B 63 -31.59 -128.42 -27.80
N ALA B 64 -30.97 -128.99 -26.77
CA ALA B 64 -30.51 -130.37 -26.85
C ALA B 64 -31.65 -131.36 -27.02
N GLN B 65 -32.89 -130.97 -26.76
CA GLN B 65 -34.04 -131.87 -26.79
C GLN B 65 -34.88 -131.72 -28.05
N MET B 66 -34.40 -131.01 -29.07
CA MET B 66 -35.14 -130.83 -30.30
C MET B 66 -34.28 -131.26 -31.49
N SER B 67 -34.96 -131.57 -32.59
CA SER B 67 -34.34 -132.10 -33.80
C SER B 67 -34.25 -131.03 -34.87
N LEU B 68 -33.73 -131.41 -36.03
CA LEU B 68 -33.57 -130.49 -37.15
C LEU B 68 -34.93 -130.08 -37.70
N GLY B 69 -35.06 -128.80 -38.04
CA GLY B 69 -36.24 -128.29 -38.68
C GLY B 69 -37.42 -128.00 -37.77
N GLN B 70 -37.30 -128.29 -36.48
CA GLN B 70 -38.41 -128.14 -35.55
C GLN B 70 -38.44 -126.72 -34.98
N ARG B 71 -39.64 -126.13 -34.95
CA ARG B 71 -39.89 -124.88 -34.25
C ARG B 71 -40.69 -125.21 -33.00
N ALA B 72 -40.25 -124.69 -31.86
CA ALA B 72 -40.87 -125.07 -30.60
C ALA B 72 -40.97 -123.84 -29.70
N LYS B 73 -41.61 -124.03 -28.55
CA LYS B 73 -41.78 -122.99 -27.55
C LYS B 73 -41.00 -123.40 -26.32
N LEU B 74 -40.15 -122.51 -25.82
CA LEU B 74 -39.26 -122.80 -24.71
C LEU B 74 -39.55 -121.85 -23.57
N THR B 75 -39.45 -122.35 -22.34
CA THR B 75 -39.74 -121.56 -21.14
C THR B 75 -38.69 -121.88 -20.10
N CYS B 76 -37.84 -120.90 -19.80
CA CYS B 76 -36.78 -121.06 -18.81
C CYS B 76 -37.21 -120.47 -17.47
N THR B 77 -36.87 -121.17 -16.40
CA THR B 77 -37.07 -120.65 -15.07
C THR B 77 -36.08 -119.51 -14.82
N PRO B 78 -36.45 -118.52 -13.98
CA PRO B 78 -35.49 -117.43 -13.70
C PRO B 78 -34.21 -117.91 -13.05
N ASP B 79 -34.24 -119.05 -12.36
CA ASP B 79 -33.05 -119.56 -11.68
C ASP B 79 -32.01 -120.13 -12.64
N VAL B 80 -32.34 -120.32 -13.91
CA VAL B 80 -31.40 -120.91 -14.85
C VAL B 80 -30.79 -119.87 -15.80
N ALA B 81 -31.39 -118.69 -15.92
CA ALA B 81 -30.89 -117.66 -16.83
C ALA B 81 -30.94 -116.32 -16.12
N TYR B 82 -29.77 -115.76 -15.81
CA TYR B 82 -29.65 -114.44 -15.20
C TYR B 82 -30.46 -114.36 -13.90
N GLY B 83 -30.05 -115.21 -12.95
CA GLY B 83 -30.85 -115.46 -11.76
C GLY B 83 -31.23 -114.24 -10.93
N ALA B 84 -30.26 -113.59 -10.30
CA ALA B 84 -30.54 -112.51 -9.36
C ALA B 84 -30.32 -111.14 -9.96
N THR B 85 -29.09 -110.84 -10.38
CA THR B 85 -28.80 -109.52 -10.93
C THR B 85 -29.42 -109.34 -12.32
N GLY B 86 -29.35 -110.38 -13.14
CA GLY B 86 -29.79 -110.25 -14.51
C GLY B 86 -28.78 -109.49 -15.34
N HIS B 87 -29.15 -109.25 -16.60
CA HIS B 87 -28.32 -108.46 -17.49
C HIS B 87 -28.74 -107.00 -17.36
N PRO B 88 -27.89 -106.13 -16.83
CA PRO B 88 -28.34 -104.76 -16.51
C PRO B 88 -28.68 -103.98 -17.77
N GLY B 89 -29.88 -103.41 -17.78
CA GLY B 89 -30.32 -102.55 -18.86
C GLY B 89 -31.27 -103.18 -19.85
N VAL B 90 -31.48 -104.49 -19.81
CA VAL B 90 -32.36 -105.18 -20.74
C VAL B 90 -33.46 -105.96 -20.01
N ILE B 91 -33.10 -106.70 -18.97
CA ILE B 91 -34.06 -107.57 -18.30
C ILE B 91 -34.13 -107.23 -16.82
N PRO B 92 -35.32 -107.22 -16.23
CA PRO B 92 -35.44 -106.93 -14.80
C PRO B 92 -34.96 -108.12 -13.98
N PRO B 93 -34.62 -107.90 -12.70
CA PRO B 93 -34.22 -109.03 -11.85
C PRO B 93 -35.38 -109.98 -11.61
N ASN B 94 -35.05 -111.27 -11.51
CA ASN B 94 -36.01 -112.33 -11.16
C ASN B 94 -37.21 -112.32 -12.11
N ALA B 95 -36.94 -112.62 -13.38
CA ALA B 95 -37.97 -112.64 -14.40
C ALA B 95 -37.94 -113.97 -15.15
N THR B 96 -39.12 -114.43 -15.55
CA THR B 96 -39.25 -115.64 -16.36
C THR B 96 -38.96 -115.31 -17.82
N LEU B 97 -38.42 -116.28 -18.53
CA LEU B 97 -37.99 -116.09 -19.91
C LEU B 97 -38.83 -116.95 -20.86
N ILE B 98 -39.04 -116.44 -22.06
CA ILE B 98 -39.78 -117.12 -23.12
C ILE B 98 -38.97 -117.03 -24.40
N PHE B 99 -38.85 -118.15 -25.11
CA PHE B 99 -38.04 -118.18 -26.33
C PHE B 99 -38.81 -118.88 -27.44
N ASP B 100 -38.75 -118.32 -28.63
CA ASP B 100 -39.24 -118.95 -29.85
C ASP B 100 -38.02 -119.38 -30.65
N VAL B 101 -37.78 -120.69 -30.71
CA VAL B 101 -36.52 -121.23 -31.18
C VAL B 101 -36.79 -122.22 -32.31
N GLU B 102 -36.04 -122.10 -33.40
CA GLU B 102 -36.06 -123.08 -34.46
C GLU B 102 -34.65 -123.25 -35.00
N LEU B 103 -34.39 -124.43 -35.58
CA LEU B 103 -33.06 -124.81 -36.02
C LEU B 103 -33.08 -125.01 -37.54
N LEU B 104 -32.11 -124.39 -38.22
CA LEU B 104 -32.12 -124.40 -39.68
C LEU B 104 -31.55 -125.70 -40.25
N ASN B 105 -30.28 -125.98 -39.97
CA ASN B 105 -29.62 -127.15 -40.53
C ASN B 105 -28.48 -127.57 -39.59
N LEU B 106 -27.65 -128.49 -40.06
CA LEU B 106 -26.55 -129.05 -39.29
C LEU B 106 -27.05 -129.69 -37.99
N GLU B 107 -27.79 -130.78 -38.16
CA GLU B 107 -28.34 -131.56 -37.05
C GLU B 107 -29.26 -130.72 -36.16
N MET C 1 22.60 -91.39 -20.68
CA MET C 1 21.50 -91.45 -21.63
C MET C 1 21.38 -92.83 -22.25
N ALA C 2 20.30 -93.07 -23.00
CA ALA C 2 20.10 -94.31 -23.71
C ALA C 2 20.13 -94.11 -25.23
N ASP C 3 20.86 -93.11 -25.69
CA ASP C 3 20.94 -92.78 -27.10
C ASP C 3 22.25 -93.20 -27.75
N GLN C 4 23.13 -93.88 -27.02
CA GLN C 4 24.40 -94.33 -27.56
C GLN C 4 24.34 -95.72 -28.17
N LEU C 5 23.15 -96.32 -28.25
CA LEU C 5 22.98 -97.67 -28.79
C LEU C 5 22.17 -97.59 -30.08
N THR C 6 22.66 -98.27 -31.11
CA THR C 6 21.94 -98.32 -32.38
C THR C 6 20.70 -99.20 -32.26
N GLU C 7 19.84 -99.12 -33.27
CA GLU C 7 18.55 -99.78 -33.20
C GLU C 7 18.67 -101.30 -33.30
N GLU C 8 19.65 -101.82 -34.03
CA GLU C 8 19.72 -103.26 -34.24
C GLU C 8 20.05 -104.01 -32.95
N GLN C 9 20.98 -103.48 -32.14
CA GLN C 9 21.32 -104.17 -30.90
C GLN C 9 20.22 -104.00 -29.86
N ILE C 10 19.49 -102.88 -29.91
CA ILE C 10 18.28 -102.76 -29.11
C ILE C 10 17.27 -103.83 -29.49
N ALA C 11 17.12 -104.09 -30.79
CA ALA C 11 16.25 -105.17 -31.24
C ALA C 11 16.74 -106.52 -30.74
N GLU C 12 18.05 -106.74 -30.78
CA GLU C 12 18.61 -108.00 -30.29
C GLU C 12 18.33 -108.18 -28.80
N PHE C 13 18.51 -107.10 -28.02
CA PHE C 13 18.22 -107.17 -26.59
C PHE C 13 16.74 -107.42 -26.34
N LYS C 14 15.87 -106.79 -27.12
CA LYS C 14 14.44 -107.02 -26.97
C LYS C 14 14.08 -108.47 -27.28
N GLU C 15 14.66 -109.03 -28.34
CA GLU C 15 14.40 -110.43 -28.66
C GLU C 15 14.91 -111.34 -27.55
N ALA C 16 16.10 -111.07 -27.02
CA ALA C 16 16.65 -111.90 -25.96
C ALA C 16 15.78 -111.84 -24.71
N PHE C 17 15.29 -110.65 -24.36
CA PHE C 17 14.45 -110.50 -23.18
C PHE C 17 13.09 -111.16 -23.38
N SER C 18 12.51 -111.02 -24.58
CA SER C 18 11.18 -111.55 -24.84
C SER C 18 11.20 -113.07 -24.96
N LEU C 19 12.32 -113.63 -25.44
CA LEU C 19 12.39 -115.08 -25.64
C LEU C 19 12.15 -115.83 -24.33
N PHE C 20 12.54 -115.24 -23.19
CA PHE C 20 12.33 -115.86 -21.89
C PHE C 20 11.39 -115.00 -21.05
N ASP C 21 10.36 -114.46 -21.68
CA ASP C 21 9.36 -113.69 -20.93
C ASP C 21 8.58 -114.62 -20.00
N LYS C 22 8.31 -114.12 -18.79
CA LYS C 22 7.68 -114.96 -17.76
C LYS C 22 6.24 -115.28 -18.13
N ASP C 23 5.38 -114.26 -18.20
CA ASP C 23 3.99 -114.46 -18.59
C ASP C 23 3.53 -113.35 -19.53
N GLY C 24 4.46 -112.73 -20.25
CA GLY C 24 4.16 -111.63 -21.13
C GLY C 24 4.18 -110.26 -20.49
N ASP C 25 4.33 -110.18 -19.16
CA ASP C 25 4.37 -108.90 -18.47
C ASP C 25 5.78 -108.37 -18.28
N GLY C 26 6.81 -109.14 -18.63
CA GLY C 26 8.17 -108.67 -18.48
C GLY C 26 8.68 -108.61 -17.07
N THR C 27 8.10 -109.40 -16.15
CA THR C 27 8.53 -109.45 -14.77
C THR C 27 9.34 -110.72 -14.54
N ILE C 28 10.62 -110.57 -14.24
CA ILE C 28 11.55 -111.68 -14.09
C ILE C 28 12.32 -111.47 -12.79
N THR C 29 12.92 -112.54 -12.28
CA THR C 29 13.56 -112.59 -10.97
C THR C 29 15.08 -112.59 -11.12
N THR C 30 15.77 -112.67 -9.99
CA THR C 30 17.21 -112.43 -9.97
C THR C 30 17.99 -113.58 -10.58
N LYS C 31 17.56 -114.83 -10.34
CA LYS C 31 18.34 -115.96 -10.83
C LYS C 31 18.30 -116.02 -12.37
N ALA C 32 17.16 -115.73 -12.97
CA ALA C 32 16.98 -115.92 -14.40
C ALA C 32 17.65 -114.83 -15.23
N LEU C 33 17.84 -113.64 -14.66
CA LEU C 33 18.47 -112.57 -15.43
C LEU C 33 19.93 -112.91 -15.73
N GLY C 34 20.62 -113.56 -14.81
CA GLY C 34 21.97 -114.02 -15.11
C GLY C 34 22.00 -115.01 -16.26
N THR C 35 21.03 -115.92 -16.29
CA THR C 35 20.96 -116.90 -17.38
C THR C 35 20.70 -116.21 -18.71
N VAL C 36 19.74 -115.30 -18.76
CA VAL C 36 19.41 -114.65 -20.02
C VAL C 36 20.55 -113.74 -20.46
N MET C 37 21.26 -113.14 -19.51
CA MET C 37 22.37 -112.26 -19.84
C MET C 37 23.60 -113.04 -20.29
N ARG C 38 23.81 -114.23 -19.75
CA ARG C 38 24.89 -115.09 -20.23
C ARG C 38 24.50 -115.84 -21.49
N SER C 39 23.23 -115.79 -21.89
CA SER C 39 22.80 -116.50 -23.09
C SER C 39 23.29 -115.85 -24.37
N LEU C 40 23.45 -114.52 -24.40
CA LEU C 40 23.79 -113.81 -25.63
C LEU C 40 25.26 -113.42 -25.70
N GLY C 41 26.12 -114.04 -24.90
CA GLY C 41 27.55 -113.90 -25.10
C GLY C 41 28.36 -113.34 -23.96
N GLN C 42 27.88 -112.27 -23.31
CA GLN C 42 28.61 -111.68 -22.20
C GLN C 42 28.46 -112.52 -20.95
N ASN C 43 29.58 -112.96 -20.38
CA ASN C 43 29.58 -113.84 -19.22
C ASN C 43 30.50 -113.29 -18.13
N PRO C 44 30.06 -112.25 -17.41
CA PRO C 44 30.85 -111.74 -16.29
C PRO C 44 30.58 -112.46 -14.97
N THR C 45 31.14 -111.95 -13.88
CA THR C 45 31.04 -112.56 -12.56
C THR C 45 29.68 -112.28 -11.91
N GLU C 46 29.57 -112.55 -10.61
CA GLU C 46 28.32 -112.36 -9.89
C GLU C 46 28.20 -111.01 -9.18
N ALA C 47 29.28 -110.24 -9.10
CA ALA C 47 29.25 -108.99 -8.35
C ALA C 47 28.38 -107.94 -9.04
N GLU C 48 28.57 -107.78 -10.35
CA GLU C 48 27.82 -106.75 -11.08
C GLU C 48 26.33 -107.02 -11.04
N LEU C 49 25.92 -108.29 -11.17
CA LEU C 49 24.51 -108.63 -11.07
C LEU C 49 23.99 -108.53 -9.64
N GLN C 50 24.89 -108.50 -8.66
CA GLN C 50 24.49 -108.22 -7.29
C GLN C 50 24.22 -106.73 -7.11
N ASP C 51 25.04 -105.89 -7.73
CA ASP C 51 24.85 -104.44 -7.61
C ASP C 51 23.74 -103.91 -8.50
N MET C 52 23.35 -104.64 -9.54
CA MET C 52 22.30 -104.14 -10.45
C MET C 52 20.97 -103.97 -9.71
N ILE C 53 20.58 -104.95 -8.91
CA ILE C 53 19.36 -104.79 -8.12
C ILE C 53 19.54 -103.71 -7.07
N ASN C 54 20.77 -103.49 -6.61
CA ASN C 54 21.02 -102.43 -5.63
C ASN C 54 20.80 -101.05 -6.24
N GLU C 55 21.21 -100.85 -7.50
CA GLU C 55 20.95 -99.56 -8.15
C GLU C 55 19.46 -99.31 -8.33
N VAL C 56 18.72 -100.34 -8.76
CA VAL C 56 17.28 -100.21 -8.96
C VAL C 56 16.53 -101.13 -8.02
N ASN C 61 13.99 -105.76 -5.26
CA ASN C 61 12.56 -105.91 -5.00
C ASN C 61 12.03 -107.20 -5.61
N GLY C 62 12.86 -107.84 -6.44
CA GLY C 62 12.45 -109.04 -7.14
C GLY C 62 11.57 -108.80 -8.34
N THR C 63 11.37 -107.54 -8.73
CA THR C 63 10.51 -107.17 -9.86
C THR C 63 11.37 -106.39 -10.85
N ILE C 64 11.83 -107.08 -11.89
CA ILE C 64 12.68 -106.48 -12.92
C ILE C 64 11.90 -106.41 -14.22
N ASP C 65 11.92 -105.23 -14.85
CA ASP C 65 11.21 -104.97 -16.09
C ASP C 65 12.21 -104.68 -17.20
N PHE C 66 11.69 -104.59 -18.42
CA PHE C 66 12.54 -104.34 -19.58
C PHE C 66 13.24 -102.98 -19.54
N PRO C 67 12.58 -101.87 -19.16
CA PRO C 67 13.31 -100.59 -19.12
C PRO C 67 14.54 -100.59 -18.22
N ALA C 68 14.44 -101.19 -17.02
CA ALA C 68 15.60 -101.21 -16.14
C ALA C 68 16.73 -102.04 -16.74
N PHE C 69 16.38 -103.19 -17.33
CA PHE C 69 17.37 -104.03 -17.99
C PHE C 69 18.06 -103.26 -19.11
N LEU C 70 17.27 -102.57 -19.94
CA LEU C 70 17.85 -101.81 -21.03
C LEU C 70 18.76 -100.71 -20.53
N THR C 71 18.36 -100.01 -19.46
CA THR C 71 19.18 -98.93 -18.94
C THR C 71 20.51 -99.44 -18.41
N MET C 72 20.49 -100.54 -17.64
CA MET C 72 21.73 -101.06 -17.08
C MET C 72 22.65 -101.65 -18.16
N MET C 73 22.06 -102.36 -19.14
CA MET C 73 22.84 -102.82 -20.28
C MET C 73 23.43 -101.66 -21.05
N ALA C 74 22.65 -100.59 -21.23
CA ALA C 74 23.09 -99.43 -21.98
C ALA C 74 24.27 -98.76 -21.30
N ARG C 75 24.20 -98.59 -19.98
CA ARG C 75 25.28 -97.87 -19.31
C ARG C 75 26.44 -98.78 -18.92
N LYS C 76 26.31 -100.10 -19.09
CA LYS C 76 27.50 -100.94 -19.05
C LYS C 76 28.15 -101.16 -20.41
N MET C 77 27.45 -100.88 -21.50
CA MET C 77 28.12 -100.81 -22.79
C MET C 77 28.69 -99.43 -23.08
N LYS C 78 28.06 -98.38 -22.53
CA LYS C 78 28.45 -97.02 -22.87
C LYS C 78 29.83 -96.67 -22.34
N ASP C 79 30.20 -97.19 -21.17
CA ASP C 79 31.52 -96.90 -20.63
C ASP C 79 32.61 -97.47 -21.54
N THR C 80 32.42 -98.71 -22.01
CA THR C 80 33.38 -99.29 -22.95
C THR C 80 33.40 -98.52 -24.26
N ASP C 81 32.22 -98.13 -24.76
CA ASP C 81 32.17 -97.37 -26.00
C ASP C 81 32.92 -96.04 -25.86
N SER C 82 32.72 -95.35 -24.74
CA SER C 82 33.40 -94.07 -24.53
C SER C 82 34.90 -94.26 -24.34
N GLU C 83 35.31 -95.32 -23.64
CA GLU C 83 36.73 -95.57 -23.44
C GLU C 83 37.42 -95.97 -24.75
N GLU C 84 36.68 -96.55 -25.68
CA GLU C 84 37.26 -96.97 -26.95
C GLU C 84 37.18 -95.91 -28.04
N GLU C 85 36.23 -94.99 -27.95
CA GLU C 85 36.06 -93.97 -28.99
C GLU C 85 37.22 -92.99 -29.06
N ILE C 86 38.10 -92.96 -28.06
CA ILE C 86 39.21 -92.02 -28.05
C ILE C 86 40.38 -92.50 -28.89
N ARG C 87 40.36 -93.76 -29.32
CA ARG C 87 41.43 -94.33 -30.15
C ARG C 87 41.07 -94.37 -31.63
N GLU C 88 39.81 -94.67 -31.96
CA GLU C 88 39.43 -94.75 -33.38
C GLU C 88 39.25 -93.37 -33.99
N ALA C 89 38.78 -92.40 -33.20
CA ALA C 89 38.56 -91.05 -33.73
C ALA C 89 39.87 -90.36 -34.10
N PHE C 90 41.00 -90.83 -33.58
CA PHE C 90 42.31 -90.27 -33.92
C PHE C 90 42.89 -90.87 -35.20
N ARG C 91 42.32 -91.97 -35.70
CA ARG C 91 42.88 -92.66 -36.85
C ARG C 91 42.98 -91.75 -38.06
N VAL C 92 41.99 -90.88 -38.26
CA VAL C 92 42.00 -89.98 -39.41
C VAL C 92 43.07 -88.90 -39.25
N PHE C 93 43.44 -88.57 -38.01
CA PHE C 93 44.34 -87.45 -37.78
C PHE C 93 45.76 -87.75 -38.26
N ASP C 94 46.16 -89.02 -38.24
CA ASP C 94 47.47 -89.43 -38.74
C ASP C 94 47.28 -90.28 -39.99
N LYS C 95 48.16 -90.08 -40.98
CA LYS C 95 48.01 -90.75 -42.26
C LYS C 95 48.14 -92.27 -42.10
N ASP C 96 49.20 -92.73 -41.43
CA ASP C 96 49.42 -94.16 -41.28
C ASP C 96 48.54 -94.79 -40.21
N GLY C 97 48.04 -93.99 -39.26
CA GLY C 97 47.18 -94.50 -38.21
C GLY C 97 47.90 -95.01 -36.99
N ASN C 98 49.23 -95.07 -36.99
CA ASN C 98 49.97 -95.59 -35.85
C ASN C 98 49.98 -94.61 -34.69
N GLY C 99 50.11 -93.32 -34.97
CA GLY C 99 50.13 -92.32 -33.91
C GLY C 99 51.06 -91.15 -34.17
N TYR C 100 52.03 -91.33 -35.06
CA TYR C 100 52.96 -90.26 -35.37
C TYR C 100 52.32 -89.23 -36.28
N ILE C 101 52.41 -87.96 -35.90
CA ILE C 101 51.80 -86.87 -36.64
C ILE C 101 52.73 -85.66 -36.61
N SER C 102 52.99 -85.09 -37.79
CA SER C 102 53.81 -83.89 -37.87
C SER C 102 53.06 -82.69 -37.30
N ALA C 103 53.78 -81.83 -36.59
CA ALA C 103 53.17 -80.65 -35.99
C ALA C 103 52.81 -79.60 -37.03
N ALA C 104 53.50 -79.57 -38.17
CA ALA C 104 53.17 -78.61 -39.21
C ALA C 104 51.88 -78.96 -39.93
N ALA C 105 51.57 -80.24 -40.07
CA ALA C 105 50.39 -80.66 -40.84
C ALA C 105 49.10 -80.21 -40.16
N LEU C 106 49.06 -80.28 -38.83
CA LEU C 106 47.83 -79.93 -38.12
C LEU C 106 47.50 -78.45 -38.22
N ARG C 107 48.42 -77.61 -38.71
CA ARG C 107 48.14 -76.19 -38.78
C ARG C 107 47.04 -75.86 -39.77
N HIS C 108 46.78 -76.70 -40.76
CA HIS C 108 45.73 -76.43 -41.74
C HIS C 108 44.65 -77.49 -41.77
N VAL C 109 44.71 -78.54 -40.95
CA VAL C 109 43.69 -79.57 -40.96
C VAL C 109 42.93 -79.58 -39.64
N MET C 110 43.59 -79.15 -38.57
CA MET C 110 42.97 -79.15 -37.24
C MET C 110 42.10 -77.91 -37.00
N THR C 111 41.98 -77.02 -37.99
CA THR C 111 41.10 -75.88 -37.88
C THR C 111 39.78 -76.08 -38.63
N ASN C 112 39.53 -77.27 -39.15
CA ASN C 112 38.38 -77.51 -40.01
C ASN C 112 37.66 -78.81 -39.63
N LEU C 113 37.44 -79.02 -38.33
CA LEU C 113 36.68 -80.18 -37.87
C LEU C 113 35.19 -79.93 -37.78
N GLY C 114 34.73 -78.74 -38.16
CA GLY C 114 33.32 -78.40 -38.05
C GLY C 114 32.94 -77.73 -36.76
N GLU C 115 33.86 -77.61 -35.81
CA GLU C 115 33.60 -76.93 -34.55
C GLU C 115 33.79 -75.43 -34.64
N LYS C 116 34.05 -74.90 -35.83
CA LYS C 116 34.27 -73.47 -36.05
C LYS C 116 35.42 -72.94 -35.19
N LEU C 117 36.46 -73.75 -35.03
CA LEU C 117 37.62 -73.39 -34.21
C LEU C 117 38.66 -72.72 -35.10
N THR C 118 38.95 -71.45 -34.84
CA THR C 118 39.92 -70.72 -35.63
C THR C 118 41.33 -70.89 -35.07
N ASP C 119 42.28 -70.15 -35.64
CA ASP C 119 43.69 -70.40 -35.38
C ASP C 119 44.08 -70.12 -33.94
N GLU C 120 43.46 -69.15 -33.28
CA GLU C 120 43.91 -68.73 -31.95
C GLU C 120 43.75 -69.84 -30.93
N GLU C 121 42.61 -70.53 -30.94
CA GLU C 121 42.36 -71.59 -29.97
C GLU C 121 43.38 -72.71 -30.13
N VAL C 122 43.64 -73.12 -31.37
CA VAL C 122 44.62 -74.18 -31.57
C VAL C 122 46.03 -73.69 -31.27
N ASP C 123 46.30 -72.39 -31.44
CA ASP C 123 47.58 -71.83 -30.98
C ASP C 123 47.76 -72.07 -29.49
N GLU C 124 46.76 -71.69 -28.71
CA GLU C 124 46.86 -71.88 -27.27
C GLU C 124 46.87 -73.36 -26.90
N MET C 125 46.15 -74.19 -27.66
CA MET C 125 46.03 -75.61 -27.33
C MET C 125 47.34 -76.34 -27.55
N ILE C 126 48.00 -76.12 -28.71
CA ILE C 126 49.25 -76.81 -29.01
C ILE C 126 50.45 -76.14 -28.37
N ARG C 127 50.36 -74.85 -28.05
CA ARG C 127 51.46 -74.16 -27.40
C ARG C 127 51.64 -74.61 -25.95
N GLU C 128 50.57 -75.07 -25.30
CA GLU C 128 50.59 -75.42 -23.89
C GLU C 128 51.20 -76.81 -23.63
N ALA C 129 51.60 -77.52 -24.68
CA ALA C 129 52.20 -78.84 -24.52
C ALA C 129 53.57 -78.77 -23.85
N GLY C 135 58.47 -81.70 -33.55
CA GLY C 135 58.44 -83.13 -33.27
C GLY C 135 57.10 -83.77 -33.56
N GLN C 136 57.03 -85.09 -33.40
CA GLN C 136 55.82 -85.86 -33.64
C GLN C 136 55.27 -86.38 -32.32
N VAL C 137 53.95 -86.29 -32.15
CA VAL C 137 53.28 -86.60 -30.89
C VAL C 137 52.31 -87.75 -31.14
N ASN C 138 52.39 -88.78 -30.28
CA ASN C 138 51.55 -89.95 -30.42
C ASN C 138 50.14 -89.67 -29.89
N TYR C 139 49.31 -90.70 -29.87
CA TYR C 139 47.91 -90.54 -29.49
C TYR C 139 47.71 -90.39 -27.99
N GLU C 140 48.52 -91.09 -27.17
CA GLU C 140 48.31 -91.04 -25.72
C GLU C 140 48.66 -89.66 -25.16
N ALA C 141 49.66 -89.01 -25.73
CA ALA C 141 49.95 -87.65 -25.32
C ALA C 141 48.80 -86.71 -25.67
N PHE C 142 48.14 -86.94 -26.80
CA PHE C 142 46.92 -86.19 -27.12
C PHE C 142 45.80 -86.50 -26.14
N VAL C 143 45.69 -87.76 -25.71
CA VAL C 143 44.70 -88.11 -24.70
C VAL C 143 44.92 -87.29 -23.43
N GLN C 144 46.16 -87.28 -22.94
CA GLN C 144 46.49 -86.45 -21.77
C GLN C 144 46.30 -84.97 -22.08
N MET C 145 46.50 -84.59 -23.34
CA MET C 145 46.45 -83.19 -23.75
C MET C 145 45.03 -82.64 -23.67
N MET C 146 44.05 -83.38 -24.18
CA MET C 146 42.67 -82.90 -24.23
C MET C 146 41.81 -83.37 -23.07
N THR C 147 41.92 -84.63 -22.65
CA THR C 147 41.07 -85.14 -21.58
C THR C 147 41.34 -84.40 -20.27
N ALA C 148 42.62 -84.17 -19.95
CA ALA C 148 43.03 -83.47 -18.73
C ALA C 148 42.44 -84.12 -17.48
N GLN D 12 15.63 -30.69 3.07
CA GLN D 12 14.82 -31.19 1.96
C GLN D 12 15.20 -32.63 1.61
N PHE D 13 16.45 -32.85 1.23
CA PHE D 13 16.93 -34.19 0.94
C PHE D 13 18.38 -34.30 1.40
N LEU D 14 18.81 -35.54 1.62
CA LEU D 14 20.18 -35.79 2.05
C LEU D 14 21.16 -35.58 0.90
N ARG D 15 22.35 -35.11 1.24
CA ARG D 15 23.39 -34.81 0.28
C ARG D 15 24.71 -35.34 0.82
N THR D 16 25.71 -35.41 -0.04
CA THR D 16 27.04 -35.80 0.43
C THR D 16 27.63 -34.69 1.28
N ASP D 17 28.66 -35.05 2.07
CA ASP D 17 29.36 -34.11 2.94
C ASP D 17 28.43 -33.47 3.95
N ASP D 18 27.47 -34.24 4.44
CA ASP D 18 26.54 -33.78 5.47
C ASP D 18 26.76 -34.56 6.75
N GLU D 19 26.55 -33.90 7.88
CA GLU D 19 26.73 -34.51 9.19
C GLU D 19 25.37 -34.88 9.78
N VAL D 20 25.23 -36.13 10.18
CA VAL D 20 23.95 -36.71 10.58
C VAL D 20 24.19 -37.67 11.74
N VAL D 21 23.08 -38.18 12.31
CA VAL D 21 23.13 -39.13 13.40
C VAL D 21 22.08 -40.21 13.19
N LEU D 22 22.42 -41.43 13.59
CA LEU D 22 21.48 -42.54 13.53
C LEU D 22 20.50 -42.45 14.71
N GLN D 23 19.41 -43.21 14.61
CA GLN D 23 18.39 -43.19 15.64
C GLN D 23 17.53 -44.44 15.54
N CYS D 24 17.31 -45.10 16.67
CA CYS D 24 16.41 -46.24 16.76
C CYS D 24 15.50 -46.07 17.97
N SER D 25 14.31 -46.65 17.88
CA SER D 25 13.29 -46.50 18.91
C SER D 25 12.80 -47.88 19.35
N ALA D 26 13.10 -48.25 20.59
CA ALA D 26 12.66 -49.51 21.17
C ALA D 26 12.16 -49.27 22.58
N THR D 27 10.89 -49.59 22.83
CA THR D 27 10.32 -49.41 24.16
C THR D 27 10.85 -50.46 25.12
N VAL D 28 10.98 -50.06 26.39
CA VAL D 28 11.47 -50.94 27.45
C VAL D 28 10.46 -51.05 28.59
N LEU D 29 10.02 -49.91 29.11
CA LEU D 29 9.07 -49.85 30.23
C LEU D 29 7.65 -49.58 29.74
N LYS D 30 7.28 -50.17 28.60
CA LYS D 30 6.02 -49.92 27.91
C LYS D 30 5.91 -48.48 27.42
N GLU D 31 7.01 -47.74 27.41
CA GLU D 31 7.07 -46.39 26.87
C GLU D 31 8.27 -46.29 25.94
N GLN D 32 8.13 -45.47 24.90
CA GLN D 32 9.16 -45.39 23.88
C GLN D 32 10.41 -44.72 24.43
N LEU D 33 11.57 -45.29 24.12
CA LEU D 33 12.86 -44.74 24.49
C LEU D 33 13.69 -44.58 23.23
N LYS D 34 14.15 -43.36 22.95
CA LYS D 34 14.97 -43.12 21.78
C LYS D 34 16.42 -43.49 22.09
N LEU D 35 17.04 -44.25 21.19
CA LEU D 35 18.38 -44.74 21.37
C LEU D 35 19.20 -44.41 20.13
N CYS D 36 20.35 -43.79 20.31
CA CYS D 36 21.25 -43.46 19.22
C CYS D 36 22.50 -44.34 19.32
N LEU D 37 23.32 -44.26 18.27
CA LEU D 37 24.52 -45.08 18.15
C LEU D 37 25.74 -44.18 18.17
N ALA D 38 26.69 -44.48 19.05
CA ALA D 38 27.88 -43.65 19.18
C ALA D 38 28.99 -44.47 19.81
N ALA D 39 30.23 -44.00 19.60
CA ALA D 39 31.41 -44.63 20.18
C ALA D 39 32.44 -43.55 20.46
N GLU D 40 33.28 -43.82 21.46
CA GLU D 40 34.25 -42.81 21.90
C GLU D 40 35.44 -42.68 20.97
N GLY D 41 35.88 -43.78 20.35
CA GLY D 41 37.03 -43.74 19.47
C GLY D 41 38.30 -44.32 20.07
N PHE D 42 39.22 -43.46 20.49
CA PHE D 42 40.51 -43.91 21.00
C PHE D 42 40.38 -44.70 22.30
N GLY D 43 40.64 -46.00 22.25
CA GLY D 43 40.63 -46.84 23.43
C GLY D 43 39.51 -47.86 23.48
N ASN D 44 38.43 -47.65 22.72
CA ASN D 44 37.32 -48.61 22.67
C ASN D 44 36.85 -48.71 21.22
N ARG D 45 37.32 -49.75 20.52
CA ARG D 45 36.91 -49.95 19.14
C ARG D 45 35.45 -50.39 19.03
N LEU D 46 34.82 -50.77 20.13
CA LEU D 46 33.43 -51.20 20.10
C LEU D 46 32.50 -49.99 20.11
N CYS D 47 31.21 -50.26 19.94
CA CYS D 47 30.19 -49.21 19.89
C CYS D 47 29.04 -49.60 20.80
N PHE D 48 28.35 -48.60 21.32
CA PHE D 48 27.28 -48.82 22.30
C PHE D 48 26.15 -47.84 22.01
N LEU D 49 25.16 -47.83 22.90
CA LEU D 49 23.95 -47.03 22.76
C LEU D 49 23.91 -45.93 23.82
N GLU D 50 23.35 -44.78 23.43
CA GLU D 50 23.23 -43.63 24.33
C GLU D 50 21.77 -43.20 24.42
N PRO D 51 21.10 -43.42 25.55
CA PRO D 51 19.70 -42.98 25.68
C PRO D 51 19.58 -41.46 25.62
N THR D 52 18.53 -41.00 24.94
CA THR D 52 18.26 -39.57 24.78
C THR D 52 16.76 -39.34 24.99
N SER D 53 16.22 -39.88 26.08
CA SER D 53 14.79 -39.81 26.35
C SER D 53 14.41 -38.83 27.45
N ASN D 54 15.37 -38.31 28.20
CA ASN D 54 15.12 -37.41 29.32
C ASN D 54 15.93 -36.14 29.16
N ALA D 55 15.86 -35.53 27.97
CA ALA D 55 16.63 -34.32 27.70
C ALA D 55 16.26 -33.19 28.65
N GLN D 56 15.03 -33.20 29.18
CA GLN D 56 14.62 -32.16 30.12
C GLN D 56 15.35 -32.24 31.45
N ASN D 57 15.89 -33.41 31.79
CA ASN D 57 16.63 -33.57 33.04
C ASN D 57 18.00 -34.17 32.85
N VAL D 58 18.14 -35.14 31.95
CA VAL D 58 19.42 -35.81 31.70
C VAL D 58 20.00 -35.23 30.40
N PRO D 59 21.14 -34.55 30.45
CA PRO D 59 21.73 -34.01 29.23
C PRO D 59 22.43 -35.10 28.43
N PRO D 60 21.91 -35.42 27.24
CA PRO D 60 22.54 -36.45 26.42
C PRO D 60 23.88 -35.98 25.86
N ASP D 61 24.79 -36.94 25.70
CA ASP D 61 26.12 -36.66 25.17
C ASP D 61 26.07 -36.79 23.65
N LEU D 62 26.07 -35.66 22.96
CA LEU D 62 26.06 -35.64 21.50
C LEU D 62 27.40 -35.23 20.91
N ALA D 63 28.47 -35.22 21.71
CA ALA D 63 29.78 -34.89 21.18
C ALA D 63 30.36 -36.03 20.35
N ILE D 64 29.93 -37.26 20.60
CA ILE D 64 30.45 -38.44 19.92
C ILE D 64 29.42 -39.11 19.04
N CYS D 65 28.18 -38.61 19.01
CA CYS D 65 27.14 -39.22 18.19
C CYS D 65 27.16 -38.74 16.75
N CYS D 66 27.89 -37.66 16.45
CA CYS D 66 27.87 -37.08 15.12
C CYS D 66 28.58 -37.99 14.13
N PHE D 67 27.95 -38.19 12.97
CA PHE D 67 28.52 -38.92 11.84
C PHE D 67 28.55 -38.00 10.63
N THR D 68 29.05 -38.53 9.50
CA THR D 68 29.08 -37.74 8.28
C THR D 68 29.13 -38.69 7.09
N LEU D 69 28.53 -38.25 5.99
CA LEU D 69 28.48 -39.04 4.76
C LEU D 69 29.52 -38.53 3.77
N GLU D 70 30.38 -39.43 3.30
CA GLU D 70 31.48 -39.05 2.42
C GLU D 70 31.36 -39.59 1.01
N GLN D 71 30.85 -40.79 0.83
CA GLN D 71 30.78 -41.40 -0.49
C GLN D 71 29.43 -42.09 -0.65
N SER D 72 28.98 -42.18 -1.90
CA SER D 72 27.75 -42.89 -2.24
C SER D 72 27.88 -43.39 -3.66
N LEU D 73 27.84 -44.71 -3.82
CA LEU D 73 28.11 -45.32 -5.12
C LEU D 73 27.16 -46.49 -5.34
N SER D 74 26.97 -46.84 -6.60
CA SER D 74 26.24 -48.06 -6.92
C SER D 74 27.09 -49.28 -6.63
N VAL D 75 26.44 -50.44 -6.53
CA VAL D 75 27.15 -51.66 -6.14
C VAL D 75 28.21 -52.02 -7.16
N ARG D 76 27.89 -51.91 -8.45
CA ARG D 76 28.88 -52.24 -9.48
C ARG D 76 30.05 -51.26 -9.47
N ALA D 77 29.77 -49.97 -9.27
CA ALA D 77 30.84 -49.00 -9.15
C ALA D 77 31.75 -49.33 -7.98
N LEU D 78 31.15 -49.72 -6.84
CA LEU D 78 31.93 -50.12 -5.68
C LEU D 78 32.81 -51.32 -6.01
N GLN D 79 32.24 -52.34 -6.63
CA GLN D 79 33.00 -53.57 -6.87
C GLN D 79 34.09 -53.36 -7.91
N GLU D 80 33.90 -52.46 -8.87
CA GLU D 80 34.99 -52.20 -9.81
C GLU D 80 36.06 -51.33 -9.16
N MET D 81 35.67 -50.42 -8.27
CA MET D 81 36.66 -49.65 -7.53
C MET D 81 37.49 -50.53 -6.61
N LEU D 82 36.89 -51.61 -6.09
CA LEU D 82 37.62 -52.49 -5.16
C LEU D 82 38.87 -53.08 -5.80
N ALA D 83 38.88 -53.27 -7.12
CA ALA D 83 40.04 -53.81 -7.80
C ALA D 83 41.13 -52.79 -8.04
N ASN D 84 40.87 -51.51 -7.80
CA ASN D 84 41.84 -50.46 -8.02
C ASN D 84 41.95 -49.55 -6.81
N GLY D 97 32.31 -33.27 -5.58
CA GLY D 97 30.95 -32.95 -5.99
C GLY D 97 29.94 -33.16 -4.88
N HIS D 98 28.66 -33.29 -5.26
CA HIS D 98 27.59 -33.49 -4.30
C HIS D 98 26.50 -34.32 -4.96
N ARG D 99 26.41 -35.59 -4.59
CA ARG D 99 25.39 -36.48 -5.10
C ARG D 99 24.26 -36.62 -4.09
N THR D 100 23.13 -37.13 -4.56
CA THR D 100 21.95 -37.37 -3.73
C THR D 100 21.76 -38.86 -3.53
N LEU D 101 21.40 -39.25 -2.31
CA LEU D 101 21.26 -40.66 -2.00
C LEU D 101 20.00 -41.23 -2.64
N LEU D 102 20.10 -42.47 -3.11
CA LEU D 102 18.97 -43.24 -3.60
C LEU D 102 19.01 -44.63 -3.00
N TYR D 103 17.83 -45.20 -2.76
CA TYR D 103 17.75 -46.56 -2.23
C TYR D 103 18.37 -47.54 -3.20
N GLY D 104 19.20 -48.44 -2.66
CA GLY D 104 19.94 -49.41 -3.46
C GLY D 104 21.40 -49.08 -3.61
N HIS D 105 21.81 -47.83 -3.38
CA HIS D 105 23.21 -47.47 -3.45
C HIS D 105 23.95 -47.93 -2.18
N ALA D 106 25.27 -47.80 -2.22
CA ALA D 106 26.11 -48.09 -1.08
C ALA D 106 26.35 -46.80 -0.30
N ILE D 107 27.14 -46.90 0.78
CA ILE D 107 27.40 -45.75 1.63
C ILE D 107 28.70 -46.00 2.38
N LEU D 108 29.33 -44.90 2.81
CA LEU D 108 30.56 -44.95 3.60
C LEU D 108 30.38 -44.00 4.78
N LEU D 109 30.04 -44.56 5.94
CA LEU D 109 29.92 -43.74 7.13
C LEU D 109 31.30 -43.27 7.59
N ARG D 110 31.31 -42.23 8.41
CA ARG D 110 32.57 -41.69 8.92
C ARG D 110 32.30 -40.96 10.22
N HIS D 111 32.88 -41.44 11.30
CA HIS D 111 32.69 -40.77 12.59
C HIS D 111 33.40 -39.43 12.58
N ALA D 112 32.67 -38.38 12.96
CA ALA D 112 33.17 -37.02 12.78
C ALA D 112 34.35 -36.71 13.70
N HIS D 113 34.22 -37.05 14.98
CA HIS D 113 35.19 -36.60 15.97
C HIS D 113 36.50 -37.37 15.85
N SER D 114 36.45 -38.69 15.99
CA SER D 114 37.66 -39.50 15.95
C SER D 114 38.21 -39.68 14.54
N ARG D 115 37.43 -39.35 13.52
CA ARG D 115 37.85 -39.47 12.12
C ARG D 115 38.20 -40.91 11.76
N MET D 116 37.35 -41.84 12.17
CA MET D 116 37.52 -43.24 11.85
C MET D 116 36.26 -43.75 11.17
N TYR D 117 36.45 -44.73 10.30
CA TYR D 117 35.36 -45.22 9.46
C TYR D 117 34.61 -46.35 10.16
N LEU D 118 33.29 -46.23 10.21
CA LEU D 118 32.45 -47.27 10.78
C LEU D 118 32.49 -48.52 9.91
N SER D 119 32.55 -49.69 10.54
CA SER D 119 32.68 -50.95 9.81
C SER D 119 32.09 -52.06 10.65
N CYS D 120 32.41 -53.31 10.28
CA CYS D 120 31.95 -54.48 11.01
C CYS D 120 33.13 -55.42 11.22
N LEU D 121 33.36 -55.83 12.47
CA LEU D 121 34.51 -56.65 12.81
C LEU D 121 34.15 -58.13 12.72
N THR D 122 35.10 -59.00 13.06
CA THR D 122 34.93 -60.43 12.98
C THR D 122 35.21 -61.09 14.33
N THR D 123 34.84 -60.42 15.41
CA THR D 123 35.05 -60.94 16.76
C THR D 123 33.77 -61.62 17.24
N SER D 124 33.86 -62.24 18.41
CA SER D 124 32.75 -62.96 19.02
C SER D 124 32.35 -62.30 20.32
N ARG D 125 31.06 -62.11 20.52
CA ARG D 125 30.56 -61.49 21.74
C ARG D 125 29.19 -62.04 22.07
N SER D 126 28.83 -61.93 23.35
CA SER D 126 27.50 -62.27 23.89
C SER D 126 27.27 -63.77 23.95
N MET D 127 28.20 -64.56 23.40
CA MET D 127 28.16 -66.02 23.46
C MET D 127 26.79 -66.57 23.09
N THR D 128 26.25 -66.09 21.97
CA THR D 128 24.91 -66.45 21.54
C THR D 128 24.88 -67.68 20.64
N ASP D 129 26.03 -68.29 20.36
CA ASP D 129 26.14 -69.41 19.44
C ASP D 129 25.46 -69.06 18.11
N LYS D 130 25.90 -67.94 17.54
CA LYS D 130 25.13 -67.28 16.50
C LYS D 130 26.08 -66.63 15.52
N LEU D 131 25.54 -65.71 14.71
CA LEU D 131 26.28 -65.00 13.67
C LEU D 131 26.34 -63.51 14.00
N ALA D 132 26.63 -63.20 15.27
CA ALA D 132 26.55 -61.82 15.75
C ALA D 132 27.49 -60.90 14.97
N PHE D 133 28.80 -61.13 15.08
CA PHE D 133 29.81 -60.28 14.45
C PHE D 133 29.63 -58.82 14.89
N ASP D 134 29.87 -58.60 16.18
CA ASP D 134 29.66 -57.30 16.82
C ASP D 134 30.32 -56.18 16.02
N VAL D 135 29.69 -55.00 16.07
CA VAL D 135 30.11 -53.88 15.25
C VAL D 135 31.35 -53.22 15.85
N GLY D 136 32.14 -52.60 14.98
CA GLY D 136 33.31 -51.86 15.41
C GLY D 136 33.89 -51.07 14.26
N LEU D 137 34.63 -50.03 14.62
CA LEU D 137 35.24 -49.11 13.66
C LEU D 137 36.73 -49.03 13.95
N GLN D 138 37.57 -49.32 12.95
CA GLN D 138 39.01 -49.28 13.19
C GLN D 138 39.75 -48.27 12.32
N GLU D 139 39.89 -48.50 11.01
CA GLU D 139 40.53 -47.53 10.14
C GLU D 139 40.05 -47.71 8.70
N ASP D 140 39.10 -48.62 8.48
CA ASP D 140 39.05 -49.39 7.25
C ASP D 140 38.70 -48.50 6.06
N ALA D 141 39.67 -47.69 5.65
CA ALA D 141 39.57 -47.00 4.37
C ALA D 141 39.57 -48.01 3.23
N THR D 142 40.35 -49.08 3.36
CA THR D 142 40.35 -50.15 2.36
C THR D 142 38.96 -50.77 2.27
N GLY D 143 38.42 -50.82 1.06
CA GLY D 143 37.03 -51.17 0.85
C GLY D 143 36.73 -52.65 0.82
N GLU D 144 36.67 -53.28 1.97
CA GLU D 144 36.21 -54.67 1.96
C GLU D 144 35.02 -54.91 2.88
N ALA D 145 34.99 -54.28 4.06
CA ALA D 145 33.91 -54.48 5.01
C ALA D 145 33.42 -53.17 5.62
N CYS D 146 33.72 -52.04 4.98
CA CYS D 146 33.39 -50.73 5.53
C CYS D 146 32.24 -50.07 4.80
N TRP D 147 31.45 -50.84 4.06
CA TRP D 147 30.41 -50.29 3.21
C TRP D 147 29.07 -50.93 3.56
N TRP D 148 28.00 -50.16 3.38
CA TRP D 148 26.64 -50.62 3.64
C TRP D 148 25.75 -50.25 2.47
N THR D 149 24.77 -51.11 2.21
CA THR D 149 23.70 -50.80 1.28
C THR D 149 22.40 -50.65 2.05
N MET D 150 21.58 -49.70 1.63
CA MET D 150 20.34 -49.37 2.31
C MET D 150 19.15 -49.72 1.43
N HIS D 151 18.11 -50.24 2.05
CA HIS D 151 16.89 -50.62 1.35
C HIS D 151 15.69 -49.98 2.02
N PRO D 152 14.64 -49.67 1.27
CA PRO D 152 13.42 -49.15 1.89
C PRO D 152 12.76 -50.20 2.75
N ALA D 153 12.05 -49.73 3.78
CA ALA D 153 11.43 -50.65 4.72
C ALA D 153 10.11 -51.20 4.20
N SER D 154 9.16 -50.32 3.92
CA SER D 154 7.82 -50.71 3.52
C SER D 154 7.67 -50.69 2.00
N LYS D 155 6.51 -51.19 1.55
CA LYS D 155 6.24 -51.29 0.12
C LYS D 155 5.94 -49.95 -0.54
N GLN D 156 5.78 -48.87 0.24
CA GLN D 156 5.50 -47.58 -0.35
C GLN D 156 6.64 -47.07 -1.22
N ARG D 157 7.88 -47.35 -0.82
CA ARG D 157 9.05 -46.90 -1.56
C ARG D 157 9.55 -48.01 -2.49
N SER D 158 10.55 -47.68 -3.28
CA SER D 158 11.11 -48.62 -4.25
C SER D 158 12.54 -48.20 -4.55
N GLU D 159 13.24 -49.02 -5.34
CA GLU D 159 14.62 -48.73 -5.66
C GLU D 159 14.71 -47.55 -6.62
N GLY D 160 15.87 -46.91 -6.62
CA GLY D 160 16.08 -45.76 -7.48
C GLY D 160 15.25 -44.56 -7.15
N GLU D 161 14.76 -44.45 -5.92
CA GLU D 161 13.97 -43.31 -5.49
C GLU D 161 14.78 -42.40 -4.57
N LYS D 162 14.52 -41.11 -4.66
CA LYS D 162 15.21 -40.14 -3.82
C LYS D 162 14.82 -40.35 -2.36
N VAL D 163 15.75 -40.03 -1.46
CA VAL D 163 15.61 -40.36 -0.05
C VAL D 163 15.01 -39.14 0.67
N ARG D 164 13.75 -39.27 1.05
CA ARG D 164 13.07 -38.23 1.79
C ARG D 164 13.68 -38.09 3.18
N VAL D 165 13.83 -36.85 3.64
CA VAL D 165 14.39 -36.61 4.96
C VAL D 165 13.47 -37.20 6.02
N GLY D 166 14.03 -37.96 6.95
CA GLY D 166 13.24 -38.56 8.00
C GLY D 166 12.57 -39.88 7.62
N ASP D 167 13.10 -40.58 6.62
CA ASP D 167 12.55 -41.87 6.25
C ASP D 167 13.01 -42.94 7.22
N ASP D 168 12.66 -44.19 6.92
CA ASP D 168 13.09 -45.35 7.69
C ASP D 168 13.93 -46.25 6.79
N LEU D 169 15.12 -46.59 7.25
CA LEU D 169 16.08 -47.33 6.45
C LEU D 169 16.37 -48.69 7.07
N ILE D 170 16.77 -49.63 6.22
CA ILE D 170 17.32 -50.91 6.65
C ILE D 170 18.71 -51.01 6.04
N LEU D 171 19.71 -51.25 6.87
CA LEU D 171 21.10 -51.26 6.43
C LEU D 171 21.66 -52.67 6.45
N VAL D 172 22.40 -53.02 5.41
CA VAL D 172 22.96 -54.35 5.23
C VAL D 172 24.45 -54.22 4.94
N SER D 173 25.26 -55.03 5.60
CA SER D 173 26.69 -55.03 5.34
C SER D 173 26.97 -55.58 3.94
N VAL D 174 27.87 -54.91 3.21
CA VAL D 174 28.23 -55.37 1.88
C VAL D 174 29.02 -56.68 1.96
N SER D 175 29.91 -56.79 2.94
CA SER D 175 30.80 -57.95 3.01
C SER D 175 30.11 -59.15 3.65
N SER D 176 29.64 -59.01 4.88
CA SER D 176 29.08 -60.14 5.61
C SER D 176 27.64 -60.43 5.27
N GLU D 177 26.89 -59.43 4.79
CA GLU D 177 25.50 -59.60 4.37
C GLU D 177 24.59 -59.92 5.57
N ARG D 178 24.69 -59.09 6.61
CA ARG D 178 23.85 -59.20 7.79
C ARG D 178 23.24 -57.85 8.12
N TYR D 179 21.95 -57.83 8.46
CA TYR D 179 21.31 -56.61 8.93
C TYR D 179 21.92 -56.18 10.26
N LEU D 180 22.14 -54.88 10.42
CA LEU D 180 22.61 -54.34 11.68
C LEU D 180 21.48 -54.48 12.69
N HIS D 181 21.62 -55.44 13.61
CA HIS D 181 20.53 -55.85 14.49
C HIS D 181 20.68 -55.20 15.86
N LEU D 182 19.60 -54.60 16.34
CA LEU D 182 19.50 -54.17 17.74
C LEU D 182 19.16 -55.41 18.56
N SER D 183 20.19 -56.14 18.96
CA SER D 183 20.02 -57.43 19.62
C SER D 183 19.96 -57.22 21.13
N THR D 184 18.75 -57.23 21.68
CA THR D 184 18.55 -57.20 23.12
C THR D 184 18.59 -58.62 23.68
N ALA D 185 19.01 -58.74 24.93
CA ALA D 185 19.19 -60.03 25.58
C ALA D 185 18.89 -59.88 27.06
N SER D 186 19.33 -60.85 27.85
CA SER D 186 19.11 -60.80 29.29
C SER D 186 19.75 -59.56 29.91
N GLY D 187 20.93 -59.19 29.44
CA GLY D 187 21.61 -58.01 29.94
C GLY D 187 21.03 -56.73 29.39
N GLU D 188 21.88 -55.74 29.15
CA GLU D 188 21.44 -54.46 28.58
C GLU D 188 21.23 -54.61 27.08
N LEU D 189 21.02 -53.50 26.39
CA LEU D 189 20.78 -53.52 24.96
C LEU D 189 22.11 -53.40 24.20
N GLN D 190 22.34 -54.32 23.28
CA GLN D 190 23.57 -54.39 22.52
C GLN D 190 23.25 -54.32 21.02
N VAL D 191 24.25 -53.95 20.24
CA VAL D 191 24.12 -53.80 18.80
C VAL D 191 25.10 -54.73 18.10
N ASP D 192 24.61 -55.45 17.10
CA ASP D 192 25.42 -56.34 16.28
C ASP D 192 24.69 -56.52 14.95
N ALA D 193 25.12 -57.50 14.15
CA ALA D 193 24.47 -57.81 12.88
C ALA D 193 24.25 -59.31 12.78
N SER D 194 23.16 -59.81 13.36
CA SER D 194 22.97 -61.26 13.38
C SER D 194 21.68 -61.74 12.72
N PHE D 195 20.50 -61.34 13.22
CA PHE D 195 19.29 -62.10 12.91
C PHE D 195 18.24 -61.35 12.10
N MET D 196 17.71 -60.23 12.57
CA MET D 196 16.64 -59.57 11.81
C MET D 196 16.85 -58.08 11.58
N GLN D 197 15.79 -57.42 11.13
CA GLN D 197 15.83 -56.02 10.74
C GLN D 197 15.90 -55.12 11.96
N THR D 198 16.23 -53.86 11.70
CA THR D 198 16.23 -52.83 12.74
C THR D 198 15.91 -51.51 12.06
N LEU D 199 14.75 -50.94 12.40
CA LEU D 199 14.30 -49.71 11.76
C LEU D 199 15.13 -48.54 12.27
N TRP D 200 15.94 -47.96 11.38
CA TRP D 200 16.77 -46.80 11.71
C TRP D 200 16.20 -45.56 11.04
N ASN D 201 15.97 -44.52 11.84
CA ASN D 201 15.50 -43.23 11.35
C ASN D 201 16.67 -42.26 11.30
N MET D 202 16.84 -41.62 10.15
CA MET D 202 17.96 -40.71 9.97
C MET D 202 17.63 -39.36 10.62
N ASN D 203 18.65 -38.51 10.73
CA ASN D 203 18.42 -37.22 11.38
C ASN D 203 19.43 -36.19 10.90
N PRO D 204 18.98 -35.13 10.23
CA PRO D 204 19.90 -34.12 9.70
C PRO D 204 20.45 -33.17 10.77
N ILE D 205 21.54 -33.56 11.44
CA ILE D 205 22.13 -32.71 12.46
C ILE D 205 22.47 -31.34 11.90
N CYS D 206 23.09 -31.30 10.73
CA CYS D 206 23.49 -30.04 10.11
C CYS D 206 23.82 -30.31 8.64
N SER D 207 24.28 -29.27 7.94
CA SER D 207 24.62 -29.33 6.53
C SER D 207 25.75 -28.34 6.28
N CYS D 208 25.95 -27.98 5.01
CA CYS D 208 27.03 -27.07 4.64
C CYS D 208 26.71 -25.67 5.12
N CYS D 209 27.25 -25.30 6.28
CA CYS D 209 26.97 -24.01 6.89
C CYS D 209 27.69 -22.89 6.16
N GLU D 210 27.35 -21.66 6.55
CA GLU D 210 27.97 -20.48 5.98
C GLU D 210 29.23 -20.10 6.75
N GLU D 211 30.21 -19.56 6.03
CA GLU D 211 31.48 -19.19 6.63
C GLU D 211 31.33 -17.96 7.51
N GLY D 212 32.09 -17.92 8.61
CA GLY D 212 32.14 -16.76 9.45
C GLY D 212 30.92 -16.52 10.31
N TYR D 213 30.14 -17.56 10.58
CA TYR D 213 28.93 -17.44 11.39
C TYR D 213 28.90 -18.54 12.43
N VAL D 214 28.43 -18.21 13.63
CA VAL D 214 28.42 -19.16 14.74
C VAL D 214 27.35 -20.21 14.49
N THR D 215 27.71 -21.49 14.68
CA THR D 215 26.78 -22.59 14.59
C THR D 215 26.85 -23.41 15.87
N GLY D 216 25.80 -24.17 16.13
CA GLY D 216 25.78 -25.03 17.29
C GLY D 216 26.79 -26.15 17.18
N GLY D 217 27.18 -26.66 18.35
CA GLY D 217 28.08 -27.79 18.41
C GLY D 217 29.54 -27.47 18.18
N HIS D 218 29.94 -26.20 18.26
CA HIS D 218 31.33 -25.83 18.08
C HIS D 218 32.04 -25.74 19.43
N VAL D 219 33.37 -25.82 19.38
CA VAL D 219 34.22 -25.70 20.55
C VAL D 219 35.10 -24.47 20.36
N LEU D 220 35.00 -23.53 21.29
CA LEU D 220 35.51 -22.19 21.04
C LEU D 220 35.65 -21.44 22.36
N ARG D 221 36.37 -20.31 22.31
CA ARG D 221 36.76 -19.56 23.48
C ARG D 221 35.92 -18.30 23.62
N LEU D 222 35.96 -17.73 24.82
CA LEU D 222 35.14 -16.59 25.22
C LEU D 222 36.03 -15.44 25.70
N PHE D 223 36.46 -14.58 24.78
CA PHE D 223 37.14 -13.36 25.21
C PHE D 223 36.17 -12.37 25.83
N HIS D 224 36.73 -11.53 26.69
CA HIS D 224 36.02 -10.41 27.30
C HIS D 224 36.89 -9.17 27.14
N GLY D 225 36.25 -8.01 27.14
CA GLY D 225 36.98 -6.77 27.03
C GLY D 225 37.39 -6.45 25.60
N HIS D 226 38.61 -5.94 25.43
CA HIS D 226 39.05 -5.43 24.14
C HIS D 226 40.12 -6.30 23.48
N MET D 227 41.22 -6.57 24.17
CA MET D 227 42.38 -7.20 23.54
C MET D 227 42.69 -8.58 24.12
N ASP D 228 43.02 -8.67 25.41
CA ASP D 228 43.52 -9.90 26.02
C ASP D 228 42.83 -10.12 27.36
N GLU D 229 41.72 -10.85 27.32
CA GLU D 229 40.98 -11.25 28.52
C GLU D 229 39.96 -12.29 28.10
N CYS D 230 39.80 -13.33 28.90
CA CYS D 230 38.91 -14.42 28.51
C CYS D 230 38.39 -15.15 29.73
N LEU D 231 37.27 -15.85 29.54
CA LEU D 231 36.70 -16.68 30.59
C LEU D 231 37.59 -17.90 30.83
N THR D 232 37.52 -18.43 32.04
CA THR D 232 38.33 -19.57 32.44
C THR D 232 37.77 -20.14 33.73
N ILE D 233 38.44 -21.20 34.21
CA ILE D 233 38.11 -21.86 35.46
C ILE D 233 39.40 -21.92 36.28
N SER D 234 39.32 -22.41 37.51
CA SER D 234 40.50 -22.53 38.36
C SER D 234 41.49 -23.53 37.76
N ALA D 235 42.74 -23.41 38.19
CA ALA D 235 43.82 -24.22 37.65
C ALA D 235 43.73 -25.66 38.18
N ALA D 236 44.63 -26.50 37.69
CA ALA D 236 44.66 -27.90 38.06
C ALA D 236 45.30 -28.08 39.44
N ASP D 237 45.17 -29.29 39.97
CA ASP D 237 45.75 -29.69 41.25
C ASP D 237 45.27 -28.78 42.38
N SER D 238 43.95 -28.81 42.60
CA SER D 238 43.34 -28.04 43.67
C SER D 238 42.11 -28.77 44.17
N ASP D 239 41.73 -28.47 45.41
CA ASP D 239 40.58 -29.11 46.05
C ASP D 239 39.27 -28.37 45.79
N ASP D 240 39.30 -27.28 45.02
CA ASP D 240 38.08 -26.51 44.75
C ASP D 240 37.08 -27.28 43.91
N GLN D 241 37.48 -28.41 43.30
CA GLN D 241 36.62 -29.25 42.48
C GLN D 241 36.09 -28.51 41.25
N ARG D 242 36.77 -27.45 40.83
CA ARG D 242 36.43 -26.69 39.62
C ARG D 242 34.96 -26.25 39.64
N ARG D 243 34.62 -25.45 40.66
CA ARG D 243 33.24 -25.01 40.85
C ARG D 243 33.06 -23.50 40.71
N LEU D 244 34.08 -22.77 40.31
CA LEU D 244 34.01 -21.32 40.25
C LEU D 244 34.50 -20.82 38.91
N VAL D 245 33.98 -19.67 38.48
CA VAL D 245 34.25 -19.10 37.16
C VAL D 245 35.08 -17.84 37.35
N TYR D 246 36.07 -17.64 36.48
CA TYR D 246 37.01 -16.52 36.64
C TYR D 246 37.33 -15.91 35.28
N TYR D 247 38.17 -14.88 35.32
CA TYR D 247 38.66 -14.19 34.12
C TYR D 247 40.18 -14.21 34.14
N GLU D 248 40.79 -14.19 32.95
CA GLU D 248 42.24 -14.28 32.86
C GLU D 248 42.71 -13.65 31.55
N GLY D 249 43.92 -13.09 31.59
CA GLY D 249 44.50 -12.42 30.43
C GLY D 249 45.15 -13.35 29.44
N GLY D 250 46.28 -12.93 28.85
CA GLY D 250 46.92 -13.69 27.80
C GLY D 250 47.86 -14.77 28.29
N ALA D 251 47.37 -15.60 29.22
CA ALA D 251 48.11 -16.75 29.71
C ALA D 251 47.40 -18.06 29.40
N VAL D 252 46.11 -18.15 29.73
CA VAL D 252 45.32 -19.34 29.45
C VAL D 252 44.74 -19.33 28.03
N CYS D 253 44.95 -18.25 27.28
CA CYS D 253 44.37 -18.14 25.94
C CYS D 253 44.87 -19.20 24.99
N THR D 254 46.00 -19.85 25.29
CA THR D 254 46.50 -20.97 24.49
C THR D 254 46.41 -22.29 25.27
N HIS D 255 45.39 -22.43 26.11
CA HIS D 255 45.28 -23.58 27.00
C HIS D 255 43.89 -24.20 26.85
N ALA D 256 43.80 -25.49 27.20
CA ALA D 256 42.54 -26.21 27.08
C ALA D 256 41.53 -25.83 28.15
N ARG D 257 41.97 -25.12 29.18
CA ARG D 257 41.05 -24.77 30.26
C ARG D 257 39.96 -23.82 29.80
N SER D 258 40.30 -22.88 28.92
CA SER D 258 39.37 -21.84 28.48
C SER D 258 38.51 -22.25 27.29
N LEU D 259 38.32 -23.53 27.03
CA LEU D 259 37.54 -23.98 25.88
C LEU D 259 36.12 -24.33 26.32
N TRP D 260 35.14 -23.83 25.56
CA TRP D 260 33.73 -24.04 25.87
C TRP D 260 33.00 -24.58 24.66
N ARG D 261 31.96 -25.37 24.91
CA ARG D 261 31.11 -25.95 23.88
C ARG D 261 29.67 -25.53 24.10
N LEU D 262 28.99 -25.16 23.02
CA LEU D 262 27.60 -24.74 23.06
C LEU D 262 26.71 -25.88 22.58
N GLU D 263 25.72 -26.23 23.39
CA GLU D 263 24.81 -27.34 23.09
C GLU D 263 23.38 -26.84 23.13
N PRO D 264 22.75 -26.63 21.97
CA PRO D 264 21.34 -26.20 21.97
C PRO D 264 20.42 -27.31 22.46
N LEU D 265 19.19 -26.93 22.80
CA LEU D 265 18.26 -27.85 23.44
C LEU D 265 17.58 -28.79 22.45
N ARG D 266 17.60 -28.50 21.16
CA ARG D 266 16.94 -29.36 20.20
C ARG D 266 17.76 -30.61 19.93
N ILE D 267 17.09 -31.64 19.40
CA ILE D 267 17.77 -32.86 18.99
C ILE D 267 18.14 -32.82 17.51
N SER D 268 17.31 -32.21 16.67
CA SER D 268 17.58 -32.08 15.25
C SER D 268 17.99 -30.65 14.93
N TRP D 269 18.81 -30.51 13.89
CA TRP D 269 19.31 -29.21 13.43
C TRP D 269 20.05 -28.47 14.53
N SER D 270 20.70 -29.22 15.43
CA SER D 270 21.46 -28.60 16.51
C SER D 270 22.66 -27.83 15.97
N GLY D 271 23.19 -28.24 14.82
CA GLY D 271 24.33 -27.59 14.21
C GLY D 271 23.99 -26.41 13.33
N SER D 272 22.73 -25.98 13.29
CA SER D 272 22.32 -24.86 12.46
C SER D 272 22.97 -23.56 12.93
N HIS D 273 22.78 -22.51 12.13
CA HIS D 273 23.29 -21.20 12.50
C HIS D 273 22.66 -20.72 13.79
N LEU D 274 23.46 -20.07 14.63
CA LEU D 274 23.00 -19.57 15.91
C LEU D 274 22.49 -18.14 15.76
N ARG D 275 21.31 -17.88 16.30
CA ARG D 275 20.62 -16.62 16.12
C ARG D 275 20.22 -16.04 17.47
N TRP D 276 19.94 -14.74 17.49
CA TRP D 276 19.58 -14.06 18.71
C TRP D 276 18.28 -14.62 19.27
N GLY D 277 18.18 -14.66 20.60
CA GLY D 277 16.99 -15.17 21.24
C GLY D 277 16.79 -16.65 21.02
N GLN D 278 17.68 -17.46 21.57
CA GLN D 278 17.63 -18.91 21.42
C GLN D 278 18.24 -19.58 22.65
N PRO D 279 17.45 -20.33 23.41
CA PRO D 279 18.00 -20.98 24.60
C PRO D 279 19.03 -22.04 24.24
N LEU D 280 20.03 -22.16 25.10
CA LEU D 280 21.14 -23.08 24.85
C LEU D 280 21.88 -23.32 26.16
N ARG D 281 22.72 -24.35 26.16
CA ARG D 281 23.52 -24.71 27.31
C ARG D 281 24.99 -24.44 27.02
N ILE D 282 25.80 -24.45 28.08
CA ILE D 282 27.24 -24.24 27.97
C ILE D 282 27.95 -25.38 28.66
N ARG D 283 28.94 -25.97 27.98
CA ARG D 283 29.67 -27.14 28.47
C ARG D 283 31.17 -26.85 28.46
N HIS D 284 31.84 -27.23 29.55
CA HIS D 284 33.30 -27.20 29.60
C HIS D 284 33.83 -28.51 29.05
N VAL D 285 34.83 -28.42 28.16
CA VAL D 285 35.22 -29.59 27.37
C VAL D 285 36.05 -30.56 28.20
N THR D 286 37.15 -30.10 28.79
CA THR D 286 38.01 -31.01 29.53
C THR D 286 37.42 -31.38 30.89
N THR D 287 36.66 -30.47 31.50
CA THR D 287 36.00 -30.79 32.76
C THR D 287 34.80 -31.70 32.54
N GLY D 288 34.17 -31.62 31.37
CA GLY D 288 32.96 -32.39 31.11
C GLY D 288 31.79 -31.98 31.96
N ARG D 289 31.60 -30.68 32.17
CA ARG D 289 30.57 -30.17 33.06
C ARG D 289 29.93 -28.94 32.45
N TYR D 290 28.71 -28.64 32.89
CA TYR D 290 27.99 -27.45 32.46
C TYR D 290 28.14 -26.34 33.48
N LEU D 291 27.45 -25.23 33.22
CA LEU D 291 27.47 -24.05 34.08
C LEU D 291 26.05 -23.72 34.50
N ALA D 292 25.86 -23.45 35.79
CA ALA D 292 24.52 -23.24 36.31
C ALA D 292 24.58 -22.44 37.61
N LEU D 293 23.42 -21.92 37.99
CA LEU D 293 23.21 -21.23 39.27
C LEU D 293 21.94 -21.81 39.87
N THR D 294 22.09 -22.74 40.82
CA THR D 294 20.93 -23.51 41.26
C THR D 294 20.06 -22.73 42.24
N GLU D 295 20.56 -22.48 43.45
CA GLU D 295 19.76 -21.63 44.33
C GLU D 295 20.55 -20.53 45.02
N ASP D 296 21.74 -20.85 45.55
CA ASP D 296 22.49 -19.87 46.32
C ASP D 296 24.00 -19.90 46.10
N GLN D 297 24.56 -20.95 45.49
CA GLN D 297 26.00 -21.12 45.48
C GLN D 297 26.70 -20.23 44.45
N GLY D 298 25.96 -19.62 43.54
CA GLY D 298 26.55 -18.78 42.51
C GLY D 298 26.66 -19.49 41.18
N LEU D 299 27.39 -18.85 40.26
CA LEU D 299 27.62 -19.40 38.94
C LEU D 299 28.63 -20.54 39.07
N VAL D 300 28.11 -21.70 39.45
CA VAL D 300 28.94 -22.86 39.78
C VAL D 300 28.92 -23.82 38.59
N VAL D 301 30.07 -24.43 38.33
CA VAL D 301 30.21 -25.41 37.24
C VAL D 301 29.60 -26.71 37.73
N VAL D 302 28.34 -26.95 37.35
CA VAL D 302 27.63 -28.14 37.81
C VAL D 302 27.95 -29.33 36.89
N ASP D 303 27.76 -30.53 37.42
CA ASP D 303 28.04 -31.75 36.68
C ASP D 303 26.99 -31.96 35.59
N ALA D 304 27.10 -33.10 34.90
CA ALA D 304 26.16 -33.48 33.86
C ALA D 304 25.00 -34.31 34.39
N CYS D 305 24.69 -34.19 35.68
CA CYS D 305 23.58 -34.92 36.27
C CYS D 305 22.60 -34.02 37.04
N LYS D 306 22.90 -32.74 37.20
CA LYS D 306 22.03 -31.80 37.90
C LYS D 306 21.85 -30.54 37.05
N ALA D 307 21.55 -30.73 35.77
CA ALA D 307 21.43 -29.64 34.80
C ALA D 307 20.12 -29.75 34.05
N HIS D 308 19.01 -29.86 34.81
CA HIS D 308 17.71 -30.15 34.21
C HIS D 308 17.08 -28.92 33.57
N THR D 309 17.79 -28.32 32.59
CA THR D 309 17.31 -27.32 31.63
C THR D 309 16.74 -26.09 32.31
N LYS D 310 16.79 -26.04 33.63
CA LYS D 310 16.35 -24.88 34.39
C LYS D 310 17.49 -24.18 35.11
N ALA D 311 18.47 -24.94 35.61
CA ALA D 311 19.64 -24.34 36.23
C ALA D 311 20.57 -23.73 35.18
N THR D 312 20.67 -24.34 34.00
CA THR D 312 21.56 -23.79 32.98
C THR D 312 20.88 -22.65 32.22
N SER D 313 19.87 -22.97 31.42
CA SER D 313 18.94 -22.00 30.81
C SER D 313 19.58 -20.69 30.37
N PHE D 314 20.59 -20.73 29.50
CA PHE D 314 21.22 -19.52 29.02
C PHE D 314 20.75 -19.17 27.61
N CYS D 315 20.95 -17.91 27.25
CA CYS D 315 20.62 -17.40 25.92
C CYS D 315 21.44 -16.14 25.68
N PHE D 316 21.37 -15.64 24.44
CA PHE D 316 22.08 -14.43 24.06
C PHE D 316 21.07 -13.33 23.72
N ARG D 317 21.45 -12.09 24.06
CA ARG D 317 20.61 -10.93 23.81
C ARG D 317 21.44 -9.88 23.10
N VAL D 318 20.78 -9.11 22.22
CA VAL D 318 21.49 -8.13 21.41
C VAL D 318 22.10 -7.04 22.27
N SER D 319 21.31 -6.49 23.18
CA SER D 319 21.75 -5.38 24.02
C SER D 319 21.01 -5.46 25.35
N LYS D 320 21.10 -4.39 26.14
CA LYS D 320 20.39 -4.33 27.41
C LYS D 320 19.20 -3.39 27.31
N VAL D 331 12.19 -23.40 12.85
CA VAL D 331 12.90 -23.46 11.58
C VAL D 331 13.48 -24.86 11.37
N GLU D 332 13.00 -25.54 10.32
CA GLU D 332 13.48 -26.87 9.97
C GLU D 332 14.56 -26.83 8.89
N GLY D 333 15.29 -25.71 8.79
CA GLY D 333 16.36 -25.59 7.82
C GLY D 333 17.66 -25.13 8.44
N MET D 334 18.54 -24.57 7.63
CA MET D 334 19.82 -24.08 8.14
C MET D 334 19.63 -22.85 9.02
N GLY D 335 18.67 -21.98 8.69
CA GLY D 335 18.42 -20.80 9.47
C GLY D 335 19.21 -19.60 8.99
N PRO D 336 18.80 -18.40 9.40
CA PRO D 336 19.49 -17.18 8.98
C PRO D 336 20.78 -16.99 9.74
N PRO D 337 21.92 -16.86 9.04
CA PRO D 337 23.20 -16.64 9.73
C PRO D 337 23.33 -15.21 10.21
N GLU D 338 23.42 -15.04 11.53
CA GLU D 338 23.46 -13.71 12.13
C GLU D 338 24.74 -13.46 12.93
N ILE D 339 25.05 -14.33 13.89
CA ILE D 339 26.12 -14.07 14.85
C ILE D 339 27.46 -14.39 14.22
N LYS D 340 28.32 -13.38 14.12
CA LYS D 340 29.63 -13.51 13.49
C LYS D 340 30.70 -13.91 14.51
N TYR D 341 31.92 -14.09 14.02
CA TYR D 341 33.10 -14.35 14.84
C TYR D 341 33.82 -13.05 15.14
N GLY D 342 34.05 -12.78 16.41
CA GLY D 342 34.96 -11.73 16.82
C GLY D 342 34.35 -10.34 16.94
N GLU D 343 33.15 -10.12 16.40
CA GLU D 343 32.57 -8.79 16.45
C GLU D 343 31.06 -8.81 16.72
N SER D 344 30.49 -9.97 17.06
CA SER D 344 29.05 -10.03 17.29
C SER D 344 28.66 -9.30 18.57
N LEU D 345 29.55 -9.26 19.56
CA LEU D 345 29.33 -8.51 20.81
C LEU D 345 28.05 -8.96 21.53
N CYS D 346 27.83 -10.27 21.59
CA CYS D 346 26.64 -10.79 22.24
C CYS D 346 26.70 -10.57 23.75
N PHE D 347 25.52 -10.52 24.35
CA PHE D 347 25.37 -10.37 25.80
C PHE D 347 24.74 -11.63 26.36
N VAL D 348 25.34 -12.19 27.39
CA VAL D 348 24.85 -13.42 28.02
C VAL D 348 23.80 -13.06 29.06
N GLN D 349 22.75 -13.87 29.15
CA GLN D 349 21.66 -13.63 30.08
C GLN D 349 21.00 -14.94 30.45
N HIS D 350 20.79 -15.15 31.74
CA HIS D 350 20.04 -16.33 32.20
C HIS D 350 18.57 -16.16 31.83
N VAL D 351 17.95 -17.26 31.40
CA VAL D 351 16.58 -17.18 30.91
C VAL D 351 15.58 -17.10 32.05
N ALA D 352 15.66 -18.04 32.99
CA ALA D 352 14.68 -18.09 34.07
C ALA D 352 14.80 -16.87 34.99
N SER D 353 16.02 -16.53 35.41
CA SER D 353 16.20 -15.44 36.35
C SER D 353 16.28 -14.08 35.69
N GLY D 354 16.49 -14.03 34.37
CA GLY D 354 16.54 -12.76 33.67
C GLY D 354 17.68 -11.85 34.07
N LEU D 355 18.70 -12.38 34.74
CA LEU D 355 19.81 -11.56 35.21
C LEU D 355 20.82 -11.33 34.09
N TRP D 356 21.84 -10.52 34.39
CA TRP D 356 22.94 -10.24 33.48
C TRP D 356 24.24 -10.66 34.14
N LEU D 357 25.17 -11.20 33.35
CA LEU D 357 26.41 -11.73 33.88
C LEU D 357 27.50 -10.67 33.79
N THR D 358 28.20 -10.46 34.90
CA THR D 358 29.33 -9.55 34.96
C THR D 358 30.23 -9.98 36.11
N TYR D 359 31.30 -9.23 36.33
CA TYR D 359 32.30 -9.57 37.34
C TYR D 359 32.02 -8.78 38.62
N ALA D 360 32.04 -9.49 39.76
CA ALA D 360 31.94 -8.80 41.04
C ALA D 360 33.20 -8.00 41.32
N ALA D 361 34.36 -8.60 41.07
CA ALA D 361 35.68 -7.98 41.20
C ALA D 361 35.90 -7.36 42.58
N PRO D 362 35.52 -8.05 43.66
CA PRO D 362 35.89 -7.58 45.00
C PRO D 362 37.34 -7.93 45.28
N ASP D 363 38.20 -6.91 45.26
CA ASP D 363 39.64 -7.11 45.35
C ASP D 363 40.20 -6.42 46.58
N PRO D 364 40.77 -7.14 47.55
CA PRO D 364 41.46 -6.48 48.66
C PRO D 364 42.87 -6.05 48.26
N LYS D 365 43.64 -5.53 49.21
CA LYS D 365 45.00 -5.10 48.90
C LYS D 365 45.87 -6.27 48.46
N ALA D 366 45.76 -7.40 49.15
CA ALA D 366 46.55 -8.57 48.78
C ALA D 366 46.14 -9.13 47.43
N LEU D 367 44.84 -9.13 47.13
CA LEU D 367 44.37 -9.70 45.88
C LEU D 367 44.80 -8.87 44.67
N ARG D 368 44.90 -7.54 44.84
CA ARG D 368 45.28 -6.69 43.71
C ARG D 368 46.70 -6.98 43.25
N LEU D 369 47.63 -7.14 44.19
CA LEU D 369 49.02 -7.40 43.87
C LEU D 369 49.36 -8.88 43.84
N GLY D 370 48.39 -9.76 44.12
CA GLY D 370 48.64 -11.18 44.10
C GLY D 370 48.05 -11.87 42.88
N VAL D 371 46.94 -12.56 43.07
CA VAL D 371 46.30 -13.27 41.97
C VAL D 371 45.48 -12.29 41.14
N LEU D 372 45.73 -12.28 39.83
CA LEU D 372 45.01 -11.41 38.90
C LEU D 372 43.72 -12.11 38.42
N LYS D 373 42.85 -12.39 39.37
CA LYS D 373 41.67 -13.21 39.12
C LYS D 373 40.42 -12.53 39.66
N LYS D 374 39.33 -12.65 38.90
CA LYS D 374 38.05 -12.02 39.22
C LYS D 374 36.96 -13.07 39.15
N LYS D 375 35.85 -12.83 39.84
CA LYS D 375 34.75 -13.78 39.86
C LYS D 375 33.54 -13.18 39.15
N ALA D 376 32.89 -13.98 38.31
CA ALA D 376 31.73 -13.53 37.54
C ALA D 376 30.45 -13.93 38.27
N ILE D 377 29.49 -13.00 38.29
CA ILE D 377 28.21 -13.23 38.96
C ILE D 377 27.09 -12.69 38.08
N LEU D 378 25.91 -13.30 38.21
CA LEU D 378 24.72 -12.88 37.48
C LEU D 378 24.04 -11.77 38.26
N HIS D 379 24.57 -10.56 38.10
CA HIS D 379 23.99 -9.40 38.76
C HIS D 379 22.68 -9.01 38.08
N GLN D 380 21.83 -8.29 38.83
CA GLN D 380 20.53 -7.91 38.31
C GLN D 380 20.62 -6.85 37.22
N GLU D 381 21.64 -6.01 37.24
CA GLU D 381 21.74 -4.95 36.24
C GLU D 381 23.08 -5.03 35.52
N GLY D 382 24.12 -5.48 36.21
CA GLY D 382 25.40 -5.76 35.59
C GLY D 382 26.22 -4.51 35.32
N HIS D 383 27.39 -4.73 34.73
CA HIS D 383 28.25 -3.63 34.33
C HIS D 383 27.96 -3.24 32.88
N MET D 384 28.82 -2.39 32.31
CA MET D 384 28.66 -1.88 30.95
C MET D 384 29.82 -2.26 30.05
N ASP D 385 30.61 -3.26 30.43
CA ASP D 385 31.85 -3.57 29.73
C ASP D 385 31.98 -5.07 29.48
N ASP D 386 30.86 -5.73 29.15
CA ASP D 386 30.93 -7.16 28.85
C ASP D 386 31.37 -7.40 27.41
N ALA D 387 30.55 -6.99 26.45
CA ALA D 387 30.87 -7.06 25.01
C ALA D 387 31.54 -8.39 24.64
N LEU D 388 30.90 -9.49 25.05
CA LEU D 388 31.49 -10.81 24.88
C LEU D 388 31.44 -11.21 23.40
N PHE D 389 32.60 -11.17 22.75
CA PHE D 389 32.74 -11.63 21.38
C PHE D 389 33.43 -13.00 21.34
N LEU D 390 33.20 -13.72 20.26
CA LEU D 390 33.53 -15.13 20.17
C LEU D 390 34.64 -15.33 19.14
N THR D 391 35.51 -16.30 19.44
CA THR D 391 36.62 -16.67 18.55
C THR D 391 36.54 -18.16 18.29
N ARG D 392 36.86 -18.55 17.05
CA ARG D 392 36.75 -19.94 16.62
C ARG D 392 38.12 -20.63 16.68
N CYS D 393 38.17 -21.75 17.38
CA CYS D 393 39.34 -22.62 17.41
C CYS D 393 38.86 -24.05 17.20
N GLN D 394 38.68 -24.43 15.94
CA GLN D 394 38.22 -25.76 15.54
C GLN D 394 39.30 -26.37 14.66
N GLN D 395 40.20 -27.12 15.27
CA GLN D 395 41.37 -27.62 14.57
C GLN D 395 41.86 -28.87 15.32
N GLU D 396 43.11 -29.28 15.03
CA GLU D 396 43.66 -30.49 15.63
C GLU D 396 43.61 -30.45 17.15
N GLU D 397 43.70 -29.27 17.76
CA GLU D 397 43.68 -29.19 19.22
C GLU D 397 42.29 -29.51 19.77
N SER D 398 41.23 -29.17 19.05
CA SER D 398 39.88 -29.47 19.51
C SER D 398 39.65 -30.97 19.60
N GLN D 399 40.17 -31.73 18.63
CA GLN D 399 40.13 -33.19 18.73
C GLN D 399 40.91 -33.66 19.96
N ALA D 400 42.06 -33.06 20.22
CA ALA D 400 42.82 -33.40 21.42
C ALA D 400 42.32 -32.58 22.61
N ALA D 401 41.00 -32.51 22.79
CA ALA D 401 40.38 -31.98 24.00
C ALA D 401 39.49 -33.01 24.68
N ARG D 402 38.62 -33.66 23.91
CA ARG D 402 37.83 -34.76 24.44
C ARG D 402 38.71 -35.93 24.89
N MET D 403 39.91 -36.05 24.32
CA MET D 403 40.83 -37.11 24.73
C MET D 403 41.20 -36.97 26.20
N ILE D 404 41.40 -35.75 26.67
CA ILE D 404 41.78 -35.52 28.07
C ILE D 404 40.68 -36.04 28.99
N HIS D 405 39.44 -35.67 28.71
CA HIS D 405 38.33 -36.09 29.58
C HIS D 405 38.17 -37.61 29.56
N SER D 406 38.26 -38.23 28.39
CA SER D 406 38.08 -39.68 28.29
C SER D 406 39.21 -40.42 29.00
N THR D 407 40.46 -40.02 28.77
CA THR D 407 41.58 -40.72 29.37
C THR D 407 41.66 -40.46 30.87
N ALA D 408 41.45 -39.21 31.29
CA ALA D 408 41.48 -38.90 32.71
C ALA D 408 40.29 -39.50 33.45
N GLY D 409 39.18 -39.72 32.77
CA GLY D 409 38.08 -40.43 33.38
C GLY D 409 38.21 -41.93 33.38
N LEU D 410 39.11 -42.47 32.56
CA LEU D 410 39.38 -43.90 32.54
C LEU D 410 40.56 -44.30 33.41
N TYR D 411 41.47 -43.36 33.70
CA TYR D 411 42.65 -43.69 34.50
C TYR D 411 42.33 -43.73 35.99
N ASN D 412 41.86 -42.61 36.55
CA ASN D 412 41.65 -42.53 38.00
C ASN D 412 40.74 -43.64 38.50
N GLN D 413 39.75 -44.03 37.68
CA GLN D 413 38.90 -45.15 38.05
C GLN D 413 39.70 -46.44 38.15
N PHE D 414 40.73 -46.60 37.31
CA PHE D 414 41.58 -47.77 37.40
C PHE D 414 42.36 -47.80 38.71
N ILE D 415 43.01 -46.68 39.06
CA ILE D 415 43.77 -46.63 40.30
C ILE D 415 42.84 -46.77 41.51
N LYS D 416 41.69 -46.09 41.47
CA LYS D 416 40.76 -46.16 42.58
C LYS D 416 40.30 -47.59 42.82
N GLY D 417 39.95 -48.31 41.74
CA GLY D 417 39.64 -49.72 41.88
C GLY D 417 40.83 -50.53 42.32
N LEU D 418 42.01 -50.22 41.78
CA LEU D 418 43.23 -50.89 42.20
C LEU D 418 43.55 -50.63 43.67
N ASP D 419 43.22 -49.43 44.16
CA ASP D 419 43.60 -49.04 45.52
C ASP D 419 42.79 -49.78 46.58
N SER D 420 41.64 -50.35 46.21
CA SER D 420 40.78 -50.99 47.20
C SER D 420 41.50 -52.15 47.88
N PHE D 421 42.16 -53.00 47.11
CA PHE D 421 42.93 -54.12 47.66
C PHE D 421 44.38 -53.73 47.90
N SER D 422 44.59 -52.63 48.64
CA SER D 422 45.93 -52.15 48.89
C SER D 422 46.72 -53.11 49.77
N GLY D 423 46.10 -53.65 50.81
CA GLY D 423 46.80 -54.50 51.75
C GLY D 423 46.03 -55.72 52.21
N LYS D 424 45.20 -56.30 51.34
CA LYS D 424 44.40 -57.46 51.72
C LYS D 424 44.85 -58.68 50.93
N PRO D 425 45.55 -59.63 51.56
CA PRO D 425 45.83 -60.91 50.88
C PRO D 425 44.55 -61.59 50.45
N ARG D 426 44.60 -62.24 49.29
CA ARG D 426 43.39 -62.80 48.70
C ARG D 426 42.89 -63.99 49.48
N GLY D 427 41.56 -64.04 49.67
CA GLY D 427 40.89 -65.20 50.21
C GLY D 427 40.67 -66.22 49.10
N SER D 428 41.73 -66.97 48.79
CA SER D 428 41.83 -67.79 47.58
C SER D 428 40.49 -68.40 47.18
N GLY D 429 40.13 -68.22 45.92
CA GLY D 429 38.78 -68.44 45.47
C GLY D 429 38.17 -67.12 45.02
N PRO D 430 37.23 -66.59 45.81
CA PRO D 430 36.73 -65.24 45.56
C PRO D 430 37.88 -64.24 45.50
N PRO D 431 38.19 -63.70 44.33
CA PRO D 431 39.35 -62.81 44.21
C PRO D 431 39.18 -61.47 44.90
N ALA D 432 38.09 -60.77 44.60
CA ALA D 432 37.85 -59.42 45.04
C ALA D 432 36.38 -59.10 44.78
N GLY D 433 36.02 -57.82 44.90
CA GLY D 433 34.67 -57.38 44.63
C GLY D 433 34.50 -56.97 43.18
N PRO D 434 34.39 -55.67 42.94
CA PRO D 434 34.28 -55.19 41.55
C PRO D 434 35.53 -55.55 40.76
N ALA D 435 35.32 -55.88 39.48
CA ALA D 435 36.40 -56.29 38.62
C ALA D 435 37.21 -55.09 38.15
N LEU D 436 38.27 -55.35 37.39
CA LEU D 436 39.15 -54.32 36.88
C LEU D 436 39.23 -54.39 35.36
N PRO D 437 39.34 -53.25 34.68
CA PRO D 437 39.52 -53.28 33.23
C PRO D 437 40.97 -53.39 32.83
N ILE D 438 41.29 -54.34 31.97
CA ILE D 438 42.65 -54.55 31.47
C ILE D 438 42.74 -54.43 29.96
N GLU D 439 41.77 -54.98 29.23
CA GLU D 439 41.79 -54.85 27.77
C GLU D 439 41.60 -53.40 27.35
N ALA D 440 40.81 -52.63 28.10
CA ALA D 440 40.57 -51.24 27.75
C ALA D 440 41.84 -50.42 27.81
N VAL D 441 42.61 -50.56 28.89
CA VAL D 441 43.79 -49.70 29.07
C VAL D 441 44.89 -50.06 28.08
N ILE D 442 45.08 -51.35 27.81
CA ILE D 442 46.16 -51.75 26.91
C ILE D 442 45.95 -51.14 25.53
N LEU D 443 44.71 -51.17 25.04
CA LEU D 443 44.41 -50.48 23.79
C LEU D 443 44.58 -48.97 23.93
N SER D 444 44.19 -48.42 25.09
CA SER D 444 44.28 -46.98 25.28
C SER D 444 45.73 -46.51 25.24
N LEU D 445 46.61 -47.16 26.00
CA LEU D 445 48.02 -46.75 26.00
C LEU D 445 48.65 -46.92 24.63
N GLN D 446 48.32 -48.01 23.92
CA GLN D 446 48.89 -48.23 22.60
C GLN D 446 48.49 -47.16 21.61
N ASP D 447 47.46 -46.37 21.91
CA ASP D 447 47.07 -45.28 21.01
C ASP D 447 47.92 -44.03 21.24
N LEU D 448 48.09 -43.61 22.50
CA LEU D 448 48.80 -42.37 22.78
C LEU D 448 50.26 -42.45 22.35
N ILE D 449 50.91 -43.59 22.57
CA ILE D 449 52.30 -43.74 22.11
C ILE D 449 52.37 -43.58 20.60
N GLY D 450 51.41 -44.16 19.88
CA GLY D 450 51.31 -43.88 18.46
C GLY D 450 50.93 -42.45 18.18
N TYR D 451 50.04 -41.88 19.00
CA TYR D 451 49.63 -40.50 18.82
C TYR D 451 50.79 -39.54 19.04
N PHE D 452 51.62 -39.80 20.05
CA PHE D 452 52.76 -38.97 20.39
C PHE D 452 54.04 -39.43 19.71
N GLU D 453 53.94 -40.29 18.69
CA GLU D 453 55.13 -40.81 18.04
C GLU D 453 55.90 -39.68 17.36
N PRO D 454 57.21 -39.61 17.57
CA PRO D 454 57.99 -38.45 17.09
C PRO D 454 58.02 -38.37 15.58
N PRO D 455 58.33 -37.21 15.02
CA PRO D 455 58.35 -37.07 13.56
C PRO D 455 59.39 -37.99 12.92
N SER D 456 59.10 -38.42 11.70
CA SER D 456 59.91 -39.39 10.99
C SER D 456 61.22 -38.74 10.54
N GLU D 457 62.03 -39.50 9.80
CA GLU D 457 63.36 -39.05 9.39
C GLU D 457 63.45 -38.72 7.90
N GLU D 458 62.74 -39.44 7.04
CA GLU D 458 62.86 -39.24 5.60
C GLU D 458 62.14 -37.99 5.11
N LEU D 459 61.31 -37.37 5.94
CA LEU D 459 60.55 -36.20 5.51
C LEU D 459 61.45 -34.99 5.35
N GLN D 460 61.04 -34.07 4.48
CA GLN D 460 61.81 -32.88 4.19
C GLN D 460 61.73 -31.92 5.38
N HIS D 461 62.49 -30.82 5.27
CA HIS D 461 62.62 -29.89 6.40
C HIS D 461 61.30 -29.20 6.71
N GLU D 462 60.63 -28.67 5.67
CA GLU D 462 59.42 -27.88 5.90
C GLU D 462 58.33 -28.71 6.56
N GLU D 463 58.12 -29.94 6.09
CA GLU D 463 57.09 -30.78 6.69
C GLU D 463 57.51 -31.22 8.10
N LYS D 464 58.79 -31.53 8.30
CA LYS D 464 59.27 -31.90 9.62
C LYS D 464 59.12 -30.76 10.61
N GLN D 465 59.49 -29.54 10.20
CA GLN D 465 59.37 -28.39 11.10
C GLN D 465 57.93 -28.09 11.43
N SER D 466 57.03 -28.21 10.45
CA SER D 466 55.62 -27.94 10.68
C SER D 466 55.04 -28.86 11.75
N LYS D 467 55.34 -30.15 11.64
CA LYS D 467 54.82 -31.10 12.64
C LYS D 467 55.56 -30.96 13.97
N LEU D 468 56.81 -30.51 13.95
CA LEU D 468 57.54 -30.32 15.20
C LEU D 468 56.89 -29.26 16.08
N ARG D 469 56.22 -28.27 15.49
CA ARG D 469 55.45 -27.32 16.28
C ARG D 469 54.15 -27.91 16.78
N SER D 470 53.54 -28.83 16.02
CA SER D 470 52.29 -29.45 16.40
C SER D 470 52.47 -30.60 17.37
N LEU D 471 53.70 -30.95 17.74
CA LEU D 471 53.95 -31.96 18.75
C LEU D 471 54.33 -31.37 20.09
N ARG D 472 55.17 -30.33 20.10
CA ARG D 472 55.55 -29.69 21.35
C ARG D 472 54.33 -29.10 22.06
N ASN D 473 53.42 -28.50 21.31
CA ASN D 473 52.22 -27.91 21.91
C ASN D 473 51.39 -28.98 22.61
N ARG D 474 51.11 -30.08 21.92
CA ARG D 474 50.28 -31.14 22.51
C ARG D 474 50.97 -31.81 23.69
N GLN D 475 52.31 -31.89 23.68
CA GLN D 475 53.01 -32.42 24.84
C GLN D 475 52.81 -31.53 26.05
N SER D 476 52.88 -30.20 25.86
CA SER D 476 52.63 -29.28 26.95
C SER D 476 51.15 -29.27 27.32
N LEU D 477 50.26 -29.52 26.36
CA LEU D 477 48.84 -29.52 26.61
C LEU D 477 48.40 -30.70 27.49
N PHE D 478 49.18 -31.77 27.56
CA PHE D 478 48.86 -32.91 28.39
C PHE D 478 49.46 -32.80 29.79
N GLN D 479 50.16 -31.72 30.09
CA GLN D 479 50.73 -31.48 31.41
C GLN D 479 49.86 -30.56 32.25
N GLU D 480 49.22 -29.57 31.63
CA GLU D 480 48.43 -28.60 32.37
C GLU D 480 47.13 -29.20 32.91
N GLU D 481 46.72 -30.36 32.41
CA GLU D 481 45.53 -31.06 32.88
C GLU D 481 45.93 -32.29 33.69
N GLY D 482 46.99 -32.19 34.48
CA GLY D 482 47.54 -33.36 35.12
C GLY D 482 48.18 -34.28 34.12
N MET D 483 47.90 -35.58 34.24
CA MET D 483 48.33 -36.62 33.31
C MET D 483 49.84 -36.84 33.33
N LEU D 484 50.57 -35.99 34.06
CA LEU D 484 51.92 -36.31 34.47
C LEU D 484 51.95 -36.89 35.87
N SER D 485 51.20 -36.29 36.79
CA SER D 485 50.97 -36.90 38.09
C SER D 485 50.24 -38.23 37.94
N LEU D 486 49.26 -38.27 37.04
CA LEU D 486 48.46 -39.50 36.86
C LEU D 486 49.35 -40.66 36.45
N VAL D 487 50.16 -40.49 35.40
CA VAL D 487 51.06 -41.55 34.99
C VAL D 487 52.09 -41.82 36.08
N LEU D 488 52.48 -40.79 36.83
CA LEU D 488 53.32 -41.01 38.01
C LEU D 488 52.57 -41.80 39.07
N ASN D 489 51.29 -41.49 39.27
CA ASN D 489 50.52 -42.15 40.33
C ASN D 489 50.35 -43.64 40.04
N CYS D 490 50.13 -44.01 38.78
CA CYS D 490 50.00 -45.42 38.43
C CYS D 490 51.28 -46.19 38.76
N ILE D 491 52.43 -45.58 38.48
CA ILE D 491 53.69 -46.25 38.76
C ILE D 491 53.85 -46.48 40.26
N ASP D 492 53.47 -45.50 41.08
CA ASP D 492 53.57 -45.67 42.53
C ASP D 492 52.76 -46.87 43.01
N ARG D 493 51.52 -46.99 42.53
CA ARG D 493 50.66 -48.08 42.99
C ARG D 493 51.14 -49.43 42.43
N LEU D 494 51.45 -49.50 41.14
CA LEU D 494 51.85 -50.77 40.54
C LEU D 494 53.19 -51.24 41.09
N ASN D 495 54.14 -50.31 41.30
CA ASN D 495 55.50 -50.69 41.67
C ASN D 495 55.59 -51.23 43.10
N VAL D 496 54.51 -51.16 43.87
CA VAL D 496 54.50 -51.80 45.19
C VAL D 496 54.68 -53.30 45.04
N TYR D 497 54.00 -53.89 44.07
CA TYR D 497 54.09 -55.33 43.81
C TYR D 497 55.44 -55.64 43.17
N THR D 498 56.35 -56.22 43.94
CA THR D 498 57.72 -56.46 43.48
C THR D 498 57.82 -57.83 42.81
N THR D 499 59.05 -58.29 42.58
CA THR D 499 59.33 -59.65 42.11
C THR D 499 58.71 -59.93 40.76
N ALA D 500 57.53 -60.54 40.75
CA ALA D 500 56.88 -60.93 39.52
C ALA D 500 55.37 -60.90 39.76
N ALA D 501 54.62 -61.49 38.82
CA ALA D 501 53.17 -61.59 38.97
C ALA D 501 52.76 -62.45 40.16
N HIS D 502 53.67 -63.28 40.68
CA HIS D 502 53.33 -64.14 41.82
C HIS D 502 52.96 -63.32 43.05
N PHE D 503 53.69 -62.25 43.34
CA PHE D 503 53.30 -61.41 44.46
C PHE D 503 52.02 -60.63 44.16
N ALA D 504 51.80 -60.28 42.89
CA ALA D 504 50.55 -59.66 42.50
C ALA D 504 49.39 -60.64 42.46
N GLU D 505 49.57 -61.86 42.98
CA GLU D 505 48.52 -62.88 42.88
C GLU D 505 47.25 -62.44 43.60
N TYR D 506 47.38 -61.77 44.73
CA TYR D 506 46.20 -61.36 45.50
C TYR D 506 45.58 -60.08 44.94
N ALA D 507 45.43 -60.09 43.62
CA ALA D 507 44.67 -59.06 42.92
C ALA D 507 43.79 -59.65 41.82
N GLY D 508 43.75 -60.97 41.68
CA GLY D 508 43.12 -61.62 40.55
C GLY D 508 44.14 -62.31 39.67
N GLU D 509 44.28 -63.63 39.83
CA GLU D 509 45.32 -64.36 39.11
C GLU D 509 45.07 -64.39 37.61
N GLU D 510 43.86 -64.09 37.16
CA GLU D 510 43.59 -64.01 35.73
C GLU D 510 44.30 -62.83 35.09
N ALA D 511 44.57 -61.77 35.85
CA ALA D 511 45.28 -60.61 35.35
C ALA D 511 46.77 -60.67 35.64
N ALA D 512 47.25 -61.72 36.32
CA ALA D 512 48.66 -61.80 36.68
C ALA D 512 49.55 -61.91 35.45
N GLU D 513 49.16 -62.75 34.49
CA GLU D 513 49.98 -62.95 33.31
C GLU D 513 50.03 -61.73 32.39
N SER D 514 49.17 -60.74 32.62
CA SER D 514 49.21 -59.47 31.90
C SER D 514 49.83 -58.37 32.74
N TRP D 515 50.84 -58.69 33.55
CA TRP D 515 51.50 -57.72 34.41
C TRP D 515 52.65 -57.01 33.71
N LYS D 516 53.53 -57.77 33.07
CA LYS D 516 54.77 -57.19 32.54
C LYS D 516 54.49 -56.07 31.56
N GLU D 517 53.60 -56.31 30.59
CA GLU D 517 53.37 -55.31 29.56
C GLU D 517 52.76 -54.02 30.12
N ILE D 518 51.82 -54.14 31.06
CA ILE D 518 51.26 -52.94 31.67
C ILE D 518 52.34 -52.12 32.35
N VAL D 519 53.22 -52.78 33.09
CA VAL D 519 54.32 -52.07 33.75
C VAL D 519 55.21 -51.42 32.70
N ASN D 520 55.47 -52.13 31.60
CA ASN D 520 56.32 -51.59 30.55
C ASN D 520 55.68 -50.36 29.91
N LEU D 521 54.42 -50.46 29.49
CA LEU D 521 53.84 -49.50 28.55
C LEU D 521 53.82 -48.08 29.12
N LEU D 522 53.71 -47.92 30.43
CA LEU D 522 53.69 -46.58 31.01
C LEU D 522 55.01 -45.84 30.74
N TYR D 523 56.13 -46.55 30.84
CA TYR D 523 57.43 -45.89 30.85
C TYR D 523 57.73 -45.20 29.53
N GLU D 524 57.57 -45.90 28.40
CA GLU D 524 57.83 -45.24 27.12
C GLU D 524 56.74 -44.23 26.79
N LEU D 525 55.55 -44.36 27.38
CA LEU D 525 54.55 -43.31 27.27
C LEU D 525 55.06 -42.02 27.89
N LEU D 526 55.62 -42.11 29.10
CA LEU D 526 56.16 -40.92 29.76
C LEU D 526 57.35 -40.36 29.00
N ALA D 527 58.13 -41.22 28.34
CA ALA D 527 59.24 -40.74 27.52
C ALA D 527 58.74 -39.88 26.37
N SER D 528 57.58 -40.23 25.81
CA SER D 528 57.01 -39.42 24.74
C SER D 528 56.63 -38.03 25.23
N LEU D 529 56.12 -37.93 26.46
CA LEU D 529 55.73 -36.64 27.02
C LEU D 529 56.93 -35.78 27.43
N ILE D 530 58.14 -36.33 27.43
CA ILE D 530 59.31 -35.61 27.88
C ILE D 530 60.30 -35.36 26.73
N ARG D 531 60.46 -36.34 25.83
CA ARG D 531 61.44 -36.22 24.77
C ARG D 531 61.19 -34.99 23.92
N GLY D 532 62.24 -34.21 23.69
CA GLY D 532 62.13 -33.03 22.86
C GLY D 532 61.75 -31.79 23.63
N ASN D 533 60.63 -31.86 24.37
CA ASN D 533 60.12 -30.69 25.07
C ASN D 533 61.06 -30.30 26.21
N ARG D 534 61.04 -29.02 26.56
CA ARG D 534 61.93 -28.46 27.57
C ARG D 534 61.22 -28.11 28.87
N ALA D 535 60.01 -27.55 28.78
CA ALA D 535 59.31 -27.11 29.99
C ALA D 535 58.99 -28.29 30.91
N ASN D 536 58.55 -29.41 30.33
CA ASN D 536 58.18 -30.57 31.14
C ASN D 536 59.39 -31.15 31.86
N CYS D 537 60.58 -31.04 31.26
CA CYS D 537 61.78 -31.62 31.87
C CYS D 537 62.10 -30.98 33.22
N ALA D 538 61.76 -29.70 33.40
CA ALA D 538 62.07 -29.03 34.65
C ALA D 538 61.28 -29.60 35.83
N LEU D 539 60.16 -30.29 35.57
CA LEU D 539 59.32 -30.78 36.65
C LEU D 539 60.00 -31.88 37.44
N PHE D 540 60.94 -32.60 36.83
CA PHE D 540 61.57 -33.75 37.47
C PHE D 540 62.74 -33.38 38.38
N SER D 541 63.02 -32.10 38.59
CA SER D 541 64.10 -31.72 39.49
C SER D 541 63.82 -32.19 40.91
N THR D 542 62.58 -32.02 41.38
CA THR D 542 62.22 -32.51 42.70
C THR D 542 62.04 -34.02 42.73
N ASN D 543 61.64 -34.62 41.61
CA ASN D 543 61.41 -36.05 41.52
C ASN D 543 62.60 -36.79 40.94
N LEU D 544 63.76 -36.14 40.83
CA LEU D 544 64.94 -36.81 40.31
C LEU D 544 65.32 -38.01 41.16
N ASP D 545 65.25 -37.88 42.49
CA ASP D 545 65.62 -38.98 43.37
C ASP D 545 64.72 -40.19 43.15
N TRP D 546 63.47 -39.97 42.76
CA TRP D 546 62.54 -41.09 42.65
C TRP D 546 62.85 -41.96 41.43
N VAL D 547 63.08 -41.33 40.27
CA VAL D 547 63.33 -42.10 39.05
C VAL D 547 64.65 -42.85 39.15
N VAL D 548 65.69 -42.19 39.67
CA VAL D 548 67.00 -42.81 39.77
C VAL D 548 66.99 -43.93 40.81
N SER D 549 65.97 -43.98 41.67
CA SER D 549 65.97 -44.94 42.77
C SER D 549 65.99 -46.37 42.26
N LYS D 550 65.06 -46.73 41.38
CA LYS D 550 64.90 -48.14 41.04
C LYS D 550 66.09 -48.71 40.27
N LEU D 551 66.19 -48.41 38.98
CA LEU D 551 67.30 -48.83 38.11
C LEU D 551 67.65 -50.32 38.26
N ASP D 552 66.76 -51.13 38.82
CA ASP D 552 67.10 -52.51 39.14
C ASP D 552 66.06 -53.54 38.77
N ARG D 553 64.80 -53.18 38.56
CA ARG D 553 63.77 -54.17 38.26
C ARG D 553 64.12 -54.96 37.03
N LEU D 554 63.95 -56.29 37.12
CA LEU D 554 64.33 -57.17 36.02
C LEU D 554 63.50 -56.92 34.77
N GLU D 555 62.33 -56.30 34.89
CA GLU D 555 61.60 -55.80 33.74
C GLU D 555 61.38 -54.29 33.91
N ALA D 556 62.46 -53.55 33.71
CA ALA D 556 62.40 -52.11 33.54
C ALA D 556 63.50 -51.58 32.64
N SER D 557 64.33 -52.45 32.06
CA SER D 557 65.63 -52.02 31.54
C SER D 557 65.49 -50.98 30.44
N SER D 558 64.67 -51.27 29.44
CA SER D 558 64.47 -50.32 28.34
C SER D 558 63.75 -49.06 28.83
N GLY D 559 62.76 -49.23 29.70
CA GLY D 559 61.98 -48.07 30.13
C GLY D 559 62.80 -47.05 30.90
N ILE D 560 63.54 -47.49 31.91
CA ILE D 560 64.17 -46.55 32.82
C ILE D 560 65.38 -45.88 32.17
N LEU D 561 66.18 -46.65 31.43
CA LEU D 561 67.36 -46.07 30.80
C LEU D 561 66.98 -45.04 29.74
N GLU D 562 65.81 -45.19 29.13
CA GLU D 562 65.39 -44.22 28.11
C GLU D 562 64.74 -42.98 28.73
N VAL D 563 63.96 -43.15 29.80
CA VAL D 563 63.36 -41.99 30.45
C VAL D 563 64.44 -41.13 31.11
N LEU D 564 65.47 -41.77 31.66
CA LEU D 564 66.56 -41.01 32.25
C LEU D 564 67.39 -40.32 31.17
N TYR D 565 67.54 -40.96 30.01
CA TYR D 565 68.33 -40.37 28.93
C TYR D 565 67.71 -39.09 28.40
N CYS D 566 66.38 -39.01 28.36
CA CYS D 566 65.72 -37.87 27.75
C CYS D 566 65.59 -36.67 28.68
N VAL D 567 65.77 -36.86 29.99
CA VAL D 567 65.71 -35.73 30.92
C VAL D 567 67.07 -35.08 31.18
N LEU D 568 68.17 -35.72 30.77
CA LEU D 568 69.49 -35.14 30.90
C LEU D 568 70.02 -34.58 29.58
N ILE D 569 69.18 -34.53 28.55
CA ILE D 569 69.58 -33.99 27.25
C ILE D 569 69.04 -32.59 27.02
N GLU D 570 68.07 -32.14 27.81
CA GLU D 570 67.44 -30.85 27.60
C GLU D 570 67.70 -29.86 28.73
N SER D 571 67.47 -30.27 29.98
CA SER D 571 67.54 -29.34 31.11
C SER D 571 68.87 -29.48 31.82
N PRO D 572 69.71 -28.45 31.84
CA PRO D 572 70.92 -28.50 32.68
C PRO D 572 70.63 -28.32 34.16
N GLU D 573 69.41 -27.90 34.54
CA GLU D 573 69.10 -27.68 35.94
C GLU D 573 69.09 -28.98 36.72
N VAL D 574 68.40 -30.00 36.21
CA VAL D 574 68.38 -31.31 36.87
C VAL D 574 69.76 -31.91 36.88
N LEU D 575 70.62 -31.51 35.93
CA LEU D 575 71.99 -32.00 35.89
C LEU D 575 72.78 -31.58 37.13
N ASN D 576 72.38 -30.50 37.78
CA ASN D 576 73.09 -29.97 38.94
C ASN D 576 72.59 -30.49 40.28
N ILE D 577 71.74 -31.51 40.27
CA ILE D 577 71.09 -31.96 41.51
C ILE D 577 71.47 -33.42 41.77
N ILE D 578 72.72 -33.77 41.49
CA ILE D 578 73.27 -35.08 41.79
C ILE D 578 74.49 -34.88 42.68
N GLN D 579 74.46 -35.47 43.89
CA GLN D 579 75.48 -35.14 44.89
C GLN D 579 76.66 -36.10 44.91
N GLU D 580 76.44 -37.32 45.41
CA GLU D 580 77.54 -38.28 45.45
C GLU D 580 77.08 -39.72 45.22
N ASN D 581 75.80 -39.99 45.46
CA ASN D 581 75.32 -41.37 45.51
C ASN D 581 74.60 -41.79 44.25
N HIS D 582 73.97 -40.85 43.55
CA HIS D 582 73.28 -41.20 42.31
C HIS D 582 74.28 -41.63 41.24
N ILE D 583 75.48 -41.05 41.25
CA ILE D 583 76.50 -41.42 40.28
C ILE D 583 76.93 -42.88 40.48
N LYS D 584 77.16 -43.29 41.73
CA LYS D 584 77.58 -44.66 41.95
C LYS D 584 76.43 -45.64 41.74
N SER D 585 75.19 -45.19 41.86
CA SER D 585 74.05 -46.04 41.57
C SER D 585 74.02 -46.44 40.09
N ILE D 586 74.13 -45.44 39.20
CA ILE D 586 74.16 -45.74 37.78
C ILE D 586 75.46 -46.44 37.40
N ILE D 587 76.54 -46.18 38.13
CA ILE D 587 77.79 -46.92 37.92
C ILE D 587 77.57 -48.40 38.22
N SER D 588 76.89 -48.69 39.32
CA SER D 588 76.59 -50.08 39.66
C SER D 588 75.68 -50.72 38.64
N LEU D 589 74.88 -49.92 37.93
CA LEU D 589 74.03 -50.48 36.88
C LEU D 589 74.85 -51.14 35.80
N LEU D 590 75.95 -50.51 35.39
CA LEU D 590 76.84 -51.13 34.42
C LEU D 590 77.44 -52.42 34.96
N ASP D 591 77.61 -52.51 36.28
CA ASP D 591 78.25 -53.67 36.90
C ASP D 591 77.28 -54.85 37.02
N LYS D 592 75.97 -54.62 36.96
CA LYS D 592 75.00 -55.69 37.15
C LYS D 592 74.25 -56.08 35.90
N HIS D 593 74.19 -55.21 34.88
CA HIS D 593 73.44 -55.49 33.67
C HIS D 593 74.34 -55.66 32.45
N GLY D 594 75.63 -55.87 32.66
CA GLY D 594 76.53 -56.19 31.58
C GLY D 594 77.12 -54.96 30.92
N ARG D 595 77.79 -55.21 29.81
CA ARG D 595 78.43 -54.15 29.03
C ARG D 595 77.38 -53.59 28.07
N ASN D 596 76.85 -52.41 28.39
CA ASN D 596 75.79 -51.78 27.62
C ASN D 596 76.25 -50.39 27.22
N HIS D 597 76.35 -50.14 25.92
CA HIS D 597 76.80 -48.83 25.45
C HIS D 597 75.81 -47.72 25.80
N LYS D 598 74.55 -48.07 26.08
CA LYS D 598 73.56 -47.06 26.41
C LYS D 598 73.91 -46.33 27.70
N VAL D 599 74.32 -47.07 28.73
CA VAL D 599 74.68 -46.44 29.99
C VAL D 599 75.91 -45.54 29.83
N LEU D 600 76.92 -46.03 29.11
CA LEU D 600 78.13 -45.23 28.90
C LEU D 600 77.80 -43.93 28.18
N ASP D 601 76.83 -43.96 27.27
CA ASP D 601 76.37 -42.74 26.62
C ASP D 601 75.73 -41.79 27.61
N VAL D 602 74.99 -42.32 28.58
CA VAL D 602 74.32 -41.47 29.56
C VAL D 602 75.36 -40.73 30.41
N LEU D 603 76.45 -41.41 30.79
CA LEU D 603 77.49 -40.74 31.55
C LEU D 603 78.09 -39.57 30.79
N CYS D 604 78.14 -39.65 29.47
CA CYS D 604 78.58 -38.50 28.67
C CYS D 604 77.65 -37.32 28.83
N SER D 605 76.38 -37.56 29.17
CA SER D 605 75.46 -36.45 29.39
C SER D 605 75.77 -35.71 30.69
N LEU D 606 76.24 -36.42 31.72
CA LEU D 606 76.65 -35.76 32.95
C LEU D 606 77.81 -34.80 32.71
N CYS D 607 78.52 -34.96 31.60
CA CYS D 607 79.62 -34.09 31.21
C CYS D 607 79.07 -32.79 30.64
N VAL D 608 79.89 -32.06 29.91
CA VAL D 608 79.52 -30.76 29.35
C VAL D 608 78.12 -30.76 28.79
N CYS D 609 77.33 -29.76 29.16
CA CYS D 609 75.99 -29.55 28.64
C CYS D 609 76.10 -28.66 27.41
N ASN D 610 74.99 -28.08 26.95
CA ASN D 610 75.01 -27.28 25.73
C ASN D 610 75.85 -26.03 25.95
N GLY D 611 77.10 -26.09 25.51
CA GLY D 611 78.01 -24.96 25.65
C GLY D 611 78.72 -24.94 27.00
N VAL D 612 77.94 -24.96 28.08
CA VAL D 612 78.49 -24.81 29.42
C VAL D 612 78.90 -26.19 29.95
N ALA D 613 79.96 -26.21 30.74
CA ALA D 613 80.46 -27.42 31.38
C ALA D 613 80.50 -27.21 32.88
N VAL D 614 80.28 -28.30 33.62
CA VAL D 614 80.26 -28.27 35.08
C VAL D 614 81.37 -29.16 35.60
N ARG D 615 82.08 -28.67 36.61
CA ARG D 615 83.22 -29.37 37.18
C ARG D 615 82.93 -30.01 38.53
N SER D 616 81.84 -29.65 39.19
CA SER D 616 81.52 -30.23 40.50
C SER D 616 81.33 -31.73 40.42
N ASN D 617 80.89 -32.25 39.27
CA ASN D 617 80.74 -33.68 39.08
C ASN D 617 81.64 -34.26 38.00
N GLN D 618 82.36 -33.43 37.24
CA GLN D 618 83.30 -33.96 36.27
C GLN D 618 84.64 -34.30 36.92
N ASP D 619 84.59 -34.93 38.09
CA ASP D 619 85.69 -35.69 38.66
C ASP D 619 85.25 -36.96 39.36
N LEU D 620 83.99 -37.04 39.80
CA LEU D 620 83.54 -38.19 40.58
C LEU D 620 83.59 -39.47 39.77
N ILE D 621 83.18 -39.41 38.50
CA ILE D 621 83.29 -40.59 37.64
C ILE D 621 84.76 -40.95 37.43
N THR D 622 85.64 -39.96 37.42
CA THR D 622 87.07 -40.25 37.26
C THR D 622 87.63 -40.96 38.47
N GLU D 623 87.08 -40.71 39.66
CA GLU D 623 87.58 -41.32 40.88
C GLU D 623 86.76 -42.54 41.31
N ASN D 624 85.64 -42.82 40.66
CA ASN D 624 84.80 -43.95 41.01
C ASN D 624 84.78 -45.03 39.94
N LEU D 625 84.50 -44.66 38.69
CA LEU D 625 84.51 -45.60 37.58
C LEU D 625 85.65 -45.19 36.65
N LEU D 626 86.87 -45.66 36.97
CA LEU D 626 88.10 -45.35 36.26
C LEU D 626 89.32 -45.87 37.03
N PRO D 627 89.48 -45.58 38.33
CA PRO D 627 90.68 -46.10 39.02
C PRO D 627 90.70 -47.62 39.11
N GLY D 628 89.60 -48.23 39.54
CA GLY D 628 89.48 -49.68 39.46
C GLY D 628 89.57 -50.14 38.02
N ARG D 629 90.35 -51.18 37.78
CA ARG D 629 90.67 -51.62 36.43
C ARG D 629 90.05 -52.97 36.12
N GLU D 630 88.78 -53.14 36.51
CA GLU D 630 88.05 -54.38 36.27
C GLU D 630 86.87 -54.23 35.34
N LEU D 631 86.29 -53.03 35.24
CA LEU D 631 85.09 -52.84 34.44
C LEU D 631 85.43 -52.61 32.96
N LEU D 632 86.25 -51.62 32.68
CA LEU D 632 86.52 -51.20 31.31
C LEU D 632 87.50 -52.16 30.64
N LEU D 633 87.86 -51.83 29.40
CA LEU D 633 88.76 -52.66 28.59
C LEU D 633 90.09 -51.92 28.46
N GLN D 634 91.03 -52.24 29.34
CA GLN D 634 92.36 -51.62 29.29
C GLN D 634 93.15 -52.14 28.09
N THR D 635 94.14 -51.34 27.68
CA THR D 635 94.95 -51.70 26.53
C THR D 635 96.36 -51.16 26.70
N ASN D 636 97.30 -51.75 25.96
CA ASN D 636 98.72 -51.43 26.08
C ASN D 636 99.45 -52.08 24.93
N LEU D 637 100.79 -51.97 24.94
CA LEU D 637 101.65 -52.54 23.93
C LEU D 637 102.39 -53.74 24.49
N ILE D 638 102.47 -54.81 23.70
CA ILE D 638 103.17 -56.03 24.07
C ILE D 638 104.14 -56.40 22.96
N ASN D 639 105.33 -56.85 23.34
CA ASN D 639 106.32 -57.32 22.38
C ASN D 639 106.03 -58.78 22.01
N TYR D 640 106.92 -59.41 21.26
CA TYR D 640 106.72 -60.75 20.74
C TYR D 640 107.79 -61.69 21.27
N VAL D 641 107.45 -62.98 21.33
CA VAL D 641 108.37 -64.01 21.79
C VAL D 641 108.13 -65.27 20.96
N THR D 642 109.15 -66.12 20.88
CA THR D 642 109.09 -67.35 20.10
C THR D 642 109.90 -68.41 20.85
N SER D 643 109.54 -69.68 20.61
CA SER D 643 110.19 -70.81 21.26
C SER D 643 110.78 -71.74 20.22
N ILE D 644 111.92 -72.35 20.57
CA ILE D 644 112.66 -73.24 19.68
C ILE D 644 113.04 -74.49 20.47
N ARG D 645 112.90 -75.65 19.85
CA ARG D 645 113.24 -76.92 20.47
C ARG D 645 113.99 -77.81 19.50
N PRO D 646 114.79 -78.76 19.99
CA PRO D 646 115.47 -79.71 19.10
C PRO D 646 114.54 -80.82 18.61
N ASN D 647 115.08 -81.78 17.88
CA ASN D 647 114.30 -82.91 17.40
C ASN D 647 114.20 -84.05 18.41
N ILE D 648 114.89 -83.96 19.55
CA ILE D 648 114.95 -85.09 20.46
C ILE D 648 113.59 -85.27 21.15
N PHE D 649 113.30 -86.51 21.53
CA PHE D 649 111.99 -86.86 22.08
C PHE D 649 112.22 -87.93 23.14
N VAL D 650 112.06 -87.56 24.41
CA VAL D 650 112.30 -88.46 25.54
C VAL D 650 110.99 -88.65 26.30
N GLY D 651 110.72 -89.90 26.68
CA GLY D 651 109.53 -90.23 27.45
C GLY D 651 109.72 -91.53 28.20
N ARG D 652 108.83 -91.76 29.15
CA ARG D 652 108.88 -92.94 30.02
C ARG D 652 107.60 -93.75 29.87
N ALA D 653 107.76 -95.05 29.61
CA ALA D 653 106.64 -95.96 29.46
C ALA D 653 107.17 -97.39 29.53
N GLU D 654 106.24 -98.34 29.61
CA GLU D 654 106.60 -99.75 29.64
C GLU D 654 107.18 -100.15 28.29
N GLY D 655 108.48 -100.37 28.24
CA GLY D 655 109.19 -100.67 27.01
C GLY D 655 110.50 -99.91 26.97
N SER D 656 110.96 -99.63 25.75
CA SER D 656 112.20 -98.88 25.57
C SER D 656 111.98 -97.46 26.05
N THR D 657 112.54 -97.13 27.22
CA THR D 657 112.36 -95.81 27.83
C THR D 657 113.70 -95.19 28.22
N GLN D 658 114.80 -95.68 27.65
CA GLN D 658 116.16 -95.17 27.90
C GLN D 658 116.41 -95.25 29.41
N TYR D 659 116.89 -94.18 30.05
CA TYR D 659 117.28 -94.21 31.45
C TYR D 659 116.50 -93.24 32.33
N GLY D 660 115.84 -92.24 31.75
CA GLY D 660 115.25 -91.20 32.57
C GLY D 660 116.29 -90.36 33.29
N LYS D 661 117.39 -90.05 32.61
CA LYS D 661 118.46 -89.25 33.20
C LYS D 661 119.17 -88.53 32.05
N TRP D 662 118.93 -87.22 31.94
CA TRP D 662 119.40 -86.45 30.80
C TRP D 662 119.94 -85.11 31.31
N TYR D 663 120.83 -84.51 30.52
CA TYR D 663 121.63 -83.37 30.97
C TYR D 663 122.08 -82.54 29.78
N PHE D 664 121.99 -81.21 29.91
CA PHE D 664 122.52 -80.33 28.88
C PHE D 664 122.75 -78.94 29.46
N GLU D 665 123.54 -78.14 28.74
CA GLU D 665 123.81 -76.75 29.13
C GLU D 665 123.51 -75.83 27.96
N VAL D 666 123.91 -74.57 28.04
CA VAL D 666 123.61 -73.60 27.00
C VAL D 666 124.50 -72.38 27.20
N MET D 667 124.77 -71.65 26.11
CA MET D 667 125.61 -70.47 26.13
C MET D 667 124.83 -69.23 25.71
N VAL D 668 124.93 -68.17 26.52
CA VAL D 668 124.23 -66.91 26.29
C VAL D 668 125.22 -65.75 26.33
N ASP D 669 125.13 -64.88 25.32
CA ASP D 669 126.03 -63.73 25.20
C ASP D 669 125.28 -62.51 24.67
N GLU D 670 124.11 -62.22 25.25
CA GLU D 670 123.27 -61.11 24.82
C GLU D 670 123.32 -59.99 25.84
N VAL D 671 123.45 -58.75 25.36
CA VAL D 671 123.63 -57.59 26.24
C VAL D 671 122.56 -56.54 26.01
N VAL D 672 121.33 -56.97 25.67
CA VAL D 672 120.26 -56.02 25.35
C VAL D 672 119.11 -56.17 26.33
N PRO D 673 119.15 -55.49 27.48
CA PRO D 673 118.12 -55.70 28.49
C PRO D 673 116.86 -54.87 28.28
N PHE D 674 116.99 -53.71 27.67
CA PHE D 674 115.84 -52.83 27.53
C PHE D 674 115.69 -52.28 26.12
N LEU D 675 116.16 -53.03 25.13
CA LEU D 675 115.92 -52.62 23.76
C LEU D 675 114.43 -52.71 23.45
N THR D 676 113.87 -51.64 22.89
CA THR D 676 112.43 -51.47 22.65
C THR D 676 111.63 -51.64 23.94
N ALA D 677 111.86 -50.69 24.85
CA ALA D 677 111.08 -50.54 26.08
C ALA D 677 111.17 -51.75 27.00
N GLN D 678 110.21 -52.66 26.89
CA GLN D 678 110.10 -53.79 27.81
C GLN D 678 111.38 -54.62 27.81
N ALA D 679 111.52 -55.42 28.87
CA ALA D 679 112.71 -56.25 29.03
C ALA D 679 112.72 -57.37 27.98
N THR D 680 113.89 -57.98 27.84
CA THR D 680 114.10 -59.06 26.87
C THR D 680 113.88 -60.39 27.57
N HIS D 681 112.77 -61.05 27.24
CA HIS D 681 112.43 -62.32 27.89
C HIS D 681 113.40 -63.41 27.46
N LEU D 682 113.90 -64.16 28.43
CA LEU D 682 114.83 -65.26 28.17
C LEU D 682 114.62 -66.36 29.19
N ARG D 683 114.20 -67.55 28.73
CA ARG D 683 113.90 -68.66 29.62
C ARG D 683 114.24 -69.98 28.94
N VAL D 684 114.51 -71.00 29.76
CA VAL D 684 114.84 -72.34 29.29
C VAL D 684 114.17 -73.35 30.21
N GLY D 685 113.83 -74.52 29.66
CA GLY D 685 113.26 -75.56 30.49
C GLY D 685 112.66 -76.68 29.66
N TRP D 686 111.69 -77.36 30.26
CA TRP D 686 110.96 -78.47 29.67
C TRP D 686 109.52 -78.10 29.35
N ALA D 687 108.95 -78.83 28.38
CA ALA D 687 107.53 -78.77 28.08
C ALA D 687 107.11 -80.09 27.45
N LEU D 688 105.90 -80.52 27.77
CA LEU D 688 105.41 -81.79 27.25
C LEU D 688 104.82 -81.61 25.85
N THR D 689 104.46 -82.73 25.22
CA THR D 689 104.10 -82.70 23.81
C THR D 689 102.60 -82.45 23.60
N GLU D 690 102.07 -81.47 24.32
CA GLU D 690 100.74 -80.91 24.07
C GLU D 690 100.73 -79.42 24.32
N GLY D 691 101.84 -78.75 24.09
CA GLY D 691 101.98 -77.33 24.39
C GLY D 691 101.02 -76.44 23.64
N TYR D 692 101.20 -76.36 22.31
CA TYR D 692 100.43 -75.45 21.45
C TYR D 692 100.55 -74.00 21.89
N SER D 693 101.54 -73.70 22.72
CA SER D 693 101.71 -72.35 23.24
C SER D 693 102.02 -71.29 22.19
N PRO D 694 102.94 -71.52 21.20
CA PRO D 694 103.49 -70.40 20.41
C PRO D 694 102.48 -69.34 19.98
N TYR D 695 101.51 -69.72 19.14
CA TYR D 695 100.39 -68.88 18.70
C TYR D 695 100.77 -67.41 18.63
N PRO D 696 101.72 -67.04 17.74
CA PRO D 696 102.27 -65.68 17.77
C PRO D 696 101.21 -64.58 17.74
N GLY D 697 101.15 -63.79 18.80
CA GLY D 697 100.15 -62.75 18.94
C GLY D 697 99.55 -62.71 20.32
N GLY D 698 98.22 -62.85 20.41
CA GLY D 698 97.57 -62.80 21.70
C GLY D 698 97.87 -64.03 22.54
N GLY D 699 97.63 -63.90 23.83
CA GLY D 699 97.86 -64.98 24.78
C GLY D 699 96.86 -64.94 25.89
N GLU D 700 97.31 -65.25 27.11
CA GLU D 700 96.43 -65.29 28.28
C GLU D 700 96.65 -64.12 29.22
N GLY D 701 97.83 -64.03 29.84
CA GLY D 701 98.11 -62.90 30.70
C GLY D 701 98.32 -61.62 29.92
N TRP D 702 99.41 -61.55 29.17
CA TRP D 702 99.68 -60.40 28.31
C TRP D 702 100.44 -60.92 27.09
N GLY D 703 99.73 -61.13 25.99
CA GLY D 703 100.34 -61.52 24.73
C GLY D 703 100.69 -62.99 24.68
N GLY D 704 101.12 -63.43 23.50
CA GLY D 704 101.46 -64.81 23.28
C GLY D 704 102.80 -65.16 23.87
N ASN D 705 102.86 -65.26 25.20
CA ASN D 705 104.09 -65.49 25.95
C ASN D 705 104.74 -66.83 25.63
N GLY D 706 105.89 -67.09 26.22
CA GLY D 706 106.68 -68.28 25.97
C GLY D 706 106.53 -69.34 27.03
N VAL D 707 107.66 -69.94 27.41
CA VAL D 707 107.63 -71.09 28.31
C VAL D 707 107.37 -70.64 29.75
N GLY D 708 106.71 -71.51 30.51
CA GLY D 708 106.53 -71.35 31.94
C GLY D 708 105.17 -70.81 32.36
N ASP D 709 104.43 -70.19 31.44
CA ASP D 709 103.15 -69.60 31.79
C ASP D 709 101.99 -70.53 31.48
N ASP D 710 102.05 -71.76 31.96
CA ASP D 710 101.00 -72.75 31.76
C ASP D 710 101.31 -73.94 32.67
N LEU D 711 100.51 -75.00 32.54
CA LEU D 711 100.76 -76.26 33.23
C LEU D 711 101.37 -77.31 32.33
N TYR D 712 101.70 -76.95 31.09
CA TYR D 712 102.30 -77.88 30.14
C TYR D 712 103.75 -77.54 29.84
N SER D 713 104.36 -76.65 30.62
CA SER D 713 105.74 -76.25 30.41
C SER D 713 106.34 -75.79 31.73
N TYR D 714 107.58 -76.20 31.97
CA TYR D 714 108.30 -75.86 33.19
C TYR D 714 109.62 -75.22 32.80
N GLY D 715 109.90 -74.03 33.33
CA GLY D 715 111.06 -73.28 32.90
C GLY D 715 111.63 -72.43 34.01
N PHE D 716 112.75 -71.78 33.68
CA PHE D 716 113.52 -70.97 34.61
C PHE D 716 114.03 -69.75 33.87
N ASP D 717 114.14 -68.62 34.58
CA ASP D 717 114.58 -67.38 33.98
C ASP D 717 115.90 -66.86 34.54
N GLY D 718 116.27 -67.24 35.76
CA GLY D 718 117.47 -66.74 36.38
C GLY D 718 117.19 -66.33 37.81
N LEU D 719 115.95 -65.91 38.06
CA LEU D 719 115.54 -65.49 39.39
C LEU D 719 114.17 -66.02 39.79
N HIS D 720 113.47 -66.72 38.91
CA HIS D 720 112.11 -67.14 39.23
C HIS D 720 111.80 -68.47 38.57
N LEU D 721 110.87 -69.20 39.17
CA LEU D 721 110.31 -70.42 38.60
C LEU D 721 108.89 -70.15 38.15
N TRP D 722 108.58 -70.53 36.90
CA TRP D 722 107.31 -70.21 36.28
C TRP D 722 106.51 -71.48 35.99
N THR D 723 105.33 -71.57 36.60
CA THR D 723 104.37 -72.65 36.35
C THR D 723 102.98 -72.09 36.57
N GLY D 724 102.16 -72.09 35.53
CA GLY D 724 100.82 -71.53 35.66
C GLY D 724 100.77 -70.02 35.63
N HIS D 725 101.71 -69.38 34.92
CA HIS D 725 101.77 -67.95 34.72
C HIS D 725 102.07 -67.17 36.00
N VAL D 726 102.38 -67.87 37.10
CA VAL D 726 102.74 -67.23 38.36
C VAL D 726 104.18 -67.61 38.69
N ALA D 727 104.93 -66.64 39.20
CA ALA D 727 106.36 -66.81 39.42
C ALA D 727 106.70 -66.72 40.91
N ARG D 728 107.75 -67.43 41.31
CA ARG D 728 108.25 -67.41 42.67
C ARG D 728 109.76 -67.21 42.65
N PRO D 729 110.31 -66.40 43.55
CA PRO D 729 111.75 -66.15 43.56
C PRO D 729 112.53 -67.38 44.00
N VAL D 730 113.78 -67.45 43.54
CA VAL D 730 114.68 -68.53 43.89
C VAL D 730 115.92 -67.94 44.55
N THR D 731 116.70 -68.80 45.18
CA THR D 731 117.94 -68.40 45.84
C THR D 731 119.12 -69.15 45.24
N SER D 732 120.26 -68.47 45.17
CA SER D 732 121.48 -69.01 44.61
C SER D 732 122.60 -68.01 44.88
N PRO D 733 123.86 -68.46 44.82
CA PRO D 733 124.98 -67.51 44.96
C PRO D 733 125.17 -66.70 43.68
N GLY D 734 124.94 -65.39 43.79
CA GLY D 734 125.03 -64.49 42.66
C GLY D 734 123.74 -63.72 42.46
N GLN D 735 122.60 -64.40 42.58
CA GLN D 735 121.28 -63.79 42.57
C GLN D 735 121.04 -62.82 41.43
N HIS D 736 121.54 -63.12 40.24
CA HIS D 736 121.26 -62.32 39.06
C HIS D 736 120.67 -63.20 37.97
N LEU D 737 119.73 -62.64 37.22
CA LEU D 737 119.08 -63.35 36.14
C LEU D 737 120.08 -63.61 35.02
N LEU D 738 119.61 -64.26 33.95
CA LEU D 738 120.49 -64.62 32.85
C LEU D 738 121.21 -63.40 32.29
N ALA D 739 122.52 -63.50 32.20
CA ALA D 739 123.41 -62.43 31.76
C ALA D 739 124.35 -63.01 30.71
N PRO D 740 124.99 -62.16 29.90
CA PRO D 740 125.96 -62.68 28.93
C PRO D 740 127.09 -63.41 29.64
N GLU D 741 127.64 -64.41 28.94
CA GLU D 741 128.74 -65.24 29.44
C GLU D 741 128.32 -65.98 30.71
N ASP D 742 127.34 -66.87 30.54
CA ASP D 742 126.81 -67.65 31.65
C ASP D 742 126.36 -69.02 31.14
N VAL D 743 126.20 -69.96 32.08
CA VAL D 743 125.80 -71.33 31.79
C VAL D 743 124.73 -71.74 32.78
N VAL D 744 123.68 -72.39 32.29
CA VAL D 744 122.66 -72.98 33.15
C VAL D 744 122.54 -74.46 32.81
N SER D 745 122.40 -75.28 33.84
CA SER D 745 122.31 -76.72 33.69
C SER D 745 120.97 -77.21 34.22
N CYS D 746 120.22 -77.91 33.37
CA CYS D 746 118.96 -78.52 33.75
C CYS D 746 119.16 -79.98 34.13
N CYS D 747 118.12 -80.57 34.70
CA CYS D 747 118.18 -81.94 35.17
C CYS D 747 116.88 -82.67 34.84
N LEU D 748 116.98 -83.99 34.65
CA LEU D 748 115.82 -84.81 34.38
C LEU D 748 116.00 -86.17 35.04
N ASP D 749 114.98 -86.62 35.78
CA ASP D 749 115.07 -87.88 36.52
C ASP D 749 113.65 -88.42 36.68
N LEU D 750 113.26 -89.36 35.82
CA LEU D 750 111.88 -89.84 35.75
C LEU D 750 111.63 -91.10 36.58
N SER D 751 112.05 -91.10 37.83
CA SER D 751 111.57 -92.11 38.78
C SER D 751 111.00 -91.45 40.04
N VAL D 752 111.68 -90.45 40.55
CA VAL D 752 111.21 -89.42 41.48
C VAL D 752 110.14 -88.55 40.82
N PRO D 753 109.87 -88.70 39.51
CA PRO D 753 110.15 -87.62 38.55
C PRO D 753 110.01 -86.20 39.07
N SER D 754 111.08 -85.46 38.83
CA SER D 754 111.30 -84.12 39.35
C SER D 754 112.34 -83.43 38.46
N ILE D 755 112.24 -82.12 38.35
CA ILE D 755 113.17 -81.32 37.55
C ILE D 755 113.92 -80.37 38.48
N SER D 756 115.25 -80.38 38.37
CA SER D 756 116.10 -79.44 39.07
C SER D 756 116.89 -78.63 38.04
N PHE D 757 117.47 -77.54 38.52
CA PHE D 757 118.29 -76.66 37.68
C PHE D 757 119.57 -76.33 38.41
N ARG D 758 120.57 -75.93 37.63
CA ARG D 758 121.90 -75.63 38.18
C ARG D 758 122.46 -74.41 37.46
N ILE D 759 122.83 -73.39 38.24
CA ILE D 759 123.53 -72.23 37.71
C ILE D 759 124.94 -72.68 37.37
N ASN D 760 125.71 -71.81 36.71
CA ASN D 760 126.99 -72.17 36.10
C ASN D 760 127.81 -73.19 36.91
N GLY D 761 127.91 -73.00 38.21
CA GLY D 761 128.65 -73.95 39.01
C GLY D 761 128.05 -74.29 40.36
N CYS D 762 126.82 -73.87 40.60
CA CYS D 762 126.17 -74.06 41.89
C CYS D 762 124.74 -74.52 41.70
N PRO D 763 124.19 -75.28 42.66
CA PRO D 763 122.82 -75.75 42.51
C PRO D 763 121.80 -74.64 42.77
N VAL D 764 120.65 -74.77 42.13
CA VAL D 764 119.53 -73.86 42.31
C VAL D 764 118.55 -74.52 43.27
N GLN D 765 118.25 -73.83 44.38
CA GLN D 765 117.49 -74.41 45.48
C GLN D 765 116.01 -74.38 45.14
N GLY D 766 115.58 -75.41 44.41
CA GLY D 766 114.17 -75.56 44.06
C GLY D 766 113.96 -76.67 43.05
N VAL D 767 112.94 -77.50 43.28
CA VAL D 767 112.67 -78.66 42.44
C VAL D 767 111.16 -78.77 42.24
N PHE D 768 110.74 -79.21 41.05
CA PHE D 768 109.30 -79.48 40.81
C PHE D 768 109.08 -80.99 40.90
N GLU D 769 107.88 -81.44 41.27
CA GLU D 769 107.62 -82.90 41.29
C GLU D 769 106.15 -83.19 41.00
N ALA D 770 105.66 -84.38 41.41
CA ALA D 770 104.23 -84.73 41.24
C ALA D 770 103.69 -84.29 39.89
N PHE D 771 104.40 -84.54 38.81
CA PHE D 771 103.87 -84.23 37.46
C PHE D 771 102.73 -85.18 37.11
N ASN D 772 102.46 -85.39 35.82
CA ASN D 772 101.41 -86.34 35.35
C ASN D 772 101.93 -86.83 34.00
N LEU D 773 103.21 -87.23 33.95
CA LEU D 773 103.88 -87.59 32.71
C LEU D 773 103.07 -88.60 31.91
N ASP D 774 102.66 -88.18 30.71
CA ASP D 774 101.90 -89.05 29.81
C ASP D 774 102.42 -89.03 28.38
N GLY D 775 103.13 -87.99 27.95
CA GLY D 775 103.68 -87.95 26.62
C GLY D 775 105.20 -87.94 26.61
N LEU D 776 105.79 -86.88 26.05
CA LEU D 776 107.24 -86.77 25.94
C LEU D 776 107.62 -85.34 26.33
N PHE D 777 108.85 -84.94 26.05
CA PHE D 777 109.34 -83.67 26.56
C PHE D 777 110.23 -82.98 25.54
N PHE D 778 110.23 -81.65 25.59
CA PHE D 778 111.01 -80.80 24.70
C PHE D 778 112.02 -79.99 25.50
N PRO D 779 113.27 -79.92 25.07
CA PRO D 779 114.16 -78.84 25.55
C PRO D 779 113.74 -77.53 24.92
N VAL D 780 113.13 -76.63 25.68
CA VAL D 780 112.53 -75.42 25.14
C VAL D 780 113.31 -74.19 25.59
N VAL D 781 113.37 -73.20 24.71
CA VAL D 781 114.02 -71.92 24.97
C VAL D 781 113.06 -70.81 24.59
N SER D 782 113.17 -69.67 25.26
CA SER D 782 112.32 -68.51 25.02
C SER D 782 113.19 -67.28 24.81
N PHE D 783 112.80 -66.44 23.86
CA PHE D 783 113.58 -65.25 23.54
C PHE D 783 112.67 -64.21 22.89
N SER D 784 112.91 -62.93 23.22
CA SER D 784 112.11 -61.86 22.65
C SER D 784 112.62 -61.42 21.28
N ALA D 785 113.84 -60.89 21.23
CA ALA D 785 114.43 -60.36 20.00
C ALA D 785 115.89 -60.00 20.26
N GLY D 786 116.65 -59.92 19.18
CA GLY D 786 118.06 -59.55 19.26
C GLY D 786 118.88 -60.54 20.07
N VAL D 787 118.73 -61.83 19.78
CA VAL D 787 119.31 -62.89 20.59
C VAL D 787 120.06 -63.87 19.68
N LYS D 788 121.29 -64.22 20.07
CA LYS D 788 122.18 -65.11 19.32
C LYS D 788 122.69 -66.24 20.22
N VAL D 789 121.79 -66.87 20.97
CA VAL D 789 122.18 -67.90 21.92
C VAL D 789 122.72 -69.14 21.20
N ARG D 790 123.85 -69.65 21.70
CA ARG D 790 124.38 -70.94 21.28
C ARG D 790 123.84 -72.03 22.20
N PHE D 791 123.46 -73.16 21.60
CA PHE D 791 122.69 -74.19 22.30
C PHE D 791 123.53 -75.46 22.38
N LEU D 792 123.77 -75.94 23.59
CA LEU D 792 124.75 -77.00 23.85
C LEU D 792 124.05 -78.35 23.95
N LEU D 793 124.60 -79.35 23.26
CA LEU D 793 124.07 -80.71 23.29
C LEU D 793 125.04 -81.73 23.87
N GLY D 794 126.27 -81.80 23.36
CA GLY D 794 127.21 -82.77 23.88
C GLY D 794 128.13 -83.44 22.87
N GLY D 795 128.06 -84.78 22.82
CA GLY D 795 129.06 -85.54 22.07
C GLY D 795 129.15 -85.16 20.60
N ARG D 796 128.01 -84.76 20.00
CA ARG D 796 128.03 -84.34 18.60
C ARG D 796 129.00 -83.18 18.41
N HIS D 797 128.68 -82.02 19.00
CA HIS D 797 129.63 -80.91 19.05
C HIS D 797 129.64 -80.18 20.38
N GLY D 798 128.60 -80.30 21.21
CA GLY D 798 128.52 -79.55 22.45
C GLY D 798 129.63 -79.85 23.44
N GLU D 799 130.54 -78.90 23.63
CA GLU D 799 131.64 -79.07 24.57
C GLU D 799 131.13 -78.83 25.98
N PHE D 800 130.80 -79.90 26.69
CA PHE D 800 130.34 -79.77 28.06
C PHE D 800 131.41 -79.12 28.93
N LYS D 801 131.14 -77.90 29.39
CA LYS D 801 132.09 -77.24 30.27
C LYS D 801 132.25 -77.99 31.58
N PHE D 802 131.15 -78.48 32.13
CA PHE D 802 131.14 -79.12 33.44
C PHE D 802 130.79 -80.60 33.33
N LEU D 803 131.04 -81.32 34.42
CA LEU D 803 130.82 -82.76 34.45
C LEU D 803 129.39 -83.07 34.89
N PRO D 804 128.65 -83.86 34.13
CA PRO D 804 127.30 -84.23 34.56
C PRO D 804 127.35 -85.02 35.84
N PRO D 805 126.31 -84.93 36.67
CA PRO D 805 126.24 -85.75 37.88
C PRO D 805 126.22 -87.23 37.54
N PRO D 806 126.36 -88.13 38.53
CA PRO D 806 126.58 -89.55 38.18
C PRO D 806 125.36 -90.20 37.54
N GLY D 807 125.45 -90.38 36.22
CA GLY D 807 124.47 -91.09 35.42
C GLY D 807 123.51 -90.15 34.74
N TYR D 808 123.82 -89.78 33.50
CA TYR D 808 123.02 -88.83 32.72
C TYR D 808 123.47 -88.91 31.27
N ALA D 809 122.58 -89.33 30.38
CA ALA D 809 122.94 -89.38 28.98
C ALA D 809 123.09 -87.96 28.41
N PRO D 810 124.10 -87.73 27.57
CA PRO D 810 124.30 -86.38 26.99
C PRO D 810 123.25 -85.98 25.97
N CYS D 811 122.20 -86.78 25.79
CA CYS D 811 121.01 -86.40 25.02
C CYS D 811 121.24 -86.38 23.52
N HIS D 812 122.48 -86.63 23.08
CA HIS D 812 122.71 -86.79 21.64
C HIS D 812 122.37 -88.19 21.16
N GLU D 813 122.41 -89.19 22.06
CA GLU D 813 122.08 -90.55 21.67
C GLU D 813 120.62 -90.66 21.25
N ALA D 814 119.73 -90.02 21.98
CA ALA D 814 118.30 -90.08 21.70
C ALA D 814 117.98 -89.20 20.49
N VAL D 815 117.89 -89.82 19.32
CA VAL D 815 117.45 -89.16 18.11
C VAL D 815 116.64 -90.17 17.32
N LEU D 816 115.73 -89.69 16.48
CA LEU D 816 114.98 -90.60 15.62
C LEU D 816 115.96 -91.26 14.65
N PRO D 817 116.10 -92.58 14.68
CA PRO D 817 117.11 -93.26 13.85
C PRO D 817 116.68 -93.41 12.38
N ARG D 818 116.15 -92.32 11.82
CA ARG D 818 115.74 -92.29 10.42
C ARG D 818 116.11 -91.00 9.72
N GLU D 819 116.80 -90.07 10.38
CA GLU D 819 117.18 -88.79 9.80
C GLU D 819 118.21 -88.14 10.73
N ARG D 820 118.60 -86.91 10.42
CA ARG D 820 119.53 -86.16 11.24
C ARG D 820 118.75 -85.24 12.19
N LEU D 821 119.49 -84.55 13.06
CA LEU D 821 118.90 -83.64 14.02
C LEU D 821 119.06 -82.20 13.56
N ARG D 822 118.12 -81.35 13.98
CA ARG D 822 118.07 -79.97 13.52
C ARG D 822 117.19 -79.18 14.48
N LEU D 823 117.24 -77.85 14.34
CA LEU D 823 116.41 -76.96 15.14
C LEU D 823 115.23 -76.48 14.30
N GLU D 824 114.03 -76.62 14.85
CA GLU D 824 112.82 -76.21 14.18
C GLU D 824 111.89 -75.54 15.17
N PRO D 825 111.08 -74.57 14.73
CA PRO D 825 110.11 -73.95 15.63
C PRO D 825 108.86 -74.82 15.76
N ILE D 826 108.34 -74.90 16.99
CA ILE D 826 107.22 -75.77 17.30
C ILE D 826 105.91 -75.14 16.82
N LYS D 827 105.04 -75.99 16.26
CA LYS D 827 103.70 -75.60 15.84
C LYS D 827 103.73 -74.47 14.82
N GLU D 828 104.72 -74.50 13.94
CA GLU D 828 104.81 -73.50 12.89
C GLU D 828 103.70 -73.71 11.86
N TYR D 829 103.05 -72.60 11.46
CA TYR D 829 102.03 -72.64 10.42
C TYR D 829 102.27 -71.66 9.28
N ARG D 830 103.42 -70.98 9.26
CA ARG D 830 103.85 -70.24 8.10
C ARG D 830 105.36 -70.37 7.99
N ARG D 831 105.86 -70.67 6.79
CA ARG D 831 107.29 -70.77 6.55
C ARG D 831 107.64 -70.09 5.24
N GLU D 832 108.88 -69.59 5.16
CA GLU D 832 109.35 -68.88 3.97
C GLU D 832 109.65 -69.85 2.84
N GLY D 833 109.83 -69.30 1.65
CA GLY D 833 110.11 -70.09 0.47
C GLY D 833 110.43 -69.24 -0.74
N PRO D 834 110.83 -69.88 -1.84
CA PRO D 834 111.15 -69.10 -3.06
C PRO D 834 109.98 -68.29 -3.57
N ARG D 835 108.77 -68.85 -3.56
CA ARG D 835 107.59 -68.04 -3.86
C ARG D 835 107.25 -67.13 -2.68
N GLY D 836 107.62 -67.51 -1.47
CA GLY D 836 107.36 -66.71 -0.30
C GLY D 836 106.74 -67.51 0.82
N PRO D 837 105.65 -66.99 1.39
CA PRO D 837 104.99 -67.70 2.48
C PRO D 837 104.46 -69.06 2.05
N HIS D 838 104.50 -70.01 2.98
CA HIS D 838 103.95 -71.35 2.78
C HIS D 838 103.08 -71.67 3.98
N LEU D 839 101.81 -71.97 3.72
CA LEU D 839 100.86 -72.32 4.77
C LEU D 839 100.92 -73.82 5.00
N VAL D 840 101.29 -74.23 6.21
CA VAL D 840 101.42 -75.63 6.57
C VAL D 840 100.43 -75.94 7.69
N GLY D 841 99.77 -77.09 7.58
CA GLY D 841 98.81 -77.52 8.57
C GLY D 841 99.45 -78.27 9.72
N PRO D 842 98.64 -78.93 10.53
CA PRO D 842 99.17 -79.68 11.68
C PRO D 842 100.07 -80.82 11.22
N SER D 843 101.16 -81.03 11.96
CA SER D 843 102.09 -82.11 11.67
C SER D 843 101.72 -83.36 12.50
N ARG D 844 102.55 -84.38 12.42
CA ARG D 844 102.34 -85.61 13.17
C ARG D 844 103.38 -85.74 14.29
N CYS D 845 103.05 -86.57 15.28
CA CYS D 845 103.93 -86.76 16.43
C CYS D 845 103.72 -88.16 16.99
N LEU D 846 104.70 -88.61 17.76
CA LEU D 846 104.64 -89.92 18.39
C LEU D 846 103.85 -89.83 19.70
N SER D 847 103.86 -90.91 20.47
CA SER D 847 103.13 -90.95 21.74
C SER D 847 103.79 -91.96 22.65
N HIS D 848 103.28 -92.05 23.88
CA HIS D 848 103.82 -93.01 24.85
C HIS D 848 103.64 -94.45 24.39
N THR D 849 102.45 -94.77 23.88
CA THR D 849 102.19 -96.13 23.41
C THR D 849 103.03 -96.47 22.20
N ASP D 850 103.25 -95.50 21.30
CA ASP D 850 104.03 -95.76 20.09
C ASP D 850 105.46 -96.14 20.43
N PHE D 851 106.07 -95.46 21.40
CA PHE D 851 107.43 -95.76 21.81
C PHE D 851 107.48 -96.91 22.78
N VAL D 852 106.91 -98.05 22.40
CA VAL D 852 106.91 -99.24 23.23
C VAL D 852 106.82 -100.49 22.36
N PRO D 853 107.88 -101.26 22.22
CA PRO D 853 107.80 -102.50 21.43
C PRO D 853 106.83 -103.49 22.07
N CYS D 854 106.16 -104.26 21.22
CA CYS D 854 105.18 -105.25 21.66
C CYS D 854 105.28 -106.50 20.82
N PRO D 855 105.90 -107.55 21.34
CA PRO D 855 105.88 -108.83 20.63
C PRO D 855 104.47 -109.35 20.38
N VAL D 856 104.30 -110.06 19.29
CA VAL D 856 102.99 -110.63 18.97
C VAL D 856 102.60 -111.67 19.99
N ASP D 857 101.29 -111.91 20.11
CA ASP D 857 100.75 -112.87 21.06
C ASP D 857 101.05 -114.31 20.65
N LEU D 863 97.29 -130.50 15.98
CA LEU D 863 98.38 -130.11 15.09
C LEU D 863 98.57 -131.12 13.97
N PRO D 864 98.52 -130.65 12.73
CA PRO D 864 98.73 -131.55 11.58
C PRO D 864 100.11 -132.17 11.63
N PRO D 865 100.24 -133.44 11.24
CA PRO D 865 101.57 -134.08 11.30
C PRO D 865 102.62 -133.39 10.43
N HIS D 866 102.24 -132.90 9.25
CA HIS D 866 103.22 -132.33 8.33
C HIS D 866 103.81 -131.03 8.88
N LEU D 867 103.06 -130.32 9.72
CA LEU D 867 103.61 -129.10 10.33
C LEU D 867 104.83 -129.41 11.18
N GLU D 868 104.75 -130.47 11.98
CA GLU D 868 105.86 -130.91 12.81
C GLU D 868 106.73 -131.97 12.15
N ARG D 869 106.39 -132.39 10.93
CA ARG D 869 107.18 -133.40 10.25
C ARG D 869 108.37 -132.80 9.52
N ILE D 870 108.22 -131.61 8.95
CA ILE D 870 109.29 -131.01 8.16
C ILE D 870 110.48 -130.69 9.05
N ARG D 871 110.31 -129.75 9.99
CA ARG D 871 111.32 -129.41 10.97
C ARG D 871 112.71 -129.22 10.37
N GLU D 872 113.55 -130.26 10.53
CA GLU D 872 114.92 -130.18 10.04
C GLU D 872 114.98 -129.93 8.55
N LYS D 873 114.00 -130.46 7.80
CA LYS D 873 113.98 -130.26 6.35
C LYS D 873 113.95 -128.78 6.00
N LEU D 874 113.13 -128.00 6.71
CA LEU D 874 113.18 -126.56 6.55
C LEU D 874 114.39 -125.96 7.25
N ALA D 875 114.78 -126.54 8.38
CA ALA D 875 115.95 -126.04 9.11
C ALA D 875 117.22 -126.21 8.29
N GLU D 876 117.41 -127.41 7.72
CA GLU D 876 118.59 -127.63 6.88
C GLU D 876 118.56 -126.72 5.66
N ASN D 877 117.37 -126.51 5.08
CA ASN D 877 117.23 -125.58 3.97
C ASN D 877 117.59 -124.17 4.41
N ILE D 878 117.21 -123.79 5.62
CA ILE D 878 117.69 -122.54 6.20
C ILE D 878 119.18 -122.64 6.53
N HIS D 879 119.62 -123.80 7.01
CA HIS D 879 121.01 -123.99 7.40
C HIS D 879 121.95 -124.03 6.21
N GLU D 880 121.43 -124.18 4.98
CA GLU D 880 122.29 -124.10 3.81
C GLU D 880 122.91 -122.71 3.69
N LEU D 881 122.12 -121.66 3.93
CA LEU D 881 122.62 -120.30 3.80
C LEU D 881 123.58 -119.92 4.90
N TRP D 882 123.64 -120.70 6.00
CA TRP D 882 124.49 -120.34 7.12
C TRP D 882 125.96 -120.29 6.76
N ALA D 883 126.36 -120.95 5.67
CA ALA D 883 127.73 -120.82 5.18
C ALA D 883 127.83 -120.03 3.88
N LEU D 884 126.70 -119.81 3.19
CA LEU D 884 126.69 -119.22 1.86
C LEU D 884 127.60 -117.98 1.78
N THR D 885 127.25 -116.93 2.52
CA THR D 885 128.09 -115.74 2.56
C THR D 885 129.23 -115.87 3.57
N ARG D 886 129.14 -116.81 4.50
CA ARG D 886 130.29 -117.17 5.33
C ARG D 886 131.34 -117.98 4.58
N ILE D 887 131.06 -118.43 3.35
CA ILE D 887 132.15 -118.75 2.43
C ILE D 887 132.83 -117.47 1.95
N GLU D 888 132.05 -116.46 1.58
CA GLU D 888 132.62 -115.17 1.20
C GLU D 888 133.37 -114.55 2.38
N GLN D 889 132.89 -114.76 3.60
CA GLN D 889 133.62 -114.33 4.78
C GLN D 889 134.87 -115.16 5.01
N GLY D 890 134.92 -116.40 4.52
CA GLY D 890 136.06 -117.26 4.74
C GLY D 890 136.15 -117.78 6.15
N TRP D 891 135.09 -118.47 6.60
CA TRP D 891 134.98 -118.89 7.99
C TRP D 891 134.85 -120.41 8.10
N THR D 892 135.69 -121.16 7.39
CA THR D 892 135.44 -122.59 7.21
C THR D 892 135.64 -123.39 8.51
N TYR D 893 134.54 -123.56 9.24
CA TYR D 893 134.46 -124.34 10.47
C TYR D 893 135.67 -124.12 11.39
N GLY D 894 135.79 -122.89 11.89
CA GLY D 894 136.78 -122.57 12.87
C GLY D 894 136.56 -123.31 14.17
N PRO D 895 137.50 -124.17 14.56
CA PRO D 895 137.32 -124.99 15.76
C PRO D 895 137.43 -124.23 17.08
N VAL D 896 137.78 -122.95 17.06
CA VAL D 896 138.02 -122.21 18.30
C VAL D 896 137.21 -120.93 18.34
N ARG D 897 136.25 -120.78 17.43
CA ARG D 897 135.33 -119.65 17.39
C ARG D 897 136.11 -118.32 17.27
N ASP D 898 136.76 -118.16 16.12
CA ASP D 898 137.51 -116.95 15.85
C ASP D 898 136.58 -115.79 15.55
N ASP D 899 136.27 -114.98 16.56
CA ASP D 899 135.33 -113.89 16.40
C ASP D 899 135.91 -112.74 15.59
N ASN D 900 137.23 -112.69 15.40
CA ASN D 900 137.85 -111.56 14.73
C ASN D 900 138.74 -111.99 13.57
N LYS D 901 139.34 -113.17 13.66
CA LYS D 901 140.23 -113.67 12.61
C LYS D 901 139.53 -114.70 11.72
N ARG D 902 138.25 -114.47 11.47
CA ARG D 902 137.51 -115.04 10.33
C ARG D 902 137.42 -116.57 10.39
N LEU D 903 136.75 -117.07 11.44
CA LEU D 903 136.42 -118.49 11.54
C LEU D 903 135.17 -118.64 12.41
N HIS D 904 134.48 -119.77 12.25
CA HIS D 904 133.17 -120.01 12.87
C HIS D 904 133.07 -121.44 13.41
N PRO D 905 132.48 -121.63 14.59
CA PRO D 905 132.46 -122.96 15.22
C PRO D 905 131.19 -123.77 15.06
N CYS D 906 130.14 -123.23 14.42
CA CYS D 906 128.87 -123.94 14.29
C CYS D 906 128.55 -124.23 12.83
N LEU D 907 129.59 -124.41 12.02
CA LEU D 907 129.43 -124.58 10.58
C LEU D 907 129.57 -126.04 10.18
N VAL D 908 128.70 -126.89 10.76
CA VAL D 908 128.67 -128.32 10.45
C VAL D 908 127.22 -128.80 10.47
N ASN D 909 127.05 -130.11 10.27
CA ASN D 909 125.73 -130.74 10.26
C ASN D 909 125.10 -130.68 11.66
N PHE D 910 123.77 -130.88 11.68
CA PHE D 910 123.00 -130.69 12.91
C PHE D 910 123.50 -131.59 14.04
N HIS D 911 123.67 -132.87 13.77
CA HIS D 911 124.16 -133.79 14.79
C HIS D 911 125.61 -133.50 15.14
N SER D 912 126.42 -133.14 14.15
CA SER D 912 127.78 -132.68 14.41
C SER D 912 127.81 -131.33 15.12
N LEU D 913 126.70 -130.59 15.10
CA LEU D 913 126.64 -129.30 15.77
C LEU D 913 126.66 -129.48 17.28
N PRO D 914 127.04 -128.43 18.02
CA PRO D 914 126.98 -128.49 19.49
C PRO D 914 125.55 -128.64 20.01
N GLU D 915 125.41 -128.75 21.34
CA GLU D 915 124.11 -129.03 21.93
C GLU D 915 123.05 -127.96 21.63
N PRO D 916 123.29 -126.65 21.83
CA PRO D 916 122.26 -125.63 21.56
C PRO D 916 122.26 -125.14 20.12
N GLU D 917 122.18 -126.07 19.16
CA GLU D 917 122.19 -125.71 17.75
C GLU D 917 121.04 -126.32 16.96
N ARG D 918 120.24 -127.21 17.54
CA ARG D 918 119.10 -127.77 16.83
C ARG D 918 117.84 -126.93 17.04
N ASN D 919 117.51 -126.64 18.30
CA ASN D 919 116.44 -125.69 18.59
C ASN D 919 116.84 -124.26 18.23
N TYR D 920 118.14 -124.00 18.08
CA TYR D 920 118.60 -122.69 17.63
C TYR D 920 118.00 -122.34 16.26
N ASN D 921 117.78 -123.33 15.41
CA ASN D 921 117.15 -123.12 14.11
C ASN D 921 115.76 -123.74 14.01
N LEU D 922 115.24 -124.32 15.09
CA LEU D 922 113.92 -124.94 15.04
C LEU D 922 112.97 -124.42 16.09
N GLN D 923 113.44 -124.14 17.31
CA GLN D 923 112.54 -123.65 18.35
C GLN D 923 111.96 -122.29 17.98
N MET D 924 112.81 -121.37 17.54
CA MET D 924 112.34 -120.08 17.05
C MET D 924 111.63 -120.18 15.70
N SER D 925 111.75 -121.33 15.01
CA SER D 925 111.02 -121.56 13.78
C SER D 925 109.76 -122.40 14.00
N GLY D 926 109.83 -123.43 14.85
CA GLY D 926 108.64 -124.21 15.17
C GLY D 926 107.57 -123.38 15.86
N GLU D 927 107.99 -122.53 16.82
CA GLU D 927 107.06 -121.59 17.42
C GLU D 927 106.57 -120.58 16.39
N THR D 928 107.44 -120.15 15.49
CA THR D 928 107.03 -119.25 14.42
C THR D 928 105.94 -119.88 13.56
N LEU D 929 106.13 -121.14 13.18
CA LEU D 929 105.07 -121.86 12.47
C LEU D 929 103.85 -122.06 13.35
N LYS D 930 104.07 -122.35 14.64
CA LYS D 930 102.95 -122.47 15.57
C LYS D 930 102.20 -121.14 15.69
N THR D 931 102.94 -120.03 15.77
CA THR D 931 102.31 -118.72 15.79
C THR D 931 101.78 -118.33 14.42
N LEU D 932 102.27 -118.98 13.35
CA LEU D 932 101.89 -118.58 12.00
C LEU D 932 100.39 -118.70 11.77
N LEU D 933 99.71 -119.59 12.51
CA LEU D 933 98.26 -119.65 12.43
C LEU D 933 97.63 -118.37 12.95
N ALA D 934 98.21 -117.79 14.02
CA ALA D 934 97.73 -116.51 14.52
C ALA D 934 98.04 -115.35 13.58
N LEU D 935 98.97 -115.55 12.64
CA LEU D 935 99.28 -114.52 11.65
C LEU D 935 98.14 -114.31 10.65
N GLY D 936 97.15 -115.20 10.62
CA GLY D 936 96.05 -115.06 9.68
C GLY D 936 96.37 -115.42 8.25
N CYS D 937 97.50 -116.06 8.00
CA CYS D 937 97.87 -116.43 6.65
C CYS D 937 97.03 -117.61 6.16
N HIS D 938 96.94 -117.74 4.84
CA HIS D 938 96.19 -118.82 4.20
C HIS D 938 97.22 -119.79 3.61
N VAL D 939 97.66 -120.73 4.42
CA VAL D 939 98.72 -121.67 4.06
C VAL D 939 98.25 -123.09 4.35
N GLY D 940 98.62 -124.01 3.48
CA GLY D 940 98.35 -125.42 3.69
C GLY D 940 99.32 -126.29 2.92
N MET D 941 99.99 -127.20 3.61
CA MET D 941 101.02 -128.03 2.98
C MET D 941 100.33 -129.06 2.09
N ALA D 942 100.29 -128.78 0.79
CA ALA D 942 99.62 -129.67 -0.16
C ALA D 942 100.35 -129.80 -1.49
N ASP D 943 101.57 -129.28 -1.61
CA ASP D 943 102.28 -129.34 -2.88
C ASP D 943 102.57 -130.78 -3.29
N GLU D 944 103.43 -131.46 -2.52
CA GLU D 944 103.75 -132.87 -2.75
C GLU D 944 104.15 -133.15 -4.20
N LYS D 945 104.89 -132.23 -4.81
CA LYS D 945 105.37 -132.43 -6.17
C LYS D 945 106.54 -133.41 -6.16
N ALA D 946 106.23 -134.71 -6.24
CA ALA D 946 107.19 -135.80 -6.19
C ALA D 946 107.91 -135.85 -4.84
N GLU D 947 107.59 -134.92 -3.95
CA GLU D 947 108.06 -134.89 -2.56
C GLU D 947 109.57 -134.70 -2.48
N ASP D 948 110.25 -134.62 -3.63
CA ASP D 948 111.69 -134.42 -3.64
C ASP D 948 112.14 -133.51 -4.77
N ASN D 949 111.23 -132.88 -5.51
CA ASN D 949 111.60 -132.05 -6.66
C ASN D 949 112.34 -130.80 -6.25
N LEU D 950 112.37 -130.45 -4.96
CA LEU D 950 113.11 -129.28 -4.50
C LEU D 950 114.60 -129.57 -4.56
N LYS D 951 115.24 -129.22 -5.67
CA LYS D 951 116.64 -129.54 -5.89
C LYS D 951 117.54 -128.40 -5.45
N LYS D 952 118.72 -128.75 -4.96
CA LYS D 952 119.66 -127.79 -4.41
C LYS D 952 120.57 -127.24 -5.51
N THR D 953 121.18 -126.09 -5.20
CA THR D 953 122.12 -125.42 -6.10
C THR D 953 123.50 -125.44 -5.47
N LYS D 954 124.47 -126.04 -6.15
CA LYS D 954 125.77 -126.29 -5.55
C LYS D 954 126.85 -126.19 -6.63
N LEU D 955 128.04 -126.71 -6.31
CA LEU D 955 129.23 -126.77 -7.16
C LEU D 955 129.75 -125.41 -7.60
N PRO D 956 129.95 -124.44 -6.68
CA PRO D 956 130.71 -123.23 -7.03
C PRO D 956 132.20 -123.36 -6.70
N LYS D 957 132.91 -124.09 -7.56
CA LYS D 957 134.31 -124.46 -7.35
C LYS D 957 134.42 -125.40 -6.17
N THR D 958 135.55 -125.36 -5.44
CA THR D 958 135.77 -126.28 -4.33
C THR D 958 134.64 -126.21 -3.30
N TYR D 959 134.48 -125.06 -2.64
CA TYR D 959 133.31 -124.74 -1.82
C TYR D 959 133.04 -125.76 -0.73
N MET D 960 133.98 -126.66 -0.44
CA MET D 960 133.76 -127.80 0.44
C MET D 960 134.69 -127.72 1.63
N MET D 961 134.21 -128.16 2.78
CA MET D 961 134.84 -127.97 4.08
C MET D 961 135.41 -129.29 4.58
N SER D 962 135.88 -129.30 5.84
CA SER D 962 136.18 -130.55 6.50
C SER D 962 134.93 -131.33 6.89
N ASN D 963 133.80 -130.66 7.08
CA ASN D 963 132.57 -131.34 7.48
C ASN D 963 131.92 -132.07 6.32
N GLY D 964 132.10 -131.57 5.11
CA GLY D 964 131.43 -132.10 3.94
C GLY D 964 130.08 -131.48 3.65
N TYR D 965 129.76 -130.35 4.27
CA TYR D 965 128.47 -129.71 4.05
C TYR D 965 128.32 -129.26 2.61
N LYS D 966 129.27 -128.48 2.10
CA LYS D 966 129.20 -127.86 0.79
C LYS D 966 127.82 -127.24 0.60
N PRO D 967 127.53 -126.12 1.27
CA PRO D 967 126.15 -125.63 1.36
C PRO D 967 125.49 -125.49 -0.01
N ALA D 968 124.22 -125.87 -0.06
CA ALA D 968 123.48 -125.92 -1.32
C ALA D 968 122.01 -125.65 -1.02
N PRO D 969 121.58 -124.39 -1.10
CA PRO D 969 120.16 -124.08 -0.90
C PRO D 969 119.29 -124.80 -1.92
N LEU D 970 118.11 -125.24 -1.48
CA LEU D 970 117.20 -126.03 -2.29
C LEU D 970 116.49 -125.14 -3.31
N ASP D 971 115.39 -125.64 -3.89
CA ASP D 971 114.70 -125.00 -4.99
C ASP D 971 113.60 -124.05 -4.51
N LEU D 972 113.75 -123.46 -3.33
CA LEU D 972 112.83 -122.44 -2.88
C LEU D 972 113.17 -121.08 -3.49
N SER D 973 113.36 -121.07 -4.81
CA SER D 973 113.70 -119.85 -5.55
C SER D 973 112.58 -119.37 -6.46
N HIS D 974 111.86 -120.28 -7.10
CA HIS D 974 110.77 -119.90 -8.00
C HIS D 974 109.43 -119.85 -7.27
N VAL D 975 109.39 -119.11 -6.17
CA VAL D 975 108.18 -118.90 -5.38
C VAL D 975 108.02 -117.39 -5.21
N ARG D 976 107.15 -116.78 -6.02
CA ARG D 976 106.98 -115.34 -6.04
C ARG D 976 105.92 -114.83 -5.07
N LEU D 977 105.58 -115.63 -4.06
CA LEU D 977 104.70 -115.23 -2.94
C LEU D 977 103.38 -114.61 -3.37
N THR D 978 102.70 -113.96 -2.44
CA THR D 978 101.39 -113.37 -2.64
C THR D 978 101.38 -111.95 -2.10
N PRO D 979 100.47 -111.10 -2.57
CA PRO D 979 100.41 -109.73 -2.05
C PRO D 979 100.38 -109.65 -0.52
N ALA D 980 99.65 -110.56 0.12
CA ALA D 980 99.68 -110.63 1.58
C ALA D 980 101.03 -111.14 2.08
N GLN D 981 101.63 -112.09 1.36
CA GLN D 981 102.90 -112.64 1.80
C GLN D 981 104.02 -111.61 1.74
N THR D 982 103.90 -110.61 0.86
CA THR D 982 104.87 -109.53 0.85
C THR D 982 104.87 -108.78 2.17
N THR D 983 103.71 -108.66 2.80
CA THR D 983 103.60 -108.06 4.13
C THR D 983 103.59 -109.09 5.25
N LEU D 984 103.10 -110.30 4.99
CA LEU D 984 103.12 -111.35 6.01
C LEU D 984 104.54 -111.69 6.43
N VAL D 985 105.45 -111.77 5.45
CA VAL D 985 106.86 -111.98 5.79
C VAL D 985 107.38 -110.78 6.59
N ASP D 986 107.02 -109.57 6.17
CA ASP D 986 107.38 -108.38 6.93
C ASP D 986 106.70 -108.38 8.30
N ARG D 987 105.43 -108.79 8.36
CA ARG D 987 104.73 -108.86 9.64
C ARG D 987 105.40 -109.89 10.55
N LEU D 988 105.78 -111.04 10.00
CA LEU D 988 106.56 -112.01 10.77
C LEU D 988 107.91 -111.43 11.17
N ALA D 989 108.54 -110.69 10.26
CA ALA D 989 109.82 -110.05 10.58
C ALA D 989 109.64 -109.03 11.70
N GLU D 990 108.52 -108.30 11.69
CA GLU D 990 108.25 -107.36 12.77
C GLU D 990 108.11 -108.10 14.10
N ASN D 991 107.46 -109.26 14.09
CA ASN D 991 107.34 -110.05 15.31
C ASN D 991 108.72 -110.50 15.80
N GLY D 992 109.59 -110.91 14.87
CA GLY D 992 110.92 -111.35 15.27
C GLY D 992 111.73 -110.23 15.92
N HIS D 993 111.67 -109.03 15.34
CA HIS D 993 112.34 -107.89 15.95
C HIS D 993 111.71 -107.54 17.29
N ASN D 994 110.38 -107.61 17.38
CA ASN D 994 109.71 -107.28 18.63
C ASN D 994 109.98 -108.33 19.70
N VAL D 995 109.97 -109.62 19.32
CA VAL D 995 110.23 -110.68 20.29
C VAL D 995 111.63 -110.56 20.86
N TRP D 996 112.62 -110.34 19.98
CA TRP D 996 113.99 -110.15 20.44
C TRP D 996 114.12 -108.88 21.26
N ALA D 997 113.32 -107.85 20.94
CA ALA D 997 113.35 -106.63 21.74
C ALA D 997 112.89 -106.90 23.17
N ARG D 998 111.83 -107.71 23.33
CA ARG D 998 111.38 -108.07 24.67
C ARG D 998 112.43 -108.87 25.41
N ASP D 999 113.13 -109.78 24.70
CA ASP D 999 114.20 -110.53 25.32
C ASP D 999 115.34 -109.62 25.75
N ARG D 1000 115.71 -108.66 24.90
CA ARG D 1000 116.74 -107.70 25.28
C ARG D 1000 116.28 -106.83 26.44
N VAL D 1001 115.01 -106.41 26.43
CA VAL D 1001 114.49 -105.57 27.49
C VAL D 1001 114.44 -106.32 28.82
N ALA D 1002 114.23 -107.64 28.77
CA ALA D 1002 114.14 -108.42 30.00
C ALA D 1002 115.43 -108.37 30.79
N GLN D 1003 116.58 -108.43 30.11
CA GLN D 1003 117.87 -108.37 30.79
C GLN D 1003 118.30 -106.93 31.03
N GLY D 1004 117.43 -106.14 31.67
CA GLY D 1004 117.73 -104.76 31.98
C GLY D 1004 118.02 -103.91 30.76
N TRP D 1005 117.19 -104.03 29.73
CA TRP D 1005 117.38 -103.34 28.46
C TRP D 1005 118.77 -103.65 27.88
N SER D 1006 119.01 -104.94 27.66
CA SER D 1006 120.28 -105.48 27.17
C SER D 1006 121.44 -105.19 28.11
N TYR D 1007 121.15 -104.77 29.35
CA TYR D 1007 122.18 -104.49 30.36
C TYR D 1007 123.20 -103.48 29.85
N SER D 1008 122.72 -102.47 29.13
CA SER D 1008 123.57 -101.42 28.57
C SER D 1008 124.70 -102.01 27.73
N ALA D 1009 125.94 -101.77 28.17
CA ALA D 1009 127.11 -102.29 27.47
C ALA D 1009 128.21 -102.64 28.46
N ARG D 1020 120.89 -101.35 21.67
CA ARG D 1020 120.87 -100.33 20.63
C ARG D 1020 119.89 -100.68 19.52
N LEU D 1021 118.73 -101.21 19.90
CA LEU D 1021 117.68 -101.59 18.96
C LEU D 1021 116.37 -100.96 19.40
N VAL D 1022 115.64 -100.39 18.43
CA VAL D 1022 114.39 -99.68 18.72
C VAL D 1022 113.21 -100.52 18.26
N PRO D 1023 111.97 -100.09 18.52
CA PRO D 1023 110.80 -100.88 18.11
C PRO D 1023 110.69 -100.98 16.60
N TYR D 1024 110.01 -102.03 16.16
CA TYR D 1024 109.84 -102.26 14.72
C TYR D 1024 109.03 -101.14 14.09
N ARG D 1025 109.32 -100.88 12.81
CA ARG D 1025 108.69 -99.84 11.99
C ARG D 1025 109.15 -98.45 12.42
N LEU D 1026 109.87 -98.38 13.53
CA LEU D 1026 110.52 -97.14 13.96
C LEU D 1026 112.04 -97.20 13.84
N LEU D 1027 112.61 -98.39 13.62
CA LEU D 1027 114.04 -98.58 13.62
C LEU D 1027 114.64 -98.02 12.32
N ASP D 1028 115.93 -98.30 12.13
CA ASP D 1028 116.67 -97.75 11.00
C ASP D 1028 116.24 -98.45 9.70
N GLU D 1029 116.92 -98.12 8.62
CA GLU D 1029 116.65 -98.73 7.31
C GLU D 1029 117.51 -99.96 7.06
N ALA D 1030 118.76 -99.95 7.54
CA ALA D 1030 119.65 -101.08 7.32
C ALA D 1030 119.12 -102.34 7.99
N THR D 1031 118.62 -102.22 9.23
CA THR D 1031 118.07 -103.38 9.93
C THR D 1031 116.83 -103.91 9.22
N LYS D 1032 116.09 -103.05 8.54
CA LYS D 1032 114.91 -103.47 7.78
C LYS D 1032 115.26 -104.29 6.55
N ARG D 1033 116.53 -104.33 6.15
CA ARG D 1033 116.94 -105.04 4.95
C ARG D 1033 117.32 -106.49 5.23
N SER D 1034 118.19 -106.71 6.21
CA SER D 1034 118.67 -108.07 6.48
C SER D 1034 117.55 -108.99 6.95
N ASN D 1035 116.67 -108.49 7.80
CA ASN D 1035 115.63 -109.32 8.39
C ASN D 1035 114.63 -109.85 7.37
N ARG D 1036 114.49 -109.19 6.22
CA ARG D 1036 113.55 -109.68 5.23
C ARG D 1036 114.09 -110.93 4.52
N ASP D 1037 115.34 -110.83 4.03
CA ASP D 1037 115.91 -111.94 3.27
C ASP D 1037 116.13 -113.17 4.14
N SER D 1038 116.57 -112.97 5.38
CA SER D 1038 116.82 -114.10 6.27
C SER D 1038 115.55 -114.89 6.55
N LEU D 1039 114.46 -114.20 6.86
CA LEU D 1039 113.18 -114.87 7.09
C LEU D 1039 112.54 -115.34 5.80
N CYS D 1040 112.85 -114.72 4.66
CA CYS D 1040 112.23 -115.11 3.40
C CYS D 1040 112.58 -116.54 3.05
N GLN D 1041 113.87 -116.90 3.17
CA GLN D 1041 114.30 -118.25 2.84
C GLN D 1041 113.54 -119.30 3.66
N ALA D 1042 113.33 -119.02 4.95
CA ALA D 1042 112.47 -119.88 5.75
C ALA D 1042 111.03 -119.86 5.24
N VAL D 1043 110.56 -118.69 4.79
CA VAL D 1043 109.19 -118.57 4.30
C VAL D 1043 109.04 -119.06 2.86
N ARG D 1044 110.13 -119.18 2.11
CA ARG D 1044 110.03 -119.64 0.72
C ARG D 1044 109.67 -121.12 0.61
N THR D 1045 109.65 -121.86 1.73
CA THR D 1045 109.25 -123.25 1.70
C THR D 1045 107.79 -123.43 1.36
N LEU D 1046 107.00 -122.35 1.34
CA LEU D 1046 105.61 -122.42 0.94
C LEU D 1046 105.50 -122.96 -0.48
N LEU D 1047 104.47 -123.77 -0.71
CA LEU D 1047 104.21 -124.45 -1.98
C LEU D 1047 105.33 -125.42 -2.36
N GLY D 1048 106.20 -125.76 -1.42
CA GLY D 1048 107.25 -126.73 -1.67
C GLY D 1048 107.03 -128.02 -0.90
N TYR D 1049 106.44 -127.90 0.29
CA TYR D 1049 106.14 -129.07 1.11
C TYR D 1049 104.64 -129.25 1.29
N ASP D 1070 92.79 -79.91 15.42
CA ASP D 1070 93.28 -81.24 15.74
C ASP D 1070 93.27 -82.13 14.50
N ARG D 1071 92.36 -81.82 13.58
CA ARG D 1071 92.21 -82.60 12.34
C ARG D 1071 92.48 -81.77 11.10
N VAL D 1072 91.89 -80.58 10.99
CA VAL D 1072 92.12 -79.69 9.86
C VAL D 1072 92.34 -78.29 10.39
N ARG D 1073 93.04 -77.48 9.59
CA ARG D 1073 93.32 -76.07 9.91
C ARG D 1073 92.96 -75.25 8.68
N ILE D 1074 91.70 -74.79 8.62
CA ILE D 1074 91.20 -74.08 7.46
C ILE D 1074 91.67 -72.64 7.47
N PHE D 1075 91.64 -72.00 6.31
CA PHE D 1075 92.05 -70.61 6.16
C PHE D 1075 91.04 -69.89 5.28
N ARG D 1076 90.86 -68.60 5.56
CA ARG D 1076 89.94 -67.77 4.81
C ARG D 1076 90.46 -66.35 4.79
N ALA D 1077 89.77 -65.46 4.08
CA ALA D 1077 89.97 -64.03 4.10
C ALA D 1077 89.02 -63.36 5.12
N GLU D 1078 89.36 -62.20 5.66
CA GLU D 1078 88.47 -61.44 6.53
C GLU D 1078 87.21 -61.01 5.76
N LYS D 1079 86.09 -60.99 6.47
CA LYS D 1079 84.79 -60.82 5.82
C LYS D 1079 84.38 -59.36 5.67
N SER D 1080 85.28 -58.56 5.08
CA SER D 1080 84.89 -57.27 4.51
C SER D 1080 85.43 -57.07 3.10
N TYR D 1081 86.09 -58.10 2.57
CA TYR D 1081 86.32 -58.36 1.14
C TYR D 1081 85.19 -59.18 0.50
N THR D 1082 84.08 -59.43 1.19
CA THR D 1082 82.92 -60.17 0.65
C THR D 1082 82.44 -59.56 -0.66
N VAL D 1083 82.50 -60.31 -1.76
CA VAL D 1083 82.30 -59.76 -3.11
C VAL D 1083 80.91 -60.05 -3.67
N GLN D 1084 80.23 -59.10 -4.34
CA GLN D 1084 78.83 -59.27 -4.71
C GLN D 1084 78.56 -58.97 -6.17
N SER D 1085 79.57 -58.58 -6.95
CA SER D 1085 79.42 -58.33 -8.38
C SER D 1085 80.78 -58.24 -9.05
N GLY D 1086 80.94 -58.92 -10.18
CA GLY D 1086 82.16 -58.86 -10.97
C GLY D 1086 82.69 -60.23 -11.27
N ARG D 1087 83.90 -60.26 -11.83
CA ARG D 1087 84.57 -61.49 -12.21
C ARG D 1087 85.99 -61.45 -11.65
N TRP D 1088 86.28 -62.48 -10.85
CA TRP D 1088 87.37 -62.55 -9.88
C TRP D 1088 88.12 -63.86 -10.03
N TYR D 1089 89.34 -63.97 -9.51
CA TYR D 1089 90.13 -65.18 -9.69
C TYR D 1089 91.18 -65.27 -8.60
N PHE D 1090 91.65 -66.47 -8.29
CA PHE D 1090 92.86 -66.67 -7.52
C PHE D 1090 93.42 -68.03 -7.86
N GLU D 1091 94.71 -68.25 -7.60
CA GLU D 1091 95.27 -69.58 -7.80
C GLU D 1091 95.81 -70.15 -6.50
N PHE D 1092 95.96 -71.47 -6.49
CA PHE D 1092 96.47 -72.22 -5.36
C PHE D 1092 97.69 -73.02 -5.79
N GLU D 1093 98.64 -73.19 -4.86
CA GLU D 1093 99.87 -73.93 -5.13
C GLU D 1093 100.07 -74.96 -4.03
N ALA D 1094 100.30 -76.21 -4.44
CA ALA D 1094 100.52 -77.29 -3.50
C ALA D 1094 101.84 -77.99 -3.82
N VAL D 1095 102.48 -78.52 -2.78
CA VAL D 1095 103.75 -79.22 -2.94
C VAL D 1095 103.49 -80.71 -2.87
N THR D 1096 102.92 -81.16 -1.77
CA THR D 1096 102.61 -82.57 -1.58
C THR D 1096 101.28 -82.90 -2.26
N THR D 1097 100.78 -84.11 -2.04
CA THR D 1097 99.55 -84.58 -2.65
C THR D 1097 98.65 -85.20 -1.57
N GLY D 1098 98.41 -84.43 -0.51
CA GLY D 1098 97.57 -84.89 0.57
C GLY D 1098 96.10 -84.63 0.32
N GLU D 1099 95.42 -84.00 1.29
CA GLU D 1099 94.00 -83.68 1.16
C GLU D 1099 93.84 -82.17 1.26
N MET D 1100 93.48 -81.54 0.14
CA MET D 1100 93.32 -80.09 0.04
C MET D 1100 91.89 -79.77 -0.34
N ARG D 1101 91.33 -78.75 0.29
CA ARG D 1101 90.02 -78.23 -0.06
C ARG D 1101 90.17 -76.82 -0.61
N VAL D 1102 89.65 -76.59 -1.81
CA VAL D 1102 89.79 -75.34 -2.51
C VAL D 1102 88.45 -74.93 -3.09
N GLY D 1103 88.07 -73.68 -2.88
CA GLY D 1103 86.80 -73.21 -3.42
C GLY D 1103 86.45 -71.86 -2.83
N TRP D 1104 85.19 -71.48 -3.00
CA TRP D 1104 84.61 -70.26 -2.47
C TRP D 1104 83.79 -70.57 -1.23
N ALA D 1105 83.44 -69.55 -0.46
CA ALA D 1105 82.68 -69.79 0.75
C ALA D 1105 81.87 -68.55 1.11
N ARG D 1106 80.74 -68.77 1.77
CA ARG D 1106 79.94 -67.67 2.28
C ARG D 1106 80.57 -67.13 3.56
N PRO D 1107 80.32 -65.85 3.88
CA PRO D 1107 81.01 -65.25 5.04
C PRO D 1107 80.69 -65.90 6.37
N GLU D 1108 79.57 -66.61 6.48
CA GLU D 1108 79.18 -67.23 7.76
C GLU D 1108 79.76 -68.64 7.87
N LEU D 1109 81.08 -68.72 7.77
CA LEU D 1109 81.77 -70.01 7.82
C LEU D 1109 81.90 -70.46 9.27
N ARG D 1110 81.15 -71.49 9.64
CA ARG D 1110 81.20 -72.03 10.99
C ARG D 1110 82.37 -73.00 11.14
N PRO D 1111 83.26 -72.80 12.11
CA PRO D 1111 84.36 -73.76 12.31
C PRO D 1111 83.88 -75.06 12.93
N ASP D 1112 84.81 -75.98 13.19
CA ASP D 1112 84.54 -77.32 13.70
C ASP D 1112 83.66 -78.14 12.77
N VAL D 1113 83.48 -77.71 11.53
CA VAL D 1113 82.69 -78.43 10.55
C VAL D 1113 83.51 -78.54 9.27
N GLU D 1114 83.63 -79.76 8.75
CA GLU D 1114 84.31 -79.95 7.48
C GLU D 1114 83.56 -79.19 6.38
N LEU D 1115 84.29 -78.38 5.63
CA LEU D 1115 83.65 -77.53 4.63
C LEU D 1115 83.20 -78.37 3.45
N GLY D 1116 82.12 -77.91 2.81
CA GLY D 1116 81.55 -78.60 1.67
C GLY D 1116 80.50 -79.63 2.01
N ALA D 1117 80.28 -79.93 3.29
CA ALA D 1117 79.27 -80.88 3.68
C ALA D 1117 77.86 -80.30 3.64
N ASP D 1118 77.73 -79.00 3.45
CA ASP D 1118 76.42 -78.36 3.39
C ASP D 1118 76.53 -77.15 2.46
N GLU D 1119 75.55 -76.25 2.54
CA GLU D 1119 75.44 -75.11 1.64
C GLU D 1119 76.38 -73.97 1.99
N LEU D 1120 77.12 -74.05 3.10
CA LEU D 1120 77.95 -72.92 3.52
C LEU D 1120 79.07 -72.63 2.54
N ALA D 1121 79.68 -73.67 1.96
CA ALA D 1121 80.85 -73.46 1.12
C ALA D 1121 80.79 -74.37 -0.09
N TYR D 1122 81.14 -73.81 -1.25
CA TYR D 1122 81.34 -74.58 -2.47
C TYR D 1122 82.82 -74.87 -2.61
N VAL D 1123 83.19 -76.15 -2.64
CA VAL D 1123 84.59 -76.53 -2.57
C VAL D 1123 84.86 -77.71 -3.50
N PHE D 1124 86.09 -77.80 -3.98
CA PHE D 1124 86.54 -78.90 -4.81
C PHE D 1124 87.71 -79.61 -4.14
N ASN D 1125 87.66 -80.95 -4.15
CA ASN D 1125 88.74 -81.77 -3.62
C ASN D 1125 89.37 -82.53 -4.77
N GLY D 1126 90.64 -82.23 -5.06
CA GLY D 1126 91.38 -82.89 -6.11
C GLY D 1126 92.14 -84.12 -5.69
N HIS D 1127 91.97 -84.60 -4.45
CA HIS D 1127 92.61 -85.85 -4.07
C HIS D 1127 91.92 -87.04 -4.70
N ARG D 1128 90.59 -87.04 -4.71
CA ARG D 1128 89.81 -88.13 -5.29
C ARG D 1128 88.88 -87.63 -6.38
N GLY D 1129 89.09 -86.41 -6.87
CA GLY D 1129 88.22 -85.84 -7.87
C GLY D 1129 86.81 -85.64 -7.38
N GLN D 1130 86.64 -85.01 -6.22
CA GLN D 1130 85.34 -84.80 -5.63
C GLN D 1130 85.07 -83.31 -5.42
N ARG D 1131 83.83 -82.91 -5.66
CA ARG D 1131 83.35 -81.58 -5.33
C ARG D 1131 82.26 -81.74 -4.27
N TRP D 1132 82.36 -80.94 -3.19
CA TRP D 1132 81.48 -81.10 -2.03
C TRP D 1132 80.55 -79.91 -1.91
N HIS D 1133 79.24 -80.20 -1.97
CA HIS D 1133 78.21 -79.24 -1.59
C HIS D 1133 76.96 -80.05 -1.26
N LEU D 1134 76.57 -80.06 0.01
CA LEU D 1134 75.51 -80.92 0.54
C LEU D 1134 75.86 -82.39 0.39
N GLY D 1135 77.16 -82.70 0.30
CA GLY D 1135 77.62 -84.04 0.05
C GLY D 1135 78.60 -84.08 -1.11
N SER D 1136 79.27 -85.22 -1.23
CA SER D 1136 80.31 -85.38 -2.24
C SER D 1136 79.69 -85.71 -3.60
N GLU D 1137 80.51 -85.54 -4.64
CA GLU D 1137 80.16 -85.79 -6.04
C GLU D 1137 81.45 -86.01 -6.83
N PRO D 1138 81.53 -87.03 -7.68
CA PRO D 1138 82.75 -87.25 -8.46
C PRO D 1138 82.91 -86.20 -9.55
N PHE D 1139 84.07 -85.53 -9.55
CA PHE D 1139 84.31 -84.45 -10.49
C PHE D 1139 85.82 -84.25 -10.64
N GLY D 1140 86.36 -84.53 -11.82
CA GLY D 1140 87.76 -84.29 -12.08
C GLY D 1140 88.66 -85.45 -11.69
N ARG D 1141 89.93 -85.28 -12.00
CA ARG D 1141 90.96 -86.28 -11.78
C ARG D 1141 91.79 -85.94 -10.55
N PRO D 1142 92.47 -86.92 -9.96
CA PRO D 1142 93.34 -86.62 -8.81
C PRO D 1142 94.52 -85.74 -9.16
N TRP D 1143 95.36 -85.44 -8.16
CA TRP D 1143 96.45 -84.50 -8.33
C TRP D 1143 97.72 -85.17 -8.86
N GLN D 1144 98.70 -84.33 -9.16
CA GLN D 1144 100.10 -84.72 -9.30
C GLN D 1144 100.90 -83.77 -8.41
N SER D 1145 102.20 -83.64 -8.64
CA SER D 1145 102.97 -82.61 -7.96
C SER D 1145 102.71 -81.26 -8.62
N GLY D 1146 102.97 -80.19 -7.86
CA GLY D 1146 102.76 -78.84 -8.37
C GLY D 1146 101.36 -78.31 -8.10
N ASP D 1147 100.36 -78.88 -8.77
CA ASP D 1147 98.94 -78.61 -8.51
C ASP D 1147 98.63 -77.12 -8.53
N VAL D 1148 98.82 -76.52 -9.71
CA VAL D 1148 98.51 -75.12 -9.92
C VAL D 1148 97.04 -75.06 -10.32
N VAL D 1149 96.18 -74.70 -9.38
CA VAL D 1149 94.75 -74.70 -9.61
C VAL D 1149 94.18 -73.31 -9.29
N GLY D 1150 93.25 -72.85 -10.13
CA GLY D 1150 92.60 -71.58 -9.90
C GLY D 1150 91.09 -71.73 -9.84
N CYS D 1151 90.42 -70.65 -9.44
CA CYS D 1151 88.97 -70.68 -9.24
C CYS D 1151 88.33 -69.58 -10.06
N MET D 1152 87.43 -69.97 -10.95
CA MET D 1152 86.69 -69.01 -11.77
C MET D 1152 85.46 -68.57 -11.00
N ILE D 1153 84.94 -67.38 -11.30
CA ILE D 1153 83.68 -66.97 -10.68
C ILE D 1153 83.00 -65.88 -11.48
N ASP D 1154 81.71 -66.02 -11.71
CA ASP D 1154 80.97 -65.03 -12.47
C ASP D 1154 79.56 -64.96 -11.91
N LEU D 1155 79.25 -63.89 -11.18
CA LEU D 1155 77.94 -63.73 -10.58
C LEU D 1155 76.88 -63.28 -11.57
N THR D 1156 77.26 -62.83 -12.76
CA THR D 1156 76.26 -62.42 -13.74
C THR D 1156 75.40 -63.60 -14.16
N GLU D 1157 76.02 -64.71 -14.55
CA GLU D 1157 75.30 -65.93 -14.88
C GLU D 1157 75.28 -66.92 -13.72
N ASN D 1158 75.85 -66.57 -12.57
CA ASN D 1158 75.80 -67.40 -11.36
C ASN D 1158 76.42 -68.78 -11.62
N THR D 1159 77.71 -68.77 -11.99
CA THR D 1159 78.40 -69.99 -12.36
C THR D 1159 79.81 -69.97 -11.80
N ILE D 1160 80.28 -71.13 -11.35
CA ILE D 1160 81.62 -71.32 -10.81
C ILE D 1160 82.33 -72.39 -11.64
N ILE D 1161 83.56 -72.08 -12.06
CA ILE D 1161 84.35 -72.96 -12.90
C ILE D 1161 85.69 -73.19 -12.21
N PHE D 1162 86.26 -74.38 -12.39
CA PHE D 1162 87.60 -74.68 -11.90
C PHE D 1162 88.52 -74.99 -13.07
N THR D 1163 89.80 -74.64 -12.92
CA THR D 1163 90.79 -74.90 -13.95
C THR D 1163 92.01 -75.53 -13.30
N LEU D 1164 92.52 -76.60 -13.91
CA LEU D 1164 93.73 -77.27 -13.44
C LEU D 1164 94.82 -77.11 -14.47
N ASN D 1165 95.95 -76.55 -14.06
CA ASN D 1165 97.08 -76.28 -14.94
C ASN D 1165 96.63 -75.48 -16.16
N GLY D 1166 95.74 -74.52 -15.93
CA GLY D 1166 95.17 -73.75 -17.02
C GLY D 1166 94.29 -74.55 -17.95
N GLU D 1167 93.56 -75.52 -17.42
CA GLU D 1167 92.65 -76.35 -18.23
C GLU D 1167 91.40 -76.63 -17.43
N VAL D 1168 90.24 -76.28 -18.00
CA VAL D 1168 88.97 -76.46 -17.32
C VAL D 1168 88.66 -77.95 -17.18
N LEU D 1169 88.09 -78.33 -16.05
CA LEU D 1169 87.73 -79.71 -15.79
C LEU D 1169 86.30 -79.97 -16.24
N MET D 1170 86.11 -81.00 -17.07
CA MET D 1170 84.79 -81.36 -17.56
C MET D 1170 83.99 -82.04 -16.45
N SER D 1171 82.67 -82.10 -16.66
CA SER D 1171 81.78 -82.77 -15.73
C SER D 1171 81.71 -84.25 -16.08
N ASP D 1172 80.77 -84.97 -15.47
CA ASP D 1172 80.61 -86.40 -15.77
C ASP D 1172 80.26 -86.61 -17.23
N SER D 1173 79.26 -85.88 -17.74
CA SER D 1173 78.93 -85.92 -19.15
C SER D 1173 79.65 -84.85 -19.96
N GLY D 1174 80.30 -83.90 -19.29
CA GLY D 1174 81.01 -82.83 -19.98
C GLY D 1174 80.21 -81.54 -19.99
N SER D 1175 80.55 -80.62 -19.10
CA SER D 1175 79.87 -79.34 -18.99
C SER D 1175 80.78 -78.37 -18.26
N GLU D 1176 80.24 -77.21 -17.90
CA GLU D 1176 81.03 -76.16 -17.25
C GLU D 1176 80.92 -76.29 -15.73
N THR D 1177 81.56 -77.34 -15.21
CA THR D 1177 81.80 -77.55 -13.79
C THR D 1177 80.50 -77.85 -13.03
N ALA D 1178 79.37 -77.80 -13.75
CA ALA D 1178 78.07 -78.22 -13.22
C ALA D 1178 77.62 -77.40 -12.01
N PHE D 1179 78.41 -76.40 -11.63
CA PHE D 1179 78.07 -75.51 -10.52
C PHE D 1179 77.36 -74.30 -11.11
N ARG D 1180 76.04 -74.31 -11.07
CA ARG D 1180 75.27 -73.21 -11.65
C ARG D 1180 74.11 -72.87 -10.72
N GLU D 1181 73.49 -71.74 -11.00
CA GLU D 1181 72.32 -71.25 -10.27
C GLU D 1181 72.66 -71.05 -8.79
N ILE D 1182 73.54 -70.08 -8.55
CA ILE D 1182 74.01 -69.74 -7.21
C ILE D 1182 73.47 -68.35 -6.86
N GLU D 1183 72.97 -68.21 -5.64
CA GLU D 1183 72.41 -66.95 -5.17
C GLU D 1183 73.50 -66.07 -4.59
N ILE D 1184 73.34 -64.76 -4.77
CA ILE D 1184 74.36 -63.81 -4.30
C ILE D 1184 74.46 -63.84 -2.79
N GLY D 1185 73.32 -63.73 -2.10
CA GLY D 1185 73.29 -63.74 -0.66
C GLY D 1185 74.09 -62.62 -0.03
N ASP D 1186 75.15 -62.99 0.71
CA ASP D 1186 76.04 -62.03 1.35
C ASP D 1186 77.44 -62.07 0.76
N GLY D 1187 77.54 -62.31 -0.54
CA GLY D 1187 78.83 -62.36 -1.20
C GLY D 1187 79.54 -63.66 -0.93
N PHE D 1188 80.79 -63.75 -1.40
CA PHE D 1188 81.66 -64.91 -1.23
C PHE D 1188 83.10 -64.50 -0.91
N LEU D 1189 83.85 -65.42 -0.32
CA LEU D 1189 85.25 -65.28 0.08
C LEU D 1189 86.08 -66.43 -0.51
N PRO D 1190 87.34 -66.24 -0.87
CA PRO D 1190 88.25 -67.34 -1.10
C PRO D 1190 88.50 -68.05 0.22
N VAL D 1191 88.49 -69.37 0.19
CA VAL D 1191 88.71 -70.24 1.34
C VAL D 1191 89.65 -71.36 0.92
N CYS D 1192 90.42 -71.86 1.89
CA CYS D 1192 91.34 -72.96 1.64
C CYS D 1192 91.60 -73.68 2.95
N SER D 1193 91.66 -75.00 2.88
CA SER D 1193 91.98 -75.84 4.03
C SER D 1193 93.28 -76.58 3.76
N LEU D 1194 93.69 -77.38 4.74
CA LEU D 1194 94.90 -78.18 4.59
C LEU D 1194 94.80 -79.38 5.51
N GLY D 1195 95.05 -80.57 4.97
CA GLY D 1195 95.16 -81.75 5.80
C GLY D 1195 96.50 -81.81 6.50
N PRO D 1196 96.64 -82.79 7.38
CA PRO D 1196 97.88 -82.88 8.16
C PRO D 1196 99.11 -83.09 7.29
N GLY D 1197 100.21 -82.46 7.69
CA GLY D 1197 101.50 -82.66 7.06
C GLY D 1197 101.70 -81.93 5.75
N GLN D 1198 100.64 -81.58 5.05
CA GLN D 1198 100.77 -80.95 3.74
C GLN D 1198 101.01 -79.45 3.88
N VAL D 1199 101.32 -78.82 2.75
CA VAL D 1199 101.62 -77.39 2.70
C VAL D 1199 100.94 -76.78 1.48
N GLY D 1200 100.42 -75.57 1.65
CA GLY D 1200 99.78 -74.86 0.57
C GLY D 1200 100.35 -73.46 0.42
N HIS D 1201 100.17 -72.90 -0.78
CA HIS D 1201 100.68 -71.58 -1.11
C HIS D 1201 99.64 -70.83 -1.93
N LEU D 1202 98.94 -69.89 -1.29
CA LEU D 1202 97.94 -69.10 -1.99
C LEU D 1202 98.59 -67.99 -2.81
N ASN D 1203 97.83 -67.47 -3.76
CA ASN D 1203 98.28 -66.34 -4.59
C ASN D 1203 97.02 -65.54 -4.94
N LEU D 1204 96.69 -64.48 -4.20
CA LEU D 1204 95.49 -63.68 -4.49
C LEU D 1204 95.72 -62.65 -5.63
N GLY D 1205 96.89 -62.66 -6.26
CA GLY D 1205 97.18 -61.92 -7.49
C GLY D 1205 97.61 -60.47 -7.28
N GLN D 1206 98.13 -60.13 -6.09
CA GLN D 1206 98.56 -58.75 -5.77
C GLN D 1206 99.71 -58.26 -6.67
N ASP D 1207 100.48 -59.16 -7.29
CA ASP D 1207 101.34 -58.82 -8.44
C ASP D 1207 101.15 -59.81 -9.58
N VAL D 1208 101.05 -59.30 -10.81
CA VAL D 1208 100.63 -60.11 -11.97
C VAL D 1208 101.75 -60.95 -12.56
N SER D 1209 103.04 -60.55 -12.46
CA SER D 1209 104.10 -61.42 -13.00
C SER D 1209 104.15 -62.75 -12.24
N SER D 1210 104.00 -62.71 -10.92
CA SER D 1210 104.09 -63.94 -10.14
C SER D 1210 102.99 -64.93 -10.48
N LEU D 1211 101.81 -64.45 -10.92
CA LEU D 1211 100.69 -65.29 -11.33
C LEU D 1211 101.12 -66.07 -12.59
N ARG D 1212 101.22 -67.41 -12.49
CA ARG D 1212 102.04 -68.19 -13.42
C ARG D 1212 101.35 -68.43 -14.76
N PHE D 1213 100.27 -69.21 -14.78
CA PHE D 1213 99.63 -69.51 -16.07
C PHE D 1213 98.78 -68.34 -16.54
N PHE D 1214 97.77 -67.97 -15.72
CA PHE D 1214 96.77 -66.95 -16.05
C PHE D 1214 96.60 -66.90 -17.55
N ALA D 1215 97.02 -65.80 -18.22
CA ALA D 1215 97.18 -65.57 -19.66
C ALA D 1215 96.25 -66.40 -20.54
N ILE D 1216 96.49 -67.71 -20.60
CA ILE D 1216 95.70 -68.59 -21.44
C ILE D 1216 94.26 -68.61 -20.97
N CYS D 1217 94.04 -68.53 -19.66
CA CYS D 1217 92.71 -68.30 -19.08
C CYS D 1217 92.75 -67.01 -18.28
N GLY D 1218 91.68 -66.22 -18.37
CA GLY D 1218 91.72 -64.87 -17.84
C GLY D 1218 91.51 -63.79 -18.89
N LEU D 1219 92.59 -63.11 -19.26
CA LEU D 1219 92.56 -61.95 -20.15
C LEU D 1219 91.49 -62.02 -21.24
N GLN D 1220 91.49 -63.06 -22.05
CA GLN D 1220 90.56 -63.09 -23.18
C GLN D 1220 89.27 -63.82 -22.84
N GLU D 1221 88.71 -63.52 -21.66
CA GLU D 1221 87.29 -63.79 -21.45
C GLU D 1221 86.72 -62.83 -20.39
N GLY D 1222 87.51 -61.88 -19.90
CA GLY D 1222 87.07 -60.98 -18.85
C GLY D 1222 87.24 -61.44 -17.41
N PHE D 1223 88.46 -61.38 -16.89
CA PHE D 1223 88.75 -61.69 -15.48
C PHE D 1223 89.95 -60.87 -15.00
N GLU D 1224 90.02 -60.58 -13.71
CA GLU D 1224 91.23 -60.13 -13.02
C GLU D 1224 91.20 -60.65 -11.57
N PRO D 1225 92.36 -60.86 -10.93
CA PRO D 1225 92.43 -61.61 -9.68
C PRO D 1225 91.94 -60.83 -8.47
N PHE D 1226 91.65 -61.56 -7.39
CA PHE D 1226 90.91 -61.11 -6.22
C PHE D 1226 91.52 -59.87 -5.54
N ALA D 1227 92.86 -59.77 -5.48
CA ALA D 1227 93.57 -58.68 -4.80
C ALA D 1227 94.34 -57.76 -5.76
N ILE D 1228 93.87 -57.58 -7.00
CA ILE D 1228 94.66 -56.97 -8.10
C ILE D 1228 95.26 -55.58 -7.81
N ASN D 1229 94.62 -54.74 -7.00
CA ASN D 1229 95.04 -53.35 -6.77
C ASN D 1229 94.89 -52.91 -5.32
N MET D 1230 95.76 -53.43 -4.45
CA MET D 1230 95.86 -53.05 -3.04
C MET D 1230 97.33 -52.80 -2.64
N GLN D 1231 97.59 -51.71 -1.90
CA GLN D 1231 98.94 -51.34 -1.45
C GLN D 1231 99.47 -52.21 -0.29
N ARG D 1232 98.60 -52.95 0.38
CA ARG D 1232 98.93 -53.83 1.51
C ARG D 1232 98.29 -55.22 1.34
N PRO D 1233 98.99 -56.32 1.67
CA PRO D 1233 98.53 -57.67 1.41
C PRO D 1233 97.30 -58.03 2.24
N VAL D 1234 96.47 -58.94 1.72
CA VAL D 1234 95.23 -59.39 2.37
C VAL D 1234 95.53 -60.07 3.71
N THR D 1235 95.04 -59.50 4.82
CA THR D 1235 95.02 -60.23 6.08
C THR D 1235 94.13 -61.46 5.98
N THR D 1236 94.43 -62.47 6.80
CA THR D 1236 93.72 -63.74 6.75
C THR D 1236 93.49 -64.24 8.18
N TRP D 1237 92.53 -65.16 8.31
CA TRP D 1237 92.17 -65.78 9.57
C TRP D 1237 92.35 -67.29 9.49
N PHE D 1238 92.16 -67.94 10.64
CA PHE D 1238 92.26 -69.38 10.74
C PHE D 1238 91.60 -69.85 12.03
N SER D 1239 91.32 -71.14 12.09
CA SER D 1239 90.76 -71.76 13.28
C SER D 1239 91.89 -72.14 14.23
N LYS D 1240 91.69 -71.87 15.52
CA LYS D 1240 92.77 -71.99 16.49
C LYS D 1240 92.94 -73.42 16.98
N SER D 1241 91.87 -73.99 17.56
CA SER D 1241 91.70 -75.34 18.11
C SER D 1241 91.49 -75.25 19.62
N LEU D 1242 92.34 -74.48 20.30
CA LEU D 1242 92.30 -74.27 21.74
C LEU D 1242 90.91 -73.85 22.19
N PRO D 1243 90.22 -74.68 22.96
CA PRO D 1243 88.85 -74.34 23.37
C PRO D 1243 88.81 -73.13 24.28
N GLN D 1244 87.70 -72.38 24.18
CA GLN D 1244 87.50 -71.21 25.02
C GLN D 1244 86.03 -71.10 25.38
N PHE D 1245 85.76 -70.59 26.59
CA PHE D 1245 84.38 -70.49 27.06
C PHE D 1245 83.64 -69.37 26.34
N GLU D 1246 82.35 -69.59 26.12
CA GLU D 1246 81.47 -68.63 25.46
C GLU D 1246 80.04 -68.91 25.88
N PRO D 1247 79.20 -67.88 25.96
CA PRO D 1247 77.82 -68.11 26.40
C PRO D 1247 77.06 -69.01 25.43
N VAL D 1248 76.16 -69.80 25.99
CA VAL D 1248 75.42 -70.79 25.19
C VAL D 1248 74.43 -70.07 24.28
N PRO D 1249 74.45 -70.33 22.97
CA PRO D 1249 73.46 -69.72 22.08
C PRO D 1249 72.11 -70.38 22.24
N PRO D 1250 71.04 -69.59 22.41
CA PRO D 1250 69.71 -70.20 22.61
C PRO D 1250 69.08 -70.68 21.31
N GLU D 1251 69.87 -71.34 20.47
CA GLU D 1251 69.37 -72.00 19.27
C GLU D 1251 70.07 -73.35 19.08
N HIS D 1252 70.73 -73.75 20.17
CA HIS D 1252 71.47 -75.03 20.22
C HIS D 1252 70.43 -76.13 20.13
N PRO D 1253 70.45 -76.94 19.07
CA PRO D 1253 69.51 -77.99 18.90
C PRO D 1253 69.07 -78.55 20.25
N HIS D 1254 69.93 -79.36 20.84
CA HIS D 1254 69.51 -80.05 22.07
C HIS D 1254 70.32 -79.52 23.25
N TYR D 1255 69.91 -78.34 23.75
CA TYR D 1255 70.30 -77.79 25.04
C TYR D 1255 69.42 -76.59 25.35
N GLU D 1256 68.75 -76.59 26.50
CA GLU D 1256 67.85 -75.51 26.88
C GLU D 1256 68.13 -75.13 28.33
N VAL D 1257 68.35 -73.83 28.57
CA VAL D 1257 68.61 -73.30 29.90
C VAL D 1257 67.66 -72.15 30.15
N ALA D 1258 67.29 -71.95 31.40
CA ALA D 1258 66.37 -70.89 31.77
C ALA D 1258 66.52 -70.55 33.25
N ARG D 1259 66.07 -69.36 33.60
CA ARG D 1259 66.02 -68.92 34.99
C ARG D 1259 64.69 -69.36 35.57
N MET D 1260 64.71 -69.78 36.85
CA MET D 1260 63.54 -70.48 37.41
C MET D 1260 62.56 -69.52 38.11
N ASP D 1261 63.02 -68.86 39.18
CA ASP D 1261 62.10 -68.09 40.01
C ASP D 1261 62.81 -67.33 41.12
N GLY D 1262 62.04 -66.62 41.93
CA GLY D 1262 62.52 -65.94 43.12
C GLY D 1262 61.61 -66.16 44.31
N THR D 1263 60.99 -67.33 44.37
CA THR D 1263 59.98 -67.60 45.38
C THR D 1263 60.57 -67.60 46.78
N VAL D 1264 59.69 -67.49 47.78
CA VAL D 1264 60.12 -67.42 49.17
C VAL D 1264 60.79 -68.72 49.59
N ASP D 1265 60.18 -69.86 49.25
CA ASP D 1265 60.71 -71.14 49.70
C ASP D 1265 62.00 -71.49 48.95
N THR D 1266 61.93 -71.61 47.63
CA THR D 1266 63.12 -71.99 46.89
C THR D 1266 63.91 -70.75 46.46
N PRO D 1267 65.23 -70.80 46.56
CA PRO D 1267 66.05 -69.68 46.11
C PRO D 1267 66.17 -69.68 44.60
N PRO D 1268 66.63 -68.58 44.00
CA PRO D 1268 66.82 -68.56 42.54
C PRO D 1268 67.80 -69.62 42.10
N CYS D 1269 67.41 -70.27 40.99
CA CYS D 1269 68.19 -71.43 40.49
C CYS D 1269 68.11 -71.54 38.97
N LEU D 1270 69.18 -72.03 38.36
CA LEU D 1270 69.21 -72.25 36.89
C LEU D 1270 69.14 -73.76 36.65
N ARG D 1271 68.41 -74.24 35.65
CA ARG D 1271 68.16 -75.64 35.33
C ARG D 1271 68.53 -75.87 33.87
N LEU D 1272 68.48 -77.13 33.45
CA LEU D 1272 68.79 -77.51 32.07
C LEU D 1272 67.68 -78.39 31.53
N ALA D 1273 67.85 -78.79 30.27
CA ALA D 1273 66.91 -79.67 29.58
C ALA D 1273 67.66 -80.38 28.46
N HIS D 1274 66.95 -81.23 27.73
CA HIS D 1274 67.56 -82.01 26.66
C HIS D 1274 66.43 -82.59 25.81
N ARG D 1275 66.81 -83.12 24.65
CA ARG D 1275 65.86 -83.82 23.77
C ARG D 1275 66.22 -85.30 23.73
N THR D 1276 65.94 -86.00 24.82
CA THR D 1276 66.30 -87.41 24.95
C THR D 1276 65.45 -88.29 24.03
N TRP D 1277 65.96 -88.55 22.83
CA TRP D 1277 65.27 -89.41 21.87
C TRP D 1277 66.24 -89.93 20.82
N GLY D 1278 65.77 -89.98 19.57
CA GLY D 1278 66.59 -90.46 18.47
C GLY D 1278 67.40 -89.31 17.88
N SER D 1279 67.40 -89.22 16.55
CA SER D 1279 68.12 -88.17 15.83
C SER D 1279 69.62 -88.16 16.17
N GLN D 1280 69.95 -87.54 17.30
CA GLN D 1280 71.35 -87.42 17.71
C GLN D 1280 71.52 -87.66 19.20
N ASN D 1281 72.76 -87.54 19.67
CA ASN D 1281 73.09 -87.77 21.07
C ASN D 1281 73.99 -86.65 21.61
N SER D 1282 74.76 -86.97 22.65
CA SER D 1282 75.64 -85.99 23.27
C SER D 1282 76.75 -86.66 24.08
N LEU D 1283 77.76 -85.86 24.43
CA LEU D 1283 78.89 -86.34 25.22
C LEU D 1283 78.89 -85.69 26.60
N VAL D 1284 80.06 -85.23 27.03
CA VAL D 1284 80.19 -84.60 28.34
C VAL D 1284 80.25 -83.09 28.23
N GLU D 1285 79.21 -82.42 28.71
CA GLU D 1285 79.11 -80.96 28.62
C GLU D 1285 79.84 -80.28 29.76
N MET D 1286 81.13 -80.01 29.58
CA MET D 1286 81.93 -79.35 30.60
C MET D 1286 81.50 -77.90 30.76
N LEU D 1287 80.43 -77.69 31.51
CA LEU D 1287 79.86 -76.35 31.69
C LEU D 1287 80.52 -75.58 32.83
N PHE D 1288 80.28 -74.27 32.86
CA PHE D 1288 80.84 -73.39 33.89
C PHE D 1288 80.13 -72.05 33.89
N LEU D 1289 79.86 -71.48 35.07
CA LEU D 1289 79.06 -70.24 35.09
C LEU D 1289 79.95 -69.07 34.66
N ARG D 1290 79.47 -67.82 34.76
CA ARG D 1290 80.24 -66.67 34.22
C ARG D 1290 80.47 -65.58 35.26
N LEU D 1291 81.64 -65.57 35.89
CA LEU D 1291 81.99 -64.54 36.90
C LEU D 1291 83.26 -64.99 37.63
N SER D 1292 83.35 -64.75 38.94
CA SER D 1292 84.62 -65.07 39.62
C SER D 1292 84.46 -64.95 41.13
N LEU D 1293 85.57 -65.05 41.88
CA LEU D 1293 85.53 -64.86 43.36
C LEU D 1293 86.97 -64.71 43.87
N PRO D 1294 87.67 -63.62 43.54
CA PRO D 1294 89.10 -63.44 43.95
C PRO D 1294 89.20 -63.72 45.45
N VAL D 1295 90.40 -64.06 45.96
CA VAL D 1295 90.35 -64.46 47.39
C VAL D 1295 90.34 -63.20 48.27
N GLN D 1296 91.49 -62.75 48.80
CA GLN D 1296 91.44 -61.49 49.56
C GLN D 1296 92.83 -60.93 49.87
N PHE D 1297 93.60 -60.57 48.84
CA PHE D 1297 94.90 -59.91 49.07
C PHE D 1297 95.52 -59.50 47.73
N ASP D 1422 70.04 -66.47 61.10
CA ASP D 1422 71.39 -66.11 61.51
C ASP D 1422 71.40 -64.88 62.40
N ASP D 1423 72.46 -64.73 63.17
CA ASP D 1423 72.66 -63.50 63.89
C ASP D 1423 73.14 -62.41 62.93
N PRO D 1424 72.68 -61.17 63.11
CA PRO D 1424 73.20 -60.07 62.29
C PRO D 1424 74.65 -59.72 62.56
N GLU D 1425 75.23 -60.19 63.67
CA GLU D 1425 76.64 -59.98 63.90
C GLU D 1425 77.49 -60.91 63.03
N ILE D 1426 77.17 -62.20 63.04
CA ILE D 1426 77.99 -63.17 62.31
C ILE D 1426 77.82 -63.05 60.80
N ILE D 1427 76.65 -62.66 60.32
CA ILE D 1427 76.41 -62.66 58.88
C ILE D 1427 76.96 -61.40 58.23
N LEU D 1428 77.33 -60.38 59.01
CA LEU D 1428 77.90 -59.19 58.44
C LEU D 1428 79.41 -59.13 58.60
N ASN D 1429 80.03 -60.20 59.10
CA ASN D 1429 81.47 -60.29 59.23
C ASN D 1429 82.04 -61.51 58.57
N THR D 1430 81.20 -62.46 58.18
CA THR D 1430 81.63 -63.74 57.65
C THR D 1430 82.27 -63.60 56.27
N THR D 1431 83.34 -64.37 56.05
CA THR D 1431 83.91 -64.57 54.73
C THR D 1431 83.94 -66.07 54.46
N THR D 1432 82.78 -66.61 54.09
CA THR D 1432 82.63 -67.95 53.57
C THR D 1432 81.26 -68.07 52.93
N TYR D 1433 81.19 -68.37 51.63
CA TYR D 1433 79.87 -68.51 50.97
C TYR D 1433 79.63 -69.81 50.22
N TYR D 1434 78.38 -70.11 50.04
CA TYR D 1434 77.74 -71.37 49.70
C TYR D 1434 76.99 -71.25 48.39
N TYR D 1435 77.17 -72.24 47.53
CA TYR D 1435 76.27 -72.47 46.41
C TYR D 1435 75.88 -73.93 46.42
N SER D 1436 74.93 -74.29 45.56
CA SER D 1436 74.33 -75.61 45.63
C SER D 1436 73.90 -76.08 44.25
N VAL D 1437 74.10 -77.36 44.01
CA VAL D 1437 73.53 -78.03 42.86
C VAL D 1437 72.71 -79.21 43.36
N ARG D 1438 71.72 -79.60 42.58
CA ARG D 1438 70.90 -80.75 42.91
C ARG D 1438 70.78 -81.63 41.67
N VAL D 1439 71.35 -82.82 41.75
CA VAL D 1439 71.23 -83.79 40.68
C VAL D 1439 69.84 -84.40 40.74
N PHE D 1440 69.01 -84.30 39.72
CA PHE D 1440 67.69 -84.86 39.83
C PHE D 1440 67.72 -86.32 39.59
N ALA D 1441 66.58 -86.92 39.70
CA ALA D 1441 66.41 -88.35 39.51
C ALA D 1441 66.59 -88.70 38.04
N GLY D 1442 67.01 -89.93 37.77
CA GLY D 1442 67.32 -90.36 36.44
C GLY D 1442 68.70 -89.94 35.96
N GLN D 1443 69.46 -89.23 36.78
CA GLN D 1443 70.84 -88.90 36.46
C GLN D 1443 71.75 -89.57 37.48
N GLU D 1444 72.73 -90.29 36.99
CA GLU D 1444 73.63 -91.01 37.89
C GLU D 1444 74.68 -90.05 38.44
N PRO D 1445 74.88 -90.00 39.76
CA PRO D 1445 76.02 -89.27 40.32
C PRO D 1445 77.38 -89.88 39.99
N SER D 1446 77.42 -91.11 39.48
CA SER D 1446 78.64 -91.68 38.96
C SER D 1446 79.21 -90.89 37.79
N CYS D 1447 78.34 -90.27 36.98
CA CYS D 1447 78.75 -89.46 35.86
C CYS D 1447 78.50 -87.97 36.09
N VAL D 1448 78.73 -87.49 37.31
CA VAL D 1448 78.54 -86.10 37.67
C VAL D 1448 79.77 -85.65 38.45
N TRP D 1449 80.36 -84.53 38.04
CA TRP D 1449 81.48 -83.95 38.75
C TRP D 1449 81.13 -82.52 39.09
N VAL D 1450 81.29 -82.14 40.36
CA VAL D 1450 80.89 -80.83 40.84
C VAL D 1450 82.09 -80.20 41.55
N GLY D 1451 82.36 -78.94 41.25
CA GLY D 1451 83.34 -78.18 42.01
C GLY D 1451 83.72 -76.83 41.43
N TRP D 1452 85.03 -76.59 41.32
CA TRP D 1452 85.53 -75.26 40.99
C TRP D 1452 86.63 -75.36 39.94
N VAL D 1453 86.72 -74.33 39.10
CA VAL D 1453 87.61 -74.32 37.94
C VAL D 1453 88.18 -72.91 37.78
N THR D 1454 89.51 -72.82 37.65
CA THR D 1454 90.23 -71.59 37.35
C THR D 1454 90.29 -71.38 35.83
N PRO D 1455 90.42 -70.12 35.37
CA PRO D 1455 90.35 -69.85 33.92
C PRO D 1455 91.36 -70.57 33.03
N ASP D 1456 92.55 -70.91 33.51
CA ASP D 1456 93.51 -71.61 32.65
C ASP D 1456 93.28 -73.12 32.69
N TYR D 1457 92.15 -73.53 32.15
CA TYR D 1457 91.75 -74.93 32.09
C TYR D 1457 91.05 -75.16 30.76
N HIS D 1458 91.64 -75.98 29.90
CA HIS D 1458 91.09 -76.22 28.56
C HIS D 1458 91.17 -77.69 28.18
N GLN D 1459 90.70 -78.58 29.06
CA GLN D 1459 90.64 -80.01 28.76
C GLN D 1459 89.25 -80.36 28.27
N HIS D 1460 89.12 -80.58 26.97
CA HIS D 1460 87.86 -80.96 26.33
C HIS D 1460 88.01 -82.40 25.87
N ASP D 1461 87.55 -83.34 26.68
CA ASP D 1461 87.62 -84.75 26.35
C ASP D 1461 86.36 -85.44 26.84
N MET D 1462 85.99 -86.53 26.17
CA MET D 1462 84.84 -87.31 26.59
C MET D 1462 85.22 -88.46 27.51
N ASN D 1463 86.50 -88.64 27.80
CA ASN D 1463 86.95 -89.74 28.63
C ASN D 1463 87.48 -89.22 29.96
N PHE D 1464 86.93 -88.10 30.42
CA PHE D 1464 87.47 -87.45 31.60
C PHE D 1464 87.09 -88.20 32.87
N ASP D 1465 88.09 -88.53 33.66
CA ASP D 1465 87.92 -88.96 35.03
C ASP D 1465 88.81 -88.08 35.89
N LEU D 1466 88.64 -88.18 37.21
CA LEU D 1466 89.39 -87.33 38.14
C LEU D 1466 90.89 -87.60 38.12
N SER D 1467 91.33 -88.74 37.58
CA SER D 1467 92.75 -88.94 37.34
C SER D 1467 93.26 -88.03 36.23
N LYS D 1468 92.40 -87.63 35.31
CA LYS D 1468 92.80 -86.76 34.21
C LYS D 1468 92.66 -85.29 34.57
N VAL D 1469 93.24 -84.91 35.71
CA VAL D 1469 93.23 -83.53 36.18
C VAL D 1469 94.67 -83.12 36.36
N ARG D 1470 95.02 -81.96 35.78
CA ARG D 1470 96.38 -81.45 35.96
C ARG D 1470 96.57 -81.02 37.39
N ALA D 1471 97.70 -81.39 37.96
CA ALA D 1471 98.07 -81.03 39.33
C ALA D 1471 99.57 -81.08 39.44
N VAL D 1472 100.18 -79.95 39.79
CA VAL D 1472 101.63 -79.83 39.86
C VAL D 1472 101.99 -79.39 41.27
N THR D 1473 102.86 -80.14 41.92
CA THR D 1473 103.27 -79.88 43.29
C THR D 1473 104.62 -79.17 43.26
N VAL D 1474 104.66 -77.98 43.83
CA VAL D 1474 105.88 -77.19 43.93
C VAL D 1474 106.36 -77.22 45.37
N THR D 1475 107.61 -77.64 45.58
CA THR D 1475 108.23 -77.66 46.89
C THR D 1475 109.50 -76.83 46.83
N MET D 1476 109.82 -76.14 47.92
CA MET D 1476 111.04 -75.38 48.04
C MET D 1476 111.64 -75.63 49.41
N GLY D 1477 112.97 -75.57 49.49
CA GLY D 1477 113.65 -75.74 50.74
C GLY D 1477 114.84 -74.83 50.90
N ASP D 1478 115.67 -75.11 51.90
CA ASP D 1478 116.88 -74.34 52.13
C ASP D 1478 118.03 -74.99 51.38
N GLU D 1479 119.23 -74.43 51.55
CA GLU D 1479 120.44 -75.05 51.06
C GLU D 1479 120.79 -76.32 51.80
N GLN D 1480 120.27 -76.49 53.03
CA GLN D 1480 120.45 -77.73 53.77
C GLN D 1480 119.64 -78.88 53.17
N GLY D 1481 118.63 -78.57 52.36
CA GLY D 1481 117.77 -79.56 51.75
C GLY D 1481 116.46 -79.78 52.48
N ASN D 1482 116.35 -79.31 53.72
CA ASN D 1482 115.08 -79.39 54.45
C ASN D 1482 114.06 -78.46 53.82
N VAL D 1483 112.86 -78.98 53.61
CA VAL D 1483 111.84 -78.26 52.85
C VAL D 1483 111.27 -77.12 53.68
N HIS D 1484 110.69 -76.28 52.88
CA HIS D 1484 110.25 -75.08 53.34
C HIS D 1484 108.86 -74.63 53.05
N SER D 1485 108.20 -75.30 52.11
CA SER D 1485 106.82 -75.22 51.68
C SER D 1485 106.57 -76.27 50.63
N SER D 1486 105.31 -76.67 50.49
CA SER D 1486 104.91 -77.66 49.50
C SER D 1486 103.59 -77.22 48.91
N LEU D 1487 103.62 -76.50 47.79
CA LEU D 1487 102.42 -75.94 47.19
C LEU D 1487 101.96 -76.83 46.05
N LYS D 1488 100.65 -77.01 45.94
CA LYS D 1488 100.05 -77.76 44.85
C LYS D 1488 99.08 -76.87 44.09
N CYS D 1489 99.40 -76.57 42.84
CA CYS D 1489 98.50 -75.85 41.94
C CYS D 1489 97.78 -76.88 41.10
N SER D 1490 96.45 -76.76 41.04
CA SER D 1490 95.64 -77.56 40.14
C SER D 1490 94.75 -76.64 39.34
N ASN D 1491 94.46 -77.05 38.10
CA ASN D 1491 93.58 -76.25 37.26
C ASN D 1491 92.11 -76.60 37.46
N CYS D 1492 91.78 -77.34 38.51
CA CYS D 1492 90.45 -77.88 38.72
C CYS D 1492 90.32 -78.29 40.17
N TYR D 1493 89.21 -77.93 40.80
CA TYR D 1493 88.95 -78.26 42.19
C TYR D 1493 87.52 -78.79 42.28
N MET D 1494 87.38 -80.11 42.14
CA MET D 1494 86.07 -80.74 42.16
C MET D 1494 86.08 -81.98 43.03
N VAL D 1495 84.88 -82.55 43.19
CA VAL D 1495 84.66 -83.83 43.86
C VAL D 1495 83.95 -84.75 42.87
N TRP D 1496 83.78 -85.99 43.28
CA TRP D 1496 82.99 -86.93 42.50
C TRP D 1496 81.65 -87.16 43.20
N GLY D 1497 80.56 -86.97 42.46
CA GLY D 1497 79.25 -87.30 43.00
C GLY D 1497 79.02 -88.78 43.20
N GLY D 1498 79.75 -89.62 42.47
CA GLY D 1498 79.69 -91.06 42.69
C GLY D 1498 80.40 -91.51 43.94
N ASP D 1499 81.15 -90.62 44.60
CA ASP D 1499 81.80 -90.97 45.86
C ASP D 1499 80.89 -90.80 47.06
N PHE D 1500 79.60 -90.51 46.85
CA PHE D 1500 78.67 -90.40 47.97
C PHE D 1500 77.49 -91.36 47.80
N VAL D 1501 77.02 -91.54 46.58
CA VAL D 1501 75.93 -92.47 46.32
C VAL D 1501 76.47 -93.64 45.53
N ILE D 1509 69.62 -97.60 40.71
CA ILE D 1509 68.42 -96.79 40.47
C ILE D 1509 67.98 -96.12 41.76
N SER D 1510 68.37 -94.85 41.93
CA SER D 1510 67.99 -94.08 43.10
C SER D 1510 66.82 -93.17 42.76
N HIS D 1511 65.77 -93.21 43.57
CA HIS D 1511 64.62 -92.34 43.39
C HIS D 1511 64.72 -91.05 44.18
N THR D 1512 65.92 -90.66 44.60
CA THR D 1512 66.13 -89.46 45.39
C THR D 1512 67.24 -88.62 44.78
N ASP D 1513 67.30 -87.37 45.23
CA ASP D 1513 68.17 -86.36 44.62
C ASP D 1513 69.38 -86.09 45.49
N LEU D 1514 70.55 -86.48 45.00
CA LEU D 1514 71.82 -86.18 45.65
C LEU D 1514 72.11 -84.69 45.50
N VAL D 1515 72.10 -83.97 46.61
CA VAL D 1515 72.33 -82.53 46.60
C VAL D 1515 73.73 -82.28 47.12
N ILE D 1516 74.58 -81.68 46.31
CA ILE D 1516 75.96 -81.40 46.68
C ILE D 1516 76.13 -79.90 46.81
N GLY D 1517 76.61 -79.45 47.96
CA GLY D 1517 76.89 -78.06 48.20
C GLY D 1517 78.34 -77.86 48.60
N CYS D 1518 78.90 -76.73 48.21
CA CYS D 1518 80.32 -76.46 48.43
C CYS D 1518 80.49 -75.23 49.29
N LEU D 1519 81.65 -75.12 49.93
CA LEU D 1519 81.93 -74.07 50.89
C LEU D 1519 83.33 -73.51 50.62
N VAL D 1520 83.40 -72.21 50.39
CA VAL D 1520 84.66 -71.54 50.08
C VAL D 1520 84.84 -70.37 51.03
N ASP D 1521 85.95 -70.39 51.76
CA ASP D 1521 86.27 -69.39 52.77
C ASP D 1521 87.33 -68.45 52.20
N LEU D 1522 86.93 -67.21 51.90
CA LEU D 1522 87.77 -66.29 51.14
C LEU D 1522 88.97 -65.78 51.90
N ALA D 1523 88.85 -65.52 53.20
CA ALA D 1523 89.97 -64.93 53.91
C ALA D 1523 91.02 -65.97 54.27
N THR D 1524 90.73 -67.26 54.08
CA THR D 1524 91.71 -68.31 54.31
C THR D 1524 92.05 -69.07 53.05
N GLY D 1525 91.20 -69.00 52.03
CA GLY D 1525 91.40 -69.82 50.85
C GLY D 1525 91.12 -71.29 51.07
N LEU D 1526 90.35 -71.61 52.10
CA LEU D 1526 90.03 -72.99 52.43
C LEU D 1526 88.71 -73.36 51.78
N MET D 1527 88.70 -74.48 51.08
CA MET D 1527 87.52 -74.95 50.35
C MET D 1527 87.12 -76.32 50.86
N THR D 1528 85.85 -76.45 51.25
CA THR D 1528 85.29 -77.71 51.71
C THR D 1528 83.99 -77.98 50.97
N PHE D 1529 83.49 -79.20 51.08
CA PHE D 1529 82.36 -79.66 50.30
C PHE D 1529 81.44 -80.49 51.18
N THR D 1530 80.15 -80.20 51.13
CA THR D 1530 79.16 -80.88 51.95
C THR D 1530 78.27 -81.75 51.07
N ALA D 1531 78.00 -82.96 51.54
CA ALA D 1531 77.14 -83.89 50.83
C ALA D 1531 75.89 -84.13 51.65
N ASN D 1532 74.78 -83.51 51.21
CA ASN D 1532 73.47 -83.56 51.87
C ASN D 1532 73.55 -83.13 53.32
N GLY D 1533 74.35 -82.11 53.60
CA GLY D 1533 74.57 -81.67 54.95
C GLY D 1533 75.54 -82.50 55.75
N LYS D 1534 76.07 -83.58 55.19
CA LYS D 1534 77.09 -84.38 55.84
C LYS D 1534 78.42 -84.06 55.16
N GLU D 1535 79.38 -83.59 55.96
CA GLU D 1535 80.66 -83.12 55.43
C GLU D 1535 81.47 -84.28 54.89
N SER D 1536 82.07 -84.07 53.73
CA SER D 1536 82.91 -85.05 53.09
C SER D 1536 84.31 -84.97 53.68
N ASN D 1537 85.10 -86.01 53.43
CA ASN D 1537 86.45 -86.08 53.94
C ASN D 1537 87.41 -85.12 53.25
N THR D 1538 87.12 -84.74 52.01
CA THR D 1538 88.05 -83.94 51.26
C THR D 1538 87.96 -82.46 51.63
N PHE D 1539 88.97 -81.72 51.20
CA PHE D 1539 89.11 -80.29 51.46
C PHE D 1539 90.18 -79.74 50.53
N PHE D 1540 90.22 -78.42 50.40
CA PHE D 1540 91.17 -77.80 49.48
C PHE D 1540 91.59 -76.43 50.00
N GLN D 1541 92.86 -76.11 49.79
CA GLN D 1541 93.42 -74.83 50.20
C GLN D 1541 94.30 -74.29 49.08
N VAL D 1542 94.19 -72.98 48.81
CA VAL D 1542 94.80 -72.38 47.63
C VAL D 1542 95.74 -71.24 47.98
N GLU D 1543 96.32 -70.63 46.94
CA GLU D 1543 97.20 -69.48 47.07
C GLU D 1543 96.38 -68.25 47.47
N PRO D 1544 97.04 -67.17 47.93
CA PRO D 1544 96.27 -65.96 48.29
C PRO D 1544 95.57 -65.28 47.14
N ASN D 1545 96.28 -64.86 46.11
CA ASN D 1545 95.67 -64.08 45.04
C ASN D 1545 95.34 -65.00 43.88
N THR D 1546 94.18 -65.64 43.95
CA THR D 1546 93.70 -66.45 42.85
C THR D 1546 92.19 -66.35 42.79
N LYS D 1547 91.65 -66.66 41.62
CA LYS D 1547 90.21 -66.61 41.40
C LYS D 1547 89.72 -68.00 41.08
N LEU D 1548 88.40 -68.16 41.03
CA LEU D 1548 87.79 -69.45 40.82
C LEU D 1548 86.42 -69.28 40.18
N PHE D 1549 85.96 -70.08 39.24
CA PHE D 1549 84.59 -69.94 38.76
C PHE D 1549 83.94 -71.21 39.16
N PRO D 1550 82.76 -71.23 39.64
CA PRO D 1550 81.97 -72.42 40.01
C PRO D 1550 81.77 -73.31 38.81
N ALA D 1551 81.86 -74.62 39.00
CA ALA D 1551 81.91 -75.54 37.87
C ALA D 1551 81.12 -76.81 38.14
N VAL D 1552 80.48 -77.33 37.09
CA VAL D 1552 79.80 -78.61 37.11
C VAL D 1552 80.12 -79.30 35.79
N PHE D 1553 80.63 -80.53 35.86
CA PHE D 1553 80.85 -81.33 34.67
C PHE D 1553 79.90 -82.50 34.73
N VAL D 1554 79.28 -82.84 33.61
CA VAL D 1554 78.24 -83.85 33.62
C VAL D 1554 78.15 -84.49 32.25
N LEU D 1555 77.92 -85.80 32.24
CA LEU D 1555 77.40 -86.51 31.09
C LEU D 1555 75.94 -86.81 31.37
N PRO D 1556 74.99 -86.26 30.60
CA PRO D 1556 73.58 -86.33 30.98
C PRO D 1556 72.98 -87.68 30.61
N THR D 1557 72.05 -88.16 31.45
CA THR D 1557 71.32 -89.40 31.17
C THR D 1557 69.84 -89.28 31.49
N HIS D 1558 69.23 -88.12 31.29
CA HIS D 1558 67.82 -87.94 31.62
C HIS D 1558 67.27 -86.81 30.77
N GLN D 1559 65.95 -86.64 30.82
CA GLN D 1559 65.33 -85.47 30.20
C GLN D 1559 65.62 -84.22 31.02
N ASN D 1560 65.68 -84.36 32.34
CA ASN D 1560 66.05 -83.26 33.24
C ASN D 1560 67.29 -83.68 34.02
N VAL D 1561 68.33 -82.86 33.99
CA VAL D 1561 69.60 -83.37 34.49
C VAL D 1561 70.00 -82.74 35.82
N ILE D 1562 70.33 -81.45 35.82
CA ILE D 1562 70.86 -80.79 37.01
C ILE D 1562 70.13 -79.46 37.19
N GLN D 1563 70.47 -78.68 38.21
CA GLN D 1563 69.83 -77.42 38.45
C GLN D 1563 70.61 -76.58 39.39
N PHE D 1564 71.54 -75.77 38.86
CA PHE D 1564 72.43 -74.93 39.71
C PHE D 1564 71.61 -74.01 40.59
N GLU D 1565 71.45 -74.37 41.87
CA GLU D 1565 70.73 -73.44 42.77
C GLU D 1565 71.67 -72.36 43.28
N LEU D 1566 71.13 -71.22 43.69
CA LEU D 1566 71.91 -70.12 44.25
C LEU D 1566 71.32 -69.72 45.60
N GLY D 1567 71.61 -70.56 46.60
CA GLY D 1567 71.05 -70.36 47.92
C GLY D 1567 72.09 -70.20 49.01
N LYS D 1568 71.60 -69.84 50.19
CA LYS D 1568 72.45 -69.64 51.36
C LYS D 1568 72.10 -70.66 52.44
N GLN D 1569 73.05 -70.92 53.31
CA GLN D 1569 72.83 -71.80 54.46
C GLN D 1569 72.47 -70.94 55.68
N LYS D 1570 72.55 -71.55 56.87
CA LYS D 1570 71.90 -71.00 58.06
C LYS D 1570 72.61 -69.74 58.56
N ASN D 1571 73.91 -69.61 58.30
CA ASN D 1571 74.61 -68.44 58.83
C ASN D 1571 75.67 -67.89 57.89
N ILE D 1572 75.54 -68.11 56.57
CA ILE D 1572 76.53 -67.68 55.60
C ILE D 1572 75.83 -67.09 54.39
N MET D 1573 76.37 -66.03 53.80
CA MET D 1573 75.63 -65.43 52.69
C MET D 1573 75.85 -66.11 51.42
N PRO D 1574 75.01 -65.83 50.40
CA PRO D 1574 75.15 -66.46 49.06
C PRO D 1574 76.28 -65.91 48.19
N LEU D 1575 76.52 -66.52 47.02
CA LEU D 1575 77.64 -66.10 46.15
C LEU D 1575 77.33 -64.72 45.61
N SER D 1576 76.07 -64.33 45.61
CA SER D 1576 75.60 -63.09 45.01
C SER D 1576 76.24 -61.89 45.67
N ALA D 1577 76.26 -61.86 47.00
CA ALA D 1577 76.91 -60.77 47.73
C ALA D 1577 78.38 -61.05 47.98
N ALA D 1578 79.09 -61.45 46.92
CA ALA D 1578 80.53 -61.65 46.98
C ALA D 1578 81.27 -61.16 45.75
N MET D 1579 80.60 -61.04 44.60
CA MET D 1579 81.25 -60.68 43.35
C MET D 1579 81.06 -59.21 42.99
N PHE D 1580 80.03 -58.57 43.51
CA PHE D 1580 79.74 -57.17 43.23
C PHE D 1580 80.08 -56.33 44.44
N LEU D 1581 80.91 -55.30 44.23
CA LEU D 1581 81.34 -54.46 45.35
C LEU D 1581 80.17 -53.73 45.98
N SER D 1582 79.22 -53.26 45.16
CA SER D 1582 78.05 -52.58 45.69
C SER D 1582 77.20 -53.52 46.53
N GLU D 1583 77.04 -54.76 46.08
CA GLU D 1583 76.21 -55.73 46.78
C GLU D 1583 76.94 -56.46 47.91
N ARG D 1584 78.19 -56.11 48.17
CA ARG D 1584 79.00 -56.81 49.18
C ARG D 1584 78.51 -56.61 50.60
N LYS D 1585 77.38 -55.93 50.82
CA LYS D 1585 76.85 -55.73 52.16
C LYS D 1585 75.37 -56.11 52.27
N ASN D 1586 74.78 -56.66 51.21
CA ASN D 1586 73.38 -57.05 51.24
C ASN D 1586 73.27 -58.57 51.26
N PRO D 1587 72.88 -59.19 52.38
CA PRO D 1587 72.88 -60.65 52.46
C PRO D 1587 71.84 -61.34 51.60
N ALA D 1588 70.87 -60.61 51.05
CA ALA D 1588 69.83 -61.24 50.26
C ALA D 1588 70.40 -61.77 48.95
N PRO D 1589 70.14 -63.04 48.60
CA PRO D 1589 70.65 -63.57 47.33
C PRO D 1589 70.05 -62.85 46.14
N GLN D 1590 70.85 -62.74 45.08
CA GLN D 1590 70.46 -62.04 43.86
C GLN D 1590 70.90 -62.85 42.65
N CYS D 1591 70.19 -62.65 41.54
CA CYS D 1591 70.53 -63.29 40.26
C CYS D 1591 70.47 -62.26 39.15
N PRO D 1592 71.48 -61.39 39.07
CA PRO D 1592 71.53 -60.38 38.00
C PRO D 1592 71.73 -61.05 36.64
N PRO D 1593 71.34 -60.38 35.56
CA PRO D 1593 71.38 -61.02 34.24
C PRO D 1593 72.78 -61.35 33.75
N ARG D 1594 73.84 -60.80 34.38
CA ARG D 1594 75.19 -61.10 33.91
C ARG D 1594 75.57 -62.56 34.14
N LEU D 1595 74.93 -63.22 35.10
CA LEU D 1595 75.25 -64.62 35.42
C LEU D 1595 74.69 -65.51 34.32
N GLU D 1596 75.55 -66.02 33.46
CA GLU D 1596 75.15 -66.90 32.38
C GLU D 1596 76.10 -68.09 32.30
N VAL D 1597 75.57 -69.21 31.80
CA VAL D 1597 76.35 -70.43 31.70
C VAL D 1597 77.19 -70.40 30.41
N GLN D 1598 78.25 -71.19 30.40
CA GLN D 1598 79.13 -71.29 29.23
C GLN D 1598 79.32 -72.75 28.84
N MET D 1599 79.47 -72.97 27.55
CA MET D 1599 79.73 -74.29 26.99
C MET D 1599 81.02 -74.23 26.17
N LEU D 1600 81.90 -75.19 26.39
CA LEU D 1600 83.20 -75.17 25.72
C LEU D 1600 83.06 -75.61 24.25
N MET D 1601 83.71 -74.87 23.35
CA MET D 1601 83.81 -75.22 21.94
C MET D 1601 85.27 -75.13 21.54
N PRO D 1602 85.82 -76.17 20.91
CA PRO D 1602 87.25 -76.18 20.57
C PRO D 1602 87.56 -75.50 19.23
N VAL D 1603 87.15 -74.24 19.12
CA VAL D 1603 87.41 -73.47 17.90
C VAL D 1603 87.30 -71.99 18.23
N SER D 1604 88.02 -71.17 17.47
CA SER D 1604 87.93 -69.73 17.56
C SER D 1604 88.29 -69.16 16.18
N TRP D 1605 88.55 -67.86 16.12
CA TRP D 1605 89.00 -67.23 14.88
C TRP D 1605 90.05 -66.20 15.29
N SER D 1606 91.33 -66.52 15.08
CA SER D 1606 92.43 -65.64 15.43
C SER D 1606 93.05 -65.05 14.17
N ARG D 1607 93.58 -63.84 14.27
CA ARG D 1607 94.17 -63.17 13.11
C ARG D 1607 95.61 -63.58 12.88
N MET D 1608 96.07 -63.31 11.65
CA MET D 1608 97.41 -63.67 11.21
C MET D 1608 98.26 -62.41 11.10
N PRO D 1609 99.23 -62.21 11.97
CA PRO D 1609 100.06 -61.00 11.90
C PRO D 1609 100.77 -60.91 10.56
N ASN D 1610 100.90 -59.68 10.06
CA ASN D 1610 101.50 -59.42 8.76
C ASN D 1610 103.02 -59.51 8.78
N HIS D 1611 103.65 -59.54 9.95
CA HIS D 1611 105.10 -59.62 10.02
C HIS D 1611 105.50 -60.51 11.18
N PHE D 1612 106.42 -61.44 10.93
CA PHE D 1612 106.91 -62.36 11.93
C PHE D 1612 108.33 -61.99 12.35
N LEU D 1613 108.92 -62.85 13.18
CA LEU D 1613 110.23 -62.59 13.77
C LEU D 1613 111.39 -62.88 12.83
N GLN D 1614 111.12 -63.20 11.56
CA GLN D 1614 112.14 -63.55 10.58
C GLN D 1614 112.90 -64.78 11.11
N VAL D 1615 114.20 -64.69 11.35
CA VAL D 1615 114.95 -65.84 11.84
C VAL D 1615 114.68 -66.05 13.33
N GLU D 1622 124.26 -74.15 13.21
CA GLU D 1622 125.01 -74.75 12.12
C GLU D 1622 126.48 -74.88 12.47
N ARG D 1623 127.11 -73.76 12.79
CA ARG D 1623 128.52 -73.74 13.17
C ARG D 1623 128.65 -74.18 14.62
N LEU D 1624 129.84 -73.98 15.20
CA LEU D 1624 130.10 -74.29 16.60
C LEU D 1624 128.99 -73.79 17.51
N GLY D 1625 128.35 -74.72 18.22
CA GLY D 1625 127.30 -74.41 19.14
C GLY D 1625 125.89 -74.40 18.55
N TRP D 1626 125.76 -74.35 17.24
CA TRP D 1626 124.46 -74.28 16.57
C TRP D 1626 123.62 -73.12 17.12
N ALA D 1627 124.13 -71.92 16.90
CA ALA D 1627 123.52 -70.71 17.43
C ALA D 1627 122.23 -70.36 16.69
N VAL D 1628 121.38 -69.58 17.37
CA VAL D 1628 120.17 -69.06 16.78
C VAL D 1628 120.43 -67.65 16.27
N GLN D 1629 119.60 -67.22 15.32
CA GLN D 1629 119.76 -65.91 14.70
C GLN D 1629 118.51 -65.08 14.94
N CYS D 1630 118.70 -63.87 15.48
CA CYS D 1630 117.59 -62.95 15.71
C CYS D 1630 118.18 -61.55 15.93
N GLN D 1631 117.81 -60.60 15.08
CA GLN D 1631 118.29 -59.23 15.19
C GLN D 1631 117.17 -58.22 15.42
N ASP D 1632 116.14 -58.24 14.58
CA ASP D 1632 115.15 -57.17 14.58
C ASP D 1632 114.13 -57.34 15.71
N PRO D 1633 113.60 -56.25 16.24
CA PRO D 1633 112.50 -56.31 17.20
C PRO D 1633 111.14 -56.13 16.54
N LEU D 1634 110.11 -56.54 17.26
CA LEU D 1634 108.74 -56.43 16.78
C LEU D 1634 107.79 -56.38 17.97
N THR D 1635 106.67 -55.68 17.79
CA THR D 1635 105.71 -55.50 18.87
C THR D 1635 104.30 -55.40 18.30
N MET D 1636 103.31 -55.39 19.20
CA MET D 1636 101.91 -55.35 18.81
C MET D 1636 101.08 -54.76 19.94
N MET D 1637 99.89 -54.29 19.59
CA MET D 1637 98.95 -53.70 20.53
C MET D 1637 97.96 -54.76 21.01
N ALA D 1638 97.54 -54.66 22.27
CA ALA D 1638 96.76 -55.73 22.88
C ALA D 1638 95.73 -55.17 23.85
N LEU D 1639 94.72 -56.01 24.15
CA LEU D 1639 93.65 -55.71 25.09
C LEU D 1639 93.69 -56.70 26.25
N HIS D 1640 93.13 -56.30 27.39
CA HIS D 1640 93.19 -57.09 28.62
C HIS D 1640 91.85 -57.11 29.33
N ILE D 1641 90.79 -57.50 28.63
CA ILE D 1641 89.48 -57.66 29.26
C ILE D 1641 89.62 -58.41 30.57
N PRO D 1642 89.33 -57.76 31.71
CA PRO D 1642 89.81 -58.27 33.00
C PRO D 1642 88.93 -59.33 33.65
N GLU D 1643 87.70 -59.56 33.14
CA GLU D 1643 86.78 -60.48 33.80
C GLU D 1643 87.35 -61.88 33.91
N GLU D 1644 87.81 -62.44 32.80
CA GLU D 1644 88.45 -63.74 32.78
C GLU D 1644 89.92 -63.71 32.40
N ASN D 1645 90.42 -62.59 31.88
CA ASN D 1645 91.83 -62.38 31.52
C ASN D 1645 92.30 -63.26 30.36
N ARG D 1646 91.82 -62.95 29.14
CA ARG D 1646 92.66 -63.25 27.98
C ARG D 1646 93.46 -61.99 27.68
N CYS D 1647 94.14 -61.99 26.54
CA CYS D 1647 94.80 -60.79 26.04
C CYS D 1647 94.70 -60.89 24.52
N MET D 1648 93.75 -60.18 23.94
CA MET D 1648 93.49 -60.23 22.50
C MET D 1648 94.03 -58.98 21.80
N ASP D 1649 94.20 -59.12 20.49
CA ASP D 1649 94.75 -58.05 19.68
C ASP D 1649 93.67 -57.02 19.32
N ILE D 1650 94.08 -55.76 19.22
CA ILE D 1650 93.16 -54.71 18.81
C ILE D 1650 92.76 -54.86 17.34
N LEU D 1651 93.66 -55.38 16.51
CA LEU D 1651 93.40 -55.41 15.08
C LEU D 1651 92.20 -56.28 14.72
N GLU D 1652 91.81 -57.22 15.59
CA GLU D 1652 90.68 -58.08 15.26
C GLU D 1652 89.33 -57.51 15.69
N LEU D 1653 89.32 -56.37 16.38
CA LEU D 1653 88.05 -55.73 16.70
C LEU D 1653 87.33 -55.20 15.46
N SER D 1654 88.00 -55.14 14.31
CA SER D 1654 87.30 -54.84 13.07
C SER D 1654 86.32 -55.92 12.66
N GLU D 1655 86.38 -57.11 13.26
CA GLU D 1655 85.55 -58.25 12.88
C GLU D 1655 84.65 -58.74 14.02
N ARG D 1656 84.41 -57.91 15.02
CA ARG D 1656 83.49 -58.25 16.11
C ARG D 1656 82.20 -57.45 16.05
N LEU D 1657 82.28 -56.15 15.75
CA LEU D 1657 81.14 -55.28 15.49
C LEU D 1657 80.25 -55.07 16.71
N ASP D 1658 80.58 -55.69 17.82
CA ASP D 1658 79.86 -55.48 19.08
C ASP D 1658 80.78 -55.07 20.22
N LEU D 1659 81.97 -55.66 20.30
CA LEU D 1659 82.95 -55.21 21.28
C LEU D 1659 83.60 -53.90 20.84
N GLN D 1660 83.72 -53.70 19.53
CA GLN D 1660 84.18 -52.41 19.02
C GLN D 1660 83.22 -51.29 19.37
N ARG D 1661 81.91 -51.56 19.29
CA ARG D 1661 80.92 -50.52 19.55
C ARG D 1661 81.01 -50.04 21.00
N PHE D 1662 81.19 -50.96 21.94
CA PHE D 1662 81.39 -50.56 23.33
C PHE D 1662 82.66 -49.75 23.51
N HIS D 1663 83.77 -50.21 22.91
CA HIS D 1663 85.03 -49.48 23.09
C HIS D 1663 85.03 -48.16 22.32
N SER D 1664 84.24 -48.06 21.25
CA SER D 1664 84.15 -46.80 20.53
C SER D 1664 83.59 -45.70 21.41
N HIS D 1665 82.53 -46.01 22.17
CA HIS D 1665 81.98 -45.03 23.10
C HIS D 1665 82.90 -44.78 24.28
N THR D 1666 83.76 -45.75 24.63
CA THR D 1666 84.64 -45.56 25.77
C THR D 1666 85.59 -44.40 25.56
N LEU D 1667 86.25 -44.36 24.40
CA LEU D 1667 87.14 -43.24 24.11
C LEU D 1667 86.37 -41.95 23.88
N ARG D 1668 85.05 -42.02 23.69
CA ARG D 1668 84.24 -40.81 23.67
C ARG D 1668 84.05 -40.25 25.07
N LEU D 1669 83.95 -41.13 26.08
CA LEU D 1669 83.88 -40.66 27.46
C LEU D 1669 85.13 -39.88 27.85
N TYR D 1670 86.31 -40.39 27.46
CA TYR D 1670 87.56 -39.71 27.78
C TYR D 1670 87.61 -38.33 27.13
N ARG D 1671 87.12 -38.22 25.89
CA ARG D 1671 86.96 -36.91 25.28
C ARG D 1671 85.98 -36.04 26.04
N ALA D 1672 84.98 -36.67 26.67
CA ALA D 1672 83.96 -35.94 27.43
C ALA D 1672 84.43 -35.62 28.84
N VAL D 1673 85.23 -36.51 29.44
CA VAL D 1673 85.78 -36.22 30.77
C VAL D 1673 86.71 -35.03 30.72
N CYS D 1674 87.54 -34.94 29.68
CA CYS D 1674 88.34 -33.73 29.51
C CYS D 1674 87.43 -32.62 29.02
N ALA D 1675 86.81 -31.93 29.97
CA ALA D 1675 85.81 -30.91 29.66
C ALA D 1675 86.53 -29.68 29.11
N LEU D 1676 85.81 -28.56 29.03
CA LEU D 1676 86.37 -27.37 28.42
C LEU D 1676 87.47 -26.80 29.32
N GLY D 1677 88.54 -27.57 29.49
CA GLY D 1677 89.68 -27.18 30.30
C GLY D 1677 89.61 -27.82 31.67
N ASN D 1678 90.28 -28.95 31.86
CA ASN D 1678 90.20 -29.68 33.14
C ASN D 1678 91.57 -30.28 33.48
N ASN D 1679 92.61 -29.46 33.38
CA ASN D 1679 93.99 -29.95 33.53
C ASN D 1679 94.20 -30.83 34.75
N ARG D 1680 93.35 -30.72 35.77
CA ARG D 1680 93.42 -31.65 36.90
C ARG D 1680 93.27 -33.09 36.45
N VAL D 1681 92.08 -33.45 35.96
CA VAL D 1681 91.81 -34.85 35.61
C VAL D 1681 92.37 -35.24 34.26
N ALA D 1682 92.85 -34.29 33.46
CA ALA D 1682 93.40 -34.62 32.16
C ALA D 1682 94.63 -35.50 32.29
N HIS D 1683 95.50 -35.21 33.25
CA HIS D 1683 96.73 -35.98 33.40
C HIS D 1683 96.46 -37.38 33.90
N ALA D 1684 95.44 -37.55 34.76
CA ALA D 1684 95.11 -38.88 35.24
C ALA D 1684 94.77 -39.83 34.11
N LEU D 1685 94.31 -39.31 32.98
CA LEU D 1685 94.08 -40.16 31.81
C LEU D 1685 95.39 -40.57 31.14
N CYS D 1686 96.45 -39.77 31.31
CA CYS D 1686 97.73 -40.08 30.66
C CYS D 1686 98.28 -41.42 31.16
N SER D 1687 98.18 -41.67 32.46
CA SER D 1687 98.58 -42.98 32.98
C SER D 1687 97.64 -44.09 32.52
N HIS D 1688 96.40 -43.73 32.15
CA HIS D 1688 95.43 -44.74 31.76
C HIS D 1688 95.55 -45.12 30.29
N VAL D 1689 95.49 -44.13 29.40
CA VAL D 1689 95.52 -44.46 27.98
C VAL D 1689 96.95 -44.75 27.52
N ASP D 1690 97.81 -43.72 27.50
CA ASP D 1690 99.16 -43.87 26.99
C ASP D 1690 99.97 -42.58 26.98
N GLN D 1691 101.22 -42.69 26.57
CA GLN D 1691 101.93 -41.61 25.92
C GLN D 1691 102.61 -42.09 24.64
N ALA D 1692 102.67 -43.40 24.41
CA ALA D 1692 103.40 -43.97 23.29
C ALA D 1692 102.52 -44.51 22.18
N GLN D 1693 101.53 -45.35 22.49
CA GLN D 1693 100.74 -45.95 21.41
C GLN D 1693 99.87 -44.95 20.68
N LEU D 1694 99.54 -43.81 21.30
CA LEU D 1694 98.97 -42.71 20.52
C LEU D 1694 99.93 -42.28 19.43
N LEU D 1695 101.18 -42.01 19.79
CA LEU D 1695 102.19 -41.71 18.78
C LEU D 1695 102.48 -42.90 17.88
N HIS D 1696 102.11 -44.11 18.30
CA HIS D 1696 102.23 -45.28 17.46
C HIS D 1696 100.98 -45.53 16.62
N ALA D 1697 99.84 -44.96 17.01
CA ALA D 1697 98.61 -45.11 16.23
C ALA D 1697 98.65 -44.30 14.95
N LEU D 1698 99.53 -43.30 14.85
CA LEU D 1698 99.60 -42.46 13.67
C LEU D 1698 100.00 -43.29 12.44
N GLU D 1699 101.20 -43.89 12.47
CA GLU D 1699 101.70 -44.59 11.29
C GLU D 1699 100.93 -45.87 10.99
N ASP D 1700 100.14 -46.37 11.94
CA ASP D 1700 99.42 -47.61 11.71
C ASP D 1700 98.37 -47.43 10.63
N ALA D 1701 98.23 -48.44 9.78
CA ALA D 1701 97.37 -48.36 8.60
C ALA D 1701 96.14 -49.25 8.67
N HIS D 1702 96.28 -50.47 9.18
CA HIS D 1702 95.12 -51.35 9.32
C HIS D 1702 94.19 -50.79 10.38
N LEU D 1703 92.99 -50.39 9.99
CA LEU D 1703 92.17 -49.57 10.87
C LEU D 1703 90.68 -49.92 10.75
N PRO D 1704 90.04 -50.26 11.86
CA PRO D 1704 88.61 -50.61 11.81
C PRO D 1704 87.67 -49.45 11.47
N GLY D 1705 88.12 -48.20 11.55
CA GLY D 1705 87.26 -47.07 11.27
C GLY D 1705 86.89 -46.27 12.49
N PRO D 1706 85.64 -46.40 12.97
CA PRO D 1706 85.19 -45.59 14.12
C PRO D 1706 86.08 -45.75 15.36
N LEU D 1707 86.93 -46.77 15.37
CA LEU D 1707 87.96 -47.01 16.37
C LEU D 1707 89.13 -46.10 16.00
N ARG D 1708 90.36 -46.52 16.30
CA ARG D 1708 91.59 -45.74 16.36
C ARG D 1708 91.60 -44.45 15.54
N ALA D 1709 91.02 -44.44 14.34
CA ALA D 1709 90.78 -43.17 13.67
C ALA D 1709 90.11 -42.16 14.61
N GLY D 1710 89.40 -42.64 15.63
CA GLY D 1710 88.89 -41.78 16.68
C GLY D 1710 89.91 -41.39 17.74
N TYR D 1711 91.05 -42.10 17.81
CA TYR D 1711 92.11 -41.68 18.73
C TYR D 1711 92.66 -40.32 18.36
N TYR D 1712 92.68 -39.97 17.08
CA TYR D 1712 93.14 -38.65 16.67
C TYR D 1712 92.35 -37.56 17.37
N ASP D 1713 91.08 -37.81 17.69
CA ASP D 1713 90.27 -36.86 18.44
C ASP D 1713 90.52 -36.92 19.94
N LEU D 1714 91.31 -37.89 20.41
CA LEU D 1714 91.75 -37.92 21.79
C LEU D 1714 93.14 -37.34 21.97
N LEU D 1715 94.02 -37.56 21.01
CA LEU D 1715 95.32 -36.90 21.02
C LEU D 1715 95.18 -35.39 20.94
N ILE D 1716 94.10 -34.90 20.34
CA ILE D 1716 93.91 -33.47 20.12
C ILE D 1716 93.18 -32.88 21.31
N SER D 1717 92.85 -33.72 22.29
CA SER D 1717 92.05 -33.27 23.42
C SER D 1717 92.78 -33.30 24.75
N ILE D 1718 93.88 -34.03 24.87
CA ILE D 1718 94.63 -34.12 26.12
C ILE D 1718 95.95 -33.36 26.05
N HIS D 1719 96.31 -32.85 24.89
CA HIS D 1719 97.55 -32.08 24.75
C HIS D 1719 97.34 -30.70 24.17
N LEU D 1720 96.27 -30.46 23.42
CA LEU D 1720 95.99 -29.17 22.82
C LEU D 1720 94.62 -28.67 23.26
N GLU D 1721 94.18 -27.59 22.61
CA GLU D 1721 92.99 -26.78 22.90
C GLU D 1721 93.02 -26.28 24.34
N SER D 1722 94.14 -26.45 25.03
CA SER D 1722 94.40 -25.71 26.25
C SER D 1722 94.94 -24.32 25.95
N ALA D 1723 95.39 -24.09 24.73
CA ALA D 1723 95.89 -22.79 24.29
C ALA D 1723 95.19 -22.38 23.00
N CYS D 1724 94.82 -23.36 22.17
CA CYS D 1724 94.04 -23.07 20.98
C CYS D 1724 92.72 -22.41 21.33
N ARG D 1725 92.05 -22.93 22.36
CA ARG D 1725 90.82 -22.32 22.83
C ARG D 1725 91.04 -20.90 23.34
N SER D 1726 92.25 -20.57 23.76
CA SER D 1726 92.60 -19.22 24.19
C SER D 1726 93.24 -18.40 23.08
N ARG D 1727 94.19 -18.97 22.35
CA ARG D 1727 94.86 -18.24 21.28
C ARG D 1727 93.93 -17.90 20.12
N ARG D 1728 92.84 -18.64 19.94
CA ARG D 1728 91.86 -18.28 18.92
C ARG D 1728 91.20 -16.94 19.24
N SER D 1729 90.88 -16.71 20.51
CA SER D 1729 90.35 -15.41 20.92
C SER D 1729 91.38 -14.30 20.73
N MET D 1730 92.67 -14.64 20.79
CA MET D 1730 93.76 -13.68 20.64
C MET D 1730 93.95 -13.21 19.20
N LEU D 1731 93.28 -13.85 18.23
CA LEU D 1731 93.54 -13.58 16.82
C LEU D 1731 92.77 -12.38 16.28
N SER D 1732 91.90 -11.76 17.06
CA SER D 1732 91.07 -10.68 16.53
C SER D 1732 91.71 -9.31 16.69
N GLU D 1733 92.32 -9.04 17.84
CA GLU D 1733 92.99 -7.76 18.07
C GLU D 1733 94.44 -7.83 17.60
N TYR D 1734 94.96 -6.69 17.13
CA TYR D 1734 96.23 -6.61 16.43
C TYR D 1734 97.15 -5.57 17.08
N ILE D 1735 97.36 -5.69 18.38
CA ILE D 1735 98.29 -4.78 19.06
C ILE D 1735 99.68 -4.93 18.46
N VAL D 1736 100.32 -3.80 18.15
CA VAL D 1736 101.65 -3.78 17.57
C VAL D 1736 102.54 -2.78 18.29
N PRO D 1737 103.77 -3.15 18.65
CA PRO D 1737 104.67 -2.22 19.33
C PRO D 1737 105.64 -1.54 18.37
N LEU D 1738 106.23 -0.45 18.86
CA LEU D 1738 107.27 0.28 18.12
C LEU D 1738 108.56 -0.51 18.17
N THR D 1739 108.90 -1.17 17.07
CA THR D 1739 110.13 -1.96 17.02
C THR D 1739 110.93 -1.62 15.78
N PRO D 1740 112.26 -1.77 15.85
CA PRO D 1740 113.07 -1.58 14.63
C PRO D 1740 112.69 -2.53 13.50
N GLU D 1741 112.27 -3.75 13.82
CA GLU D 1741 111.83 -4.67 12.78
C GLU D 1741 110.59 -4.14 12.07
N THR D 1742 109.66 -3.54 12.82
CA THR D 1742 108.45 -2.98 12.22
C THR D 1742 108.76 -1.84 11.25
N ARG D 1743 109.90 -1.19 11.40
CA ARG D 1743 110.23 -0.02 10.58
C ARG D 1743 110.43 -0.36 9.11
N ALA D 1744 110.53 -1.63 8.76
CA ALA D 1744 110.75 -2.06 7.37
C ALA D 1744 109.71 -3.12 7.01
N ILE D 1745 108.55 -2.67 6.54
CA ILE D 1745 107.49 -3.56 6.08
C ILE D 1745 106.80 -2.91 4.89
N THR D 1746 106.67 -3.65 3.80
CA THR D 1746 106.07 -3.12 2.59
C THR D 1746 105.53 -4.28 1.75
N LEU D 1747 105.18 -3.99 0.50
CA LEU D 1747 104.65 -5.00 -0.42
C LEU D 1747 105.80 -5.59 -1.23
N PHE D 1748 106.52 -6.52 -0.58
CA PHE D 1748 107.60 -7.29 -1.17
C PHE D 1748 108.60 -6.34 -1.85
N PRO D 1749 109.41 -5.62 -1.08
CA PRO D 1749 110.28 -4.60 -1.68
C PRO D 1749 111.51 -5.16 -2.38
N PRO D 1750 111.76 -6.48 -2.42
CA PRO D 1750 112.65 -7.01 -3.45
C PRO D 1750 112.01 -7.15 -4.83
N GLY D 1751 110.84 -6.58 -5.04
CA GLY D 1751 110.22 -6.62 -6.36
C GLY D 1751 110.86 -5.60 -7.30
N ARG D 1752 110.96 -5.97 -8.57
CA ARG D 1752 111.58 -5.15 -9.59
C ARG D 1752 110.52 -4.75 -10.61
N LYS D 1753 110.15 -3.47 -10.61
CA LYS D 1753 109.19 -2.91 -11.57
C LYS D 1753 107.86 -3.65 -11.50
N GLY D 1754 107.78 -4.80 -12.19
CA GLY D 1754 106.56 -5.58 -12.15
C GLY D 1754 106.22 -6.08 -10.75
N GLY D 1755 107.24 -6.33 -9.93
CA GLY D 1755 107.01 -6.76 -8.56
C GLY D 1755 106.29 -5.74 -7.71
N ASN D 1756 106.28 -4.47 -8.12
CA ASN D 1756 105.50 -3.47 -7.41
C ASN D 1756 104.01 -3.72 -7.56
N ALA D 1757 103.57 -4.06 -8.78
CA ALA D 1757 102.17 -4.31 -9.06
C ALA D 1757 101.83 -5.80 -9.13
N ARG D 1758 102.76 -6.66 -8.74
CA ARG D 1758 102.55 -8.11 -8.74
C ARG D 1758 103.36 -8.69 -7.59
N ARG D 1759 103.55 -10.01 -7.61
CA ARG D 1759 104.35 -10.72 -6.61
C ARG D 1759 103.86 -10.43 -5.20
N HIS D 1760 102.63 -10.89 -4.95
CA HIS D 1760 101.99 -10.63 -3.67
C HIS D 1760 102.74 -11.25 -2.49
N GLY D 1761 103.61 -12.22 -2.75
CA GLY D 1761 104.29 -12.91 -1.67
C GLY D 1761 103.45 -14.04 -1.11
N LEU D 1762 104.11 -15.15 -0.76
CA LEU D 1762 103.39 -16.31 -0.25
C LEU D 1762 102.69 -15.95 1.05
N PRO D 1763 101.41 -16.28 1.22
CA PRO D 1763 100.69 -15.87 2.43
C PRO D 1763 101.26 -16.52 3.68
N GLY D 1764 101.94 -15.73 4.50
CA GLY D 1764 102.54 -16.20 5.73
C GLY D 1764 104.01 -16.57 5.53
N VAL D 1765 104.91 -15.69 5.96
CA VAL D 1765 106.34 -15.97 5.90
C VAL D 1765 106.96 -15.77 7.27
N GLY D 1766 106.61 -14.68 7.94
CA GLY D 1766 107.19 -14.36 9.22
C GLY D 1766 107.06 -12.88 9.50
N VAL D 1767 107.94 -12.41 10.39
CA VAL D 1767 107.97 -11.03 10.90
C VAL D 1767 106.58 -10.44 11.06
N THR D 1768 105.99 -10.64 12.23
CA THR D 1768 104.66 -10.14 12.53
C THR D 1768 104.61 -9.18 13.71
N THR D 1769 105.50 -9.34 14.69
CA THR D 1769 105.65 -8.45 15.84
C THR D 1769 104.37 -8.31 16.66
N SER D 1770 103.36 -9.15 16.44
CA SER D 1770 102.15 -9.08 17.24
C SER D 1770 102.40 -9.65 18.63
N LEU D 1771 101.59 -9.20 19.59
CA LEU D 1771 101.72 -9.61 20.98
C LEU D 1771 100.79 -10.77 21.26
N ARG D 1772 101.36 -11.93 21.56
CA ARG D 1772 100.58 -13.12 21.87
C ARG D 1772 101.23 -13.85 23.05
N PRO D 1773 100.44 -14.36 23.99
CA PRO D 1773 101.02 -15.08 25.12
C PRO D 1773 101.64 -16.39 24.67
N PRO D 1774 102.71 -16.84 25.34
CA PRO D 1774 103.33 -18.12 25.00
C PRO D 1774 102.67 -19.30 25.69
N HIS D 1775 102.75 -20.45 25.02
CA HIS D 1775 102.17 -21.66 25.56
C HIS D 1775 103.01 -22.18 26.73
N HIS D 1776 102.32 -22.70 27.75
CA HIS D 1776 102.97 -23.26 28.93
C HIS D 1776 102.56 -24.72 29.08
N PHE D 1777 103.53 -25.59 29.31
CA PHE D 1777 103.30 -27.03 29.38
C PHE D 1777 104.14 -27.62 30.50
N SER D 1778 103.65 -28.71 31.08
CA SER D 1778 104.35 -29.39 32.16
C SER D 1778 104.40 -30.89 31.89
N PRO D 1779 105.47 -31.56 32.33
CA PRO D 1779 105.59 -33.00 32.10
C PRO D 1779 104.90 -33.78 33.20
N PRO D 1780 104.26 -34.91 32.86
CA PRO D 1780 103.59 -35.71 33.89
C PRO D 1780 104.60 -36.51 34.71
N CYS D 1781 104.37 -36.56 36.02
CA CYS D 1781 105.21 -37.32 36.93
C CYS D 1781 104.36 -37.69 38.13
N PHE D 1782 104.07 -38.97 38.30
CA PHE D 1782 103.20 -39.46 39.36
C PHE D 1782 103.96 -39.96 40.57
N VAL D 1783 105.29 -39.90 40.55
CA VAL D 1783 106.09 -40.21 41.73
C VAL D 1783 106.47 -38.95 42.50
N ALA D 1784 106.03 -37.78 42.05
CA ALA D 1784 106.33 -36.54 42.74
C ALA D 1784 105.64 -36.51 44.10
N ALA D 1785 106.19 -35.69 44.99
CA ALA D 1785 105.66 -35.58 46.34
C ALA D 1785 104.24 -35.02 46.33
N LEU D 1786 103.48 -35.37 47.34
CA LEU D 1786 102.09 -34.94 47.45
C LEU D 1786 102.03 -33.42 47.57
N PRO D 1787 101.32 -32.72 46.68
CA PRO D 1787 101.31 -31.25 46.75
C PRO D 1787 100.67 -30.70 48.01
N ALA D 1788 99.43 -31.10 48.28
CA ALA D 1788 98.70 -30.61 49.44
C ALA D 1788 97.49 -31.50 49.75
N GLU D 1793 98.51 -23.73 43.33
CA GLU D 1793 99.32 -22.82 42.54
C GLU D 1793 98.71 -22.63 41.15
N ALA D 1794 99.23 -23.39 40.17
CA ALA D 1794 98.66 -23.36 38.82
C ALA D 1794 97.23 -23.88 38.87
N PRO D 1795 96.37 -23.44 37.94
CA PRO D 1795 94.96 -23.83 38.06
C PRO D 1795 94.76 -25.31 37.78
N ALA D 1796 94.72 -26.07 38.88
CA ALA D 1796 94.50 -27.51 38.99
C ALA D 1796 95.62 -28.31 38.34
N ARG D 1797 96.33 -27.70 37.39
CA ARG D 1797 97.75 -27.85 37.04
C ARG D 1797 97.96 -27.08 35.74
N LEU D 1798 99.20 -26.98 35.25
CA LEU D 1798 99.44 -26.12 34.11
C LEU D 1798 98.94 -26.75 32.79
N SER D 1799 99.55 -27.86 32.37
CA SER D 1799 99.15 -28.59 31.16
C SER D 1799 100.02 -29.84 30.98
N PRO D 1800 99.51 -30.86 30.29
CA PRO D 1800 100.38 -31.97 29.89
C PRO D 1800 101.35 -31.55 28.80
N ALA D 1801 102.44 -32.30 28.68
CA ALA D 1801 103.47 -32.01 27.70
C ALA D 1801 103.50 -33.08 26.61
N ILE D 1802 104.25 -32.81 25.55
CA ILE D 1802 104.40 -33.70 24.41
C ILE D 1802 105.56 -33.20 23.55
N PRO D 1803 106.31 -34.08 22.91
CA PRO D 1803 107.39 -33.62 22.01
C PRO D 1803 106.86 -32.99 20.71
N LEU D 1804 106.63 -31.68 20.73
CA LEU D 1804 106.14 -31.00 19.53
C LEU D 1804 107.04 -31.22 18.31
N GLU D 1805 108.35 -31.38 18.53
CA GLU D 1805 109.27 -31.54 17.42
C GLU D 1805 108.96 -32.80 16.61
N ALA D 1806 108.67 -33.90 17.28
CA ALA D 1806 108.35 -35.14 16.58
C ALA D 1806 107.03 -35.04 15.83
N LEU D 1807 106.03 -34.38 16.45
CA LEU D 1807 104.71 -34.31 15.83
C LEU D 1807 104.75 -33.54 14.52
N ARG D 1808 105.48 -32.43 14.49
CA ARG D 1808 105.49 -31.59 13.29
C ARG D 1808 106.03 -32.33 12.08
N ASP D 1809 107.21 -32.96 12.23
CA ASP D 1809 107.79 -33.69 11.11
C ASP D 1809 106.95 -34.90 10.73
N LYS D 1810 106.44 -35.63 11.72
CA LYS D 1810 105.68 -36.84 11.43
C LYS D 1810 104.38 -36.53 10.71
N ALA D 1811 103.69 -35.46 11.11
CA ALA D 1811 102.40 -35.14 10.50
C ALA D 1811 102.55 -34.82 9.02
N LEU D 1812 103.54 -33.98 8.69
CA LEU D 1812 103.74 -33.61 7.29
C LEU D 1812 104.17 -34.81 6.45
N ARG D 1813 105.06 -35.64 6.98
CA ARG D 1813 105.47 -36.85 6.26
C ARG D 1813 104.29 -37.77 6.04
N MET D 1814 103.43 -37.89 7.06
CA MET D 1814 102.21 -38.69 6.94
C MET D 1814 101.32 -38.16 5.83
N LEU D 1815 101.12 -36.85 5.77
CA LEU D 1815 100.28 -36.27 4.73
C LEU D 1815 100.95 -36.34 3.37
N GLY D 1816 102.29 -36.45 3.34
CA GLY D 1816 102.97 -36.66 2.06
C GLY D 1816 102.57 -37.96 1.40
N GLU D 1817 102.35 -39.00 2.20
CA GLU D 1817 101.83 -40.26 1.66
C GLU D 1817 100.41 -40.08 1.13
N ALA D 1818 99.60 -39.28 1.81
CA ALA D 1818 98.18 -39.16 1.46
C ALA D 1818 97.99 -38.68 0.03
N VAL D 1819 98.69 -37.61 -0.36
CA VAL D 1819 98.51 -37.06 -1.70
C VAL D 1819 98.97 -38.07 -2.76
N ARG D 1820 100.11 -38.73 -2.53
CA ARG D 1820 100.59 -39.71 -3.49
C ARG D 1820 99.67 -40.93 -3.56
N ASP D 1821 99.20 -41.43 -2.42
CA ASP D 1821 98.33 -42.60 -2.35
C ASP D 1821 96.93 -42.30 -2.89
N GLY D 1822 96.44 -41.06 -2.79
CA GLY D 1822 95.15 -40.72 -3.35
C GLY D 1822 95.12 -40.78 -4.87
N GLY D 1823 96.17 -40.26 -5.51
CA GLY D 1823 96.25 -40.32 -6.95
C GLY D 1823 96.41 -41.73 -7.49
N GLN D 1824 97.03 -42.64 -6.73
CA GLN D 1824 97.21 -44.04 -7.12
C GLN D 1824 95.92 -44.87 -7.20
N HIS D 1825 94.89 -44.54 -6.41
CA HIS D 1825 93.66 -45.32 -6.20
C HIS D 1825 93.87 -46.71 -5.57
N ALA D 1826 92.79 -47.27 -5.01
CA ALA D 1826 92.76 -48.54 -4.28
C ALA D 1826 91.33 -49.07 -4.13
N ARG D 1827 91.17 -50.33 -3.71
CA ARG D 1827 89.88 -50.90 -3.26
C ARG D 1827 89.74 -51.06 -1.74
N ASP D 1828 90.74 -50.61 -0.98
CA ASP D 1828 90.66 -50.49 0.48
C ASP D 1828 91.57 -49.34 0.94
N PRO D 1829 91.10 -48.07 0.92
CA PRO D 1829 91.88 -46.97 1.47
C PRO D 1829 92.10 -47.15 2.96
N VAL D 1830 93.09 -46.40 3.47
CA VAL D 1830 93.39 -46.45 4.89
C VAL D 1830 92.18 -46.04 5.71
N GLY D 1831 91.78 -46.89 6.64
CA GLY D 1831 90.63 -46.64 7.48
C GLY D 1831 89.33 -47.22 6.96
N GLY D 1832 89.25 -47.50 5.66
CA GLY D 1832 88.06 -48.13 5.11
C GLY D 1832 87.42 -47.39 3.96
N SER D 1833 87.36 -46.05 4.03
CA SER D 1833 86.74 -45.27 2.96
C SER D 1833 87.33 -43.86 2.98
N VAL D 1834 88.28 -43.63 2.06
CA VAL D 1834 88.92 -42.34 1.75
C VAL D 1834 88.85 -41.31 2.87
N GLU D 1835 87.65 -40.96 3.31
CA GLU D 1835 87.49 -39.83 4.23
C GLU D 1835 88.08 -40.12 5.60
N PHE D 1836 87.96 -41.35 6.09
CA PHE D 1836 88.78 -41.73 7.25
C PHE D 1836 90.27 -41.60 6.99
N GLN D 1837 90.71 -41.61 5.74
CA GLN D 1837 92.12 -41.45 5.47
C GLN D 1837 92.53 -39.98 5.39
N PHE D 1838 91.56 -39.06 5.33
CA PHE D 1838 91.86 -37.64 5.21
C PHE D 1838 91.41 -36.82 6.41
N VAL D 1839 90.15 -36.92 6.84
CA VAL D 1839 89.63 -35.97 7.82
C VAL D 1839 90.35 -36.00 9.16
N PRO D 1840 90.68 -37.16 9.76
CA PRO D 1840 91.29 -37.09 11.09
C PRO D 1840 92.72 -36.61 11.06
N VAL D 1841 93.43 -36.80 9.95
CA VAL D 1841 94.85 -36.47 9.91
C VAL D 1841 95.09 -34.99 9.59
N LEU D 1842 94.33 -34.41 8.66
CA LEU D 1842 94.52 -33.00 8.37
C LEU D 1842 93.82 -32.10 9.37
N LYS D 1843 92.87 -32.63 10.15
CA LYS D 1843 92.33 -31.87 11.27
C LYS D 1843 93.42 -31.59 12.31
N LEU D 1844 94.30 -32.56 12.54
CA LEU D 1844 95.45 -32.33 13.40
C LEU D 1844 96.35 -31.23 12.84
N VAL D 1845 96.51 -31.21 11.51
CA VAL D 1845 97.34 -30.20 10.88
C VAL D 1845 96.79 -28.80 11.15
N SER D 1846 95.47 -28.65 11.05
CA SER D 1846 94.86 -27.34 11.26
C SER D 1846 95.07 -26.83 12.67
N THR D 1847 94.91 -27.71 13.67
CA THR D 1847 95.06 -27.27 15.06
C THR D 1847 96.50 -26.86 15.37
N LEU D 1848 97.48 -27.61 14.85
CA LEU D 1848 98.87 -27.22 15.02
C LEU D 1848 99.21 -25.96 14.26
N LEU D 1849 98.43 -25.61 13.24
CA LEU D 1849 98.76 -24.48 12.40
C LEU D 1849 98.45 -23.15 13.09
N VAL D 1850 97.35 -23.10 13.84
CA VAL D 1850 96.98 -21.84 14.50
C VAL D 1850 97.98 -21.47 15.58
N MET D 1851 98.53 -22.46 16.29
CA MET D 1851 99.57 -22.18 17.27
C MET D 1851 100.87 -21.73 16.61
N GLY D 1852 101.01 -21.88 15.30
CA GLY D 1852 102.23 -21.49 14.63
C GLY D 1852 103.44 -22.33 14.99
N ILE D 1853 103.25 -23.63 15.23
CA ILE D 1853 104.39 -24.50 15.45
C ILE D 1853 105.26 -24.57 14.20
N PHE D 1854 104.63 -24.62 13.03
CA PHE D 1854 105.37 -24.57 11.77
C PHE D 1854 105.98 -23.19 11.57
N GLY D 1855 107.17 -23.17 10.97
CA GLY D 1855 107.87 -21.92 10.75
C GLY D 1855 108.57 -21.81 9.42
N ASP D 1856 108.28 -20.74 8.67
CA ASP D 1856 108.91 -20.40 7.41
C ASP D 1856 109.01 -21.58 6.44
N GLU D 1857 110.00 -22.46 6.66
CA GLU D 1857 110.22 -23.57 5.75
C GLU D 1857 109.02 -24.52 5.73
N ASP D 1858 108.43 -24.79 6.90
CA ASP D 1858 107.40 -25.80 7.00
C ASP D 1858 106.15 -25.40 6.23
N VAL D 1859 105.69 -24.17 6.41
CA VAL D 1859 104.49 -23.73 5.70
C VAL D 1859 104.74 -23.62 4.20
N LYS D 1860 105.99 -23.40 3.80
CA LYS D 1860 106.29 -23.37 2.36
C LYS D 1860 106.13 -24.73 1.72
N GLN D 1861 106.04 -25.80 2.51
CA GLN D 1861 105.74 -27.13 1.98
C GLN D 1861 104.25 -27.45 1.99
N ILE D 1862 103.50 -27.02 3.02
CA ILE D 1862 102.07 -27.27 3.03
C ILE D 1862 101.40 -26.55 1.87
N LEU D 1863 101.95 -25.42 1.45
CA LEU D 1863 101.49 -24.78 0.23
C LEU D 1863 101.84 -25.58 -1.01
N LYS D 1864 102.95 -26.33 -0.98
CA LYS D 1864 103.33 -27.17 -2.10
C LYS D 1864 102.37 -28.33 -2.32
N MET D 1865 101.47 -28.61 -1.38
CA MET D 1865 100.41 -29.58 -1.61
C MET D 1865 99.34 -29.05 -2.56
N ILE D 1866 99.38 -27.75 -2.89
CA ILE D 1866 98.53 -27.17 -3.94
C ILE D 1866 99.48 -26.50 -4.93
N GLU D 1867 100.64 -27.13 -5.16
CA GLU D 1867 101.81 -26.62 -5.86
C GLU D 1867 101.55 -25.75 -7.09
N PRO D 1868 100.79 -26.21 -8.10
CA PRO D 1868 100.84 -25.54 -9.41
C PRO D 1868 100.56 -24.04 -9.39
N GLU D 1869 99.67 -23.57 -8.51
CA GLU D 1869 99.35 -22.15 -8.49
C GLU D 1869 100.15 -21.39 -7.44
N VAL D 1870 100.02 -21.77 -6.17
CA VAL D 1870 100.63 -20.99 -5.09
C VAL D 1870 102.15 -21.14 -5.09
N PHE D 1871 102.66 -22.35 -5.35
CA PHE D 1871 104.08 -22.60 -5.27
C PHE D 1871 104.79 -22.09 -6.52
N THR D 1872 106.06 -22.48 -6.69
CA THR D 1872 106.88 -22.05 -7.82
C THR D 1872 107.01 -20.52 -7.85
N GLU D 1873 107.38 -19.95 -6.69
CA GLU D 1873 107.60 -18.51 -6.61
C GLU D 1873 108.77 -18.09 -7.50
N GLU D 1874 109.86 -18.85 -7.49
CA GLU D 1874 111.02 -18.55 -8.31
C GLU D 1874 110.80 -18.94 -9.77
N LEU D 1922 102.04 -35.24 -12.05
CA LEU D 1922 102.93 -35.61 -10.95
C LEU D 1922 102.26 -35.37 -9.61
N GLU D 1923 102.82 -34.44 -8.82
CA GLU D 1923 102.29 -34.11 -7.50
C GLU D 1923 101.11 -33.15 -7.67
N GLU D 1924 99.98 -33.73 -8.06
CA GLU D 1924 98.76 -32.95 -8.26
C GLU D 1924 98.31 -32.33 -6.94
N GLY D 1925 97.75 -31.13 -7.03
CA GLY D 1925 97.34 -30.43 -5.83
C GLY D 1925 96.14 -31.08 -5.16
N LEU D 1926 95.97 -30.74 -3.88
CA LEU D 1926 94.83 -31.24 -3.13
C LEU D 1926 93.52 -30.73 -3.71
N LEU D 1927 93.53 -29.56 -4.33
CA LEU D 1927 92.34 -28.99 -4.94
C LEU D 1927 92.24 -29.36 -6.42
N GLN D 1928 92.39 -30.65 -6.72
CA GLN D 1928 92.35 -31.11 -8.11
C GLN D 1928 91.39 -32.28 -8.30
N MET D 1929 91.20 -33.10 -7.27
CA MET D 1929 90.44 -34.31 -7.37
C MET D 1929 89.10 -34.18 -6.67
N LYS D 1930 88.18 -35.06 -7.03
CA LYS D 1930 86.87 -35.07 -6.38
C LYS D 1930 86.97 -35.62 -4.97
N LEU D 1931 86.26 -34.99 -4.05
CA LEU D 1931 86.32 -35.34 -2.64
C LEU D 1931 84.91 -35.43 -2.07
N PRO D 1932 84.73 -36.23 -1.01
CA PRO D 1932 83.40 -36.33 -0.38
C PRO D 1932 83.03 -35.02 0.31
N GLU D 1933 81.79 -34.98 0.81
CA GLU D 1933 81.21 -33.75 1.35
C GLU D 1933 81.61 -33.49 2.80
N SER D 1934 82.68 -34.10 3.30
CA SER D 1934 83.16 -33.85 4.65
C SER D 1934 84.56 -33.24 4.66
N VAL D 1935 85.48 -33.78 3.86
CA VAL D 1935 86.82 -33.20 3.80
C VAL D 1935 86.79 -31.81 3.17
N LYS D 1936 85.84 -31.55 2.29
CA LYS D 1936 85.72 -30.20 1.71
C LYS D 1936 85.49 -29.16 2.80
N LEU D 1937 84.71 -29.51 3.83
CA LEU D 1937 84.51 -28.60 4.95
C LEU D 1937 85.83 -28.28 5.64
N GLN D 1938 86.65 -29.31 5.86
CA GLN D 1938 87.92 -29.09 6.54
C GLN D 1938 88.85 -28.22 5.71
N MET D 1939 88.84 -28.38 4.39
CA MET D 1939 89.64 -27.52 3.52
C MET D 1939 89.27 -26.06 3.72
N CYS D 1940 87.98 -25.77 3.90
CA CYS D 1940 87.57 -24.40 4.21
C CYS D 1940 88.16 -23.95 5.55
N ASN D 1941 88.16 -24.83 6.55
CA ASN D 1941 88.78 -24.48 7.83
C ASN D 1941 90.27 -24.24 7.69
N LEU D 1942 90.90 -24.82 6.68
CA LEU D 1942 92.32 -24.59 6.46
C LEU D 1942 92.56 -23.31 5.67
N LEU D 1943 91.77 -23.09 4.62
CA LEU D 1943 91.91 -21.86 3.83
C LEU D 1943 91.54 -20.63 4.64
N GLU D 1944 90.63 -20.77 5.61
CA GLU D 1944 90.21 -19.61 6.41
C GLU D 1944 91.37 -19.06 7.25
N TYR D 1945 92.27 -19.92 7.71
CA TYR D 1945 93.40 -19.46 8.52
C TYR D 1945 94.33 -18.56 7.71
N PHE D 1946 94.31 -18.68 6.38
CA PHE D 1946 95.25 -17.91 5.58
C PHE D 1946 94.73 -16.52 5.24
N CYS D 1947 93.41 -16.31 5.28
CA CYS D 1947 92.87 -15.00 4.94
C CYS D 1947 93.32 -13.96 5.95
N ASP D 1948 93.12 -14.23 7.24
CA ASP D 1948 93.51 -13.27 8.28
C ASP D 1948 95.02 -13.14 8.41
N GLN D 1949 95.78 -14.15 7.99
CA GLN D 1949 97.23 -13.97 7.93
C GLN D 1949 97.61 -12.85 6.99
N GLU D 1950 96.95 -12.76 5.83
CA GLU D 1950 97.13 -11.59 4.99
C GLU D 1950 96.60 -10.33 5.67
N LEU D 1951 95.45 -10.44 6.34
CA LEU D 1951 94.91 -9.30 7.07
C LEU D 1951 95.87 -8.84 8.17
N GLN D 1952 96.43 -9.79 8.93
CA GLN D 1952 97.42 -9.43 9.92
C GLN D 1952 98.63 -8.78 9.29
N HIS D 1953 99.02 -9.24 8.09
CA HIS D 1953 100.09 -8.57 7.35
C HIS D 1953 99.66 -7.18 6.90
N ARG D 1954 98.38 -7.00 6.61
CA ARG D 1954 97.89 -5.73 6.09
C ARG D 1954 98.01 -4.62 7.12
N VAL D 1955 97.52 -4.86 8.34
CA VAL D 1955 97.50 -3.80 9.35
C VAL D 1955 98.92 -3.44 9.78
N GLU D 1956 99.85 -4.40 9.77
CA GLU D 1956 101.23 -4.09 10.11
C GLU D 1956 101.84 -3.13 9.10
N SER D 1957 101.49 -3.28 7.83
CA SER D 1957 101.96 -2.34 6.82
C SER D 1957 101.48 -0.92 7.12
N LEU D 1958 100.22 -0.78 7.56
CA LEU D 1958 99.72 0.54 7.93
C LEU D 1958 100.49 1.09 9.12
N ALA D 1959 100.76 0.26 10.12
CA ALA D 1959 101.53 0.71 11.27
C ALA D 1959 102.91 1.19 10.84
N ALA D 1960 103.52 0.50 9.87
CA ALA D 1960 104.79 0.95 9.31
C ALA D 1960 104.67 2.33 8.69
N PHE D 1961 103.60 2.57 7.94
CA PHE D 1961 103.35 3.91 7.40
C PHE D 1961 102.88 4.86 8.49
N ALA D 1962 102.28 4.33 9.55
CA ALA D 1962 101.83 5.15 10.67
C ALA D 1962 102.96 5.58 11.57
N GLU D 1963 104.20 5.27 11.21
CA GLU D 1963 105.39 5.63 11.98
C GLU D 1963 106.26 6.68 11.30
N ARG D 1964 106.71 6.44 10.07
CA ARG D 1964 107.63 7.40 9.46
C ARG D 1964 106.92 8.66 8.99
N TYR D 1965 105.65 8.56 8.59
CA TYR D 1965 104.96 9.75 8.10
C TYR D 1965 104.54 10.68 9.23
N VAL D 1966 104.15 10.12 10.38
CA VAL D 1966 103.84 10.97 11.51
C VAL D 1966 105.09 11.62 12.08
N ASP D 1967 106.26 11.00 11.88
CA ASP D 1967 107.50 11.57 12.40
C ASP D 1967 107.86 12.86 11.67
N LYS D 1968 107.85 12.84 10.33
CA LYS D 1968 108.16 14.05 9.57
C LYS D 1968 107.09 15.10 9.77
N LEU D 1969 105.84 14.67 9.94
CA LEU D 1969 104.74 15.62 10.15
C LEU D 1969 104.97 16.46 11.40
N GLN D 1970 105.40 15.82 12.48
CA GLN D 1970 105.70 16.55 13.71
C GLN D 1970 106.91 17.46 13.53
N ALA D 1971 107.93 16.99 12.82
CA ALA D 1971 109.13 17.78 12.61
C ALA D 1971 108.84 18.97 11.68
N ASN D 1972 108.13 18.73 10.59
CA ASN D 1972 107.80 19.81 9.66
C ASN D 1972 106.86 20.83 10.29
N GLN D 1973 106.02 20.39 11.24
CA GLN D 1973 105.09 21.33 11.87
C GLN D 1973 105.84 22.31 12.77
N ARG D 1974 106.91 21.85 13.43
CA ARG D 1974 107.76 22.77 14.19
C ARG D 1974 108.41 23.81 13.29
N SER D 1975 108.87 23.39 12.11
CA SER D 1975 109.40 24.35 11.15
C SER D 1975 108.34 25.37 10.76
N ARG D 1976 107.09 24.92 10.65
CA ARG D 1976 105.98 25.83 10.38
C ARG D 1976 105.77 26.81 11.54
N TYR D 1977 106.18 26.42 12.75
CA TYR D 1977 106.05 27.31 13.90
C TYR D 1977 106.98 28.51 13.79
N ALA D 1978 108.29 28.24 13.74
CA ALA D 1978 109.28 29.33 13.76
C ALA D 1978 109.16 30.25 12.55
N LEU D 1979 108.63 29.74 11.44
CA LEU D 1979 108.35 30.60 10.29
C LEU D 1979 107.30 31.64 10.64
N LEU D 1980 106.29 31.27 11.42
CA LEU D 1980 105.22 32.18 11.82
C LEU D 1980 105.22 32.43 13.33
N MET D 1981 106.30 32.10 14.03
CA MET D 1981 106.43 32.35 15.46
C MET D 1981 106.79 33.80 15.71
N ARG D 1982 107.26 34.10 16.92
CA ARG D 1982 107.62 35.44 17.36
C ARG D 1982 108.31 36.28 16.27
N ALA D 1983 109.14 35.64 15.45
CA ALA D 1983 109.70 36.29 14.28
C ALA D 1983 108.62 37.02 13.50
N PHE D 1984 107.63 36.28 13.02
CA PHE D 1984 106.39 36.82 12.42
C PHE D 1984 106.73 37.85 11.34
N THR D 1985 105.81 38.80 11.12
CA THR D 1985 106.04 39.87 10.16
C THR D 1985 105.01 40.99 10.35
N MET D 1986 103.89 40.89 9.64
CA MET D 1986 102.88 41.95 9.63
C MET D 1986 101.55 41.36 9.17
N SER D 1987 100.64 42.24 8.74
CA SER D 1987 99.34 41.97 8.11
C SER D 1987 98.25 41.61 9.12
N ALA D 1988 98.54 41.53 10.41
CA ALA D 1988 97.51 41.44 11.45
C ALA D 1988 96.60 40.23 11.27
N ALA D 1989 95.77 40.25 10.23
CA ALA D 1989 94.79 39.19 10.01
C ALA D 1989 95.45 37.83 9.82
N GLU D 1990 96.73 37.79 9.48
CA GLU D 1990 97.44 36.52 9.40
C GLU D 1990 97.41 35.78 10.72
N THR D 1991 97.38 36.51 11.84
CA THR D 1991 97.26 35.87 13.15
C THR D 1991 95.93 35.13 13.27
N ALA D 1992 94.87 35.69 12.71
CA ALA D 1992 93.58 34.99 12.71
C ALA D 1992 93.64 33.72 11.89
N ARG D 1993 94.37 33.74 10.77
CA ARG D 1993 94.50 32.55 9.94
C ARG D 1993 95.23 31.44 10.69
N ARG D 1994 96.28 31.77 11.43
CA ARG D 1994 97.03 30.77 12.18
C ARG D 1994 96.36 30.57 13.53
N THR D 1995 95.41 29.65 13.57
CA THR D 1995 94.64 29.36 14.77
C THR D 1995 94.68 27.89 15.17
N ARG D 1996 94.70 26.97 14.20
CA ARG D 1996 94.84 25.56 14.53
C ARG D 1996 96.13 25.31 15.29
N GLU D 1997 97.14 26.14 15.03
CA GLU D 1997 98.50 25.87 15.48
C GLU D 1997 98.65 26.02 16.98
N PHE D 1998 97.74 26.74 17.65
CA PHE D 1998 97.79 26.87 19.10
C PHE D 1998 96.44 26.55 19.72
N ARG D 1999 95.35 26.83 19.01
CA ARG D 1999 94.01 26.51 19.48
C ARG D 1999 93.56 25.16 18.95
N SER D 2000 92.38 24.73 19.42
CA SER D 2000 91.75 23.46 19.07
C SER D 2000 92.49 22.29 19.69
N PRO D 2001 91.78 21.22 20.06
CA PRO D 2001 92.46 20.06 20.63
C PRO D 2001 93.35 19.40 19.59
N PRO D 2002 94.33 18.61 20.03
CA PRO D 2002 95.28 18.00 19.08
C PRO D 2002 94.60 17.18 17.99
N GLN D 2003 93.54 16.44 18.32
CA GLN D 2003 92.83 15.67 17.31
C GLN D 2003 92.25 16.57 16.22
N GLU D 2004 91.80 17.77 16.59
CA GLU D 2004 91.26 18.69 15.60
C GLU D 2004 92.34 19.13 14.61
N GLN D 2005 93.57 19.31 15.09
CA GLN D 2005 94.67 19.69 14.21
C GLN D 2005 94.93 18.63 13.15
N ILE D 2006 94.89 17.36 13.55
CA ILE D 2006 95.12 16.27 12.59
C ILE D 2006 94.10 16.32 11.47
N ASN D 2007 92.84 16.60 11.80
CA ASN D 2007 91.80 16.64 10.77
C ASN D 2007 92.11 17.71 9.73
N MET D 2008 92.53 18.90 10.18
CA MET D 2008 92.80 19.99 9.24
C MET D 2008 94.00 19.66 8.35
N LEU D 2009 95.07 19.14 8.93
CA LEU D 2009 96.29 18.87 8.16
C LEU D 2009 96.20 17.61 7.32
N LEU D 2010 95.27 16.71 7.61
CA LEU D 2010 95.14 15.47 6.87
C LEU D 2010 94.03 15.52 5.83
N HIS D 2011 93.09 16.46 5.97
CA HIS D 2011 91.96 16.56 5.04
C HIS D 2011 92.43 16.70 3.60
N PHE D 2012 93.28 17.70 3.33
CA PHE D 2012 93.68 17.99 1.95
C PHE D 2012 94.62 16.94 1.37
N LYS D 2013 95.34 16.20 2.21
CA LYS D 2013 96.35 15.27 1.73
C LYS D 2013 95.75 14.22 0.80
N ASP D 2014 94.82 13.41 1.31
CA ASP D 2014 94.17 12.38 0.51
C ASP D 2014 92.85 12.84 -0.11
N GLU D 2015 92.59 14.15 -0.11
CA GLU D 2015 91.40 14.69 -0.75
C GLU D 2015 91.61 14.80 -2.25
N ALA D 2016 90.64 15.39 -2.94
CA ALA D 2016 90.70 15.59 -4.38
C ALA D 2016 90.47 17.05 -4.72
N ASP D 2017 91.19 17.53 -5.74
CA ASP D 2017 91.02 18.87 -6.28
C ASP D 2017 91.27 19.95 -5.22
N GLU D 2018 90.21 20.43 -4.57
CA GLU D 2018 90.32 21.55 -3.65
C GLU D 2018 91.23 21.22 -2.48
N GLU D 2019 92.09 22.16 -2.13
CA GLU D 2019 93.00 22.03 -1.00
C GLU D 2019 93.01 23.33 -0.21
N ASP D 2020 92.87 23.23 1.10
CA ASP D 2020 92.86 24.38 1.99
C ASP D 2020 93.91 24.20 3.07
N CYS D 2021 94.64 25.28 3.36
CA CYS D 2021 95.74 25.27 4.32
C CYS D 2021 96.69 24.10 4.05
N PRO D 2022 97.27 24.03 2.85
CA PRO D 2022 97.96 22.81 2.43
C PRO D 2022 99.33 22.67 3.10
N LEU D 2023 99.96 21.54 2.82
CA LEU D 2023 101.31 21.22 3.24
C LEU D 2023 102.27 21.35 2.06
N PRO D 2024 103.57 21.33 2.29
CA PRO D 2024 104.51 21.33 1.16
C PRO D 2024 104.24 20.18 0.21
N GLU D 2025 104.38 20.45 -1.08
CA GLU D 2025 104.10 19.44 -2.09
C GLU D 2025 105.28 18.49 -2.27
N ASP D 2026 105.77 17.97 -1.16
CA ASP D 2026 106.80 16.94 -1.12
C ASP D 2026 106.40 15.74 -0.28
N ILE D 2027 105.68 15.99 0.83
CA ILE D 2027 105.16 14.90 1.67
C ILE D 2027 103.74 14.50 1.27
N ARG D 2028 103.12 15.21 0.33
CA ARG D 2028 101.79 14.86 -0.15
C ARG D 2028 101.83 13.97 -1.39
N GLN D 2029 102.98 13.35 -1.67
CA GLN D 2029 103.11 12.45 -2.82
C GLN D 2029 103.15 10.99 -2.43
N ASP D 2030 103.68 10.65 -1.25
CA ASP D 2030 103.74 9.25 -0.85
C ASP D 2030 102.35 8.70 -0.56
N LEU D 2031 101.46 9.52 0.01
CA LEU D 2031 100.08 9.07 0.18
C LEU D 2031 99.44 8.72 -1.15
N GLN D 2032 99.59 9.61 -2.14
CA GLN D 2032 99.06 9.31 -3.47
C GLN D 2032 99.76 8.12 -4.11
N ASP D 2033 100.89 7.69 -3.56
CA ASP D 2033 101.50 6.42 -3.95
C ASP D 2033 101.12 5.29 -3.00
N PHE D 2034 101.20 5.52 -1.68
CA PHE D 2034 100.83 4.48 -0.73
C PHE D 2034 99.35 4.13 -0.82
N HIS D 2035 98.49 5.16 -0.82
CA HIS D 2035 97.05 4.90 -0.96
C HIS D 2035 96.76 4.28 -2.32
N GLN D 2036 97.50 4.69 -3.35
CA GLN D 2036 97.47 3.97 -4.62
C GLN D 2036 98.00 2.54 -4.46
N ASP D 2037 99.10 2.39 -3.73
CA ASP D 2037 99.67 1.05 -3.53
C ASP D 2037 98.71 0.17 -2.75
N LEU D 2038 98.10 0.70 -1.70
CA LEU D 2038 97.09 -0.06 -0.97
C LEU D 2038 95.91 -0.40 -1.86
N LEU D 2039 95.40 0.58 -2.60
CA LEU D 2039 94.30 0.27 -3.53
C LEU D 2039 94.82 -0.22 -4.86
N ALA D 2040 95.79 -1.13 -4.79
CA ALA D 2040 96.14 -2.04 -5.86
C ALA D 2040 96.35 -3.45 -5.36
N HIS D 2041 96.61 -3.63 -4.07
CA HIS D 2041 96.88 -4.93 -3.48
C HIS D 2041 95.59 -5.68 -3.17
N CYS D 2042 94.67 -5.04 -2.46
CA CYS D 2042 93.50 -5.73 -1.94
C CYS D 2042 92.58 -6.26 -3.04
N GLY D 2043 91.86 -5.37 -3.72
CA GLY D 2043 90.96 -5.81 -4.77
C GLY D 2043 90.89 -4.94 -6.00
N ILE D 2044 91.45 -3.72 -5.93
CA ILE D 2044 91.15 -2.70 -6.92
C ILE D 2044 91.78 -3.06 -8.25
N GLN D 2045 90.99 -2.99 -9.32
CA GLN D 2045 91.53 -3.17 -10.66
C GLN D 2045 92.30 -1.94 -11.11
N LEU D 2046 91.78 -0.74 -10.83
CA LEU D 2046 92.42 0.53 -11.18
C LEU D 2046 92.68 0.62 -12.68
N GLU D 2047 91.60 0.59 -13.45
CA GLU D 2047 91.68 0.66 -14.91
C GLU D 2047 92.16 2.03 -15.36
N LYS D 2089 92.99 -18.89 -17.44
CA LYS D 2089 94.40 -18.62 -17.22
C LYS D 2089 94.84 -19.01 -15.81
N LYS D 2090 96.13 -18.90 -15.54
CA LYS D 2090 96.63 -19.19 -14.21
C LYS D 2090 96.17 -18.13 -13.22
N PRO D 2091 95.56 -18.50 -12.10
CA PRO D 2091 95.10 -17.49 -11.14
C PRO D 2091 96.22 -16.55 -10.68
N GLN D 2092 97.42 -17.09 -10.43
CA GLN D 2092 98.58 -16.30 -10.03
C GLN D 2092 98.33 -15.43 -8.80
N SER D 2093 97.31 -15.78 -8.02
CA SER D 2093 96.96 -15.00 -6.84
C SER D 2093 95.96 -15.79 -6.01
N LEU D 2094 96.04 -15.61 -4.69
CA LEU D 2094 95.09 -16.28 -3.80
C LEU D 2094 93.67 -15.79 -4.05
N GLN D 2095 93.50 -14.49 -4.31
CA GLN D 2095 92.18 -13.95 -4.57
C GLN D 2095 91.52 -14.64 -5.76
N GLU D 2096 92.26 -14.78 -6.86
CA GLU D 2096 91.73 -15.46 -8.03
C GLU D 2096 91.51 -16.95 -7.76
N LEU D 2097 92.42 -17.56 -6.99
CA LEU D 2097 92.34 -19.01 -6.76
C LEU D 2097 91.08 -19.37 -6.00
N VAL D 2098 90.82 -18.69 -4.88
CA VAL D 2098 89.66 -19.03 -4.05
C VAL D 2098 88.37 -18.74 -4.80
N SER D 2099 88.28 -17.57 -5.43
CA SER D 2099 87.05 -17.19 -6.11
C SER D 2099 86.72 -18.13 -7.25
N HIS D 2100 87.73 -18.49 -8.05
CA HIS D 2100 87.49 -19.38 -9.18
C HIS D 2100 87.22 -20.81 -8.75
N MET D 2101 87.54 -21.17 -7.51
CA MET D 2101 87.42 -22.55 -7.07
C MET D 2101 86.09 -22.83 -6.37
N VAL D 2102 85.68 -21.93 -5.48
CA VAL D 2102 84.44 -22.14 -4.73
C VAL D 2102 83.24 -22.23 -5.67
N VAL D 2103 83.25 -21.45 -6.75
CA VAL D 2103 82.17 -21.51 -7.72
C VAL D 2103 82.10 -22.89 -8.36
N ARG D 2104 83.26 -23.48 -8.65
CA ARG D 2104 83.28 -24.81 -9.27
C ARG D 2104 82.61 -25.84 -8.39
N TRP D 2105 82.82 -25.74 -7.07
CA TRP D 2105 82.25 -26.74 -6.15
C TRP D 2105 80.73 -26.71 -6.16
N ALA D 2106 80.13 -25.53 -6.28
CA ALA D 2106 78.67 -25.45 -6.31
C ALA D 2106 78.10 -25.82 -7.67
N GLN D 2107 78.82 -25.52 -8.75
CA GLN D 2107 78.32 -25.84 -10.09
C GLN D 2107 78.27 -27.35 -10.36
N GLU D 2108 79.06 -28.14 -9.62
CA GLU D 2108 79.17 -29.57 -9.89
C GLU D 2108 78.60 -30.42 -8.76
N ASP D 2109 77.82 -29.83 -7.87
CA ASP D 2109 77.21 -30.59 -6.77
C ASP D 2109 76.07 -29.77 -6.19
N TYR D 2110 75.11 -30.49 -5.59
CA TYR D 2110 74.04 -29.89 -4.81
C TYR D 2110 74.35 -30.18 -3.34
N VAL D 2111 74.97 -29.21 -2.68
CA VAL D 2111 75.57 -29.45 -1.38
C VAL D 2111 74.49 -29.56 -0.31
N GLN D 2112 74.47 -30.68 0.40
CA GLN D 2112 73.64 -30.86 1.58
C GLN D 2112 74.45 -30.46 2.80
N SER D 2113 73.96 -30.79 4.01
CA SER D 2113 74.63 -30.47 5.27
C SER D 2113 74.80 -28.96 5.40
N PRO D 2114 73.72 -28.24 5.74
CA PRO D 2114 73.76 -26.77 5.79
C PRO D 2114 74.97 -26.18 6.51
N GLU D 2115 75.53 -26.93 7.46
CA GLU D 2115 76.73 -26.44 8.15
C GLU D 2115 77.89 -26.25 7.17
N LEU D 2116 77.93 -27.03 6.09
CA LEU D 2116 78.96 -26.84 5.07
C LEU D 2116 78.72 -25.58 4.26
N VAL D 2117 77.52 -25.43 3.71
CA VAL D 2117 77.26 -24.34 2.77
C VAL D 2117 77.46 -22.97 3.41
N ARG D 2118 77.28 -22.88 4.73
CA ARG D 2118 77.58 -21.64 5.42
C ARG D 2118 79.06 -21.32 5.46
N ALA D 2119 79.93 -22.31 5.23
CA ALA D 2119 81.35 -22.09 5.37
C ALA D 2119 81.91 -21.33 4.16
N MET D 2120 81.81 -21.92 2.96
CA MET D 2120 82.45 -21.29 1.80
C MET D 2120 81.82 -19.96 1.45
N PHE D 2121 80.52 -19.77 1.75
CA PHE D 2121 79.88 -18.50 1.42
C PHE D 2121 80.40 -17.36 2.29
N SER D 2122 81.00 -17.67 3.44
CA SER D 2122 81.70 -16.64 4.21
C SER D 2122 83.10 -16.36 3.68
N LEU D 2123 83.60 -17.18 2.75
CA LEU D 2123 84.94 -16.93 2.19
C LEU D 2123 84.88 -15.91 1.06
N LEU D 2124 84.21 -16.26 -0.04
CA LEU D 2124 84.29 -15.42 -1.23
C LEU D 2124 83.76 -14.01 -0.97
N HIS D 2125 82.86 -13.86 -0.01
CA HIS D 2125 82.44 -12.52 0.39
C HIS D 2125 83.62 -11.72 0.91
N ARG D 2126 84.49 -12.34 1.69
CA ARG D 2126 85.70 -11.66 2.15
C ARG D 2126 86.65 -11.38 1.00
N GLN D 2127 86.83 -12.34 0.09
CA GLN D 2127 87.72 -12.14 -1.04
C GLN D 2127 87.14 -11.21 -2.10
N TYR D 2128 85.86 -10.85 -2.01
CA TYR D 2128 85.29 -9.88 -2.93
C TYR D 2128 85.12 -8.51 -2.32
N ASP D 2129 85.11 -8.40 -0.99
CA ASP D 2129 85.05 -7.13 -0.28
C ASP D 2129 86.27 -7.06 0.62
N GLY D 2130 87.38 -6.58 0.07
CA GLY D 2130 88.61 -6.49 0.82
C GLY D 2130 88.58 -5.36 1.82
N LEU D 2131 88.23 -4.16 1.34
CA LEU D 2131 88.19 -2.99 2.20
C LEU D 2131 87.15 -3.14 3.31
N GLY D 2132 86.08 -3.88 3.06
CA GLY D 2132 85.07 -4.07 4.09
C GLY D 2132 85.63 -4.75 5.33
N GLU D 2133 86.44 -5.79 5.14
CA GLU D 2133 87.09 -6.44 6.28
C GLU D 2133 88.08 -5.49 6.95
N LEU D 2134 88.86 -4.76 6.14
CA LEU D 2134 89.84 -3.82 6.70
C LEU D 2134 89.15 -2.74 7.52
N LEU D 2135 88.08 -2.14 6.97
CA LEU D 2135 87.37 -1.09 7.68
C LEU D 2135 86.78 -1.62 8.98
N ARG D 2136 86.45 -2.91 9.04
CA ARG D 2136 85.91 -3.54 10.24
C ARG D 2136 86.99 -4.14 11.12
N ALA D 2137 88.25 -3.83 10.87
CA ALA D 2137 89.36 -4.35 11.65
C ALA D 2137 90.16 -3.28 12.36
N LEU D 2138 90.28 -2.10 11.77
CA LEU D 2138 91.01 -1.00 12.40
C LEU D 2138 90.53 -0.65 13.81
N PRO D 2139 89.21 -0.63 14.12
CA PRO D 2139 88.80 -0.30 15.50
C PRO D 2139 89.28 -1.29 16.55
N ARG D 2140 89.99 -2.34 16.13
CA ARG D 2140 90.59 -3.30 17.05
C ARG D 2140 92.11 -3.24 17.02
N ALA D 2141 92.69 -2.22 16.39
CA ALA D 2141 94.13 -2.09 16.25
C ALA D 2141 94.64 -0.97 17.15
N TYR D 2142 95.84 -1.15 17.69
CA TYR D 2142 96.38 -0.19 18.63
C TYR D 2142 97.91 -0.30 18.64
N THR D 2143 98.57 0.85 18.79
CA THR D 2143 100.03 0.92 18.81
C THR D 2143 100.52 1.36 20.17
N ILE D 2144 101.55 0.69 20.67
CA ILE D 2144 102.18 1.01 21.95
C ILE D 2144 103.68 1.11 21.76
N SER D 2145 104.37 1.52 22.82
CA SER D 2145 105.80 1.80 22.80
C SER D 2145 106.59 0.77 23.61
N PRO D 2146 107.87 0.60 23.32
CA PRO D 2146 108.69 -0.34 24.11
C PRO D 2146 108.78 0.07 25.57
N SER D 2147 109.42 -0.79 26.35
CA SER D 2147 109.59 -0.69 27.79
C SER D 2147 108.27 -0.86 28.52
N SER D 2148 107.15 -1.02 27.80
CA SER D 2148 105.87 -1.31 28.40
C SER D 2148 105.28 -2.63 27.93
N VAL D 2149 105.89 -3.28 26.94
CA VAL D 2149 105.34 -4.54 26.42
C VAL D 2149 105.37 -5.62 27.50
N GLU D 2150 106.41 -5.62 28.34
CA GLU D 2150 106.49 -6.62 29.41
C GLU D 2150 105.33 -6.45 30.39
N ASP D 2151 104.97 -5.20 30.71
CA ASP D 2151 103.85 -4.97 31.59
C ASP D 2151 102.54 -5.42 30.95
N THR D 2152 102.35 -5.11 29.67
CA THR D 2152 101.14 -5.56 28.98
C THR D 2152 101.11 -7.07 28.81
N MET D 2153 102.28 -7.69 28.66
CA MET D 2153 102.34 -9.14 28.47
C MET D 2153 101.71 -9.88 29.64
N SER D 2154 102.00 -9.43 30.87
CA SER D 2154 101.37 -10.02 32.04
C SER D 2154 99.86 -9.80 32.02
N LEU D 2155 99.42 -8.59 31.65
CA LEU D 2155 97.99 -8.30 31.59
C LEU D 2155 97.29 -9.19 30.57
N LEU D 2156 97.87 -9.32 29.38
CA LEU D 2156 97.25 -10.12 28.32
C LEU D 2156 97.13 -11.57 28.73
N GLU D 2157 98.20 -12.14 29.28
CA GLU D 2157 98.16 -13.53 29.72
C GLU D 2157 97.17 -13.72 30.85
N CYS D 2158 97.15 -12.79 31.81
CA CYS D 2158 96.23 -12.91 32.93
C CYS D 2158 94.78 -12.76 32.49
N LEU D 2159 94.52 -11.92 31.49
CA LEU D 2159 93.14 -11.71 31.03
C LEU D 2159 92.56 -12.97 30.42
N GLY D 2160 93.40 -13.84 29.86
CA GLY D 2160 92.89 -15.03 29.20
C GLY D 2160 92.09 -15.93 30.12
N GLN D 2161 92.53 -16.05 31.38
CA GLN D 2161 91.85 -16.96 32.31
C GLN D 2161 90.42 -16.51 32.60
N ILE D 2162 90.14 -15.22 32.52
CA ILE D 2162 88.76 -14.75 32.67
C ILE D 2162 87.89 -15.27 31.54
N ARG D 2163 88.41 -15.24 30.31
CA ARG D 2163 87.63 -15.70 29.17
C ARG D 2163 87.29 -17.18 29.29
N SER D 2164 88.22 -17.99 29.81
CA SER D 2164 87.93 -19.40 30.03
C SER D 2164 87.00 -19.64 31.20
N LEU D 2165 86.81 -18.64 32.06
CA LEU D 2165 85.90 -18.79 33.19
C LEU D 2165 84.44 -18.73 32.76
N LEU D 2166 84.13 -17.98 31.70
CA LEU D 2166 82.75 -17.83 31.27
C LEU D 2166 82.15 -19.15 30.82
N ILE D 2167 82.89 -19.95 30.06
CA ILE D 2167 82.33 -21.18 29.50
C ILE D 2167 82.06 -22.19 30.60
N VAL D 2168 82.98 -22.32 31.56
CA VAL D 2168 82.80 -23.28 32.65
C VAL D 2168 81.76 -22.76 33.63
N GLN D 2169 80.95 -23.67 34.15
CA GLN D 2169 80.00 -23.32 35.20
C GLN D 2169 80.75 -22.96 36.47
N MET D 2170 80.14 -22.08 37.28
CA MET D 2170 80.80 -21.53 38.46
C MET D 2170 81.13 -22.62 39.47
N GLY D 2171 82.39 -22.67 39.88
CA GLY D 2171 82.84 -23.63 40.87
C GLY D 2171 83.57 -22.95 42.00
N PRO D 2172 83.45 -23.50 43.22
CA PRO D 2172 84.13 -22.88 44.37
C PRO D 2172 85.63 -22.73 44.19
N GLN D 2173 86.29 -23.72 43.58
CA GLN D 2173 87.70 -23.58 43.27
C GLN D 2173 87.91 -22.54 42.19
N GLU D 2174 87.07 -22.55 41.15
CA GLU D 2174 87.18 -21.54 40.10
C GLU D 2174 86.83 -20.16 40.62
N GLU D 2175 85.93 -20.07 41.60
CA GLU D 2175 85.59 -18.78 42.18
C GLU D 2175 86.80 -18.13 42.83
N ASN D 2176 87.60 -18.94 43.54
CA ASN D 2176 88.86 -18.43 44.09
C ASN D 2176 89.76 -17.88 42.99
N LEU D 2177 89.88 -18.61 41.88
CA LEU D 2177 90.83 -18.26 40.83
C LEU D 2177 90.62 -16.83 40.32
N MET D 2178 89.36 -16.44 40.12
CA MET D 2178 89.09 -15.13 39.53
C MET D 2178 89.49 -14.00 40.47
N ILE D 2179 89.28 -14.17 41.77
CA ILE D 2179 89.50 -13.08 42.72
C ILE D 2179 90.95 -12.63 42.69
N GLN D 2180 91.89 -13.58 42.71
CA GLN D 2180 93.27 -13.20 42.49
C GLN D 2180 93.48 -12.71 41.06
N SER D 2181 92.78 -13.31 40.09
CA SER D 2181 92.92 -12.89 38.71
C SER D 2181 92.55 -11.42 38.53
N ILE D 2182 91.36 -11.03 39.01
CA ILE D 2182 90.97 -9.63 38.92
C ILE D 2182 91.84 -8.76 39.81
N GLY D 2183 92.27 -9.29 40.96
CA GLY D 2183 93.15 -8.53 41.84
C GLY D 2183 94.48 -8.21 41.21
N ASN D 2184 95.02 -9.14 40.42
CA ASN D 2184 96.25 -8.86 39.69
C ASN D 2184 96.03 -7.96 38.48
N ILE D 2185 94.80 -7.87 37.96
CA ILE D 2185 94.54 -6.95 36.87
C ILE D 2185 94.73 -5.51 37.31
N MET D 2186 94.24 -5.16 38.50
CA MET D 2186 94.30 -3.78 38.95
C MET D 2186 95.63 -3.47 39.65
N ASN D 2187 96.73 -3.93 39.06
CA ASN D 2187 98.03 -3.50 39.52
C ASN D 2187 99.07 -3.43 38.40
N ASN D 2188 98.67 -3.52 37.14
CA ASN D 2188 99.62 -3.80 36.06
C ASN D 2188 100.20 -2.54 35.42
N LYS D 2189 99.86 -1.35 35.93
CA LYS D 2189 100.40 -0.08 35.46
C LYS D 2189 99.92 0.24 34.04
N VAL D 2190 99.21 -0.67 33.38
CA VAL D 2190 98.71 -0.44 32.04
C VAL D 2190 97.21 -0.19 32.01
N PHE D 2191 96.45 -0.74 32.96
CA PHE D 2191 95.06 -0.37 33.10
C PHE D 2191 94.91 0.94 33.87
N TYR D 2192 95.78 1.90 33.56
CA TYR D 2192 95.61 3.30 33.95
C TYR D 2192 96.04 4.29 32.88
N GLN D 2193 96.91 3.89 31.94
CA GLN D 2193 97.47 4.80 30.96
C GLN D 2193 96.79 4.73 29.61
N HIS D 2194 96.27 3.57 29.23
CA HIS D 2194 95.67 3.36 27.90
C HIS D 2194 94.28 2.77 28.07
N PRO D 2195 93.31 3.56 28.50
CA PRO D 2195 91.93 3.05 28.58
C PRO D 2195 91.38 2.60 27.25
N ASN D 2196 91.86 3.19 26.14
CA ASN D 2196 91.35 2.81 24.82
C ASN D 2196 91.60 1.35 24.52
N LEU D 2197 92.68 0.76 25.05
CA LEU D 2197 92.88 -0.67 24.93
C LEU D 2197 91.71 -1.45 25.53
N MET D 2198 91.34 -1.10 26.76
CA MET D 2198 90.47 -1.98 27.53
C MET D 2198 89.04 -1.98 26.99
N ARG D 2199 88.65 -0.94 26.26
CA ARG D 2199 87.40 -0.99 25.51
C ARG D 2199 87.56 -1.74 24.20
N ALA D 2200 88.77 -1.84 23.66
CA ALA D 2200 88.98 -2.61 22.45
C ALA D 2200 89.08 -4.10 22.77
N LEU D 2201 89.76 -4.45 23.87
CA LEU D 2201 89.69 -5.82 24.36
C LEU D 2201 88.33 -6.09 24.99
N GLY D 2202 87.71 -5.07 25.59
CA GLY D 2202 86.37 -5.20 26.10
C GLY D 2202 86.20 -6.21 27.21
N MET D 2203 87.09 -6.20 28.20
CA MET D 2203 86.93 -7.16 29.29
C MET D 2203 85.71 -6.81 30.13
N HIS D 2204 85.30 -5.54 30.15
CA HIS D 2204 84.09 -5.15 30.87
C HIS D 2204 82.88 -5.88 30.32
N GLU D 2205 82.86 -6.12 29.00
CA GLU D 2205 81.82 -6.96 28.43
C GLU D 2205 81.85 -8.36 29.02
N THR D 2206 83.02 -9.01 28.99
CA THR D 2206 83.12 -10.41 29.39
C THR D 2206 82.81 -10.58 30.87
N VAL D 2207 83.35 -9.70 31.72
CA VAL D 2207 83.12 -9.83 33.16
C VAL D 2207 81.65 -9.65 33.49
N MET D 2208 80.90 -8.95 32.62
CA MET D 2208 79.50 -8.71 32.89
C MET D 2208 78.69 -10.00 32.93
N GLU D 2209 78.95 -10.92 31.99
CA GLU D 2209 78.22 -12.18 32.02
C GLU D 2209 78.58 -13.01 33.24
N VAL D 2210 79.79 -12.85 33.77
CA VAL D 2210 80.18 -13.59 34.97
C VAL D 2210 79.22 -13.29 36.11
N MET D 2211 78.83 -12.02 36.26
CA MET D 2211 77.90 -11.65 37.31
C MET D 2211 76.49 -12.19 37.05
N VAL D 2212 76.05 -12.16 35.79
CA VAL D 2212 74.66 -12.52 35.51
C VAL D 2212 74.42 -14.01 35.71
N ASN D 2213 75.43 -14.85 35.47
CA ASN D 2213 75.24 -16.29 35.64
C ASN D 2213 75.04 -16.66 37.10
N VAL D 2214 75.88 -16.13 37.98
CA VAL D 2214 75.80 -16.50 39.40
C VAL D 2214 74.52 -15.95 40.03
N LEU D 2215 74.10 -14.76 39.61
CA LEU D 2215 72.92 -14.13 40.21
C LEU D 2215 71.61 -14.63 39.61
N GLY D 2216 71.67 -15.34 38.48
CA GLY D 2216 70.47 -15.87 37.86
C GLY D 2216 69.79 -16.93 38.72
N GLY D 2217 68.63 -16.58 39.26
CA GLY D 2217 67.93 -17.49 40.16
C GLY D 2217 66.48 -17.10 40.29
N GLY D 2218 65.69 -18.05 40.79
CA GLY D 2218 64.25 -17.82 40.91
C GLY D 2218 63.90 -16.75 41.93
N GLU D 2219 64.53 -16.78 43.09
CA GLU D 2219 64.19 -15.86 44.18
C GLU D 2219 65.47 -15.54 44.96
N THR D 2220 65.28 -14.93 46.13
CA THR D 2220 66.41 -14.55 46.97
C THR D 2220 67.15 -15.76 47.53
N LYS D 2221 66.53 -16.95 47.54
CA LYS D 2221 67.21 -18.14 48.01
C LYS D 2221 68.38 -18.52 47.11
N GLU D 2222 68.36 -18.08 45.85
CA GLU D 2222 69.45 -18.37 44.92
C GLU D 2222 70.51 -17.27 45.01
N ILE D 2223 71.19 -17.26 46.15
CA ILE D 2223 72.30 -16.34 46.39
C ILE D 2223 73.57 -17.14 46.52
N ARG D 2224 73.64 -18.26 45.79
CA ARG D 2224 74.81 -19.12 45.83
C ARG D 2224 76.04 -18.37 45.33
N PHE D 2225 77.19 -18.72 45.91
CA PHE D 2225 78.48 -18.07 45.63
C PHE D 2225 78.43 -16.57 45.91
N PRO D 2226 78.23 -16.14 47.16
CA PRO D 2226 78.44 -14.73 47.49
C PRO D 2226 79.92 -14.43 47.63
N LYS D 2227 80.26 -13.21 48.06
CA LYS D 2227 81.62 -12.73 48.25
C LYS D 2227 82.39 -12.60 46.94
N MET D 2228 81.79 -12.92 45.80
CA MET D 2228 82.40 -12.71 44.49
C MET D 2228 81.74 -11.59 43.72
N VAL D 2229 80.42 -11.39 43.89
CA VAL D 2229 79.77 -10.22 43.30
C VAL D 2229 80.35 -8.94 43.90
N THR D 2230 80.53 -8.92 45.22
CA THR D 2230 81.16 -7.77 45.85
C THR D 2230 82.61 -7.61 45.41
N SER D 2231 83.33 -8.73 45.28
CA SER D 2231 84.74 -8.66 44.89
C SER D 2231 84.93 -8.21 43.45
N CYS D 2232 83.90 -8.32 42.61
CA CYS D 2232 84.00 -7.93 41.21
C CYS D 2232 83.31 -6.60 40.92
N CYS D 2233 82.16 -6.33 41.55
CA CYS D 2233 81.47 -5.06 41.33
C CYS D 2233 82.32 -3.87 41.76
N ARG D 2234 83.24 -4.06 42.71
CA ARG D 2234 84.15 -2.99 43.08
C ARG D 2234 85.04 -2.61 41.91
N PHE D 2235 85.49 -3.60 41.13
CA PHE D 2235 86.33 -3.33 39.98
C PHE D 2235 85.59 -2.52 38.92
N LEU D 2236 84.30 -2.80 38.72
CA LEU D 2236 83.54 -2.08 37.69
C LEU D 2236 83.44 -0.60 38.02
N CYS D 2237 83.21 -0.25 39.29
CA CYS D 2237 83.05 1.15 39.66
C CYS D 2237 84.29 1.96 39.33
N TYR D 2238 85.48 1.44 39.69
CA TYR D 2238 86.71 2.15 39.39
C TYR D 2238 86.97 2.27 37.90
N PHE D 2239 86.52 1.28 37.11
CA PHE D 2239 86.63 1.39 35.67
C PHE D 2239 85.83 2.56 35.15
N CYS D 2240 84.65 2.80 35.74
CA CYS D 2240 83.76 3.87 35.32
C CYS D 2240 84.28 5.25 35.68
N ARG D 2241 85.32 5.36 36.49
CA ARG D 2241 85.86 6.64 36.94
C ARG D 2241 87.28 6.86 36.41
N ILE D 2242 87.50 6.54 35.14
CA ILE D 2242 88.79 6.77 34.52
C ILE D 2242 88.71 7.71 33.33
N SER D 2243 87.62 7.73 32.58
CA SER D 2243 87.48 8.63 31.45
C SER D 2243 86.00 8.77 31.11
N ARG D 2244 85.68 9.85 30.39
CA ARG D 2244 84.29 10.08 29.99
C ARG D 2244 83.79 9.00 29.06
N GLN D 2245 84.59 8.61 28.06
CA GLN D 2245 84.16 7.58 27.12
C GLN D 2245 83.98 6.24 27.83
N ASN D 2246 84.78 5.97 28.86
CA ASN D 2246 84.55 4.80 29.68
C ASN D 2246 83.19 4.85 30.36
N GLN D 2247 82.75 6.04 30.77
CA GLN D 2247 81.44 6.16 31.41
C GLN D 2247 80.32 5.87 30.41
N ARG D 2248 80.43 6.39 29.19
CA ARG D 2248 79.43 6.14 28.16
C ARG D 2248 79.33 4.67 27.80
N SER D 2249 80.48 4.01 27.60
CA SER D 2249 80.47 2.66 27.06
C SER D 2249 79.72 1.68 27.95
N MET D 2250 79.81 1.85 29.27
CA MET D 2250 79.10 0.97 30.20
C MET D 2250 77.71 1.51 30.56
N PHE D 2251 77.47 2.80 30.33
CA PHE D 2251 76.17 3.38 30.64
C PHE D 2251 75.06 2.74 29.84
N ASP D 2252 75.34 2.38 28.58
CA ASP D 2252 74.30 1.87 27.69
C ASP D 2252 73.63 0.61 28.23
N HIS D 2253 74.29 -0.11 29.13
CA HIS D 2253 73.72 -1.30 29.75
C HIS D 2253 72.94 -1.00 31.03
N LEU D 2254 72.53 0.26 31.22
CA LEU D 2254 71.81 0.62 32.44
C LEU D 2254 70.49 -0.12 32.56
N SER D 2255 69.72 -0.20 31.47
CA SER D 2255 68.46 -0.94 31.52
C SER D 2255 68.71 -2.42 31.79
N TYR D 2256 69.75 -2.98 31.18
CA TYR D 2256 70.10 -4.37 31.45
C TYR D 2256 70.50 -4.57 32.91
N LEU D 2257 71.24 -3.63 33.47
CA LEU D 2257 71.77 -3.79 34.82
C LEU D 2257 70.65 -3.75 35.87
N LEU D 2258 69.76 -2.76 35.76
CA LEU D 2258 68.68 -2.64 36.74
C LEU D 2258 67.69 -3.79 36.69
N GLU D 2259 67.63 -4.52 35.58
CA GLU D 2259 66.67 -5.62 35.48
C GLU D 2259 66.94 -6.69 36.53
N ASN D 2260 68.21 -6.94 36.82
CA ASN D 2260 68.64 -7.94 37.80
C ASN D 2260 69.50 -7.31 38.88
N SER D 2261 69.00 -6.25 39.50
CA SER D 2261 69.72 -5.56 40.56
C SER D 2261 68.93 -5.43 41.86
N GLY D 2262 67.63 -5.17 41.78
CA GLY D 2262 66.85 -4.95 42.98
C GLY D 2262 66.23 -6.19 43.58
N ILE D 2263 66.96 -7.30 43.58
CA ILE D 2263 66.46 -8.55 44.13
C ILE D 2263 67.40 -9.04 45.23
N GLY D 2264 68.67 -9.25 44.89
CA GLY D 2264 69.65 -9.74 45.83
C GLY D 2264 70.22 -8.66 46.72
N LEU D 2265 69.45 -8.22 47.70
CA LEU D 2265 69.86 -7.18 48.62
C LEU D 2265 70.09 -7.76 50.01
N GLY D 2266 71.13 -7.28 50.68
CA GLY D 2266 71.40 -7.72 52.05
C GLY D 2266 72.86 -7.82 52.41
N MET D 2267 73.75 -7.76 51.43
CA MET D 2267 75.18 -7.85 51.68
C MET D 2267 75.78 -6.44 51.75
N GLN D 2268 77.11 -6.38 51.87
CA GLN D 2268 77.80 -5.11 52.04
C GLN D 2268 78.89 -4.93 51.00
N GLY D 2269 79.72 -3.91 51.18
CA GLY D 2269 80.80 -3.64 50.25
C GLY D 2269 80.30 -3.04 48.95
N SER D 2270 79.53 -3.81 48.19
CA SER D 2270 79.00 -3.35 46.92
C SER D 2270 77.79 -4.19 46.55
N THR D 2271 77.12 -3.79 45.47
CA THR D 2271 75.93 -4.42 44.93
C THR D 2271 75.80 -3.86 43.53
N PRO D 2272 75.13 -4.55 42.58
CA PRO D 2272 75.03 -3.99 41.23
C PRO D 2272 74.33 -2.65 41.17
N LEU D 2273 73.51 -2.34 42.17
CA LEU D 2273 72.86 -1.03 42.20
C LEU D 2273 73.88 0.09 42.34
N ASP D 2274 74.97 -0.15 43.08
CA ASP D 2274 75.97 0.89 43.28
C ASP D 2274 76.63 1.28 41.96
N VAL D 2275 77.07 0.29 41.17
CA VAL D 2275 77.69 0.61 39.90
C VAL D 2275 76.67 1.22 38.94
N ALA D 2276 75.40 0.88 39.11
CA ALA D 2276 74.36 1.55 38.33
C ALA D 2276 74.31 3.03 38.65
N ALA D 2277 74.41 3.38 39.95
CA ALA D 2277 74.44 4.78 40.34
C ALA D 2277 75.71 5.45 39.85
N ALA D 2278 76.84 4.78 39.96
CA ALA D 2278 78.12 5.35 39.55
C ALA D 2278 78.24 5.53 38.04
N SER D 2279 77.32 4.96 37.26
CA SER D 2279 77.38 5.10 35.81
C SER D 2279 77.12 6.53 35.35
N VAL D 2280 76.46 7.34 36.18
CA VAL D 2280 76.30 8.77 35.88
C VAL D 2280 76.39 9.58 37.18
N ILE D 2281 77.53 10.24 37.38
CA ILE D 2281 77.70 11.00 38.61
C ILE D 2281 78.16 12.43 38.33
N ASP D 2282 78.89 12.64 37.23
CA ASP D 2282 79.38 13.98 36.92
C ASP D 2282 79.36 14.28 35.43
N ASN D 2283 78.60 13.52 34.64
CA ASN D 2283 78.67 13.67 33.18
C ASN D 2283 78.11 15.01 32.73
N ASN D 2284 76.94 15.37 33.24
CA ASN D 2284 76.15 16.57 32.94
C ASN D 2284 75.49 16.49 31.58
N GLU D 2285 75.82 15.49 30.76
CA GLU D 2285 75.10 15.21 29.53
C GLU D 2285 74.52 13.81 29.47
N LEU D 2286 75.11 12.85 30.18
CA LEU D 2286 74.49 11.54 30.33
C LEU D 2286 73.18 11.66 31.09
N ALA D 2287 73.14 12.51 32.11
CA ALA D 2287 71.91 12.72 32.86
C ALA D 2287 70.80 13.25 31.98
N LEU D 2288 71.15 14.07 30.97
CA LEU D 2288 70.15 14.54 30.03
C LEU D 2288 69.73 13.45 29.05
N ALA D 2289 70.48 12.37 28.96
CA ALA D 2289 70.19 11.30 28.02
C ALA D 2289 69.49 10.11 28.67
N LEU D 2290 68.69 10.36 29.70
CA LEU D 2290 67.89 9.31 30.29
C LEU D 2290 66.70 9.01 29.38
N GLN D 2291 65.94 7.97 29.73
CA GLN D 2291 64.82 7.56 28.90
C GLN D 2291 63.57 7.30 29.71
N GLU D 2292 63.42 8.00 30.84
CA GLU D 2292 62.19 7.95 31.64
C GLU D 2292 61.90 6.55 32.16
N GLN D 2293 61.71 5.59 31.25
CA GLN D 2293 61.36 4.24 31.65
C GLN D 2293 62.36 3.66 32.65
N ASP D 2294 63.64 4.03 32.52
CA ASP D 2294 64.62 3.63 33.52
C ASP D 2294 64.27 4.22 34.88
N LEU D 2295 63.92 5.50 34.92
CA LEU D 2295 63.51 6.13 36.18
C LEU D 2295 62.16 5.59 36.64
N GLU D 2296 61.26 5.28 35.71
CA GLU D 2296 59.95 4.77 36.09
C GLU D 2296 60.08 3.40 36.76
N LYS D 2297 60.93 2.52 36.19
CA LYS D 2297 60.99 1.15 36.67
C LYS D 2297 61.66 1.07 38.04
N VAL D 2298 62.67 1.90 38.29
CA VAL D 2298 63.31 1.92 39.60
C VAL D 2298 62.34 2.42 40.67
N VAL D 2299 61.46 3.35 40.30
CA VAL D 2299 60.43 3.80 41.24
C VAL D 2299 59.51 2.65 41.62
N SER D 2300 59.13 1.84 40.63
CA SER D 2300 58.27 0.68 40.91
C SER D 2300 58.93 -0.26 41.91
N TYR D 2301 60.26 -0.35 41.90
CA TYR D 2301 60.97 -1.08 42.94
C TYR D 2301 60.68 -0.48 44.31
N LEU D 2302 60.72 0.86 44.41
CA LEU D 2302 60.49 1.52 45.68
C LEU D 2302 59.05 1.32 46.15
N ALA D 2303 58.11 1.12 45.22
CA ALA D 2303 56.76 0.74 45.60
C ALA D 2303 56.76 -0.60 46.34
N GLY D 2304 57.68 -1.50 45.96
CA GLY D 2304 57.77 -2.77 46.64
C GLY D 2304 58.19 -2.63 48.10
N CYS D 2305 59.23 -1.83 48.35
CA CYS D 2305 59.73 -1.69 49.73
C CYS D 2305 58.84 -0.83 50.60
N GLY D 2306 57.67 -0.42 50.10
CA GLY D 2306 56.72 0.31 50.91
C GLY D 2306 55.62 -0.57 51.47
N LEU D 2307 55.59 -1.83 51.04
CA LEU D 2307 54.59 -2.77 51.53
C LEU D 2307 55.14 -4.16 51.88
N GLN D 2308 56.41 -4.44 51.61
CA GLN D 2308 56.97 -5.76 51.89
C GLN D 2308 57.34 -5.85 53.37
N SER D 2309 58.01 -6.93 53.76
CA SER D 2309 58.41 -7.11 55.14
C SER D 2309 59.85 -7.61 55.26
N CYS D 2310 60.58 -7.72 54.15
CA CYS D 2310 61.97 -8.19 54.15
C CYS D 2310 62.07 -9.58 54.79
N PRO D 2311 61.60 -10.63 54.10
CA PRO D 2311 61.64 -11.97 54.69
C PRO D 2311 63.03 -12.45 55.08
N MET D 2312 64.07 -12.08 54.32
CA MET D 2312 65.43 -12.39 54.73
C MET D 2312 65.78 -11.69 56.04
N LEU D 2313 65.39 -10.42 56.18
CA LEU D 2313 65.53 -9.72 57.46
C LEU D 2313 64.68 -10.40 58.52
N LEU D 2314 63.46 -10.82 58.15
CA LEU D 2314 62.60 -11.54 59.08
C LEU D 2314 63.20 -12.89 59.49
N ALA D 2315 63.99 -13.52 58.60
CA ALA D 2315 64.52 -14.86 58.90
C ALA D 2315 65.37 -14.87 60.16
N LYS D 2316 65.93 -13.71 60.53
CA LYS D 2316 66.68 -13.59 61.78
C LYS D 2316 65.77 -13.49 62.99
N GLY D 2317 64.46 -13.63 62.81
CA GLY D 2317 63.52 -13.51 63.91
C GLY D 2317 63.34 -12.07 64.38
N TYR D 2318 62.87 -11.20 63.47
CA TYR D 2318 62.70 -9.78 63.71
C TYR D 2318 61.24 -9.39 63.53
N PRO D 2319 60.79 -8.30 64.16
CA PRO D 2319 59.37 -7.92 64.07
C PRO D 2319 58.88 -7.78 62.64
N ASP D 2320 59.53 -6.89 61.87
CA ASP D 2320 59.15 -6.64 60.47
C ASP D 2320 57.68 -6.22 60.39
N ILE D 2321 57.41 -5.06 60.97
CA ILE D 2321 56.04 -4.64 61.21
C ILE D 2321 55.31 -4.35 59.90
N GLY D 2322 55.73 -3.30 59.18
CA GLY D 2322 55.00 -2.92 57.99
C GLY D 2322 55.81 -2.81 56.71
N TRP D 2323 57.10 -2.53 56.84
CA TRP D 2323 57.94 -2.24 55.68
C TRP D 2323 59.39 -2.24 56.11
N ASN D 2324 60.28 -2.20 55.11
CA ASN D 2324 61.71 -2.23 55.36
C ASN D 2324 62.39 -0.94 54.96
N PRO D 2325 62.98 -0.19 55.91
CA PRO D 2325 63.74 1.00 55.53
C PRO D 2325 65.11 0.69 54.93
N CYS D 2326 65.66 -0.50 55.16
CA CYS D 2326 66.97 -0.84 54.62
C CYS D 2326 66.94 -0.83 53.09
N GLY D 2327 65.96 -1.50 52.50
CA GLY D 2327 65.86 -1.52 51.04
C GLY D 2327 65.57 -0.15 50.46
N GLY D 2328 64.68 0.61 51.10
CA GLY D 2328 64.32 1.91 50.57
C GLY D 2328 65.48 2.89 50.51
N GLU D 2329 66.36 2.85 51.52
CA GLU D 2329 67.49 3.79 51.55
C GLU D 2329 68.47 3.54 50.42
N ARG D 2330 68.41 2.39 49.76
CA ARG D 2330 69.33 2.11 48.65
C ARG D 2330 68.78 2.60 47.31
N TYR D 2331 67.49 2.36 47.03
CA TYR D 2331 66.91 2.86 45.80
C TYR D 2331 66.98 4.37 45.75
N LEU D 2332 66.66 5.04 46.85
CA LEU D 2332 66.58 6.49 46.87
C LEU D 2332 67.97 7.11 46.70
N ASP D 2333 69.01 6.46 47.21
CA ASP D 2333 70.36 6.96 47.02
C ASP D 2333 70.72 7.06 45.54
N PHE D 2334 70.18 6.17 44.72
CA PHE D 2334 70.40 6.25 43.27
C PHE D 2334 69.73 7.50 42.69
N LEU D 2335 68.48 7.76 43.09
CA LEU D 2335 67.74 8.88 42.52
C LEU D 2335 68.42 10.22 42.80
N ARG D 2336 69.18 10.30 43.90
CA ARG D 2336 69.88 11.55 44.22
C ARG D 2336 70.89 11.92 43.14
N PHE D 2337 71.45 10.93 42.46
CA PHE D 2337 72.46 11.19 41.44
C PHE D 2337 71.88 11.46 40.06
N ALA D 2338 70.56 11.42 39.92
CA ALA D 2338 69.92 11.68 38.64
C ALA D 2338 69.06 12.93 38.66
N VAL D 2339 69.03 13.67 39.76
CA VAL D 2339 68.26 14.90 39.86
C VAL D 2339 69.21 16.08 39.67
N PHE D 2340 70.42 15.96 40.19
CA PHE D 2340 71.45 16.97 40.00
C PHE D 2340 72.74 16.27 39.58
N VAL D 2341 73.58 17.01 38.86
CA VAL D 2341 74.86 16.50 38.40
C VAL D 2341 76.03 17.34 38.93
N ASN D 2342 75.91 18.67 38.89
CA ASN D 2342 76.99 19.53 39.36
C ASN D 2342 76.37 20.84 39.85
N GLY D 2343 76.18 20.94 41.16
CA GLY D 2343 75.69 22.16 41.76
C GLY D 2343 74.29 22.56 41.37
N GLU D 2344 73.31 21.71 41.69
CA GLU D 2344 71.88 22.04 41.61
C GLU D 2344 71.47 22.49 40.22
N SER D 2345 71.55 21.53 39.29
CA SER D 2345 71.17 21.79 37.90
C SER D 2345 70.31 20.66 37.36
N VAL D 2346 70.12 20.64 36.03
CA VAL D 2346 69.31 19.68 35.30
C VAL D 2346 67.97 19.42 35.97
N GLU D 2347 66.91 20.06 35.46
CA GLU D 2347 65.60 19.96 36.07
C GLU D 2347 64.59 19.17 35.25
N GLU D 2348 64.87 18.91 33.97
CA GLU D 2348 63.89 18.20 33.13
C GLU D 2348 63.57 16.83 33.70
N ASN D 2349 64.60 16.04 34.02
CA ASN D 2349 64.36 14.77 34.66
C ASN D 2349 63.89 14.96 36.10
N ALA D 2350 64.35 16.02 36.75
CA ALA D 2350 63.87 16.31 38.11
C ALA D 2350 62.38 16.63 38.11
N ASN D 2351 61.91 17.38 37.11
CA ASN D 2351 60.50 17.73 37.03
C ASN D 2351 59.63 16.49 36.94
N VAL D 2352 60.00 15.53 36.09
CA VAL D 2352 59.18 14.34 35.92
C VAL D 2352 59.29 13.39 37.12
N VAL D 2353 60.33 13.51 37.94
CA VAL D 2353 60.46 12.64 39.10
C VAL D 2353 59.35 12.94 40.11
N VAL D 2354 59.13 14.22 40.42
CA VAL D 2354 58.13 14.58 41.42
C VAL D 2354 56.72 14.31 40.88
N ARG D 2355 56.49 14.58 39.59
CA ARG D 2355 55.19 14.31 39.00
C ARG D 2355 54.91 12.82 38.89
N LEU D 2356 55.94 11.99 38.85
CA LEU D 2356 55.77 10.54 38.82
C LEU D 2356 55.70 9.95 40.21
N LEU D 2357 56.51 10.47 41.14
CA LEU D 2357 56.53 9.94 42.51
C LEU D 2357 55.22 10.20 43.22
N ILE D 2358 54.54 11.31 42.91
CA ILE D 2358 53.27 11.62 43.58
C ILE D 2358 52.19 10.63 43.17
N ARG D 2359 52.29 10.07 41.96
CA ARG D 2359 51.23 9.20 41.45
C ARG D 2359 51.05 7.98 42.35
N LYS D 2360 52.14 7.48 42.92
CA LYS D 2360 52.08 6.34 43.83
C LYS D 2360 52.27 6.84 45.26
N PRO D 2361 51.19 7.17 45.98
CA PRO D 2361 51.35 7.66 47.36
C PRO D 2361 51.96 6.64 48.30
N GLU D 2362 51.84 5.34 47.99
CA GLU D 2362 52.42 4.32 48.85
C GLU D 2362 53.93 4.41 48.90
N CYS D 2363 54.55 5.14 47.96
CA CYS D 2363 55.99 5.33 48.00
C CYS D 2363 56.44 6.00 49.30
N PHE D 2364 55.64 6.91 49.83
CA PHE D 2364 55.94 7.50 51.12
C PHE D 2364 55.79 6.46 52.23
N GLY D 2365 56.65 6.54 53.23
CA GLY D 2365 56.53 5.71 54.40
C GLY D 2365 55.20 5.93 55.09
N PRO D 2366 54.52 4.84 55.46
CA PRO D 2366 53.14 4.96 55.98
C PRO D 2366 53.05 5.68 57.31
N ALA D 2367 54.17 6.05 57.94
CA ALA D 2367 54.08 6.85 59.16
C ALA D 2367 53.42 8.19 58.89
N LEU D 2368 53.67 8.77 57.73
CA LEU D 2368 53.03 10.01 57.30
C LEU D 2368 52.51 9.83 55.88
N ARG D 2369 51.90 10.89 55.34
CA ARG D 2369 51.34 10.89 54.00
C ARG D 2369 50.37 9.72 53.81
N GLY D 2370 49.46 9.56 54.78
CA GLY D 2370 48.51 8.48 54.74
C GLY D 2370 47.16 8.89 55.27
N GLU D 2371 46.34 7.90 55.66
CA GLU D 2371 45.00 8.17 56.17
C GLU D 2371 44.92 8.11 57.68
N GLY D 2372 45.72 7.26 58.34
CA GLY D 2372 45.68 7.14 59.77
C GLY D 2372 46.21 8.36 60.49
N GLY D 2373 47.51 8.61 60.34
CA GLY D 2373 48.14 9.75 60.98
C GLY D 2373 49.45 10.07 60.30
N SER D 2374 50.06 11.16 60.73
CA SER D 2374 51.31 11.62 60.15
C SER D 2374 52.46 11.67 61.14
N GLY D 2375 52.25 12.26 62.31
CA GLY D 2375 53.28 12.29 63.34
C GLY D 2375 54.57 12.96 62.91
N LEU D 2376 54.45 14.15 62.32
CA LEU D 2376 55.61 14.86 61.78
C LEU D 2376 56.76 14.89 62.76
N LEU D 2377 56.54 15.46 63.95
CA LEU D 2377 57.54 15.43 65.01
C LEU D 2377 57.38 14.22 65.93
N ALA D 2378 56.43 13.34 65.64
CA ALA D 2378 56.20 12.15 66.45
C ALA D 2378 56.77 10.88 65.85
N ALA D 2379 56.76 10.75 64.52
CA ALA D 2379 57.29 9.54 63.89
C ALA D 2379 58.78 9.37 64.20
N ILE D 2380 59.54 10.45 64.09
CA ILE D 2380 60.94 10.41 64.53
C ILE D 2380 61.01 10.24 66.04
N GLU D 2381 60.14 10.94 66.78
CA GLU D 2381 60.11 10.77 68.23
C GLU D 2381 59.74 9.35 68.60
N GLU D 2382 58.82 8.73 67.86
CA GLU D 2382 58.54 7.32 68.07
C GLU D 2382 59.78 6.47 67.82
N ALA D 2383 60.53 6.78 66.77
CA ALA D 2383 61.78 6.09 66.52
C ALA D 2383 62.77 6.32 67.66
N ILE D 2384 62.76 7.52 68.24
CA ILE D 2384 63.62 7.79 69.39
C ILE D 2384 63.23 6.91 70.57
N ARG D 2385 61.92 6.72 70.79
CA ARG D 2385 61.47 5.84 71.86
C ARG D 2385 61.95 4.41 71.64
N ILE D 2386 61.86 3.91 70.39
CA ILE D 2386 62.38 2.58 70.09
C ILE D 2386 63.89 2.57 69.99
N SER D 2387 64.53 3.73 69.83
CA SER D 2387 65.98 3.79 69.76
C SER D 2387 66.61 3.25 71.04
N GLU D 2388 66.16 3.76 72.19
CA GLU D 2388 66.63 3.27 73.48
C GLU D 2388 65.69 2.20 74.05
N ASP D 2389 65.37 1.20 73.23
CA ASP D 2389 64.51 0.08 73.62
C ASP D 2389 65.07 -1.20 73.04
N PRO D 2390 66.13 -1.74 73.64
CA PRO D 2390 66.74 -2.97 73.09
C PRO D 2390 65.78 -4.14 73.00
N ALA D 2391 64.78 -4.21 73.90
CA ALA D 2391 63.83 -5.31 73.86
C ALA D 2391 63.00 -5.30 72.58
N ARG D 2392 62.52 -4.11 72.17
CA ARG D 2392 61.67 -4.02 70.99
C ARG D 2392 62.43 -4.41 69.72
N ASP D 2393 63.42 -3.59 69.35
CA ASP D 2393 64.31 -3.73 68.20
C ASP D 2393 64.21 -5.05 67.45
N GLY D 2394 65.26 -5.87 67.51
CA GLY D 2394 65.24 -7.18 66.92
C GLY D 2394 65.89 -8.19 67.85
N PRO D 2395 65.85 -7.93 69.16
CA PRO D 2395 66.45 -8.69 70.26
C PRO D 2395 67.90 -9.07 70.02
N ASN D 2414 69.41 -3.06 61.63
CA ASN D 2414 70.17 -4.14 60.99
C ASN D 2414 71.21 -4.72 61.95
N ARG D 2415 72.48 -4.68 61.55
CA ARG D 2415 73.56 -5.17 62.40
C ARG D 2415 73.78 -4.30 63.63
N VAL D 2416 73.17 -3.11 63.67
CA VAL D 2416 73.30 -2.21 64.81
C VAL D 2416 71.98 -2.09 65.57
N HIS D 2417 70.93 -1.59 64.91
CA HIS D 2417 69.61 -1.44 65.51
C HIS D 2417 68.62 -1.14 64.39
N LEU D 2418 67.37 -0.89 64.76
CA LEU D 2418 66.30 -0.59 63.82
C LEU D 2418 65.93 0.88 63.76
N GLY D 2419 66.01 1.59 64.89
CA GLY D 2419 65.66 3.00 64.90
C GLY D 2419 66.53 3.84 63.98
N HIS D 2420 67.81 3.51 63.87
CA HIS D 2420 68.70 4.24 62.97
C HIS D 2420 68.24 4.06 61.52
N ALA D 2421 67.78 2.85 61.17
CA ALA D 2421 67.28 2.62 59.82
C ALA D 2421 66.07 3.47 59.52
N ILE D 2422 65.15 3.61 60.47
CA ILE D 2422 64.00 4.49 60.29
C ILE D 2422 64.45 5.94 60.13
N MET D 2423 65.40 6.37 60.97
CA MET D 2423 65.91 7.73 60.84
C MET D 2423 66.59 7.92 59.49
N SER D 2424 67.31 6.91 59.01
CA SER D 2424 68.02 7.03 57.74
C SER D 2424 67.03 7.25 56.59
N PHE D 2425 65.89 6.56 56.62
CA PHE D 2425 64.94 6.65 55.51
C PHE D 2425 64.40 8.07 55.37
N TYR D 2426 63.65 8.54 56.38
CA TYR D 2426 62.94 9.81 56.23
C TYR D 2426 63.90 10.97 56.04
N ALA D 2427 65.06 10.93 56.69
CA ALA D 2427 66.07 11.96 56.46
C ALA D 2427 66.54 11.95 55.01
N ALA D 2428 66.74 10.76 54.46
CA ALA D 2428 67.19 10.67 53.06
C ALA D 2428 66.10 11.09 52.09
N LEU D 2429 64.83 10.82 52.42
CA LEU D 2429 63.75 11.18 51.52
C LEU D 2429 63.63 12.70 51.38
N ILE D 2430 63.68 13.41 52.50
CA ILE D 2430 63.61 14.86 52.45
C ILE D 2430 64.87 15.43 51.80
N ASP D 2431 66.01 14.74 51.93
CA ASP D 2431 67.20 15.14 51.20
C ASP D 2431 66.97 15.08 49.69
N LEU D 2432 66.25 14.06 49.22
CA LEU D 2432 65.88 14.00 47.82
C LEU D 2432 64.98 15.16 47.45
N LEU D 2433 63.90 15.38 48.20
CA LEU D 2433 63.00 16.50 47.94
C LEU D 2433 63.47 17.78 48.60
N GLY D 2434 64.77 18.07 48.52
CA GLY D 2434 65.29 19.39 48.82
C GLY D 2434 66.16 19.83 47.67
N ARG D 2435 66.70 18.84 46.96
CA ARG D 2435 67.50 19.07 45.76
C ARG D 2435 66.69 18.83 44.50
N CYS D 2436 65.57 18.13 44.60
CA CYS D 2436 64.58 18.05 43.53
C CYS D 2436 63.71 19.30 43.48
N ALA D 2437 64.11 20.35 44.19
CA ALA D 2437 63.49 21.68 44.18
C ALA D 2437 63.38 22.16 42.74
N PRO D 2438 62.48 23.12 42.44
CA PRO D 2438 62.28 23.52 41.05
C PRO D 2438 63.58 23.99 40.39
N GLU D 2439 64.18 25.04 40.94
CA GLU D 2439 65.46 25.54 40.47
C GLU D 2439 65.94 26.65 41.38
N MET D 2440 67.13 27.18 41.10
CA MET D 2440 67.54 28.41 41.75
C MET D 2440 66.67 29.56 41.27
N HIS D 2441 66.82 30.71 41.93
CA HIS D 2441 65.98 31.86 41.60
C HIS D 2441 66.25 32.44 40.21
N LEU D 2442 67.15 31.83 39.42
CA LEU D 2442 67.31 32.24 38.04
C LEU D 2442 66.03 32.02 37.26
N ILE D 2443 65.32 30.93 37.55
CA ILE D 2443 64.06 30.60 36.89
C ILE D 2443 62.87 30.99 37.74
N GLN D 2444 62.97 30.81 39.06
CA GLN D 2444 61.83 31.05 39.94
C GLN D 2444 61.45 32.51 40.04
N ALA D 2445 62.32 33.43 39.62
CA ALA D 2445 62.04 34.86 39.67
C ALA D 2445 61.69 35.45 38.31
N GLY D 2446 61.64 34.63 37.26
CA GLY D 2446 61.34 35.15 35.93
C GLY D 2446 60.49 34.23 35.09
N LYS D 2447 59.70 33.37 35.73
CA LYS D 2447 58.89 32.39 35.01
C LYS D 2447 57.72 32.01 35.92
N GLY D 2448 56.82 31.19 35.39
CA GLY D 2448 55.64 30.79 36.14
C GLY D 2448 55.39 29.29 36.10
N GLU D 2449 56.25 28.56 35.42
CA GLU D 2449 56.13 27.10 35.39
C GLU D 2449 56.71 26.48 36.65
N ALA D 2450 57.93 26.88 37.02
CA ALA D 2450 58.59 26.30 38.19
C ALA D 2450 57.84 26.58 39.49
N LEU D 2451 57.07 27.66 39.54
CA LEU D 2451 56.33 27.97 40.76
C LEU D 2451 55.28 26.90 41.07
N ARG D 2452 54.77 26.23 40.03
CA ARG D 2452 53.82 25.14 40.26
C ARG D 2452 54.46 24.02 41.07
N ILE D 2453 55.70 23.65 40.74
CA ILE D 2453 56.37 22.58 41.47
C ILE D 2453 56.67 23.01 42.89
N ARG D 2454 57.10 24.26 43.08
CA ARG D 2454 57.44 24.72 44.41
C ARG D 2454 56.23 24.68 45.35
N ALA D 2455 55.05 25.00 44.84
CA ALA D 2455 53.85 24.92 45.65
C ALA D 2455 53.57 23.50 46.10
N ILE D 2456 53.80 22.52 45.22
CA ILE D 2456 53.50 21.13 45.55
C ILE D 2456 54.37 20.65 46.70
N LEU D 2457 55.69 20.76 46.54
CA LEU D 2457 56.60 20.21 47.54
C LEU D 2457 56.50 20.96 48.86
N ARG D 2458 56.24 22.27 48.81
CA ARG D 2458 56.05 23.03 50.05
C ARG D 2458 54.79 22.60 50.79
N SER D 2459 53.80 22.07 50.08
CA SER D 2459 52.55 21.66 50.72
C SER D 2459 52.64 20.29 51.39
N LEU D 2460 53.76 19.57 51.24
CA LEU D 2460 53.90 18.25 51.84
C LEU D 2460 54.73 18.25 53.10
N VAL D 2461 55.56 19.27 53.33
CA VAL D 2461 56.36 19.39 54.54
C VAL D 2461 56.01 20.70 55.23
N PRO D 2462 55.15 20.66 56.25
CA PRO D 2462 54.86 21.87 57.02
C PRO D 2462 56.11 22.44 57.68
N LEU D 2463 56.23 23.77 57.66
CA LEU D 2463 57.41 24.41 58.22
C LEU D 2463 57.39 24.38 59.75
N ASP D 2464 56.21 24.37 60.35
CA ASP D 2464 56.11 24.43 61.81
C ASP D 2464 56.77 23.20 62.45
N ASP D 2465 56.50 22.01 61.92
CA ASP D 2465 57.16 20.82 62.44
C ASP D 2465 58.62 20.76 62.02
N LEU D 2466 58.92 21.22 60.81
CA LEU D 2466 60.29 21.12 60.30
C LEU D 2466 61.26 21.96 61.13
N VAL D 2467 60.84 23.16 61.54
CA VAL D 2467 61.73 24.03 62.31
C VAL D 2467 62.03 23.40 63.67
N GLY D 2468 61.05 22.71 64.26
CA GLY D 2468 61.26 22.11 65.56
C GLY D 2468 62.11 20.86 65.54
N ILE D 2469 62.26 20.22 64.37
CA ILE D 2469 63.00 18.96 64.31
C ILE D 2469 64.50 19.16 64.57
N ILE D 2470 65.01 20.37 64.41
CA ILE D 2470 66.44 20.63 64.64
C ILE D 2470 66.59 20.96 66.12
N SER D 2471 66.68 19.92 66.92
CA SER D 2471 66.77 20.03 68.38
C SER D 2471 67.03 18.64 68.95
N LEU D 2472 67.26 18.59 70.26
CA LEU D 2472 67.44 17.36 71.02
C LEU D 2472 68.62 16.54 70.51
N PRO D 2473 69.86 16.97 70.75
CA PRO D 2473 71.01 16.10 70.50
C PRO D 2473 71.16 15.07 71.61
N LEU D 2474 71.62 13.88 71.23
CA LEU D 2474 71.63 12.76 72.16
C LEU D 2474 72.50 13.03 73.38
N GLN D 2475 73.81 13.15 73.19
CA GLN D 2475 74.75 13.37 74.30
C GLN D 2475 76.13 13.65 73.72
N ILE D 2476 77.11 13.82 74.61
CA ILE D 2476 78.50 13.98 74.22
C ILE D 2476 79.35 13.07 75.10
N PRO D 2477 80.39 12.46 74.52
CA PRO D 2477 81.27 11.60 75.33
C PRO D 2477 81.84 12.33 76.53
N THR D 2478 81.85 11.65 77.67
CA THR D 2478 82.28 12.24 78.93
C THR D 2478 82.69 11.13 79.88
N LEU D 2479 83.38 11.53 80.95
CA LEU D 2479 83.85 10.61 81.99
C LEU D 2479 84.72 9.49 81.42
N GLN D 2487 83.84 7.70 77.37
CA GLN D 2487 82.59 6.96 77.21
C GLN D 2487 81.71 7.59 76.13
N PRO D 2488 81.90 7.17 74.89
CA PRO D 2488 81.15 7.70 73.76
C PRO D 2488 79.86 6.93 73.54
N LYS D 2489 79.04 7.40 72.61
CA LYS D 2489 77.78 6.75 72.28
C LYS D 2489 77.99 5.70 71.19
N MET D 2490 76.88 5.25 70.59
CA MET D 2490 76.94 4.24 69.55
C MET D 2490 76.24 4.71 68.28
N SER D 2491 76.75 4.28 67.13
CA SER D 2491 76.15 4.62 65.85
C SER D 2491 75.07 3.61 65.50
N ALA D 2492 74.16 3.37 66.45
CA ALA D 2492 73.08 2.42 66.28
C ALA D 2492 71.73 3.08 66.46
N SER D 2493 71.73 4.27 67.08
CA SER D 2493 70.51 4.99 67.34
C SER D 2493 70.38 6.20 66.42
N PHE D 2494 69.30 6.96 66.57
CA PHE D 2494 69.07 8.15 65.76
C PHE D 2494 70.06 9.24 66.12
N VAL D 2495 71.12 9.35 65.33
CA VAL D 2495 72.17 10.33 65.59
C VAL D 2495 71.72 11.75 65.25
N PRO D 2496 72.68 12.65 65.12
CA PRO D 2496 72.38 14.05 64.81
C PRO D 2496 73.23 14.52 63.64
N ASP D 2497 74.19 13.70 63.24
CA ASP D 2497 75.06 14.01 62.11
C ASP D 2497 74.25 14.04 60.82
N HIS D 2498 73.28 13.14 60.71
CA HIS D 2498 72.43 13.07 59.54
C HIS D 2498 71.13 13.82 59.76
N LYS D 2499 71.24 15.05 60.27
CA LYS D 2499 70.09 15.91 60.45
C LYS D 2499 70.23 17.15 59.57
N ALA D 2500 71.32 17.20 58.82
CA ALA D 2500 71.58 18.32 57.92
C ALA D 2500 70.77 18.17 56.65
N SER D 2501 70.06 17.05 56.52
CA SER D 2501 69.19 16.81 55.38
C SER D 2501 67.92 17.65 55.50
N MET D 2502 67.70 18.21 56.69
CA MET D 2502 66.57 19.09 56.92
C MET D 2502 67.01 20.55 56.82
N VAL D 2503 68.32 20.76 56.80
CA VAL D 2503 68.88 22.10 56.66
C VAL D 2503 68.77 22.56 55.20
N LEU D 2504 69.15 21.68 54.28
CA LEU D 2504 69.07 21.98 52.86
C LEU D 2504 67.61 21.91 52.39
N PHE D 2505 66.75 21.35 53.23
CA PHE D 2505 65.34 21.21 52.90
C PHE D 2505 64.59 22.50 53.13
N LEU D 2506 65.20 23.41 53.89
CA LEU D 2506 64.58 24.69 54.19
C LEU D 2506 65.37 25.84 53.58
N ASP D 2507 66.60 25.54 53.18
CA ASP D 2507 67.47 26.55 52.57
C ASP D 2507 67.04 26.82 51.13
N ARG D 2508 66.43 25.82 50.50
CA ARG D 2508 66.02 25.94 49.10
C ARG D 2508 64.61 25.44 48.88
N VAL D 2509 63.66 25.97 49.67
CA VAL D 2509 62.26 25.62 49.52
C VAL D 2509 61.37 26.70 50.13
N TYR D 2510 61.64 27.04 51.38
CA TYR D 2510 60.91 28.11 52.06
C TYR D 2510 61.82 29.31 52.23
N GLY D 2511 63.07 29.05 52.60
CA GLY D 2511 64.12 30.08 52.68
C GLY D 2511 63.89 31.13 53.76
N ILE D 2512 64.97 31.78 54.17
CA ILE D 2512 64.89 32.86 55.14
C ILE D 2512 64.31 34.10 54.49
N GLU D 2513 63.66 34.96 55.28
CA GLU D 2513 63.01 36.15 54.74
C GLU D 2513 62.97 37.29 55.74
N ASN D 2514 62.00 37.25 56.65
CA ASN D 2514 61.79 38.34 57.60
C ASN D 2514 62.84 38.36 58.70
N GLN D 2515 62.39 38.16 59.94
CA GLN D 2515 63.27 38.16 61.09
C GLN D 2515 63.09 36.89 61.92
N ASP D 2516 62.64 35.83 61.27
CA ASP D 2516 62.45 34.55 61.94
C ASP D 2516 63.78 33.84 62.13
N PHE D 2517 64.83 34.42 61.55
CA PHE D 2517 66.18 33.88 61.68
C PHE D 2517 66.61 33.88 63.15
N LEU D 2518 66.10 34.85 63.90
CA LEU D 2518 66.40 34.94 65.33
C LEU D 2518 65.81 33.73 66.07
N LEU D 2519 64.57 33.39 65.73
CA LEU D 2519 63.92 32.21 66.31
C LEU D 2519 64.61 30.95 65.78
N HIS D 2520 65.13 31.04 64.56
CA HIS D 2520 65.89 29.94 63.97
C HIS D 2520 67.26 29.86 64.62
N VAL D 2521 67.78 31.00 65.06
CA VAL D 2521 69.05 31.04 65.77
C VAL D 2521 68.83 30.71 67.24
N LEU D 2522 67.56 30.63 67.64
CA LEU D 2522 67.23 30.26 69.01
C LEU D 2522 66.96 28.76 69.08
N ASP D 2523 67.57 28.02 68.17
CA ASP D 2523 67.43 26.56 68.13
C ASP D 2523 68.64 25.94 67.45
N VAL D 2524 69.21 26.67 66.50
CA VAL D 2524 70.40 26.21 65.78
C VAL D 2524 71.66 26.50 66.59
N GLY D 2525 71.63 27.60 67.35
CA GLY D 2525 72.78 27.97 68.17
C GLY D 2525 72.86 27.10 69.42
N PHE D 2526 71.76 26.42 69.74
CA PHE D 2526 71.75 25.51 70.87
C PHE D 2526 72.72 24.35 70.62
N LEU D 2527 72.79 23.92 69.36
CA LEU D 2527 73.74 22.89 68.97
C LEU D 2527 75.12 23.49 68.82
N PRO D 2528 75.17 24.75 68.40
CA PRO D 2528 76.43 25.46 68.24
C PRO D 2528 77.01 25.83 69.60
N ASP D 2529 76.17 25.77 70.63
CA ASP D 2529 76.61 26.04 71.99
C ASP D 2529 77.60 24.98 72.45
N MET D 2530 77.52 23.80 71.85
CA MET D 2530 78.46 22.73 72.12
C MET D 2530 79.58 22.75 71.09
N ARG D 2531 80.11 23.94 70.84
CA ARG D 2531 81.18 24.12 69.87
C ARG D 2531 82.47 23.48 70.37
N ALA D 2532 83.19 24.19 71.23
CA ALA D 2532 84.44 23.70 71.78
C ALA D 2532 84.19 22.98 73.11
N ALA D 2533 83.07 22.28 73.20
CA ALA D 2533 82.72 21.54 74.40
C ALA D 2533 83.46 20.21 74.45
N ALA D 2534 84.18 19.91 73.36
CA ALA D 2534 84.97 18.68 73.29
C ALA D 2534 86.29 18.96 72.59
N SER D 2535 86.41 20.14 72.00
CA SER D 2535 87.62 20.53 71.28
C SER D 2535 88.73 20.92 72.26
N LEU D 2536 89.25 19.94 72.98
CA LEU D 2536 90.31 20.18 73.95
C LEU D 2536 91.02 18.89 74.33
N ASP D 2537 90.30 18.01 75.03
CA ASP D 2537 90.85 16.74 75.46
C ASP D 2537 91.19 15.84 74.27
N THR D 2538 90.17 15.27 73.65
CA THR D 2538 90.37 14.38 72.52
C THR D 2538 89.27 14.53 71.48
N ALA D 2539 88.02 14.49 71.93
CA ALA D 2539 86.84 14.55 71.05
C ALA D 2539 86.84 13.42 70.04
N THR D 2540 86.16 12.34 70.38
CA THR D 2540 86.09 11.17 69.51
C THR D 2540 85.30 11.45 68.24
N PHE D 2541 83.99 11.26 68.30
CA PHE D 2541 83.13 11.48 67.15
C PHE D 2541 83.08 12.96 66.76
N SER D 2542 83.88 13.32 65.77
CA SER D 2542 83.95 14.70 65.30
C SER D 2542 82.95 14.94 64.18
N THR D 2543 81.75 14.40 64.34
CA THR D 2543 80.70 14.55 63.33
C THR D 2543 80.06 15.94 63.42
N THR D 2544 80.35 16.64 64.50
CA THR D 2544 79.83 18.00 64.69
C THR D 2544 80.51 18.96 63.71
N GLU D 2545 81.73 18.63 63.33
CA GLU D 2545 82.46 19.43 62.35
C GLU D 2545 81.85 19.25 60.96
N MET D 2546 81.19 18.11 60.76
CA MET D 2546 80.53 17.82 59.49
C MET D 2546 79.24 18.62 59.39
N ALA D 2547 78.71 19.04 60.53
CA ALA D 2547 77.51 19.86 60.57
C ALA D 2547 77.87 21.33 60.34
N LEU D 2548 79.16 21.61 60.30
CA LEU D 2548 79.65 22.95 60.02
C LEU D 2548 80.04 23.07 58.56
N ALA D 2549 79.29 22.39 57.71
CA ALA D 2549 79.51 22.43 56.27
C ALA D 2549 78.18 22.68 55.56
N LEU D 2550 77.13 22.89 56.35
CA LEU D 2550 75.80 23.12 55.81
C LEU D 2550 74.93 23.90 56.79
N ASN D 2551 75.58 24.55 57.75
CA ASN D 2551 74.86 25.36 58.73
C ASN D 2551 75.52 26.72 58.89
N ARG D 2552 76.82 26.74 59.12
CA ARG D 2552 77.57 27.98 59.23
C ARG D 2552 77.70 28.64 57.86
N TYR D 2553 77.64 27.82 56.82
CA TYR D 2553 77.70 28.32 55.46
C TYR D 2553 76.39 29.01 55.10
N LEU D 2554 75.29 28.51 55.67
CA LEU D 2554 73.98 29.09 55.44
C LEU D 2554 73.82 30.39 56.21
N CYS D 2555 74.47 30.47 57.37
CA CYS D 2555 74.42 31.68 58.19
C CYS D 2555 75.33 32.75 57.59
N LEU D 2556 76.40 32.32 56.95
CA LEU D 2556 77.31 33.24 56.29
C LEU D 2556 76.80 33.58 54.90
N ALA D 2557 75.52 33.91 54.81
CA ALA D 2557 74.89 34.25 53.55
C ALA D 2557 73.69 35.16 53.79
N VAL D 2558 73.68 35.80 54.97
CA VAL D 2558 72.61 36.70 55.34
C VAL D 2558 73.16 37.91 56.07
N LEU D 2559 73.26 39.04 55.38
CA LEU D 2559 73.75 40.27 55.96
C LEU D 2559 72.62 41.01 56.69
N PRO D 2560 71.43 40.40 56.66
CA PRO D 2560 70.28 40.98 57.33
C PRO D 2560 70.47 40.95 58.85
N LEU D 2561 70.73 42.11 59.43
CA LEU D 2561 70.93 42.21 60.88
C LEU D 2561 70.34 43.52 61.40
N ILE D 2562 69.73 43.46 62.58
CA ILE D 2562 69.11 44.64 63.18
C ILE D 2562 69.64 44.87 64.59
N THR D 2563 68.72 45.07 65.53
CA THR D 2563 69.09 45.32 66.92
C THR D 2563 68.04 44.80 67.88
N LYS D 2564 67.80 45.55 68.95
CA LYS D 2564 66.80 45.21 69.97
C LYS D 2564 67.09 43.85 70.62
N CYS D 2565 68.35 43.44 70.61
CA CYS D 2565 68.76 42.17 71.20
C CYS D 2565 70.26 42.13 71.40
N ALA D 2566 70.72 41.17 72.20
CA ALA D 2566 72.15 41.02 72.48
C ALA D 2566 72.54 39.54 72.47
N PRO D 2567 71.66 38.70 71.93
CA PRO D 2567 71.92 37.27 71.85
C PRO D 2567 73.02 36.99 70.82
N LEU D 2568 73.22 37.94 69.91
CA LEU D 2568 74.25 37.82 68.89
C LEU D 2568 75.64 37.87 69.53
N PHE D 2569 75.74 38.57 70.66
CA PHE D 2569 77.01 38.68 71.37
C PHE D 2569 77.46 37.30 71.87
N ALA D 2570 76.50 36.48 72.26
CA ALA D 2570 76.80 35.12 72.69
C ALA D 2570 77.19 34.29 71.48
N GLY D 2571 76.63 34.64 70.32
CA GLY D 2571 76.90 33.92 69.08
C GLY D 2571 78.18 34.44 68.43
N THR D 2572 78.52 35.69 68.70
CA THR D 2572 79.72 36.29 68.15
C THR D 2572 80.97 35.63 68.71
N GLU D 2573 81.00 35.45 70.02
CA GLU D 2573 82.14 34.81 70.68
C GLU D 2573 82.15 33.32 70.39
N HIS D 2574 80.96 32.76 70.16
CA HIS D 2574 80.84 31.34 69.87
C HIS D 2574 81.58 30.96 68.60
N ARG D 2575 81.51 31.84 67.60
CA ARG D 2575 82.24 31.64 66.36
C ARG D 2575 83.73 31.79 66.61
N ALA D 2576 84.08 32.71 67.51
CA ALA D 2576 85.47 32.92 67.89
C ALA D 2576 85.94 31.74 68.75
N ILE D 2577 85.01 31.14 69.48
CA ILE D 2577 85.32 29.99 70.32
C ILE D 2577 85.55 28.76 69.45
N MET D 2578 84.90 28.73 68.30
CA MET D 2578 85.07 27.63 67.35
C MET D 2578 86.37 27.80 66.59
N VAL D 2579 86.83 29.05 66.48
CA VAL D 2579 88.07 29.35 65.78
C VAL D 2579 89.24 29.40 66.76
N ASP D 2580 89.00 28.97 67.99
CA ASP D 2580 90.03 28.97 69.01
C ASP D 2580 91.11 27.95 68.66
N SER D 2581 90.69 26.80 68.17
CA SER D 2581 91.62 25.75 67.75
C SER D 2581 92.37 26.18 66.50
N MET D 2582 93.68 26.29 66.59
CA MET D 2582 94.51 26.69 65.46
C MET D 2582 94.85 25.49 64.58
N LEU D 2583 94.65 24.29 65.12
CA LEU D 2583 94.95 23.06 64.39
C LEU D 2583 94.21 21.87 64.99
N HIS D 2584 93.66 22.05 66.18
CA HIS D 2584 92.96 20.98 66.87
C HIS D 2584 91.67 20.60 66.15
N THR D 2585 91.79 19.67 65.21
CA THR D 2585 90.65 19.17 64.43
C THR D 2585 89.91 20.30 63.74
N VAL D 2586 90.47 20.80 62.63
CA VAL D 2586 89.86 21.91 61.92
C VAL D 2586 89.89 21.69 60.41
N TYR D 2587 90.94 21.02 59.92
CA TYR D 2587 91.18 20.81 58.49
C TYR D 2587 91.42 22.13 57.76
N ARG D 2588 92.54 22.21 57.04
CA ARG D 2588 92.96 23.44 56.37
C ARG D 2588 91.92 23.97 55.39
N LEU D 2589 91.01 23.11 54.95
CA LEU D 2589 89.97 23.52 54.02
C LEU D 2589 88.67 23.84 54.76
N SER D 2590 88.39 23.09 55.82
CA SER D 2590 87.16 23.27 56.58
C SER D 2590 87.29 24.43 57.55
N ARG D 2591 88.52 24.89 57.77
CA ARG D 2591 88.77 26.01 58.68
C ARG D 2591 88.41 27.33 58.01
N GLY D 2592 88.46 27.35 56.68
CA GLY D 2592 88.16 28.55 55.92
C GLY D 2592 86.68 28.90 55.97
N ARG D 2593 85.84 27.89 56.19
CA ARG D 2593 84.40 28.09 56.27
C ARG D 2593 84.04 28.86 57.53
N SER D 2594 84.68 28.52 58.64
CA SER D 2594 84.44 29.20 59.90
C SER D 2594 85.15 30.54 59.94
N LEU D 2595 86.25 30.64 59.19
CA LEU D 2595 87.01 31.88 59.12
C LEU D 2595 86.28 32.93 58.30
N THR D 2596 85.62 32.49 57.24
CA THR D 2596 84.87 33.40 56.37
C THR D 2596 83.46 33.60 56.92
N LYS D 2597 83.13 32.90 57.99
CA LYS D 2597 81.82 33.02 58.61
C LYS D 2597 81.73 34.26 59.48
N ALA D 2598 82.87 34.69 60.02
CA ALA D 2598 82.90 35.84 60.89
C ALA D 2598 83.53 37.05 60.19
N GLN D 2599 84.40 36.79 59.23
CA GLN D 2599 85.09 37.85 58.50
C GLN D 2599 84.11 38.71 57.72
N ARG D 2600 82.95 38.14 57.40
CA ARG D 2600 81.91 38.87 56.68
C ARG D 2600 80.72 39.14 57.58
N ASP D 2601 80.78 38.65 58.81
CA ASP D 2601 79.70 38.86 59.77
C ASP D 2601 79.87 40.18 60.49
N VAL D 2602 80.99 40.86 60.24
CA VAL D 2602 81.28 42.14 60.87
C VAL D 2602 80.55 43.28 60.16
N ILE D 2603 80.46 43.17 58.84
CA ILE D 2603 79.81 44.22 58.04
C ILE D 2603 78.30 44.06 58.03
N GLU D 2604 77.70 44.04 59.22
CA GLU D 2604 76.25 43.91 59.34
C GLU D 2604 75.79 44.31 60.74
N ASP D 2605 76.72 44.28 61.69
CA ASP D 2605 76.42 44.65 63.07
C ASP D 2605 76.14 46.14 63.18
N CYS D 2606 75.55 46.55 64.30
CA CYS D 2606 75.20 47.95 64.51
C CYS D 2606 76.32 48.73 65.19
N LEU D 2607 77.56 48.39 64.84
CA LEU D 2607 78.74 49.04 65.42
C LEU D 2607 78.75 48.97 66.93
N MET D 2608 78.17 47.90 67.48
CA MET D 2608 78.08 47.72 68.93
C MET D 2608 78.86 46.49 69.36
N ALA D 2609 79.82 46.07 68.55
CA ALA D 2609 80.67 44.94 68.88
C ALA D 2609 81.54 45.29 70.09
N LEU D 2610 80.98 45.08 71.28
CA LEU D 2610 81.64 45.47 72.52
C LEU D 2610 82.65 44.44 73.00
N CYS D 2611 82.16 43.41 73.68
CA CYS D 2611 83.03 42.42 74.31
C CYS D 2611 83.87 41.64 73.30
N ARG D 2612 83.43 41.62 72.05
CA ARG D 2612 84.16 40.93 70.99
C ARG D 2612 85.55 41.52 70.81
N TYR D 2613 85.65 42.84 70.97
CA TYR D 2613 86.93 43.53 70.89
C TYR D 2613 87.74 43.25 72.14
N ILE D 2614 87.06 43.21 73.29
CA ILE D 2614 87.71 42.93 74.56
C ILE D 2614 88.10 41.47 74.65
N ARG D 2615 87.42 40.62 73.88
CA ARG D 2615 87.76 39.21 73.82
C ARG D 2615 89.13 39.05 73.19
N PRO D 2616 89.39 39.84 72.15
CA PRO D 2616 90.71 39.87 71.53
C PRO D 2616 91.65 40.68 72.42
N SER D 2617 91.37 41.97 72.54
CA SER D 2617 92.14 42.88 73.39
C SER D 2617 93.63 42.81 73.10
N MET D 2618 94.37 42.12 73.97
CA MET D 2618 95.81 41.94 73.79
C MET D 2618 96.13 40.48 73.53
N LEU D 2619 95.14 39.61 73.70
CA LEU D 2619 95.31 38.20 73.38
C LEU D 2619 95.53 38.04 71.89
N GLN D 2620 94.89 38.91 71.11
CA GLN D 2620 95.13 38.97 69.68
C GLN D 2620 96.52 39.51 69.42
N HIS D 2621 96.92 40.48 70.24
CA HIS D 2621 98.27 41.04 70.17
C HIS D 2621 99.28 40.00 70.65
N LEU D 2622 98.85 39.18 71.61
CA LEU D 2622 99.68 38.09 72.10
C LEU D 2622 99.85 37.05 71.01
N LEU D 2623 100.90 36.24 71.12
CA LEU D 2623 101.24 35.25 70.10
C LEU D 2623 101.38 35.92 68.75
N ARG D 2624 102.08 37.05 68.72
CA ARG D 2624 102.29 37.81 67.50
C ARG D 2624 103.42 37.21 66.66
N ARG D 2625 103.41 35.90 66.53
CA ARG D 2625 104.40 35.17 65.74
C ARG D 2625 103.86 33.79 65.39
N LEU D 2626 102.54 33.65 65.48
CA LEU D 2626 101.89 32.39 65.20
C LEU D 2626 101.06 32.46 63.92
N VAL D 2627 100.52 31.32 63.50
CA VAL D 2627 99.69 31.25 62.31
C VAL D 2627 98.27 31.72 62.61
N PHE D 2628 97.95 31.80 63.90
CA PHE D 2628 96.63 32.24 64.33
C PHE D 2628 96.53 33.76 64.34
N ASP D 2629 97.59 34.43 63.90
CA ASP D 2629 97.62 35.89 63.86
C ASP D 2629 96.70 36.44 62.78
N VAL D 2630 96.76 35.86 61.59
CA VAL D 2630 95.98 36.34 60.46
C VAL D 2630 94.49 36.06 60.60
N PRO D 2631 94.12 35.41 61.69
CA PRO D 2631 92.72 35.07 61.96
C PRO D 2631 91.91 36.32 62.29
N ILE D 2632 92.52 37.23 63.05
CA ILE D 2632 91.83 38.44 63.47
C ILE D 2632 92.57 39.70 63.05
N LEU D 2633 93.75 39.52 62.45
CA LEU D 2633 94.56 40.65 62.01
C LEU D 2633 93.85 41.40 60.88
N ASN D 2634 93.45 40.66 59.85
CA ASN D 2634 92.75 41.24 58.71
C ASN D 2634 91.33 41.62 59.12
N GLU D 2635 90.81 40.95 60.13
CA GLU D 2635 89.46 41.21 60.62
C GLU D 2635 89.42 42.53 61.40
N PHE D 2636 90.51 42.86 62.06
CA PHE D 2636 90.60 44.09 62.83
C PHE D 2636 90.74 45.29 61.89
N ALA D 2637 91.40 45.08 60.75
CA ALA D 2637 91.60 46.14 59.78
C ALA D 2637 90.30 46.49 59.08
N LYS D 2638 89.35 45.56 59.09
CA LYS D 2638 88.05 45.78 58.47
C LYS D 2638 87.18 46.70 59.32
N MET D 2639 87.46 46.75 60.61
CA MET D 2639 86.70 47.59 61.53
C MET D 2639 87.18 49.03 61.43
N PRO D 2640 88.48 49.22 61.33
CA PRO D 2640 89.07 50.56 61.26
C PRO D 2640 88.87 51.18 59.88
N LEU D 2641 88.69 50.34 58.87
CA LEU D 2641 88.49 50.82 57.50
C LEU D 2641 87.02 51.11 57.24
N LYS D 2642 86.20 50.97 58.28
CA LYS D 2642 84.77 51.23 58.18
C LYS D 2642 84.32 52.12 59.34
N LEU D 2643 85.25 52.86 59.91
CA LEU D 2643 84.97 53.72 61.04
C LEU D 2643 86.02 54.82 61.19
N LEU D 2644 86.57 55.26 60.06
CA LEU D 2644 87.60 56.29 60.07
C LEU D 2644 86.98 57.68 60.12
N THR D 2645 85.81 57.79 60.74
CA THR D 2645 85.11 59.05 60.86
C THR D 2645 84.03 58.95 61.93
N ASN D 2646 83.95 57.79 62.58
CA ASN D 2646 82.96 57.57 63.63
C ASN D 2646 83.42 56.49 64.60
N HIS D 2647 82.47 55.83 65.24
CA HIS D 2647 82.74 54.78 66.21
C HIS D 2647 83.65 55.28 67.33
N TYR D 2648 83.57 56.58 67.61
CA TYR D 2648 84.36 57.18 68.67
C TYR D 2648 83.45 57.64 69.81
N GLU D 2649 82.25 57.07 69.85
CA GLU D 2649 81.28 57.40 70.88
C GLU D 2649 81.30 56.37 72.00
N ARG D 2650 82.48 56.18 72.60
CA ARG D 2650 82.63 55.24 73.70
C ARG D 2650 83.56 55.82 74.77
N CYS D 2651 84.24 54.95 75.50
CA CYS D 2651 85.16 55.37 76.54
C CYS D 2651 86.25 54.33 76.76
N TRP D 2652 85.88 53.21 77.38
CA TRP D 2652 86.82 52.14 77.65
C TRP D 2652 87.33 51.53 76.35
N LYS D 2653 86.45 51.48 75.35
CA LYS D 2653 86.82 50.96 74.03
C LYS D 2653 87.84 51.89 73.38
N TYR D 2654 87.65 53.19 73.57
CA TYR D 2654 88.59 54.18 73.05
C TYR D 2654 89.93 54.02 73.76
N TYR D 2655 89.87 53.63 75.03
CA TYR D 2655 91.07 53.37 75.82
C TYR D 2655 91.65 52.01 75.43
N CYS D 2656 90.78 51.09 75.04
CA CYS D 2656 91.20 49.75 74.65
C CYS D 2656 91.92 49.78 73.32
N LEU D 2657 91.53 50.72 72.46
CA LEU D 2657 92.15 50.87 71.15
C LEU D 2657 93.60 51.29 71.31
N PRO D 2658 93.84 52.29 72.15
CA PRO D 2658 95.19 52.76 72.41
C PRO D 2658 95.96 51.72 73.19
N THR D 2659 95.27 50.98 74.05
CA THR D 2659 95.87 49.91 74.82
C THR D 2659 96.39 48.82 73.90
N GLY D 2660 95.67 48.61 72.80
CA GLY D 2660 96.07 47.63 71.80
C GLY D 2660 97.12 48.24 70.87
N TRP D 2661 96.95 49.52 70.54
CA TRP D 2661 97.83 50.21 69.62
C TRP D 2661 99.26 50.29 70.17
N ALA D 2662 99.37 50.61 71.46
CA ALA D 2662 100.67 50.71 72.11
C ALA D 2662 101.31 49.34 72.25
N ASN D 2663 100.49 48.33 72.53
CA ASN D 2663 100.98 46.97 72.68
C ASN D 2663 101.21 46.31 71.33
N PHE D 2664 100.67 46.92 70.27
CA PHE D 2664 100.81 46.39 68.92
C PHE D 2664 102.24 46.52 68.40
N GLY D 2665 103.02 47.37 69.07
CA GLY D 2665 104.42 47.57 68.70
C GLY D 2665 105.18 46.26 68.81
N VAL D 2666 105.45 45.85 70.05
CA VAL D 2666 106.12 44.58 70.35
C VAL D 2666 107.44 44.44 69.60
N THR D 2667 107.62 43.30 68.94
CA THR D 2667 108.84 43.03 68.19
C THR D 2667 108.86 43.83 66.89
N SER D 2668 109.45 45.03 66.94
CA SER D 2668 109.59 45.86 65.75
C SER D 2668 110.92 45.55 65.06
N GLU D 2669 111.77 44.80 65.74
CA GLU D 2669 113.06 44.40 65.19
C GLU D 2669 113.44 43.00 65.66
N GLU D 2670 112.99 41.99 64.92
CA GLU D 2670 113.28 40.61 65.25
C GLU D 2670 113.27 39.73 64.00
N GLU D 2671 112.08 39.31 63.59
CA GLU D 2671 111.94 38.50 62.39
C GLU D 2671 112.25 39.33 61.15
N LEU D 2672 113.44 39.12 60.58
CA LEU D 2672 113.87 39.87 59.42
C LEU D 2672 113.31 39.28 58.13
N HIS D 2673 112.39 38.35 58.26
CA HIS D 2673 111.76 37.71 57.10
C HIS D 2673 110.97 38.74 56.30
N LEU D 2674 111.28 38.84 55.00
CA LEU D 2674 110.61 39.79 54.13
C LEU D 2674 109.17 39.40 53.86
N THR D 2675 108.90 38.09 53.91
CA THR D 2675 107.56 37.59 53.64
C THR D 2675 106.82 37.30 54.95
N ARG D 2676 107.31 37.87 56.04
CA ARG D 2676 106.70 37.65 57.35
C ARG D 2676 105.38 38.41 57.47
N LYS D 2677 104.71 38.24 58.60
CA LYS D 2677 103.44 38.92 58.84
C LYS D 2677 103.64 40.42 59.02
N LEU D 2678 104.88 40.82 59.30
CA LEU D 2678 105.21 42.23 59.47
C LEU D 2678 104.97 42.99 58.17
N PHE D 2679 105.40 42.41 57.06
CA PHE D 2679 105.20 43.02 55.75
C PHE D 2679 103.79 42.75 55.24
N TRP D 2680 103.11 41.81 55.89
CA TRP D 2680 101.74 41.48 55.53
C TRP D 2680 100.75 42.33 56.31
N GLY D 2681 100.89 42.31 57.64
CA GLY D 2681 100.01 43.08 58.51
C GLY D 2681 100.60 44.45 58.80
N ILE D 2682 101.28 45.03 57.80
CA ILE D 2682 101.85 46.37 57.93
C ILE D 2682 100.73 47.40 57.88
N PHE D 2683 99.67 47.08 57.15
CA PHE D 2683 98.52 47.96 57.02
C PHE D 2683 97.73 48.00 58.33
N ASP D 2684 97.91 46.96 59.15
CA ASP D 2684 97.24 46.89 60.45
C ASP D 2684 97.81 47.92 61.41
N SER D 2685 99.03 48.37 61.13
CA SER D 2685 99.68 49.38 61.95
C SER D 2685 99.08 50.76 61.68
N LEU D 2686 98.71 50.99 60.43
CA LEU D 2686 98.10 52.26 60.04
C LEU D 2686 96.68 52.36 60.57
N ALA D 2687 96.09 51.22 60.89
CA ALA D 2687 94.73 51.18 61.42
C ALA D 2687 94.69 51.70 62.85
N HIS D 2688 94.94 52.99 63.01
CA HIS D 2688 94.93 53.62 64.32
C HIS D 2688 94.64 55.11 64.18
N LYS D 2689 94.07 55.48 63.04
CA LYS D 2689 93.72 56.88 62.78
C LYS D 2689 92.35 57.20 63.34
N LYS D 2690 91.74 56.23 64.02
CA LYS D 2690 90.44 56.42 64.64
C LYS D 2690 90.56 57.40 65.81
N TYR D 2691 91.64 57.26 66.57
CA TYR D 2691 91.91 58.15 67.69
C TYR D 2691 92.28 59.54 67.19
N ASP D 2692 91.50 60.54 67.58
CA ASP D 2692 91.72 61.91 67.14
C ASP D 2692 92.90 62.54 67.89
N GLN D 2693 92.61 63.57 68.67
CA GLN D 2693 93.64 64.23 69.47
C GLN D 2693 93.73 63.58 70.84
N GLU D 2694 93.68 62.25 70.86
CA GLU D 2694 93.76 61.49 72.11
C GLU D 2694 95.22 61.23 72.47
N LEU D 2695 96.07 62.22 72.22
CA LEU D 2695 97.48 62.13 72.60
C LEU D 2695 97.58 62.28 74.12
N TYR D 2696 96.59 62.92 74.71
CA TYR D 2696 96.51 63.07 76.15
C TYR D 2696 95.29 62.34 76.68
N ARG D 2697 95.08 61.11 76.21
CA ARG D 2697 93.92 60.32 76.60
C ARG D 2697 94.14 59.63 77.94
N MET D 2698 95.39 59.25 78.21
CA MET D 2698 95.72 58.55 79.46
C MET D 2698 97.12 58.91 79.95
N ALA D 2699 97.53 58.28 81.04
CA ALA D 2699 98.83 58.54 81.63
C ALA D 2699 99.92 57.70 80.96
N MET D 2700 100.59 56.87 81.75
CA MET D 2700 101.65 56.01 81.24
C MET D 2700 101.91 54.85 82.18
N PRO D 2701 101.46 53.65 81.78
CA PRO D 2701 101.64 52.46 82.59
C PRO D 2701 101.89 51.23 81.72
N CYS D 2702 102.35 50.15 82.34
CA CYS D 2702 102.64 48.91 81.62
C CYS D 2702 102.41 47.70 82.53
N LEU D 2703 103.34 46.76 82.49
CA LEU D 2703 103.24 45.54 83.31
C LEU D 2703 104.10 45.67 84.55
N LEU D 2751 101.15 48.18 107.53
CA LEU D 2751 102.56 48.43 107.79
C LEU D 2751 102.91 48.05 109.23
N ASP D 2752 102.15 48.59 110.17
CA ASP D 2752 102.38 48.36 111.60
C ASP D 2752 101.06 47.91 112.20
N SER D 2753 100.99 47.85 113.54
CA SER D 2753 99.77 47.45 114.22
C SER D 2753 98.57 48.31 113.82
N PHE D 2754 98.80 49.45 113.19
CA PHE D 2754 97.71 50.26 112.66
C PHE D 2754 97.02 49.57 111.49
N ILE D 2755 97.70 48.61 110.84
CA ILE D 2755 97.08 47.92 109.70
C ILE D 2755 95.90 47.09 110.14
N ASN D 2756 95.89 46.61 111.39
CA ASN D 2756 94.74 45.87 111.89
C ASN D 2756 93.49 46.74 111.96
N LYS D 2757 93.64 48.06 112.02
CA LYS D 2757 92.52 48.99 111.98
C LYS D 2757 92.08 49.33 110.57
N PHE D 2758 92.84 48.94 109.54
CA PHE D 2758 92.36 49.11 108.17
C PHE D 2758 91.25 48.13 107.85
N ALA D 2759 91.35 46.90 108.35
CA ALA D 2759 90.26 45.95 108.19
C ALA D 2759 89.00 46.44 108.89
N GLU D 2760 89.16 47.26 109.93
CA GLU D 2760 88.01 47.93 110.53
C GLU D 2760 87.32 48.83 109.50
N TYR D 2761 88.10 49.66 108.80
CA TYR D 2761 87.52 50.55 107.79
C TYR D 2761 86.80 49.77 106.71
N THR D 2762 87.42 48.70 106.21
CA THR D 2762 86.76 47.86 105.21
C THR D 2762 85.47 47.29 105.76
N HIS D 2763 85.43 47.00 107.06
CA HIS D 2763 84.20 46.57 107.72
C HIS D 2763 83.29 47.72 108.12
N GLU D 2764 83.88 48.87 108.51
CA GLU D 2764 83.05 50.00 108.92
C GLU D 2764 82.14 50.46 107.80
N LYS D 2765 82.65 50.53 106.57
CA LYS D 2765 81.80 50.78 105.42
C LYS D 2765 80.92 49.57 105.11
N TRP D 2766 81.43 48.36 105.35
CA TRP D 2766 80.65 47.15 105.06
C TRP D 2766 79.59 46.89 106.11
N ALA D 2767 79.82 47.28 107.36
CA ALA D 2767 78.79 47.13 108.39
C ALA D 2767 77.71 48.19 108.29
N PHE D 2768 78.08 49.41 107.90
CA PHE D 2768 77.13 50.53 107.94
C PHE D 2768 75.96 50.32 106.99
N ASP D 2769 76.25 49.84 105.77
CA ASP D 2769 75.18 49.72 104.77
C ASP D 2769 74.24 48.55 105.06
N LYS D 2770 74.66 47.58 105.87
CA LYS D 2770 73.79 46.44 106.16
C LYS D 2770 72.57 46.87 106.96
N ILE D 2771 72.77 47.63 108.03
CA ILE D 2771 71.64 48.20 108.77
C ILE D 2771 70.84 49.13 107.86
N GLN D 2772 71.55 49.86 106.99
CA GLN D 2772 70.87 50.70 106.01
C GLN D 2772 70.02 49.88 105.04
N ASN D 2773 70.36 48.60 104.85
CA ASN D 2773 69.69 47.73 103.90
C ASN D 2773 69.10 46.49 104.57
N ASN D 2774 68.55 46.66 105.78
CA ASN D 2774 67.76 45.68 106.51
C ASN D 2774 68.58 44.52 107.06
N TRP D 2775 69.90 44.47 106.83
CA TRP D 2775 70.74 43.40 107.34
C TRP D 2775 71.19 43.80 108.74
N SER D 2776 70.45 43.36 109.76
CA SER D 2776 70.70 43.89 111.12
C SER D 2776 71.68 43.02 111.91
N TYR D 2777 71.28 41.81 112.26
CA TYR D 2777 72.12 40.90 113.03
C TYR D 2777 71.36 39.61 113.31
N GLY D 2778 72.10 38.57 113.66
CA GLY D 2778 71.57 37.45 114.43
C GLY D 2778 71.98 36.04 114.06
N GLU D 2779 72.12 35.68 112.79
CA GLU D 2779 72.80 34.42 112.51
C GLU D 2779 73.83 34.52 111.39
N ASN D 2780 73.43 35.11 110.26
CA ASN D 2780 74.28 35.19 109.07
C ASN D 2780 73.61 36.00 107.97
N VAL D 2781 74.25 36.05 106.80
CA VAL D 2781 73.58 36.55 105.60
C VAL D 2781 72.63 35.47 105.09
N ASP D 2782 71.36 35.81 104.94
CA ASP D 2782 70.35 34.84 104.52
C ASP D 2782 69.16 35.59 103.94
N GLU D 2783 68.36 34.87 103.14
CA GLU D 2783 67.16 35.47 102.57
C GLU D 2783 66.01 35.48 103.55
N GLU D 2784 65.78 34.37 104.26
CA GLU D 2784 64.71 34.31 105.25
C GLU D 2784 65.05 35.07 106.52
N LEU D 2785 66.34 35.23 106.83
CA LEU D 2785 66.77 35.93 108.04
C LEU D 2785 67.08 37.40 107.77
N LYS D 2786 67.81 37.70 106.70
CA LYS D 2786 68.21 39.05 106.35
C LYS D 2786 68.92 39.73 107.52
N THR D 2787 70.02 39.13 107.95
CA THR D 2787 70.77 39.56 109.11
C THR D 2787 72.23 39.81 108.74
N HIS D 2788 72.94 40.44 109.66
CA HIS D 2788 74.37 40.73 109.49
C HIS D 2788 75.16 39.75 110.35
N PRO D 2789 75.94 38.85 109.74
CA PRO D 2789 76.62 37.81 110.53
C PRO D 2789 77.63 38.36 111.52
N MET D 2790 78.60 39.13 111.01
CA MET D 2790 79.73 39.59 111.82
C MET D 2790 79.46 41.04 112.25
N LEU D 2791 78.58 41.16 113.26
CA LEU D 2791 78.30 42.46 113.87
C LEU D 2791 79.23 42.63 115.07
N ARG D 2792 80.50 42.93 114.76
CA ARG D 2792 81.53 43.02 115.78
C ARG D 2792 82.72 43.77 115.22
N PRO D 2793 83.37 44.63 116.01
CA PRO D 2793 84.53 45.36 115.50
C PRO D 2793 85.73 44.45 115.30
N TYR D 2794 86.60 44.83 114.35
CA TYR D 2794 87.80 44.07 114.06
C TYR D 2794 88.95 44.39 115.01
N LYS D 2795 88.81 45.42 115.85
CA LYS D 2795 89.90 45.79 116.75
C LYS D 2795 90.24 44.63 117.69
N THR D 2796 89.23 43.98 118.24
CA THR D 2796 89.39 42.75 119.01
C THR D 2796 88.57 41.67 118.30
N PHE D 2797 89.19 41.01 117.33
CA PHE D 2797 88.49 40.11 116.44
C PHE D 2797 89.05 38.69 116.57
N SER D 2798 88.26 37.74 116.09
CA SER D 2798 88.66 36.33 116.04
C SER D 2798 89.54 36.11 114.80
N GLU D 2799 89.78 34.85 114.46
CA GLU D 2799 90.66 34.50 113.35
C GLU D 2799 89.90 34.19 112.06
N LYS D 2800 88.59 34.41 112.01
CA LYS D 2800 87.83 34.06 110.82
C LYS D 2800 88.09 35.05 109.68
N ASP D 2801 88.39 36.31 109.98
CA ASP D 2801 88.73 37.29 108.96
C ASP D 2801 90.21 37.34 108.65
N LYS D 2802 91.05 36.60 109.38
CA LYS D 2802 92.46 36.50 109.04
C LYS D 2802 92.69 35.79 107.72
N GLU D 2803 91.67 35.12 107.18
CA GLU D 2803 91.76 34.52 105.86
C GLU D 2803 91.52 35.52 104.74
N ILE D 2804 91.05 36.73 105.07
CA ILE D 2804 90.80 37.77 104.07
C ILE D 2804 91.73 38.94 104.34
N TYR D 2805 91.64 39.49 105.55
CA TYR D 2805 92.46 40.62 105.96
C TYR D 2805 93.80 40.11 106.48
N ARG D 2806 94.57 40.97 107.15
CA ARG D 2806 95.90 40.65 107.68
C ARG D 2806 96.89 40.46 106.54
N TRP D 2807 97.60 39.33 106.52
CA TRP D 2807 98.69 39.15 105.57
C TRP D 2807 98.30 39.44 104.12
N PRO D 2808 97.14 38.99 103.61
CA PRO D 2808 96.72 39.47 102.28
C PRO D 2808 96.59 40.99 102.20
N ILE D 2809 96.09 41.64 103.25
CA ILE D 2809 96.06 43.10 103.24
C ILE D 2809 97.38 43.69 103.71
N LYS D 2810 98.22 42.91 104.41
CA LYS D 2810 99.57 43.37 104.72
C LYS D 2810 100.40 43.46 103.45
N GLU D 2811 100.42 42.39 102.64
CA GLU D 2811 101.17 42.43 101.39
C GLU D 2811 100.61 43.47 100.44
N SER D 2812 99.33 43.81 100.57
CA SER D 2812 98.79 44.95 99.85
C SER D 2812 99.46 46.25 100.29
N LEU D 2813 99.77 46.36 101.59
CA LEU D 2813 100.46 47.53 102.13
C LEU D 2813 101.94 47.27 102.37
N LYS D 2814 102.44 46.07 102.04
CA LYS D 2814 103.86 45.76 102.17
C LYS D 2814 104.57 45.70 100.84
N ALA D 2815 103.85 45.47 99.74
CA ALA D 2815 104.47 45.54 98.42
C ALA D 2815 104.84 46.97 98.06
N MET D 2816 104.07 47.94 98.54
CA MET D 2816 104.34 49.35 98.24
C MET D 2816 105.67 49.80 98.84
N ILE D 2817 105.97 49.35 100.05
CA ILE D 2817 107.23 49.75 100.69
C ILE D 2817 108.42 49.07 100.03
N ALA D 2818 108.18 48.00 99.25
CA ALA D 2818 109.28 47.32 98.57
C ALA D 2818 109.81 48.17 97.42
N TRP D 2819 108.95 48.48 96.45
CA TRP D 2819 109.36 49.30 95.32
C TRP D 2819 109.22 50.79 95.63
N TYR D 2855 75.46 47.68 116.84
CA TYR D 2855 76.78 48.15 116.45
C TYR D 2855 76.72 48.86 115.11
N ASN D 2856 76.92 50.19 115.14
CA ASN D 2856 76.84 51.04 113.95
C ASN D 2856 78.11 51.85 113.84
N PRO D 2857 79.18 51.26 113.33
CA PRO D 2857 80.42 52.03 113.13
C PRO D 2857 80.25 53.09 112.05
N GLN D 2858 80.99 54.19 112.21
CA GLN D 2858 80.91 55.31 111.29
C GLN D 2858 82.21 55.44 110.50
N PRO D 2859 82.24 55.03 109.24
CA PRO D 2859 83.44 55.23 108.42
C PRO D 2859 83.54 56.66 107.95
N PRO D 2860 84.68 57.31 108.18
CA PRO D 2860 84.83 58.70 107.76
C PRO D 2860 85.01 58.82 106.25
N ASP D 2861 84.83 60.04 105.76
CA ASP D 2861 85.03 60.33 104.34
C ASP D 2861 86.51 60.33 104.02
N LEU D 2862 86.89 59.65 102.95
CA LEU D 2862 88.29 59.50 102.57
C LEU D 2862 88.69 60.42 101.42
N SER D 2863 87.73 60.99 100.68
CA SER D 2863 88.02 61.79 99.51
C SER D 2863 88.32 63.25 99.84
N GLY D 2864 88.76 63.54 101.06
CA GLY D 2864 89.09 64.91 101.42
C GLY D 2864 90.21 65.48 100.58
N VAL D 2865 91.20 64.66 100.24
CA VAL D 2865 92.30 65.06 99.38
C VAL D 2865 92.28 64.18 98.14
N THR D 2866 92.09 64.80 96.98
CA THR D 2866 92.10 64.05 95.72
C THR D 2866 93.52 63.61 95.40
N LEU D 2867 93.63 62.43 94.79
CA LEU D 2867 94.93 61.86 94.42
C LEU D 2867 95.45 62.58 93.17
N SER D 2868 96.49 63.39 93.34
CA SER D 2868 97.09 64.08 92.21
C SER D 2868 97.88 63.09 91.36
N ARG D 2869 98.41 63.59 90.23
CA ARG D 2869 99.11 62.73 89.29
C ARG D 2869 100.30 62.01 89.92
N GLU D 2870 100.87 62.57 90.98
CA GLU D 2870 101.90 61.84 91.73
C GLU D 2870 101.33 60.57 92.35
N LEU D 2871 100.08 60.63 92.82
CA LEU D 2871 99.42 59.48 93.42
C LEU D 2871 98.35 58.86 92.53
N GLN D 2872 97.81 59.60 91.57
CA GLN D 2872 96.78 59.04 90.69
C GLN D 2872 97.34 57.91 89.84
N ALA D 2873 98.52 58.11 89.25
CA ALA D 2873 99.17 57.04 88.51
C ALA D 2873 99.67 55.94 89.43
N MET D 2874 99.78 56.21 90.74
CA MET D 2874 100.14 55.17 91.69
C MET D 2874 98.95 54.28 92.04
N ALA D 2875 97.74 54.86 92.06
CA ALA D 2875 96.54 54.03 92.10
C ALA D 2875 96.37 53.25 90.81
N GLU D 2876 96.79 53.83 89.69
CA GLU D 2876 96.91 53.07 88.44
C GLU D 2876 97.80 51.85 88.63
N GLN D 2877 98.76 51.93 89.55
CA GLN D 2877 99.58 50.78 89.93
C GLN D 2877 98.95 49.96 91.04
N LEU D 2878 98.19 50.59 91.95
CA LEU D 2878 97.48 49.84 92.97
C LEU D 2878 96.39 48.96 92.37
N ALA D 2879 95.68 49.46 91.36
CA ALA D 2879 94.73 48.62 90.65
C ALA D 2879 95.44 47.53 89.86
N GLU D 2880 96.68 47.80 89.43
CA GLU D 2880 97.48 46.77 88.77
C GLU D 2880 97.79 45.61 89.71
N ASN D 2881 97.84 45.88 91.01
CA ASN D 2881 98.09 44.81 91.98
C ASN D 2881 96.95 43.80 91.98
N TYR D 2882 95.72 44.27 91.80
CA TYR D 2882 94.57 43.37 91.82
C TYR D 2882 94.62 42.38 90.65
N HIS D 2883 95.29 42.75 89.56
CA HIS D 2883 95.51 41.85 88.44
C HIS D 2883 96.90 41.24 88.44
N ASN D 2884 97.76 41.61 89.40
CA ASN D 2884 99.07 40.99 89.56
C ASN D 2884 99.09 39.97 90.70
N THR D 2885 98.74 40.41 91.91
CA THR D 2885 98.72 39.50 93.05
C THR D 2885 97.63 38.44 92.87
N TRP D 2886 96.41 38.88 92.59
CA TRP D 2886 95.32 37.94 92.32
C TRP D 2886 95.36 37.43 90.88
N GLY D 2887 95.86 38.24 89.95
CA GLY D 2887 95.94 37.80 88.56
C GLY D 2887 96.91 36.66 88.34
N ARG D 2888 98.05 36.69 89.04
CA ARG D 2888 98.95 35.55 89.01
C ARG D 2888 98.28 34.31 89.60
N LYS D 2889 97.53 34.50 90.69
CA LYS D 2889 96.71 33.40 91.21
C LYS D 2889 95.64 33.01 90.20
N LYS D 2890 95.10 33.98 89.46
CA LYS D 2890 94.11 33.67 88.43
C LYS D 2890 94.70 32.76 87.36
N LYS D 2891 95.94 33.03 86.94
CA LYS D 2891 96.62 32.10 86.05
C LYS D 2891 96.86 30.76 86.73
N GLN D 2892 97.10 30.76 88.03
CA GLN D 2892 97.28 29.53 88.80
C GLN D 2892 95.96 28.98 89.35
N GLU D 2893 94.84 29.66 89.09
CA GLU D 2893 93.54 29.17 89.51
C GLU D 2893 92.94 28.23 88.47
N LEU D 2894 92.96 28.63 87.19
CA LEU D 2894 92.42 27.79 86.13
C LEU D 2894 93.39 26.70 85.69
N GLU D 2895 94.67 26.82 86.04
CA GLU D 2895 95.67 25.81 85.71
C GLU D 2895 95.92 24.85 86.86
N ALA D 2896 95.17 24.97 87.96
CA ALA D 2896 95.27 24.03 89.07
C ALA D 2896 93.94 23.32 89.33
N LYS D 2897 92.99 23.44 88.40
CA LYS D 2897 91.69 22.78 88.52
C LYS D 2897 91.50 21.62 87.57
N GLY D 2898 92.20 21.61 86.44
CA GLY D 2898 92.08 20.52 85.48
C GLY D 2898 91.68 20.99 84.10
N GLY D 2899 91.94 22.26 83.80
CA GLY D 2899 91.66 22.84 82.50
C GLY D 2899 90.83 24.10 82.62
N GLY D 2900 90.33 24.56 81.49
CA GLY D 2900 89.51 25.75 81.43
C GLY D 2900 90.32 26.98 81.01
N THR D 2901 89.65 27.88 80.30
CA THR D 2901 90.26 29.13 79.85
C THR D 2901 89.28 30.27 80.04
N HIS D 2902 89.82 31.46 80.31
CA HIS D 2902 89.01 32.64 80.53
C HIS D 2902 89.61 33.82 79.76
N PRO D 2903 88.77 34.67 79.17
CA PRO D 2903 89.31 35.81 78.40
C PRO D 2903 89.94 36.90 79.25
N LEU D 2904 89.84 36.82 80.57
CA LEU D 2904 90.35 37.89 81.43
C LEU D 2904 91.87 37.95 81.42
N LEU D 2905 92.56 36.91 80.95
CA LEU D 2905 94.02 36.89 81.00
C LEU D 2905 94.62 37.85 79.98
N VAL D 2906 94.46 39.14 80.21
CA VAL D 2906 95.04 40.18 79.36
C VAL D 2906 95.64 41.24 80.27
N PRO D 2907 96.62 42.01 79.77
CA PRO D 2907 97.21 43.08 80.59
C PRO D 2907 96.18 44.08 81.07
N TYR D 2908 96.56 44.83 82.10
CA TYR D 2908 95.59 45.68 82.80
C TYR D 2908 95.09 46.82 81.92
N ASP D 2909 95.92 47.31 81.00
CA ASP D 2909 95.49 48.39 80.12
C ASP D 2909 94.30 48.01 79.24
N THR D 2910 94.07 46.72 79.04
CA THR D 2910 93.00 46.24 78.16
C THR D 2910 91.80 45.70 78.94
N LEU D 2911 91.68 46.05 80.22
CA LEU D 2911 90.57 45.57 81.02
C LEU D 2911 89.26 46.24 80.60
N THR D 2912 88.15 45.59 80.95
CA THR D 2912 86.84 46.09 80.60
C THR D 2912 86.48 47.30 81.46
N ALA D 2913 85.41 47.98 81.07
CA ALA D 2913 84.93 49.14 81.81
C ALA D 2913 84.48 48.78 83.22
N LYS D 2914 84.08 47.53 83.45
CA LYS D 2914 83.65 47.12 84.78
C LYS D 2914 84.83 47.01 85.74
N GLU D 2915 85.96 46.49 85.26
CA GLU D 2915 87.13 46.31 86.10
C GLU D 2915 88.05 47.54 86.11
N LYS D 2916 87.75 48.56 85.32
CA LYS D 2916 88.50 49.81 85.32
C LYS D 2916 87.76 50.92 86.07
N ALA D 2917 86.69 50.60 86.77
CA ALA D 2917 85.93 51.60 87.51
C ALA D 2917 85.75 51.19 88.97
N ARG D 2918 85.73 49.88 89.22
CA ARG D 2918 85.56 49.34 90.56
C ARG D 2918 86.88 48.96 91.22
N ASP D 2919 87.78 48.31 90.49
CA ASP D 2919 89.09 48.00 91.04
C ASP D 2919 89.91 49.27 91.28
N ARG D 2920 89.77 50.27 90.40
CA ARG D 2920 90.40 51.56 90.67
C ARG D 2920 89.82 52.20 91.92
N GLU D 2921 88.49 52.09 92.10
CA GLU D 2921 87.89 52.51 93.35
C GLU D 2921 88.43 51.69 94.52
N LYS D 2922 88.60 50.38 94.31
CA LYS D 2922 89.25 49.55 95.32
C LYS D 2922 90.71 49.95 95.51
N ALA D 2923 91.29 50.68 94.57
CA ALA D 2923 92.67 51.12 94.65
C ALA D 2923 92.81 52.60 95.03
N GLN D 2924 91.93 53.46 94.52
CA GLN D 2924 92.02 54.88 94.86
C GLN D 2924 91.75 55.13 96.33
N GLU D 2925 90.79 54.42 96.91
CA GLU D 2925 90.43 54.67 98.30
C GLU D 2925 91.50 54.19 99.28
N LEU D 2926 92.31 53.21 98.87
CA LEU D 2926 93.37 52.73 99.76
C LEU D 2926 94.40 53.82 100.02
N LEU D 2927 94.80 54.55 98.98
CA LEU D 2927 95.69 55.69 99.18
C LEU D 2927 95.02 56.75 100.06
N LYS D 2928 93.71 56.94 99.90
CA LYS D 2928 93.00 57.87 100.76
C LYS D 2928 93.03 57.41 102.21
N PHE D 2929 92.96 56.10 102.44
CA PHE D 2929 93.17 55.59 103.80
C PHE D 2929 94.61 55.81 104.26
N LEU D 2930 95.57 55.74 103.35
CA LEU D 2930 96.96 56.01 103.72
C LEU D 2930 97.10 57.43 104.23
N GLN D 2931 96.48 58.40 103.55
CA GLN D 2931 96.57 59.79 103.97
C GLN D 2931 95.91 60.03 105.33
N MET D 2932 95.07 59.11 105.79
CA MET D 2932 94.59 59.16 107.16
C MET D 2932 95.75 58.98 108.12
N ASN D 2933 95.77 59.79 109.18
CA ASN D 2933 96.81 59.74 110.21
C ASN D 2933 98.21 60.01 109.64
N GLY D 2934 98.27 60.75 108.54
CA GLY D 2934 99.53 61.23 108.01
C GLY D 2934 100.53 60.18 107.55
N TYR D 2935 100.07 59.20 106.77
CA TYR D 2935 100.95 58.20 106.16
C TYR D 2935 100.94 58.42 104.65
N ALA D 2936 101.80 59.33 104.19
CA ALA D 2936 101.91 59.65 102.77
C ALA D 2936 103.14 58.99 102.19
N VAL D 2937 102.95 58.23 101.11
CA VAL D 2937 104.03 57.51 100.43
C VAL D 2937 103.98 57.87 98.96
N THR D 2938 104.95 58.67 98.50
CA THR D 2938 105.05 59.06 97.11
C THR D 2938 106.46 58.75 96.61
N ARG D 2939 106.56 58.30 95.37
CA ARG D 2939 107.86 57.98 94.77
C ARG D 2939 108.27 59.07 93.79
N LEU D 2946 96.07 67.07 84.01
CA LEU D 2946 95.92 66.64 82.62
C LEU D 2946 96.96 67.31 81.74
N ASP D 2947 98.22 67.23 82.14
CA ASP D 2947 99.31 67.82 81.38
C ASP D 2947 99.45 67.15 80.03
N THR D 2948 99.40 67.95 78.97
CA THR D 2948 99.48 67.43 77.61
C THR D 2948 100.87 66.86 77.31
N SER D 2949 101.15 65.68 77.84
CA SER D 2949 102.39 64.98 77.56
C SER D 2949 102.38 64.51 76.11
N SER D 2950 101.17 64.32 75.58
CA SER D 2950 100.94 63.97 74.18
C SER D 2950 101.53 62.61 73.79
N ILE D 2951 100.65 61.63 73.61
CA ILE D 2951 101.05 60.32 73.13
C ILE D 2951 101.62 60.43 71.72
N GLU D 2952 101.11 61.41 70.98
CA GLU D 2952 101.63 61.69 69.64
C GLU D 2952 103.08 62.13 69.73
N LYS D 2953 103.37 62.97 70.72
CA LYS D 2953 104.74 63.40 70.99
C LYS D 2953 105.50 62.25 71.63
N ARG D 2954 104.80 61.43 72.40
CA ARG D 2954 105.39 60.25 73.01
C ARG D 2954 105.72 59.23 71.92
N PHE D 2955 104.86 59.18 70.90
CA PHE D 2955 105.13 58.37 69.72
C PHE D 2955 106.34 58.95 68.99
N ALA D 2956 106.40 60.28 68.97
CA ALA D 2956 107.55 60.98 68.41
C ALA D 2956 108.75 60.77 69.32
N PHE D 2957 108.50 60.67 70.62
CA PHE D 2957 109.54 60.38 71.59
C PHE D 2957 109.98 58.93 71.44
N GLY D 2958 109.02 58.06 71.12
CA GLY D 2958 109.33 56.67 70.82
C GLY D 2958 110.05 56.60 69.48
N PHE D 2959 109.76 57.58 68.63
CA PHE D 2959 110.46 57.71 67.35
C PHE D 2959 111.80 58.41 67.59
N LEU D 2960 111.85 59.26 68.60
CA LEU D 2960 113.08 59.97 68.95
C LEU D 2960 114.16 59.00 69.38
N GLN D 2961 113.76 57.98 70.15
CA GLN D 2961 114.68 56.93 70.59
C GLN D 2961 115.23 56.20 69.36
N GLN D 2962 114.38 56.06 68.34
CA GLN D 2962 114.79 55.47 67.08
C GLN D 2962 115.53 56.51 66.25
N LEU D 2963 115.17 57.77 66.43
CA LEU D 2963 115.83 58.87 65.72
C LEU D 2963 117.21 59.15 66.30
N LEU D 2964 117.30 59.10 67.63
CA LEU D 2964 118.58 59.29 68.31
C LEU D 2964 119.53 58.16 67.94
N ARG D 2965 118.97 56.97 67.75
CA ARG D 2965 119.73 55.85 67.23
C ARG D 2965 119.92 56.05 65.73
N TRP D 2966 119.22 55.24 64.94
CA TRP D 2966 119.24 55.35 63.48
C TRP D 2966 120.68 55.38 62.93
N MET D 2967 121.21 56.59 62.76
CA MET D 2967 122.56 56.77 62.25
C MET D 2967 123.60 56.43 63.31
N ASP D 2968 123.16 56.31 64.56
CA ASP D 2968 124.05 55.99 65.66
C ASP D 2968 124.41 54.51 65.66
N ILE D 2969 123.55 53.69 65.06
CA ILE D 2969 123.76 52.24 65.03
C ILE D 2969 123.96 51.73 63.62
N SER D 2970 123.33 52.38 62.65
CA SER D 2970 123.45 51.97 61.26
C SER D 2970 124.61 52.66 60.57
N GLN D 2971 124.59 53.99 60.55
CA GLN D 2971 125.63 54.77 59.88
C GLN D 2971 126.99 54.59 60.55
N GLU D 2972 126.99 54.09 61.79
CA GLU D 2972 128.22 53.78 62.48
C GLU D 2972 128.86 52.53 61.89
N PHE D 2973 128.07 51.80 61.09
CA PHE D 2973 128.55 50.60 60.42
C PHE D 2973 128.35 50.71 58.92
N ILE D 2974 127.34 51.48 58.51
CA ILE D 2974 127.05 51.67 57.09
C ILE D 2974 128.13 52.53 56.45
N ALA D 2975 128.56 53.56 57.17
CA ALA D 2975 129.61 54.45 56.68
C ALA D 2975 130.99 53.94 57.13
N HIS D 2976 131.00 52.76 57.75
CA HIS D 2976 132.23 52.15 58.22
C HIS D 2976 132.38 50.73 57.67
N ILE D 2995 121.93 42.96 59.99
CA ILE D 2995 121.29 42.89 61.29
C ILE D 2995 119.76 42.93 61.15
N LYS D 2996 119.06 42.45 62.17
CA LYS D 2996 117.61 42.45 62.17
C LYS D 2996 117.06 43.83 62.48
N PHE D 2997 117.93 44.72 62.94
CA PHE D 2997 117.55 46.08 63.29
C PHE D 2997 117.25 46.90 62.04
N PHE D 2998 117.67 46.39 60.88
CA PHE D 2998 117.43 47.07 59.62
C PHE D 2998 116.10 46.66 59.01
N ALA D 2999 115.10 46.47 59.87
CA ALA D 2999 113.76 46.09 59.43
C ALA D 2999 112.72 47.05 59.99
N LYS D 3000 113.06 47.69 61.11
CA LYS D 3000 112.16 48.65 61.75
C LYS D 3000 112.03 49.89 60.88
N ILE D 3001 113.07 50.20 60.11
CA ILE D 3001 113.04 51.34 59.21
C ILE D 3001 112.15 51.06 58.01
N LEU D 3002 111.94 49.78 57.73
CA LEU D 3002 111.07 49.38 56.63
C LEU D 3002 109.66 49.07 57.14
N LEU D 3003 109.33 49.62 58.30
CA LEU D 3003 108.03 49.40 58.91
C LEU D 3003 107.50 50.68 59.55
N PRO D 3004 108.40 51.48 60.10
CA PRO D 3004 108.03 52.73 60.76
C PRO D 3004 107.93 53.87 59.76
N LEU D 3005 108.82 53.86 58.77
CA LEU D 3005 108.83 54.90 57.75
C LEU D 3005 107.57 54.83 56.89
N ILE D 3006 107.07 53.62 56.67
CA ILE D 3006 105.85 53.43 55.90
C ILE D 3006 104.63 53.86 56.70
N ASN D 3007 104.72 53.72 58.02
CA ASN D 3007 103.62 54.08 58.90
C ASN D 3007 103.55 55.59 59.12
N GLN D 3008 104.68 56.26 58.89
CA GLN D 3008 104.76 57.71 59.10
C GLN D 3008 104.17 58.46 57.91
N TYR D 3009 104.01 57.77 56.79
CA TYR D 3009 103.46 58.39 55.59
C TYR D 3009 101.94 58.50 55.67
N PHE D 3010 101.35 57.81 56.63
CA PHE D 3010 99.90 57.80 56.78
C PHE D 3010 99.43 58.78 57.83
N THR D 3011 99.89 58.60 59.07
CA THR D 3011 99.45 59.40 60.21
C THR D 3011 99.67 60.89 60.00
N ASN D 3012 100.79 61.24 59.36
CA ASN D 3012 101.10 62.63 59.08
C ASN D 3012 100.14 63.19 58.02
N HIS D 3013 99.74 62.32 57.10
CA HIS D 3013 98.82 62.73 56.03
C HIS D 3013 97.37 62.49 56.45
N CYS D 3014 97.18 61.72 57.51
CA CYS D 3014 95.84 61.46 58.02
C CYS D 3014 95.33 62.66 58.79
N LEU D 3015 96.10 63.11 59.77
CA LEU D 3015 95.73 64.26 60.58
C LEU D 3015 95.72 65.53 59.74
N TYR D 3016 96.91 66.08 59.50
CA TYR D 3016 97.08 67.29 58.71
C TYR D 3016 96.25 68.45 59.26
N PHE D 3017 96.03 68.45 60.57
CA PHE D 3017 95.26 69.48 61.23
C PHE D 3017 95.78 69.70 62.65
N LEU D 3018 96.87 69.03 62.97
CA LEU D 3018 97.51 69.18 64.27
C LEU D 3018 98.09 70.59 64.38
N SER D 3019 98.43 71.17 63.23
CA SER D 3019 98.95 72.53 63.19
C SER D 3019 97.81 73.53 63.23
N THR D 3020 97.13 73.61 64.38
CA THR D 3020 96.02 74.52 64.55
C THR D 3020 95.73 74.80 66.02
N PRO D 3021 95.78 73.75 66.83
CA PRO D 3021 95.49 73.87 68.26
C PRO D 3021 96.73 73.66 69.12
N ALA D 3022 96.86 72.45 69.65
CA ALA D 3022 97.99 72.11 70.51
C ALA D 3022 99.30 72.07 69.71
N LYS D 3023 99.86 73.25 69.45
CA LYS D 3023 101.08 73.36 68.67
C LYS D 3023 102.31 72.99 69.50
N VAL D 3024 103.15 72.13 68.94
CA VAL D 3024 104.38 71.72 69.60
C VAL D 3024 105.52 71.70 68.59
N LEU D 3025 106.65 72.30 68.97
CA LEU D 3025 107.81 72.36 68.09
C LEU D 3025 108.53 71.02 68.04
N GLY D 3026 108.08 70.08 68.87
CA GLY D 3026 108.67 68.74 68.92
C GLY D 3026 108.48 68.02 67.59
N SER D 3027 107.40 68.36 66.89
CA SER D 3027 107.13 67.77 65.58
C SER D 3027 108.10 68.28 64.54
N GLY D 3028 108.46 69.55 64.65
CA GLY D 3028 109.39 70.17 63.72
C GLY D 3028 110.81 69.66 63.93
N GLY D 3029 111.07 69.14 65.13
CA GLY D 3029 112.38 68.61 65.47
C GLY D 3029 112.64 67.33 64.68
N HIS D 3030 111.65 66.45 64.64
CA HIS D 3030 111.78 65.17 63.93
C HIS D 3030 112.00 65.38 62.44
N ALA D 3031 111.49 66.49 61.91
CA ALA D 3031 111.67 66.83 60.51
C ALA D 3031 113.14 67.14 60.24
N SER D 3032 113.80 67.77 61.21
CA SER D 3032 115.20 68.12 61.08
C SER D 3032 116.10 67.02 61.63
N ASN D 3033 115.61 66.29 62.63
CA ASN D 3033 116.36 65.19 63.22
C ASN D 3033 116.52 64.06 62.21
N LYS D 3034 115.54 63.93 61.32
CA LYS D 3034 115.60 62.93 60.26
C LYS D 3034 116.32 63.51 59.04
N GLU D 3035 116.27 64.83 58.90
CA GLU D 3035 116.94 65.51 57.80
C GLU D 3035 118.44 65.29 57.86
N LYS D 3036 118.98 65.28 59.08
CA LYS D 3036 120.40 65.01 59.29
C LYS D 3036 120.71 63.56 58.97
N GLU D 3037 119.75 62.69 59.24
CA GLU D 3037 119.89 61.27 58.94
C GLU D 3037 119.65 61.03 57.45
N MET D 3038 118.89 61.94 56.84
CA MET D 3038 118.61 61.85 55.41
C MET D 3038 119.77 62.41 54.61
N ILE D 3039 120.73 63.02 55.29
CA ILE D 3039 121.90 63.59 54.65
C ILE D 3039 122.86 62.48 54.21
N THR D 3040 123.98 62.35 54.91
CA THR D 3040 125.03 61.39 54.57
C THR D 3040 125.44 61.55 53.12
N SER D 3041 124.64 60.99 52.22
CA SER D 3041 124.81 61.21 50.79
C SER D 3041 123.53 61.79 50.22
N LEU D 3042 123.41 63.13 50.30
CA LEU D 3042 122.21 63.82 49.85
C LEU D 3042 122.15 63.94 48.33
N PHE D 3043 122.75 62.97 47.64
CA PHE D 3043 122.76 62.94 46.19
C PHE D 3043 123.04 61.53 45.71
N CYS D 3044 122.85 60.55 46.61
CA CYS D 3044 123.11 59.16 46.28
C CYS D 3044 122.37 58.22 47.23
N LYS D 3045 122.94 58.00 48.41
CA LYS D 3045 122.41 57.08 49.42
C LYS D 3045 122.23 55.68 48.85
N LEU D 3046 121.31 54.92 49.42
CA LEU D 3046 121.06 53.55 48.97
C LEU D 3046 119.70 53.05 49.44
N ALA D 3047 119.45 51.76 49.21
CA ALA D 3047 118.22 51.08 49.66
C ALA D 3047 116.95 51.74 49.10
N ALA D 3048 116.32 52.59 49.89
CA ALA D 3048 115.06 53.20 49.50
C ALA D 3048 115.18 54.71 49.31
N LEU D 3049 114.40 55.24 48.38
CA LEU D 3049 114.35 56.67 48.13
C LEU D 3049 112.98 57.21 48.50
N VAL D 3050 112.15 56.35 49.09
CA VAL D 3050 110.80 56.72 49.49
C VAL D 3050 110.82 57.64 50.71
N ARG D 3051 111.95 57.67 51.40
CA ARG D 3051 112.12 58.55 52.54
C ARG D 3051 112.07 60.00 52.09
N HIS D 3052 112.50 60.26 50.85
CA HIS D 3052 112.40 61.58 50.26
C HIS D 3052 110.94 61.96 50.05
N ARG D 3053 110.14 60.96 49.65
CA ARG D 3053 108.71 61.14 49.48
C ARG D 3053 108.04 61.24 50.84
N VAL D 3054 108.58 60.52 51.81
CA VAL D 3054 108.09 60.58 53.18
C VAL D 3054 108.40 61.94 53.79
N SER D 3055 109.49 62.54 53.34
CA SER D 3055 109.88 63.87 53.77
C SER D 3055 108.95 64.90 53.14
N LEU D 3056 108.50 64.61 51.93
CA LEU D 3056 107.57 65.49 51.22
C LEU D 3056 106.22 65.53 51.92
N PHE D 3057 105.88 64.42 52.59
CA PHE D 3057 104.63 64.33 53.33
C PHE D 3057 104.71 65.17 54.60
N GLY D 3058 105.87 65.13 55.24
CA GLY D 3058 106.09 65.91 56.46
C GLY D 3058 106.36 67.37 56.11
N THR D 3059 106.65 67.61 54.84
CA THR D 3059 106.91 68.97 54.36
C THR D 3059 105.63 69.80 54.40
N ASP D 3060 104.49 69.15 54.19
CA ASP D 3060 103.21 69.84 54.20
C ASP D 3060 102.83 70.26 55.61
N ALA D 3061 103.30 69.51 56.60
CA ALA D 3061 103.01 69.79 58.00
C ALA D 3061 103.59 71.13 58.44
N PRO D 3062 104.76 71.47 57.89
CA PRO D 3062 105.41 72.73 58.21
C PRO D 3062 104.99 73.81 57.24
N ALA D 3063 105.33 73.62 55.97
CA ALA D 3063 104.95 74.56 54.92
C ALA D 3063 103.68 74.09 54.21
N VAL D 3134 106.85 84.64 68.62
CA VAL D 3134 106.94 83.44 69.45
C VAL D 3134 108.25 82.69 69.15
N ALA D 3135 108.32 81.45 69.63
CA ALA D 3135 109.51 80.62 69.42
C ALA D 3135 109.69 80.30 67.94
N LEU D 3136 108.73 79.56 67.39
CA LEU D 3136 108.74 79.15 65.98
C LEU D 3136 110.03 78.41 65.61
N LEU D 3137 111.12 79.15 65.44
CA LEU D 3137 112.40 78.55 65.09
C LEU D 3137 113.42 78.75 66.20
N PRO D 3138 114.36 77.81 66.31
CA PRO D 3138 115.41 77.89 67.33
C PRO D 3138 116.68 77.19 66.85
N VAL D 3139 117.12 76.20 67.62
CA VAL D 3139 118.31 75.44 67.27
C VAL D 3139 118.04 74.57 66.05
N LEU D 3140 118.39 75.07 64.87
CA LEU D 3140 118.17 74.35 63.62
C LEU D 3140 119.16 74.78 62.55
N THR D 3141 118.98 75.99 62.04
CA THR D 3141 119.81 76.54 60.96
C THR D 3141 119.84 75.61 59.76
N THR D 3142 118.68 75.03 59.45
CA THR D 3142 118.54 74.13 58.31
C THR D 3142 118.76 74.90 57.01
N LEU D 3143 118.28 76.13 56.98
CA LEU D 3143 118.48 77.01 55.82
C LEU D 3143 119.97 77.29 55.64
N PHE D 3144 120.66 77.47 56.75
CA PHE D 3144 122.11 77.65 56.72
C PHE D 3144 122.77 76.35 56.28
N GLN D 3145 122.19 75.23 56.69
CA GLN D 3145 122.69 73.92 56.29
C GLN D 3145 122.32 73.65 54.83
N HIS D 3146 121.27 74.32 54.36
CA HIS D 3146 120.84 74.17 52.98
C HIS D 3146 121.78 74.92 52.04
N ILE D 3147 122.45 75.93 52.57
CA ILE D 3147 123.37 76.74 51.78
C ILE D 3147 124.69 76.02 51.58
N ALA D 3148 124.90 74.92 52.30
CA ALA D 3148 126.14 74.18 52.24
C ALA D 3148 126.34 73.52 50.88
N GLN D 3149 125.61 72.44 50.63
CA GLN D 3149 125.77 71.66 49.40
C GLN D 3149 125.25 72.43 48.17
N HIS D 3150 124.36 73.39 48.40
CA HIS D 3150 123.79 74.16 47.31
C HIS D 3150 124.79 75.16 46.74
N GLN D 3151 125.79 75.51 47.55
CA GLN D 3151 126.82 76.46 47.12
C GLN D 3151 127.66 75.88 45.99
N PHE D 3152 128.32 74.76 46.27
CA PHE D 3152 129.17 74.10 45.28
C PHE D 3152 128.33 73.52 44.14
N GLY D 3153 127.03 73.41 44.37
CA GLY D 3153 126.11 72.91 43.34
C GLY D 3153 126.02 73.89 42.19
N ASP D 3154 126.38 75.15 42.46
CA ASP D 3154 126.42 76.17 41.42
C ASP D 3154 127.65 75.98 40.55
N ASP D 3155 128.69 75.38 41.13
CA ASP D 3155 129.92 75.08 40.39
C ASP D 3155 129.77 73.77 39.65
N VAL D 3156 128.71 73.02 39.97
CA VAL D 3156 128.43 71.75 39.29
C VAL D 3156 128.08 72.02 37.82
N ILE D 3157 127.48 73.16 37.56
CA ILE D 3157 127.19 73.58 36.19
C ILE D 3157 128.49 73.92 35.48
N LEU D 3158 129.45 74.43 36.25
CA LEU D 3158 130.77 74.75 35.72
C LEU D 3158 131.65 73.50 35.75
N ASP D 3159 131.16 72.45 36.41
CA ASP D 3159 131.86 71.19 36.47
C ASP D 3159 131.42 70.29 35.31
N ASP D 3160 130.62 70.86 34.41
CA ASP D 3160 130.14 70.14 33.24
C ASP D 3160 129.80 71.11 32.12
N VAL D 3161 130.40 72.29 32.16
CA VAL D 3161 130.17 73.31 31.14
C VAL D 3161 131.08 73.09 29.94
N CYS D 3170 127.51 65.76 42.90
CA CYS D 3170 126.25 66.44 42.74
C CYS D 3170 125.53 65.97 41.48
N SER D 3171 124.53 65.12 41.65
CA SER D 3171 123.76 64.59 40.52
C SER D 3171 122.34 64.27 40.94
N ILE D 3172 122.13 64.13 42.24
CA ILE D 3172 120.79 63.86 42.78
C ILE D 3172 120.46 64.84 43.89
N TYR D 3173 121.39 65.75 44.18
CA TYR D 3173 121.13 66.83 45.12
C TYR D 3173 120.25 67.87 44.44
N SER D 3174 120.26 67.85 43.12
CA SER D 3174 119.39 68.69 42.32
C SER D 3174 118.08 67.97 42.07
N LEU D 3175 117.95 66.78 42.65
CA LEU D 3175 116.75 65.97 42.50
C LEU D 3175 116.10 65.72 43.85
N GLY D 3176 116.79 65.00 44.73
CA GLY D 3176 116.26 64.66 46.04
C GLY D 3176 116.31 65.85 46.99
N THR D 3177 117.47 66.48 47.08
CA THR D 3177 117.66 67.62 47.97
C THR D 3177 116.98 68.87 47.42
N THR D 3178 116.56 68.81 46.17
CA THR D 3178 115.87 69.92 45.54
C THR D 3178 114.37 69.65 45.47
N LYS D 3179 113.98 68.42 45.82
CA LYS D 3179 112.57 68.05 45.84
C LYS D 3179 111.85 68.75 46.98
N ASN D 3180 112.27 68.45 48.21
CA ASN D 3180 111.68 69.06 49.39
C ASN D 3180 112.03 70.53 49.48
N THR D 3181 113.12 70.92 48.82
CA THR D 3181 113.54 72.32 48.78
C THR D 3181 112.54 73.14 47.97
N TYR D 3182 112.27 72.70 46.75
CA TYR D 3182 111.32 73.38 45.89
C TYR D 3182 109.90 73.23 46.42
N VAL D 3183 109.67 72.13 47.14
CA VAL D 3183 108.37 71.87 47.73
C VAL D 3183 108.08 72.87 48.86
N GLU D 3184 108.84 72.77 49.94
CA GLU D 3184 108.64 73.61 51.12
C GLU D 3184 108.69 75.10 50.79
N LYS D 3185 109.46 75.47 49.76
CA LYS D 3185 109.54 76.85 49.32
C LYS D 3185 108.23 77.28 48.68
N LEU D 3186 107.67 76.39 47.86
CA LEU D 3186 106.40 76.67 47.18
C LEU D 3186 105.22 76.32 48.09
N ARG D 3187 105.49 75.57 49.15
CA ARG D 3187 104.46 75.16 50.09
C ARG D 3187 104.31 76.16 51.22
N PRO D 3188 105.24 77.12 51.30
CA PRO D 3188 105.19 78.16 52.31
C PRO D 3188 103.88 78.93 52.20
N ALA D 3189 103.83 79.86 51.26
CA ALA D 3189 102.60 80.59 50.93
C ALA D 3189 101.92 81.24 52.13
N LEU D 3190 101.31 80.42 52.98
CA LEU D 3190 100.57 80.91 54.14
C LEU D 3190 101.46 81.69 55.11
N GLY D 3191 102.17 80.97 55.97
CA GLY D 3191 103.02 81.58 56.97
C GLY D 3191 104.32 82.09 56.36
N GLU D 3192 105.01 82.95 57.10
CA GLU D 3192 106.29 83.51 56.64
C GLU D 3192 107.10 84.02 57.84
N CYS D 3193 108.13 83.29 58.20
CA CYS D 3193 108.97 83.65 59.34
C CYS D 3193 109.76 84.93 59.06
N LEU D 3194 110.90 84.80 58.41
CA LEU D 3194 111.74 85.94 58.07
C LEU D 3194 112.67 85.62 56.91
N ALA D 3195 113.85 86.24 56.91
CA ALA D 3195 114.84 86.02 55.85
C ALA D 3195 116.25 86.29 56.35
N ARG D 3196 116.71 85.44 57.27
CA ARG D 3196 118.06 85.58 57.83
C ARG D 3196 119.06 84.76 57.03
N LEU D 3197 119.92 85.46 56.28
CA LEU D 3197 120.97 84.83 55.45
C LEU D 3197 120.38 83.90 54.39
N ALA D 3198 119.09 84.02 54.14
CA ALA D 3198 118.42 83.21 53.13
C ALA D 3198 118.66 83.81 51.75
N ALA D 3199 118.62 85.14 51.68
CA ALA D 3199 118.90 85.86 50.44
C ALA D 3199 120.36 85.70 50.05
N ALA D 3200 121.21 85.49 51.05
CA ALA D 3200 122.63 85.26 50.82
C ALA D 3200 122.82 83.98 50.03
N MET D 3201 122.13 82.92 50.43
CA MET D 3201 122.18 81.65 49.72
C MET D 3201 121.38 81.74 48.43
N PRO D 3202 120.35 82.57 48.45
CA PRO D 3202 119.50 82.77 47.27
C PRO D 3202 120.27 83.48 46.17
N VAL D 3203 120.92 84.58 46.51
CA VAL D 3203 121.70 85.35 45.56
C VAL D 3203 122.90 84.54 45.08
N ALA D 3204 123.36 83.62 45.92
CA ALA D 3204 124.46 82.72 45.56
C ALA D 3204 123.92 81.61 44.65
N PHE D 3205 122.60 81.51 44.57
CA PHE D 3205 121.96 80.52 43.73
C PHE D 3205 121.27 81.18 42.54
N LEU D 3206 120.68 82.35 42.77
CA LEU D 3206 119.96 83.07 41.73
C LEU D 3206 120.91 83.54 40.63
N GLU D 3207 121.87 84.38 41.00
CA GLU D 3207 122.84 84.91 40.06
C GLU D 3207 123.67 83.81 39.42
N PRO D 3208 123.86 82.73 40.16
CA PRO D 3208 124.60 81.57 39.66
C PRO D 3208 123.76 80.85 38.60
N GLN D 3209 122.46 80.78 38.83
CA GLN D 3209 121.54 80.12 37.90
C GLN D 3209 121.09 81.09 36.81
N LEU D 3210 121.24 82.38 37.08
CA LEU D 3210 120.85 83.41 36.10
C LEU D 3210 121.80 83.38 34.91
N ASN D 3211 122.98 82.79 35.09
CA ASN D 3211 123.96 82.69 34.02
C ASN D 3211 124.34 81.23 33.76
N GLU D 3212 123.63 80.32 34.42
CA GLU D 3212 123.91 78.89 34.27
C GLU D 3212 123.24 78.34 33.02
N TYR D 3213 122.46 79.17 32.34
CA TYR D 3213 121.76 78.75 31.13
C TYR D 3213 122.59 79.06 29.90
N ASN D 3214 123.80 79.58 30.11
CA ASN D 3214 124.71 79.89 29.02
C ASN D 3214 125.55 78.67 28.67
N ALA D 3215 125.79 77.82 29.66
CA ALA D 3215 126.56 76.60 29.46
C ALA D 3215 125.79 75.61 28.58
N CYS D 3216 126.27 75.41 27.36
CA CYS D 3216 125.62 74.51 26.42
C CYS D 3216 125.88 73.04 26.77
N SER D 3217 125.71 72.17 25.79
CA SER D 3217 125.91 70.73 25.97
C SER D 3217 125.07 70.18 27.12
N VAL D 3218 125.56 70.36 28.34
CA VAL D 3218 124.85 69.91 29.52
C VAL D 3218 124.11 71.07 30.18
N TYR D 3219 122.85 71.25 29.80
CA TYR D 3219 122.02 72.32 30.35
C TYR D 3219 121.33 71.88 31.64
N THR D 3220 121.63 70.66 32.07
CA THR D 3220 121.05 70.08 33.28
C THR D 3220 119.53 70.04 33.20
N THR D 3221 118.87 70.30 34.33
CA THR D 3221 117.41 70.27 34.41
C THR D 3221 116.83 71.66 34.59
N LYS D 3222 115.61 71.84 34.09
CA LYS D 3222 114.92 73.12 34.23
C LYS D 3222 113.89 73.05 35.35
N SER D 3223 113.90 71.94 36.08
CA SER D 3223 112.98 71.75 37.21
C SER D 3223 113.36 72.66 38.37
N PRO D 3224 114.65 72.67 38.70
CA PRO D 3224 115.16 73.53 39.77
C PRO D 3224 115.19 74.98 39.31
N ARG D 3225 115.07 75.18 38.00
CA ARG D 3225 115.00 76.51 37.43
C ARG D 3225 113.66 77.15 37.76
N GLU D 3226 112.69 76.29 38.06
CA GLU D 3226 111.37 76.76 38.48
C GLU D 3226 111.29 76.79 40.00
N ARG D 3227 112.32 76.31 40.66
CA ARG D 3227 112.38 76.31 42.12
C ARG D 3227 112.74 77.70 42.62
N ALA D 3228 113.41 78.48 41.80
CA ALA D 3228 113.73 79.86 42.12
C ALA D 3228 112.45 80.68 42.21
N ILE D 3229 111.51 80.35 41.34
CA ILE D 3229 110.20 80.99 41.35
C ILE D 3229 109.37 80.45 42.51
N LEU D 3230 109.60 79.18 42.84
CA LEU D 3230 108.91 78.54 43.95
C LEU D 3230 109.33 79.15 45.28
N GLY D 3231 110.57 79.61 45.34
CA GLY D 3231 111.11 80.24 46.54
C GLY D 3231 110.95 81.76 46.47
N LEU D 3232 110.42 82.24 45.37
CA LEU D 3232 110.22 83.68 45.18
C LEU D 3232 109.00 84.16 45.96
N PRO D 3233 109.11 84.12 47.29
CA PRO D 3233 108.03 84.56 48.16
C PRO D 3233 108.57 84.90 49.55
N ASN D 3234 109.87 85.13 49.62
CA ASN D 3234 110.53 85.44 50.89
C ASN D 3234 110.41 86.93 51.21
N SER D 3235 111.22 87.74 50.53
CA SER D 3235 111.22 89.18 50.75
C SER D 3235 111.65 89.93 49.49
N VAL D 3236 112.35 91.04 49.69
CA VAL D 3236 112.81 91.86 48.56
C VAL D 3236 113.92 91.17 47.79
N PRO D 3241 126.23 88.70 43.84
CA PRO D 3241 125.35 89.87 43.87
C PRO D 3241 125.26 90.52 42.50
N ASP D 3242 124.05 90.58 41.95
CA ASP D 3242 123.83 91.22 40.66
C ASP D 3242 124.05 92.71 40.77
N ILE D 3243 123.55 93.30 41.86
CA ILE D 3243 123.72 94.71 42.14
C ILE D 3243 123.43 95.00 43.60
N PRO D 3244 123.52 93.96 44.43
CA PRO D 3244 123.26 94.08 45.85
C PRO D 3244 124.46 94.69 46.58
N VAL D 3245 124.64 95.99 46.41
CA VAL D 3245 125.74 96.70 47.07
C VAL D 3245 125.48 96.80 48.57
N LEU D 3246 124.40 97.51 48.93
CA LEU D 3246 124.02 97.66 50.32
C LEU D 3246 123.01 96.60 50.72
N ASP D 3247 123.34 95.34 50.45
CA ASP D 3247 122.43 94.24 50.74
C ASP D 3247 123.18 92.91 50.86
N ARG D 3248 124.34 92.82 50.22
CA ARG D 3248 125.11 91.57 50.21
C ARG D 3248 126.46 91.72 50.91
N LEU D 3249 127.48 92.04 50.11
CA LEU D 3249 128.85 92.14 50.63
C LEU D 3249 128.99 93.26 51.65
N MET D 3250 128.52 94.45 51.29
CA MET D 3250 128.61 95.60 52.19
C MET D 3250 127.41 95.66 53.12
N ALA D 3251 127.23 94.61 53.92
CA ALA D 3251 126.11 94.54 54.86
C ALA D 3251 126.37 93.50 55.94
N ASP D 3252 127.58 93.52 56.50
CA ASP D 3252 127.95 92.58 57.55
C ASP D 3252 127.96 93.27 58.92
N ILE D 3253 127.35 94.44 58.98
CA ILE D 3253 127.30 95.22 60.22
C ILE D 3253 126.16 94.72 61.11
N GLY D 3254 124.97 94.60 60.53
CA GLY D 3254 123.80 94.14 61.26
C GLY D 3254 122.77 93.52 60.33
N ALA D 3261 116.91 96.95 57.44
CA ALA D 3261 115.95 96.16 56.68
C ALA D 3261 114.61 96.87 56.58
N ARG D 3262 114.65 98.19 56.51
CA ARG D 3262 113.43 99.00 56.43
C ARG D 3262 112.94 99.12 54.99
N TYR D 3263 112.74 100.36 54.54
CA TYR D 3263 112.22 100.61 53.20
C TYR D 3263 113.34 100.92 52.21
N THR D 3264 114.32 100.04 52.13
CA THR D 3264 115.41 100.19 51.18
C THR D 3264 114.88 100.04 49.75
N GLU D 3265 114.65 101.17 49.09
CA GLU D 3265 114.08 101.18 47.74
C GLU D 3265 115.00 100.53 46.72
N MET D 3266 115.26 99.24 46.89
CA MET D 3266 116.11 98.48 45.98
C MET D 3266 115.94 96.98 46.22
N PRO D 3267 115.53 96.27 45.17
CA PRO D 3267 115.33 94.83 45.26
C PRO D 3267 115.59 94.18 43.91
N HIS D 3268 114.51 93.98 43.14
CA HIS D 3268 114.63 93.47 41.78
C HIS D 3268 114.70 94.63 40.81
N VAL D 3269 115.11 95.79 41.31
CA VAL D 3269 115.22 97.00 40.51
C VAL D 3269 116.46 96.97 39.63
N ILE D 3270 117.30 95.96 39.83
CA ILE D 3270 118.49 95.77 39.01
C ILE D 3270 118.08 95.35 37.60
N GLU D 3271 116.84 94.89 37.47
CA GLU D 3271 116.28 94.50 36.18
C GLU D 3271 114.82 94.92 36.10
N ILE D 3272 114.48 96.02 36.76
CA ILE D 3272 113.11 96.53 36.76
C ILE D 3272 112.70 96.93 35.34
N THR D 3273 113.43 97.89 34.78
CA THR D 3273 113.18 98.32 33.41
C THR D 3273 114.15 97.62 32.47
N LEU D 3274 115.26 97.13 33.03
CA LEU D 3274 116.28 96.44 32.24
C LEU D 3274 115.74 95.16 31.65
N PRO D 3275 115.22 94.27 32.49
CA PRO D 3275 114.64 93.03 32.02
C PRO D 3275 113.35 93.31 31.24
N MET D 3276 112.72 94.44 31.55
CA MET D 3276 111.53 94.88 30.82
C MET D 3276 111.93 95.30 29.41
N LEU D 3277 113.03 96.03 29.31
CA LEU D 3277 113.56 96.42 28.01
C LEU D 3277 114.19 95.21 27.31
N CYS D 3278 114.74 94.31 28.11
CA CYS D 3278 115.33 93.09 27.57
C CYS D 3278 114.25 92.20 26.97
N SER D 3279 113.14 92.06 27.69
CA SER D 3279 112.02 91.27 27.21
C SER D 3279 111.37 91.95 26.01
N TYR D 3280 111.25 93.27 26.07
CA TYR D 3280 110.68 94.04 24.99
C TYR D 3280 111.52 93.90 23.73
N LEU D 3281 112.84 93.83 23.91
CA LEU D 3281 113.76 93.63 22.79
C LEU D 3281 113.73 92.16 22.36
N PRO D 3282 113.56 91.27 23.32
CA PRO D 3282 113.45 89.85 23.04
C PRO D 3282 112.15 89.59 22.29
N ARG D 3283 111.11 90.33 22.65
CA ARG D 3283 109.83 90.23 21.98
C ARG D 3283 109.89 90.91 20.61
N TRP D 3284 110.65 91.99 20.54
CA TRP D 3284 110.84 92.72 19.28
C TRP D 3284 111.51 91.82 18.25
N TRP D 3285 112.53 91.10 18.70
CA TRP D 3285 113.19 90.12 17.85
C TRP D 3285 112.28 88.92 17.65
N GLU D 3286 112.61 88.09 16.66
CA GLU D 3286 111.82 86.89 16.37
C GLU D 3286 111.80 85.95 17.57
N ARG D 3287 112.99 85.62 18.07
CA ARG D 3287 113.16 84.75 19.23
C ARG D 3287 112.44 83.41 19.06
N GLY D 3288 112.39 82.93 17.83
CA GLY D 3288 111.72 81.66 17.53
C GLY D 3288 112.70 80.50 17.54
N PRO D 3289 113.47 80.39 18.62
CA PRO D 3289 114.46 79.32 18.75
C PRO D 3289 114.69 78.96 20.20
N GLU D 3290 115.31 77.81 20.44
CA GLU D 3290 115.63 77.36 21.78
C GLU D 3290 116.75 78.21 22.37
N ALA D 3291 117.57 78.77 21.50
CA ALA D 3291 118.65 79.65 21.92
C ALA D 3291 118.08 80.94 22.49
N PRO D 3292 116.90 81.32 21.99
CA PRO D 3292 116.19 82.49 22.51
C PRO D 3292 115.70 82.20 23.92
N PRO D 3293 115.41 83.25 24.68
CA PRO D 3293 115.01 83.13 26.07
C PRO D 3293 116.05 82.35 26.86
N PRO D 3294 116.02 81.02 26.74
CA PRO D 3294 116.96 80.13 27.40
C PRO D 3294 117.02 80.39 28.90
N ALA D 3295 117.72 81.46 29.28
CA ALA D 3295 117.74 81.91 30.67
C ALA D 3295 116.35 82.37 31.06
N LEU D 3296 115.73 83.15 30.18
CA LEU D 3296 114.36 83.62 30.40
C LEU D 3296 113.39 82.44 30.39
N PRO D 3297 113.70 81.44 29.59
CA PRO D 3297 112.88 80.23 29.51
C PRO D 3297 113.03 79.39 30.77
N ALA D 3298 113.94 79.80 31.66
CA ALA D 3298 114.19 79.07 32.90
C ALA D 3298 114.37 80.02 34.08
N GLY D 3299 113.93 81.27 33.94
CA GLY D 3299 114.03 82.23 35.04
C GLY D 3299 113.01 83.36 34.94
N ALA D 3300 112.58 83.70 33.73
CA ALA D 3300 111.61 84.78 33.55
C ALA D 3300 110.22 84.37 34.00
N PRO D 3301 110.07 83.10 34.36
CA PRO D 3301 108.83 82.61 34.93
C PRO D 3301 108.73 83.07 36.38
N PRO D 3302 109.87 83.49 36.93
CA PRO D 3302 109.92 84.01 38.29
C PRO D 3302 109.69 85.52 38.30
N PRO D 3303 109.60 86.10 37.10
CA PRO D 3303 109.39 87.53 36.97
C PRO D 3303 107.94 87.90 37.26
N CYS D 3304 107.08 86.88 37.32
CA CYS D 3304 105.66 87.09 37.59
C CYS D 3304 105.37 86.99 39.09
N THR D 3305 106.29 86.38 39.82
CA THR D 3305 106.13 86.22 41.27
C THR D 3305 106.36 87.54 41.99
N ALA D 3306 106.87 88.53 41.26
CA ALA D 3306 107.15 89.85 41.82
C ALA D 3306 105.87 90.65 42.01
N VAL D 3307 104.76 90.12 41.51
CA VAL D 3307 103.46 90.78 41.63
C VAL D 3307 102.80 90.42 42.96
N THR D 3308 103.54 89.77 43.84
CA THR D 3308 103.01 89.33 45.12
C THR D 3308 102.95 90.49 46.12
N SER D 3309 104.11 90.86 46.65
CA SER D 3309 104.20 91.91 47.67
C SER D 3309 103.83 93.27 47.10
N ASP D 3310 103.89 93.41 45.78
CA ASP D 3310 103.55 94.67 45.13
C ASP D 3310 102.05 94.78 44.90
N HIS D 3311 101.27 94.43 45.93
CA HIS D 3311 99.82 94.44 45.86
C HIS D 3311 99.33 93.63 44.66
N LEU D 3312 98.50 94.25 43.84
CA LEU D 3312 98.08 93.64 42.59
C LEU D 3312 99.17 93.88 41.55
N ASN D 3313 99.26 95.12 41.10
CA ASN D 3313 100.29 95.52 40.14
C ASN D 3313 100.35 97.04 40.06
N SER D 3314 101.26 97.64 40.82
CA SER D 3314 101.46 99.10 40.78
C SER D 3314 101.83 99.51 39.37
N LEU D 3315 102.75 98.76 38.77
CA LEU D 3315 103.06 98.92 37.36
C LEU D 3315 102.09 98.06 36.55
N LEU D 3316 100.84 98.52 36.48
CA LEU D 3316 99.77 97.77 35.85
C LEU D 3316 100.05 97.50 34.37
N GLY D 3317 100.63 98.49 33.69
CA GLY D 3317 100.95 98.36 32.27
C GLY D 3317 102.03 97.31 32.06
N ASN D 3318 102.90 97.15 33.06
CA ASN D 3318 103.95 96.15 32.99
C ASN D 3318 103.36 94.75 33.06
N ILE D 3319 102.36 94.58 33.90
CA ILE D 3319 101.68 93.29 34.03
C ILE D 3319 100.70 93.09 32.89
N LEU D 3320 100.42 94.16 32.15
CA LEU D 3320 99.52 94.10 31.02
C LEU D 3320 100.30 94.01 29.71
N ARG D 3321 101.60 93.82 29.82
CA ARG D 3321 102.47 93.74 28.65
C ARG D 3321 103.44 92.58 28.76
N ILE D 3322 103.82 92.23 29.97
CA ILE D 3322 104.75 91.12 30.20
C ILE D 3322 104.16 89.81 29.69
N ILE D 3323 102.86 89.66 29.85
CA ILE D 3323 102.17 88.49 29.33
C ILE D 3323 101.95 88.63 27.83
N VAL D 3324 101.70 89.87 27.40
CA VAL D 3324 101.50 90.15 25.98
C VAL D 3324 102.78 89.91 25.19
N ASN D 3325 103.90 90.29 25.78
CA ASN D 3325 105.21 90.04 25.18
C ASN D 3325 105.54 88.56 25.24
N ASN D 3326 105.06 87.91 26.31
CA ASN D 3326 105.21 86.47 26.43
C ASN D 3326 104.31 85.77 25.42
N LEU D 3327 103.16 86.38 25.16
CA LEU D 3327 102.24 85.87 24.16
C LEU D 3327 102.83 86.01 22.77
N GLY D 3328 103.63 87.06 22.58
CA GLY D 3328 104.32 87.29 21.32
C GLY D 3328 105.31 86.16 21.05
N ILE D 3329 105.92 85.65 22.13
CA ILE D 3329 106.81 84.51 22.03
C ILE D 3329 106.01 83.27 21.63
N ASP D 3330 104.75 83.22 22.09
CA ASP D 3330 103.84 82.15 21.71
C ASP D 3330 103.23 82.45 20.35
N GLU D 3331 103.16 83.74 20.02
CA GLU D 3331 102.67 84.16 18.71
C GLU D 3331 103.72 83.91 17.65
N ALA D 3332 104.96 83.73 18.08
CA ALA D 3332 106.06 83.43 17.18
C ALA D 3332 105.87 82.04 16.58
N THR D 3333 105.12 81.20 17.29
CA THR D 3333 104.76 79.84 16.85
C THR D 3333 105.98 78.92 16.77
N TRP D 3334 105.91 77.82 17.51
CA TRP D 3334 106.99 76.84 17.51
C TRP D 3334 106.98 76.00 16.24
N MET D 3335 107.73 74.90 16.25
CA MET D 3335 107.82 74.03 15.09
C MET D 3335 107.22 72.66 15.39
N LYS D 3336 107.93 71.60 14.99
CA LYS D 3336 107.47 70.24 15.25
C LYS D 3336 107.53 69.92 16.74
N ARG D 3337 108.67 69.43 17.19
CA ARG D 3337 108.87 69.20 18.62
C ARG D 3337 108.99 70.55 19.32
N LEU D 3338 110.15 71.19 19.14
CA LEU D 3338 110.41 72.54 19.64
C LEU D 3338 110.09 72.69 21.13
N ALA D 3339 109.00 73.38 21.43
CA ALA D 3339 108.59 73.60 22.81
C ALA D 3339 107.72 72.46 23.32
N VAL D 3340 108.22 71.25 23.20
CA VAL D 3340 107.51 70.07 23.67
C VAL D 3340 107.43 70.07 25.20
N PHE D 3341 108.58 70.31 25.84
CA PHE D 3341 108.63 70.40 27.29
C PHE D 3341 108.60 71.87 27.71
N ALA D 3342 108.83 72.76 26.76
CA ALA D 3342 108.82 74.19 27.02
C ALA D 3342 107.40 74.76 26.89
N GLN D 3343 106.50 74.25 27.72
CA GLN D 3343 105.12 74.70 27.72
C GLN D 3343 104.48 74.41 29.07
N PRO D 3344 105.29 73.92 30.01
CA PRO D 3344 104.81 73.61 31.35
C PRO D 3344 104.83 74.85 32.22
N ILE D 3345 105.25 75.98 31.64
CA ILE D 3345 105.29 77.24 32.35
C ILE D 3345 103.94 77.95 32.25
N VAL D 3346 102.95 77.26 31.69
CA VAL D 3346 101.61 77.82 31.55
C VAL D 3346 100.91 77.88 32.91
N SER D 3347 101.43 77.13 33.87
CA SER D 3347 100.89 77.12 35.22
C SER D 3347 101.06 78.48 35.88
N ARG D 3348 102.22 79.11 35.64
CA ARG D 3348 102.49 80.43 36.16
C ARG D 3348 101.72 81.47 35.36
N ALA D 3349 101.41 81.13 34.10
CA ALA D 3349 100.65 82.02 33.24
C ALA D 3349 99.20 82.12 33.71
N ARG D 3350 98.76 81.14 34.47
CA ARG D 3350 97.41 81.14 35.03
C ARG D 3350 97.39 81.87 36.36
N PRO D 3351 98.31 82.83 36.51
CA PRO D 3351 98.39 83.63 37.72
C PRO D 3351 98.70 85.07 37.36
N GLU D 3352 99.23 85.28 36.16
CA GLU D 3352 99.52 86.61 35.67
C GLU D 3352 98.25 87.31 35.21
N LEU D 3353 97.18 86.53 35.07
CA LEU D 3353 95.89 87.05 34.66
C LEU D 3353 95.03 87.42 35.86
N LEU D 3354 95.66 87.48 37.03
CA LEU D 3354 94.96 87.83 38.27
C LEU D 3354 94.45 89.28 38.19
N HIS D 3355 95.38 90.23 38.22
CA HIS D 3355 95.03 91.63 38.08
C HIS D 3355 95.12 92.05 36.62
N SER D 3356 94.71 91.13 35.73
CA SER D 3356 94.74 91.37 34.31
C SER D 3356 93.78 92.50 33.93
N HIS D 3357 94.26 93.73 34.01
CA HIS D 3357 93.47 94.89 33.62
C HIS D 3357 93.60 95.12 32.12
N PHE D 3358 93.58 94.04 31.35
CA PHE D 3358 93.71 94.11 29.90
C PHE D 3358 92.42 94.57 29.24
N ILE D 3359 91.93 95.74 29.66
CA ILE D 3359 90.74 96.32 29.07
C ILE D 3359 91.07 96.80 27.66
N PRO D 3360 92.37 96.98 27.41
CA PRO D 3360 92.85 97.32 26.08
C PRO D 3360 92.51 96.21 25.10
N THR D 3361 93.22 95.09 25.22
CA THR D 3361 93.03 93.94 24.34
C THR D 3361 93.10 94.37 22.89
N ILE D 3362 91.94 94.43 22.24
CA ILE D 3362 91.82 94.90 20.85
C ILE D 3362 92.80 94.18 19.93
N GLY D 3363 94.01 94.69 19.86
CA GLY D 3363 95.07 94.06 19.08
C GLY D 3363 95.52 92.78 19.77
N ARG D 3364 95.60 92.83 21.09
CA ARG D 3364 95.93 91.66 21.89
C ARG D 3364 94.78 90.66 21.82
N LEU D 3365 93.56 91.18 21.73
CA LEU D 3365 92.39 90.35 21.53
C LEU D 3365 92.44 89.75 20.12
N ARG D 3366 92.87 90.57 19.17
CA ARG D 3366 93.05 90.11 17.79
C ARG D 3366 94.24 89.18 17.71
N LYS D 3367 95.25 89.41 18.56
CA LYS D 3367 96.41 88.54 18.64
C LYS D 3367 95.98 87.15 19.09
N ARG D 3368 94.93 87.10 19.90
CA ARG D 3368 94.38 85.82 20.35
C ARG D 3368 93.33 85.32 19.37
N ALA D 3369 92.86 86.22 18.51
CA ALA D 3369 91.82 85.88 17.54
C ALA D 3369 92.41 85.56 16.16
N GLY D 3370 93.16 86.50 15.61
CA GLY D 3370 93.72 86.34 14.28
C GLY D 3370 94.68 85.16 14.20
N LYS D 3371 95.41 84.92 15.29
CA LYS D 3371 96.31 83.77 15.36
C LYS D 3371 95.51 82.48 15.35
N VAL D 3372 94.44 82.45 16.15
CA VAL D 3372 93.54 81.31 16.19
C VAL D 3372 92.85 81.16 14.84
N VAL D 3373 92.51 82.29 14.22
CA VAL D 3373 91.92 82.28 12.89
C VAL D 3373 92.94 81.77 11.88
N ALA D 3374 94.20 82.13 12.09
CA ALA D 3374 95.29 81.62 11.27
C ALA D 3374 95.48 80.14 11.58
N GLU D 3375 95.28 79.78 12.84
CA GLU D 3375 95.36 78.39 13.27
C GLU D 3375 94.16 77.63 12.71
N GLU D 3376 93.02 78.29 12.66
CA GLU D 3376 91.81 77.70 12.10
C GLU D 3376 92.00 77.52 10.60
N GLU D 3377 92.69 78.47 9.98
CA GLU D 3377 93.01 78.37 8.56
C GLU D 3377 94.05 77.28 8.33
N GLN D 3378 94.99 77.16 9.27
CA GLN D 3378 96.01 76.14 9.20
C GLN D 3378 95.40 74.76 9.43
N LEU D 3379 94.46 74.69 10.37
CA LEU D 3379 93.76 73.44 10.64
C LEU D 3379 92.88 73.08 9.45
N ARG D 3380 92.25 74.09 8.85
CA ARG D 3380 91.44 73.88 7.66
C ARG D 3380 92.32 73.46 6.49
N LEU D 3381 93.56 73.93 6.48
CA LEU D 3381 94.52 73.55 5.46
C LEU D 3381 95.00 72.12 5.68
N GLU D 3382 94.74 71.60 6.88
CA GLU D 3382 95.13 70.24 7.22
C GLU D 3382 93.91 69.32 7.23
N ALA D 3383 92.77 69.85 7.67
CA ALA D 3383 91.54 69.07 7.72
C ALA D 3383 90.99 68.81 6.32
N LYS D 3384 90.98 69.84 5.50
CA LYS D 3384 90.51 69.71 4.11
C LYS D 3384 91.49 68.90 3.29
N ALA D 3385 92.75 68.86 3.77
CA ALA D 3385 93.77 68.04 3.13
C ALA D 3385 93.56 66.58 3.50
N GLU D 3386 92.70 66.34 4.49
CA GLU D 3386 92.34 65.00 4.91
C GLU D 3386 90.91 64.68 4.50
N ALA D 3387 90.09 65.73 4.38
CA ALA D 3387 88.69 65.57 4.00
C ALA D 3387 88.55 65.39 2.50
N GLU D 3388 89.42 66.07 1.74
CA GLU D 3388 89.38 65.99 0.29
C GLU D 3388 90.51 65.10 -0.23
N GLU D 3389 90.79 64.03 0.49
CA GLU D 3389 91.85 63.10 0.09
C GLU D 3389 91.46 61.66 0.40
N GLY D 3390 90.46 61.15 -0.32
CA GLY D 3390 90.02 59.77 -0.17
C GLY D 3390 90.30 58.99 -1.44
N GLU D 3391 91.55 59.03 -1.89
CA GLU D 3391 91.95 58.35 -3.12
C GLU D 3391 92.56 56.98 -2.82
N LEU D 3392 92.09 56.35 -1.74
CA LEU D 3392 92.54 55.03 -1.33
C LEU D 3392 94.06 54.97 -1.16
N LEU D 3393 94.55 55.62 -0.11
CA LEU D 3393 95.99 55.62 0.18
C LEU D 3393 96.24 55.88 1.66
N VAL D 3394 96.82 54.90 2.34
CA VAL D 3394 97.11 55.02 3.76
C VAL D 3394 98.44 55.73 4.00
N ARG D 3395 99.04 56.22 2.92
CA ARG D 3395 100.31 56.95 3.02
C ARG D 3395 100.07 58.37 3.51
N ASP D 3396 98.82 58.83 3.38
CA ASP D 3396 98.46 60.17 3.82
C ASP D 3396 98.28 60.22 5.34
N GLU D 3397 98.26 59.05 5.97
CA GLU D 3397 98.10 58.95 7.42
C GLU D 3397 99.27 59.61 8.13
N PHE D 3398 100.42 59.65 7.47
CA PHE D 3398 101.59 60.30 8.02
C PHE D 3398 101.56 61.79 7.71
N SER D 3399 100.86 62.16 6.65
CA SER D 3399 100.77 63.55 6.22
C SER D 3399 99.53 64.24 6.78
N VAL D 3400 98.36 63.71 6.45
CA VAL D 3400 97.10 64.29 6.92
C VAL D 3400 97.00 64.18 8.44
N LEU D 3401 97.11 62.96 8.95
CA LEU D 3401 97.11 62.75 10.40
C LEU D 3401 98.51 63.00 10.94
N CYS D 3402 98.80 62.48 12.14
CA CYS D 3402 100.08 62.65 12.80
C CYS D 3402 100.45 64.13 13.00
N ARG D 3403 100.59 64.86 11.89
CA ARG D 3403 100.88 66.29 11.93
C ARG D 3403 99.73 67.07 12.57
N ASP D 3404 98.54 66.47 12.58
CA ASP D 3404 97.38 67.08 13.20
C ASP D 3404 97.57 67.20 14.71
N LEU D 3405 98.33 66.27 15.27
CA LEU D 3405 98.62 66.27 16.70
C LEU D 3405 99.58 67.39 17.06
N TYR D 3406 100.35 67.84 16.08
CA TYR D 3406 101.30 68.94 16.30
C TYR D 3406 100.55 70.25 16.51
N ALA D 3407 99.53 70.47 15.69
CA ALA D 3407 98.71 71.67 15.81
C ALA D 3407 97.74 71.55 16.98
N LEU D 3408 97.38 70.30 17.31
CA LEU D 3408 96.48 70.03 18.41
C LEU D 3408 97.10 70.42 19.75
N TYR D 3409 98.34 69.97 19.96
CA TYR D 3409 99.06 70.28 21.18
C TYR D 3409 99.34 71.77 21.27
N PRO D 3410 99.49 72.41 20.10
CA PRO D 3410 99.69 73.85 20.03
C PRO D 3410 98.40 74.57 20.40
N LEU D 3411 97.27 73.98 20.00
CA LEU D 3411 95.96 74.56 20.29
C LEU D 3411 95.61 74.42 21.76
N LEU D 3412 96.18 73.41 22.40
CA LEU D 3412 95.93 73.16 23.82
C LEU D 3412 96.88 73.97 24.69
N ILE D 3413 97.27 75.14 24.20
CA ILE D 3413 98.18 76.02 24.93
C ILE D 3413 97.57 77.41 25.09
N ARG D 3414 96.99 77.92 24.01
CA ARG D 3414 96.37 79.24 24.02
C ARG D 3414 94.99 79.20 24.67
N TYR D 3415 94.35 78.04 24.58
CA TYR D 3415 93.00 77.87 25.13
C TYR D 3415 93.03 77.84 26.65
N VAL D 3416 94.17 77.47 27.22
CA VAL D 3416 94.33 77.41 28.67
C VAL D 3416 94.66 78.78 29.24
N ASP D 3417 94.75 79.78 28.35
CA ASP D 3417 95.05 81.14 28.77
C ASP D 3417 93.85 82.06 28.56
N ASN D 3418 93.08 81.78 27.50
CA ASN D 3418 91.92 82.60 27.17
C ASN D 3418 90.74 82.31 28.10
N ASN D 3419 90.80 81.15 28.77
CA ASN D 3419 89.74 80.76 29.68
C ASN D 3419 89.66 81.70 30.88
N ARG D 3420 90.78 81.86 31.57
CA ARG D 3420 90.85 82.77 32.72
C ARG D 3420 90.65 84.22 32.27
N ALA D 3421 90.98 84.49 31.00
CA ALA D 3421 90.81 85.81 30.44
C ALA D 3421 89.34 86.14 30.27
N HIS D 3422 88.55 85.10 29.97
CA HIS D 3422 87.11 85.26 29.78
C HIS D 3422 86.38 85.14 31.10
N TRP D 3423 87.11 84.79 32.16
CA TRP D 3423 86.54 84.66 33.48
C TRP D 3423 86.56 85.99 34.23
N LEU D 3424 86.71 87.07 33.47
CA LEU D 3424 86.73 88.42 34.03
C LEU D 3424 86.23 89.42 33.00
N THR D 3425 86.37 89.06 31.72
CA THR D 3425 85.90 89.89 30.63
C THR D 3425 84.53 89.41 30.15
N GLU D 3426 83.61 89.25 31.08
CA GLU D 3426 82.27 88.77 30.76
C GLU D 3426 81.20 89.69 31.32
N PRO D 3427 81.55 90.40 32.40
CA PRO D 3427 80.63 91.32 33.04
C PRO D 3427 80.29 92.49 32.13
N ASN D 3428 81.27 93.38 31.93
CA ASN D 3428 81.09 94.55 31.08
C ASN D 3428 80.91 94.14 29.61
N ALA D 3429 81.42 92.96 29.27
CA ALA D 3429 81.32 92.47 27.90
C ALA D 3429 79.87 92.14 27.54
N ASN D 3430 79.18 91.45 28.46
CA ASN D 3430 77.78 91.09 28.23
C ASN D 3430 76.86 92.26 28.52
N ALA D 3431 77.34 93.19 29.34
CA ALA D 3431 76.58 94.39 29.66
C ALA D 3431 76.83 95.46 28.60
N GLU D 3432 76.15 96.60 28.75
CA GLU D 3432 76.28 97.72 27.82
C GLU D 3432 75.99 97.30 26.38
N GLU D 3433 77.02 96.79 25.69
CA GLU D 3433 76.88 96.35 24.31
C GLU D 3433 77.61 95.04 24.08
N LEU D 3434 78.25 94.93 22.92
CA LEU D 3434 78.99 93.72 22.56
C LEU D 3434 80.02 94.02 21.46
N PHE D 3435 79.77 93.49 20.27
CA PHE D 3435 80.60 93.73 19.08
C PHE D 3435 82.04 93.25 19.23
N ARG D 3436 82.70 93.61 20.33
CA ARG D 3436 84.08 93.24 20.56
C ARG D 3436 84.27 91.73 20.62
N MET D 3437 83.57 91.08 21.54
CA MET D 3437 83.70 89.64 21.71
C MET D 3437 82.92 88.88 20.64
N VAL D 3438 82.14 89.61 19.83
CA VAL D 3438 81.36 89.01 18.77
C VAL D 3438 82.26 88.40 17.70
N GLY D 3439 83.45 88.98 17.55
CA GLY D 3439 84.43 88.46 16.60
C GLY D 3439 84.97 87.12 17.06
N GLU D 3440 85.18 86.99 18.37
CA GLU D 3440 85.69 85.75 18.96
C GLU D 3440 84.65 84.64 18.84
N ILE D 3441 83.39 84.99 19.05
CA ILE D 3441 82.31 84.02 18.99
C ILE D 3441 82.10 83.51 17.57
N PHE D 3442 82.26 84.39 16.59
CA PHE D 3442 82.10 84.03 15.20
C PHE D 3442 83.27 83.17 14.72
N ILE D 3443 84.39 83.27 15.42
CA ILE D 3443 85.58 82.51 15.05
C ILE D 3443 85.86 81.39 16.05
N TYR D 3444 84.90 81.16 16.94
CA TYR D 3444 85.05 80.11 17.95
C TYR D 3444 84.57 78.77 17.42
N TRP D 3445 84.30 78.72 16.11
CA TRP D 3445 83.85 77.49 15.48
C TRP D 3445 85.04 76.63 15.06
N SER D 3446 86.03 76.55 15.93
CA SER D 3446 87.23 75.76 15.67
C SER D 3446 86.90 74.27 15.73
N LYS D 3447 86.43 73.81 16.88
CA LYS D 3447 86.04 72.42 17.05
C LYS D 3447 84.79 72.12 16.24
N SER D 3448 84.00 73.16 15.98
CA SER D 3448 82.81 73.03 15.15
C SER D 3448 83.20 72.72 13.72
N HIS D 3449 84.39 73.16 13.33
CA HIS D 3449 84.94 72.86 12.02
C HIS D 3449 86.01 71.78 12.15
N ASN D 3450 85.95 71.02 13.24
CA ASN D 3450 86.91 69.95 13.49
C ASN D 3450 86.29 68.83 14.32
N PHE D 3451 86.37 68.97 15.64
CA PHE D 3451 85.87 67.96 16.57
C PHE D 3451 84.40 67.67 16.35
N LYS D 3452 83.65 68.68 15.93
CA LYS D 3452 82.23 68.52 15.67
C LYS D 3452 81.97 68.31 14.19
N ARG D 3453 83.02 68.47 13.38
CA ARG D 3453 82.92 68.30 11.93
C ARG D 3453 83.31 66.89 11.51
N GLU D 3454 83.11 65.93 12.41
CA GLU D 3454 83.40 64.52 12.16
C GLU D 3454 84.86 64.28 11.78
N GLU D 3455 85.74 65.17 12.24
CA GLU D 3455 87.17 64.99 12.01
C GLU D 3455 87.73 64.03 13.04
N GLN D 3456 87.74 62.74 12.69
CA GLN D 3456 88.22 61.70 13.59
C GLN D 3456 89.69 61.94 13.94
N ASN D 3457 90.45 62.45 12.98
CA ASN D 3457 91.87 62.75 13.20
C ASN D 3457 92.04 63.83 14.25
N PHE D 3458 91.27 64.91 14.13
CA PHE D 3458 91.28 65.98 15.13
C PHE D 3458 90.72 65.45 16.44
N VAL D 3459 89.77 64.53 16.33
CA VAL D 3459 89.20 63.89 17.51
C VAL D 3459 90.19 62.87 18.07
N VAL D 3460 91.12 62.42 17.23
CA VAL D 3460 92.15 61.49 17.65
C VAL D 3460 93.27 62.22 18.38
N GLN D 3461 92.91 62.85 19.50
CA GLN D 3461 93.91 63.49 20.35
C GLN D 3461 94.87 62.43 20.86
N ASN D 3462 94.31 61.29 21.26
CA ASN D 3462 95.08 60.13 21.68
C ASN D 3462 96.16 60.48 22.70
N GLU D 3463 97.36 60.77 22.19
CA GLU D 3463 98.46 61.20 23.03
C GLU D 3463 98.12 62.54 23.67
N ILE D 3464 97.47 63.41 22.90
CA ILE D 3464 97.02 64.70 23.40
C ILE D 3464 95.91 64.49 24.41
N ASN D 3465 95.17 63.40 24.26
CA ASN D 3465 94.11 63.05 25.20
C ASN D 3465 94.68 62.31 26.41
N ASN D 3466 95.86 61.74 26.23
CA ASN D 3466 96.51 60.98 27.31
C ASN D 3466 97.65 61.77 27.94
N MET D 3467 98.81 61.71 27.32
CA MET D 3467 100.00 62.38 27.85
C MET D 3467 100.14 63.80 27.30
N SER D 3468 99.02 64.36 26.85
CA SER D 3468 98.98 65.72 26.31
C SER D 3468 99.96 65.90 25.15
N VAL D 3511 85.34 62.55 26.14
CA VAL D 3511 85.23 63.01 27.52
C VAL D 3511 85.05 64.53 27.56
N ALA D 3512 85.49 65.14 28.64
CA ALA D 3512 85.37 66.59 28.83
C ALA D 3512 86.72 67.22 29.11
N THR D 3513 87.30 67.87 28.10
CA THR D 3513 88.59 68.52 28.25
C THR D 3513 88.80 69.60 27.19
N LEU D 3514 88.47 70.84 27.56
CA LEU D 3514 88.64 72.00 26.68
C LEU D 3514 87.97 71.80 25.32
N LYS D 3515 88.66 72.23 24.27
CA LYS D 3515 88.17 72.11 22.89
C LYS D 3515 86.81 72.77 22.71
N LYS D 3516 85.75 72.10 23.16
CA LYS D 3516 84.41 72.63 23.06
C LYS D 3516 83.90 73.10 24.42
N MET D 3517 84.62 72.73 25.48
CA MET D 3517 84.26 73.12 26.83
C MET D 3517 84.46 74.62 27.03
N LEU D 3518 85.37 75.21 26.26
CA LEU D 3518 85.65 76.62 26.35
C LEU D 3518 84.54 77.43 25.66
N PRO D 3519 83.89 76.81 24.68
CA PRO D 3519 82.82 77.46 23.94
C PRO D 3519 81.59 77.65 24.81
N ILE D 3520 81.44 76.79 25.82
CA ILE D 3520 80.30 76.83 26.71
C ILE D 3520 80.32 78.08 27.59
N GLY D 3521 81.52 78.61 27.83
CA GLY D 3521 81.67 79.80 28.68
C GLY D 3521 81.22 81.05 27.95
N LEU D 3522 81.25 81.01 26.62
CA LEU D 3522 80.87 82.16 25.81
C LEU D 3522 79.65 81.87 24.95
N ASN D 3523 79.09 80.67 25.11
CA ASN D 3523 77.90 80.28 24.36
C ASN D 3523 76.73 81.19 24.70
N MET D 3524 76.66 81.59 25.97
CA MET D 3524 75.63 82.52 26.42
C MET D 3524 75.87 83.90 25.84
N CYS D 3525 77.13 84.29 25.72
CA CYS D 3525 77.49 85.58 25.16
C CYS D 3525 77.27 85.60 23.65
N ALA D 3526 77.25 84.41 23.05
CA ALA D 3526 77.03 84.27 21.63
C ALA D 3526 75.54 84.44 21.31
N PRO D 3527 74.70 83.87 22.17
CA PRO D 3527 73.26 83.97 22.00
C PRO D 3527 72.73 85.27 22.60
N THR D 3528 73.61 85.99 23.29
CA THR D 3528 73.24 87.26 23.92
C THR D 3528 72.95 88.32 22.87
N ASP D 3529 73.72 88.30 21.78
CA ASP D 3529 73.54 89.27 20.71
C ASP D 3529 72.69 88.69 19.60
N GLN D 3530 72.01 87.58 19.90
CA GLN D 3530 71.14 86.93 18.92
C GLN D 3530 69.79 87.62 18.85
N ASP D 3531 68.72 86.83 18.91
CA ASP D 3531 67.37 87.36 18.82
C ASP D 3531 67.00 88.15 20.07
N LEU D 3532 66.80 89.45 19.90
CA LEU D 3532 66.38 90.31 21.00
C LEU D 3532 64.86 90.40 21.05
N ILE D 3533 64.21 89.46 20.38
CA ILE D 3533 62.75 89.41 20.33
C ILE D 3533 62.26 88.02 19.92
N MET D 3534 62.03 87.85 18.62
CA MET D 3534 61.48 86.60 18.11
C MET D 3534 62.55 85.64 17.62
N LEU D 3535 62.69 84.52 18.31
CA LEU D 3535 63.59 83.46 17.88
C LEU D 3535 62.88 82.59 16.85
N ALA D 3536 62.22 81.54 17.33
CA ALA D 3536 61.38 80.67 16.50
C ALA D 3536 62.11 80.05 15.31
N LYS D 3537 62.55 80.88 14.37
CA LYS D 3537 63.20 80.41 13.16
C LYS D 3537 64.48 79.63 13.46
N THR D 3538 65.08 79.90 14.61
CA THR D 3538 66.26 79.17 15.04
C THR D 3538 65.94 77.70 15.23
N ARG D 3539 64.73 77.41 15.73
CA ARG D 3539 64.28 76.05 15.92
C ARG D 3539 64.05 75.37 14.57
N TYR D 3540 63.57 76.15 13.61
CA TYR D 3540 63.35 75.63 12.26
C TYR D 3540 64.69 75.42 11.57
N ALA D 3541 65.65 76.26 11.91
CA ALA D 3541 67.00 76.15 11.36
C ALA D 3541 67.73 74.98 12.02
N LEU D 3542 67.37 74.68 13.26
CA LEU D 3542 67.94 73.55 13.98
C LEU D 3542 67.45 72.25 13.34
N LYS D 3543 66.21 72.26 12.88
CA LYS D 3543 65.64 71.11 12.21
C LYS D 3543 66.18 71.01 10.78
N ASP D 3544 66.50 72.17 10.21
CA ASP D 3544 67.06 72.23 8.87
C ASP D 3544 68.49 71.70 8.86
N THR D 3545 69.28 72.11 9.84
CA THR D 3545 70.66 71.64 9.97
C THR D 3545 70.69 70.18 10.36
N ASP D 3546 69.60 69.72 11.00
CA ASP D 3546 69.48 68.32 11.39
C ASP D 3546 69.25 67.46 10.16
N GLU D 3547 68.74 68.08 9.09
CA GLU D 3547 68.52 67.38 7.83
C GLU D 3547 69.77 67.45 6.96
N GLU D 3548 70.84 68.02 7.51
CA GLU D 3548 72.11 68.17 6.81
C GLU D 3548 71.95 68.92 5.49
N VAL D 3549 71.84 70.24 5.58
CA VAL D 3549 71.70 71.08 4.39
C VAL D 3549 72.96 71.91 4.18
N ARG D 3550 74.11 71.24 4.22
CA ARG D 3550 75.41 71.88 4.01
C ARG D 3550 75.65 73.02 5.01
N GLU D 3551 75.65 74.24 4.49
CA GLU D 3551 75.87 75.42 5.33
C GLU D 3551 75.13 76.63 4.77
N PHE D 3552 75.66 77.18 3.68
CA PHE D 3552 75.02 78.32 3.02
C PHE D 3552 73.85 77.85 2.16
N LEU D 3553 73.76 76.53 1.97
CA LEU D 3553 72.68 75.94 1.20
C LEU D 3553 71.38 75.92 2.00
N GLN D 3554 71.50 76.20 3.30
CA GLN D 3554 70.34 76.26 4.18
C GLN D 3554 69.92 77.70 4.42
N ASN D 3555 70.89 78.61 4.38
CA ASN D 3555 70.64 80.03 4.59
C ASN D 3555 69.72 80.59 3.52
N ASN D 3556 69.90 80.13 2.29
CA ASN D 3556 69.04 80.53 1.18
C ASN D 3556 67.64 80.00 1.40
N LEU D 3557 67.55 78.80 1.99
CA LEU D 3557 66.26 78.21 2.33
C LEU D 3557 65.70 78.91 3.57
N HIS D 3558 66.59 79.40 4.42
CA HIS D 3558 66.19 80.12 5.61
C HIS D 3558 65.79 81.55 5.24
N LEU D 3559 66.30 82.03 4.11
CA LEU D 3559 65.95 83.35 3.61
C LEU D 3559 64.49 83.38 3.21
N GLN D 3560 63.96 82.22 2.86
CA GLN D 3560 62.54 82.09 2.52
C GLN D 3560 61.79 81.44 3.66
N GLY D 3561 61.51 82.21 4.70
CA GLY D 3561 60.79 81.70 5.87
C GLY D 3561 59.82 82.74 6.41
N LYS D 3562 59.04 83.33 5.50
CA LYS D 3562 58.05 84.35 5.85
C LYS D 3562 58.68 85.50 6.63
N VAL D 3563 58.49 85.49 7.94
CA VAL D 3563 59.05 86.51 8.81
C VAL D 3563 59.04 86.06 10.26
N GLU D 3564 59.67 86.85 11.13
CA GLU D 3564 59.67 86.56 12.56
C GLU D 3564 58.29 86.87 13.15
N GLY D 3565 57.73 85.90 13.88
CA GLY D 3565 56.40 86.06 14.45
C GLY D 3565 56.43 85.99 15.97
N SER D 3566 55.93 87.03 16.62
CA SER D 3566 55.88 87.09 18.07
C SER D 3566 54.89 88.16 18.55
N PRO D 3567 53.76 87.71 19.08
CA PRO D 3567 52.74 88.63 19.57
C PRO D 3567 51.77 87.94 20.53
N SER D 3568 52.31 87.35 21.58
CA SER D 3568 51.48 86.66 22.58
C SER D 3568 52.17 86.64 23.93
N LEU D 3569 52.33 85.43 24.49
CA LEU D 3569 52.98 85.27 25.78
C LEU D 3569 54.46 85.61 25.68
N ARG D 3570 55.14 85.68 26.83
CA ARG D 3570 56.53 86.11 26.90
C ARG D 3570 56.68 87.49 26.25
N TRP D 3571 57.63 87.60 25.33
CA TRP D 3571 57.89 88.84 24.61
C TRP D 3571 58.07 90.02 25.55
N GLN D 3572 56.97 90.53 26.09
CA GLN D 3572 57.01 91.62 27.06
C GLN D 3572 57.64 91.15 28.37
N MET D 3573 57.64 89.86 28.65
CA MET D 3573 58.36 89.24 29.77
C MET D 3573 59.81 88.91 29.41
N ALA D 3574 60.30 89.35 28.24
CA ALA D 3574 61.62 88.98 27.75
C ALA D 3574 62.23 90.08 26.89
N LEU D 3575 61.58 90.38 25.77
CA LEU D 3575 62.10 91.36 24.82
C LEU D 3575 61.95 92.79 25.32
N TYR D 3576 61.21 92.97 26.41
CA TYR D 3576 61.05 94.29 27.00
C TYR D 3576 62.39 94.80 27.52
N ARG D 3577 63.16 93.89 28.09
CA ARG D 3577 64.50 94.21 28.59
C ARG D 3577 65.46 94.36 27.41
N GLY D 3578 65.22 93.57 26.36
CA GLY D 3578 66.05 93.61 25.17
C GLY D 3578 65.77 94.87 24.36
N LEU D 3579 64.59 95.45 24.56
CA LEU D 3579 64.23 96.69 23.87
C LEU D 3579 64.73 97.90 24.64
N PRO D 3580 65.55 97.65 25.66
CA PRO D 3580 66.10 98.73 26.48
C PRO D 3580 67.60 98.51 26.70
N GLY D 3581 68.08 97.33 26.34
CA GLY D 3581 69.49 96.99 26.52
C GLY D 3581 70.22 96.96 25.19
N ARG D 3582 69.48 96.73 24.11
CA ARG D 3582 70.08 96.68 22.78
C ARG D 3582 70.40 98.08 22.27
N GLU D 3583 69.41 98.73 21.66
CA GLU D 3583 69.57 100.06 21.08
C GLU D 3583 70.72 100.08 20.08
N GLU D 3584 70.58 99.31 19.01
CA GLU D 3584 71.62 99.22 17.98
C GLU D 3584 71.04 99.48 16.59
N ASP D 3585 70.44 98.45 16.00
CA ASP D 3585 69.87 98.58 14.66
C ASP D 3585 68.82 97.50 14.40
N ALA D 3586 68.15 97.60 13.26
CA ALA D 3586 67.12 96.64 12.87
C ALA D 3586 66.88 96.70 11.37
N ASP D 3587 67.22 95.62 10.66
CA ASP D 3587 67.06 95.56 9.22
C ASP D 3587 67.02 94.13 8.71
N ASP D 3588 67.03 93.96 7.40
CA ASP D 3588 67.00 92.64 6.78
C ASP D 3588 68.40 92.21 6.36
N PRO D 3589 69.40 93.01 6.73
CA PRO D 3589 70.79 92.69 6.41
C PRO D 3589 71.28 91.53 7.26
N GLU D 3590 70.65 91.35 8.41
CA GLU D 3590 70.98 90.23 9.29
C GLU D 3590 70.56 88.91 8.65
N LYS D 3591 69.26 88.78 8.40
CA LYS D 3591 68.69 87.57 7.79
C LYS D 3591 69.12 86.33 8.56
N ILE D 3592 69.82 85.44 7.87
CA ILE D 3592 70.44 84.29 8.51
C ILE D 3592 71.74 84.75 9.16
N VAL D 3593 72.86 84.16 8.73
CA VAL D 3593 74.18 84.55 9.19
C VAL D 3593 74.27 84.59 10.72
N ARG D 3594 73.78 85.69 11.30
CA ARG D 3594 73.72 85.83 12.75
C ARG D 3594 72.77 84.79 13.33
N ARG D 3595 71.76 84.43 12.55
CA ARG D 3595 70.82 83.39 12.94
C ARG D 3595 71.37 82.02 12.55
N VAL D 3596 72.20 82.00 11.51
CA VAL D 3596 72.82 80.78 11.05
C VAL D 3596 74.13 80.52 11.79
N GLN D 3597 74.47 81.43 12.70
CA GLN D 3597 75.69 81.32 13.48
C GLN D 3597 75.57 80.20 14.51
N GLU D 3598 74.76 80.43 15.53
CA GLU D 3598 74.60 79.47 16.63
C GLU D 3598 73.67 78.33 16.24
N VAL D 3599 73.04 78.44 15.06
CA VAL D 3599 72.11 77.42 14.58
C VAL D 3599 72.82 76.08 14.40
N SER D 3600 73.71 76.02 13.42
CA SER D 3600 74.45 74.80 13.13
C SER D 3600 75.51 74.54 14.20
N ALA D 3601 75.87 75.59 14.93
CA ALA D 3601 76.88 75.49 15.98
C ALA D 3601 76.36 74.69 17.16
N VAL D 3602 75.22 75.10 17.70
CA VAL D 3602 74.63 74.42 18.84
C VAL D 3602 73.96 73.12 18.41
N LEU D 3603 73.78 72.95 17.10
CA LEU D 3603 73.18 71.73 16.55
C LEU D 3603 74.07 70.54 16.83
N TYR D 3604 75.33 70.64 16.43
CA TYR D 3604 76.31 69.57 16.65
C TYR D 3604 76.63 69.46 18.14
N HIS D 3605 76.55 70.59 18.84
CA HIS D 3605 76.79 70.61 20.28
C HIS D 3605 75.70 69.83 21.00
N LEU D 3606 74.50 69.85 20.45
CA LEU D 3606 73.39 69.09 20.99
C LEU D 3606 73.60 67.61 20.72
N GLU D 3607 74.15 67.30 19.54
CA GLU D 3607 74.42 65.93 19.16
C GLU D 3607 75.52 65.34 20.04
N GLN D 3608 76.43 66.20 20.49
CA GLN D 3608 77.50 65.77 21.38
C GLN D 3608 76.95 65.49 22.78
N THR D 3609 75.76 66.03 23.05
CA THR D 3609 75.11 65.82 24.34
C THR D 3609 73.86 64.95 24.18
N GLU D 3610 73.59 64.53 22.96
CA GLU D 3610 72.43 63.69 22.68
C GLU D 3610 72.72 62.23 23.07
N HIS D 3611 72.86 61.38 22.07
CA HIS D 3611 73.18 59.98 22.31
C HIS D 3611 74.66 59.83 22.67
N PRO D 3612 75.44 60.87 22.38
CA PRO D 3612 76.86 60.89 22.71
C PRO D 3612 77.07 61.20 24.18
N TYR D 3613 76.04 61.76 24.82
CA TYR D 3613 76.11 62.09 26.23
C TYR D 3613 74.72 62.19 26.83
N LEU D 3623 73.64 32.85 26.30
CA LEU D 3623 74.88 33.57 26.69
C LEU D 3623 75.95 32.53 27.05
N LEU D 3624 75.75 31.80 28.15
CA LEU D 3624 76.72 30.76 28.57
C LEU D 3624 76.20 30.06 29.81
N SER D 3625 76.02 28.75 29.77
CA SER D 3625 75.57 27.98 30.95
C SER D 3625 76.72 27.83 31.93
N LYS D 3626 76.48 27.07 33.01
CA LYS D 3626 77.55 26.82 34.01
C LYS D 3626 78.59 25.93 33.36
N GLN D 3627 78.28 25.35 32.21
CA GLN D 3627 79.23 24.39 31.60
C GLN D 3627 80.00 25.06 30.47
N ARG D 3628 79.35 25.35 29.35
CA ARG D 3628 80.09 25.93 28.20
C ARG D 3628 81.11 26.91 28.74
N ARG D 3629 80.69 27.75 29.68
CA ARG D 3629 81.62 28.70 30.31
C ARG D 3629 82.95 27.99 30.54
N ARG D 3630 82.97 27.01 31.43
CA ARG D 3630 84.25 26.32 31.77
C ARG D 3630 85.02 26.06 30.49
N ALA D 3631 84.47 25.24 29.61
CA ALA D 3631 85.18 24.85 28.38
C ALA D 3631 85.98 26.02 27.81
N VAL D 3632 85.33 27.17 27.60
CA VAL D 3632 86.07 28.28 26.94
C VAL D 3632 87.43 28.43 27.63
N VAL D 3633 87.44 28.63 28.94
CA VAL D 3633 88.76 28.67 29.66
C VAL D 3633 89.60 27.53 29.12
N ALA D 3634 89.22 26.28 29.40
CA ALA D 3634 90.02 25.11 28.99
C ALA D 3634 90.58 25.30 27.58
N CYS D 3635 89.72 25.53 26.60
CA CYS D 3635 90.18 25.62 25.19
C CYS D 3635 91.43 26.48 25.09
N PHE D 3636 91.63 27.39 26.03
CA PHE D 3636 92.78 28.31 25.89
C PHE D 3636 94.07 27.60 26.32
N ARG D 3637 93.97 26.47 27.03
CA ARG D 3637 95.19 25.81 27.57
C ARG D 3637 95.52 24.51 26.81
N MET D 3638 94.86 24.22 25.70
CA MET D 3638 95.06 22.92 24.99
C MET D 3638 96.52 22.77 24.55
N THR D 3639 97.01 21.54 24.44
CA THR D 3639 98.45 21.32 24.15
C THR D 3639 98.79 21.35 22.67
N PRO D 3640 99.94 21.93 22.27
CA PRO D 3640 100.39 21.83 20.88
C PRO D 3640 100.63 20.39 20.48
N LEU D 3641 100.67 20.17 19.16
CA LEU D 3641 100.84 18.82 18.65
C LEU D 3641 102.28 18.34 18.82
N TYR D 3642 103.25 19.26 18.76
CA TYR D 3642 104.64 18.80 18.76
C TYR D 3642 105.13 18.30 20.12
N ASN D 3643 104.34 18.17 21.19
CA ASN D 3643 104.82 17.58 22.44
C ASN D 3643 104.17 16.23 22.70
N LEU D 3644 103.68 15.58 21.65
CA LEU D 3644 103.03 14.34 22.05
C LEU D 3644 103.98 13.17 21.88
N PRO D 3645 103.88 12.18 22.77
CA PRO D 3645 104.69 10.97 22.61
C PRO D 3645 104.38 10.27 21.29
N THR D 3646 105.40 9.64 20.72
CA THR D 3646 105.26 9.04 19.39
C THR D 3646 104.18 7.96 19.38
N HIS D 3647 104.14 7.12 20.42
CA HIS D 3647 103.18 6.02 20.43
C HIS D 3647 101.75 6.54 20.42
N ARG D 3648 101.47 7.59 21.20
CA ARG D 3648 100.11 8.12 21.26
C ARG D 3648 99.76 8.89 20.00
N ALA D 3649 100.73 9.57 19.39
CA ALA D 3649 100.48 10.38 18.21
C ALA D 3649 100.28 9.53 16.95
N CYS D 3650 100.25 8.22 17.08
CA CYS D 3650 99.97 7.31 15.98
C CYS D 3650 98.55 6.78 16.01
N ASN D 3651 98.05 6.45 17.21
CA ASN D 3651 96.67 5.99 17.33
C ASN D 3651 95.67 7.04 16.87
N MET D 3652 95.95 8.32 17.17
CA MET D 3652 95.07 9.38 16.68
C MET D 3652 95.11 9.48 15.16
N PHE D 3653 96.24 9.18 14.55
CA PHE D 3653 96.33 9.24 13.10
C PHE D 3653 95.40 8.23 12.44
N LEU D 3654 95.45 6.98 12.89
CA LEU D 3654 94.62 5.93 12.28
C LEU D 3654 93.14 6.22 12.46
N GLU D 3655 92.74 6.57 13.70
CA GLU D 3655 91.33 6.86 13.96
C GLU D 3655 90.86 8.07 13.17
N SER D 3656 91.71 9.09 13.05
CA SER D 3656 91.35 10.26 12.24
C SER D 3656 91.45 9.99 10.75
N TYR D 3657 92.27 9.04 10.33
CA TYR D 3657 92.47 8.79 8.90
C TYR D 3657 91.37 7.85 8.36
N LYS D 3658 90.24 7.77 9.08
CA LYS D 3658 89.02 7.21 8.50
C LYS D 3658 88.35 8.28 7.66
N ALA D 3659 89.13 8.87 6.76
CA ALA D 3659 88.63 9.83 5.79
C ALA D 3659 89.16 9.54 4.40
N ALA D 3660 89.67 8.32 4.17
CA ALA D 3660 90.04 7.87 2.84
C ALA D 3660 89.41 6.52 2.46
N TRP D 3661 88.94 5.74 3.43
CA TRP D 3661 88.14 4.55 3.12
C TRP D 3661 86.65 4.81 3.17
N ILE D 3662 86.17 5.52 4.20
CA ILE D 3662 84.73 5.66 4.40
C ILE D 3662 84.09 6.43 3.25
N LEU D 3663 84.85 7.28 2.58
CA LEU D 3663 84.30 8.02 1.45
C LEU D 3663 84.62 7.39 0.11
N THR D 3664 85.75 6.70 -0.03
CA THR D 3664 86.05 6.03 -1.29
C THR D 3664 85.06 4.91 -1.53
N GLU D 3665 84.76 4.67 -2.80
CA GLU D 3665 83.83 3.62 -3.20
C GLU D 3665 84.54 2.63 -4.10
N ASP D 3666 84.40 1.35 -3.78
CA ASP D 3666 84.96 0.29 -4.61
C ASP D 3666 83.99 -0.17 -5.69
N HIS D 3667 82.69 -0.01 -5.44
CA HIS D 3667 81.65 -0.54 -6.33
C HIS D 3667 81.91 -2.01 -6.58
N SER D 3668 82.53 -2.31 -7.73
CA SER D 3668 83.03 -3.64 -8.05
C SER D 3668 82.00 -4.72 -7.77
N PHE D 3669 82.13 -5.39 -6.63
CA PHE D 3669 81.19 -6.44 -6.26
C PHE D 3669 79.80 -5.89 -6.04
N GLU D 3670 78.93 -6.08 -7.04
CA GLU D 3670 77.55 -5.60 -7.13
C GLU D 3670 76.96 -6.11 -8.43
N ASP D 3671 77.54 -5.67 -9.55
CA ASP D 3671 77.14 -6.10 -10.88
C ASP D 3671 77.98 -7.26 -11.39
N ARG D 3672 79.28 -7.30 -11.06
CA ARG D 3672 80.09 -8.46 -11.40
C ARG D 3672 79.79 -9.65 -10.51
N MET D 3673 79.13 -9.42 -9.36
CA MET D 3673 78.80 -10.52 -8.46
C MET D 3673 77.70 -11.40 -9.04
N ILE D 3674 76.53 -10.82 -9.25
CA ILE D 3674 75.41 -11.58 -9.80
C ILE D 3674 75.67 -12.00 -11.24
N ASP D 3675 76.70 -11.43 -11.88
CA ASP D 3675 77.02 -11.84 -13.25
C ASP D 3675 77.79 -13.16 -13.26
N ASP D 3676 78.95 -13.21 -12.60
CA ASP D 3676 79.74 -14.44 -12.60
C ASP D 3676 79.08 -15.51 -11.73
N LEU D 3677 78.57 -15.12 -10.56
CA LEU D 3677 77.74 -16.02 -9.78
C LEU D 3677 76.34 -16.08 -10.41
N SER D 3678 75.54 -17.05 -9.96
CA SER D 3678 74.17 -17.20 -10.44
C SER D 3678 74.13 -17.39 -11.94
N LYS D 3679 73.93 -16.31 -12.68
CA LYS D 3679 73.90 -16.37 -14.13
C LYS D 3679 75.20 -16.95 -14.66
N ALA D 3680 75.10 -17.73 -15.73
CA ALA D 3680 76.20 -18.48 -16.31
C ALA D 3680 76.79 -19.50 -15.34
N GLY D 3681 76.11 -19.76 -14.21
CA GLY D 3681 76.59 -20.77 -13.29
C GLY D 3681 76.53 -22.16 -13.89
N GLU D 3682 75.41 -22.49 -14.54
CA GLU D 3682 75.23 -23.79 -15.18
C GLU D 3682 76.03 -23.77 -16.48
N GLN D 3683 77.31 -24.15 -16.38
CA GLN D 3683 78.19 -24.16 -17.53
C GLN D 3683 78.08 -25.50 -18.27
N GLU D 3684 78.99 -25.73 -19.22
CA GLU D 3684 79.00 -26.97 -19.99
C GLU D 3684 79.48 -28.17 -19.18
N GLU D 3685 79.73 -27.99 -17.87
CA GLU D 3685 80.15 -29.12 -17.05
C GLU D 3685 79.08 -30.20 -17.00
N GLU D 3686 77.81 -29.81 -16.93
CA GLU D 3686 76.73 -30.78 -16.92
C GLU D 3686 76.71 -31.57 -18.22
N GLU D 3687 76.54 -32.89 -18.10
CA GLU D 3687 76.59 -33.79 -19.23
C GLU D 3687 75.21 -34.24 -19.72
N GLU D 3688 74.29 -34.51 -18.81
CA GLU D 3688 72.97 -34.99 -19.19
C GLU D 3688 71.97 -34.63 -18.12
N GLU D 3689 70.69 -34.66 -18.50
CA GLU D 3689 69.59 -34.39 -17.60
C GLU D 3689 68.37 -35.17 -18.06
N VAL D 3690 67.41 -35.34 -17.16
CA VAL D 3690 66.23 -36.14 -17.46
C VAL D 3690 64.96 -35.30 -17.35
N GLU D 3691 64.66 -34.82 -16.16
CA GLU D 3691 63.43 -34.07 -15.94
C GLU D 3691 63.66 -32.71 -15.31
N GLU D 3692 64.58 -32.61 -14.35
CA GLU D 3692 64.86 -31.37 -13.63
C GLU D 3692 66.25 -30.87 -13.99
N LYS D 3693 66.67 -29.79 -13.33
CA LYS D 3693 67.96 -29.19 -13.56
C LYS D 3693 68.66 -28.91 -12.24
N LYS D 3694 69.98 -29.03 -12.25
CA LYS D 3694 70.77 -28.78 -11.06
C LYS D 3694 70.69 -27.31 -10.67
N PRO D 3695 70.33 -26.99 -9.42
CA PRO D 3695 70.23 -25.58 -9.02
C PRO D 3695 71.55 -24.85 -9.19
N ASP D 3696 71.48 -23.65 -9.76
CA ASP D 3696 72.66 -22.82 -9.96
C ASP D 3696 73.13 -22.24 -8.63
N PRO D 3697 74.40 -21.77 -8.57
CA PRO D 3697 74.99 -21.43 -7.27
C PRO D 3697 74.18 -20.47 -6.41
N LEU D 3698 73.53 -19.47 -7.02
CA LEU D 3698 72.70 -18.56 -6.23
C LEU D 3698 71.53 -19.29 -5.60
N HIS D 3699 70.96 -20.26 -6.32
CA HIS D 3699 69.78 -20.96 -5.82
C HIS D 3699 70.05 -21.68 -4.51
N GLN D 3700 71.27 -22.22 -4.33
CA GLN D 3700 71.62 -22.82 -3.06
C GLN D 3700 71.65 -21.78 -1.95
N LEU D 3701 72.15 -20.58 -2.25
CA LEU D 3701 72.31 -19.56 -1.22
C LEU D 3701 70.98 -19.16 -0.60
N VAL D 3702 70.01 -18.79 -1.43
CA VAL D 3702 68.76 -18.26 -0.90
C VAL D 3702 68.01 -19.31 -0.10
N LEU D 3703 67.95 -20.53 -0.62
CA LEU D 3703 67.24 -21.61 0.08
C LEU D 3703 67.88 -21.89 1.43
N HIS D 3704 69.19 -21.69 1.54
CA HIS D 3704 69.85 -21.81 2.83
C HIS D 3704 69.29 -20.80 3.83
N PHE D 3705 69.11 -19.54 3.40
CA PHE D 3705 68.47 -18.56 4.28
C PHE D 3705 67.03 -18.93 4.58
N SER D 3706 66.32 -19.45 3.58
CA SER D 3706 64.99 -19.99 3.83
C SER D 3706 65.06 -21.18 4.78
N ARG D 3707 66.10 -22.01 4.64
CA ARG D 3707 66.26 -23.17 5.51
C ARG D 3707 66.42 -22.75 6.96
N THR D 3708 67.33 -21.80 7.22
CA THR D 3708 67.54 -21.34 8.59
C THR D 3708 66.39 -20.49 9.10
N ALA D 3709 65.60 -19.89 8.22
CA ALA D 3709 64.46 -19.10 8.66
C ALA D 3709 63.38 -20.01 9.26
N LEU D 3710 63.17 -21.18 8.66
CA LEU D 3710 62.14 -22.10 9.15
C LEU D 3710 62.55 -22.84 10.41
N THR D 3711 63.81 -22.75 10.83
CA THR D 3711 64.25 -23.43 12.04
C THR D 3711 63.42 -22.96 13.23
N GLU D 3712 62.90 -23.90 13.99
CA GLU D 3712 62.01 -23.57 15.10
C GLU D 3712 62.82 -22.95 16.23
N LYS D 3713 62.71 -21.63 16.37
CA LYS D 3713 63.45 -20.89 17.38
C LYS D 3713 62.54 -19.84 17.98
N SER D 3714 63.01 -19.21 19.06
CA SER D 3714 62.22 -18.19 19.75
C SER D 3714 62.46 -16.80 19.17
N LYS D 3715 63.73 -16.41 19.02
CA LYS D 3715 64.09 -15.11 18.48
C LYS D 3715 65.24 -15.28 17.51
N LEU D 3716 65.20 -14.55 16.40
CA LEU D 3716 66.26 -14.63 15.41
C LEU D 3716 67.56 -14.08 15.96
N ASP D 3717 68.66 -14.70 15.55
CA ASP D 3717 69.99 -14.28 15.97
C ASP D 3717 70.46 -13.14 15.08
N GLU D 3718 71.74 -12.77 15.21
CA GLU D 3718 72.26 -11.64 14.43
C GLU D 3718 72.60 -12.05 13.00
N ASP D 3719 73.56 -12.96 12.86
CA ASP D 3719 73.92 -13.50 11.54
C ASP D 3719 74.27 -12.36 10.57
N TYR D 3720 75.36 -11.67 10.88
CA TYR D 3720 75.79 -10.56 10.04
C TYR D 3720 76.02 -11.01 8.61
N LEU D 3721 76.34 -12.30 8.42
CA LEU D 3721 76.48 -12.85 7.08
C LEU D 3721 75.23 -12.60 6.26
N TYR D 3722 74.05 -12.65 6.89
CA TYR D 3722 72.82 -12.35 6.19
C TYR D 3722 72.78 -10.90 5.75
N MET D 3723 73.25 -9.98 6.60
CA MET D 3723 73.29 -8.57 6.22
C MET D 3723 74.21 -8.34 5.03
N ALA D 3724 75.36 -9.02 5.01
CA ALA D 3724 76.34 -8.78 3.96
C ALA D 3724 75.77 -9.12 2.58
N TYR D 3725 74.96 -10.17 2.50
CA TYR D 3725 74.37 -10.57 1.23
C TYR D 3725 73.01 -9.93 0.95
N ALA D 3726 72.27 -9.57 1.99
CA ALA D 3726 70.98 -8.91 1.77
C ALA D 3726 71.18 -7.56 1.07
N ASP D 3727 72.17 -6.79 1.51
CA ASP D 3727 72.40 -5.48 0.92
C ASP D 3727 72.89 -5.58 -0.52
N ILE D 3728 73.82 -6.50 -0.80
CA ILE D 3728 74.39 -6.57 -2.14
C ILE D 3728 73.37 -7.11 -3.13
N MET D 3729 72.36 -7.84 -2.67
CA MET D 3729 71.28 -8.25 -3.58
C MET D 3729 70.37 -7.08 -3.94
N ALA D 3730 70.34 -6.01 -3.15
CA ALA D 3730 69.44 -4.91 -3.40
C ALA D 3730 69.99 -3.95 -4.45
N LYS D 3731 71.25 -3.56 -4.33
CA LYS D 3731 71.85 -2.65 -5.30
C LYS D 3731 72.02 -3.28 -6.68
N SER D 3732 71.90 -4.60 -6.80
CA SER D 3732 72.03 -5.26 -8.09
C SER D 3732 70.87 -4.96 -9.02
N CYS D 3733 69.79 -4.35 -8.53
CA CYS D 3733 68.60 -4.08 -9.33
C CYS D 3733 68.39 -2.60 -9.60
N HIS D 3734 68.43 -1.76 -8.55
CA HIS D 3734 68.09 -0.35 -8.66
C HIS D 3734 69.22 0.51 -9.20
N LEU D 3735 70.23 -0.09 -9.85
CA LEU D 3735 71.35 0.68 -10.36
C LEU D 3735 70.88 1.78 -11.31
N GLU D 3736 69.99 1.45 -12.23
CA GLU D 3736 69.45 2.42 -13.17
C GLU D 3736 68.20 3.12 -12.65
N GLU D 3737 67.70 2.74 -11.48
CA GLU D 3737 66.50 3.37 -10.92
C GLU D 3737 66.78 4.80 -10.49
N GLU D 3747 66.86 21.24 -16.06
CA GLU D 3747 68.20 20.74 -15.81
C GLU D 3747 68.44 19.40 -16.52
N GLU D 3748 67.47 19.00 -17.33
CA GLU D 3748 67.57 17.74 -18.06
C GLU D 3748 66.61 17.79 -19.24
N VAL D 3749 67.08 17.38 -20.41
CA VAL D 3749 66.24 17.38 -21.60
C VAL D 3749 65.12 16.35 -21.45
N GLU D 3750 64.07 16.53 -22.23
CA GLU D 3750 62.94 15.61 -22.20
C GLU D 3750 63.35 14.25 -22.74
N VAL D 3751 62.92 13.19 -22.07
CA VAL D 3751 63.26 11.83 -22.46
C VAL D 3751 62.38 11.40 -23.63
N SER D 3752 63.01 10.83 -24.66
CA SER D 3752 62.26 10.33 -25.80
C SER D 3752 61.55 9.03 -25.44
N PHE D 3753 60.58 8.67 -26.28
CA PHE D 3753 59.76 7.50 -26.01
C PHE D 3753 60.56 6.20 -26.04
N GLU D 3754 61.41 6.05 -27.06
CA GLU D 3754 62.09 4.77 -27.27
C GLU D 3754 63.05 4.43 -26.14
N GLU D 3755 63.74 5.42 -25.58
CA GLU D 3755 64.77 5.13 -24.59
C GLU D 3755 64.18 4.73 -23.26
N LYS D 3756 63.05 5.33 -22.87
CA LYS D 3756 62.54 5.13 -21.51
C LYS D 3756 62.05 3.70 -21.28
N GLU D 3757 61.63 2.99 -22.33
CA GLU D 3757 61.32 1.58 -22.17
C GLU D 3757 62.56 0.75 -21.86
N MET D 3758 63.73 1.14 -22.36
CA MET D 3758 64.95 0.39 -22.10
C MET D 3758 65.24 0.33 -20.60
N GLU D 3759 65.02 1.44 -19.89
CA GLU D 3759 65.22 1.40 -18.44
C GLU D 3759 64.21 0.50 -17.76
N LYS D 3760 62.92 0.65 -18.08
CA LYS D 3760 61.93 -0.21 -17.43
C LYS D 3760 61.92 -1.64 -17.95
N GLN D 3761 62.60 -1.91 -19.06
CA GLN D 3761 62.83 -3.30 -19.45
C GLN D 3761 64.09 -3.87 -18.80
N ARG D 3762 65.16 -3.08 -18.73
CA ARG D 3762 66.36 -3.51 -18.04
C ARG D 3762 66.08 -3.74 -16.56
N LEU D 3763 65.34 -2.82 -15.92
CA LEU D 3763 64.95 -3.03 -14.54
C LEU D 3763 64.08 -4.27 -14.40
N LEU D 3764 63.13 -4.46 -15.33
CA LEU D 3764 62.27 -5.64 -15.29
C LEU D 3764 63.06 -6.92 -15.44
N TYR D 3765 64.14 -6.90 -16.22
CA TYR D 3765 64.98 -8.09 -16.37
C TYR D 3765 65.97 -8.25 -15.24
N GLN D 3766 66.51 -7.15 -14.72
CA GLN D 3766 67.50 -7.23 -13.65
C GLN D 3766 66.93 -7.92 -12.43
N GLN D 3767 65.68 -7.62 -12.09
CA GLN D 3767 65.00 -8.31 -11.00
C GLN D 3767 64.26 -9.57 -11.46
N SER D 3768 64.16 -9.81 -12.77
CA SER D 3768 63.52 -11.03 -13.25
C SER D 3768 64.31 -12.25 -12.83
N ARG D 3769 65.63 -12.19 -12.96
CA ARG D 3769 66.47 -13.29 -12.50
C ARG D 3769 66.40 -13.49 -11.00
N LEU D 3770 65.97 -12.47 -10.26
CA LEU D 3770 66.01 -12.49 -8.81
C LEU D 3770 64.65 -12.84 -8.18
N HIS D 3771 63.63 -13.14 -8.97
CA HIS D 3771 62.41 -13.70 -8.41
C HIS D 3771 62.08 -15.08 -8.95
N THR D 3772 62.49 -15.41 -10.19
CA THR D 3772 62.36 -16.76 -10.67
C THR D 3772 63.24 -17.72 -9.86
N ARG D 3773 64.42 -17.26 -9.46
CA ARG D 3773 65.40 -18.08 -8.77
C ARG D 3773 65.11 -18.10 -7.26
N GLY D 3774 63.94 -18.63 -6.91
CA GLY D 3774 63.51 -18.68 -5.53
C GLY D 3774 63.31 -17.30 -4.94
N ALA D 3775 64.20 -16.90 -4.04
CA ALA D 3775 64.27 -15.55 -3.51
C ALA D 3775 62.94 -15.02 -3.00
N ALA D 3776 62.22 -14.26 -3.84
CA ALA D 3776 61.05 -13.48 -3.46
C ALA D 3776 60.20 -14.14 -2.40
N GLU D 3777 59.98 -15.45 -2.51
CA GLU D 3777 59.31 -16.17 -1.44
C GLU D 3777 60.32 -16.56 -0.35
N MET D 3778 61.07 -15.58 0.16
CA MET D 3778 61.78 -15.76 1.41
C MET D 3778 61.62 -14.53 2.28
N VAL D 3779 61.38 -13.37 1.65
CA VAL D 3779 61.23 -12.14 2.41
C VAL D 3779 59.98 -12.18 3.29
N LEU D 3780 58.91 -12.82 2.82
CA LEU D 3780 57.75 -13.03 3.67
C LEU D 3780 58.07 -14.00 4.80
N GLN D 3781 58.88 -15.01 4.51
CA GLN D 3781 59.30 -15.96 5.53
C GLN D 3781 60.22 -15.31 6.54
N MET D 3782 61.05 -14.35 6.12
CA MET D 3782 61.99 -13.71 7.03
C MET D 3782 61.28 -12.74 7.97
N ILE D 3783 60.32 -11.98 7.46
CA ILE D 3783 59.58 -11.04 8.30
C ILE D 3783 58.73 -11.79 9.32
N SER D 3784 58.11 -12.90 8.91
CA SER D 3784 57.22 -13.64 9.80
C SER D 3784 57.98 -14.18 11.00
N ALA D 3785 59.23 -14.60 10.81
CA ALA D 3785 60.02 -15.14 11.91
C ALA D 3785 60.27 -14.09 12.98
N CYS D 3786 60.56 -12.87 12.58
CA CYS D 3786 60.80 -11.77 13.52
C CYS D 3786 59.44 -11.20 13.94
N LYS D 3787 59.00 -11.55 15.14
CA LYS D 3787 57.64 -11.20 15.58
C LYS D 3787 57.42 -9.69 15.69
N GLY D 3788 58.11 -9.04 16.63
CA GLY D 3788 57.84 -7.63 16.86
C GLY D 3788 59.05 -6.79 17.24
N GLU D 3789 60.25 -7.28 16.96
CA GLU D 3789 61.48 -6.61 17.39
C GLU D 3789 62.09 -5.90 16.18
N THR D 3790 62.08 -4.57 16.22
CA THR D 3790 62.54 -3.77 15.10
C THR D 3790 64.05 -3.60 15.09
N GLY D 3791 64.78 -4.69 15.23
CA GLY D 3791 66.22 -4.65 15.18
C GLY D 3791 66.72 -4.45 13.77
N ALA D 3792 68.03 -4.68 13.61
CA ALA D 3792 68.64 -4.57 12.29
C ALA D 3792 68.21 -5.68 11.34
N MET D 3793 67.53 -6.70 11.84
CA MET D 3793 67.12 -7.84 11.02
C MET D 3793 66.17 -7.41 9.91
N VAL D 3794 65.00 -6.91 10.29
CA VAL D 3794 63.97 -6.55 9.30
C VAL D 3794 64.38 -5.33 8.51
N SER D 3795 65.14 -4.42 9.12
CA SER D 3795 65.54 -3.20 8.42
C SER D 3795 66.34 -3.52 7.16
N SER D 3796 67.28 -4.45 7.27
CA SER D 3796 68.02 -4.89 6.09
C SER D 3796 67.22 -5.82 5.20
N THR D 3797 66.11 -6.38 5.71
CA THR D 3797 65.25 -7.23 4.90
C THR D 3797 64.21 -6.42 4.14
N LEU D 3798 63.55 -5.48 4.82
CA LEU D 3798 62.60 -4.61 4.13
C LEU D 3798 63.28 -3.77 3.05
N LYS D 3799 64.56 -3.43 3.26
CA LYS D 3799 65.30 -2.72 2.22
C LYS D 3799 65.38 -3.55 0.95
N LEU D 3800 65.55 -4.86 1.09
CA LEU D 3800 65.57 -5.74 -0.08
C LEU D 3800 64.22 -5.74 -0.78
N GLY D 3801 63.14 -5.95 -0.03
CA GLY D 3801 61.84 -6.16 -0.64
C GLY D 3801 61.39 -5.03 -1.55
N ILE D 3802 61.85 -3.81 -1.29
CA ILE D 3802 61.53 -2.69 -2.18
C ILE D 3802 62.15 -2.91 -3.55
N SER D 3803 63.36 -3.49 -3.59
CA SER D 3803 64.09 -3.58 -4.84
C SER D 3803 63.50 -4.61 -5.79
N ILE D 3804 62.90 -5.69 -5.27
CA ILE D 3804 62.33 -6.70 -6.15
C ILE D 3804 61.09 -6.18 -6.85
N LEU D 3805 60.24 -5.45 -6.13
CA LEU D 3805 58.92 -5.07 -6.62
C LEU D 3805 58.75 -3.56 -6.77
N ASN D 3806 59.81 -2.88 -7.21
CA ASN D 3806 59.65 -1.50 -7.63
C ASN D 3806 58.81 -1.43 -8.90
N GLY D 3807 58.44 -0.21 -9.29
CA GLY D 3807 57.53 -0.06 -10.41
C GLY D 3807 56.21 -0.72 -10.10
N GLY D 3808 55.70 -1.53 -11.03
CA GLY D 3808 54.52 -2.30 -10.76
C GLY D 3808 54.82 -3.77 -10.49
N ASN D 3809 55.63 -4.38 -11.35
CA ASN D 3809 56.05 -5.78 -11.22
C ASN D 3809 54.88 -6.69 -10.87
N ALA D 3810 53.98 -6.86 -11.83
CA ALA D 3810 52.79 -7.65 -11.60
C ALA D 3810 53.11 -9.10 -11.26
N GLU D 3811 54.12 -9.67 -11.92
CA GLU D 3811 54.41 -11.09 -11.75
C GLU D 3811 54.85 -11.42 -10.33
N VAL D 3812 55.69 -10.59 -9.73
CA VAL D 3812 56.20 -10.91 -8.39
C VAL D 3812 55.08 -10.81 -7.36
N GLN D 3813 54.10 -9.91 -7.57
CA GLN D 3813 52.97 -9.84 -6.66
C GLN D 3813 52.16 -11.11 -6.70
N GLN D 3814 52.00 -11.71 -7.89
CA GLN D 3814 51.21 -12.94 -8.01
C GLN D 3814 51.83 -14.07 -7.21
N LYS D 3815 53.16 -14.21 -7.25
CA LYS D 3815 53.82 -15.28 -6.51
C LYS D 3815 53.61 -15.12 -5.01
N MET D 3816 53.71 -13.89 -4.52
CA MET D 3816 53.55 -13.65 -3.08
C MET D 3816 52.13 -13.97 -2.64
N LEU D 3817 51.13 -13.64 -3.44
CA LEU D 3817 49.75 -13.93 -3.06
C LEU D 3817 49.52 -15.44 -3.00
N ASP D 3818 50.08 -16.18 -3.95
CA ASP D 3818 49.85 -17.63 -4.00
C ASP D 3818 50.37 -18.31 -2.73
N TYR D 3819 51.55 -17.92 -2.25
CA TYR D 3819 52.10 -18.54 -1.06
C TYR D 3819 51.23 -18.28 0.16
N LEU D 3820 50.76 -17.04 0.33
CA LEU D 3820 49.93 -16.72 1.48
C LEU D 3820 48.62 -17.51 1.45
N LYS D 3821 48.09 -17.76 0.25
CA LYS D 3821 46.93 -18.61 0.11
C LYS D 3821 47.25 -20.09 0.29
N ASP D 3822 48.53 -20.46 0.25
CA ASP D 3822 48.94 -21.86 0.32
C ASP D 3822 49.35 -22.27 1.73
N LYS D 3823 50.26 -21.52 2.35
CA LYS D 3823 50.65 -21.83 3.72
C LYS D 3823 49.47 -21.69 4.68
N LYS D 3824 48.64 -20.66 4.48
CA LYS D 3824 47.38 -20.50 5.20
C LYS D 3824 47.58 -20.46 6.72
N GLU D 3825 48.73 -19.92 7.14
CA GLU D 3825 49.00 -19.61 8.53
C GLU D 3825 49.03 -18.10 8.68
N VAL D 3826 48.81 -17.61 9.90
CA VAL D 3826 48.74 -16.17 10.05
C VAL D 3826 50.17 -15.64 10.06
N GLY D 3827 50.89 -15.83 11.17
CA GLY D 3827 52.33 -15.83 11.20
C GLY D 3827 53.04 -14.55 10.76
N PHE D 3828 52.34 -13.74 9.95
CA PHE D 3828 52.94 -12.60 9.29
C PHE D 3828 52.20 -11.30 9.56
N PHE D 3829 50.87 -11.30 9.42
CA PHE D 3829 50.09 -10.11 9.71
C PHE D 3829 50.15 -9.72 11.19
N GLN D 3830 50.46 -10.66 12.07
CA GLN D 3830 50.75 -10.30 13.46
C GLN D 3830 51.96 -9.39 13.53
N SER D 3831 53.01 -9.70 12.76
CA SER D 3831 54.23 -8.90 12.79
C SER D 3831 53.97 -7.50 12.28
N ILE D 3832 53.34 -7.37 11.11
CA ILE D 3832 53.09 -6.06 10.53
C ILE D 3832 52.25 -5.21 11.48
N GLN D 3833 51.19 -5.79 12.04
CA GLN D 3833 50.34 -5.04 12.95
C GLN D 3833 51.10 -4.61 14.20
N ALA D 3834 51.88 -5.52 14.79
CA ALA D 3834 52.62 -5.18 16.00
C ALA D 3834 53.76 -4.21 15.71
N LEU D 3835 54.47 -4.42 14.60
CA LEU D 3835 55.67 -3.65 14.32
C LEU D 3835 55.34 -2.16 14.18
N MET D 3836 54.34 -1.82 13.37
CA MET D 3836 54.05 -0.43 13.11
C MET D 3836 53.45 0.29 14.31
N GLN D 3837 52.99 -0.44 15.33
CA GLN D 3837 52.56 0.22 16.56
C GLN D 3837 53.73 0.67 17.41
N THR D 3838 54.93 0.17 17.15
CA THR D 3838 56.12 0.60 17.86
C THR D 3838 56.83 1.76 17.18
N CYS D 3839 56.33 2.22 16.03
CA CYS D 3839 56.93 3.35 15.35
C CYS D 3839 56.78 4.61 16.20
N SER D 3840 57.77 5.50 16.09
CA SER D 3840 57.79 6.70 16.90
C SER D 3840 57.10 7.85 16.18
N VAL D 3841 56.78 8.89 16.93
CA VAL D 3841 56.19 10.12 16.42
C VAL D 3841 57.02 11.29 16.93
N LEU D 3842 56.62 12.49 16.53
CA LEU D 3842 57.36 13.70 16.89
C LEU D 3842 57.09 14.00 18.36
N ASP D 3843 57.96 13.50 19.22
CA ASP D 3843 57.89 13.84 20.63
C ASP D 3843 58.45 15.24 20.87
N LEU D 3844 57.95 15.90 21.91
CA LEU D 3844 58.39 17.24 22.26
C LEU D 3844 59.30 17.29 23.47
N ASN D 3845 59.11 16.40 24.44
CA ASN D 3845 60.00 16.38 25.61
C ASN D 3845 61.43 16.07 25.20
N ALA D 3846 61.61 15.10 24.30
CA ALA D 3846 62.95 14.76 23.84
C ALA D 3846 63.61 15.92 23.12
N PHE D 3847 62.83 16.81 22.51
CA PHE D 3847 63.40 17.95 21.81
C PHE D 3847 64.14 18.88 22.78
N GLU D 3848 63.56 19.11 23.96
CA GLU D 3848 64.20 19.97 24.94
C GLU D 3848 65.54 19.40 25.39
N ARG D 3849 65.65 18.08 25.45
CA ARG D 3849 66.90 17.46 25.88
C ARG D 3849 68.02 17.76 24.89
N GLN D 3850 67.72 17.81 23.59
CA GLN D 3850 68.69 18.32 22.64
C GLN D 3850 68.99 19.79 22.87
N ASN D 3851 67.95 20.60 23.11
CA ASN D 3851 68.11 22.05 23.04
C ASN D 3851 69.06 22.58 24.11
N LYS D 3852 69.28 21.85 25.19
CA LYS D 3852 70.32 22.23 26.15
C LYS D 3852 71.60 21.41 26.00
N ALA D 3853 71.49 20.15 25.56
CA ALA D 3853 72.69 19.36 25.31
C ALA D 3853 73.52 19.97 24.18
N GLU D 3854 72.86 20.55 23.17
CA GLU D 3854 73.57 21.25 22.12
C GLU D 3854 74.22 22.54 22.61
N GLY D 3855 73.87 23.01 23.81
CA GLY D 3855 74.50 24.20 24.34
C GLY D 3855 76.00 24.04 24.54
N LEU D 3856 76.43 22.84 24.93
CA LEU D 3856 77.86 22.56 25.13
C LEU D 3856 78.54 22.25 23.79
N GLY D 3857 79.80 22.65 23.60
CA GLY D 3857 80.48 22.57 22.32
C GLY D 3857 81.62 21.57 22.27
N MET D 3858 82.24 21.30 23.42
CA MET D 3858 83.36 20.38 23.47
C MET D 3858 83.59 19.95 24.91
N VAL D 3859 84.10 18.73 25.08
CA VAL D 3859 84.48 18.22 26.39
C VAL D 3859 85.73 18.98 26.85
N ASN D 3860 86.12 18.80 28.11
CA ASN D 3860 87.29 19.48 28.65
C ASN D 3860 88.48 19.35 27.70
N GLU D 3861 88.94 18.12 27.46
CA GLU D 3861 89.81 17.86 26.31
C GLU D 3861 89.61 16.40 25.91
N ASP D 3862 88.63 16.17 25.02
CA ASP D 3862 88.50 14.86 24.37
C ASP D 3862 87.80 15.07 23.03
N GLY D 3863 88.60 15.29 21.98
CA GLY D 3863 88.12 15.29 20.61
C GLY D 3863 86.81 16.00 20.32
N THR D 3864 86.43 16.94 21.19
CA THR D 3864 85.12 17.60 21.12
C THR D 3864 83.99 16.57 21.21
N VAL D 3865 82.76 17.00 20.94
CA VAL D 3865 81.61 16.09 20.97
C VAL D 3865 81.77 15.10 19.81
N ILE D 3866 82.07 13.84 20.14
CA ILE D 3866 82.29 12.83 19.10
C ILE D 3866 80.99 12.52 18.37
N ASN D 3867 79.88 12.49 19.09
CA ASN D 3867 78.60 12.18 18.47
C ASN D 3867 78.18 13.27 17.48
N ARG D 3868 78.63 14.51 17.70
CA ARG D 3868 78.31 15.64 16.84
C ARG D 3868 76.82 15.81 16.66
N GLN D 3869 76.27 15.31 15.56
CA GLN D 3869 74.84 15.41 15.31
C GLN D 3869 74.04 14.64 16.36
N ASN D 3870 74.37 13.37 16.56
CA ASN D 3870 73.67 12.51 17.53
C ASN D 3870 72.16 12.57 17.32
N GLY D 3871 71.73 12.49 16.06
CA GLY D 3871 70.34 12.70 15.70
C GLY D 3871 69.36 11.74 16.35
N GLU D 3872 69.84 10.64 16.93
CA GLU D 3872 68.96 9.62 17.49
C GLU D 3872 68.27 10.21 18.71
N LYS D 3873 67.03 10.65 18.53
CA LYS D 3873 66.20 11.16 19.61
C LYS D 3873 64.78 11.44 19.13
N VAL D 3874 64.61 12.48 18.29
CA VAL D 3874 63.28 12.92 17.89
C VAL D 3874 62.58 11.84 17.06
N MET D 3875 63.26 11.33 16.04
CA MET D 3875 62.74 10.21 15.26
C MET D 3875 63.60 8.96 15.39
N ALA D 3876 64.88 9.05 15.02
CA ALA D 3876 65.79 7.89 15.00
C ALA D 3876 65.22 6.73 14.19
N ASP D 3877 64.17 6.96 13.42
CA ASP D 3877 63.53 5.89 12.65
C ASP D 3877 63.12 6.28 11.24
N ASP D 3878 63.17 7.56 10.87
CA ASP D 3878 62.66 7.98 9.57
C ASP D 3878 63.29 7.20 8.41
N GLU D 3879 64.56 6.81 8.56
CA GLU D 3879 65.19 5.98 7.55
C GLU D 3879 64.58 4.60 7.47
N PHE D 3880 63.80 4.19 8.47
CA PHE D 3880 63.18 2.87 8.51
C PHE D 3880 61.67 2.91 8.40
N THR D 3881 60.99 3.73 9.22
CA THR D 3881 59.54 3.77 9.19
C THR D 3881 58.99 4.34 7.88
N GLN D 3882 59.80 5.07 7.13
CA GLN D 3882 59.38 5.54 5.81
C GLN D 3882 59.36 4.41 4.79
N ASP D 3883 60.11 3.33 5.04
CA ASP D 3883 60.14 2.20 4.12
C ASP D 3883 59.05 1.18 4.39
N LEU D 3884 58.61 1.05 5.64
CA LEU D 3884 57.54 0.10 5.95
C LEU D 3884 56.26 0.45 5.21
N PHE D 3885 55.88 1.73 5.21
CA PHE D 3885 54.69 2.14 4.48
C PHE D 3885 54.90 2.06 2.97
N ARG D 3886 56.09 2.40 2.49
CA ARG D 3886 56.36 2.25 1.07
C ARG D 3886 56.23 0.80 0.63
N PHE D 3887 56.65 -0.14 1.49
CA PHE D 3887 56.49 -1.55 1.16
C PHE D 3887 55.02 -1.90 1.00
N LEU D 3888 54.18 -1.41 1.90
CA LEU D 3888 52.74 -1.67 1.81
C LEU D 3888 52.14 -1.03 0.56
N GLN D 3889 52.54 0.21 0.26
CA GLN D 3889 51.99 0.89 -0.91
C GLN D 3889 52.33 0.17 -2.20
N LEU D 3890 53.58 -0.27 -2.35
CA LEU D 3890 53.99 -0.95 -3.58
C LEU D 3890 53.31 -2.30 -3.75
N LEU D 3891 52.77 -2.88 -2.67
CA LEU D 3891 52.03 -4.13 -2.81
C LEU D 3891 50.79 -3.93 -3.66
N CYS D 3892 50.03 -2.88 -3.38
CA CYS D 3892 48.80 -2.59 -4.11
C CYS D 3892 49.06 -1.56 -5.21
N GLU D 3893 49.99 -1.88 -6.09
CA GLU D 3893 50.34 -1.02 -7.21
C GLU D 3893 49.81 -1.62 -8.50
N GLY D 3894 49.52 -0.75 -9.47
CA GLY D 3894 48.90 -1.21 -10.69
C GLY D 3894 47.44 -1.56 -10.55
N HIS D 3895 46.78 -1.05 -9.51
CA HIS D 3895 45.35 -1.24 -9.29
C HIS D 3895 45.00 -2.72 -9.13
N ASN D 3896 45.91 -3.49 -8.56
CA ASN D 3896 45.63 -4.91 -8.29
C ASN D 3896 44.46 -5.01 -7.33
N ASN D 3897 43.46 -5.80 -7.70
CA ASN D 3897 42.22 -5.88 -6.95
C ASN D 3897 42.13 -7.18 -6.16
N ASP D 3898 43.27 -7.70 -5.72
CA ASP D 3898 43.29 -8.84 -4.81
C ASP D 3898 43.96 -8.50 -3.49
N PHE D 3899 45.15 -7.89 -3.52
CA PHE D 3899 45.73 -7.33 -2.30
C PHE D 3899 44.86 -6.21 -1.75
N GLN D 3900 44.31 -5.35 -2.62
CA GLN D 3900 43.44 -4.28 -2.16
C GLN D 3900 42.21 -4.82 -1.45
N ASN D 3901 41.86 -6.09 -1.67
CA ASN D 3901 40.79 -6.74 -0.94
C ASN D 3901 41.29 -7.67 0.14
N TYR D 3902 42.47 -8.28 -0.06
CA TYR D 3902 43.00 -9.21 0.92
C TYR D 3902 43.41 -8.50 2.21
N LEU D 3903 44.01 -7.31 2.09
CA LEU D 3903 44.46 -6.60 3.28
C LEU D 3903 43.31 -6.23 4.20
N ARG D 3904 42.11 -6.05 3.66
CA ARG D 3904 40.96 -5.72 4.49
C ARG D 3904 40.56 -6.90 5.38
N THR D 3905 40.43 -8.08 4.79
CA THR D 3905 40.05 -9.28 5.52
C THR D 3905 40.75 -10.48 4.90
N GLN D 3906 41.27 -11.35 5.74
CA GLN D 3906 41.91 -12.58 5.29
C GLN D 3906 40.89 -13.70 5.37
N THR D 3907 40.47 -14.21 4.22
CA THR D 3907 39.53 -15.32 4.21
C THR D 3907 40.23 -16.60 4.68
N GLY D 3908 39.43 -17.56 5.12
CA GLY D 3908 39.99 -18.75 5.72
C GLY D 3908 40.77 -18.40 6.97
N ASN D 3909 41.97 -19.00 7.10
CA ASN D 3909 42.82 -18.82 8.26
C ASN D 3909 42.04 -18.99 9.56
N THR D 3910 42.40 -18.21 10.58
CA THR D 3910 41.67 -18.25 11.83
C THR D 3910 41.19 -16.87 12.29
N THR D 3911 42.00 -15.83 12.10
CA THR D 3911 41.64 -14.48 12.53
C THR D 3911 42.09 -13.48 11.48
N THR D 3912 41.45 -12.31 11.51
CA THR D 3912 41.75 -11.21 10.60
C THR D 3912 42.37 -10.06 11.36
N ILE D 3913 43.06 -9.19 10.61
CA ILE D 3913 43.78 -8.07 11.19
C ILE D 3913 43.26 -6.72 10.68
N ASN D 3914 42.92 -6.63 9.39
CA ASN D 3914 42.38 -5.42 8.78
C ASN D 3914 43.36 -4.25 8.88
N ILE D 3915 44.47 -4.40 8.15
CA ILE D 3915 45.53 -3.40 8.10
C ILE D 3915 44.99 -2.01 7.77
N ILE D 3916 43.94 -1.93 6.96
CA ILE D 3916 43.41 -0.63 6.53
C ILE D 3916 43.11 0.26 7.73
N ILE D 3917 42.22 -0.20 8.61
CA ILE D 3917 41.90 0.57 9.80
C ILE D 3917 43.09 0.61 10.77
N CYS D 3918 44.04 -0.31 10.61
CA CYS D 3918 45.20 -0.34 11.49
C CYS D 3918 46.27 0.67 11.11
N THR D 3919 46.17 1.28 9.94
CA THR D 3919 47.12 2.33 9.54
C THR D 3919 46.56 3.73 9.76
N VAL D 3920 45.24 3.91 9.66
CA VAL D 3920 44.67 5.24 9.84
C VAL D 3920 44.89 5.72 11.27
N ASP D 3921 44.95 4.80 12.24
CA ASP D 3921 45.20 5.21 13.62
C ASP D 3921 46.58 5.86 13.75
N TYR D 3922 47.56 5.36 13.02
CA TYR D 3922 48.87 6.01 13.03
C TYR D 3922 48.79 7.43 12.48
N LEU D 3923 48.04 7.63 11.41
CA LEU D 3923 47.91 8.98 10.87
C LEU D 3923 46.81 9.73 11.62
N LEU D 3924 46.80 9.53 12.91
CA LEU D 3924 46.08 10.37 13.86
C LEU D 3924 46.93 10.74 15.06
N ARG D 3925 47.74 9.82 15.56
CA ARG D 3925 48.68 10.15 16.62
C ARG D 3925 49.76 11.10 16.11
N LEU D 3926 50.24 10.85 14.89
CA LEU D 3926 51.20 11.76 14.26
C LEU D 3926 50.59 13.14 14.06
N GLN D 3927 49.31 13.20 13.67
CA GLN D 3927 48.66 14.50 13.50
C GLN D 3927 48.55 15.24 14.82
N GLU D 3928 48.17 14.54 15.89
CA GLU D 3928 48.15 15.16 17.20
C GLU D 3928 49.53 15.61 17.66
N SER D 3929 50.60 15.09 17.05
CA SER D 3929 51.94 15.49 17.44
C SER D 3929 52.37 16.78 16.75
N ILE D 3930 52.10 16.91 15.45
CA ILE D 3930 52.46 18.13 14.74
C ILE D 3930 51.68 19.32 15.29
N SER D 3931 50.36 19.14 15.48
CA SER D 3931 49.56 20.22 16.04
C SER D 3931 50.04 20.59 17.43
N ASP D 3932 50.51 19.60 18.20
CA ASP D 3932 51.15 19.88 19.47
C ASP D 3932 52.41 20.72 19.28
N PHE D 3933 53.23 20.37 18.28
CA PHE D 3933 54.45 21.11 18.02
C PHE D 3933 54.17 22.55 17.64
N TYR D 3934 53.03 22.81 17.00
CA TYR D 3934 52.70 24.16 16.56
C TYR D 3934 52.55 25.11 17.75
N TRP D 3935 51.89 24.66 18.81
CA TRP D 3935 51.67 25.52 19.97
C TRP D 3935 52.99 25.95 20.61
N TYR D 3936 53.98 25.04 20.63
CA TYR D 3936 55.26 25.40 21.23
C TYR D 3936 55.91 26.57 20.50
N TYR D 3937 55.61 26.74 19.21
CA TYR D 3937 56.17 27.82 18.41
C TYR D 3937 55.15 28.90 18.10
N SER D 3938 53.99 28.88 18.75
CA SER D 3938 52.96 29.88 18.45
C SER D 3938 53.35 31.26 18.94
N GLY D 3939 54.08 31.35 20.03
CA GLY D 3939 54.41 32.64 20.62
C GLY D 3939 55.71 33.24 20.14
N LYS D 3940 56.51 32.46 19.42
CA LYS D 3940 57.76 32.96 18.87
C LYS D 3940 57.48 33.72 17.58
N ASP D 3941 58.54 34.18 16.93
CA ASP D 3941 58.38 34.99 15.72
C ASP D 3941 59.19 34.43 14.55
N VAL D 3942 60.32 33.78 14.87
CA VAL D 3942 61.18 33.16 13.86
C VAL D 3942 61.55 31.77 14.34
N ILE D 3943 61.55 30.81 13.41
CA ILE D 3943 61.87 29.43 13.74
C ILE D 3943 63.37 29.23 13.54
N GLU D 3944 64.06 28.80 14.59
CA GLU D 3944 65.50 28.62 14.51
C GLU D 3944 65.84 27.42 13.63
N GLU D 3945 67.13 27.30 13.29
CA GLU D 3945 67.56 26.32 12.30
C GLU D 3945 67.24 24.90 12.75
N GLN D 3946 67.46 24.59 14.02
CA GLN D 3946 67.10 23.27 14.53
C GLN D 3946 65.61 23.12 14.79
N GLY D 3947 64.83 24.19 14.66
CA GLY D 3947 63.39 24.06 14.69
C GLY D 3947 62.77 23.66 13.38
N LYS D 3948 63.54 23.71 12.29
CA LYS D 3948 63.08 23.30 10.97
C LYS D 3948 63.64 21.97 10.52
N ARG D 3949 64.86 21.63 10.93
CA ARG D 3949 65.47 20.38 10.50
C ARG D 3949 64.66 19.18 10.98
N ASN D 3950 64.23 19.20 12.25
CA ASN D 3950 63.36 18.15 12.75
C ASN D 3950 61.96 18.26 12.17
N PHE D 3951 61.47 19.48 11.98
CA PHE D 3951 60.11 19.67 11.49
C PHE D 3951 59.93 19.08 10.09
N SER D 3952 60.88 19.34 9.20
CA SER D 3952 60.77 18.80 7.85
C SER D 3952 60.87 17.27 7.85
N LYS D 3953 61.53 16.69 8.86
CA LYS D 3953 61.60 15.23 8.97
C LYS D 3953 60.21 14.64 9.14
N ALA D 3954 59.41 15.22 10.04
CA ALA D 3954 58.08 14.67 10.32
C ALA D 3954 57.15 14.84 9.13
N MET D 3955 57.15 16.01 8.49
CA MET D 3955 56.22 16.25 7.39
C MET D 3955 56.52 15.36 6.19
N SER D 3956 57.79 15.03 5.97
CA SER D 3956 58.12 14.09 4.90
C SER D 3956 57.53 12.72 5.15
N VAL D 3957 57.53 12.27 6.41
CA VAL D 3957 56.93 10.99 6.75
C VAL D 3957 55.42 11.02 6.51
N ALA D 3958 54.77 12.13 6.89
CA ALA D 3958 53.32 12.22 6.72
C ALA D 3958 52.93 12.15 5.25
N LYS D 3959 53.76 12.72 4.37
CA LYS D 3959 53.47 12.64 2.94
C LYS D 3959 53.50 11.21 2.45
N GLN D 3960 54.47 10.42 2.90
CA GLN D 3960 54.57 9.02 2.47
C GLN D 3960 53.36 8.22 2.93
N VAL D 3961 52.87 8.48 4.13
CA VAL D 3961 51.67 7.78 4.60
C VAL D 3961 50.49 8.11 3.71
N PHE D 3962 50.32 9.40 3.36
CA PHE D 3962 49.19 9.80 2.53
C PHE D 3962 49.23 9.12 1.17
N ASN D 3963 50.44 8.91 0.61
CA ASN D 3963 50.54 8.22 -0.67
C ASN D 3963 49.95 6.82 -0.59
N SER D 3964 50.23 6.10 0.50
CA SER D 3964 49.72 4.75 0.65
C SER D 3964 48.20 4.73 0.65
N LEU D 3965 47.58 5.58 1.49
CA LEU D 3965 46.13 5.58 1.63
C LEU D 3965 45.43 5.71 0.28
N THR D 3966 46.01 6.49 -0.64
CA THR D 3966 45.42 6.59 -1.96
C THR D 3966 45.45 5.26 -2.70
N GLU D 3967 46.51 4.48 -2.54
CA GLU D 3967 46.67 3.27 -3.34
C GLU D 3967 45.92 2.08 -2.78
N TYR D 3968 45.17 2.24 -1.69
CA TYR D 3968 44.15 1.26 -1.36
C TYR D 3968 42.80 1.58 -1.97
N ILE D 3969 42.64 2.79 -2.52
CA ILE D 3969 41.37 3.25 -3.05
C ILE D 3969 41.40 3.39 -4.57
N GLN D 3970 42.54 3.80 -5.13
CA GLN D 3970 42.67 3.90 -6.58
C GLN D 3970 42.36 2.56 -7.22
N GLY D 3971 41.66 2.60 -8.36
CA GLY D 3971 41.14 1.37 -8.94
C GLY D 3971 40.00 0.86 -8.10
N PRO D 3972 38.85 1.58 -8.15
CA PRO D 3972 37.83 1.52 -7.11
C PRO D 3972 37.61 0.15 -6.46
N CYS D 3973 37.63 0.15 -5.13
CA CYS D 3973 37.55 -1.04 -4.29
C CYS D 3973 36.45 -0.87 -3.26
N THR D 3974 35.25 -0.56 -3.76
CA THR D 3974 34.11 -0.07 -2.97
C THR D 3974 34.02 -0.69 -1.59
N GLY D 3975 34.25 -2.00 -1.47
CA GLY D 3975 34.31 -2.61 -0.15
C GLY D 3975 35.31 -1.95 0.77
N ASN D 3976 36.44 -1.52 0.21
CA ASN D 3976 37.44 -0.79 0.99
C ASN D 3976 37.03 0.66 1.22
N GLN D 3977 36.30 1.27 0.27
CA GLN D 3977 35.91 2.66 0.44
C GLN D 3977 35.02 2.87 1.65
N GLN D 3978 34.06 1.96 1.87
CA GLN D 3978 33.17 2.09 3.01
C GLN D 3978 33.91 1.96 4.34
N SER D 3979 35.02 1.22 4.34
CA SER D 3979 35.78 1.05 5.58
C SER D 3979 36.34 2.38 6.06
N LEU D 3980 36.93 3.16 5.16
CA LEU D 3980 37.45 4.46 5.55
C LEU D 3980 36.33 5.43 5.94
N ALA D 3981 35.18 5.33 5.28
CA ALA D 3981 34.05 6.18 5.64
C ALA D 3981 33.59 5.90 7.07
N HIS D 3982 33.51 4.63 7.44
CA HIS D 3982 33.16 4.23 8.81
C HIS D 3982 34.41 4.09 9.67
N SER D 3983 35.26 5.11 9.64
CA SER D 3983 36.53 5.08 10.34
C SER D 3983 36.83 6.45 10.94
N ARG D 3984 37.75 6.44 11.91
CA ARG D 3984 38.17 7.65 12.61
C ARG D 3984 39.14 8.44 11.74
N LEU D 3985 38.65 8.87 10.58
CA LEU D 3985 39.44 9.59 9.59
C LEU D 3985 39.09 11.07 9.49
N TRP D 3986 37.80 11.41 9.53
CA TRP D 3986 37.41 12.81 9.41
C TRP D 3986 37.97 13.67 10.52
N ASP D 3987 37.98 13.17 11.76
CA ASP D 3987 38.54 13.97 12.84
C ASP D 3987 40.04 14.19 12.68
N ALA D 3988 40.68 13.42 11.79
CA ALA D 3988 42.10 13.63 11.51
C ALA D 3988 42.32 14.76 10.50
N VAL D 3989 41.52 14.78 9.43
CA VAL D 3989 41.71 15.80 8.40
C VAL D 3989 41.30 17.17 8.91
N VAL D 3990 40.22 17.25 9.68
CA VAL D 3990 39.79 18.53 10.22
C VAL D 3990 40.87 19.14 11.10
N GLY D 3991 41.56 18.29 11.87
CA GLY D 3991 42.72 18.77 12.59
C GLY D 3991 43.83 19.22 11.66
N PHE D 3992 44.06 18.48 10.58
CA PHE D 3992 45.06 18.89 9.60
C PHE D 3992 44.70 20.23 8.97
N LEU D 3993 43.43 20.41 8.63
CA LEU D 3993 43.01 21.67 8.04
C LEU D 3993 43.29 22.85 8.97
N HIS D 3994 43.12 22.63 10.28
CA HIS D 3994 43.38 23.69 11.24
C HIS D 3994 44.85 24.07 11.29
N VAL D 3995 45.73 23.07 11.39
CA VAL D 3995 47.16 23.36 11.51
C VAL D 3995 47.73 23.88 10.20
N PHE D 3996 47.15 23.47 9.06
CA PHE D 3996 47.63 23.96 7.77
C PHE D 3996 47.44 25.46 7.61
N ALA D 3997 46.39 26.01 8.22
CA ALA D 3997 46.06 27.41 7.98
C ALA D 3997 47.06 28.34 8.64
N HIS D 3998 47.39 28.08 9.91
CA HIS D 3998 48.20 29.03 10.68
C HIS D 3998 49.64 29.07 10.19
N MET D 3999 50.27 27.90 10.01
CA MET D 3999 51.66 27.91 9.51
C MET D 3999 51.74 28.48 8.12
N MET D 4000 50.78 28.14 7.25
CA MET D 4000 50.72 28.77 5.93
C MET D 4000 50.61 30.28 6.07
N MET D 4001 49.96 30.76 7.13
CA MET D 4001 49.86 32.18 7.37
C MET D 4001 51.09 32.74 8.08
N LYS D 4002 51.59 32.00 9.09
CA LYS D 4002 52.75 32.46 9.84
C LYS D 4002 54.02 32.49 8.97
N LEU D 4003 54.23 31.46 8.16
CA LEU D 4003 55.48 31.34 7.41
C LEU D 4003 55.65 32.49 6.42
N ALA D 4004 54.55 32.98 5.85
CA ALA D 4004 54.64 34.04 4.85
C ALA D 4004 55.17 35.35 5.41
N GLN D 4005 55.19 35.52 6.72
CA GLN D 4005 55.66 36.77 7.33
C GLN D 4005 57.15 36.74 7.60
N ASP D 4006 57.93 36.34 6.59
CA ASP D 4006 59.37 36.22 6.71
C ASP D 4006 59.94 35.90 5.34
N SER D 4007 61.22 36.20 5.16
CA SER D 4007 61.90 35.94 3.90
C SER D 4007 62.91 34.81 3.95
N SER D 4008 63.39 34.44 5.14
CA SER D 4008 64.40 33.40 5.25
C SER D 4008 63.82 32.01 5.37
N GLN D 4009 62.68 31.85 6.03
CA GLN D 4009 62.03 30.56 6.20
C GLN D 4009 61.10 30.19 5.04
N ILE D 4010 61.16 30.94 3.93
CA ILE D 4010 60.29 30.68 2.79
C ILE D 4010 60.54 29.29 2.21
N GLU D 4011 61.76 28.76 2.37
CA GLU D 4011 62.09 27.48 1.76
C GLU D 4011 61.24 26.36 2.34
N LEU D 4012 60.94 26.40 3.63
CA LEU D 4012 60.11 25.37 4.24
C LEU D 4012 58.69 25.41 3.71
N LEU D 4013 58.22 26.58 3.27
CA LEU D 4013 56.82 26.70 2.86
C LEU D 4013 56.54 25.87 1.62
N LYS D 4014 57.53 25.71 0.73
CA LYS D 4014 57.30 24.98 -0.51
C LYS D 4014 56.86 23.55 -0.25
N GLU D 4015 57.61 22.80 0.56
CA GLU D 4015 57.23 21.43 0.83
C GLU D 4015 56.01 21.33 1.73
N LEU D 4016 55.64 22.40 2.43
CA LEU D 4016 54.37 22.38 3.15
C LEU D 4016 53.20 22.36 2.18
N LEU D 4017 53.29 23.12 1.08
CA LEU D 4017 52.25 23.07 0.07
C LEU D 4017 52.17 21.70 -0.59
N ASP D 4018 53.32 21.05 -0.78
CA ASP D 4018 53.31 19.71 -1.36
C ASP D 4018 52.50 18.74 -0.51
N LEU D 4019 52.50 18.92 0.81
CA LEU D 4019 51.64 18.10 1.66
C LEU D 4019 50.17 18.35 1.38
N GLN D 4020 49.81 19.61 1.10
CA GLN D 4020 48.43 19.91 0.74
C GLN D 4020 48.03 19.19 -0.54
N LYS D 4021 48.93 19.15 -1.52
CA LYS D 4021 48.67 18.45 -2.76
C LYS D 4021 48.37 16.98 -2.50
N ASP D 4022 49.17 16.35 -1.66
CA ASP D 4022 49.05 14.92 -1.40
C ASP D 4022 47.95 14.60 -0.40
N MET D 4023 47.30 15.61 0.18
CA MET D 4023 46.18 15.41 1.08
C MET D 4023 44.83 15.54 0.38
N VAL D 4024 44.68 16.56 -0.47
CA VAL D 4024 43.41 16.76 -1.17
C VAL D 4024 43.22 15.68 -2.22
N VAL D 4025 44.30 15.16 -2.80
CA VAL D 4025 44.17 14.18 -3.87
C VAL D 4025 43.54 12.90 -3.36
N MET D 4026 43.82 12.52 -2.11
CA MET D 4026 43.19 11.32 -1.56
C MET D 4026 41.70 11.53 -1.34
N LEU D 4027 41.28 12.76 -1.06
CA LEU D 4027 39.84 13.03 -0.99
C LEU D 4027 39.17 12.83 -2.33
N LEU D 4028 39.88 13.09 -3.43
CA LEU D 4028 39.34 12.75 -4.75
C LEU D 4028 39.15 11.24 -4.88
N SER D 4029 40.10 10.45 -4.37
CA SER D 4029 39.99 9.00 -4.50
C SER D 4029 38.75 8.47 -3.81
N LEU D 4030 38.44 8.99 -2.63
CA LEU D 4030 37.18 8.63 -1.98
C LEU D 4030 36.00 8.98 -2.87
N LEU D 4031 36.09 10.12 -3.56
CA LEU D 4031 34.94 10.62 -4.31
C LEU D 4031 34.80 9.98 -5.69
N GLU D 4032 35.85 9.34 -6.22
CA GLU D 4032 35.76 8.77 -7.56
C GLU D 4032 34.81 7.57 -7.57
N GLY D 4033 34.09 7.40 -8.68
CA GLY D 4033 33.18 6.29 -8.79
C GLY D 4033 31.94 6.41 -7.95
N ASN D 4034 31.60 7.62 -7.52
CA ASN D 4034 30.49 7.86 -6.60
C ASN D 4034 29.20 8.13 -7.37
N VAL D 4035 28.08 7.80 -6.74
CA VAL D 4035 26.77 8.06 -7.31
C VAL D 4035 26.35 9.47 -6.92
N VAL D 4036 25.43 10.06 -7.69
CA VAL D 4036 24.95 11.40 -7.39
C VAL D 4036 24.17 11.36 -6.07
N ASN D 4037 24.37 12.38 -5.25
CA ASN D 4037 23.68 12.50 -3.96
C ASN D 4037 23.94 11.27 -3.10
N GLY D 4038 25.14 10.72 -3.20
CA GLY D 4038 25.51 9.52 -2.49
C GLY D 4038 25.83 9.78 -1.03
N MET D 4039 26.09 8.68 -0.31
CA MET D 4039 26.36 8.80 1.11
C MET D 4039 27.78 9.26 1.38
N ILE D 4040 28.73 8.83 0.56
CA ILE D 4040 30.12 9.26 0.73
C ILE D 4040 30.25 10.76 0.55
N ALA D 4041 29.60 11.31 -0.49
CA ALA D 4041 29.70 12.74 -0.76
C ALA D 4041 28.99 13.58 0.30
N ARG D 4042 28.03 13.02 1.01
CA ARG D 4042 27.34 13.77 2.05
C ARG D 4042 28.30 14.13 3.19
N GLN D 4043 29.14 13.19 3.60
CA GLN D 4043 30.11 13.49 4.65
C GLN D 4043 31.20 14.43 4.16
N MET D 4044 31.47 14.45 2.86
CA MET D 4044 32.46 15.38 2.31
C MET D 4044 32.08 16.83 2.61
N VAL D 4045 30.84 17.21 2.28
CA VAL D 4045 30.39 18.56 2.59
C VAL D 4045 30.13 18.71 4.08
N ASP D 4046 29.68 17.64 4.75
CA ASP D 4046 29.40 17.71 6.17
C ASP D 4046 30.67 18.00 6.97
N MET D 4047 31.76 17.32 6.62
CA MET D 4047 33.02 17.55 7.33
C MET D 4047 33.52 18.98 7.13
N LEU D 4048 33.21 19.59 5.98
CA LEU D 4048 33.62 20.97 5.76
C LEU D 4048 32.85 21.94 6.64
N VAL D 4049 31.63 21.59 7.03
CA VAL D 4049 30.79 22.50 7.80
C VAL D 4049 31.41 22.80 9.17
N GLU D 4050 31.76 21.74 9.90
CA GLU D 4050 32.31 21.95 11.23
C GLU D 4050 33.75 22.45 11.21
N SER D 4051 34.41 22.41 10.05
CA SER D 4051 35.72 23.02 9.86
C SER D 4051 35.65 24.32 9.07
N SER D 4052 34.45 24.88 8.90
CA SER D 4052 34.24 26.00 7.99
C SER D 4052 35.19 27.15 8.28
N SER D 4053 35.29 27.56 9.55
CA SER D 4053 36.08 28.73 9.91
C SER D 4053 37.52 28.61 9.44
N ASN D 4054 38.10 27.41 9.47
CA ASN D 4054 39.47 27.23 9.02
C ASN D 4054 39.57 27.20 7.51
N VAL D 4055 38.53 26.70 6.83
CA VAL D 4055 38.61 26.51 5.38
C VAL D 4055 38.76 27.84 4.66
N GLU D 4056 37.88 28.80 4.97
CA GLU D 4056 37.91 30.08 4.27
C GLU D 4056 39.16 30.88 4.59
N MET D 4057 39.84 30.59 5.70
CA MET D 4057 41.14 31.19 5.95
C MET D 4057 42.14 30.80 4.87
N ILE D 4058 42.12 29.53 4.46
CA ILE D 4058 42.98 29.10 3.35
C ILE D 4058 42.51 29.74 2.05
N LEU D 4059 41.20 29.74 1.80
CA LEU D 4059 40.69 30.30 0.56
C LEU D 4059 41.01 31.79 0.44
N LYS D 4060 40.86 32.53 1.54
CA LYS D 4060 41.16 33.96 1.50
C LYS D 4060 42.62 34.22 1.20
N PHE D 4061 43.51 33.32 1.62
CA PHE D 4061 44.94 33.52 1.41
C PHE D 4061 45.27 33.56 -0.08
N PHE D 4062 44.68 32.67 -0.87
CA PHE D 4062 44.94 32.67 -2.30
C PHE D 4062 44.42 33.93 -2.99
N ASP D 4063 43.30 34.49 -2.49
CA ASP D 4063 42.71 35.66 -3.15
C ASP D 4063 43.67 36.84 -3.15
N MET D 4064 44.33 37.10 -2.02
CA MET D 4064 45.20 38.28 -1.94
C MET D 4064 46.33 38.20 -2.94
N PHE D 4065 46.97 37.05 -3.07
CA PHE D 4065 48.10 36.91 -3.98
C PHE D 4065 47.68 36.67 -5.43
N LEU D 4066 46.39 36.49 -5.68
CA LEU D 4066 45.86 36.37 -7.04
C LEU D 4066 45.22 37.65 -7.52
N LYS D 4067 44.99 38.63 -6.63
CA LYS D 4067 44.54 39.94 -7.02
C LYS D 4067 45.63 41.00 -6.94
N LEU D 4068 46.59 40.82 -6.03
CA LEU D 4068 47.75 41.71 -6.01
C LEU D 4068 48.54 41.64 -7.31
N LYS D 4069 48.56 40.47 -7.94
CA LYS D 4069 49.16 40.36 -9.27
C LYS D 4069 48.42 41.22 -10.29
N ASP D 4070 47.15 41.51 -10.05
CA ASP D 4070 46.38 42.38 -10.94
C ASP D 4070 46.55 43.86 -10.58
N ILE D 4071 46.59 44.18 -9.29
CA ILE D 4071 46.83 45.57 -8.88
C ILE D 4071 48.21 46.03 -9.34
N VAL D 4072 49.24 45.23 -9.04
CA VAL D 4072 50.59 45.52 -9.51
C VAL D 4072 50.64 45.19 -10.99
N GLY D 4073 50.62 46.23 -11.82
CA GLY D 4073 50.57 46.06 -13.26
C GLY D 4073 49.61 47.04 -13.91
N SER D 4074 48.55 47.38 -13.18
CA SER D 4074 47.63 48.40 -13.65
C SER D 4074 48.29 49.76 -13.62
N GLU D 4075 47.98 50.61 -14.61
CA GLU D 4075 48.63 51.92 -14.68
C GLU D 4075 48.17 52.85 -13.56
N ALA D 4076 47.02 52.55 -12.94
CA ALA D 4076 46.58 53.34 -11.79
C ALA D 4076 47.58 53.25 -10.65
N PHE D 4077 48.09 52.03 -10.38
CA PHE D 4077 49.12 51.87 -9.37
C PHE D 4077 50.43 52.52 -9.79
N GLN D 4078 50.71 52.57 -11.09
CA GLN D 4078 51.94 53.17 -11.58
C GLN D 4078 52.01 54.66 -11.32
N ASP D 4079 50.90 55.31 -10.97
CA ASP D 4079 50.93 56.74 -10.68
C ASP D 4079 51.69 57.01 -9.38
N TYR D 4080 51.40 56.24 -8.33
CA TYR D 4080 52.01 56.51 -7.03
C TYR D 4080 53.48 56.15 -6.98
N VAL D 4081 53.97 55.32 -7.91
CA VAL D 4081 55.38 54.98 -7.95
C VAL D 4081 56.12 56.05 -8.77
N THR D 4082 57.04 56.75 -8.10
CA THR D 4082 57.94 57.72 -8.75
C THR D 4082 59.35 57.41 -8.26
N ASP D 4083 59.98 56.42 -8.89
CA ASP D 4083 61.30 55.97 -8.48
C ASP D 4083 61.97 55.28 -9.66
N PRO D 4084 62.86 55.96 -10.39
CA PRO D 4084 63.42 55.36 -11.61
C PRO D 4084 64.11 54.02 -11.39
N ARG D 4085 64.71 53.80 -10.23
CA ARG D 4085 65.36 52.51 -9.99
C ARG D 4085 64.34 51.38 -9.85
N GLY D 4086 63.16 51.69 -9.32
CA GLY D 4086 62.07 50.72 -9.32
C GLY D 4086 61.39 50.46 -8.00
N LEU D 4087 61.96 50.96 -6.91
CA LEU D 4087 61.42 50.68 -5.59
C LEU D 4087 60.20 51.57 -5.30
N ILE D 4088 59.65 51.42 -4.09
CA ILE D 4088 58.52 52.22 -3.65
C ILE D 4088 58.61 52.38 -2.13
N SER D 4089 57.94 53.40 -1.61
CA SER D 4089 57.93 53.65 -0.18
C SER D 4089 56.89 52.77 0.49
N LYS D 4090 56.73 52.91 1.81
CA LYS D 4090 55.79 52.11 2.58
C LYS D 4090 54.44 52.79 2.75
N LYS D 4091 54.43 54.06 3.16
CA LYS D 4091 53.17 54.76 3.37
C LYS D 4091 52.41 54.92 2.07
N ASP D 4092 53.12 55.18 0.97
CA ASP D 4092 52.46 55.32 -0.33
C ASP D 4092 51.78 54.01 -0.75
N PHE D 4093 52.42 52.87 -0.47
CA PHE D 4093 51.79 51.58 -0.72
C PHE D 4093 50.48 51.46 0.05
N GLN D 4094 50.47 51.90 1.31
CA GLN D 4094 49.24 51.88 2.10
C GLN D 4094 48.17 52.76 1.48
N LYS D 4095 48.55 53.94 0.99
CA LYS D 4095 47.60 54.83 0.33
C LYS D 4095 47.07 54.21 -0.96
N ALA D 4096 47.97 53.67 -1.79
CA ALA D 4096 47.55 53.11 -3.07
C ALA D 4096 46.58 51.94 -2.87
N MET D 4097 46.87 51.06 -1.91
CA MET D 4097 45.94 49.97 -1.60
C MET D 4097 44.61 50.52 -1.09
N ASP D 4098 44.68 51.52 -0.20
CA ASP D 4098 43.46 52.09 0.37
C ASP D 4098 42.67 52.83 -0.70
N SER D 4099 43.35 53.52 -1.63
CA SER D 4099 42.66 54.27 -2.67
C SER D 4099 41.72 53.37 -3.48
N GLN D 4100 42.17 52.18 -3.84
CA GLN D 4100 41.33 51.24 -4.56
C GLN D 4100 40.41 50.50 -3.58
N LYS D 4101 39.43 49.80 -4.16
CA LYS D 4101 38.43 49.11 -3.34
C LYS D 4101 39.02 47.78 -2.86
N GLN D 4102 38.16 46.94 -2.26
CA GLN D 4102 38.49 45.67 -1.62
C GLN D 4102 39.69 45.84 -0.68
N PHE D 4103 40.32 44.71 -0.31
CA PHE D 4103 41.50 44.73 0.56
C PHE D 4103 41.22 45.48 1.87
N THR D 4104 40.34 44.87 2.65
CA THR D 4104 39.95 45.42 3.95
C THR D 4104 41.18 45.78 4.77
N GLY D 4105 41.06 46.86 5.56
CA GLY D 4105 42.15 47.45 6.31
C GLY D 4105 43.13 46.48 6.97
N PRO D 4106 42.63 45.58 7.83
CA PRO D 4106 43.54 44.63 8.47
C PRO D 4106 44.33 43.78 7.49
N GLU D 4107 43.73 43.42 6.35
CA GLU D 4107 44.47 42.70 5.33
C GLU D 4107 45.63 43.54 4.78
N ILE D 4108 45.41 44.84 4.63
CA ILE D 4108 46.49 45.72 4.19
C ILE D 4108 47.63 45.72 5.20
N GLN D 4109 47.29 45.73 6.49
CA GLN D 4109 48.33 45.63 7.51
C GLN D 4109 49.10 44.33 7.37
N PHE D 4110 48.41 43.23 7.08
CA PHE D 4110 49.08 41.95 6.89
C PHE D 4110 50.00 41.99 5.67
N LEU D 4111 49.50 42.54 4.55
CA LEU D 4111 50.31 42.58 3.33
C LEU D 4111 51.56 43.41 3.51
N LEU D 4112 51.45 44.54 4.22
CA LEU D 4112 52.64 45.32 4.53
C LEU D 4112 53.60 44.55 5.42
N SER D 4113 53.06 43.80 6.38
CA SER D 4113 53.91 43.06 7.31
C SER D 4113 54.73 42.00 6.59
N CYS D 4114 54.12 41.26 5.68
CA CYS D 4114 54.84 40.21 4.96
C CYS D 4114 55.77 40.75 3.90
N SER D 4115 55.69 42.05 3.58
CA SER D 4115 56.60 42.65 2.63
C SER D 4115 58.01 42.76 3.22
N GLU D 4116 58.94 43.22 2.40
CA GLU D 4116 60.33 43.36 2.82
C GLU D 4116 60.51 44.65 3.61
N ALA D 4117 61.76 45.02 3.87
CA ALA D 4117 62.07 46.08 4.81
C ALA D 4117 63.35 46.76 4.36
N ASP D 4118 63.99 47.49 5.29
CA ASP D 4118 65.26 48.21 5.14
C ASP D 4118 65.01 49.59 4.56
N GLU D 4119 65.44 50.62 5.29
CA GLU D 4119 65.30 52.03 4.96
C GLU D 4119 63.85 52.49 5.00
N ASN D 4120 62.89 51.59 5.27
CA ASN D 4120 61.46 51.88 5.32
C ASN D 4120 60.93 52.40 3.98
N GLU D 4121 61.75 52.38 2.93
CA GLU D 4121 61.31 52.85 1.62
C GLU D 4121 61.81 51.96 0.49
N MET D 4122 62.10 50.69 0.78
CA MET D 4122 62.59 49.74 -0.22
C MET D 4122 61.63 48.54 -0.23
N ILE D 4123 60.65 48.60 -1.12
CA ILE D 4123 59.68 47.53 -1.30
C ILE D 4123 59.61 47.25 -2.79
N ASN D 4124 60.34 46.22 -3.24
CA ASN D 4124 60.39 45.87 -4.65
C ASN D 4124 59.13 45.12 -5.03
N PHE D 4125 58.16 45.83 -5.61
CA PHE D 4125 56.87 45.21 -5.91
C PHE D 4125 56.96 44.23 -7.07
N GLU D 4126 57.86 44.47 -8.02
CA GLU D 4126 57.96 43.60 -9.20
C GLU D 4126 58.33 42.18 -8.81
N GLU D 4127 59.07 42.01 -7.71
CA GLU D 4127 59.43 40.68 -7.21
C GLU D 4127 58.51 40.20 -6.11
N PHE D 4128 57.93 41.12 -5.34
CA PHE D 4128 57.02 40.74 -4.27
C PHE D 4128 55.79 40.01 -4.77
N ALA D 4129 55.36 40.26 -6.00
CA ALA D 4129 54.19 39.57 -6.54
C ALA D 4129 54.54 38.16 -7.00
N ASN D 4130 55.64 38.02 -7.75
CA ASN D 4130 56.03 36.73 -8.30
C ASN D 4130 56.86 35.91 -7.32
N ARG D 4131 56.34 35.72 -6.10
CA ARG D 4131 56.98 34.82 -5.15
C ARG D 4131 56.03 33.77 -4.60
N PHE D 4132 54.76 33.78 -5.01
CA PHE D 4132 53.82 32.74 -4.61
C PHE D 4132 52.97 32.25 -5.76
N GLN D 4133 53.31 32.60 -7.00
CA GLN D 4133 52.55 32.10 -8.13
C GLN D 4133 52.96 30.68 -8.50
N GLU D 4134 54.23 30.49 -8.86
CA GLU D 4134 54.71 29.15 -9.20
C GLU D 4134 54.62 28.18 -8.04
N PRO D 4135 55.08 28.50 -6.82
CA PRO D 4135 54.94 27.53 -5.73
C PRO D 4135 53.50 27.18 -5.40
N ALA D 4136 52.57 28.12 -5.59
CA ALA D 4136 51.16 27.88 -5.29
C ALA D 4136 50.30 27.83 -6.55
N ARG D 4137 50.91 27.57 -7.71
CA ARG D 4137 50.12 27.34 -8.91
C ARG D 4137 49.28 26.07 -8.78
N ASP D 4138 49.82 25.06 -8.12
CA ASP D 4138 49.06 23.88 -7.75
C ASP D 4138 48.22 24.22 -6.52
N ILE D 4139 47.68 23.21 -5.85
CA ILE D 4139 46.84 23.41 -4.67
C ILE D 4139 45.59 24.17 -5.07
N GLY D 4140 45.77 25.44 -5.48
CA GLY D 4140 44.65 26.23 -5.96
C GLY D 4140 43.90 25.54 -7.08
N PHE D 4141 44.61 24.81 -7.94
CA PHE D 4141 43.93 24.03 -8.97
C PHE D 4141 43.18 22.85 -8.36
N ASN D 4142 43.81 22.15 -7.42
CA ASN D 4142 43.21 20.93 -6.88
C ASN D 4142 42.17 21.21 -5.81
N VAL D 4143 41.90 22.46 -5.48
CA VAL D 4143 40.74 22.78 -4.66
C VAL D 4143 39.63 23.23 -5.59
N ALA D 4144 40.00 23.81 -6.74
CA ALA D 4144 39.01 24.13 -7.75
C ALA D 4144 38.33 22.86 -8.27
N VAL D 4145 39.11 21.80 -8.50
CA VAL D 4145 38.53 20.53 -8.90
C VAL D 4145 37.68 19.95 -7.78
N LEU D 4146 38.13 20.09 -6.54
CA LEU D 4146 37.39 19.53 -5.41
C LEU D 4146 36.02 20.19 -5.28
N LEU D 4147 35.97 21.52 -5.27
CA LEU D 4147 34.70 22.21 -5.13
C LEU D 4147 33.78 21.94 -6.31
N THR D 4148 34.33 21.94 -7.53
CA THR D 4148 33.50 21.72 -8.71
C THR D 4148 32.87 20.33 -8.70
N ASN D 4149 33.66 19.32 -8.34
CA ASN D 4149 33.13 17.96 -8.30
C ASN D 4149 32.06 17.82 -7.22
N LEU D 4150 32.28 18.43 -6.06
CA LEU D 4150 31.28 18.39 -5.00
C LEU D 4150 30.00 19.10 -5.41
N SER D 4151 30.14 20.24 -6.08
CA SER D 4151 28.96 21.04 -6.45
C SER D 4151 28.04 20.25 -7.38
N GLU D 4152 28.59 19.42 -8.25
CA GLU D 4152 27.78 18.67 -9.20
C GLU D 4152 27.05 17.52 -8.53
N HIS D 4153 27.78 16.70 -7.76
CA HIS D 4153 27.17 15.48 -7.20
C HIS D 4153 26.08 15.81 -6.19
N VAL D 4154 26.32 16.79 -5.33
CA VAL D 4154 25.26 17.28 -4.44
C VAL D 4154 24.83 18.66 -4.95
N PRO D 4155 23.66 18.77 -5.61
CA PRO D 4155 23.31 20.03 -6.27
C PRO D 4155 22.44 20.96 -5.45
N HIS D 4156 21.90 20.48 -4.34
CA HIS D 4156 20.97 21.27 -3.53
C HIS D 4156 21.35 21.13 -2.05
N ASP D 4157 22.25 22.01 -1.60
CA ASP D 4157 22.63 22.10 -0.20
C ASP D 4157 23.11 23.53 0.05
N PRO D 4158 22.37 24.33 0.83
CA PRO D 4158 22.78 25.72 1.03
C PRO D 4158 24.11 25.87 1.73
N ARG D 4159 24.52 24.88 2.53
CA ARG D 4159 25.83 24.96 3.18
C ARG D 4159 26.95 25.00 2.15
N LEU D 4160 26.83 24.20 1.09
CA LEU D 4160 27.89 24.11 0.09
C LEU D 4160 28.02 25.41 -0.70
N ARG D 4161 26.89 26.06 -0.99
CA ARG D 4161 26.93 27.26 -1.83
C ARG D 4161 27.71 28.40 -1.15
N ASN D 4162 27.64 28.47 0.17
CA ASN D 4162 28.32 29.55 0.89
C ASN D 4162 29.82 29.56 0.59
N PHE D 4163 30.44 28.39 0.54
CA PHE D 4163 31.87 28.32 0.22
C PHE D 4163 32.13 28.71 -1.23
N LEU D 4164 31.23 28.38 -2.14
CA LEU D 4164 31.48 28.60 -3.55
C LEU D 4164 31.61 30.09 -3.87
N GLU D 4165 30.79 30.92 -3.25
CA GLU D 4165 30.88 32.36 -3.51
C GLU D 4165 32.08 33.01 -2.84
N LEU D 4166 32.83 32.28 -2.01
CA LEU D 4166 34.04 32.80 -1.41
C LEU D 4166 35.27 32.61 -2.29
N ALA D 4167 35.13 31.92 -3.42
CA ALA D 4167 36.25 31.59 -4.29
C ALA D 4167 35.92 31.92 -5.74
N GLU D 4168 35.37 33.11 -5.97
CA GLU D 4168 35.12 33.59 -7.32
C GLU D 4168 36.37 34.16 -7.99
N SER D 4169 37.52 34.03 -7.37
CA SER D 4169 38.80 34.35 -7.99
C SER D 4169 39.51 33.09 -8.50
N ILE D 4170 39.68 32.09 -7.63
CA ILE D 4170 40.28 30.83 -8.04
C ILE D 4170 39.42 30.16 -9.10
N LEU D 4171 38.12 30.06 -8.84
CA LEU D 4171 37.21 29.39 -9.77
C LEU D 4171 37.12 30.11 -11.11
N GLU D 4172 37.40 31.41 -11.15
CA GLU D 4172 37.39 32.17 -12.39
C GLU D 4172 38.73 32.14 -13.09
N TYR D 4173 39.83 32.26 -12.33
CA TYR D 4173 41.15 32.20 -12.94
C TYR D 4173 41.40 30.85 -13.59
N PHE D 4174 41.03 29.76 -12.91
CA PHE D 4174 41.20 28.42 -13.47
C PHE D 4174 39.94 27.98 -14.21
N ARG D 4175 39.39 28.84 -15.06
CA ARG D 4175 38.31 28.40 -15.94
C ARG D 4175 38.85 27.72 -17.20
N PRO D 4176 39.81 28.34 -17.95
CA PRO D 4176 40.35 27.69 -19.16
C PRO D 4176 41.53 26.77 -18.87
N TYR D 4177 41.43 25.99 -17.80
CA TYR D 4177 42.49 25.04 -17.47
C TYR D 4177 42.00 23.65 -17.09
N LEU D 4178 40.71 23.46 -16.81
CA LEU D 4178 40.18 22.15 -16.47
C LEU D 4178 39.23 21.69 -17.57
N GLY D 4179 39.34 20.42 -17.94
CA GLY D 4179 38.51 19.83 -18.98
C GLY D 4179 37.60 18.78 -18.37
N ARG D 4180 36.37 18.71 -18.87
CA ARG D 4180 35.35 17.80 -18.36
C ARG D 4180 35.05 16.76 -19.43
N ILE D 4181 35.16 15.48 -19.05
CA ILE D 4181 34.94 14.36 -19.94
C ILE D 4181 33.82 13.51 -19.35
N GLU D 4182 33.15 12.77 -20.22
CA GLU D 4182 31.93 12.04 -19.86
C GLU D 4182 31.99 10.60 -20.38
N ILE D 4183 33.10 9.92 -20.10
CA ILE D 4183 33.30 8.54 -20.56
C ILE D 4183 32.37 7.60 -19.80
N MET D 4184 32.26 6.36 -20.29
CA MET D 4184 31.41 5.34 -19.68
C MET D 4184 32.18 4.03 -19.66
N GLY D 4185 32.31 3.44 -18.48
CA GLY D 4185 33.06 2.20 -18.40
C GLY D 4185 32.91 1.53 -17.05
N ALA D 4186 33.58 0.38 -16.94
CA ALA D 4186 33.59 -0.44 -15.72
C ALA D 4186 32.18 -0.84 -15.30
N SER D 4187 31.59 -0.09 -14.39
CA SER D 4187 30.29 -0.39 -13.79
C SER D 4187 29.10 -0.19 -14.73
N ARG D 4188 29.33 -0.03 -16.04
CA ARG D 4188 28.27 0.19 -17.02
C ARG D 4188 27.44 1.43 -16.66
N ARG D 4189 28.13 2.52 -16.37
CA ARG D 4189 27.48 3.74 -15.90
C ARG D 4189 28.28 4.94 -16.38
N ILE D 4190 27.63 6.09 -16.44
CA ILE D 4190 28.27 7.34 -16.86
C ILE D 4190 28.98 7.95 -15.67
N GLU D 4191 30.23 8.38 -15.90
CA GLU D 4191 31.04 9.02 -14.88
C GLU D 4191 31.80 10.18 -15.51
N ARG D 4192 32.13 11.16 -14.68
CA ARG D 4192 32.78 12.37 -15.15
C ARG D 4192 34.27 12.35 -14.80
N ILE D 4193 35.07 12.99 -15.63
CA ILE D 4193 36.52 13.05 -15.47
C ILE D 4193 36.96 14.50 -15.49
N TYR D 4194 37.86 14.86 -14.57
CA TYR D 4194 38.46 16.19 -14.54
C TYR D 4194 39.98 16.05 -14.61
N PHE D 4195 40.62 17.03 -15.24
CA PHE D 4195 42.06 16.97 -15.44
C PHE D 4195 42.57 18.38 -15.72
N GLU D 4196 43.86 18.48 -16.04
CA GLU D 4196 44.54 19.76 -16.19
C GLU D 4196 45.22 19.81 -17.55
N ILE D 4197 45.19 20.98 -18.18
CA ILE D 4197 45.81 21.20 -19.48
C ILE D 4197 46.68 22.45 -19.40
N SER D 4198 47.89 22.37 -19.93
CA SER D 4198 48.83 23.46 -19.84
C SER D 4198 48.48 24.56 -20.84
N GLU D 4199 49.10 25.73 -20.64
CA GLU D 4199 48.86 26.84 -21.55
C GLU D 4199 49.36 26.52 -22.96
N THR D 4200 50.58 25.98 -23.04
CA THR D 4200 51.15 25.64 -24.34
C THR D 4200 50.35 24.55 -25.03
N ASN D 4201 49.75 23.65 -24.25
CA ASN D 4201 48.93 22.59 -24.83
C ASN D 4201 47.75 23.18 -25.58
N ARG D 4202 47.08 24.16 -24.97
CA ARG D 4202 45.98 24.84 -25.63
C ARG D 4202 46.46 25.89 -26.63
N ALA D 4203 47.61 26.50 -26.39
CA ALA D 4203 48.10 27.56 -27.28
C ALA D 4203 48.30 27.03 -28.70
N GLN D 4204 48.88 25.83 -28.83
CA GLN D 4204 49.06 25.26 -30.15
C GLN D 4204 47.79 24.56 -30.62
N TRP D 4205 46.65 25.24 -30.53
CA TRP D 4205 45.39 24.68 -31.01
C TRP D 4205 44.59 25.71 -31.81
N GLU D 4206 44.79 26.99 -31.53
CA GLU D 4206 44.03 28.04 -32.18
C GLU D 4206 44.78 28.69 -33.33
N MET D 4207 45.98 28.21 -33.65
CA MET D 4207 46.67 28.69 -34.84
C MET D 4207 45.86 28.31 -36.08
N PRO D 4208 45.82 29.17 -37.10
CA PRO D 4208 44.88 28.96 -38.22
C PRO D 4208 45.05 27.62 -38.93
N GLN D 4209 46.26 27.06 -38.98
CA GLN D 4209 46.46 25.81 -39.71
C GLN D 4209 45.64 24.68 -39.11
N VAL D 4210 45.64 24.55 -37.79
CA VAL D 4210 44.89 23.47 -37.14
C VAL D 4210 43.39 23.70 -37.28
N LYS D 4211 42.95 24.97 -37.17
CA LYS D 4211 41.52 25.25 -37.21
C LYS D 4211 40.91 24.84 -38.54
N GLU D 4212 41.61 25.12 -39.65
CA GLU D 4212 41.10 24.69 -40.95
C GLU D 4212 41.09 23.18 -41.08
N SER D 4213 42.03 22.49 -40.43
CA SER D 4213 42.01 21.03 -40.44
C SER D 4213 40.77 20.50 -39.73
N LYS D 4214 40.35 21.15 -38.64
CA LYS D 4214 39.12 20.77 -37.97
C LYS D 4214 37.92 20.89 -38.91
N ARG D 4215 37.84 22.00 -39.64
CA ARG D 4215 36.67 22.24 -40.49
C ARG D 4215 36.60 21.22 -41.62
N GLN D 4216 37.76 20.89 -42.23
CA GLN D 4216 37.74 19.95 -43.35
C GLN D 4216 37.42 18.54 -42.88
N PHE D 4217 37.93 18.14 -41.71
CA PHE D 4217 37.63 16.81 -41.19
C PHE D 4217 36.16 16.66 -40.86
N ILE D 4218 35.57 17.68 -40.22
CA ILE D 4218 34.15 17.60 -39.88
C ILE D 4218 33.29 17.52 -41.14
N PHE D 4219 33.73 18.17 -42.22
CA PHE D 4219 32.94 18.19 -43.44
C PHE D 4219 32.83 16.82 -44.08
N ASP D 4220 33.95 16.10 -44.19
CA ASP D 4220 33.99 14.85 -44.95
C ASP D 4220 33.86 13.61 -44.08
N VAL D 4221 33.15 13.70 -42.95
CA VAL D 4221 32.80 12.52 -42.16
C VAL D 4221 31.30 12.41 -41.94
N VAL D 4222 30.51 13.40 -42.35
CA VAL D 4222 29.06 13.34 -42.19
C VAL D 4222 28.41 12.96 -43.52
N ASN D 4223 29.04 13.35 -44.63
CA ASN D 4223 28.51 13.09 -45.95
C ASN D 4223 29.37 12.08 -46.75
N GLU D 4224 29.93 11.11 -46.04
CA GLU D 4224 30.49 9.89 -46.64
C GLU D 4224 30.14 8.73 -45.71
N GLY D 4225 30.79 7.60 -45.94
CA GLY D 4225 30.44 6.36 -45.28
C GLY D 4225 30.91 6.21 -43.85
N GLY D 4226 30.33 6.99 -42.94
CA GLY D 4226 30.62 6.80 -41.53
C GLY D 4226 29.55 6.01 -40.80
N GLU D 4227 28.77 6.71 -39.96
CA GLU D 4227 27.52 6.27 -39.34
C GLU D 4227 27.70 5.06 -38.41
N ALA D 4228 28.87 4.43 -38.45
CA ALA D 4228 29.25 3.44 -37.45
C ALA D 4228 30.71 3.60 -37.04
N GLU D 4229 31.62 3.44 -38.01
CA GLU D 4229 33.05 3.51 -37.83
C GLU D 4229 33.60 4.92 -37.84
N LYS D 4230 32.73 5.91 -37.65
CA LYS D 4230 33.19 7.30 -37.60
C LYS D 4230 34.12 7.53 -36.42
N MET D 4231 33.94 6.79 -35.33
CA MET D 4231 34.70 7.08 -34.12
C MET D 4231 36.18 6.76 -34.29
N GLU D 4232 36.51 5.64 -34.94
CA GLU D 4232 37.92 5.32 -35.16
C GLU D 4232 38.58 6.34 -36.07
N LEU D 4233 37.82 6.94 -36.99
CA LEU D 4233 38.35 8.03 -37.79
C LEU D 4233 38.69 9.23 -36.93
N PHE D 4234 37.85 9.53 -35.93
CA PHE D 4234 38.12 10.63 -35.03
C PHE D 4234 39.41 10.40 -34.25
N VAL D 4235 39.61 9.18 -33.75
CA VAL D 4235 40.86 8.86 -33.06
C VAL D 4235 42.03 8.97 -34.03
N SER D 4236 41.85 8.50 -35.26
CA SER D 4236 42.89 8.66 -36.28
C SER D 4236 43.13 10.13 -36.57
N PHE D 4237 42.07 10.95 -36.49
CA PHE D 4237 42.24 12.40 -36.65
C PHE D 4237 43.13 12.96 -35.55
N CYS D 4238 42.92 12.51 -34.30
CA CYS D 4238 43.74 13.01 -33.20
C CYS D 4238 45.19 12.62 -33.37
N GLU D 4239 45.45 11.35 -33.68
CA GLU D 4239 46.79 10.79 -33.61
C GLU D 4239 47.75 11.37 -34.63
N ASP D 4240 47.30 12.15 -35.61
CA ASP D 4240 48.19 12.87 -36.52
C ASP D 4240 48.17 14.40 -36.38
N THR D 4241 47.13 15.04 -35.83
CA THR D 4241 47.33 16.39 -35.28
C THR D 4241 48.31 16.35 -34.11
N ILE D 4242 48.42 15.20 -33.44
CA ILE D 4242 49.49 15.02 -32.47
C ILE D 4242 50.84 15.24 -33.12
N PHE D 4243 51.07 14.62 -34.27
CA PHE D 4243 52.33 14.74 -35.00
C PHE D 4243 52.51 16.15 -35.57
N GLU D 4244 51.45 16.76 -36.09
CA GLU D 4244 51.50 18.12 -36.63
C GLU D 4244 51.97 19.16 -35.61
N MET D 4245 51.48 19.12 -34.36
CA MET D 4245 51.85 20.12 -33.37
C MET D 4245 53.31 19.98 -32.95
N GLN D 4246 53.84 18.76 -32.98
CA GLN D 4246 55.25 18.57 -32.65
C GLN D 4246 56.17 19.24 -33.66
N ILE D 4247 55.81 19.15 -34.95
CA ILE D 4247 56.61 19.76 -36.02
C ILE D 4247 56.65 21.28 -35.85
N ALA D 4248 55.52 21.91 -35.53
CA ALA D 4248 55.47 23.36 -35.39
C ALA D 4248 56.35 23.86 -34.25
N ALA D 4249 56.47 23.07 -33.18
CA ALA D 4249 57.35 23.47 -32.09
C ALA D 4249 58.82 23.47 -32.52
N GLN D 4250 59.20 22.53 -33.38
CA GLN D 4250 60.60 22.41 -33.82
C GLN D 4250 61.02 23.51 -34.77
N ILE D 4251 60.10 24.35 -35.25
CA ILE D 4251 60.44 25.44 -36.15
C ILE D 4251 60.29 26.79 -35.48
N SER D 4252 60.14 26.83 -34.17
CA SER D 4252 59.99 28.08 -33.44
C SER D 4252 60.58 27.97 -32.03
N TRP D 4541 82.06 23.33 -39.39
CA TRP D 4541 81.02 22.29 -39.37
C TRP D 4541 79.90 22.64 -38.40
N GLY D 4542 80.25 23.19 -37.26
CA GLY D 4542 79.21 23.62 -36.36
C GLY D 4542 78.52 24.64 -37.23
N GLU D 4543 79.31 25.35 -38.03
CA GLU D 4543 78.75 26.34 -38.94
C GLU D 4543 77.69 25.69 -39.79
N LEU D 4544 78.09 24.78 -40.66
CA LEU D 4544 77.11 24.03 -41.43
C LEU D 4544 75.89 23.83 -40.59
N GLU D 4545 75.97 23.07 -39.52
CA GLU D 4545 74.77 22.78 -38.73
C GLU D 4545 73.89 24.00 -38.49
N VAL D 4546 74.37 24.89 -37.64
CA VAL D 4546 73.58 26.06 -37.32
C VAL D 4546 72.94 26.69 -38.55
N GLN D 4547 73.76 27.02 -39.53
CA GLN D 4547 73.24 27.67 -40.73
C GLN D 4547 72.13 26.85 -41.40
N ARG D 4548 72.42 25.63 -41.82
CA ARG D 4548 71.41 24.77 -42.39
C ARG D 4548 70.14 24.97 -41.64
N VAL D 4549 70.17 24.74 -40.35
CA VAL D 4549 68.88 24.83 -39.65
C VAL D 4549 68.24 26.19 -39.77
N LYS D 4550 68.88 27.24 -39.26
CA LYS D 4550 68.20 28.52 -39.30
C LYS D 4550 67.62 28.77 -40.71
N PHE D 4551 68.30 28.35 -41.76
CA PHE D 4551 67.83 28.63 -43.12
C PHE D 4551 66.61 27.83 -43.48
N LEU D 4552 66.72 26.53 -43.43
CA LEU D 4552 65.58 25.73 -43.79
C LEU D 4552 64.44 26.13 -42.88
N ASN D 4553 64.68 26.92 -41.84
CA ASN D 4553 63.52 27.25 -41.03
C ASN D 4553 62.94 28.66 -41.20
N TYR D 4554 63.57 29.43 -42.03
CA TYR D 4554 62.92 30.68 -42.37
C TYR D 4554 62.03 30.30 -43.55
N LEU D 4555 62.53 29.48 -44.46
CA LEU D 4555 61.78 29.08 -45.65
C LEU D 4555 60.83 27.95 -45.41
N SER D 4556 60.33 27.85 -44.21
CA SER D 4556 59.34 26.85 -43.94
C SER D 4556 58.40 27.45 -42.98
N ARG D 4557 58.41 28.76 -42.85
CA ARG D 4557 57.41 29.42 -42.07
C ARG D 4557 56.93 30.40 -43.08
N ASN D 4558 57.83 31.03 -43.82
CA ASN D 4558 57.42 31.91 -44.91
C ASN D 4558 56.96 31.13 -46.14
N PHE D 4559 56.26 30.00 -45.96
CA PHE D 4559 55.75 29.16 -47.04
C PHE D 4559 54.70 29.86 -47.94
N TYR D 4560 53.69 30.50 -47.36
CA TYR D 4560 52.58 31.03 -48.16
C TYR D 4560 52.87 32.34 -48.91
N THR D 4561 53.79 33.17 -48.41
CA THR D 4561 54.16 34.42 -48.99
C THR D 4561 54.93 34.07 -50.20
N LEU D 4562 55.92 33.21 -50.12
CA LEU D 4562 56.67 32.98 -51.33
C LEU D 4562 55.69 32.50 -52.35
N LYS D 4563 54.74 31.64 -52.00
CA LYS D 4563 53.78 31.28 -53.06
C LYS D 4563 53.20 32.50 -53.74
N TYR D 4564 52.38 33.35 -53.11
CA TYR D 4564 51.77 34.51 -53.83
C TYR D 4564 52.69 35.43 -54.61
N LEU D 4565 53.91 35.53 -54.15
CA LEU D 4565 54.83 36.34 -54.86
C LEU D 4565 55.05 35.75 -56.24
N ALA D 4566 55.02 34.45 -56.41
CA ALA D 4566 55.30 33.91 -57.71
C ALA D 4566 54.22 34.35 -58.60
N LEU D 4567 53.00 34.25 -58.14
CA LEU D 4567 51.88 34.76 -58.92
C LEU D 4567 52.06 36.21 -59.32
N PHE D 4568 52.37 37.12 -58.41
CA PHE D 4568 52.55 38.49 -58.89
C PHE D 4568 53.67 38.56 -59.92
N LEU D 4569 54.82 37.97 -59.67
CA LEU D 4569 55.88 38.10 -60.65
C LEU D 4569 55.48 37.53 -62.00
N ALA D 4570 54.65 36.50 -62.09
CA ALA D 4570 54.27 36.04 -63.43
C ALA D 4570 53.16 36.81 -64.04
N PHE D 4571 52.24 37.35 -63.27
CA PHE D 4571 51.26 38.20 -63.89
C PHE D 4571 52.02 39.39 -64.41
N ALA D 4572 53.25 39.63 -63.92
CA ALA D 4572 54.02 40.72 -64.55
C ALA D 4572 54.66 40.30 -65.85
N ILE D 4573 55.71 39.51 -65.78
CA ILE D 4573 56.36 39.07 -66.97
C ILE D 4573 55.31 38.76 -67.98
N ASN D 4574 54.16 38.20 -67.75
CA ASN D 4574 53.28 37.94 -68.90
C ASN D 4574 52.88 39.25 -69.60
N PHE D 4575 52.73 40.34 -68.87
CA PHE D 4575 52.28 41.62 -69.45
C PHE D 4575 53.31 42.36 -70.26
N ILE D 4576 54.56 42.15 -69.88
CA ILE D 4576 55.74 42.61 -70.59
C ILE D 4576 55.86 41.84 -71.93
N LEU D 4577 55.24 40.66 -72.10
CA LEU D 4577 55.20 39.98 -73.40
C LEU D 4577 54.28 40.66 -74.43
N LEU D 4578 53.25 41.42 -74.03
CA LEU D 4578 52.26 41.99 -74.90
C LEU D 4578 52.82 43.25 -75.48
N PHE D 4579 54.11 43.30 -75.73
CA PHE D 4579 54.86 44.36 -76.37
C PHE D 4579 55.85 43.74 -77.38
N TYR D 4580 55.90 42.40 -77.49
CA TYR D 4580 56.56 41.73 -78.59
C TYR D 4580 55.90 42.14 -79.91
N LYS D 4581 56.70 42.21 -80.97
CA LYS D 4581 56.31 42.60 -82.32
C LYS D 4581 57.13 41.79 -83.32
N VAL D 4582 56.73 41.73 -84.60
CA VAL D 4582 57.52 41.02 -85.62
C VAL D 4582 57.76 41.89 -86.86
N SER D 4583 58.96 41.78 -87.44
CA SER D 4583 59.37 42.52 -88.64
C SER D 4583 60.27 41.67 -89.53
N ASP D 4584 60.10 41.79 -90.85
CA ASP D 4584 60.99 41.17 -91.83
C ASP D 4584 62.38 41.81 -91.91
N SER D 4585 62.51 43.07 -91.47
CA SER D 4585 63.79 43.77 -91.31
C SER D 4585 64.16 43.85 -89.82
N PRO D 4586 65.31 43.29 -89.37
CA PRO D 4586 65.73 43.32 -87.97
C PRO D 4586 65.91 44.75 -87.40
N PRO D 4587 65.95 44.91 -86.07
CA PRO D 4587 66.26 46.18 -85.40
C PRO D 4587 67.50 46.89 -85.95
N ASN D 4626 65.27 36.29 -92.09
CA ASN D 4626 63.94 35.90 -91.63
C ASN D 4626 63.42 36.86 -90.54
N MET D 4627 62.11 36.78 -90.25
CA MET D 4627 61.43 37.70 -89.35
C MET D 4627 61.90 37.62 -87.88
N VAL D 4628 62.06 38.77 -87.21
CA VAL D 4628 62.68 38.86 -85.88
C VAL D 4628 61.70 39.29 -84.79
N TYR D 4629 61.60 38.53 -83.70
CA TYR D 4629 60.77 38.82 -82.52
C TYR D 4629 61.39 39.88 -81.60
N TYR D 4630 61.61 41.09 -82.09
CA TYR D 4630 62.14 42.17 -81.28
C TYR D 4630 61.11 42.72 -80.28
N PHE D 4631 61.56 43.56 -79.35
CA PHE D 4631 60.71 44.12 -78.31
C PHE D 4631 60.32 45.57 -78.61
N LEU D 4632 59.02 45.89 -78.59
CA LEU D 4632 58.48 47.20 -78.94
C LEU D 4632 57.92 47.91 -77.70
N GLU D 4633 58.81 48.30 -76.79
CA GLU D 4633 58.46 48.92 -75.51
C GLU D 4633 57.70 50.24 -75.62
N GLU D 4634 57.25 50.78 -74.48
CA GLU D 4634 56.63 52.10 -74.35
C GLU D 4634 57.65 53.25 -74.51
N SER D 4635 58.27 53.31 -75.70
CA SER D 4635 59.38 54.18 -76.12
C SER D 4635 60.69 54.06 -75.33
N THR D 4636 60.64 54.15 -74.00
CA THR D 4636 61.83 54.13 -73.14
C THR D 4636 62.50 52.77 -73.09
N GLY D 4637 63.84 52.74 -73.09
CA GLY D 4637 64.63 51.54 -72.95
C GLY D 4637 64.55 50.72 -71.68
N TYR D 4638 63.58 50.99 -70.83
CA TYR D 4638 63.50 50.29 -69.56
C TYR D 4638 62.66 48.99 -69.56
N MET D 4639 62.55 48.20 -70.63
CA MET D 4639 61.70 46.97 -70.58
C MET D 4639 62.44 45.75 -71.09
N GLU D 4640 63.14 45.88 -72.21
CA GLU D 4640 64.08 44.85 -72.64
C GLU D 4640 65.02 44.41 -71.52
N PRO D 4641 65.46 45.27 -70.56
CA PRO D 4641 66.30 44.71 -69.51
C PRO D 4641 65.49 44.07 -68.38
N ALA D 4642 64.51 44.76 -67.85
CA ALA D 4642 63.69 44.26 -66.75
C ALA D 4642 63.10 42.91 -67.03
N LEU D 4643 62.67 42.65 -68.26
CA LEU D 4643 62.27 41.29 -68.59
C LEU D 4643 63.51 40.41 -68.42
N TRP D 4644 64.73 40.93 -68.66
CA TRP D 4644 65.85 40.03 -68.33
C TRP D 4644 66.13 39.86 -66.83
N CYS D 4645 65.67 40.76 -65.98
CA CYS D 4645 65.82 40.50 -64.54
C CYS D 4645 64.61 39.95 -63.79
N LEU D 4646 63.46 39.81 -64.43
CA LEU D 4646 62.34 39.15 -63.74
C LEU D 4646 62.20 37.73 -64.21
N SER D 4647 63.11 37.25 -65.01
CA SER D 4647 63.08 35.85 -65.33
C SER D 4647 63.95 35.09 -64.30
N LEU D 4648 65.15 35.57 -64.07
CA LEU D 4648 65.95 34.92 -63.06
C LEU D 4648 65.29 34.88 -61.69
N LEU D 4649 64.46 35.82 -61.32
CA LEU D 4649 63.84 35.70 -60.03
C LEU D 4649 62.84 34.62 -60.20
N HIS D 4650 61.86 34.74 -61.06
CA HIS D 4650 60.95 33.61 -61.24
C HIS D 4650 61.63 32.25 -61.21
N THR D 4651 62.96 32.13 -61.42
CA THR D 4651 63.56 30.76 -61.16
C THR D 4651 64.35 30.56 -59.80
N LEU D 4652 64.32 31.44 -58.81
CA LEU D 4652 64.84 31.30 -57.46
C LEU D 4652 63.72 30.93 -56.49
N VAL D 4653 62.63 31.70 -56.49
CA VAL D 4653 61.51 31.38 -55.60
C VAL D 4653 60.86 30.06 -55.99
N ALA D 4654 60.94 29.70 -57.28
CA ALA D 4654 60.50 28.38 -57.69
C ALA D 4654 61.32 27.28 -57.02
N PHE D 4655 62.61 27.54 -56.80
CA PHE D 4655 63.44 26.55 -56.11
C PHE D 4655 63.06 26.43 -54.64
N LEU D 4656 62.74 27.55 -53.99
CA LEU D 4656 62.25 27.50 -52.62
C LEU D 4656 60.89 26.83 -52.52
N MET D 4657 60.07 26.90 -53.51
CA MET D 4657 58.81 26.25 -53.29
C MET D 4657 59.19 24.79 -53.18
N ILE D 4658 60.07 24.25 -54.00
CA ILE D 4658 60.37 22.83 -53.89
C ILE D 4658 61.09 22.47 -52.57
N ILE D 4659 62.21 23.11 -52.28
CA ILE D 4659 62.89 22.86 -51.01
C ILE D 4659 61.88 22.96 -49.87
N GLY D 4660 61.02 23.98 -49.84
CA GLY D 4660 60.20 24.26 -48.65
C GLY D 4660 59.14 23.20 -48.38
N TYR D 4661 58.64 22.53 -49.41
CA TYR D 4661 57.59 21.53 -49.28
C TYR D 4661 58.03 20.31 -48.46
N ASN D 4662 59.28 19.86 -48.60
CA ASN D 4662 59.77 18.67 -47.89
C ASN D 4662 59.57 18.80 -46.39
N CYS D 4663 60.22 19.75 -45.74
CA CYS D 4663 60.27 19.76 -44.29
C CYS D 4663 58.95 20.16 -43.62
N LEU D 4664 58.05 20.85 -44.33
CA LEU D 4664 56.75 21.21 -43.78
C LEU D 4664 55.71 20.09 -43.89
N LYS D 4665 55.62 19.39 -45.03
CA LYS D 4665 54.46 18.55 -45.35
C LYS D 4665 54.76 17.08 -45.67
N VAL D 4666 55.99 16.70 -46.00
CA VAL D 4666 56.32 15.29 -46.25
C VAL D 4666 56.33 14.42 -44.99
N PRO D 4667 56.84 14.85 -43.83
CA PRO D 4667 56.79 14.03 -42.61
C PRO D 4667 55.39 13.50 -42.27
N LEU D 4668 54.34 14.28 -42.55
CA LEU D 4668 52.97 13.84 -42.32
C LEU D 4668 52.51 12.76 -43.32
N VAL D 4669 52.78 12.90 -44.62
CA VAL D 4669 52.35 11.88 -45.60
C VAL D 4669 53.07 10.55 -45.42
N ILE D 4670 54.28 10.56 -44.85
CA ILE D 4670 54.95 9.33 -44.41
C ILE D 4670 54.28 8.77 -43.15
N PHE D 4671 54.03 9.59 -42.12
CA PHE D 4671 53.37 9.12 -40.91
C PHE D 4671 52.03 8.45 -41.21
N LYS D 4672 51.19 9.04 -42.05
CA LYS D 4672 49.89 8.47 -42.47
C LYS D 4672 50.00 7.11 -43.17
N ARG D 4673 51.19 6.66 -43.59
CA ARG D 4673 51.39 5.39 -44.32
C ARG D 4673 52.20 4.37 -43.55
N GLU D 4674 53.23 4.80 -42.84
CA GLU D 4674 53.97 3.93 -41.91
C GLU D 4674 53.06 3.39 -40.81
N LYS D 4675 52.09 4.19 -40.37
CA LYS D 4675 50.98 3.77 -39.51
C LYS D 4675 50.17 2.64 -40.11
N GLU D 4676 49.78 2.70 -41.37
CA GLU D 4676 48.93 1.67 -41.98
C GLU D 4676 49.65 0.33 -42.09
N LEU D 4677 50.92 0.28 -42.53
CA LEU D 4677 51.67 -0.97 -42.56
C LEU D 4677 51.64 -1.66 -41.20
N ALA D 4678 51.87 -0.90 -40.12
CA ALA D 4678 51.83 -1.49 -38.79
C ALA D 4678 50.44 -2.02 -38.45
N ARG D 4679 49.40 -1.28 -38.80
CA ARG D 4679 48.06 -1.66 -38.40
C ARG D 4679 47.50 -2.79 -39.25
N LYS D 4680 47.95 -2.91 -40.50
CA LYS D 4680 47.51 -3.99 -41.39
C LYS D 4680 48.31 -5.26 -41.19
N LEU D 4681 49.30 -5.26 -40.30
CA LEU D 4681 50.05 -6.45 -39.94
C LEU D 4681 49.68 -6.95 -38.55
N GLU D 4682 49.60 -6.05 -37.57
CA GLU D 4682 49.28 -6.44 -36.20
C GLU D 4682 47.91 -7.09 -36.09
N PHE D 4683 46.94 -6.64 -36.89
CA PHE D 4683 45.56 -7.11 -36.74
C PHE D 4683 45.03 -7.85 -37.95
N ASP D 4684 45.74 -7.84 -39.08
CA ASP D 4684 45.23 -8.50 -40.28
C ASP D 4684 46.23 -9.53 -40.80
N GLY D 4685 47.51 -9.35 -40.49
CA GLY D 4685 48.52 -10.25 -41.03
C GLY D 4685 48.64 -10.16 -42.54
N LEU D 4686 48.68 -8.95 -43.09
CA LEU D 4686 48.64 -8.78 -44.54
C LEU D 4686 49.78 -9.54 -45.21
N TYR D 4687 50.99 -9.43 -44.68
CA TYR D 4687 52.16 -10.03 -45.29
C TYR D 4687 52.54 -11.35 -44.63
N ILE D 4688 51.69 -11.88 -43.77
CA ILE D 4688 51.92 -13.15 -43.11
C ILE D 4688 50.91 -14.20 -43.58
N THR D 4689 49.62 -13.86 -43.56
CA THR D 4689 48.58 -14.84 -43.88
C THR D 4689 48.25 -14.86 -45.38
N GLU D 4690 48.02 -13.70 -45.98
CA GLU D 4690 47.56 -13.64 -47.36
C GLU D 4690 48.53 -12.80 -48.21
N GLN D 4691 48.12 -12.51 -49.45
CA GLN D 4691 48.78 -11.63 -50.40
C GLN D 4691 47.94 -10.37 -50.58
N PRO D 4692 48.57 -9.20 -50.77
CA PRO D 4692 47.85 -7.93 -50.56
C PRO D 4692 46.62 -7.73 -51.43
N GLY D 4693 46.80 -7.62 -52.75
CA GLY D 4693 45.69 -7.62 -53.67
C GLY D 4693 46.00 -8.37 -54.95
N ASP D 4694 47.29 -8.65 -55.16
CA ASP D 4694 47.81 -9.32 -56.35
C ASP D 4694 47.61 -8.43 -57.57
N ASP D 4695 46.99 -7.27 -57.39
CA ASP D 4695 46.75 -6.36 -58.51
C ASP D 4695 47.12 -4.91 -58.20
N ASP D 4696 47.06 -4.52 -56.94
CA ASP D 4696 47.29 -3.13 -56.59
C ASP D 4696 48.77 -2.75 -56.76
N VAL D 4697 49.05 -1.46 -56.61
CA VAL D 4697 50.40 -0.94 -56.73
C VAL D 4697 50.92 -0.45 -55.38
N LYS D 4698 50.10 0.22 -54.59
CA LYS D 4698 50.49 0.64 -53.25
C LYS D 4698 50.13 -0.41 -52.20
N GLY D 4699 50.44 -1.66 -52.52
CA GLY D 4699 50.29 -2.76 -51.60
C GLY D 4699 51.42 -3.76 -51.71
N GLN D 4700 52.24 -3.60 -52.74
CA GLN D 4700 53.42 -4.45 -52.92
C GLN D 4700 54.70 -3.68 -53.15
N TRP D 4701 54.64 -2.41 -53.57
CA TRP D 4701 55.83 -1.57 -53.59
C TRP D 4701 56.39 -1.40 -52.18
N ASP D 4702 55.52 -1.40 -51.17
CA ASP D 4702 55.95 -1.32 -49.77
C ASP D 4702 56.45 -2.65 -49.21
N ARG D 4703 56.49 -3.71 -50.02
CA ARG D 4703 57.16 -4.93 -49.59
C ARG D 4703 58.67 -4.74 -49.51
N LEU D 4704 59.19 -3.60 -49.94
CA LEU D 4704 60.63 -3.36 -49.99
C LEU D 4704 61.16 -2.69 -48.74
N VAL D 4705 60.33 -2.45 -47.72
CA VAL D 4705 60.78 -1.72 -46.54
C VAL D 4705 60.85 -2.60 -45.30
N LEU D 4706 60.10 -3.70 -45.23
CA LEU D 4706 60.06 -4.48 -44.00
C LEU D 4706 61.42 -5.05 -43.61
N ASN D 4707 62.27 -5.35 -44.59
CA ASN D 4707 63.54 -5.99 -44.30
C ASN D 4707 64.58 -5.02 -43.71
N THR D 4708 64.44 -3.71 -43.93
CA THR D 4708 65.47 -2.83 -43.41
C THR D 4708 65.30 -2.65 -41.91
N PRO D 4709 66.41 -2.48 -41.18
CA PRO D 4709 66.31 -2.27 -39.73
C PRO D 4709 66.09 -0.82 -39.36
N SER D 4710 65.20 -0.13 -40.07
CA SER D 4710 64.83 1.24 -39.73
C SER D 4710 63.37 1.53 -40.02
N PHE D 4711 62.52 0.49 -40.00
CA PHE D 4711 61.13 0.67 -40.39
C PHE D 4711 60.39 1.71 -39.55
N PRO D 4712 60.41 1.67 -38.22
CA PRO D 4712 59.67 2.72 -37.49
C PRO D 4712 60.45 4.03 -37.37
N SER D 4713 60.46 4.89 -38.39
CA SER D 4713 61.19 6.18 -38.31
C SER D 4713 60.35 7.32 -37.73
N ASN D 4714 59.03 7.34 -37.96
CA ASN D 4714 58.15 8.46 -37.62
C ASN D 4714 56.94 8.06 -36.76
N TYR D 4715 56.43 6.83 -36.89
CA TYR D 4715 55.17 6.37 -36.28
C TYR D 4715 55.14 6.25 -34.73
N TRP D 4716 56.05 6.89 -34.00
CA TRP D 4716 56.27 6.76 -32.53
C TRP D 4716 56.63 5.34 -32.04
N ASP D 4717 55.92 4.31 -32.48
CA ASP D 4717 56.01 2.93 -32.02
C ASP D 4717 57.17 2.16 -32.68
N LYS D 4718 58.40 2.51 -32.32
CA LYS D 4718 59.66 1.88 -32.64
C LYS D 4718 59.75 0.51 -32.03
N PHE D 4719 58.73 -0.30 -32.22
CA PHE D 4719 58.75 -1.66 -31.76
C PHE D 4719 57.68 -2.36 -32.55
N VAL D 4720 57.37 -1.83 -33.72
CA VAL D 4720 56.32 -2.41 -34.51
C VAL D 4720 56.87 -3.64 -35.15
N LYS D 4721 57.92 -4.18 -34.57
CA LYS D 4721 58.56 -5.33 -35.19
C LYS D 4721 58.77 -6.48 -34.21
N ARG D 4722 58.68 -6.23 -32.91
CA ARG D 4722 58.86 -7.27 -31.91
C ARG D 4722 57.55 -7.84 -31.40
N LYS D 4723 56.51 -7.03 -31.29
CA LYS D 4723 55.21 -7.47 -30.80
C LYS D 4723 54.29 -8.01 -31.89
N VAL D 4724 54.69 -7.93 -33.16
CA VAL D 4724 54.06 -8.79 -34.17
C VAL D 4724 54.71 -10.18 -34.14
N LEU D 4725 56.01 -10.24 -33.80
CA LEU D 4725 56.71 -11.51 -33.71
C LEU D 4725 56.08 -12.45 -32.70
N ASP D 4726 55.37 -11.91 -31.71
CA ASP D 4726 54.83 -12.72 -30.63
C ASP D 4726 53.36 -13.09 -30.80
N LYS D 4727 52.58 -12.27 -31.50
CA LYS D 4727 51.18 -12.63 -31.72
C LYS D 4727 51.07 -13.80 -32.68
N HIS D 4728 51.50 -13.63 -33.92
CA HIS D 4728 51.50 -14.73 -34.86
C HIS D 4728 52.44 -15.81 -34.36
N GLY D 4729 53.74 -15.51 -34.34
CA GLY D 4729 54.69 -16.32 -33.61
C GLY D 4729 54.64 -17.81 -33.88
N ASP D 4730 54.13 -18.54 -32.89
CA ASP D 4730 54.19 -20.01 -32.91
C ASP D 4730 53.42 -20.61 -34.08
N ILE D 4731 52.24 -20.08 -34.38
CA ILE D 4731 51.40 -20.69 -35.42
C ILE D 4731 52.08 -20.62 -36.77
N PHE D 4732 52.87 -19.57 -37.01
CA PHE D 4732 53.62 -19.47 -38.24
C PHE D 4732 55.06 -19.91 -37.97
N GLY D 4733 55.91 -19.81 -38.98
CA GLY D 4733 57.31 -20.16 -38.79
C GLY D 4733 58.03 -19.15 -37.92
N ARG D 4734 58.33 -19.53 -36.67
CA ARG D 4734 59.06 -18.63 -35.79
C ARG D 4734 60.45 -18.32 -36.33
N GLU D 4735 61.11 -19.31 -36.92
CA GLU D 4735 62.46 -19.12 -37.44
C GLU D 4735 62.48 -18.45 -38.80
N ARG D 4736 61.35 -18.33 -39.49
CA ARG D 4736 61.35 -17.70 -40.80
C ARG D 4736 60.80 -16.28 -40.79
N ILE D 4737 59.87 -15.96 -39.89
CA ILE D 4737 59.48 -14.56 -39.72
C ILE D 4737 60.54 -13.76 -39.00
N ALA D 4738 61.56 -14.43 -38.44
CA ALA D 4738 62.67 -13.75 -37.83
C ALA D 4738 63.53 -13.00 -38.84
N GLU D 4739 63.43 -13.33 -40.12
CA GLU D 4739 64.20 -12.62 -41.14
C GLU D 4739 63.35 -11.93 -42.20
N LEU D 4740 62.14 -12.41 -42.48
CA LEU D 4740 61.35 -11.76 -43.51
C LEU D 4740 60.86 -10.39 -43.05
N LEU D 4741 60.76 -10.15 -41.75
CA LEU D 4741 60.69 -8.79 -41.20
C LEU D 4741 62.07 -8.30 -40.79
N GLY D 4742 63.05 -8.39 -41.68
CA GLY D 4742 64.42 -8.00 -41.35
C GLY D 4742 64.86 -8.50 -39.99
N MET D 4743 65.49 -7.61 -39.22
CA MET D 4743 65.79 -7.80 -37.79
C MET D 4743 66.47 -9.14 -37.53
N ASP D 4744 67.59 -9.37 -38.21
CA ASP D 4744 68.34 -10.62 -38.08
C ASP D 4744 68.90 -10.77 -36.67
N LEU D 4745 69.34 -12.00 -36.38
CA LEU D 4745 69.85 -12.41 -35.06
C LEU D 4745 68.76 -12.41 -33.99
N ALA D 4746 67.50 -12.25 -34.39
CA ALA D 4746 66.41 -12.19 -33.42
C ALA D 4746 66.27 -13.49 -32.65
N SER D 4747 66.29 -14.62 -33.36
CA SER D 4747 66.09 -15.91 -32.69
C SER D 4747 67.24 -16.26 -31.77
N LEU D 4748 68.44 -15.74 -32.06
CA LEU D 4748 69.61 -15.99 -31.21
C LEU D 4748 69.82 -14.88 -30.19
N GLU D 4749 70.01 -13.64 -30.65
CA GLU D 4749 70.27 -12.51 -29.78
C GLU D 4749 68.99 -11.71 -29.54
N ILE D 4750 68.02 -12.35 -28.91
CA ILE D 4750 66.77 -11.67 -28.58
C ILE D 4750 66.95 -10.76 -27.37
N THR D 4751 67.35 -11.35 -26.24
CA THR D 4751 67.57 -10.61 -25.00
C THR D 4751 69.01 -10.13 -24.88
N ALA D 4752 69.74 -9.99 -25.99
CA ALA D 4752 71.12 -9.52 -25.92
C ALA D 4752 71.23 -8.15 -25.30
N HIS D 4753 70.21 -7.29 -25.50
CA HIS D 4753 70.18 -5.96 -24.91
C HIS D 4753 69.72 -6.06 -23.45
N ASN D 4754 70.57 -6.67 -22.64
CA ASN D 4754 70.25 -6.87 -21.23
C ASN D 4754 71.37 -6.34 -20.33
N GLU D 4755 72.60 -6.37 -20.82
CA GLU D 4755 73.75 -5.93 -20.02
C GLU D 4755 73.65 -4.45 -19.67
N ARG D 4756 73.72 -3.60 -20.68
CA ARG D 4756 73.70 -2.15 -20.49
C ARG D 4756 73.52 -1.49 -21.85
N LYS D 4757 73.62 -0.16 -21.88
CA LYS D 4757 73.51 0.61 -23.12
C LYS D 4757 74.86 1.21 -23.47
N PRO D 4758 75.40 0.93 -24.66
CA PRO D 4758 76.70 1.48 -25.03
C PRO D 4758 76.56 2.91 -25.56
N ASP D 4759 77.70 3.52 -25.86
CA ASP D 4759 77.73 4.88 -26.38
C ASP D 4759 78.09 4.89 -27.86
N PRO D 4760 77.50 5.77 -28.66
CA PRO D 4760 77.81 5.82 -30.09
C PRO D 4760 79.06 6.65 -30.35
N PRO D 4761 79.84 6.30 -31.36
CA PRO D 4761 81.06 7.06 -31.65
C PRO D 4761 80.77 8.23 -32.57
N PRO D 4762 81.11 9.44 -32.15
CA PRO D 4762 80.94 10.60 -33.05
C PRO D 4762 81.93 10.56 -34.21
N GLY D 4763 81.74 11.49 -35.13
CA GLY D 4763 82.63 11.59 -36.27
C GLY D 4763 82.04 12.48 -37.35
N LEU D 4764 82.71 12.46 -38.50
CA LEU D 4764 82.28 13.24 -39.66
C LEU D 4764 82.88 12.59 -40.90
N LEU D 4765 82.49 13.10 -42.07
CA LEU D 4765 82.99 12.63 -43.35
C LEU D 4765 82.63 11.17 -43.59
N THR D 4766 83.18 10.27 -42.76
CA THR D 4766 82.89 8.84 -42.88
C THR D 4766 81.45 8.49 -42.53
N TRP D 4767 80.69 9.42 -41.93
CA TRP D 4767 79.30 9.14 -41.59
C TRP D 4767 78.41 9.00 -42.82
N LEU D 4768 78.89 9.37 -44.01
CA LEU D 4768 78.07 9.31 -45.21
C LEU D 4768 77.88 7.90 -45.74
N MET D 4769 78.33 6.86 -45.03
CA MET D 4769 78.02 5.48 -45.40
C MET D 4769 76.88 4.88 -44.61
N SER D 4770 76.54 5.47 -43.44
CA SER D 4770 75.44 4.99 -42.61
C SER D 4770 74.10 5.44 -43.19
N ILE D 4771 73.85 4.98 -44.43
CA ILE D 4771 72.62 5.27 -45.13
C ILE D 4771 71.96 3.95 -45.48
N ASP D 4772 70.79 3.71 -44.91
CA ASP D 4772 70.02 2.51 -45.23
C ASP D 4772 69.38 2.64 -46.61
N VAL D 4773 70.21 2.62 -47.64
CA VAL D 4773 69.83 2.96 -49.01
C VAL D 4773 68.53 2.30 -49.44
N LYS D 4774 68.26 1.08 -48.96
CA LYS D 4774 67.05 0.38 -49.35
C LYS D 4774 65.80 1.12 -48.85
N TYR D 4775 65.80 1.64 -47.64
CA TYR D 4775 64.68 2.43 -47.13
C TYR D 4775 64.50 3.71 -47.94
N GLN D 4776 65.58 4.35 -48.39
CA GLN D 4776 65.42 5.59 -49.14
C GLN D 4776 64.72 5.36 -50.47
N ILE D 4777 65.00 4.24 -51.14
CA ILE D 4777 64.33 3.95 -52.41
C ILE D 4777 62.82 3.88 -52.21
N TRP D 4778 62.39 3.27 -51.10
CA TRP D 4778 60.98 3.12 -50.79
C TRP D 4778 60.30 4.48 -50.63
N LYS D 4779 60.79 5.34 -49.72
CA LYS D 4779 60.17 6.66 -49.56
C LYS D 4779 60.35 7.50 -50.81
N PHE D 4780 61.47 7.40 -51.54
CA PHE D 4780 61.64 8.12 -52.79
C PHE D 4780 60.90 7.47 -53.94
N GLY D 4781 59.97 6.57 -53.64
CA GLY D 4781 59.09 6.01 -54.63
C GLY D 4781 57.65 6.26 -54.24
N VAL D 4782 57.43 6.79 -53.02
CA VAL D 4782 56.12 7.16 -52.48
C VAL D 4782 55.86 8.63 -52.76
N ILE D 4783 56.79 9.53 -52.47
CA ILE D 4783 56.54 10.96 -52.65
C ILE D 4783 56.38 11.38 -54.12
N PHE D 4784 56.97 10.67 -55.09
CA PHE D 4784 56.78 10.88 -56.52
C PHE D 4784 55.43 10.38 -57.02
N THR D 4785 54.56 9.90 -56.12
CA THR D 4785 53.21 9.54 -56.47
C THR D 4785 52.16 10.51 -55.96
N ASP D 4786 52.50 11.35 -54.99
CA ASP D 4786 51.60 12.34 -54.38
C ASP D 4786 51.26 13.44 -55.41
N ASN D 4787 49.97 13.78 -55.58
CA ASN D 4787 49.55 14.76 -56.58
C ASN D 4787 50.20 16.11 -56.36
N SER D 4788 50.63 16.47 -55.13
CA SER D 4788 51.31 17.72 -54.81
C SER D 4788 52.70 17.89 -55.45
N PHE D 4789 53.63 16.92 -55.36
CA PHE D 4789 55.02 17.10 -55.74
C PHE D 4789 55.07 16.70 -57.14
N LEU D 4790 54.07 17.06 -57.90
CA LEU D 4790 54.16 16.85 -59.31
C LEU D 4790 53.37 17.94 -59.91
N TYR D 4791 52.95 18.90 -59.11
CA TYR D 4791 52.34 20.08 -59.66
C TYR D 4791 53.38 20.96 -59.20
N SER D 4792 54.31 20.57 -58.36
CA SER D 4792 55.42 21.48 -58.08
C SER D 4792 56.54 21.20 -59.02
N GLY D 4793 56.63 20.03 -59.58
CA GLY D 4793 57.63 19.77 -60.59
C GLY D 4793 57.36 20.52 -61.86
N TRP D 4794 56.12 20.56 -62.30
CA TRP D 4794 55.80 21.21 -63.54
C TRP D 4794 55.78 22.64 -63.33
N TYR D 4795 56.31 23.18 -62.26
CA TYR D 4795 56.40 24.64 -62.21
C TYR D 4795 57.81 24.81 -62.57
N MET D 4796 58.68 24.03 -61.98
CA MET D 4796 60.09 24.21 -62.22
C MET D 4796 60.43 23.95 -63.65
N VAL D 4797 59.95 22.92 -64.30
CA VAL D 4797 60.40 22.73 -65.68
C VAL D 4797 59.70 23.55 -66.73
N MET D 4798 58.87 24.51 -66.32
CA MET D 4798 58.28 25.42 -67.26
C MET D 4798 59.19 26.58 -67.18
N SER D 4799 59.70 26.95 -66.02
CA SER D 4799 60.53 28.14 -65.94
C SER D 4799 61.93 27.98 -66.54
N LEU D 4800 62.53 26.85 -66.30
CA LEU D 4800 63.82 26.63 -66.88
C LEU D 4800 63.64 26.63 -68.36
N LEU D 4801 62.49 26.18 -68.86
CA LEU D 4801 62.31 26.08 -70.29
C LEU D 4801 62.09 27.48 -70.81
N GLY D 4802 61.31 28.27 -70.12
CA GLY D 4802 61.11 29.64 -70.45
C GLY D 4802 62.40 30.29 -70.67
N HIS D 4803 63.41 29.93 -69.91
CA HIS D 4803 64.71 30.55 -70.25
C HIS D 4803 65.14 30.25 -71.69
N TYR D 4804 64.38 29.45 -72.43
CA TYR D 4804 64.67 29.18 -73.86
C TYR D 4804 63.76 29.86 -74.94
N ASN D 4805 62.56 30.33 -74.61
CA ASN D 4805 61.74 31.01 -75.61
C ASN D 4805 60.98 32.17 -75.03
N ASN D 4806 61.21 32.48 -73.75
CA ASN D 4806 60.47 33.44 -72.95
C ASN D 4806 59.02 33.58 -73.17
N PHE D 4807 58.32 32.65 -73.80
CA PHE D 4807 56.86 32.66 -73.96
C PHE D 4807 56.25 31.56 -73.13
N PHE D 4808 57.07 30.62 -72.66
CA PHE D 4808 56.58 29.52 -71.92
C PHE D 4808 56.28 29.98 -70.55
N PHE D 4809 56.49 31.25 -70.30
CA PHE D 4809 56.25 31.78 -68.98
C PHE D 4809 54.78 32.07 -68.90
N ALA D 4810 53.97 31.91 -69.99
CA ALA D 4810 52.49 31.99 -70.01
C ALA D 4810 51.71 30.98 -69.14
N ALA D 4811 52.24 29.80 -68.85
CA ALA D 4811 51.53 28.76 -68.12
C ALA D 4811 51.17 29.12 -66.65
N HIS D 4812 51.68 30.23 -66.16
CA HIS D 4812 51.42 30.58 -64.76
C HIS D 4812 50.22 31.51 -64.68
N LEU D 4813 49.91 32.16 -65.76
CA LEU D 4813 48.68 32.90 -65.68
C LEU D 4813 47.67 31.81 -65.31
N LEU D 4814 48.02 30.52 -65.44
CA LEU D 4814 47.04 29.41 -65.21
C LEU D 4814 47.02 28.76 -63.87
N ASP D 4815 47.65 29.36 -62.89
CA ASP D 4815 47.54 28.80 -61.57
C ASP D 4815 46.58 29.68 -60.85
N ILE D 4816 46.32 30.88 -61.39
CA ILE D 4816 45.29 31.65 -60.76
C ILE D 4816 44.18 30.69 -60.42
N ALA D 4817 43.66 30.00 -61.41
CA ALA D 4817 42.59 29.06 -61.20
C ALA D 4817 43.09 27.86 -60.50
N MET D 4818 43.58 28.05 -59.31
CA MET D 4818 44.08 26.95 -58.53
C MET D 4818 44.36 27.60 -57.18
N GLU D 4819 44.16 28.91 -57.07
CA GLU D 4819 44.32 29.62 -55.82
C GLU D 4819 42.97 30.24 -55.58
N VAL D 4820 42.85 31.57 -55.60
CA VAL D 4820 41.59 32.24 -55.39
C VAL D 4820 40.48 31.32 -54.86
N LYS D 4821 40.39 31.10 -53.55
CA LYS D 4821 39.44 30.14 -52.99
C LYS D 4821 38.15 30.01 -53.80
N THR D 4822 37.63 31.14 -54.30
CA THR D 4822 36.37 31.10 -55.06
C THR D 4822 36.54 30.29 -56.35
N LEU D 4823 37.62 30.55 -57.10
CA LEU D 4823 37.78 29.90 -58.40
C LEU D 4823 37.87 28.38 -58.29
N ARG D 4824 38.28 27.92 -57.15
CA ARG D 4824 38.37 26.53 -57.10
C ARG D 4824 36.95 26.10 -57.08
N THR D 4825 36.06 26.70 -56.33
CA THR D 4825 34.68 26.15 -56.28
C THR D 4825 33.99 25.91 -57.65
N ILE D 4826 34.00 26.88 -58.58
CA ILE D 4826 33.29 26.77 -59.84
C ILE D 4826 33.95 25.72 -60.73
N LEU D 4827 35.29 25.62 -60.70
CA LEU D 4827 35.95 24.67 -61.52
C LEU D 4827 35.66 23.34 -60.93
N SER D 4828 35.58 23.24 -59.63
CA SER D 4828 35.23 21.98 -58.98
C SER D 4828 33.92 21.52 -59.47
N SER D 4829 32.91 22.39 -59.55
CA SER D 4829 31.57 22.06 -60.07
C SER D 4829 31.62 21.52 -61.50
N VAL D 4830 32.42 22.11 -62.38
CA VAL D 4830 32.66 21.59 -63.74
C VAL D 4830 33.27 20.19 -63.69
N THR D 4831 34.39 19.99 -62.99
CA THR D 4831 35.08 18.71 -63.01
C THR D 4831 34.35 17.60 -62.37
N HIS D 4832 33.60 17.83 -61.28
CA HIS D 4832 32.80 16.80 -60.57
C HIS D 4832 31.92 15.91 -61.47
N ASN D 4833 31.02 16.48 -62.28
CA ASN D 4833 30.36 15.75 -63.36
C ASN D 4833 31.26 15.74 -64.61
N GLY D 4834 32.21 14.82 -64.72
CA GLY D 4834 33.25 14.87 -65.74
C GLY D 4834 33.38 13.65 -66.58
N LYS D 4835 32.78 12.55 -66.16
CA LYS D 4835 32.76 11.39 -67.02
C LYS D 4835 31.53 11.61 -67.80
N GLN D 4836 30.39 11.86 -67.17
CA GLN D 4836 29.14 12.19 -67.86
C GLN D 4836 29.30 13.31 -68.92
N LEU D 4837 30.25 14.24 -68.77
CA LEU D 4837 30.70 15.12 -69.85
C LEU D 4837 31.55 14.45 -70.95
N VAL D 4838 32.63 13.71 -70.65
CA VAL D 4838 33.43 13.12 -71.73
C VAL D 4838 32.58 12.13 -72.53
N MET D 4839 31.81 11.27 -71.89
CA MET D 4839 31.05 10.31 -72.69
C MET D 4839 29.93 10.91 -73.52
N THR D 4840 29.38 12.06 -73.12
CA THR D 4840 28.38 12.72 -73.98
C THR D 4840 29.04 13.44 -75.15
N VAL D 4841 30.29 13.95 -75.03
CA VAL D 4841 30.98 14.42 -76.23
C VAL D 4841 31.22 13.19 -77.07
N GLY D 4842 31.37 12.04 -76.44
CA GLY D 4842 31.51 10.82 -77.22
C GLY D 4842 30.29 10.60 -78.05
N LEU D 4843 29.19 10.21 -77.44
CA LEU D 4843 27.91 10.06 -78.16
C LEU D 4843 27.78 11.00 -79.28
N LEU D 4844 28.39 12.18 -79.23
CA LEU D 4844 28.32 12.98 -80.47
C LEU D 4844 29.10 12.23 -81.55
N ALA D 4845 30.41 12.29 -81.62
CA ALA D 4845 31.20 11.66 -82.66
C ALA D 4845 30.42 10.59 -83.41
N VAL D 4846 29.66 9.75 -82.72
CA VAL D 4846 28.93 8.64 -83.38
C VAL D 4846 27.64 9.07 -84.07
N VAL D 4847 26.98 10.09 -83.55
CA VAL D 4847 25.75 10.53 -84.20
C VAL D 4847 26.06 11.12 -85.57
N VAL D 4848 27.07 11.97 -85.61
CA VAL D 4848 27.58 12.55 -86.84
C VAL D 4848 28.26 11.51 -87.71
N TYR D 4849 28.71 10.37 -87.15
CA TYR D 4849 29.03 9.21 -87.98
C TYR D 4849 27.78 8.66 -88.69
N LEU D 4850 26.66 8.41 -88.01
CA LEU D 4850 25.45 7.94 -88.68
C LEU D 4850 24.93 8.95 -89.73
N TYR D 4851 24.98 10.25 -89.45
CA TYR D 4851 24.68 11.25 -90.47
C TYR D 4851 25.69 11.24 -91.62
N THR D 4852 26.96 10.95 -91.37
CA THR D 4852 27.97 10.83 -92.43
C THR D 4852 27.68 9.65 -93.34
N VAL D 4853 27.37 8.47 -92.80
CA VAL D 4853 27.05 7.28 -93.61
C VAL D 4853 25.82 7.53 -94.48
N VAL D 4854 24.77 8.17 -93.96
CA VAL D 4854 23.61 8.54 -94.79
C VAL D 4854 23.98 9.58 -95.85
N ALA D 4855 24.77 10.60 -95.54
CA ALA D 4855 25.17 11.57 -96.54
C ALA D 4855 25.98 10.94 -97.67
N PHE D 4856 26.98 10.12 -97.35
CA PHE D 4856 27.86 9.49 -98.33
C PHE D 4856 27.14 8.53 -99.27
N ASN D 4857 26.18 7.75 -98.76
CA ASN D 4857 25.39 6.78 -99.56
C ASN D 4857 24.25 7.40 -100.39
N PHE D 4858 23.94 8.69 -100.27
CA PHE D 4858 22.78 9.28 -100.98
C PHE D 4858 23.02 10.70 -101.51
N PHE D 4859 23.38 11.65 -100.64
CA PHE D 4859 23.24 13.08 -100.88
C PHE D 4859 24.48 13.77 -101.46
N ARG D 4860 25.56 13.06 -101.78
CA ARG D 4860 26.88 13.68 -102.06
C ARG D 4860 26.89 14.73 -103.18
N LYS D 4861 25.92 14.71 -104.11
CA LYS D 4861 25.79 15.75 -105.16
C LYS D 4861 25.47 17.14 -104.64
N PHE D 4862 24.98 17.30 -103.41
CA PHE D 4862 24.65 18.61 -102.82
C PHE D 4862 25.85 19.37 -102.22
N TYR D 4863 26.98 18.72 -102.01
CA TYR D 4863 28.17 19.35 -101.42
C TYR D 4863 29.02 20.03 -102.49
N ASN D 4864 29.59 21.20 -102.18
CA ASN D 4864 30.40 21.99 -103.09
C ASN D 4864 31.32 22.96 -102.32
N LYS D 4865 32.36 23.47 -102.98
CA LYS D 4865 33.30 24.42 -102.40
C LYS D 4865 33.80 25.52 -103.33
N SER D 4866 33.27 25.64 -104.56
CA SER D 4866 33.71 26.65 -105.52
C SER D 4866 32.63 27.06 -106.54
N GLU D 4867 32.78 28.26 -107.10
CA GLU D 4867 32.02 28.75 -108.26
C GLU D 4867 32.78 28.63 -109.60
N ASP D 4868 33.99 28.06 -109.61
CA ASP D 4868 34.92 28.07 -110.74
C ASP D 4868 34.55 27.16 -111.95
N GLU D 4869 33.43 26.43 -111.89
CA GLU D 4869 33.04 25.41 -112.87
C GLU D 4869 34.03 24.22 -112.98
N ASP D 4870 33.65 23.20 -113.76
CA ASP D 4870 34.30 21.89 -113.82
C ASP D 4870 34.28 21.07 -112.50
N GLU D 4871 33.43 21.45 -111.55
CA GLU D 4871 33.16 20.75 -110.28
C GLU D 4871 34.38 20.37 -109.39
N PRO D 4872 35.38 21.24 -109.17
CA PRO D 4872 36.45 20.98 -108.20
C PRO D 4872 35.92 21.05 -106.76
N ASP D 4873 36.70 20.52 -105.82
CA ASP D 4873 36.47 20.62 -104.38
C ASP D 4873 35.16 20.00 -103.87
N MET D 4874 34.73 18.85 -104.41
CA MET D 4874 33.65 18.05 -103.82
C MET D 4874 34.08 17.54 -102.43
N LYS D 4875 33.28 17.78 -101.39
CA LYS D 4875 33.62 17.43 -100.00
C LYS D 4875 33.47 15.93 -99.68
N CYS D 4876 32.86 15.15 -100.57
CA CYS D 4876 32.35 13.81 -100.27
C CYS D 4876 32.91 12.69 -101.18
N ASP D 4877 33.95 12.93 -101.98
CA ASP D 4877 34.57 11.88 -102.79
C ASP D 4877 35.23 10.78 -101.92
N ASP D 4878 35.41 11.02 -100.62
CA ASP D 4878 35.90 10.05 -99.67
C ASP D 4878 35.13 10.10 -98.36
N MET D 4879 34.90 8.95 -97.73
CA MET D 4879 34.73 8.91 -96.28
C MET D 4879 35.99 9.44 -95.60
N MET D 4880 35.91 9.76 -94.31
CA MET D 4880 36.94 10.48 -93.54
C MET D 4880 37.20 11.93 -93.98
N THR D 4881 37.27 12.25 -95.28
CA THR D 4881 37.20 13.63 -95.77
C THR D 4881 35.81 14.21 -95.53
N CYS D 4882 34.75 13.46 -95.86
CA CYS D 4882 33.36 13.87 -95.58
C CYS D 4882 33.11 14.03 -94.07
N TYR D 4883 33.69 13.17 -93.25
CA TYR D 4883 33.59 13.26 -91.80
C TYR D 4883 34.32 14.50 -91.24
N LEU D 4884 35.07 15.28 -92.03
CA LEU D 4884 35.74 16.46 -91.52
C LEU D 4884 35.23 17.63 -92.31
N PHE D 4885 33.95 17.60 -92.61
CA PHE D 4885 33.17 18.73 -93.04
C PHE D 4885 32.03 18.82 -92.06
N HIS D 4886 31.47 17.65 -91.71
CA HIS D 4886 30.63 17.45 -90.55
C HIS D 4886 31.22 17.82 -89.18
N MET D 4887 32.49 18.27 -88.98
CA MET D 4887 32.78 18.80 -87.65
C MET D 4887 33.32 20.22 -87.66
N TYR D 4888 34.14 20.59 -88.64
CA TYR D 4888 34.63 21.96 -88.68
C TYR D 4888 33.55 22.92 -89.15
N VAL D 4889 32.74 22.52 -90.12
CA VAL D 4889 31.66 23.34 -90.63
C VAL D 4889 30.31 22.63 -90.39
N GLY D 4890 30.32 21.61 -89.53
CA GLY D 4890 29.19 20.76 -89.25
C GLY D 4890 28.51 21.19 -87.97
N VAL D 4891 28.83 20.52 -86.86
CA VAL D 4891 28.27 20.81 -85.54
C VAL D 4891 28.46 22.28 -85.19
N ARG D 4892 29.40 22.94 -85.86
CA ARG D 4892 29.61 24.37 -85.68
C ARG D 4892 28.44 25.16 -86.27
N ALA D 4893 28.57 26.48 -86.28
CA ALA D 4893 27.51 27.38 -86.70
C ALA D 4893 26.27 27.19 -85.82
N GLY D 4894 25.12 27.66 -86.28
CA GLY D 4894 23.92 27.57 -85.47
C GLY D 4894 22.67 27.21 -86.24
N GLY D 4895 22.88 26.71 -87.46
CA GLY D 4895 21.78 26.23 -88.28
C GLY D 4895 21.93 24.79 -88.83
N GLY D 4896 23.12 24.33 -89.16
CA GLY D 4896 23.25 22.97 -89.60
C GLY D 4896 23.70 22.80 -91.02
N ILE D 4897 24.23 21.64 -91.37
CA ILE D 4897 24.63 21.39 -92.72
C ILE D 4897 23.36 21.59 -93.34
N GLY D 4898 23.15 22.78 -93.83
CA GLY D 4898 21.92 23.12 -94.47
C GLY D 4898 22.35 24.47 -94.86
N ASP D 4899 23.31 25.01 -94.13
CA ASP D 4899 23.87 26.29 -94.48
C ASP D 4899 25.29 26.05 -94.86
N GLU D 4900 25.52 25.35 -95.97
CA GLU D 4900 26.84 25.02 -96.43
C GLU D 4900 26.72 23.77 -97.29
N ILE D 4901 25.77 23.75 -98.21
CA ILE D 4901 25.54 22.56 -98.98
C ILE D 4901 24.44 22.85 -99.95
N GLU D 4902 24.61 23.83 -100.82
CA GLU D 4902 23.61 24.22 -101.85
C GLU D 4902 22.15 24.12 -101.46
N ASP D 4903 21.25 24.45 -102.37
CA ASP D 4903 19.82 24.49 -102.02
C ASP D 4903 19.06 23.45 -102.74
N PRO D 4904 17.93 23.07 -102.16
CA PRO D 4904 17.33 21.93 -102.89
C PRO D 4904 15.85 22.16 -103.21
N ALA D 4905 15.61 23.15 -104.07
CA ALA D 4905 14.27 23.50 -104.53
C ALA D 4905 13.86 22.79 -105.83
N GLY D 4906 14.81 22.32 -106.66
CA GLY D 4906 14.51 21.78 -107.97
C GLY D 4906 14.15 20.31 -107.98
N ASP D 4907 13.26 19.93 -107.09
CA ASP D 4907 12.80 18.58 -107.10
C ASP D 4907 13.83 17.48 -107.10
N GLU D 4908 13.34 16.27 -107.27
CA GLU D 4908 14.20 15.12 -107.27
C GLU D 4908 14.91 15.13 -105.94
N TYR D 4909 14.44 14.30 -105.01
CA TYR D 4909 14.96 14.21 -103.63
C TYR D 4909 14.97 15.59 -102.95
N GLU D 4910 13.81 16.21 -102.78
CA GLU D 4910 13.73 17.51 -102.17
C GLU D 4910 13.29 17.21 -100.83
N LEU D 4911 12.11 16.64 -100.72
CA LEU D 4911 11.59 16.41 -99.40
C LEU D 4911 12.39 15.34 -98.74
N TYR D 4912 13.49 14.80 -99.29
CA TYR D 4912 14.44 13.97 -98.54
C TYR D 4912 15.55 14.83 -97.91
N ARG D 4913 15.87 16.00 -98.48
CA ARG D 4913 16.76 17.00 -97.86
C ARG D 4913 16.08 17.74 -96.72
N VAL D 4914 14.83 18.22 -96.82
CA VAL D 4914 14.28 18.97 -95.70
C VAL D 4914 14.10 18.08 -94.48
N VAL D 4915 13.66 16.84 -94.69
CA VAL D 4915 13.54 15.91 -93.57
C VAL D 4915 14.91 15.56 -93.02
N PHE D 4916 15.97 15.46 -93.84
CA PHE D 4916 17.31 15.17 -93.33
C PHE D 4916 17.88 16.36 -92.56
N ASP D 4917 17.48 17.59 -92.87
CA ASP D 4917 18.07 18.73 -92.15
C ASP D 4917 17.35 18.97 -90.82
N ILE D 4918 16.02 18.97 -90.83
CA ILE D 4918 15.28 19.28 -89.61
C ILE D 4918 15.59 18.26 -88.52
N THR D 4919 15.60 16.96 -88.86
CA THR D 4919 15.91 15.97 -87.84
C THR D 4919 17.34 16.10 -87.34
N PHE D 4920 18.24 16.60 -88.19
CA PHE D 4920 19.60 16.86 -87.72
C PHE D 4920 19.63 18.02 -86.72
N PHE D 4921 18.88 19.08 -87.00
CA PHE D 4921 18.93 20.28 -86.17
C PHE D 4921 18.46 19.98 -84.74
N PHE D 4922 17.38 19.20 -84.61
CA PHE D 4922 16.86 18.89 -83.29
C PHE D 4922 17.76 17.89 -82.55
N PHE D 4923 18.31 16.91 -83.27
CA PHE D 4923 18.98 15.80 -82.62
C PHE D 4923 20.43 16.08 -82.23
N VAL D 4924 21.01 17.22 -82.63
CA VAL D 4924 22.35 17.55 -82.14
C VAL D 4924 22.39 18.95 -81.53
N ILE D 4925 21.89 19.95 -82.26
CA ILE D 4925 21.95 21.32 -81.78
C ILE D 4925 21.04 21.53 -80.58
N VAL D 4926 19.76 21.12 -80.63
CA VAL D 4926 18.83 21.45 -79.54
C VAL D 4926 19.01 20.53 -78.33
N ILE D 4927 19.10 19.21 -78.48
CA ILE D 4927 19.20 18.29 -77.33
C ILE D 4927 20.63 18.14 -76.79
N LEU D 4928 21.63 17.72 -77.56
CA LEU D 4928 22.95 17.39 -76.99
C LEU D 4928 23.65 18.61 -76.38
N LEU D 4929 23.55 19.80 -76.97
CA LEU D 4929 24.05 21.02 -76.34
C LEU D 4929 23.15 21.55 -75.20
N ALA D 4930 21.99 20.94 -74.94
CA ALA D 4930 21.22 21.14 -73.70
C ALA D 4930 21.58 20.12 -72.61
N ILE D 4931 21.94 18.88 -72.95
CA ILE D 4931 22.44 17.91 -71.96
C ILE D 4931 23.76 18.37 -71.36
N ILE D 4932 24.75 18.77 -72.17
CA ILE D 4932 26.04 19.28 -71.65
C ILE D 4932 25.84 20.48 -70.74
N GLN D 4933 24.88 21.33 -71.05
CA GLN D 4933 24.51 22.48 -70.23
C GLN D 4933 23.80 22.08 -68.93
N GLY D 4934 22.95 21.04 -68.96
CA GLY D 4934 22.25 20.51 -67.78
C GLY D 4934 23.18 19.84 -66.76
N LEU D 4935 24.19 19.10 -67.19
CA LEU D 4935 25.15 18.48 -66.27
C LEU D 4935 25.99 19.50 -65.48
N ILE D 4936 26.16 20.72 -66.01
CA ILE D 4936 26.80 21.84 -65.29
C ILE D 4936 25.80 22.53 -64.37
N ILE D 4937 24.62 22.94 -64.86
CA ILE D 4937 23.63 23.69 -64.08
C ILE D 4937 23.09 22.88 -62.89
N ASP D 4938 23.03 21.56 -63.00
CA ASP D 4938 22.68 20.68 -61.90
C ASP D 4938 23.80 20.50 -60.86
N ALA D 4939 25.08 20.55 -61.26
CA ALA D 4939 26.17 20.30 -60.32
C ALA D 4939 26.25 21.36 -59.21
N PHE D 4940 25.91 22.62 -59.49
CA PHE D 4940 25.78 23.64 -58.43
C PHE D 4940 24.68 23.28 -57.45
N GLY D 4941 23.57 22.73 -57.92
CA GLY D 4941 22.48 22.25 -57.08
C GLY D 4941 22.93 21.14 -56.14
N GLU D 4942 23.67 20.14 -56.61
CA GLU D 4942 24.22 19.11 -55.74
C GLU D 4942 25.35 19.63 -54.84
N LEU D 4943 26.26 20.47 -55.32
CA LEU D 4943 27.41 20.89 -54.52
C LEU D 4943 27.01 21.89 -53.42
N ARG D 4944 26.17 22.88 -53.72
CA ARG D 4944 25.58 23.77 -52.70
C ARG D 4944 24.55 23.05 -51.85
N ASP D 4945 24.02 21.92 -52.30
CA ASP D 4945 23.31 21.07 -51.40
C ASP D 4945 24.34 20.48 -50.47
N GLN D 4946 25.13 19.53 -50.91
CA GLN D 4946 26.17 18.96 -50.09
C GLN D 4946 26.83 19.95 -49.15
N GLN D 4947 26.70 21.25 -49.38
CA GLN D 4947 27.24 22.21 -48.44
C GLN D 4947 26.11 22.84 -47.68
N GLU D 4948 25.04 22.09 -47.47
CA GLU D 4948 23.95 22.57 -46.65
C GLU D 4948 23.35 21.38 -46.04
N GLN D 4949 24.16 20.38 -45.77
CA GLN D 4949 23.68 19.26 -45.04
C GLN D 4949 24.56 19.45 -43.84
N VAL D 4950 25.86 19.58 -44.06
CA VAL D 4950 26.71 19.83 -42.93
C VAL D 4950 26.11 20.93 -42.06
N LYS D 4951 26.06 22.17 -42.50
CA LYS D 4951 25.53 23.30 -41.75
C LYS D 4951 24.11 23.09 -41.35
N GLU D 4952 23.68 21.85 -41.28
CA GLU D 4952 22.36 21.61 -40.77
C GLU D 4952 22.35 20.22 -40.22
N ASP D 4953 23.52 19.74 -39.84
CA ASP D 4953 23.58 18.47 -39.18
C ASP D 4953 24.76 18.60 -38.29
N MET D 4954 25.16 19.81 -38.02
CA MET D 4954 26.19 20.04 -37.10
C MET D 4954 25.59 21.26 -36.49
N GLU D 4955 24.30 21.20 -36.21
CA GLU D 4955 23.63 22.30 -35.55
C GLU D 4955 22.25 21.75 -35.28
N THR D 4956 22.14 20.43 -35.26
CA THR D 4956 20.90 19.76 -34.94
C THR D 4956 21.22 18.39 -34.46
N LYS D 4957 22.39 18.20 -33.87
CA LYS D 4957 22.85 16.92 -33.38
C LYS D 4957 24.18 17.07 -32.72
N CYS D 4958 24.63 16.04 -32.04
CA CYS D 4958 25.95 16.09 -31.47
C CYS D 4958 26.88 15.45 -32.43
N PHE D 4959 28.11 15.24 -32.02
CA PHE D 4959 29.05 14.58 -32.89
C PHE D 4959 29.75 13.51 -32.11
N ILE D 4960 29.45 13.34 -30.84
CA ILE D 4960 30.06 12.23 -30.14
C ILE D 4960 28.94 11.27 -29.84
N CYS D 4961 27.89 11.71 -29.21
CA CYS D 4961 26.74 10.84 -28.98
C CYS D 4961 25.97 10.70 -30.26
N GLY D 4962 24.81 11.34 -30.36
CA GLY D 4962 24.05 11.30 -31.59
C GLY D 4962 22.66 11.80 -31.28
N ILE D 4963 22.51 12.49 -30.16
CA ILE D 4963 21.20 12.97 -29.74
C ILE D 4963 20.81 14.23 -30.46
N GLY D 4964 19.59 14.68 -30.30
CA GLY D 4964 19.13 15.80 -31.07
C GLY D 4964 19.28 17.15 -30.41
N SER D 4965 18.85 18.19 -31.08
CA SER D 4965 18.92 19.48 -30.48
C SER D 4965 17.76 19.56 -29.58
N ASP D 4966 16.76 18.73 -29.83
CA ASP D 4966 15.54 18.77 -29.03
C ASP D 4966 15.80 18.45 -27.58
N TYR D 4967 15.67 17.19 -27.21
CA TYR D 4967 15.82 16.81 -25.83
C TYR D 4967 16.58 17.83 -25.02
N PHE D 4968 17.76 18.20 -25.46
CA PHE D 4968 18.63 19.12 -24.73
C PHE D 4968 18.12 20.55 -24.71
N ASP D 4969 16.82 20.78 -24.98
CA ASP D 4969 16.24 22.11 -24.91
C ASP D 4969 15.06 22.15 -23.96
N THR D 4970 15.12 21.38 -22.87
CA THR D 4970 14.10 21.39 -21.84
C THR D 4970 14.35 22.49 -20.81
N THR D 4971 15.51 23.12 -20.85
CA THR D 4971 15.94 24.14 -19.88
C THR D 4971 16.42 25.36 -20.66
N PRO D 4972 16.84 26.46 -19.98
CA PRO D 4972 17.60 27.49 -20.70
C PRO D 4972 18.79 26.88 -21.43
N HIS D 4973 19.43 27.64 -22.32
CA HIS D 4973 20.19 27.03 -23.43
C HIS D 4973 21.02 25.85 -22.97
N GLY D 4974 20.63 24.66 -23.42
CA GLY D 4974 21.25 23.43 -22.98
C GLY D 4974 22.11 22.81 -24.05
N PHE D 4975 21.63 22.84 -25.30
CA PHE D 4975 22.44 22.34 -26.40
C PHE D 4975 23.69 23.18 -26.58
N GLU D 4976 23.61 24.47 -26.31
CA GLU D 4976 24.81 25.29 -26.26
C GLU D 4976 25.68 24.91 -25.07
N THR D 4977 25.07 24.34 -24.04
CA THR D 4977 25.90 23.78 -22.93
C THR D 4977 26.41 22.39 -23.32
N HIS D 4978 25.56 21.41 -23.60
CA HIS D 4978 26.06 20.04 -23.89
C HIS D 4978 27.26 20.12 -24.82
N THR D 4979 27.42 21.14 -25.65
CA THR D 4979 28.67 21.13 -26.39
C THR D 4979 29.54 22.34 -26.07
N LEU D 4980 29.67 22.64 -24.78
CA LEU D 4980 30.73 23.53 -24.31
C LEU D 4980 31.41 23.08 -23.03
N GLU D 4981 30.77 22.27 -22.19
CA GLU D 4981 31.34 21.72 -20.97
C GLU D 4981 31.21 20.20 -20.92
N GLU D 4982 30.14 19.66 -21.44
CA GLU D 4982 30.08 18.23 -21.49
C GLU D 4982 30.82 17.85 -22.77
N HIS D 4983 30.29 16.94 -23.56
CA HIS D 4983 30.92 16.59 -24.81
C HIS D 4983 31.41 17.86 -25.48
N ASN D 4984 32.53 17.80 -26.19
CA ASN D 4984 33.05 18.96 -26.87
C ASN D 4984 34.36 18.67 -27.58
N LEU D 4985 34.31 17.98 -28.71
CA LEU D 4985 35.51 17.64 -29.47
C LEU D 4985 36.77 17.97 -28.73
N ALA D 4986 37.27 19.17 -28.90
CA ALA D 4986 38.50 19.57 -28.27
C ALA D 4986 38.80 18.82 -26.96
N ASN D 4987 37.98 18.96 -25.94
CA ASN D 4987 38.27 18.37 -24.64
C ASN D 4987 38.76 16.94 -24.77
N TYR D 4988 38.12 16.16 -25.66
CA TYR D 4988 38.51 14.77 -25.82
C TYR D 4988 39.92 14.62 -26.41
N MET D 4989 40.41 15.62 -27.13
CA MET D 4989 41.74 15.49 -27.73
C MET D 4989 42.81 15.83 -26.71
N PHE D 4990 42.63 16.91 -26.01
CA PHE D 4990 43.58 17.30 -25.04
C PHE D 4990 43.71 16.24 -23.98
N PHE D 4991 42.84 15.25 -23.93
CA PHE D 4991 43.02 14.16 -22.99
C PHE D 4991 44.13 13.41 -23.58
N LEU D 4992 43.99 12.95 -24.79
CA LEU D 4992 45.02 12.12 -25.37
C LEU D 4992 46.37 12.75 -25.33
N MET D 4993 46.55 13.89 -24.71
CA MET D 4993 47.89 14.42 -24.61
C MET D 4993 48.16 14.65 -23.18
N TYR D 4994 47.24 14.32 -22.31
CA TYR D 4994 47.48 14.42 -20.92
C TYR D 4994 48.03 13.09 -20.69
N LEU D 4995 47.32 12.03 -21.07
CA LEU D 4995 47.79 10.70 -20.70
C LEU D 4995 49.24 10.47 -21.11
N ILE D 4996 49.60 10.87 -22.33
CA ILE D 4996 50.93 10.59 -22.85
C ILE D 4996 52.00 11.27 -21.99
N ASN D 4997 51.77 12.53 -21.62
CA ASN D 4997 52.78 13.29 -20.89
C ASN D 4997 53.02 12.69 -19.51
N LYS D 4998 51.95 12.32 -18.80
CA LYS D 4998 52.08 11.88 -17.42
C LYS D 4998 52.78 10.52 -17.33
N ASP D 4999 53.48 10.32 -16.22
CA ASP D 4999 54.13 9.05 -15.94
C ASP D 4999 53.09 7.97 -15.69
N GLU D 5000 53.52 6.71 -15.80
CA GLU D 5000 52.59 5.59 -15.77
C GLU D 5000 52.12 5.25 -14.36
N THR D 5001 52.96 5.47 -13.34
CA THR D 5001 52.69 4.92 -12.02
C THR D 5001 51.61 5.68 -11.25
N GLU D 5002 51.35 6.86 -11.88
CA GLU D 5002 50.43 7.84 -11.36
C GLU D 5002 49.16 8.06 -12.11
N HIS D 5003 48.94 7.36 -13.18
CA HIS D 5003 47.69 7.51 -13.81
C HIS D 5003 46.75 7.21 -12.70
N THR D 5004 45.64 7.93 -12.59
CA THR D 5004 44.67 7.71 -11.55
C THR D 5004 44.04 6.43 -11.76
N GLY D 5005 42.74 6.41 -11.83
CA GLY D 5005 42.07 5.13 -11.93
C GLY D 5005 41.07 5.08 -13.01
N GLN D 5006 40.68 6.23 -13.52
CA GLN D 5006 39.73 6.31 -14.57
C GLN D 5006 40.52 6.73 -15.75
N GLU D 5007 41.83 6.64 -15.67
CA GLU D 5007 42.64 6.94 -16.80
C GLU D 5007 43.32 5.65 -17.08
N SER D 5008 43.77 4.90 -16.13
CA SER D 5008 44.41 3.70 -16.57
C SER D 5008 43.47 2.86 -17.40
N TYR D 5009 42.18 3.11 -17.37
CA TYR D 5009 41.21 2.37 -18.17
C TYR D 5009 41.11 2.88 -19.57
N VAL D 5010 41.24 4.18 -19.78
CA VAL D 5010 41.20 4.77 -21.10
C VAL D 5010 42.57 4.94 -21.60
N TRP D 5011 43.50 4.11 -21.20
CA TRP D 5011 44.83 4.14 -21.74
C TRP D 5011 45.22 2.73 -21.81
N LYS D 5012 44.31 1.80 -21.59
CA LYS D 5012 44.58 0.40 -21.74
C LYS D 5012 43.57 0.03 -22.70
N MET D 5013 43.03 1.03 -23.35
CA MET D 5013 42.04 0.80 -24.34
C MET D 5013 42.25 1.79 -25.42
N TYR D 5014 43.46 2.27 -25.63
CA TYR D 5014 43.69 3.10 -26.75
C TYR D 5014 44.83 2.30 -27.21
N GLN D 5015 45.60 1.74 -26.30
CA GLN D 5015 46.69 0.85 -26.70
C GLN D 5015 46.06 -0.28 -27.52
N GLU D 5016 45.35 -1.24 -26.93
CA GLU D 5016 44.60 -2.23 -27.69
C GLU D 5016 43.60 -1.33 -28.32
N ARG D 5017 42.79 -1.79 -29.29
CA ARG D 5017 41.92 -0.73 -29.79
C ARG D 5017 40.48 -1.23 -29.76
N CYS D 5018 39.76 -0.86 -28.70
CA CYS D 5018 38.47 -1.45 -28.35
C CYS D 5018 37.49 -0.36 -27.95
N TRP D 5019 37.34 0.65 -28.80
CA TRP D 5019 36.67 1.88 -28.39
C TRP D 5019 35.22 1.63 -28.01
N ASP D 5020 34.94 1.63 -26.72
CA ASP D 5020 33.60 1.38 -26.21
C ASP D 5020 33.24 2.43 -25.16
N PHE D 5021 34.27 3.09 -24.60
CA PHE D 5021 34.03 4.01 -23.49
C PHE D 5021 33.38 5.31 -23.92
N PHE D 5022 33.38 5.63 -25.22
CA PHE D 5022 32.64 6.79 -25.67
C PHE D 5022 31.15 6.57 -25.40
N PRO D 5023 30.41 7.61 -24.99
CA PRO D 5023 29.02 7.41 -24.57
C PRO D 5023 28.16 6.81 -25.67
N ALA D 5024 28.08 7.48 -26.82
CA ALA D 5024 27.38 7.01 -28.00
C ALA D 5024 25.97 6.50 -27.67
N GLY D 5025 25.14 7.41 -27.19
CA GLY D 5025 23.75 7.08 -26.96
C GLY D 5025 23.22 7.46 -25.59
N ASP D 5026 24.12 7.70 -24.64
CA ASP D 5026 23.74 8.00 -23.27
C ASP D 5026 24.48 9.23 -22.78
N CYS D 5027 23.86 9.95 -21.85
CA CYS D 5027 24.43 11.18 -21.31
C CYS D 5027 24.26 11.21 -19.80
N PHE D 5028 25.13 11.97 -19.13
CA PHE D 5028 25.04 12.11 -17.68
C PHE D 5028 23.68 12.65 -17.26
N ARG D 5029 23.16 13.63 -18.00
CA ARG D 5029 21.82 14.11 -17.74
C ARG D 5029 20.78 13.02 -17.98
N LYS D 5030 20.95 12.23 -19.05
CA LYS D 5030 19.96 11.21 -19.38
C LYS D 5030 19.92 10.11 -18.33
N GLN D 5031 21.08 9.65 -17.86
CA GLN D 5031 21.08 8.54 -16.90
C GLN D 5031 20.50 8.96 -15.57
N TYR D 5032 21.10 9.97 -14.96
CA TYR D 5032 20.66 10.48 -13.69
C TYR D 5032 19.74 11.62 -13.93
N GLU D 5033 18.49 11.36 -14.28
CA GLU D 5033 17.53 12.43 -14.64
C GLU D 5033 16.39 12.50 -13.69
N ASP D 5034 16.51 11.81 -12.58
CA ASP D 5034 15.49 11.89 -11.57
C ASP D 5034 16.25 12.03 -10.30
N GLN D 5035 17.38 11.33 -10.20
CA GLN D 5035 18.14 11.35 -8.96
C GLN D 5035 18.43 12.78 -8.73
N LEU D 5036 18.30 13.61 -9.76
CA LEU D 5036 18.42 15.04 -9.55
C LEU D 5036 18.59 15.81 -10.81
N SER D 5037 17.67 16.71 -11.06
CA SER D 5037 17.80 17.55 -12.21
C SER D 5037 18.17 18.95 -11.74
N GLY E 1 109.29 -48.82 55.97
CA GLY E 1 108.96 -50.17 55.56
C GLY E 1 109.16 -50.40 54.07
N VAL E 2 110.42 -50.42 53.65
CA VAL E 2 110.78 -50.63 52.25
C VAL E 2 111.69 -51.85 52.16
N GLU E 3 111.50 -52.65 51.11
CA GLU E 3 112.29 -53.84 50.87
C GLU E 3 113.01 -53.68 49.53
N ILE E 4 114.27 -54.10 49.49
CA ILE E 4 115.10 -53.95 48.30
C ILE E 4 115.67 -55.32 47.93
N GLU E 5 115.58 -55.68 46.66
CA GLU E 5 116.08 -56.95 46.16
C GLU E 5 116.85 -56.70 44.87
N THR E 6 118.15 -56.94 44.89
CA THR E 6 118.99 -56.71 43.72
C THR E 6 118.61 -57.65 42.59
N ILE E 7 118.66 -57.14 41.37
CA ILE E 7 118.35 -57.91 40.17
C ILE E 7 119.59 -58.13 39.32
N SER E 8 120.40 -57.09 39.13
CA SER E 8 121.67 -57.18 38.42
C SER E 8 122.71 -56.41 39.22
N PRO E 9 123.94 -56.91 39.33
CA PRO E 9 124.97 -56.21 40.09
C PRO E 9 125.33 -54.87 39.48
N GLY E 10 125.71 -53.94 40.34
CA GLY E 10 126.16 -52.63 39.91
C GLY E 10 127.57 -52.33 40.34
N ASP E 11 127.93 -51.05 40.43
CA ASP E 11 129.28 -50.69 40.88
C ASP E 11 129.52 -51.14 42.30
N GLY E 12 128.55 -50.92 43.19
CA GLY E 12 128.65 -51.34 44.57
C GLY E 12 129.52 -50.49 45.45
N ARG E 13 130.06 -49.38 44.93
CA ARG E 13 130.94 -48.52 45.71
C ARG E 13 130.46 -47.08 45.78
N THR E 14 129.96 -46.52 44.68
CA THR E 14 129.52 -45.14 44.64
C THR E 14 128.04 -45.07 44.93
N PHE E 15 127.67 -44.31 45.96
CA PHE E 15 126.27 -44.17 46.34
C PHE E 15 125.88 -42.71 46.37
N PRO E 16 124.64 -42.38 45.97
CA PRO E 16 124.22 -40.98 45.96
C PRO E 16 124.20 -40.39 47.36
N LYS E 17 124.51 -39.10 47.45
CA LYS E 17 124.51 -38.36 48.69
C LYS E 17 123.76 -37.05 48.49
N LYS E 18 123.59 -36.29 49.56
CA LYS E 18 122.85 -35.04 49.51
C LYS E 18 123.56 -34.03 48.61
N GLY E 19 122.77 -33.19 47.96
CA GLY E 19 123.31 -32.19 47.06
C GLY E 19 123.86 -32.74 45.76
N GLN E 20 123.32 -33.88 45.30
CA GLN E 20 123.78 -34.51 44.07
C GLN E 20 122.57 -34.87 43.20
N THR E 21 122.72 -34.70 41.89
CA THR E 21 121.65 -35.01 40.97
C THR E 21 121.61 -36.49 40.65
N CYS E 22 120.40 -37.02 40.51
CA CYS E 22 120.19 -38.42 40.16
C CYS E 22 119.19 -38.49 39.00
N VAL E 23 119.49 -39.36 38.03
CA VAL E 23 118.60 -39.61 36.89
C VAL E 23 118.12 -41.05 36.99
N VAL E 24 116.81 -41.23 36.87
CA VAL E 24 116.19 -42.54 37.05
C VAL E 24 115.33 -42.82 35.83
N HIS E 25 115.79 -43.71 34.96
CA HIS E 25 115.08 -44.06 33.74
C HIS E 25 114.29 -45.35 33.98
N TYR E 26 113.29 -45.21 34.84
CA TYR E 26 112.62 -46.33 35.50
C TYR E 26 111.30 -46.68 34.83
N THR E 27 110.61 -47.67 35.41
CA THR E 27 109.23 -48.02 35.09
C THR E 27 108.55 -48.41 36.39
N GLY E 28 107.22 -48.28 36.42
CA GLY E 28 106.48 -48.56 37.64
C GLY E 28 105.22 -49.36 37.44
N MET E 29 104.92 -50.27 38.37
CA MET E 29 103.75 -51.12 38.28
C MET E 29 102.99 -51.11 39.60
N LEU E 30 101.84 -51.76 39.61
CA LEU E 30 101.03 -51.94 40.80
C LEU E 30 101.17 -53.37 41.30
N GLN E 31 100.73 -53.58 42.55
CA GLN E 31 100.95 -54.86 43.21
C GLN E 31 100.23 -56.00 42.50
N ASN E 32 99.08 -55.73 41.89
CA ASN E 32 98.27 -56.78 41.28
C ASN E 32 98.74 -57.16 39.88
N GLY E 33 99.73 -56.47 39.32
CA GLY E 33 100.26 -56.81 38.02
C GLY E 33 99.96 -55.83 36.90
N LYS E 34 99.32 -54.71 37.21
CA LYS E 34 99.08 -53.65 36.24
C LYS E 34 100.11 -52.55 36.45
N LYS E 35 100.64 -52.01 35.36
CA LYS E 35 101.57 -50.89 35.46
C LYS E 35 100.88 -49.59 35.09
N PHE E 36 101.11 -48.56 35.90
CA PHE E 36 100.41 -47.29 35.80
C PHE E 36 101.36 -46.12 35.58
N ASP E 37 102.65 -46.39 35.37
CA ASP E 37 103.60 -45.32 35.13
C ASP E 37 104.83 -45.91 34.47
N SER E 38 105.53 -45.07 33.72
CA SER E 38 106.77 -45.46 33.06
C SER E 38 107.53 -44.23 32.64
N SER E 39 108.82 -44.42 32.41
CA SER E 39 109.69 -43.41 31.81
C SER E 39 110.34 -43.87 30.52
N ARG E 40 110.48 -45.17 30.32
CA ARG E 40 111.02 -45.68 29.06
C ARG E 40 110.09 -45.40 27.90
N ASP E 41 108.78 -45.45 28.14
CA ASP E 41 107.81 -45.17 27.07
C ASP E 41 107.94 -43.73 26.59
N ARG E 42 108.10 -42.78 27.51
CA ARG E 42 108.34 -41.40 27.11
C ARG E 42 109.75 -41.18 26.61
N ASN E 43 110.66 -42.13 26.83
CA ASN E 43 112.03 -42.06 26.33
C ASN E 43 112.74 -40.79 26.80
N LYS E 44 112.46 -40.38 28.03
CA LYS E 44 113.12 -39.22 28.63
C LYS E 44 113.61 -39.64 30.01
N PRO E 45 114.90 -39.49 30.31
CA PRO E 45 115.40 -39.89 31.64
C PRO E 45 114.92 -38.95 32.73
N PHE E 46 114.06 -39.46 33.61
CA PHE E 46 113.60 -38.67 34.75
C PHE E 46 114.77 -38.32 35.65
N LYS E 47 114.88 -37.05 36.01
CA LYS E 47 115.95 -36.56 36.87
C LYS E 47 115.35 -35.86 38.08
N PHE E 48 116.00 -36.02 39.23
CA PHE E 48 115.53 -35.41 40.46
C PHE E 48 116.72 -35.23 41.38
N ARG E 49 116.56 -34.32 42.35
CA ARG E 49 117.62 -33.97 43.28
C ARG E 49 117.20 -34.37 44.69
N ILE E 50 118.06 -35.11 45.37
CA ILE E 50 117.77 -35.59 46.71
C ILE E 50 117.89 -34.43 47.69
N GLY E 51 117.09 -34.49 48.76
CA GLY E 51 117.19 -33.57 49.87
C GLY E 51 116.07 -32.54 49.97
N LYS E 52 115.43 -32.18 48.87
CA LYS E 52 114.37 -31.17 48.91
C LYS E 52 112.96 -31.78 48.94
N GLN E 53 112.85 -33.10 49.03
CA GLN E 53 111.57 -33.78 49.22
C GLN E 53 110.56 -33.44 48.13
N GLU E 54 111.02 -33.43 46.87
CA GLU E 54 110.12 -33.29 45.73
C GLU E 54 109.58 -34.62 45.25
N VAL E 55 109.99 -35.73 45.87
CA VAL E 55 109.59 -37.07 45.49
C VAL E 55 109.10 -37.77 46.76
N ILE E 56 108.26 -38.79 46.56
CA ILE E 56 107.74 -39.55 47.69
C ILE E 56 108.90 -40.13 48.50
N LYS E 57 108.76 -40.08 49.83
CA LYS E 57 109.85 -40.46 50.72
C LYS E 57 110.27 -41.91 50.52
N GLY E 58 109.31 -42.80 50.31
CA GLY E 58 109.65 -44.20 50.06
C GLY E 58 110.59 -44.37 48.89
N PHE E 59 110.31 -43.69 47.78
CA PHE E 59 111.17 -43.80 46.60
C PHE E 59 112.58 -43.31 46.87
N GLU E 60 112.72 -42.18 47.56
CA GLU E 60 114.05 -41.63 47.79
C GLU E 60 114.84 -42.48 48.76
N GLU E 61 114.20 -42.97 49.83
CA GLU E 61 114.92 -43.82 50.76
C GLU E 61 115.25 -45.18 50.15
N GLY E 62 114.43 -45.66 49.22
CA GLY E 62 114.81 -46.86 48.48
C GLY E 62 116.01 -46.63 47.58
N ALA E 63 116.02 -45.50 46.87
CA ALA E 63 117.12 -45.21 45.95
C ALA E 63 118.42 -44.92 46.70
N ALA E 64 118.32 -44.44 47.94
CA ALA E 64 119.52 -44.14 48.72
C ALA E 64 120.35 -45.38 49.00
N GLN E 65 119.80 -46.57 48.85
CA GLN E 65 120.47 -47.82 49.21
C GLN E 65 121.02 -48.56 48.00
N MET E 66 121.07 -47.94 46.83
CA MET E 66 121.60 -48.58 45.63
C MET E 66 122.69 -47.71 45.01
N SER E 67 123.54 -48.36 44.21
CA SER E 67 124.70 -47.73 43.61
C SER E 67 124.47 -47.45 42.13
N LEU E 68 125.48 -46.92 41.48
CA LEU E 68 125.39 -46.59 40.07
C LEU E 68 125.29 -47.86 39.22
N GLY E 69 124.44 -47.80 38.20
CA GLY E 69 124.33 -48.88 37.23
C GLY E 69 123.49 -50.06 37.67
N GLN E 70 122.98 -50.05 38.90
CA GLN E 70 122.24 -51.19 39.45
C GLN E 70 120.76 -51.08 39.09
N ARG E 71 120.19 -52.20 38.64
CA ARG E 71 118.76 -52.34 38.47
C ARG E 71 118.24 -53.25 39.58
N ALA E 72 117.19 -52.82 40.26
CA ALA E 72 116.72 -53.55 41.42
C ALA E 72 115.20 -53.55 41.43
N LYS E 73 114.64 -54.27 42.40
CA LYS E 73 113.21 -54.38 42.61
C LYS E 73 112.87 -53.73 43.94
N LEU E 74 111.91 -52.81 43.92
CA LEU E 74 111.57 -52.03 45.09
C LEU E 74 110.11 -52.27 45.45
N THR E 75 109.82 -52.30 46.74
CA THR E 75 108.46 -52.57 47.23
C THR E 75 108.18 -51.61 48.39
N CYS E 76 107.27 -50.68 48.17
CA CYS E 76 106.89 -49.70 49.18
C CYS E 76 105.62 -50.14 49.88
N THR E 77 105.58 -49.95 51.20
CA THR E 77 104.36 -50.17 51.96
C THR E 77 103.36 -49.06 51.62
N PRO E 78 102.05 -49.36 51.70
CA PRO E 78 101.07 -48.30 51.43
C PRO E 78 101.15 -47.12 52.38
N ASP E 79 101.69 -47.33 53.59
CA ASP E 79 101.77 -46.25 54.56
C ASP E 79 102.85 -45.23 54.23
N VAL E 80 103.74 -45.50 53.27
CA VAL E 80 104.81 -44.58 52.95
C VAL E 80 104.56 -43.80 51.66
N ALA E 81 103.64 -44.24 50.82
CA ALA E 81 103.35 -43.58 49.54
C ALA E 81 101.85 -43.51 49.35
N TYR E 82 101.29 -42.29 49.42
CA TYR E 82 99.87 -42.05 49.18
C TYR E 82 99.01 -42.93 50.09
N GLY E 83 99.17 -42.69 51.39
CA GLY E 83 98.63 -43.56 52.41
C GLY E 83 97.13 -43.85 52.34
N ALA E 84 96.30 -42.84 52.61
CA ALA E 84 94.87 -43.06 52.72
C ALA E 84 94.11 -42.63 51.46
N THR E 85 94.19 -41.35 51.10
CA THR E 85 93.46 -40.88 49.93
C THR E 85 94.08 -41.38 48.63
N GLY E 86 95.41 -41.39 48.56
CA GLY E 86 96.07 -41.74 47.32
C GLY E 86 96.00 -40.58 46.33
N HIS E 87 96.50 -40.85 45.14
CA HIS E 87 96.44 -39.88 44.05
C HIS E 87 95.15 -40.13 43.28
N PRO E 88 94.18 -39.22 43.30
CA PRO E 88 92.87 -39.52 42.74
C PRO E 88 92.94 -39.69 41.23
N GLY E 89 92.41 -40.81 40.74
CA GLY E 89 92.30 -41.08 39.32
C GLY E 89 93.33 -42.03 38.77
N VAL E 90 94.36 -42.40 39.54
CA VAL E 90 95.40 -43.31 39.07
C VAL E 90 95.54 -44.53 39.97
N ILE E 91 95.56 -44.32 41.29
CA ILE E 91 95.81 -45.42 42.22
C ILE E 91 94.68 -45.54 43.21
N PRO E 92 94.24 -46.76 43.55
CA PRO E 92 93.18 -46.91 44.53
C PRO E 92 93.69 -46.63 45.93
N PRO E 93 92.80 -46.34 46.89
CA PRO E 93 93.25 -46.13 48.26
C PRO E 93 93.81 -47.41 48.88
N ASN E 94 94.82 -47.24 49.73
CA ASN E 94 95.40 -48.34 50.50
C ASN E 94 95.87 -49.48 49.59
N ALA E 95 96.87 -49.16 48.76
CA ALA E 95 97.43 -50.13 47.82
C ALA E 95 98.94 -50.22 47.98
N THR E 96 99.46 -51.42 47.77
CA THR E 96 100.90 -51.64 47.80
C THR E 96 101.50 -51.24 46.45
N LEU E 97 102.74 -50.77 46.49
CA LEU E 97 103.42 -50.25 45.31
C LEU E 97 104.61 -51.12 44.94
N ILE E 98 104.88 -51.20 43.64
CA ILE E 98 105.99 -51.95 43.09
C ILE E 98 106.72 -51.05 42.09
N PHE E 99 108.04 -51.03 42.16
CA PHE E 99 108.83 -50.18 41.29
C PHE E 99 110.00 -50.95 40.70
N ASP E 100 110.24 -50.75 39.41
CA ASP E 100 111.43 -51.25 38.72
C ASP E 100 112.32 -50.04 38.47
N VAL E 101 113.43 -49.96 39.19
CA VAL E 101 114.23 -48.74 39.27
C VAL E 101 115.67 -49.06 38.90
N GLU E 102 116.24 -48.24 38.03
CA GLU E 102 117.66 -48.32 37.72
C GLU E 102 118.20 -46.91 37.55
N LEU E 103 119.51 -46.76 37.77
CA LEU E 103 120.16 -45.47 37.80
C LEU E 103 121.19 -45.42 36.68
N LEU E 104 121.16 -44.35 35.87
CA LEU E 104 122.01 -44.27 34.69
C LEU E 104 123.43 -43.82 35.03
N ASN E 105 123.58 -42.61 35.58
CA ASN E 105 124.90 -42.07 35.87
C ASN E 105 124.76 -41.05 37.01
N LEU E 106 125.84 -40.31 37.25
CA LEU E 106 125.92 -39.32 38.33
C LEU E 106 125.65 -39.98 39.68
N GLU E 107 126.59 -40.84 40.08
CA GLU E 107 126.54 -41.53 41.36
C GLU E 107 125.29 -42.40 41.49
N MET F 1 87.69 12.81 37.66
CA MET F 1 88.22 11.77 36.80
C MET F 1 89.70 11.52 37.09
N ALA F 2 90.24 10.48 36.47
CA ALA F 2 91.67 10.16 36.59
C ALA F 2 92.38 10.31 35.25
N ASP F 3 91.88 11.17 34.38
CA ASP F 3 92.45 11.37 33.05
C ASP F 3 93.24 12.66 32.92
N GLN F 4 93.42 13.41 34.01
CA GLN F 4 94.18 14.65 33.97
C GLN F 4 95.66 14.45 34.26
N LEU F 5 96.12 13.21 34.41
CA LEU F 5 97.51 12.91 34.71
C LEU F 5 98.16 12.19 33.54
N THR F 6 99.34 12.65 33.14
CA THR F 6 100.06 12.02 32.06
C THR F 6 100.63 10.67 32.51
N GLU F 7 101.10 9.89 31.54
CA GLU F 7 101.51 8.53 31.83
C GLU F 7 102.80 8.46 32.63
N GLU F 8 103.71 9.42 32.44
CA GLU F 8 105.01 9.32 33.11
C GLU F 8 104.89 9.49 34.61
N GLN F 9 104.05 10.41 35.08
CA GLN F 9 103.91 10.61 36.51
C GLN F 9 103.10 9.48 37.14
N ILE F 10 102.18 8.89 36.38
CA ILE F 10 101.53 7.65 36.82
C ILE F 10 102.57 6.55 37.01
N ALA F 11 103.51 6.45 36.07
CA ALA F 11 104.59 5.48 36.23
C ALA F 11 105.44 5.77 37.47
N GLU F 12 105.72 7.06 37.71
CA GLU F 12 106.49 7.42 38.89
C GLU F 12 105.75 7.05 40.17
N PHE F 13 104.44 7.30 40.21
CA PHE F 13 103.66 6.93 41.38
C PHE F 13 103.62 5.41 41.56
N LYS F 14 103.49 4.67 40.45
CA LYS F 14 103.50 3.22 40.53
C LYS F 14 104.84 2.71 41.08
N GLU F 15 105.95 3.27 40.60
CA GLU F 15 107.25 2.87 41.12
C GLU F 15 107.39 3.19 42.60
N ALA F 16 106.94 4.38 43.01
CA ALA F 16 107.02 4.76 44.41
C ALA F 16 106.20 3.84 45.30
N PHE F 17 104.99 3.47 44.84
CA PHE F 17 104.14 2.59 45.61
C PHE F 17 104.69 1.18 45.66
N SER F 18 105.24 0.69 44.54
CA SER F 18 105.74 -0.68 44.48
C SER F 18 107.04 -0.83 45.25
N LEU F 19 107.85 0.23 45.31
CA LEU F 19 109.14 0.14 45.99
C LEU F 19 108.98 -0.26 47.45
N PHE F 20 107.87 0.13 48.08
CA PHE F 20 107.60 -0.22 49.47
C PHE F 20 106.36 -1.11 49.55
N ASP F 21 106.21 -2.03 48.61
CA ASP F 21 105.10 -2.96 48.66
C ASP F 21 105.24 -3.91 49.86
N LYS F 22 104.13 -4.19 50.52
CA LYS F 22 104.17 -4.97 51.76
C LYS F 22 104.56 -6.42 51.48
N ASP F 23 103.72 -7.15 50.74
CA ASP F 23 104.01 -8.52 50.37
C ASP F 23 103.63 -8.79 48.92
N GLY F 24 103.60 -7.76 48.09
CA GLY F 24 103.20 -7.87 46.71
C GLY F 24 101.72 -7.71 46.45
N ASP F 25 100.91 -7.64 47.50
CA ASP F 25 99.46 -7.48 47.34
C ASP F 25 99.00 -6.03 47.35
N GLY F 26 99.90 -5.09 47.63
CA GLY F 26 99.52 -3.69 47.63
C GLY F 26 98.68 -3.25 48.82
N THR F 27 98.76 -3.98 49.93
CA THR F 27 98.01 -3.64 51.14
C THR F 27 98.97 -3.01 52.15
N ILE F 28 98.76 -1.73 52.46
CA ILE F 28 99.63 -0.96 53.33
C ILE F 28 98.75 -0.24 54.36
N THR F 29 99.37 0.19 55.46
CA THR F 29 98.68 0.74 56.61
C THR F 29 98.87 2.26 56.66
N THR F 30 98.32 2.86 57.72
CA THR F 30 98.21 4.32 57.76
C THR F 30 99.56 4.99 58.01
N LYS F 31 100.39 4.40 58.88
CA LYS F 31 101.65 5.06 59.21
C LYS F 31 102.58 5.11 58.00
N ALA F 32 102.63 4.04 57.21
CA ALA F 32 103.61 3.94 56.14
C ALA F 32 103.24 4.77 54.91
N LEU F 33 101.95 5.08 54.72
CA LEU F 33 101.58 5.88 53.56
C LEU F 33 102.12 7.29 53.66
N GLY F 34 102.16 7.85 54.88
CA GLY F 34 102.79 9.15 55.05
C GLY F 34 104.27 9.12 54.69
N THR F 35 104.96 8.05 55.07
CA THR F 35 106.38 7.93 54.74
C THR F 35 106.58 7.84 53.23
N VAL F 36 105.80 6.99 52.56
CA VAL F 36 105.99 6.82 51.13
C VAL F 36 105.57 8.08 50.38
N MET F 37 104.59 8.81 50.90
CA MET F 37 104.13 10.03 50.25
C MET F 37 105.10 11.18 50.47
N ARG F 38 105.77 11.21 51.63
CA ARG F 38 106.81 12.21 51.84
C ARG F 38 108.14 11.81 51.21
N SER F 39 108.24 10.58 50.69
CA SER F 39 109.49 10.14 50.09
C SER F 39 109.73 10.79 48.72
N LEU F 40 108.68 11.09 47.97
CA LEU F 40 108.84 11.59 46.61
C LEU F 40 108.66 13.10 46.49
N GLY F 41 108.75 13.83 47.60
CA GLY F 41 108.84 15.28 47.52
C GLY F 41 107.78 16.08 48.23
N GLN F 42 106.51 15.70 48.09
CA GLN F 42 105.42 16.43 48.73
C GLN F 42 105.38 16.09 50.21
N ASN F 43 105.48 17.11 51.06
CA ASN F 43 105.52 16.95 52.51
C ASN F 43 104.49 17.87 53.18
N PRO F 44 103.21 17.51 53.13
CA PRO F 44 102.18 18.29 53.84
C PRO F 44 102.00 17.86 55.28
N THR F 45 100.98 18.41 55.94
CA THR F 45 100.70 18.16 57.36
C THR F 45 100.01 16.82 57.56
N GLU F 46 99.47 16.59 58.77
CA GLU F 46 98.82 15.33 59.08
C GLU F 46 97.31 15.33 58.88
N ALA F 47 96.70 16.50 58.63
CA ALA F 47 95.25 16.57 58.52
C ALA F 47 94.74 15.88 57.27
N GLU F 48 95.38 16.15 56.12
CA GLU F 48 94.92 15.58 54.86
C GLU F 48 95.03 14.07 54.87
N LEU F 49 96.11 13.52 55.45
CA LEU F 49 96.23 12.07 55.55
C LEU F 49 95.29 11.49 56.59
N GLN F 50 94.76 12.32 57.48
CA GLN F 50 93.70 11.89 58.39
C GLN F 50 92.37 11.79 57.65
N ASP F 51 92.10 12.74 56.76
CA ASP F 51 90.85 12.71 56.02
C ASP F 51 90.86 11.73 54.85
N MET F 52 92.03 11.31 54.37
CA MET F 52 92.08 10.39 53.23
C MET F 52 91.43 9.05 53.57
N ILE F 53 91.73 8.50 54.74
CA ILE F 53 91.07 7.25 55.15
C ILE F 53 89.59 7.50 55.42
N ASN F 54 89.23 8.73 55.80
CA ASN F 54 87.82 9.05 56.02
C ASN F 54 87.03 9.02 54.71
N GLU F 55 87.62 9.52 53.62
CA GLU F 55 86.94 9.46 52.33
C GLU F 55 86.76 8.02 51.86
N VAL F 56 87.78 7.20 52.01
CA VAL F 56 87.71 5.80 51.60
C VAL F 56 87.86 4.89 52.81
N ASN F 61 89.85 1.65 57.40
CA ASN F 61 89.74 0.20 57.53
C ASN F 61 91.11 -0.44 57.71
N GLY F 62 92.16 0.35 57.50
CA GLY F 62 93.51 -0.17 57.56
C GLY F 62 93.95 -0.93 56.35
N THR F 63 93.15 -0.95 55.29
CA THR F 63 93.45 -1.69 54.07
C THR F 63 93.44 -0.69 52.91
N ILE F 64 94.63 -0.25 52.51
CA ILE F 64 94.80 0.72 51.44
C ILE F 64 95.44 0.02 50.24
N ASP F 65 94.85 0.22 49.07
CA ASP F 65 95.32 -0.37 47.84
C ASP F 65 95.80 0.72 46.87
N PHE F 66 96.41 0.28 45.77
CA PHE F 66 96.92 1.23 44.78
C PHE F 66 95.84 2.08 44.13
N PRO F 67 94.68 1.54 43.72
CA PRO F 67 93.66 2.41 43.11
C PRO F 67 93.22 3.58 43.99
N ALA F 68 93.00 3.34 45.28
CA ALA F 68 92.59 4.43 46.16
C ALA F 68 93.68 5.49 46.28
N PHE F 69 94.93 5.04 46.41
CA PHE F 69 96.05 5.97 46.47
C PHE F 69 96.13 6.80 45.19
N LEU F 70 95.99 6.15 44.04
CA LEU F 70 96.05 6.88 42.78
C LEU F 70 94.91 7.88 42.67
N THR F 71 93.71 7.51 43.10
CA THR F 71 92.58 8.43 42.99
C THR F 71 92.77 9.65 43.87
N MET F 72 93.22 9.44 45.13
CA MET F 72 93.40 10.59 46.02
C MET F 72 94.56 11.47 45.58
N MET F 73 95.66 10.87 45.13
CA MET F 73 96.76 11.66 44.56
C MET F 73 96.29 12.44 43.33
N ALA F 74 95.48 11.78 42.49
CA ALA F 74 95.00 12.41 41.27
C ALA F 74 94.14 13.63 41.57
N ARG F 75 93.24 13.50 42.54
CA ARG F 75 92.33 14.61 42.80
C ARG F 75 92.92 15.63 43.78
N LYS F 76 94.07 15.36 44.38
CA LYS F 76 94.81 16.43 45.03
C LYS F 76 95.82 17.13 44.13
N MET F 77 96.18 16.52 43.00
CA MET F 77 96.92 17.27 41.99
C MET F 77 95.99 18.03 41.03
N LYS F 78 94.79 17.50 40.80
CA LYS F 78 93.91 18.06 39.80
C LYS F 78 93.40 19.44 40.19
N ASP F 79 93.16 19.68 41.48
CA ASP F 79 92.71 20.99 41.90
C ASP F 79 93.77 22.05 41.62
N THR F 80 95.03 21.75 41.92
CA THR F 80 96.11 22.68 41.61
C THR F 80 96.25 22.86 40.10
N ASP F 81 96.15 21.77 39.34
CA ASP F 81 96.24 21.89 37.88
C ASP F 81 95.14 22.79 37.33
N SER F 82 93.91 22.61 37.82
CA SER F 82 92.80 23.42 37.34
C SER F 82 92.93 24.88 37.78
N GLU F 83 93.40 25.11 39.00
CA GLU F 83 93.59 26.49 39.48
C GLU F 83 94.71 27.19 38.72
N GLU F 84 95.69 26.44 38.21
CA GLU F 84 96.81 27.04 37.49
C GLU F 84 96.56 27.15 35.98
N GLU F 85 95.70 26.31 35.41
CA GLU F 85 95.48 26.33 33.97
C GLU F 85 94.79 27.60 33.49
N ILE F 86 94.25 28.41 34.40
CA ILE F 86 93.54 29.63 33.99
C ILE F 86 94.49 30.78 33.72
N ARG F 87 95.77 30.64 34.08
CA ARG F 87 96.77 31.67 33.87
C ARG F 87 97.64 31.40 32.64
N GLU F 88 98.01 30.14 32.39
CA GLU F 88 98.86 29.83 31.25
C GLU F 88 98.09 29.85 29.94
N ALA F 89 96.82 29.45 29.97
CA ALA F 89 96.01 29.43 28.75
C ALA F 89 95.76 30.84 28.21
N PHE F 90 95.91 31.87 29.03
CA PHE F 90 95.73 33.25 28.59
C PHE F 90 96.99 33.83 27.97
N ARG F 91 98.14 33.15 28.12
CA ARG F 91 99.41 33.71 27.64
C ARG F 91 99.37 33.98 26.14
N VAL F 92 98.72 33.11 25.37
CA VAL F 92 98.66 33.30 23.93
C VAL F 92 97.76 34.48 23.56
N PHE F 93 96.79 34.81 24.43
CA PHE F 93 95.80 35.83 24.07
C PHE F 93 96.43 37.23 24.02
N ASP F 94 97.46 37.48 24.81
CA ASP F 94 98.17 38.75 24.79
C ASP F 94 99.58 38.54 24.25
N LYS F 95 100.04 39.48 23.43
CA LYS F 95 101.33 39.34 22.75
C LYS F 95 102.47 39.27 23.76
N ASP F 96 102.53 40.23 24.69
CA ASP F 96 103.61 40.27 25.66
C ASP F 96 103.44 39.26 26.79
N GLY F 97 102.21 38.80 27.05
CA GLY F 97 101.96 37.83 28.09
C GLY F 97 101.71 38.40 29.47
N ASN F 98 101.85 39.71 29.64
CA ASN F 98 101.65 40.32 30.96
C ASN F 98 100.19 40.38 31.34
N GLY F 99 99.30 40.68 30.39
CA GLY F 99 97.88 40.76 30.68
C GLY F 99 97.15 41.84 29.91
N TYR F 100 97.87 42.83 29.40
CA TYR F 100 97.24 43.91 28.66
C TYR F 100 96.89 43.43 27.24
N ILE F 101 95.65 43.67 26.84
CA ILE F 101 95.15 43.22 25.55
C ILE F 101 94.22 44.29 24.98
N SER F 102 94.45 44.69 23.74
CA SER F 102 93.58 45.65 23.08
C SER F 102 92.23 45.02 22.76
N ALA F 103 91.16 45.79 22.95
CA ALA F 103 89.81 45.29 22.68
C ALA F 103 89.53 45.12 21.19
N ALA F 104 90.23 45.88 20.33
CA ALA F 104 90.02 45.73 18.89
C ALA F 104 90.64 44.44 18.36
N ALA F 105 91.76 44.00 18.95
CA ALA F 105 92.45 42.82 18.43
C ALA F 105 91.61 41.56 18.56
N LEU F 106 90.90 41.43 19.68
CA LEU F 106 90.13 40.22 19.92
C LEU F 106 88.96 40.07 18.95
N ARG F 107 88.63 41.11 18.18
CA ARG F 107 87.49 41.00 17.27
C ARG F 107 87.73 40.01 16.15
N HIS F 108 88.97 39.72 15.80
CA HIS F 108 89.24 38.77 14.73
C HIS F 108 90.06 37.56 15.17
N VAL F 109 90.42 37.46 16.45
CA VAL F 109 91.22 36.32 16.91
C VAL F 109 90.41 35.49 17.91
N MET F 110 89.48 36.14 18.61
CA MET F 110 88.67 35.44 19.61
C MET F 110 87.48 34.70 18.99
N THR F 111 87.31 34.76 17.68
CA THR F 111 86.27 34.01 16.99
C THR F 111 86.78 32.74 16.35
N ASN F 112 88.04 32.36 16.59
CA ASN F 112 88.65 31.24 15.89
C ASN F 112 89.43 30.36 16.85
N LEU F 113 88.84 30.03 18.00
CA LEU F 113 89.47 29.13 18.95
C LEU F 113 89.10 27.66 18.70
N GLY F 114 88.34 27.36 17.66
CA GLY F 114 87.92 26.02 17.39
C GLY F 114 86.59 25.64 18.02
N GLU F 115 85.99 26.51 18.83
CA GLU F 115 84.70 26.26 19.44
C GLU F 115 83.54 26.63 18.52
N LYS F 116 83.83 27.02 17.28
CA LYS F 116 82.80 27.43 16.31
C LYS F 116 81.95 28.59 16.84
N LEU F 117 82.58 29.50 17.56
CA LEU F 117 81.88 30.64 18.15
C LEU F 117 81.93 31.81 17.18
N THR F 118 80.76 32.24 16.70
CA THR F 118 80.70 33.33 15.74
C THR F 118 80.60 34.66 16.46
N ASP F 119 80.39 35.73 15.68
CA ASP F 119 80.54 37.09 16.22
C ASP F 119 79.50 37.44 17.27
N GLU F 120 78.28 36.88 17.17
CA GLU F 120 77.20 37.31 18.06
C GLU F 120 77.50 36.96 19.51
N GLU F 121 77.99 35.75 19.76
CA GLU F 121 78.27 35.32 21.12
C GLU F 121 79.34 36.19 21.75
N VAL F 122 80.41 36.48 21.02
CA VAL F 122 81.46 37.34 21.58
C VAL F 122 80.96 38.78 21.71
N ASP F 123 80.02 39.21 20.85
CA ASP F 123 79.39 40.51 21.05
C ASP F 123 78.73 40.58 22.42
N GLU F 124 77.90 39.59 22.73
CA GLU F 124 77.23 39.58 24.02
C GLU F 124 78.22 39.39 25.16
N MET F 125 79.29 38.62 24.93
CA MET F 125 80.23 38.32 25.99
C MET F 125 81.05 39.55 26.39
N ILE F 126 81.58 40.28 25.40
CA ILE F 126 82.40 41.46 25.70
C ILE F 126 81.56 42.69 25.98
N ARG F 127 80.30 42.73 25.49
CA ARG F 127 79.45 43.88 25.75
C ARG F 127 78.99 43.91 27.20
N GLU F 128 78.92 42.77 27.87
CA GLU F 128 78.38 42.67 29.22
C GLU F 128 79.40 43.09 30.30
N ALA F 129 80.61 43.45 29.90
CA ALA F 129 81.63 43.88 30.85
C ALA F 129 81.27 45.20 31.51
N GLY F 135 89.59 50.27 25.89
CA GLY F 135 90.59 50.05 26.92
C GLY F 135 91.19 48.67 26.90
N GLN F 136 92.16 48.43 27.77
CA GLN F 136 92.85 47.16 27.87
C GLN F 136 92.47 46.48 29.19
N VAL F 137 92.21 45.17 29.12
CA VAL F 137 91.70 44.40 30.24
C VAL F 137 92.70 43.32 30.59
N ASN F 138 93.05 43.22 31.87
CA ASN F 138 94.02 42.24 32.33
C ASN F 138 93.40 40.85 32.43
N TYR F 139 94.18 39.90 32.94
CA TYR F 139 93.73 38.51 32.99
C TYR F 139 92.73 38.26 34.11
N GLU F 140 92.87 38.91 35.27
CA GLU F 140 91.98 38.63 36.39
C GLU F 140 90.56 39.10 36.10
N ALA F 141 90.42 40.22 35.38
CA ALA F 141 89.09 40.64 34.98
C ALA F 141 88.47 39.63 34.01
N PHE F 142 89.27 39.01 33.15
CA PHE F 142 88.77 37.92 32.32
C PHE F 142 88.37 36.71 33.16
N VAL F 143 89.13 36.43 34.22
CA VAL F 143 88.77 35.34 35.13
C VAL F 143 87.39 35.59 35.71
N GLN F 144 87.17 36.79 36.25
CA GLN F 144 85.85 37.14 36.76
C GLN F 144 84.80 37.15 35.64
N MET F 145 85.24 37.47 34.43
CA MET F 145 84.34 37.60 33.29
C MET F 145 83.75 36.27 32.86
N MET F 146 84.59 35.24 32.76
CA MET F 146 84.14 33.93 32.29
C MET F 146 83.80 32.95 33.41
N THR F 147 84.59 32.88 34.47
CA THR F 147 84.32 31.92 35.53
C THR F 147 82.97 32.21 36.20
N ALA F 148 82.68 33.47 36.48
CA ALA F 148 81.43 33.90 37.12
C ALA F 148 81.20 33.16 38.43
N GLN G 12 24.13 11.33 22.24
CA GLN G 12 25.13 10.53 21.52
C GLN G 12 26.52 10.74 22.10
N PHE G 13 27.00 11.98 22.06
CA PHE G 13 28.30 12.31 22.65
C PHE G 13 28.22 13.70 23.26
N LEU G 14 29.12 13.97 24.19
CA LEU G 14 29.17 15.27 24.84
C LEU G 14 29.73 16.33 23.91
N ARG G 15 29.22 17.54 24.06
CA ARG G 15 29.61 18.67 23.22
C ARG G 15 29.81 19.88 24.12
N THR G 16 30.45 20.91 23.58
CA THR G 16 30.57 22.15 24.34
C THR G 16 29.21 22.83 24.47
N ASP G 17 29.13 23.75 25.43
CA ASP G 17 27.91 24.52 25.70
C ASP G 17 26.74 23.62 26.05
N ASP G 18 27.01 22.54 26.78
CA ASP G 18 25.98 21.61 27.23
C ASP G 18 25.89 21.65 28.76
N GLU G 19 24.68 21.47 29.27
CA GLU G 19 24.44 21.50 30.70
C GLU G 19 24.30 20.07 31.23
N VAL G 20 25.09 19.75 32.26
CA VAL G 20 25.24 18.39 32.75
C VAL G 20 25.35 18.44 34.28
N VAL G 21 25.37 17.25 34.89
CA VAL G 21 25.51 17.12 36.33
C VAL G 21 26.45 15.96 36.65
N LEU G 22 27.23 16.11 37.71
CA LEU G 22 28.10 15.06 38.19
C LEU G 22 27.28 14.03 38.98
N GLN G 23 27.89 12.86 39.20
CA GLN G 23 27.21 11.80 39.91
C GLN G 23 28.23 10.80 40.43
N CYS G 24 28.09 10.43 41.70
CA CYS G 24 28.91 9.39 42.32
C CYS G 24 28.01 8.44 43.10
N SER G 25 28.45 7.20 43.22
CA SER G 25 27.66 6.14 43.85
C SER G 25 28.49 5.46 44.93
N ALA G 26 28.09 5.64 46.19
CA ALA G 26 28.76 5.03 47.32
C ALA G 26 27.71 4.48 48.28
N THR G 27 27.75 3.17 48.51
CA THR G 27 26.79 2.54 49.42
C THR G 27 27.12 2.88 50.86
N VAL G 28 26.08 2.99 51.69
CA VAL G 28 26.20 3.30 53.10
C VAL G 28 25.56 2.22 53.97
N LEU G 29 24.31 1.89 53.70
CA LEU G 29 23.55 0.89 54.46
C LEU G 29 23.52 -0.46 53.74
N LYS G 30 24.63 -0.83 53.11
CA LYS G 30 24.74 -2.00 52.25
C LYS G 30 23.85 -1.91 51.02
N GLU G 31 23.33 -0.72 50.72
CA GLU G 31 22.54 -0.47 49.52
C GLU G 31 23.08 0.79 48.85
N GLN G 32 23.01 0.81 47.52
CA GLN G 32 23.61 1.90 46.76
C GLN G 32 22.82 3.19 46.97
N LEU G 33 23.55 4.28 47.19
CA LEU G 33 22.97 5.61 47.33
C LEU G 33 23.63 6.53 46.32
N LYS G 34 22.83 7.14 45.45
CA LYS G 34 23.36 8.06 44.45
C LYS G 34 23.58 9.43 45.08
N LEU G 35 24.76 10.00 44.86
CA LEU G 35 25.15 11.27 45.44
C LEU G 35 25.66 12.18 44.35
N CYS G 36 25.12 13.39 44.28
CA CYS G 36 25.55 14.39 43.32
C CYS G 36 26.28 15.51 44.03
N LEU G 37 26.88 16.39 43.24
CA LEU G 37 27.70 17.49 43.75
C LEU G 37 27.04 18.81 43.40
N ALA G 38 26.84 19.66 44.39
CA ALA G 38 26.17 20.93 44.16
C ALA G 38 26.53 21.90 45.28
N ALA G 39 26.37 23.19 44.99
CA ALA G 39 26.62 24.24 45.96
C ALA G 39 25.65 25.39 45.70
N GLU G 40 25.34 26.14 46.76
CA GLU G 40 24.33 27.19 46.65
C GLU G 40 24.85 28.44 45.96
N GLY G 41 26.13 28.77 46.13
CA GLY G 41 26.67 29.97 45.53
C GLY G 41 26.90 31.11 46.50
N PHE G 42 26.01 32.11 46.47
CA PHE G 42 26.18 33.31 47.29
C PHE G 42 26.04 33.00 48.78
N GLY G 43 27.15 33.10 49.52
CA GLY G 43 27.16 32.93 50.95
C GLY G 43 27.88 31.68 51.44
N ASN G 44 28.08 30.68 50.58
CA ASN G 44 28.81 29.47 50.95
C ASN G 44 29.70 29.08 49.76
N ARG G 45 30.97 29.46 49.84
CA ARG G 45 31.92 29.10 48.79
C ARG G 45 32.24 27.61 48.77
N LEU G 46 31.88 26.88 49.82
CA LEU G 46 32.14 25.45 49.87
C LEU G 46 31.09 24.68 49.07
N CYS G 47 31.32 23.38 48.94
CA CYS G 47 30.44 22.49 48.19
C CYS G 47 30.15 21.25 49.01
N PHE G 48 28.98 20.67 48.78
CA PHE G 48 28.52 19.52 49.58
C PHE G 48 27.82 18.54 48.65
N LEU G 49 27.23 17.51 49.26
CA LEU G 49 26.57 16.42 48.54
C LEU G 49 25.07 16.46 48.76
N GLU G 50 24.32 16.06 47.74
CA GLU G 50 22.86 16.03 47.79
C GLU G 50 22.37 14.63 47.45
N PRO G 51 21.83 13.87 48.42
CA PRO G 51 21.31 12.54 48.11
C PRO G 51 20.11 12.61 47.17
N THR G 52 20.05 11.66 46.24
CA THR G 52 18.96 11.58 45.27
C THR G 52 18.56 10.10 45.13
N SER G 53 18.32 9.44 46.26
CA SER G 53 18.02 8.01 46.26
C SER G 53 16.56 7.71 46.56
N ASN G 54 15.77 8.68 46.99
CA ASN G 54 14.37 8.47 47.36
C ASN G 54 13.49 9.44 46.60
N ALA G 55 13.68 9.51 45.28
CA ALA G 55 12.90 10.43 44.46
C ALA G 55 11.40 10.16 44.54
N GLN G 56 11.02 8.91 44.84
CA GLN G 56 9.61 8.58 44.95
C GLN G 56 8.96 9.21 46.18
N ASN G 57 9.75 9.57 47.18
CA ASN G 57 9.20 10.22 48.38
C ASN G 57 9.89 11.52 48.72
N VAL G 58 11.21 11.59 48.56
CA VAL G 58 11.99 12.78 48.89
C VAL G 58 12.30 13.51 47.58
N PRO G 59 11.80 14.72 47.36
CA PRO G 59 12.10 15.45 46.13
C PRO G 59 13.49 16.04 46.18
N PRO G 60 14.41 15.56 45.34
CA PRO G 60 15.77 16.11 45.33
C PRO G 60 15.80 17.53 44.77
N ASP G 61 16.73 18.32 45.28
CA ASP G 61 16.89 19.70 44.86
C ASP G 61 17.88 19.72 43.69
N LEU G 62 17.37 19.90 42.47
CA LEU G 62 18.18 19.97 41.28
C LEU G 62 18.29 21.39 40.72
N ALA G 63 17.89 22.40 41.50
CA ALA G 63 18.02 23.77 41.03
C ALA G 63 19.45 24.26 41.07
N ILE G 64 20.29 23.66 41.93
CA ILE G 64 21.67 24.08 42.11
C ILE G 64 22.66 23.02 41.65
N CYS G 65 22.19 21.86 41.19
CA CYS G 65 23.08 20.81 40.75
C CYS G 65 23.53 20.97 39.31
N CYS G 66 22.87 21.83 38.54
CA CYS G 66 23.18 21.97 37.13
C CYS G 66 24.54 22.63 36.92
N PHE G 67 25.32 22.04 36.02
CA PHE G 67 26.61 22.58 35.58
C PHE G 67 26.56 22.80 34.08
N THR G 68 27.67 23.28 33.52
CA THR G 68 27.76 23.47 32.09
C THR G 68 29.21 23.48 31.66
N LEU G 69 29.46 23.00 30.43
CA LEU G 69 30.80 22.93 29.88
C LEU G 69 31.03 24.08 28.91
N GLU G 70 32.08 24.86 29.13
CA GLU G 70 32.36 26.04 28.34
C GLU G 70 33.61 25.95 27.48
N GLN G 71 34.66 25.29 27.96
CA GLN G 71 35.91 25.22 27.23
C GLN G 71 36.48 23.81 27.33
N SER G 72 37.25 23.43 26.31
CA SER G 72 37.92 22.15 26.29
C SER G 72 39.17 22.29 25.44
N LEU G 73 40.33 22.10 26.05
CA LEU G 73 41.60 22.37 25.38
C LEU G 73 42.60 21.30 25.75
N SER G 74 43.61 21.14 24.90
CA SER G 74 44.75 20.28 25.24
C SER G 74 45.61 20.96 26.29
N VAL G 75 46.46 20.17 26.94
CA VAL G 75 47.27 20.69 28.03
C VAL G 75 48.23 21.76 27.55
N ARG G 76 48.87 21.54 26.39
CA ARG G 76 49.79 22.54 25.86
C ARG G 76 49.07 23.81 25.45
N ALA G 77 47.89 23.68 24.84
CA ALA G 77 47.10 24.86 24.51
C ALA G 77 46.76 25.64 25.77
N LEU G 78 46.37 24.94 26.83
CA LEU G 78 46.08 25.59 28.10
C LEU G 78 47.30 26.34 28.62
N GLN G 79 48.45 25.68 28.63
CA GLN G 79 49.65 26.30 29.22
C GLN G 79 50.15 27.47 28.39
N GLU G 80 49.96 27.44 27.08
CA GLU G 80 50.36 28.61 26.29
C GLU G 80 49.36 29.74 26.45
N MET G 81 48.07 29.41 26.62
CA MET G 81 47.08 30.45 26.89
C MET G 81 47.33 31.10 28.24
N LEU G 82 47.86 30.35 29.21
CA LEU G 82 48.09 30.91 30.54
C LEU G 82 49.02 32.11 30.52
N ALA G 83 49.93 32.17 29.54
CA ALA G 83 50.86 33.30 29.44
C ALA G 83 50.24 34.51 28.79
N ASN G 84 49.03 34.39 28.22
CA ASN G 84 48.37 35.50 27.56
C ASN G 84 46.94 35.65 28.05
N GLY G 97 32.35 28.03 18.64
CA GLY G 97 32.23 26.75 17.96
C GLY G 97 31.70 25.66 18.86
N HIS G 98 31.94 24.40 18.48
CA HIS G 98 31.47 23.26 19.25
C HIS G 98 32.46 22.11 19.05
N ARG G 99 33.27 21.85 20.06
CA ARG G 99 34.22 20.75 20.04
C ARG G 99 33.67 19.56 20.81
N THR G 100 34.29 18.41 20.58
CA THR G 100 33.92 17.17 21.25
C THR G 100 35.00 16.77 22.24
N LEU G 101 34.59 16.31 23.41
CA LEU G 101 35.54 15.96 24.45
C LEU G 101 36.30 14.69 24.10
N LEU G 102 37.59 14.67 24.44
CA LEU G 102 38.41 13.47 24.34
C LEU G 102 39.19 13.31 25.64
N TYR G 103 39.44 12.06 26.01
CA TYR G 103 40.23 11.78 27.21
C TYR G 103 41.64 12.34 27.05
N GLY G 104 42.12 13.01 28.09
CA GLY G 104 43.41 13.66 28.08
C GLY G 104 43.33 15.17 27.95
N HIS G 105 42.21 15.71 27.48
CA HIS G 105 42.05 17.15 27.38
C HIS G 105 41.74 17.74 28.75
N ALA G 106 41.74 19.08 28.80
CA ALA G 106 41.37 19.81 30.00
C ALA G 106 39.89 20.17 29.93
N ILE G 107 39.41 20.86 30.96
CA ILE G 107 38.00 21.21 31.03
C ILE G 107 37.85 22.43 31.94
N LEU G 108 36.75 23.17 31.73
CA LEU G 108 36.41 24.34 32.55
C LEU G 108 34.95 24.21 32.96
N LEU G 109 34.71 23.73 34.17
CA LEU G 109 33.35 23.65 34.66
C LEU G 109 32.79 25.04 34.93
N ARG G 110 31.47 25.13 35.01
CA ARG G 110 30.83 26.42 35.26
C ARG G 110 29.46 26.16 35.86
N HIS G 111 29.26 26.62 37.10
CA HIS G 111 27.95 26.44 37.74
C HIS G 111 26.92 27.30 37.04
N ALA G 112 25.80 26.69 36.68
CA ALA G 112 24.83 27.37 35.80
C ALA G 112 24.13 28.51 36.52
N HIS G 113 23.65 28.26 37.75
CA HIS G 113 22.78 29.23 38.41
C HIS G 113 23.57 30.44 38.90
N SER G 114 24.56 30.21 39.77
CA SER G 114 25.31 31.33 40.34
C SER G 114 26.32 31.93 39.37
N ARG G 115 26.59 31.25 38.24
CA ARG G 115 27.52 31.74 37.22
C ARG G 115 28.93 31.93 37.79
N MET G 116 29.38 30.94 38.55
CA MET G 116 30.72 30.96 39.11
C MET G 116 31.45 29.69 38.70
N TYR G 117 32.76 29.80 38.56
CA TYR G 117 33.57 28.71 38.04
C TYR G 117 34.02 27.79 39.16
N LEU G 118 33.81 26.49 38.98
CA LEU G 118 34.28 25.51 39.94
C LEU G 118 35.81 25.44 39.94
N SER G 119 36.39 25.33 41.13
CA SER G 119 37.84 25.34 41.26
C SER G 119 38.22 24.56 42.52
N CYS G 120 39.47 24.74 42.97
CA CYS G 120 39.97 24.11 44.18
C CYS G 120 40.69 25.16 45.02
N LEU G 121 40.32 25.25 46.29
CA LEU G 121 40.86 26.28 47.16
C LEU G 121 42.10 25.74 47.89
N THR G 122 42.66 26.55 48.78
CA THR G 122 43.87 26.21 49.52
C THR G 122 43.64 26.34 51.01
N THR G 123 42.44 25.98 51.47
CA THR G 123 42.11 26.04 52.88
C THR G 123 42.29 24.67 53.52
N SER G 124 42.11 24.62 54.84
CA SER G 124 42.29 23.39 55.61
C SER G 124 40.96 23.01 56.24
N ARG G 125 40.60 21.73 56.14
CA ARG G 125 39.36 21.24 56.72
C ARG G 125 39.53 19.80 57.14
N SER G 126 38.67 19.38 58.08
CA SER G 126 38.55 18.00 58.54
C SER G 126 39.73 17.58 59.44
N MET G 127 40.75 18.45 59.54
CA MET G 127 41.89 18.21 60.43
C MET G 127 42.45 16.80 60.27
N THR G 128 42.68 16.40 59.02
CA THR G 128 43.14 15.05 58.72
C THR G 128 44.66 14.93 58.68
N ASP G 129 45.38 16.01 58.93
CA ASP G 129 46.84 16.03 58.83
C ASP G 129 47.28 15.48 57.48
N LYS G 130 46.72 16.08 56.43
CA LYS G 130 46.74 15.46 55.12
C LYS G 130 46.85 16.54 54.05
N LEU G 131 46.52 16.17 52.82
CA LEU G 131 46.60 17.05 51.66
C LEU G 131 45.21 17.26 51.08
N ALA G 132 44.24 17.51 51.96
CA ALA G 132 42.83 17.58 51.56
C ALA G 132 42.60 18.67 50.52
N PHE G 133 42.81 19.93 50.89
CA PHE G 133 42.54 21.07 50.02
C PHE G 133 41.09 21.05 49.52
N ASP G 134 40.19 21.24 50.48
CA ASP G 134 38.75 21.16 50.23
C ASP G 134 38.35 21.98 49.01
N VAL G 135 37.31 21.51 48.31
CA VAL G 135 36.90 22.11 47.05
C VAL G 135 36.11 23.39 47.31
N GLY G 136 36.16 24.30 46.35
CA GLY G 136 35.38 25.52 46.42
C GLY G 136 35.44 26.27 45.10
N LEU G 137 34.43 27.11 44.88
CA LEU G 137 34.29 27.88 43.66
C LEU G 137 34.15 29.34 44.03
N GLN G 138 35.03 30.20 43.49
CA GLN G 138 34.96 31.62 43.82
C GLN G 138 34.69 32.52 42.62
N GLU G 139 35.64 32.71 41.71
CA GLU G 139 35.40 33.52 40.52
C GLU G 139 36.35 33.10 39.39
N ASP G 140 37.15 32.06 39.63
CA ASP G 140 38.48 31.99 39.05
C ASP G 140 38.42 31.81 37.54
N ALA G 141 38.07 32.91 36.86
CA ALA G 141 38.25 32.96 35.41
C ALA G 141 39.72 32.90 35.05
N THR G 142 40.57 33.54 35.86
CA THR G 142 42.01 33.46 35.66
C THR G 142 42.48 32.02 35.78
N GLY G 143 43.18 31.55 34.75
CA GLY G 143 43.49 30.14 34.62
C GLY G 143 44.69 29.64 35.40
N GLU G 144 44.55 29.45 36.69
CA GLU G 144 45.64 28.83 37.40
C GLU G 144 45.23 27.57 38.16
N ALA G 145 44.04 27.56 38.76
CA ALA G 145 43.58 26.40 39.52
C ALA G 145 42.13 26.04 39.21
N CYS G 146 41.60 26.51 38.09
CA CYS G 146 40.19 26.32 37.75
C CYS G 146 39.99 25.30 36.63
N TRP G 147 41.00 24.46 36.38
CA TRP G 147 40.97 23.55 35.26
C TRP G 147 41.21 22.12 35.74
N TRP G 148 40.60 21.17 35.04
CA TRP G 148 40.74 19.75 35.35
C TRP G 148 41.06 18.98 34.09
N THR G 149 41.84 17.92 34.23
CA THR G 149 42.06 16.95 33.17
C THR G 149 41.40 15.63 33.56
N MET G 150 40.81 14.96 32.58
CA MET G 150 40.07 13.74 32.81
C MET G 150 40.78 12.57 32.15
N HIS G 151 40.78 11.43 32.83
CA HIS G 151 41.41 10.22 32.33
C HIS G 151 40.41 9.08 32.36
N PRO G 152 40.53 8.12 31.45
CA PRO G 152 39.67 6.94 31.51
C PRO G 152 39.98 6.10 32.74
N ALA G 153 38.96 5.40 33.22
CA ALA G 153 39.12 4.61 34.45
C ALA G 153 39.78 3.27 34.17
N SER G 154 39.16 2.45 33.34
CA SER G 154 39.62 1.09 33.07
C SER G 154 40.47 1.04 31.81
N LYS G 155 41.06 -0.13 31.58
CA LYS G 155 41.96 -0.34 30.44
C LYS G 155 41.22 -0.43 29.11
N GLN G 156 39.89 -0.51 29.11
CA GLN G 156 39.15 -0.59 27.86
C GLN G 156 39.33 0.66 27.01
N ARG G 157 39.41 1.83 27.64
CA ARG G 157 39.55 3.08 26.92
C ARG G 157 41.01 3.49 26.86
N SER G 158 41.28 4.58 26.13
CA SER G 158 42.64 5.07 25.95
C SER G 158 42.57 6.55 25.63
N GLU G 159 43.73 7.18 25.55
CA GLU G 159 43.78 8.61 25.29
C GLU G 159 43.38 8.91 23.84
N GLY G 160 42.94 10.13 23.62
CA GLY G 160 42.52 10.53 22.29
C GLY G 160 41.29 9.84 21.77
N GLU G 161 40.45 9.30 22.65
CA GLU G 161 39.22 8.63 22.26
C GLU G 161 38.02 9.50 22.57
N LYS G 162 36.99 9.39 21.74
CA LYS G 162 35.77 10.14 21.95
C LYS G 162 35.07 9.65 23.22
N VAL G 163 34.35 10.56 23.88
CA VAL G 163 33.79 10.31 25.19
C VAL G 163 32.35 9.81 25.02
N ARG G 164 32.15 8.52 25.25
CA ARG G 164 30.82 7.93 25.18
C ARG G 164 29.96 8.48 26.31
N VAL G 165 28.68 8.76 25.99
CA VAL G 165 27.76 9.26 27.00
C VAL G 165 27.57 8.20 28.08
N GLY G 166 27.68 8.62 29.34
CA GLY G 166 27.52 7.70 30.45
C GLY G 166 28.75 6.90 30.80
N ASP G 167 29.94 7.39 30.45
CA ASP G 167 31.17 6.72 30.82
C ASP G 167 31.51 6.98 32.28
N ASP G 168 32.68 6.50 32.70
CA ASP G 168 33.20 6.73 34.04
C ASP G 168 34.51 7.50 33.92
N LEU G 169 34.60 8.62 34.63
CA LEU G 169 35.73 9.53 34.52
C LEU G 169 36.49 9.61 35.83
N ILE G 170 37.77 9.94 35.72
CA ILE G 170 38.61 10.31 36.86
C ILE G 170 39.14 11.70 36.58
N LEU G 171 38.92 12.62 37.52
CA LEU G 171 39.27 14.02 37.33
C LEU G 171 40.45 14.39 38.21
N VAL G 172 41.38 15.15 37.65
CA VAL G 172 42.60 15.55 38.33
C VAL G 172 42.76 17.06 38.19
N SER G 173 43.10 17.73 39.29
CA SER G 173 43.35 19.16 39.24
C SER G 173 44.62 19.44 38.45
N VAL G 174 44.55 20.47 37.58
CA VAL G 174 45.73 20.84 36.81
C VAL G 174 46.80 21.46 37.71
N SER G 175 46.38 22.27 38.68
CA SER G 175 47.34 22.99 39.50
C SER G 175 47.91 22.14 40.62
N SER G 176 47.04 21.61 41.48
CA SER G 176 47.50 20.89 42.67
C SER G 176 47.84 19.43 42.37
N GLU G 177 47.25 18.84 41.33
CA GLU G 177 47.54 17.47 40.92
C GLU G 177 47.05 16.46 41.96
N ARG G 178 45.78 16.61 42.36
CA ARG G 178 45.13 15.68 43.27
C ARG G 178 43.79 15.23 42.70
N TYR G 179 43.51 13.94 42.81
CA TYR G 179 42.19 13.43 42.43
C TYR G 179 41.12 14.00 43.34
N LEU G 180 39.98 14.38 42.75
CA LEU G 180 38.84 14.83 43.52
C LEU G 180 38.29 13.64 44.30
N HIS G 181 38.56 13.61 45.60
CA HIS G 181 38.31 12.43 46.42
C HIS G 181 36.99 12.57 47.19
N LEU G 182 36.15 11.55 47.11
CA LEU G 182 34.99 11.41 47.99
C LEU G 182 35.50 10.88 49.33
N SER G 183 35.93 11.79 50.19
CA SER G 183 36.58 11.42 51.44
C SER G 183 35.54 11.30 52.54
N THR G 184 35.15 10.07 52.86
CA THR G 184 34.28 9.80 53.99
C THR G 184 35.11 9.63 55.25
N ALA G 185 34.50 9.96 56.39
CA ALA G 185 35.20 9.93 57.66
C ALA G 185 34.19 9.57 58.75
N SER G 186 34.56 9.84 60.01
CA SER G 186 33.67 9.55 61.13
C SER G 186 32.35 10.30 61.00
N GLY G 187 32.40 11.54 60.53
CA GLY G 187 31.19 12.33 60.36
C GLY G 187 30.43 11.94 59.11
N GLU G 188 29.83 12.93 58.44
CA GLU G 188 29.09 12.68 57.22
C GLU G 188 30.06 12.54 56.05
N LEU G 189 29.54 12.50 54.83
CA LEU G 189 30.37 12.35 53.65
C LEU G 189 30.80 13.73 53.12
N GLN G 190 32.10 13.88 52.92
CA GLN G 190 32.68 15.14 52.48
C GLN G 190 33.46 14.92 51.19
N VAL G 191 33.68 16.01 50.46
CA VAL G 191 34.39 15.98 49.18
C VAL G 191 35.61 16.88 49.28
N ASP G 192 36.74 16.36 48.81
CA ASP G 192 38.00 17.11 48.75
C ASP G 192 38.86 16.44 47.69
N ALA G 193 40.15 16.79 47.64
CA ALA G 193 41.09 16.17 46.70
C ALA G 193 42.36 15.79 47.45
N SER G 194 42.35 14.60 48.08
CA SER G 194 43.50 14.24 48.90
C SER G 194 44.19 12.94 48.48
N PHE G 195 43.49 11.79 48.51
CA PHE G 195 44.21 10.51 48.56
C PHE G 195 44.01 9.61 47.34
N MET G 196 42.78 9.19 47.02
CA MET G 196 42.62 8.27 45.90
C MET G 196 41.55 8.67 44.90
N GLN G 197 41.22 7.73 44.02
CA GLN G 197 40.30 7.96 42.91
C GLN G 197 38.86 8.08 43.41
N THR G 198 38.01 8.57 42.52
CA THR G 198 36.58 8.65 42.78
C THR G 198 35.87 8.51 41.44
N LEU G 199 35.14 7.42 41.24
CA LEU G 199 34.48 7.16 39.97
C LEU G 199 33.29 8.10 39.81
N TRP G 200 33.37 9.02 38.87
CA TRP G 200 32.31 9.97 38.57
C TRP G 200 31.64 9.60 37.26
N ASN G 201 30.32 9.46 37.28
CA ASN G 201 29.53 9.18 36.09
C ASN G 201 28.85 10.45 35.64
N MET G 202 28.99 10.77 34.36
CA MET G 202 28.43 12.00 33.82
C MET G 202 26.94 11.81 33.55
N ASN G 203 26.25 12.92 33.27
CA ASN G 203 24.82 12.81 33.04
C ASN G 203 24.32 13.96 32.19
N PRO G 204 23.82 13.68 30.98
CA PRO G 204 23.37 14.76 30.08
C PRO G 204 22.02 15.34 30.48
N ILE G 205 22.02 16.34 31.38
CA ILE G 205 20.77 16.97 31.79
C ILE G 205 20.01 17.51 30.58
N CYS G 206 20.70 18.20 29.69
CA CYS G 206 20.06 18.78 28.52
C CYS G 206 21.14 19.16 27.51
N SER G 207 20.73 19.79 26.42
CA SER G 207 21.63 20.19 25.34
C SER G 207 21.04 21.45 24.70
N CYS G 208 21.49 21.77 23.49
CA CYS G 208 21.05 22.98 22.80
C CYS G 208 19.60 22.80 22.36
N CYS G 209 18.67 23.32 23.16
CA CYS G 209 17.26 23.15 22.89
C CYS G 209 16.81 24.05 21.74
N GLU G 210 15.56 23.85 21.31
CA GLU G 210 14.96 24.64 20.24
C GLU G 210 14.30 25.89 20.81
N GLU G 211 14.35 26.97 20.03
CA GLU G 211 13.79 28.24 20.46
C GLU G 211 12.26 28.19 20.45
N GLY G 212 11.65 28.88 21.41
CA GLY G 212 10.21 29.02 21.45
C GLY G 212 9.45 27.79 21.86
N TYR G 213 10.08 26.88 22.59
CA TYR G 213 9.43 25.65 23.04
C TYR G 213 9.73 25.42 24.51
N VAL G 214 8.74 24.93 25.24
CA VAL G 214 8.87 24.74 26.67
C VAL G 214 9.79 23.56 26.95
N THR G 215 10.74 23.75 27.87
CA THR G 215 11.63 22.70 28.31
C THR G 215 11.56 22.60 29.84
N GLY G 216 11.96 21.44 30.34
CA GLY G 216 11.98 21.26 31.79
C GLY G 216 13.02 22.12 32.46
N GLY G 217 12.79 22.37 33.75
CA GLY G 217 13.73 23.13 34.54
C GLY G 217 13.71 24.64 34.34
N HIS G 218 12.66 25.18 33.73
CA HIS G 218 12.54 26.60 33.54
C HIS G 218 11.74 27.25 34.67
N VAL G 219 11.92 28.55 34.83
CA VAL G 219 11.20 29.35 35.82
C VAL G 219 10.38 30.37 35.06
N LEU G 220 9.06 30.34 35.27
CA LEU G 220 8.16 31.03 34.37
C LEU G 220 6.79 31.18 35.03
N ARG G 221 5.96 32.03 34.43
CA ARG G 221 4.69 32.45 35.00
C ARG G 221 3.52 31.76 34.30
N LEU G 222 2.36 31.80 34.96
CA LEU G 222 1.16 31.10 34.54
C LEU G 222 0.01 32.10 34.38
N PHE G 223 -0.13 32.69 33.19
CA PHE G 223 -1.33 33.48 32.93
C PHE G 223 -2.55 32.61 32.75
N HIS G 224 -3.70 33.21 33.03
CA HIS G 224 -5.01 32.62 32.81
C HIS G 224 -5.87 33.63 32.08
N GLY G 225 -6.85 33.14 31.34
CA GLY G 225 -7.75 34.03 30.63
C GLY G 225 -7.16 34.55 29.34
N HIS G 226 -7.38 35.83 29.06
CA HIS G 226 -7.02 36.41 27.77
C HIS G 226 -5.87 37.40 27.85
N MET G 227 -5.98 38.42 28.70
CA MET G 227 -5.01 39.52 28.69
C MET G 227 -4.20 39.63 29.98
N ASP G 228 -4.86 39.87 31.11
CA ASP G 228 -4.17 40.18 32.37
C ASP G 228 -4.81 39.39 33.50
N GLU G 229 -4.28 38.21 33.76
CA GLU G 229 -4.70 37.36 34.88
C GLU G 229 -3.67 36.24 35.00
N CYS G 230 -3.30 35.90 36.23
CA CYS G 230 -2.24 34.91 36.42
C CYS G 230 -2.40 34.24 37.77
N LEU G 231 -1.79 33.05 37.88
CA LEU G 231 -1.76 32.33 39.13
C LEU G 231 -0.85 33.04 40.14
N THR G 232 -1.13 32.83 41.41
CA THR G 232 -0.37 33.48 42.48
C THR G 232 -0.70 32.79 43.79
N ILE G 233 -0.08 33.28 44.87
CA ILE G 233 -0.27 32.80 46.23
C ILE G 233 -0.63 34.03 47.07
N SER G 234 -0.94 33.81 48.35
CA SER G 234 -1.25 34.92 49.24
C SER G 234 -0.03 35.81 49.44
N ALA G 235 -0.29 37.04 49.87
CA ALA G 235 0.75 38.04 50.02
C ALA G 235 1.61 37.74 51.26
N ALA G 236 2.64 38.56 51.44
CA ALA G 236 3.57 38.40 52.55
C ALA G 236 2.96 38.93 53.85
N ASP G 237 3.63 38.61 54.95
CA ASP G 237 3.25 39.08 56.30
C ASP G 237 1.83 38.64 56.65
N SER G 238 1.63 37.32 56.67
CA SER G 238 0.34 36.74 57.03
C SER G 238 0.56 35.41 57.71
N ASP G 239 -0.42 34.99 58.50
CA ASP G 239 -0.35 33.75 59.25
C ASP G 239 -0.89 32.56 58.47
N ASP G 240 -1.33 32.75 57.22
CA ASP G 240 -1.88 31.67 56.43
C ASP G 240 -0.83 30.62 56.05
N GLN G 241 0.46 30.92 56.25
CA GLN G 241 1.56 30.01 55.96
C GLN G 241 1.65 29.64 54.48
N ARG G 242 1.07 30.46 53.61
CA ARG G 242 1.13 30.30 52.15
C ARG G 242 0.66 28.90 51.75
N ARG G 243 -0.60 28.60 52.07
CA ARG G 243 -1.17 27.29 51.82
C ARG G 243 -2.32 27.29 50.83
N LEU G 244 -2.61 28.42 50.20
CA LEU G 244 -3.78 28.54 49.33
C LEU G 244 -3.36 29.16 48.00
N VAL G 245 -4.08 28.81 46.94
CA VAL G 245 -3.77 29.23 45.58
C VAL G 245 -4.85 30.18 45.11
N TYR G 246 -4.45 31.24 44.40
CA TYR G 246 -5.37 32.30 44.01
C TYR G 246 -5.07 32.76 42.60
N TYR G 247 -5.86 33.73 42.14
CA TYR G 247 -5.70 34.37 40.83
C TYR G 247 -5.59 35.87 41.04
N GLU G 248 -4.89 36.54 40.12
CA GLU G 248 -4.67 37.97 40.27
C GLU G 248 -4.37 38.60 38.91
N GLY G 249 -4.78 39.87 38.76
CA GLY G 249 -4.62 40.60 37.52
C GLY G 249 -3.23 41.18 37.31
N GLY G 250 -3.17 42.38 36.74
CA GLY G 250 -1.90 42.98 36.38
C GLY G 250 -1.23 43.75 37.50
N ALA G 251 -1.14 43.11 38.67
CA ALA G 251 -0.44 43.67 39.82
C ALA G 251 0.75 42.82 40.23
N VAL G 252 0.56 41.52 40.39
CA VAL G 252 1.64 40.61 40.75
C VAL G 252 2.41 40.11 39.52
N CYS G 253 1.98 40.49 38.32
CA CYS G 253 2.62 40.01 37.09
C CYS G 253 4.07 40.44 36.99
N THR G 254 4.50 41.46 37.73
CA THR G 254 5.90 41.86 37.79
C THR G 254 6.52 41.56 39.15
N HIS G 255 6.08 40.49 39.81
CA HIS G 255 6.50 40.18 41.16
C HIS G 255 6.99 38.74 41.23
N ALA G 256 7.83 38.47 42.24
CA ALA G 256 8.41 37.14 42.40
C ALA G 256 7.41 36.13 42.93
N ARG G 257 6.26 36.58 43.42
CA ARG G 257 5.29 35.67 44.00
C ARG G 257 4.71 34.72 42.95
N SER G 258 4.48 35.22 41.73
CA SER G 258 3.82 34.46 40.68
C SER G 258 4.78 33.63 39.84
N LEU G 259 5.98 33.29 40.34
CA LEU G 259 6.95 32.54 39.57
C LEU G 259 6.88 31.06 39.95
N TRP G 260 6.85 30.19 38.95
CA TRP G 260 6.74 28.75 39.14
C TRP G 260 7.84 28.03 38.37
N ARG G 261 8.26 26.88 38.91
CA ARG G 261 9.27 26.04 38.29
C ARG G 261 8.71 24.65 38.07
N LEU G 262 8.98 24.09 36.89
CA LEU G 262 8.53 22.75 36.52
C LEU G 262 9.67 21.76 36.68
N GLU G 263 9.42 20.68 37.42
CA GLU G 263 10.44 19.68 37.70
C GLU G 263 9.92 18.32 37.27
N PRO G 264 10.37 17.77 36.15
CA PRO G 264 9.92 16.43 35.74
C PRO G 264 10.49 15.36 36.66
N LEU G 265 9.90 14.17 36.56
CA LEU G 265 10.21 13.10 37.50
C LEU G 265 11.50 12.36 37.16
N ARG G 266 12.01 12.49 35.93
CA ARG G 266 13.23 11.79 35.57
C ARG G 266 14.46 12.47 36.16
N ILE G 267 15.55 11.70 36.22
CA ILE G 267 16.83 12.25 36.68
C ILE G 267 17.67 12.72 35.49
N SER G 268 17.62 12.01 34.37
CA SER G 268 18.34 12.38 33.16
C SER G 268 17.39 12.98 32.14
N TRP G 269 17.93 13.87 31.31
CA TRP G 269 17.18 14.55 30.26
C TRP G 269 15.99 15.32 30.81
N SER G 270 16.12 15.80 32.05
CA SER G 270 15.05 16.58 32.66
C SER G 270 14.81 17.90 31.93
N GLY G 271 15.84 18.43 31.29
CA GLY G 271 15.75 19.67 30.55
C GLY G 271 15.27 19.55 29.13
N SER G 272 14.86 18.34 28.71
CA SER G 272 14.41 18.13 27.35
C SER G 272 13.12 18.89 27.07
N HIS G 273 12.72 18.89 25.80
CA HIS G 273 11.47 19.54 25.41
C HIS G 273 10.29 18.90 26.11
N LEU G 274 9.33 19.72 26.51
CA LEU G 274 8.15 19.25 27.23
C LEU G 274 7.05 18.94 26.23
N ARG G 275 6.44 17.77 26.38
CA ARG G 275 5.47 17.24 25.44
C ARG G 275 4.19 16.84 26.16
N TRP G 276 3.11 16.73 25.39
CA TRP G 276 1.82 16.38 25.96
C TRP G 276 1.87 14.99 26.58
N GLY G 277 1.13 14.81 27.68
CA GLY G 277 1.10 13.52 28.34
C GLY G 277 2.41 13.16 28.98
N GLN G 278 2.80 13.91 30.00
CA GLN G 278 4.07 13.69 30.69
C GLN G 278 3.95 14.14 32.14
N PRO G 279 4.06 13.21 33.10
CA PRO G 279 3.94 13.62 34.51
C PRO G 279 5.07 14.52 34.93
N LEU G 280 4.75 15.45 35.83
CA LEU G 280 5.71 16.45 36.27
C LEU G 280 5.20 17.08 37.56
N ARG G 281 6.09 17.80 38.24
CA ARG G 281 5.78 18.48 39.49
C ARG G 281 5.83 19.99 39.27
N ILE G 282 5.28 20.71 40.23
CA ILE G 282 5.25 22.18 40.20
C ILE G 282 5.84 22.70 41.50
N ARG G 283 6.77 23.63 41.39
CA ARG G 283 7.49 24.20 42.54
C ARG G 283 7.36 25.71 42.55
N HIS G 284 7.09 26.28 43.73
CA HIS G 284 7.13 27.72 43.92
C HIS G 284 8.55 28.12 44.29
N VAL G 285 9.05 29.16 43.63
CA VAL G 285 10.49 29.46 43.69
C VAL G 285 10.86 30.10 45.02
N THR G 286 10.21 31.22 45.37
CA THR G 286 10.59 31.92 46.59
C THR G 286 10.06 31.22 47.83
N THR G 287 8.91 30.54 47.73
CA THR G 287 8.40 29.76 48.86
C THR G 287 9.19 28.48 49.06
N GLY G 288 9.75 27.94 47.99
CA GLY G 288 10.45 26.67 48.07
C GLY G 288 9.55 25.50 48.39
N ARG G 289 8.35 25.47 47.80
CA ARG G 289 7.36 24.45 48.11
C ARG G 289 6.67 24.00 46.83
N TYR G 290 6.09 22.81 46.88
CA TYR G 290 5.33 22.26 45.77
C TYR G 290 3.82 22.49 45.98
N LEU G 291 3.04 21.97 45.05
CA LEU G 291 1.59 22.07 45.08
C LEU G 291 0.97 20.68 45.07
N ALA G 292 0.00 20.45 45.95
CA ALA G 292 -0.56 19.12 46.09
C ALA G 292 -1.96 19.20 46.69
N LEU G 293 -2.68 18.09 46.58
CA LEU G 293 -4.00 17.90 47.20
C LEU G 293 -3.96 16.53 47.87
N THR G 294 -3.74 16.51 49.19
CA THR G 294 -3.44 15.24 49.85
C THR G 294 -4.71 14.41 50.09
N GLU G 295 -5.57 14.87 50.99
CA GLU G 295 -6.83 14.14 51.14
C GLU G 295 -8.07 15.01 51.17
N ASP G 296 -8.04 16.12 51.91
CA ASP G 296 -9.23 16.95 52.08
C ASP G 296 -8.97 18.45 52.09
N GLN G 297 -7.74 18.90 52.26
CA GLN G 297 -7.48 20.32 52.51
C GLN G 297 -7.57 21.17 51.26
N GLY G 298 -7.59 20.57 50.07
CA GLY G 298 -7.64 21.32 48.84
C GLY G 298 -6.28 21.42 48.17
N LEU G 299 -6.23 22.27 47.15
CA LEU G 299 -4.99 22.51 46.40
C LEU G 299 -4.08 23.36 47.28
N VAL G 300 -3.40 22.69 48.19
CA VAL G 300 -2.58 23.34 49.22
C VAL G 300 -1.12 23.27 48.80
N VAL G 301 -0.38 24.36 49.06
CA VAL G 301 1.04 24.43 48.75
C VAL G 301 1.77 23.64 49.82
N VAL G 302 2.11 22.39 49.50
CA VAL G 302 2.77 21.51 50.46
C VAL G 302 4.28 21.74 50.43
N ASP G 303 4.94 21.37 51.53
CA ASP G 303 6.38 21.54 51.65
C ASP G 303 7.11 20.53 50.77
N ALA G 304 8.44 20.54 50.86
CA ALA G 304 9.30 19.63 50.12
C ALA G 304 9.58 18.35 50.89
N CYS G 305 8.72 17.98 51.84
CA CYS G 305 8.89 16.75 52.59
C CYS G 305 7.66 15.85 52.59
N LYS G 306 6.54 16.30 52.03
CA LYS G 306 5.31 15.51 51.96
C LYS G 306 4.76 15.53 50.53
N ALA G 307 5.64 15.30 49.56
CA ALA G 307 5.31 15.36 48.14
C ALA G 307 5.74 14.08 47.44
N HIS G 308 5.33 12.93 47.97
CA HIS G 308 5.80 11.64 47.51
C HIS G 308 5.14 11.20 46.21
N THR G 309 5.27 12.04 45.16
CA THR G 309 4.99 11.75 43.76
C THR G 309 3.55 11.29 43.53
N LYS G 310 2.75 11.26 44.59
CA LYS G 310 1.33 10.94 44.50
C LYS G 310 0.43 12.11 44.81
N ALA G 311 0.82 12.95 45.77
CA ALA G 311 0.05 14.15 46.06
C ALA G 311 0.22 15.22 44.98
N THR G 312 1.41 15.30 44.37
CA THR G 312 1.62 16.31 43.34
C THR G 312 1.08 15.83 41.99
N SER G 313 1.73 14.82 41.41
CA SER G 313 1.25 14.07 40.25
C SER G 313 0.47 14.89 39.22
N PHE G 314 1.08 15.93 38.67
CA PHE G 314 0.41 16.74 37.65
C PHE G 314 0.91 16.39 36.24
N CYS G 315 0.10 16.76 35.25
CA CYS G 315 0.44 16.58 33.85
C CYS G 315 -0.39 17.55 33.03
N PHE G 316 -0.08 17.62 31.74
CA PHE G 316 -0.79 18.49 30.81
C PHE G 316 -1.57 17.66 29.80
N ARG G 317 -2.74 18.15 29.43
CA ARG G 317 -3.60 17.49 28.45
C ARG G 317 -3.99 18.48 27.37
N VAL G 318 -4.14 17.97 26.15
CA VAL G 318 -4.41 18.84 25.00
C VAL G 318 -5.77 19.53 25.15
N SER G 319 -6.80 18.75 25.49
CA SER G 319 -8.16 19.29 25.60
C SER G 319 -8.91 18.46 26.63
N LYS G 320 -10.22 18.65 26.68
CA LYS G 320 -11.06 17.86 27.60
C LYS G 320 -11.85 16.81 26.83
N VAL G 331 12.32 8.24 25.64
CA VAL G 331 13.15 9.01 24.72
C VAL G 331 14.45 9.43 25.41
N GLU G 332 15.58 8.94 24.90
CA GLU G 332 16.89 9.27 25.42
C GLU G 332 17.56 10.41 24.64
N GLY G 333 16.75 11.27 24.01
CA GLY G 333 17.29 12.40 23.28
C GLY G 333 16.63 13.71 23.68
N MET G 334 16.72 14.71 22.80
CA MET G 334 16.10 16.00 23.09
C MET G 334 14.58 15.91 23.08
N GLY G 335 14.01 15.09 22.21
CA GLY G 335 12.57 14.93 22.14
C GLY G 335 11.93 15.90 21.16
N PRO G 336 10.70 15.60 20.77
CA PRO G 336 9.99 16.47 19.81
C PRO G 336 9.48 17.72 20.48
N PRO G 337 9.85 18.90 19.96
CA PRO G 337 9.37 20.16 20.55
C PRO G 337 7.92 20.44 20.14
N GLU G 338 7.03 20.49 21.12
CA GLU G 338 5.61 20.66 20.87
C GLU G 338 5.03 21.90 21.53
N ILE G 339 5.21 22.04 22.84
CA ILE G 339 4.51 23.07 23.60
C ILE G 339 5.22 24.41 23.42
N LYS G 340 4.52 25.39 22.88
CA LYS G 340 5.07 26.71 22.59
C LYS G 340 4.88 27.65 23.77
N TYR G 341 5.40 28.87 23.62
CA TYR G 341 5.22 29.96 24.57
C TYR G 341 4.03 30.81 24.16
N GLY G 342 3.08 31.01 25.07
CA GLY G 342 2.06 32.01 24.92
C GLY G 342 0.82 31.58 24.15
N GLU G 343 0.87 30.45 23.45
CA GLU G 343 -0.28 30.02 22.65
C GLU G 343 -0.52 28.52 22.71
N SER G 344 0.19 27.78 23.58
CA SER G 344 0.00 26.33 23.63
C SER G 344 -1.36 25.96 24.21
N LEU G 345 -1.90 26.79 25.10
CA LEU G 345 -3.24 26.59 25.66
C LEU G 345 -3.38 25.23 26.35
N CYS G 346 -2.36 24.85 27.11
CA CYS G 346 -2.39 23.57 27.80
C CYS G 346 -3.44 23.58 28.91
N PHE G 347 -3.92 22.38 29.24
CA PHE G 347 -4.88 22.15 30.31
C PHE G 347 -4.22 21.33 31.41
N VAL G 348 -4.33 21.81 32.64
CA VAL G 348 -3.73 21.14 33.79
C VAL G 348 -4.69 20.09 34.31
N GLN G 349 -4.15 18.94 34.72
CA GLN G 349 -4.97 17.84 35.20
C GLN G 349 -4.15 16.99 36.19
N HIS G 350 -4.74 16.68 37.33
CA HIS G 350 -4.11 15.77 38.28
C HIS G 350 -4.12 14.36 37.72
N VAL G 351 -3.02 13.63 37.91
CA VAL G 351 -2.89 12.31 37.30
C VAL G 351 -3.69 11.27 38.07
N ALA G 352 -3.47 11.18 39.38
CA ALA G 352 -4.12 10.13 40.17
C ALA G 352 -5.63 10.35 40.24
N SER G 353 -6.06 11.58 40.53
CA SER G 353 -7.48 11.84 40.70
C SER G 353 -8.20 12.13 39.39
N GLY G 354 -7.47 12.42 38.32
CA GLY G 354 -8.09 12.66 37.03
C GLY G 354 -8.99 13.87 36.98
N LEU G 355 -8.87 14.78 37.94
CA LEU G 355 -9.74 15.95 37.99
C LEU G 355 -9.21 17.05 37.07
N TRP G 356 -9.97 18.14 36.98
CA TRP G 356 -9.59 19.31 36.20
C TRP G 356 -9.54 20.51 37.14
N LEU G 357 -8.59 21.41 36.90
CA LEU G 357 -8.38 22.55 37.78
C LEU G 357 -9.12 23.77 37.23
N THR G 358 -9.88 24.42 38.10
CA THR G 358 -10.58 25.65 37.77
C THR G 358 -10.84 26.42 39.06
N TYR G 359 -11.51 27.56 38.93
CA TYR G 359 -11.75 28.45 40.06
C TYR G 359 -13.14 28.20 40.63
N ALA G 360 -13.23 28.05 41.95
CA ALA G 360 -14.54 27.97 42.59
C ALA G 360 -15.26 29.30 42.52
N ALA G 361 -14.56 30.40 42.79
CA ALA G 361 -15.05 31.77 42.70
C ALA G 361 -16.33 31.99 43.50
N PRO G 362 -16.42 31.47 44.72
CA PRO G 362 -17.55 31.81 45.59
C PRO G 362 -17.34 33.19 46.19
N ASP G 363 -18.10 34.17 45.69
CA ASP G 363 -17.88 35.56 46.06
C ASP G 363 -19.12 36.13 46.73
N PRO G 364 -19.06 36.55 47.99
CA PRO G 364 -20.19 37.25 48.60
C PRO G 364 -20.21 38.71 48.19
N LYS G 365 -21.14 39.49 48.76
CA LYS G 365 -21.22 40.91 48.42
C LYS G 365 -19.96 41.65 48.84
N ALA G 366 -19.44 41.36 50.04
CA ALA G 366 -18.22 42.03 50.50
C ALA G 366 -17.01 41.63 49.65
N LEU G 367 -16.93 40.35 49.27
CA LEU G 367 -15.78 39.89 48.51
C LEU G 367 -15.73 40.49 47.11
N ARG G 368 -16.88 40.74 46.51
CA ARG G 368 -16.91 41.29 45.15
C ARG G 368 -16.31 42.69 45.11
N LEU G 369 -16.66 43.53 46.07
CA LEU G 369 -16.16 44.91 46.12
C LEU G 369 -14.92 45.06 46.98
N GLY G 370 -14.44 43.98 47.59
CA GLY G 370 -13.25 44.05 48.42
C GLY G 370 -12.04 43.45 47.75
N VAL G 371 -11.65 42.25 48.17
CA VAL G 371 -10.49 41.59 47.60
C VAL G 371 -10.86 40.95 46.27
N LEU G 372 -10.09 41.27 45.22
CA LEU G 372 -10.30 40.71 43.89
C LEU G 372 -9.54 39.39 43.74
N LYS G 373 -9.92 38.43 44.57
CA LYS G 373 -9.20 37.18 44.69
C LYS G 373 -10.15 35.99 44.60
N LYS G 374 -9.68 34.95 43.91
CA LYS G 374 -10.46 33.74 43.68
C LYS G 374 -9.64 32.53 44.07
N LYS G 375 -10.30 31.42 44.39
CA LYS G 375 -9.62 30.21 44.81
C LYS G 375 -9.78 29.13 43.75
N ALA G 376 -8.69 28.44 43.43
CA ALA G 376 -8.69 27.40 42.42
C ALA G 376 -8.86 26.03 43.07
N ILE G 377 -9.69 25.18 42.46
CA ILE G 377 -9.98 23.86 42.98
C ILE G 377 -9.99 22.86 41.83
N LEU G 378 -9.65 21.61 42.14
CA LEU G 378 -9.64 20.52 41.16
C LEU G 378 -11.05 19.94 41.08
N HIS G 379 -11.91 20.63 40.34
CA HIS G 379 -13.27 20.15 40.15
C HIS G 379 -13.28 18.94 39.21
N GLN G 380 -14.36 18.16 39.31
CA GLN G 380 -14.45 16.94 38.52
C GLN G 380 -14.67 17.22 37.04
N GLU G 381 -15.30 18.34 36.69
CA GLU G 381 -15.58 18.62 35.29
C GLU G 381 -14.99 19.97 34.91
N GLY G 382 -14.97 20.92 35.86
CA GLY G 382 -14.30 22.18 35.65
C GLY G 382 -15.10 23.17 34.83
N HIS G 383 -14.50 24.32 34.60
CA HIS G 383 -15.10 25.35 33.76
C HIS G 383 -14.61 25.19 32.32
N MET G 384 -14.91 26.18 31.48
CA MET G 384 -14.56 26.16 30.06
C MET G 384 -13.63 27.31 29.67
N ASP G 385 -12.99 27.95 30.64
CA ASP G 385 -12.25 29.18 30.41
C ASP G 385 -10.87 29.14 31.07
N ASP G 386 -10.23 27.98 31.05
CA ASP G 386 -8.88 27.88 31.63
C ASP G 386 -7.83 28.38 30.64
N ALA G 387 -7.66 27.66 29.53
CA ALA G 387 -6.75 28.05 28.45
C ALA G 387 -5.42 28.57 28.97
N LEU G 388 -4.81 27.79 29.85
CA LEU G 388 -3.59 28.22 30.54
C LEU G 388 -2.41 28.21 29.57
N PHE G 389 -1.99 29.40 29.15
CA PHE G 389 -0.80 29.56 28.30
C PHE G 389 0.37 30.08 29.14
N LEU G 390 1.57 29.81 28.63
CA LEU G 390 2.79 29.98 29.41
C LEU G 390 3.63 31.11 28.82
N THR G 391 4.29 31.85 29.71
CA THR G 391 5.18 32.94 29.33
C THR G 391 6.55 32.70 29.95
N ARG G 392 7.59 33.04 29.21
CA ARG G 392 8.97 32.78 29.64
C ARG G 392 9.58 34.05 30.24
N CYS G 393 10.09 33.93 31.46
CA CYS G 393 10.85 34.98 32.11
C CYS G 393 12.12 34.35 32.69
N GLN G 394 13.14 34.18 31.85
CA GLN G 394 14.42 33.59 32.25
C GLN G 394 15.50 34.63 32.00
N GLN G 395 15.82 35.40 33.03
CA GLN G 395 16.72 36.54 32.89
C GLN G 395 17.32 36.83 34.27
N GLU G 396 17.90 38.02 34.41
CA GLU G 396 18.57 38.38 35.65
C GLU G 396 17.67 38.26 36.87
N GLU G 397 16.36 38.46 36.70
CA GLU G 397 15.45 38.35 37.84
C GLU G 397 15.30 36.92 38.32
N SER G 398 15.36 35.95 37.39
CA SER G 398 15.25 34.54 37.78
C SER G 398 16.40 34.13 38.69
N GLN G 399 17.62 34.61 38.39
CA GLN G 399 18.74 34.39 39.29
C GLN G 399 18.48 35.02 40.66
N ALA G 400 17.91 36.22 40.66
CA ALA G 400 17.53 36.86 41.92
C ALA G 400 16.14 36.40 42.36
N ALA G 401 15.90 35.10 42.32
CA ALA G 401 14.73 34.49 42.93
C ALA G 401 15.11 33.43 43.96
N ARG G 402 16.03 32.53 43.60
CA ARG G 402 16.57 31.59 44.57
C ARG G 402 17.31 32.29 45.69
N MET G 403 17.83 33.49 45.45
CA MET G 403 18.50 34.24 46.49
C MET G 403 17.57 34.54 47.66
N ILE G 404 16.31 34.88 47.35
CA ILE G 404 15.35 35.18 48.41
C ILE G 404 15.16 33.98 49.33
N HIS G 405 14.94 32.81 48.75
CA HIS G 405 14.72 31.61 49.55
C HIS G 405 15.94 31.27 50.39
N SER G 406 17.13 31.35 49.79
CA SER G 406 18.35 31.00 50.53
C SER G 406 18.62 31.98 51.66
N THR G 407 18.51 33.29 51.39
CA THR G 407 18.81 34.28 52.41
C THR G 407 17.74 34.30 53.49
N ALA G 408 16.46 34.23 53.09
CA ALA G 408 15.39 34.21 54.08
C ALA G 408 15.37 32.92 54.88
N GLY G 409 15.87 31.82 54.32
CA GLY G 409 16.01 30.60 55.10
C GLY G 409 17.24 30.56 55.97
N LEU G 410 18.21 31.43 55.72
CA LEU G 410 19.41 31.53 56.54
C LEU G 410 19.31 32.59 57.61
N TYR G 411 18.44 33.59 57.43
CA TYR G 411 18.33 34.67 58.41
C TYR G 411 17.47 34.26 59.60
N ASN G 412 16.21 33.90 59.36
CA ASN G 412 15.29 33.63 60.47
C ASN G 412 15.84 32.55 61.39
N GLN G 413 16.57 31.57 60.84
CA GLN G 413 17.21 30.57 61.68
C GLN G 413 18.26 31.19 62.59
N PHE G 414 18.93 32.25 62.12
CA PHE G 414 19.90 32.95 62.96
C PHE G 414 19.21 33.63 64.13
N ILE G 415 18.15 34.40 63.86
CA ILE G 415 17.43 35.08 64.93
C ILE G 415 16.79 34.07 65.87
N LYS G 416 16.18 33.02 65.32
CA LYS G 416 15.53 32.03 66.16
C LYS G 416 16.52 31.37 67.11
N GLY G 417 17.70 31.01 66.61
CA GLY G 417 18.75 30.51 67.48
C GLY G 417 19.24 31.58 68.45
N LEU G 418 19.38 32.82 67.97
CA LEU G 418 19.76 33.92 68.84
C LEU G 418 18.72 34.17 69.92
N ASP G 419 17.44 33.97 69.60
CA ASP G 419 16.37 34.32 70.52
C ASP G 419 16.30 33.37 71.71
N SER G 420 16.89 32.17 71.60
CA SER G 420 16.79 31.18 72.67
C SER G 420 17.38 31.71 73.97
N PHE G 421 18.57 32.31 73.90
CA PHE G 421 19.20 32.89 75.08
C PHE G 421 18.85 34.37 75.22
N SER G 422 17.55 34.67 75.22
CA SER G 422 17.10 36.05 75.31
C SER G 422 17.43 36.66 76.67
N GLY G 423 17.21 35.91 77.75
CA GLY G 423 17.42 36.45 79.08
C GLY G 423 18.09 35.51 80.06
N LYS G 424 19.00 34.67 79.59
CA LYS G 424 19.68 33.71 80.45
C LYS G 424 21.16 34.05 80.57
N PRO G 425 21.61 34.59 81.69
CA PRO G 425 23.06 34.76 81.90
C PRO G 425 23.78 33.42 81.80
N ARG G 426 24.98 33.46 81.23
CA ARG G 426 25.69 32.23 80.91
C ARG G 426 26.18 31.53 82.18
N GLY G 427 26.02 30.22 82.21
CA GLY G 427 26.60 29.37 83.22
C GLY G 427 28.06 29.10 82.87
N SER G 428 28.92 30.07 83.17
CA SER G 428 30.29 30.13 82.66
C SER G 428 30.93 28.76 82.54
N GLY G 429 31.50 28.49 81.36
CA GLY G 429 31.83 27.15 80.96
C GLY G 429 30.98 26.74 79.77
N PRO G 430 30.04 25.83 79.99
CA PRO G 430 29.04 25.52 78.97
C PRO G 430 28.34 26.78 78.49
N PRO G 431 28.60 27.22 77.26
CA PRO G 431 28.03 28.50 76.80
C PRO G 431 26.53 28.45 76.57
N ALA G 432 26.08 27.47 75.81
CA ALA G 432 24.69 27.37 75.36
C ALA G 432 24.48 25.97 74.80
N GLY G 433 23.35 25.77 74.12
CA GLY G 433 23.06 24.49 73.49
C GLY G 433 23.55 24.46 72.07
N PRO G 434 22.62 24.53 71.11
CA PRO G 434 23.02 24.56 69.69
C PRO G 434 23.86 25.79 69.39
N ALA G 435 24.85 25.62 68.52
CA ALA G 435 25.76 26.69 68.19
C ALA G 435 25.11 27.67 67.22
N LEU G 436 25.84 28.74 66.88
CA LEU G 436 25.36 29.77 65.98
C LEU G 436 26.30 29.91 64.79
N PRO G 437 25.77 30.20 63.60
CA PRO G 437 26.64 30.46 62.45
C PRO G 437 27.06 31.92 62.37
N ILE G 438 28.37 32.16 62.25
CA ILE G 438 28.91 33.51 62.12
C ILE G 438 29.68 33.70 60.83
N GLU G 439 30.50 32.72 60.44
CA GLU G 439 31.23 32.84 59.19
C GLU G 439 30.29 32.85 57.99
N ALA G 440 29.17 32.12 58.08
CA ALA G 440 28.23 32.08 56.96
C ALA G 440 27.61 33.45 56.70
N VAL G 441 27.15 34.11 57.74
CA VAL G 441 26.42 35.37 57.55
C VAL G 441 27.36 36.48 57.08
N ILE G 442 28.59 36.53 57.61
CA ILE G 442 29.51 37.60 57.23
C ILE G 442 29.79 37.55 55.74
N LEU G 443 30.01 36.34 55.20
CA LEU G 443 30.16 36.20 53.76
C LEU G 443 28.86 36.54 53.05
N SER G 444 27.72 36.16 53.62
CA SER G 444 26.43 36.42 52.97
C SER G 444 26.17 37.91 52.84
N LEU G 445 26.34 38.67 53.93
CA LEU G 445 26.10 40.10 53.87
C LEU G 445 27.07 40.79 52.92
N GLN G 446 28.33 40.37 52.93
CA GLN G 446 29.32 40.99 52.05
C GLN G 446 28.99 40.78 50.58
N ASP G 447 28.11 39.83 50.24
CA ASP G 447 27.72 39.63 48.86
C ASP G 447 26.63 40.61 48.43
N LEU G 448 25.58 40.76 49.25
CA LEU G 448 24.45 41.60 48.85
C LEU G 448 24.85 43.06 48.71
N ILE G 449 25.70 43.56 49.62
CA ILE G 449 26.17 44.94 49.49
C ILE G 449 26.93 45.12 48.18
N GLY G 450 27.75 44.13 47.82
CA GLY G 450 28.35 44.15 46.49
C GLY G 450 27.32 43.97 45.40
N TYR G 451 26.32 43.12 45.63
CA TYR G 451 25.27 42.89 44.65
C TYR G 451 24.43 44.14 44.42
N PHE G 452 24.13 44.87 45.50
CA PHE G 452 23.34 46.09 45.43
C PHE G 452 24.18 47.35 45.29
N GLU G 453 25.45 47.20 44.94
CA GLU G 453 26.34 48.35 44.86
C GLU G 453 25.87 49.28 43.75
N PRO G 454 25.78 50.59 44.02
CA PRO G 454 25.17 51.53 43.07
C PRO G 454 25.99 51.65 41.80
N PRO G 455 25.38 52.13 40.72
CA PRO G 455 26.11 52.25 39.45
C PRO G 455 27.30 53.21 39.58
N SER G 456 28.33 52.93 38.79
CA SER G 456 29.59 53.67 38.87
C SER G 456 29.40 55.07 38.29
N GLU G 457 30.50 55.83 38.22
CA GLU G 457 30.47 57.21 37.78
C GLU G 457 31.06 57.44 36.40
N GLU G 458 32.09 56.69 36.02
CA GLU G 458 32.77 56.92 34.75
C GLU G 458 32.00 56.39 33.55
N LEU G 459 30.96 55.59 33.78
CA LEU G 459 30.21 55.00 32.67
C LEU G 459 29.38 56.05 31.95
N GLN G 460 29.11 55.81 30.67
CA GLN G 460 28.35 56.75 29.86
C GLN G 460 26.88 56.72 30.26
N HIS G 461 26.10 57.62 29.64
CA HIS G 461 24.71 57.78 30.05
C HIS G 461 23.88 56.55 29.74
N GLU G 462 24.01 56.01 28.52
CA GLU G 462 23.15 54.89 28.12
C GLU G 462 23.37 53.67 29.00
N GLU G 463 24.62 53.34 29.29
CA GLU G 463 24.89 52.18 30.15
C GLU G 463 24.46 52.46 31.58
N LYS G 464 24.69 53.68 32.06
CA LYS G 464 24.25 54.03 33.42
C LYS G 464 22.74 53.96 33.55
N GLN G 465 22.01 54.50 32.57
CA GLN G 465 20.56 54.48 32.63
C GLN G 465 20.02 53.06 32.56
N SER G 466 20.63 52.23 31.73
CA SER G 466 20.17 50.84 31.59
C SER G 466 20.27 50.09 32.91
N LYS G 467 21.39 50.23 33.60
CA LYS G 467 21.55 49.55 34.89
C LYS G 467 20.72 50.21 35.97
N LEU G 468 20.44 51.51 35.86
CA LEU G 468 19.62 52.19 36.85
C LEU G 468 18.20 51.63 36.89
N ARG G 469 17.70 51.11 35.77
CA ARG G 469 16.42 50.42 35.77
C ARG G 469 16.52 49.03 36.37
N SER G 470 17.67 48.37 36.19
CA SER G 470 17.87 47.03 36.71
C SER G 470 18.26 47.00 38.17
N LEU G 471 18.41 48.16 38.82
CA LEU G 471 18.67 48.22 40.25
C LEU G 471 17.42 48.59 41.06
N ARG G 472 16.64 49.55 40.56
CA ARG G 472 15.41 49.93 41.26
C ARG G 472 14.44 48.76 41.36
N ASN G 473 14.33 47.97 40.30
CA ASN G 473 13.42 46.83 40.31
C ASN G 473 13.83 45.83 41.39
N ARG G 474 15.11 45.45 41.43
CA ARG G 474 15.57 44.48 42.40
C ARG G 474 15.48 45.01 43.83
N GLN G 475 15.65 46.32 44.02
CA GLN G 475 15.45 46.89 45.35
C GLN G 475 14.00 46.73 45.81
N SER G 476 13.05 46.98 44.90
CA SER G 476 11.64 46.76 45.24
C SER G 476 11.33 45.28 45.37
N LEU G 477 12.03 44.42 44.61
CA LEU G 477 11.79 43.00 44.66
C LEU G 477 12.20 42.37 45.98
N PHE G 478 13.09 43.01 46.74
CA PHE G 478 13.51 42.50 48.04
C PHE G 478 12.65 43.02 49.18
N GLN G 479 11.65 43.84 48.88
CA GLN G 479 10.72 44.36 49.90
C GLN G 479 9.43 43.56 49.95
N GLU G 480 8.95 43.08 48.81
CA GLU G 480 7.68 42.37 48.76
C GLU G 480 7.76 40.99 49.39
N GLU G 481 8.97 40.46 49.60
CA GLU G 481 9.19 39.17 50.24
C GLU G 481 9.75 39.36 51.65
N GLY G 482 9.28 40.39 52.34
CA GLY G 482 9.89 40.75 53.61
C GLY G 482 11.27 41.34 53.38
N MET G 483 12.22 40.89 54.20
CA MET G 483 13.65 41.24 54.08
C MET G 483 13.91 42.70 54.41
N LEU G 484 12.85 43.49 54.60
CA LEU G 484 12.97 44.77 55.28
C LEU G 484 12.62 44.64 56.75
N SER G 485 11.56 43.92 57.06
CA SER G 485 11.29 43.54 58.45
C SER G 485 12.41 42.66 58.99
N LEU G 486 12.90 41.73 58.17
CA LEU G 486 13.94 40.81 58.62
C LEU G 486 15.19 41.57 59.06
N VAL G 487 15.70 42.46 58.20
CA VAL G 487 16.87 43.24 58.58
C VAL G 487 16.53 44.17 59.74
N LEU G 488 15.28 44.63 59.81
CA LEU G 488 14.83 45.37 60.99
C LEU G 488 14.81 44.47 62.22
N ASN G 489 14.36 43.22 62.06
CA ASN G 489 14.23 42.32 63.19
C ASN G 489 15.60 41.99 63.79
N CYS G 490 16.61 41.79 62.94
CA CYS G 490 17.95 41.51 63.46
C CYS G 490 18.46 42.67 64.31
N ILE G 491 18.22 43.90 63.87
CA ILE G 491 18.68 45.06 64.64
C ILE G 491 18.01 45.09 66.00
N ASP G 492 16.72 44.78 66.07
CA ASP G 492 16.02 44.78 67.35
C ASP G 492 16.67 43.80 68.33
N ARG G 493 16.96 42.59 67.86
CA ARG G 493 17.53 41.58 68.75
C ARG G 493 18.96 41.91 69.12
N LEU G 494 19.79 42.28 68.15
CA LEU G 494 21.20 42.57 68.44
C LEU G 494 21.35 43.81 69.32
N ASN G 495 20.55 44.84 69.07
CA ASN G 495 20.73 46.12 69.75
C ASN G 495 20.35 46.07 71.21
N VAL G 496 19.77 44.96 71.69
CA VAL G 496 19.53 44.80 73.12
C VAL G 496 20.85 44.80 73.88
N TYR G 497 21.84 44.10 73.34
CA TYR G 497 23.17 44.03 73.96
C TYR G 497 23.89 45.37 73.78
N THR G 498 23.97 46.15 74.84
CA THR G 498 24.52 47.50 74.77
C THR G 498 26.03 47.47 75.01
N THR G 499 26.62 48.65 75.23
CA THR G 499 28.01 48.80 75.65
C THR G 499 28.99 48.23 74.64
N ALA G 500 29.41 46.98 74.85
CA ALA G 500 30.39 46.35 73.98
C ALA G 500 30.13 44.85 73.98
N ALA G 501 31.10 44.09 73.48
CA ALA G 501 31.00 42.63 73.48
C ALA G 501 30.98 42.05 74.89
N HIS G 502 31.40 42.82 75.89
CA HIS G 502 31.43 42.32 77.26
C HIS G 502 30.03 41.96 77.75
N PHE G 503 29.05 42.81 77.47
CA PHE G 503 27.68 42.47 77.86
C PHE G 503 27.13 41.32 77.01
N ALA G 504 27.57 41.21 75.75
CA ALA G 504 27.21 40.07 74.93
C ALA G 504 27.95 38.80 75.33
N GLU G 505 28.66 38.80 76.47
CA GLU G 505 29.47 37.64 76.84
C GLU G 505 28.61 36.40 77.02
N TYR G 506 27.42 36.54 77.58
CA TYR G 506 26.56 35.37 77.83
C TYR G 506 25.81 34.95 76.57
N ALA G 507 26.57 34.88 75.49
CA ALA G 507 26.07 34.28 74.24
C ALA G 507 27.14 33.42 73.58
N GLY G 508 28.29 33.22 74.21
CA GLY G 508 29.44 32.57 73.59
C GLY G 508 30.57 33.56 73.38
N GLU G 509 31.56 33.52 74.28
CA GLU G 509 32.64 34.50 74.24
C GLU G 509 33.52 34.34 73.01
N GLU G 510 33.44 33.21 72.32
CA GLU G 510 34.20 33.03 71.08
C GLU G 510 33.65 33.92 69.97
N ALA G 511 32.37 34.27 70.02
CA ALA G 511 31.77 35.15 69.04
C ALA G 511 31.75 36.61 69.49
N ALA G 512 32.23 36.90 70.69
CA ALA G 512 32.18 38.27 71.20
C ALA G 512 33.05 39.20 70.36
N GLU G 513 34.26 38.78 70.02
CA GLU G 513 35.17 39.64 69.27
C GLU G 513 34.70 39.89 67.83
N SER G 514 33.70 39.14 67.35
CA SER G 514 33.10 39.38 66.05
C SER G 514 31.75 40.07 66.18
N TRP G 515 31.62 41.00 67.14
CA TRP G 515 30.37 41.71 67.37
C TRP G 515 30.27 42.98 66.54
N LYS G 516 31.33 43.81 66.54
CA LYS G 516 31.24 45.13 65.93
C LYS G 516 30.89 45.04 64.46
N GLU G 517 31.57 44.19 63.71
CA GLU G 517 31.35 44.14 62.26
C GLU G 517 29.94 43.67 61.93
N ILE G 518 29.43 42.66 62.64
CA ILE G 518 28.06 42.22 62.37
C ILE G 518 27.07 43.36 62.60
N VAL G 519 27.23 44.11 63.69
CA VAL G 519 26.35 45.24 63.94
C VAL G 519 26.50 46.27 62.82
N ASN G 520 27.72 46.51 62.36
CA ASN G 520 27.94 47.47 61.30
C ASN G 520 27.28 47.03 60.00
N LEU G 521 27.53 45.79 59.58
CA LEU G 521 27.24 45.39 58.20
C LEU G 521 25.75 45.50 57.84
N LEU G 522 24.85 45.35 58.81
CA LEU G 522 23.43 45.47 58.51
C LEU G 522 23.08 46.86 58.03
N TYR G 523 23.67 47.89 58.64
CA TYR G 523 23.21 49.25 58.43
C TYR G 523 23.44 49.72 57.00
N GLU G 524 24.66 49.53 56.46
CA GLU G 524 24.87 49.95 55.08
C GLU G 524 24.16 49.02 54.10
N LEU G 525 23.86 47.78 54.52
CA LEU G 525 22.98 46.93 53.71
C LEU G 525 21.62 47.56 53.55
N LEU G 526 21.03 48.04 54.65
CA LEU G 526 19.73 48.67 54.57
C LEU G 526 19.79 49.97 53.77
N ALA G 527 20.93 50.67 53.81
CA ALA G 527 21.07 51.88 53.00
C ALA G 527 21.01 51.55 51.52
N SER G 528 21.54 50.40 51.12
CA SER G 528 21.46 49.99 49.72
C SER G 528 20.02 49.76 49.30
N LEU G 529 19.19 49.19 50.18
CA LEU G 529 17.79 48.94 49.86
C LEU G 529 16.94 50.19 49.84
N ILE G 530 17.47 51.32 50.29
CA ILE G 530 16.70 52.57 50.38
C ILE G 530 17.23 53.63 49.43
N ARG G 531 18.55 53.72 49.28
CA ARG G 531 19.14 54.78 48.47
C ARG G 531 18.62 54.72 47.03
N GLY G 532 18.19 55.87 46.52
CA GLY G 532 17.69 55.95 45.17
C GLY G 532 16.21 55.69 45.05
N ASN G 533 15.77 54.53 45.55
CA ASN G 533 14.39 54.13 45.40
C ASN G 533 13.48 55.04 46.22
N ARG G 534 12.23 55.16 45.76
CA ARG G 534 11.25 56.05 46.38
C ARG G 534 10.16 55.31 47.14
N ALA G 535 9.67 54.18 46.61
CA ALA G 535 8.57 53.48 47.27
C ALA G 535 8.98 52.96 48.64
N ASN G 536 10.19 52.42 48.75
CA ASN G 536 10.65 51.87 50.03
C ASN G 536 10.78 52.95 51.10
N CYS G 537 11.12 54.18 50.68
CA CYS G 537 11.32 55.25 51.65
C CYS G 537 10.03 55.58 52.43
N ALA G 538 8.87 55.38 51.81
CA ALA G 538 7.62 55.71 52.48
C ALA G 538 7.34 54.78 53.66
N LEU G 539 7.98 53.61 53.71
CA LEU G 539 7.70 52.65 54.77
C LEU G 539 8.18 53.14 56.13
N PHE G 540 9.19 54.03 56.16
CA PHE G 540 9.79 54.46 57.39
C PHE G 540 9.04 55.62 58.07
N SER G 541 7.90 56.04 57.53
CA SER G 541 7.14 57.10 58.19
C SER G 541 6.69 56.68 59.58
N THR G 542 6.20 55.45 59.72
CA THR G 542 5.81 54.95 61.02
C THR G 542 7.01 54.59 61.89
N ASN G 543 8.11 54.18 61.27
CA ASN G 543 9.32 53.78 61.99
C ASN G 543 10.33 54.91 62.08
N LEU G 544 9.94 56.15 61.76
CA LEU G 544 10.86 57.27 61.86
C LEU G 544 11.38 57.45 63.27
N ASP G 545 10.50 57.31 64.27
CA ASP G 545 10.91 57.50 65.65
C ASP G 545 11.96 56.47 66.06
N TRP G 546 11.92 55.27 65.48
CA TRP G 546 12.83 54.22 65.91
C TRP G 546 14.26 54.50 65.44
N VAL G 547 14.44 54.87 64.17
CA VAL G 547 15.78 55.09 63.65
C VAL G 547 16.42 56.30 64.31
N VAL G 548 15.66 57.39 64.48
CA VAL G 548 16.20 58.60 65.08
C VAL G 548 16.50 58.40 66.56
N SER G 549 15.98 57.33 67.16
CA SER G 549 16.12 57.14 68.59
C SER G 549 17.57 57.01 69.01
N LYS G 550 18.31 56.10 68.39
CA LYS G 550 19.65 55.79 68.89
C LYS G 550 20.64 56.94 68.73
N LEU G 551 21.15 57.15 67.51
CA LEU G 551 22.06 58.25 67.19
C LEU G 551 23.20 58.41 68.20
N ASP G 552 23.48 57.39 69.00
CA ASP G 552 24.45 57.55 70.09
C ASP G 552 25.44 56.40 70.26
N ARG G 553 25.17 55.21 69.72
CA ARG G 553 26.08 54.09 69.92
C ARG G 553 27.48 54.41 69.41
N LEU G 554 28.48 54.08 70.23
CA LEU G 554 29.86 54.40 69.88
C LEU G 554 30.32 53.68 68.62
N GLU G 555 29.66 52.60 68.23
CA GLU G 555 29.88 52.00 66.92
C GLU G 555 28.54 51.96 66.17
N ALA G 556 28.12 53.14 65.72
CA ALA G 556 27.05 53.25 64.75
C ALA G 556 27.22 54.46 63.85
N SER G 557 28.30 55.22 63.97
CA SER G 557 28.35 56.59 63.46
C SER G 557 28.13 56.64 61.95
N SER G 558 28.89 55.84 61.20
CA SER G 558 28.74 55.84 59.75
C SER G 558 27.40 55.24 59.34
N GLY G 559 26.95 54.19 60.04
CA GLY G 559 25.71 53.54 59.63
C GLY G 559 24.49 54.43 59.77
N ILE G 560 24.31 55.04 60.94
CA ILE G 560 23.06 55.74 61.21
C ILE G 560 22.98 57.06 60.44
N LEU G 561 24.08 57.80 60.37
CA LEU G 561 24.05 59.07 59.66
C LEU G 561 23.81 58.89 58.17
N GLU G 562 24.20 57.75 57.62
CA GLU G 562 23.98 57.50 56.21
C GLU G 562 22.57 56.98 55.92
N VAL G 563 22.03 56.12 56.79
CA VAL G 563 20.67 55.64 56.59
C VAL G 563 19.66 56.77 56.76
N LEU G 564 19.93 57.68 57.70
CA LEU G 564 19.04 58.82 57.87
C LEU G 564 19.17 59.79 56.70
N TYR G 565 20.37 59.92 56.14
CA TYR G 565 20.57 60.85 55.03
C TYR G 565 19.79 60.42 53.79
N CYS G 566 19.66 59.11 53.55
CA CYS G 566 19.04 58.63 52.33
C CYS G 566 17.52 58.60 52.38
N VAL G 567 16.93 58.69 53.58
CA VAL G 567 15.47 58.71 53.68
C VAL G 567 14.90 60.12 53.69
N LEU G 568 15.72 61.15 53.87
CA LEU G 568 15.26 62.53 53.78
C LEU G 568 15.60 63.18 52.46
N ILE G 569 16.10 62.43 51.49
CA ILE G 569 16.44 62.96 50.17
C ILE G 569 15.40 62.62 49.12
N GLU G 570 14.51 61.66 49.38
CA GLU G 570 13.54 61.21 48.41
C GLU G 570 12.10 61.53 48.80
N SER G 571 11.69 61.17 50.01
CA SER G 571 10.29 61.29 50.42
C SER G 571 10.08 62.55 51.24
N PRO G 572 9.28 63.51 50.77
CA PRO G 572 8.92 64.65 51.62
C PRO G 572 7.89 64.30 52.69
N GLU G 573 7.27 63.13 52.61
CA GLU G 573 6.25 62.76 53.59
C GLU G 573 6.86 62.55 54.97
N VAL G 574 7.93 61.76 55.04
CA VAL G 574 8.60 61.55 56.32
C VAL G 574 9.19 62.85 56.83
N LEU G 575 9.47 63.79 55.95
CA LEU G 575 9.98 65.10 56.35
C LEU G 575 8.98 65.86 57.21
N ASN G 576 7.69 65.55 57.09
CA ASN G 576 6.63 66.27 57.80
C ASN G 576 6.25 65.62 59.13
N ILE G 577 7.04 64.65 59.62
CA ILE G 577 6.64 63.88 60.79
C ILE G 577 7.70 64.07 61.87
N ILE G 578 8.23 65.28 62.00
CA ILE G 578 9.17 65.65 63.06
C ILE G 578 8.57 66.82 63.82
N GLN G 579 8.35 66.65 65.12
CA GLN G 579 7.56 67.64 65.87
C GLN G 579 8.41 68.70 66.57
N GLU G 580 9.10 68.30 67.65
CA GLU G 580 9.94 69.27 68.35
C GLU G 580 11.20 68.66 68.94
N ASN G 581 11.21 67.34 69.14
CA ASN G 581 12.26 66.69 69.90
C ASN G 581 13.28 65.99 69.04
N HIS G 582 12.89 65.53 67.85
CA HIS G 582 13.84 64.87 66.97
C HIS G 582 14.88 65.86 66.46
N ILE G 583 14.47 67.12 66.27
CA ILE G 583 15.41 68.15 65.82
C ILE G 583 16.50 68.38 66.86
N LYS G 584 16.12 68.48 68.14
CA LYS G 584 17.15 68.72 69.15
C LYS G 584 17.99 67.48 69.40
N SER G 585 17.46 66.29 69.09
CA SER G 585 18.25 65.08 69.21
C SER G 585 19.42 65.09 68.22
N ILE G 586 19.14 65.37 66.96
CA ILE G 586 20.21 65.45 65.97
C ILE G 586 21.09 66.66 66.21
N ILE G 587 20.52 67.73 66.79
CA ILE G 587 21.33 68.88 67.18
C ILE G 587 22.34 68.47 68.25
N SER G 588 21.90 67.70 69.23
CA SER G 588 22.81 67.22 70.26
C SER G 588 23.87 66.29 69.69
N LEU G 589 23.57 65.63 68.56
CA LEU G 589 24.56 64.78 67.92
C LEU G 589 25.79 65.58 67.52
N LEU G 590 25.58 66.77 66.95
CA LEU G 590 26.71 67.63 66.62
C LEU G 590 27.48 68.05 67.86
N ASP G 591 26.81 68.12 69.01
CA ASP G 591 27.43 68.57 70.25
C ASP G 591 28.26 67.46 70.91
N LYS G 592 28.01 66.20 70.57
CA LYS G 592 28.72 65.09 71.22
C LYS G 592 29.71 64.36 70.33
N HIS G 593 29.58 64.48 69.01
CA HIS G 593 30.46 63.77 68.08
C HIS G 593 31.37 64.72 67.30
N GLY G 594 31.50 65.95 67.75
CA GLY G 594 32.45 66.87 67.15
C GLY G 594 31.86 67.64 65.99
N ARG G 595 32.76 68.35 65.30
CA ARG G 595 32.39 69.14 64.15
C ARG G 595 32.42 68.25 62.92
N ASN G 596 31.24 67.84 62.45
CA ASN G 596 31.10 66.91 61.33
C ASN G 596 30.24 67.56 60.28
N HIS G 597 30.79 67.76 59.08
CA HIS G 597 30.03 68.39 58.00
C HIS G 597 28.86 67.53 57.54
N LYS G 598 28.90 66.23 57.82
CA LYS G 598 27.82 65.35 57.38
C LYS G 598 26.50 65.72 58.07
N VAL G 599 26.53 65.97 59.38
CA VAL G 599 25.31 66.33 60.09
C VAL G 599 24.77 67.66 59.59
N LEU G 600 25.64 68.66 59.40
CA LEU G 600 25.19 69.95 58.92
C LEU G 600 24.53 69.83 57.56
N ASP G 601 25.02 68.92 56.72
CA ASP G 601 24.37 68.66 55.44
C ASP G 601 22.98 68.08 55.63
N VAL G 602 22.81 67.22 56.63
CA VAL G 602 21.49 66.61 56.88
C VAL G 602 20.48 67.68 57.26
N LEU G 603 20.88 68.64 58.08
CA LEU G 603 19.96 69.72 58.46
C LEU G 603 19.49 70.51 57.24
N CYS G 604 20.33 70.61 56.20
CA CYS G 604 19.89 71.25 54.97
C CYS G 604 18.77 70.47 54.30
N SER G 605 18.69 69.16 54.56
CA SER G 605 17.59 68.37 54.01
C SER G 605 16.26 68.68 54.68
N LEU G 606 16.28 69.00 55.98
CA LEU G 606 15.06 69.42 56.65
C LEU G 606 14.49 70.70 56.05
N CYS G 607 15.31 71.45 55.31
CA CYS G 607 14.91 72.67 54.64
C CYS G 607 14.14 72.32 53.37
N VAL G 608 14.03 73.26 52.45
CA VAL G 608 13.26 73.10 51.21
C VAL G 608 13.50 71.72 50.59
N CYS G 609 12.41 71.05 50.24
CA CYS G 609 12.46 69.78 49.53
C CYS G 609 12.45 70.07 48.03
N ASN G 610 12.16 69.07 47.21
CA ASN G 610 12.23 69.26 45.76
C ASN G 610 11.13 70.24 45.33
N GLY G 611 11.53 71.50 45.14
CA GLY G 611 10.59 72.52 44.73
C GLY G 611 9.84 73.14 45.89
N VAL G 612 9.18 72.32 46.69
CA VAL G 612 8.32 72.79 47.77
C VAL G 612 9.16 72.99 49.02
N ALA G 613 8.79 74.00 49.81
CA ALA G 613 9.44 74.31 51.07
C ALA G 613 8.41 74.29 52.19
N VAL G 614 8.85 73.90 53.37
CA VAL G 614 7.98 73.79 54.54
C VAL G 614 8.48 74.75 55.62
N ARG G 615 7.54 75.46 56.24
CA ARG G 615 7.86 76.47 57.24
C ARG G 615 7.57 76.03 58.67
N SER G 616 6.82 74.94 58.86
CA SER G 616 6.52 74.49 60.22
C SER G 616 7.78 74.12 60.99
N ASN G 617 8.83 73.69 60.30
CA ASN G 617 10.09 73.37 60.94
C ASN G 617 11.25 74.26 60.50
N GLN G 618 11.06 75.10 59.49
CA GLN G 618 12.12 76.05 59.11
C GLN G 618 12.10 77.29 60.00
N ASP G 619 11.93 77.09 61.31
CA ASP G 619 12.31 78.06 62.32
C ASP G 619 12.91 77.42 63.56
N LEU G 620 12.63 76.14 63.82
CA LEU G 620 13.07 75.51 65.06
C LEU G 620 14.59 75.45 65.13
N ILE G 621 15.26 75.12 64.03
CA ILE G 621 16.71 75.14 64.00
C ILE G 621 17.23 76.55 64.21
N THR G 622 16.49 77.56 63.75
CA THR G 622 16.91 78.94 63.95
C THR G 622 16.82 79.34 65.41
N GLU G 623 15.89 78.75 66.16
CA GLU G 623 15.71 79.10 67.56
C GLU G 623 16.40 78.12 68.51
N ASN G 624 16.93 77.01 68.00
CA ASN G 624 17.59 76.01 68.84
C ASN G 624 19.09 75.93 68.58
N LEU G 625 19.50 75.78 67.32
CA LEU G 625 20.90 75.73 66.94
C LEU G 625 21.17 76.97 66.09
N LEU G 626 21.45 78.08 66.77
CA LEU G 626 21.71 79.40 66.16
C LEU G 626 21.77 80.50 67.22
N PRO G 627 20.78 80.62 68.13
CA PRO G 627 20.88 81.69 69.14
C PRO G 627 22.08 81.52 70.07
N GLY G 628 22.24 80.33 70.65
CA GLY G 628 23.46 80.05 71.38
C GLY G 628 24.68 80.15 70.48
N ARG G 629 25.72 80.81 70.97
CA ARG G 629 26.88 81.16 70.18
C ARG G 629 28.11 80.39 70.61
N GLU G 630 27.94 79.10 70.87
CA GLU G 630 29.04 78.24 71.30
C GLU G 630 29.37 77.14 70.31
N LEU G 631 28.41 76.71 69.49
CA LEU G 631 28.65 75.60 68.58
C LEU G 631 29.33 76.05 67.29
N LEU G 632 28.74 77.00 66.59
CA LEU G 632 29.22 77.39 65.28
C LEU G 632 30.45 78.28 65.39
N LEU G 633 30.92 78.77 64.24
CA LEU G 633 32.12 79.59 64.15
C LEU G 633 31.68 81.02 63.78
N GLN G 634 31.51 81.85 64.79
CA GLN G 634 31.11 83.24 64.56
C GLN G 634 32.28 84.04 63.98
N THR G 635 31.94 85.14 63.30
CA THR G 635 32.95 85.96 62.66
C THR G 635 32.51 87.42 62.66
N ASN G 636 33.48 88.31 62.51
CA ASN G 636 33.24 89.75 62.60
C ASN G 636 34.49 90.46 62.12
N LEU G 637 34.48 91.80 62.22
CA LEU G 637 35.59 92.66 61.81
C LEU G 637 36.30 93.20 63.05
N ILE G 638 37.62 93.20 63.02
CA ILE G 638 38.45 93.72 64.10
C ILE G 638 39.46 94.70 63.53
N ASN G 639 39.68 95.80 64.24
CA ASN G 639 40.69 96.78 63.84
C ASN G 639 42.06 96.32 64.34
N TYR G 640 43.06 97.18 64.19
CA TYR G 640 44.45 96.84 64.50
C TYR G 640 44.97 97.76 65.59
N VAL G 641 45.97 97.26 66.33
CA VAL G 641 46.60 98.02 67.40
C VAL G 641 48.09 97.67 67.42
N THR G 642 48.89 98.59 67.96
CA THR G 642 50.33 98.43 68.02
C THR G 642 50.83 99.05 69.32
N SER G 643 51.97 98.56 69.81
CA SER G 643 52.55 99.02 71.06
C SER G 643 53.96 99.55 70.82
N ILE G 644 54.32 100.58 71.58
CA ILE G 644 55.61 101.26 71.46
C ILE G 644 56.19 101.43 72.86
N ARG G 645 57.50 101.19 72.99
CA ARG G 645 58.18 101.33 74.27
C ARG G 645 59.52 102.02 74.06
N PRO G 646 60.06 102.67 75.10
CA PRO G 646 61.40 103.27 74.99
C PRO G 646 62.51 102.25 75.12
N ASN G 647 63.76 102.72 75.14
CA ASN G 647 64.90 101.82 75.29
C ASN G 647 65.24 101.53 76.75
N ILE G 648 64.55 102.15 77.70
CA ILE G 648 64.95 102.02 79.11
C ILE G 648 64.61 100.62 79.60
N PHE G 649 65.37 100.16 80.59
CA PHE G 649 65.26 98.79 81.08
C PHE G 649 65.52 98.82 82.58
N VAL G 650 64.47 98.63 83.38
CA VAL G 650 64.58 98.69 84.83
C VAL G 650 64.21 97.32 85.42
N GLY G 651 64.98 96.88 86.40
CA GLY G 651 64.72 95.62 87.08
C GLY G 651 65.36 95.60 88.44
N ARG G 652 64.94 94.63 89.25
CA ARG G 652 65.39 94.49 90.63
C ARG G 652 66.05 93.14 90.82
N ALA G 653 67.27 93.15 91.36
CA ALA G 653 68.02 91.92 91.63
C ALA G 653 69.18 92.27 92.56
N GLU G 654 69.84 91.24 93.06
CA GLU G 654 71.00 91.43 93.93
C GLU G 654 72.15 92.02 93.12
N GLY G 655 72.43 93.29 93.37
CA GLY G 655 73.43 94.02 92.62
C GLY G 655 72.93 95.41 92.31
N SER G 656 73.44 95.97 91.22
CA SER G 656 73.01 97.31 90.79
C SER G 656 71.56 97.24 90.34
N THR G 657 70.66 97.76 91.18
CA THR G 657 69.23 97.72 90.89
C THR G 657 68.59 99.09 91.02
N GLN G 658 69.39 100.16 90.96
CA GLN G 658 68.92 101.55 91.04
C GLN G 658 68.13 101.71 92.34
N TYR G 659 66.92 102.26 92.31
CA TYR G 659 66.16 102.56 93.50
C TYR G 659 64.81 101.86 93.58
N GLY G 660 64.29 101.37 92.46
CA GLY G 660 62.92 100.87 92.47
C GLY G 660 61.91 101.96 92.70
N LYS G 661 62.11 103.12 92.09
CA LYS G 661 61.19 104.25 92.25
C LYS G 661 61.31 105.11 91.00
N TRP G 662 60.30 105.03 90.13
CA TRP G 662 60.36 105.66 88.81
C TRP G 662 59.02 106.33 88.52
N TYR G 663 59.05 107.35 87.65
CA TYR G 663 57.91 108.24 87.46
C TYR G 663 57.95 108.87 86.09
N PHE G 664 56.80 108.93 85.42
CA PHE G 664 56.71 109.62 84.14
C PHE G 664 55.26 109.98 83.85
N GLU G 665 55.08 110.91 82.90
CA GLU G 665 53.75 111.32 82.46
C GLU G 665 53.66 111.20 80.95
N VAL G 666 52.60 111.75 80.35
CA VAL G 666 52.40 111.64 78.90
C VAL G 666 51.36 112.66 78.48
N MET G 667 51.41 113.07 77.21
CA MET G 667 50.49 114.06 76.66
C MET G 667 49.67 113.45 75.52
N VAL G 668 48.36 113.65 75.57
CA VAL G 668 47.42 113.11 74.60
C VAL G 668 46.52 114.23 74.08
N ASP G 669 46.39 114.32 72.76
CA ASP G 669 45.59 115.35 72.11
C ASP G 669 44.84 114.79 70.89
N GLU G 670 44.20 113.64 71.06
CA GLU G 670 43.48 112.97 69.99
C GLU G 670 41.98 113.09 70.19
N VAL G 671 41.26 113.40 69.11
CA VAL G 671 39.83 113.67 69.18
C VAL G 671 39.04 112.75 68.27
N VAL G 672 39.50 111.50 68.09
CA VAL G 672 38.85 110.57 67.16
C VAL G 672 38.32 109.35 67.91
N PRO G 673 37.11 109.43 68.46
CA PRO G 673 36.62 108.31 69.28
C PRO G 673 35.99 107.18 68.48
N PHE G 674 35.40 107.49 67.34
CA PHE G 674 34.68 106.46 66.59
C PHE G 674 35.05 106.47 65.13
N LEU G 675 36.26 106.89 64.79
CA LEU G 675 36.71 106.79 63.41
C LEU G 675 36.86 105.31 63.05
N THR G 676 36.27 104.93 61.91
CA THR G 676 36.18 103.54 61.45
C THR G 676 35.51 102.65 62.50
N ALA G 677 34.24 102.94 62.74
CA ALA G 677 33.35 102.11 63.55
C ALA G 677 33.81 102.00 64.99
N GLN G 678 34.55 100.93 65.31
CA GLN G 678 34.93 100.64 66.69
C GLN G 678 35.69 101.80 67.32
N ALA G 679 35.74 101.79 68.65
CA ALA G 679 36.39 102.84 69.39
C ALA G 679 37.91 102.79 69.17
N THR G 680 38.57 103.88 69.55
CA THR G 680 40.02 104.01 69.40
C THR G 680 40.68 103.58 70.71
N HIS G 681 41.33 102.43 70.69
CA HIS G 681 41.97 101.89 71.88
C HIS G 681 43.16 102.75 72.27
N LEU G 682 43.25 103.10 73.55
CA LEU G 682 44.36 103.91 74.07
C LEU G 682 44.64 103.48 75.51
N ARG G 683 45.84 102.96 75.76
CA ARG G 683 46.22 102.47 77.08
C ARG G 683 47.70 102.70 77.31
N VAL G 684 48.08 102.78 78.60
CA VAL G 684 49.46 102.97 79.02
C VAL G 684 49.71 102.14 80.26
N GLY G 685 50.95 101.69 80.44
CA GLY G 685 51.29 100.94 81.65
C GLY G 685 52.63 100.25 81.53
N TRP G 686 52.78 99.17 82.29
CA TRP G 686 53.97 98.35 82.36
C TRP G 686 53.76 96.99 81.71
N ALA G 687 54.87 96.38 81.27
CA ALA G 687 54.89 95.00 80.82
C ALA G 687 56.30 94.47 81.02
N LEU G 688 56.40 93.19 81.38
CA LEU G 688 57.70 92.58 81.61
C LEU G 688 58.31 92.10 80.31
N THR G 689 59.56 91.64 80.39
CA THR G 689 60.35 91.37 79.19
C THR G 689 60.16 89.94 78.69
N GLU G 690 58.91 89.49 78.65
CA GLU G 690 58.51 88.25 77.98
C GLU G 690 57.15 88.40 77.33
N GLY G 691 56.81 89.61 76.89
CA GLY G 691 55.50 89.91 76.36
C GLY G 691 55.14 89.10 75.12
N TYR G 692 55.86 89.36 74.01
CA TYR G 692 55.57 88.76 72.71
C TYR G 692 54.14 89.04 72.24
N SER G 693 53.48 90.01 72.87
CA SER G 693 52.10 90.31 72.55
C SER G 693 51.87 90.81 71.12
N PRO G 694 52.68 91.75 70.55
CA PRO G 694 52.25 92.48 69.35
C PRO G 694 51.58 91.63 68.27
N TYR G 695 52.32 90.67 67.69
CA TYR G 695 51.81 89.70 66.72
C TYR G 695 50.68 90.26 65.87
N PRO G 696 50.96 91.30 65.05
CA PRO G 696 49.87 92.00 64.37
C PRO G 696 48.93 91.09 63.59
N GLY G 697 47.67 91.08 64.00
CA GLY G 697 46.69 90.20 63.40
C GLY G 697 45.79 89.53 64.43
N GLY G 698 45.77 88.20 64.42
CA GLY G 698 44.95 87.48 65.37
C GLY G 698 45.48 87.56 66.78
N GLY G 699 44.61 87.28 67.73
CA GLY G 699 44.95 87.32 69.15
C GLY G 699 44.21 86.27 69.92
N GLU G 700 43.79 86.60 71.13
CA GLU G 700 43.09 85.66 72.00
C GLU G 700 41.61 85.97 72.13
N GLY G 701 41.26 87.10 72.72
CA GLY G 701 39.86 87.48 72.81
C GLY G 701 39.27 87.88 71.47
N TRP G 702 39.73 89.02 70.95
CA TRP G 702 39.31 89.48 69.63
C TRP G 702 40.50 90.23 69.02
N GLY G 703 41.25 89.57 68.16
CA GLY G 703 42.33 90.20 67.43
C GLY G 703 43.58 90.36 68.27
N GLY G 704 44.65 90.80 67.61
CA GLY G 704 45.92 90.99 68.26
C GLY G 704 45.96 92.24 69.09
N ASN G 705 45.28 92.21 70.25
CA ASN G 705 45.12 93.35 71.12
C ASN G 705 46.44 93.85 71.71
N GLY G 706 46.38 94.93 72.48
CA GLY G 706 47.54 95.59 73.03
C GLY G 706 47.77 95.24 74.49
N VAL G 707 48.12 96.26 75.27
CA VAL G 707 48.53 96.04 76.66
C VAL G 707 47.32 95.75 77.53
N GLY G 708 47.54 94.94 78.58
CA GLY G 708 46.56 94.71 79.62
C GLY G 708 45.80 93.41 79.50
N ASP G 709 45.78 92.80 78.32
CA ASP G 709 45.00 91.58 78.10
C ASP G 709 45.87 90.33 78.25
N ASP G 710 46.59 90.21 79.34
CA ASP G 710 47.45 89.07 79.63
C ASP G 710 47.91 89.17 81.07
N LEU G 711 48.79 88.26 81.48
CA LEU G 711 49.43 88.32 82.79
C LEU G 711 50.85 88.84 82.72
N TYR G 712 51.30 89.28 81.55
CA TYR G 712 52.64 89.82 81.37
C TYR G 712 52.63 91.32 81.12
N SER G 713 51.49 91.97 81.30
CA SER G 713 51.38 93.40 81.07
C SER G 713 50.28 93.98 81.96
N TYR G 714 50.56 95.15 82.53
CA TYR G 714 49.63 95.84 83.41
C TYR G 714 49.43 97.24 82.89
N GLY G 715 48.17 97.63 82.68
CA GLY G 715 47.90 98.91 82.05
C GLY G 715 46.60 99.51 82.52
N PHE G 716 46.33 100.71 82.02
CA PHE G 716 45.19 101.52 82.40
C PHE G 716 44.66 102.23 81.17
N ASP G 717 43.33 102.42 81.13
CA ASP G 717 42.70 103.06 79.97
C ASP G 717 42.05 104.39 80.29
N GLY G 718 41.68 104.64 81.55
CA GLY G 718 40.99 105.85 81.91
C GLY G 718 39.81 105.54 82.81
N LEU G 719 39.23 104.36 82.62
CA LEU G 719 38.10 103.92 83.42
C LEU G 719 38.20 102.47 83.88
N HIS G 720 39.25 101.74 83.49
CA HIS G 720 39.30 100.33 83.82
C HIS G 720 40.74 99.89 84.01
N LEU G 721 40.93 98.84 84.79
CA LEU G 721 42.22 98.18 84.97
C LEU G 721 42.17 96.83 84.26
N TRP G 722 43.18 96.55 83.44
CA TRP G 722 43.18 95.36 82.60
C TRP G 722 44.33 94.44 82.99
N THR G 723 43.97 93.22 83.39
CA THR G 723 44.93 92.15 83.70
C THR G 723 44.25 90.84 83.39
N GLY G 724 44.80 90.07 82.45
CA GLY G 724 44.19 88.81 82.08
C GLY G 724 42.98 88.95 81.19
N HIS G 725 42.93 89.99 80.37
CA HIS G 725 41.88 90.25 79.38
C HIS G 725 40.52 90.56 80.03
N VAL G 726 40.47 90.72 81.34
CA VAL G 726 39.25 91.09 82.05
C VAL G 726 39.46 92.45 82.71
N ALA G 727 38.43 93.29 82.65
CA ALA G 727 38.54 94.67 83.11
C ALA G 727 37.63 94.91 84.30
N ARG G 728 38.05 95.85 85.16
CA ARG G 728 37.28 96.27 86.31
C ARG G 728 37.23 97.80 86.37
N PRO G 729 36.08 98.38 86.70
CA PRO G 729 35.97 99.84 86.74
C PRO G 729 36.78 100.44 87.88
N VAL G 730 37.17 101.69 87.70
CA VAL G 730 37.91 102.44 88.70
C VAL G 730 37.13 103.70 89.05
N THR G 731 37.52 104.33 90.15
CA THR G 731 36.90 105.57 90.60
C THR G 731 37.93 106.67 90.69
N SER G 732 37.49 107.89 90.37
CA SER G 732 38.34 109.07 90.37
C SER G 732 37.46 110.29 90.15
N PRO G 733 37.93 111.49 90.50
CA PRO G 733 37.16 112.71 90.21
C PRO G 733 37.25 113.06 88.74
N GLY G 734 36.10 112.99 88.05
CA GLY G 734 36.04 113.24 86.63
C GLY G 734 35.43 112.09 85.87
N GLN G 735 35.85 110.86 86.22
CA GLN G 735 35.26 109.63 85.72
C GLN G 735 35.12 109.58 84.21
N HIS G 736 36.09 110.11 83.47
CA HIS G 736 36.09 110.00 82.02
C HIS G 736 37.40 109.36 81.57
N LEU G 737 37.32 108.54 80.53
CA LEU G 737 38.48 107.88 79.98
C LEU G 737 39.41 108.91 79.33
N LEU G 738 40.52 108.42 78.77
CA LEU G 738 41.52 109.32 78.19
C LEU G 738 40.89 110.20 77.12
N ALA G 739 41.10 111.50 77.25
CA ALA G 739 40.55 112.53 76.40
C ALA G 739 41.69 113.46 75.98
N PRO G 740 41.52 114.23 74.92
CA PRO G 740 42.56 115.18 74.55
C PRO G 740 42.83 116.19 75.67
N GLU G 741 44.08 116.65 75.73
CA GLU G 741 44.53 117.60 76.74
C GLU G 741 44.38 117.03 78.15
N ASP G 742 45.14 115.96 78.41
CA ASP G 742 45.09 115.27 79.69
C ASP G 742 46.47 114.68 79.99
N VAL G 743 46.68 114.37 81.27
CA VAL G 743 47.93 113.81 81.77
C VAL G 743 47.62 112.64 82.68
N VAL G 744 48.36 111.55 82.54
CA VAL G 744 48.28 110.42 83.44
C VAL G 744 49.66 110.14 83.99
N SER G 745 49.73 109.83 85.29
CA SER G 745 50.98 109.58 85.98
C SER G 745 50.99 108.16 86.52
N CYS G 746 51.99 107.39 86.14
CA CYS G 746 52.19 106.04 86.65
C CYS G 746 53.17 106.04 87.81
N CYS G 747 53.25 104.90 88.49
CA CYS G 747 54.10 104.75 89.67
C CYS G 747 54.79 103.40 89.65
N LEU G 748 55.97 103.35 90.25
CA LEU G 748 56.73 102.11 90.37
C LEU G 748 57.46 102.09 91.71
N ASP G 749 57.33 100.98 92.44
CA ASP G 749 57.93 100.86 93.77
C ASP G 749 58.19 99.38 94.04
N LEU G 750 59.42 98.93 93.83
CA LEU G 750 59.75 97.50 93.89
C LEU G 750 60.29 97.07 95.24
N SER G 751 59.59 97.40 96.32
CA SER G 751 59.83 96.75 97.60
C SER G 751 58.53 96.19 98.18
N VAL G 752 57.46 96.96 98.10
CA VAL G 752 56.06 96.57 98.22
C VAL G 752 55.66 95.66 97.07
N PRO G 753 56.52 95.45 96.06
CA PRO G 753 56.22 95.91 94.69
C PRO G 753 54.75 95.91 94.29
N SER G 754 54.36 97.08 93.81
CA SER G 754 52.98 97.43 93.48
C SER G 754 53.01 98.59 92.50
N ILE G 755 51.99 98.67 91.64
CA ILE G 755 51.87 99.73 90.65
C ILE G 755 50.62 100.54 90.95
N SER G 756 50.78 101.85 91.04
CA SER G 756 49.67 102.79 91.16
C SER G 756 49.65 103.72 89.97
N PHE G 757 48.52 104.40 89.80
CA PHE G 757 48.36 105.36 88.72
C PHE G 757 47.75 106.64 89.27
N ARG G 758 47.94 107.73 88.53
CA ARG G 758 47.48 109.04 88.95
C ARG G 758 46.94 109.79 87.74
N ILE G 759 45.68 110.23 87.85
CA ILE G 759 45.09 111.10 86.84
C ILE G 759 45.75 112.46 86.98
N ASN G 760 45.48 113.37 86.04
CA ASN G 760 46.20 114.63 85.89
C ASN G 760 46.62 115.27 87.22
N GLY G 761 45.72 115.32 88.21
CA GLY G 761 46.07 115.90 89.48
C GLY G 761 45.52 115.18 90.69
N CYS G 762 44.96 113.99 90.51
CA CYS G 762 44.33 113.25 91.58
C CYS G 762 44.72 111.79 91.53
N PRO G 763 44.75 111.10 92.67
CA PRO G 763 45.12 109.68 92.66
C PRO G 763 44.00 108.81 92.12
N VAL G 764 44.41 107.68 91.53
CA VAL G 764 43.48 106.67 91.03
C VAL G 764 43.39 105.57 92.07
N GLN G 765 42.18 105.30 92.55
CA GLN G 765 41.96 104.40 93.69
C GLN G 765 42.03 102.96 93.21
N GLY G 766 43.26 102.44 93.15
CA GLY G 766 43.49 101.05 92.79
C GLY G 766 44.97 100.77 92.58
N VAL G 767 45.44 99.65 93.12
CA VAL G 767 46.85 99.28 93.05
C VAL G 767 46.96 97.79 92.78
N PHE G 768 47.97 97.38 92.02
CA PHE G 768 48.24 95.93 91.80
C PHE G 768 49.39 95.53 92.70
N GLU G 769 49.47 94.26 93.11
CA GLU G 769 50.62 93.81 93.94
C GLU G 769 50.93 92.35 93.70
N ALA G 770 51.63 91.70 94.64
CA ALA G 770 51.91 90.24 94.54
C ALA G 770 52.30 89.83 93.12
N PHE G 771 53.18 90.57 92.47
CA PHE G 771 53.67 90.16 91.12
C PHE G 771 54.57 88.94 91.26
N ASN G 772 55.46 88.71 90.30
CA ASN G 772 56.44 87.59 90.33
C ASN G 772 57.65 88.13 89.58
N LEU G 773 58.09 89.34 89.90
CA LEU G 773 59.16 90.04 89.19
C LEU G 773 60.38 89.16 89.01
N ASP G 774 60.70 88.87 87.76
CA ASP G 774 61.89 88.07 87.42
C ASP G 774 62.72 88.66 86.30
N GLY G 775 62.18 89.53 85.45
CA GLY G 775 62.95 90.15 84.40
C GLY G 775 63.05 91.66 84.57
N LEU G 776 62.55 92.41 83.59
CA LEU G 776 62.62 93.86 83.61
C LEU G 776 61.26 94.39 83.16
N PHE G 777 61.18 95.67 82.85
CA PHE G 777 59.88 96.29 82.59
C PHE G 777 59.98 97.31 81.47
N PHE G 778 58.87 97.48 80.76
CA PHE G 778 58.74 98.41 79.64
C PHE G 778 57.69 99.46 79.96
N PRO G 779 57.97 100.74 79.71
CA PRO G 779 56.87 101.71 79.60
C PRO G 779 56.14 101.50 78.28
N VAL G 780 54.92 100.97 78.33
CA VAL G 780 54.21 100.54 77.12
C VAL G 780 53.01 101.43 76.88
N VAL G 781 52.72 101.68 75.60
CA VAL G 781 51.57 102.46 75.16
C VAL G 781 50.82 101.67 74.11
N SER G 782 49.51 101.88 74.02
CA SER G 782 48.66 101.19 73.07
C SER G 782 47.84 102.21 72.30
N PHE G 783 47.67 101.99 71.00
CA PHE G 783 46.94 102.93 70.15
C PHE G 783 46.42 102.20 68.93
N SER G 784 45.21 102.57 68.50
CA SER G 784 44.60 101.94 67.32
C SER G 784 45.07 102.58 66.02
N ALA G 785 44.75 103.86 65.82
CA ALA G 785 45.07 104.58 64.59
C ALA G 785 44.73 106.04 64.77
N GLY G 786 45.33 106.89 63.93
CA GLY G 786 45.09 108.31 63.96
C GLY G 786 45.48 108.96 65.27
N VAL G 787 46.68 108.67 65.75
CA VAL G 787 47.12 109.07 67.08
C VAL G 787 48.49 109.73 67.00
N LYS G 788 48.63 110.89 67.66
CA LYS G 788 49.85 111.71 67.66
C LYS G 788 50.28 112.03 69.09
N VAL G 789 50.30 111.01 69.96
CA VAL G 789 50.62 111.21 71.37
C VAL G 789 52.07 111.65 71.55
N ARG G 790 52.28 112.67 72.37
CA ARG G 790 53.60 113.06 72.83
C ARG G 790 53.93 112.34 74.13
N PHE G 791 55.15 111.85 74.25
CA PHE G 791 55.54 110.93 75.31
C PHE G 791 56.58 111.61 76.20
N LEU G 792 56.29 111.70 77.49
CA LEU G 792 57.06 112.53 78.42
C LEU G 792 58.06 111.67 79.18
N LEU G 793 59.30 112.13 79.26
CA LEU G 793 60.36 111.43 79.99
C LEU G 793 60.91 112.24 81.15
N GLY G 794 61.35 113.48 80.94
CA GLY G 794 61.91 114.26 82.02
C GLY G 794 63.09 115.15 81.69
N GLY G 795 64.21 114.92 82.38
CA GLY G 795 65.33 115.85 82.33
C GLY G 795 65.88 116.07 80.94
N ARG G 796 65.82 115.04 80.09
CA ARG G 796 66.29 115.19 78.72
C ARG G 796 65.53 116.29 78.01
N HIS G 797 64.22 116.09 77.79
CA HIS G 797 63.35 117.16 77.32
C HIS G 797 61.98 117.19 77.98
N GLY G 798 61.53 116.10 78.60
CA GLY G 798 60.20 116.03 79.17
C GLY G 798 59.95 117.04 80.29
N GLU G 799 59.12 118.05 80.00
CA GLU G 799 58.80 119.07 80.99
C GLU G 799 57.74 118.50 81.94
N PHE G 800 58.19 118.00 83.09
CA PHE G 800 57.26 117.47 84.09
C PHE G 800 56.30 118.57 84.55
N LYS G 801 55.02 118.43 84.19
CA LYS G 801 54.03 119.41 84.64
C LYS G 801 53.89 119.39 86.16
N PHE G 802 53.91 118.21 86.76
CA PHE G 802 53.66 118.04 88.18
C PHE G 802 54.91 117.53 88.89
N LEU G 803 54.88 117.61 90.21
CA LEU G 803 56.02 117.22 91.05
C LEU G 803 55.92 115.75 91.40
N PRO G 804 56.96 114.95 91.14
CA PRO G 804 56.92 113.55 91.54
C PRO G 804 56.83 113.42 93.04
N PRO G 805 56.21 112.36 93.54
CA PRO G 805 56.16 112.12 94.99
C PRO G 805 57.56 111.93 95.55
N PRO G 806 57.73 111.91 96.89
CA PRO G 806 59.09 111.97 97.43
C PRO G 806 59.91 110.72 97.14
N GLY G 807 60.83 110.86 96.18
CA GLY G 807 61.81 109.85 95.82
C GLY G 807 61.37 109.05 94.61
N TYR G 808 61.81 109.48 93.43
CA TYR G 808 61.43 108.85 92.17
C TYR G 808 62.37 109.37 91.08
N ALA G 809 63.16 108.49 90.49
CA ALA G 809 64.04 108.91 89.42
C ALA G 809 63.23 109.28 88.17
N PRO G 810 63.60 110.35 87.47
CA PRO G 810 62.85 110.75 86.26
C PRO G 810 63.04 109.82 85.08
N CYS G 811 63.72 108.69 85.25
CA CYS G 811 63.77 107.60 84.27
C CYS G 811 64.65 107.93 83.07
N HIS G 812 65.19 109.14 83.00
CA HIS G 812 66.16 109.43 81.94
C HIS G 812 67.56 108.95 82.32
N GLU G 813 67.85 108.82 83.62
CA GLU G 813 69.17 108.34 84.04
C GLU G 813 69.40 106.91 83.60
N ALA G 814 68.38 106.06 83.71
CA ALA G 814 68.51 104.65 83.34
C ALA G 814 68.47 104.51 81.84
N VAL G 815 69.64 104.42 81.21
CA VAL G 815 69.78 104.14 79.79
C VAL G 815 71.01 103.26 79.64
N LEU G 816 71.04 102.46 78.58
CA LEU G 816 72.22 101.67 78.30
C LEU G 816 73.38 102.61 78.01
N PRO G 817 74.46 102.58 78.80
CA PRO G 817 75.57 103.54 78.63
C PRO G 817 76.49 103.18 77.47
N ARG G 818 75.90 102.83 76.33
CA ARG G 818 76.67 102.51 75.13
C ARG G 818 76.04 103.07 73.86
N GLU G 819 74.95 103.83 73.95
CA GLU G 819 74.27 104.40 72.80
C GLU G 819 73.28 105.44 73.31
N ARG G 820 72.49 105.99 72.40
CA ARG G 820 71.45 106.97 72.75
C ARG G 820 70.11 106.25 72.90
N LEU G 821 69.10 107.01 73.31
CA LEU G 821 67.76 106.50 73.51
C LEU G 821 66.86 106.86 72.33
N ARG G 822 65.87 106.01 72.07
CA ARG G 822 65.01 106.14 70.91
C ARG G 822 63.75 105.33 71.14
N LEU G 823 62.76 105.54 70.27
CA LEU G 823 61.51 104.78 70.32
C LEU G 823 61.53 103.72 69.22
N GLU G 824 61.25 102.48 69.60
CA GLU G 824 61.22 101.37 68.68
C GLU G 824 60.03 100.47 69.00
N PRO G 825 59.45 99.82 68.00
CA PRO G 825 58.36 98.87 68.27
C PRO G 825 58.91 97.53 68.72
N ILE G 826 58.22 96.94 69.69
CA ILE G 826 58.68 95.69 70.31
C ILE G 826 58.36 94.51 69.41
N LYS G 827 59.31 93.58 69.33
CA LYS G 827 59.15 92.31 68.61
C LYS G 827 58.82 92.54 67.14
N GLU G 828 59.42 93.58 66.56
CA GLU G 828 59.23 93.85 65.14
C GLU G 828 59.91 92.78 64.29
N TYR G 829 59.21 92.30 63.26
CA TYR G 829 59.77 91.33 62.32
C TYR G 829 59.64 91.77 60.87
N ARG G 830 59.18 92.98 60.60
CA ARG G 830 59.29 93.57 59.27
C ARG G 830 59.56 95.06 59.44
N ARG G 831 60.52 95.58 58.70
CA ARG G 831 60.84 97.00 58.73
C ARG G 831 61.07 97.51 57.31
N GLU G 832 60.79 98.80 57.11
CA GLU G 832 60.93 99.41 55.80
C GLU G 832 62.41 99.66 55.46
N GLY G 833 62.65 99.99 54.21
CA GLY G 833 64.00 100.23 53.73
C GLY G 833 64.02 100.73 52.30
N PRO G 834 65.21 101.11 51.82
CA PRO G 834 65.30 101.59 50.42
C PRO G 834 64.86 100.56 49.40
N ARG G 835 65.23 99.29 49.59
CA ARG G 835 64.65 98.24 48.74
C ARG G 835 63.22 97.94 49.14
N GLY G 836 62.86 98.19 50.39
CA GLY G 836 61.51 97.97 50.85
C GLY G 836 61.48 97.19 52.15
N PRO G 837 60.65 96.14 52.18
CA PRO G 837 60.54 95.33 53.40
C PRO G 837 61.86 94.67 53.76
N HIS G 838 62.10 94.54 55.06
CA HIS G 838 63.26 93.85 55.59
C HIS G 838 62.77 92.86 56.65
N LEU G 839 63.08 91.58 56.45
CA LEU G 839 62.70 90.54 57.41
C LEU G 839 63.79 90.40 58.45
N VAL G 840 63.44 90.66 59.71
CA VAL G 840 64.39 90.59 60.82
C VAL G 840 63.93 89.51 61.79
N GLY G 841 64.87 88.72 62.28
CA GLY G 841 64.58 87.65 63.21
C GLY G 841 64.58 88.14 64.65
N PRO G 842 64.60 87.20 65.59
CA PRO G 842 64.57 87.57 67.01
C PRO G 842 65.82 88.35 67.40
N SER G 843 65.64 89.36 68.24
CA SER G 843 66.75 90.16 68.74
C SER G 843 67.26 89.59 70.07
N ARG G 844 68.19 90.29 70.69
CA ARG G 844 68.74 89.89 71.98
C ARG G 844 68.27 90.84 73.08
N CYS G 845 68.36 90.36 74.32
CA CYS G 845 67.90 91.13 75.46
C CYS G 845 68.69 90.72 76.70
N LEU G 846 68.68 91.60 77.70
CA LEU G 846 69.38 91.34 78.96
C LEU G 846 68.50 90.49 79.86
N SER G 847 68.92 90.32 81.12
CA SER G 847 68.18 89.51 82.08
C SER G 847 68.52 90.00 83.48
N HIS G 848 67.85 89.40 84.47
CA HIS G 848 68.10 89.77 85.86
C HIS G 848 69.52 89.44 86.28
N THR G 849 70.00 88.25 85.91
CA THR G 849 71.35 87.85 86.27
C THR G 849 72.40 88.71 85.58
N ASP G 850 72.14 89.11 84.33
CA ASP G 850 73.10 89.90 83.58
C ASP G 850 73.31 91.26 84.25
N PHE G 851 72.24 91.89 84.73
CA PHE G 851 72.34 93.18 85.38
C PHE G 851 72.72 93.03 86.84
N VAL G 852 73.82 92.35 87.10
CA VAL G 852 74.31 92.15 88.47
C VAL G 852 75.82 91.96 88.44
N PRO G 853 76.60 92.93 88.90
CA PRO G 853 78.06 92.74 88.96
C PRO G 853 78.41 91.62 89.93
N CYS G 854 79.50 90.92 89.59
CA CYS G 854 79.98 89.80 90.40
C CYS G 854 81.50 89.79 90.44
N PRO G 855 82.09 90.24 91.53
CA PRO G 855 83.54 90.11 91.67
C PRO G 855 84.01 88.67 91.61
N VAL G 856 85.21 88.47 91.11
CA VAL G 856 85.76 87.12 91.00
C VAL G 856 86.00 86.55 92.40
N ASP G 857 86.04 85.22 92.46
CA ASP G 857 86.23 84.50 93.72
C ASP G 857 87.66 84.64 94.25
N LEU G 863 103.27 79.21 99.21
CA LEU G 863 103.54 80.39 98.41
C LEU G 863 105.03 80.51 98.09
N PRO G 864 105.37 80.59 96.81
CA PRO G 864 106.77 80.75 96.41
C PRO G 864 107.33 82.04 96.96
N PRO G 865 108.60 82.04 97.39
CA PRO G 865 109.17 83.27 97.95
C PRO G 865 109.18 84.45 96.99
N HIS G 866 109.44 84.20 95.70
CA HIS G 866 109.58 85.29 94.74
C HIS G 866 108.25 86.01 94.52
N LEU G 867 107.12 85.32 94.70
CA LEU G 867 105.82 85.96 94.57
C LEU G 867 105.67 87.08 95.59
N GLU G 868 106.05 86.83 96.83
CA GLU G 868 106.00 87.83 97.89
C GLU G 868 107.32 88.59 98.05
N ARG G 869 108.33 88.28 97.25
CA ARG G 869 109.61 88.98 97.38
C ARG G 869 109.62 90.28 96.59
N ILE G 870 108.97 90.30 95.42
CA ILE G 870 109.01 91.48 94.56
C ILE G 870 108.32 92.65 95.25
N ARG G 871 107.00 92.54 95.45
CA ARG G 871 106.21 93.53 96.19
C ARG G 871 106.51 94.96 95.76
N GLU G 872 107.31 95.66 96.57
CA GLU G 872 107.62 97.06 96.29
C GLU G 872 108.29 97.23 94.94
N LYS G 873 109.09 96.24 94.52
CA LYS G 873 109.77 96.33 93.23
C LYS G 873 108.77 96.50 92.09
N LEU G 874 107.67 95.74 92.12
CA LEU G 874 106.59 95.97 91.18
C LEU G 874 105.78 97.21 91.55
N ALA G 875 105.62 97.46 92.85
CA ALA G 875 104.87 98.64 93.30
C ALA G 875 105.57 99.92 92.89
N GLU G 876 106.89 100.00 93.12
CA GLU G 876 107.63 101.19 92.69
C GLU G 876 107.59 101.34 91.19
N ASN G 877 107.68 100.22 90.46
CA ASN G 877 107.56 100.26 89.00
C ASN G 877 106.18 100.77 88.60
N ILE G 878 105.13 100.36 89.33
CA ILE G 878 103.82 100.97 89.14
C ILE G 878 103.81 102.39 89.65
N HIS G 879 104.51 102.67 90.75
CA HIS G 879 104.52 104.00 91.33
C HIS G 879 105.32 105.00 90.51
N GLU G 880 106.11 104.54 89.53
CA GLU G 880 106.78 105.46 88.63
C GLU G 880 105.77 106.26 87.82
N LEU G 881 104.72 105.60 87.33
CA LEU G 881 103.73 106.26 86.49
C LEU G 881 102.83 107.20 87.30
N TRP G 882 102.84 107.10 88.63
CA TRP G 882 101.95 107.91 89.44
C TRP G 882 102.23 109.40 89.29
N ALA G 883 103.42 109.79 88.84
CA ALA G 883 103.69 111.18 88.52
C ALA G 883 103.82 111.45 87.03
N LEU G 884 103.94 110.40 86.22
CA LEU G 884 104.23 110.53 84.79
C LEU G 884 103.34 111.59 84.12
N THR G 885 102.03 111.33 84.08
CA THR G 885 101.10 112.32 83.55
C THR G 885 100.69 113.37 84.57
N ARG G 886 100.92 113.11 85.85
CA ARG G 886 100.80 114.15 86.87
C ARG G 886 101.97 115.14 86.85
N ILE G 887 103.02 114.88 86.07
CA ILE G 887 103.89 115.97 85.63
C ILE G 887 103.18 116.83 84.60
N GLU G 888 102.52 116.19 83.63
CA GLU G 888 101.73 116.94 82.66
C GLU G 888 100.59 117.70 83.34
N GLN G 889 100.02 117.12 84.40
CA GLN G 889 99.04 117.84 85.20
C GLN G 889 99.66 118.96 86.01
N GLY G 890 100.95 118.88 86.32
CA GLY G 890 101.62 119.90 87.12
C GLY G 890 101.23 119.84 88.58
N TRP G 891 101.46 118.68 89.21
CA TRP G 891 100.99 118.44 90.57
C TRP G 891 102.13 118.11 91.51
N THR G 892 103.22 118.90 91.46
CA THR G 892 104.46 118.49 92.10
C THR G 892 104.38 118.50 93.63
N TYR G 893 104.02 117.36 94.19
CA TYR G 893 103.93 117.10 95.63
C TYR G 893 103.31 118.27 96.40
N GLY G 894 102.03 118.52 96.11
CA GLY G 894 101.27 119.49 96.85
C GLY G 894 101.10 119.09 98.30
N PRO G 895 101.64 119.90 99.21
CA PRO G 895 101.60 119.55 100.64
C PRO G 895 100.23 119.68 101.29
N VAL G 896 99.23 120.18 100.59
CA VAL G 896 97.92 120.44 101.21
C VAL G 896 96.79 119.80 100.41
N ARG G 897 97.15 118.91 99.48
CA ARG G 897 96.18 118.15 98.68
C ARG G 897 95.22 119.08 97.93
N ASP G 898 95.80 119.81 96.98
CA ASP G 898 95.02 120.73 96.16
C ASP G 898 94.19 119.96 95.14
N ASP G 899 92.93 119.69 95.48
CA ASP G 899 92.06 118.91 94.60
C ASP G 899 91.65 119.68 93.35
N ASN G 900 91.80 121.00 93.34
CA ASN G 900 91.31 121.79 92.23
C ASN G 900 92.39 122.69 91.62
N LYS G 901 93.33 123.14 92.44
CA LYS G 901 94.41 124.01 91.99
C LYS G 901 95.71 123.25 91.75
N ARG G 902 95.59 122.02 91.26
CA ARG G 902 96.67 121.28 90.58
C ARG G 902 97.87 121.01 91.50
N LEU G 903 97.62 120.21 92.55
CA LEU G 903 98.69 119.70 93.40
C LEU G 903 98.23 118.40 94.04
N HIS G 904 99.20 117.58 94.48
CA HIS G 904 98.95 116.23 94.97
C HIS G 904 99.79 115.92 96.20
N PRO G 905 99.22 115.24 97.20
CA PRO G 905 99.93 115.03 98.47
C PRO G 905 100.60 113.67 98.65
N CYS G 906 100.46 112.74 97.70
CA CYS G 906 101.03 111.40 97.85
C CYS G 906 102.09 111.13 96.79
N LEU G 907 102.77 112.18 96.36
CA LEU G 907 103.73 112.09 95.26
C LEU G 907 105.16 112.06 95.78
N VAL G 908 105.47 111.07 96.63
CA VAL G 908 106.80 110.87 97.20
C VAL G 908 107.09 109.38 97.31
N ASN G 909 108.25 109.07 97.88
CA ASN G 909 108.67 107.68 98.06
C ASN G 909 107.78 106.98 99.09
N PHE G 910 107.84 105.65 99.08
CA PHE G 910 106.93 104.83 99.87
C PHE G 910 107.03 105.15 101.36
N HIS G 911 108.25 105.17 101.89
CA HIS G 911 108.42 105.48 103.31
C HIS G 911 108.09 106.94 103.59
N SER G 912 108.42 107.84 102.67
CA SER G 912 108.00 109.23 102.79
C SER G 912 106.49 109.39 102.60
N LEU G 913 105.81 108.38 102.04
CA LEU G 913 104.39 108.44 101.83
C LEU G 913 103.65 108.36 103.18
N PRO G 914 102.39 108.81 103.22
CA PRO G 914 101.59 108.66 104.44
C PRO G 914 101.31 107.20 104.78
N GLU G 915 100.63 106.97 105.90
CA GLU G 915 100.42 105.61 106.39
C GLU G 915 99.67 104.71 105.41
N PRO G 916 98.49 105.09 104.86
CA PRO G 916 97.76 104.21 103.94
C PRO G 916 98.18 104.37 102.49
N GLU G 917 99.49 104.23 102.23
CA GLU G 917 100.02 104.35 100.89
C GLU G 917 100.90 103.20 100.44
N ARG G 918 101.22 102.25 101.33
CA ARG G 918 102.02 101.09 100.94
C ARG G 918 101.14 99.94 100.48
N ASN G 919 100.14 99.57 101.30
CA ASN G 919 99.13 98.62 100.87
C ASN G 919 98.21 99.21 99.81
N TYR G 920 98.17 100.54 99.70
CA TYR G 920 97.40 101.18 98.63
C TYR G 920 97.85 100.72 97.25
N ASN G 921 99.14 100.41 97.10
CA ASN G 921 99.69 99.90 95.85
C ASN G 921 100.15 98.46 95.96
N LEU G 922 99.96 97.81 97.09
CA LEU G 922 100.41 96.43 97.25
C LEU G 922 99.31 95.47 97.70
N GLN G 923 98.42 95.91 98.59
CA GLN G 923 97.35 95.01 99.05
C GLN G 923 96.42 94.63 97.91
N MET G 924 95.99 95.62 97.13
CA MET G 924 95.18 95.33 95.94
C MET G 924 96.01 94.69 94.82
N SER G 925 97.33 94.71 94.93
CA SER G 925 98.20 94.03 93.98
C SER G 925 98.66 92.67 94.48
N GLY G 926 99.01 92.57 95.76
CA GLY G 926 99.38 91.27 96.32
C GLY G 926 98.23 90.28 96.28
N GLU G 927 97.03 90.74 96.63
CA GLU G 927 95.85 89.89 96.48
C GLU G 927 95.58 89.59 95.01
N THR G 928 95.83 90.57 94.13
CA THR G 928 95.68 90.34 92.70
C THR G 928 96.62 89.22 92.23
N LEU G 929 97.87 89.27 92.66
CA LEU G 929 98.80 88.18 92.36
C LEU G 929 98.37 86.90 93.06
N LYS G 930 97.87 87.00 94.29
CA LYS G 930 97.36 85.82 94.98
C LYS G 930 96.16 85.23 94.24
N THR G 931 95.25 86.10 93.76
CA THR G 931 94.13 85.64 92.96
C THR G 931 94.58 85.24 91.55
N LEU G 932 95.75 85.71 91.10
CA LEU G 932 96.19 85.45 89.74
C LEU G 932 96.32 83.97 89.45
N LEU G 933 96.57 83.15 90.48
CA LEU G 933 96.56 81.71 90.27
C LEU G 933 95.17 81.21 89.89
N ALA G 934 94.13 81.80 90.49
CA ALA G 934 92.77 81.44 90.11
C ALA G 934 92.40 81.96 88.73
N LEU G 935 93.17 82.89 88.18
CA LEU G 935 92.92 83.38 86.83
C LEU G 935 93.25 82.35 85.76
N GLY G 936 93.92 81.26 86.12
CA GLY G 936 94.28 80.24 85.16
C GLY G 936 95.42 80.59 84.23
N CYS G 937 96.16 81.65 84.53
CA CYS G 937 97.27 82.05 83.68
C CYS G 937 98.45 81.10 83.86
N HIS G 938 99.32 81.07 82.85
CA HIS G 938 100.51 80.23 82.86
C HIS G 938 101.71 81.17 83.04
N VAL G 939 102.04 81.44 84.30
CA VAL G 939 103.08 82.39 84.65
C VAL G 939 104.03 81.75 85.65
N GLY G 940 105.32 82.04 85.51
CA GLY G 940 106.32 81.59 86.45
C GLY G 940 107.54 82.49 86.43
N MET G 941 107.92 83.00 87.60
CA MET G 941 109.03 83.96 87.68
C MET G 941 110.34 83.20 87.46
N ALA G 942 110.85 83.27 86.23
CA ALA G 942 112.09 82.56 85.90
C ALA G 942 113.01 83.34 84.98
N ASP G 943 112.74 84.62 84.71
CA ASP G 943 113.56 85.39 83.80
C ASP G 943 115.00 85.52 84.32
N GLU G 944 115.17 86.24 85.44
CA GLU G 944 116.47 86.39 86.09
C GLU G 944 117.56 86.85 85.12
N LYS G 945 117.20 87.73 84.18
CA LYS G 945 118.20 88.26 83.25
C LYS G 945 119.07 89.29 83.95
N ALA G 946 120.14 88.83 84.60
CA ALA G 946 121.07 89.65 85.37
C ALA G 946 120.38 90.28 86.58
N GLU G 947 119.08 90.02 86.74
CA GLU G 947 118.28 90.41 87.91
C GLU G 947 118.19 91.93 88.05
N ASP G 948 118.82 92.67 87.14
CA ASP G 948 118.77 94.13 87.20
C ASP G 948 118.71 94.76 85.81
N ASN G 949 118.57 93.97 84.73
CA ASN G 949 118.59 94.50 83.38
C ASN G 949 117.37 95.37 83.09
N LEU G 950 116.35 95.36 83.93
CA LEU G 950 115.19 96.21 83.74
C LEU G 950 115.56 97.66 84.02
N LYS G 951 115.96 98.40 83.00
CA LYS G 951 116.45 99.76 83.16
C LYS G 951 115.32 100.77 82.97
N LYS G 952 115.40 101.86 83.73
CA LYS G 952 114.36 102.88 83.73
C LYS G 952 114.61 103.92 82.64
N THR G 953 113.55 104.65 82.30
CA THR G 953 113.58 105.70 81.30
C THR G 953 113.32 107.04 82.00
N LYS G 954 114.26 107.97 81.89
CA LYS G 954 114.21 109.19 82.67
C LYS G 954 114.83 110.33 81.87
N LEU G 955 115.15 111.43 82.56
CA LEU G 955 115.76 112.64 82.05
C LEU G 955 114.95 113.36 80.98
N PRO G 956 113.64 113.62 81.20
CA PRO G 956 112.91 114.55 80.31
C PRO G 956 112.93 115.99 80.83
N LYS G 957 114.07 116.66 80.63
CA LYS G 957 114.33 117.99 81.18
C LYS G 957 114.42 117.91 82.69
N THR G 958 114.05 118.98 83.39
CA THR G 958 114.17 119.03 84.84
C THR G 958 113.44 117.85 85.51
N TYR G 959 112.11 117.79 85.38
CA TYR G 959 111.29 116.63 85.71
C TYR G 959 111.49 116.17 87.15
N MET G 960 112.11 116.98 88.01
CA MET G 960 112.51 116.57 89.35
C MET G 960 111.81 117.44 90.39
N MET G 961 111.48 116.83 91.52
CA MET G 961 110.62 117.42 92.54
C MET G 961 111.44 117.78 93.77
N SER G 962 110.74 118.17 94.84
CA SER G 962 111.40 118.29 96.14
C SER G 962 111.73 116.93 96.75
N ASN G 963 110.99 115.87 96.39
CA ASN G 963 111.23 114.55 96.96
C ASN G 963 112.45 113.87 96.34
N GLY G 964 112.76 114.19 95.09
CA GLY G 964 113.82 113.54 94.37
C GLY G 964 113.40 112.29 93.63
N TYR G 965 112.09 112.08 93.45
CA TYR G 965 111.62 110.88 92.75
C TYR G 965 112.08 110.86 91.30
N LYS G 966 111.80 111.95 90.57
CA LYS G 966 112.05 112.03 89.13
C LYS G 966 111.56 110.74 88.46
N PRO G 967 110.25 110.56 88.34
CA PRO G 967 109.70 109.24 87.97
C PRO G 967 110.33 108.69 86.70
N ALA G 968 110.59 107.38 86.72
CA ALA G 968 111.31 106.71 85.63
C ALA G 968 110.81 105.27 85.55
N PRO G 969 109.81 105.01 84.72
CA PRO G 969 109.35 103.63 84.54
C PRO G 969 110.47 102.73 84.01
N LEU G 970 110.49 101.49 84.48
CA LEU G 970 111.54 100.54 84.17
C LEU G 970 111.36 100.01 82.74
N ASP G 971 112.03 98.90 82.44
CA ASP G 971 112.09 98.35 81.09
C ASP G 971 110.97 97.34 80.80
N LEU G 972 109.82 97.50 81.46
CA LEU G 972 108.66 96.69 81.12
C LEU G 972 107.94 97.23 79.89
N SER G 973 108.70 97.49 78.83
CA SER G 973 108.17 98.02 77.58
C SER G 973 108.23 97.03 76.43
N HIS G 974 109.29 96.23 76.35
CA HIS G 974 109.43 95.25 75.27
C HIS G 974 108.88 93.89 75.68
N VAL G 975 107.63 93.88 76.15
CA VAL G 975 106.92 92.65 76.52
C VAL G 975 105.60 92.67 75.78
N ARG G 976 105.50 91.93 74.68
CA ARG G 976 104.33 91.95 73.81
C ARG G 976 103.29 90.90 74.20
N LEU G 977 103.33 90.41 75.43
CA LEU G 977 102.30 89.53 76.00
C LEU G 977 101.96 88.32 75.14
N THR G 978 100.85 87.66 75.46
CA THR G 978 100.39 86.45 74.80
C THR G 978 98.93 86.60 74.43
N PRO G 979 98.45 85.82 73.45
CA PRO G 979 97.01 85.89 73.09
C PRO G 979 96.08 85.78 74.29
N ALA G 980 96.40 84.91 75.25
CA ALA G 980 95.60 84.85 76.47
C ALA G 980 95.82 86.09 77.33
N GLN G 981 97.05 86.61 77.37
CA GLN G 981 97.33 87.79 78.18
C GLN G 981 96.60 89.02 77.67
N THR G 982 96.30 89.08 76.38
CA THR G 982 95.49 90.18 75.86
C THR G 982 94.11 90.19 76.51
N THR G 983 93.57 89.01 76.82
CA THR G 983 92.31 88.90 77.55
C THR G 983 92.49 88.70 79.04
N LEU G 984 93.60 88.08 79.46
CA LEU G 984 93.86 87.91 80.89
C LEU G 984 93.99 89.25 81.59
N VAL G 985 94.68 90.20 80.97
CA VAL G 985 94.75 91.55 81.51
C VAL G 985 93.35 92.17 81.54
N ASP G 986 92.58 91.98 80.46
CA ASP G 986 91.19 92.44 80.46
C ASP G 986 90.36 91.69 81.50
N ARG G 987 90.57 90.38 81.62
CA ARG G 987 89.84 89.61 82.63
C ARG G 987 90.20 90.09 84.02
N LEU G 988 91.48 90.36 84.28
CA LEU G 988 91.87 90.96 85.56
C LEU G 988 91.26 92.34 85.71
N ALA G 989 91.24 93.13 84.62
CA ALA G 989 90.61 94.43 84.67
C ALA G 989 89.13 94.33 84.97
N GLU G 990 88.45 93.32 84.41
CA GLU G 990 87.05 93.09 84.74
C GLU G 990 86.87 92.79 86.22
N ASN G 991 87.78 92.00 86.79
CA ASN G 991 87.71 91.72 88.22
C ASN G 991 87.88 93.00 89.04
N GLY G 992 88.81 93.87 88.62
CA GLY G 992 89.02 95.11 89.35
C GLY G 992 87.80 96.01 89.34
N HIS G 993 87.16 96.12 88.18
CA HIS G 993 85.92 96.89 88.11
C HIS G 993 84.81 96.24 88.92
N ASN G 994 84.72 94.91 88.87
CA ASN G 994 83.69 94.20 89.63
C ASN G 994 83.95 94.29 91.13
N VAL G 995 85.21 94.14 91.55
CA VAL G 995 85.53 94.20 92.98
C VAL G 995 85.20 95.58 93.53
N TRP G 996 85.59 96.64 92.81
CA TRP G 996 85.26 97.99 93.24
C TRP G 996 83.76 98.23 93.20
N ALA G 997 83.06 97.58 92.27
CA ALA G 997 81.61 97.71 92.22
C ALA G 997 80.97 97.13 93.49
N ARG G 998 81.46 95.98 93.95
CA ARG G 998 80.96 95.41 95.19
C ARG G 998 81.25 96.32 96.37
N ASP G 999 82.43 96.93 96.40
CA ASP G 999 82.77 97.87 97.45
C ASP G 999 81.85 99.09 97.42
N ARG G 1000 81.59 99.62 96.22
CA ARG G 1000 80.66 100.74 96.10
C ARG G 1000 79.25 100.32 96.49
N VAL G 1001 78.83 99.12 96.10
CA VAL G 1001 77.49 98.63 96.43
C VAL G 1001 77.34 98.43 97.93
N ALA G 1002 78.42 98.06 98.62
CA ALA G 1002 78.34 97.80 100.05
C ALA G 1002 77.92 99.05 100.82
N GLN G 1003 78.43 100.21 100.43
CA GLN G 1003 78.09 101.46 101.10
C GLN G 1003 76.81 102.04 100.54
N GLY G 1004 75.75 101.24 100.49
CA GLY G 1004 74.46 101.69 99.99
C GLY G 1004 74.50 102.16 98.56
N TRP G 1005 75.14 101.37 97.69
CA TRP G 1005 75.32 101.73 96.29
C TRP G 1005 76.00 103.10 96.15
N SER G 1006 77.19 103.19 96.73
CA SER G 1006 77.99 104.41 96.80
C SER G 1006 77.29 105.54 97.54
N TYR G 1007 76.22 105.24 98.27
CA TYR G 1007 75.47 106.23 99.05
C TYR G 1007 75.01 107.39 98.20
N SER G 1008 74.59 107.08 96.97
CA SER G 1008 74.11 108.08 96.02
C SER G 1008 75.14 109.18 95.81
N ALA G 1009 74.79 110.42 96.16
CA ALA G 1009 75.69 111.55 96.04
C ALA G 1009 75.47 112.54 97.18
N ARG G 1020 77.87 105.84 90.04
CA ARG G 1020 77.63 106.00 88.62
C ARG G 1020 78.50 105.05 87.80
N LEU G 1021 78.63 103.82 88.27
CA LEU G 1021 79.41 102.80 87.59
C LEU G 1021 78.55 101.54 87.44
N VAL G 1022 78.61 100.94 86.25
CA VAL G 1022 77.78 99.78 85.93
C VAL G 1022 78.64 98.53 85.89
N PRO G 1023 78.05 97.34 85.71
CA PRO G 1023 78.86 96.12 85.69
C PRO G 1023 79.80 96.08 84.50
N TYR G 1024 80.87 95.30 84.66
CA TYR G 1024 81.89 95.19 83.61
C TYR G 1024 81.28 94.56 82.36
N ARG G 1025 81.83 94.95 81.20
CA ARG G 1025 81.42 94.50 79.88
C ARG G 1025 80.08 95.10 79.49
N LEU G 1026 79.42 95.77 80.42
CA LEU G 1026 78.21 96.53 80.15
C LEU G 1026 78.43 98.03 80.27
N LEU G 1027 79.55 98.45 80.83
CA LEU G 1027 79.81 99.86 81.11
C LEU G 1027 80.14 100.60 79.82
N ASP G 1028 80.57 101.85 79.96
CA ASP G 1028 80.83 102.72 78.81
C ASP G 1028 82.12 102.28 78.11
N GLU G 1029 82.53 103.06 77.12
CA GLU G 1029 83.75 102.79 76.37
C GLU G 1029 84.96 103.52 76.98
N ALA G 1030 84.75 104.73 77.50
CA ALA G 1030 85.87 105.48 78.08
C ALA G 1030 86.46 104.75 79.28
N THR G 1031 85.61 104.22 80.15
CA THR G 1031 86.11 103.47 81.32
C THR G 1031 86.87 102.23 80.89
N LYS G 1032 86.51 101.64 79.75
CA LYS G 1032 87.21 100.47 79.25
C LYS G 1032 88.62 100.78 78.75
N ARG G 1033 88.96 102.06 78.59
CA ARG G 1033 90.27 102.44 78.07
C ARG G 1033 91.32 102.62 79.18
N SER G 1034 90.98 103.40 80.21
CA SER G 1034 91.96 103.70 81.25
C SER G 1034 92.36 102.45 82.03
N ASN G 1035 91.40 101.58 82.33
CA ASN G 1035 91.67 100.43 83.16
C ASN G 1035 92.62 99.42 82.51
N ARG G 1036 92.74 99.43 81.19
CA ARG G 1036 93.66 98.50 80.54
C ARG G 1036 95.10 98.92 80.74
N ASP G 1037 95.41 100.19 80.44
CA ASP G 1037 96.78 100.67 80.52
C ASP G 1037 97.29 100.68 81.95
N SER G 1038 96.44 101.07 82.90
CA SER G 1038 96.86 101.14 84.29
C SER G 1038 97.26 99.76 84.82
N LEU G 1039 96.44 98.75 84.55
CA LEU G 1039 96.77 97.39 84.97
C LEU G 1039 97.86 96.77 84.10
N CYS G 1040 98.02 97.22 82.86
CA CYS G 1040 99.03 96.63 81.99
C CYS G 1040 100.43 96.82 82.56
N GLN G 1041 100.73 98.04 83.02
CA GLN G 1041 102.06 98.32 83.57
C GLN G 1041 102.38 97.39 84.74
N ALA G 1042 101.40 97.14 85.61
CA ALA G 1042 101.57 96.14 86.64
C ALA G 1042 101.76 94.75 86.05
N VAL G 1043 101.03 94.45 84.97
CA VAL G 1043 101.13 93.15 84.33
C VAL G 1043 102.35 93.01 83.42
N ARG G 1044 102.96 94.13 83.01
CA ARG G 1044 104.13 94.04 82.13
C ARG G 1044 105.36 93.50 82.84
N THR G 1045 105.31 93.34 84.17
CA THR G 1045 106.44 92.77 84.89
C THR G 1045 106.69 91.31 84.54
N LEU G 1046 105.76 90.68 83.82
CA LEU G 1046 105.96 89.31 83.37
C LEU G 1046 107.21 89.22 82.50
N LEU G 1047 107.93 88.11 82.65
CA LEU G 1047 109.20 87.85 81.98
C LEU G 1047 110.28 88.85 82.35
N GLY G 1048 110.08 89.63 83.42
CA GLY G 1048 111.08 90.56 83.89
C GLY G 1048 111.67 90.14 85.22
N TYR G 1049 110.85 89.49 86.05
CA TYR G 1049 111.30 89.01 87.35
C TYR G 1049 111.25 87.49 87.42
N ASP G 1070 62.16 81.00 69.43
CA ASP G 1070 63.10 81.31 70.50
C ASP G 1070 64.53 81.25 70.00
N ARG G 1071 64.75 80.44 68.96
CA ARG G 1071 66.09 80.27 68.39
C ARG G 1071 66.15 80.73 66.94
N VAL G 1072 65.22 80.28 66.10
CA VAL G 1072 65.16 80.69 64.70
C VAL G 1072 63.73 81.05 64.36
N ARG G 1073 63.58 81.89 63.33
CA ARG G 1073 62.28 82.32 62.82
C ARG G 1073 62.29 82.13 61.31
N ILE G 1074 61.87 80.94 60.86
CA ILE G 1074 61.93 80.60 59.45
C ILE G 1074 60.77 81.25 58.70
N PHE G 1075 60.93 81.37 57.39
CA PHE G 1075 59.92 81.94 56.51
C PHE G 1075 59.76 81.08 55.27
N ARG G 1076 58.55 81.05 54.75
CA ARG G 1076 58.25 80.28 53.54
C ARG G 1076 57.14 80.98 52.78
N ALA G 1077 56.80 80.46 51.61
CA ALA G 1077 55.60 80.85 50.86
C ALA G 1077 54.43 79.90 51.18
N GLU G 1078 53.18 80.35 51.00
CA GLU G 1078 52.00 79.51 51.17
C GLU G 1078 52.01 78.36 50.16
N LYS G 1079 51.51 77.21 50.59
CA LYS G 1079 51.67 75.98 49.81
C LYS G 1079 50.54 75.77 48.80
N SER G 1080 50.29 76.78 47.97
CA SER G 1080 49.54 76.59 46.73
C SER G 1080 50.23 77.23 45.54
N TYR G 1081 51.41 77.83 45.73
CA TYR G 1081 52.40 78.13 44.69
C TYR G 1081 53.36 76.95 44.49
N THR G 1082 53.09 75.77 45.05
CA THR G 1082 53.94 74.58 44.89
C THR G 1082 54.16 74.29 43.41
N VAL G 1083 55.41 74.29 42.96
CA VAL G 1083 55.76 74.22 41.54
C VAL G 1083 56.27 72.81 41.17
N GLN G 1084 55.84 72.26 40.03
CA GLN G 1084 56.09 70.88 39.65
C GLN G 1084 56.68 70.73 38.25
N SER G 1085 56.89 71.83 37.53
CA SER G 1085 57.50 71.79 36.21
C SER G 1085 57.90 73.19 35.76
N GLY G 1086 59.12 73.33 35.26
CA GLY G 1086 59.60 74.58 34.72
C GLY G 1086 60.93 74.97 35.33
N ARG G 1087 61.36 76.19 35.02
CA ARG G 1087 62.63 76.73 35.50
C ARG G 1087 62.36 78.10 36.09
N TRP G 1088 62.74 78.25 37.36
CA TRP G 1088 62.29 79.31 38.25
C TRP G 1088 63.45 79.93 38.99
N TYR G 1089 63.33 81.15 39.47
CA TYR G 1089 64.47 81.82 40.09
C TYR G 1089 64.03 82.84 41.12
N PHE G 1090 64.85 83.06 42.14
CA PHE G 1090 64.67 84.14 43.08
C PHE G 1090 66.01 84.48 43.72
N GLU G 1091 66.13 85.67 44.29
CA GLU G 1091 67.37 86.08 44.94
C GLU G 1091 67.12 86.46 46.40
N PHE G 1092 68.20 86.45 47.17
CA PHE G 1092 68.18 86.80 48.59
C PHE G 1092 69.17 87.93 48.83
N GLU G 1093 68.83 88.80 49.79
CA GLU G 1093 69.67 89.94 50.14
C GLU G 1093 69.89 89.94 51.65
N ALA G 1094 71.15 90.04 52.06
CA ALA G 1094 71.51 90.08 53.47
C ALA G 1094 72.34 91.32 53.76
N VAL G 1095 72.21 91.83 54.98
CA VAL G 1095 72.95 93.01 55.39
C VAL G 1095 74.12 92.56 56.27
N THR G 1096 73.81 91.88 57.36
CA THR G 1096 74.82 91.39 58.28
C THR G 1096 75.40 90.07 57.75
N THR G 1097 76.21 89.41 58.56
CA THR G 1097 76.87 88.17 58.20
C THR G 1097 76.69 87.14 59.31
N GLY G 1098 75.43 86.94 59.71
CA GLY G 1098 75.13 85.98 60.75
C GLY G 1098 74.96 84.58 60.23
N GLU G 1099 73.85 83.92 60.57
CA GLU G 1099 73.56 82.56 60.12
C GLU G 1099 72.27 82.58 59.31
N MET G 1100 72.38 82.37 58.01
CA MET G 1100 71.24 82.40 57.09
C MET G 1100 71.10 81.04 56.42
N ARG G 1101 69.87 80.57 56.29
CA ARG G 1101 69.57 79.36 55.55
C ARG G 1101 68.75 79.72 54.32
N VAL G 1102 69.22 79.29 53.16
CA VAL G 1102 68.62 79.64 51.88
C VAL G 1102 68.54 78.39 51.02
N GLY G 1103 67.37 78.14 50.44
CA GLY G 1103 67.22 76.99 49.58
C GLY G 1103 65.75 76.76 49.25
N TRP G 1104 65.45 75.59 48.71
CA TRP G 1104 64.10 75.14 48.41
C TRP G 1104 63.60 74.20 49.49
N ALA G 1105 62.31 73.93 49.52
CA ALA G 1105 61.74 73.07 50.54
C ALA G 1105 60.48 72.41 50.03
N ARG G 1106 60.21 71.22 50.56
CA ARG G 1106 58.96 70.54 50.26
C ARG G 1106 57.81 71.15 51.06
N PRO G 1107 56.58 71.05 50.57
CA PRO G 1107 55.46 71.73 51.24
C PRO G 1107 55.21 71.26 52.66
N GLU G 1108 55.64 70.06 53.03
CA GLU G 1108 55.38 69.52 54.36
C GLU G 1108 56.51 69.91 55.33
N LEU G 1109 56.71 71.21 55.45
CA LEU G 1109 57.77 71.74 56.30
C LEU G 1109 57.32 71.74 57.76
N ARG G 1110 57.89 70.85 58.55
CA ARG G 1110 57.55 70.74 59.98
C ARG G 1110 58.33 71.77 60.77
N PRO G 1111 57.66 72.63 61.56
CA PRO G 1111 58.40 73.58 62.40
C PRO G 1111 59.07 72.91 63.60
N ASP G 1112 59.73 73.71 64.44
CA ASP G 1112 60.51 73.25 65.58
C ASP G 1112 61.65 72.32 65.19
N VAL G 1113 62.01 72.27 63.91
CA VAL G 1113 63.10 71.46 63.43
C VAL G 1113 63.99 72.32 62.55
N GLU G 1114 65.29 72.34 62.84
CA GLU G 1114 66.22 73.05 61.99
C GLU G 1114 66.19 72.46 60.58
N LEU G 1115 66.01 73.33 59.59
CA LEU G 1115 65.86 72.86 58.22
C LEU G 1115 67.19 72.38 57.67
N GLY G 1116 67.12 71.40 56.76
CA GLY G 1116 68.29 70.82 56.17
C GLY G 1116 68.87 69.63 56.90
N ALA G 1117 68.35 69.31 58.09
CA ALA G 1117 68.84 68.16 58.83
C ALA G 1117 68.30 66.85 58.30
N ASP G 1118 67.33 66.89 57.39
CA ASP G 1118 66.77 65.68 56.82
C ASP G 1118 66.33 65.98 55.39
N GLU G 1119 65.49 65.12 54.83
CA GLU G 1119 65.07 65.19 53.44
C GLU G 1119 64.01 66.25 53.17
N LEU G 1120 63.48 66.91 54.21
CA LEU G 1120 62.37 67.84 54.01
C LEU G 1120 62.79 69.04 53.18
N ALA G 1121 63.99 69.56 53.37
CA ALA G 1121 64.38 70.79 52.71
C ALA G 1121 65.83 70.70 52.24
N TYR G 1122 66.07 71.18 51.02
CA TYR G 1122 67.42 71.34 50.49
C TYR G 1122 67.83 72.79 50.71
N VAL G 1123 68.92 73.00 51.46
CA VAL G 1123 69.28 74.34 51.91
C VAL G 1123 70.79 74.50 51.84
N PHE G 1124 71.23 75.74 51.66
CA PHE G 1124 72.64 76.10 51.66
C PHE G 1124 72.90 77.14 52.75
N ASN G 1125 73.98 76.93 53.49
CA ASN G 1125 74.42 77.86 54.52
C ASN G 1125 75.75 78.47 54.09
N GLY G 1126 75.76 79.77 53.84
CA GLY G 1126 76.94 80.48 53.44
C GLY G 1126 77.76 81.07 54.58
N HIS G 1127 77.42 80.76 55.83
CA HIS G 1127 78.25 81.22 56.93
C HIS G 1127 79.55 80.43 57.02
N ARG G 1128 79.46 79.11 56.85
CA ARG G 1128 80.64 78.24 56.91
C ARG G 1128 80.79 77.44 55.62
N GLY G 1129 80.10 77.83 54.56
CA GLY G 1129 80.15 77.10 53.31
C GLY G 1129 79.61 75.68 53.42
N GLN G 1130 78.43 75.54 54.01
CA GLN G 1130 77.82 74.24 54.21
C GLN G 1130 76.47 74.14 53.50
N ARG G 1131 76.20 72.98 52.92
CA ARG G 1131 74.89 72.64 52.39
C ARG G 1131 74.33 71.49 53.21
N TRP G 1132 73.08 71.62 53.64
CA TRP G 1132 72.48 70.66 54.57
C TRP G 1132 71.38 69.87 53.88
N HIS G 1133 71.55 68.55 53.85
CA HIS G 1133 70.49 67.62 53.49
C HIS G 1133 70.88 66.27 54.08
N LEU G 1134 70.11 65.81 55.06
CA LEU G 1134 70.44 64.62 55.85
C LEU G 1134 71.75 64.79 56.61
N GLY G 1135 72.13 66.04 56.87
CA GLY G 1135 73.42 66.36 57.48
C GLY G 1135 74.18 67.39 56.67
N SER G 1136 75.22 67.92 57.31
CA SER G 1136 75.99 68.98 56.70
C SER G 1136 77.01 68.42 55.71
N GLU G 1137 77.53 69.31 54.87
CA GLU G 1137 78.51 69.01 53.82
C GLU G 1137 79.23 70.30 53.45
N PRO G 1138 80.56 70.31 53.35
CA PRO G 1138 81.28 71.54 53.00
C PRO G 1138 81.07 71.89 51.53
N PHE G 1139 80.59 73.12 51.29
CA PHE G 1139 80.28 73.55 49.92
C PHE G 1139 80.30 75.07 49.87
N GLY G 1140 81.25 75.64 49.14
CA GLY G 1140 81.31 77.07 48.95
C GLY G 1140 82.07 77.80 50.04
N ARG G 1141 82.20 79.10 49.83
CA ARG G 1141 82.95 79.98 50.71
C ARG G 1141 82.01 80.77 51.61
N PRO G 1142 82.53 81.30 52.74
CA PRO G 1142 81.68 82.12 53.61
C PRO G 1142 81.24 83.43 52.96
N TRP G 1143 80.48 84.23 53.70
CA TRP G 1143 79.89 85.44 53.15
C TRP G 1143 80.82 86.64 53.26
N GLN G 1144 80.37 87.74 52.65
CA GLN G 1144 80.87 89.09 52.92
C GLN G 1144 79.63 89.94 53.19
N SER G 1145 79.75 91.26 53.09
CA SER G 1145 78.56 92.10 53.15
C SER G 1145 77.83 92.06 51.81
N GLY G 1146 76.55 92.40 51.85
CA GLY G 1146 75.73 92.38 50.64
C GLY G 1146 75.05 91.05 50.39
N ASP G 1147 75.83 90.03 50.05
CA ASP G 1147 75.37 88.64 49.95
C ASP G 1147 74.14 88.52 49.04
N VAL G 1148 74.35 88.85 47.78
CA VAL G 1148 73.31 88.72 46.77
C VAL G 1148 73.40 87.30 46.23
N VAL G 1149 72.50 86.44 46.68
CA VAL G 1149 72.54 85.03 46.33
C VAL G 1149 71.20 84.62 45.73
N GLY G 1150 71.23 83.81 44.68
CA GLY G 1150 70.03 83.31 44.06
C GLY G 1150 70.01 81.78 44.03
N CYS G 1151 68.86 81.23 43.66
CA CYS G 1151 68.67 79.79 43.66
C CYS G 1151 68.20 79.33 42.29
N MET G 1152 68.98 78.44 41.68
CA MET G 1152 68.64 77.88 40.39
C MET G 1152 67.74 76.66 40.62
N ILE G 1153 66.92 76.32 39.63
CA ILE G 1153 66.14 75.09 39.76
C ILE G 1153 65.67 74.59 38.39
N ASP G 1154 65.83 73.29 38.15
CA ASP G 1154 65.41 72.73 36.86
C ASP G 1154 64.94 71.31 37.12
N LEU G 1155 63.62 71.10 37.07
CA LEU G 1155 63.05 69.79 37.31
C LEU G 1155 63.20 68.84 36.13
N THR G 1156 63.55 69.36 34.94
CA THR G 1156 63.71 68.47 33.79
C THR G 1156 64.85 67.49 34.03
N GLU G 1157 66.02 68.00 34.41
CA GLU G 1157 67.16 67.15 34.76
C GLU G 1157 67.30 66.93 36.26
N ASN G 1158 66.39 67.48 37.06
CA ASN G 1158 66.36 67.26 38.50
C ASN G 1158 67.66 67.72 39.15
N THR G 1159 67.95 69.01 39.01
CA THR G 1159 69.21 69.58 39.48
C THR G 1159 68.97 70.95 40.09
N ILE G 1160 69.69 71.24 41.17
CA ILE G 1160 69.61 72.51 41.88
C ILE G 1160 71.00 73.13 41.89
N ILE G 1161 71.08 74.41 41.52
CA ILE G 1161 72.34 75.14 41.44
C ILE G 1161 72.21 76.40 42.28
N PHE G 1162 73.31 76.83 42.89
CA PHE G 1162 73.37 78.09 43.61
C PHE G 1162 74.37 79.02 42.94
N THR G 1163 74.08 80.32 43.02
CA THR G 1163 74.95 81.34 42.45
C THR G 1163 75.17 82.43 43.48
N LEU G 1164 76.42 82.85 43.65
CA LEU G 1164 76.78 83.93 44.56
C LEU G 1164 77.32 85.09 43.76
N ASN G 1165 76.70 86.26 43.92
CA ASN G 1165 77.07 87.47 43.16
C ASN G 1165 77.10 87.18 41.66
N GLY G 1166 76.12 86.41 41.21
CA GLY G 1166 76.09 86.00 39.81
C GLY G 1166 77.22 85.09 39.41
N GLU G 1167 77.66 84.21 40.30
CA GLU G 1167 78.73 83.25 40.01
C GLU G 1167 78.41 81.93 40.67
N VAL G 1168 78.38 80.86 39.87
CA VAL G 1168 78.05 79.53 40.38
C VAL G 1168 79.15 79.05 41.31
N LEU G 1169 78.77 78.36 42.37
CA LEU G 1169 79.72 77.82 43.33
C LEU G 1169 80.10 76.39 42.94
N MET G 1170 81.40 76.14 42.83
CA MET G 1170 81.88 74.81 42.48
C MET G 1170 81.75 73.86 43.67
N SER G 1171 81.82 72.57 43.38
CA SER G 1171 81.77 71.55 44.40
C SER G 1171 83.17 71.32 44.96
N ASP G 1172 83.35 70.26 45.76
CA ASP G 1172 84.65 69.94 46.31
C ASP G 1172 85.66 69.66 45.19
N SER G 1173 85.29 68.79 44.25
CA SER G 1173 86.12 68.53 43.09
C SER G 1173 85.77 69.43 41.91
N GLY G 1174 84.66 70.16 41.97
CA GLY G 1174 84.23 71.02 40.90
C GLY G 1174 83.14 70.40 40.06
N SER G 1175 81.89 70.79 40.30
CA SER G 1175 80.74 70.26 39.57
C SER G 1175 79.59 71.24 39.73
N GLU G 1176 78.40 70.83 39.31
CA GLU G 1176 77.23 71.70 39.33
C GLU G 1176 76.44 71.49 40.63
N THR G 1177 77.05 71.97 41.71
CA THR G 1177 76.41 72.09 43.02
C THR G 1177 76.13 70.72 43.65
N ALA G 1178 76.43 69.65 42.91
CA ALA G 1178 76.37 68.29 43.42
C ALA G 1178 74.98 67.88 43.89
N PHE G 1179 74.00 68.76 43.72
CA PHE G 1179 72.61 68.46 44.08
C PHE G 1179 71.92 67.95 42.83
N ARG G 1180 71.81 66.63 42.71
CA ARG G 1180 71.21 66.03 41.52
C ARG G 1180 70.32 64.87 41.95
N GLU G 1181 69.51 64.42 40.99
CA GLU G 1181 68.62 63.28 41.17
C GLU G 1181 67.62 63.55 42.30
N ILE G 1182 66.76 64.53 42.06
CA ILE G 1182 65.73 64.96 43.01
C ILE G 1182 64.37 64.57 42.44
N GLU G 1183 63.51 64.03 43.30
CA GLU G 1183 62.18 63.59 42.88
C GLU G 1183 61.20 64.75 42.99
N ILE G 1184 60.23 64.77 42.08
CA ILE G 1184 59.26 65.87 42.04
C ILE G 1184 58.40 65.87 43.30
N GLY G 1185 57.85 64.72 43.65
CA GLY G 1185 57.02 64.60 44.84
C GLY G 1185 55.80 65.50 44.82
N ASP G 1186 55.74 66.46 45.75
CA ASP G 1186 54.65 67.42 45.83
C ASP G 1186 55.12 68.83 45.53
N GLY G 1187 56.06 68.98 44.62
CA GLY G 1187 56.57 70.28 44.27
C GLY G 1187 57.54 70.82 45.31
N PHE G 1188 57.93 72.08 45.10
CA PHE G 1188 58.84 72.84 45.96
C PHE G 1188 58.38 74.28 46.16
N LEU G 1189 58.82 74.90 47.25
CA LEU G 1189 58.57 76.30 47.62
C LEU G 1189 59.89 77.00 47.98
N PRO G 1190 60.05 78.30 47.74
CA PRO G 1190 61.17 79.04 48.28
C PRO G 1190 61.03 79.13 49.81
N VAL G 1191 62.12 78.92 50.53
CA VAL G 1191 62.17 78.96 51.98
C VAL G 1191 63.39 79.78 52.39
N CYS G 1192 63.29 80.43 53.55
CA CYS G 1192 64.39 81.22 54.09
C CYS G 1192 64.24 81.31 55.60
N SER G 1193 65.35 81.21 56.29
CA SER G 1193 65.39 81.35 57.75
C SER G 1193 66.24 82.57 58.11
N LEU G 1194 66.35 82.82 59.41
CA LEU G 1194 67.16 83.94 59.88
C LEU G 1194 67.61 83.63 61.30
N GLY G 1195 68.90 83.76 61.57
CA GLY G 1195 69.39 83.68 62.93
C GLY G 1195 69.12 84.95 63.68
N PRO G 1196 69.42 84.93 64.98
CA PRO G 1196 69.12 86.11 65.82
C PRO G 1196 69.88 87.34 65.37
N GLY G 1197 69.20 88.49 65.48
CA GLY G 1197 69.80 89.77 65.22
C GLY G 1197 70.00 90.14 63.77
N GLN G 1198 70.05 89.17 62.86
CA GLN G 1198 70.31 89.46 61.46
C GLN G 1198 69.03 89.87 60.75
N VAL G 1199 69.18 90.31 59.50
CA VAL G 1199 68.07 90.80 58.70
C VAL G 1199 68.23 90.28 57.28
N GLY G 1200 67.11 89.88 56.66
CA GLY G 1200 67.12 89.40 55.30
C GLY G 1200 66.10 90.15 54.45
N HIS G 1201 66.33 90.11 53.13
CA HIS G 1201 65.48 90.80 52.17
C HIS G 1201 65.29 89.91 50.96
N LEU G 1202 64.11 89.30 50.86
CA LEU G 1202 63.80 88.44 49.72
C LEU G 1202 63.41 89.27 48.51
N ASN G 1203 63.48 88.64 47.33
CA ASN G 1203 63.07 89.25 46.08
C ASN G 1203 62.54 88.14 45.18
N LEU G 1204 61.22 87.96 45.08
CA LEU G 1204 60.64 86.95 44.19
C LEU G 1204 60.50 87.43 42.73
N GLY G 1205 60.96 88.64 42.41
CA GLY G 1205 61.10 89.12 41.03
C GLY G 1205 59.82 89.63 40.38
N GLN G 1206 58.87 90.13 41.17
CA GLN G 1206 57.59 90.67 40.67
C GLN G 1206 57.77 91.88 39.73
N ASP G 1207 58.87 92.63 39.86
CA ASP G 1207 59.31 93.61 38.85
C ASP G 1207 60.79 93.36 38.49
N VAL G 1208 61.09 93.30 37.20
CA VAL G 1208 62.39 92.83 36.71
C VAL G 1208 63.52 93.84 36.92
N SER G 1209 63.26 95.15 36.94
CA SER G 1209 64.33 96.13 37.13
C SER G 1209 64.98 95.98 38.49
N SER G 1210 64.17 95.74 39.54
CA SER G 1210 64.73 95.64 40.89
C SER G 1210 65.65 94.45 41.03
N LEU G 1211 65.45 93.38 40.26
CA LEU G 1211 66.28 92.18 40.26
C LEU G 1211 67.68 92.56 39.75
N ARG G 1212 68.71 92.51 40.60
CA ARG G 1212 69.95 93.28 40.39
C ARG G 1212 70.87 92.65 39.35
N PHE G 1213 71.44 91.48 39.65
CA PHE G 1213 72.38 90.88 38.71
C PHE G 1213 71.65 90.21 37.55
N PHE G 1214 70.82 89.21 37.88
CA PHE G 1214 70.09 88.38 36.92
C PHE G 1214 70.91 88.28 35.65
N ALA G 1215 70.44 88.88 34.53
CA ALA G 1215 71.10 89.14 33.25
C ALA G 1215 72.22 88.17 32.90
N ILE G 1216 73.34 88.27 33.62
CA ILE G 1216 74.49 87.41 33.35
C ILE G 1216 74.13 85.95 33.57
N CYS G 1217 73.29 85.67 34.56
CA CYS G 1217 72.69 84.35 34.74
C CYS G 1217 71.18 84.51 34.67
N GLY G 1218 70.51 83.55 34.02
CA GLY G 1218 69.11 83.72 33.69
C GLY G 1218 68.83 83.70 32.19
N LEU G 1219 68.56 84.88 31.63
CA LEU G 1219 68.12 85.04 30.23
C LEU G 1219 68.74 84.04 29.27
N GLN G 1220 70.07 83.96 29.20
CA GLN G 1220 70.67 83.10 28.19
C GLN G 1220 70.98 81.71 28.73
N GLU G 1221 70.03 81.12 29.45
CA GLU G 1221 70.02 79.67 29.61
C GLU G 1221 68.61 79.17 29.85
N GLY G 1222 67.60 80.04 29.80
CA GLY G 1222 66.22 79.65 30.09
C GLY G 1222 65.78 79.68 31.54
N PHE G 1223 65.53 80.86 32.10
CA PHE G 1223 64.99 81.02 33.45
C PHE G 1223 64.09 82.24 33.51
N GLU G 1224 63.08 82.21 34.39
CA GLU G 1224 62.12 83.29 34.60
C GLU G 1224 61.86 83.39 36.11
N PRO G 1225 61.78 84.58 36.72
CA PRO G 1225 61.69 84.67 38.17
C PRO G 1225 60.35 84.19 38.72
N PHE G 1226 60.35 83.73 39.98
CA PHE G 1226 59.25 82.98 40.58
C PHE G 1226 57.88 83.67 40.53
N ALA G 1227 57.82 84.99 40.65
CA ALA G 1227 56.59 85.78 40.67
C ALA G 1227 56.41 86.71 39.45
N ILE G 1228 56.95 86.36 38.27
CA ILE G 1228 57.09 87.28 37.13
C ILE G 1228 55.82 88.05 36.69
N ASN G 1229 54.64 87.45 36.81
CA ASN G 1229 53.40 87.98 36.24
C ASN G 1229 52.18 87.78 37.16
N MET G 1230 52.18 88.51 38.28
CA MET G 1230 51.07 88.57 39.24
C MET G 1230 50.75 90.02 39.61
N GLN G 1231 49.46 90.37 39.67
CA GLN G 1231 49.00 91.72 40.00
C GLN G 1231 49.10 92.07 41.50
N ARG G 1232 49.35 91.09 42.36
CA ARG G 1232 49.45 91.25 43.83
C ARG G 1232 50.61 90.43 44.40
N PRO G 1233 51.33 90.95 45.42
CA PRO G 1233 52.53 90.31 45.94
C PRO G 1233 52.22 88.99 46.67
N VAL G 1234 53.22 88.11 46.74
CA VAL G 1234 53.12 86.80 47.37
C VAL G 1234 52.95 86.90 48.89
N THR G 1235 51.86 86.36 49.46
CA THR G 1235 51.72 86.18 50.89
C THR G 1235 52.72 85.14 51.41
N THR G 1236 53.08 85.26 52.69
CA THR G 1236 54.09 84.42 53.29
C THR G 1236 53.67 84.04 54.70
N TRP G 1237 54.27 82.97 55.21
CA TRP G 1237 54.02 82.46 56.55
C TRP G 1237 55.30 82.46 57.38
N PHE G 1238 55.15 82.12 58.65
CA PHE G 1238 56.28 82.04 59.57
C PHE G 1238 55.87 81.26 60.80
N SER G 1239 56.87 80.82 61.56
CA SER G 1239 56.64 80.12 62.81
C SER G 1239 56.48 81.13 63.93
N LYS G 1240 55.50 80.89 64.80
CA LYS G 1240 55.11 81.89 65.79
C LYS G 1240 56.00 81.85 67.03
N SER G 1241 56.05 80.68 67.70
CA SER G 1241 56.82 80.33 68.90
C SER G 1241 55.86 80.04 70.04
N LEU G 1242 54.90 80.94 70.25
CA LEU G 1242 53.90 80.85 71.31
C LEU G 1242 53.20 79.49 71.26
N PRO G 1243 53.38 78.65 72.29
CA PRO G 1243 52.78 77.32 72.26
C PRO G 1243 51.26 77.37 72.31
N GLN G 1244 50.63 76.37 71.68
CA GLN G 1244 49.19 76.27 71.66
C GLN G 1244 48.79 74.81 71.72
N PHE G 1245 47.67 74.53 72.38
CA PHE G 1245 47.21 73.16 72.55
C PHE G 1245 46.67 72.60 71.23
N GLU G 1246 46.89 71.30 71.02
CA GLU G 1246 46.44 70.60 69.84
C GLU G 1246 46.33 69.12 70.17
N PRO G 1247 45.38 68.41 69.56
CA PRO G 1247 45.22 66.98 69.88
C PRO G 1247 46.46 66.18 69.52
N VAL G 1248 46.72 65.15 70.31
CA VAL G 1248 47.93 64.36 70.13
C VAL G 1248 47.81 63.51 68.87
N PRO G 1249 48.78 63.57 67.96
CA PRO G 1249 48.73 62.72 66.76
C PRO G 1249 49.09 61.29 67.11
N PRO G 1250 48.28 60.31 66.67
CA PRO G 1250 48.57 58.91 67.03
C PRO G 1250 49.66 58.30 66.17
N GLU G 1251 50.73 59.06 65.95
CA GLU G 1251 51.93 58.55 65.30
C GLU G 1251 53.18 59.08 65.98
N HIS G 1252 52.92 59.63 67.18
CA HIS G 1252 54.00 60.19 68.04
C HIS G 1252 54.87 59.03 68.46
N PRO G 1253 56.14 59.02 68.05
CA PRO G 1253 57.03 57.97 68.42
C PRO G 1253 56.68 57.39 69.78
N HIS G 1254 57.05 58.11 70.83
CA HIS G 1254 56.87 57.53 72.16
C HIS G 1254 55.81 58.33 72.92
N TYR G 1255 54.54 58.04 72.61
CA TYR G 1255 53.38 58.42 73.39
C TYR G 1255 52.16 57.68 72.86
N GLU G 1256 51.45 56.95 73.72
CA GLU G 1256 50.28 56.17 73.30
C GLU G 1256 49.15 56.40 74.30
N VAL G 1257 47.98 56.76 73.77
CA VAL G 1257 46.80 57.02 74.60
C VAL G 1257 45.65 56.20 74.02
N ALA G 1258 44.74 55.79 74.89
CA ALA G 1258 43.60 54.98 74.46
C ALA G 1258 42.49 55.09 75.50
N ARG G 1259 41.28 54.77 75.06
CA ARG G 1259 40.12 54.69 75.93
C ARG G 1259 40.04 53.28 76.50
N MET G 1260 39.66 53.17 77.77
CA MET G 1260 39.81 51.90 78.49
C MET G 1260 38.57 51.02 78.39
N ASP G 1261 37.44 51.49 78.94
CA ASP G 1261 36.28 50.62 79.08
C ASP G 1261 35.06 51.35 79.63
N GLY G 1262 33.96 50.62 79.79
CA GLY G 1262 32.76 51.13 80.43
C GLY G 1262 32.18 50.13 81.42
N THR G 1263 33.06 49.36 82.07
CA THR G 1263 32.63 48.26 82.92
C THR G 1263 31.85 48.78 84.12
N VAL G 1264 31.13 47.85 84.77
CA VAL G 1264 30.30 48.21 85.92
C VAL G 1264 31.16 48.69 87.08
N ASP G 1265 32.24 47.96 87.38
CA ASP G 1265 33.06 48.31 88.54
C ASP G 1265 33.86 49.59 88.27
N THR G 1266 34.72 49.57 87.25
CA THR G 1266 35.54 50.75 87.01
C THR G 1266 34.84 51.71 86.06
N PRO G 1267 34.90 53.00 86.33
CA PRO G 1267 34.30 53.98 85.42
C PRO G 1267 35.19 54.19 84.20
N PRO G 1268 34.66 54.82 83.14
CA PRO G 1268 35.51 55.08 81.97
C PRO G 1268 36.69 55.96 82.33
N CYS G 1269 37.84 55.55 81.75
CA CYS G 1269 39.12 56.21 82.09
C CYS G 1269 40.08 56.21 80.91
N LEU G 1270 40.91 57.25 80.80
CA LEU G 1270 41.94 57.33 79.75
C LEU G 1270 43.30 57.10 80.41
N ARG G 1271 44.21 56.36 79.78
CA ARG G 1271 45.52 55.98 80.28
C ARG G 1271 46.59 56.38 79.27
N LEU G 1272 47.85 56.21 79.64
CA LEU G 1272 48.97 56.56 78.77
C LEU G 1272 49.94 55.38 78.70
N ALA G 1273 51.00 55.57 77.92
CA ALA G 1273 52.05 54.56 77.75
C ALA G 1273 53.32 55.29 77.34
N HIS G 1274 54.39 54.53 77.15
CA HIS G 1274 55.68 55.08 76.79
C HIS G 1274 56.56 53.96 76.29
N ARG G 1275 57.70 54.33 75.70
CA ARG G 1275 58.70 53.36 75.27
C ARG G 1275 59.96 53.53 76.10
N THR G 1276 59.89 53.11 77.36
CA THR G 1276 60.98 53.28 78.32
C THR G 1276 62.17 52.38 77.97
N TRP G 1277 63.11 52.92 77.21
CA TRP G 1277 64.31 52.19 76.83
C TRP G 1277 65.40 53.15 76.37
N GLY G 1278 66.14 52.75 75.35
CA GLY G 1278 67.22 53.57 74.82
C GLY G 1278 66.68 54.54 73.78
N SER G 1279 67.38 54.64 72.65
CA SER G 1279 67.00 55.52 71.54
C SER G 1279 66.88 56.98 72.00
N GLN G 1280 65.76 57.32 72.61
CA GLN G 1280 65.51 58.70 73.04
C GLN G 1280 64.86 58.75 74.40
N ASN G 1281 64.56 59.98 74.86
CA ASN G 1281 63.96 60.19 76.17
C ASN G 1281 62.81 61.18 76.08
N SER G 1282 62.52 61.84 77.20
CA SER G 1282 61.42 62.80 77.25
C SER G 1282 61.56 63.79 78.41
N LEU G 1283 60.79 64.86 78.37
CA LEU G 1283 60.80 65.87 79.42
C LEU G 1283 59.46 65.86 80.17
N VAL G 1284 58.92 67.05 80.40
CA VAL G 1284 57.66 67.19 81.13
C VAL G 1284 56.49 67.44 80.17
N GLU G 1285 55.60 66.46 80.06
CA GLU G 1285 54.47 66.56 79.15
C GLU G 1285 53.30 67.30 79.78
N MET G 1286 53.28 68.61 79.63
CA MET G 1286 52.21 69.44 80.18
C MET G 1286 50.90 69.18 79.44
N LEU G 1287 50.21 68.09 79.80
CA LEU G 1287 48.99 67.67 79.11
C LEU G 1287 47.75 68.36 79.67
N PHE G 1288 46.66 68.29 78.93
CA PHE G 1288 45.38 68.89 79.33
C PHE G 1288 44.24 68.35 78.48
N LEU G 1289 43.08 68.09 79.09
CA LEU G 1289 42.00 67.44 78.30
C LEU G 1289 41.36 68.49 77.40
N ARG G 1290 40.25 68.17 76.72
CA ARG G 1290 39.69 69.10 75.71
C ARG G 1290 38.22 69.40 75.96
N LEU G 1291 37.92 70.52 76.61
CA LEU G 1291 36.53 70.94 76.88
C LEU G 1291 36.55 72.10 77.89
N SER G 1292 35.60 72.15 78.82
CA SER G 1292 35.56 73.32 79.70
C SER G 1292 34.57 73.09 80.85
N LEU G 1293 34.29 74.13 81.65
CA LEU G 1293 33.28 74.04 82.72
C LEU G 1293 32.97 75.45 83.24
N PRO G 1294 32.31 76.30 82.44
CA PRO G 1294 32.02 77.70 82.83
C PRO G 1294 31.39 77.70 84.21
N VAL G 1295 31.45 78.81 84.98
CA VAL G 1295 30.95 78.62 86.35
C VAL G 1295 29.42 78.73 86.36
N GLN G 1296 28.82 79.89 86.66
CA GLN G 1296 27.35 79.95 86.57
C GLN G 1296 26.81 81.37 86.66
N PHE G 1297 27.17 82.23 85.72
CA PHE G 1297 26.57 83.60 85.68
C PHE G 1297 27.07 84.33 84.42
N ASP G 1422 23.30 57.46 96.25
CA ASP G 1422 22.85 58.82 96.54
C ASP G 1422 21.34 58.92 96.56
N ASP G 1423 20.85 59.96 97.23
CA ASP G 1423 19.42 60.26 97.14
C ASP G 1423 19.13 60.93 95.79
N PRO G 1424 17.99 60.62 95.19
CA PRO G 1424 17.61 61.31 93.95
C PRO G 1424 17.27 62.77 94.15
N GLU G 1425 17.05 63.22 95.38
CA GLU G 1425 16.83 64.64 95.62
C GLU G 1425 18.16 65.41 95.55
N ILE G 1426 19.18 64.93 96.24
CA ILE G 1426 20.43 65.67 96.30
C ILE G 1426 21.20 65.61 94.99
N ILE G 1427 21.08 64.52 94.23
CA ILE G 1427 21.90 64.37 93.03
C ILE G 1427 21.29 65.11 91.85
N LEU G 1428 20.05 65.55 91.95
CA LEU G 1428 19.44 66.31 90.88
C LEU G 1428 19.40 67.79 91.15
N ASN G 1429 20.01 68.24 92.24
CA ASN G 1429 20.10 69.65 92.57
C ASN G 1429 21.53 70.11 92.80
N THR G 1430 22.47 69.17 92.91
CA THR G 1430 23.85 69.48 93.26
C THR G 1430 24.57 70.22 92.14
N THR G 1431 25.40 71.19 92.53
CA THR G 1431 26.36 71.81 91.63
C THR G 1431 27.74 71.67 92.27
N THR G 1432 28.31 70.48 92.14
CA THR G 1432 29.70 70.20 92.46
C THR G 1432 30.07 68.86 91.84
N TYR G 1433 31.07 68.82 90.95
CA TYR G 1433 31.46 67.54 90.34
C TYR G 1433 32.94 67.18 90.44
N TYR G 1434 33.21 65.92 90.31
CA TYR G 1434 34.38 65.15 90.69
C TYR G 1434 34.99 64.50 89.46
N TYR G 1435 36.32 64.60 89.35
CA TYR G 1435 37.08 63.74 88.45
C TYR G 1435 38.23 63.18 89.25
N SER G 1436 38.96 62.25 88.64
CA SER G 1436 39.95 61.49 89.38
C SER G 1436 41.10 61.08 88.47
N VAL G 1437 42.30 61.13 89.03
CA VAL G 1437 43.48 60.56 88.40
C VAL G 1437 44.09 59.57 89.38
N ARG G 1438 44.79 58.58 88.86
CA ARG G 1438 45.48 57.61 89.67
C ARG G 1438 46.91 57.47 89.16
N VAL G 1439 47.86 57.87 89.97
CA VAL G 1439 49.26 57.70 89.63
C VAL G 1439 49.63 56.24 89.87
N PHE G 1440 50.08 55.49 88.89
CA PHE G 1440 50.39 54.10 89.14
C PHE G 1440 51.71 53.97 89.77
N ALA G 1441 52.06 52.76 90.07
CA ALA G 1441 53.32 52.43 90.71
C ALA G 1441 54.48 52.65 89.74
N GLY G 1442 55.65 52.92 90.28
CA GLY G 1442 56.79 53.26 89.46
C GLY G 1442 56.82 54.70 89.00
N GLN G 1443 55.83 55.49 89.36
CA GLN G 1443 55.83 56.92 89.08
C GLN G 1443 55.84 57.68 90.39
N GLU G 1444 56.78 58.60 90.52
CA GLU G 1444 56.90 59.35 91.76
C GLU G 1444 55.89 60.48 91.79
N PRO G 1445 55.09 60.61 92.85
CA PRO G 1445 54.25 61.79 93.02
C PRO G 1445 55.02 63.07 93.28
N SER G 1446 56.32 62.99 93.56
CA SER G 1446 57.17 64.17 93.61
C SER G 1446 57.24 64.89 92.28
N CYS G 1447 57.14 64.16 91.17
CA CYS G 1447 57.16 64.74 89.84
C CYS G 1447 55.80 64.65 89.15
N VAL G 1448 54.72 64.87 89.89
CA VAL G 1448 53.37 64.83 89.37
C VAL G 1448 52.63 66.06 89.89
N TRP G 1449 52.00 66.81 88.99
CA TRP G 1449 51.20 67.95 89.37
C TRP G 1449 49.81 67.76 88.80
N VAL G 1450 48.78 67.89 89.63
CA VAL G 1450 47.40 67.62 89.24
C VAL G 1450 46.57 68.84 89.58
N GLY G 1451 45.73 69.29 88.65
CA GLY G 1451 44.75 70.30 88.96
C GLY G 1451 44.01 70.88 87.77
N TRP G 1452 43.97 72.21 87.69
CA TRP G 1452 43.11 72.89 86.73
C TRP G 1452 43.87 74.04 86.06
N VAL G 1453 43.52 74.30 84.81
CA VAL G 1453 44.24 75.25 83.95
C VAL G 1453 43.23 76.00 83.09
N THR G 1454 43.33 77.33 83.09
CA THR G 1454 42.55 78.21 82.23
C THR G 1454 43.25 78.39 80.89
N PRO G 1455 42.51 78.70 79.82
CA PRO G 1455 43.12 78.75 78.47
C PRO G 1455 44.29 79.71 78.27
N ASP G 1456 44.37 80.81 79.00
CA ASP G 1456 45.49 81.73 78.81
C ASP G 1456 46.69 81.31 79.67
N TYR G 1457 47.26 80.17 79.34
CA TYR G 1457 48.41 79.61 80.03
C TYR G 1457 49.31 78.96 78.99
N HIS G 1458 50.51 79.50 78.83
CA HIS G 1458 51.45 79.01 77.81
C HIS G 1458 52.87 78.92 78.36
N GLN G 1459 53.05 78.30 79.52
CA GLN G 1459 54.37 78.09 80.09
C GLN G 1459 54.86 76.69 79.73
N HIS G 1460 55.79 76.62 78.77
CA HIS G 1460 56.37 75.36 78.33
C HIS G 1460 57.82 75.36 78.79
N ASP G 1461 58.09 74.73 79.93
CA ASP G 1461 59.43 74.65 80.46
C ASP G 1461 59.63 73.29 81.11
N MET G 1462 60.87 72.82 81.14
CA MET G 1462 61.19 71.57 81.79
C MET G 1462 61.61 71.75 83.24
N ASN G 1463 61.67 72.98 83.72
CA ASN G 1463 62.13 73.23 85.08
C ASN G 1463 60.97 73.74 85.93
N PHE G 1464 59.76 73.32 85.61
CA PHE G 1464 58.58 73.86 86.26
C PHE G 1464 58.43 73.32 87.67
N ASP G 1465 58.31 74.23 88.62
CA ASP G 1465 57.85 73.92 89.97
C ASP G 1465 56.70 74.87 90.27
N LEU G 1466 56.01 74.62 91.38
CA LEU G 1466 54.83 75.39 91.74
C LEU G 1466 55.15 76.86 92.05
N SER G 1467 56.42 77.18 92.32
CA SER G 1467 56.82 78.58 92.39
C SER G 1467 56.76 79.26 91.04
N LYS G 1468 56.91 78.50 89.96
CA LYS G 1468 56.87 79.08 88.62
C LYS G 1468 55.45 79.10 88.07
N VAL G 1469 54.53 79.65 88.84
CA VAL G 1469 53.13 79.77 88.44
C VAL G 1469 52.78 81.25 88.51
N ARG G 1470 52.21 81.78 87.43
CA ARG G 1470 51.78 83.17 87.44
C ARG G 1470 50.61 83.34 88.39
N ALA G 1471 50.66 84.37 89.19
CA ALA G 1471 49.59 84.71 90.14
C ALA G 1471 49.68 86.18 90.44
N VAL G 1472 48.60 86.91 90.16
CA VAL G 1472 48.55 88.35 90.31
C VAL G 1472 47.41 88.68 91.26
N THR G 1473 47.70 89.41 92.32
CA THR G 1473 46.72 89.77 93.33
C THR G 1473 46.25 91.20 93.06
N VAL G 1474 44.95 91.35 92.85
CA VAL G 1474 44.34 92.65 92.63
C VAL G 1474 43.57 93.04 93.88
N THR G 1475 43.87 94.21 94.43
CA THR G 1475 43.17 94.74 95.58
C THR G 1475 42.62 96.11 95.21
N MET G 1476 41.45 96.44 95.74
CA MET G 1476 40.83 97.75 95.54
C MET G 1476 40.29 98.23 96.88
N GLY G 1477 40.28 99.54 97.06
CA GLY G 1477 39.74 100.12 98.27
C GLY G 1477 38.99 101.41 98.02
N ASP G 1478 38.69 102.13 99.09
CA ASP G 1478 38.02 103.42 98.98
C ASP G 1478 39.05 104.53 98.87
N GLU G 1479 38.58 105.77 98.83
CA GLU G 1479 39.44 106.93 98.93
C GLU G 1479 40.08 107.07 100.31
N GLN G 1480 39.47 106.46 101.33
CA GLN G 1480 40.07 106.45 102.66
C GLN G 1480 41.28 105.54 102.73
N GLY G 1481 41.43 104.62 101.78
CA GLY G 1481 42.54 103.69 101.76
C GLY G 1481 42.21 102.32 102.31
N ASN G 1482 41.09 102.18 103.04
CA ASN G 1482 40.66 100.89 103.53
C ASN G 1482 40.19 100.02 102.37
N VAL G 1483 40.66 98.78 102.35
CA VAL G 1483 40.45 97.91 101.20
C VAL G 1483 39.00 97.44 101.15
N HIS G 1484 38.75 97.01 99.96
CA HIS G 1484 37.47 96.69 99.60
C HIS G 1484 37.19 95.38 98.93
N SER G 1485 38.23 94.70 98.49
CA SER G 1485 38.31 93.37 97.92
C SER G 1485 39.77 93.06 97.63
N SER G 1486 40.09 91.77 97.60
CA SER G 1486 41.44 91.31 97.30
C SER G 1486 41.32 90.07 96.43
N LEU G 1487 41.39 90.27 95.12
CA LEU G 1487 41.20 89.20 94.16
C LEU G 1487 42.55 88.69 93.68
N LYS G 1488 42.68 87.38 93.54
CA LYS G 1488 43.87 86.75 93.01
C LYS G 1488 43.53 85.94 91.77
N CYS G 1489 44.03 86.37 90.63
CA CYS G 1489 43.91 85.62 89.38
C CYS G 1489 45.18 84.82 89.19
N SER G 1490 45.03 83.53 88.91
CA SER G 1490 46.15 82.68 88.55
C SER G 1490 45.80 81.96 87.26
N ASN G 1491 46.82 81.69 86.46
CA ASN G 1491 46.61 80.96 85.22
C ASN G 1491 46.68 79.46 85.40
N CYS G 1492 46.64 78.97 86.63
CA CYS G 1492 46.89 77.58 86.96
C CYS G 1492 46.36 77.31 88.36
N TYR G 1493 45.63 76.22 88.53
CA TYR G 1493 45.07 75.84 89.82
C TYR G 1493 45.36 74.36 90.03
N MET G 1494 46.50 74.07 90.65
CA MET G 1494 46.92 72.69 90.86
C MET G 1494 47.42 72.49 92.28
N VAL G 1495 47.71 71.23 92.60
CA VAL G 1495 48.36 70.81 93.84
C VAL G 1495 49.62 70.05 93.47
N TRP G 1496 50.39 69.71 94.49
CA TRP G 1496 51.55 68.85 94.30
C TRP G 1496 51.25 67.46 94.85
N GLY G 1497 51.44 66.44 94.01
CA GLY G 1497 51.31 65.08 94.47
C GLY G 1497 52.38 64.66 95.45
N GLY G 1498 53.54 65.32 95.42
CA GLY G 1498 54.57 65.07 96.41
C GLY G 1498 54.27 65.64 97.78
N ASP G 1499 53.21 66.46 97.89
CA ASP G 1499 52.81 66.99 99.19
C ASP G 1499 51.91 66.03 99.96
N PHE G 1500 51.72 64.80 99.48
CA PHE G 1500 50.92 63.83 100.22
C PHE G 1500 51.71 62.55 100.49
N VAL G 1501 52.54 62.13 99.54
CA VAL G 1501 53.36 60.96 99.73
C VAL G 1501 54.82 61.40 99.81
N ILE G 1509 60.36 54.39 97.33
CA ILE G 1509 59.76 53.32 96.54
C ILE G 1509 58.43 52.90 97.16
N SER G 1510 57.34 53.43 96.61
CA SER G 1510 56.01 53.08 97.08
C SER G 1510 55.39 52.05 96.14
N HIS G 1511 54.89 50.97 96.71
CA HIS G 1511 54.21 49.93 95.93
C HIS G 1511 52.70 50.15 95.84
N THR G 1512 52.22 51.36 96.12
CA THR G 1512 50.80 51.67 96.09
C THR G 1512 50.54 52.91 95.25
N ASP G 1513 49.28 53.10 94.91
CA ASP G 1513 48.87 54.12 93.94
C ASP G 1513 48.23 55.31 94.65
N LEU G 1514 48.91 56.45 94.60
CA LEU G 1514 48.37 57.70 95.12
C LEU G 1514 47.27 58.18 94.17
N VAL G 1515 46.04 58.20 94.66
CA VAL G 1515 44.88 58.60 93.87
C VAL G 1515 44.47 59.98 94.32
N ILE G 1516 44.51 60.95 93.42
CA ILE G 1516 44.17 62.33 93.72
C ILE G 1516 42.88 62.67 92.99
N GLY G 1517 41.88 63.13 93.73
CA GLY G 1517 40.63 63.57 93.16
C GLY G 1517 40.34 65.01 93.56
N CYS G 1518 39.67 65.73 92.65
CA CYS G 1518 39.43 67.16 92.84
C CYS G 1518 37.94 67.42 92.86
N LEU G 1519 37.56 68.54 93.47
CA LEU G 1519 36.17 68.90 93.68
C LEU G 1519 35.97 70.35 93.32
N VAL G 1520 35.05 70.61 92.39
CA VAL G 1520 34.77 71.96 91.90
C VAL G 1520 33.28 72.23 92.03
N ASP G 1521 32.94 73.29 92.76
CA ASP G 1521 31.56 73.66 93.05
C ASP G 1521 31.20 74.86 92.18
N LEU G 1522 30.34 74.63 91.19
CA LEU G 1522 30.09 75.63 90.14
C LEU G 1522 29.31 76.84 90.61
N ALA G 1523 28.35 76.68 91.51
CA ALA G 1523 27.53 77.81 91.89
C ALA G 1523 28.24 78.71 92.91
N THR G 1524 29.37 78.27 93.44
CA THR G 1524 30.16 79.10 94.33
C THR G 1524 31.54 79.41 93.78
N GLY G 1525 32.02 78.63 92.82
CA GLY G 1525 33.37 78.82 92.35
C GLY G 1525 34.41 78.33 93.33
N LEU G 1526 34.04 77.48 94.26
CA LEU G 1526 34.94 76.97 95.28
C LEU G 1526 35.53 75.65 94.80
N MET G 1527 36.86 75.56 94.86
CA MET G 1527 37.56 74.37 94.40
C MET G 1527 38.37 73.76 95.55
N THR G 1528 38.16 72.48 95.79
CA THR G 1528 38.88 71.74 96.81
C THR G 1528 39.43 70.46 96.20
N PHE G 1529 40.34 69.81 96.93
CA PHE G 1529 41.09 68.67 96.44
C PHE G 1529 41.19 67.61 97.52
N THR G 1530 40.90 66.36 97.15
CA THR G 1530 40.91 65.25 98.09
C THR G 1530 42.06 64.32 97.77
N ALA G 1531 42.76 63.87 98.81
CA ALA G 1531 43.87 62.95 98.66
C ALA G 1531 43.50 61.64 99.30
N ASN G 1532 43.18 60.64 98.47
CA ASN G 1532 42.76 59.29 98.88
C ASN G 1532 41.57 59.34 99.82
N GLY G 1533 40.63 60.25 99.57
CA GLY G 1533 39.50 60.44 100.44
C GLY G 1533 39.78 61.25 101.68
N LYS G 1534 41.02 61.67 101.90
CA LYS G 1534 41.37 62.56 103.00
C LYS G 1534 41.58 63.95 102.43
N GLU G 1535 40.80 64.91 102.92
CA GLU G 1535 40.81 66.26 102.38
C GLU G 1535 42.13 66.96 102.69
N SER G 1536 42.66 67.65 101.70
CA SER G 1536 43.90 68.40 101.84
C SER G 1536 43.58 69.76 102.43
N ASN G 1537 44.62 70.42 102.91
CA ASN G 1537 44.47 71.73 103.54
C ASN G 1537 44.15 72.83 102.53
N THR G 1538 44.54 72.66 101.28
CA THR G 1538 44.39 73.73 100.31
C THR G 1538 42.97 73.80 99.78
N PHE G 1539 42.68 74.92 99.12
CA PHE G 1539 41.37 75.21 98.53
C PHE G 1539 41.54 76.40 97.59
N PHE G 1540 40.55 76.61 96.74
CA PHE G 1540 40.63 77.67 95.74
C PHE G 1540 39.25 78.23 95.44
N GLN G 1541 39.19 79.54 95.24
CA GLN G 1541 37.96 80.24 94.90
C GLN G 1541 38.23 81.22 93.79
N VAL G 1542 37.31 81.30 92.82
CA VAL G 1542 37.55 82.03 91.59
C VAL G 1542 36.49 83.10 91.34
N GLU G 1543 36.64 83.81 90.22
CA GLU G 1543 35.67 84.80 89.77
C GLU G 1543 34.39 84.12 89.29
N PRO G 1544 33.29 84.88 89.13
CA PRO G 1544 32.04 84.26 88.65
C PRO G 1544 32.11 83.70 87.23
N ASN G 1545 32.41 84.53 86.24
CA ASN G 1545 32.36 84.08 84.85
C ASN G 1545 33.76 83.72 84.40
N THR G 1546 34.15 82.48 84.69
CA THR G 1546 35.42 81.97 84.19
C THR G 1546 35.27 80.48 83.91
N LYS G 1547 36.16 79.97 83.06
CA LYS G 1547 36.15 78.57 82.70
C LYS G 1547 37.44 77.93 83.17
N LEU G 1548 37.50 76.61 83.05
CA LEU G 1548 38.63 75.86 83.55
C LEU G 1548 38.77 74.56 82.78
N PHE G 1549 39.94 74.06 82.41
CA PHE G 1549 40.01 72.75 81.78
C PHE G 1549 40.75 71.92 82.75
N PRO G 1550 40.42 70.72 83.02
CA PRO G 1550 41.12 69.78 83.90
C PRO G 1550 42.53 69.55 83.41
N ALA G 1551 43.50 69.45 84.31
CA ALA G 1551 44.90 69.45 83.91
C ALA G 1551 45.72 68.50 84.77
N VAL G 1552 46.70 67.86 84.14
CA VAL G 1552 47.69 67.03 84.80
C VAL G 1552 49.03 67.33 84.16
N PHE G 1553 50.03 67.69 84.97
CA PHE G 1553 51.38 67.89 84.49
C PHE G 1553 52.24 66.79 85.09
N VAL G 1554 53.11 66.19 84.29
CA VAL G 1554 53.86 65.04 84.75
C VAL G 1554 55.18 64.95 84.00
N LEU G 1555 56.23 64.57 84.71
CA LEU G 1555 57.44 64.03 84.11
C LEU G 1555 57.42 62.53 84.34
N PRO G 1556 57.36 61.71 83.29
CA PRO G 1556 57.10 60.27 83.47
C PRO G 1556 58.37 59.53 83.87
N THR G 1557 58.21 58.51 84.71
CA THR G 1557 59.32 57.65 85.11
C THR G 1557 58.95 56.18 85.13
N HIS G 1558 58.07 55.72 84.24
CA HIS G 1558 57.65 54.34 84.24
C HIS G 1558 57.19 53.97 82.83
N GLN G 1559 56.93 52.68 82.61
CA GLN G 1559 56.29 52.26 81.38
C GLN G 1559 54.83 52.65 81.36
N ASN G 1560 54.17 52.61 82.53
CA ASN G 1560 52.79 53.05 82.67
C ASN G 1560 52.76 54.18 83.69
N VAL G 1561 52.19 55.33 83.32
CA VAL G 1561 52.39 56.49 84.17
C VAL G 1561 51.14 56.89 84.94
N ILE G 1562 50.11 57.38 84.24
CA ILE G 1562 48.92 57.91 84.89
C ILE G 1562 47.69 57.34 84.21
N GLN G 1563 46.49 57.72 84.63
CA GLN G 1563 45.28 57.22 84.03
C GLN G 1563 44.10 58.04 84.42
N PHE G 1564 43.81 59.09 83.64
CA PHE G 1564 42.71 60.03 83.95
C PHE G 1564 41.39 59.28 84.05
N GLU G 1565 40.93 59.00 85.26
CA GLU G 1565 39.61 58.35 85.40
C GLU G 1565 38.50 59.38 85.30
N LEU G 1566 37.29 58.97 84.92
CA LEU G 1566 36.13 59.85 84.85
C LEU G 1566 34.98 59.23 85.66
N GLY G 1567 35.11 59.35 86.97
CA GLY G 1567 34.14 58.75 87.86
C GLY G 1567 33.45 59.73 88.78
N LYS G 1568 32.45 59.23 89.49
CA LYS G 1568 31.66 60.02 90.42
C LYS G 1568 31.84 59.49 91.83
N GLN G 1569 31.62 60.35 92.81
CA GLN G 1569 31.66 59.95 94.21
C GLN G 1569 30.22 59.64 94.68
N LYS G 1570 30.04 59.56 96.00
CA LYS G 1570 28.85 58.93 96.58
C LYS G 1570 27.59 59.75 96.35
N ASN G 1571 27.71 61.07 96.22
CA ASN G 1571 26.51 61.88 96.07
C ASN G 1571 26.68 63.05 95.11
N ILE G 1572 27.61 62.98 94.15
CA ILE G 1572 27.89 64.07 93.24
C ILE G 1572 28.07 63.51 91.83
N MET G 1573 27.58 64.21 90.82
CA MET G 1573 27.68 63.62 89.48
C MET G 1573 28.99 63.83 88.86
N PRO G 1574 29.30 63.08 87.77
CA PRO G 1574 30.58 63.23 87.07
C PRO G 1574 30.72 64.47 86.18
N LEU G 1575 31.90 64.69 85.60
CA LEU G 1575 32.15 65.91 84.78
C LEU G 1575 31.32 65.81 83.52
N SER G 1576 30.92 64.60 83.15
CA SER G 1576 30.23 64.32 81.90
C SER G 1576 28.90 65.07 81.82
N ALA G 1577 28.11 65.01 82.90
CA ALA G 1577 26.85 65.74 82.94
C ALA G 1577 27.03 67.15 83.48
N ALA G 1578 28.02 67.86 82.93
CA ALA G 1578 28.23 69.27 83.26
C ALA G 1578 28.60 70.13 82.07
N MET G 1579 29.12 69.55 80.99
CA MET G 1579 29.60 70.31 79.84
C MET G 1579 28.61 70.33 78.69
N PHE G 1580 27.71 69.36 78.63
CA PHE G 1580 26.72 69.25 77.56
C PHE G 1580 25.36 69.63 78.11
N LEU G 1581 24.70 70.59 77.46
CA LEU G 1581 23.40 71.05 77.94
C LEU G 1581 22.36 69.94 77.90
N SER G 1582 22.39 69.11 76.85
CA SER G 1582 21.45 68.00 76.75
C SER G 1582 21.67 66.99 77.87
N GLU G 1583 22.93 66.71 78.20
CA GLU G 1583 23.26 65.72 79.22
C GLU G 1583 23.24 66.29 80.63
N ARG G 1584 22.89 67.56 80.80
CA ARG G 1584 22.94 68.21 82.11
C ARG G 1584 21.92 67.67 83.10
N LYS G 1585 21.15 66.63 82.76
CA LYS G 1585 20.19 66.04 83.66
C LYS G 1585 20.34 64.53 83.80
N ASN G 1586 21.35 63.94 83.18
CA ASN G 1586 21.57 62.50 83.26
C ASN G 1586 22.78 62.21 84.13
N PRO G 1587 22.61 61.68 85.35
CA PRO G 1587 23.75 61.50 86.25
C PRO G 1587 24.73 60.42 85.82
N ALA G 1588 24.39 59.60 84.85
CA ALA G 1588 25.29 58.52 84.43
C ALA G 1588 26.52 59.09 83.73
N PRO G 1589 27.74 58.71 84.14
CA PRO G 1589 28.94 59.23 83.47
C PRO G 1589 29.00 58.79 82.01
N GLN G 1590 29.58 59.65 81.19
CA GLN G 1590 29.69 59.42 79.76
C GLN G 1590 31.08 59.82 79.29
N CYS G 1591 31.51 59.22 78.18
CA CYS G 1591 32.79 59.54 77.55
C CYS G 1591 32.59 59.68 76.05
N PRO G 1592 32.00 60.79 75.61
CA PRO G 1592 31.80 61.02 74.17
C PRO G 1592 33.14 61.22 73.47
N PRO G 1593 33.19 60.97 72.16
CA PRO G 1593 34.49 61.03 71.45
C PRO G 1593 35.14 62.40 71.41
N ARG G 1594 34.41 63.47 71.74
CA ARG G 1594 35.00 64.80 71.69
C ARG G 1594 36.07 64.99 72.74
N LEU G 1595 36.02 64.22 73.83
CA LEU G 1595 36.99 64.35 74.92
C LEU G 1595 38.31 63.73 74.48
N GLU G 1596 39.28 64.59 74.16
CA GLU G 1596 40.60 64.13 73.73
C GLU G 1596 41.67 64.93 74.45
N VAL G 1597 42.83 64.31 74.63
CA VAL G 1597 43.94 64.94 75.34
C VAL G 1597 44.71 65.84 74.37
N GLN G 1598 45.44 66.80 74.93
CA GLN G 1598 46.25 67.72 74.15
C GLN G 1598 47.68 67.75 74.68
N MET G 1599 48.62 67.95 73.77
CA MET G 1599 50.03 68.08 74.10
C MET G 1599 50.54 69.41 73.55
N LEU G 1600 51.25 70.16 74.37
CA LEU G 1600 51.72 71.48 73.97
C LEU G 1600 52.91 71.37 73.02
N MET G 1601 52.87 72.17 71.94
CA MET G 1601 53.99 72.29 71.01
C MET G 1601 54.25 73.78 70.80
N PRO G 1602 55.48 74.24 70.94
CA PRO G 1602 55.79 75.68 70.84
C PRO G 1602 56.02 76.14 69.40
N VAL G 1603 55.04 75.89 68.54
CA VAL G 1603 55.13 76.31 67.14
C VAL G 1603 53.73 76.38 66.56
N SER G 1604 53.56 77.23 65.55
CA SER G 1604 52.33 77.31 64.79
C SER G 1604 52.69 77.82 63.40
N TRP G 1605 51.68 78.25 62.64
CA TRP G 1605 51.91 78.84 61.33
C TRP G 1605 50.91 79.99 61.19
N SER G 1606 51.38 81.22 61.36
CA SER G 1606 50.53 82.40 61.27
C SER G 1606 50.83 83.16 59.99
N ARG G 1607 49.82 83.83 59.44
CA ARG G 1607 49.98 84.55 58.19
C ARG G 1607 50.56 85.95 58.40
N MET G 1608 51.08 86.51 57.30
CA MET G 1608 51.70 87.81 57.31
C MET G 1608 50.81 88.82 56.59
N PRO G 1609 50.21 89.75 57.32
CA PRO G 1609 49.32 90.73 56.67
C PRO G 1609 50.07 91.53 55.60
N ASN G 1610 49.36 91.83 54.52
CA ASN G 1610 49.94 92.53 53.38
C ASN G 1610 50.10 94.03 53.62
N HIS G 1611 49.50 94.58 54.68
CA HIS G 1611 49.62 96.01 54.94
C HIS G 1611 49.70 96.23 56.45
N PHE G 1612 50.67 97.04 56.87
CA PHE G 1612 50.87 97.35 58.27
C PHE G 1612 50.41 98.77 58.57
N LEU G 1613 50.67 99.21 59.80
CA LEU G 1613 50.21 100.50 60.29
C LEU G 1613 51.07 101.68 59.83
N GLN G 1614 52.04 101.44 58.95
CA GLN G 1614 52.97 102.46 58.46
C GLN G 1614 53.71 103.03 59.68
N VAL G 1615 53.58 104.31 60.00
CA VAL G 1615 54.28 104.89 61.14
C VAL G 1615 53.59 104.51 62.44
N GLU G 1622 60.88 113.01 68.08
CA GLU G 1622 62.05 113.75 67.62
C GLU G 1622 62.05 115.17 68.16
N ARG G 1623 60.99 115.91 67.86
CA ARG G 1623 60.84 117.29 68.31
C ARG G 1623 60.38 117.29 69.77
N LEU G 1624 59.95 118.44 70.25
CA LEU G 1624 59.42 118.60 71.60
C LEU G 1624 58.41 117.50 71.93
N GLY G 1625 58.71 116.71 72.96
CA GLY G 1625 57.85 115.64 73.41
C GLY G 1625 58.10 114.29 72.76
N TRP G 1626 58.80 114.24 71.64
CA TRP G 1626 59.05 112.99 70.91
C TRP G 1626 57.74 112.28 70.60
N ALA G 1627 56.92 112.95 69.79
CA ALA G 1627 55.58 112.45 69.47
C ALA G 1627 55.64 111.27 68.52
N VAL G 1628 54.56 110.49 68.52
CA VAL G 1628 54.40 109.38 67.60
C VAL G 1628 53.57 109.85 66.41
N GLN G 1629 53.70 109.13 65.30
CA GLN G 1629 53.01 109.48 64.06
C GLN G 1629 52.11 108.33 63.64
N CYS G 1630 50.83 108.64 63.41
CA CYS G 1630 49.87 107.64 62.94
C CYS G 1630 48.65 108.38 62.40
N GLN G 1631 48.35 108.18 61.12
CA GLN G 1631 47.19 108.82 60.49
C GLN G 1631 46.18 107.82 59.97
N ASP G 1632 46.60 106.84 59.17
CA ASP G 1632 45.67 105.99 58.44
C ASP G 1632 45.09 104.89 59.34
N PRO G 1633 43.85 104.48 59.08
CA PRO G 1633 43.27 103.33 59.79
C PRO G 1633 43.41 102.05 58.97
N LEU G 1634 43.26 100.92 59.68
CA LEU G 1634 43.37 99.61 59.06
C LEU G 1634 42.57 98.60 59.88
N THR G 1635 42.03 97.59 59.21
CA THR G 1635 41.19 96.60 59.87
C THR G 1635 41.35 95.24 59.18
N MET G 1636 40.75 94.22 59.79
CA MET G 1636 40.85 92.86 59.28
C MET G 1636 39.67 92.04 59.77
N MET G 1637 39.41 90.94 59.07
CA MET G 1637 38.31 90.03 59.40
C MET G 1637 38.84 88.89 60.27
N ALA G 1638 38.00 88.41 61.20
CA ALA G 1638 38.46 87.47 62.21
C ALA G 1638 37.37 86.46 62.56
N LEU G 1639 37.81 85.35 63.15
CA LEU G 1639 36.96 84.26 63.63
C LEU G 1639 37.09 84.12 65.15
N HIS G 1640 36.08 83.54 65.78
CA HIS G 1640 36.00 83.44 67.23
C HIS G 1640 35.52 82.06 67.66
N ILE G 1641 36.18 81.01 67.19
CA ILE G 1641 35.86 79.65 67.62
C ILE G 1641 35.71 79.62 69.14
N PRO G 1642 34.51 79.36 69.67
CA PRO G 1642 34.20 79.68 71.06
C PRO G 1642 34.64 78.65 72.08
N GLU G 1643 35.02 77.44 71.67
CA GLU G 1643 35.34 76.36 72.61
C GLU G 1643 36.45 76.76 73.57
N GLU G 1644 37.57 77.20 73.03
CA GLU G 1644 38.69 77.67 73.84
C GLU G 1644 38.98 79.17 73.68
N ASN G 1645 38.40 79.83 72.69
CA ASN G 1645 38.54 81.27 72.44
C ASN G 1645 39.96 81.69 72.05
N ARG G 1646 40.38 81.33 70.82
CA ARG G 1646 41.34 82.20 70.16
C ARG G 1646 40.55 83.15 69.29
N CYS G 1647 41.25 83.90 68.44
CA CYS G 1647 40.62 84.72 67.42
C CYS G 1647 41.57 84.71 66.23
N MET G 1648 41.26 83.88 65.24
CA MET G 1648 42.11 83.71 64.07
C MET G 1648 41.55 84.43 62.86
N ASP G 1649 42.42 84.66 61.90
CA ASP G 1649 42.06 85.38 60.69
C ASP G 1649 41.37 84.46 59.69
N ILE G 1650 40.42 85.03 58.93
CA ILE G 1650 39.74 84.27 57.88
C ILE G 1650 40.69 83.94 56.73
N LEU G 1651 41.65 84.81 56.46
CA LEU G 1651 42.48 84.64 55.28
C LEU G 1651 43.32 83.36 55.34
N GLU G 1652 43.55 82.81 56.53
CA GLU G 1652 44.37 81.61 56.62
C GLU G 1652 43.57 80.31 56.49
N LEU G 1653 42.24 80.40 56.40
CA LEU G 1653 41.45 79.20 56.15
C LEU G 1653 41.68 78.63 54.75
N SER G 1654 42.36 79.36 53.86
CA SER G 1654 42.77 78.78 52.60
C SER G 1654 43.83 77.70 52.77
N GLU G 1655 44.45 77.58 53.94
CA GLU G 1655 45.54 76.64 54.17
C GLU G 1655 45.22 75.63 55.28
N ARG G 1656 43.95 75.43 55.60
CA ARG G 1656 43.54 74.41 56.55
C ARG G 1656 42.82 73.23 55.91
N LEU G 1657 41.95 73.49 54.93
CA LEU G 1657 41.32 72.48 54.09
C LEU G 1657 40.39 71.55 54.86
N ASP G 1658 40.27 71.74 56.16
CA ASP G 1658 39.32 70.98 56.96
C ASP G 1658 38.39 71.87 57.77
N LEU G 1659 38.90 72.98 58.32
CA LEU G 1659 38.04 73.95 58.98
C LEU G 1659 37.27 74.77 57.95
N GLN G 1660 37.88 74.99 56.78
CA GLN G 1660 37.15 75.64 55.69
C GLN G 1660 35.97 74.80 55.22
N ARG G 1661 36.15 73.48 55.15
CA ARG G 1661 35.09 72.61 54.66
C ARG G 1661 33.86 72.67 55.57
N PHE G 1662 34.09 72.69 56.88
CA PHE G 1662 32.97 72.85 57.81
C PHE G 1662 32.29 74.20 57.64
N HIS G 1663 33.08 75.28 57.54
CA HIS G 1663 32.48 76.61 57.42
C HIS G 1663 31.84 76.82 56.06
N SER G 1664 32.33 76.12 55.04
CA SER G 1664 31.71 76.22 53.71
C SER G 1664 30.27 75.74 53.74
N HIS G 1665 30.02 74.61 54.41
CA HIS G 1665 28.64 74.13 54.54
C HIS G 1665 27.82 75.01 55.47
N THR G 1666 28.46 75.72 56.41
CA THR G 1666 27.71 76.55 57.34
C THR G 1666 26.96 77.65 56.61
N LEU G 1667 27.64 78.38 55.72
CA LEU G 1667 26.95 79.40 54.96
C LEU G 1667 25.98 78.81 53.95
N ARG G 1668 26.07 77.51 53.67
CA ARG G 1668 25.03 76.86 52.88
C ARG G 1668 23.76 76.66 53.68
N LEU G 1669 23.88 76.40 54.99
CA LEU G 1669 22.69 76.30 55.82
C LEU G 1669 21.92 77.62 55.85
N TYR G 1670 22.64 78.74 55.96
CA TYR G 1670 21.98 80.04 55.98
C TYR G 1670 21.24 80.30 54.68
N ARG G 1671 21.84 79.91 53.55
CA ARG G 1671 21.12 79.94 52.27
C ARG G 1671 19.90 79.03 52.30
N ALA G 1672 19.98 77.92 53.04
CA ALA G 1672 18.88 76.97 53.13
C ALA G 1672 17.84 77.38 54.16
N VAL G 1673 18.27 78.03 55.25
CA VAL G 1673 17.30 78.53 56.21
C VAL G 1673 16.42 79.61 55.60
N CYS G 1674 17.01 80.50 54.81
CA CYS G 1674 16.18 81.46 54.08
C CYS G 1674 15.49 80.72 52.94
N ALA G 1675 14.34 80.13 53.24
CA ALA G 1675 13.62 79.29 52.30
C ALA G 1675 12.99 80.18 51.23
N LEU G 1676 12.08 79.60 50.44
CA LEU G 1676 11.50 80.35 49.34
C LEU G 1676 10.59 81.45 49.87
N GLY G 1677 11.19 82.41 50.58
CA GLY G 1677 10.49 83.55 51.15
C GLY G 1677 10.20 83.31 52.62
N ASN G 1678 11.06 83.82 53.50
CA ASN G 1678 10.91 83.58 54.95
C ASN G 1678 11.29 84.84 55.73
N ASN G 1679 10.76 85.99 55.31
CA ASN G 1679 11.16 87.28 55.86
C ASN G 1679 11.18 87.32 57.39
N ARG G 1680 10.45 86.42 58.06
CA ARG G 1680 10.55 86.32 59.51
C ARG G 1680 11.98 86.01 59.95
N VAL G 1681 12.48 84.81 59.61
CA VAL G 1681 13.79 84.40 60.10
C VAL G 1681 14.93 84.97 59.29
N ALA G 1682 14.65 85.61 58.15
CA ALA G 1682 15.71 86.20 57.34
C ALA G 1682 16.43 87.31 58.09
N HIS G 1683 15.69 88.15 58.81
CA HIS G 1683 16.32 89.26 59.51
C HIS G 1683 17.14 88.79 60.69
N ALA G 1684 16.73 87.72 61.36
CA ALA G 1684 17.50 87.20 62.49
C ALA G 1684 18.91 86.81 62.06
N LEU G 1685 19.11 86.48 60.78
CA LEU G 1685 20.45 86.22 60.29
C LEU G 1685 21.26 87.50 60.14
N CYS G 1686 20.59 88.64 59.94
CA CYS G 1686 21.31 89.90 59.75
C CYS G 1686 22.14 90.24 60.97
N SER G 1687 21.59 90.05 62.17
CA SER G 1687 22.38 90.26 63.37
C SER G 1687 23.48 89.21 63.51
N HIS G 1688 23.32 88.06 62.87
CA HIS G 1688 24.30 86.99 63.01
C HIS G 1688 25.46 87.16 62.05
N VAL G 1689 25.18 87.26 60.75
CA VAL G 1689 26.27 87.33 59.79
C VAL G 1689 26.86 88.74 59.75
N ASP G 1690 26.09 89.72 59.26
CA ASP G 1690 26.60 91.08 59.07
C ASP G 1690 25.61 92.02 58.43
N GLN G 1691 26.03 93.28 58.32
CA GLN G 1691 25.57 94.15 57.25
C GLN G 1691 26.75 94.84 56.57
N ALA G 1692 27.95 94.76 57.13
CA ALA G 1692 29.11 95.48 56.63
C ALA G 1692 30.14 94.60 55.93
N GLN G 1693 30.57 93.50 56.54
CA GLN G 1693 31.63 92.71 55.92
C GLN G 1693 31.18 92.01 54.65
N LEU G 1694 29.87 91.79 54.46
CA LEU G 1694 29.39 91.40 53.15
C LEU G 1694 29.74 92.47 52.12
N LEU G 1695 29.39 93.73 52.40
CA LEU G 1695 29.80 94.82 51.52
C LEU G 1695 31.31 95.01 51.51
N HIS G 1696 32.02 94.46 52.49
CA HIS G 1696 33.47 94.49 52.49
C HIS G 1696 34.07 93.27 51.80
N ALA G 1697 33.30 92.19 51.67
CA ALA G 1697 33.80 91.01 50.97
C ALA G 1697 33.88 91.21 49.46
N LEU G 1698 33.18 92.21 48.93
CA LEU G 1698 33.20 92.46 47.49
C LEU G 1698 34.60 92.82 47.01
N GLU G 1699 35.15 93.92 47.51
CA GLU G 1699 36.44 94.41 47.01
C GLU G 1699 37.60 93.51 47.42
N ASP G 1700 37.41 92.61 48.38
CA ASP G 1700 38.51 91.76 48.82
C ASP G 1700 38.91 90.80 47.71
N ALA G 1701 40.22 90.58 47.57
CA ALA G 1701 40.78 89.82 46.47
C ALA G 1701 41.37 88.48 46.88
N HIS G 1702 42.07 88.43 48.00
CA HIS G 1702 42.64 87.17 48.48
C HIS G 1702 41.51 86.26 48.92
N LEU G 1703 41.33 85.14 48.23
CA LEU G 1703 40.09 84.38 48.38
C LEU G 1703 40.35 82.88 48.30
N PRO G 1704 39.93 82.13 49.34
CA PRO G 1704 40.15 80.67 49.33
C PRO G 1704 39.35 79.90 48.28
N GLY G 1705 38.31 80.49 47.68
CA GLY G 1705 37.51 79.80 46.71
C GLY G 1705 36.11 79.46 47.20
N PRO G 1706 35.86 78.18 47.51
CA PRO G 1706 34.51 77.77 47.94
C PRO G 1706 33.99 78.55 49.14
N LEU G 1707 34.86 79.26 49.83
CA LEU G 1707 34.55 80.20 50.90
C LEU G 1707 34.10 81.50 50.22
N ARG G 1708 34.36 82.64 50.85
CA ARG G 1708 33.77 83.96 50.60
C ARG G 1708 33.18 84.17 49.20
N ALA G 1709 33.84 83.67 48.15
CA ALA G 1709 33.18 83.62 46.86
C ALA G 1709 31.78 83.03 46.97
N GLY G 1710 31.52 82.21 47.98
CA GLY G 1710 30.18 81.75 48.29
C GLY G 1710 29.32 82.75 49.05
N TYR G 1711 29.92 83.78 49.65
CA TYR G 1711 29.13 84.83 50.28
C TYR G 1711 28.27 85.57 49.27
N TYR G 1712 28.73 85.70 48.03
CA TYR G 1712 27.92 86.35 47.00
C TYR G 1712 26.58 85.66 46.85
N ASP G 1713 26.51 84.35 47.11
CA ASP G 1713 25.25 83.63 47.09
C ASP G 1713 24.46 83.79 48.36
N LEU G 1714 25.02 84.41 49.39
CA LEU G 1714 24.27 84.75 50.59
C LEU G 1714 23.79 86.20 50.57
N LEU G 1715 24.59 87.11 50.01
CA LEU G 1715 24.13 88.47 49.81
C LEU G 1715 22.94 88.52 48.87
N ILE G 1716 22.82 87.54 47.97
CA ILE G 1716 21.77 87.55 46.95
C ILE G 1716 20.55 86.83 47.50
N SER G 1717 20.65 86.35 48.74
CA SER G 1717 19.58 85.54 49.31
C SER G 1717 18.88 86.18 50.49
N ILE G 1718 19.47 87.18 51.13
CA ILE G 1718 18.88 87.82 52.29
C ILE G 1718 18.38 89.24 51.96
N HIS G 1719 18.68 89.73 50.75
CA HIS G 1719 18.21 91.05 50.36
C HIS G 1719 17.41 91.04 49.08
N LEU G 1720 17.57 90.07 48.20
CA LEU G 1720 16.85 89.98 46.94
C LEU G 1720 16.10 88.66 46.85
N GLU G 1721 15.57 88.39 45.65
CA GLU G 1721 14.66 87.30 45.30
C GLU G 1721 13.42 87.30 46.18
N SER G 1722 13.24 88.36 46.98
CA SER G 1722 11.95 88.63 47.58
C SER G 1722 11.02 89.36 46.61
N ALA G 1723 11.58 89.91 45.53
CA ALA G 1723 10.81 90.58 44.50
C ALA G 1723 11.17 90.01 43.13
N CYS G 1724 12.42 89.57 42.97
CA CYS G 1724 12.83 88.90 41.74
C CYS G 1724 12.00 87.65 41.50
N ARG G 1725 11.78 86.88 42.56
CA ARG G 1725 10.93 85.69 42.43
C ARG G 1725 9.50 86.06 42.07
N SER G 1726 9.07 87.29 42.37
CA SER G 1726 7.74 87.76 41.99
C SER G 1726 7.75 88.56 40.69
N ARG G 1727 8.71 89.48 40.55
CA ARG G 1727 8.79 90.29 39.34
C ARG G 1727 9.11 89.48 38.10
N ARG G 1728 9.75 88.31 38.24
CA ARG G 1728 9.98 87.46 37.08
C ARG G 1728 8.66 86.95 36.51
N SER G 1729 7.71 86.58 37.36
CA SER G 1729 6.39 86.20 36.89
C SER G 1729 5.66 87.36 36.24
N MET G 1730 6.00 88.60 36.64
CA MET G 1730 5.38 89.80 36.08
C MET G 1730 5.84 90.13 34.67
N LEU G 1731 6.86 89.44 34.17
CA LEU G 1731 7.49 89.81 32.90
C LEU G 1731 6.78 89.23 31.69
N SER G 1732 5.76 88.40 31.87
CA SER G 1732 5.13 87.74 30.72
C SER G 1732 3.96 88.54 30.14
N GLU G 1733 3.12 89.12 31.00
CA GLU G 1733 2.00 89.92 30.54
C GLU G 1733 2.42 91.37 30.36
N TYR G 1734 1.79 92.05 29.40
CA TYR G 1734 2.23 93.36 28.94
C TYR G 1734 1.08 94.37 28.98
N ILE G 1735 0.42 94.48 30.14
CA ILE G 1735 -0.64 95.47 30.28
C ILE G 1735 -0.09 96.87 30.04
N VAL G 1736 -0.79 97.65 29.22
CA VAL G 1736 -0.36 99.01 28.89
C VAL G 1736 -1.54 99.99 29.01
N PRO G 1737 -1.37 101.13 29.67
CA PRO G 1737 -2.46 102.10 29.79
C PRO G 1737 -2.39 103.20 28.74
N LEU G 1738 -3.52 103.89 28.59
CA LEU G 1738 -3.61 105.04 27.70
C LEU G 1738 -2.91 106.22 28.33
N THR G 1739 -1.71 106.55 27.86
CA THR G 1739 -0.96 107.67 28.42
C THR G 1739 -0.47 108.58 27.31
N PRO G 1740 -0.29 109.88 27.60
CA PRO G 1740 0.31 110.78 26.59
C PRO G 1740 1.70 110.34 26.17
N GLU G 1741 2.48 109.76 27.08
CA GLU G 1741 3.80 109.26 26.70
C GLU G 1741 3.70 108.15 25.68
N THR G 1742 2.72 107.26 25.84
CA THR G 1742 2.53 106.16 24.89
C THR G 1742 2.19 106.66 23.49
N ARG G 1743 1.65 107.88 23.37
CA ARG G 1743 1.18 108.38 22.08
C ARG G 1743 2.33 108.61 21.09
N ALA G 1744 3.58 108.59 21.54
CA ALA G 1744 4.74 108.83 20.69
C ALA G 1744 5.74 107.69 20.88
N ILE G 1745 5.57 106.62 20.10
CA ILE G 1745 6.49 105.49 20.11
C ILE G 1745 6.60 104.96 18.70
N THR G 1746 7.82 104.80 18.22
CA THR G 1746 8.06 104.34 16.84
C THR G 1746 9.45 103.72 16.76
N LEU G 1747 9.92 103.48 15.53
CA LEU G 1747 11.22 102.88 15.31
C LEU G 1747 12.26 103.99 15.12
N PHE G 1748 12.68 104.55 16.26
CA PHE G 1748 13.73 105.57 16.35
C PHE G 1748 13.42 106.72 15.38
N PRO G 1749 12.44 107.56 15.68
CA PRO G 1749 12.01 108.59 14.72
C PRO G 1749 12.96 109.78 14.61
N PRO G 1750 14.06 109.86 15.36
CA PRO G 1750 15.16 110.73 14.93
C PRO G 1750 16.02 110.16 13.81
N GLY G 1751 15.61 109.08 13.18
CA GLY G 1751 16.36 108.55 12.05
C GLY G 1751 16.11 109.37 10.79
N ARG G 1752 17.15 109.48 9.98
CA ARG G 1752 17.12 110.26 8.75
C ARG G 1752 17.32 109.32 7.56
N LYS G 1753 16.25 109.11 6.79
CA LYS G 1753 16.28 108.29 5.58
C LYS G 1753 16.76 106.87 5.90
N GLY G 1754 18.08 106.69 5.98
CA GLY G 1754 18.62 105.38 6.33
C GLY G 1754 18.20 104.90 7.70
N GLY G 1755 17.98 105.84 8.63
CA GLY G 1755 17.53 105.48 9.96
C GLY G 1755 16.16 104.84 9.99
N ASN G 1756 15.36 105.01 8.93
CA ASN G 1756 14.08 104.31 8.85
C ASN G 1756 14.29 102.81 8.69
N ALA G 1757 15.23 102.41 7.84
CA ALA G 1757 15.51 101.01 7.58
C ALA G 1757 16.74 100.50 8.34
N ARG G 1758 17.27 101.30 9.26
CA ARG G 1758 18.43 100.91 10.06
C ARG G 1758 18.29 101.58 11.42
N ARG G 1759 19.40 101.60 12.17
CA ARG G 1759 19.45 102.25 13.48
C ARG G 1759 18.36 101.71 14.41
N HIS G 1760 18.50 100.42 14.73
CA HIS G 1760 17.50 99.73 15.55
C HIS G 1760 17.38 100.34 16.95
N GLY G 1761 18.38 101.09 17.40
CA GLY G 1761 18.36 101.62 18.74
C GLY G 1761 18.90 100.62 19.75
N LEU G 1762 19.64 101.11 20.74
CA LEU G 1762 20.24 100.23 21.72
C LEU G 1762 19.14 99.50 22.50
N PRO G 1763 19.22 98.19 22.67
CA PRO G 1763 18.15 97.46 23.35
C PRO G 1763 18.00 97.87 24.81
N GLY G 1764 16.92 98.60 25.10
CA GLY G 1764 16.65 99.06 26.43
C GLY G 1764 17.14 100.47 26.66
N VAL G 1765 16.24 101.45 26.61
CA VAL G 1765 16.60 102.83 26.88
C VAL G 1765 15.69 103.40 27.96
N GLY G 1766 14.40 103.15 27.84
CA GLY G 1766 13.43 103.69 28.78
C GLY G 1766 12.05 103.72 28.15
N VAL G 1767 11.21 104.60 28.71
CA VAL G 1767 9.80 104.78 28.34
C VAL G 1767 9.14 103.46 27.96
N THR G 1768 8.58 102.78 28.96
CA THR G 1768 7.92 101.50 28.77
C THR G 1768 6.46 101.50 29.17
N THR G 1769 6.08 102.31 30.17
CA THR G 1769 4.69 102.49 30.61
C THR G 1769 4.02 101.20 31.05
N SER G 1770 4.77 100.12 31.23
CA SER G 1770 4.16 98.87 31.70
C SER G 1770 3.83 98.97 33.19
N LEU G 1771 2.86 98.17 33.61
CA LEU G 1771 2.40 98.17 34.99
C LEU G 1771 3.12 97.08 35.78
N ARG G 1772 3.93 97.49 36.75
CA ARG G 1772 4.67 96.56 37.59
C ARG G 1772 4.62 97.05 39.03
N PRO G 1773 4.45 96.14 39.99
CA PRO G 1773 4.41 96.57 41.39
C PRO G 1773 5.77 97.04 41.85
N PRO G 1774 5.81 98.00 42.77
CA PRO G 1774 7.09 98.49 43.29
C PRO G 1774 7.62 97.65 44.45
N HIS G 1775 8.94 97.62 44.57
CA HIS G 1775 9.58 96.87 45.64
C HIS G 1775 9.38 97.56 46.98
N HIS G 1776 9.16 96.76 48.02
CA HIS G 1776 8.99 97.27 49.37
C HIS G 1776 10.06 96.66 50.29
N PHE G 1777 10.70 97.51 51.08
CA PHE G 1777 11.80 97.10 51.92
C PHE G 1777 11.70 97.80 53.27
N SER G 1778 12.21 97.14 54.31
CA SER G 1778 12.19 97.69 55.66
C SER G 1778 13.56 97.58 56.29
N PRO G 1779 13.92 98.52 57.17
CA PRO G 1779 15.24 98.48 57.82
C PRO G 1779 15.20 97.64 59.08
N PRO G 1780 16.26 96.89 59.36
CA PRO G 1780 16.28 96.07 60.57
C PRO G 1780 16.52 96.92 61.82
N CYS G 1781 15.79 96.60 62.88
CA CYS G 1781 15.94 97.30 64.16
C CYS G 1781 15.48 96.33 65.24
N PHE G 1782 16.42 95.88 66.07
CA PHE G 1782 16.14 94.89 67.11
C PHE G 1782 15.89 95.51 68.47
N VAL G 1783 15.94 96.85 68.58
CA VAL G 1783 15.56 97.53 69.81
C VAL G 1783 14.12 98.02 69.77
N ALA G 1784 13.40 97.75 68.68
CA ALA G 1784 12.01 98.17 68.57
C ALA G 1784 11.15 97.40 69.58
N ALA G 1785 10.00 98.00 69.90
CA ALA G 1785 9.10 97.41 70.88
C ALA G 1785 8.56 96.07 70.37
N LEU G 1786 8.22 95.21 71.32
CA LEU G 1786 7.71 93.89 70.98
C LEU G 1786 6.39 94.01 70.23
N PRO G 1787 6.29 93.44 69.02
CA PRO G 1787 5.06 93.60 68.23
C PRO G 1787 3.84 92.96 68.88
N ALA G 1788 3.92 91.67 69.16
CA ALA G 1788 2.80 90.94 69.74
C ALA G 1788 3.27 89.62 70.36
N GLU G 1793 0.73 91.95 60.84
CA GLU G 1793 0.51 92.91 59.77
C GLU G 1793 1.12 92.41 58.46
N ALA G 1794 2.33 92.88 58.15
CA ALA G 1794 3.05 92.42 56.98
C ALA G 1794 3.35 90.92 57.14
N PRO G 1795 3.48 90.18 56.03
CA PRO G 1795 3.63 88.73 56.18
C PRO G 1795 4.98 88.36 56.78
N ALA G 1796 4.95 88.17 58.09
CA ALA G 1796 6.05 87.77 58.97
C ALA G 1796 7.15 88.82 59.05
N ARG G 1797 7.26 89.66 58.00
CA ARG G 1797 7.67 91.07 57.97
C ARG G 1797 7.80 91.44 56.50
N LEU G 1798 8.09 92.70 56.19
CA LEU G 1798 8.08 93.11 54.79
C LEU G 1798 9.31 92.63 54.02
N SER G 1799 10.50 93.11 54.39
CA SER G 1799 11.77 92.70 53.78
C SER G 1799 12.94 93.41 54.44
N PRO G 1800 14.14 92.82 54.41
CA PRO G 1800 15.34 93.58 54.82
C PRO G 1800 15.69 94.65 53.80
N ALA G 1801 16.44 95.65 54.26
CA ALA G 1801 16.84 96.76 53.41
C ALA G 1801 18.35 96.71 53.15
N ILE G 1802 18.78 97.56 52.22
CA ILE G 1802 20.18 97.66 51.82
C ILE G 1802 20.34 98.92 50.96
N PRO G 1803 21.49 99.60 51.04
CA PRO G 1803 21.71 100.77 50.17
C PRO G 1803 21.91 100.40 48.70
N LEU G 1804 20.82 100.33 47.93
CA LEU G 1804 20.92 100.00 46.51
C LEU G 1804 21.86 100.93 45.76
N GLU G 1805 21.95 102.20 46.19
CA GLU G 1805 22.79 103.16 45.47
C GLU G 1805 24.26 102.74 45.49
N ALA G 1806 24.75 102.28 46.64
CA ALA G 1806 26.14 101.86 46.73
C ALA G 1806 26.40 100.60 45.91
N LEU G 1807 25.46 99.66 45.92
CA LEU G 1807 25.66 98.39 45.22
C LEU G 1807 25.79 98.60 43.72
N ARG G 1808 24.96 99.46 43.14
CA ARG G 1808 24.96 99.64 41.69
C ARG G 1808 26.31 100.16 41.20
N ASP G 1809 26.81 101.23 41.81
CA ASP G 1809 28.09 101.80 41.40
C ASP G 1809 29.23 100.83 41.67
N LYS G 1810 29.22 100.18 42.83
CA LYS G 1810 30.32 99.29 43.20
C LYS G 1810 30.41 98.09 42.27
N ALA G 1811 29.26 97.51 41.92
CA ALA G 1811 29.26 96.31 41.08
C ALA G 1811 29.86 96.59 39.72
N LEU G 1812 29.45 97.68 39.08
CA LEU G 1812 29.97 98.02 37.76
C LEU G 1812 31.45 98.33 37.80
N ARG G 1813 31.89 99.09 38.82
CA ARG G 1813 33.30 99.38 38.97
C ARG G 1813 34.10 98.11 39.18
N MET G 1814 33.55 97.19 39.97
CA MET G 1814 34.20 95.89 40.18
C MET G 1814 34.36 95.14 38.87
N LEU G 1815 33.30 95.11 38.06
CA LEU G 1815 33.37 94.41 36.77
C LEU G 1815 34.27 95.15 35.79
N GLY G 1816 34.46 96.45 35.98
CA GLY G 1816 35.41 97.18 35.15
C GLY G 1816 36.83 96.66 35.30
N GLU G 1817 37.20 96.27 36.52
CA GLU G 1817 38.50 95.63 36.75
C GLU G 1817 38.57 94.28 36.03
N ALA G 1818 37.46 93.54 36.03
CA ALA G 1818 37.47 92.16 35.52
C ALA G 1818 37.89 92.11 34.06
N VAL G 1819 37.31 92.97 33.21
CA VAL G 1819 37.62 92.94 31.79
C VAL G 1819 39.09 93.32 31.55
N ARG G 1820 39.56 94.35 32.26
CA ARG G 1820 40.95 94.77 32.08
C ARG G 1820 41.92 93.71 32.61
N ASP G 1821 41.63 93.12 33.78
CA ASP G 1821 42.47 92.10 34.40
C ASP G 1821 42.46 90.78 33.64
N GLY G 1822 41.37 90.46 32.93
CA GLY G 1822 41.34 89.24 32.14
C GLY G 1822 42.26 89.30 30.93
N GLY G 1823 42.27 90.43 30.23
CA GLY G 1823 43.16 90.59 29.10
C GLY G 1823 44.63 90.61 29.49
N GLN G 1824 44.97 91.09 30.68
CA GLN G 1824 46.37 91.12 31.14
C GLN G 1824 46.98 89.72 31.36
N HIS G 1825 46.14 88.70 31.64
CA HIS G 1825 46.54 87.37 32.11
C HIS G 1825 47.29 87.36 33.47
N ALA G 1826 47.34 86.20 34.11
CA ALA G 1826 47.96 85.99 35.42
C ALA G 1826 48.18 84.49 35.69
N ARG G 1827 49.00 84.16 36.69
CA ARG G 1827 49.14 82.79 37.22
C ARG G 1827 48.40 82.54 38.55
N ASP G 1828 47.70 83.54 39.07
CA ASP G 1828 46.79 83.41 40.21
C ASP G 1828 45.63 84.40 40.06
N PRO G 1829 44.56 84.08 39.31
CA PRO G 1829 43.40 84.97 39.22
C PRO G 1829 42.70 85.08 40.56
N VAL G 1830 41.85 86.11 40.68
CA VAL G 1830 41.10 86.33 41.90
C VAL G 1830 40.21 85.12 42.17
N GLY G 1831 40.34 84.57 43.37
CA GLY G 1831 39.58 83.42 43.77
C GLY G 1831 40.25 82.09 43.52
N GLY G 1832 41.24 82.04 42.62
CA GLY G 1832 41.98 80.82 42.39
C GLY G 1832 42.01 80.35 40.95
N SER G 1833 40.87 80.44 40.25
CA SER G 1833 40.81 79.98 38.86
C SER G 1833 39.70 80.75 38.14
N VAL G 1834 40.10 81.77 37.38
CA VAL G 1834 39.28 82.58 36.46
C VAL G 1834 37.77 82.58 36.78
N GLU G 1835 37.15 81.40 36.80
CA GLU G 1835 35.70 81.33 36.88
C GLU G 1835 35.18 81.79 38.23
N PHE G 1836 35.90 81.50 39.32
CA PHE G 1836 35.58 82.19 40.57
C PHE G 1836 35.73 83.71 40.47
N GLN G 1837 36.48 84.21 39.50
CA GLN G 1837 36.61 85.65 39.37
C GLN G 1837 35.49 86.23 38.51
N PHE G 1838 34.72 85.39 37.82
CA PHE G 1838 33.65 85.86 36.94
C PHE G 1838 32.25 85.46 37.41
N VAL G 1839 32.01 84.17 37.67
CA VAL G 1839 30.63 83.71 37.85
C VAL G 1839 29.94 84.34 39.06
N PRO G 1840 30.55 84.49 40.24
CA PRO G 1840 29.77 85.02 41.36
C PRO G 1840 29.48 86.51 41.23
N VAL G 1841 30.33 87.26 40.51
CA VAL G 1841 30.17 88.71 40.46
C VAL G 1841 29.18 89.13 39.40
N LEU G 1842 29.19 88.51 38.21
CA LEU G 1842 28.22 88.89 37.19
C LEU G 1842 26.87 88.25 37.42
N LYS G 1843 26.78 87.20 38.24
CA LYS G 1843 25.48 86.69 38.65
C LYS G 1843 24.72 87.74 39.47
N LEU G 1844 25.44 88.49 40.30
CA LEU G 1844 24.82 89.60 41.01
C LEU G 1844 24.33 90.66 40.04
N VAL G 1845 25.09 90.90 38.96
CA VAL G 1845 24.69 91.89 37.97
C VAL G 1845 23.36 91.50 37.34
N SER G 1846 23.21 90.21 37.01
CA SER G 1846 21.98 89.75 36.36
C SER G 1846 20.77 89.95 37.25
N THR G 1847 20.88 89.63 38.54
CA THR G 1847 19.74 89.74 39.44
C THR G 1847 19.33 91.20 39.63
N LEU G 1848 20.29 92.11 39.74
CA LEU G 1848 19.97 93.52 39.84
C LEU G 1848 19.41 94.07 38.53
N LEU G 1849 19.67 93.39 37.42
CA LEU G 1849 19.26 93.91 36.12
C LEU G 1849 17.76 93.72 35.89
N VAL G 1850 17.20 92.59 36.35
CA VAL G 1850 15.78 92.35 36.12
C VAL G 1850 14.92 93.32 36.92
N MET G 1851 15.34 93.70 38.12
CA MET G 1851 14.63 94.72 38.88
C MET G 1851 14.72 96.09 38.24
N GLY G 1852 15.62 96.28 37.27
CA GLY G 1852 15.77 97.59 36.65
C GLY G 1852 16.32 98.66 37.56
N ILE G 1853 17.22 98.29 38.47
CA ILE G 1853 17.89 99.30 39.29
C ILE G 1853 18.72 100.23 38.41
N PHE G 1854 19.39 99.67 37.41
CA PHE G 1854 20.14 100.47 36.45
C PHE G 1854 19.17 101.27 35.58
N GLY G 1855 19.58 102.49 35.21
CA GLY G 1855 18.74 103.34 34.40
C GLY G 1855 19.48 104.13 33.33
N ASP G 1856 19.01 104.01 32.09
CA ASP G 1856 19.51 104.76 30.94
C ASP G 1856 21.02 104.76 30.84
N GLU G 1857 21.68 105.62 31.64
CA GLU G 1857 23.13 105.75 31.56
C GLU G 1857 23.83 104.46 31.93
N ASP G 1858 23.33 103.78 32.97
CA ASP G 1858 24.03 102.62 33.52
C ASP G 1858 24.07 101.47 32.50
N VAL G 1859 22.93 101.16 31.90
CA VAL G 1859 22.90 100.06 30.92
C VAL G 1859 23.70 100.41 29.67
N LYS G 1860 23.83 101.70 29.36
CA LYS G 1860 24.65 102.08 28.22
C LYS G 1860 26.13 101.79 28.45
N GLN G 1861 26.54 101.52 29.69
CA GLN G 1861 27.90 101.09 29.98
C GLN G 1861 28.06 99.58 30.00
N ILE G 1862 27.06 98.83 30.50
CA ILE G 1862 27.17 97.38 30.48
C ILE G 1862 27.21 96.88 29.05
N LEU G 1863 26.57 97.59 28.13
CA LEU G 1863 26.72 97.28 26.71
C LEU G 1863 28.12 97.61 26.21
N LYS G 1864 28.77 98.61 26.80
CA LYS G 1864 30.13 98.95 26.40
C LYS G 1864 31.14 97.86 26.76
N MET G 1865 30.76 96.89 27.60
CA MET G 1865 31.61 95.73 27.82
C MET G 1865 31.66 94.79 26.62
N ILE G 1866 30.81 95.00 25.62
CA ILE G 1866 30.88 94.30 24.34
C ILE G 1866 30.96 95.38 23.26
N GLU G 1867 31.68 96.46 23.57
CA GLU G 1867 31.76 97.73 22.84
C GLU G 1867 31.75 97.65 21.31
N PRO G 1868 32.66 96.89 20.68
CA PRO G 1868 32.87 97.11 19.23
C PRO G 1868 31.62 97.02 18.37
N GLU G 1869 30.67 96.14 18.69
CA GLU G 1869 29.48 95.99 17.87
C GLU G 1869 28.31 96.82 18.39
N VAL G 1870 27.87 96.57 19.62
CA VAL G 1870 26.66 97.21 20.13
C VAL G 1870 26.88 98.69 20.39
N PHE G 1871 28.05 99.06 20.93
CA PHE G 1871 28.31 100.43 21.32
C PHE G 1871 28.66 101.26 20.09
N THR G 1872 29.16 102.49 20.32
CA THR G 1872 29.52 103.42 19.26
C THR G 1872 28.30 103.74 18.38
N GLU G 1873 27.20 104.11 19.03
CA GLU G 1873 25.99 104.50 18.31
C GLU G 1873 26.23 105.77 17.48
N GLU G 1874 26.93 106.74 18.05
CA GLU G 1874 27.23 107.98 17.36
C GLU G 1874 28.38 107.80 16.37
N LEU G 1922 42.37 97.25 22.74
CA LEU G 1922 42.09 98.02 23.96
C LEU G 1922 41.07 97.30 24.83
N GLU G 1923 39.90 97.94 25.02
CA GLU G 1923 38.83 97.38 25.84
C GLU G 1923 38.07 96.33 25.02
N GLU G 1924 38.69 95.16 24.89
CA GLU G 1924 38.09 94.06 24.14
C GLU G 1924 36.80 93.61 24.81
N GLY G 1925 35.84 93.22 23.99
CA GLY G 1925 34.54 92.82 24.51
C GLY G 1925 34.59 91.52 25.28
N LEU G 1926 33.57 91.32 26.11
CA LEU G 1926 33.47 90.08 26.88
C LEU G 1926 33.31 88.88 25.96
N LEU G 1927 32.72 89.07 24.79
CA LEU G 1927 32.53 87.99 23.82
C LEU G 1927 33.68 87.93 22.82
N GLN G 1928 34.91 87.94 23.33
CA GLN G 1928 36.08 87.93 22.46
C GLN G 1928 37.08 86.85 22.85
N MET G 1929 37.13 86.51 24.13
CA MET G 1929 38.13 85.60 24.66
C MET G 1929 37.53 84.25 25.00
N LYS G 1930 38.39 83.24 25.09
CA LYS G 1930 37.94 81.91 25.46
C LYS G 1930 37.57 81.87 26.94
N LEU G 1931 36.47 81.18 27.25
CA LEU G 1931 35.95 81.11 28.60
C LEU G 1931 35.61 79.68 28.96
N PRO G 1932 35.62 79.33 30.24
CA PRO G 1932 35.24 77.98 30.66
C PRO G 1932 33.76 77.73 30.42
N GLU G 1933 33.35 76.48 30.66
CA GLU G 1933 32.00 76.02 30.34
C GLU G 1933 30.98 76.37 31.41
N SER G 1934 31.27 77.32 32.29
CA SER G 1934 30.31 77.75 33.31
C SER G 1934 29.91 79.20 33.14
N VAL G 1935 30.86 80.10 32.90
CA VAL G 1935 30.52 81.51 32.68
C VAL G 1935 29.75 81.68 31.38
N LYS G 1936 29.98 80.82 30.39
CA LYS G 1936 29.21 80.90 29.15
C LYS G 1936 27.72 80.74 29.41
N LEU G 1937 27.37 79.87 30.36
CA LEU G 1937 25.97 79.71 30.73
C LEU G 1937 25.39 81.02 31.26
N GLN G 1938 26.15 81.71 32.12
CA GLN G 1938 25.67 82.95 32.70
C GLN G 1938 25.50 84.02 31.63
N MET G 1939 26.40 84.06 30.65
CA MET G 1939 26.25 85.01 29.56
C MET G 1939 24.92 84.81 28.85
N CYS G 1940 24.49 83.57 28.68
CA CYS G 1940 23.18 83.31 28.10
C CYS G 1940 22.08 83.87 29.00
N ASN G 1941 22.21 83.71 30.31
CA ASN G 1941 21.23 84.28 31.23
C ASN G 1941 21.20 85.80 31.16
N LEU G 1942 22.31 86.41 30.74
CA LEU G 1942 22.35 87.86 30.59
C LEU G 1942 21.78 88.30 29.25
N LEU G 1943 22.15 87.61 28.17
CA LEU G 1943 21.62 87.93 26.85
C LEU G 1943 20.13 87.68 26.77
N GLU G 1944 19.61 86.70 27.53
CA GLU G 1944 18.19 86.38 27.47
C GLU G 1944 17.33 87.55 27.98
N TYR G 1945 17.82 88.30 28.95
CA TYR G 1945 17.07 89.44 29.48
C TYR G 1945 16.86 90.52 28.42
N PHE G 1946 17.72 90.55 27.40
CA PHE G 1946 17.62 91.64 26.43
C PHE G 1946 16.66 91.31 25.29
N CYS G 1947 16.38 90.03 25.05
CA CYS G 1947 15.46 89.67 23.96
C CYS G 1947 14.06 90.18 24.25
N ASP G 1948 13.52 89.88 25.43
CA ASP G 1948 12.18 90.32 25.77
C ASP G 1948 12.09 91.82 25.98
N GLN G 1949 13.21 92.49 26.30
CA GLN G 1949 13.20 93.95 26.33
C GLN G 1949 12.85 94.51 24.96
N GLU G 1950 13.41 93.93 23.90
CA GLU G 1950 12.95 94.31 22.56
C GLU G 1950 11.50 93.89 22.34
N LEU G 1951 11.12 92.71 22.82
CA LEU G 1951 9.74 92.27 22.69
C LEU G 1951 8.79 93.21 23.44
N GLN G 1952 9.17 93.60 24.66
CA GLN G 1952 8.36 94.57 25.39
C GLN G 1952 8.29 95.89 24.65
N HIS G 1953 9.38 96.29 23.98
CA HIS G 1953 9.32 97.47 23.12
C HIS G 1953 8.43 97.25 21.92
N ARG G 1954 8.36 96.01 21.42
CA ARG G 1954 7.61 95.71 20.22
C ARG G 1954 6.12 95.91 20.44
N VAL G 1955 5.57 95.32 21.50
CA VAL G 1955 4.12 95.39 21.73
C VAL G 1955 3.67 96.81 22.04
N GLU G 1956 4.53 97.61 22.68
CA GLU G 1956 4.17 98.99 22.95
C GLU G 1956 4.01 99.77 21.65
N SER G 1957 4.85 99.48 20.66
CA SER G 1957 4.69 100.12 19.36
C SER G 1957 3.34 99.80 18.73
N LEU G 1958 2.89 98.55 18.87
CA LEU G 1958 1.57 98.19 18.36
C LEU G 1958 0.48 98.94 19.11
N ALA G 1959 0.60 99.06 20.43
CA ALA G 1959 -0.38 99.82 21.19
C ALA G 1959 -0.43 101.27 20.73
N ALA G 1960 0.73 101.84 20.40
CA ALA G 1960 0.77 103.20 19.86
C ALA G 1960 0.00 103.28 18.55
N PHE G 1961 0.17 102.29 17.67
CA PHE G 1961 -0.62 102.24 16.45
C PHE G 1961 -2.05 101.82 16.74
N ALA G 1962 -2.28 101.10 17.82
CA ALA G 1962 -3.63 100.68 18.21
C ALA G 1962 -4.42 101.81 18.84
N GLU G 1963 -3.87 103.03 18.87
CA GLU G 1963 -4.54 104.20 19.43
C GLU G 1963 -4.94 105.23 18.38
N ARG G 1964 -4.00 105.72 17.57
CA ARG G 1964 -4.36 106.79 16.64
C ARG G 1964 -5.16 106.26 15.45
N TYR G 1965 -4.93 105.01 15.03
CA TYR G 1965 -5.66 104.51 13.88
C TYR G 1965 -7.10 104.14 14.21
N VAL G 1966 -7.34 103.63 15.42
CA VAL G 1966 -8.72 103.35 15.82
C VAL G 1966 -9.48 104.64 16.06
N ASP G 1967 -8.78 105.73 16.39
CA ASP G 1967 -9.46 107.00 16.64
C ASP G 1967 -10.06 107.56 15.35
N LYS G 1968 -9.27 107.62 14.27
CA LYS G 1968 -9.80 108.12 13.00
C LYS G 1968 -10.84 107.18 12.43
N LEU G 1969 -10.68 105.87 12.67
CA LEU G 1969 -11.65 104.90 12.17
C LEU G 1969 -13.03 105.14 12.74
N GLN G 1970 -13.11 105.43 14.04
CA GLN G 1970 -14.39 105.75 14.65
C GLN G 1970 -14.95 107.07 14.13
N ALA G 1971 -14.09 108.07 13.95
CA ALA G 1971 -14.53 109.36 13.46
C ALA G 1971 -14.98 109.29 12.01
N ASN G 1972 -14.20 108.60 11.16
CA ASN G 1972 -14.56 108.47 9.76
C ASN G 1972 -15.81 107.62 9.57
N GLN G 1973 -16.07 106.69 10.49
CA GLN G 1973 -17.26 105.84 10.36
C GLN G 1973 -18.53 106.65 10.63
N ARG G 1974 -18.46 107.62 11.56
CA ARG G 1974 -19.59 108.53 11.76
C ARG G 1974 -19.87 109.35 10.50
N SER G 1975 -18.81 109.83 9.84
CA SER G 1975 -19.01 110.53 8.57
C SER G 1975 -19.67 109.62 7.55
N ARG G 1976 -19.33 108.33 7.57
CA ARG G 1976 -20.00 107.37 6.70
C ARG G 1976 -21.46 107.20 7.06
N TYR G 1977 -21.83 107.50 8.32
CA TYR G 1977 -23.23 107.41 8.73
C TYR G 1977 -24.07 108.49 8.07
N ALA G 1978 -23.74 109.76 8.32
CA ALA G 1978 -24.57 110.87 7.85
C ALA G 1978 -24.63 110.93 6.32
N LEU G 1979 -23.61 110.41 5.65
CA LEU G 1979 -23.65 110.30 4.19
C LEU G 1979 -24.78 109.37 3.76
N LEU G 1980 -24.99 108.28 4.49
CA LEU G 1980 -26.04 107.31 4.18
C LEU G 1980 -27.12 107.24 5.25
N MET G 1981 -27.17 108.24 6.13
CA MET G 1981 -28.19 108.32 7.17
C MET G 1981 -29.50 108.83 6.58
N ARG G 1982 -30.41 109.28 7.46
CA ARG G 1982 -31.73 109.76 7.09
C ARG G 1982 -31.74 110.60 5.82
N ALA G 1983 -30.68 111.40 5.61
CA ALA G 1983 -30.50 112.11 4.35
C ALA G 1983 -30.71 111.17 3.17
N PHE G 1984 -29.91 110.11 3.09
CA PHE G 1984 -30.09 109.00 2.15
C PHE G 1984 -30.28 109.52 0.73
N THR G 1985 -30.98 108.75 -0.10
CA THR G 1985 -31.28 109.15 -1.46
C THR G 1985 -32.36 108.27 -2.07
N MET G 1986 -31.95 107.19 -2.73
CA MET G 1986 -32.88 106.33 -3.46
C MET G 1986 -32.21 104.96 -3.65
N SER G 1987 -32.73 104.19 -4.61
CA SER G 1987 -32.24 102.91 -5.11
C SER G 1987 -32.61 101.72 -4.24
N ALA G 1988 -33.27 101.92 -3.09
CA ALA G 1988 -33.87 100.83 -2.32
C ALA G 1988 -32.84 99.79 -1.88
N ALA G 1989 -32.31 99.02 -2.84
CA ALA G 1989 -31.39 97.94 -2.52
C ALA G 1989 -30.12 98.43 -1.83
N GLU G 1990 -29.81 99.72 -1.94
CA GLU G 1990 -28.68 100.27 -1.20
C GLU G 1990 -28.86 100.07 0.30
N THR G 1991 -30.10 100.07 0.79
CA THR G 1991 -30.34 99.79 2.20
C THR G 1991 -29.89 98.38 2.57
N ALA G 1992 -30.10 97.43 1.66
CA ALA G 1992 -29.62 96.06 1.90
C ALA G 1992 -28.10 96.02 1.97
N ARG G 1993 -27.43 96.81 1.14
CA ARG G 1993 -25.97 96.85 1.15
C ARG G 1993 -25.44 97.38 2.49
N ARG G 1994 -26.07 98.42 3.02
CA ARG G 1994 -25.65 99.00 4.30
C ARG G 1994 -26.33 98.23 5.43
N THR G 1995 -25.66 97.18 5.87
CA THR G 1995 -26.16 96.30 6.92
C THR G 1995 -25.20 96.14 8.09
N ARG G 1996 -23.89 96.11 7.83
CA ARG G 1996 -22.93 96.05 8.91
C ARG G 1996 -23.07 97.25 9.82
N GLU G 1997 -23.52 98.38 9.26
CA GLU G 1997 -23.47 99.66 9.94
C GLU G 1997 -24.46 99.75 11.09
N PHE G 1998 -25.48 98.89 11.11
CA PHE G 1998 -26.43 98.87 12.22
C PHE G 1998 -26.62 97.45 12.76
N ARG G 1999 -26.50 96.45 11.90
CA ARG G 1999 -26.62 95.06 12.30
C ARG G 1999 -25.23 94.48 12.58
N SER G 2000 -25.24 93.23 13.07
CA SER G 2000 -24.04 92.46 13.43
C SER G 2000 -23.40 93.02 14.70
N PRO G 2001 -22.79 92.17 15.52
CA PRO G 2001 -22.14 92.66 16.72
C PRO G 2001 -20.94 93.53 16.36
N PRO G 2002 -20.49 94.38 17.28
CA PRO G 2002 -19.37 95.29 16.95
C PRO G 2002 -18.12 94.58 16.47
N GLN G 2003 -17.79 93.43 17.03
CA GLN G 2003 -16.62 92.68 16.56
C GLN G 2003 -16.76 92.28 15.10
N GLU G 2004 -17.99 91.96 14.66
CA GLU G 2004 -18.20 91.60 13.26
C GLU G 2004 -17.90 92.78 12.34
N GLN G 2005 -18.24 94.00 12.78
CA GLN G 2005 -17.98 95.18 11.97
C GLN G 2005 -16.48 95.37 11.75
N ILE G 2006 -15.67 95.15 12.79
CA ILE G 2006 -14.23 95.30 12.65
C ILE G 2006 -13.68 94.36 11.60
N ASN G 2007 -14.19 93.13 11.55
CA ASN G 2007 -13.71 92.16 10.57
C ASN G 2007 -13.94 92.66 9.14
N MET G 2008 -15.13 93.20 8.88
CA MET G 2008 -15.46 93.66 7.54
C MET G 2008 -14.61 94.85 7.13
N LEU G 2009 -14.44 95.82 8.04
CA LEU G 2009 -13.71 97.03 7.70
C LEU G 2009 -12.19 96.84 7.72
N LEU G 2010 -11.70 95.79 8.38
CA LEU G 2010 -10.26 95.55 8.46
C LEU G 2010 -9.78 94.52 7.44
N HIS G 2011 -10.69 93.70 6.92
CA HIS G 2011 -10.30 92.64 5.98
C HIS G 2011 -9.56 93.21 4.77
N PHE G 2012 -10.15 94.19 4.09
CA PHE G 2012 -9.57 94.69 2.86
C PHE G 2012 -8.32 95.54 3.08
N LYS G 2013 -8.15 96.11 4.27
CA LYS G 2013 -7.04 97.02 4.53
C LYS G 2013 -5.69 96.36 4.30
N ASP G 2014 -5.39 95.31 5.07
CA ASP G 2014 -4.14 94.58 4.93
C ASP G 2014 -4.25 93.37 4.01
N GLU G 2015 -5.33 93.26 3.23
CA GLU G 2015 -5.47 92.19 2.26
C GLU G 2015 -4.68 92.51 1.00
N ALA G 2016 -4.83 91.66 -0.01
CA ALA G 2016 -4.15 91.82 -1.29
C ALA G 2016 -5.16 91.79 -2.42
N ASP G 2017 -4.91 92.62 -3.44
CA ASP G 2017 -5.71 92.65 -4.66
C ASP G 2017 -7.17 92.97 -4.39
N GLU G 2018 -8.00 91.94 -4.27
CA GLU G 2018 -9.45 92.14 -4.14
C GLU G 2018 -9.79 92.93 -2.89
N GLU G 2019 -10.70 93.88 -3.04
CA GLU G 2019 -11.19 94.70 -1.93
C GLU G 2019 -12.70 94.83 -2.03
N ASP G 2020 -13.39 94.59 -0.92
CA ASP G 2020 -14.84 94.67 -0.86
C ASP G 2020 -15.26 95.63 0.25
N CYS G 2021 -16.25 96.46 -0.04
CA CYS G 2021 -16.72 97.50 0.87
C CYS G 2021 -15.54 98.31 1.43
N PRO G 2022 -14.75 98.95 0.57
CA PRO G 2022 -13.47 99.51 1.01
C PRO G 2022 -13.65 100.81 1.78
N LEU G 2023 -12.53 101.31 2.28
CA LEU G 2023 -12.42 102.59 2.96
C LEU G 2023 -11.78 103.61 2.03
N PRO G 2024 -11.81 104.89 2.40
CA PRO G 2024 -11.10 105.89 1.59
C PRO G 2024 -9.63 105.53 1.43
N GLU G 2025 -9.09 105.78 0.24
CA GLU G 2025 -7.71 105.43 -0.03
C GLU G 2025 -6.76 106.50 0.50
N ASP G 2026 -6.93 106.85 1.76
CA ASP G 2026 -6.05 107.75 2.50
C ASP G 2026 -5.61 107.15 3.82
N ILE G 2027 -6.49 106.41 4.51
CA ILE G 2027 -6.12 105.71 5.73
C ILE G 2027 -5.66 104.29 5.47
N ARG G 2028 -5.73 103.81 4.23
CA ARG G 2028 -5.26 102.47 3.88
C ARG G 2028 -3.83 102.48 3.39
N GLN G 2029 -3.08 103.55 3.65
CA GLN G 2029 -1.68 103.65 3.24
C GLN G 2029 -0.70 103.48 4.39
N ASP G 2030 -1.08 103.89 5.60
CA ASP G 2030 -0.17 103.76 6.74
C ASP G 2030 0.02 102.29 7.12
N LEU G 2031 -1.04 101.48 7.01
CA LEU G 2031 -0.87 100.04 7.25
C LEU G 2031 0.14 99.44 6.28
N GLN G 2032 0.02 99.77 4.99
CA GLN G 2032 0.98 99.27 4.02
C GLN G 2032 2.37 99.86 4.25
N ASP G 2033 2.49 100.89 5.08
CA ASP G 2033 3.77 101.37 5.56
C ASP G 2033 4.12 100.80 6.93
N PHE G 2034 3.19 100.83 7.89
CA PHE G 2034 3.44 100.27 9.21
C PHE G 2034 3.68 98.77 9.15
N HIS G 2035 2.79 98.04 8.47
CA HIS G 2035 2.99 96.60 8.33
C HIS G 2035 4.25 96.31 7.54
N GLN G 2036 4.57 97.16 6.56
CA GLN G 2036 5.89 97.11 5.94
C GLN G 2036 6.98 97.45 6.94
N ASP G 2037 6.77 98.49 7.75
CA ASP G 2037 7.77 98.87 8.74
C ASP G 2037 7.98 97.77 9.76
N LEU G 2038 6.90 97.17 10.24
CA LEU G 2038 7.03 96.04 11.15
C LEU G 2038 7.73 94.87 10.48
N LEU G 2039 7.34 94.53 9.25
CA LEU G 2039 8.04 93.46 8.55
C LEU G 2039 9.26 93.99 7.80
N ALA G 2040 10.02 94.83 8.50
CA ALA G 2040 11.41 95.13 8.19
C ALA G 2040 12.27 95.14 9.43
N HIS G 2041 11.69 95.30 10.61
CA HIS G 2041 12.42 95.37 11.86
C HIS G 2041 12.76 93.99 12.39
N CYS G 2042 11.77 93.11 12.49
CA CYS G 2042 11.96 91.82 13.17
C CYS G 2042 12.96 90.92 12.47
N GLY G 2043 12.58 90.35 11.32
CA GLY G 2043 13.47 89.47 10.61
C GLY G 2043 13.49 89.58 9.10
N ILE G 2044 12.50 90.28 8.54
CA ILE G 2044 12.22 90.17 7.11
C ILE G 2044 13.32 90.83 6.30
N GLN G 2045 13.83 90.11 5.30
CA GLN G 2045 14.79 90.70 4.37
C GLN G 2045 14.09 91.65 3.40
N LEU G 2046 12.92 91.26 2.89
CA LEU G 2046 12.14 92.06 1.96
C LEU G 2046 12.96 92.43 0.72
N GLU G 2047 13.35 91.40 -0.02
CA GLU G 2047 14.14 91.57 -1.23
C GLU G 2047 13.32 92.24 -2.34
N LYS G 2089 31.59 90.61 7.99
CA LYS G 2089 31.34 92.03 8.17
C LYS G 2089 30.87 92.32 9.59
N LYS G 2090 30.71 93.60 9.91
CA LYS G 2090 30.20 93.99 11.22
C LYS G 2090 28.74 93.60 11.35
N PRO G 2091 28.36 92.88 12.42
CA PRO G 2091 26.94 92.51 12.57
C PRO G 2091 25.99 93.70 12.54
N GLN G 2092 26.36 94.81 13.19
CA GLN G 2092 25.58 96.05 13.20
C GLN G 2092 24.14 95.82 13.67
N SER G 2093 23.89 94.72 14.39
CA SER G 2093 22.55 94.40 14.86
C SER G 2093 22.65 93.27 15.87
N LEU G 2094 21.74 93.29 16.85
CA LEU G 2094 21.71 92.22 17.85
C LEU G 2094 21.36 90.89 17.19
N GLN G 2095 20.44 90.90 16.22
CA GLN G 2095 20.07 89.66 15.54
C GLN G 2095 21.27 89.00 14.89
N GLU G 2096 22.07 89.78 14.17
CA GLU G 2096 23.27 89.23 13.54
C GLU G 2096 24.31 88.83 14.58
N LEU G 2097 24.42 89.60 15.66
CA LEU G 2097 25.46 89.33 16.66
C LEU G 2097 25.23 87.99 17.34
N VAL G 2098 24.01 87.75 17.84
CA VAL G 2098 23.74 86.51 18.57
C VAL G 2098 23.85 85.31 17.63
N SER G 2099 23.25 85.41 16.45
CA SER G 2099 23.24 84.27 15.53
C SER G 2099 24.65 83.90 15.09
N HIS G 2100 25.47 84.90 14.77
CA HIS G 2100 26.83 84.62 14.33
C HIS G 2100 27.73 84.16 15.46
N MET G 2101 27.32 84.35 16.72
CA MET G 2101 28.19 84.04 17.85
C MET G 2101 27.92 82.66 18.41
N VAL G 2102 26.64 82.30 18.58
CA VAL G 2102 26.30 81.00 19.17
C VAL G 2102 26.84 79.86 18.31
N VAL G 2103 26.82 80.03 16.99
CA VAL G 2103 27.37 79.00 16.10
C VAL G 2103 28.86 78.81 16.36
N ARG G 2104 29.59 79.90 16.60
CA ARG G 2104 31.02 79.79 16.84
C ARG G 2104 31.31 78.94 18.08
N TRP G 2105 30.48 79.08 19.12
CA TRP G 2105 30.71 78.35 20.36
C TRP G 2105 30.60 76.84 20.16
N ALA G 2106 29.66 76.40 19.32
CA ALA G 2106 29.51 74.97 19.07
C ALA G 2106 30.58 74.45 18.12
N GLN G 2107 31.00 75.25 17.15
CA GLN G 2107 32.00 74.80 16.19
C GLN G 2107 33.37 74.57 16.82
N GLU G 2108 33.65 75.21 17.97
CA GLU G 2108 34.97 75.17 18.57
C GLU G 2108 34.98 74.43 19.92
N ASP G 2109 33.93 73.67 20.21
CA ASP G 2109 33.86 72.92 21.45
C ASP G 2109 32.79 71.85 21.33
N TYR G 2110 32.96 70.78 22.10
CA TYR G 2110 31.95 69.74 22.28
C TYR G 2110 31.37 69.93 23.67
N VAL G 2111 30.23 70.62 23.74
CA VAL G 2111 29.71 71.13 25.01
C VAL G 2111 29.10 69.98 25.81
N GLN G 2112 29.61 69.77 27.02
CA GLN G 2112 29.02 68.86 27.98
C GLN G 2112 28.03 69.64 28.85
N SER G 2113 27.57 69.05 29.96
CA SER G 2113 26.63 69.68 30.88
C SER G 2113 25.34 70.02 30.15
N PRO G 2114 24.48 69.02 29.88
CA PRO G 2114 23.26 69.23 29.09
C PRO G 2114 22.45 70.47 29.48
N GLU G 2115 22.54 70.88 30.75
CA GLU G 2115 21.84 72.09 31.18
C GLU G 2115 22.32 73.31 30.41
N LEU G 2116 23.58 73.31 29.97
CA LEU G 2116 24.08 74.42 29.17
C LEU G 2116 23.51 74.39 27.76
N VAL G 2117 23.63 73.25 27.08
CA VAL G 2117 23.27 73.18 25.66
C VAL G 2117 21.81 73.52 25.44
N ARG G 2118 20.96 73.27 26.44
CA ARG G 2118 19.56 73.67 26.33
C ARG G 2118 19.39 75.18 26.34
N ALA G 2119 20.38 75.92 26.83
CA ALA G 2119 20.21 77.37 26.98
C ALA G 2119 20.33 78.08 25.64
N MET G 2120 21.49 77.97 24.98
CA MET G 2120 21.69 78.75 23.77
C MET G 2120 20.76 78.31 22.64
N PHE G 2121 20.37 77.04 22.62
CA PHE G 2121 19.48 76.58 21.56
C PHE G 2121 18.08 77.18 21.68
N SER G 2122 17.70 77.67 22.86
CA SER G 2122 16.48 78.44 22.98
C SER G 2122 16.65 79.89 22.56
N LEU G 2123 17.89 80.35 22.33
CA LEU G 2123 18.09 81.74 21.89
C LEU G 2123 17.92 81.87 20.38
N LEU G 2124 18.79 81.22 19.60
CA LEU G 2124 18.80 81.47 18.16
C LEU G 2124 17.48 81.11 17.52
N HIS G 2125 16.73 80.18 18.11
CA HIS G 2125 15.38 79.91 17.62
C HIS G 2125 14.51 81.14 17.72
N ARG G 2126 14.63 81.89 18.81
CA ARG G 2126 13.88 83.14 18.94
C ARG G 2126 14.39 84.19 17.96
N GLN G 2127 15.71 84.30 17.79
CA GLN G 2127 16.27 85.27 16.86
C GLN G 2127 16.08 84.87 15.40
N TYR G 2128 15.66 83.64 15.12
CA TYR G 2128 15.36 83.25 13.75
C TYR G 2128 13.87 83.21 13.44
N ASP G 2129 13.02 83.14 14.46
CA ASP G 2129 11.56 83.19 14.31
C ASP G 2129 11.07 84.35 15.16
N GLY G 2130 11.07 85.54 14.55
CA GLY G 2130 10.65 86.73 15.26
C GLY G 2130 9.14 86.79 15.43
N LEU G 2131 8.43 86.62 14.32
CA LEU G 2131 6.98 86.67 14.35
C LEU G 2131 6.38 85.56 15.21
N GLY G 2132 7.06 84.41 15.31
CA GLY G 2132 6.55 83.34 16.13
C GLY G 2132 6.43 83.73 17.59
N GLU G 2133 7.44 84.41 18.13
CA GLU G 2133 7.35 84.92 19.49
C GLU G 2133 6.26 85.97 19.61
N LEU G 2134 6.18 86.88 18.64
CA LEU G 2134 5.16 87.93 18.67
C LEU G 2134 3.76 87.34 18.64
N LEU G 2135 3.52 86.39 17.73
CA LEU G 2135 2.21 85.77 17.63
C LEU G 2135 1.84 85.04 18.92
N ARG G 2136 2.84 84.56 19.66
CA ARG G 2136 2.62 83.87 20.92
C ARG G 2136 2.67 84.82 22.12
N ALA G 2137 2.64 86.12 21.88
CA ALA G 2137 2.69 87.11 22.95
C ALA G 2137 1.46 87.99 23.01
N LEU G 2138 0.85 88.29 21.87
CA LEU G 2138 -0.36 89.12 21.84
C LEU G 2138 -1.48 88.59 22.73
N PRO G 2139 -1.78 87.28 22.82
CA PRO G 2139 -2.86 86.83 23.70
C PRO G 2139 -2.63 87.12 25.18
N ARG G 2140 -1.48 87.72 25.52
CA ARG G 2140 -1.20 88.15 26.89
C ARG G 2140 -1.12 89.66 27.01
N ALA G 2141 -1.55 90.40 25.99
CA ALA G 2141 -1.48 91.85 25.97
C ALA G 2141 -2.87 92.44 26.12
N TYR G 2142 -2.97 93.57 26.81
CA TYR G 2142 -4.26 94.18 27.09
C TYR G 2142 -4.08 95.67 27.33
N THR G 2143 -5.04 96.47 26.89
CA THR G 2143 -5.01 97.91 27.03
C THR G 2143 -6.13 98.37 27.95
N ILE G 2144 -5.81 99.29 28.86
CA ILE G 2144 -6.77 99.87 29.79
C ILE G 2144 -6.63 101.39 29.75
N SER G 2145 -7.54 102.07 30.46
CA SER G 2145 -7.66 103.51 30.46
C SER G 2145 -7.23 104.11 31.80
N PRO G 2146 -6.85 105.38 31.82
CA PRO G 2146 -6.47 106.03 33.08
C PRO G 2146 -7.65 106.09 34.05
N SER G 2147 -7.35 106.57 35.25
CA SER G 2147 -8.27 106.66 36.39
C SER G 2147 -8.64 105.29 36.93
N SER G 2148 -8.17 104.21 36.30
CA SER G 2148 -8.36 102.87 36.79
C SER G 2148 -7.06 102.14 37.10
N VAL G 2149 -5.91 102.72 36.73
CA VAL G 2149 -4.63 102.06 36.96
C VAL G 2149 -4.37 101.90 38.46
N GLU G 2150 -4.79 102.88 39.26
CA GLU G 2150 -4.59 102.78 40.70
C GLU G 2150 -5.37 101.59 41.27
N ASP G 2151 -6.60 101.38 40.79
CA ASP G 2151 -7.37 100.22 41.24
C ASP G 2151 -6.71 98.92 40.82
N THR G 2152 -6.24 98.84 39.58
CA THR G 2152 -5.56 97.62 39.13
C THR G 2152 -4.24 97.42 39.85
N MET G 2153 -3.56 98.51 40.22
CA MET G 2153 -2.27 98.41 40.90
C MET G 2153 -2.39 97.63 42.19
N SER G 2154 -3.45 97.89 42.97
CA SER G 2154 -3.68 97.12 44.18
C SER G 2154 -3.96 95.66 43.87
N LEU G 2155 -4.75 95.39 42.82
CA LEU G 2155 -5.05 94.02 42.43
C LEU G 2155 -3.78 93.27 42.03
N LEU G 2156 -2.95 93.91 41.21
CA LEU G 2156 -1.74 93.25 40.73
C LEU G 2156 -0.80 92.93 41.87
N GLU G 2157 -0.58 93.89 42.78
CA GLU G 2157 0.29 93.65 43.91
C GLU G 2157 -0.27 92.58 44.83
N CYS G 2158 -1.59 92.62 45.07
CA CYS G 2158 -2.21 91.62 45.94
C CYS G 2158 -2.16 90.24 45.33
N LEU G 2159 -2.28 90.14 44.00
CA LEU G 2159 -2.29 88.83 43.35
C LEU G 2159 -0.94 88.13 43.49
N GLY G 2160 0.14 88.90 43.65
CA GLY G 2160 1.47 88.28 43.72
C GLY G 2160 1.60 87.33 44.88
N GLN G 2161 1.00 87.67 46.03
CA GLN G 2161 1.16 86.83 47.23
C GLN G 2161 0.54 85.45 47.04
N ILE G 2162 -0.49 85.33 46.20
CA ILE G 2162 -1.06 84.02 45.91
C ILE G 2162 -0.04 83.16 45.16
N ARG G 2163 0.68 83.75 44.21
CA ARG G 2163 1.68 82.99 43.46
C ARG G 2163 2.79 82.46 44.35
N SER G 2164 3.20 83.25 45.35
CA SER G 2164 4.20 82.78 46.30
C SER G 2164 3.65 81.75 47.28
N LEU G 2165 2.33 81.64 47.38
CA LEU G 2165 1.73 80.67 48.27
C LEU G 2165 1.84 79.25 47.72
N LEU G 2166 1.82 79.09 46.39
CA LEU G 2166 1.85 77.76 45.80
C LEU G 2166 3.16 77.03 46.11
N ILE G 2167 4.29 77.72 46.04
CA ILE G 2167 5.58 77.06 46.21
C ILE G 2167 5.75 76.59 47.66
N VAL G 2168 5.35 77.42 48.62
CA VAL G 2168 5.50 77.07 50.02
C VAL G 2168 4.43 76.04 50.41
N GLN G 2169 4.82 75.09 51.25
CA GLN G 2169 3.87 74.13 51.80
C GLN G 2169 2.88 74.86 52.71
N MET G 2170 1.67 74.31 52.80
CA MET G 2170 0.58 74.96 53.52
C MET G 2170 0.91 75.09 55.01
N GLY G 2171 0.80 76.32 55.52
CA GLY G 2171 1.02 76.59 56.92
C GLY G 2171 -0.14 77.33 57.54
N PRO G 2172 -0.39 77.07 58.84
CA PRO G 2172 -1.53 77.76 59.50
C PRO G 2172 -1.44 79.27 59.43
N GLN G 2173 -0.23 79.83 59.59
CA GLN G 2173 -0.08 81.28 59.42
C GLN G 2173 -0.29 81.67 57.97
N GLU G 2174 0.27 80.90 57.04
CA GLU G 2174 0.07 81.18 55.62
C GLU G 2174 -1.38 80.98 55.22
N GLU G 2175 -2.09 80.04 55.85
CA GLU G 2175 -3.50 79.83 55.55
C GLU G 2175 -4.31 81.07 55.86
N ASN G 2176 -4.02 81.73 56.98
CA ASN G 2176 -4.66 83.00 57.29
C ASN G 2176 -4.41 84.02 56.19
N LEU G 2177 -3.17 84.11 55.72
CA LEU G 2177 -2.79 85.17 54.78
C LEU G 2177 -3.66 85.16 53.53
N MET G 2178 -3.95 83.97 52.99
CA MET G 2178 -4.69 83.90 51.73
C MET G 2178 -6.13 84.38 51.90
N ILE G 2179 -6.75 84.06 53.04
CA ILE G 2179 -8.17 84.37 53.21
C ILE G 2179 -8.43 85.87 53.10
N GLN G 2180 -7.60 86.68 53.77
CA GLN G 2180 -7.70 88.12 53.53
C GLN G 2180 -7.25 88.46 52.11
N SER G 2181 -6.25 87.74 51.60
CA SER G 2181 -5.77 88.02 50.24
C SER G 2181 -6.89 87.84 49.23
N ILE G 2182 -7.56 86.69 49.24
CA ILE G 2182 -8.68 86.48 48.32
C ILE G 2182 -9.84 87.39 48.66
N GLY G 2183 -10.05 87.68 49.95
CA GLY G 2183 -11.12 88.59 50.33
C GLY G 2183 -10.92 89.99 49.80
N ASN G 2184 -9.67 90.46 49.74
CA ASN G 2184 -9.39 91.75 49.14
C ASN G 2184 -9.45 91.72 47.62
N ILE G 2185 -9.30 90.54 47.00
CA ILE G 2185 -9.44 90.46 45.55
C ILE G 2185 -10.85 90.81 45.12
N MET G 2186 -11.85 90.29 45.83
CA MET G 2186 -13.24 90.49 45.42
C MET G 2186 -13.80 91.80 45.97
N ASN G 2187 -13.01 92.87 45.88
CA ASN G 2187 -13.53 94.19 46.16
C ASN G 2187 -12.88 95.29 45.33
N ASN G 2188 -12.10 94.96 44.32
CA ASN G 2188 -11.19 95.92 43.70
C ASN G 2188 -11.80 96.70 42.54
N LYS G 2189 -13.08 96.48 42.24
CA LYS G 2189 -13.80 97.19 41.19
C LYS G 2189 -13.28 96.84 39.79
N VAL G 2190 -12.21 96.06 39.70
CA VAL G 2190 -11.65 95.68 38.42
C VAL G 2190 -11.94 94.22 38.07
N PHE G 2191 -12.09 93.35 39.07
CA PHE G 2191 -12.57 92.00 38.80
C PHE G 2191 -14.09 91.98 38.67
N TYR G 2192 -14.63 92.97 37.97
CA TYR G 2192 -16.01 92.95 37.48
C TYR G 2192 -16.17 93.56 36.10
N GLN G 2193 -15.25 94.41 35.66
CA GLN G 2193 -15.37 95.16 34.41
C GLN G 2193 -14.58 94.54 33.27
N HIS G 2194 -13.45 93.91 33.55
CA HIS G 2194 -12.56 93.37 32.53
C HIS G 2194 -12.26 91.91 32.84
N PRO G 2195 -13.22 91.02 32.62
CA PRO G 2195 -12.95 89.58 32.82
C PRO G 2195 -11.84 89.06 31.91
N ASN G 2196 -11.65 89.68 30.74
CA ASN G 2196 -10.61 89.20 29.82
C ASN G 2196 -9.23 89.28 30.44
N LEU G 2197 -8.99 90.25 31.33
CA LEU G 2197 -7.74 90.28 32.07
C LEU G 2197 -7.54 89.00 32.86
N MET G 2198 -8.56 88.60 33.63
CA MET G 2198 -8.34 87.58 34.65
C MET G 2198 -8.13 86.20 34.04
N ARG G 2199 -8.59 85.98 32.80
CA ARG G 2199 -8.18 84.78 32.08
C ARG G 2199 -6.80 84.91 31.46
N ALA G 2200 -6.34 86.14 31.22
CA ALA G 2200 -4.99 86.32 30.69
C ALA G 2200 -3.96 86.23 31.82
N LEU G 2201 -4.27 86.78 32.99
CA LEU G 2201 -3.44 86.52 34.16
C LEU G 2201 -3.67 85.10 34.67
N GLY G 2202 -4.89 84.58 34.50
CA GLY G 2202 -5.18 83.20 34.83
C GLY G 2202 -5.00 82.85 36.29
N MET G 2203 -5.52 83.68 37.20
CA MET G 2203 -5.40 83.33 38.61
C MET G 2203 -6.25 82.11 38.95
N HIS G 2204 -7.32 81.88 38.19
CA HIS G 2204 -8.13 80.68 38.41
C HIS G 2204 -7.30 79.42 38.24
N GLU G 2205 -6.34 79.45 37.31
CA GLU G 2205 -5.40 78.34 37.19
C GLU G 2205 -4.60 78.17 38.46
N THR G 2206 -3.97 79.25 38.95
CA THR G 2206 -3.06 79.14 40.09
C THR G 2206 -3.80 78.75 41.36
N VAL G 2207 -4.97 79.33 41.61
CA VAL G 2207 -5.71 79.01 42.82
C VAL G 2207 -6.15 77.56 42.81
N MET G 2208 -6.26 76.95 41.63
CA MET G 2208 -6.72 75.57 41.55
C MET G 2208 -5.74 74.62 42.21
N GLU G 2209 -4.43 74.81 42.00
CA GLU G 2209 -3.47 73.93 42.66
C GLU G 2209 -3.48 74.11 44.17
N VAL G 2210 -3.84 75.30 44.65
CA VAL G 2210 -3.90 75.53 46.09
C VAL G 2210 -4.87 74.55 46.74
N MET G 2211 -6.01 74.30 46.08
CA MET G 2211 -6.99 73.37 46.62
C MET G 2211 -6.49 71.93 46.55
N VAL G 2212 -5.82 71.56 45.45
CA VAL G 2212 -5.45 70.15 45.27
C VAL G 2212 -4.37 69.72 46.25
N ASN G 2213 -3.48 70.63 46.66
CA ASN G 2213 -2.43 70.26 47.59
C ASN G 2213 -2.98 69.93 48.97
N VAL G 2214 -3.87 70.78 49.48
CA VAL G 2214 -4.39 70.57 50.83
C VAL G 2214 -5.29 69.33 50.88
N LEU G 2215 -6.05 69.09 49.81
CA LEU G 2215 -6.97 67.96 49.80
C LEU G 2215 -6.30 66.64 49.45
N GLY G 2216 -5.08 66.68 48.93
CA GLY G 2216 -4.37 65.45 48.59
C GLY G 2216 -4.05 64.60 49.81
N GLY G 2217 -4.73 63.47 49.93
CA GLY G 2217 -4.55 62.60 51.07
C GLY G 2217 -5.04 61.21 50.79
N GLY G 2218 -4.61 60.27 51.65
CA GLY G 2218 -4.96 58.88 51.45
C GLY G 2218 -6.45 58.61 51.62
N GLU G 2219 -7.06 59.16 52.67
CA GLU G 2219 -8.45 58.88 52.97
C GLU G 2219 -9.08 60.13 53.59
N THR G 2220 -10.27 59.96 54.17
CA THR G 2220 -10.98 61.07 54.78
C THR G 2220 -10.27 61.63 56.01
N LYS G 2221 -9.36 60.86 56.61
CA LYS G 2221 -8.61 61.36 57.75
C LYS G 2221 -7.70 62.53 57.37
N GLU G 2222 -7.34 62.64 56.10
CA GLU G 2222 -6.49 63.73 55.63
C GLU G 2222 -7.36 64.92 55.21
N ILE G 2223 -7.99 65.52 56.21
CA ILE G 2223 -8.80 66.72 56.01
C ILE G 2223 -8.13 67.87 56.73
N ARG G 2224 -6.80 67.84 56.78
CA ARG G 2224 -6.05 68.90 57.45
C ARG G 2224 -6.29 70.24 56.76
N PHE G 2225 -6.27 71.30 57.55
CA PHE G 2225 -6.53 72.67 57.12
C PHE G 2225 -7.92 72.79 56.48
N PRO G 2226 -9.01 72.57 57.23
CA PRO G 2226 -10.33 72.93 56.72
C PRO G 2226 -10.56 74.43 56.83
N LYS G 2227 -11.77 74.89 56.53
CA LYS G 2227 -12.19 76.30 56.57
C LYS G 2227 -11.48 77.14 55.53
N MET G 2228 -10.60 76.57 54.71
CA MET G 2228 -9.99 77.28 53.60
C MET G 2228 -10.49 76.81 52.25
N VAL G 2229 -10.83 75.53 52.12
CA VAL G 2229 -11.49 75.05 50.90
C VAL G 2229 -12.83 75.75 50.72
N THR G 2230 -13.60 75.85 51.81
CA THR G 2230 -14.86 76.59 51.76
C THR G 2230 -14.63 78.06 51.47
N SER G 2231 -13.61 78.65 52.08
CA SER G 2231 -13.35 80.07 51.90
C SER G 2231 -12.85 80.39 50.49
N CYS G 2232 -12.34 79.41 49.75
CA CYS G 2232 -11.86 79.64 48.40
C CYS G 2232 -12.81 79.15 47.33
N CYS G 2233 -13.47 78.01 47.54
CA CYS G 2233 -14.42 77.49 46.57
C CYS G 2233 -15.58 78.45 46.34
N ARG G 2234 -15.92 79.28 47.33
CA ARG G 2234 -16.95 80.29 47.12
C ARG G 2234 -16.51 81.29 46.06
N PHE G 2235 -15.23 81.65 46.05
CA PHE G 2235 -14.72 82.59 45.06
C PHE G 2235 -14.82 82.02 43.64
N LEU G 2236 -14.56 80.72 43.48
CA LEU G 2236 -14.61 80.11 42.16
C LEU G 2236 -16.01 80.17 41.56
N CYS G 2237 -17.03 79.92 42.37
CA CYS G 2237 -18.40 79.91 41.86
C CYS G 2237 -18.79 81.26 41.28
N TYR G 2238 -18.49 82.35 42.00
CA TYR G 2238 -18.82 83.67 41.50
C TYR G 2238 -18.03 84.03 40.25
N PHE G 2239 -16.80 83.51 40.12
CA PHE G 2239 -16.04 83.73 38.90
C PHE G 2239 -16.76 83.10 37.71
N CYS G 2240 -17.37 81.92 37.91
CA CYS G 2240 -18.05 81.20 36.85
C CYS G 2240 -19.35 81.87 36.42
N ARG G 2241 -19.84 82.87 37.15
CA ARG G 2241 -21.10 83.53 36.85
C ARG G 2241 -20.88 84.99 36.46
N ILE G 2242 -19.87 85.25 35.63
CA ILE G 2242 -19.61 86.60 35.15
C ILE G 2242 -19.70 86.70 33.64
N SER G 2243 -19.34 85.66 32.89
CA SER G 2243 -19.43 85.70 31.44
C SER G 2243 -19.45 84.27 30.90
N ARG G 2244 -19.93 84.12 29.67
CA ARG G 2244 -19.99 82.80 29.06
C ARG G 2244 -18.59 82.22 28.85
N GLN G 2245 -17.65 83.02 28.36
CA GLN G 2245 -16.30 82.52 28.13
C GLN G 2245 -15.64 82.14 29.44
N ASN G 2246 -15.96 82.84 30.53
CA ASN G 2246 -15.49 82.42 31.84
C ASN G 2246 -16.02 81.04 32.20
N GLN G 2247 -17.25 80.73 31.81
CA GLN G 2247 -17.81 79.41 32.09
C GLN G 2247 -17.07 78.32 31.32
N ARG G 2248 -16.78 78.57 30.04
CA ARG G 2248 -16.05 77.61 29.23
C ARG G 2248 -14.65 77.35 29.76
N SER G 2249 -13.94 78.42 30.12
CA SER G 2249 -12.52 78.26 30.44
C SER G 2249 -12.29 77.36 31.64
N MET G 2250 -13.18 77.39 32.62
CA MET G 2250 -13.05 76.53 33.79
C MET G 2250 -13.78 75.20 33.62
N PHE G 2251 -14.72 75.12 32.67
CA PHE G 2251 -15.47 73.89 32.44
C PHE G 2251 -14.55 72.75 32.01
N ASP G 2252 -13.51 73.06 31.23
CA ASP G 2252 -12.65 72.03 30.67
C ASP G 2252 -11.98 71.18 31.75
N HIS G 2253 -11.88 71.68 32.98
CA HIS G 2253 -11.30 70.94 34.08
C HIS G 2253 -12.34 70.13 34.85
N LEU G 2254 -13.51 69.86 34.25
CA LEU G 2254 -14.55 69.13 34.95
C LEU G 2254 -14.10 67.73 35.32
N SER G 2255 -13.46 67.01 34.39
CA SER G 2255 -12.97 65.68 34.69
C SER G 2255 -11.92 65.72 35.79
N TYR G 2256 -11.03 66.72 35.74
CA TYR G 2256 -10.04 66.89 36.79
C TYR G 2256 -10.69 67.16 38.14
N LEU G 2257 -11.74 67.99 38.14
CA LEU G 2257 -12.34 68.41 39.41
C LEU G 2257 -13.06 67.24 40.09
N LEU G 2258 -13.85 66.49 39.33
CA LEU G 2258 -14.60 65.38 39.94
C LEU G 2258 -13.70 64.25 40.43
N GLU G 2259 -12.47 64.17 39.94
CA GLU G 2259 -11.58 63.10 40.37
C GLU G 2259 -11.30 63.18 41.86
N ASN G 2260 -11.18 64.38 42.39
CA ASN G 2260 -10.90 64.61 43.81
C ASN G 2260 -11.98 65.48 44.45
N SER G 2261 -13.24 65.08 44.28
CA SER G 2261 -14.37 65.83 44.83
C SER G 2261 -15.27 64.99 45.72
N GLY G 2262 -15.52 63.74 45.36
CA GLY G 2262 -16.45 62.91 46.11
C GLY G 2262 -15.83 62.11 47.23
N ILE G 2263 -14.88 62.71 47.96
CA ILE G 2263 -14.22 62.03 49.06
C ILE G 2263 -14.39 62.83 50.35
N GLY G 2264 -13.94 64.07 50.32
CA GLY G 2264 -14.02 64.93 51.49
C GLY G 2264 -15.38 65.58 51.66
N LEU G 2265 -16.34 64.81 52.13
CA LEU G 2265 -17.70 65.30 52.32
C LEU G 2265 -18.01 65.37 53.82
N GLY G 2266 -18.73 66.42 54.22
CA GLY G 2266 -19.14 66.56 55.60
C GLY G 2266 -19.17 67.97 56.13
N MET G 2267 -18.59 68.92 55.41
CA MET G 2267 -18.57 70.31 55.83
C MET G 2267 -19.71 71.07 55.16
N GLN G 2268 -19.74 72.39 55.37
CA GLN G 2268 -20.83 73.21 54.87
C GLN G 2268 -20.30 74.39 54.05
N GLY G 2269 -21.17 75.33 53.72
CA GLY G 2269 -20.78 76.47 52.93
C GLY G 2269 -20.56 76.13 51.48
N SER G 2270 -19.54 75.32 51.20
CA SER G 2270 -19.22 74.92 49.84
C SER G 2270 -18.40 73.64 49.88
N THR G 2271 -18.15 73.10 48.70
CA THR G 2271 -17.40 71.87 48.48
C THR G 2271 -17.06 71.88 46.99
N PRO G 2272 -15.99 71.20 46.54
CA PRO G 2272 -15.68 71.25 45.11
C PRO G 2272 -16.78 70.72 44.21
N LEU G 2273 -17.66 69.88 44.76
CA LEU G 2273 -18.79 69.40 43.96
C LEU G 2273 -19.72 70.54 43.55
N ASP G 2274 -19.87 71.54 44.42
CA ASP G 2274 -20.76 72.65 44.10
C ASP G 2274 -20.28 73.44 42.89
N VAL G 2275 -18.99 73.79 42.87
CA VAL G 2275 -18.46 74.52 41.73
C VAL G 2275 -18.46 73.65 40.48
N ALA G 2276 -18.37 72.33 40.65
CA ALA G 2276 -18.54 71.43 39.52
C ALA G 2276 -19.94 71.54 38.93
N ALA G 2277 -20.95 71.60 39.80
CA ALA G 2277 -22.32 71.79 39.33
C ALA G 2277 -22.51 73.16 38.69
N ALA G 2278 -21.94 74.20 39.31
CA ALA G 2278 -22.08 75.55 38.79
C ALA G 2278 -21.35 75.78 37.48
N SER G 2279 -20.50 74.84 37.06
CA SER G 2279 -19.77 75.00 35.81
C SER G 2279 -20.68 74.95 34.58
N VAL G 2280 -21.86 74.34 34.71
CA VAL G 2280 -22.87 74.37 33.64
C VAL G 2280 -24.26 74.49 34.25
N ILE G 2281 -24.85 75.69 34.18
CA ILE G 2281 -26.17 75.89 34.77
C ILE G 2281 -27.13 76.52 33.77
N ASP G 2282 -26.62 77.34 32.84
CA ASP G 2282 -27.50 78.00 31.89
C ASP G 2282 -26.87 78.11 30.49
N ASN G 2283 -25.85 77.32 30.20
CA ASN G 2283 -25.12 77.48 28.95
C ASN G 2283 -26.00 77.12 27.75
N ASN G 2284 -26.66 75.97 27.82
CA ASN G 2284 -27.52 75.37 26.79
C ASN G 2284 -26.70 74.78 25.65
N GLU G 2285 -25.40 75.02 25.60
CA GLU G 2285 -24.51 74.34 24.67
C GLU G 2285 -23.38 73.61 25.36
N LEU G 2286 -22.97 74.04 26.55
CA LEU G 2286 -22.03 73.25 27.34
C LEU G 2286 -22.65 71.92 27.74
N ALA G 2287 -23.94 71.94 28.08
CA ALA G 2287 -24.63 70.69 28.42
C ALA G 2287 -24.62 69.71 27.27
N LEU G 2288 -24.69 70.21 26.03
CA LEU G 2288 -24.58 69.33 24.87
C LEU G 2288 -23.17 68.84 24.65
N ALA G 2289 -22.17 69.46 25.28
CA ALA G 2289 -20.77 69.10 25.08
C ALA G 2289 -20.24 68.22 26.21
N LEU G 2290 -21.09 67.40 26.82
CA LEU G 2290 -20.63 66.43 27.80
C LEU G 2290 -19.94 65.27 27.08
N GLN G 2291 -19.35 64.38 27.87
CA GLN G 2291 -18.61 63.27 27.29
C GLN G 2291 -18.96 61.94 27.96
N GLU G 2292 -20.19 61.82 28.46
CA GLU G 2292 -20.69 60.56 28.99
C GLU G 2292 -19.88 60.06 30.18
N GLN G 2293 -18.59 59.80 29.97
CA GLN G 2293 -17.74 59.26 31.02
C GLN G 2293 -17.78 60.13 32.28
N ASP G 2294 -17.91 61.45 32.11
CA ASP G 2294 -18.10 62.31 33.26
C ASP G 2294 -19.39 61.97 34.00
N LEU G 2295 -20.48 61.76 33.25
CA LEU G 2295 -21.74 61.36 33.87
C LEU G 2295 -21.67 59.94 34.40
N GLU G 2296 -20.94 59.06 33.71
CA GLU G 2296 -20.83 57.68 34.17
C GLU G 2296 -20.08 57.60 35.50
N LYS G 2297 -19.00 58.36 35.64
CA LYS G 2297 -18.16 58.23 36.81
C LYS G 2297 -18.84 58.80 38.06
N VAL G 2298 -19.59 59.89 37.91
CA VAL G 2298 -20.32 60.45 39.04
C VAL G 2298 -21.41 59.50 39.50
N VAL G 2299 -22.01 58.75 38.56
CA VAL G 2299 -22.99 57.73 38.95
C VAL G 2299 -22.33 56.66 39.80
N SER G 2300 -21.12 56.24 39.42
CA SER G 2300 -20.41 55.24 40.21
C SER G 2300 -20.17 55.71 41.63
N TYR G 2301 -20.01 57.02 41.83
CA TYR G 2301 -19.97 57.57 43.19
C TYR G 2301 -21.27 57.27 43.91
N LEU G 2302 -22.40 57.48 43.24
CA LEU G 2302 -23.70 57.26 43.88
C LEU G 2302 -23.91 55.77 44.20
N ALA G 2303 -23.26 54.88 43.44
CA ALA G 2303 -23.28 53.48 43.81
C ALA G 2303 -22.61 53.26 45.17
N GLY G 2304 -21.60 54.08 45.49
CA GLY G 2304 -20.95 53.98 46.79
C GLY G 2304 -21.88 54.33 47.93
N CYS G 2305 -22.61 55.44 47.81
CA CYS G 2305 -23.48 55.87 48.90
C CYS G 2305 -24.74 55.04 49.02
N GLY G 2306 -24.87 53.96 48.24
CA GLY G 2306 -26.00 53.06 48.37
C GLY G 2306 -25.68 51.84 49.19
N LEU G 2307 -24.40 51.68 49.56
CA LEU G 2307 -23.99 50.55 50.38
C LEU G 2307 -23.03 50.90 51.51
N GLN G 2308 -22.55 52.14 51.61
CA GLN G 2308 -21.62 52.51 52.65
C GLN G 2308 -22.37 52.77 53.96
N SER G 2309 -21.67 53.28 54.97
CA SER G 2309 -22.30 53.59 56.24
C SER G 2309 -21.86 54.94 56.79
N CYS G 2310 -21.09 55.72 56.04
CA CYS G 2310 -20.61 57.02 56.47
C CYS G 2310 -19.84 56.93 57.79
N PRO G 2311 -18.61 56.38 57.76
CA PRO G 2311 -17.87 56.21 59.03
C PRO G 2311 -17.61 57.51 59.78
N MET G 2312 -17.42 58.62 59.07
CA MET G 2312 -17.30 59.92 59.74
C MET G 2312 -18.60 60.27 60.46
N LEU G 2313 -19.75 60.03 59.79
CA LEU G 2313 -21.03 60.18 60.46
C LEU G 2313 -21.16 59.19 61.60
N LEU G 2314 -20.68 57.97 61.40
CA LEU G 2314 -20.68 56.97 62.46
C LEU G 2314 -19.79 57.38 63.63
N ALA G 2315 -18.72 58.12 63.37
CA ALA G 2315 -17.76 58.46 64.42
C ALA G 2315 -18.42 59.24 65.56
N LYS G 2316 -19.54 59.91 65.27
CA LYS G 2316 -20.30 60.59 66.30
C LYS G 2316 -21.16 59.64 67.13
N GLY G 2317 -21.04 58.34 66.91
CA GLY G 2317 -21.82 57.35 67.61
C GLY G 2317 -23.27 57.32 67.16
N TYR G 2318 -23.49 57.02 65.88
CA TYR G 2318 -24.80 57.01 65.24
C TYR G 2318 -25.10 55.62 64.70
N PRO G 2319 -26.39 55.27 64.53
CA PRO G 2319 -26.74 53.92 64.08
C PRO G 2319 -26.06 53.54 62.77
N ASP G 2320 -26.28 54.33 61.71
CA ASP G 2320 -25.71 54.07 60.40
C ASP G 2320 -26.10 52.67 59.93
N ILE G 2321 -27.40 52.52 59.70
CA ILE G 2321 -27.98 51.19 59.50
C ILE G 2321 -27.50 50.57 58.17
N GLY G 2322 -27.90 51.16 57.04
CA GLY G 2322 -27.58 50.56 55.77
C GLY G 2322 -26.88 51.45 54.76
N TRP G 2323 -27.09 52.76 54.85
CA TRP G 2323 -26.60 53.69 53.84
C TRP G 2323 -26.75 55.10 54.37
N ASN G 2324 -26.14 56.03 53.64
CA ASN G 2324 -26.16 57.44 54.04
C ASN G 2324 -26.94 58.30 53.05
N PRO G 2325 -28.06 58.92 53.47
CA PRO G 2325 -28.76 59.85 52.58
C PRO G 2325 -28.07 61.19 52.42
N CYS G 2326 -27.20 61.57 53.35
CA CYS G 2326 -26.52 62.87 53.25
C CYS G 2326 -25.65 62.93 52.00
N GLY G 2327 -24.82 61.90 51.79
CA GLY G 2327 -23.98 61.89 50.61
C GLY G 2327 -24.77 61.81 49.31
N GLY G 2328 -25.81 60.98 49.29
CA GLY G 2328 -26.60 60.82 48.09
C GLY G 2328 -27.27 62.08 47.62
N GLU G 2329 -27.77 62.90 48.56
CA GLU G 2329 -28.47 64.12 48.19
C GLU G 2329 -27.55 65.14 47.52
N ARG G 2330 -26.23 64.98 47.63
CA ARG G 2330 -25.30 65.91 47.00
C ARG G 2330 -24.97 65.51 45.57
N TYR G 2331 -24.70 64.22 45.33
CA TYR G 2331 -24.43 63.78 43.97
C TYR G 2331 -25.63 64.03 43.06
N LEU G 2332 -26.82 63.73 43.56
CA LEU G 2332 -28.02 63.84 42.73
C LEU G 2332 -28.34 65.29 42.41
N ASP G 2333 -28.03 66.22 43.32
CA ASP G 2333 -28.24 67.63 43.04
C ASP G 2333 -27.44 68.08 41.82
N PHE G 2334 -26.26 67.48 41.59
CA PHE G 2334 -25.50 67.79 40.40
C PHE G 2334 -26.21 67.32 39.14
N LEU G 2335 -26.74 66.09 39.15
CA LEU G 2335 -27.38 65.53 37.97
C LEU G 2335 -28.58 66.35 37.52
N ARG G 2336 -29.23 67.05 38.45
CA ARG G 2336 -30.37 67.88 38.09
C ARG G 2336 -29.98 68.98 37.12
N PHE G 2337 -28.75 69.46 37.19
CA PHE G 2337 -28.30 70.55 36.34
C PHE G 2337 -27.76 70.09 35.00
N ALA G 2338 -27.73 68.79 34.75
CA ALA G 2338 -27.26 68.25 33.47
C ALA G 2338 -28.34 67.56 32.68
N VAL G 2339 -29.58 67.55 33.15
CA VAL G 2339 -30.69 66.93 32.44
C VAL G 2339 -31.48 68.03 31.72
N PHE G 2340 -31.59 69.19 32.36
CA PHE G 2340 -32.23 70.35 31.75
C PHE G 2340 -31.34 71.55 31.95
N VAL G 2341 -31.47 72.53 31.05
CA VAL G 2341 -30.71 73.76 31.12
C VAL G 2341 -31.61 74.99 31.21
N ASN G 2342 -32.67 75.04 30.41
CA ASN G 2342 -33.58 76.19 30.43
C ASN G 2342 -34.97 75.69 30.01
N GLY G 2343 -35.82 75.46 31.00
CA GLY G 2343 -37.19 75.08 30.74
C GLY G 2343 -37.39 73.76 30.03
N GLU G 2344 -36.94 72.67 30.64
CA GLU G 2344 -37.27 71.30 30.23
C GLU G 2344 -36.85 71.03 28.79
N SER G 2345 -35.53 71.05 28.59
CA SER G 2345 -34.97 70.78 27.27
C SER G 2345 -33.78 69.82 27.37
N VAL G 2346 -33.02 69.71 26.28
CA VAL G 2346 -31.86 68.83 26.14
C VAL G 2346 -32.13 67.44 26.67
N GLU G 2347 -32.43 66.50 25.77
CA GLU G 2347 -32.79 65.14 26.16
C GLU G 2347 -31.74 64.09 25.82
N GLU G 2348 -30.77 64.41 24.97
CA GLU G 2348 -29.77 63.41 24.56
C GLU G 2348 -29.01 62.89 25.78
N ASN G 2349 -28.48 63.80 26.60
CA ASN G 2349 -27.84 63.36 27.83
C ASN G 2349 -28.85 62.84 28.83
N ALA G 2350 -30.07 63.38 28.82
CA ALA G 2350 -31.11 62.87 29.69
C ALA G 2350 -31.48 61.42 29.33
N ASN G 2351 -31.53 61.12 28.04
CA ASN G 2351 -31.87 59.76 27.61
C ASN G 2351 -30.87 58.75 28.14
N VAL G 2352 -29.58 59.06 28.04
CA VAL G 2352 -28.56 58.10 28.49
C VAL G 2352 -28.47 58.03 30.00
N VAL G 2353 -28.98 59.03 30.72
CA VAL G 2353 -28.94 58.97 32.19
C VAL G 2353 -29.84 57.85 32.71
N VAL G 2354 -31.07 57.77 32.20
CA VAL G 2354 -32.01 56.76 32.69
C VAL G 2354 -31.57 55.37 32.24
N ARG G 2355 -31.06 55.25 31.01
CA ARG G 2355 -30.58 53.96 30.52
C ARG G 2355 -29.34 53.50 31.25
N LEU G 2356 -28.57 54.43 31.82
CA LEU G 2356 -27.38 54.09 32.59
C LEU G 2356 -27.71 53.86 34.06
N LEU G 2357 -28.61 54.68 34.61
CA LEU G 2357 -28.98 54.55 36.02
C LEU G 2357 -29.68 53.23 36.31
N ILE G 2358 -30.45 52.72 35.34
CA ILE G 2358 -31.18 51.47 35.56
C ILE G 2358 -30.20 50.30 35.66
N ARG G 2359 -29.05 50.40 35.01
CA ARG G 2359 -28.12 49.28 34.97
C ARG G 2359 -27.65 48.89 36.37
N LYS G 2360 -27.50 49.88 37.25
CA LYS G 2360 -27.11 49.62 38.62
C LYS G 2360 -28.33 49.79 39.53
N PRO G 2361 -29.08 48.72 39.80
CA PRO G 2361 -30.26 48.86 40.66
C PRO G 2361 -29.95 49.28 42.08
N GLU G 2362 -28.73 49.02 42.56
CA GLU G 2362 -28.35 49.42 43.91
C GLU G 2362 -28.35 50.93 44.07
N CYS G 2363 -28.36 51.68 42.97
CA CYS G 2363 -28.44 53.14 43.06
C CYS G 2363 -29.70 53.59 43.80
N PHE G 2364 -30.80 52.87 43.61
CA PHE G 2364 -32.01 53.17 44.36
C PHE G 2364 -31.82 52.82 45.83
N GLY G 2365 -32.41 53.63 46.70
CA GLY G 2365 -32.42 53.34 48.12
C GLY G 2365 -33.08 52.01 48.39
N PRO G 2366 -32.45 51.18 49.24
CA PRO G 2366 -32.94 49.80 49.42
C PRO G 2366 -34.31 49.71 50.08
N ALA G 2367 -34.90 50.84 50.52
CA ALA G 2367 -36.26 50.78 51.05
C ALA G 2367 -37.24 50.31 49.99
N LEU G 2368 -37.02 50.69 48.74
CA LEU G 2368 -37.82 50.22 47.61
C LEU G 2368 -36.89 49.79 46.50
N ARG G 2369 -37.49 49.34 45.39
CA ARG G 2369 -36.74 48.86 44.23
C ARG G 2369 -35.74 47.77 44.62
N GLY G 2370 -36.24 46.80 45.39
CA GLY G 2370 -35.40 45.72 45.86
C GLY G 2370 -36.14 44.40 45.91
N GLU G 2371 -35.62 43.45 46.68
CA GLU G 2371 -36.22 42.12 46.79
C GLU G 2371 -37.04 41.94 48.05
N GLY G 2372 -36.67 42.59 49.15
CA GLY G 2372 -37.41 42.45 50.38
C GLY G 2372 -38.79 43.10 50.35
N GLY G 2373 -38.81 44.42 50.23
CA GLY G 2373 -40.06 45.14 50.19
C GLY G 2373 -39.84 46.52 49.59
N SER G 2374 -40.95 47.23 49.40
CA SER G 2374 -40.89 48.57 48.80
C SER G 2374 -41.43 49.65 49.71
N GLY G 2375 -42.60 49.45 50.33
CA GLY G 2375 -43.15 50.41 51.26
C GLY G 2375 -43.36 51.79 50.68
N LEU G 2376 -44.00 51.86 49.51
CA LEU G 2376 -44.18 53.13 48.79
C LEU G 2376 -44.70 54.22 49.73
N LEU G 2377 -45.86 54.00 50.33
CA LEU G 2377 -46.38 54.92 51.33
C LEU G 2377 -45.95 54.56 52.74
N ALA G 2378 -45.12 53.53 52.90
CA ALA G 2378 -44.64 53.11 54.22
C ALA G 2378 -43.23 53.56 54.51
N ALA G 2379 -42.35 53.61 53.50
CA ALA G 2379 -40.97 54.01 53.74
C ALA G 2379 -40.92 55.45 54.27
N ILE G 2380 -41.67 56.35 53.66
CA ILE G 2380 -41.80 57.70 54.20
C ILE G 2380 -42.53 57.67 55.53
N GLU G 2381 -43.58 56.85 55.64
CA GLU G 2381 -44.29 56.70 56.90
C GLU G 2381 -43.37 56.15 57.98
N GLU G 2382 -42.50 55.21 57.62
CA GLU G 2382 -41.49 54.73 58.55
C GLU G 2382 -40.57 55.87 58.99
N ALA G 2383 -40.18 56.72 58.03
CA ALA G 2383 -39.38 57.89 58.38
C ALA G 2383 -40.17 58.83 59.30
N ILE G 2384 -41.47 58.94 59.08
CA ILE G 2384 -42.31 59.75 59.97
C ILE G 2384 -42.29 59.19 61.38
N ARG G 2385 -42.35 57.86 61.51
CA ARG G 2385 -42.29 57.24 62.83
C ARG G 2385 -40.96 57.55 63.52
N ILE G 2386 -39.86 57.47 62.79
CA ILE G 2386 -38.56 57.84 63.35
C ILE G 2386 -38.39 59.35 63.45
N SER G 2387 -39.20 60.13 62.73
CA SER G 2387 -39.11 61.58 62.83
C SER G 2387 -39.38 62.06 64.24
N GLU G 2388 -40.48 61.62 64.84
CA GLU G 2388 -40.80 61.93 66.23
C GLU G 2388 -40.32 60.84 67.18
N ASP G 2389 -39.05 60.45 67.04
CA ASP G 2389 -38.43 59.44 67.90
C ASP G 2389 -37.00 59.87 68.22
N PRO G 2390 -36.85 60.82 69.15
CA PRO G 2390 -35.50 61.30 69.47
C PRO G 2390 -34.55 60.21 69.95
N ALA G 2391 -35.09 59.17 70.60
CA ALA G 2391 -34.23 58.09 71.08
C ALA G 2391 -33.55 57.35 69.93
N ARG G 2392 -34.30 57.03 68.87
CA ARG G 2392 -33.76 56.28 67.76
C ARG G 2392 -32.66 57.05 67.04
N ASP G 2393 -33.03 58.16 66.39
CA ASP G 2393 -32.20 59.10 65.64
C ASP G 2393 -30.69 58.87 65.76
N GLY G 2394 -30.00 59.81 66.40
CA GLY G 2394 -28.59 59.66 66.68
C GLY G 2394 -28.26 60.13 68.08
N PRO G 2395 -29.24 60.05 68.99
CA PRO G 2395 -29.22 60.48 70.40
C PRO G 2395 -28.68 61.88 70.58
N ASN G 2414 -28.59 64.61 60.52
CA ASN G 2414 -27.31 65.26 60.70
C ASN G 2414 -27.33 66.17 61.93
N ARG G 2415 -27.03 67.45 61.74
CA ARG G 2415 -27.05 68.41 62.82
C ARG G 2415 -28.46 68.67 63.37
N VAL G 2416 -29.49 68.21 62.65
CA VAL G 2416 -30.88 68.38 63.08
C VAL G 2416 -31.51 67.04 63.47
N HIS G 2417 -31.60 66.11 62.53
CA HIS G 2417 -32.15 64.78 62.77
C HIS G 2417 -31.81 63.90 61.58
N LEU G 2418 -32.33 62.67 61.58
CA LEU G 2418 -32.09 61.70 60.52
C LEU G 2418 -33.28 61.52 59.60
N GLY G 2419 -34.50 61.62 60.11
CA GLY G 2419 -35.68 61.44 59.27
C GLY G 2419 -35.77 62.45 58.15
N HIS G 2420 -35.35 63.70 58.41
CA HIS G 2420 -35.36 64.72 57.36
C HIS G 2420 -34.40 64.33 56.24
N ALA G 2421 -33.25 63.74 56.58
CA ALA G 2421 -32.32 63.30 55.56
C ALA G 2421 -32.91 62.22 54.67
N ILE G 2422 -33.65 61.28 55.27
CA ILE G 2422 -34.33 60.25 54.48
C ILE G 2422 -35.39 60.88 53.59
N MET G 2423 -36.16 61.83 54.13
CA MET G 2423 -37.16 62.51 53.31
C MET G 2423 -36.48 63.29 52.18
N SER G 2424 -35.33 63.91 52.46
CA SER G 2424 -34.65 64.68 51.44
C SER G 2424 -34.23 63.81 50.27
N PHE G 2425 -33.77 62.59 50.54
CA PHE G 2425 -33.26 61.72 49.48
C PHE G 2425 -34.36 61.37 48.49
N TYR G 2426 -35.39 60.64 48.95
CA TYR G 2426 -36.38 60.09 48.03
C TYR G 2426 -37.15 61.20 47.32
N ALA G 2427 -37.42 62.30 48.02
CA ALA G 2427 -38.05 63.44 47.36
C ALA G 2427 -37.18 63.99 46.25
N ALA G 2428 -35.86 64.08 46.49
CA ALA G 2428 -34.97 64.60 45.47
C ALA G 2428 -34.80 63.61 44.30
N LEU G 2429 -34.87 62.31 44.58
CA LEU G 2429 -34.70 61.33 43.50
C LEU G 2429 -35.87 61.41 42.52
N ILE G 2430 -37.10 61.48 43.04
CA ILE G 2430 -38.26 61.60 42.16
C ILE G 2430 -38.25 62.95 41.45
N ASP G 2431 -37.69 63.98 42.08
CA ASP G 2431 -37.52 65.26 41.40
C ASP G 2431 -36.62 65.10 40.18
N LEU G 2432 -35.56 64.30 40.30
CA LEU G 2432 -34.72 64.01 39.14
C LEU G 2432 -35.51 63.27 38.07
N LEU G 2433 -36.19 62.19 38.44
CA LEU G 2433 -37.02 61.46 37.48
C LEU G 2433 -38.41 62.04 37.34
N GLY G 2434 -38.52 63.36 37.26
CA GLY G 2434 -39.72 64.03 36.82
C GLY G 2434 -39.36 65.01 35.74
N ARG G 2435 -38.11 65.47 35.78
CA ARG G 2435 -37.55 66.35 34.78
C ARG G 2435 -36.67 65.60 33.79
N CYS G 2436 -36.23 64.39 34.14
CA CYS G 2436 -35.62 63.47 33.20
C CYS G 2436 -36.66 62.77 32.34
N ALA G 2437 -37.90 63.25 32.37
CA ALA G 2437 -39.01 62.79 31.53
C ALA G 2437 -38.59 62.83 30.08
N PRO G 2438 -39.24 62.07 29.18
CA PRO G 2438 -38.78 62.01 27.79
C PRO G 2438 -38.70 63.38 27.14
N GLU G 2439 -39.83 64.07 27.07
CA GLU G 2439 -39.87 65.44 26.54
C GLU G 2439 -41.27 66.00 26.71
N MET G 2440 -41.47 67.26 26.33
CA MET G 2440 -42.81 67.78 26.21
C MET G 2440 -43.52 67.09 25.05
N HIS G 2441 -44.83 67.34 24.95
CA HIS G 2441 -45.63 66.67 23.93
C HIS G 2441 -45.28 67.09 22.51
N LEU G 2442 -44.28 67.95 22.32
CA LEU G 2442 -43.80 68.24 20.98
C LEU G 2442 -43.25 66.98 20.31
N ILE G 2443 -42.58 66.14 21.09
CA ILE G 2443 -42.01 64.89 20.59
C ILE G 2443 -42.91 63.69 20.92
N GLN G 2444 -43.52 63.70 22.11
CA GLN G 2444 -44.29 62.55 22.56
C GLN G 2444 -45.57 62.34 21.75
N ALA G 2445 -46.01 63.34 21.00
CA ALA G 2445 -47.22 63.24 20.19
C ALA G 2445 -46.93 63.04 18.71
N GLY G 2446 -45.67 62.97 18.31
CA GLY G 2446 -45.33 62.80 16.90
C GLY G 2446 -44.16 61.88 16.64
N LYS G 2447 -43.89 60.96 17.56
CA LYS G 2447 -42.73 60.09 17.44
C LYS G 2447 -43.03 58.83 18.24
N GLY G 2448 -42.12 57.85 18.18
CA GLY G 2448 -42.30 56.61 18.88
C GLY G 2448 -41.08 56.17 19.66
N GLU G 2449 -40.02 56.98 19.63
CA GLU G 2449 -38.83 56.68 20.42
C GLU G 2449 -39.02 57.10 21.87
N ALA G 2450 -39.47 58.34 22.09
CA ALA G 2450 -39.63 58.85 23.45
C ALA G 2450 -40.66 58.08 24.25
N LEU G 2451 -41.63 57.43 23.60
CA LEU G 2451 -42.64 56.67 24.33
C LEU G 2451 -42.01 55.48 25.05
N ARG G 2452 -40.90 54.95 24.54
CA ARG G 2452 -40.21 53.87 25.23
C ARG G 2452 -39.73 54.31 26.60
N ILE G 2453 -39.14 55.51 26.69
CA ILE G 2453 -38.65 56.00 27.97
C ILE G 2453 -39.81 56.27 28.92
N ARG G 2454 -40.90 56.84 28.41
CA ARG G 2454 -42.04 57.16 29.27
C ARG G 2454 -42.62 55.91 29.92
N ALA G 2455 -42.66 54.81 29.18
CA ALA G 2455 -43.16 53.56 29.74
C ALA G 2455 -42.27 53.08 30.88
N ILE G 2456 -40.96 53.24 30.75
CA ILE G 2456 -40.03 52.74 31.78
C ILE G 2456 -40.25 53.49 33.09
N LEU G 2457 -40.16 54.83 33.05
CA LEU G 2457 -40.23 55.59 34.29
C LEU G 2457 -41.61 55.50 34.93
N ARG G 2458 -42.66 55.41 34.10
CA ARG G 2458 -44.00 55.25 34.66
C ARG G 2458 -44.17 53.90 35.35
N SER G 2459 -43.39 52.89 34.97
CA SER G 2459 -43.51 51.57 35.57
C SER G 2459 -42.80 51.46 36.90
N LEU G 2460 -42.04 52.48 37.32
CA LEU G 2460 -41.30 52.43 38.57
C LEU G 2460 -41.98 53.17 39.71
N VAL G 2461 -42.88 54.10 39.41
CA VAL G 2461 -43.62 54.84 40.42
C VAL G 2461 -45.12 54.62 40.20
N PRO G 2462 -45.73 53.71 40.95
CA PRO G 2462 -47.18 53.52 40.84
C PRO G 2462 -47.93 54.79 41.21
N LEU G 2463 -49.00 55.07 40.45
CA LEU G 2463 -49.77 56.29 40.68
C LEU G 2463 -50.62 56.18 41.94
N ASP G 2464 -51.06 54.97 42.30
CA ASP G 2464 -51.94 54.80 43.44
C ASP G 2464 -51.27 55.26 44.73
N ASP G 2465 -50.01 54.88 44.95
CA ASP G 2465 -49.30 55.35 46.13
C ASP G 2465 -48.93 56.82 45.99
N LEU G 2466 -48.57 57.25 44.79
CA LEU G 2466 -48.11 58.62 44.58
C LEU G 2466 -49.21 59.63 44.90
N VAL G 2467 -50.44 59.34 44.50
CA VAL G 2467 -51.54 60.28 44.73
C VAL G 2467 -51.80 60.43 46.23
N GLY G 2468 -51.64 59.34 46.99
CA GLY G 2468 -51.88 59.39 48.42
C GLY G 2468 -50.80 60.09 49.21
N ILE G 2469 -49.59 60.23 48.65
CA ILE G 2469 -48.49 60.81 49.40
C ILE G 2469 -48.70 62.30 49.67
N ILE G 2470 -49.56 62.97 48.91
CA ILE G 2470 -49.80 64.40 49.12
C ILE G 2470 -50.92 64.50 50.16
N SER G 2471 -50.53 64.41 51.42
CA SER G 2471 -51.45 64.44 52.55
C SER G 2471 -50.63 64.49 53.83
N LEU G 2472 -51.34 64.63 54.95
CA LEU G 2472 -50.77 64.62 56.30
C LEU G 2472 -49.73 65.72 56.49
N PRO G 2473 -50.14 66.98 56.59
CA PRO G 2473 -49.20 68.02 57.01
C PRO G 2473 -49.00 67.98 58.53
N LEU G 2474 -47.78 68.32 58.94
CA LEU G 2474 -47.40 68.15 60.34
C LEU G 2474 -48.27 68.96 61.29
N GLN G 2475 -48.17 70.29 61.22
CA GLN G 2475 -48.93 71.17 62.10
C GLN G 2475 -48.73 72.61 61.63
N ILE G 2476 -49.32 73.55 62.38
CA ILE G 2476 -49.13 74.99 62.15
C ILE G 2476 -48.85 75.66 63.47
N PRO G 2477 -47.95 76.64 63.47
CA PRO G 2477 -47.65 77.36 64.72
C PRO G 2477 -48.91 77.95 65.34
N THR G 2478 -49.01 77.80 66.67
CA THR G 2478 -50.19 78.24 67.40
C THR G 2478 -49.80 78.45 68.85
N LEU G 2479 -50.70 79.12 69.58
CA LEU G 2479 -50.53 79.41 71.01
C LEU G 2479 -49.23 80.17 71.28
N GLN G 2487 -45.49 79.31 68.90
CA GLN G 2487 -44.88 78.00 69.04
C GLN G 2487 -44.83 77.26 67.71
N PRO G 2488 -43.75 77.48 66.96
CA PRO G 2488 -43.59 76.85 65.65
C PRO G 2488 -42.91 75.50 65.76
N LYS G 2489 -42.81 74.80 64.62
CA LYS G 2489 -42.18 73.49 64.58
C LYS G 2489 -40.68 73.62 64.32
N MET G 2490 -40.05 72.51 63.96
CA MET G 2490 -38.61 72.50 63.70
C MET G 2490 -38.31 71.94 62.32
N SER G 2491 -37.27 72.46 61.68
CA SER G 2491 -36.84 71.98 60.38
C SER G 2491 -35.89 70.80 60.53
N ALA G 2492 -36.31 69.82 61.33
CA ALA G 2492 -35.50 68.64 61.60
C ALA G 2492 -36.24 67.38 61.21
N SER G 2493 -37.56 67.49 61.05
CA SER G 2493 -38.39 66.35 60.70
C SER G 2493 -38.84 66.44 59.25
N PHE G 2494 -39.62 65.44 58.82
CA PHE G 2494 -40.13 65.39 57.46
C PHE G 2494 -41.16 66.50 57.25
N VAL G 2495 -40.73 67.61 56.66
CA VAL G 2495 -41.59 68.75 56.43
C VAL G 2495 -42.59 68.50 55.30
N PRO G 2496 -43.18 69.57 54.79
CA PRO G 2496 -44.15 69.48 53.72
C PRO G 2496 -43.81 70.44 52.59
N ASP G 2497 -42.84 71.31 52.85
CA ASP G 2497 -42.39 72.27 51.85
C ASP G 2497 -41.71 71.55 50.69
N HIS G 2498 -40.99 70.48 51.01
CA HIS G 2498 -40.30 69.70 49.98
C HIS G 2498 -41.14 68.49 49.59
N LYS G 2499 -42.41 68.73 49.31
CA LYS G 2499 -43.30 67.68 48.83
C LYS G 2499 -43.79 68.02 47.43
N ALA G 2500 -43.32 69.15 46.92
CA ALA G 2500 -43.69 69.60 45.58
C ALA G 2500 -42.89 68.85 44.54
N SER G 2501 -41.96 68.02 44.99
CA SER G 2501 -41.16 67.19 44.09
C SER G 2501 -42.00 66.03 43.56
N MET G 2502 -43.15 65.81 44.19
CA MET G 2502 -44.07 64.79 43.73
C MET G 2502 -45.18 65.41 42.87
N VAL G 2503 -45.24 66.74 42.89
CA VAL G 2503 -46.21 67.46 42.08
C VAL G 2503 -45.76 67.49 40.63
N LEU G 2504 -44.48 67.81 40.43
CA LEU G 2504 -43.91 67.84 39.09
C LEU G 2504 -43.68 66.43 38.57
N PHE G 2505 -43.77 65.46 39.47
CA PHE G 2505 -43.56 64.07 39.12
C PHE G 2505 -44.80 63.47 38.47
N LEU G 2506 -45.93 64.13 38.64
CA LEU G 2506 -47.18 63.66 38.09
C LEU G 2506 -47.71 64.62 37.04
N ASP G 2507 -47.15 65.83 37.02
CA ASP G 2507 -47.56 66.85 36.06
C ASP G 2507 -46.98 66.54 34.68
N ARG G 2508 -45.84 65.86 34.66
CA ARG G 2508 -45.16 65.55 33.42
C ARG G 2508 -44.72 64.08 33.35
N VAL G 2509 -45.67 63.17 33.57
CA VAL G 2509 -45.39 61.75 33.49
C VAL G 2509 -46.68 60.97 33.26
N TYR G 2510 -47.67 61.20 34.12
CA TYR G 2510 -48.97 60.57 33.99
C TYR G 2510 -50.01 61.60 33.54
N GLY G 2511 -49.91 62.80 34.13
CA GLY G 2511 -50.72 63.97 33.75
C GLY G 2511 -52.22 63.79 33.99
N ILE G 2512 -52.91 64.93 34.08
CA ILE G 2512 -54.36 64.93 34.25
C ILE G 2512 -55.03 64.53 32.94
N GLU G 2513 -56.22 63.96 33.02
CA GLU G 2513 -56.92 63.48 31.83
C GLU G 2513 -58.44 63.53 31.98
N ASN G 2514 -58.99 62.51 32.63
CA ASN G 2514 -60.43 62.37 32.76
C ASN G 2514 -61.01 63.35 33.78
N GLN G 2515 -61.61 62.82 34.83
CA GLN G 2515 -62.21 63.64 35.88
C GLN G 2515 -61.68 63.25 37.26
N ASP G 2516 -60.47 62.69 37.27
CA ASP G 2516 -59.83 62.31 38.53
C ASP G 2516 -59.27 63.54 39.25
N PHE G 2517 -59.33 64.68 38.58
CA PHE G 2517 -58.88 65.95 39.15
C PHE G 2517 -59.70 66.29 40.38
N LEU G 2518 -60.96 65.86 40.39
CA LEU G 2518 -61.83 66.07 41.54
C LEU G 2518 -61.32 65.31 42.76
N LEU G 2519 -60.93 64.05 42.53
CA LEU G 2519 -60.35 63.24 43.59
C LEU G 2519 -58.98 63.79 43.95
N HIS G 2520 -58.32 64.39 42.98
CA HIS G 2520 -57.03 65.04 43.22
C HIS G 2520 -57.24 66.35 43.96
N VAL G 2521 -58.38 66.98 43.72
CA VAL G 2521 -58.74 68.21 44.42
C VAL G 2521 -59.34 67.86 45.78
N LEU G 2522 -59.60 66.57 46.01
CA LEU G 2522 -60.10 66.10 47.29
C LEU G 2522 -58.95 65.65 48.18
N ASP G 2523 -57.77 66.21 47.92
CA ASP G 2523 -56.57 65.91 48.71
C ASP G 2523 -55.60 67.07 48.65
N VAL G 2524 -55.60 67.78 47.52
CA VAL G 2524 -54.74 68.94 47.34
C VAL G 2524 -55.36 70.18 47.98
N GLY G 2525 -56.68 70.25 47.98
CA GLY G 2525 -57.39 71.37 48.56
C GLY G 2525 -57.40 71.28 50.09
N PHE G 2526 -57.10 70.10 50.60
CA PHE G 2526 -57.02 69.90 52.05
C PHE G 2526 -55.87 70.74 52.61
N LEU G 2527 -54.78 70.83 51.84
CA LEU G 2527 -53.65 71.67 52.22
C LEU G 2527 -53.96 73.12 51.92
N PRO G 2528 -54.74 73.34 50.87
CA PRO G 2528 -55.14 74.69 50.49
C PRO G 2528 -56.19 75.23 51.45
N ASP G 2529 -56.79 74.33 52.23
CA ASP G 2529 -57.78 74.71 53.23
C ASP G 2529 -57.11 75.55 54.32
N MET G 2530 -55.82 75.34 54.50
CA MET G 2530 -55.04 76.13 55.44
C MET G 2530 -54.39 77.31 54.72
N ARG G 2531 -55.17 78.00 53.90
CA ARG G 2531 -54.68 79.14 53.14
C ARG G 2531 -54.37 80.31 54.06
N ALA G 2532 -55.40 81.05 54.44
CA ALA G 2532 -55.22 82.20 55.32
C ALA G 2532 -55.42 81.79 56.78
N ALA G 2533 -54.99 80.58 57.11
CA ALA G 2533 -55.10 80.08 58.47
C ALA G 2533 -53.99 80.65 59.35
N ALA G 2534 -53.08 81.38 58.73
CA ALA G 2534 -51.98 82.02 59.46
C ALA G 2534 -51.71 83.40 58.89
N SER G 2535 -52.32 83.70 57.75
CA SER G 2535 -52.15 84.99 57.10
C SER G 2535 -52.96 86.08 57.79
N LEU G 2536 -52.54 86.43 59.01
CA LEU G 2536 -53.23 87.46 59.79
C LEU G 2536 -52.34 87.97 60.91
N ASP G 2537 -52.08 87.12 61.89
CA ASP G 2537 -51.26 87.48 63.04
C ASP G 2537 -49.83 87.78 62.62
N THR G 2538 -49.07 86.73 62.32
CA THR G 2538 -47.68 86.88 61.93
C THR G 2538 -47.27 85.87 60.86
N ALA G 2539 -47.58 84.60 61.11
CA ALA G 2539 -47.22 83.50 60.22
C ALA G 2539 -45.70 83.41 60.04
N THR G 2540 -45.06 82.58 60.85
CA THR G 2540 -43.61 82.42 60.80
C THR G 2540 -43.16 81.75 59.50
N PHE G 2541 -43.13 80.42 59.52
CA PHE G 2541 -42.70 79.66 58.35
C PHE G 2541 -43.68 79.82 57.19
N SER G 2542 -43.35 80.71 56.27
CA SER G 2542 -44.20 80.98 55.11
C SER G 2542 -43.80 80.09 53.94
N THR G 2543 -43.54 78.82 54.23
CA THR G 2543 -43.15 77.85 53.21
C THR G 2543 -44.36 77.38 52.41
N THR G 2544 -45.55 77.70 52.92
CA THR G 2544 -46.79 77.33 52.24
C THR G 2544 -46.96 78.18 50.99
N GLU G 2545 -46.39 79.38 51.00
CA GLU G 2545 -46.43 80.26 49.85
C GLU G 2545 -45.52 79.71 48.75
N MET G 2546 -44.52 78.93 49.15
CA MET G 2546 -43.60 78.31 48.21
C MET G 2546 -44.27 77.13 47.52
N ALA G 2547 -45.32 76.60 48.15
CA ALA G 2547 -46.07 75.51 47.55
C ALA G 2547 -47.11 76.06 46.58
N LEU G 2548 -47.24 77.38 46.55
CA LEU G 2548 -48.14 78.04 45.61
C LEU G 2548 -47.37 78.53 44.39
N ALA G 2549 -46.36 77.74 44.01
CA ALA G 2549 -45.55 78.05 42.84
C ALA G 2549 -45.43 76.82 41.96
N LEU G 2550 -46.12 75.75 42.35
CA LEU G 2550 -46.08 74.49 41.63
C LEU G 2550 -47.35 73.67 41.87
N ASN G 2551 -48.40 74.33 42.36
CA ASN G 2551 -49.67 73.67 42.62
C ASN G 2551 -50.83 74.48 42.04
N ARG G 2552 -50.89 75.75 42.39
CA ARG G 2552 -51.91 76.64 41.85
C ARG G 2552 -51.64 76.92 40.39
N TYR G 2553 -50.38 76.84 40.00
CA TYR G 2553 -49.98 77.03 38.61
C TYR G 2553 -50.43 75.84 37.77
N LEU G 2554 -50.42 74.66 38.39
CA LEU G 2554 -50.85 73.44 37.72
C LEU G 2554 -52.37 73.40 37.58
N CYS G 2555 -53.06 73.99 38.56
CA CYS G 2555 -54.52 74.04 38.53
C CYS G 2555 -54.99 75.10 37.55
N LEU G 2556 -54.18 76.15 37.39
CA LEU G 2556 -54.49 77.22 36.44
C LEU G 2556 -54.00 76.82 35.05
N ALA G 2557 -54.31 75.60 34.64
CA ALA G 2557 -53.89 75.09 33.35
C ALA G 2557 -54.85 73.99 32.89
N VAL G 2558 -56.05 74.00 33.48
CA VAL G 2558 -57.07 73.03 33.13
C VAL G 2558 -58.46 73.68 33.11
N LEU G 2559 -58.95 73.96 31.91
CA LEU G 2559 -60.27 74.56 31.74
C LEU G 2559 -61.35 73.49 31.79
N PRO G 2560 -60.93 72.24 31.96
CA PRO G 2560 -61.87 71.12 32.04
C PRO G 2560 -62.70 71.22 33.32
N LEU G 2561 -63.96 71.60 33.17
CA LEU G 2561 -64.87 71.72 34.31
C LEU G 2561 -66.27 71.28 33.93
N ILE G 2562 -66.94 70.58 34.84
CA ILE G 2562 -68.29 70.09 34.59
C ILE G 2562 -69.27 70.56 35.66
N THR G 2563 -70.03 69.61 36.21
CA THR G 2563 -71.02 69.93 37.24
C THR G 2563 -71.22 68.77 38.19
N LYS G 2564 -72.47 68.56 38.60
CA LYS G 2564 -72.84 67.47 39.52
C LYS G 2564 -72.10 67.55 40.85
N CYS G 2565 -71.67 68.75 41.22
CA CYS G 2565 -70.95 68.96 42.47
C CYS G 2565 -70.93 70.44 42.84
N ALA G 2566 -70.59 70.73 44.09
CA ALA G 2566 -70.53 72.11 44.57
C ALA G 2566 -69.30 72.32 45.45
N PRO G 2567 -68.36 71.38 45.39
CA PRO G 2567 -67.14 71.46 46.16
C PRO G 2567 -66.24 72.57 45.62
N LEU G 2568 -66.46 72.94 44.37
CA LEU G 2568 -65.71 74.01 43.73
C LEU G 2568 -66.03 75.35 44.38
N PHE G 2569 -67.24 75.48 44.91
CA PHE G 2569 -67.66 76.70 45.58
C PHE G 2569 -66.80 76.95 46.81
N ALA G 2570 -66.43 75.87 47.50
CA ALA G 2570 -65.54 75.97 48.65
C ALA G 2570 -64.14 76.32 48.19
N GLY G 2571 -63.80 75.89 46.99
CA GLY G 2571 -62.48 76.14 46.41
C GLY G 2571 -62.44 77.51 45.75
N THR G 2572 -63.59 77.99 45.29
CA THR G 2572 -63.67 79.28 44.63
C THR G 2572 -63.38 80.40 45.61
N GLU G 2573 -64.00 80.34 46.79
CA GLU G 2573 -63.78 81.35 47.82
C GLU G 2573 -62.40 81.20 48.44
N HIS G 2574 -61.88 79.97 48.43
CA HIS G 2574 -60.57 79.67 48.99
C HIS G 2574 -59.48 80.43 48.25
N ARG G 2575 -59.62 80.53 46.93
CA ARG G 2575 -58.69 81.30 46.12
C ARG G 2575 -58.86 82.78 46.42
N ALA G 2576 -60.10 83.19 46.67
CA ALA G 2576 -60.39 84.58 47.04
C ALA G 2576 -59.91 84.85 48.45
N ILE G 2577 -59.91 83.81 49.28
CA ILE G 2577 -59.43 83.94 50.65
C ILE G 2577 -57.92 84.06 50.67
N MET G 2578 -57.27 83.47 49.68
CA MET G 2578 -55.82 83.56 49.55
C MET G 2578 -55.43 84.92 48.99
N VAL G 2579 -56.35 85.52 48.24
CA VAL G 2579 -56.10 86.83 47.65
C VAL G 2579 -56.63 87.94 48.55
N ASP G 2580 -57.02 87.58 49.77
CA ASP G 2580 -57.52 88.54 50.73
C ASP G 2580 -56.43 89.51 51.15
N SER G 2581 -55.24 88.98 51.36
CA SER G 2581 -54.08 89.80 51.72
C SER G 2581 -53.65 90.66 50.54
N MET G 2582 -53.70 91.98 50.72
CA MET G 2582 -53.32 92.90 49.66
C MET G 2582 -51.82 93.16 49.67
N LEU G 2583 -51.17 92.78 50.77
CA LEU G 2583 -49.73 92.96 50.91
C LEU G 2583 -49.15 92.04 51.98
N HIS G 2584 -50.04 91.45 52.79
CA HIS G 2584 -49.60 90.59 53.88
C HIS G 2584 -48.96 89.31 53.36
N THR G 2585 -47.65 89.36 53.13
CA THR G 2585 -46.88 88.22 52.65
C THR G 2585 -47.44 87.67 51.35
N VAL G 2586 -47.17 88.35 50.24
CA VAL G 2586 -47.70 87.92 48.95
C VAL G 2586 -46.65 88.01 47.85
N TYR G 2587 -45.76 88.99 47.96
CA TYR G 2587 -44.73 89.28 46.95
C TYR G 2587 -45.37 89.73 45.63
N ARG G 2588 -44.94 90.89 45.14
CA ARG G 2588 -45.53 91.50 43.94
C ARG G 2588 -45.46 90.59 42.71
N LEU G 2589 -44.57 89.61 42.74
CA LEU G 2589 -44.43 88.68 41.63
C LEU G 2589 -45.20 87.40 41.89
N SER G 2590 -45.22 86.96 43.14
CA SER G 2590 -45.90 85.72 43.52
C SER G 2590 -47.40 85.93 43.65
N ARG G 2591 -47.82 87.20 43.73
CA ARG G 2591 -49.23 87.54 43.85
C ARG G 2591 -49.94 87.38 42.51
N GLY G 2592 -49.18 87.50 41.43
CA GLY G 2592 -49.74 87.40 40.09
C GLY G 2592 -50.15 85.96 39.76
N ARG G 2593 -49.51 85.00 40.42
CA ARG G 2593 -49.82 83.60 40.19
C ARG G 2593 -51.21 83.26 40.74
N SER G 2594 -51.51 83.79 41.92
CA SER G 2594 -52.82 83.56 42.54
C SER G 2594 -53.89 84.43 41.87
N LEU G 2595 -53.46 85.56 41.33
CA LEU G 2595 -54.38 86.49 40.66
C LEU G 2595 -54.80 85.94 39.31
N THR G 2596 -53.88 85.28 38.62
CA THR G 2596 -54.17 84.70 37.31
C THR G 2596 -54.74 83.31 37.46
N LYS G 2597 -54.82 82.84 38.70
CA LYS G 2597 -55.34 81.51 38.99
C LYS G 2597 -56.87 81.53 38.98
N ALA G 2598 -57.45 82.67 39.31
CA ALA G 2598 -58.90 82.80 39.36
C ALA G 2598 -59.43 83.61 38.19
N GLN G 2599 -58.61 84.50 37.65
CA GLN G 2599 -59.00 85.35 36.54
C GLN G 2599 -59.31 84.53 35.29
N ARG G 2600 -58.75 83.33 35.22
CA ARG G 2600 -58.99 82.44 34.09
C ARG G 2600 -59.82 81.24 34.53
N ASP G 2601 -60.12 81.17 35.82
CA ASP G 2601 -60.91 80.07 36.36
C ASP G 2601 -62.40 80.35 36.21
N VAL G 2602 -62.73 81.56 35.75
CA VAL G 2602 -64.11 81.96 35.57
C VAL G 2602 -64.68 81.44 34.25
N ILE G 2603 -63.84 81.39 33.23
CA ILE G 2603 -64.26 80.94 31.91
C ILE G 2603 -64.23 79.42 31.81
N GLU G 2604 -64.94 78.75 32.72
CA GLU G 2604 -65.00 77.29 32.73
C GLU G 2604 -66.16 76.81 33.58
N ASP G 2605 -66.63 77.67 34.48
CA ASP G 2605 -67.75 77.33 35.35
C ASP G 2605 -69.05 77.24 34.57
N CYS G 2606 -70.07 76.65 35.17
CA CYS G 2606 -71.36 76.44 34.50
C CYS G 2606 -72.30 77.61 34.74
N LEU G 2607 -71.74 78.81 34.81
CA LEU G 2607 -72.51 80.04 35.04
C LEU G 2607 -73.34 79.94 36.32
N MET G 2608 -72.83 79.20 37.30
CA MET G 2608 -73.53 79.03 38.57
C MET G 2608 -72.72 79.60 39.71
N ALA G 2609 -71.86 80.56 39.41
CA ALA G 2609 -71.07 81.25 40.43
C ALA G 2609 -71.99 82.07 41.31
N LEU G 2610 -72.54 81.43 42.33
CA LEU G 2610 -73.55 82.06 43.19
C LEU G 2610 -72.91 82.91 44.29
N CYS G 2611 -72.49 82.25 45.38
CA CYS G 2611 -72.00 82.95 46.55
C CYS G 2611 -70.73 83.76 46.27
N ARG G 2612 -70.01 83.38 45.21
CA ARG G 2612 -68.78 84.09 44.84
C ARG G 2612 -69.08 85.55 44.50
N TYR G 2613 -70.23 85.79 43.90
CA TYR G 2613 -70.65 87.15 43.60
C TYR G 2613 -71.11 87.85 44.87
N ILE G 2614 -71.78 87.10 45.73
CA ILE G 2614 -72.25 87.64 47.01
C ILE G 2614 -71.08 87.85 47.96
N ARG G 2615 -69.99 87.11 47.74
CA ARG G 2615 -68.79 87.26 48.53
C ARG G 2615 -68.21 88.65 48.28
N PRO G 2616 -68.24 89.06 47.02
CA PRO G 2616 -67.82 90.41 46.65
C PRO G 2616 -68.91 91.39 47.03
N SER G 2617 -70.05 91.26 46.35
CA SER G 2617 -71.23 92.09 46.62
C SER G 2617 -70.90 93.59 46.60
N MET G 2618 -70.79 94.17 47.79
CA MET G 2618 -70.45 95.58 47.91
C MET G 2618 -69.09 95.74 48.57
N LEU G 2619 -68.55 94.64 49.08
CA LEU G 2619 -67.21 94.65 49.66
C LEU G 2619 -66.20 94.94 48.56
N GLN G 2620 -66.50 94.46 47.35
CA GLN G 2620 -65.70 94.79 46.18
C GLN G 2620 -65.90 96.25 45.83
N HIS G 2621 -67.14 96.72 45.98
CA HIS G 2621 -67.46 98.11 45.77
C HIS G 2621 -66.83 98.96 46.87
N LEU G 2622 -66.75 98.38 48.07
CA LEU G 2622 -66.09 99.05 49.19
C LEU G 2622 -64.60 99.14 48.92
N LEU G 2623 -63.94 100.08 49.59
CA LEU G 2623 -62.52 100.36 49.37
C LEU G 2623 -62.27 100.66 47.90
N ARG G 2624 -63.13 101.49 47.32
CA ARG G 2624 -63.02 101.87 45.91
C ARG G 2624 -61.97 102.96 45.71
N ARG G 2625 -60.82 102.79 46.35
CA ARG G 2625 -59.72 103.74 46.24
C ARG G 2625 -58.43 103.05 46.66
N LEU G 2626 -58.45 101.72 46.67
CA LEU G 2626 -57.31 100.93 47.09
C LEU G 2626 -56.69 100.19 45.90
N VAL G 2627 -55.55 99.55 46.15
CA VAL G 2627 -54.86 98.79 45.11
C VAL G 2627 -55.52 97.42 44.93
N PHE G 2628 -56.35 97.04 45.89
CA PHE G 2628 -57.05 95.76 45.84
C PHE G 2628 -58.29 95.83 44.97
N ASP G 2629 -58.51 96.99 44.35
CA ASP G 2629 -59.67 97.22 43.49
C ASP G 2629 -59.56 96.43 42.20
N VAL G 2630 -58.39 96.49 41.56
CA VAL G 2630 -58.18 95.85 40.27
C VAL G 2630 -58.13 94.33 40.38
N PRO G 2631 -58.26 93.81 41.60
CA PRO G 2631 -58.23 92.37 41.83
C PRO G 2631 -59.49 91.70 41.30
N ILE G 2632 -60.63 92.37 41.46
CA ILE G 2632 -61.91 91.81 41.04
C ILE G 2632 -62.64 92.74 40.07
N LEU G 2633 -62.07 93.91 39.82
CA LEU G 2633 -62.67 94.88 38.91
C LEU G 2633 -62.68 94.33 37.49
N ASN G 2634 -61.51 93.91 37.02
CA ASN G 2634 -61.37 93.35 35.68
C ASN G 2634 -62.01 91.96 35.63
N GLU G 2635 -62.08 91.31 36.77
CA GLU G 2635 -62.67 89.97 36.86
C GLU G 2635 -64.19 90.05 36.74
N PHE G 2636 -64.76 91.13 37.22
CA PHE G 2636 -66.21 91.33 37.15
C PHE G 2636 -66.64 91.67 35.73
N ALA G 2637 -65.76 92.36 35.00
CA ALA G 2637 -66.04 92.74 33.63
C ALA G 2637 -66.01 91.53 32.71
N LYS G 2638 -65.33 90.48 33.13
CA LYS G 2638 -65.23 89.25 32.34
C LYS G 2638 -66.53 88.46 32.41
N MET G 2639 -67.30 88.67 33.47
CA MET G 2639 -68.56 87.98 33.64
C MET G 2639 -69.65 88.63 32.80
N PRO G 2640 -69.65 89.96 32.77
CA PRO G 2640 -70.66 90.70 32.02
C PRO G 2640 -70.38 90.66 30.52
N LEU G 2641 -69.13 90.43 30.15
CA LEU G 2641 -68.74 90.38 28.74
C LEU G 2641 -68.92 88.96 28.20
N LYS G 2642 -69.46 88.08 29.02
CA LYS G 2642 -69.72 86.70 28.62
C LYS G 2642 -71.13 86.29 29.01
N LEU G 2643 -72.00 87.28 29.16
CA LEU G 2643 -73.38 87.03 29.56
C LEU G 2643 -74.29 88.19 29.17
N LEU G 2644 -73.96 88.86 28.07
CA LEU G 2644 -74.73 90.02 27.61
C LEU G 2644 -75.93 89.57 26.78
N THR G 2645 -76.46 88.39 27.09
CA THR G 2645 -77.60 87.84 26.39
C THR G 2645 -78.21 86.69 27.19
N ASN G 2646 -77.65 86.44 28.36
CA ASN G 2646 -78.14 85.37 29.23
C ASN G 2646 -77.80 85.64 30.68
N HIS G 2647 -77.68 84.57 31.47
CA HIS G 2647 -77.39 84.66 32.90
C HIS G 2647 -78.38 85.56 33.63
N TYR G 2648 -79.60 85.62 33.10
CA TYR G 2648 -80.65 86.42 33.71
C TYR G 2648 -81.74 85.51 34.27
N GLU G 2649 -81.38 84.24 34.49
CA GLU G 2649 -82.32 83.26 35.02
C GLU G 2649 -82.12 83.09 36.53
N ARG G 2650 -82.24 84.20 37.26
CA ARG G 2650 -82.10 84.18 38.72
C ARG G 2650 -83.12 85.10 39.36
N CYS G 2651 -82.79 85.63 40.53
CA CYS G 2651 -83.68 86.53 41.25
C CYS G 2651 -82.89 87.47 42.15
N TRP G 2652 -82.36 86.93 43.24
CA TRP G 2652 -81.58 87.71 44.19
C TRP G 2652 -80.29 88.22 43.54
N LYS G 2653 -79.73 87.40 42.65
CA LYS G 2653 -78.53 87.78 41.91
C LYS G 2653 -78.84 88.94 40.97
N TYR G 2654 -80.01 88.90 40.36
CA TYR G 2654 -80.46 89.98 39.50
C TYR G 2654 -80.65 91.25 40.32
N TYR G 2655 -81.08 91.07 41.56
CA TYR G 2655 -81.23 92.17 42.49
C TYR G 2655 -79.87 92.61 43.03
N CYS G 2656 -78.96 91.65 43.12
CA CYS G 2656 -77.61 91.93 43.62
C CYS G 2656 -76.81 92.73 42.60
N LEU G 2657 -77.11 92.50 41.32
CA LEU G 2657 -76.44 93.21 40.25
C LEU G 2657 -76.76 94.70 40.31
N PRO G 2658 -78.05 95.01 40.45
CA PRO G 2658 -78.50 96.39 40.56
C PRO G 2658 -78.04 96.99 41.89
N THR G 2659 -77.99 96.14 42.92
CA THR G 2659 -77.52 96.57 44.22
C THR G 2659 -76.07 97.00 44.16
N GLY G 2660 -75.31 96.32 43.29
CA GLY G 2660 -73.92 96.65 43.08
C GLY G 2660 -73.79 97.82 42.11
N TRP G 2661 -74.66 97.83 41.09
CA TRP G 2661 -74.63 98.86 40.05
C TRP G 2661 -74.92 100.24 40.62
N ALA G 2662 -75.91 100.32 41.51
CA ALA G 2662 -76.29 101.57 42.13
C ALA G 2662 -75.21 102.04 43.10
N ASN G 2663 -74.60 101.08 43.80
CA ASN G 2663 -73.55 101.39 44.77
C ASN G 2663 -72.22 101.62 44.06
N PHE G 2664 -72.14 101.22 42.79
CA PHE G 2664 -70.91 101.37 42.01
C PHE G 2664 -70.64 102.83 41.68
N GLY G 2665 -71.65 103.67 41.83
CA GLY G 2665 -71.51 105.10 41.58
C GLY G 2665 -70.45 105.69 42.52
N VAL G 2666 -70.82 105.83 43.79
CA VAL G 2666 -69.92 106.32 44.83
C VAL G 2666 -69.28 107.66 44.45
N THR G 2667 -67.96 107.73 44.59
CA THR G 2667 -67.23 108.96 44.28
C THR G 2667 -67.13 109.16 42.77
N SER G 2668 -68.09 109.88 42.21
CA SER G 2668 -68.08 110.19 40.78
C SER G 2668 -67.32 111.51 40.55
N GLU G 2669 -67.05 112.22 41.63
CA GLU G 2669 -66.32 113.49 41.55
C GLU G 2669 -65.43 113.66 42.78
N GLU G 2670 -64.21 113.13 42.70
CA GLU G 2670 -63.26 113.23 43.80
C GLU G 2670 -61.83 113.18 43.27
N GLU G 2671 -61.32 111.97 43.04
CA GLU G 2671 -59.98 111.79 42.51
C GLU G 2671 -59.92 112.28 41.06
N LEU G 2672 -59.34 113.46 40.86
CA LEU G 2672 -59.24 114.06 39.53
C LEU G 2672 -58.06 113.52 38.75
N HIS G 2673 -57.44 112.47 39.29
CA HIS G 2673 -56.30 111.83 38.62
C HIS G 2673 -56.71 111.23 37.29
N LEU G 2674 -56.03 111.62 36.23
CA LEU G 2674 -56.35 111.13 34.89
C LEU G 2674 -55.96 109.66 34.72
N THR G 2675 -54.95 109.24 35.48
CA THR G 2675 -54.49 107.86 35.39
C THR G 2675 -55.04 107.01 36.52
N ARG G 2676 -56.10 107.51 37.16
CA ARG G 2676 -56.73 106.81 38.27
C ARG G 2676 -57.50 105.59 37.78
N LYS G 2677 -58.07 104.83 38.71
CA LYS G 2677 -58.84 103.64 38.38
C LYS G 2677 -60.14 104.02 37.69
N LEU G 2678 -60.55 105.27 37.84
CA LEU G 2678 -61.77 105.76 37.21
C LEU G 2678 -61.66 105.70 35.69
N PHE G 2679 -60.51 106.12 35.17
CA PHE G 2679 -60.27 106.08 33.73
C PHE G 2679 -59.84 104.68 33.31
N TRP G 2680 -59.51 103.84 34.28
CA TRP G 2680 -59.11 102.46 34.02
C TRP G 2680 -60.33 101.54 34.06
N GLY G 2681 -61.06 101.60 35.16
CA GLY G 2681 -62.26 100.77 35.33
C GLY G 2681 -63.50 101.51 34.84
N ILE G 2682 -63.35 102.31 33.80
CA ILE G 2682 -64.47 103.02 33.20
C ILE G 2682 -65.36 102.06 32.44
N PHE G 2683 -64.74 101.00 31.91
CA PHE G 2683 -65.46 99.98 31.17
C PHE G 2683 -66.30 99.13 32.13
N ASP G 2684 -65.93 99.14 33.39
CA ASP G 2684 -66.66 98.39 34.41
C ASP G 2684 -68.02 99.03 34.67
N SER G 2685 -68.14 100.30 34.33
CA SER G 2685 -69.39 101.03 34.51
C SER G 2685 -70.40 100.63 33.43
N LEU G 2686 -69.89 100.35 32.23
CA LEU G 2686 -70.74 99.93 31.12
C LEU G 2686 -71.22 98.50 31.32
N ALA G 2687 -70.51 97.75 32.17
CA ALA G 2687 -70.88 96.36 32.46
C ALA G 2687 -72.12 96.31 33.33
N HIS G 2688 -73.26 96.71 32.75
CA HIS G 2688 -74.52 96.70 33.46
C HIS G 2688 -75.68 96.60 32.46
N LYS G 2689 -75.36 96.16 31.26
CA LYS G 2689 -76.37 96.00 30.21
C LYS G 2689 -77.05 94.65 30.31
N LYS G 2690 -76.68 93.89 31.34
CA LYS G 2690 -77.29 92.58 31.60
C LYS G 2690 -78.75 92.75 31.99
N TYR G 2691 -79.01 93.76 32.82
CA TYR G 2691 -80.37 94.07 33.26
C TYR G 2691 -81.18 94.63 32.11
N ASP G 2692 -82.27 93.96 31.76
CA ASP G 2692 -83.12 94.39 30.65
C ASP G 2692 -83.97 95.58 31.04
N GLN G 2693 -85.29 95.37 31.06
CA GLN G 2693 -86.21 96.43 31.45
C GLN G 2693 -86.48 96.36 32.95
N GLU G 2694 -85.42 96.14 33.72
CA GLU G 2694 -85.52 96.06 35.17
C GLU G 2694 -85.41 97.45 35.79
N LEU G 2695 -86.01 98.43 35.13
CA LEU G 2695 -86.06 99.79 35.65
C LEU G 2695 -87.06 99.83 36.81
N TYR G 2696 -87.99 98.88 36.80
CA TYR G 2696 -88.94 98.75 37.89
C TYR G 2696 -88.75 97.41 38.59
N ARG G 2697 -87.49 97.09 38.88
CA ARG G 2697 -87.15 95.81 39.51
C ARG G 2697 -87.34 95.88 41.02
N MET G 2698 -87.11 97.04 41.61
CA MET G 2698 -87.24 97.21 43.06
C MET G 2698 -87.72 98.61 43.42
N ALA G 2699 -87.82 98.88 44.71
CA ALA G 2699 -88.28 100.17 45.20
C ALA G 2699 -87.15 101.18 45.26
N MET G 2700 -86.87 101.69 46.46
CA MET G 2700 -85.80 102.67 46.66
C MET G 2700 -85.39 102.73 48.13
N PRO G 2701 -84.23 102.16 48.42
CA PRO G 2701 -83.70 102.15 49.78
C PRO G 2701 -82.19 102.29 49.80
N CYS G 2702 -81.64 102.59 50.98
CA CYS G 2702 -80.20 102.75 51.13
C CYS G 2702 -79.75 102.32 52.52
N LEU G 2703 -78.90 103.14 53.14
CA LEU G 2703 -78.39 102.84 54.48
C LEU G 2703 -79.16 103.64 55.54
N LEU G 2751 -94.69 99.69 72.44
CA LEU G 2751 -94.95 101.10 72.68
C LEU G 2751 -95.45 101.32 74.11
N ASP G 2752 -96.48 100.58 74.48
CA ASP G 2752 -97.11 100.69 75.79
C ASP G 2752 -97.18 99.29 76.39
N SER G 2753 -97.90 99.15 77.50
CA SER G 2753 -98.06 97.84 78.14
C SER G 2753 -98.60 96.78 77.19
N PHE G 2754 -99.16 97.19 76.04
CA PHE G 2754 -99.57 96.23 75.03
C PHE G 2754 -98.38 95.53 74.39
N ILE G 2755 -97.18 96.12 74.48
CA ILE G 2755 -96.01 95.51 73.88
C ILE G 2755 -95.66 94.19 74.56
N ASN G 2756 -96.01 94.06 75.85
CA ASN G 2756 -95.77 92.80 76.55
C ASN G 2756 -96.60 91.66 75.96
N LYS G 2757 -97.68 91.98 75.27
CA LYS G 2757 -98.49 90.98 74.59
C LYS G 2757 -97.98 90.66 73.19
N PHE G 2758 -97.02 91.43 72.66
CA PHE G 2758 -96.40 91.06 71.40
C PHE G 2758 -95.49 89.86 71.56
N ALA G 2759 -94.78 89.77 72.68
CA ALA G 2759 -93.98 88.58 72.97
C ALA G 2759 -94.87 87.36 73.10
N GLU G 2760 -96.13 87.55 73.50
CA GLU G 2760 -97.10 86.46 73.47
C GLU G 2760 -97.28 85.95 72.04
N TYR G 2761 -97.49 86.86 71.09
CA TYR G 2761 -97.68 86.47 69.70
C TYR G 2761 -96.47 85.71 69.17
N THR G 2762 -95.26 86.22 69.45
CA THR G 2762 -94.06 85.52 69.03
C THR G 2762 -93.99 84.14 69.66
N HIS G 2763 -94.51 83.99 70.87
CA HIS G 2763 -94.62 82.68 71.51
C HIS G 2763 -95.86 81.91 71.07
N GLU G 2764 -96.97 82.60 70.80
CA GLU G 2764 -98.19 81.90 70.39
C GLU G 2764 -97.97 81.11 69.11
N LYS G 2765 -97.28 81.71 68.14
CA LYS G 2765 -96.87 80.97 66.96
C LYS G 2765 -95.78 79.96 67.30
N TRP G 2766 -94.90 80.29 68.24
CA TRP G 2766 -93.80 79.40 68.60
C TRP G 2766 -94.26 78.24 69.47
N ALA G 2767 -95.28 78.46 70.29
CA ALA G 2767 -95.83 77.36 71.10
C ALA G 2767 -96.70 76.42 70.29
N PHE G 2768 -97.44 76.95 69.32
CA PHE G 2768 -98.44 76.15 68.61
C PHE G 2768 -97.79 75.03 67.81
N ASP G 2769 -96.69 75.32 67.12
CA ASP G 2769 -96.08 74.31 66.26
C ASP G 2769 -95.36 73.21 67.03
N LYS G 2770 -95.00 73.46 68.30
CA LYS G 2770 -94.32 72.46 69.09
C LYS G 2770 -95.20 71.25 69.34
N ILE G 2771 -96.44 71.48 69.81
CA ILE G 2771 -97.39 70.38 69.95
C ILE G 2771 -97.68 69.76 68.59
N GLN G 2772 -97.72 70.59 67.55
CA GLN G 2772 -97.88 70.08 66.19
C GLN G 2772 -96.72 69.20 65.78
N ASN G 2773 -95.54 69.39 66.39
CA ASN G 2773 -94.33 68.67 66.02
C ASN G 2773 -93.75 67.89 67.20
N ASN G 2774 -94.62 67.30 68.03
CA ASN G 2774 -94.31 66.36 69.09
C ASN G 2774 -93.62 67.00 70.30
N TRP G 2775 -93.36 68.31 70.28
CA TRP G 2775 -92.73 68.99 71.42
C TRP G 2775 -93.84 69.39 72.37
N SER G 2776 -94.12 68.55 73.37
CA SER G 2776 -95.32 68.78 74.20
C SER G 2776 -95.01 69.60 75.45
N TYR G 2777 -94.25 69.03 76.39
CA TYR G 2777 -93.90 69.72 77.63
C TYR G 2777 -93.06 68.77 78.50
N GLY G 2778 -92.36 69.37 79.46
CA GLY G 2778 -91.94 68.67 80.65
C GLY G 2778 -90.56 68.92 81.22
N GLU G 2779 -89.52 69.07 80.40
CA GLU G 2779 -88.29 69.61 80.97
C GLU G 2779 -87.64 70.71 80.13
N ASN G 2780 -87.50 70.46 78.82
CA ASN G 2780 -86.82 71.38 77.92
C ASN G 2780 -86.88 70.89 76.48
N VAL G 2781 -86.21 71.58 75.57
CA VAL G 2781 -85.97 71.05 74.24
C VAL G 2781 -84.85 70.01 74.33
N ASP G 2782 -85.14 68.79 73.86
CA ASP G 2782 -84.16 67.72 73.94
C ASP G 2782 -84.52 66.65 72.90
N GLU G 2783 -83.54 65.82 72.57
CA GLU G 2783 -83.75 64.74 71.62
C GLU G 2783 -84.42 63.54 72.28
N GLU G 2784 -83.94 63.13 73.46
CA GLU G 2784 -84.53 62.01 74.18
C GLU G 2784 -85.86 62.37 74.81
N LEU G 2785 -86.09 63.64 75.13
CA LEU G 2785 -87.32 64.10 75.76
C LEU G 2785 -88.34 64.59 74.75
N LYS G 2786 -87.92 65.41 73.80
CA LYS G 2786 -88.79 66.01 72.78
C LYS G 2786 -89.98 66.71 73.44
N THR G 2787 -89.66 67.71 74.25
CA THR G 2787 -90.63 68.44 75.04
C THR G 2787 -90.51 69.93 74.77
N HIS G 2788 -91.53 70.67 75.25
CA HIS G 2788 -91.56 72.12 75.12
C HIS G 2788 -91.20 72.73 76.46
N PRO G 2789 -90.06 73.43 76.57
CA PRO G 2789 -89.64 73.94 77.89
C PRO G 2789 -90.59 74.96 78.49
N MET G 2790 -90.86 76.03 77.76
CA MET G 2790 -91.63 77.15 78.29
C MET G 2790 -93.07 77.04 77.79
N LEU G 2791 -93.81 76.13 78.43
CA LEU G 2791 -95.24 75.98 78.15
C LEU G 2791 -96.00 76.85 79.14
N ARG G 2792 -95.99 78.17 78.87
CA ARG G 2792 -96.59 79.12 79.77
C ARG G 2792 -96.79 80.44 79.03
N PRO G 2793 -97.90 81.14 79.26
CA PRO G 2793 -98.12 82.41 78.57
C PRO G 2793 -97.18 83.50 79.06
N TYR G 2794 -96.88 84.46 78.18
CA TYR G 2794 -96.02 85.57 78.52
C TYR G 2794 -96.76 86.70 79.24
N LYS G 2795 -98.09 86.64 79.33
CA LYS G 2795 -98.83 87.71 79.98
C LYS G 2795 -98.42 87.86 81.43
N THR G 2796 -98.26 86.73 82.14
CA THR G 2796 -97.71 86.70 83.49
C THR G 2796 -96.48 85.80 83.43
N PHE G 2797 -95.34 86.39 83.08
CA PHE G 2797 -94.13 85.63 82.79
C PHE G 2797 -93.02 86.00 83.77
N SER G 2798 -92.01 85.14 83.83
CA SER G 2798 -90.82 85.37 84.63
C SER G 2798 -89.86 86.28 83.86
N GLU G 2799 -88.63 86.38 84.33
CA GLU G 2799 -87.63 87.27 83.73
C GLU G 2799 -86.69 86.56 82.76
N LYS G 2800 -86.94 85.29 82.44
CA LYS G 2800 -86.01 84.57 81.57
C LYS G 2800 -86.13 85.00 80.12
N ASP G 2801 -87.30 85.45 79.69
CA ASP G 2801 -87.49 85.96 78.34
C ASP G 2801 -87.26 87.46 78.23
N LYS G 2802 -87.02 88.14 79.35
CA LYS G 2802 -86.65 89.55 79.29
C LYS G 2802 -85.29 89.77 78.64
N GLU G 2803 -84.50 88.71 78.48
CA GLU G 2803 -83.24 88.80 77.75
C GLU G 2803 -83.43 88.75 76.24
N ILE G 2804 -84.63 88.42 75.77
CA ILE G 2804 -84.91 88.36 74.33
C ILE G 2804 -85.96 89.41 74.00
N TYR G 2805 -87.12 89.31 74.65
CA TYR G 2805 -88.22 90.24 74.44
C TYR G 2805 -88.01 91.48 75.31
N ARG G 2806 -89.04 92.30 75.47
CA ARG G 2806 -89.00 93.55 76.23
C ARG G 2806 -88.12 94.58 75.53
N TRP G 2807 -87.15 95.15 76.25
CA TRP G 2807 -86.38 96.25 75.69
C TRP G 2807 -85.79 95.99 74.31
N PRO G 2808 -85.22 94.81 74.01
CA PRO G 2808 -84.88 94.54 72.60
C PRO G 2808 -86.06 94.59 71.66
N ILE G 2809 -87.23 94.12 72.08
CA ILE G 2809 -88.42 94.27 71.25
C ILE G 2809 -89.08 95.63 71.44
N LYS G 2810 -88.80 96.31 72.56
CA LYS G 2810 -89.25 97.68 72.71
C LYS G 2810 -88.55 98.60 71.72
N GLU G 2811 -87.21 98.54 71.68
CA GLU G 2811 -86.46 99.35 70.73
C GLU G 2811 -86.79 98.98 69.29
N SER G 2812 -87.23 97.75 69.06
CA SER G 2812 -87.78 97.39 67.75
C SER G 2812 -89.04 98.19 67.45
N LEU G 2813 -89.86 98.44 68.47
CA LEU G 2813 -91.08 99.24 68.34
C LEU G 2813 -90.91 100.65 68.86
N LYS G 2814 -89.72 101.02 69.33
CA LYS G 2814 -89.44 102.37 69.78
C LYS G 2814 -88.57 103.17 68.81
N ALA G 2815 -87.79 102.48 67.97
CA ALA G 2815 -87.05 103.19 66.92
C ALA G 2815 -87.98 103.75 65.87
N MET G 2816 -89.10 103.07 65.61
CA MET G 2816 -90.04 103.54 64.60
C MET G 2816 -90.67 104.86 64.98
N ILE G 2817 -91.00 105.04 66.27
CA ILE G 2817 -91.60 106.30 66.70
C ILE G 2817 -90.58 107.43 66.70
N ALA G 2818 -89.29 107.11 66.64
CA ALA G 2818 -88.27 108.15 66.60
C ALA G 2818 -88.25 108.85 65.25
N TRP G 2819 -87.99 108.10 64.18
CA TRP G 2819 -87.98 108.66 62.83
C TRP G 2819 -89.39 108.70 62.24
N TYR G 2855 -101.38 73.63 77.27
CA TYR G 2855 -101.46 75.02 76.84
C TYR G 2855 -101.27 75.12 75.33
N ASN G 2856 -102.34 75.48 74.63
CA ASN G 2856 -102.36 75.57 73.16
C ASN G 2856 -102.87 76.95 72.77
N PRO G 2857 -102.02 77.96 72.81
CA PRO G 2857 -102.45 79.30 72.36
C PRO G 2857 -102.70 79.32 70.85
N GLN G 2858 -103.63 80.18 70.45
CA GLN G 2858 -104.01 80.29 69.05
C GLN G 2858 -103.58 81.64 68.49
N PRO G 2859 -102.51 81.70 67.70
CA PRO G 2859 -102.11 82.96 67.06
C PRO G 2859 -103.00 83.26 65.87
N PRO G 2860 -103.59 84.45 65.82
CA PRO G 2860 -104.47 84.80 64.71
C PRO G 2860 -103.67 85.08 63.43
N ASP G 2861 -104.40 85.08 62.32
CA ASP G 2861 -103.80 85.39 61.03
C ASP G 2861 -103.52 86.89 60.94
N LEU G 2862 -102.31 87.23 60.50
CA LEU G 2862 -101.88 88.62 60.44
C LEU G 2862 -101.94 89.20 59.03
N SER G 2863 -102.04 88.36 58.00
CA SER G 2863 -101.99 88.81 56.62
C SER G 2863 -103.34 89.28 56.09
N GLY G 2864 -104.27 89.67 56.98
CA GLY G 2864 -105.56 90.14 56.53
C GLY G 2864 -105.46 91.38 55.64
N VAL G 2865 -104.53 92.27 55.95
CA VAL G 2865 -104.29 93.47 55.16
C VAL G 2865 -102.86 93.41 54.65
N THR G 2866 -102.69 93.36 53.33
CA THR G 2866 -101.37 93.36 52.73
C THR G 2866 -100.72 94.73 52.89
N LEU G 2867 -99.41 94.73 53.07
CA LEU G 2867 -98.65 95.96 53.25
C LEU G 2867 -98.47 96.64 51.89
N SER G 2868 -99.16 97.76 51.69
CA SER G 2868 -99.02 98.51 50.46
C SER G 2868 -97.67 99.23 50.42
N ARG G 2869 -97.39 99.87 49.28
CA ARG G 2869 -96.09 100.51 49.08
C ARG G 2869 -95.80 101.56 50.14
N GLU G 2870 -96.83 102.14 50.76
CA GLU G 2870 -96.60 103.03 51.90
C GLU G 2870 -95.96 102.27 53.06
N LEU G 2871 -96.37 101.01 53.26
CA LEU G 2871 -95.83 100.18 54.33
C LEU G 2871 -94.88 99.09 53.83
N GLN G 2872 -94.96 98.70 52.56
CA GLN G 2872 -94.07 97.67 52.05
C GLN G 2872 -92.62 98.13 52.07
N ALA G 2873 -92.36 99.35 51.61
CA ALA G 2873 -91.01 99.91 51.70
C ALA G 2873 -90.62 100.23 53.13
N MET G 2874 -91.59 100.29 54.04
CA MET G 2874 -91.28 100.47 55.45
C MET G 2874 -90.84 99.16 56.10
N ALA G 2875 -91.40 98.03 55.66
CA ALA G 2875 -90.82 96.73 56.02
C ALA G 2875 -89.45 96.55 55.39
N GLU G 2876 -89.25 97.10 54.19
CA GLU G 2876 -87.90 97.19 53.63
C GLU G 2876 -86.97 97.91 54.59
N GLN G 2877 -87.49 98.82 55.40
CA GLN G 2877 -86.72 99.46 56.45
C GLN G 2877 -86.75 98.68 57.76
N LEU G 2878 -87.83 97.96 58.04
CA LEU G 2878 -87.86 97.10 59.22
C LEU G 2878 -86.86 95.95 59.11
N ALA G 2879 -86.74 95.36 57.91
CA ALA G 2879 -85.71 94.36 57.70
C ALA G 2879 -84.32 94.98 57.76
N GLU G 2880 -84.20 96.26 57.41
CA GLU G 2880 -82.93 96.96 57.55
C GLU G 2880 -82.52 97.08 59.00
N ASN G 2881 -83.49 97.09 59.93
CA ASN G 2881 -83.16 97.14 61.35
C ASN G 2881 -82.42 95.89 61.80
N TYR G 2882 -82.77 94.73 61.24
CA TYR G 2882 -82.13 93.49 61.61
C TYR G 2882 -80.64 93.49 61.25
N HIS G 2883 -80.26 94.26 60.23
CA HIS G 2883 -78.88 94.42 59.86
C HIS G 2883 -78.28 95.74 60.36
N ASN G 2884 -79.08 96.57 61.04
CA ASN G 2884 -78.58 97.79 61.67
C ASN G 2884 -78.42 97.62 63.18
N THR G 2885 -79.50 97.25 63.87
CA THR G 2885 -79.41 97.06 65.32
C THR G 2885 -78.53 95.85 65.64
N TRP G 2886 -78.81 94.71 65.01
CA TRP G 2886 -77.96 93.54 65.20
C TRP G 2886 -76.71 93.60 64.34
N GLY G 2887 -76.79 94.25 63.18
CA GLY G 2887 -75.62 94.34 62.30
C GLY G 2887 -74.51 95.19 62.89
N ARG G 2888 -74.86 96.27 63.58
CA ARG G 2888 -73.85 97.03 64.31
C ARG G 2888 -73.23 96.17 65.41
N LYS G 2889 -74.07 95.39 66.10
CA LYS G 2889 -73.53 94.41 67.05
C LYS G 2889 -72.69 93.36 66.33
N LYS G 2890 -73.10 92.99 65.12
CA LYS G 2890 -72.32 92.04 64.32
C LYS G 2890 -70.91 92.58 64.05
N LYS G 2891 -70.81 93.86 63.70
CA LYS G 2891 -69.49 94.48 63.60
C LYS G 2891 -68.78 94.49 64.93
N GLN G 2892 -69.51 94.66 66.02
CA GLN G 2892 -68.95 94.64 67.36
C GLN G 2892 -68.91 93.25 67.97
N GLU G 2893 -69.38 92.24 67.24
CA GLU G 2893 -69.31 90.85 67.70
C GLU G 2893 -67.99 90.20 67.32
N LEU G 2894 -67.58 90.35 66.06
CA LEU G 2894 -66.32 89.78 65.60
C LEU G 2894 -65.11 90.63 65.99
N GLU G 2895 -65.33 91.89 66.35
CA GLU G 2895 -64.25 92.76 66.77
C GLU G 2895 -64.11 92.83 68.29
N ALA G 2896 -64.89 92.05 69.03
CA ALA G 2896 -64.77 91.96 70.48
C ALA G 2896 -64.44 90.54 70.94
N LYS G 2897 -64.05 89.67 70.00
CA LYS G 2897 -63.68 88.29 70.31
C LYS G 2897 -62.19 88.03 70.18
N GLY G 2898 -61.49 88.78 69.35
CA GLY G 2898 -60.06 88.58 69.18
C GLY G 2898 -59.67 88.32 67.74
N GLY G 2899 -60.51 88.75 66.80
CA GLY G 2899 -60.24 88.61 65.38
C GLY G 2899 -61.39 87.95 64.66
N GLY G 2900 -61.14 87.57 63.42
CA GLY G 2900 -62.14 86.92 62.60
C GLY G 2900 -62.83 87.88 61.65
N THR G 2901 -63.21 87.38 60.49
CA THR G 2901 -63.91 88.17 59.49
C THR G 2901 -65.02 87.32 58.88
N HIS G 2902 -66.11 87.99 58.48
CA HIS G 2902 -67.25 87.32 57.89
C HIS G 2902 -67.71 88.10 56.66
N PRO G 2903 -68.13 87.41 55.59
CA PRO G 2903 -68.57 88.12 54.38
C PRO G 2903 -69.90 88.83 54.53
N LEU G 2904 -70.62 88.64 55.64
CA LEU G 2904 -71.94 89.24 55.79
C LEU G 2904 -71.89 90.75 55.93
N LEU G 2905 -70.73 91.33 56.21
CA LEU G 2905 -70.64 92.77 56.44
C LEU G 2905 -70.78 93.55 55.14
N VAL G 2906 -71.98 93.53 54.57
CA VAL G 2906 -72.29 94.29 53.36
C VAL G 2906 -73.65 94.96 53.56
N PRO G 2907 -73.92 96.04 52.83
CA PRO G 2907 -75.22 96.72 52.96
C PRO G 2907 -76.38 95.79 52.66
N TYR G 2908 -77.56 96.20 53.12
CA TYR G 2908 -78.72 95.32 53.09
C TYR G 2908 -79.17 95.00 51.67
N ASP G 2909 -78.98 95.94 50.73
CA ASP G 2909 -79.38 95.70 49.35
C ASP G 2909 -78.65 94.53 48.72
N THR G 2910 -77.49 94.14 49.26
CA THR G 2910 -76.67 93.08 48.69
C THR G 2910 -76.76 91.78 49.49
N LEU G 2911 -77.79 91.62 50.32
CA LEU G 2911 -77.94 90.42 51.11
C LEU G 2911 -78.32 89.24 50.23
N THR G 2912 -78.08 88.04 50.76
CA THR G 2912 -78.37 86.81 50.03
C THR G 2912 -79.87 86.55 50.00
N ALA G 2913 -80.28 85.59 49.16
CA ALA G 2913 -81.68 85.23 49.06
C ALA G 2913 -82.23 84.66 50.36
N LYS G 2914 -81.37 84.09 51.20
CA LYS G 2914 -81.84 83.54 52.47
C LYS G 2914 -82.22 84.64 53.46
N GLU G 2915 -81.45 85.72 53.50
CA GLU G 2915 -81.71 86.82 54.41
C GLU G 2915 -82.65 87.86 53.83
N LYS G 2916 -83.04 87.75 52.56
CA LYS G 2916 -84.01 88.64 51.95
C LYS G 2916 -85.40 88.01 51.84
N ALA G 2917 -85.61 86.86 52.47
CA ALA G 2917 -86.90 86.20 52.41
C ALA G 2917 -87.42 85.87 53.81
N ARG G 2918 -86.51 85.68 54.76
CA ARG G 2918 -86.86 85.37 56.14
C ARG G 2918 -86.84 86.59 57.05
N ASP G 2919 -85.83 87.45 56.92
CA ASP G 2919 -85.81 88.68 57.70
C ASP G 2919 -86.92 89.63 57.27
N ARG G 2920 -87.24 89.67 55.98
CA ARG G 2920 -88.40 90.43 55.52
C ARG G 2920 -89.68 89.86 56.11
N GLU G 2921 -89.79 88.53 56.16
CA GLU G 2921 -90.90 87.90 56.88
C GLU G 2921 -90.87 88.27 58.36
N LYS G 2922 -89.68 88.29 58.95
CA LYS G 2922 -89.53 88.78 60.32
C LYS G 2922 -89.87 90.26 60.43
N ALA G 2923 -89.88 90.98 59.30
CA ALA G 2923 -90.20 92.40 59.28
C ALA G 2923 -91.60 92.70 58.77
N GLN G 2924 -92.08 91.96 57.77
CA GLN G 2924 -93.41 92.20 57.23
C GLN G 2924 -94.49 91.88 58.26
N GLU G 2925 -94.31 90.80 59.04
CA GLU G 2925 -95.35 90.40 59.97
C GLU G 2925 -95.44 91.35 61.16
N LEU G 2926 -94.36 92.05 61.49
CA LEU G 2926 -94.41 92.99 62.61
C LEU G 2926 -95.38 94.13 62.33
N LEU G 2927 -95.35 94.68 61.11
CA LEU G 2927 -96.33 95.68 60.73
C LEU G 2927 -97.74 95.10 60.76
N LYS G 2928 -97.89 93.83 60.37
CA LYS G 2928 -99.19 93.19 60.45
C LYS G 2928 -99.66 93.09 61.90
N PHE G 2929 -98.73 92.85 62.83
CA PHE G 2929 -99.09 92.91 64.24
C PHE G 2929 -99.43 94.33 64.67
N LEU G 2930 -98.79 95.34 64.08
CA LEU G 2930 -99.13 96.72 64.40
C LEU G 2930 -100.57 97.01 64.01
N GLN G 2931 -101.00 96.54 62.84
CA GLN G 2931 -102.37 96.78 62.40
C GLN G 2931 -103.39 96.08 63.28
N MET G 2932 -102.96 95.11 64.08
CA MET G 2932 -103.85 94.56 65.12
C MET G 2932 -104.17 95.63 66.14
N ASN G 2933 -105.43 95.70 66.54
CA ASN G 2933 -105.92 96.65 67.53
C ASN G 2933 -105.73 98.10 67.08
N GLY G 2934 -105.69 98.32 65.76
CA GLY G 2934 -105.68 99.67 65.21
C GLY G 2934 -104.49 100.54 65.55
N TYR G 2935 -103.28 100.02 65.43
CA TYR G 2935 -102.05 100.80 65.60
C TYR G 2935 -101.36 100.91 64.24
N ALA G 2936 -101.77 101.90 63.45
CA ALA G 2936 -101.21 102.12 62.13
C ALA G 2936 -100.24 103.30 62.18
N VAL G 2937 -99.02 103.08 61.71
CA VAL G 2937 -97.97 104.10 61.71
C VAL G 2937 -97.41 104.18 60.28
N THR G 2938 -97.74 105.26 59.58
CA THR G 2938 -97.24 105.50 58.24
C THR G 2938 -96.61 106.89 58.17
N ARG G 2939 -95.51 107.00 57.43
CA ARG G 2939 -94.83 108.27 57.28
C ARG G 2939 -95.11 108.88 55.91
N LEU G 2946 -96.77 98.35 41.96
CA LEU G 2946 -95.63 98.22 41.05
C LEU G 2946 -95.60 99.39 40.07
N ASP G 2947 -95.69 100.61 40.60
CA ASP G 2947 -95.65 101.80 39.77
C ASP G 2947 -94.30 101.93 39.06
N THR G 2948 -94.35 102.05 37.74
CA THR G 2948 -93.13 102.14 36.95
C THR G 2948 -92.41 103.45 37.19
N SER G 2949 -91.74 103.55 38.33
CA SER G 2949 -90.92 104.72 38.64
C SER G 2949 -89.71 104.74 37.73
N SER G 2950 -89.32 103.55 37.27
CA SER G 2950 -88.24 103.36 36.30
C SER G 2950 -86.87 103.79 36.83
N ILE G 2951 -86.03 102.81 37.13
CA ILE G 2951 -84.66 103.08 37.54
C ILE G 2951 -83.90 103.74 36.39
N GLU G 2952 -84.29 103.40 35.16
CA GLU G 2952 -83.71 104.02 33.98
C GLU G 2952 -84.04 105.52 33.98
N LYS G 2953 -85.27 105.85 34.34
CA LYS G 2953 -85.67 107.24 34.47
C LYS G 2953 -85.06 107.81 35.75
N ARG G 2954 -84.88 106.97 36.75
CA ARG G 2954 -84.24 107.37 37.99
C ARG G 2954 -82.77 107.64 37.72
N PHE G 2955 -82.19 106.84 36.82
CA PHE G 2955 -80.83 107.08 36.35
C PHE G 2955 -80.81 108.39 35.58
N ALA G 2956 -81.87 108.61 34.80
CA ALA G 2956 -82.04 109.87 34.08
C ALA G 2956 -82.31 110.98 35.09
N PHE G 2957 -83.00 110.64 36.17
CA PHE G 2957 -83.25 111.59 37.25
C PHE G 2957 -81.95 111.86 38.00
N GLY G 2958 -81.12 110.82 38.12
CA GLY G 2958 -79.80 110.96 38.71
C GLY G 2958 -78.93 111.75 37.75
N PHE G 2959 -79.25 111.64 36.46
CA PHE G 2959 -78.57 112.42 35.43
C PHE G 2959 -79.17 113.82 35.38
N LEU G 2960 -80.46 113.91 35.73
CA LEU G 2960 -81.15 115.20 35.75
C LEU G 2960 -80.54 116.11 36.79
N GLN G 2961 -80.19 115.56 37.95
CA GLN G 2961 -79.52 116.32 39.00
C GLN G 2961 -78.18 116.83 38.49
N GLN G 2962 -77.54 116.03 37.63
CA GLN G 2962 -76.30 116.44 37.00
C GLN G 2962 -76.61 117.35 35.81
N LEU G 2963 -77.77 117.15 35.20
CA LEU G 2963 -78.19 117.97 34.08
C LEU G 2963 -78.67 119.33 34.55
N LEU G 2964 -79.40 119.34 35.67
CA LEU G 2964 -79.86 120.59 36.28
C LEU G 2964 -78.67 121.42 36.73
N ARG G 2965 -77.63 120.72 37.19
CA ARG G 2965 -76.36 121.37 37.50
C ARG G 2965 -75.65 121.68 36.18
N TRP G 2966 -74.57 120.93 35.91
CA TRP G 2966 -73.83 121.05 34.67
C TRP G 2966 -73.43 122.50 34.37
N MET G 2967 -74.29 123.19 33.61
CA MET G 2967 -74.05 124.57 33.25
C MET G 2967 -74.31 125.51 34.42
N ASP G 2968 -74.96 124.98 35.46
CA ASP G 2968 -75.28 125.77 36.65
C ASP G 2968 -74.05 125.93 37.53
N ILE G 2969 -73.10 125.03 37.41
CA ILE G 2969 -71.90 125.05 38.24
C ILE G 2969 -70.64 125.28 37.39
N SER G 2970 -70.65 124.79 36.16
CA SER G 2970 -69.49 124.93 35.28
C SER G 2970 -69.59 126.21 34.46
N GLN G 2971 -70.66 126.36 33.69
CA GLN G 2971 -70.84 127.52 32.83
C GLN G 2971 -70.99 128.80 33.63
N GLU G 2972 -71.30 128.66 34.91
CA GLU G 2972 -71.36 129.82 35.81
C GLU G 2972 -69.96 130.32 36.11
N PHE G 2973 -68.96 129.50 35.79
CA PHE G 2973 -67.57 129.87 35.98
C PHE G 2973 -66.80 129.76 34.67
N ILE G 2974 -67.25 128.88 33.78
CA ILE G 2974 -66.61 128.70 32.49
C ILE G 2974 -66.86 129.92 31.60
N ALA G 2975 -68.09 130.43 31.65
CA ALA G 2975 -68.46 131.62 30.87
C ALA G 2975 -68.20 132.88 31.69
N HIS G 2976 -67.61 132.71 32.87
CA HIS G 2976 -67.31 133.83 33.74
C HIS G 2976 -65.82 133.83 34.12
N ILE G 2995 -61.54 122.40 39.19
CA ILE G 2995 -62.28 121.67 40.22
C ILE G 2995 -62.34 120.18 39.89
N LYS G 2996 -62.59 119.37 40.92
CA LYS G 2996 -62.67 117.92 40.74
C LYS G 2996 -64.02 117.53 40.15
N PHE G 2997 -64.95 118.47 40.12
CA PHE G 2997 -66.28 118.24 39.59
C PHE G 2997 -66.25 118.11 38.06
N PHE G 2998 -65.14 118.54 37.47
CA PHE G 2998 -64.97 118.46 36.02
C PHE G 2998 -64.38 117.12 35.60
N ALA G 2999 -64.79 116.06 36.29
CA ALA G 2999 -64.31 114.72 35.99
C ALA G 2999 -65.49 113.77 35.77
N LYS G 3000 -66.63 114.13 36.36
CA LYS G 3000 -67.84 113.32 36.23
C LYS G 3000 -68.37 113.38 34.80
N ILE G 3001 -68.09 114.49 34.13
CA ILE G 3001 -68.50 114.66 32.73
C ILE G 3001 -67.63 113.81 31.82
N LEU G 3002 -66.45 113.46 32.30
CA LEU G 3002 -65.54 112.61 31.53
C LEU G 3002 -65.68 111.15 31.95
N LEU G 3003 -66.83 110.83 32.55
CA LEU G 3003 -67.09 109.46 33.01
C LEU G 3003 -68.53 109.07 32.74
N PRO G 3004 -69.44 110.04 32.84
CA PRO G 3004 -70.86 109.77 32.62
C PRO G 3004 -71.22 109.88 31.15
N LEU G 3005 -70.58 110.81 30.44
CA LEU G 3005 -70.83 111.01 29.02
C LEU G 3005 -70.37 109.81 28.22
N ILE G 3006 -69.29 109.17 28.68
CA ILE G 3006 -68.77 107.98 28.01
C ILE G 3006 -69.67 106.78 28.27
N ASN G 3007 -70.32 106.77 29.43
CA ASN G 3007 -71.19 105.67 29.81
C ASN G 3007 -72.55 105.79 29.13
N GLN G 3008 -72.88 107.00 28.69
CA GLN G 3008 -74.16 107.24 28.04
C GLN G 3008 -74.14 106.81 26.58
N TYR G 3009 -72.94 106.64 26.04
CA TYR G 3009 -72.78 106.24 24.65
C TYR G 3009 -73.02 104.75 24.46
N PHE G 3010 -73.06 104.02 25.58
CA PHE G 3010 -73.23 102.57 25.53
C PHE G 3010 -74.67 102.16 25.78
N THR G 3011 -75.20 102.54 26.94
CA THR G 3011 -76.55 102.13 27.36
C THR G 3011 -77.61 102.55 26.36
N ASN G 3012 -77.46 103.73 25.78
CA ASN G 3012 -78.41 104.22 24.79
C ASN G 3012 -78.31 103.40 23.51
N HIS G 3013 -77.10 102.96 23.19
CA HIS G 3013 -76.87 102.16 21.99
C HIS G 3013 -77.02 100.67 22.28
N CYS G 3014 -77.03 100.32 23.57
CA CYS G 3014 -77.19 98.93 23.98
C CYS G 3014 -78.65 98.52 23.86
N LEU G 3015 -79.53 99.29 24.50
CA LEU G 3015 -80.96 99.02 24.45
C LEU G 3015 -81.50 99.22 23.04
N TYR G 3016 -81.73 100.48 22.68
CA TYR G 3016 -82.25 100.84 21.36
C TYR G 3016 -83.56 100.12 21.06
N PHE G 3017 -84.33 99.84 22.10
CA PHE G 3017 -85.61 99.16 21.95
C PHE G 3017 -86.57 99.61 23.03
N LEU G 3018 -86.14 100.60 23.83
CA LEU G 3018 -86.98 101.18 24.86
C LEU G 3018 -88.14 101.92 24.22
N SER G 3019 -87.94 102.40 23.00
CA SER G 3019 -88.98 103.07 22.25
C SER G 3019 -89.90 102.07 21.58
N THR G 3020 -90.66 101.35 22.39
CA THR G 3020 -91.58 100.33 21.87
C THR G 3020 -92.67 100.01 22.87
N PRO G 3021 -92.29 99.88 24.14
CA PRO G 3021 -93.24 99.51 25.19
C PRO G 3021 -93.47 100.67 26.16
N ALA G 3022 -92.79 100.63 27.31
CA ALA G 3022 -92.94 101.65 28.33
C ALA G 3022 -92.36 102.98 27.85
N LYS G 3023 -93.13 103.70 27.04
CA LYS G 3023 -92.67 104.97 26.48
C LYS G 3023 -92.77 106.09 27.52
N VAL G 3024 -91.70 106.85 27.65
CA VAL G 3024 -91.67 107.98 28.57
C VAL G 3024 -90.98 109.17 27.89
N LEU G 3025 -91.61 110.34 27.99
CA LEU G 3025 -91.08 111.55 27.38
C LEU G 3025 -89.91 112.11 28.19
N GLY G 3026 -89.66 111.50 29.35
CA GLY G 3026 -88.56 111.91 30.22
C GLY G 3026 -87.21 111.70 29.53
N SER G 3027 -87.15 110.72 28.63
CA SER G 3027 -85.94 110.45 27.88
C SER G 3027 -85.69 111.54 26.85
N GLY G 3028 -86.77 112.05 26.25
CA GLY G 3028 -86.67 113.09 25.26
C GLY G 3028 -86.27 114.43 25.90
N GLY G 3029 -86.54 114.56 27.19
CA GLY G 3029 -86.20 115.76 27.93
C GLY G 3029 -84.69 115.92 28.04
N HIS G 3030 -84.02 114.83 28.39
CA HIS G 3030 -82.57 114.84 28.56
C HIS G 3030 -81.85 115.17 27.26
N ALA G 3031 -82.49 114.83 26.14
CA ALA G 3031 -81.94 115.14 24.83
C ALA G 3031 -81.94 116.64 24.59
N SER G 3032 -82.96 117.31 25.11
CA SER G 3032 -83.09 118.75 24.97
C SER G 3032 -82.44 119.47 26.14
N ASN G 3033 -82.46 118.84 27.31
CA ASN G 3033 -81.86 119.42 28.51
C ASN G 3033 -80.35 119.50 28.35
N LYS G 3034 -79.79 118.56 27.58
CA LYS G 3034 -78.37 118.55 27.30
C LYS G 3034 -78.08 119.41 26.07
N GLU G 3035 -79.07 119.54 25.19
CA GLU G 3035 -78.94 120.35 23.99
C GLU G 3035 -78.70 121.81 24.34
N LYS G 3036 -79.36 122.27 25.40
CA LYS G 3036 -79.17 123.63 25.89
C LYS G 3036 -77.78 123.77 26.50
N GLU G 3037 -77.29 122.70 27.11
CA GLU G 3037 -75.96 122.68 27.68
C GLU G 3037 -74.93 122.49 26.58
N MET G 3038 -75.35 121.90 25.47
CA MET G 3038 -74.48 121.68 24.32
C MET G 3038 -74.39 122.95 23.48
N ILE G 3039 -75.22 123.94 23.82
CA ILE G 3039 -75.22 125.22 23.10
C ILE G 3039 -74.01 126.05 23.49
N THR G 3040 -74.24 127.10 24.27
CA THR G 3040 -73.19 128.04 24.66
C THR G 3040 -72.44 128.56 23.44
N SER G 3041 -71.53 127.74 22.93
CA SER G 3041 -70.86 128.03 21.67
C SER G 3041 -71.10 126.86 20.72
N LEU G 3042 -72.23 126.90 20.01
CA LEU G 3042 -72.62 125.82 19.11
C LEU G 3042 -71.84 125.88 17.79
N PHE G 3043 -70.61 126.38 17.85
CA PHE G 3043 -69.75 126.47 16.69
C PHE G 3043 -68.30 126.60 17.14
N CYS G 3044 -68.05 126.24 18.39
CA CYS G 3044 -66.71 126.35 18.97
C CYS G 3044 -66.53 125.44 20.19
N LYS G 3045 -67.01 125.92 21.33
CA LYS G 3045 -66.89 125.21 22.60
C LYS G 3045 -65.41 124.90 22.93
N LEU G 3046 -65.19 123.86 23.71
CA LEU G 3046 -63.84 123.47 24.09
C LEU G 3046 -63.80 122.03 24.61
N ALA G 3047 -62.64 121.63 25.13
CA ALA G 3047 -62.43 120.32 25.73
C ALA G 3047 -62.72 119.18 24.74
N ALA G 3048 -63.91 118.61 24.83
CA ALA G 3048 -64.26 117.45 24.02
C ALA G 3048 -65.37 117.77 23.02
N LEU G 3049 -65.31 117.11 21.87
CA LEU G 3049 -66.34 117.25 20.84
C LEU G 3049 -67.09 115.94 20.67
N VAL G 3050 -66.77 114.98 21.54
CA VAL G 3050 -67.40 113.66 21.50
C VAL G 3050 -68.86 113.73 21.97
N ARG G 3051 -69.20 114.82 22.65
CA ARG G 3051 -70.57 115.03 23.10
C ARG G 3051 -71.49 115.17 21.90
N HIS G 3052 -70.96 115.70 20.80
CA HIS G 3052 -71.70 115.81 19.55
C HIS G 3052 -71.97 114.42 19.00
N ARG G 3053 -70.99 113.53 19.14
CA ARG G 3053 -71.13 112.15 18.72
C ARG G 3053 -72.05 111.41 19.70
N VAL G 3054 -71.99 111.81 20.97
CA VAL G 3054 -72.86 111.24 21.99
C VAL G 3054 -74.29 111.68 21.75
N SER G 3055 -74.45 112.86 21.17
CA SER G 3055 -75.76 113.39 20.81
C SER G 3055 -76.29 112.63 19.60
N LEU G 3056 -75.38 112.21 18.72
CA LEU G 3056 -75.75 111.44 17.53
C LEU G 3056 -76.27 110.07 17.93
N PHE G 3057 -75.78 109.56 19.05
CA PHE G 3057 -76.23 108.27 19.56
C PHE G 3057 -77.64 108.38 20.12
N GLY G 3058 -77.90 109.48 20.82
CA GLY G 3058 -79.22 109.73 21.38
C GLY G 3058 -80.19 110.20 20.30
N THR G 3059 -79.63 110.58 19.16
CA THR G 3059 -80.45 111.03 18.04
C THR G 3059 -81.23 109.88 17.44
N ASP G 3060 -80.65 108.67 17.51
CA ASP G 3060 -81.31 107.49 16.97
C ASP G 3060 -82.49 107.09 17.83
N ALA G 3061 -82.42 107.41 19.12
CA ALA G 3061 -83.48 107.06 20.06
C ALA G 3061 -84.78 107.77 19.72
N PRO G 3062 -84.66 109.00 19.24
CA PRO G 3062 -85.83 109.79 18.86
C PRO G 3062 -86.17 109.57 17.38
N ALA G 3063 -85.25 109.94 16.51
CA ALA G 3063 -85.43 109.75 15.07
C ALA G 3063 -84.73 108.47 14.62
N VAL G 3134 -101.43 112.07 20.71
CA VAL G 3134 -100.93 111.98 22.07
C VAL G 3134 -100.06 113.19 22.41
N ALA G 3135 -99.32 113.09 23.52
CA ALA G 3135 -98.45 114.16 23.96
C ALA G 3135 -97.32 114.40 22.96
N LEU G 3136 -96.46 113.39 22.82
CA LEU G 3136 -95.32 113.43 21.91
C LEU G 3136 -94.41 114.63 22.19
N LEU G 3137 -94.85 115.81 21.76
CA LEU G 3137 -94.07 117.03 21.96
C LEU G 3137 -94.81 118.01 22.87
N PRO G 3138 -94.05 118.82 23.61
CA PRO G 3138 -94.63 119.80 24.52
C PRO G 3138 -93.71 120.99 24.68
N VAL G 3139 -93.31 121.27 25.91
CA VAL G 3139 -92.40 122.37 26.20
C VAL G 3139 -91.01 122.07 25.67
N LEU G 3140 -90.71 122.55 24.46
CA LEU G 3140 -89.42 122.31 23.84
C LEU G 3140 -89.08 123.41 22.84
N THR G 3141 -89.78 123.41 21.71
CA THR G 3141 -89.55 124.36 20.63
C THR G 3141 -88.10 124.34 20.17
N THR G 3142 -87.52 123.14 20.12
CA THR G 3142 -86.14 122.96 19.67
C THR G 3142 -86.00 123.35 18.21
N LEU G 3143 -87.02 123.03 17.43
CA LEU G 3143 -87.05 123.40 16.01
C LEU G 3143 -87.07 124.91 15.89
N PHE G 3144 -87.81 125.57 16.77
CA PHE G 3144 -87.84 127.03 16.82
C PHE G 3144 -86.49 127.55 17.26
N GLN G 3145 -85.85 126.81 18.18
CA GLN G 3145 -84.52 127.16 18.65
C GLN G 3145 -83.49 126.85 17.57
N HIS G 3146 -83.83 125.92 16.70
CA HIS G 3146 -82.94 125.55 15.60
C HIS G 3146 -82.94 126.63 14.53
N ILE G 3147 -84.03 127.39 14.46
CA ILE G 3147 -84.16 128.44 13.46
C ILE G 3147 -83.37 129.69 13.86
N ALA G 3148 -82.88 129.70 15.10
CA ALA G 3148 -82.16 130.85 15.62
C ALA G 3148 -80.82 131.05 14.90
N GLN G 3149 -79.84 130.20 15.24
CA GLN G 3149 -78.50 130.33 14.69
C GLN G 3149 -78.44 129.99 13.20
N HIS G 3150 -79.42 129.22 12.73
CA HIS G 3150 -79.45 128.81 11.34
C HIS G 3150 -79.87 129.96 10.42
N GLN G 3151 -80.55 130.95 11.00
CA GLN G 3151 -81.01 132.10 10.24
C GLN G 3151 -79.83 132.93 9.74
N PHE G 3152 -79.03 133.42 10.69
CA PHE G 3152 -77.87 134.24 10.36
C PHE G 3152 -76.79 133.41 9.67
N GLY G 3153 -76.92 132.09 9.76
CA GLY G 3153 -75.99 131.18 9.10
C GLY G 3153 -76.13 131.29 7.58
N ASP G 3154 -77.28 131.78 7.13
CA ASP G 3154 -77.51 132.00 5.72
C ASP G 3154 -76.76 133.25 5.26
N ASP G 3155 -76.53 134.17 6.20
CA ASP G 3155 -75.79 135.39 5.92
C ASP G 3155 -74.30 135.13 6.04
N VAL G 3156 -73.94 133.97 6.59
CA VAL G 3156 -72.54 133.57 6.73
C VAL G 3156 -71.93 133.35 5.36
N ILE G 3157 -72.75 132.91 4.41
CA ILE G 3157 -72.31 132.75 3.03
C ILE G 3157 -72.10 134.12 2.41
N LEU G 3158 -72.90 135.09 2.85
CA LEU G 3158 -72.76 136.47 2.40
C LEU G 3158 -71.70 137.18 3.24
N ASP G 3159 -71.27 136.53 4.31
CA ASP G 3159 -70.21 137.06 5.17
C ASP G 3159 -68.86 136.59 4.69
N ASP G 3160 -68.85 135.92 3.53
CA ASP G 3160 -67.61 135.42 2.93
C ASP G 3160 -67.78 135.26 1.43
N VAL G 3161 -68.72 136.01 0.86
CA VAL G 3161 -68.97 135.96 -0.57
C VAL G 3161 -68.05 136.90 -1.32
N CYS G 3170 -69.82 131.72 12.98
CA CYS G 3170 -70.37 130.55 12.30
C CYS G 3170 -69.30 129.86 11.46
N SER G 3171 -68.77 128.76 11.97
CA SER G 3171 -67.74 128.00 11.26
C SER G 3171 -67.82 126.52 11.61
N ILE G 3172 -68.48 126.21 12.74
CA ILE G 3172 -68.65 124.83 13.16
C ILE G 3172 -70.12 124.56 13.47
N TYR G 3173 -70.95 125.57 13.29
CA TYR G 3173 -72.40 125.40 13.42
C TYR G 3173 -72.91 124.69 12.17
N SER G 3174 -72.13 124.78 11.10
CA SER G 3174 -72.42 124.07 9.87
C SER G 3174 -71.77 122.69 9.93
N LEU G 3175 -71.15 122.38 11.06
CA LEU G 3175 -70.48 121.11 11.25
C LEU G 3175 -71.10 120.34 12.42
N GLY G 3176 -70.98 120.90 13.63
CA GLY G 3176 -71.50 120.25 14.82
C GLY G 3176 -73.01 120.39 14.93
N THR G 3177 -73.50 121.62 14.77
CA THR G 3177 -74.93 121.89 14.88
C THR G 3177 -75.67 121.41 13.64
N THR G 3178 -74.92 121.06 12.60
CA THR G 3178 -75.51 120.54 11.37
C THR G 3178 -75.34 119.02 11.30
N LYS G 3179 -74.59 118.47 12.23
CA LYS G 3179 -74.38 117.03 12.29
C LYS G 3179 -75.66 116.34 12.74
N ASN G 3180 -76.10 116.64 13.96
CA ASN G 3180 -77.32 116.06 14.51
C ASN G 3180 -78.55 116.59 13.78
N THR G 3181 -78.40 117.75 13.14
CA THR G 3181 -79.49 118.34 12.37
C THR G 3181 -79.76 117.50 11.13
N TYR G 3182 -78.71 117.25 10.35
CA TYR G 3182 -78.83 116.44 9.15
C TYR G 3182 -79.11 114.98 9.51
N VAL G 3183 -78.65 114.57 10.69
CA VAL G 3183 -78.87 113.21 11.16
C VAL G 3183 -80.35 112.99 11.47
N GLU G 3184 -80.84 113.67 12.50
CA GLU G 3184 -82.22 113.51 12.95
C GLU G 3184 -83.25 113.77 11.84
N LYS G 3185 -82.88 114.63 10.90
CA LYS G 3185 -83.75 114.90 9.76
C LYS G 3185 -83.82 113.69 8.84
N LEU G 3186 -82.67 113.07 8.60
CA LEU G 3186 -82.60 111.89 7.75
C LEU G 3186 -82.89 110.63 8.54
N ARG G 3187 -82.88 110.75 9.87
CA ARG G 3187 -83.16 109.62 10.74
C ARG G 3187 -84.65 109.53 11.08
N PRO G 3188 -85.41 110.56 10.71
CA PRO G 3188 -86.84 110.58 10.93
C PRO G 3188 -87.49 109.38 10.25
N ALA G 3189 -87.71 109.50 8.95
CA ALA G 3189 -88.19 108.39 8.12
C ALA G 3189 -89.47 107.73 8.64
N LEU G 3190 -89.33 106.98 9.73
CA LEU G 3190 -90.45 106.23 10.30
C LEU G 3190 -91.58 107.15 10.75
N GLY G 3191 -91.44 107.72 11.95
CA GLY G 3191 -92.47 108.58 12.51
C GLY G 3191 -92.43 109.97 11.88
N GLU G 3192 -93.51 110.72 12.08
CA GLU G 3192 -93.62 112.08 11.54
C GLU G 3192 -94.68 112.87 12.31
N CYS G 3193 -94.22 113.79 13.15
CA CYS G 3193 -95.12 114.60 13.97
C CYS G 3193 -95.95 115.55 13.10
N LEU G 3194 -95.38 116.71 12.79
CA LEU G 3194 -96.06 117.69 11.96
C LEU G 3194 -95.06 118.64 11.31
N ALA G 3195 -95.49 119.88 11.09
CA ALA G 3195 -94.63 120.89 10.47
C ALA G 3195 -95.04 122.30 10.90
N ARG G 3196 -94.86 122.61 12.18
CA ARG G 3196 -95.20 123.92 12.72
C ARG G 3196 -94.01 124.87 12.65
N LEU G 3197 -94.08 125.84 11.75
CA LEU G 3197 -93.02 126.85 11.55
C LEU G 3197 -91.69 126.21 11.16
N ALA G 3198 -91.73 124.96 10.73
CA ALA G 3198 -90.54 124.27 10.28
C ALA G 3198 -90.21 124.66 8.85
N ALA G 3199 -91.25 124.78 8.04
CA ALA G 3199 -91.09 125.21 6.65
C ALA G 3199 -90.65 126.67 6.60
N ALA G 3200 -90.99 127.43 7.64
CA ALA G 3200 -90.58 128.82 7.75
C ALA G 3200 -89.06 128.90 7.84
N MET G 3201 -88.49 128.06 8.70
CA MET G 3201 -87.04 128.00 8.85
C MET G 3201 -86.42 127.28 7.65
N PRO G 3202 -87.18 126.36 7.07
CA PRO G 3202 -86.72 125.62 5.91
C PRO G 3202 -86.60 126.53 4.69
N VAL G 3203 -87.66 127.29 4.43
CA VAL G 3203 -87.67 128.21 3.29
C VAL G 3203 -86.66 129.33 3.50
N ALA G 3204 -86.37 129.62 4.77
CA ALA G 3204 -85.36 130.62 5.12
C ALA G 3204 -83.96 130.02 4.94
N PHE G 3205 -83.92 128.70 4.79
CA PHE G 3205 -82.67 127.99 4.59
C PHE G 3205 -82.57 127.44 3.17
N LEU G 3206 -83.69 126.99 2.62
CA LEU G 3206 -83.72 126.43 1.27
C LEU G 3206 -83.40 127.50 0.22
N GLU G 3207 -84.23 128.53 0.17
CA GLU G 3207 -84.07 129.61 -0.80
C GLU G 3207 -82.74 130.33 -0.59
N PRO G 3208 -82.28 130.35 0.66
CA PRO G 3208 -80.99 130.95 0.99
C PRO G 3208 -79.85 130.11 0.43
N GLN G 3209 -80.01 128.79 0.52
CA GLN G 3209 -79.00 127.86 0.03
C GLN G 3209 -79.19 127.60 -1.46
N LEU G 3210 -80.39 127.88 -1.97
CA LEU G 3210 -80.68 127.69 -3.39
C LEU G 3210 -79.90 128.69 -4.24
N ASN G 3211 -79.45 129.77 -3.61
CA ASN G 3211 -78.68 130.79 -4.31
C ASN G 3211 -77.33 131.01 -3.65
N GLU G 3212 -77.01 130.16 -2.67
CA GLU G 3212 -75.74 130.26 -1.96
C GLU G 3212 -74.61 129.60 -2.73
N TYR G 3213 -74.96 128.97 -3.84
CA TYR G 3213 -73.96 128.29 -4.68
C TYR G 3213 -73.43 129.24 -5.76
N ASN G 3214 -73.91 130.48 -5.74
CA ASN G 3214 -73.47 131.49 -6.70
C ASN G 3214 -72.21 132.19 -6.19
N ALA G 3215 -72.08 132.26 -4.87
CA ALA G 3215 -70.92 132.89 -4.24
C ALA G 3215 -69.67 132.04 -4.49
N CYS G 3216 -68.76 132.58 -5.30
CA CYS G 3216 -67.52 131.88 -5.63
C CYS G 3216 -66.52 131.94 -4.49
N SER G 3217 -65.25 131.71 -4.81
CA SER G 3217 -64.17 131.72 -3.82
C SER G 3217 -64.45 130.76 -2.68
N VAL G 3218 -65.27 131.20 -1.73
CA VAL G 3218 -65.64 130.37 -0.58
C VAL G 3218 -67.01 129.74 -0.80
N TYR G 3219 -67.02 128.53 -1.36
CA TYR G 3219 -68.27 127.82 -1.61
C TYR G 3219 -68.70 127.00 -0.41
N THR G 3220 -67.94 127.12 0.68
CA THR G 3220 -68.21 126.41 1.93
C THR G 3220 -68.23 124.90 1.70
N THR G 3221 -69.14 124.21 2.39
CA THR G 3221 -69.24 122.76 2.30
C THR G 3221 -70.52 122.34 1.59
N LYS G 3222 -70.48 121.19 0.94
CA LYS G 3222 -71.64 120.65 0.23
C LYS G 3222 -72.30 119.55 1.07
N SER G 3223 -71.81 119.38 2.30
CA SER G 3223 -72.37 118.39 3.21
C SER G 3223 -73.76 118.82 3.68
N PRO G 3224 -73.87 120.07 4.10
CA PRO G 3224 -75.16 120.61 4.54
C PRO G 3224 -76.07 120.85 3.35
N ARG G 3225 -75.47 120.84 2.16
CA ARG G 3225 -76.23 120.98 0.92
C ARG G 3225 -77.03 119.70 0.68
N GLU G 3226 -76.58 118.60 1.29
CA GLU G 3226 -77.28 117.33 1.20
C GLU G 3226 -78.20 117.16 2.41
N ARG G 3227 -78.11 118.09 3.35
CA ARG G 3227 -78.95 118.07 4.54
C ARG G 3227 -80.36 118.57 4.21
N ALA G 3228 -80.47 119.37 3.17
CA ALA G 3228 -81.76 119.85 2.70
C ALA G 3228 -82.56 118.68 2.14
N ILE G 3229 -81.85 117.75 1.50
CA ILE G 3229 -82.46 116.53 1.00
C ILE G 3229 -82.75 115.58 2.15
N LEU G 3230 -81.90 115.62 3.17
CA LEU G 3230 -82.07 114.79 4.35
C LEU G 3230 -83.30 115.22 5.13
N GLY G 3231 -83.63 116.49 5.06
CA GLY G 3231 -84.79 117.04 5.75
C GLY G 3231 -86.01 117.07 4.82
N LEU G 3232 -85.79 116.67 3.57
CA LEU G 3232 -86.86 116.65 2.58
C LEU G 3232 -87.79 115.46 2.80
N PRO G 3233 -88.52 115.48 3.91
CA PRO G 3233 -89.46 114.42 4.25
C PRO G 3233 -90.50 114.92 5.24
N ASN G 3234 -90.63 116.24 5.33
CA ASN G 3234 -91.58 116.85 6.26
C ASN G 3234 -92.98 116.90 5.66
N SER G 3235 -93.20 117.84 4.74
CA SER G 3235 -94.50 118.00 4.10
C SER G 3235 -94.35 118.59 2.70
N VAL G 3236 -95.30 119.41 2.31
CA VAL G 3236 -95.31 120.03 0.99
C VAL G 3236 -94.22 121.09 0.89
N PRO G 3241 -89.10 133.21 0.52
CA PRO G 3241 -90.12 132.48 -0.21
C PRO G 3241 -89.87 132.55 -1.72
N ASP G 3242 -89.68 131.40 -2.33
CA ASP G 3242 -89.46 131.32 -3.77
C ASP G 3242 -90.73 131.73 -4.51
N ILE G 3243 -91.87 131.24 -4.02
CA ILE G 3243 -93.17 131.56 -4.58
C ILE G 3243 -94.27 131.23 -3.58
N PRO G 3244 -93.90 131.15 -2.31
CA PRO G 3244 -94.84 130.82 -1.25
C PRO G 3244 -95.67 132.04 -0.87
N VAL G 3245 -96.63 132.39 -1.71
CA VAL G 3245 -97.50 133.52 -1.45
C VAL G 3245 -98.47 133.19 -0.33
N LEU G 3246 -99.33 132.20 -0.57
CA LEU G 3246 -100.28 131.75 0.44
C LEU G 3246 -99.71 130.59 1.25
N ASP G 3247 -98.51 130.78 1.78
CA ASP G 3247 -97.84 129.73 2.54
C ASP G 3247 -96.78 130.30 3.48
N ARG G 3248 -96.26 131.48 3.15
CA ARG G 3248 -95.20 132.08 3.94
C ARG G 3248 -95.62 133.40 4.58
N LEU G 3249 -95.36 134.50 3.88
CA LEU G 3249 -95.64 135.83 4.40
C LEU G 3249 -97.14 136.06 4.62
N MET G 3250 -97.94 135.75 3.59
CA MET G 3250 -99.38 135.93 3.67
C MET G 3250 -100.05 134.69 4.25
N ALA G 3251 -99.67 134.34 5.48
CA ALA G 3251 -100.24 133.18 6.16
C ALA G 3251 -99.99 133.24 7.66
N ASP G 3252 -100.25 134.41 8.25
CA ASP G 3252 -100.07 134.60 9.68
C ASP G 3252 -101.42 134.62 10.40
N ILE G 3253 -102.46 134.15 9.71
CA ILE G 3253 -103.80 134.12 10.28
C ILE G 3253 -103.99 132.87 11.14
N GLY G 3254 -103.63 131.73 10.60
CA GLY G 3254 -103.76 130.46 11.32
C GLY G 3254 -102.79 129.42 10.79
N ALA G 3261 -104.30 124.21 5.80
CA ALA G 3261 -103.28 123.21 5.50
C ALA G 3261 -103.89 121.96 4.87
N ARG G 3262 -104.92 122.17 4.06
CA ARG G 3262 -105.62 121.08 3.39
C ARG G 3262 -104.92 120.69 2.10
N TYR G 3263 -105.67 120.66 1.00
CA TYR G 3263 -105.13 120.26 -0.29
C TYR G 3263 -104.75 121.46 -1.14
N THR G 3264 -103.91 122.33 -0.59
CA THR G 3264 -103.41 123.48 -1.33
C THR G 3264 -102.51 123.02 -2.46
N GLU G 3265 -103.05 122.98 -3.67
CA GLU G 3265 -102.31 122.48 -4.83
C GLU G 3265 -101.13 123.38 -5.19
N MET G 3266 -100.16 123.46 -4.29
CA MET G 3266 -98.96 124.27 -4.49
C MET G 3266 -97.90 123.91 -3.47
N PRO G 3267 -96.75 123.47 -3.96
CA PRO G 3267 -95.64 123.08 -3.09
C PRO G 3267 -94.30 123.34 -3.79
N HIS G 3268 -93.77 122.30 -4.43
CA HIS G 3268 -92.56 122.44 -5.23
C HIS G 3268 -92.94 122.69 -6.69
N VAL G 3269 -94.15 123.22 -6.88
CA VAL G 3269 -94.66 123.51 -8.21
C VAL G 3269 -94.04 124.79 -8.76
N ILE G 3270 -93.28 125.49 -7.93
CA ILE G 3270 -92.56 126.70 -8.34
C ILE G 3270 -91.44 126.32 -9.30
N GLU G 3271 -91.08 125.03 -9.29
CA GLU G 3271 -90.06 124.52 -10.17
C GLU G 3271 -90.44 123.12 -10.66
N ILE G 3272 -91.74 122.88 -10.78
CA ILE G 3272 -92.24 121.59 -11.24
C ILE G 3272 -91.79 121.32 -12.67
N THR G 3273 -92.18 122.19 -13.59
CA THR G 3273 -91.77 122.08 -14.98
C THR G 3273 -90.58 123.00 -15.23
N LEU G 3274 -90.43 124.01 -14.36
CA LEU G 3274 -89.36 124.98 -14.49
C LEU G 3274 -87.99 124.32 -14.31
N PRO G 3275 -87.79 123.65 -13.18
CA PRO G 3275 -86.55 122.94 -12.93
C PRO G 3275 -86.42 121.76 -13.87
N MET G 3276 -87.56 121.25 -14.34
CA MET G 3276 -87.58 120.18 -15.31
C MET G 3276 -87.07 120.70 -16.65
N LEU G 3277 -87.54 121.89 -17.03
CA LEU G 3277 -87.07 122.53 -18.25
C LEU G 3277 -85.64 123.05 -18.05
N CYS G 3278 -85.32 123.44 -16.83
CA CYS G 3278 -83.98 123.91 -16.50
C CYS G 3278 -82.99 122.76 -16.60
N SER G 3279 -83.36 121.60 -16.07
CA SER G 3279 -82.52 120.42 -16.15
C SER G 3279 -82.43 119.93 -17.58
N TYR G 3280 -83.54 119.97 -18.31
CA TYR G 3280 -83.58 119.56 -19.70
C TYR G 3280 -82.67 120.45 -20.54
N LEU G 3281 -82.64 121.73 -20.20
CA LEU G 3281 -81.77 122.69 -20.88
C LEU G 3281 -80.33 122.50 -20.40
N PRO G 3282 -80.17 122.17 -19.13
CA PRO G 3282 -78.86 121.90 -18.56
C PRO G 3282 -78.30 120.62 -19.17
N ARG G 3283 -79.19 119.67 -19.43
CA ARG G 3283 -78.80 118.42 -20.07
C ARG G 3283 -78.55 118.65 -21.56
N TRP G 3284 -79.34 119.53 -22.15
CA TRP G 3284 -79.19 119.88 -23.56
C TRP G 3284 -77.82 120.50 -23.81
N TRP G 3285 -77.42 121.39 -22.91
CA TRP G 3285 -76.09 121.99 -22.96
C TRP G 3285 -75.06 120.94 -22.57
N GLU G 3286 -73.79 121.23 -22.84
CA GLU G 3286 -72.70 120.31 -22.50
C GLU G 3286 -72.63 120.11 -20.99
N ARG G 3287 -72.57 121.22 -20.26
CA ARG G 3287 -72.53 121.21 -18.80
C ARG G 3287 -71.39 120.35 -18.25
N GLY G 3288 -70.28 120.30 -18.99
CA GLY G 3288 -69.13 119.50 -18.59
C GLY G 3288 -68.12 120.32 -17.80
N PRO G 3289 -68.60 121.02 -16.78
CA PRO G 3289 -67.74 121.85 -15.95
C PRO G 3289 -68.28 121.96 -14.53
N GLU G 3290 -67.44 122.41 -13.60
CA GLU G 3290 -67.83 122.59 -12.21
C GLU G 3290 -68.79 123.77 -12.09
N ALA G 3291 -68.69 124.71 -13.02
CA ALA G 3291 -69.58 125.87 -13.06
C ALA G 3291 -70.99 125.41 -13.39
N PRO G 3292 -71.09 124.34 -14.16
CA PRO G 3292 -72.39 123.75 -14.48
C PRO G 3292 -72.99 123.14 -13.22
N PRO G 3293 -74.30 122.94 -13.24
CA PRO G 3293 -75.05 122.44 -12.09
C PRO G 3293 -74.79 123.33 -10.87
N PRO G 3294 -73.65 123.14 -10.22
CA PRO G 3294 -73.24 123.94 -9.07
C PRO G 3294 -74.33 123.93 -7.99
N ALA G 3295 -75.36 124.74 -8.20
CA ALA G 3295 -76.52 124.74 -7.34
C ALA G 3295 -77.21 123.38 -7.43
N LEU G 3296 -77.39 122.91 -8.68
CA LEU G 3296 -77.99 121.60 -8.91
C LEU G 3296 -77.09 120.50 -8.37
N PRO G 3297 -75.78 120.74 -8.41
CA PRO G 3297 -74.82 119.78 -7.89
C PRO G 3297 -74.85 119.75 -6.36
N ALA G 3298 -75.64 120.65 -5.77
CA ALA G 3298 -75.76 120.73 -4.32
C ALA G 3298 -77.20 120.96 -3.88
N GLY G 3299 -78.16 120.68 -4.75
CA GLY G 3299 -79.57 120.85 -4.39
C GLY G 3299 -80.50 119.98 -5.24
N ALA G 3300 -80.09 119.66 -6.47
CA ALA G 3300 -80.94 118.85 -7.34
C ALA G 3300 -80.96 117.40 -6.91
N PRO G 3301 -80.14 117.06 -5.91
CA PRO G 3301 -80.16 115.74 -5.31
C PRO G 3301 -81.38 115.62 -4.41
N PRO G 3302 -81.96 116.76 -4.06
CA PRO G 3302 -83.17 116.80 -3.24
C PRO G 3302 -84.41 116.76 -4.12
N PRO G 3303 -84.20 116.81 -5.44
CA PRO G 3303 -85.30 116.78 -6.39
C PRO G 3303 -85.86 115.37 -6.54
N CYS G 3304 -85.13 114.40 -6.01
CA CYS G 3304 -85.55 113.00 -6.07
C CYS G 3304 -86.36 112.62 -4.84
N THR G 3305 -86.22 113.41 -3.78
CA THR G 3305 -86.94 113.14 -2.54
C THR G 3305 -88.42 113.49 -2.67
N ALA G 3306 -88.76 114.17 -3.76
CA ALA G 3306 -90.14 114.57 -4.02
C ALA G 3306 -90.99 113.39 -4.48
N VAL G 3307 -90.34 112.25 -4.72
CA VAL G 3307 -91.05 111.05 -5.15
C VAL G 3307 -91.55 110.26 -3.95
N THR G 3308 -91.49 110.86 -2.77
CA THR G 3308 -91.92 110.21 -1.54
C THR G 3308 -93.43 110.23 -1.39
N SER G 3309 -93.97 111.40 -1.03
CA SER G 3309 -95.39 111.55 -0.79
C SER G 3309 -96.21 111.39 -2.07
N ASP G 3310 -95.55 111.54 -3.21
CA ASP G 3310 -96.21 111.41 -4.51
C ASP G 3310 -96.29 109.94 -4.94
N HIS G 3311 -96.64 109.08 -3.99
CA HIS G 3311 -96.70 107.63 -4.21
C HIS G 3311 -95.39 107.12 -4.79
N LEU G 3312 -95.47 106.42 -5.92
CA LEU G 3312 -94.27 106.01 -6.64
C LEU G 3312 -93.79 107.17 -7.49
N ASN G 3313 -94.54 107.45 -8.55
CA ASN G 3313 -94.25 108.57 -9.43
C ASN G 3313 -95.43 108.83 -10.37
N SER G 3314 -96.30 109.75 -9.98
CA SER G 3314 -97.44 110.13 -10.81
C SER G 3314 -96.94 110.63 -12.16
N LEU G 3315 -95.92 111.49 -12.10
CA LEU G 3315 -95.21 111.90 -13.31
C LEU G 3315 -94.12 110.87 -13.58
N LEU G 3316 -94.53 109.70 -14.05
CA LEU G 3316 -93.61 108.59 -14.27
C LEU G 3316 -92.52 108.91 -15.29
N GLY G 3317 -92.90 109.64 -16.33
CA GLY G 3317 -91.96 110.03 -17.37
C GLY G 3317 -90.90 110.97 -16.81
N ASN G 3318 -91.29 111.76 -15.82
CA ASN G 3318 -90.37 112.69 -15.18
C ASN G 3318 -89.31 111.93 -14.39
N ILE G 3319 -89.73 110.86 -13.73
CA ILE G 3319 -88.80 110.02 -12.97
C ILE G 3319 -88.04 109.09 -13.90
N LEU G 3320 -88.51 108.98 -15.14
CA LEU G 3320 -87.86 108.15 -16.14
C LEU G 3320 -86.98 109.00 -17.06
N ARG G 3321 -86.80 110.26 -16.70
CA ARG G 3321 -86.00 111.17 -17.52
C ARG G 3321 -85.04 111.99 -16.66
N ILE G 3322 -85.45 112.26 -15.41
CA ILE G 3322 -84.62 113.02 -14.48
C ILE G 3322 -83.30 112.32 -14.23
N ILE G 3323 -83.35 110.99 -14.16
CA ILE G 3323 -82.15 110.18 -14.00
C ILE G 3323 -81.41 110.07 -15.33
N VAL G 3324 -82.18 110.01 -16.42
CA VAL G 3324 -81.60 109.92 -17.75
C VAL G 3324 -80.87 111.20 -18.10
N ASN G 3325 -81.44 112.34 -17.70
CA ASN G 3325 -80.80 113.63 -17.91
C ASN G 3325 -79.61 113.77 -16.97
N ASN G 3326 -79.73 113.16 -15.79
CA ASN G 3326 -78.63 113.12 -14.85
C ASN G 3326 -77.53 112.20 -15.38
N LEU G 3327 -77.95 111.16 -16.08
CA LEU G 3327 -77.02 110.23 -16.71
C LEU G 3327 -76.29 110.92 -17.86
N GLY G 3328 -76.98 111.86 -18.51
CA GLY G 3328 -76.39 112.64 -19.58
C GLY G 3328 -75.26 113.50 -19.05
N ILE G 3329 -75.42 113.98 -17.81
CA ILE G 3329 -74.37 114.72 -17.13
C ILE G 3329 -73.19 113.80 -16.84
N ASP G 3330 -73.50 112.53 -16.59
CA ASP G 3330 -72.48 111.51 -16.39
C ASP G 3330 -71.97 111.03 -17.75
N GLU G 3331 -72.83 111.13 -18.77
CA GLU G 3331 -72.45 110.76 -20.12
C GLU G 3331 -71.56 111.84 -20.72
N ALA G 3332 -71.59 113.03 -20.12
CA ALA G 3332 -70.74 114.13 -20.54
C ALA G 3332 -69.27 113.81 -20.27
N THR G 3333 -69.06 112.91 -19.30
CA THR G 3333 -67.72 112.42 -18.93
C THR G 3333 -66.84 113.52 -18.33
N TRP G 3334 -66.38 113.28 -17.10
CA TRP G 3334 -65.51 114.22 -16.41
C TRP G 3334 -64.09 114.18 -16.97
N MET G 3335 -63.16 114.79 -16.25
CA MET G 3335 -61.77 114.84 -16.69
C MET G 3335 -60.87 114.06 -15.73
N LYS G 3336 -59.74 114.66 -15.37
CA LYS G 3336 -58.80 114.02 -14.44
C LYS G 3336 -59.41 113.94 -13.05
N ARG G 3337 -59.20 115.00 -12.26
CA ARG G 3337 -59.83 115.08 -10.94
C ARG G 3337 -61.32 115.34 -11.12
N LEU G 3338 -61.66 116.57 -11.51
CA LEU G 3338 -63.03 116.95 -11.84
C LEU G 3338 -64.03 116.57 -10.75
N ALA G 3339 -64.83 115.56 -11.02
CA ALA G 3339 -65.85 115.11 -10.08
C ALA G 3339 -65.27 114.07 -9.12
N VAL G 3340 -64.17 114.42 -8.46
CA VAL G 3340 -63.54 113.54 -7.49
C VAL G 3340 -64.43 113.38 -6.26
N PHE G 3341 -64.92 114.50 -5.74
CA PHE G 3341 -65.83 114.49 -4.61
C PHE G 3341 -67.26 114.62 -5.10
N ALA G 3342 -67.42 115.00 -6.36
CA ALA G 3342 -68.74 115.16 -6.96
C ALA G 3342 -69.22 113.83 -7.55
N GLN G 3343 -69.35 112.82 -6.70
CA GLN G 3343 -69.81 111.50 -7.12
C GLN G 3343 -70.40 110.77 -5.93
N PRO G 3344 -70.48 111.45 -4.79
CA PRO G 3344 -71.04 110.86 -3.58
C PRO G 3344 -72.56 110.98 -3.58
N ILE G 3345 -73.10 111.57 -4.63
CA ILE G 3345 -74.55 111.72 -4.77
C ILE G 3345 -75.16 110.48 -5.41
N VAL G 3346 -74.33 109.46 -5.60
CA VAL G 3346 -74.79 108.20 -6.19
C VAL G 3346 -75.67 107.44 -5.21
N SER G 3347 -75.58 107.81 -3.93
CA SER G 3347 -76.40 107.18 -2.89
C SER G 3347 -77.88 107.49 -3.12
N ARG G 3348 -78.16 108.72 -3.52
CA ARG G 3348 -79.53 109.12 -3.82
C ARG G 3348 -79.96 108.53 -5.16
N ALA G 3349 -78.98 108.26 -6.02
CA ALA G 3349 -79.24 107.66 -7.32
C ALA G 3349 -79.71 106.21 -7.17
N ARG G 3350 -79.37 105.62 -6.04
CA ARG G 3350 -79.79 104.25 -5.75
C ARG G 3350 -81.16 104.24 -5.08
N PRO G 3351 -81.96 105.26 -5.40
CA PRO G 3351 -83.31 105.36 -4.85
C PRO G 3351 -84.26 105.87 -5.93
N GLU G 3352 -83.68 106.48 -6.96
CA GLU G 3352 -84.47 106.97 -8.10
C GLU G 3352 -84.85 105.81 -9.01
N LEU G 3353 -84.20 104.67 -8.81
CA LEU G 3353 -84.48 103.49 -9.60
C LEU G 3353 -85.53 102.61 -8.92
N LEU G 3354 -86.21 103.18 -7.93
CA LEU G 3354 -87.26 102.46 -7.22
C LEU G 3354 -88.43 102.13 -8.14
N HIS G 3355 -89.15 103.16 -8.56
CA HIS G 3355 -90.24 103.00 -9.52
C HIS G 3355 -89.72 103.21 -10.93
N SER G 3356 -88.50 102.76 -11.18
CA SER G 3356 -87.87 102.90 -12.48
C SER G 3356 -88.63 102.11 -13.54
N HIS G 3357 -89.64 102.73 -14.12
CA HIS G 3357 -90.41 102.11 -15.19
C HIS G 3357 -89.72 102.35 -16.54
N PHE G 3358 -88.40 102.24 -16.54
CA PHE G 3358 -87.60 102.47 -17.74
C PHE G 3358 -87.70 101.29 -18.69
N ILE G 3359 -88.91 100.92 -19.07
CA ILE G 3359 -89.13 99.85 -20.03
C ILE G 3359 -88.68 100.32 -21.41
N PRO G 3360 -88.58 101.64 -21.57
CA PRO G 3360 -88.08 102.23 -22.79
C PRO G 3360 -86.63 101.82 -22.98
N THR G 3361 -85.74 102.37 -22.16
CA THR G 3361 -84.31 102.10 -22.24
C THR G 3361 -83.80 102.30 -23.66
N ILE G 3362 -83.56 101.20 -24.36
CA ILE G 3362 -83.15 101.23 -25.76
C ILE G 3362 -81.96 102.15 -25.99
N GLY G 3363 -82.25 103.43 -26.21
CA GLY G 3363 -81.22 104.44 -26.36
C GLY G 3363 -80.55 104.69 -25.01
N ARG G 3364 -81.35 104.70 -23.95
CA ARG G 3364 -80.84 104.83 -22.60
C ARG G 3364 -80.05 103.58 -22.22
N LEU G 3365 -80.51 102.44 -22.74
CA LEU G 3365 -79.79 101.19 -22.57
C LEU G 3365 -78.50 101.24 -23.37
N ARG G 3366 -78.58 101.83 -24.56
CA ARG G 3366 -77.40 102.03 -25.40
C ARG G 3366 -76.52 103.10 -24.79
N LYS G 3367 -77.13 104.07 -24.11
CA LYS G 3367 -76.39 105.11 -23.42
C LYS G 3367 -75.54 104.50 -22.31
N ARG G 3368 -76.04 103.40 -21.74
CA ARG G 3368 -75.30 102.66 -20.71
C ARG G 3368 -74.40 101.62 -21.35
N ALA G 3369 -74.66 101.32 -22.62
CA ALA G 3369 -73.89 100.30 -23.33
C ALA G 3369 -72.80 100.92 -24.20
N GLY G 3370 -73.20 101.82 -25.10
CA GLY G 3370 -72.26 102.43 -26.03
C GLY G 3370 -71.19 103.24 -25.30
N LYS G 3371 -71.56 103.87 -24.19
CA LYS G 3371 -70.62 104.62 -23.38
C LYS G 3371 -69.62 103.67 -22.75
N VAL G 3372 -70.13 102.56 -22.21
CA VAL G 3372 -69.29 101.53 -21.64
C VAL G 3372 -68.42 100.90 -22.72
N VAL G 3373 -69.01 100.74 -23.91
CA VAL G 3373 -68.28 100.23 -25.06
C VAL G 3373 -67.21 101.24 -25.46
N ALA G 3374 -67.54 102.52 -25.36
CA ALA G 3374 -66.58 103.58 -25.60
C ALA G 3374 -65.54 103.56 -24.49
N GLU G 3375 -65.99 103.27 -23.28
CA GLU G 3375 -65.11 103.14 -22.13
C GLU G 3375 -64.24 101.89 -22.30
N GLU G 3376 -64.83 100.83 -22.84
CA GLU G 3376 -64.10 99.61 -23.12
C GLU G 3376 -63.07 99.86 -24.20
N GLU G 3377 -63.44 100.70 -25.17
CA GLU G 3377 -62.52 101.08 -26.24
C GLU G 3377 -61.43 101.99 -25.68
N GLN G 3378 -61.82 102.84 -24.73
CA GLN G 3378 -60.87 103.75 -24.08
C GLN G 3378 -59.93 102.96 -23.19
N LEU G 3379 -60.47 101.96 -22.49
CA LEU G 3379 -59.67 101.09 -21.64
C LEU G 3379 -58.74 100.25 -22.51
N ARG G 3380 -59.25 99.79 -23.64
CA ARG G 3380 -58.45 99.03 -24.59
C ARG G 3380 -57.37 99.92 -25.19
N LEU G 3381 -57.67 101.20 -25.32
CA LEU G 3381 -56.70 102.16 -25.83
C LEU G 3381 -55.64 102.45 -24.77
N GLU G 3382 -55.93 102.07 -23.54
CA GLU G 3382 -54.99 102.25 -22.43
C GLU G 3382 -54.33 100.94 -22.06
N ALA G 3383 -55.08 99.85 -22.13
CA ALA G 3383 -54.56 98.53 -21.78
C ALA G 3383 -53.58 98.03 -22.84
N LYS G 3384 -53.95 98.19 -24.11
CA LYS G 3384 -53.08 97.79 -25.21
C LYS G 3384 -51.88 98.73 -25.29
N ALA G 3385 -52.03 99.93 -24.75
CA ALA G 3385 -50.93 100.88 -24.67
C ALA G 3385 -49.97 100.48 -23.56
N GLU G 3386 -50.41 99.53 -22.73
CA GLU G 3386 -49.58 98.99 -21.67
C GLU G 3386 -49.18 97.55 -21.99
N ALA G 3387 -50.02 96.88 -22.76
CA ALA G 3387 -49.77 95.50 -23.15
C ALA G 3387 -48.76 95.43 -24.30
N GLU G 3388 -48.82 96.41 -25.19
CA GLU G 3388 -47.91 96.44 -26.34
C GLU G 3388 -46.81 97.48 -26.12
N GLU G 3389 -46.33 97.58 -24.89
CA GLU G 3389 -45.28 98.54 -24.56
C GLU G 3389 -44.32 97.96 -23.53
N GLY G 3390 -43.55 96.95 -23.95
CA GLY G 3390 -42.54 96.34 -23.09
C GLY G 3390 -41.15 96.60 -23.65
N GLU G 3391 -40.84 97.87 -23.89
CA GLU G 3391 -39.56 98.25 -24.46
C GLU G 3391 -38.58 98.66 -23.36
N LEU G 3392 -38.72 98.06 -22.18
CA LEU G 3392 -37.86 98.32 -21.04
C LEU G 3392 -37.80 99.80 -20.69
N LEU G 3393 -38.90 100.32 -20.14
CA LEU G 3393 -38.98 101.72 -19.74
C LEU G 3393 -40.03 101.91 -18.66
N VAL G 3394 -39.58 102.34 -17.48
CA VAL G 3394 -40.48 102.56 -16.35
C VAL G 3394 -41.11 103.94 -16.40
N ARG G 3395 -40.84 104.66 -17.49
CA ARG G 3395 -41.41 105.99 -17.68
C ARG G 3395 -42.87 105.90 -18.12
N ASP G 3396 -43.25 104.74 -18.63
CA ASP G 3396 -44.62 104.51 -19.08
C ASP G 3396 -45.55 104.25 -17.90
N GLU G 3397 -44.96 104.05 -16.72
CA GLU G 3397 -45.73 103.80 -15.50
C GLU G 3397 -46.60 105.00 -15.15
N PHE G 3398 -46.17 106.18 -15.58
CA PHE G 3398 -46.95 107.40 -15.37
C PHE G 3398 -47.98 107.56 -16.46
N SER G 3399 -47.71 106.97 -17.62
CA SER G 3399 -48.59 107.09 -18.78
C SER G 3399 -49.57 105.91 -18.85
N VAL G 3400 -49.03 104.70 -18.97
CA VAL G 3400 -49.84 103.49 -19.05
C VAL G 3400 -50.64 103.29 -17.77
N LEU G 3401 -49.95 103.22 -16.65
CA LEU G 3401 -50.61 103.11 -15.36
C LEU G 3401 -51.03 104.50 -14.88
N CYS G 3402 -51.29 104.65 -13.59
CA CYS G 3402 -51.72 105.92 -13.00
C CYS G 3402 -53.01 106.44 -13.64
N ARG G 3403 -52.95 106.73 -14.93
CA ARG G 3403 -54.12 107.19 -15.67
C ARG G 3403 -55.20 106.12 -15.74
N ASP G 3404 -54.80 104.87 -15.52
CA ASP G 3404 -55.73 103.75 -15.51
C ASP G 3404 -56.69 103.88 -14.32
N LEU G 3405 -56.20 104.48 -13.24
CA LEU G 3405 -57.01 104.68 -12.05
C LEU G 3405 -58.07 105.75 -12.28
N TYR G 3406 -57.82 106.62 -13.24
CA TYR G 3406 -58.77 107.69 -13.57
C TYR G 3406 -60.01 107.09 -14.24
N ALA G 3407 -59.79 106.16 -15.15
CA ALA G 3407 -60.89 105.48 -15.85
C ALA G 3407 -61.52 104.44 -14.93
N LEU G 3408 -60.73 103.92 -14.00
CA LEU G 3408 -61.20 102.91 -13.05
C LEU G 3408 -62.25 103.51 -12.12
N TYR G 3409 -61.93 104.66 -11.54
CA TYR G 3409 -62.85 105.35 -10.63
C TYR G 3409 -64.08 105.81 -11.39
N PRO G 3410 -63.90 106.09 -12.68
CA PRO G 3410 -65.02 106.48 -13.53
C PRO G 3410 -65.91 105.27 -13.80
N LEU G 3411 -65.29 104.09 -13.92
CA LEU G 3411 -66.01 102.86 -14.17
C LEU G 3411 -66.76 102.40 -12.93
N LEU G 3412 -66.27 102.80 -11.77
CA LEU G 3412 -66.91 102.45 -10.50
C LEU G 3412 -68.01 103.44 -10.14
N ILE G 3413 -68.66 103.99 -11.16
CA ILE G 3413 -69.73 104.96 -10.96
C ILE G 3413 -70.99 104.52 -11.70
N ARG G 3414 -70.82 104.06 -12.94
CA ARG G 3414 -71.95 103.62 -13.74
C ARG G 3414 -72.38 102.21 -13.37
N TYR G 3415 -71.43 101.43 -12.84
CA TYR G 3415 -71.70 100.04 -12.46
C TYR G 3415 -72.55 99.99 -11.20
N VAL G 3416 -72.50 101.04 -10.39
CA VAL G 3416 -73.28 101.10 -9.16
C VAL G 3416 -74.71 101.57 -9.45
N ASP G 3417 -75.00 101.83 -10.72
CA ASP G 3417 -76.33 102.27 -11.12
C ASP G 3417 -77.02 101.20 -11.96
N ASN G 3418 -76.24 100.47 -12.75
CA ASN G 3418 -76.80 99.44 -13.62
C ASN G 3418 -77.18 98.18 -12.84
N ASN G 3419 -76.62 98.06 -11.63
CA ASN G 3419 -76.90 96.90 -10.78
C ASN G 3419 -78.36 96.87 -10.35
N ARG G 3420 -78.82 97.96 -9.76
CA ARG G 3420 -80.22 98.08 -9.33
C ARG G 3420 -81.14 98.09 -10.55
N ALA G 3421 -80.61 98.53 -11.68
CA ALA G 3421 -81.38 98.55 -12.92
C ALA G 3421 -81.63 97.13 -13.42
N HIS G 3422 -80.67 96.25 -13.18
CA HIS G 3422 -80.79 94.86 -13.59
C HIS G 3422 -81.51 94.03 -12.52
N TRP G 3423 -81.78 94.66 -11.38
CA TRP G 3423 -82.49 93.99 -10.30
C TRP G 3423 -83.99 94.14 -10.44
N LEU G 3424 -84.42 94.47 -11.66
CA LEU G 3424 -85.84 94.62 -11.96
C LEU G 3424 -86.09 94.30 -13.44
N THR G 3425 -85.05 94.47 -14.25
CA THR G 3425 -85.13 94.17 -15.67
C THR G 3425 -84.54 92.80 -15.95
N GLU G 3426 -85.02 91.80 -15.21
CA GLU G 3426 -84.53 90.43 -15.36
C GLU G 3426 -85.68 89.45 -15.55
N PRO G 3427 -86.85 89.83 -15.04
CA PRO G 3427 -88.04 88.98 -15.15
C PRO G 3427 -88.48 88.86 -16.59
N ASN G 3428 -89.03 89.94 -17.15
CA ASN G 3428 -89.49 89.95 -18.52
C ASN G 3428 -88.33 89.81 -19.51
N ALA G 3429 -87.14 90.19 -19.06
CA ALA G 3429 -85.95 90.11 -19.89
C ALA G 3429 -85.57 88.66 -20.17
N ASN G 3430 -85.59 87.83 -19.12
CA ASN G 3430 -85.25 86.42 -19.26
C ASN G 3430 -86.44 85.63 -19.81
N ALA G 3431 -87.64 86.17 -19.61
CA ALA G 3431 -88.84 85.55 -20.13
C ALA G 3431 -89.09 85.99 -21.56
N GLU G 3432 -90.14 85.45 -22.18
CA GLU G 3432 -90.51 85.76 -23.56
C GLU G 3432 -89.35 85.51 -24.52
N GLU G 3433 -88.48 86.51 -24.66
CA GLU G 3433 -87.34 86.40 -25.55
C GLU G 3433 -86.08 86.98 -24.91
N LEU G 3434 -85.27 87.66 -25.72
CA LEU G 3434 -84.03 88.27 -25.23
C LEU G 3434 -83.58 89.38 -26.17
N PHE G 3435 -82.47 89.15 -26.87
CA PHE G 3435 -81.93 90.06 -27.88
C PHE G 3435 -81.51 91.42 -27.32
N ARG G 3436 -82.41 92.06 -26.56
CA ARG G 3436 -82.15 93.38 -25.98
C ARG G 3436 -80.94 93.37 -25.06
N MET G 3437 -80.98 92.54 -24.02
CA MET G 3437 -79.90 92.47 -23.04
C MET G 3437 -78.72 91.66 -23.58
N VAL G 3438 -78.91 91.05 -24.74
CA VAL G 3438 -77.85 90.25 -25.35
C VAL G 3438 -76.68 91.14 -25.77
N GLY G 3439 -76.98 92.40 -26.07
CA GLY G 3439 -75.94 93.35 -26.45
C GLY G 3439 -75.09 93.70 -25.24
N GLU G 3440 -75.72 93.81 -24.08
CA GLU G 3440 -75.03 94.13 -22.84
C GLU G 3440 -74.12 92.98 -22.43
N ILE G 3441 -74.61 91.74 -22.60
CA ILE G 3441 -73.86 90.56 -22.22
C ILE G 3441 -72.63 90.38 -23.11
N PHE G 3442 -72.78 90.72 -24.39
CA PHE G 3442 -71.69 90.58 -25.34
C PHE G 3442 -70.63 91.66 -25.10
N ILE G 3443 -71.04 92.75 -24.46
CA ILE G 3443 -70.14 93.86 -24.19
C ILE G 3443 -69.79 93.93 -22.70
N TYR G 3444 -70.18 92.91 -21.94
CA TYR G 3444 -69.90 92.87 -20.52
C TYR G 3444 -68.53 92.25 -20.25
N TRP G 3445 -67.76 92.06 -21.31
CA TRP G 3445 -66.41 91.49 -21.18
C TRP G 3445 -65.40 92.59 -20.89
N SER G 3446 -65.77 93.52 -20.02
CA SER G 3446 -64.89 94.62 -19.64
C SER G 3446 -63.73 94.11 -18.79
N LYS G 3447 -64.06 93.52 -17.64
CA LYS G 3447 -63.06 92.95 -16.76
C LYS G 3447 -62.44 91.72 -17.39
N SER G 3448 -63.18 91.08 -18.29
CA SER G 3448 -62.68 89.93 -19.03
C SER G 3448 -61.56 90.37 -19.97
N HIS G 3449 -61.62 91.62 -20.39
CA HIS G 3449 -60.57 92.20 -21.22
C HIS G 3449 -59.70 93.12 -20.39
N ASN G 3450 -59.73 92.90 -19.07
CA ASN G 3450 -58.94 93.71 -18.15
C ASN G 3450 -58.55 92.91 -16.90
N PHE G 3451 -59.42 92.94 -15.90
CA PHE G 3451 -59.17 92.27 -14.62
C PHE G 3451 -58.91 90.78 -14.80
N LYS G 3452 -59.53 90.18 -15.82
CA LYS G 3452 -59.34 88.78 -16.11
C LYS G 3452 -58.33 88.58 -17.23
N ARG G 3453 -57.93 89.69 -17.85
CA ARG G 3453 -56.96 89.64 -18.95
C ARG G 3453 -55.55 89.88 -18.44
N GLU G 3454 -55.30 89.51 -17.19
CA GLU G 3454 -53.99 89.64 -16.55
C GLU G 3454 -53.48 91.09 -16.55
N GLU G 3455 -54.40 92.04 -16.58
CA GLU G 3455 -54.04 93.45 -16.49
C GLU G 3455 -53.80 93.82 -15.04
N GLN G 3456 -52.56 93.70 -14.59
CA GLN G 3456 -52.20 94.00 -13.21
C GLN G 3456 -52.49 95.46 -12.89
N ASN G 3457 -52.31 96.34 -13.87
CA ASN G 3457 -52.57 97.75 -13.70
C ASN G 3457 -54.06 98.00 -13.43
N PHE G 3458 -54.91 97.37 -14.23
CA PHE G 3458 -56.36 97.47 -14.04
C PHE G 3458 -56.74 96.76 -12.73
N VAL G 3459 -55.98 95.72 -12.40
CA VAL G 3459 -56.18 95.01 -11.15
C VAL G 3459 -55.61 95.84 -10.00
N VAL G 3460 -54.70 96.74 -10.32
CA VAL G 3460 -54.11 97.63 -9.32
C VAL G 3460 -55.06 98.78 -9.01
N GLN G 3461 -56.23 98.45 -8.50
CA GLN G 3461 -57.18 99.46 -8.06
C GLN G 3461 -56.54 100.25 -6.92
N ASN G 3462 -55.90 99.53 -6.01
CA ASN G 3462 -55.13 100.12 -4.92
C ASN G 3462 -55.94 101.18 -4.18
N GLU G 3463 -55.80 102.43 -4.61
CA GLU G 3463 -56.57 103.53 -4.03
C GLU G 3463 -58.06 103.32 -4.32
N ILE G 3464 -58.36 102.83 -5.52
CA ILE G 3464 -59.72 102.51 -5.90
C ILE G 3464 -60.22 101.32 -5.08
N ASN G 3465 -59.29 100.47 -4.68
CA ASN G 3465 -59.61 99.32 -3.84
C ASN G 3465 -59.68 99.73 -2.37
N ASN G 3466 -59.02 100.83 -2.04
CA ASN G 3466 -58.99 101.32 -0.66
C ASN G 3466 -59.92 102.51 -0.46
N MET G 3467 -59.43 103.69 -0.79
CA MET G 3467 -60.20 104.92 -0.60
C MET G 3467 -61.03 105.26 -1.84
N SER G 3468 -61.31 104.26 -2.65
CA SER G 3468 -62.11 104.41 -3.88
C SER G 3468 -61.52 105.47 -4.81
N VAL G 3511 -60.34 90.52 -3.82
CA VAL G 3511 -61.53 90.38 -2.98
C VAL G 3511 -62.79 90.38 -3.83
N ALA G 3512 -63.90 90.84 -3.24
CA ALA G 3512 -65.17 90.88 -3.94
C ALA G 3512 -65.76 92.29 -3.91
N THR G 3513 -65.66 93.00 -5.02
CA THR G 3513 -66.19 94.35 -5.12
C THR G 3513 -66.45 94.75 -6.57
N LEU G 3514 -67.68 94.55 -7.02
CA LEU G 3514 -68.11 94.90 -8.37
C LEU G 3514 -67.21 94.31 -9.45
N LYS G 3515 -66.91 95.10 -10.47
CA LYS G 3515 -66.04 94.68 -11.58
C LYS G 3515 -66.57 93.43 -12.26
N LYS G 3516 -66.35 92.27 -11.63
CA LYS G 3516 -66.81 91.01 -12.18
C LYS G 3516 -68.03 90.49 -11.40
N MET G 3517 -68.28 91.09 -10.24
CA MET G 3517 -69.41 90.70 -9.41
C MET G 3517 -70.73 91.07 -10.08
N LEU G 3518 -70.69 92.10 -10.93
CA LEU G 3518 -71.89 92.53 -11.64
C LEU G 3518 -72.21 91.58 -12.79
N PRO G 3519 -71.18 90.92 -13.31
CA PRO G 3519 -71.37 89.98 -14.41
C PRO G 3519 -72.10 88.73 -13.95
N ILE G 3520 -71.98 88.43 -12.66
CA ILE G 3520 -72.63 87.25 -12.09
C ILE G 3520 -74.14 87.36 -12.08
N GLY G 3521 -74.63 88.60 -12.04
CA GLY G 3521 -76.07 88.85 -12.02
C GLY G 3521 -76.70 88.61 -13.37
N LEU G 3522 -75.90 88.71 -14.43
CA LEU G 3522 -76.39 88.52 -15.79
C LEU G 3522 -75.74 87.32 -16.47
N ASN G 3523 -74.89 86.61 -15.72
CA ASN G 3523 -74.22 85.43 -16.25
C ASN G 3523 -75.24 84.37 -16.63
N MET G 3524 -76.31 84.27 -15.84
CA MET G 3524 -77.38 83.34 -16.11
C MET G 3524 -78.15 83.77 -17.35
N CYS G 3525 -78.32 85.08 -17.52
CA CYS G 3525 -79.03 85.63 -18.67
C CYS G 3525 -78.18 85.50 -19.92
N ALA G 3526 -76.87 85.37 -19.73
CA ALA G 3526 -75.94 85.21 -20.84
C ALA G 3526 -76.00 83.78 -21.37
N PRO G 3527 -76.09 82.82 -20.45
CA PRO G 3527 -76.17 81.41 -20.82
C PRO G 3527 -77.61 81.02 -21.13
N THR G 3528 -78.54 81.94 -20.89
CA THR G 3528 -79.95 81.70 -21.13
C THR G 3528 -80.23 81.60 -22.62
N ASP G 3529 -79.53 82.42 -23.41
CA ASP G 3529 -79.71 82.43 -24.85
C ASP G 3529 -78.66 81.57 -25.52
N GLN G 3530 -77.97 80.75 -24.73
CA GLN G 3530 -76.94 79.87 -25.25
C GLN G 3530 -77.55 78.61 -25.87
N ASP G 3531 -77.02 77.46 -25.50
CA ASP G 3531 -77.48 76.18 -26.04
C ASP G 3531 -78.87 75.85 -25.51
N LEU G 3532 -79.84 75.82 -26.41
CA LEU G 3532 -81.21 75.45 -26.06
C LEU G 3532 -81.41 73.95 -26.24
N ILE G 3533 -80.30 73.22 -26.33
CA ILE G 3533 -80.32 71.78 -26.51
C ILE G 3533 -79.00 71.15 -26.12
N MET G 3534 -78.12 70.97 -27.10
CA MET G 3534 -76.84 70.29 -26.87
C MET G 3534 -75.71 71.27 -26.60
N LEU G 3535 -75.19 71.24 -25.38
CA LEU G 3535 -74.02 72.02 -25.02
C LEU G 3535 -72.77 71.27 -25.45
N ALA G 3536 -72.22 70.46 -24.53
CA ALA G 3536 -71.10 69.56 -24.82
C ALA G 3536 -69.86 70.28 -25.34
N LYS G 3537 -69.96 70.87 -26.53
CA LYS G 3537 -68.84 71.53 -27.17
C LYS G 3537 -68.29 72.68 -26.34
N THR G 3538 -69.13 73.23 -25.47
CA THR G 3538 -68.71 74.31 -24.57
C THR G 3538 -67.64 73.79 -23.61
N ARG G 3539 -67.78 72.54 -23.20
CA ARG G 3539 -66.81 71.91 -22.31
C ARG G 3539 -65.49 71.67 -23.05
N TYR G 3540 -65.60 71.34 -24.34
CA TYR G 3540 -64.42 71.14 -25.17
C TYR G 3540 -63.76 72.48 -25.45
N ALA G 3541 -64.58 73.53 -25.53
CA ALA G 3541 -64.08 74.87 -25.76
C ALA G 3541 -63.45 75.41 -24.47
N LEU G 3542 -63.96 74.96 -23.34
CA LEU G 3542 -63.41 75.34 -22.05
C LEU G 3542 -62.03 74.73 -21.87
N LYS G 3543 -61.85 73.53 -22.41
CA LYS G 3543 -60.56 72.86 -22.37
C LYS G 3543 -59.63 73.47 -23.41
N ASP G 3544 -60.21 73.97 -24.49
CA ASP G 3544 -59.44 74.60 -25.56
C ASP G 3544 -58.91 75.95 -25.08
N THR G 3545 -59.76 76.74 -24.43
CA THR G 3545 -59.36 78.03 -23.90
C THR G 3545 -58.40 77.85 -22.74
N ASP G 3546 -58.47 76.69 -22.09
CA ASP G 3546 -57.57 76.37 -20.99
C ASP G 3546 -56.16 76.11 -21.53
N GLU G 3547 -56.08 75.75 -22.81
CA GLU G 3547 -54.80 75.51 -23.46
C GLU G 3547 -54.27 76.80 -24.07
N GLU G 3548 -54.98 77.90 -23.82
CA GLU G 3548 -54.61 79.22 -24.32
C GLU G 3548 -54.46 79.24 -25.84
N VAL G 3549 -55.60 79.27 -26.54
CA VAL G 3549 -55.60 79.31 -27.99
C VAL G 3549 -56.08 80.68 -28.48
N ARG G 3550 -55.47 81.73 -27.94
CA ARG G 3550 -55.79 83.11 -28.31
C ARG G 3550 -57.27 83.43 -28.12
N GLU G 3551 -57.98 83.61 -29.24
CA GLU G 3551 -59.40 83.93 -29.20
C GLU G 3551 -60.11 83.37 -30.44
N PHE G 3552 -59.89 84.03 -31.57
CA PHE G 3552 -60.47 83.58 -32.83
C PHE G 3552 -59.67 82.40 -33.39
N LEU G 3553 -58.51 82.16 -32.81
CA LEU G 3553 -57.64 81.06 -33.24
C LEU G 3553 -58.18 79.74 -32.72
N GLN G 3554 -59.15 79.80 -31.82
CA GLN G 3554 -59.78 78.61 -31.28
C GLN G 3554 -61.13 78.36 -31.96
N ASN G 3555 -61.77 79.44 -32.38
CA ASN G 3555 -63.07 79.35 -33.05
C ASN G 3555 -62.96 78.56 -34.35
N ASN G 3556 -61.87 78.77 -35.07
CA ASN G 3556 -61.60 78.03 -36.29
C ASN G 3556 -61.39 76.56 -35.98
N LEU G 3557 -60.77 76.30 -34.84
CA LEU G 3557 -60.58 74.93 -34.37
C LEU G 3557 -61.89 74.38 -33.83
N HIS G 3558 -62.72 75.28 -33.30
CA HIS G 3558 -64.04 74.89 -32.79
C HIS G 3558 -65.01 74.69 -33.96
N LEU G 3559 -64.70 75.33 -35.09
CA LEU G 3559 -65.51 75.18 -36.28
C LEU G 3559 -65.41 73.75 -36.81
N GLN G 3560 -64.29 73.10 -36.50
CA GLN G 3560 -64.09 71.70 -36.87
C GLN G 3560 -64.27 70.80 -35.65
N GLY G 3561 -65.52 70.57 -35.28
CA GLY G 3561 -65.83 69.73 -34.13
C GLY G 3561 -67.05 68.86 -34.40
N LYS G 3562 -67.06 68.21 -35.56
CA LYS G 3562 -68.15 67.34 -35.98
C LYS G 3562 -69.50 68.06 -35.92
N VAL G 3563 -70.26 67.79 -34.87
CA VAL G 3563 -71.56 68.43 -34.68
C VAL G 3563 -72.03 68.27 -33.23
N GLU G 3564 -73.13 68.94 -32.91
CA GLU G 3564 -73.72 68.82 -31.58
C GLU G 3564 -74.40 67.46 -31.44
N GLY G 3565 -74.07 66.75 -30.37
CA GLY G 3565 -74.63 65.41 -30.14
C GLY G 3565 -75.44 65.34 -28.86
N SER G 3566 -76.70 64.94 -28.98
CA SER G 3566 -77.60 64.82 -27.84
C SER G 3566 -78.80 63.95 -28.19
N PRO G 3567 -78.83 62.73 -27.62
CA PRO G 3567 -79.93 61.81 -27.88
C PRO G 3567 -79.98 60.70 -26.82
N SER G 3568 -80.07 61.11 -25.56
CA SER G 3568 -80.15 60.14 -24.45
C SER G 3568 -80.87 60.75 -23.26
N LEU G 3569 -80.20 60.72 -22.10
CA LEU G 3569 -80.77 61.27 -20.87
C LEU G 3569 -80.89 62.79 -20.98
N ARG G 3570 -81.56 63.39 -20.00
CA ARG G 3570 -81.87 64.83 -20.02
C ARG G 3570 -82.59 65.18 -21.32
N TRP G 3571 -82.10 66.20 -22.02
CA TRP G 3571 -82.67 66.63 -23.29
C TRP G 3571 -84.16 66.91 -23.17
N GLN G 3572 -85.06 65.93 -23.28
CA GLN G 3572 -86.50 66.07 -23.02
C GLN G 3572 -86.80 66.50 -21.57
N MET G 3573 -85.91 66.22 -20.62
CA MET G 3573 -85.97 66.80 -19.27
C MET G 3573 -85.51 68.26 -19.19
N ALA G 3574 -84.98 68.84 -20.27
CA ALA G 3574 -84.42 70.20 -20.30
C ALA G 3574 -84.70 70.96 -21.61
N LEU G 3575 -84.34 70.42 -22.78
CA LEU G 3575 -84.54 71.11 -24.05
C LEU G 3575 -86.01 71.12 -24.47
N TYR G 3576 -86.84 70.34 -23.78
CA TYR G 3576 -88.27 70.30 -24.07
C TYR G 3576 -88.89 71.66 -23.78
N ARG G 3577 -88.43 72.29 -22.70
CA ARG G 3577 -88.89 73.62 -22.32
C ARG G 3577 -88.26 74.65 -23.25
N GLY G 3578 -87.04 74.39 -23.68
CA GLY G 3578 -86.32 75.28 -24.58
C GLY G 3578 -86.89 75.21 -25.99
N LEU G 3579 -87.57 74.10 -26.30
CA LEU G 3579 -88.19 73.94 -27.60
C LEU G 3579 -89.59 74.53 -27.62
N PRO G 3580 -89.93 75.25 -26.55
CA PRO G 3580 -91.23 75.89 -26.42
C PRO G 3580 -91.08 77.32 -25.95
N GLY G 3581 -89.88 77.68 -25.50
CA GLY G 3581 -89.62 79.03 -25.00
C GLY G 3581 -88.77 79.83 -25.98
N ARG G 3582 -88.01 79.12 -26.82
CA ARG G 3582 -87.16 79.78 -27.80
C ARG G 3582 -87.99 80.31 -28.97
N GLU G 3583 -88.23 79.44 -29.94
CA GLU G 3583 -88.97 79.80 -31.16
C GLU G 3583 -88.33 81.00 -31.85
N GLU G 3584 -87.09 80.82 -32.30
CA GLU G 3584 -86.35 81.89 -32.96
C GLU G 3584 -85.80 81.44 -34.31
N ASP G 3585 -84.66 80.76 -34.28
CA ASP G 3585 -84.02 80.28 -35.51
C ASP G 3585 -83.07 79.13 -35.22
N ALA G 3586 -82.54 78.54 -36.29
CA ALA G 3586 -81.60 77.43 -36.19
C ALA G 3586 -80.79 77.28 -37.48
N ASP G 3587 -79.49 77.53 -37.39
CA ASP G 3587 -78.62 77.44 -38.55
C ASP G 3587 -77.16 77.26 -38.14
N ASP G 3588 -76.26 77.33 -39.12
CA ASP G 3588 -74.83 77.17 -38.88
C ASP G 3588 -74.14 78.53 -38.81
N PRO G 3589 -74.94 79.59 -38.85
CA PRO G 3589 -74.41 80.95 -38.76
C PRO G 3589 -73.92 81.24 -37.34
N GLU G 3590 -74.48 80.52 -36.38
CA GLU G 3590 -74.06 80.67 -34.99
C GLU G 3590 -72.65 80.13 -34.81
N LYS G 3591 -72.48 78.84 -35.09
CA LYS G 3591 -71.19 78.16 -34.97
C LYS G 3591 -70.59 78.39 -33.58
N ILE G 3592 -69.42 79.02 -33.55
CA ILE G 3592 -68.81 79.45 -32.30
C ILE G 3592 -69.48 80.76 -31.89
N VAL G 3593 -68.67 81.82 -31.77
CA VAL G 3593 -69.17 83.16 -31.46
C VAL G 3593 -70.09 83.16 -30.23
N ARG G 3594 -71.34 82.78 -30.44
CA ARG G 3594 -72.30 82.65 -29.35
C ARG G 3594 -71.86 81.55 -28.40
N ARG G 3595 -71.17 80.54 -28.95
CA ARG G 3595 -70.62 79.46 -28.14
C ARG G 3595 -69.25 79.87 -27.62
N VAL G 3596 -68.57 80.74 -28.36
CA VAL G 3596 -67.26 81.24 -27.96
C VAL G 3596 -67.41 82.45 -27.06
N GLN G 3597 -68.64 82.84 -26.79
CA GLN G 3597 -68.92 84.00 -25.95
C GLN G 3597 -68.61 83.68 -24.49
N GLU G 3598 -69.45 82.85 -23.88
CA GLU G 3598 -69.31 82.52 -22.47
C GLU G 3598 -68.22 81.46 -22.25
N VAL G 3599 -67.67 80.93 -23.33
CA VAL G 3599 -66.63 79.92 -23.25
C VAL G 3599 -65.39 80.45 -22.56
N SER G 3600 -64.71 81.39 -23.23
CA SER G 3600 -63.50 81.99 -22.67
C SER G 3600 -63.85 82.95 -21.53
N ALA G 3601 -65.09 83.39 -21.49
CA ALA G 3601 -65.55 84.32 -20.46
C ALA G 3601 -65.62 83.64 -19.11
N VAL G 3602 -66.34 82.52 -19.04
CA VAL G 3602 -66.48 81.78 -17.80
C VAL G 3602 -65.22 80.98 -17.48
N LEU G 3603 -64.34 80.87 -18.46
CA LEU G 3603 -63.08 80.15 -18.29
C LEU G 3603 -62.20 80.87 -17.28
N TYR G 3604 -61.96 82.16 -17.52
CA TYR G 3604 -61.17 82.98 -16.61
C TYR G 3604 -61.91 83.20 -15.30
N HIS G 3605 -63.24 83.22 -15.38
CA HIS G 3605 -64.08 83.37 -14.20
C HIS G 3605 -63.93 82.16 -13.29
N LEU G 3606 -63.71 81.00 -13.89
CA LEU G 3606 -63.48 79.78 -13.15
C LEU G 3606 -62.11 79.82 -12.50
N GLU G 3607 -61.14 80.40 -13.22
CA GLU G 3607 -59.78 80.52 -12.72
C GLU G 3607 -59.73 81.49 -11.54
N GLN G 3608 -60.63 82.46 -11.55
CA GLN G 3608 -60.74 83.42 -10.46
C GLN G 3608 -61.35 82.75 -9.23
N THR G 3609 -62.02 81.63 -9.45
CA THR G 3609 -62.65 80.88 -8.36
C THR G 3609 -61.93 79.56 -8.14
N GLU G 3610 -60.90 79.29 -8.93
CA GLU G 3610 -60.12 78.06 -8.81
C GLU G 3610 -59.16 78.15 -7.64
N HIS G 3611 -57.87 78.25 -7.95
CA HIS G 3611 -56.85 78.38 -6.92
C HIS G 3611 -56.84 79.80 -6.36
N PRO G 3612 -57.46 80.71 -7.10
CA PRO G 3612 -57.57 82.10 -6.68
C PRO G 3612 -58.67 82.27 -5.63
N TYR G 3613 -59.56 81.29 -5.55
CA TYR G 3613 -60.64 81.31 -4.59
C TYR G 3613 -61.16 79.90 -4.31
N LEU G 3623 -37.07 75.26 11.83
CA LEU G 3623 -37.80 76.56 11.89
C LEU G 3623 -37.10 77.48 12.89
N LEU G 3624 -37.15 77.12 14.18
CA LEU G 3624 -36.47 77.93 15.23
C LEU G 3624 -36.68 77.25 16.58
N SER G 3625 -35.58 76.92 17.26
CA SER G 3625 -35.67 76.30 18.61
C SER G 3625 -36.04 77.37 19.64
N LYS G 3626 -36.07 76.97 20.92
CA LYS G 3626 -36.37 77.94 22.00
C LYS G 3626 -35.21 78.91 22.10
N GLN G 3627 -34.08 78.59 21.45
CA GLN G 3627 -32.89 79.45 21.63
C GLN G 3627 -32.72 80.37 20.41
N ARG G 3628 -32.36 79.82 19.26
CA ARG G 3628 -32.11 80.68 18.08
C ARG G 3628 -33.16 81.79 18.09
N ARG G 3629 -34.42 81.42 18.32
CA ARG G 3629 -35.49 82.43 18.40
C ARG G 3629 -34.95 83.65 19.14
N ARG G 3630 -34.67 83.50 20.44
CA ARG G 3630 -34.23 84.65 21.25
C ARG G 3630 -33.21 85.46 20.45
N ALA G 3631 -32.08 84.86 20.12
CA ALA G 3631 -31.01 85.59 19.44
C ALA G 3631 -31.58 86.56 18.40
N VAL G 3632 -32.43 86.07 17.50
CA VAL G 3632 -32.89 86.97 16.41
C VAL G 3632 -33.32 88.30 17.06
N VAL G 3633 -34.25 88.27 18.01
CA VAL G 3633 -34.61 89.52 18.73
C VAL G 3633 -33.31 90.26 19.05
N ALA G 3634 -32.48 89.70 19.93
CA ALA G 3634 -31.24 90.38 20.36
C ALA G 3634 -30.54 91.04 19.17
N CYS G 3635 -30.22 90.28 18.14
CA CYS G 3635 -29.45 90.82 17.00
C CYS G 3635 -30.00 92.17 16.58
N PHE G 3636 -31.28 92.42 16.85
CA PHE G 3636 -31.86 93.69 16.34
C PHE G 3636 -31.44 94.85 17.24
N ARG G 3637 -30.94 94.57 18.45
CA ARG G 3637 -30.64 95.66 19.40
C ARG G 3637 -29.14 95.89 19.58
N MET G 3638 -28.28 95.26 18.76
CA MET G 3638 -26.81 95.34 18.95
C MET G 3638 -26.34 96.79 18.85
N THR G 3639 -25.24 97.14 19.52
CA THR G 3639 -24.79 98.54 19.58
C THR G 3639 -23.94 98.98 18.40
N PRO G 3640 -24.11 100.21 17.87
CA PRO G 3640 -23.19 100.72 16.85
C PRO G 3640 -21.78 100.82 17.37
N LEU G 3641 -20.83 100.89 16.44
CA LEU G 3641 -19.42 100.93 16.81
C LEU G 3641 -19.03 102.29 17.39
N TYR G 3642 -19.69 103.36 16.94
CA TYR G 3642 -19.21 104.68 17.35
C TYR G 3642 -19.56 105.03 18.82
N ASN G 3643 -20.13 104.16 19.65
CA ASN G 3643 -20.34 104.50 21.07
C ASN G 3643 -19.43 103.68 21.97
N LEU G 3644 -18.33 103.17 21.43
CA LEU G 3644 -17.61 102.36 22.39
C LEU G 3644 -16.49 103.16 23.03
N PRO G 3645 -16.20 102.89 24.30
CA PRO G 3645 -15.07 103.55 24.96
C PRO G 3645 -13.76 103.22 24.25
N THR G 3646 -12.85 104.19 24.26
CA THR G 3646 -11.61 104.06 23.50
C THR G 3646 -10.79 102.86 23.98
N HIS G 3647 -10.71 102.66 25.30
CA HIS G 3647 -9.89 101.57 25.81
C HIS G 3647 -10.40 100.21 25.36
N ARG G 3648 -11.72 100.03 25.35
CA ARG G 3648 -12.28 98.73 24.94
C ARG G 3648 -12.21 98.56 23.43
N ALA G 3649 -12.35 99.64 22.66
CA ALA G 3649 -12.33 99.56 21.21
C ALA G 3649 -10.93 99.33 20.65
N CYS G 3650 -9.93 99.14 21.50
CA CYS G 3650 -8.57 98.81 21.08
C CYS G 3650 -8.27 97.33 21.25
N ASN G 3651 -8.72 96.72 22.35
CA ASN G 3651 -8.51 95.29 22.55
C ASN G 3651 -9.18 94.47 21.46
N MET G 3652 -10.35 94.88 21.00
CA MET G 3652 -10.99 94.17 19.90
C MET G 3652 -10.20 94.30 18.61
N PHE G 3653 -9.52 95.42 18.42
CA PHE G 3653 -8.72 95.61 17.21
C PHE G 3653 -7.58 94.60 17.14
N LEU G 3654 -6.82 94.47 18.23
CA LEU G 3654 -5.67 93.55 18.23
C LEU G 3654 -6.12 92.11 18.04
N GLU G 3655 -7.15 91.69 18.79
CA GLU G 3655 -7.62 90.32 18.68
C GLU G 3655 -8.18 90.04 17.29
N SER G 3656 -8.87 91.02 16.70
CA SER G 3656 -9.39 90.85 15.35
C SER G 3656 -8.30 91.00 14.29
N TYR G 3657 -7.22 91.72 14.59
CA TYR G 3657 -6.18 91.97 13.60
C TYR G 3657 -5.18 90.79 13.56
N LYS G 3658 -5.61 89.63 14.06
CA LYS G 3658 -4.90 88.38 13.77
C LYS G 3658 -5.33 87.89 12.39
N ALA G 3659 -5.23 88.79 11.42
CA ALA G 3659 -5.50 88.47 10.02
C ALA G 3659 -4.41 89.04 9.12
N ALA G 3660 -3.25 89.42 9.68
CA ALA G 3660 -2.09 89.80 8.90
C ALA G 3660 -0.83 89.03 9.29
N TRP G 3661 -0.77 88.41 10.46
CA TRP G 3661 0.30 87.50 10.80
C TRP G 3661 -0.04 86.04 10.51
N ILE G 3662 -1.23 85.60 10.89
CA ILE G 3662 -1.56 84.18 10.81
C ILE G 3662 -1.57 83.70 9.35
N LEU G 3663 -1.81 84.60 8.41
CA LEU G 3663 -1.80 84.21 7.00
C LEU G 3663 -0.48 84.53 6.30
N THR G 3664 0.22 85.57 6.73
CA THR G 3664 1.51 85.86 6.12
C THR G 3664 2.51 84.75 6.45
N GLU G 3665 3.41 84.50 5.51
CA GLU G 3665 4.43 83.47 5.67
C GLU G 3665 5.82 84.11 5.59
N ASP G 3666 6.67 83.79 6.57
CA ASP G 3666 8.03 84.27 6.55
C ASP G 3666 8.97 83.32 5.83
N HIS G 3667 8.61 82.03 5.78
CA HIS G 3667 9.47 80.98 5.24
C HIS G 3667 10.83 81.08 5.90
N SER G 3668 11.79 81.71 5.21
CA SER G 3668 13.08 82.08 5.77
C SER G 3668 13.74 80.90 6.49
N PHE G 3669 13.63 80.88 7.81
CA PHE G 3669 14.21 79.80 8.60
C PHE G 3669 13.54 78.47 8.30
N GLU G 3670 14.22 77.65 7.50
CA GLU G 3670 13.79 76.35 6.98
C GLU G 3670 14.92 75.78 6.15
N ASP G 3671 15.24 76.47 5.06
CA ASP G 3671 16.34 76.10 4.16
C ASP G 3671 17.64 76.82 4.51
N ARG G 3672 17.55 78.08 4.96
CA ARG G 3672 18.75 78.76 5.44
C ARG G 3672 19.18 78.27 6.80
N MET G 3673 18.29 77.58 7.53
CA MET G 3673 18.64 77.06 8.85
C MET G 3673 19.61 75.90 8.75
N ILE G 3674 19.19 74.82 8.10
CA ILE G 3674 20.05 73.65 7.95
C ILE G 3674 21.24 73.94 7.05
N ASP G 3675 21.22 75.05 6.33
CA ASP G 3675 22.36 75.41 5.49
C ASP G 3675 23.50 76.01 6.32
N ASP G 3676 23.23 77.11 7.02
CA ASP G 3676 24.28 77.74 7.82
C ASP G 3676 24.61 76.91 9.06
N LEU G 3677 23.59 76.39 9.73
CA LEU G 3677 23.80 75.41 10.78
C LEU G 3677 24.11 74.06 10.13
N SER G 3678 24.59 73.11 10.94
CA SER G 3678 24.90 71.77 10.49
C SER G 3678 25.93 71.78 9.38
N LYS G 3679 25.46 71.76 8.13
CA LYS G 3679 26.35 71.81 6.98
C LYS G 3679 27.20 73.07 7.04
N ALA G 3680 28.46 72.93 6.59
CA ALA G 3680 29.48 73.96 6.68
C ALA G 3680 29.78 74.36 8.13
N GLY G 3681 29.29 73.60 9.10
CA GLY G 3681 29.62 73.89 10.49
C GLY G 3681 31.09 73.68 10.79
N GLU G 3682 31.65 72.58 10.31
CA GLU G 3682 33.07 72.29 10.51
C GLU G 3682 33.87 73.15 9.54
N GLN G 3683 34.20 74.36 9.98
CA GLN G 3683 34.93 75.30 9.16
C GLN G 3683 36.44 75.07 9.31
N GLU G 3684 37.24 75.99 8.77
CA GLU G 3684 38.69 75.89 8.86
C GLU G 3684 39.22 76.19 10.25
N GLU G 3685 38.35 76.37 11.24
CA GLU G 3685 38.81 76.60 12.60
C GLU G 3685 39.60 75.42 13.14
N GLU G 3686 39.15 74.20 12.82
CA GLU G 3686 39.86 73.00 13.25
C GLU G 3686 41.26 72.97 12.65
N GLU G 3687 42.24 72.63 13.47
CA GLU G 3687 43.63 72.63 13.07
C GLU G 3687 44.18 71.25 12.75
N GLU G 3688 43.82 70.24 13.55
CA GLU G 3688 44.35 68.90 13.36
C GLU G 3688 43.37 67.88 13.90
N GLU G 3689 43.53 66.64 13.46
CA GLU G 3689 42.71 65.53 13.91
C GLU G 3689 43.54 64.26 13.83
N VAL G 3690 43.08 63.23 14.55
CA VAL G 3690 43.83 61.98 14.62
C VAL G 3690 43.00 60.82 14.08
N GLU G 3691 41.90 60.51 14.75
CA GLU G 3691 41.08 59.37 14.34
C GLU G 3691 39.62 59.73 14.12
N GLU G 3692 39.04 60.60 14.95
CA GLU G 3692 37.65 60.99 14.86
C GLU G 3692 37.53 62.45 14.44
N LYS G 3693 36.31 62.95 14.42
CA LYS G 3693 36.04 64.33 14.04
C LYS G 3693 35.10 64.97 15.04
N LYS G 3694 35.28 66.27 15.25
CA LYS G 3694 34.45 67.01 16.18
C LYS G 3694 33.03 67.08 15.65
N PRO G 3695 32.02 66.69 16.44
CA PRO G 3695 30.63 66.74 15.95
C PRO G 3695 30.22 68.16 15.55
N ASP G 3696 29.57 68.27 14.40
CA ASP G 3696 29.09 69.54 13.90
C ASP G 3696 27.88 70.02 14.71
N PRO G 3697 27.56 71.32 14.64
CA PRO G 3697 26.56 71.87 15.57
C PRO G 3697 25.23 71.14 15.62
N LEU G 3698 24.73 70.65 14.49
CA LEU G 3698 23.47 69.90 14.51
C LEU G 3698 23.63 68.61 15.30
N HIS G 3699 24.80 67.97 15.21
CA HIS G 3699 24.99 66.68 15.87
C HIS G 3699 24.84 66.80 17.38
N GLN G 3700 25.25 67.92 17.97
CA GLN G 3700 25.03 68.12 19.40
C GLN G 3700 23.54 68.21 19.71
N LEU G 3701 22.77 68.86 18.83
CA LEU G 3701 21.36 69.09 19.11
C LEU G 3701 20.59 67.80 19.23
N VAL G 3702 20.71 66.92 18.24
CA VAL G 3702 19.88 65.72 18.21
C VAL G 3702 20.22 64.79 19.37
N LEU G 3703 21.51 64.62 19.64
CA LEU G 3703 21.93 63.74 20.74
C LEU G 3703 21.42 64.27 22.07
N HIS G 3704 21.28 65.59 22.20
CA HIS G 3704 20.68 66.15 23.40
C HIS G 3704 19.24 65.66 23.57
N PHE G 3705 18.46 65.65 22.48
CA PHE G 3705 17.11 65.10 22.56
C PHE G 3705 17.15 63.61 22.85
N SER G 3706 18.10 62.89 22.25
CA SER G 3706 18.30 61.50 22.60
C SER G 3706 18.72 61.37 24.06
N ARG G 3707 19.55 62.30 24.54
CA ARG G 3707 19.99 62.26 25.93
C ARG G 3707 18.82 62.40 26.89
N THR G 3708 17.96 63.40 26.67
CA THR G 3708 16.81 63.58 27.54
C THR G 3708 15.74 62.52 27.34
N ALA G 3709 15.72 61.86 26.18
CA ALA G 3709 14.75 60.80 25.97
C ALA G 3709 15.07 59.58 26.84
N LEU G 3710 16.34 59.26 27.00
CA LEU G 3710 16.74 58.10 27.80
C LEU G 3710 16.64 58.35 29.29
N THR G 3711 16.42 59.59 29.72
CA THR G 3711 16.31 59.86 31.15
C THR G 3711 15.17 59.04 31.75
N GLU G 3712 15.46 58.36 32.86
CA GLU G 3712 14.49 57.45 33.46
C GLU G 3712 13.38 58.27 34.12
N LYS G 3713 12.22 58.30 33.47
CA LYS G 3713 11.09 59.08 33.96
C LYS G 3713 9.83 58.27 33.74
N SER G 3714 8.72 58.75 34.31
CA SER G 3714 7.45 58.06 34.19
C SER G 3714 6.66 58.50 32.97
N LYS G 3715 6.51 59.81 32.78
CA LYS G 3715 5.80 60.36 31.63
C LYS G 3715 6.57 61.54 31.08
N LEU G 3716 6.62 61.64 29.76
CA LEU G 3716 7.33 62.74 29.12
C LEU G 3716 6.65 64.07 29.41
N ASP G 3717 7.47 65.11 29.55
CA ASP G 3717 6.97 66.45 29.82
C ASP G 3717 6.58 67.11 28.50
N GLU G 3718 6.29 68.41 28.55
CA GLU G 3718 5.86 69.11 27.33
C GLU G 3718 7.04 69.48 26.45
N ASP G 3719 7.94 70.32 26.95
CA ASP G 3719 9.16 70.70 26.24
C ASP G 3719 8.82 71.24 24.85
N TYR G 3720 8.15 72.39 24.83
CA TYR G 3720 7.76 73.00 23.56
C TYR G 3720 8.97 73.26 22.69
N LEU G 3721 10.14 73.42 23.30
CA LEU G 3721 11.38 73.58 22.54
C LEU G 3721 11.58 72.41 21.58
N TYR G 3722 11.17 71.20 21.99
CA TYR G 3722 11.25 70.05 21.10
C TYR G 3722 10.32 70.22 19.91
N MET G 3723 9.11 70.74 20.13
CA MET G 3723 8.19 70.99 19.02
C MET G 3723 8.76 71.99 18.04
N ALA G 3724 9.40 73.05 18.54
CA ALA G 3724 9.88 74.11 17.67
C ALA G 3724 10.91 73.60 16.68
N TYR G 3725 11.75 72.66 17.10
CA TYR G 3725 12.77 72.10 16.23
C TYR G 3725 12.32 70.85 15.48
N ALA G 3726 11.38 70.10 16.03
CA ALA G 3726 10.89 68.92 15.33
C ALA G 3726 10.20 69.32 14.02
N ASP G 3727 9.40 70.38 14.05
CA ASP G 3727 8.69 70.79 12.85
C ASP G 3727 9.63 71.35 11.79
N ILE G 3728 10.60 72.17 12.21
CA ILE G 3728 11.47 72.80 11.22
C ILE G 3728 12.42 71.79 10.59
N MET G 3729 12.68 70.66 11.27
CA MET G 3729 13.46 69.60 10.63
C MET G 3729 12.66 68.86 9.56
N ALA G 3730 11.33 68.93 9.61
CA ALA G 3730 10.52 68.19 8.66
C ALA G 3730 10.39 68.90 7.32
N LYS G 3731 10.09 70.20 7.35
CA LYS G 3731 9.94 70.96 6.11
C LYS G 3731 11.27 71.13 5.38
N SER G 3732 12.39 70.86 6.01
CA SER G 3732 13.69 70.98 5.36
C SER G 3732 13.91 69.91 4.28
N CYS G 3733 13.06 68.89 4.22
CA CYS G 3733 13.22 67.80 3.27
C CYS G 3733 12.16 67.79 2.18
N HIS G 3734 10.88 67.87 2.56
CA HIS G 3734 9.77 67.71 1.63
C HIS G 3734 9.46 68.96 0.82
N LEU G 3735 10.39 69.92 0.77
CA LEU G 3735 10.14 71.17 0.05
C LEU G 3735 9.76 70.89 -1.41
N GLU G 3736 10.50 70.01 -2.08
CA GLU G 3736 10.22 69.65 -3.46
C GLU G 3736 9.26 68.48 -3.59
N GLU G 3737 8.86 67.86 -2.47
CA GLU G 3737 7.95 66.73 -2.52
C GLU G 3737 6.55 67.16 -2.95
N GLU G 3747 -3.58 69.57 -16.82
CA GLU G 3747 -3.24 70.83 -16.18
C GLU G 3747 -1.73 70.95 -15.98
N GLU G 3748 -0.99 69.99 -16.51
CA GLU G 3748 0.46 69.97 -16.38
C GLU G 3748 1.05 69.08 -17.48
N VAL G 3749 2.09 69.58 -18.15
CA VAL G 3749 2.71 68.81 -19.21
C VAL G 3749 3.39 67.57 -18.63
N GLU G 3750 3.63 66.59 -19.49
CA GLU G 3750 4.28 65.35 -19.08
C GLU G 3750 5.73 65.63 -18.70
N VAL G 3751 6.17 65.03 -17.60
CA VAL G 3751 7.52 65.22 -17.10
C VAL G 3751 8.50 64.37 -17.92
N SER G 3752 9.59 64.98 -18.36
CA SER G 3752 10.61 64.25 -19.08
C SER G 3752 11.41 63.36 -18.14
N PHE G 3753 12.13 62.40 -18.72
CA PHE G 3753 12.87 61.42 -17.94
C PHE G 3753 13.98 62.07 -17.14
N GLU G 3754 14.76 62.94 -17.78
CA GLU G 3754 15.97 63.47 -17.14
C GLU G 3754 15.66 64.32 -15.91
N GLU G 3755 14.57 65.09 -15.95
CA GLU G 3755 14.30 66.03 -14.85
C GLU G 3755 13.82 65.31 -13.60
N LYS G 3756 13.04 64.23 -13.76
CA LYS G 3756 12.38 63.63 -12.61
C LYS G 3756 13.38 62.97 -11.66
N GLU G 3757 14.53 62.52 -12.17
CA GLU G 3757 15.56 62.03 -11.26
C GLU G 3757 16.15 63.13 -10.39
N MET G 3758 16.19 64.37 -10.89
CA MET G 3758 16.73 65.47 -10.10
C MET G 3758 15.93 65.66 -8.82
N GLU G 3759 14.61 65.54 -8.89
CA GLU G 3759 13.80 65.65 -7.68
C GLU G 3759 14.09 64.50 -6.72
N LYS G 3760 14.06 63.26 -7.22
CA LYS G 3760 14.30 62.13 -6.32
C LYS G 3760 15.78 61.99 -5.93
N GLN G 3761 16.69 62.68 -6.60
CA GLN G 3761 18.05 62.76 -6.09
C GLN G 3761 18.22 63.90 -5.09
N ARG G 3762 17.62 65.07 -5.37
CA ARG G 3762 17.65 66.15 -4.40
C ARG G 3762 16.96 65.76 -3.11
N LEU G 3763 15.80 65.11 -3.20
CA LEU G 3763 15.13 64.61 -2.00
C LEU G 3763 16.01 63.58 -1.28
N LEU G 3764 16.64 62.69 -2.05
CA LEU G 3764 17.50 61.68 -1.44
C LEU G 3764 18.70 62.32 -0.74
N TYR G 3765 19.20 63.43 -1.26
CA TYR G 3765 20.31 64.13 -0.62
C TYR G 3765 19.85 65.02 0.52
N GLN G 3766 18.70 65.67 0.38
CA GLN G 3766 18.21 66.57 1.41
C GLN G 3766 18.02 65.85 2.73
N GLN G 3767 17.50 64.62 2.69
CA GLN G 3767 17.40 63.81 3.89
C GLN G 3767 18.62 62.95 4.14
N SER G 3768 19.57 62.89 3.20
CA SER G 3768 20.79 62.13 3.43
C SER G 3768 21.61 62.74 4.56
N ARG G 3769 21.71 64.07 4.59
CA ARG G 3769 22.40 64.74 5.67
C ARG G 3769 21.68 64.56 7.01
N LEU G 3770 20.40 64.21 6.97
CA LEU G 3770 19.59 64.17 8.18
C LEU G 3770 19.41 62.75 8.72
N HIS G 3771 20.04 61.74 8.12
CA HIS G 3771 20.10 60.42 8.76
C HIS G 3771 21.51 59.96 9.06
N THR G 3772 22.51 60.40 8.29
CA THR G 3772 23.89 60.13 8.66
C THR G 3772 24.26 60.83 9.96
N ARG G 3773 23.73 62.04 10.16
CA ARG G 3773 24.06 62.86 11.32
C ARG G 3773 23.18 62.49 12.51
N GLY G 3774 23.34 61.25 12.96
CA GLY G 3774 22.55 60.74 14.06
C GLY G 3774 21.07 60.68 13.73
N ALA G 3775 20.29 61.55 14.35
CA ALA G 3775 18.88 61.76 14.01
C ALA G 3775 18.07 60.48 13.96
N ALA G 3776 17.89 59.91 12.77
CA ALA G 3776 16.96 58.82 12.50
C ALA G 3776 16.82 57.84 13.64
N GLU G 3777 17.94 57.46 14.27
CA GLU G 3777 17.86 56.65 15.47
C GLU G 3777 17.61 57.53 16.70
N MET G 3778 16.57 58.36 16.64
CA MET G 3778 16.05 58.98 17.85
C MET G 3778 14.53 58.92 17.84
N VAL G 3779 13.94 58.86 16.63
CA VAL G 3779 12.48 58.82 16.54
C VAL G 3779 11.93 57.53 17.13
N LEU G 3780 12.65 56.42 16.97
CA LEU G 3780 12.25 55.18 17.65
C LEU G 3780 12.40 55.33 19.16
N GLN G 3781 13.46 56.03 19.59
CA GLN G 3781 13.66 56.26 21.02
C GLN G 3781 12.60 57.20 21.58
N MET G 3782 12.13 58.16 20.78
CA MET G 3782 11.14 59.11 21.27
C MET G 3782 9.76 58.48 21.40
N ILE G 3783 9.38 57.64 20.44
CA ILE G 3783 8.08 56.97 20.51
C ILE G 3783 8.04 55.98 21.67
N SER G 3784 9.14 55.26 21.88
CA SER G 3784 9.16 54.24 22.92
C SER G 3784 8.95 54.85 24.31
N ALA G 3785 9.49 56.05 24.52
CA ALA G 3785 9.35 56.69 25.83
C ALA G 3785 7.89 57.01 26.14
N CYS G 3786 7.15 57.49 25.15
CA CYS G 3786 5.73 57.79 25.31
C CYS G 3786 4.93 56.50 25.17
N LYS G 3787 4.49 55.94 26.29
CA LYS G 3787 3.87 54.62 26.29
C LYS G 3787 2.57 54.58 25.49
N GLY G 3788 1.53 55.29 25.96
CA GLY G 3788 0.24 55.18 25.32
C GLY G 3788 -0.58 56.45 25.30
N GLU G 3789 0.05 57.60 25.49
CA GLU G 3789 -0.66 58.87 25.60
C GLU G 3789 -0.49 59.64 24.29
N THR G 3790 -1.60 59.79 23.56
CA THR G 3790 -1.56 60.41 22.24
C THR G 3790 -1.61 61.93 22.32
N GLY G 3791 -0.74 62.52 23.15
CA GLY G 3791 -0.66 63.94 23.26
C GLY G 3791 0.03 64.55 22.05
N ALA G 3792 0.41 65.82 22.20
CA ALA G 3792 1.12 66.53 21.15
C ALA G 3792 2.53 66.02 20.95
N MET G 3793 3.04 65.18 21.86
CA MET G 3793 4.40 64.68 21.78
C MET G 3793 4.64 63.85 20.52
N VAL G 3794 3.93 62.73 20.41
CA VAL G 3794 4.14 61.83 19.29
C VAL G 3794 3.64 62.43 17.99
N SER G 3795 2.59 63.25 18.05
CA SER G 3795 2.03 63.84 16.84
C SER G 3795 3.08 64.67 16.10
N SER G 3796 3.83 65.48 16.83
CA SER G 3796 4.91 66.23 16.21
C SER G 3796 6.13 65.36 15.92
N THR G 3797 6.21 64.18 16.51
CA THR G 3797 7.32 63.27 16.24
C THR G 3797 7.04 62.37 15.04
N LEU G 3798 5.84 61.80 14.98
CA LEU G 3798 5.45 61.01 13.81
C LEU G 3798 5.46 61.85 12.54
N LYS G 3799 5.14 63.14 12.65
CA LYS G 3799 5.21 64.02 11.50
C LYS G 3799 6.63 64.08 10.95
N LEU G 3800 7.63 64.07 11.83
CA LEU G 3800 9.02 64.05 11.38
C LEU G 3800 9.33 62.75 10.64
N GLY G 3801 8.99 61.61 11.25
CA GLY G 3801 9.42 60.34 10.72
C GLY G 3801 9.01 60.08 9.28
N ILE G 3802 7.89 60.67 8.86
CA ILE G 3802 7.49 60.54 7.46
C ILE G 3802 8.49 61.22 6.54
N SER G 3803 9.06 62.34 6.98
CA SER G 3803 9.91 63.13 6.10
C SER G 3803 11.26 62.46 5.85
N ILE G 3804 11.80 61.71 6.80
CA ILE G 3804 13.09 61.09 6.61
C ILE G 3804 12.99 59.96 5.59
N LEU G 3805 11.93 59.15 5.66
CA LEU G 3805 11.81 57.93 4.89
C LEU G 3805 10.66 57.96 3.88
N ASN G 3806 10.43 59.11 3.27
CA ASN G 3806 9.54 59.14 2.12
C ASN G 3806 10.17 58.40 0.94
N GLY G 3807 9.38 58.21 -0.11
CA GLY G 3807 9.84 57.38 -1.22
C GLY G 3807 10.10 55.97 -0.74
N GLY G 3808 11.27 55.43 -1.10
CA GLY G 3808 11.66 54.15 -0.57
C GLY G 3808 12.71 54.25 0.52
N ASN G 3809 13.77 55.03 0.26
CA ASN G 3809 14.85 55.27 1.22
C ASN G 3809 15.32 53.98 1.88
N ALA G 3810 15.95 53.12 1.08
CA ALA G 3810 16.38 51.82 1.58
C ALA G 3810 17.38 51.96 2.72
N GLU G 3811 18.29 52.92 2.62
CA GLU G 3811 19.37 53.03 3.61
C GLU G 3811 18.85 53.32 5.00
N VAL G 3812 17.88 54.23 5.12
CA VAL G 3812 17.39 54.61 6.45
C VAL G 3812 16.65 53.45 7.10
N GLN G 3813 15.98 52.62 6.30
CA GLN G 3813 15.31 51.45 6.86
C GLN G 3813 16.32 50.48 7.47
N GLN G 3814 17.48 50.33 6.82
CA GLN G 3814 18.49 49.41 7.32
C GLN G 3814 19.00 49.83 8.69
N LYS G 3815 19.22 51.13 8.89
CA LYS G 3815 19.71 51.61 10.18
C LYS G 3815 18.70 51.34 11.29
N MET G 3816 17.41 51.56 11.00
CA MET G 3816 16.38 51.34 12.01
C MET G 3816 16.29 49.88 12.40
N LEU G 3817 16.41 48.97 11.43
CA LEU G 3817 16.34 47.55 11.74
C LEU G 3817 17.52 47.12 12.63
N ASP G 3818 18.71 47.64 12.34
CA ASP G 3818 19.89 47.24 13.10
C ASP G 3818 19.75 47.60 14.58
N TYR G 3819 19.23 48.79 14.88
CA TYR G 3819 19.09 49.19 16.27
C TYR G 3819 18.10 48.29 17.02
N LEU G 3820 16.97 47.97 16.40
CA LEU G 3820 15.99 47.11 17.05
C LEU G 3820 16.56 45.73 17.32
N LYS G 3821 17.42 45.25 16.42
CA LYS G 3821 18.12 43.99 16.65
C LYS G 3821 19.24 44.12 17.67
N ASP G 3822 19.65 45.34 18.02
CA ASP G 3822 20.78 45.57 18.91
C ASP G 3822 20.32 45.84 20.34
N LYS G 3823 19.41 46.81 20.53
CA LYS G 3823 18.89 47.07 21.86
C LYS G 3823 18.15 45.87 22.43
N LYS G 3824 17.37 45.18 21.58
CA LYS G 3824 16.73 43.91 21.92
C LYS G 3824 15.84 44.03 23.15
N GLU G 3825 15.25 45.21 23.33
CA GLU G 3825 14.20 45.43 24.32
C GLU G 3825 12.88 45.63 23.58
N VAL G 3826 11.77 45.41 24.28
CA VAL G 3826 10.50 45.52 23.57
C VAL G 3826 10.16 46.99 23.43
N GLY G 3827 9.72 47.61 24.54
CA GLY G 3827 9.80 49.05 24.74
C GLY G 3827 9.07 49.92 23.73
N PHE G 3828 8.83 49.38 22.53
CA PHE G 3828 8.33 50.15 21.41
C PHE G 3828 7.06 49.56 20.81
N PHE G 3829 7.05 48.25 20.55
CA PHE G 3829 5.87 47.62 20.00
C PHE G 3829 4.70 47.64 20.98
N GLN G 3830 4.98 47.78 22.28
CA GLN G 3830 3.90 48.03 23.24
C GLN G 3830 3.20 49.33 22.92
N SER G 3831 3.97 50.37 22.59
CA SER G 3831 3.38 51.67 22.31
C SER G 3831 2.51 51.63 21.05
N ILE G 3832 3.05 51.09 19.96
CA ILE G 3832 2.30 51.03 18.71
C ILE G 3832 1.01 50.25 18.89
N GLN G 3833 1.08 49.10 19.57
CA GLN G 3833 -0.11 48.30 19.78
C GLN G 3833 -1.14 49.03 20.64
N ALA G 3834 -0.69 49.66 21.72
CA ALA G 3834 -1.61 50.36 22.61
C ALA G 3834 -2.14 51.63 21.96
N LEU G 3835 -1.28 52.36 21.26
CA LEU G 3835 -1.67 53.66 20.73
C LEU G 3835 -2.82 53.54 19.73
N MET G 3836 -2.69 52.63 18.76
CA MET G 3836 -3.71 52.53 17.72
C MET G 3836 -5.02 51.96 18.22
N GLN G 3837 -5.05 51.35 19.41
CA GLN G 3837 -6.32 50.93 19.98
C GLN G 3837 -7.11 52.10 20.57
N THR G 3838 -6.47 53.24 20.77
CA THR G 3838 -7.15 54.43 21.25
C THR G 3838 -7.65 55.32 20.12
N CYS G 3839 -7.39 54.94 18.87
CA CYS G 3839 -7.88 55.71 17.74
C CYS G 3839 -9.40 55.68 17.70
N SER G 3840 -9.99 56.76 17.22
CA SER G 3840 -11.45 56.89 17.19
C SER G 3840 -12.00 56.38 15.86
N VAL G 3841 -13.31 56.16 15.86
CA VAL G 3841 -14.05 55.75 14.67
C VAL G 3841 -15.24 56.69 14.52
N LEU G 3842 -16.01 56.46 13.45
CA LEU G 3842 -17.14 57.33 13.15
C LEU G 3842 -18.26 57.01 14.14
N ASP G 3843 -18.30 57.76 15.22
CA ASP G 3843 -19.40 57.66 16.17
C ASP G 3843 -20.63 58.36 15.63
N LEU G 3844 -21.81 57.88 16.05
CA LEU G 3844 -23.06 58.48 15.62
C LEU G 3844 -23.75 59.31 16.69
N ASN G 3845 -23.61 58.95 17.96
CA ASN G 3845 -24.20 59.76 19.03
C ASN G 3845 -23.61 61.17 19.04
N ALA G 3846 -22.29 61.28 18.87
CA ALA G 3846 -21.66 62.59 18.86
C ALA G 3846 -22.14 63.44 17.69
N PHE G 3847 -22.57 62.80 16.60
CA PHE G 3847 -23.05 63.55 15.44
C PHE G 3847 -24.31 64.33 15.79
N GLU G 3848 -25.22 63.72 16.56
CA GLU G 3848 -26.45 64.40 16.94
C GLU G 3848 -26.17 65.63 17.78
N ARG G 3849 -25.11 65.57 18.60
CA ARG G 3849 -24.77 66.71 19.45
C ARG G 3849 -24.38 67.93 18.61
N GLN G 3850 -23.68 67.71 17.50
CA GLN G 3850 -23.47 68.79 16.53
C GLN G 3850 -24.79 69.25 15.92
N ASN G 3851 -25.64 68.31 15.53
CA ASN G 3851 -26.78 68.64 14.67
C ASN G 3851 -27.77 69.59 15.35
N LYS G 3852 -27.78 69.66 16.68
CA LYS G 3852 -28.57 70.68 17.36
C LYS G 3852 -27.74 71.85 17.85
N ALA G 3853 -26.48 71.61 18.20
CA ALA G 3853 -25.60 72.72 18.58
C ALA G 3853 -25.38 73.68 17.42
N GLU G 3854 -25.32 73.15 16.20
CA GLU G 3854 -25.23 74.01 15.02
C GLU G 3854 -26.52 74.78 14.77
N GLY G 3855 -27.62 74.43 15.44
CA GLY G 3855 -28.86 75.17 15.27
C GLY G 3855 -28.74 76.62 15.70
N LEU G 3856 -28.00 76.89 16.74
CA LEU G 3856 -27.81 78.26 17.18
C LEU G 3856 -26.76 78.95 16.31
N GLY G 3857 -26.80 80.26 16.17
CA GLY G 3857 -25.96 81.01 15.26
C GLY G 3857 -25.04 82.02 15.92
N MET G 3858 -25.43 82.53 17.07
CA MET G 3858 -24.65 83.52 17.78
C MET G 3858 -25.11 83.61 19.22
N VAL G 3859 -24.19 83.96 20.11
CA VAL G 3859 -24.51 84.21 21.51
C VAL G 3859 -25.31 85.50 21.60
N ASN G 3860 -25.87 85.78 22.78
CA ASN G 3860 -26.64 87.01 22.98
C ASN G 3860 -25.92 88.22 22.41
N GLU G 3861 -24.76 88.55 22.97
CA GLU G 3861 -23.81 89.43 22.28
C GLU G 3861 -22.41 89.08 22.76
N ASP G 3862 -21.76 88.14 22.06
CA ASP G 3862 -20.33 87.89 22.26
C ASP G 3862 -19.77 87.29 20.97
N GLY G 3863 -19.30 88.17 20.08
CA GLY G 3863 -18.53 87.78 18.91
C GLY G 3863 -19.03 86.59 18.12
N THR G 3864 -20.33 86.27 18.24
CA THR G 3864 -20.90 85.06 17.66
C THR G 3864 -20.20 83.81 18.18
N VAL G 3865 -20.48 82.66 17.56
CA VAL G 3865 -19.83 81.41 17.97
C VAL G 3865 -18.35 81.51 17.61
N ILE G 3866 -17.50 81.63 18.63
CA ILE G 3866 -16.06 81.80 18.39
C ILE G 3866 -15.47 80.51 17.82
N ASN G 3867 -15.93 79.35 18.29
CA ASN G 3867 -15.41 78.09 17.80
C ASN G 3867 -15.75 77.86 16.33
N ARG G 3868 -16.86 78.44 15.87
CA ARG G 3868 -17.30 78.33 14.48
C ARG G 3868 -17.44 76.88 14.06
N GLN G 3869 -16.42 76.34 13.38
CA GLN G 3869 -16.46 74.95 12.95
C GLN G 3869 -16.50 74.00 14.15
N ASN G 3870 -15.55 74.15 15.08
CA ASN G 3870 -15.46 73.30 16.27
C ASN G 3870 -15.49 71.82 15.90
N GLY G 3871 -14.73 71.46 14.86
CA GLY G 3871 -14.79 70.13 14.29
C GLY G 3871 -14.45 68.99 15.25
N GLU G 3872 -13.85 69.32 16.39
CA GLU G 3872 -13.40 68.28 17.33
C GLU G 3872 -14.64 67.60 17.91
N LYS G 3873 -14.98 66.44 17.35
CA LYS G 3873 -16.07 65.61 17.86
C LYS G 3873 -16.12 64.27 17.12
N VAL G 3874 -16.48 64.27 15.84
CA VAL G 3874 -16.69 63.03 15.10
C VAL G 3874 -15.38 62.26 14.97
N MET G 3875 -14.33 62.93 14.50
CA MET G 3875 -13.02 62.32 14.44
C MET G 3875 -12.02 63.01 15.37
N ALA G 3876 -11.79 64.31 15.17
CA ALA G 3876 -10.78 65.08 15.91
C ALA G 3876 -9.40 64.42 15.86
N ASP G 3877 -9.20 63.45 14.96
CA ASP G 3877 -7.95 62.72 14.87
C ASP G 3877 -7.47 62.45 13.46
N ASP G 3878 -8.28 62.68 12.43
CA ASP G 3878 -7.91 62.30 11.07
C ASP G 3878 -6.57 62.89 10.66
N GLU G 3879 -6.25 64.09 11.14
CA GLU G 3879 -4.94 64.68 10.87
C GLU G 3879 -3.81 63.90 11.52
N PHE G 3880 -4.13 63.02 12.46
CA PHE G 3880 -3.11 62.25 13.18
C PHE G 3880 -3.19 60.76 12.89
N THR G 3881 -4.37 60.15 13.01
CA THR G 3881 -4.48 58.70 12.79
C THR G 3881 -4.22 58.32 11.35
N GLN G 3882 -4.33 59.25 10.40
CA GLN G 3882 -3.97 58.96 9.03
C GLN G 3882 -2.46 58.87 8.83
N ASP G 3883 -1.68 59.47 9.72
CA ASP G 3883 -0.23 59.41 9.63
C ASP G 3883 0.36 58.18 10.30
N LEU G 3884 -0.29 57.66 11.35
CA LEU G 3884 0.24 56.48 12.01
C LEU G 3884 0.31 55.29 11.06
N PHE G 3885 -0.76 55.07 10.28
CA PHE G 3885 -0.77 53.98 9.32
C PHE G 3885 0.20 54.26 8.17
N ARG G 3886 0.28 55.51 7.71
CA ARG G 3886 1.24 55.85 6.67
C ARG G 3886 2.66 55.57 7.12
N PHE G 3887 2.95 55.81 8.40
CA PHE G 3887 4.28 55.51 8.92
C PHE G 3887 4.56 54.01 8.82
N LEU G 3888 3.59 53.17 9.18
CA LEU G 3888 3.76 51.74 9.08
C LEU G 3888 3.92 51.30 7.62
N GLN G 3889 3.12 51.86 6.73
CA GLN G 3889 3.19 51.47 5.32
C GLN G 3889 4.55 51.78 4.72
N LEU G 3890 5.08 52.98 5.00
CA LEU G 3890 6.37 53.37 4.44
C LEU G 3890 7.52 52.54 4.99
N LEU G 3891 7.34 51.88 6.12
CA LEU G 3891 8.38 51.00 6.63
C LEU G 3891 8.63 49.85 5.68
N CYS G 3892 7.56 49.20 5.22
CA CYS G 3892 7.66 48.05 4.31
C CYS G 3892 7.48 48.50 2.87
N GLU G 3893 8.31 49.44 2.45
CA GLU G 3893 8.28 49.97 1.09
C GLU G 3893 9.48 49.44 0.32
N GLY G 3894 9.32 49.31 -1.00
CA GLY G 3894 10.36 48.72 -1.80
C GLY G 3894 10.46 47.22 -1.66
N HIS G 3895 9.40 46.56 -1.19
CA HIS G 3895 9.33 45.11 -1.07
C HIS G 3895 10.42 44.57 -0.14
N ASN G 3896 10.78 45.35 0.88
CA ASN G 3896 11.74 44.89 1.86
C ASN G 3896 11.20 43.65 2.57
N ASN G 3897 11.99 42.58 2.60
CA ASN G 3897 11.54 41.30 3.11
C ASN G 3897 12.13 41.01 4.48
N ASP G 3898 12.37 42.04 5.27
CA ASP G 3898 12.77 41.87 6.66
C ASP G 3898 11.78 42.51 7.63
N PHE G 3899 11.38 43.76 7.39
CA PHE G 3899 10.26 44.33 8.12
C PHE G 3899 8.97 43.57 7.84
N GLN G 3900 8.75 43.18 6.57
CA GLN G 3900 7.55 42.43 6.24
C GLN G 3900 7.49 41.10 6.97
N ASN G 3901 8.63 40.62 7.47
CA ASN G 3901 8.67 39.42 8.31
C ASN G 3901 8.84 39.74 9.78
N TYR G 3902 9.53 40.85 10.11
CA TYR G 3902 9.75 41.21 11.50
C TYR G 3902 8.45 41.62 12.19
N LEU G 3903 7.59 42.37 11.48
CA LEU G 3903 6.36 42.84 12.11
C LEU G 3903 5.45 41.68 12.51
N ARG G 3904 5.54 40.55 11.82
CA ARG G 3904 4.70 39.41 12.17
C ARG G 3904 5.12 38.82 13.51
N THR G 3905 6.42 38.57 13.70
CA THR G 3905 6.94 38.01 14.93
C THR G 3905 8.33 38.60 15.18
N GLN G 3906 8.59 38.95 16.43
CA GLN G 3906 9.88 39.46 16.84
C GLN G 3906 10.69 38.30 17.43
N THR G 3907 11.73 37.89 16.73
CA THR G 3907 12.58 36.83 17.23
C THR G 3907 13.39 37.34 18.43
N GLY G 3908 13.86 36.40 19.24
CA GLY G 3908 14.52 36.77 20.47
C GLY G 3908 13.57 37.52 21.39
N ASN G 3909 14.06 38.61 21.96
CA ASN G 3909 13.29 39.42 22.91
C ASN G 3909 12.64 38.56 23.98
N THR G 3910 11.44 38.95 24.41
CA THR G 3910 10.68 38.14 25.36
C THR G 3910 9.29 37.81 24.89
N THR G 3911 8.60 38.75 24.24
CA THR G 3911 7.23 38.54 23.78
C THR G 3911 7.05 39.16 22.40
N THR G 3912 6.04 38.67 21.69
CA THR G 3912 5.70 39.15 20.36
C THR G 3912 4.35 39.87 20.39
N ILE G 3913 4.12 40.70 19.37
CA ILE G 3913 2.92 41.52 19.29
C ILE G 3913 2.09 41.21 18.05
N ASN G 3914 2.74 40.96 16.91
CA ASN G 3914 2.07 40.60 15.66
C ASN G 3914 1.13 41.72 15.19
N ILE G 3915 1.76 42.83 14.81
CA ILE G 3915 1.03 44.01 14.33
C ILE G 3915 0.06 43.67 13.21
N ILE G 3916 0.39 42.68 12.38
CA ILE G 3916 -0.45 42.35 11.22
C ILE G 3916 -1.88 42.09 11.65
N ILE G 3917 -2.09 41.10 12.53
CA ILE G 3917 -3.42 40.81 13.02
C ILE G 3917 -3.93 41.93 13.93
N CYS G 3918 -3.03 42.77 14.44
CA CYS G 3918 -3.43 43.86 15.31
C CYS G 3918 -3.97 45.07 14.55
N THR G 3919 -3.79 45.11 13.24
CA THR G 3919 -4.35 46.20 12.43
C THR G 3919 -5.64 45.82 11.75
N VAL G 3920 -5.82 44.54 11.39
CA VAL G 3920 -7.05 44.11 10.73
C VAL G 3920 -8.26 44.32 11.64
N ASP G 3921 -8.06 44.21 12.96
CA ASP G 3921 -9.18 44.42 13.88
C ASP G 3921 -9.69 45.86 13.79
N TYR G 3922 -8.79 46.83 13.59
CA TYR G 3922 -9.24 48.20 13.38
C TYR G 3922 -10.08 48.32 12.12
N LEU G 3923 -9.67 47.66 11.03
CA LEU G 3923 -10.47 47.73 9.81
C LEU G 3923 -11.58 46.69 9.87
N LEU G 3924 -12.18 46.58 11.04
CA LEU G 3924 -13.45 45.91 11.24
C LEU G 3924 -14.39 46.73 12.10
N ARG G 3925 -13.87 47.39 13.14
CA ARG G 3925 -14.70 48.31 13.92
C ARG G 3925 -15.10 49.52 13.09
N LEU G 3926 -14.16 50.04 12.29
CA LEU G 3926 -14.48 51.13 11.38
C LEU G 3926 -15.52 50.71 10.37
N GLN G 3927 -15.43 49.48 9.85
CA GLN G 3927 -16.42 48.99 8.90
C GLN G 3927 -17.79 48.90 9.54
N GLU G 3928 -17.88 48.38 10.77
CA GLU G 3928 -19.15 48.36 11.49
C GLU G 3928 -19.68 49.77 11.75
N SER G 3929 -18.83 50.79 11.69
CA SER G 3929 -19.29 52.14 11.94
C SER G 3929 -19.91 52.76 10.69
N ILE G 3930 -19.29 52.58 9.52
CA ILE G 3930 -19.84 53.14 8.30
C ILE G 3930 -21.17 52.48 7.97
N SER G 3931 -21.22 51.15 8.07
CA SER G 3931 -22.48 50.44 7.83
C SER G 3931 -23.56 50.89 8.81
N ASP G 3932 -23.17 51.18 10.04
CA ASP G 3932 -24.10 51.78 11.00
C ASP G 3932 -24.57 53.15 10.51
N PHE G 3933 -23.66 53.97 9.99
CA PHE G 3933 -24.03 55.29 9.51
C PHE G 3933 -25.00 55.21 8.34
N TYR G 3934 -24.92 54.15 7.53
CA TYR G 3934 -25.79 54.02 6.37
C TYR G 3934 -27.25 53.91 6.78
N TRP G 3935 -27.55 53.13 7.82
CA TRP G 3935 -28.93 52.96 8.25
C TRP G 3935 -29.56 54.28 8.69
N TYR G 3936 -28.78 55.15 9.33
CA TYR G 3936 -29.31 56.44 9.77
C TYR G 3936 -29.79 57.27 8.59
N TYR G 3937 -29.22 57.05 7.40
CA TYR G 3937 -29.60 57.80 6.21
C TYR G 3937 -30.36 56.93 5.21
N SER G 3938 -30.80 55.74 5.62
CA SER G 3938 -31.50 54.86 4.69
C SER G 3938 -32.89 55.40 4.33
N GLY G 3939 -33.55 56.07 5.28
CA GLY G 3939 -34.90 56.51 5.06
C GLY G 3939 -35.03 57.90 4.47
N LYS G 3940 -33.92 58.64 4.43
CA LYS G 3940 -33.93 59.97 3.84
C LYS G 3940 -33.82 59.86 2.33
N ASP G 3941 -33.75 61.01 1.65
CA ASP G 3941 -33.71 61.02 0.19
C ASP G 3941 -32.53 61.83 -0.33
N VAL G 3942 -32.11 62.84 0.42
CA VAL G 3942 -30.97 63.67 0.06
C VAL G 3942 -30.09 63.84 1.28
N ILE G 3943 -28.77 63.78 1.07
CA ILE G 3943 -27.82 63.91 2.16
C ILE G 3943 -27.43 65.38 2.29
N GLU G 3944 -27.66 65.95 3.47
CA GLU G 3944 -27.37 67.36 3.68
C GLU G 3944 -25.86 67.59 3.69
N GLU G 3945 -25.48 68.88 3.63
CA GLU G 3945 -24.07 69.24 3.43
C GLU G 3945 -23.20 68.73 4.57
N GLN G 3946 -23.68 68.83 5.81
CA GLN G 3946 -22.91 68.29 6.92
C GLN G 3946 -23.04 66.78 7.06
N GLY G 3947 -23.89 66.15 6.25
CA GLY G 3947 -23.90 64.70 6.17
C GLY G 3947 -22.86 64.11 5.25
N LYS G 3948 -22.21 64.95 4.44
CA LYS G 3948 -21.15 64.51 3.54
C LYS G 3948 -19.77 64.94 4.00
N ARG G 3949 -19.65 66.08 4.66
CA ARG G 3949 -18.34 66.56 5.11
C ARG G 3949 -17.71 65.58 6.09
N ASN G 3950 -18.49 65.08 7.05
CA ASN G 3950 -17.96 64.06 7.95
C ASN G 3950 -17.82 62.71 7.26
N PHE G 3951 -18.74 62.40 6.35
CA PHE G 3951 -18.70 61.09 5.67
C PHE G 3951 -17.43 60.92 4.86
N SER G 3952 -17.05 61.95 4.10
CA SER G 3952 -15.83 61.85 3.30
C SER G 3952 -14.59 61.77 4.17
N LYS G 3953 -14.66 62.28 5.40
CA LYS G 3953 -13.54 62.17 6.33
C LYS G 3953 -13.25 60.71 6.64
N ALA G 3954 -14.29 59.94 6.96
CA ALA G 3954 -14.10 58.54 7.33
C ALA G 3954 -13.60 57.69 6.16
N MET G 3955 -14.18 57.89 4.97
CA MET G 3955 -13.81 57.06 3.84
C MET G 3955 -12.37 57.32 3.40
N SER G 3956 -11.89 58.54 3.56
CA SER G 3956 -10.49 58.83 3.26
C SER G 3956 -9.55 58.05 4.17
N VAL G 3957 -9.93 57.93 5.45
CA VAL G 3957 -9.12 57.15 6.39
C VAL G 3957 -9.10 55.68 5.99
N ALA G 3958 -10.26 55.14 5.60
CA ALA G 3958 -10.34 53.73 5.24
C ALA G 3958 -9.46 53.42 4.03
N LYS G 3959 -9.35 54.35 3.09
CA LYS G 3959 -8.48 54.15 1.94
C LYS G 3959 -7.02 54.03 2.37
N GLN G 3960 -6.59 54.87 3.30
CA GLN G 3960 -5.20 54.83 3.75
C GLN G 3960 -4.88 53.50 4.43
N VAL G 3961 -5.83 52.97 5.20
CA VAL G 3961 -5.62 51.68 5.84
C VAL G 3961 -5.44 50.59 4.79
N PHE G 3962 -6.30 50.60 3.77
CA PHE G 3962 -6.22 49.59 2.72
C PHE G 3962 -4.88 49.62 2.00
N ASN G 3963 -4.31 50.81 1.82
CA ASN G 3963 -3.01 50.91 1.17
C ASN G 3963 -1.95 50.15 1.97
N SER G 3964 -1.97 50.28 3.29
CA SER G 3964 -0.99 49.60 4.12
C SER G 3964 -1.08 48.09 3.96
N LEU G 3965 -2.30 47.54 4.08
CA LEU G 3965 -2.48 46.09 4.02
C LEU G 3965 -1.85 45.49 2.77
N THR G 3966 -1.92 46.21 1.64
CA THR G 3966 -1.27 45.71 0.44
C THR G 3966 0.24 45.63 0.60
N GLU G 3967 0.85 46.57 1.30
CA GLU G 3967 2.30 46.63 1.36
C GLU G 3967 2.90 45.70 2.40
N TYR G 3968 2.10 44.92 3.10
CA TYR G 3968 2.63 43.77 3.82
C TYR G 3968 2.63 42.50 2.97
N ILE G 3969 1.95 42.53 1.83
CA ILE G 3969 1.81 41.36 0.98
C ILE G 3969 2.57 41.49 -0.33
N GLN G 3970 2.63 42.70 -0.90
CA GLN G 3970 3.41 42.93 -2.11
C GLN G 3970 4.85 42.49 -1.90
N GLY G 3971 5.43 41.88 -2.93
CA GLY G 3971 6.72 41.24 -2.77
C GLY G 3971 6.57 40.00 -1.94
N PRO G 3972 5.95 38.95 -2.53
CA PRO G 3972 5.32 37.88 -1.75
C PRO G 3972 6.04 37.45 -0.48
N CYS G 3973 5.28 37.39 0.61
CA CYS G 3973 5.76 37.11 1.96
C CYS G 3973 4.94 35.99 2.56
N THR G 3974 4.90 34.86 1.85
CA THR G 3974 3.98 33.75 2.08
C THR G 3974 3.66 33.51 3.56
N GLY G 3975 4.68 33.56 4.41
CA GLY G 3975 4.42 33.45 5.84
C GLY G 3975 3.42 34.49 6.33
N ASN G 3976 3.46 35.70 5.77
CA ASN G 3976 2.49 36.73 6.10
C ASN G 3976 1.15 36.49 5.42
N GLN G 3977 1.15 35.90 4.22
CA GLN G 3977 -0.10 35.68 3.50
C GLN G 3977 -1.03 34.74 4.28
N GLN G 3978 -0.48 33.66 4.85
CA GLN G 3978 -1.30 32.73 5.60
C GLN G 3978 -1.91 33.38 6.84
N SER G 3979 -1.25 34.39 7.39
CA SER G 3979 -1.77 35.05 8.59
C SER G 3979 -3.10 35.74 8.30
N LEU G 3980 -3.17 36.48 7.19
CA LEU G 3980 -4.43 37.12 6.82
C LEU G 3980 -5.50 36.11 6.46
N ALA G 3981 -5.12 34.99 5.84
CA ALA G 3981 -6.10 33.96 5.52
C ALA G 3981 -6.72 33.38 6.79
N HIS G 3982 -5.91 33.13 7.80
CA HIS G 3982 -6.40 32.65 9.10
C HIS G 3982 -6.70 33.83 10.02
N SER G 3983 -7.47 34.79 9.53
CA SER G 3983 -7.76 36.02 10.26
C SER G 3983 -9.19 36.44 10.01
N ARG G 3984 -9.68 37.29 10.91
CA ARG G 3984 -11.05 37.82 10.83
C ARG G 3984 -11.13 38.93 9.79
N LEU G 3985 -10.83 38.56 8.54
CA LEU G 3985 -10.80 39.49 7.43
C LEU G 3985 -11.96 39.33 6.46
N TRP G 3986 -12.35 38.09 6.15
CA TRP G 3986 -13.44 37.88 5.20
C TRP G 3986 -14.75 38.48 5.69
N ASP G 3987 -15.05 38.35 6.98
CA ASP G 3987 -16.29 38.95 7.47
C ASP G 3987 -16.27 40.47 7.39
N ALA G 3988 -15.11 41.07 7.18
CA ALA G 3988 -15.01 42.51 7.00
C ALA G 3988 -15.33 42.91 5.57
N VAL G 3989 -14.77 42.20 4.58
CA VAL G 3989 -14.99 42.58 3.19
C VAL G 3989 -16.43 42.31 2.77
N VAL G 3990 -17.01 41.20 3.24
CA VAL G 3990 -18.40 40.90 2.89
C VAL G 3990 -19.33 41.99 3.39
N GLY G 3991 -19.04 42.53 4.58
CA GLY G 3991 -19.77 43.70 5.03
C GLY G 3991 -19.53 44.91 4.15
N PHE G 3992 -18.28 45.10 3.71
CA PHE G 3992 -17.98 46.20 2.81
C PHE G 3992 -18.72 46.05 1.50
N LEU G 3993 -18.76 44.83 0.96
CA LEU G 3993 -19.48 44.60 -0.30
C LEU G 3993 -20.94 44.97 -0.16
N HIS G 3994 -21.54 44.69 1.00
CA HIS G 3994 -22.95 45.02 1.22
C HIS G 3994 -23.17 46.53 1.20
N VAL G 3995 -22.37 47.28 1.97
CA VAL G 3995 -22.58 48.72 2.07
C VAL G 3995 -22.21 49.42 0.76
N PHE G 3996 -21.25 48.87 0.01
CA PHE G 3996 -20.86 49.48 -1.27
C PHE G 3996 -22.01 49.47 -2.27
N ALA G 3997 -22.88 48.47 -2.22
CA ALA G 3997 -23.90 48.33 -3.24
C ALA G 3997 -24.97 49.40 -3.11
N HIS G 3998 -25.48 49.63 -1.90
CA HIS G 3998 -26.63 50.50 -1.72
C HIS G 3998 -26.29 51.95 -1.97
N MET G 3999 -25.19 52.45 -1.38
CA MET G 3999 -24.82 53.85 -1.62
C MET G 3999 -24.47 54.09 -3.08
N MET G 4000 -23.76 53.15 -3.70
CA MET G 4000 -23.51 53.23 -5.13
C MET G 4000 -24.82 53.30 -5.90
N MET G 4001 -25.87 52.67 -5.38
CA MET G 4001 -27.18 52.72 -6.01
C MET G 4001 -27.95 53.97 -5.60
N LYS G 4002 -27.90 54.32 -4.31
CA LYS G 4002 -28.63 55.48 -3.82
C LYS G 4002 -28.08 56.79 -4.39
N LEU G 4003 -26.75 56.91 -4.44
CA LEU G 4003 -26.14 58.18 -4.83
C LEU G 4003 -26.48 58.55 -6.27
N ALA G 4004 -26.63 57.56 -7.14
CA ALA G 4004 -26.90 57.83 -8.54
C ALA G 4004 -28.25 58.49 -8.78
N GLN G 4005 -29.16 58.44 -7.80
CA GLN G 4005 -30.49 59.02 -7.97
C GLN G 4005 -30.53 60.49 -7.55
N ASP G 4006 -29.57 61.27 -8.04
CA ASP G 4006 -29.44 62.67 -7.71
C ASP G 4006 -28.35 63.28 -8.58
N SER G 4007 -28.40 64.60 -8.74
CA SER G 4007 -27.41 65.31 -9.55
C SER G 4007 -26.46 66.17 -8.74
N SER G 4008 -26.81 66.52 -7.50
CA SER G 4008 -25.97 67.40 -6.70
C SER G 4008 -24.94 66.64 -5.88
N GLN G 4009 -25.26 65.45 -5.40
CA GLN G 4009 -24.36 64.65 -4.60
C GLN G 4009 -23.47 63.75 -5.44
N ILE G 4010 -23.42 63.98 -6.76
CA ILE G 4010 -22.60 63.13 -7.64
C ILE G 4010 -21.13 63.25 -7.30
N GLU G 4011 -20.71 64.38 -6.71
CA GLU G 4011 -19.28 64.58 -6.45
C GLU G 4011 -18.76 63.57 -5.44
N LEU G 4012 -19.57 63.20 -4.45
CA LEU G 4012 -19.13 62.22 -3.46
C LEU G 4012 -18.95 60.85 -4.09
N LEU G 4013 -19.69 60.54 -5.16
CA LEU G 4013 -19.65 59.21 -5.74
C LEU G 4013 -18.27 58.89 -6.30
N LYS G 4014 -17.56 59.90 -6.81
CA LYS G 4014 -16.27 59.67 -7.44
C LYS G 4014 -15.27 59.03 -6.46
N GLU G 4015 -15.09 59.64 -5.29
CA GLU G 4015 -14.15 59.07 -4.33
C GLU G 4015 -14.67 57.80 -3.69
N LEU G 4016 -15.98 57.53 -3.77
CA LEU G 4016 -16.47 56.23 -3.33
C LEU G 4016 -15.96 55.12 -4.25
N LEU G 4017 -15.94 55.37 -5.55
CA LEU G 4017 -15.39 54.39 -6.49
C LEU G 4017 -13.89 54.18 -6.24
N ASP G 4018 -13.18 55.25 -5.89
CA ASP G 4018 -11.76 55.11 -5.60
C ASP G 4018 -11.51 54.13 -4.45
N LEU G 4019 -12.42 54.07 -3.48
CA LEU G 4019 -12.30 53.09 -2.42
C LEU G 4019 -12.44 51.67 -2.98
N GLN G 4020 -13.33 51.48 -3.95
CA GLN G 4020 -13.46 50.18 -4.59
C GLN G 4020 -12.17 49.76 -5.27
N LYS G 4021 -11.51 50.71 -5.93
CA LYS G 4021 -10.22 50.44 -6.57
C LYS G 4021 -9.20 49.95 -5.56
N ASP G 4022 -9.12 50.62 -4.42
CA ASP G 4022 -8.12 50.30 -3.42
C ASP G 4022 -8.51 49.12 -2.54
N MET G 4023 -9.72 48.56 -2.73
CA MET G 4023 -10.15 47.37 -2.01
C MET G 4023 -9.95 46.10 -2.82
N VAL G 4024 -10.28 46.12 -4.10
CA VAL G 4024 -10.13 44.94 -4.94
C VAL G 4024 -8.65 44.66 -5.19
N VAL G 4025 -7.83 45.70 -5.25
CA VAL G 4025 -6.41 45.53 -5.59
C VAL G 4025 -5.71 44.71 -4.50
N MET G 4026 -6.10 44.87 -3.25
CA MET G 4026 -5.50 44.06 -2.19
C MET G 4026 -5.89 42.60 -2.30
N LEU G 4027 -7.09 42.31 -2.83
CA LEU G 4027 -7.45 40.93 -3.09
C LEU G 4027 -6.55 40.30 -4.15
N LEU G 4028 -6.07 41.11 -5.10
CA LEU G 4028 -5.07 40.60 -6.05
C LEU G 4028 -3.78 40.24 -5.32
N SER G 4029 -3.37 41.06 -4.36
CA SER G 4029 -2.12 40.78 -3.64
C SER G 4029 -2.17 39.44 -2.92
N LEU G 4030 -3.30 39.13 -2.29
CA LEU G 4030 -3.46 37.80 -1.71
C LEU G 4030 -3.32 36.73 -2.77
N LEU G 4031 -3.83 36.99 -3.97
CA LEU G 4031 -3.89 35.97 -5.00
C LEU G 4031 -2.58 35.83 -5.77
N GLU G 4032 -1.69 36.82 -5.72
CA GLU G 4032 -0.45 36.74 -6.49
C GLU G 4032 0.47 35.65 -5.93
N GLY G 4033 1.19 34.99 -6.82
CA GLY G 4033 2.10 33.95 -6.39
C GLY G 4033 1.43 32.68 -5.91
N ASN G 4034 0.18 32.47 -6.30
CA ASN G 4034 -0.62 31.35 -5.82
C ASN G 4034 -0.48 30.15 -6.75
N VAL G 4035 -0.65 28.96 -6.18
CA VAL G 4035 -0.62 27.73 -6.95
C VAL G 4035 -2.02 27.47 -7.49
N VAL G 4036 -2.11 26.67 -8.55
CA VAL G 4036 -3.42 26.35 -9.12
C VAL G 4036 -4.19 25.49 -8.13
N ASN G 4037 -5.49 25.77 -8.02
CA ASN G 4037 -6.37 25.02 -7.12
C ASN G 4037 -5.86 25.08 -5.68
N GLY G 4038 -5.27 26.21 -5.31
CA GLY G 4038 -4.68 26.37 -4.00
C GLY G 4038 -5.71 26.65 -2.93
N MET G 4039 -5.22 26.72 -1.69
CA MET G 4039 -6.12 26.92 -0.56
C MET G 4039 -6.56 28.38 -0.43
N ILE G 4040 -5.67 29.31 -0.76
CA ILE G 4040 -6.02 30.73 -0.70
C ILE G 4040 -7.13 31.06 -1.69
N ALA G 4041 -7.02 30.55 -2.92
CA ALA G 4041 -8.02 30.83 -3.93
C ALA G 4041 -9.36 30.17 -3.64
N ARG G 4042 -9.38 29.10 -2.85
CA ARG G 4042 -10.64 28.46 -2.51
C ARG G 4042 -11.53 29.39 -1.70
N GLN G 4043 -10.94 30.08 -0.71
CA GLN G 4043 -11.73 31.01 0.08
C GLN G 4043 -12.14 32.24 -0.72
N MET G 4044 -11.38 32.57 -1.76
CA MET G 4044 -11.76 33.70 -2.62
C MET G 4044 -13.12 33.49 -3.24
N VAL G 4045 -13.33 32.33 -3.87
CA VAL G 4045 -14.64 32.02 -4.45
C VAL G 4045 -15.64 31.70 -3.34
N ASP G 4046 -15.19 31.09 -2.25
CA ASP G 4046 -16.09 30.74 -1.16
C ASP G 4046 -16.70 31.98 -0.53
N MET G 4047 -15.88 33.01 -0.30
CA MET G 4047 -16.38 34.24 0.29
C MET G 4047 -17.40 34.92 -0.62
N LEU G 4048 -17.25 34.76 -1.94
CA LEU G 4048 -18.21 35.35 -2.86
C LEU G 4048 -19.57 34.65 -2.78
N VAL G 4049 -19.59 33.37 -2.41
CA VAL G 4049 -20.83 32.61 -2.41
C VAL G 4049 -21.82 33.17 -1.38
N GLU G 4050 -21.36 33.35 -0.14
CA GLU G 4050 -22.27 33.86 0.89
C GLU G 4050 -22.57 35.33 0.75
N SER G 4051 -21.82 36.05 -0.09
CA SER G 4051 -22.11 37.44 -0.44
C SER G 4051 -22.72 37.58 -1.82
N SER G 4052 -23.15 36.46 -2.43
CA SER G 4052 -23.55 36.45 -3.84
C SER G 4052 -24.59 37.52 -4.14
N SER G 4053 -25.64 37.58 -3.33
CA SER G 4053 -26.76 38.50 -3.61
C SER G 4053 -26.30 39.94 -3.75
N ASN G 4054 -25.29 40.35 -2.97
CA ASN G 4054 -24.80 41.72 -3.08
C ASN G 4054 -23.88 41.91 -4.28
N VAL G 4055 -23.15 40.86 -4.67
CA VAL G 4055 -22.16 41.00 -5.73
C VAL G 4055 -22.83 41.34 -7.05
N GLU G 4056 -23.84 40.57 -7.45
CA GLU G 4056 -24.48 40.80 -8.75
C GLU G 4056 -25.22 42.12 -8.79
N MET G 4057 -25.59 42.69 -7.64
CA MET G 4057 -26.13 44.04 -7.63
C MET G 4057 -25.12 45.04 -8.16
N ILE G 4058 -23.86 44.91 -7.78
CA ILE G 4058 -22.82 45.76 -8.33
C ILE G 4058 -22.60 45.45 -9.81
N LEU G 4059 -22.55 44.17 -10.17
CA LEU G 4059 -22.33 43.79 -11.57
C LEU G 4059 -23.44 44.30 -12.47
N LYS G 4060 -24.69 44.18 -12.01
CA LYS G 4060 -25.81 44.65 -12.82
C LYS G 4060 -25.74 46.15 -13.05
N PHE G 4061 -25.19 46.89 -12.08
CA PHE G 4061 -25.13 48.35 -12.20
C PHE G 4061 -24.29 48.78 -13.39
N PHE G 4062 -23.14 48.12 -13.60
CA PHE G 4062 -22.30 48.46 -14.75
C PHE G 4062 -22.97 48.14 -16.07
N ASP G 4063 -23.79 47.09 -16.11
CA ASP G 4063 -24.40 46.68 -17.38
C ASP G 4063 -25.29 47.77 -17.95
N MET G 4064 -26.11 48.40 -17.11
CA MET G 4064 -27.05 49.39 -17.59
C MET G 4064 -26.34 50.56 -18.24
N PHE G 4065 -25.28 51.06 -17.61
CA PHE G 4065 -24.57 52.22 -18.14
C PHE G 4065 -23.57 51.85 -19.23
N LEU G 4066 -23.36 50.57 -19.49
CA LEU G 4066 -22.51 50.10 -20.58
C LEU G 4066 -23.32 49.65 -21.79
N LYS G 4067 -24.64 49.50 -21.64
CA LYS G 4067 -25.52 49.24 -22.77
C LYS G 4067 -26.36 50.43 -23.17
N LEU G 4068 -26.66 51.33 -22.22
CA LEU G 4068 -27.33 52.58 -22.57
C LEU G 4068 -26.45 53.42 -23.49
N LYS G 4069 -25.14 53.34 -23.34
CA LYS G 4069 -24.24 53.99 -24.28
C LYS G 4069 -24.39 53.43 -25.70
N ASP G 4070 -24.87 52.19 -25.81
CA ASP G 4070 -25.11 51.59 -27.11
C ASP G 4070 -26.50 51.92 -27.65
N ILE G 4071 -27.51 51.92 -26.78
CA ILE G 4071 -28.86 52.31 -27.21
C ILE G 4071 -28.87 53.75 -27.67
N VAL G 4072 -28.32 54.65 -26.87
CA VAL G 4072 -28.20 56.06 -27.25
C VAL G 4072 -27.08 56.16 -28.26
N GLY G 4073 -27.44 56.32 -29.54
CA GLY G 4073 -26.47 56.33 -30.61
C GLY G 4073 -26.95 55.54 -31.80
N SER G 4074 -27.72 54.49 -31.53
CA SER G 4074 -28.34 53.72 -32.61
C SER G 4074 -29.44 54.54 -33.28
N GLU G 4075 -29.57 54.40 -34.60
CA GLU G 4075 -30.55 55.20 -35.33
C GLU G 4075 -31.98 54.79 -35.01
N ALA G 4076 -32.18 53.59 -34.47
CA ALA G 4076 -33.52 53.18 -34.03
C ALA G 4076 -34.02 54.11 -32.93
N PHE G 4077 -33.16 54.44 -31.96
CA PHE G 4077 -33.55 55.38 -30.92
C PHE G 4077 -33.74 56.78 -31.48
N GLN G 4078 -33.01 57.14 -32.53
CA GLN G 4078 -33.14 58.47 -33.12
C GLN G 4078 -34.51 58.70 -33.76
N ASP G 4079 -35.30 57.65 -33.98
CA ASP G 4079 -36.62 57.85 -34.54
C ASP G 4079 -37.54 58.56 -33.55
N TYR G 4080 -37.55 58.11 -32.29
CA TYR G 4080 -38.48 58.68 -31.31
C TYR G 4080 -38.11 60.09 -30.90
N VAL G 4081 -36.87 60.52 -31.13
CA VAL G 4081 -36.47 61.88 -30.80
C VAL G 4081 -36.82 62.80 -31.98
N THR G 4082 -37.72 63.75 -31.74
CA THR G 4082 -38.06 64.80 -32.70
C THR G 4082 -38.00 66.13 -31.96
N ASP G 4083 -36.80 66.66 -31.84
CA ASP G 4083 -36.57 67.90 -31.09
C ASP G 4083 -35.28 68.55 -31.57
N PRO G 4084 -35.36 69.55 -32.45
CA PRO G 4084 -34.13 70.11 -33.04
C PRO G 4084 -33.12 70.61 -32.03
N ARG G 4085 -33.57 71.12 -30.88
CA ARG G 4085 -32.61 71.59 -29.87
C ARG G 4085 -31.85 70.42 -29.24
N GLY G 4086 -32.48 69.26 -29.12
CA GLY G 4086 -31.78 68.07 -28.70
C GLY G 4086 -32.37 67.28 -27.56
N LEU G 4087 -33.38 67.84 -26.88
CA LEU G 4087 -33.94 67.20 -25.71
C LEU G 4087 -34.91 66.09 -26.13
N ILE G 4088 -35.53 65.45 -25.13
CA ILE G 4088 -36.51 64.40 -25.35
C ILE G 4088 -37.51 64.43 -24.20
N SER G 4089 -38.69 63.86 -24.44
CA SER G 4089 -39.72 63.79 -23.42
C SER G 4089 -39.46 62.62 -22.49
N LYS G 4090 -40.35 62.40 -21.51
CA LYS G 4090 -40.21 61.33 -20.55
C LYS G 4090 -40.94 60.06 -20.96
N LYS G 4091 -42.22 60.19 -21.34
CA LYS G 4091 -43.00 59.01 -21.73
C LYS G 4091 -42.42 58.35 -22.97
N ASP G 4092 -41.94 59.14 -23.93
CA ASP G 4092 -41.34 58.58 -25.13
C ASP G 4092 -40.09 57.78 -24.80
N PHE G 4093 -39.29 58.25 -23.85
CA PHE G 4093 -38.13 57.48 -23.41
C PHE G 4093 -38.56 56.13 -22.86
N GLN G 4094 -39.66 56.10 -22.09
CA GLN G 4094 -40.17 54.84 -21.59
C GLN G 4094 -40.61 53.92 -22.72
N LYS G 4095 -41.26 54.48 -23.74
CA LYS G 4095 -41.67 53.67 -24.89
C LYS G 4095 -40.46 53.15 -25.66
N ALA G 4096 -39.47 54.02 -25.91
CA ALA G 4096 -38.30 53.61 -26.68
C ALA G 4096 -37.53 52.50 -25.97
N MET G 4097 -37.35 52.62 -24.66
CA MET G 4097 -36.71 51.55 -23.90
C MET G 4097 -37.54 50.28 -23.94
N ASP G 4098 -38.86 50.40 -23.78
CA ASP G 4098 -39.74 49.24 -23.80
C ASP G 4098 -39.77 48.59 -25.18
N SER G 4099 -39.74 49.41 -26.24
CA SER G 4099 -39.80 48.89 -27.60
C SER G 4099 -38.68 47.88 -27.86
N GLN G 4100 -37.46 48.22 -27.42
CA GLN G 4100 -36.34 47.31 -27.58
C GLN G 4100 -36.36 46.25 -26.47
N LYS G 4101 -35.54 45.22 -26.65
CA LYS G 4101 -35.49 44.11 -25.71
C LYS G 4101 -34.67 44.49 -24.49
N GLN G 4102 -34.38 43.50 -23.64
CA GLN G 4102 -33.71 43.65 -22.35
C GLN G 4102 -34.30 44.80 -21.53
N PHE G 4103 -33.56 45.26 -20.51
CA PHE G 4103 -33.99 46.38 -19.68
C PHE G 4103 -35.38 46.12 -19.08
N THR G 4104 -35.40 45.12 -18.20
CA THR G 4104 -36.62 44.74 -17.50
C THR G 4104 -37.30 45.95 -16.89
N GLY G 4105 -38.65 45.91 -16.88
CA GLY G 4105 -39.49 47.02 -16.47
C GLY G 4105 -39.01 47.82 -15.28
N PRO G 4106 -38.82 47.18 -14.12
CA PRO G 4106 -38.35 47.92 -12.94
C PRO G 4106 -37.04 48.66 -13.17
N GLU G 4107 -36.14 48.09 -13.96
CA GLU G 4107 -34.90 48.79 -14.29
C GLU G 4107 -35.19 50.08 -15.07
N ILE G 4108 -36.18 50.03 -15.98
CA ILE G 4108 -36.57 51.24 -16.70
C ILE G 4108 -37.07 52.31 -15.74
N GLN G 4109 -37.84 51.89 -14.74
CA GLN G 4109 -38.29 52.85 -13.73
C GLN G 4109 -37.10 53.46 -13.01
N PHE G 4110 -36.09 52.66 -12.70
CA PHE G 4110 -34.89 53.18 -12.05
C PHE G 4110 -34.15 54.16 -12.96
N LEU G 4111 -33.99 53.81 -14.24
CA LEU G 4111 -33.26 54.67 -15.16
C LEU G 4111 -33.95 56.01 -15.34
N LEU G 4112 -35.28 56.00 -15.42
CA LEU G 4112 -36.03 57.25 -15.48
C LEU G 4112 -35.84 58.06 -14.20
N SER G 4113 -35.83 57.38 -13.05
CA SER G 4113 -35.71 58.07 -11.77
C SER G 4113 -34.38 58.80 -11.65
N CYS G 4114 -33.28 58.16 -12.05
CA CYS G 4114 -31.98 58.78 -11.94
C CYS G 4114 -31.74 59.84 -13.02
N SER G 4115 -32.61 59.93 -14.02
CA SER G 4115 -32.49 60.97 -15.03
C SER G 4115 -32.82 62.33 -14.44
N GLU G 4116 -32.66 63.36 -15.26
CA GLU G 4116 -32.92 64.73 -14.83
C GLU G 4116 -34.42 65.02 -14.91
N ALA G 4117 -34.78 66.28 -14.76
CA ALA G 4117 -36.18 66.68 -14.56
C ALA G 4117 -36.39 68.06 -15.16
N ASP G 4118 -37.47 68.73 -14.74
CA ASP G 4118 -37.87 70.08 -15.12
C ASP G 4118 -38.68 70.04 -16.41
N GLU G 4119 -39.91 70.54 -16.35
CA GLU G 4119 -40.88 70.59 -17.44
C GLU G 4119 -41.38 69.21 -17.85
N ASN G 4120 -40.87 68.15 -17.23
CA ASN G 4120 -41.23 66.76 -17.52
C ASN G 4120 -40.91 66.37 -18.96
N GLU G 4121 -40.22 67.24 -19.72
CA GLU G 4121 -39.89 66.94 -21.10
C GLU G 4121 -38.47 67.38 -21.45
N MET G 4122 -37.58 67.50 -20.46
CA MET G 4122 -36.20 67.93 -20.67
C MET G 4122 -35.29 66.84 -20.11
N ILE G 4123 -34.88 65.93 -20.98
CA ILE G 4123 -33.98 64.83 -20.64
C ILE G 4123 -32.89 64.82 -21.70
N ASN G 4124 -31.75 65.44 -21.39
CA ASN G 4124 -30.65 65.53 -22.34
C ASN G 4124 -29.90 64.21 -22.36
N PHE G 4125 -30.20 63.37 -23.35
CA PHE G 4125 -29.61 62.04 -23.39
C PHE G 4125 -28.14 62.08 -23.78
N GLU G 4126 -27.72 63.06 -24.59
CA GLU G 4126 -26.34 63.11 -25.03
C GLU G 4126 -25.37 63.29 -23.86
N GLU G 4127 -25.81 63.93 -22.79
CA GLU G 4127 -25.00 64.10 -21.58
C GLU G 4127 -25.32 63.06 -20.52
N PHE G 4128 -26.55 62.55 -20.49
CA PHE G 4128 -26.93 61.54 -19.50
C PHE G 4128 -26.12 60.26 -19.64
N ALA G 4129 -25.63 59.94 -20.83
CA ALA G 4129 -24.85 58.72 -21.01
C ALA G 4129 -23.40 58.93 -20.56
N ASN G 4130 -22.78 60.04 -20.95
CA ASN G 4130 -21.40 60.30 -20.62
C ASN G 4130 -21.25 60.96 -19.26
N ARG G 4131 -21.82 60.36 -18.21
CA ARG G 4131 -21.61 60.82 -16.85
C ARG G 4131 -21.13 59.72 -15.92
N PHE G 4132 -20.98 58.49 -16.41
CA PHE G 4132 -20.43 57.41 -15.60
C PHE G 4132 -19.43 56.57 -16.36
N GLN G 4133 -18.97 57.03 -17.53
CA GLN G 4133 -17.95 56.28 -18.26
C GLN G 4133 -16.56 56.54 -17.69
N GLU G 4134 -16.11 57.79 -17.73
CA GLU G 4134 -14.79 58.12 -17.20
C GLU G 4134 -14.69 57.84 -15.70
N PRO G 4135 -15.61 58.27 -14.84
CA PRO G 4135 -15.47 57.94 -13.41
C PRO G 4135 -15.47 56.45 -13.12
N ALA G 4136 -16.19 55.66 -13.92
CA ALA G 4136 -16.27 54.21 -13.70
C ALA G 4136 -15.56 53.43 -14.80
N ARG G 4137 -14.63 54.07 -15.53
CA ARG G 4137 -13.80 53.33 -16.47
C ARG G 4137 -12.91 52.34 -15.74
N ASP G 4138 -12.43 52.71 -14.55
CA ASP G 4138 -11.73 51.78 -13.68
C ASP G 4138 -12.78 50.93 -12.98
N ILE G 4139 -12.38 50.22 -11.92
CA ILE G 4139 -13.28 49.34 -11.17
C ILE G 4139 -13.76 48.23 -12.08
N GLY G 4140 -14.54 48.59 -13.11
CA GLY G 4140 -14.97 47.60 -14.08
C GLY G 4140 -13.81 46.84 -14.69
N PHE G 4141 -12.67 47.51 -14.88
CA PHE G 4141 -11.50 46.80 -15.37
C PHE G 4141 -10.94 45.87 -14.28
N ASN G 4142 -10.87 46.35 -13.04
CA ASN G 4142 -10.24 45.58 -11.99
C ASN G 4142 -11.14 44.51 -11.39
N VAL G 4143 -12.38 44.38 -11.87
CA VAL G 4143 -13.19 43.22 -11.52
C VAL G 4143 -13.09 42.23 -12.67
N ALA G 4144 -12.86 42.74 -13.89
CA ALA G 4144 -12.60 41.86 -15.01
C ALA G 4144 -11.32 41.05 -14.79
N VAL G 4145 -10.28 41.72 -14.28
CA VAL G 4145 -9.04 41.01 -13.95
C VAL G 4145 -9.28 40.03 -12.82
N LEU G 4146 -10.09 40.42 -11.82
CA LEU G 4146 -10.34 39.55 -10.68
C LEU G 4146 -11.03 38.27 -11.11
N LEU G 4147 -12.12 38.38 -11.87
CA LEU G 4147 -12.85 37.19 -12.29
C LEU G 4147 -12.02 36.32 -13.22
N THR G 4148 -11.27 36.93 -14.13
CA THR G 4148 -10.47 36.15 -15.07
C THR G 4148 -9.38 35.37 -14.34
N ASN G 4149 -8.71 36.00 -13.39
CA ASN G 4149 -7.67 35.31 -12.64
C ASN G 4149 -8.25 34.17 -11.80
N LEU G 4150 -9.40 34.39 -11.19
CA LEU G 4150 -10.05 33.34 -10.42
C LEU G 4150 -10.48 32.18 -11.31
N SER G 4151 -11.01 32.50 -12.49
CA SER G 4151 -11.51 31.44 -13.38
C SER G 4151 -10.41 30.48 -13.79
N GLU G 4152 -9.19 30.99 -13.97
CA GLU G 4152 -8.08 30.14 -14.41
C GLU G 4152 -7.59 29.24 -13.29
N HIS G 4153 -7.31 29.81 -12.12
CA HIS G 4153 -6.69 29.04 -11.04
C HIS G 4153 -7.61 27.95 -10.53
N VAL G 4154 -8.90 28.24 -10.36
CA VAL G 4154 -9.87 27.19 -10.05
C VAL G 4154 -10.73 26.98 -11.30
N PRO G 4155 -10.52 25.87 -12.02
CA PRO G 4155 -11.18 25.72 -13.33
C PRO G 4155 -12.46 24.91 -13.30
N HIS G 4156 -12.76 24.25 -12.18
CA HIS G 4156 -13.94 23.38 -12.08
C HIS G 4156 -14.65 23.66 -10.77
N ASP G 4157 -15.56 24.63 -10.79
CA ASP G 4157 -16.43 24.94 -9.66
C ASP G 4157 -17.69 25.58 -10.20
N PRO G 4158 -18.84 24.90 -10.11
CA PRO G 4158 -20.07 25.46 -10.70
C PRO G 4158 -20.51 26.76 -10.05
N ARG G 4159 -20.14 27.00 -8.79
CA ARG G 4159 -20.48 28.27 -8.15
C ARG G 4159 -19.85 29.44 -8.88
N LEU G 4160 -18.59 29.28 -9.30
CA LEU G 4160 -17.88 30.38 -9.93
C LEU G 4160 -18.46 30.72 -11.30
N ARG G 4161 -18.90 29.70 -12.05
CA ARG G 4161 -19.39 29.94 -13.41
C ARG G 4161 -20.65 30.80 -13.41
N ASN G 4162 -21.49 30.67 -12.38
CA ASN G 4162 -22.73 31.43 -12.32
C ASN G 4162 -22.47 32.93 -12.41
N PHE G 4163 -21.44 33.42 -11.70
CA PHE G 4163 -21.11 34.83 -11.76
C PHE G 4163 -20.56 35.23 -13.12
N LEU G 4164 -19.83 34.34 -13.78
CA LEU G 4164 -19.17 34.69 -15.03
C LEU G 4164 -20.18 35.03 -16.12
N GLU G 4165 -21.29 34.29 -16.19
CA GLU G 4165 -22.30 34.57 -17.20
C GLU G 4165 -23.13 35.80 -16.89
N LEU G 4166 -22.97 36.40 -15.71
CA LEU G 4166 -23.66 37.63 -15.38
C LEU G 4166 -22.91 38.88 -15.84
N ALA G 4167 -21.71 38.72 -16.38
CA ALA G 4167 -20.86 39.84 -16.77
C ALA G 4167 -20.32 39.64 -18.18
N GLU G 4168 -21.18 39.25 -19.11
CA GLU G 4168 -20.80 39.14 -20.51
C GLU G 4168 -20.80 40.48 -21.23
N SER G 4169 -20.98 41.58 -20.51
CA SER G 4169 -20.78 42.92 -21.06
C SER G 4169 -19.43 43.50 -20.66
N ILE G 4170 -19.11 43.48 -19.36
CA ILE G 4170 -17.80 43.96 -18.92
C ILE G 4170 -16.70 43.08 -19.49
N LEU G 4171 -16.86 41.77 -19.39
CA LEU G 4171 -15.83 40.84 -19.86
C LEU G 4171 -15.65 40.92 -21.36
N GLU G 4172 -16.67 41.36 -22.10
CA GLU G 4172 -16.57 41.50 -23.55
C GLU G 4172 -16.05 42.88 -23.94
N TYR G 4173 -16.52 43.93 -23.27
CA TYR G 4173 -16.02 45.27 -23.57
C TYR G 4173 -14.53 45.39 -23.30
N PHE G 4174 -14.07 44.85 -22.17
CA PHE G 4174 -12.65 44.88 -21.85
C PHE G 4174 -11.93 43.63 -22.34
N ARG G 4175 -12.18 43.24 -23.59
CA ARG G 4175 -11.39 42.16 -24.19
C ARG G 4175 -10.07 42.68 -24.76
N PRO G 4176 -10.07 43.76 -25.61
CA PRO G 4176 -8.81 44.29 -26.16
C PRO G 4176 -8.16 45.32 -25.26
N TYR G 4177 -8.14 45.06 -23.96
CA TYR G 4177 -7.49 45.98 -23.02
C TYR G 4177 -6.61 45.31 -21.98
N LEU G 4178 -6.70 43.99 -21.79
CA LEU G 4178 -5.88 43.28 -20.85
C LEU G 4178 -4.93 42.35 -21.58
N GLY G 4179 -3.68 42.33 -21.16
CA GLY G 4179 -2.66 41.48 -21.76
C GLY G 4179 -2.21 40.41 -20.77
N ARG G 4180 -1.94 39.23 -21.29
CA ARG G 4180 -1.57 38.07 -20.48
C ARG G 4180 -0.13 37.71 -20.77
N ILE G 4181 0.70 37.64 -19.74
CA ILE G 4181 2.12 37.33 -19.85
C ILE G 4181 2.39 36.09 -19.01
N GLU G 4182 3.45 35.37 -19.39
CA GLU G 4182 3.76 34.07 -18.81
C GLU G 4182 5.22 33.98 -18.41
N ILE G 4183 5.70 34.97 -17.67
CA ILE G 4183 7.09 35.03 -17.23
C ILE G 4183 7.36 33.94 -16.19
N MET G 4184 8.64 33.71 -15.90
CA MET G 4184 9.06 32.72 -14.92
C MET G 4184 10.16 33.31 -14.06
N GLY G 4185 9.97 33.30 -12.75
CA GLY G 4185 10.98 33.88 -11.89
C GLY G 4185 10.74 33.58 -10.43
N ALA G 4186 11.65 34.09 -9.60
CA ALA G 4186 11.61 33.93 -8.16
C ALA G 4186 11.61 32.47 -7.75
N SER G 4187 10.43 31.92 -7.50
CA SER G 4187 10.23 30.55 -7.00
C SER G 4187 10.54 29.46 -8.02
N ARG G 4188 11.16 29.78 -9.15
CA ARG G 4188 11.49 28.81 -10.20
C ARG G 4188 10.22 28.12 -10.70
N ARG G 4189 9.21 28.92 -11.00
CA ARG G 4189 7.91 28.41 -11.40
C ARG G 4189 7.27 29.37 -12.38
N ILE G 4190 6.31 28.86 -13.16
CA ILE G 4190 5.59 29.67 -14.13
C ILE G 4190 4.45 30.39 -13.43
N GLU G 4191 4.33 31.69 -13.71
CA GLU G 4191 3.27 32.51 -13.15
C GLU G 4191 2.74 33.44 -14.23
N ARG G 4192 1.48 33.85 -14.09
CA ARG G 4192 0.81 34.68 -15.07
C ARG G 4192 0.74 36.12 -14.60
N ILE G 4193 0.74 37.04 -15.55
CA ILE G 4193 0.69 38.47 -15.28
C ILE G 4193 -0.44 39.10 -16.07
N TYR G 4194 -1.20 39.97 -15.42
CA TYR G 4194 -2.26 40.73 -16.08
C TYR G 4194 -2.00 42.22 -15.88
N PHE G 4195 -2.39 43.01 -16.87
CA PHE G 4195 -2.13 44.45 -16.82
C PHE G 4195 -3.08 45.14 -17.80
N GLU G 4196 -2.89 46.45 -17.96
CA GLU G 4196 -3.80 47.29 -18.74
C GLU G 4196 -3.01 48.05 -19.78
N ILE G 4197 -3.60 48.20 -20.97
CA ILE G 4197 -2.99 48.91 -22.08
C ILE G 4197 -3.99 49.92 -22.62
N SER G 4198 -3.53 51.15 -22.86
CA SER G 4198 -4.40 52.21 -23.30
C SER G 4198 -4.75 52.05 -24.78
N GLU G 4199 -5.77 52.80 -25.22
CA GLU G 4199 -6.17 52.75 -26.62
C GLU G 4199 -5.06 53.29 -27.52
N THR G 4200 -4.48 54.44 -27.13
CA THR G 4200 -3.42 55.03 -27.93
C THR G 4200 -2.19 54.14 -27.96
N ASN G 4201 -1.95 53.40 -26.89
CA ASN G 4201 -0.81 52.50 -26.85
C ASN G 4201 -0.93 51.43 -27.94
N ARG G 4202 -2.13 50.86 -28.08
CA ARG G 4202 -2.37 49.88 -29.14
C ARG G 4202 -2.61 50.55 -30.49
N ALA G 4203 -3.18 51.76 -30.51
CA ALA G 4203 -3.48 52.42 -31.77
C ALA G 4203 -2.23 52.64 -32.60
N GLN G 4204 -1.14 53.07 -31.96
CA GLN G 4204 0.11 53.26 -32.69
C GLN G 4204 0.85 51.94 -32.82
N TRP G 4205 0.18 50.89 -33.28
CA TRP G 4205 0.82 49.60 -33.49
C TRP G 4205 0.41 48.98 -34.81
N GLU G 4206 -0.79 49.33 -35.30
CA GLU G 4206 -1.32 48.74 -36.52
C GLU G 4206 -1.13 49.63 -37.73
N MET G 4207 -0.47 50.77 -37.59
CA MET G 4207 -0.13 51.58 -38.74
C MET G 4207 0.84 50.80 -39.63
N PRO G 4208 0.73 50.92 -40.96
CA PRO G 4208 1.50 50.04 -41.85
C PRO G 4208 3.00 50.08 -41.65
N GLN G 4209 3.56 51.21 -41.23
CA GLN G 4209 5.02 51.30 -41.08
C GLN G 4209 5.54 50.31 -40.05
N VAL G 4210 4.87 50.22 -38.90
CA VAL G 4210 5.32 49.31 -37.85
C VAL G 4210 5.11 47.86 -38.27
N LYS G 4211 3.99 47.58 -38.96
CA LYS G 4211 3.69 46.20 -39.32
C LYS G 4211 4.76 45.62 -40.24
N GLU G 4212 5.22 46.40 -41.21
CA GLU G 4212 6.28 45.92 -42.10
C GLU G 4212 7.58 45.73 -41.34
N SER G 4213 7.83 46.54 -40.31
CA SER G 4213 9.02 46.35 -39.48
C SER G 4213 8.96 45.01 -38.75
N LYS G 4214 7.77 44.61 -38.29
CA LYS G 4214 7.61 43.31 -37.68
C LYS G 4214 7.98 42.19 -38.65
N ARG G 4215 7.49 42.29 -39.88
CA ARG G 4215 7.72 41.22 -40.85
C ARG G 4215 9.19 41.09 -41.19
N GLN G 4216 9.89 42.21 -41.37
CA GLN G 4216 11.29 42.16 -41.75
C GLN G 4216 12.15 41.64 -40.60
N PHE G 4217 11.83 42.02 -39.36
CA PHE G 4217 12.60 41.54 -38.22
C PHE G 4217 12.43 40.04 -38.03
N ILE G 4218 11.20 39.53 -38.16
CA ILE G 4218 10.96 38.10 -38.01
C ILE G 4218 11.70 37.32 -39.09
N PHE G 4219 11.82 37.90 -40.28
CA PHE G 4219 12.45 37.19 -41.39
C PHE G 4219 13.94 36.94 -41.14
N ASP G 4220 14.66 37.97 -40.68
CA ASP G 4220 16.12 37.91 -40.59
C ASP G 4220 16.61 37.57 -39.18
N VAL G 4221 15.84 36.82 -38.41
CA VAL G 4221 16.32 36.27 -37.14
C VAL G 4221 16.18 34.77 -37.06
N VAL G 4222 15.56 34.13 -38.06
CA VAL G 4222 15.42 32.67 -38.06
C VAL G 4222 16.45 32.07 -39.00
N ASN G 4223 16.82 32.80 -40.05
CA ASN G 4223 17.77 32.33 -41.05
C ASN G 4223 19.10 33.08 -41.02
N GLU G 4224 19.52 33.49 -39.83
CA GLU G 4224 20.90 33.91 -39.55
C GLU G 4224 21.28 33.38 -38.18
N GLY G 4225 22.37 33.89 -37.64
CA GLY G 4225 22.98 33.36 -36.44
C GLY G 4225 22.30 33.73 -35.14
N GLY G 4226 21.10 33.20 -34.91
CA GLY G 4226 20.46 33.38 -33.63
C GLY G 4226 20.60 32.18 -32.71
N GLU G 4227 19.50 31.44 -32.52
CA GLU G 4227 19.42 30.11 -31.90
C GLU G 4227 19.87 30.09 -30.44
N ALA G 4228 20.49 31.17 -29.97
CA ALA G 4228 20.74 31.37 -28.55
C ALA G 4228 20.47 32.81 -28.13
N GLU G 4229 21.21 33.75 -28.72
CA GLU G 4229 21.16 35.17 -28.44
C GLU G 4229 20.05 35.88 -29.19
N LYS G 4230 19.08 35.13 -29.71
CA LYS G 4230 17.95 35.75 -30.40
C LYS G 4230 17.15 36.64 -29.47
N MET G 4231 17.11 36.30 -28.18
CA MET G 4231 16.23 37.02 -27.26
C MET G 4231 16.68 38.45 -27.04
N GLU G 4232 17.99 38.69 -26.92
CA GLU G 4232 18.46 40.06 -26.73
C GLU G 4232 18.21 40.89 -27.98
N LEU G 4233 18.20 40.26 -29.15
CA LEU G 4233 17.82 40.97 -30.36
C LEU G 4233 16.36 41.41 -30.30
N PHE G 4234 15.49 40.54 -29.77
CA PHE G 4234 14.08 40.90 -29.63
C PHE G 4234 13.90 42.10 -28.69
N VAL G 4235 14.63 42.12 -27.58
CA VAL G 4235 14.57 43.28 -26.69
C VAL G 4235 15.12 44.51 -27.40
N SER G 4236 16.21 44.35 -28.15
CA SER G 4236 16.73 45.45 -28.95
C SER G 4236 15.72 45.89 -30.00
N PHE G 4237 14.94 44.94 -30.53
CA PHE G 4237 13.86 45.29 -31.46
C PHE G 4237 12.83 46.18 -30.78
N CYS G 4238 12.45 45.85 -29.54
CA CYS G 4238 11.46 46.65 -28.83
C CYS G 4238 11.99 48.05 -28.57
N GLU G 4239 13.24 48.19 -28.14
CA GLU G 4239 13.77 49.45 -27.65
C GLU G 4239 13.95 50.52 -28.71
N ASP G 4240 13.86 50.20 -30.00
CA ASP G 4240 13.84 51.23 -31.05
C ASP G 4240 12.49 51.39 -31.75
N THR G 4241 11.56 50.42 -31.73
CA THR G 4241 10.17 50.74 -32.02
C THR G 4241 9.59 51.65 -30.93
N ILE G 4242 10.14 51.57 -29.72
CA ILE G 4242 9.80 52.55 -28.69
C ILE G 4242 10.09 53.96 -29.19
N PHE G 4243 11.27 54.18 -29.76
CA PHE G 4243 11.68 55.48 -30.28
C PHE G 4243 10.88 55.89 -31.52
N GLU G 4244 10.61 54.94 -32.42
CA GLU G 4244 9.83 55.21 -33.62
C GLU G 4244 8.40 55.71 -33.31
N MET G 4245 7.69 55.15 -32.33
CA MET G 4245 6.33 55.57 -32.06
C MET G 4245 6.30 56.98 -31.47
N GLN G 4246 7.34 57.36 -30.72
CA GLN G 4246 7.40 58.71 -30.18
C GLN G 4246 7.50 59.75 -31.28
N ILE G 4247 8.31 59.48 -32.32
CA ILE G 4247 8.48 60.40 -33.45
C ILE G 4247 7.15 60.62 -34.17
N ALA G 4248 6.38 59.55 -34.40
CA ALA G 4248 5.11 59.68 -35.12
C ALA G 4248 4.11 60.53 -34.37
N ALA G 4249 4.14 60.50 -33.03
CA ALA G 4249 3.25 61.37 -32.26
C ALA G 4249 3.58 62.84 -32.45
N GLN G 4250 4.88 63.15 -32.56
CA GLN G 4250 5.32 64.55 -32.69
C GLN G 4250 5.00 65.15 -34.04
N ILE G 4251 4.54 64.38 -35.01
CA ILE G 4251 4.19 64.90 -36.33
C ILE G 4251 2.69 64.88 -36.57
N SER G 4252 1.90 64.66 -35.53
CA SER G 4252 0.45 64.62 -35.68
C SER G 4252 -0.23 65.10 -34.40
N TRP G 4541 9.23 86.24 -35.20
CA TRP G 4541 9.99 85.09 -34.73
C TRP G 4541 9.08 83.97 -34.27
N GLY G 4542 7.99 84.31 -33.61
CA GLY G 4542 7.05 83.29 -33.24
C GLY G 4542 6.68 82.77 -34.61
N GLU G 4543 6.61 83.69 -35.57
CA GLU G 4543 6.30 83.31 -36.93
C GLU G 4543 7.24 82.23 -37.39
N LEU G 4544 8.52 82.57 -37.53
CA LEU G 4544 9.50 81.55 -37.85
C LEU G 4544 9.10 80.26 -37.19
N GLU G 4545 9.11 80.19 -35.87
CA GLU G 4545 8.79 78.92 -35.22
C GLU G 4545 7.62 78.18 -35.83
N VAL G 4546 6.44 78.72 -35.57
CA VAL G 4546 5.25 78.05 -36.07
C VAL G 4546 5.41 77.57 -37.51
N GLN G 4547 5.76 78.49 -38.41
CA GLN G 4547 5.89 78.12 -39.81
C GLN G 4547 6.87 76.96 -40.03
N ARG G 4548 8.12 77.12 -39.63
CA ARG G 4548 9.09 76.05 -39.73
C ARG G 4548 8.40 74.77 -39.38
N VAL G 4549 7.84 74.69 -38.19
CA VAL G 4549 7.28 73.39 -37.82
C VAL G 4549 6.19 72.93 -38.77
N LYS G 4550 5.09 73.66 -38.88
CA LYS G 4550 4.04 73.14 -39.73
C LYS G 4550 4.61 72.68 -41.08
N PHE G 4551 5.60 73.38 -41.62
CA PHE G 4551 6.13 73.02 -42.94
C PHE G 4551 6.90 71.73 -42.92
N LEU G 4552 7.94 71.68 -42.12
CA LEU G 4552 8.71 70.47 -42.09
C LEU G 4552 7.79 69.33 -41.72
N ASN G 4553 6.57 69.62 -41.29
CA ASN G 4553 5.76 68.46 -40.96
C ASN G 4553 4.67 68.06 -41.97
N TYR G 4554 4.56 68.84 -43.01
CA TYR G 4554 3.70 68.37 -44.08
C TYR G 4554 4.64 67.50 -44.93
N LEU G 4555 5.86 67.94 -45.14
CA LEU G 4555 6.83 67.23 -45.97
C LEU G 4555 7.53 66.14 -45.25
N SER G 4556 6.89 65.56 -44.26
CA SER G 4556 7.48 64.44 -43.59
C SER G 4556 6.37 63.52 -43.27
N ARG G 4557 5.24 63.69 -43.91
CA ARG G 4557 4.18 62.73 -43.76
C ARG G 4557 3.93 62.43 -45.21
N ASN G 4558 3.92 63.44 -46.06
CA ASN G 4558 3.80 63.20 -47.49
C ASN G 4558 5.12 62.73 -48.10
N PHE G 4559 5.89 61.90 -47.41
CA PHE G 4559 7.19 61.41 -47.92
C PHE G 4559 7.08 60.47 -49.13
N TYR G 4560 6.14 59.53 -49.15
CA TYR G 4560 6.10 58.52 -50.23
C TYR G 4560 5.47 59.00 -51.54
N THR G 4561 4.55 59.96 -51.49
CA THR G 4561 3.90 60.54 -52.62
C THR G 4561 4.94 61.31 -53.33
N LEU G 4562 5.65 62.19 -52.65
CA LEU G 4562 6.59 62.98 -53.41
C LEU G 4562 7.50 62.00 -54.08
N LYS G 4563 7.94 60.94 -53.43
CA LYS G 4563 8.77 60.01 -54.20
C LYS G 4563 8.14 59.61 -55.50
N TYR G 4564 7.03 58.87 -55.58
CA TYR G 4564 6.47 58.45 -56.91
C TYR G 4564 6.23 59.53 -57.94
N LEU G 4565 5.98 60.71 -57.49
CA LEU G 4565 5.79 61.77 -58.42
C LEU G 4565 7.08 61.99 -59.17
N ALA G 4566 8.23 61.82 -58.57
CA ALA G 4566 9.44 62.10 -59.30
C ALA G 4566 9.51 61.14 -60.40
N LEU G 4567 9.25 59.89 -60.12
CA LEU G 4567 9.22 58.88 -61.17
C LEU G 4567 8.27 59.26 -62.30
N PHE G 4568 7.04 59.63 -62.03
CA PHE G 4568 6.22 60.01 -63.18
C PHE G 4568 6.82 61.19 -63.93
N LEU G 4569 7.24 62.24 -63.26
CA LEU G 4569 7.77 63.36 -64.00
C LEU G 4569 8.99 62.97 -64.83
N ALA G 4570 9.82 62.03 -64.41
CA ALA G 4570 10.95 61.68 -65.29
C ALA G 4570 10.59 60.70 -66.35
N PHE G 4571 9.65 59.82 -66.14
CA PHE G 4571 9.24 58.98 -67.24
C PHE G 4571 8.63 59.92 -68.25
N ALA G 4572 8.24 61.13 -67.86
CA ALA G 4572 7.76 62.07 -68.89
C ALA G 4572 8.90 62.71 -69.63
N ILE G 4573 9.58 63.66 -69.00
CA ILE G 4573 10.67 64.32 -69.64
C ILE G 4573 11.44 63.30 -70.41
N ASN G 4574 11.68 62.08 -70.04
CA ASN G 4574 12.50 61.25 -70.94
C ASN G 4574 11.81 61.04 -72.30
N PHE G 4575 10.49 60.99 -72.34
CA PHE G 4575 9.75 60.74 -73.59
C PHE G 4575 9.69 61.90 -74.57
N ILE G 4576 9.71 63.10 -74.01
CA ILE G 4576 9.77 64.35 -74.76
C ILE G 4576 11.15 64.49 -75.42
N LEU G 4577 12.20 63.80 -74.95
CA LEU G 4577 13.50 63.78 -75.63
C LEU G 4577 13.53 62.92 -76.91
N LEU G 4578 12.64 61.94 -77.09
CA LEU G 4578 12.61 61.08 -78.25
C LEU G 4578 11.96 61.82 -79.37
N PHE G 4579 12.18 63.13 -79.52
CA PHE G 4579 11.78 63.96 -80.64
C PHE G 4579 12.91 64.92 -81.05
N TYR G 4580 14.07 64.86 -80.39
CA TYR G 4580 15.26 65.56 -80.85
C TYR G 4580 15.67 65.07 -82.25
N LYS G 4581 16.21 65.97 -83.05
CA LYS G 4581 16.66 65.73 -84.44
C LYS G 4581 17.95 66.51 -84.68
N VAL G 4582 18.73 66.16 -85.69
CA VAL G 4582 19.96 66.91 -86.03
C VAL G 4582 20.01 67.31 -87.49
N SER G 4583 20.49 68.51 -87.78
CA SER G 4583 20.62 69.06 -89.13
C SER G 4583 21.89 69.89 -89.27
N ASP G 4584 22.56 69.80 -90.42
CA ASP G 4584 23.68 70.67 -90.78
C ASP G 4584 23.25 72.09 -91.15
N SER G 4585 21.98 72.29 -91.56
CA SER G 4585 21.36 73.59 -91.76
C SER G 4585 20.44 73.95 -90.57
N PRO G 4586 20.72 75.02 -89.82
CA PRO G 4586 19.95 75.40 -88.62
C PRO G 4586 18.46 75.70 -88.90
N PRO G 4587 17.60 75.74 -87.86
CA PRO G 4587 16.19 76.11 -87.97
C PRO G 4587 15.97 77.44 -88.70
N ASN G 4626 27.82 74.27 -88.17
CA ASN G 4626 27.87 73.02 -87.41
C ASN G 4626 26.47 72.44 -87.17
N MET G 4627 26.39 71.15 -86.81
CA MET G 4627 25.11 70.46 -86.61
C MET G 4627 24.33 70.99 -85.40
N VAL G 4628 23.03 71.26 -85.56
CA VAL G 4628 22.17 71.86 -84.53
C VAL G 4628 21.13 70.88 -83.99
N TYR G 4629 21.11 70.66 -82.68
CA TYR G 4629 20.14 69.79 -81.97
C TYR G 4629 18.80 70.49 -81.72
N TYR G 4630 18.08 70.87 -82.78
CA TYR G 4630 16.75 71.45 -82.62
C TYR G 4630 15.68 70.39 -82.29
N PHE G 4631 14.48 70.84 -81.95
CA PHE G 4631 13.40 69.96 -81.51
C PHE G 4631 12.37 69.75 -82.62
N LEU G 4632 12.14 68.50 -83.02
CA LEU G 4632 11.24 68.16 -84.14
C LEU G 4632 9.86 67.72 -83.62
N GLU G 4633 9.14 68.65 -83.00
CA GLU G 4633 7.86 68.40 -82.35
C GLU G 4633 6.77 67.85 -83.28
N GLU G 4634 5.67 67.36 -82.71
CA GLU G 4634 4.49 66.87 -83.43
C GLU G 4634 3.64 68.01 -84.04
N SER G 4635 4.27 68.81 -84.91
CA SER G 4635 3.81 70.05 -85.55
C SER G 4635 3.47 71.21 -84.59
N THR G 4636 2.72 70.96 -83.53
CA THR G 4636 2.30 71.98 -82.56
C THR G 4636 3.47 72.45 -81.68
N GLY G 4637 3.60 73.77 -81.51
CA GLY G 4637 4.55 74.40 -80.62
C GLY G 4637 4.48 74.15 -79.13
N TYR G 4638 3.70 73.17 -78.72
CA TYR G 4638 3.52 72.92 -77.29
C TYR G 4638 4.52 71.93 -76.65
N MET G 4639 5.78 71.80 -77.11
CA MET G 4639 6.72 70.81 -76.55
C MET G 4639 8.05 71.44 -76.16
N GLU G 4640 8.62 72.25 -77.05
CA GLU G 4640 9.75 73.10 -76.70
C GLU G 4640 9.54 73.89 -75.40
N PRO G 4641 8.31 74.31 -75.02
CA PRO G 4641 8.22 75.00 -73.75
C PRO G 4641 8.04 74.06 -72.55
N ALA G 4642 7.10 73.15 -72.63
CA ALA G 4642 6.82 72.20 -71.55
C ALA G 4642 8.04 71.48 -71.08
N LEU G 4643 8.92 71.10 -71.99
CA LEU G 4643 10.20 70.56 -71.58
C LEU G 4643 10.91 71.64 -70.78
N TRP G 4644 10.69 72.94 -71.08
CA TRP G 4644 11.31 73.93 -70.18
C TRP G 4644 10.61 74.09 -68.83
N CYS G 4645 9.35 73.69 -68.70
CA CYS G 4645 8.74 73.73 -67.36
C CYS G 4645 8.67 72.42 -66.58
N LEU G 4646 9.08 71.30 -67.15
CA LEU G 4646 9.13 70.06 -66.35
C LEU G 4646 10.55 69.77 -65.95
N SER G 4647 11.47 70.67 -66.21
CA SER G 4647 12.79 70.49 -65.69
C SER G 4647 12.87 71.19 -64.31
N LEU G 4648 12.43 72.42 -64.26
CA LEU G 4648 12.43 73.09 -62.97
C LEU G 4648 11.62 72.34 -61.91
N LEU G 4649 10.58 71.62 -62.23
CA LEU G 4649 9.88 70.92 -61.20
C LEU G 4649 10.80 69.80 -60.83
N HIS G 4650 11.14 68.89 -61.72
CA HIS G 4650 12.10 67.86 -61.32
C HIS G 4650 13.25 68.38 -60.44
N THR G 4651 13.54 69.68 -60.40
CA THR G 4651 14.54 70.10 -59.33
C THR G 4651 13.99 70.78 -58.03
N LEU G 4652 12.68 70.80 -57.73
CA LEU G 4652 12.05 71.21 -56.48
C LEU G 4652 11.72 70.01 -55.61
N VAL G 4653 11.01 69.01 -56.17
CA VAL G 4653 10.69 67.82 -55.41
C VAL G 4653 11.95 67.04 -55.05
N ALA G 4654 12.99 67.15 -55.88
CA ALA G 4654 14.28 66.57 -55.51
C ALA G 4654 14.82 67.21 -54.25
N PHE G 4655 14.58 68.51 -54.06
CA PHE G 4655 15.03 69.17 -52.84
C PHE G 4655 14.26 68.70 -51.63
N LEU G 4656 12.95 68.48 -51.77
CA LEU G 4656 12.17 67.91 -50.68
C LEU G 4656 12.56 66.46 -50.39
N MET G 4657 13.03 65.71 -51.32
CA MET G 4657 13.34 64.38 -50.93
C MET G 4657 14.49 64.58 -49.96
N ILE G 4658 15.47 65.42 -50.21
CA ILE G 4658 16.58 65.53 -49.27
C ILE G 4658 16.15 66.13 -47.92
N ILE G 4659 15.53 67.30 -47.91
CA ILE G 4659 15.04 67.87 -46.66
C ILE G 4659 14.24 66.81 -45.90
N GLY G 4660 13.35 66.08 -46.57
CA GLY G 4660 12.41 65.17 -45.92
C GLY G 4660 13.10 64.00 -45.22
N TYR G 4661 14.02 63.33 -45.92
CA TYR G 4661 14.79 62.23 -45.34
C TYR G 4661 15.52 62.69 -44.06
N ASN G 4662 16.06 63.90 -44.06
CA ASN G 4662 16.82 64.46 -42.95
C ASN G 4662 16.02 64.63 -41.65
N CYS G 4663 14.70 64.45 -41.68
CA CYS G 4663 13.86 64.53 -40.47
C CYS G 4663 13.01 63.28 -40.23
N LEU G 4664 12.62 62.53 -41.26
CA LEU G 4664 11.86 61.29 -41.07
C LEU G 4664 12.74 60.12 -40.60
N LYS G 4665 13.94 59.95 -41.18
CA LYS G 4665 14.73 58.71 -41.00
C LYS G 4665 16.09 58.89 -40.32
N VAL G 4666 16.70 60.07 -40.37
CA VAL G 4666 17.99 60.31 -39.70
C VAL G 4666 17.95 60.16 -38.18
N PRO G 4667 16.95 60.64 -37.42
CA PRO G 4667 16.95 60.46 -35.97
C PRO G 4667 17.10 59.01 -35.53
N LEU G 4668 16.54 58.05 -36.28
CA LEU G 4668 16.66 56.63 -35.97
C LEU G 4668 18.08 56.10 -36.25
N VAL G 4669 18.73 56.47 -37.35
CA VAL G 4669 20.09 55.96 -37.64
C VAL G 4669 21.14 56.49 -36.67
N ILE G 4670 20.89 57.64 -36.03
CA ILE G 4670 21.70 58.11 -34.90
C ILE G 4670 21.40 57.29 -33.64
N PHE G 4671 20.13 57.06 -33.29
CA PHE G 4671 19.77 56.26 -32.13
C PHE G 4671 20.41 54.88 -32.16
N LYS G 4672 20.32 54.17 -33.29
CA LYS G 4672 20.94 52.83 -33.45
C LYS G 4672 22.46 52.82 -33.26
N ARG G 4673 23.15 53.96 -33.24
CA ARG G 4673 24.62 54.05 -33.08
C ARG G 4673 25.03 54.66 -31.75
N GLU G 4674 24.34 55.68 -31.27
CA GLU G 4674 24.56 56.23 -29.95
C GLU G 4674 24.30 55.20 -28.84
N LYS G 4675 23.35 54.29 -29.06
CA LYS G 4675 23.08 53.13 -28.20
C LYS G 4675 24.28 52.20 -28.07
N GLU G 4676 25.04 51.95 -29.13
CA GLU G 4676 26.16 50.99 -29.08
C GLU G 4676 27.30 51.47 -28.19
N LEU G 4677 27.70 52.74 -28.32
CA LEU G 4677 28.78 53.34 -27.54
C LEU G 4677 28.56 53.15 -26.05
N ALA G 4678 27.32 53.40 -25.58
CA ALA G 4678 27.03 53.21 -24.17
C ALA G 4678 27.18 51.76 -23.75
N ARG G 4679 26.71 50.83 -24.58
CA ARG G 4679 26.69 49.42 -24.19
C ARG G 4679 28.08 48.79 -24.31
N LYS G 4680 28.91 49.29 -25.21
CA LYS G 4680 30.27 48.77 -25.37
C LYS G 4680 31.26 49.40 -24.38
N LEU G 4681 30.81 50.33 -23.55
CA LEU G 4681 31.61 50.90 -22.48
C LEU G 4681 31.19 50.39 -21.11
N GLU G 4682 29.88 50.36 -20.84
CA GLU G 4682 29.39 49.92 -19.54
C GLU G 4682 29.76 48.48 -19.24
N PHE G 4683 29.80 47.62 -20.26
CA PHE G 4683 30.00 46.20 -20.03
C PHE G 4683 31.27 45.64 -20.66
N ASP G 4684 31.96 46.41 -21.50
CA ASP G 4684 33.15 45.90 -22.17
C ASP G 4684 34.35 46.79 -21.88
N GLY G 4685 34.12 48.06 -21.59
CA GLY G 4685 35.23 48.99 -21.39
C GLY G 4685 36.04 49.19 -22.65
N LEU G 4686 35.38 49.42 -23.79
CA LEU G 4686 36.07 49.48 -25.07
C LEU G 4686 37.16 50.56 -25.05
N TYR G 4687 36.84 51.75 -24.54
CA TYR G 4687 37.76 52.87 -24.55
C TYR G 4687 38.47 53.05 -23.22
N ILE G 4688 38.35 52.08 -22.32
CA ILE G 4688 39.02 52.11 -21.03
C ILE G 4688 40.08 51.01 -20.93
N THR G 4689 39.71 49.78 -21.27
CA THR G 4689 40.61 48.64 -21.10
C THR G 4689 41.48 48.40 -22.33
N GLU G 4690 40.87 48.35 -23.51
CA GLU G 4690 41.58 47.99 -24.72
C GLU G 4690 41.46 49.10 -25.77
N GLN G 4691 41.91 48.80 -27.00
CA GLN G 4691 41.79 49.61 -28.20
C GLN G 4691 40.81 48.95 -29.16
N PRO G 4692 40.01 49.73 -29.91
CA PRO G 4692 38.82 49.16 -30.55
C PRO G 4692 39.08 48.01 -31.51
N GLY G 4693 39.76 48.29 -32.61
CA GLY G 4693 40.22 47.23 -33.50
C GLY G 4693 41.58 47.52 -34.08
N ASP G 4694 42.03 48.78 -33.93
CA ASP G 4694 43.29 49.28 -34.46
C ASP G 4694 43.26 49.27 -35.99
N ASP G 4695 42.17 48.79 -36.57
CA ASP G 4695 42.06 48.72 -38.04
C ASP G 4695 40.74 49.25 -38.58
N ASP G 4696 39.67 49.17 -37.77
CA ASP G 4696 38.36 49.55 -38.25
C ASP G 4696 38.26 51.07 -38.42
N VAL G 4697 37.13 51.49 -39.01
CA VAL G 4697 36.86 52.90 -39.25
C VAL G 4697 35.73 53.41 -38.36
N LYS G 4698 34.67 52.62 -38.19
CA LYS G 4698 33.58 52.99 -37.29
C LYS G 4698 33.80 52.44 -35.89
N GLY G 4699 35.02 52.61 -35.41
CA GLY G 4699 35.37 52.27 -34.04
C GLY G 4699 36.32 53.27 -33.42
N GLN G 4700 36.84 54.17 -34.26
CA GLN G 4700 37.73 55.24 -33.79
C GLN G 4700 37.31 56.62 -34.26
N TRP G 4701 36.52 56.74 -35.33
CA TRP G 4701 35.93 58.02 -35.67
C TRP G 4701 35.01 58.52 -34.57
N ASP G 4702 34.37 57.59 -33.84
CA ASP G 4702 33.53 57.95 -32.71
C ASP G 4702 34.31 58.25 -31.44
N ARG G 4703 35.65 58.20 -31.49
CA ARG G 4703 36.44 58.70 -30.37
C ARG G 4703 36.33 60.21 -30.22
N LEU G 4704 35.69 60.89 -31.16
CA LEU G 4704 35.62 62.34 -31.16
C LEU G 4704 34.39 62.89 -30.47
N VAL G 4705 33.55 62.04 -29.88
CA VAL G 4705 32.30 62.50 -29.28
C VAL G 4705 32.31 62.40 -27.76
N LEU G 4706 33.12 61.51 -27.16
CA LEU G 4706 33.03 61.29 -25.73
C LEU G 4706 33.36 62.55 -24.92
N ASN G 4707 34.23 63.41 -25.45
CA ASN G 4707 34.67 64.59 -24.71
C ASN G 4707 33.61 65.69 -24.65
N THR G 4708 32.67 65.72 -25.59
CA THR G 4708 31.71 66.82 -25.54
C THR G 4708 30.68 66.60 -24.45
N PRO G 4709 30.20 67.67 -23.81
CA PRO G 4709 29.18 67.51 -22.77
C PRO G 4709 27.77 67.46 -23.32
N SER G 4710 27.56 66.69 -24.40
CA SER G 4710 26.22 66.48 -24.94
C SER G 4710 26.07 65.09 -25.52
N PHE G 4711 26.83 64.12 -25.00
CA PHE G 4711 26.83 62.78 -25.59
C PHE G 4711 25.45 62.13 -25.59
N PRO G 4712 24.71 62.07 -24.48
CA PRO G 4712 23.38 61.42 -24.58
C PRO G 4712 22.31 62.35 -25.13
N SER G 4713 22.23 62.53 -26.45
CA SER G 4713 21.25 63.44 -27.07
C SER G 4713 19.95 62.77 -27.51
N ASN G 4714 19.96 61.47 -27.85
CA ASN G 4714 18.80 60.74 -28.37
C ASN G 4714 18.52 59.41 -27.63
N TYR G 4715 19.53 58.73 -27.12
CA TYR G 4715 19.46 57.39 -26.52
C TYR G 4715 18.68 57.28 -25.18
N TRP G 4716 17.83 58.24 -24.82
CA TRP G 4716 17.11 58.36 -23.53
C TRP G 4716 17.97 58.47 -22.26
N ASP G 4717 19.06 57.72 -22.15
CA ASP G 4717 19.88 57.53 -20.94
C ASP G 4717 20.92 58.63 -20.76
N LYS G 4718 20.49 59.84 -20.40
CA LYS G 4718 21.27 61.03 -20.15
C LYS G 4718 22.03 60.91 -18.87
N PHE G 4719 22.73 59.81 -18.67
CA PHE G 4719 23.58 59.64 -17.52
C PHE G 4719 24.52 58.54 -17.90
N VAL G 4720 24.74 58.36 -19.18
CA VAL G 4720 25.61 57.30 -19.63
C VAL G 4720 27.02 57.73 -19.38
N LYS G 4721 27.19 58.66 -18.48
CA LYS G 4721 28.53 59.19 -18.24
C LYS G 4721 28.91 59.21 -16.77
N ARG G 4722 27.95 59.07 -15.87
CA ARG G 4722 28.22 59.07 -14.43
C ARG G 4722 28.32 57.66 -13.85
N LYS G 4723 27.51 56.73 -14.36
CA LYS G 4723 27.49 55.36 -13.86
C LYS G 4723 28.50 54.45 -14.54
N VAL G 4724 29.21 54.93 -15.57
CA VAL G 4724 30.45 54.26 -15.97
C VAL G 4724 31.60 54.73 -15.10
N LEU G 4725 31.54 55.98 -14.63
CA LEU G 4725 32.58 56.52 -13.75
C LEU G 4725 32.71 55.71 -12.47
N ASP G 4726 31.65 55.03 -12.05
CA ASP G 4726 31.64 54.33 -10.78
C ASP G 4726 31.95 52.85 -10.88
N LYS G 4727 31.63 52.20 -12.01
CA LYS G 4727 31.95 50.78 -12.14
C LYS G 4727 33.46 50.58 -12.27
N HIS G 4728 34.07 51.12 -13.33
CA HIS G 4728 35.51 51.03 -13.47
C HIS G 4728 36.15 51.80 -12.33
N GLY G 4729 35.99 53.12 -12.33
CA GLY G 4729 36.29 53.92 -11.16
C GLY G 4729 37.65 53.70 -10.54
N ASP G 4730 37.64 53.04 -9.38
CA ASP G 4730 38.84 52.93 -8.56
C ASP G 4730 39.96 52.17 -9.26
N ILE G 4731 39.62 51.07 -9.95
CA ILE G 4731 40.66 50.23 -10.54
C ILE G 4731 41.43 50.99 -11.60
N PHE G 4732 40.78 51.91 -12.30
CA PHE G 4732 41.46 52.75 -13.27
C PHE G 4732 41.75 54.10 -12.63
N GLY G 4733 42.31 55.02 -13.41
CA GLY G 4733 42.58 56.34 -12.89
C GLY G 4733 41.31 57.13 -12.67
N ARG G 4734 40.91 57.31 -11.40
CA ARG G 4734 39.72 58.09 -11.11
C ARG G 4734 39.87 59.54 -11.56
N GLU G 4735 41.06 60.11 -11.39
CA GLU G 4735 41.29 61.49 -11.77
C GLU G 4735 41.54 61.68 -13.26
N ARG G 4736 41.77 60.61 -14.01
CA ARG G 4736 42.01 60.76 -15.44
C ARG G 4736 40.82 60.39 -16.31
N ILE G 4737 39.97 59.47 -15.87
CA ILE G 4737 38.71 59.24 -16.58
C ILE G 4737 37.71 60.35 -16.31
N ALA G 4738 38.01 61.23 -15.36
CA ALA G 4738 37.16 62.39 -15.12
C ALA G 4738 37.20 63.39 -16.26
N GLU G 4739 38.21 63.32 -17.14
CA GLU G 4739 38.27 64.24 -18.27
C GLU G 4739 38.27 63.55 -19.63
N LEU G 4740 38.74 62.30 -19.72
CA LEU G 4740 38.75 61.65 -21.04
C LEU G 4740 37.34 61.30 -21.50
N LEU G 4741 36.39 61.16 -20.58
CA LEU G 4741 34.96 61.23 -20.91
C LEU G 4741 34.41 62.63 -20.71
N GLY G 4742 35.07 63.65 -21.25
CA GLY G 4742 34.65 65.03 -21.05
C GLY G 4742 34.30 65.33 -19.61
N MET G 4743 33.17 66.01 -19.41
CA MET G 4743 32.52 66.20 -18.11
C MET G 4743 33.51 66.70 -17.05
N ASP G 4744 34.16 67.83 -17.34
CA ASP G 4744 35.16 68.40 -16.44
C ASP G 4744 34.50 68.86 -15.14
N LEU G 4745 35.35 69.12 -14.14
CA LEU G 4745 34.96 69.50 -12.78
C LEU G 4745 34.27 68.36 -12.04
N ALA G 4746 34.29 67.15 -12.61
CA ALA G 4746 33.60 66.02 -11.99
C ALA G 4746 34.20 65.68 -10.63
N SER G 4747 35.53 65.61 -10.55
CA SER G 4747 36.18 65.21 -9.31
C SER G 4747 36.01 66.26 -8.21
N LEU G 4748 35.83 67.53 -8.61
CA LEU G 4748 35.63 68.61 -7.64
C LEU G 4748 34.14 68.90 -7.41
N GLU G 4749 33.44 69.26 -8.47
CA GLU G 4749 32.01 69.61 -8.38
C GLU G 4749 31.14 68.42 -8.79
N ILE G 4750 31.23 67.33 -8.02
CA ILE G 4750 30.40 66.16 -8.29
C ILE G 4750 28.99 66.39 -7.81
N THR G 4751 28.83 66.64 -6.50
CA THR G 4751 27.53 66.88 -5.90
C THR G 4751 27.16 68.36 -5.89
N ALA G 4752 27.73 69.17 -6.79
CA ALA G 4752 27.42 70.59 -6.83
C ALA G 4752 25.94 70.82 -7.11
N HIS G 4753 25.30 69.94 -7.87
CA HIS G 4753 23.87 70.04 -8.15
C HIS G 4753 23.08 69.48 -6.97
N ASN G 4754 23.15 70.20 -5.85
CA ASN G 4754 22.49 69.79 -4.63
C ASN G 4754 21.61 70.89 -4.07
N GLU G 4755 21.99 72.15 -4.30
CA GLU G 4755 21.26 73.29 -3.77
C GLU G 4755 19.84 73.36 -4.34
N ARG G 4756 19.73 73.58 -5.64
CA ARG G 4756 18.44 73.74 -6.31
C ARG G 4756 18.69 73.71 -7.81
N LYS G 4757 17.64 73.98 -8.58
CA LYS G 4757 17.72 74.03 -10.04
C LYS G 4757 17.53 75.47 -10.51
N PRO G 4758 18.47 76.04 -11.24
CA PRO G 4758 18.33 77.42 -11.72
C PRO G 4758 17.46 77.48 -12.98
N ASP G 4759 17.22 78.71 -13.44
CA ASP G 4759 16.42 78.93 -14.63
C ASP G 4759 17.30 79.38 -15.80
N PRO G 4760 16.99 78.94 -17.02
CA PRO G 4760 17.79 79.34 -18.17
C PRO G 4760 17.36 80.69 -18.70
N PRO G 4761 18.28 81.49 -19.23
CA PRO G 4761 17.91 82.80 -19.75
C PRO G 4761 17.47 82.72 -21.21
N PRO G 4762 16.27 83.18 -21.53
CA PRO G 4762 15.83 83.21 -22.93
C PRO G 4762 16.61 84.24 -23.73
N GLY G 4763 16.36 84.23 -25.03
CA GLY G 4763 17.00 85.19 -25.91
C GLY G 4763 16.87 84.77 -27.36
N LEU G 4764 17.58 85.50 -28.21
CA LEU G 4764 17.60 85.24 -29.65
C LEU G 4764 18.89 85.83 -30.22
N LEU G 4765 19.12 85.57 -31.51
CA LEU G 4765 20.28 86.09 -32.23
C LEU G 4765 21.58 85.56 -31.62
N THR G 4766 21.86 85.94 -30.38
CA THR G 4766 23.08 85.49 -29.71
C THR G 4766 23.07 84.00 -29.39
N TRP G 4767 21.92 83.33 -29.52
CA TRP G 4767 21.85 81.90 -29.25
C TRP G 4767 22.62 81.07 -30.26
N LEU G 4768 23.04 81.65 -31.39
CA LEU G 4768 23.73 80.91 -32.44
C LEU G 4768 25.17 80.58 -32.08
N MET G 4769 25.64 80.84 -30.86
CA MET G 4769 26.95 80.39 -30.42
C MET G 4769 26.89 79.14 -29.55
N SER G 4770 25.73 78.82 -28.98
CA SER G 4770 25.56 77.63 -28.16
C SER G 4770 25.45 76.38 -29.05
N ILE G 4771 26.51 76.15 -29.82
CA ILE G 4771 26.60 75.01 -30.71
C ILE G 4771 27.83 74.22 -30.33
N ASP G 4772 27.63 72.99 -29.86
CA ASP G 4772 28.74 72.10 -29.53
C ASP G 4772 29.37 71.55 -30.79
N VAL G 4773 30.05 72.44 -31.53
CA VAL G 4773 30.55 72.19 -32.88
C VAL G 4773 31.23 70.83 -33.00
N LYS G 4774 31.93 70.40 -31.95
CA LYS G 4774 32.64 69.13 -32.02
C LYS G 4774 31.68 67.96 -32.18
N TYR G 4775 30.53 67.95 -31.50
CA TYR G 4775 29.54 66.90 -31.68
C TYR G 4775 28.97 66.93 -33.08
N GLN G 4776 28.76 68.10 -33.67
CA GLN G 4776 28.18 68.15 -35.02
C GLN G 4776 29.08 67.50 -36.05
N ILE G 4777 30.40 67.69 -35.92
CA ILE G 4777 31.33 67.06 -36.87
C ILE G 4777 31.17 65.55 -36.84
N TRP G 4778 30.99 64.97 -35.66
CA TRP G 4778 30.82 63.53 -35.50
C TRP G 4778 29.57 63.04 -36.21
N LYS G 4779 28.38 63.58 -35.90
CA LYS G 4779 27.17 63.14 -36.59
C LYS G 4779 27.23 63.46 -38.07
N PHE G 4780 27.83 64.60 -38.46
CA PHE G 4780 27.98 64.93 -39.86
C PHE G 4780 29.12 64.18 -40.52
N GLY G 4781 29.61 63.13 -39.87
CA GLY G 4781 30.59 62.24 -40.46
C GLY G 4781 30.06 60.82 -40.46
N VAL G 4782 28.87 60.62 -39.85
CA VAL G 4782 28.14 59.36 -39.78
C VAL G 4782 27.10 59.30 -40.86
N ILE G 4783 26.26 60.32 -41.02
CA ILE G 4783 25.19 60.28 -42.03
C ILE G 4783 25.72 60.20 -43.46
N PHE G 4784 26.92 60.74 -43.74
CA PHE G 4784 27.57 60.66 -45.04
C PHE G 4784 28.18 59.29 -45.32
N THR G 4785 27.98 58.33 -44.42
CA THR G 4785 28.40 56.96 -44.67
C THR G 4785 27.24 56.00 -44.93
N ASP G 4786 26.01 56.42 -44.59
CA ASP G 4786 24.79 55.63 -44.78
C ASP G 4786 24.50 55.43 -46.27
N ASN G 4787 24.21 54.22 -46.73
CA ASN G 4787 23.97 53.98 -48.16
C ASN G 4787 22.77 54.78 -48.66
N SER G 4788 21.81 55.16 -47.82
CA SER G 4788 20.66 55.97 -48.24
C SER G 4788 20.97 57.43 -48.64
N PHE G 4789 21.78 58.20 -47.91
CA PHE G 4789 21.95 59.64 -48.16
C PHE G 4789 23.08 59.73 -49.07
N LEU G 4790 23.16 58.81 -50.00
CA LEU G 4790 24.15 58.97 -51.01
C LEU G 4790 23.56 58.35 -52.22
N TYR G 4791 22.29 58.01 -52.16
CA TYR G 4791 21.60 57.58 -53.36
C TYR G 4791 20.70 58.70 -53.37
N SER G 4792 20.58 59.52 -52.34
CA SER G 4792 19.77 60.72 -52.51
C SER G 4792 20.61 61.84 -52.98
N GLY G 4793 21.89 61.81 -52.76
CA GLY G 4793 22.75 62.84 -53.31
C GLY G 4793 22.86 62.73 -54.81
N TRP G 4794 23.00 61.53 -55.34
CA TRP G 4794 23.18 61.37 -56.75
C TRP G 4794 21.87 61.51 -57.40
N TYR G 4795 20.86 62.04 -56.78
CA TYR G 4795 19.65 62.31 -57.55
C TYR G 4795 19.82 63.75 -57.78
N MET G 4796 20.16 64.48 -56.74
CA MET G 4796 20.26 65.91 -56.88
C MET G 4796 21.31 66.29 -57.86
N VAL G 4797 22.50 65.74 -57.85
CA VAL G 4797 23.48 66.24 -58.80
C VAL G 4797 23.37 65.71 -60.21
N MET G 4798 22.30 64.99 -60.53
CA MET G 4798 22.06 64.56 -61.88
C MET G 4798 21.13 65.60 -62.37
N SER G 4799 20.20 66.09 -61.57
CA SER G 4799 19.24 67.05 -62.09
C SER G 4799 19.81 68.45 -62.32
N LEU G 4800 20.63 68.90 -61.41
CA LEU G 4800 21.22 70.18 -61.61
C LEU G 4800 22.08 70.09 -62.83
N LEU G 4801 22.65 68.93 -63.11
CA LEU G 4801 23.56 68.81 -64.25
C LEU G 4801 22.70 68.79 -65.49
N GLY G 4802 21.60 68.08 -65.46
CA GLY G 4802 20.67 68.06 -66.54
C GLY G 4802 20.35 69.44 -66.94
N HIS G 4803 20.27 70.35 -66.00
CA HIS G 4803 20.05 71.74 -66.47
C HIS G 4803 21.16 72.21 -67.42
N TYR G 4804 22.18 71.40 -67.66
CA TYR G 4804 23.24 71.74 -68.63
C TYR G 4804 23.26 70.98 -70.00
N ASN G 4805 22.59 69.85 -70.16
CA ASN G 4805 22.59 69.17 -71.45
C ASN G 4805 21.25 68.52 -71.74
N ASN G 4806 20.28 68.71 -70.83
CA ASN G 4806 18.98 68.05 -70.81
C ASN G 4806 18.90 66.64 -71.24
N PHE G 4807 19.97 65.87 -71.33
CA PHE G 4807 19.95 64.44 -71.64
C PHE G 4807 20.34 63.65 -70.40
N PHE G 4808 20.88 64.32 -69.38
CA PHE G 4808 21.31 63.65 -68.21
C PHE G 4808 20.12 63.33 -67.39
N PHE G 4809 18.96 63.68 -67.89
CA PHE G 4809 17.76 63.43 -67.13
C PHE G 4809 17.38 62.00 -67.42
N ALA G 4810 18.07 61.26 -68.31
CA ALA G 4810 17.95 59.81 -68.55
C ALA G 4810 18.19 58.85 -67.36
N ALA G 4811 19.01 59.20 -66.38
CA ALA G 4811 19.39 58.34 -65.28
C ALA G 4811 18.23 57.94 -64.34
N HIS G 4812 17.08 58.55 -64.49
CA HIS G 4812 15.97 58.26 -63.60
C HIS G 4812 15.08 57.19 -64.20
N LEU G 4813 15.15 57.06 -65.51
CA LEU G 4813 14.45 55.94 -66.04
C LEU G 4813 15.07 54.79 -65.26
N LEU G 4814 16.23 54.99 -64.64
CA LEU G 4814 16.94 53.89 -63.94
C LEU G 4814 16.74 53.82 -62.46
N ASP G 4815 15.58 54.22 -61.99
CA ASP G 4815 15.32 54.07 -60.58
C ASP G 4815 14.15 53.15 -60.53
N ILE G 4816 13.42 53.04 -61.62
CA ILE G 4816 12.37 52.08 -61.67
C ILE G 4816 12.88 50.85 -60.98
N ALA G 4817 13.97 50.30 -61.46
CA ALA G 4817 14.54 49.11 -60.88
C ALA G 4817 15.14 49.42 -59.57
N MET G 4818 14.34 49.87 -58.66
CA MET G 4818 14.81 50.18 -57.33
C MET G 4818 13.53 50.46 -56.57
N GLU G 4819 12.39 50.42 -57.25
CA GLU G 4819 11.10 50.58 -56.62
C GLU G 4819 10.36 49.30 -56.93
N VAL G 4820 9.29 49.36 -57.71
CA VAL G 4820 8.54 48.17 -58.08
C VAL G 4820 8.90 46.93 -57.26
N LYS G 4821 8.32 46.74 -56.08
CA LYS G 4821 8.71 45.64 -55.19
C LYS G 4821 9.19 44.41 -55.93
N THR G 4822 8.53 44.06 -57.04
CA THR G 4822 8.93 42.86 -57.79
C THR G 4822 10.33 42.98 -58.35
N LEU G 4823 10.63 44.13 -58.97
CA LEU G 4823 11.91 44.29 -59.65
C LEU G 4823 13.09 44.19 -58.68
N ARG G 4824 12.85 44.47 -57.45
CA ARG G 4824 13.95 44.38 -56.60
C ARG G 4824 14.19 42.93 -56.51
N THR G 4825 13.21 42.07 -56.34
CA THR G 4825 13.54 40.63 -56.16
C THR G 4825 14.48 40.00 -57.22
N ILE G 4826 14.21 40.27 -58.50
CA ILE G 4826 14.88 39.73 -59.68
C ILE G 4826 16.35 40.14 -59.64
N LEU G 4827 16.56 41.43 -59.38
CA LEU G 4827 17.85 42.02 -59.43
C LEU G 4827 18.58 41.53 -58.23
N SER G 4828 17.90 41.36 -57.12
CA SER G 4828 18.52 40.82 -55.91
C SER G 4828 19.09 39.49 -56.20
N SER G 4829 18.35 38.62 -56.91
CA SER G 4829 18.83 37.29 -57.33
C SER G 4829 20.09 37.36 -58.20
N VAL G 4830 20.18 38.31 -59.14
CA VAL G 4830 21.41 38.56 -59.90
C VAL G 4830 22.57 38.96 -58.98
N THR G 4831 22.40 39.98 -58.15
CA THR G 4831 23.51 40.50 -57.35
C THR G 4831 23.98 39.61 -56.29
N HIS G 4832 23.12 38.83 -55.63
CA HIS G 4832 23.47 37.86 -54.58
C HIS G 4832 24.63 36.91 -54.93
N ASN G 4833 24.60 36.20 -56.06
CA ASN G 4833 25.76 35.49 -56.61
C ASN G 4833 26.60 36.45 -57.45
N GLY G 4834 27.47 37.29 -56.87
CA GLY G 4834 28.08 38.37 -57.61
C GLY G 4834 29.56 38.40 -57.57
N LYS G 4835 30.19 37.66 -56.68
CA LYS G 4835 31.62 37.54 -56.71
C LYS G 4835 31.82 36.39 -57.62
N GLN G 4836 31.14 35.26 -57.43
CA GLN G 4836 31.21 34.14 -58.39
C GLN G 4836 30.94 34.56 -59.86
N LEU G 4837 30.11 35.57 -60.14
CA LEU G 4837 30.04 36.20 -61.46
C LEU G 4837 31.29 37.01 -61.85
N VAL G 4838 31.82 37.90 -61.01
CA VAL G 4838 32.99 38.69 -61.45
C VAL G 4838 34.20 37.78 -61.64
N MET G 4839 34.47 36.87 -60.72
CA MET G 4839 35.66 36.04 -60.92
C MET G 4839 35.58 35.06 -62.06
N THR G 4840 34.37 34.64 -62.47
CA THR G 4840 34.23 33.78 -63.65
C THR G 4840 34.39 34.57 -64.95
N VAL G 4841 34.01 35.86 -64.99
CA VAL G 4841 34.37 36.67 -66.15
C VAL G 4841 35.87 36.81 -66.11
N GLY G 4842 36.44 36.79 -64.93
CA GLY G 4842 37.89 36.82 -64.84
C GLY G 4842 38.47 35.63 -65.54
N LEU G 4843 38.36 34.45 -64.95
CA LEU G 4843 38.81 33.22 -65.60
C LEU G 4843 38.69 33.28 -67.06
N LEU G 4844 37.75 34.02 -67.62
CA LEU G 4844 37.81 34.11 -69.10
C LEU G 4844 39.09 34.87 -69.46
N ALA G 4845 39.18 36.16 -69.39
CA ALA G 4845 40.35 36.94 -69.79
C ALA G 4845 41.59 36.07 -69.88
N VAL G 4846 41.83 35.17 -68.92
CA VAL G 4846 43.06 34.35 -68.91
C VAL G 4846 43.02 33.16 -69.87
N VAL G 4847 41.86 32.62 -70.11
CA VAL G 4847 41.79 31.49 -71.05
C VAL G 4847 42.12 31.95 -72.46
N VAL G 4848 41.57 33.08 -72.87
CA VAL G 4848 41.85 33.69 -74.17
C VAL G 4848 43.25 34.30 -74.24
N TYR G 4849 43.90 34.58 -73.11
CA TYR G 4849 45.33 34.87 -73.11
C TYR G 4849 46.15 33.63 -73.54
N LEU G 4850 45.89 32.43 -73.01
CA LEU G 4850 46.60 31.24 -73.47
C LEU G 4850 46.33 30.93 -74.96
N TYR G 4851 45.11 31.14 -75.46
CA TYR G 4851 44.87 31.04 -76.90
C TYR G 4851 45.61 32.10 -77.71
N THR G 4852 45.79 33.31 -77.18
CA THR G 4852 46.53 34.37 -77.88
C THR G 4852 48.01 34.02 -78.03
N VAL G 4853 48.65 33.52 -76.97
CA VAL G 4853 50.08 33.13 -77.04
C VAL G 4853 50.29 32.00 -78.05
N VAL G 4854 49.42 31.00 -78.09
CA VAL G 4854 49.50 29.93 -79.10
C VAL G 4854 49.27 30.46 -80.51
N ALA G 4855 48.33 31.37 -80.74
CA ALA G 4855 48.14 31.95 -82.07
C ALA G 4855 49.39 32.72 -82.52
N PHE G 4856 49.93 33.60 -81.69
CA PHE G 4856 51.05 34.46 -82.04
C PHE G 4856 52.35 33.69 -82.34
N ASN G 4857 52.63 32.62 -81.61
CA ASN G 4857 53.82 31.79 -81.81
C ASN G 4857 53.73 30.79 -82.98
N PHE G 4858 52.59 30.63 -83.66
CA PHE G 4858 52.44 29.60 -84.71
C PHE G 4858 51.60 30.05 -85.92
N PHE G 4859 50.36 30.46 -85.71
CA PHE G 4859 49.32 30.51 -86.75
C PHE G 4859 49.17 31.87 -87.45
N ARG G 4860 50.01 32.86 -87.18
CA ARG G 4860 49.77 34.26 -87.62
C ARG G 4860 49.57 34.47 -89.13
N LYS G 4861 50.05 33.55 -89.98
CA LYS G 4861 49.80 33.58 -91.44
C LYS G 4861 48.34 33.39 -91.85
N PHE G 4862 47.48 32.86 -90.98
CA PHE G 4862 46.05 32.62 -91.27
C PHE G 4862 45.15 33.84 -91.06
N TYR G 4863 45.61 34.86 -90.33
CA TYR G 4863 44.85 36.10 -90.12
C TYR G 4863 44.98 37.01 -91.34
N ASN G 4864 43.96 37.81 -91.65
CA ASN G 4864 43.93 38.74 -92.76
C ASN G 4864 42.82 39.79 -92.58
N LYS G 4865 42.87 40.89 -93.32
CA LYS G 4865 41.89 41.98 -93.27
C LYS G 4865 41.50 42.59 -94.62
N SER G 4866 42.07 42.14 -95.75
CA SER G 4866 41.78 42.72 -97.07
C SER G 4866 41.97 41.74 -98.23
N GLU G 4867 41.29 41.99 -99.34
CA GLU G 4867 41.50 41.33 -100.64
C GLU G 4867 42.40 42.14 -101.60
N ASP G 4868 42.88 43.32 -101.21
CA ASP G 4868 43.56 44.29 -102.08
C ASP G 4868 45.00 43.95 -102.48
N GLU G 4869 45.54 42.80 -102.06
CA GLU G 4869 46.94 42.41 -102.21
C GLU G 4869 47.95 43.35 -101.50
N ASP G 4870 49.24 42.99 -101.55
CA ASP G 4870 50.32 43.58 -100.75
C ASP G 4870 50.22 43.36 -99.22
N GLU G 4871 49.37 42.43 -98.77
CA GLU G 4871 49.21 42.00 -97.38
C GLU G 4871 49.02 43.08 -96.30
N PRO G 4872 48.15 44.09 -96.47
CA PRO G 4872 47.91 45.10 -95.44
C PRO G 4872 47.10 44.55 -94.27
N ASP G 4873 47.20 45.21 -93.10
CA ASP G 4873 46.39 44.97 -91.91
C ASP G 4873 46.46 43.54 -91.32
N MET G 4874 47.60 42.87 -91.37
CA MET G 4874 47.78 41.56 -90.72
C MET G 4874 47.66 41.67 -89.20
N LYS G 4875 46.60 41.09 -88.63
CA LYS G 4875 46.16 41.36 -87.24
C LYS G 4875 47.05 40.77 -86.14
N CYS G 4876 48.11 40.07 -86.50
CA CYS G 4876 49.07 39.46 -85.56
C CYS G 4876 50.50 39.99 -85.69
N ASP G 4877 50.76 41.06 -86.46
CA ASP G 4877 52.10 41.66 -86.52
C ASP G 4877 52.58 42.22 -85.16
N ASP G 4878 51.67 42.38 -84.20
CA ASP G 4878 51.98 42.71 -82.82
C ASP G 4878 51.11 41.92 -81.87
N MET G 4879 51.65 41.55 -80.70
CA MET G 4879 50.82 41.23 -79.54
C MET G 4879 50.07 42.50 -79.10
N MET G 4880 49.07 42.32 -78.23
CA MET G 4880 48.10 43.36 -77.82
C MET G 4880 47.15 43.85 -78.93
N THR G 4881 47.61 44.02 -80.17
CA THR G 4881 46.73 44.09 -81.34
C THR G 4881 46.01 42.76 -81.51
N CYS G 4882 46.73 41.64 -81.38
CA CYS G 4882 46.17 40.29 -81.48
C CYS G 4882 45.19 39.96 -80.33
N TYR G 4883 45.48 40.36 -79.10
CA TYR G 4883 44.61 40.12 -77.94
C TYR G 4883 43.27 40.87 -78.03
N LEU G 4884 43.08 41.76 -79.01
CA LEU G 4884 41.86 42.55 -79.19
C LEU G 4884 41.34 42.22 -80.55
N PHE G 4885 41.50 40.99 -80.97
CA PHE G 4885 40.76 40.39 -82.06
C PHE G 4885 40.01 39.24 -81.43
N HIS G 4886 40.69 38.48 -80.57
CA HIS G 4886 40.11 37.54 -79.64
C HIS G 4886 39.11 38.09 -78.61
N MET G 4887 38.71 39.39 -78.53
CA MET G 4887 37.53 39.67 -77.72
C MET G 4887 36.42 40.37 -78.47
N TYR G 4888 36.74 41.28 -79.38
CA TYR G 4888 35.69 41.95 -80.14
C TYR G 4888 35.10 41.03 -81.19
N VAL G 4889 35.94 40.23 -81.85
CA VAL G 4889 35.49 39.28 -82.86
C VAL G 4889 35.83 37.85 -82.42
N GLY G 4890 36.16 37.69 -81.15
CA GLY G 4890 36.63 36.45 -80.56
C GLY G 4890 35.49 35.76 -79.84
N VAL G 4891 35.42 35.92 -78.52
CA VAL G 4891 34.38 35.33 -77.69
C VAL G 4891 32.99 35.67 -78.21
N ARG G 4892 32.90 36.72 -79.02
CA ARG G 4892 31.65 37.10 -79.66
C ARG G 4892 31.28 36.07 -80.73
N ALA G 4893 30.21 36.37 -81.47
CA ALA G 4893 29.65 35.45 -82.45
C ALA G 4893 29.21 34.15 -81.78
N GLY G 4894 29.03 33.09 -82.56
CA GLY G 4894 28.54 31.85 -81.99
C GLY G 4894 29.20 30.60 -82.56
N GLY G 4895 30.33 30.81 -83.24
CA GLY G 4895 31.13 29.72 -83.76
C GLY G 4895 32.61 29.72 -83.37
N GLY G 4896 33.27 30.86 -83.25
CA GLY G 4896 34.64 30.86 -82.82
C GLY G 4896 35.61 31.36 -83.82
N ILE G 4897 36.80 31.76 -83.37
CA ILE G 4897 37.81 32.22 -84.27
C ILE G 4897 37.92 31.01 -85.05
N GLY G 4898 37.23 30.97 -86.15
CA GLY G 4898 37.24 29.83 -87.01
C GLY G 4898 36.39 30.46 -88.05
N ASP G 4899 35.60 31.44 -87.64
CA ASP G 4899 34.80 32.16 -88.59
C ASP G 4899 35.32 33.57 -88.60
N GLU G 4900 36.54 33.76 -89.07
CA GLU G 4900 37.16 35.06 -89.10
C GLU G 4900 38.67 34.83 -89.11
N ILE G 4901 39.15 33.94 -89.96
CA ILE G 4901 40.53 33.61 -89.94
C ILE G 4901 40.80 32.62 -91.01
N GLU G 4902 40.52 32.95 -92.27
CA GLU G 4902 40.72 32.08 -93.44
C GLU G 4902 40.48 30.59 -93.24
N ASP G 4903 40.69 29.79 -94.28
CA ASP G 4903 40.34 28.37 -94.17
C ASP G 4903 41.56 27.53 -94.27
N PRO G 4904 41.46 26.33 -93.71
CA PRO G 4904 42.77 25.63 -93.73
C PRO G 4904 42.66 24.21 -94.29
N ALA G 4905 42.36 24.15 -95.58
CA ALA G 4905 42.23 22.90 -96.34
C ALA G 4905 43.53 22.47 -97.04
N GLY G 4906 44.46 23.40 -97.32
CA GLY G 4906 45.64 23.12 -98.11
C GLY G 4906 46.81 22.58 -97.32
N ASP G 4907 46.55 21.60 -96.49
CA ASP G 4907 47.63 20.97 -95.78
C ASP G 4907 48.58 21.87 -95.04
N GLU G 4908 49.63 21.24 -94.53
CA GLU G 4908 50.62 21.95 -93.78
C GLU G 4908 49.90 22.58 -92.63
N TYR G 4909 50.01 21.98 -91.43
CA TYR G 4909 49.30 22.44 -90.24
C TYR G 4909 47.79 22.55 -90.50
N GLU G 4910 47.11 21.44 -90.80
CA GLU G 4910 45.71 21.48 -91.05
C GLU G 4910 45.15 20.92 -89.84
N LEU G 4911 45.47 19.68 -89.56
CA LEU G 4911 44.85 19.06 -88.43
C LEU G 4911 45.40 19.69 -87.19
N TYR G 4912 46.24 20.73 -87.21
CA TYR G 4912 46.54 21.54 -86.03
C TYR G 4912 45.58 22.73 -85.89
N ARG G 4913 44.95 23.19 -86.97
CA ARG G 4913 43.84 24.15 -86.95
C ARG G 4913 42.53 23.53 -86.50
N VAL G 4914 42.10 22.35 -86.98
CA VAL G 4914 40.81 21.83 -86.56
C VAL G 4914 40.82 21.47 -85.08
N VAL G 4915 41.92 20.90 -84.60
CA VAL G 4915 42.01 20.59 -83.17
C VAL G 4915 42.07 21.88 -82.35
N PHE G 4916 42.69 22.96 -82.87
CA PHE G 4916 42.75 24.24 -82.17
C PHE G 4916 41.39 24.92 -82.12
N ASP G 4917 40.50 24.67 -83.08
CA ASP G 4917 39.21 25.35 -83.08
C ASP G 4917 38.19 24.59 -82.23
N ILE G 4918 38.11 23.27 -82.39
CA ILE G 4918 37.11 22.50 -81.66
C ILE G 4918 37.33 22.62 -80.15
N THR G 4919 38.57 22.49 -79.69
CA THR G 4919 38.81 22.62 -78.26
C THR G 4919 38.51 24.02 -77.75
N PHE G 4920 38.65 25.03 -78.62
CA PHE G 4920 38.26 26.38 -78.24
C PHE G 4920 36.75 26.49 -78.07
N PHE G 4921 36.00 25.90 -79.00
CA PHE G 4921 34.55 26.04 -79.00
C PHE G 4921 33.93 25.46 -77.72
N PHE G 4922 34.42 24.29 -77.29
CA PHE G 4922 33.87 23.67 -76.10
C PHE G 4922 34.31 24.38 -74.83
N PHE G 4923 35.56 24.85 -74.80
CA PHE G 4923 36.13 25.34 -73.55
C PHE G 4923 35.78 26.79 -73.23
N VAL G 4924 35.11 27.53 -74.12
CA VAL G 4924 34.67 28.86 -73.76
C VAL G 4924 33.18 29.04 -74.05
N ILE G 4925 32.75 28.70 -75.28
CA ILE G 4925 31.36 28.92 -75.66
C ILE G 4925 30.43 27.96 -74.90
N VAL G 4926 30.72 26.66 -74.94
CA VAL G 4926 29.79 25.69 -74.35
C VAL G 4926 29.91 25.63 -72.83
N ILE G 4927 31.11 25.67 -72.23
CA ILE G 4927 31.24 25.67 -70.77
C ILE G 4927 31.12 27.06 -70.14
N LEU G 4928 31.97 28.04 -70.45
CA LEU G 4928 32.00 29.30 -69.69
C LEU G 4928 30.72 30.13 -69.85
N LEU G 4929 30.09 30.17 -71.03
CA LEU G 4929 28.76 30.79 -71.16
C LEU G 4929 27.61 29.88 -70.70
N ALA G 4930 27.86 28.64 -70.23
CA ALA G 4930 26.90 27.86 -69.44
C ALA G 4930 27.05 28.08 -67.94
N ILE G 4931 28.26 28.30 -67.42
CA ILE G 4931 28.45 28.66 -66.01
C ILE G 4931 27.75 29.99 -65.69
N ILE G 4932 27.87 31.01 -66.54
CA ILE G 4932 27.19 32.30 -66.30
C ILE G 4932 25.66 32.18 -66.40
N GLN G 4933 25.12 31.18 -67.09
CA GLN G 4933 23.71 30.78 -66.94
C GLN G 4933 23.48 30.11 -65.58
N GLY G 4934 24.29 29.13 -65.19
CA GLY G 4934 24.10 28.36 -63.97
C GLY G 4934 24.09 29.19 -62.69
N LEU G 4935 24.99 30.14 -62.53
CA LEU G 4935 25.05 31.02 -61.36
C LEU G 4935 23.82 31.93 -61.22
N ILE G 4936 23.08 32.20 -62.30
CA ILE G 4936 21.81 32.93 -62.29
C ILE G 4936 20.62 31.98 -62.08
N ILE G 4937 20.52 30.90 -62.85
CA ILE G 4937 19.38 29.95 -62.80
C ILE G 4937 19.30 29.23 -61.45
N ASP G 4938 20.42 29.03 -60.77
CA ASP G 4938 20.46 28.51 -59.41
C ASP G 4938 20.01 29.53 -58.35
N ALA G 4939 20.34 30.82 -58.51
CA ALA G 4939 20.10 31.81 -57.46
C ALA G 4939 18.61 31.99 -57.14
N PHE G 4940 17.71 31.87 -58.14
CA PHE G 4940 16.27 31.90 -57.90
C PHE G 4940 15.82 30.74 -56.99
N GLY G 4941 16.41 29.56 -57.15
CA GLY G 4941 16.14 28.42 -56.29
C GLY G 4941 16.55 28.67 -54.84
N GLU G 4942 17.73 29.25 -54.61
CA GLU G 4942 18.17 29.58 -53.25
C GLU G 4942 17.35 30.70 -52.62
N LEU G 4943 17.01 31.77 -53.34
CA LEU G 4943 16.22 32.87 -52.79
C LEU G 4943 14.76 32.47 -52.52
N ARG G 4944 14.17 31.60 -53.34
CA ARG G 4944 12.82 31.04 -53.09
C ARG G 4944 12.82 29.93 -52.06
N ASP G 4945 13.96 29.33 -51.77
CA ASP G 4945 14.07 28.46 -50.64
C ASP G 4945 14.08 29.35 -49.42
N GLN G 4946 15.17 30.05 -49.15
CA GLN G 4946 15.23 30.95 -48.03
C GLN G 4946 13.92 31.67 -47.76
N GLN G 4947 12.99 31.72 -48.70
CA GLN G 4947 11.71 32.32 -48.42
C GLN G 4947 10.68 31.24 -48.28
N GLU G 4948 11.08 30.07 -47.82
CA GLU G 4948 10.16 29.00 -47.55
C GLU G 4948 10.73 28.23 -46.45
N GLN G 4949 11.44 28.89 -45.57
CA GLN G 4949 11.89 28.24 -44.39
C GLN G 4949 11.11 29.07 -43.43
N VAL G 4950 11.22 30.37 -43.51
CA VAL G 4950 10.42 31.20 -42.64
C VAL G 4950 8.98 30.67 -42.64
N LYS G 4951 8.23 30.79 -43.70
CA LYS G 4951 6.84 30.38 -43.80
C LYS G 4951 6.68 28.93 -43.51
N GLU G 4952 7.61 28.34 -42.81
CA GLU G 4952 7.43 26.97 -42.41
C GLU G 4952 8.24 26.76 -41.18
N ASP G 4953 8.49 27.82 -40.45
CA ASP G 4953 9.15 27.70 -39.18
C ASP G 4953 8.60 28.83 -38.39
N MET G 4954 7.49 29.36 -38.82
CA MET G 4954 6.83 30.36 -38.08
C MET G 4954 5.45 29.88 -38.34
N GLU G 4955 5.25 28.58 -38.24
CA GLU G 4955 3.93 28.00 -38.41
C GLU G 4955 4.13 26.57 -38.03
N THR G 4956 5.19 26.28 -37.28
CA THR G 4956 5.46 24.96 -36.79
C THR G 4956 6.32 25.08 -35.57
N LYS G 4957 6.21 26.17 -34.85
CA LYS G 4957 6.99 26.45 -33.67
C LYS G 4957 6.59 27.74 -33.06
N CYS G 4958 7.06 28.03 -31.87
CA CYS G 4958 6.77 29.30 -31.27
C CYS G 4958 7.91 30.21 -31.59
N PHE G 4959 7.93 31.38 -30.99
CA PHE G 4959 9.03 32.28 -31.21
C PHE G 4959 9.50 32.79 -29.88
N ILE G 4960 8.88 32.40 -28.78
CA ILE G 4960 9.42 32.83 -27.51
C ILE G 4960 9.95 31.58 -26.85
N CYS G 4961 9.15 30.55 -26.71
CA CYS G 4961 9.66 29.31 -26.16
C CYS G 4961 10.46 28.60 -27.22
N GLY G 4962 9.93 27.53 -27.81
CA GLY G 4962 10.61 26.84 -28.87
C GLY G 4962 9.94 25.51 -29.07
N ILE G 4963 8.72 25.37 -28.57
CA ILE G 4963 7.99 24.12 -28.65
C ILE G 4963 7.37 23.93 -30.01
N GLY G 4964 6.83 22.76 -30.27
CA GLY G 4964 6.32 22.49 -31.59
C GLY G 4964 4.86 22.77 -31.80
N SER G 4965 4.36 22.51 -33.00
CA SER G 4965 2.98 22.71 -33.23
C SER G 4965 2.31 21.52 -32.68
N ASP G 4966 3.06 20.43 -32.54
CA ASP G 4966 2.48 19.18 -32.05
C ASP G 4966 1.93 19.32 -30.65
N TYR G 4967 2.73 19.01 -29.66
CA TYR G 4967 2.25 19.03 -28.30
C TYR G 4967 1.01 19.87 -28.13
N PHE G 4968 1.04 21.11 -28.55
CA PHE G 4968 -0.08 22.04 -28.38
C PHE G 4968 -1.29 21.70 -29.25
N ASP G 4969 -1.39 20.46 -29.74
CA ASP G 4969 -2.56 20.05 -30.51
C ASP G 4969 -3.23 18.83 -29.90
N THR G 4970 -3.22 18.73 -28.57
CA THR G 4970 -3.90 17.67 -27.86
C THR G 4970 -5.38 17.98 -27.62
N THR G 4971 -5.79 19.23 -27.87
CA THR G 4971 -7.14 19.71 -27.63
C THR G 4971 -7.65 20.38 -28.89
N PRO G 4972 -8.91 20.89 -28.91
CA PRO G 4972 -9.29 21.82 -29.99
C PRO G 4972 -8.28 22.96 -30.10
N HIS G 4973 -8.34 23.74 -31.18
CA HIS G 4973 -7.16 24.47 -31.65
C HIS G 4973 -6.41 25.13 -30.50
N GLY G 4974 -5.20 24.63 -30.24
CA GLY G 4974 -4.42 25.06 -29.11
C GLY G 4974 -3.23 25.90 -29.52
N PHE G 4975 -2.57 25.49 -30.62
CA PHE G 4975 -1.48 26.31 -31.12
C PHE G 4975 -1.96 27.66 -31.59
N GLU G 4976 -3.18 27.72 -32.12
CA GLU G 4976 -3.79 29.02 -32.41
C GLU G 4976 -4.11 29.76 -31.13
N THR G 4977 -4.29 29.02 -30.02
CA THR G 4977 -4.42 29.71 -28.71
C THR G 4977 -3.04 30.07 -28.16
N HIS G 4978 -2.12 29.11 -27.94
CA HIS G 4978 -0.82 29.47 -27.35
C HIS G 4978 -0.26 30.71 -28.00
N THR G 4979 -0.59 31.04 -29.25
CA THR G 4979 -0.07 32.33 -29.69
C THR G 4979 -1.18 33.32 -30.02
N LEU G 4980 -2.16 33.41 -29.12
CA LEU G 4980 -3.09 34.54 -29.12
C LEU G 4980 -3.43 35.09 -27.75
N GLU G 4981 -3.30 34.30 -26.68
CA GLU G 4981 -3.51 34.74 -25.30
C GLU G 4981 -2.32 34.41 -24.41
N GLU G 4982 -1.65 33.32 -24.65
CA GLU G 4982 -0.45 33.08 -23.89
C GLU G 4982 0.64 33.84 -24.62
N HIS G 4983 1.80 33.26 -24.81
CA HIS G 4983 2.86 33.91 -25.55
C HIS G 4983 2.24 34.60 -26.76
N ASN G 4984 2.77 35.74 -27.17
CA ASN G 4984 2.26 36.44 -28.33
C ASN G 4984 2.99 37.73 -28.59
N LEU G 4985 4.20 37.66 -29.11
CA LEU G 4985 5.00 38.85 -29.40
C LEU G 4985 4.39 40.10 -28.84
N ALA G 4986 3.54 40.75 -29.61
CA ALA G 4986 2.93 41.98 -29.16
C ALA G 4986 2.81 42.12 -27.64
N ASN G 4987 2.05 41.26 -26.99
CA ASN G 4987 1.80 41.41 -25.56
C ASN G 4987 3.07 41.70 -24.80
N TYR G 4988 4.18 41.04 -25.14
CA TYR G 4988 5.43 41.26 -24.44
C TYR G 4988 5.97 42.67 -24.67
N MET G 4989 5.62 43.32 -25.77
CA MET G 4989 6.16 44.65 -26.02
C MET G 4989 5.36 45.71 -25.27
N PHE G 4990 4.06 45.62 -25.33
CA PHE G 4990 3.25 46.55 -24.64
C PHE G 4990 3.51 46.49 -23.16
N PHE G 4991 4.22 45.50 -22.66
CA PHE G 4991 4.58 45.48 -21.27
C PHE G 4991 5.61 46.53 -21.19
N LEU G 4992 6.68 46.41 -21.92
CA LEU G 4992 7.76 47.36 -21.80
C LEU G 4992 7.31 48.77 -21.97
N MET G 4993 6.03 49.05 -22.09
CA MET G 4993 5.64 50.44 -22.15
C MET G 4993 4.64 50.66 -21.08
N TYR G 4994 4.34 49.65 -20.30
CA TYR G 4994 3.47 49.82 -19.20
C TYR G 4994 4.46 50.18 -18.18
N LEU G 4995 5.49 49.39 -17.97
CA LEU G 4995 6.38 49.65 -16.86
C LEU G 4995 6.91 51.08 -16.89
N ILE G 4996 7.31 51.57 -18.08
CA ILE G 4996 7.93 52.88 -18.17
C ILE G 4996 6.96 53.97 -17.74
N ASN G 4997 5.71 53.88 -18.19
CA ASN G 4997 4.73 54.93 -17.90
C ASN G 4997 4.43 55.01 -16.41
N LYS G 4998 4.26 53.87 -15.74
CA LYS G 4998 3.83 53.86 -14.36
C LYS G 4998 4.92 54.38 -13.43
N ASP G 4999 4.49 54.98 -12.33
CA ASP G 4999 5.40 55.47 -11.30
C ASP G 4999 6.06 54.28 -10.60
N GLU G 5000 7.19 54.56 -9.93
CA GLU G 5000 8.01 53.49 -9.37
C GLU G 5000 7.45 52.91 -8.09
N THR G 5001 6.73 53.70 -7.29
CA THR G 5001 6.39 53.29 -5.93
C THR G 5001 5.26 52.27 -5.86
N GLU G 5002 4.65 52.19 -7.08
CA GLU G 5002 3.49 51.38 -7.32
C GLU G 5002 3.66 50.19 -8.21
N HIS G 5003 4.84 49.95 -8.70
CA HIS G 5003 5.00 48.78 -9.45
C HIS G 5003 4.52 47.73 -8.49
N THR G 5004 3.80 46.72 -8.93
CA THR G 5004 3.32 45.66 -8.10
C THR G 5004 4.44 44.90 -7.60
N GLY G 5005 4.41 43.61 -7.79
CA GLY G 5005 5.45 42.80 -7.23
C GLY G 5005 6.06 41.86 -8.20
N GLN G 5006 5.40 41.64 -9.32
CA GLN G 5006 5.87 40.78 -10.33
C GLN G 5006 6.26 41.69 -11.43
N GLU G 5007 6.38 42.96 -11.16
CA GLU G 5007 6.85 43.86 -12.15
C GLU G 5007 8.10 44.40 -11.58
N SER G 5008 8.19 44.70 -10.33
CA SER G 5008 9.46 45.21 -9.91
C SER G 5008 10.56 44.23 -10.23
N TYR G 5009 10.26 42.97 -10.49
CA TYR G 5009 11.26 41.97 -10.84
C TYR G 5009 11.65 42.02 -12.28
N VAL G 5010 10.71 42.31 -13.18
CA VAL G 5010 10.99 42.42 -14.58
C VAL G 5010 11.25 43.83 -14.93
N TRP G 5011 11.75 44.63 -14.01
CA TRP G 5011 12.13 45.98 -14.32
C TRP G 5011 13.34 46.19 -13.52
N LYS G 5012 13.90 45.16 -12.93
CA LYS G 5012 15.16 45.27 -12.22
C LYS G 5012 15.94 44.28 -12.92
N MET G 5013 15.46 43.90 -14.07
CA MET G 5013 16.16 42.95 -14.87
C MET G 5013 15.99 43.35 -16.29
N TYR G 5014 15.80 44.61 -16.58
CA TYR G 5014 15.80 45.02 -17.94
C TYR G 5014 16.78 46.07 -17.73
N GLN G 5015 16.77 46.72 -16.57
CA GLN G 5015 17.80 47.70 -16.28
C GLN G 5015 19.14 46.99 -16.36
N GLU G 5016 19.53 46.14 -15.41
CA GLU G 5016 20.73 45.31 -15.56
C GLU G 5016 20.31 44.47 -16.72
N ARG G 5017 21.18 43.67 -17.34
CA ARG G 5017 20.54 42.96 -18.45
C ARG G 5017 20.83 41.47 -18.30
N CYS G 5018 19.87 40.74 -17.74
CA CYS G 5018 20.07 39.37 -17.27
C CYS G 5018 18.88 38.51 -17.68
N TRP G 5019 18.54 38.53 -18.97
CA TRP G 5019 17.26 38.00 -19.42
C TRP G 5019 17.16 36.51 -19.13
N ASP G 5020 16.38 36.16 -18.11
CA ASP G 5020 16.19 34.76 -17.72
C ASP G 5020 14.71 34.49 -17.51
N PHE G 5021 13.93 35.55 -17.30
CA PHE G 5021 12.52 35.36 -16.95
C PHE G 5021 11.67 34.90 -18.13
N PHE G 5022 12.16 35.03 -19.36
CA PHE G 5022 11.43 34.45 -20.48
C PHE G 5022 11.35 32.93 -20.30
N PRO G 5023 10.22 32.31 -20.64
CA PRO G 5023 10.05 30.88 -20.36
C PRO G 5023 11.11 30.01 -21.01
N ALA G 5024 11.22 30.09 -22.34
CA ALA G 5024 12.25 29.40 -23.12
C ALA G 5024 12.38 27.93 -22.73
N GLY G 5025 11.31 27.19 -22.96
CA GLY G 5025 11.34 25.76 -22.74
C GLY G 5025 10.21 25.20 -21.90
N ASP G 5026 9.51 26.06 -21.16
CA ASP G 5026 8.46 25.64 -20.26
C ASP G 5026 7.23 26.50 -20.48
N CYS G 5027 6.05 25.93 -20.20
CA CYS G 5027 4.79 26.60 -20.40
C CYS G 5027 3.87 26.36 -19.20
N PHE G 5028 2.93 27.27 -18.99
CA PHE G 5028 1.97 27.11 -17.89
C PHE G 5028 1.20 25.82 -18.03
N ARG G 5029 0.80 25.47 -19.25
CA ARG G 5029 0.16 24.17 -19.47
C ARG G 5029 1.12 23.02 -19.16
N LYS G 5030 2.39 23.16 -19.57
CA LYS G 5030 3.34 22.07 -19.37
C LYS G 5030 3.64 21.83 -17.89
N GLN G 5031 3.81 22.89 -17.12
CA GLN G 5031 4.16 22.70 -15.71
C GLN G 5031 3.01 22.10 -14.92
N TYR G 5032 1.87 22.80 -14.93
CA TYR G 5032 0.69 22.34 -14.25
C TYR G 5032 -0.15 21.59 -15.20
N GLU G 5033 0.17 20.33 -15.48
CA GLU G 5033 -0.54 19.54 -16.49
C GLU G 5033 -1.23 18.37 -15.90
N ASP G 5034 -1.31 18.33 -14.59
CA ASP G 5034 -2.02 17.26 -13.93
C ASP G 5034 -2.82 17.96 -12.89
N GLN G 5035 -2.24 18.99 -12.27
CA GLN G 5035 -2.92 19.68 -11.20
C GLN G 5035 -4.20 20.14 -11.78
N LEU G 5036 -4.29 20.16 -13.10
CA LEU G 5036 -5.56 20.45 -13.74
C LEU G 5036 -5.44 20.79 -15.18
N SER G 5037 -6.09 20.00 -16.00
CA SER G 5037 -6.09 20.30 -17.41
C SER G 5037 -7.49 20.80 -17.77
N GLY H 1 14.54 98.82 86.68
CA GLY H 1 15.85 98.34 87.07
C GLY H 1 16.92 98.61 86.02
N VAL H 2 17.25 99.87 85.83
CA VAL H 2 18.26 100.29 84.86
C VAL H 2 19.36 101.04 85.58
N GLU H 3 20.60 100.82 85.17
CA GLU H 3 21.77 101.47 85.73
C GLU H 3 22.47 102.27 84.65
N ILE H 4 22.91 103.47 85.00
CA ILE H 4 23.53 104.39 84.05
C ILE H 4 24.89 104.80 84.60
N GLU H 5 25.92 104.74 83.75
CA GLU H 5 27.28 105.11 84.12
C GLU H 5 27.88 105.98 83.02
N THR H 6 28.15 107.24 83.34
CA THR H 6 28.68 108.16 82.34
C THR H 6 30.08 107.74 81.92
N ILE H 7 30.37 107.92 80.63
CA ILE H 7 31.68 107.59 80.08
C ILE H 7 32.43 108.85 79.64
N SER H 8 31.74 109.78 79.00
CA SER H 8 32.31 111.07 78.63
C SER H 8 31.30 112.15 78.96
N PRO H 9 31.74 113.30 79.48
CA PRO H 9 30.79 114.37 79.82
C PRO H 9 30.07 114.92 78.60
N GLY H 10 28.84 115.37 78.81
CA GLY H 10 28.07 115.98 77.77
C GLY H 10 27.66 117.40 78.13
N ASP H 11 26.59 117.91 77.50
CA ASP H 11 26.14 119.26 77.82
C ASP H 11 25.68 119.36 79.28
N GLY H 12 24.93 118.38 79.75
CA GLY H 12 24.49 118.35 81.13
C GLY H 12 23.33 119.26 81.46
N ARG H 13 22.77 119.97 80.48
CA ARG H 13 21.69 120.90 80.72
C ARG H 13 20.44 120.59 79.90
N THR H 14 20.59 120.23 78.63
CA THR H 14 19.45 119.97 77.75
C THR H 14 19.13 118.48 77.78
N PHE H 15 17.89 118.16 78.15
CA PHE H 15 17.47 116.77 78.21
C PHE H 15 16.23 116.55 77.34
N PRO H 16 16.12 115.40 76.70
CA PRO H 16 14.96 115.15 75.84
C PRO H 16 13.66 115.12 76.64
N LYS H 17 12.59 115.59 76.02
CA LYS H 17 11.27 115.60 76.60
C LYS H 17 10.27 115.03 75.60
N LYS H 18 9.02 114.91 76.03
CA LYS H 18 8.00 114.32 75.17
C LYS H 18 7.73 115.19 73.95
N GLY H 19 7.37 114.56 72.85
CA GLY H 19 7.12 115.28 71.62
C GLY H 19 8.36 115.81 70.94
N GLN H 20 9.51 115.18 71.14
CA GLN H 20 10.77 115.61 70.56
C GLN H 20 11.47 114.43 69.92
N THR H 21 12.10 114.67 68.78
CA THR H 21 12.82 113.63 68.07
C THR H 21 14.21 113.42 68.66
N CYS H 22 14.64 112.16 68.70
CA CYS H 22 15.96 111.80 69.18
C CYS H 22 16.62 110.88 68.16
N VAL H 23 17.91 111.13 67.90
CA VAL H 23 18.71 110.29 67.01
C VAL H 23 19.79 109.62 67.85
N VAL H 24 19.93 108.31 67.71
CA VAL H 24 20.84 107.53 68.52
C VAL H 24 21.72 106.70 67.59
N HIS H 25 22.98 107.10 67.45
CA HIS H 25 23.93 106.43 66.57
C HIS H 25 24.77 105.47 67.40
N TYR H 26 24.10 104.44 67.91
CA TYR H 26 24.58 103.61 69.00
C TYR H 26 25.17 102.29 68.50
N THR H 27 25.59 101.45 69.45
CA THR H 27 25.96 100.07 69.23
C THR H 27 25.48 99.27 70.42
N GLY H 28 25.27 97.97 70.22
CA GLY H 28 24.74 97.14 71.29
C GLY H 28 25.43 95.80 71.42
N MET H 29 25.61 95.33 72.66
CA MET H 29 26.28 94.07 72.94
C MET H 29 25.45 93.25 73.92
N LEU H 30 25.90 92.03 74.16
CA LEU H 30 25.29 91.13 75.13
C LEU H 30 26.18 91.06 76.37
N GLN H 31 25.60 90.53 77.46
CA GLN H 31 26.28 90.55 78.75
C GLN H 31 27.56 89.74 78.74
N ASN H 32 27.61 88.67 77.95
CA ASN H 32 28.77 87.78 77.95
C ASN H 32 29.92 88.27 77.09
N GLY H 33 29.75 89.37 76.36
CA GLY H 33 30.81 89.93 75.55
C GLY H 33 30.64 89.82 74.05
N LYS H 34 29.52 89.31 73.58
CA LYS H 34 29.19 89.26 72.17
C LYS H 34 28.25 90.39 71.83
N LYS H 35 28.48 91.05 70.70
CA LYS H 35 27.57 92.10 70.25
C LYS H 35 26.68 91.59 69.14
N PHE H 36 25.39 91.90 69.24
CA PHE H 36 24.37 91.38 68.34
C PHE H 36 23.61 92.48 67.62
N ASP H 37 24.03 93.73 67.76
CA ASP H 37 23.37 94.82 67.06
C ASP H 37 24.31 96.01 67.00
N SER H 38 24.10 96.85 65.99
CA SER H 38 24.90 98.06 65.83
C SER H 38 24.19 98.99 64.87
N SER H 39 24.57 100.26 64.95
CA SER H 39 24.14 101.27 63.99
C SER H 39 25.30 101.93 63.28
N ARG H 40 26.49 101.93 63.87
CA ARG H 40 27.66 102.48 63.20
C ARG H 40 28.05 101.66 61.98
N ASP H 41 27.87 100.34 62.06
CA ASP H 41 28.19 99.49 60.92
C ASP H 41 27.31 99.80 59.71
N ARG H 42 26.01 100.03 59.94
CA ARG H 42 25.15 100.45 58.85
C ARG H 42 25.35 101.92 58.49
N ASN H 43 26.05 102.69 59.32
CA ASN H 43 26.38 104.08 59.03
C ASN H 43 25.12 104.91 58.77
N LYS H 44 24.06 104.61 59.51
CA LYS H 44 22.81 105.38 59.42
C LYS H 44 22.37 105.74 60.84
N PRO H 45 22.18 107.02 61.15
CA PRO H 45 21.77 107.38 62.52
C PRO H 45 20.35 106.95 62.82
N PHE H 46 20.19 105.99 63.72
CA PHE H 46 18.86 105.56 64.14
C PHE H 46 18.14 106.72 64.82
N LYS H 47 16.89 106.96 64.40
CA LYS H 47 16.08 108.03 64.95
C LYS H 47 14.76 107.46 65.45
N PHE H 48 14.27 108.01 66.56
CA PHE H 48 13.04 107.54 67.17
C PHE H 48 12.42 108.70 67.95
N ARG H 49 11.12 108.60 68.19
CA ARG H 49 10.36 109.63 68.89
C ARG H 49 9.86 109.08 70.20
N ILE H 50 10.13 109.81 71.28
CA ILE H 50 9.70 109.37 72.61
C ILE H 50 8.21 109.59 72.77
N GLY H 51 7.58 108.72 73.58
CA GLY H 51 6.20 108.87 73.96
C GLY H 51 5.22 107.88 73.34
N LYS H 52 5.53 107.35 72.15
CA LYS H 52 4.62 106.42 71.49
C LYS H 52 4.99 104.96 71.70
N GLN H 53 6.01 104.68 72.51
CA GLN H 53 6.38 103.32 72.89
C GLN H 53 6.66 102.42 71.68
N GLU H 54 7.40 102.94 70.72
CA GLU H 54 7.89 102.15 69.61
C GLU H 54 9.23 101.47 69.91
N VAL H 55 9.79 101.72 71.09
CA VAL H 55 11.08 101.17 71.50
C VAL H 55 10.88 100.52 72.87
N ILE H 56 11.76 99.57 73.19
CA ILE H 56 11.70 98.90 74.48
C ILE H 56 11.77 99.94 75.60
N LYS H 57 10.95 99.73 76.64
CA LYS H 57 10.81 100.71 77.71
C LYS H 57 12.14 100.95 78.43
N GLY H 58 12.93 99.90 78.64
CA GLY H 58 14.22 100.08 79.28
C GLY H 58 15.10 101.06 78.54
N PHE H 59 15.18 100.94 77.21
CA PHE H 59 16.00 101.83 76.42
C PHE H 59 15.55 103.28 76.54
N GLU H 60 14.24 103.52 76.46
CA GLU H 60 13.75 104.89 76.48
C GLU H 60 13.93 105.52 77.85
N GLU H 61 13.67 104.76 78.93
CA GLU H 61 13.87 105.32 80.26
C GLU H 61 15.35 105.50 80.58
N GLY H 62 16.22 104.69 79.99
CA GLY H 62 17.64 104.96 80.12
C GLY H 62 18.05 106.23 79.40
N ALA H 63 17.56 106.42 78.18
CA ALA H 63 17.93 107.60 77.40
C ALA H 63 17.34 108.88 77.99
N ALA H 64 16.22 108.76 78.72
CA ALA H 64 15.61 109.94 79.32
C ALA H 64 16.51 110.61 80.36
N GLN H 65 17.54 109.91 80.84
CA GLN H 65 18.39 110.40 81.92
C GLN H 65 19.73 110.94 81.43
N MET H 66 19.90 111.13 80.12
CA MET H 66 21.15 111.64 79.59
C MET H 66 20.87 112.86 78.72
N SER H 67 21.92 113.67 78.53
CA SER H 67 21.83 114.94 77.83
C SER H 67 22.44 114.82 76.44
N LEU H 68 22.46 115.93 75.72
CA LEU H 68 23.00 115.97 74.37
C LEU H 68 24.51 115.76 74.39
N GLY H 69 25.00 114.98 73.43
CA GLY H 69 26.43 114.79 73.24
C GLY H 69 27.08 113.79 74.17
N GLN H 70 26.33 113.22 75.12
CA GLN H 70 26.89 112.31 76.12
C GLN H 70 26.91 110.89 75.59
N ARG H 71 28.04 110.21 75.79
CA ARG H 71 28.17 108.77 75.57
C ARG H 71 28.21 108.09 76.92
N ALA H 72 27.40 107.06 77.10
CA ALA H 72 27.29 106.44 78.42
C ALA H 72 27.19 104.93 78.24
N LYS H 73 27.18 104.23 79.37
CA LYS H 73 27.05 102.79 79.43
C LYS H 73 25.73 102.46 80.11
N LEU H 74 24.93 101.63 79.46
CA LEU H 74 23.59 101.31 79.93
C LEU H 74 23.49 99.82 80.18
N THR H 75 22.74 99.44 81.22
CA THR H 75 22.59 98.05 81.60
C THR H 75 21.12 97.81 81.96
N CYS H 76 20.42 97.04 81.15
CA CYS H 76 19.03 96.73 81.38
C CYS H 76 18.89 95.36 82.04
N THR H 77 17.97 95.28 83.00
CA THR H 77 17.62 94.00 83.59
C THR H 77 16.85 93.15 82.58
N PRO H 78 16.96 91.82 82.65
CA PRO H 78 16.20 90.99 81.70
C PRO H 78 14.70 91.17 81.82
N ASP H 79 14.20 91.60 82.98
CA ASP H 79 12.76 91.76 83.18
C ASP H 79 12.19 92.98 82.45
N VAL H 80 13.04 93.88 81.93
CA VAL H 80 12.53 95.08 81.27
C VAL H 80 12.63 95.01 79.75
N ALA H 81 13.42 94.07 79.21
CA ALA H 81 13.60 93.95 77.76
C ALA H 81 13.55 92.48 77.39
N TYR H 82 12.49 92.07 76.69
CA TYR H 82 12.34 90.71 76.18
C TYR H 82 12.46 89.70 77.32
N GLY H 83 11.52 89.81 78.27
CA GLY H 83 11.61 89.10 79.52
C GLY H 83 11.78 87.59 79.45
N ALA H 84 10.75 86.88 79.00
CA ALA H 84 10.77 85.42 79.05
C ALA H 84 11.10 84.80 77.69
N THR H 85 10.28 85.06 76.67
CA THR H 85 10.51 84.46 75.36
C THR H 85 11.71 85.08 74.67
N GLY H 86 11.85 86.40 74.78
CA GLY H 86 12.90 87.09 74.04
C GLY H 86 12.53 87.22 72.58
N HIS H 87 13.48 87.75 71.81
CA HIS H 87 13.31 87.87 70.38
C HIS H 87 13.88 86.62 69.73
N PRO H 88 13.05 85.77 69.12
CA PRO H 88 13.53 84.45 68.67
C PRO H 88 14.55 84.60 67.54
N GLY H 89 15.71 83.96 67.73
CA GLY H 89 16.74 83.91 66.72
C GLY H 89 17.91 84.84 66.93
N VAL H 90 17.83 85.77 67.88
CA VAL H 90 18.91 86.71 68.15
C VAL H 90 19.39 86.65 69.59
N ILE H 91 18.46 86.61 70.54
CA ILE H 91 18.83 86.68 71.96
C ILE H 91 18.27 85.48 72.70
N PRO H 92 19.03 84.89 73.62
CA PRO H 92 18.53 83.74 74.39
C PRO H 92 17.52 84.22 75.42
N PRO H 93 16.68 83.31 75.92
CA PRO H 93 15.73 83.70 76.98
C PRO H 93 16.47 84.06 78.27
N ASN H 94 15.91 85.04 78.99
CA ASN H 94 16.39 85.44 80.31
C ASN H 94 17.87 85.82 80.27
N ALA H 95 18.16 86.89 79.54
CA ALA H 95 19.53 87.37 79.39
C ALA H 95 19.61 88.85 79.75
N THR H 96 20.74 89.24 80.33
CA THR H 96 21.00 90.63 80.64
C THR H 96 21.49 91.35 79.40
N LEU H 97 21.17 92.64 79.30
CA LEU H 97 21.47 93.44 78.12
C LEU H 97 22.48 94.54 78.46
N ILE H 98 23.31 94.87 77.48
CA ILE H 98 24.31 95.91 77.59
C ILE H 98 24.22 96.80 76.35
N PHE H 99 24.24 98.11 76.56
CA PHE H 99 24.10 99.05 75.45
C PHE H 99 25.15 100.14 75.55
N ASP H 100 25.76 100.48 74.41
CA ASP H 100 26.63 101.64 74.29
C ASP H 100 25.86 102.68 73.50
N VAL H 101 25.45 103.76 74.16
CA VAL H 101 24.47 104.68 73.63
C VAL H 101 25.04 106.09 73.67
N GLU H 102 24.92 106.82 72.57
CA GLU H 102 25.25 108.23 72.53
C GLU H 102 24.25 108.95 71.65
N LEU H 103 24.07 110.24 71.91
CA LEU H 103 23.06 111.06 71.27
C LEU H 103 23.74 112.15 70.45
N LEU H 104 23.32 112.29 69.19
CA LEU H 104 24.01 113.22 68.28
C LEU H 104 23.54 114.65 68.48
N ASN H 105 22.25 114.92 68.25
CA ASN H 105 21.72 116.27 68.33
C ASN H 105 20.23 116.20 68.66
N LEU H 106 19.56 117.35 68.55
CA LEU H 106 18.14 117.48 68.88
C LEU H 106 17.87 117.06 70.33
N GLU H 107 18.40 117.86 71.26
CA GLU H 107 18.23 117.65 72.69
C GLU H 107 18.77 116.30 73.14
N MET I 1 -26.43 86.06 34.14
CA MET I 1 -25.04 86.50 34.10
C MET I 1 -24.91 87.92 34.64
N ALA I 2 -23.66 88.37 34.81
CA ALA I 2 -23.37 89.74 35.25
C ALA I 2 -22.67 90.53 34.16
N ASP I 3 -22.91 90.20 32.89
CA ASP I 3 -22.26 90.86 31.78
C ASP I 3 -23.18 91.81 31.02
N GLN I 4 -24.40 92.03 31.50
CA GLN I 4 -25.34 92.93 30.86
C GLN I 4 -25.25 94.36 31.39
N LEU I 5 -24.29 94.65 32.26
CA LEU I 5 -24.14 95.97 32.85
C LEU I 5 -22.83 96.59 32.37
N THR I 6 -22.89 97.84 31.93
CA THR I 6 -21.70 98.54 31.50
C THR I 6 -20.82 98.91 32.70
N GLU I 7 -19.60 99.33 32.41
CA GLU I 7 -18.63 99.56 33.47
C GLU I 7 -18.96 100.79 34.31
N GLU I 8 -19.57 101.82 33.72
CA GLU I 8 -19.79 103.05 34.46
C GLU I 8 -20.80 102.87 35.59
N GLN I 9 -21.88 102.13 35.33
CA GLN I 9 -22.88 101.93 36.38
C GLN I 9 -22.37 100.94 37.44
N ILE I 10 -21.52 100.00 37.04
CA ILE I 10 -20.81 99.19 38.02
C ILE I 10 -19.95 100.06 38.93
N ALA I 11 -19.26 101.05 38.34
CA ALA I 11 -18.49 102.00 39.15
C ALA I 11 -19.39 102.78 40.08
N GLU I 12 -20.55 103.21 39.59
CA GLU I 12 -21.49 103.96 40.43
C GLU I 12 -21.96 103.10 41.60
N PHE I 13 -22.29 101.83 41.33
CA PHE I 13 -22.72 100.93 42.41
C PHE I 13 -21.59 100.70 43.40
N LYS I 14 -20.36 100.55 42.92
CA LYS I 14 -19.22 100.38 43.82
C LYS I 14 -19.03 101.60 44.70
N GLU I 15 -19.14 102.80 44.12
CA GLU I 15 -19.02 104.02 44.93
C GLU I 15 -20.13 104.09 45.96
N ALA I 16 -21.37 103.78 45.56
CA ALA I 16 -22.49 103.82 46.50
C ALA I 16 -22.30 102.84 47.65
N PHE I 17 -21.81 101.63 47.34
CA PHE I 17 -21.60 100.63 48.37
C PHE I 17 -20.44 101.01 49.28
N SER I 18 -19.36 101.55 48.71
CA SER I 18 -18.19 101.89 49.51
C SER I 18 -18.42 103.11 50.37
N LEU I 19 -19.27 104.03 49.91
CA LEU I 19 -19.51 105.27 50.67
C LEU I 19 -20.02 104.98 52.06
N PHE I 20 -20.78 103.89 52.22
CA PHE I 20 -21.31 103.49 53.52
C PHE I 20 -20.72 102.16 53.95
N ASP I 21 -19.44 101.95 53.69
CA ASP I 21 -18.79 100.72 54.13
C ASP I 21 -18.70 100.69 55.66
N LYS I 22 -18.94 99.51 56.23
CA LYS I 22 -19.01 99.39 57.68
C LYS I 22 -17.65 99.61 58.33
N ASP I 23 -16.69 98.73 58.04
CA ASP I 23 -15.33 98.86 58.55
C ASP I 23 -14.31 98.54 57.49
N GLY I 24 -14.67 98.69 56.21
CA GLY I 24 -13.80 98.35 55.11
C GLY I 24 -13.88 96.92 54.63
N ASP I 25 -14.60 96.06 55.35
CA ASP I 25 -14.74 94.66 54.96
C ASP I 25 -15.95 94.39 54.09
N GLY I 26 -16.82 95.38 53.89
CA GLY I 26 -17.98 95.17 53.04
C GLY I 26 -19.07 94.33 53.66
N THR I 27 -19.12 94.24 54.99
CA THR I 27 -20.15 93.48 55.69
C THR I 27 -21.18 94.44 56.27
N ILE I 28 -22.41 94.38 55.76
CA ILE I 28 -23.49 95.28 56.14
C ILE I 28 -24.72 94.44 56.46
N THR I 29 -25.66 95.05 57.18
CA THR I 29 -26.83 94.37 57.73
C THR I 29 -28.08 94.74 56.93
N THR I 30 -29.23 94.20 57.38
CA THR I 30 -30.44 94.26 56.57
C THR I 30 -31.04 95.67 56.56
N LYS I 31 -31.00 96.38 57.68
CA LYS I 31 -31.64 97.69 57.73
C LYS I 31 -30.92 98.68 56.83
N ALA I 32 -29.60 98.65 56.81
CA ALA I 32 -28.83 99.66 56.10
C ALA I 32 -28.82 99.47 54.60
N LEU I 33 -29.04 98.25 54.10
CA LEU I 33 -29.05 98.04 52.67
C LEU I 33 -30.22 98.75 52.01
N GLY I 34 -31.38 98.78 52.68
CA GLY I 34 -32.49 99.56 52.17
C GLY I 34 -32.16 101.04 52.06
N THR I 35 -31.46 101.58 53.06
CA THR I 35 -31.07 102.98 53.03
C THR I 35 -30.12 103.25 51.88
N VAL I 36 -29.08 102.42 51.73
CA VAL I 36 -28.10 102.66 50.67
C VAL I 36 -28.73 102.46 49.29
N MET I 37 -29.69 101.53 49.19
CA MET I 37 -30.33 101.27 47.91
C MET I 37 -31.34 102.36 47.56
N ARG I 38 -31.98 102.96 48.55
CA ARG I 38 -32.85 104.11 48.28
C ARG I 38 -32.06 105.40 48.15
N SER I 39 -30.77 105.38 48.45
CA SER I 39 -29.97 106.60 48.36
C SER I 39 -29.69 107.01 46.91
N LEU I 40 -29.58 106.04 45.99
CA LEU I 40 -29.18 106.33 44.62
C LEU I 40 -30.35 106.35 43.64
N GLY I 41 -31.58 106.47 44.13
CA GLY I 41 -32.70 106.75 43.26
C GLY I 41 -33.84 105.75 43.26
N GLN I 42 -33.54 104.45 43.22
CA GLN I 42 -34.57 103.43 43.19
C GLN I 42 -35.16 103.26 44.58
N ASN I 43 -36.48 103.43 44.69
CA ASN I 43 -37.19 103.37 45.98
C ASN I 43 -38.38 102.42 45.87
N PRO I 44 -38.14 101.11 45.89
CA PRO I 44 -39.26 100.15 45.90
C PRO I 44 -39.76 99.83 47.29
N THR I 45 -40.66 98.85 47.40
CA THR I 45 -41.28 98.46 48.66
C THR I 45 -40.36 97.60 49.51
N GLU I 46 -40.91 96.96 50.55
CA GLU I 46 -40.10 96.15 51.45
C GLU I 46 -40.11 94.67 51.11
N ALA I 47 -40.94 94.22 50.18
CA ALA I 47 -41.04 92.79 49.87
C ALA I 47 -39.78 92.29 49.18
N GLU I 48 -39.30 93.01 48.17
CA GLU I 48 -38.14 92.56 47.41
C GLU I 48 -36.89 92.48 48.30
N LEU I 49 -36.71 93.45 49.21
CA LEU I 49 -35.59 93.39 50.13
C LEU I 49 -35.79 92.32 51.19
N GLN I 50 -37.02 91.84 51.38
CA GLN I 50 -37.25 90.70 52.24
C GLN I 50 -36.84 89.41 51.54
N ASP I 51 -37.10 89.30 50.25
CA ASP I 51 -36.75 88.11 49.50
C ASP I 51 -35.26 88.06 49.11
N MET I 52 -34.58 89.20 49.11
CA MET I 52 -33.15 89.21 48.71
C MET I 52 -32.31 88.38 49.66
N ILE I 53 -32.52 88.54 50.98
CA ILE I 53 -31.79 87.70 51.93
C ILE I 53 -32.25 86.25 51.83
N ASN I 54 -33.49 86.03 51.40
CA ASN I 54 -33.97 84.66 51.24
C ASN I 54 -33.24 83.95 50.09
N GLU I 55 -32.98 84.66 48.99
CA GLU I 55 -32.23 84.05 47.89
C GLU I 55 -30.80 83.73 48.31
N VAL I 56 -30.15 84.63 49.03
CA VAL I 56 -28.78 84.40 49.48
C VAL I 56 -28.73 84.38 51.00
N ASN I 61 -28.62 85.68 56.81
CA ASN I 61 -27.53 85.38 57.72
C ASN I 61 -27.01 86.65 58.40
N GLY I 62 -27.47 87.80 57.90
CA GLY I 62 -27.00 89.07 58.40
C GLY I 62 -25.63 89.49 57.91
N THR I 63 -25.06 88.74 56.97
CA THR I 63 -23.73 89.03 56.42
C THR I 63 -23.88 89.21 54.92
N ILE I 64 -23.92 90.47 54.48
CA ILE I 64 -24.09 90.81 53.08
C ILE I 64 -22.79 91.43 52.57
N ASP I 65 -22.30 90.94 51.43
CA ASP I 65 -21.07 91.40 50.82
C ASP I 65 -21.37 92.07 49.48
N PHE I 66 -20.33 92.68 48.90
CA PHE I 66 -20.50 93.36 47.62
C PHE I 66 -20.89 92.43 46.48
N PRO I 67 -20.29 91.24 46.32
CA PRO I 67 -20.71 90.37 45.20
C PRO I 67 -22.19 90.03 45.20
N ALA I 68 -22.77 89.70 46.36
CA ALA I 68 -24.19 89.38 46.40
C ALA I 68 -25.05 90.59 46.03
N PHE I 69 -24.68 91.77 46.54
CA PHE I 69 -25.39 92.99 46.19
C PHE I 69 -25.32 93.23 44.69
N LEU I 70 -24.13 93.09 44.11
CA LEU I 70 -24.00 93.31 42.68
C LEU I 70 -24.82 92.32 41.88
N THR I 71 -24.84 91.05 42.29
CA THR I 71 -25.60 90.05 41.55
C THR I 71 -27.10 90.35 41.60
N MET I 72 -27.62 90.68 42.78
CA MET I 72 -29.06 90.95 42.89
C MET I 72 -29.45 92.24 42.17
N MET I 73 -28.62 93.29 42.26
CA MET I 73 -28.86 94.49 41.49
C MET I 73 -28.81 94.20 39.99
N ALA I 74 -27.86 93.37 39.57
CA ALA I 74 -27.69 93.05 38.16
C ALA I 74 -28.91 92.32 37.63
N ARG I 75 -29.43 91.36 38.38
CA ARG I 75 -30.54 90.58 37.85
C ARG I 75 -31.89 91.22 38.13
N LYS I 76 -31.94 92.31 38.91
CA LYS I 76 -33.14 93.13 38.92
C LYS I 76 -33.12 94.27 37.91
N MET I 77 -31.95 94.61 37.37
CA MET I 77 -31.92 95.50 36.21
C MET I 77 -32.04 94.73 34.90
N LYS I 78 -31.56 93.49 34.87
CA LYS I 78 -31.50 92.74 33.62
C LYS I 78 -32.88 92.39 33.11
N ASP I 79 -33.84 92.11 33.99
CA ASP I 79 -35.19 91.79 33.53
C ASP I 79 -35.81 92.98 32.82
N THR I 80 -35.66 94.19 33.39
CA THR I 80 -36.15 95.39 32.73
C THR I 80 -35.43 95.63 31.41
N ASP I 81 -34.11 95.44 31.40
CA ASP I 81 -33.35 95.64 30.16
C ASP I 81 -33.83 94.68 29.08
N SER I 82 -34.05 93.42 29.42
CA SER I 82 -34.52 92.43 28.44
C SER I 82 -35.94 92.73 27.99
N GLU I 83 -36.81 93.16 28.91
CA GLU I 83 -38.18 93.48 28.53
C GLU I 83 -38.24 94.73 27.65
N GLU I 84 -37.27 95.62 27.78
CA GLU I 84 -37.27 96.84 26.98
C GLU I 84 -36.51 96.71 25.66
N GLU I 85 -35.55 95.78 25.58
CA GLU I 85 -34.75 95.65 24.37
C GLU I 85 -35.55 95.15 23.17
N ILE I 86 -36.77 94.66 23.38
CA ILE I 86 -37.57 94.14 22.27
C ILE I 86 -38.28 95.24 21.51
N ARG I 87 -38.30 96.46 22.04
CA ARG I 87 -38.94 97.60 21.39
C ARG I 87 -37.96 98.49 20.65
N GLU I 88 -36.77 98.72 21.21
CA GLU I 88 -35.79 99.59 20.56
C GLU I 88 -35.11 98.90 19.39
N ALA I 89 -34.88 97.59 19.49
CA ALA I 89 -34.21 96.86 18.41
C ALA I 89 -35.06 96.81 17.14
N PHE I 90 -36.37 97.04 17.25
CA PHE I 90 -37.24 97.06 16.07
C PHE I 90 -37.26 98.42 15.39
N ARG I 91 -36.73 99.46 16.03
CA ARG I 91 -36.82 100.81 15.47
C ARG I 91 -36.18 100.89 14.10
N VAL I 92 -35.07 100.19 13.89
CA VAL I 92 -34.40 100.24 12.60
C VAL I 92 -35.20 99.51 11.52
N PHE I 93 -36.03 98.54 11.92
CA PHE I 93 -36.72 97.72 10.94
C PHE I 93 -37.79 98.51 10.18
N ASP I 94 -38.39 99.52 10.80
CA ASP I 94 -39.35 100.38 10.14
C ASP I 94 -38.77 101.78 9.99
N LYS I 95 -39.04 102.40 8.84
CA LYS I 95 -38.44 103.70 8.53
C LYS I 95 -38.89 104.77 9.52
N ASP I 96 -40.20 104.89 9.74
CA ASP I 96 -40.73 105.91 10.64
C ASP I 96 -40.57 105.54 12.10
N GLY I 97 -40.43 104.26 12.43
CA GLY I 97 -40.26 103.82 13.80
C GLY I 97 -41.53 103.57 14.56
N ASN I 98 -42.70 103.86 13.98
CA ASN I 98 -43.96 103.66 14.69
C ASN I 98 -44.34 102.19 14.78
N GLY I 99 -44.08 101.41 13.73
CA GLY I 99 -44.41 99.99 13.76
C GLY I 99 -44.89 99.44 12.43
N TYR I 100 -45.35 100.31 11.54
CA TYR I 100 -45.84 99.87 10.24
C TYR I 100 -44.66 99.55 9.33
N ILE I 101 -44.71 98.36 8.71
CA ILE I 101 -43.63 97.89 7.85
C ILE I 101 -44.23 97.13 6.68
N SER I 102 -43.82 97.48 5.46
CA SER I 102 -44.27 96.77 4.28
C SER I 102 -43.67 95.37 4.23
N ALA I 103 -44.47 94.40 3.80
CA ALA I 103 -44.01 93.02 3.71
C ALA I 103 -43.02 92.82 2.56
N ALA I 104 -43.10 93.65 1.52
CA ALA I 104 -42.16 93.50 0.41
C ALA I 104 -40.76 94.00 0.78
N ALA I 105 -40.67 95.01 1.64
CA ALA I 105 -39.37 95.59 1.97
C ALA I 105 -38.48 94.60 2.70
N LEU I 106 -39.06 93.80 3.60
CA LEU I 106 -38.26 92.87 4.39
C LEU I 106 -37.66 91.75 3.55
N ARG I 107 -38.09 91.60 2.29
CA ARG I 107 -37.55 90.51 1.48
C ARG I 107 -36.08 90.68 1.15
N HIS I 108 -35.55 91.91 1.19
CA HIS I 108 -34.14 92.12 0.90
C HIS I 108 -33.37 92.75 2.04
N VAL I 109 -34.00 93.03 3.18
CA VAL I 109 -33.28 93.64 4.29
C VAL I 109 -33.24 92.70 5.48
N MET I 110 -34.24 91.80 5.57
CA MET I 110 -34.30 90.87 6.69
C MET I 110 -33.43 89.62 6.47
N THR I 111 -32.72 89.55 5.34
CA THR I 111 -31.79 88.45 5.09
C THR I 111 -30.34 88.83 5.35
N ASN I 112 -30.09 90.02 5.91
CA ASN I 112 -28.73 90.54 6.05
C ASN I 112 -28.52 91.15 7.43
N LEU I 113 -28.97 90.45 8.48
CA LEU I 113 -28.74 90.91 9.84
C LEU I 113 -27.43 90.39 10.43
N GLY I 114 -26.63 89.66 9.66
CA GLY I 114 -25.41 89.08 10.16
C GLY I 114 -25.55 87.69 10.73
N GLU I 115 -26.77 87.16 10.82
CA GLU I 115 -27.01 85.81 11.30
C GLU I 115 -26.85 84.76 10.21
N LYS I 116 -26.44 85.16 9.01
CA LYS I 116 -26.27 84.26 7.87
C LYS I 116 -27.57 83.52 7.54
N LEU I 117 -28.70 84.22 7.69
CA LEU I 117 -30.01 83.63 7.43
C LEU I 117 -30.40 83.88 5.98
N THR I 118 -30.55 82.81 5.21
CA THR I 118 -30.88 82.92 3.80
C THR I 118 -32.40 82.95 3.61
N ASP I 119 -32.83 82.92 2.34
CA ASP I 119 -34.23 83.21 2.03
C ASP I 119 -35.18 82.16 2.57
N GLU I 120 -34.76 80.88 2.65
CA GLU I 120 -35.69 79.82 3.00
C GLU I 120 -36.24 79.99 4.43
N GLU I 121 -35.35 80.31 5.37
CA GLU I 121 -35.77 80.46 6.75
C GLU I 121 -36.78 81.58 6.89
N VAL I 122 -36.52 82.73 6.26
CA VAL I 122 -37.47 83.83 6.35
C VAL I 122 -38.75 83.51 5.57
N ASP I 123 -38.66 82.69 4.53
CA ASP I 123 -39.88 82.21 3.88
C ASP I 123 -40.77 81.48 4.87
N GLU I 124 -40.19 80.51 5.59
CA GLU I 124 -40.99 79.78 6.56
C GLU I 124 -41.42 80.66 7.72
N MET I 125 -40.59 81.65 8.09
CA MET I 125 -40.90 82.49 9.25
C MET I 125 -42.07 83.42 8.97
N ILE I 126 -42.07 84.09 7.81
CA ILE I 126 -43.14 85.03 7.48
C ILE I 126 -44.36 84.33 6.91
N ARG I 127 -44.19 83.13 6.33
CA ARG I 127 -45.34 82.41 5.79
C ARG I 127 -46.23 81.87 6.90
N GLU I 128 -45.69 81.62 8.08
CA GLU I 128 -46.42 81.00 9.18
C GLU I 128 -47.32 82.00 9.93
N ALA I 129 -47.31 83.27 9.54
CA ALA I 129 -48.14 84.27 10.20
C ALA I 129 -49.62 84.04 9.94
N GLY I 135 -49.93 93.23 3.46
CA GLY I 135 -50.28 94.13 4.54
C GLY I 135 -49.10 94.56 5.39
N GLN I 136 -49.35 95.44 6.34
CA GLN I 136 -48.32 95.96 7.24
C GLN I 136 -48.55 95.42 8.65
N VAL I 137 -47.47 95.02 9.30
CA VAL I 137 -47.53 94.34 10.59
C VAL I 137 -46.78 95.19 11.61
N ASN I 138 -47.43 95.44 12.76
CA ASN I 138 -46.83 96.26 13.80
C ASN I 138 -45.81 95.47 14.60
N TYR I 139 -45.27 96.09 15.65
CA TYR I 139 -44.20 95.47 16.43
C TYR I 139 -44.71 94.38 17.37
N GLU I 140 -45.90 94.54 17.94
CA GLU I 140 -46.38 93.56 18.92
C GLU I 140 -46.70 92.23 18.24
N ALA I 141 -47.20 92.27 17.01
CA ALA I 141 -47.39 91.03 16.27
C ALA I 141 -46.06 90.34 16.00
N PHE I 142 -45.00 91.11 15.74
CA PHE I 142 -43.66 90.53 15.63
C PHE I 142 -43.19 89.94 16.95
N VAL I 143 -43.53 90.60 18.07
CA VAL I 143 -43.19 90.05 19.38
C VAL I 143 -43.82 88.67 19.56
N GLN I 144 -45.13 88.58 19.28
CA GLN I 144 -45.80 87.28 19.34
C GLN I 144 -45.23 86.32 18.30
N MET I 145 -44.76 86.86 17.18
CA MET I 145 -44.27 86.04 16.07
C MET I 145 -42.98 85.32 16.42
N MET I 146 -42.02 86.03 17.02
CA MET I 146 -40.72 85.45 17.33
C MET I 146 -40.58 84.92 18.76
N THR I 147 -41.10 85.64 19.75
CA THR I 147 -40.94 85.18 21.13
C THR I 147 -41.65 83.86 21.36
N ALA I 148 -42.86 83.71 20.82
CA ALA I 148 -43.66 82.48 20.97
C ALA I 148 -43.85 82.08 22.42
N GLN J 12 -20.56 23.93 14.44
CA GLN J 12 -19.43 24.86 14.44
C GLN J 12 -19.86 26.22 14.95
N PHE J 13 -20.80 26.86 14.26
CA PHE J 13 -21.33 28.15 14.71
C PHE J 13 -22.82 28.20 14.40
N LEU J 14 -23.52 29.08 15.12
CA LEU J 14 -24.95 29.25 14.91
C LEU J 14 -25.22 29.98 13.61
N ARG J 15 -26.33 29.62 12.97
CA ARG J 15 -26.74 30.20 11.70
C ARG J 15 -28.23 30.48 11.77
N THR J 16 -28.72 31.27 10.81
CA THR J 16 -30.15 31.51 10.73
C THR J 16 -30.87 30.23 10.29
N ASP J 17 -32.18 30.20 10.54
CA ASP J 17 -33.04 29.08 10.17
C ASP J 17 -32.59 27.78 10.84
N ASP J 18 -32.10 27.88 12.07
CA ASP J 18 -31.69 26.72 12.86
C ASP J 18 -32.61 26.55 14.05
N GLU J 19 -32.84 25.30 14.43
CA GLU J 19 -33.71 24.98 15.56
C GLU J 19 -32.87 24.63 16.77
N VAL J 20 -33.15 25.31 17.89
CA VAL J 20 -32.33 25.26 19.09
C VAL J 20 -33.24 25.29 20.31
N VAL J 21 -32.62 25.13 21.49
CA VAL J 21 -33.35 25.16 22.75
C VAL J 21 -32.52 25.93 23.78
N LEU J 22 -33.22 26.67 24.64
CA LEU J 22 -32.58 27.36 25.74
C LEU J 22 -32.26 26.39 26.88
N GLN J 23 -31.40 26.83 27.79
CA GLN J 23 -30.98 25.98 28.90
C GLN J 23 -30.42 26.84 30.02
N CYS J 24 -30.86 26.59 31.25
CA CYS J 24 -30.32 27.23 32.43
C CYS J 24 -30.05 26.18 33.49
N SER J 25 -29.09 26.46 34.36
CA SER J 25 -28.65 25.51 35.37
C SER J 25 -28.67 26.19 36.74
N ALA J 26 -29.57 25.75 37.61
CA ALA J 26 -29.68 26.26 38.98
C ALA J 26 -29.85 25.10 39.93
N THR J 27 -28.93 24.95 40.87
CA THR J 27 -29.01 23.89 41.85
C THR J 27 -30.10 24.17 42.88
N VAL J 28 -30.73 23.09 43.36
CA VAL J 28 -31.80 23.18 44.35
C VAL J 28 -31.47 22.36 45.60
N LEU J 29 -31.12 21.09 45.42
CA LEU J 29 -30.80 20.18 46.51
C LEU J 29 -29.30 20.03 46.69
N LYS J 30 -28.56 21.11 46.52
CA LYS J 30 -27.09 21.13 46.50
C LYS J 30 -26.51 20.33 45.34
N GLU J 31 -27.34 19.98 44.36
CA GLU J 31 -26.91 19.30 43.15
C GLU J 31 -27.50 20.03 41.95
N GLN J 32 -26.75 20.04 40.86
CA GLN J 32 -27.16 20.80 39.68
C GLN J 32 -28.39 20.17 39.03
N LEU J 33 -29.35 21.02 38.67
CA LEU J 33 -30.55 20.59 37.95
C LEU J 33 -30.65 21.42 36.68
N LYS J 34 -30.70 20.76 35.54
CA LYS J 34 -30.84 21.45 34.27
C LYS J 34 -32.31 21.80 34.02
N LEU J 35 -32.55 23.05 33.66
CA LEU J 35 -33.90 23.56 33.46
C LEU J 35 -33.97 24.24 32.09
N CYS J 36 -34.95 23.85 31.29
CA CYS J 36 -35.18 24.46 29.98
C CYS J 36 -36.46 25.28 30.02
N LEU J 37 -36.68 26.03 28.94
CA LEU J 37 -37.80 26.95 28.83
C LEU J 37 -38.71 26.46 27.71
N ALA J 38 -40.00 26.31 28.01
CA ALA J 38 -40.95 25.82 27.02
C ALA J 38 -42.35 26.24 27.42
N ALA J 39 -43.24 26.24 26.43
CA ALA J 39 -44.64 26.57 26.64
C ALA J 39 -45.49 25.76 25.66
N GLU J 40 -46.72 25.48 26.05
CA GLU J 40 -47.58 24.61 25.26
C GLU J 40 -48.17 25.33 24.04
N GLY J 41 -48.46 26.63 24.15
CA GLY J 41 -49.05 27.34 23.04
C GLY J 41 -50.52 27.65 23.21
N PHE J 42 -51.37 26.89 22.50
CA PHE J 42 -52.81 27.15 22.50
C PHE J 42 -53.44 26.89 23.87
N GLY J 43 -53.86 27.96 24.54
CA GLY J 43 -54.56 27.86 25.82
C GLY J 43 -53.78 28.40 27.00
N ASN J 44 -52.45 28.53 26.89
CA ASN J 44 -51.64 29.08 27.97
C ASN J 44 -50.59 29.98 27.34
N ARG J 45 -50.85 31.28 27.34
CA ARG J 45 -49.88 32.24 26.80
C ARG J 45 -48.65 32.37 27.67
N LEU J 46 -48.67 31.86 28.90
CA LEU J 46 -47.52 31.96 29.78
C LEU J 46 -46.51 30.85 29.46
N CYS J 47 -45.36 30.94 30.12
CA CYS J 47 -44.27 30.00 29.90
C CYS J 47 -43.75 29.52 31.25
N PHE J 48 -43.22 28.30 31.27
CA PHE J 48 -42.78 27.66 32.51
C PHE J 48 -41.50 26.90 32.23
N LEU J 49 -41.04 26.15 33.23
CA LEU J 49 -39.79 25.42 33.20
C LEU J 49 -40.04 23.91 33.18
N GLU J 50 -39.18 23.19 32.49
CA GLU J 50 -39.28 21.74 32.38
C GLU J 50 -37.99 21.09 32.84
N PRO J 51 -37.96 20.41 33.99
CA PRO J 51 -36.72 19.75 34.43
C PRO J 51 -36.32 18.62 33.50
N THR J 52 -35.02 18.51 33.27
CA THR J 52 -34.46 17.47 32.41
C THR J 52 -33.21 16.90 33.07
N SER J 53 -33.34 16.53 34.35
CA SER J 53 -32.21 16.05 35.13
C SER J 53 -32.22 14.55 35.37
N ASN J 54 -33.32 13.85 35.08
CA ASN J 54 -33.44 12.42 35.32
C ASN J 54 -33.86 11.71 34.05
N ALA J 55 -33.13 11.99 32.96
CA ALA J 55 -33.46 11.38 31.67
C ALA J 55 -33.38 9.85 31.73
N GLN J 56 -32.56 9.31 32.63
CA GLN J 56 -32.45 7.86 32.75
C GLN J 56 -33.72 7.22 33.31
N ASN J 57 -34.55 7.99 34.00
CA ASN J 57 -35.79 7.44 34.54
C ASN J 57 -37.01 8.28 34.17
N VAL J 58 -36.89 9.59 34.15
CA VAL J 58 -37.99 10.49 33.82
C VAL J 58 -37.80 10.98 32.38
N PRO J 59 -38.69 10.63 31.46
CA PRO J 59 -38.55 11.10 30.07
C PRO J 59 -38.96 12.55 29.95
N PRO J 60 -38.03 13.44 29.65
CA PRO J 60 -38.38 14.86 29.48
C PRO J 60 -39.20 15.09 28.23
N ASP J 61 -40.09 16.08 28.30
CA ASP J 61 -40.95 16.44 27.18
C ASP J 61 -40.24 17.49 26.34
N LEU J 62 -39.70 17.07 25.20
CA LEU J 62 -39.01 17.96 24.27
C LEU J 62 -39.84 18.27 23.02
N ALA J 63 -41.13 17.96 23.04
CA ALA J 63 -41.98 18.27 21.89
C ALA J 63 -42.29 19.76 21.81
N ILE J 64 -42.26 20.46 22.95
CA ILE J 64 -42.61 21.87 23.02
C ILE J 64 -41.41 22.75 23.38
N CYS J 65 -40.24 22.16 23.61
CA CYS J 65 -39.06 22.95 23.96
C CYS J 65 -38.33 23.50 22.74
N CYS J 66 -38.63 22.99 21.55
CA CYS J 66 -37.90 23.40 20.36
C CYS J 66 -38.22 24.84 19.97
N PHE J 67 -37.17 25.60 19.67
CA PHE J 67 -37.28 26.96 19.17
C PHE J 67 -36.58 27.04 17.81
N THR J 68 -36.59 28.23 17.21
CA THR J 68 -35.90 28.41 15.93
C THR J 68 -35.56 29.89 15.76
N LEU J 69 -34.46 30.14 15.07
CA LEU J 69 -33.98 31.49 14.82
C LEU J 69 -34.34 31.91 13.40
N GLU J 70 -35.03 33.04 13.27
CA GLU J 70 -35.51 33.51 11.98
C GLU J 70 -34.86 34.79 11.48
N GLN J 71 -34.53 35.72 12.38
CA GLN J 71 -33.97 37.00 11.97
C GLN J 71 -32.84 37.38 12.91
N SER J 72 -31.89 38.14 12.39
CA SER J 72 -30.80 38.67 13.20
C SER J 72 -30.34 39.97 12.57
N LEU J 73 -30.47 41.07 13.31
CA LEU J 73 -30.20 42.39 12.76
C LEU J 73 -29.49 43.23 13.80
N SER J 74 -28.80 44.27 13.32
CA SER J 74 -28.24 45.26 14.22
C SER J 74 -29.33 46.15 14.78
N VAL J 75 -29.01 46.84 15.87
CA VAL J 75 -30.02 47.64 16.55
C VAL J 75 -30.54 48.76 15.66
N ARG J 76 -29.65 49.44 14.93
CA ARG J 76 -30.09 50.50 14.04
C ARG J 76 -30.92 49.96 12.88
N ALA J 77 -30.55 48.82 12.32
CA ALA J 77 -31.37 48.20 11.28
C ALA J 77 -32.76 47.88 11.82
N LEU J 78 -32.83 47.35 13.05
CA LEU J 78 -34.11 47.06 13.67
C LEU J 78 -34.94 48.33 13.82
N GLN J 79 -34.34 49.40 14.33
CA GLN J 79 -35.10 50.61 14.60
C GLN J 79 -35.55 51.30 13.32
N GLU J 80 -34.76 51.19 12.24
CA GLU J 80 -35.23 51.78 10.99
C GLU J 80 -36.31 50.92 10.35
N MET J 81 -36.22 49.59 10.53
CA MET J 81 -37.30 48.72 10.04
C MET J 81 -38.59 48.96 10.78
N LEU J 82 -38.50 49.34 12.07
CA LEU J 82 -39.71 49.55 12.86
C LEU J 82 -40.62 50.63 12.27
N ALA J 83 -40.04 51.59 11.55
CA ALA J 83 -40.84 52.66 10.94
C ALA J 83 -41.49 52.22 9.63
N ASN J 84 -41.13 51.06 9.10
CA ASN J 84 -41.70 50.58 7.84
C ASN J 84 -42.19 49.15 7.98
N GLY J 97 -31.51 34.32 2.96
CA GLY J 97 -30.09 34.07 3.13
C GLY J 97 -29.76 33.36 4.42
N HIS J 98 -28.50 33.48 4.84
CA HIS J 98 -28.04 32.82 6.07
C HIS J 98 -26.93 33.67 6.67
N ARG J 99 -27.26 34.38 7.75
CA ARG J 99 -26.29 35.20 8.47
C ARG J 99 -25.80 34.46 9.71
N THR J 100 -24.69 34.95 10.26
CA THR J 100 -24.09 34.39 11.46
C THR J 100 -24.28 35.36 12.62
N LEU J 101 -24.61 34.82 13.79
CA LEU J 101 -24.87 35.66 14.95
C LEU J 101 -23.58 36.28 15.48
N LEU J 102 -23.67 37.53 15.93
CA LEU J 102 -22.59 38.21 16.62
C LEU J 102 -23.15 38.89 17.86
N TYR J 103 -22.34 38.97 18.90
CA TYR J 103 -22.75 39.64 20.12
C TYR J 103 -23.03 41.11 19.85
N GLY J 104 -24.15 41.61 20.37
CA GLY J 104 -24.59 42.96 20.14
C GLY J 104 -25.74 43.08 19.16
N HIS J 105 -25.98 42.06 18.35
CA HIS J 105 -27.10 42.09 17.42
C HIS J 105 -28.40 41.77 18.16
N ALA J 106 -29.51 41.93 17.45
CA ALA J 106 -30.83 41.58 17.96
C ALA J 106 -31.17 40.17 17.52
N ILE J 107 -32.37 39.70 17.90
CA ILE J 107 -32.79 38.35 17.59
C ILE J 107 -34.31 38.29 17.62
N LEU J 108 -34.86 37.31 16.90
CA LEU J 108 -36.30 37.08 16.85
C LEU J 108 -36.53 35.58 17.08
N LEU J 109 -36.87 35.21 18.32
CA LEU J 109 -37.17 33.82 18.60
C LEU J 109 -38.50 33.43 17.96
N ARG J 110 -38.70 32.13 17.81
CA ARG J 110 -39.94 31.63 17.20
C ARG J 110 -40.16 30.21 17.69
N HIS J 111 -41.27 29.99 18.40
CA HIS J 111 -41.57 28.64 18.87
C HIS J 111 -41.94 27.76 17.69
N ALA J 112 -41.30 26.59 17.60
CA ALA J 112 -41.41 25.77 16.40
C ALA J 112 -42.79 25.17 16.24
N HIS J 113 -43.34 24.60 17.32
CA HIS J 113 -44.57 23.82 17.20
C HIS J 113 -45.79 24.71 17.01
N SER J 114 -46.04 25.61 17.95
CA SER J 114 -47.22 26.46 17.88
C SER J 114 -47.08 27.58 16.86
N ARG J 115 -45.86 27.84 16.37
CA ARG J 115 -45.61 28.88 15.37
C ARG J 115 -46.00 30.26 15.89
N MET J 116 -45.61 30.55 17.13
CA MET J 116 -45.86 31.85 17.74
C MET J 116 -44.54 32.43 18.22
N TYR J 117 -44.47 33.75 18.19
CA TYR J 117 -43.23 34.46 18.49
C TYR J 117 -43.10 34.73 19.98
N LEU J 118 -41.95 34.38 20.54
CA LEU J 118 -41.68 34.66 21.94
C LEU J 118 -41.53 36.16 22.15
N SER J 119 -42.08 36.66 23.26
CA SER J 119 -42.08 38.09 23.53
C SER J 119 -42.14 38.30 25.04
N CYS J 120 -42.48 39.53 25.44
CA CYS J 120 -42.63 39.87 26.85
C CYS J 120 -43.91 40.67 27.02
N LEU J 121 -44.75 40.24 27.96
CA LEU J 121 -46.06 40.85 28.15
C LEU J 121 -45.97 41.96 29.20
N THR J 122 -47.11 42.57 29.52
CA THR J 122 -47.18 43.69 30.46
C THR J 122 -48.16 43.38 31.58
N THR J 123 -48.22 42.13 32.01
CA THR J 123 -49.11 41.72 33.08
C THR J 123 -48.34 41.69 34.40
N SER J 124 -49.08 41.44 35.48
CA SER J 124 -48.52 41.41 36.82
C SER J 124 -48.67 40.01 37.41
N ARG J 125 -47.59 39.51 38.02
CA ARG J 125 -47.62 38.19 38.61
C ARG J 125 -46.67 38.16 39.81
N SER J 126 -46.93 37.20 40.69
CA SER J 126 -46.09 36.88 41.85
C SER J 126 -46.19 37.94 42.94
N MET J 127 -46.88 39.05 42.67
CA MET J 127 -47.13 40.11 43.65
C MET J 127 -45.86 40.50 44.40
N THR J 128 -44.79 40.75 43.64
CA THR J 128 -43.49 41.06 44.22
C THR J 128 -43.26 42.55 44.44
N ASP J 129 -44.25 43.39 44.12
CA ASP J 129 -44.11 44.84 44.20
C ASP J 129 -42.85 45.29 43.46
N LYS J 130 -42.77 44.88 42.19
CA LYS J 130 -41.50 44.89 41.49
C LYS J 130 -41.75 45.18 40.02
N LEU J 131 -40.76 44.90 39.18
CA LEU J 131 -40.79 45.15 37.75
C LEU J 131 -40.72 43.83 36.99
N ALA J 132 -41.51 42.84 37.45
CA ALA J 132 -41.42 41.49 36.92
C ALA J 132 -41.71 41.45 35.42
N PHE J 133 -42.94 41.79 35.03
CA PHE J 133 -43.38 41.72 33.63
C PHE J 133 -43.17 40.31 33.08
N ASP J 134 -43.93 39.37 33.64
CA ASP J 134 -43.81 37.95 33.31
C ASP J 134 -43.82 37.72 31.81
N VAL J 135 -43.09 36.69 31.39
CA VAL J 135 -42.87 36.43 29.98
C VAL J 135 -44.10 35.77 29.36
N GLY J 136 -44.29 36.00 28.07
CA GLY J 136 -45.37 35.37 27.33
C GLY J 136 -45.22 35.61 25.84
N LEU J 137 -45.83 34.72 25.07
CA LEU J 137 -45.75 34.74 23.61
C LEU J 137 -47.18 34.76 23.05
N GLN J 138 -47.49 35.77 22.23
CA GLN J 138 -48.85 35.85 21.68
C GLN J 138 -48.90 35.76 20.16
N GLU J 139 -48.46 36.79 19.43
CA GLU J 139 -48.44 36.71 17.98
C GLU J 139 -47.40 37.66 17.41
N ASP J 140 -46.63 38.32 18.28
CA ASP J 140 -46.15 39.68 18.01
C ASP J 140 -45.14 39.68 16.88
N ALA J 141 -45.64 39.50 15.66
CA ALA J 141 -44.84 39.77 14.48
C ALA J 141 -44.50 41.24 14.38
N THR J 142 -45.43 42.12 14.78
CA THR J 142 -45.15 43.54 14.84
C THR J 142 -44.02 43.83 15.81
N GLY J 143 -43.00 44.53 15.33
CA GLY J 143 -41.75 44.67 16.06
C GLY J 143 -41.73 45.75 17.12
N GLU J 144 -42.33 45.51 18.26
CA GLU J 144 -42.16 46.47 19.33
C GLU J 144 -41.61 45.87 20.61
N ALA J 145 -42.01 44.65 20.97
CA ALA J 145 -41.55 44.00 22.19
C ALA J 145 -41.19 42.54 21.97
N CYS J 146 -40.95 42.14 20.72
CA CYS J 146 -40.69 40.75 20.40
C CYS J 146 -39.22 40.50 20.05
N TRP J 147 -38.33 41.40 20.44
CA TRP J 147 -36.93 41.34 20.04
C TRP J 147 -36.05 41.36 21.28
N TRP J 148 -34.90 40.68 21.17
CA TRP J 148 -33.93 40.64 22.25
C TRP J 148 -32.54 40.93 21.70
N THR J 149 -31.72 41.56 22.53
CA THR J 149 -30.30 41.73 22.25
C THR J 149 -29.51 40.89 23.24
N MET J 150 -28.42 40.29 22.75
CA MET J 150 -27.61 39.39 23.55
C MET J 150 -26.23 39.98 23.76
N HIS J 151 -25.69 39.80 24.96
CA HIS J 151 -24.39 40.31 25.32
C HIS J 151 -23.54 39.18 25.89
N PRO J 152 -22.23 39.24 25.70
CA PRO J 152 -21.36 38.24 26.32
C PRO J 152 -21.37 38.37 27.83
N ALA J 153 -21.15 37.24 28.51
CA ALA J 153 -21.21 37.24 29.97
C ALA J 153 -19.91 37.74 30.60
N SER J 154 -18.80 37.08 30.30
CA SER J 154 -17.53 37.38 30.92
C SER J 154 -16.68 38.30 30.02
N LYS J 155 -15.57 38.75 30.58
CA LYS J 155 -14.68 39.68 29.88
C LYS J 155 -13.88 39.02 28.77
N GLN J 156 -13.91 37.68 28.65
CA GLN J 156 -13.17 37.02 27.59
C GLN J 156 -13.67 37.40 26.20
N ARG J 157 -14.97 37.58 26.06
CA ARG J 157 -15.57 37.91 24.78
C ARG J 157 -15.77 39.43 24.66
N SER J 158 -16.22 39.86 23.49
CA SER J 158 -16.42 41.28 23.22
C SER J 158 -17.45 41.41 22.11
N GLU J 159 -17.83 42.64 21.82
CA GLU J 159 -18.84 42.89 20.79
C GLU J 159 -18.27 42.61 19.40
N GLY J 160 -19.16 42.33 18.47
CA GLY J 160 -18.75 42.04 17.11
C GLY J 160 -17.96 40.77 16.94
N GLU J 161 -18.09 39.82 17.87
CA GLU J 161 -17.39 38.55 17.78
C GLU J 161 -18.37 37.44 17.41
N LYS J 162 -17.86 36.46 16.66
CA LYS J 162 -18.68 35.32 16.27
C LYS J 162 -19.05 34.50 17.48
N VAL J 163 -20.22 33.86 17.43
CA VAL J 163 -20.82 33.19 18.57
C VAL J 163 -20.41 31.72 18.54
N ARG J 164 -19.50 31.35 19.43
CA ARG J 164 -19.07 29.96 19.56
C ARG J 164 -20.23 29.10 20.06
N VAL J 165 -20.35 27.90 19.50
CA VAL J 165 -21.41 26.98 19.93
C VAL J 165 -21.19 26.61 21.38
N GLY J 166 -22.25 26.70 22.17
CA GLY J 166 -22.15 26.36 23.58
C GLY J 166 -21.63 27.46 24.47
N ASP J 167 -21.75 28.72 24.05
CA ASP J 167 -21.33 29.84 24.87
C ASP J 167 -22.38 30.12 25.96
N ASP J 168 -22.15 31.18 26.71
CA ASP J 168 -23.08 31.66 27.73
C ASP J 168 -23.56 33.05 27.34
N LEU J 169 -24.87 33.23 27.29
CA LEU J 169 -25.46 34.47 26.81
C LEU J 169 -26.24 35.17 27.93
N ILE J 170 -26.36 36.48 27.80
CA ILE J 170 -27.26 37.28 28.62
C ILE J 170 -28.20 37.99 27.67
N LEU J 171 -29.50 37.84 27.87
CA LEU J 171 -30.51 38.36 26.95
C LEU J 171 -31.25 39.52 27.60
N VAL J 172 -31.48 40.57 26.82
CA VAL J 172 -32.12 41.79 27.29
C VAL J 172 -33.25 42.14 26.34
N SER J 173 -34.40 42.49 26.89
CA SER J 173 -35.53 42.92 26.06
C SER J 173 -35.22 44.25 25.40
N VAL J 174 -35.55 44.37 24.12
CA VAL J 174 -35.32 45.62 23.41
C VAL J 174 -36.28 46.70 23.92
N SER J 175 -37.53 46.34 24.20
CA SER J 175 -38.53 47.32 24.55
C SER J 175 -38.45 47.72 26.03
N SER J 176 -38.57 46.74 26.92
CA SER J 176 -38.63 47.03 28.35
C SER J 176 -37.27 47.21 28.99
N GLU J 177 -36.22 46.63 28.40
CA GLU J 177 -34.85 46.76 28.90
C GLU J 177 -34.67 46.09 30.25
N ARG J 178 -35.10 44.84 30.35
CA ARG J 178 -34.92 44.02 31.54
C ARG J 178 -34.31 42.67 31.17
N TYR J 179 -33.35 42.22 31.97
CA TYR J 179 -32.80 40.88 31.79
C TYR J 179 -33.87 39.83 32.07
N LEU J 180 -33.89 38.79 31.25
CA LEU J 180 -34.80 37.67 31.48
C LEU J 180 -34.31 36.93 32.73
N HIS J 181 -35.01 37.11 33.83
CA HIS J 181 -34.55 36.67 35.14
C HIS J 181 -35.20 35.35 35.54
N LEU J 182 -34.38 34.40 35.95
CA LEU J 182 -34.86 33.18 36.60
C LEU J 182 -35.16 33.54 38.05
N SER J 183 -36.38 34.03 38.30
CA SER J 183 -36.76 34.55 39.60
C SER J 183 -37.37 33.43 40.43
N THR J 184 -36.57 32.88 41.35
CA THR J 184 -37.06 31.92 42.31
C THR J 184 -37.61 32.64 43.54
N ALA J 185 -38.57 32.01 44.21
CA ALA J 185 -39.25 32.63 45.34
C ALA J 185 -39.64 31.53 46.31
N SER J 186 -40.58 31.85 47.22
CA SER J 186 -41.03 30.86 48.18
C SER J 186 -41.66 29.66 47.50
N GLY J 187 -42.40 29.88 46.42
CA GLY J 187 -43.01 28.80 45.68
C GLY J 187 -42.03 28.07 44.80
N GLU J 188 -42.47 27.62 43.63
CA GLU J 188 -41.61 26.93 42.68
C GLU J 188 -40.76 27.96 41.93
N LEU J 189 -40.07 27.51 40.89
CA LEU J 189 -39.20 28.37 40.11
C LEU J 189 -39.98 28.99 38.96
N GLN J 190 -39.91 30.32 38.86
CA GLN J 190 -40.64 31.08 37.85
C GLN J 190 -39.66 31.90 37.03
N VAL J 191 -40.10 32.29 35.84
CA VAL J 191 -39.30 33.06 34.90
C VAL J 191 -39.99 34.38 34.60
N ASP J 192 -39.24 35.47 34.66
CA ASP J 192 -39.72 36.80 34.33
C ASP J 192 -38.50 37.64 33.95
N ALA J 193 -38.68 38.96 33.86
CA ALA J 193 -37.58 39.87 33.57
C ALA J 193 -37.61 41.04 34.55
N SER J 194 -37.01 40.86 35.73
CA SER J 194 -37.12 41.90 36.75
C SER J 194 -35.77 42.44 37.22
N PHE J 195 -34.90 41.62 37.82
CA PHE J 195 -33.85 42.16 38.67
C PHE J 195 -32.42 41.93 38.18
N MET J 196 -31.98 40.68 38.01
CA MET J 196 -30.59 40.47 37.61
C MET J 196 -30.40 39.53 36.43
N GLN J 197 -29.16 39.13 36.22
CA GLN J 197 -28.75 38.31 35.09
C GLN J 197 -29.24 36.88 35.25
N THR J 198 -29.18 36.15 34.14
CA THR J 198 -29.47 34.71 34.14
C THR J 198 -28.65 34.07 33.03
N LEU J 199 -27.69 33.23 33.42
CA LEU J 199 -26.79 32.62 32.45
C LEU J 199 -27.54 31.56 31.65
N TRP J 200 -27.73 31.82 30.37
CA TRP J 200 -28.40 30.89 29.45
C TRP J 200 -27.38 30.27 28.51
N ASN J 201 -27.36 28.95 28.46
CA ASN J 201 -26.49 28.20 27.56
C ASN J 201 -27.31 27.71 26.39
N MET J 202 -26.82 27.96 25.18
CA MET J 202 -27.55 27.58 23.98
C MET J 202 -27.33 26.10 23.70
N ASN J 203 -28.12 25.57 22.76
CA ASN J 203 -27.98 24.15 22.46
C ASN J 203 -28.46 23.84 21.04
N PRO J 204 -27.57 23.39 20.16
CA PRO J 204 -27.95 23.12 18.77
C PRO J 204 -28.74 21.84 18.59
N ILE J 205 -30.07 21.91 18.75
CA ILE J 205 -30.91 20.72 18.59
C ILE J 205 -30.69 20.10 17.21
N CYS J 206 -30.69 20.92 16.17
CA CYS J 206 -30.52 20.43 14.80
C CYS J 206 -30.18 21.60 13.90
N SER J 207 -30.08 21.34 12.61
CA SER J 207 -29.73 22.34 11.61
C SER J 207 -30.41 21.95 10.30
N CYS J 208 -29.95 22.51 9.18
CA CYS J 208 -30.56 22.26 7.88
C CYS J 208 -30.25 20.82 7.46
N CYS J 209 -31.19 19.92 7.69
CA CYS J 209 -31.00 18.51 7.40
C CYS J 209 -31.09 18.25 5.90
N GLU J 210 -30.76 17.01 5.53
CA GLU J 210 -30.82 16.58 4.14
C GLU J 210 -32.21 16.04 3.80
N GLU J 211 -32.63 16.27 2.57
CA GLU J 211 -33.95 15.84 2.13
C GLU J 211 -34.01 14.32 1.96
N GLY J 212 -35.16 13.75 2.28
CA GLY J 212 -35.39 12.34 2.05
C GLY J 212 -34.68 11.40 3.00
N TYR J 213 -34.31 11.88 4.18
CA TYR J 213 -33.62 11.06 5.17
C TYR J 213 -34.27 11.25 6.53
N VAL J 214 -34.36 10.14 7.29
CA VAL J 214 -35.03 10.17 8.59
C VAL J 214 -34.17 10.93 9.59
N THR J 215 -34.79 11.83 10.34
CA THR J 215 -34.13 12.56 11.41
C THR J 215 -34.94 12.39 12.69
N GLY J 216 -34.28 12.62 13.82
CA GLY J 216 -34.95 12.53 15.09
C GLY J 216 -35.98 13.63 15.27
N GLY J 217 -36.95 13.36 16.14
CA GLY J 217 -37.97 14.33 16.46
C GLY J 217 -39.07 14.50 15.45
N HIS J 218 -39.22 13.56 14.52
CA HIS J 218 -40.29 13.64 13.53
C HIS J 218 -41.51 12.86 14.00
N VAL J 219 -42.65 13.18 13.40
CA VAL J 219 -43.92 12.51 13.66
C VAL J 219 -44.36 11.85 12.37
N LEU J 220 -44.55 10.54 12.40
CA LEU J 220 -44.65 9.79 11.17
C LEU J 220 -45.24 8.41 11.45
N ARG J 221 -45.64 7.72 10.39
CA ARG J 221 -46.39 6.48 10.45
C ARG J 221 -45.50 5.28 10.15
N LEU J 222 -45.99 4.11 10.52
CA LEU J 222 -45.26 2.85 10.42
C LEU J 222 -46.06 1.85 9.60
N PHE J 223 -45.85 1.85 8.28
CA PHE J 223 -46.42 0.78 7.47
C PHE J 223 -45.68 -0.54 7.67
N HIS J 224 -46.42 -1.62 7.43
CA HIS J 224 -45.89 -2.97 7.42
C HIS J 224 -46.36 -3.66 6.15
N GLY J 225 -45.59 -4.66 5.72
CA GLY J 225 -45.95 -5.39 4.53
C GLY J 225 -45.60 -4.67 3.25
N HIS J 226 -46.49 -4.71 2.26
CA HIS J 226 -46.18 -4.21 0.93
C HIS J 226 -46.96 -2.95 0.57
N MET J 227 -48.28 -2.98 0.66
CA MET J 227 -49.10 -1.90 0.14
C MET J 227 -49.90 -1.16 1.22
N ASP J 228 -50.79 -1.84 1.93
CA ASP J 228 -51.73 -1.20 2.85
C ASP J 228 -51.79 -2.00 4.15
N GLU J 229 -50.93 -1.63 5.11
CA GLU J 229 -50.92 -2.21 6.44
C GLU J 229 -50.02 -1.35 7.30
N CYS J 230 -50.43 -1.09 8.54
CA CYS J 230 -49.67 -0.18 9.38
C CYS J 230 -49.91 -0.50 10.85
N LEU J 231 -48.98 -0.04 11.68
CA LEU J 231 -49.11 -0.16 13.12
C LEU J 231 -50.20 0.76 13.64
N THR J 232 -50.80 0.38 14.76
CA THR J 232 -51.90 1.15 15.35
C THR J 232 -52.11 0.67 16.77
N ILE J 233 -53.09 1.28 17.43
CA ILE J 233 -53.51 0.94 18.78
C ILE J 233 -55.02 0.70 18.74
N SER J 234 -55.61 0.29 19.85
CA SER J 234 -57.04 0.06 19.92
C SER J 234 -57.80 1.37 19.71
N ALA J 235 -59.07 1.23 19.33
CA ALA J 235 -59.90 2.38 19.01
C ALA J 235 -60.32 3.12 20.28
N ALA J 236 -61.02 4.23 20.09
CA ALA J 236 -61.48 5.06 21.19
C ALA J 236 -62.69 4.44 21.87
N ASP J 237 -63.04 5.00 23.03
CA ASP J 237 -64.21 4.60 23.81
C ASP J 237 -64.16 3.12 24.18
N SER J 238 -63.12 2.76 24.92
CA SER J 238 -62.94 1.39 25.40
C SER J 238 -62.23 1.42 26.74
N ASP J 239 -62.42 0.34 27.50
CA ASP J 239 -61.84 0.22 28.83
C ASP J 239 -60.45 -0.41 28.81
N ASP J 240 -59.91 -0.75 27.63
CA ASP J 240 -58.61 -1.38 27.54
C ASP J 240 -57.47 -0.45 27.95
N GLN J 241 -57.74 0.84 28.10
CA GLN J 241 -56.76 1.85 28.51
C GLN J 241 -55.61 1.98 27.53
N ARG J 242 -55.81 1.56 26.28
CA ARG J 242 -54.82 1.68 25.21
C ARG J 242 -53.48 1.07 25.62
N ARG J 243 -53.51 -0.23 25.90
CA ARG J 243 -52.33 -0.94 26.38
C ARG J 243 -51.84 -2.03 25.44
N LEU J 244 -52.42 -2.14 24.24
CA LEU J 244 -52.07 -3.22 23.33
C LEU J 244 -51.78 -2.66 21.95
N VAL J 245 -50.92 -3.36 21.20
CA VAL J 245 -50.46 -2.92 19.89
C VAL J 245 -51.03 -3.84 18.83
N TYR J 246 -51.46 -3.27 17.70
CA TYR J 246 -52.14 -4.04 16.67
C TYR J 246 -51.68 -3.59 15.29
N TYR J 247 -52.26 -4.23 14.27
CA TYR J 247 -52.01 -3.92 12.87
C TYR J 247 -53.35 -3.64 12.18
N GLU J 248 -53.31 -2.81 11.15
CA GLU J 248 -54.54 -2.43 10.47
C GLU J 248 -54.24 -1.99 9.04
N GLY J 249 -55.21 -2.21 8.16
CA GLY J 249 -55.08 -1.89 6.76
C GLY J 249 -55.34 -0.44 6.41
N GLY J 250 -55.98 -0.20 5.27
CA GLY J 250 -56.18 1.16 4.78
C GLY J 250 -57.40 1.84 5.34
N ALA J 251 -57.56 1.78 6.67
CA ALA J 251 -58.63 2.48 7.36
C ALA J 251 -58.11 3.54 8.32
N VAL J 252 -57.14 3.17 9.17
CA VAL J 252 -56.54 4.12 10.11
C VAL J 252 -55.39 4.89 9.49
N CYS J 253 -55.03 4.58 8.23
CA CYS J 253 -53.89 5.23 7.60
C CYS J 253 -54.07 6.73 7.43
N THR J 254 -55.30 7.23 7.52
CA THR J 254 -55.56 8.66 7.50
C THR J 254 -56.08 9.16 8.84
N HIS J 255 -55.62 8.56 9.94
CA HIS J 255 -56.12 8.86 11.27
C HIS J 255 -54.97 9.16 12.20
N ALA J 256 -55.28 9.90 13.27
CA ALA J 256 -54.25 10.31 14.23
C ALA J 256 -53.80 9.16 15.12
N ARG J 257 -54.53 8.04 15.13
CA ARG J 257 -54.18 6.93 16.01
C ARG J 257 -52.84 6.31 15.63
N SER J 258 -52.57 6.21 14.32
CA SER J 258 -51.38 5.53 13.82
C SER J 258 -50.14 6.43 13.73
N LEU J 259 -50.09 7.55 14.46
CA LEU J 259 -48.95 8.46 14.39
C LEU J 259 -47.99 8.19 15.53
N TRP J 260 -46.70 8.12 15.20
CA TRP J 260 -45.65 7.83 16.18
C TRP J 260 -44.55 8.87 16.10
N ARG J 261 -43.91 9.11 17.23
CA ARG J 261 -42.80 10.04 17.34
C ARG J 261 -41.57 9.34 17.88
N LEU J 262 -40.42 9.61 17.28
CA LEU J 262 -39.15 9.01 17.68
C LEU J 262 -38.36 10.01 18.51
N GLU J 263 -37.93 9.60 19.70
CA GLU J 263 -37.21 10.47 20.62
C GLU J 263 -35.88 9.80 20.99
N PRO J 264 -34.77 10.26 20.43
CA PRO J 264 -33.47 9.68 20.82
C PRO J 264 -33.09 10.05 22.23
N LEU J 265 -32.11 9.33 22.77
CA LEU J 265 -31.76 9.46 24.18
C LEU J 265 -30.88 10.66 24.48
N ARG J 266 -30.25 11.25 23.47
CA ARG J 266 -29.38 12.39 23.72
C ARG J 266 -30.19 13.66 23.96
N ILE J 267 -29.55 14.64 24.57
CA ILE J 267 -30.16 15.94 24.77
C ILE J 267 -29.80 16.92 23.65
N SER J 268 -28.58 16.83 23.14
CA SER J 268 -28.13 17.67 22.03
C SER J 268 -28.09 16.86 20.74
N TRP J 269 -28.29 17.56 19.63
CA TRP J 269 -28.29 16.96 18.30
C TRP J 269 -29.31 15.84 18.17
N SER J 270 -30.42 15.95 18.91
CA SER J 270 -31.47 14.95 18.84
C SER J 270 -32.13 14.92 17.47
N GLY J 271 -32.12 16.04 16.75
CA GLY J 271 -32.72 16.14 15.45
C GLY J 271 -31.82 15.74 14.31
N SER J 272 -30.63 15.21 14.59
CA SER J 272 -29.68 14.83 13.56
C SER J 272 -30.23 13.65 12.74
N HIS J 273 -29.52 13.33 11.66
CA HIS J 273 -29.90 12.20 10.83
C HIS J 273 -29.87 10.91 11.63
N LEU J 274 -30.83 10.03 11.37
CA LEU J 274 -30.93 8.77 12.08
C LEU J 274 -30.18 7.69 11.32
N ARG J 275 -29.35 6.94 12.04
CA ARG J 275 -28.44 5.97 11.45
C ARG J 275 -28.62 4.61 12.12
N TRP J 276 -28.15 3.57 11.43
CA TRP J 276 -28.29 2.21 11.94
C TRP J 276 -27.51 2.06 13.25
N GLY J 277 -28.05 1.25 14.14
CA GLY J 277 -27.39 1.01 15.41
C GLY J 277 -27.38 2.23 16.31
N GLN J 278 -28.56 2.65 16.75
CA GLN J 278 -28.70 3.84 17.58
C GLN J 278 -29.91 3.69 18.50
N PRO J 279 -29.71 3.63 19.81
CA PRO J 279 -30.85 3.47 20.71
C PRO J 279 -31.76 4.69 20.67
N LEU J 280 -33.06 4.42 20.83
CA LEU J 280 -34.07 5.47 20.73
C LEU J 280 -35.36 4.96 21.36
N ARG J 281 -36.27 5.89 21.62
CA ARG J 281 -37.57 5.60 22.20
C ARG J 281 -38.66 5.83 21.17
N ILE J 282 -39.86 5.32 21.47
CA ILE J 282 -41.02 5.48 20.60
C ILE J 282 -42.17 6.05 21.43
N ARG J 283 -42.80 7.10 20.92
CA ARG J 283 -43.88 7.80 21.62
C ARG J 283 -45.12 7.86 20.74
N HIS J 284 -46.28 7.59 21.34
CA HIS J 284 -47.56 7.80 20.70
C HIS J 284 -48.00 9.23 20.94
N VAL J 285 -48.44 9.90 19.86
CA VAL J 285 -48.62 11.35 19.92
C VAL J 285 -49.89 11.72 20.66
N THR J 286 -51.05 11.19 20.23
CA THR J 286 -52.30 11.57 20.88
C THR J 286 -52.47 10.89 22.23
N THR J 287 -51.95 9.68 22.39
CA THR J 287 -52.01 9.01 23.69
C THR J 287 -51.02 9.64 24.67
N GLY J 288 -49.92 10.19 24.19
CA GLY J 288 -48.88 10.72 25.05
C GLY J 288 -48.19 9.66 25.88
N ARG J 289 -47.90 8.51 25.28
CA ARG J 289 -47.32 7.38 25.99
C ARG J 289 -46.26 6.72 25.13
N TYR J 290 -45.36 5.99 25.78
CA TYR J 290 -44.32 5.23 25.09
C TYR J 290 -44.72 3.77 24.95
N LEU J 291 -43.81 2.98 24.41
CA LEU J 291 -44.01 1.55 24.20
C LEU J 291 -42.90 0.78 24.91
N ALA J 292 -43.30 -0.27 25.63
CA ALA J 292 -42.34 -1.00 26.46
C ALA J 292 -42.84 -2.40 26.73
N LEU J 293 -41.92 -3.26 27.18
CA LEU J 293 -42.21 -4.61 27.64
C LEU J 293 -41.48 -4.78 28.97
N THR J 294 -42.22 -4.65 30.08
CA THR J 294 -41.56 -4.54 31.37
C THR J 294 -41.11 -5.91 31.90
N GLU J 295 -42.06 -6.77 32.26
CA GLU J 295 -41.62 -8.11 32.65
C GLU J 295 -42.44 -9.24 32.03
N ASP J 296 -43.77 -9.12 32.01
CA ASP J 296 -44.61 -10.20 31.53
C ASP J 296 -45.81 -9.77 30.72
N GLN J 297 -46.21 -8.50 30.73
CA GLN J 297 -47.48 -8.10 30.17
C GLN J 297 -47.46 -8.00 28.65
N GLY J 298 -46.29 -8.03 28.03
CA GLY J 298 -46.18 -7.91 26.58
C GLY J 298 -45.78 -6.51 26.15
N LEU J 299 -45.88 -6.29 24.85
CA LEU J 299 -45.56 -4.99 24.24
C LEU J 299 -46.70 -4.04 24.59
N VAL J 300 -46.64 -3.49 25.79
CA VAL J 300 -47.70 -2.67 26.34
C VAL J 300 -47.32 -1.20 26.21
N VAL J 301 -48.31 -0.36 25.90
CA VAL J 301 -48.10 1.07 25.77
C VAL J 301 -48.02 1.65 27.18
N VAL J 302 -46.79 1.85 27.67
CA VAL J 302 -46.60 2.33 29.04
C VAL J 302 -46.67 3.86 29.06
N ASP J 303 -46.95 4.40 30.24
CA ASP J 303 -47.08 5.84 30.41
C ASP J 303 -45.69 6.50 30.35
N ALA J 304 -45.67 7.81 30.59
CA ALA J 304 -44.44 8.59 30.61
C ALA J 304 -43.83 8.68 32.00
N CYS J 305 -44.13 7.72 32.87
CA CYS J 305 -43.57 7.69 34.21
C CYS J 305 -42.92 6.36 34.57
N LYS J 306 -43.02 5.35 33.72
CA LYS J 306 -42.42 4.03 33.97
C LYS J 306 -41.65 3.58 32.74
N ALA J 307 -40.84 4.48 32.19
CA ALA J 307 -40.08 4.24 30.96
C ALA J 307 -38.61 4.56 31.18
N HIS J 308 -38.03 3.97 32.21
CA HIS J 308 -36.67 4.32 32.62
C HIS J 308 -35.61 3.68 31.73
N THR J 309 -35.67 3.97 30.43
CA THR J 309 -34.64 3.74 29.41
C THR J 309 -34.23 2.27 29.33
N LYS J 310 -34.88 1.41 30.10
CA LYS J 310 -34.64 -0.03 30.05
C LYS J 310 -35.84 -0.80 29.53
N ALA J 311 -37.06 -0.36 29.87
CA ALA J 311 -38.25 -0.99 29.34
C ALA J 311 -38.47 -0.63 27.87
N THR J 312 -38.12 0.58 27.47
CA THR J 312 -38.31 0.98 26.07
C THR J 312 -37.18 0.47 25.19
N SER J 313 -35.98 1.03 25.36
CA SER J 313 -34.73 0.52 24.80
C SER J 313 -34.85 -0.08 23.40
N PHE J 314 -35.33 0.67 22.42
CA PHE J 314 -35.45 0.17 21.06
C PHE J 314 -34.32 0.70 20.18
N CYS J 315 -34.11 0.01 19.07
CA CYS J 315 -33.11 0.41 18.07
C CYS J 315 -33.48 -0.25 16.75
N PHE J 316 -32.77 0.13 15.70
CA PHE J 316 -32.99 -0.41 14.36
C PHE J 316 -31.77 -1.22 13.93
N ARG J 317 -32.03 -2.30 13.19
CA ARG J 317 -30.99 -3.17 12.69
C ARG J 317 -31.19 -3.37 11.19
N VAL J 318 -30.08 -3.51 10.47
CA VAL J 318 -30.14 -3.61 9.01
C VAL J 318 -30.87 -4.87 8.59
N SER J 319 -30.51 -6.01 9.17
CA SER J 319 -31.09 -7.29 8.80
C SER J 319 -31.07 -8.20 10.03
N LYS J 320 -31.33 -9.49 9.80
CA LYS J 320 -31.28 -10.46 10.89
C LYS J 320 -30.04 -11.33 10.78
N VAL J 331 -20.81 11.64 17.56
CA VAL J 331 -20.84 12.62 16.48
C VAL J 331 -21.49 13.91 16.95
N GLU J 332 -20.72 14.99 16.94
CA GLU J 332 -21.21 16.31 17.34
C GLU J 332 -21.65 17.14 16.14
N GLY J 333 -22.03 16.50 15.05
CA GLY J 333 -22.49 17.21 13.86
C GLY J 333 -23.82 16.70 13.36
N MET J 334 -24.11 16.95 12.09
CA MET J 334 -25.38 16.49 11.52
C MET J 334 -25.41 14.96 11.38
N GLY J 335 -24.27 14.35 11.08
CA GLY J 335 -24.19 12.91 10.92
C GLY J 335 -24.45 12.46 9.51
N PRO J 336 -24.06 11.22 9.21
CA PRO J 336 -24.26 10.68 7.86
C PRO J 336 -25.70 10.29 7.62
N PRO J 337 -26.34 10.83 6.57
CA PRO J 337 -27.73 10.47 6.27
C PRO J 337 -27.81 9.11 5.61
N GLU J 338 -28.48 8.17 6.29
CA GLU J 338 -28.56 6.79 5.81
C GLU J 338 -29.99 6.33 5.57
N ILE J 339 -30.85 6.44 6.58
CA ILE J 339 -32.18 5.84 6.52
C ILE J 339 -33.12 6.71 5.70
N LYS J 340 -33.64 6.16 4.61
CA LYS J 340 -34.50 6.90 3.70
C LYS J 340 -35.97 6.75 4.09
N TYR J 341 -36.84 7.41 3.33
CA TYR J 341 -38.29 7.32 3.47
C TYR J 341 -38.82 6.27 2.50
N GLY J 342 -39.57 5.30 3.02
CA GLY J 342 -40.36 4.41 2.20
C GLY J 342 -39.65 3.18 1.69
N GLU J 343 -38.32 3.13 1.75
CA GLU J 343 -37.58 1.99 1.22
C GLU J 343 -36.41 1.56 2.10
N SER J 344 -36.27 2.13 3.30
CA SER J 344 -35.14 1.76 4.14
C SER J 344 -35.26 0.34 4.67
N LEU J 345 -36.49 -0.16 4.86
CA LEU J 345 -36.74 -1.54 5.26
C LEU J 345 -36.04 -1.88 6.58
N CYS J 346 -36.12 -0.96 7.55
CA CYS J 346 -35.47 -1.19 8.83
C CYS J 346 -36.18 -2.30 9.61
N PHE J 347 -35.43 -2.94 10.51
CA PHE J 347 -35.93 -3.98 11.38
C PHE J 347 -35.87 -3.49 12.82
N VAL J 348 -36.97 -3.61 13.54
CA VAL J 348 -37.05 -3.16 14.93
C VAL J 348 -36.57 -4.28 15.84
N GLN J 349 -35.82 -3.91 16.89
CA GLN J 349 -35.27 -4.88 17.82
C GLN J 349 -35.10 -4.23 19.18
N HIS J 350 -35.56 -4.93 20.23
CA HIS J 350 -35.32 -4.46 21.59
C HIS J 350 -33.85 -4.62 21.94
N VAL J 351 -33.30 -3.62 22.65
CA VAL J 351 -31.87 -3.61 22.91
C VAL J 351 -31.52 -4.58 24.04
N ALA J 352 -32.19 -4.45 25.18
CA ALA J 352 -31.84 -5.27 26.34
C ALA J 352 -32.15 -6.74 26.10
N SER J 353 -33.35 -7.03 25.58
CA SER J 353 -33.76 -8.43 25.40
C SER J 353 -33.26 -9.03 24.09
N GLY J 354 -32.83 -8.20 23.14
CA GLY J 354 -32.33 -8.71 21.87
C GLY J 354 -33.35 -9.45 21.03
N LEU J 355 -34.63 -9.28 21.31
CA LEU J 355 -35.67 -9.99 20.58
C LEU J 355 -35.99 -9.28 19.27
N TRP J 356 -36.86 -9.90 18.48
CA TRP J 356 -37.36 -9.34 17.23
C TRP J 356 -38.86 -9.20 17.31
N LEU J 357 -39.40 -8.14 16.73
CA LEU J 357 -40.82 -7.84 16.82
C LEU J 357 -41.54 -8.39 15.59
N THR J 358 -42.63 -9.12 15.83
CA THR J 358 -43.47 -9.65 14.77
C THR J 358 -44.86 -9.88 15.36
N TYR J 359 -45.76 -10.39 14.53
CA TYR J 359 -47.15 -10.59 14.91
C TYR J 359 -47.37 -12.04 15.34
N ALA J 360 -48.02 -12.22 16.48
CA ALA J 360 -48.42 -13.56 16.91
C ALA J 360 -49.49 -14.12 15.98
N ALA J 361 -50.50 -13.30 15.67
CA ALA J 361 -51.59 -13.61 14.75
C ALA J 361 -52.31 -14.91 15.14
N PRO J 362 -52.60 -15.13 16.41
CA PRO J 362 -53.46 -16.26 16.79
C PRO J 362 -54.92 -15.92 16.52
N ASP J 363 -55.47 -16.51 15.47
CA ASP J 363 -56.80 -16.15 14.99
C ASP J 363 -57.73 -17.36 15.05
N PRO J 364 -58.80 -17.32 15.87
CA PRO J 364 -59.80 -18.38 15.81
C PRO J 364 -60.76 -18.20 14.64
N LYS J 365 -61.78 -19.06 14.57
CA LYS J 365 -62.74 -18.95 13.47
C LYS J 365 -63.50 -17.63 13.53
N ALA J 366 -63.93 -17.22 14.72
CA ALA J 366 -64.66 -15.96 14.87
C ALA J 366 -63.77 -14.77 14.56
N LEU J 367 -62.50 -14.81 14.98
CA LEU J 367 -61.60 -13.68 14.77
C LEU J 367 -61.28 -13.48 13.30
N ARG J 368 -61.20 -14.57 12.51
CA ARG J 368 -60.86 -14.44 11.10
C ARG J 368 -61.94 -13.67 10.33
N LEU J 369 -63.21 -13.97 10.59
CA LEU J 369 -64.32 -13.32 9.91
C LEU J 369 -64.86 -12.12 10.68
N GLY J 370 -64.31 -11.81 11.84
CA GLY J 370 -64.77 -10.67 12.61
C GLY J 370 -63.81 -9.49 12.55
N VAL J 371 -63.06 -9.29 13.63
CA VAL J 371 -62.11 -8.18 13.67
C VAL J 371 -60.84 -8.54 12.92
N LEU J 372 -60.45 -7.69 11.98
CA LEU J 372 -59.24 -7.88 11.19
C LEU J 372 -58.03 -7.29 11.90
N LYS J 373 -57.75 -7.82 13.09
CA LYS J 373 -56.76 -7.27 13.99
C LYS J 373 -55.80 -8.35 14.48
N LYS J 374 -54.52 -7.98 14.57
CA LYS J 374 -53.46 -8.88 14.97
C LYS J 374 -52.65 -8.23 16.08
N LYS J 375 -51.97 -9.05 16.89
CA LYS J 375 -51.19 -8.55 18.01
C LYS J 375 -49.71 -8.78 17.74
N ALA J 376 -48.90 -7.76 18.02
CA ALA J 376 -47.46 -7.82 17.79
C ALA J 376 -46.75 -8.20 19.08
N ILE J 377 -45.76 -9.09 18.96
CA ILE J 377 -45.01 -9.57 20.11
C ILE J 377 -43.52 -9.64 19.74
N LEU J 378 -42.67 -9.47 20.74
CA LEU J 378 -41.22 -9.53 20.56
C LEU J 378 -40.79 -10.99 20.66
N HIS J 379 -40.97 -11.72 19.57
CA HIS J 379 -40.56 -13.11 19.52
C HIS J 379 -39.04 -13.22 19.46
N GLN J 380 -38.52 -14.38 19.85
CA GLN J 380 -37.08 -14.58 19.90
C GLN J 380 -36.46 -14.68 18.51
N GLU J 381 -37.22 -15.14 17.51
CA GLU J 381 -36.66 -15.29 16.18
C GLU J 381 -37.50 -14.54 15.16
N GLY J 382 -38.80 -14.45 15.41
CA GLY J 382 -39.67 -13.62 14.60
C GLY J 382 -40.04 -14.25 13.27
N HIS J 383 -40.81 -13.50 12.49
CA HIS J 383 -41.19 -13.92 11.15
C HIS J 383 -40.20 -13.37 10.13
N MET J 384 -40.54 -13.49 8.85
CA MET J 384 -39.68 -13.06 7.75
C MET J 384 -40.33 -11.99 6.88
N ASP J 385 -41.38 -11.33 7.39
CA ASP J 385 -42.18 -10.43 6.58
C ASP J 385 -42.44 -9.12 7.31
N ASP J 386 -41.44 -8.61 8.02
CA ASP J 386 -41.62 -7.33 8.71
C ASP J 386 -41.38 -6.17 7.76
N ALA J 387 -40.15 -6.02 7.28
CA ALA J 387 -39.77 -5.00 6.28
C ALA J 387 -40.41 -3.65 6.57
N LEU J 388 -40.24 -3.18 7.80
CA LEU J 388 -40.91 -1.96 8.26
C LEU J 388 -40.26 -0.76 7.62
N PHE J 389 -40.95 -0.15 6.64
CA PHE J 389 -40.53 1.08 6.01
C PHE J 389 -41.34 2.25 6.53
N LEU J 390 -40.76 3.44 6.42
CA LEU J 390 -41.27 4.63 7.09
C LEU J 390 -41.80 5.63 6.07
N THR J 391 -42.86 6.32 6.45
CA THR J 391 -43.47 7.36 5.63
C THR J 391 -43.55 8.65 6.44
N ARG J 392 -43.32 9.78 5.76
CA ARG J 392 -43.28 11.08 6.41
C ARG J 392 -44.60 11.80 6.25
N CYS J 393 -45.18 12.23 7.37
CA CYS J 393 -46.37 13.07 7.40
C CYS J 393 -46.11 14.21 8.38
N GLN J 394 -45.42 15.25 7.92
CA GLN J 394 -45.09 16.42 8.72
C GLN J 394 -45.71 17.64 8.06
N GLN J 395 -46.92 17.99 8.50
CA GLN J 395 -47.70 19.03 7.83
C GLN J 395 -48.70 19.58 8.85
N GLU J 396 -49.72 20.28 8.37
CA GLU J 396 -50.68 20.93 9.25
C GLU J 396 -51.34 19.94 10.20
N GLU J 397 -51.50 18.67 9.79
CA GLU J 397 -52.13 17.70 10.66
C GLU J 397 -51.24 17.34 11.86
N SER J 398 -49.92 17.35 11.67
CA SER J 398 -49.02 17.04 12.78
C SER J 398 -49.13 18.08 13.88
N GLN J 399 -49.27 19.35 13.51
CA GLN J 399 -49.54 20.38 14.50
C GLN J 399 -50.86 20.12 15.22
N ALA J 400 -51.88 19.71 14.47
CA ALA J 400 -53.15 19.34 15.08
C ALA J 400 -53.12 17.88 15.54
N ALA J 401 -52.05 17.49 16.22
CA ALA J 401 -51.98 16.21 16.92
C ALA J 401 -51.70 16.41 18.41
N ARG J 402 -50.70 17.22 18.75
CA ARG J 402 -50.46 17.59 20.14
C ARG J 402 -51.63 18.34 20.74
N MET J 403 -52.43 19.01 19.91
CA MET J 403 -53.60 19.71 20.41
C MET J 403 -54.58 18.75 21.07
N ILE J 404 -54.75 17.56 20.49
CA ILE J 404 -55.69 16.59 21.06
C ILE J 404 -55.25 16.20 22.47
N HIS J 405 -53.98 15.87 22.64
CA HIS J 405 -53.50 15.46 23.95
C HIS J 405 -53.61 16.58 24.97
N SER J 406 -53.26 17.81 24.58
CA SER J 406 -53.32 18.92 25.52
C SER J 406 -54.76 19.24 25.91
N THR J 407 -55.66 19.31 24.93
CA THR J 407 -57.04 19.67 25.24
C THR J 407 -57.76 18.54 25.98
N ALA J 408 -57.55 17.30 25.54
CA ALA J 408 -58.18 16.17 26.23
C ALA J 408 -57.60 15.94 27.61
N GLY J 409 -56.35 16.35 27.84
CA GLY J 409 -55.80 16.29 29.18
C GLY J 409 -56.18 17.45 30.06
N LEU J 410 -56.68 18.53 29.48
CA LEU J 410 -57.16 19.69 30.23
C LEU J 410 -58.66 19.65 30.49
N TYR J 411 -59.42 18.93 29.66
CA TYR J 411 -60.86 18.88 29.82
C TYR J 411 -61.28 17.92 30.93
N ASN J 412 -60.94 16.63 30.79
CA ASN J 412 -61.42 15.63 31.73
C ASN J 412 -61.04 15.99 33.17
N GLN J 413 -59.88 16.61 33.36
CA GLN J 413 -59.51 17.08 34.70
C GLN J 413 -60.48 18.14 35.19
N PHE J 414 -61.02 18.96 34.29
CA PHE J 414 -62.01 19.96 34.70
C PHE J 414 -63.29 19.30 35.17
N ILE J 415 -63.83 18.35 34.39
CA ILE J 415 -65.05 17.66 34.80
C ILE J 415 -64.81 16.85 36.06
N LYS J 416 -63.68 16.15 36.14
CA LYS J 416 -63.40 15.33 37.31
C LYS J 416 -63.36 16.18 38.57
N GLY J 417 -62.69 17.34 38.50
CA GLY J 417 -62.73 18.26 39.62
C GLY J 417 -64.13 18.82 39.86
N LEU J 418 -64.84 19.13 38.77
CA LEU J 418 -66.22 19.60 38.90
C LEU J 418 -67.12 18.54 39.51
N ASP J 419 -66.85 17.26 39.21
CA ASP J 419 -67.74 16.19 39.64
C ASP J 419 -67.65 15.93 41.14
N SER J 420 -66.58 16.38 41.81
CA SER J 420 -66.41 16.09 43.23
C SER J 420 -67.55 16.67 44.05
N PHE J 421 -67.92 17.92 43.80
CA PHE J 421 -69.04 18.56 44.49
C PHE J 421 -70.35 18.37 43.73
N SER J 422 -70.66 17.12 43.41
CA SER J 422 -71.88 16.84 42.63
C SER J 422 -73.14 17.16 43.43
N GLY J 423 -73.16 16.80 44.70
CA GLY J 423 -74.36 16.99 45.50
C GLY J 423 -74.13 17.47 46.92
N LYS J 424 -73.11 18.30 47.12
CA LYS J 424 -72.79 18.80 48.45
C LYS J 424 -73.03 20.31 48.53
N PRO J 425 -74.09 20.76 49.19
CA PRO J 425 -74.25 22.20 49.44
C PRO J 425 -73.06 22.75 50.19
N ARG J 426 -72.68 23.98 49.85
CA ARG J 426 -71.46 24.55 50.39
C ARG J 426 -71.59 24.88 51.86
N GLY J 427 -70.54 24.56 52.61
CA GLY J 427 -70.41 24.98 54.00
C GLY J 427 -69.89 26.41 54.05
N SER J 428 -70.80 27.37 53.84
CA SER J 428 -70.47 28.76 53.55
C SER J 428 -69.23 29.23 54.31
N GLY J 429 -68.30 29.82 53.57
CA GLY J 429 -66.95 30.02 54.05
C GLY J 429 -65.99 29.19 53.21
N PRO J 430 -65.43 28.14 53.81
CA PRO J 430 -64.66 27.18 53.02
C PRO J 430 -65.45 26.67 51.84
N PRO J 431 -65.08 27.05 50.61
CA PRO J 431 -65.88 26.66 49.45
C PRO J 431 -65.81 25.18 49.12
N ALA J 432 -64.60 24.65 49.00
CA ALA J 432 -64.36 23.29 48.53
C ALA J 432 -62.91 22.95 48.84
N GLY J 433 -62.42 21.85 48.28
CA GLY J 433 -61.05 21.44 48.45
C GLY J 433 -60.16 22.01 47.36
N PRO J 434 -59.71 21.15 46.45
CA PRO J 434 -58.90 21.64 45.33
C PRO J 434 -59.67 22.64 44.48
N ALA J 435 -58.96 23.65 43.99
CA ALA J 435 -59.57 24.71 43.20
C ALA J 435 -59.85 24.24 41.79
N LEU J 436 -60.46 25.10 40.99
CA LEU J 436 -60.81 24.80 39.62
C LEU J 436 -60.19 25.83 38.67
N PRO J 437 -59.77 25.41 37.49
CA PRO J 437 -59.25 26.37 36.51
C PRO J 437 -60.36 26.97 35.65
N ILE J 438 -60.40 28.31 35.57
CA ILE J 438 -61.39 29.01 34.77
C ILE J 438 -60.75 29.87 33.69
N GLU J 439 -59.66 30.59 34.04
CA GLU J 439 -58.98 31.40 33.03
C GLU J 439 -58.36 30.54 31.94
N ALA J 440 -57.90 29.34 32.30
CA ALA J 440 -57.28 28.47 31.30
C ALA J 440 -58.27 28.04 30.23
N VAL J 441 -59.47 27.59 30.65
CA VAL J 441 -60.41 27.05 29.68
C VAL J 441 -60.98 28.14 28.78
N ILE J 442 -61.25 29.33 29.34
CA ILE J 442 -61.83 30.39 28.53
C ILE J 442 -60.91 30.75 27.37
N LEU J 443 -59.61 30.85 27.66
CA LEU J 443 -58.65 31.07 26.58
C LEU J 443 -58.59 29.87 25.65
N SER J 444 -58.69 28.66 26.21
CA SER J 444 -58.61 27.46 25.37
C SER J 444 -59.76 27.38 24.38
N LEU J 445 -61.00 27.57 24.86
CA LEU J 445 -62.14 27.51 23.96
C LEU J 445 -62.10 28.61 22.91
N GLN J 446 -61.67 29.82 23.31
CA GLN J 446 -61.59 30.92 22.36
C GLN J 446 -60.59 30.66 21.25
N ASP J 447 -59.70 29.68 21.41
CA ASP J 447 -58.75 29.36 20.35
C ASP J 447 -59.38 28.42 19.31
N LEU J 448 -60.03 27.35 19.76
CA LEU J 448 -60.56 26.36 18.83
C LEU J 448 -61.64 26.95 17.93
N ILE J 449 -62.52 27.79 18.48
CA ILE J 449 -63.53 28.44 17.66
C ILE J 449 -62.87 29.29 16.58
N GLY J 450 -61.81 30.00 16.93
CA GLY J 450 -61.01 30.67 15.92
C GLY J 450 -60.30 29.69 15.01
N TYR J 451 -59.81 28.58 15.58
CA TYR J 451 -59.11 27.58 14.78
C TYR J 451 -60.06 26.92 13.78
N PHE J 452 -61.29 26.63 14.20
CA PHE J 452 -62.29 26.00 13.36
C PHE J 452 -63.18 27.01 12.63
N GLU J 453 -62.77 28.27 12.58
CA GLU J 453 -63.60 29.30 11.96
C GLU J 453 -63.76 29.00 10.47
N PRO J 454 -64.97 29.07 9.94
CA PRO J 454 -65.22 28.62 8.56
C PRO J 454 -64.53 29.51 7.55
N PRO J 455 -64.34 29.04 6.32
CA PRO J 455 -63.65 29.86 5.32
C PRO J 455 -64.42 31.15 5.02
N SER J 456 -63.68 32.18 4.65
CA SER J 456 -64.24 33.51 4.45
C SER J 456 -65.05 33.54 3.15
N GLU J 457 -65.56 34.72 2.80
CA GLU J 457 -66.42 34.89 1.64
C GLU J 457 -65.77 35.58 0.46
N GLU J 458 -64.87 36.53 0.70
CA GLU J 458 -64.28 37.31 -0.38
C GLU J 458 -63.21 36.55 -1.14
N LEU J 459 -62.76 35.41 -0.62
CA LEU J 459 -61.69 34.66 -1.27
C LEU J 459 -62.19 34.00 -2.56
N GLN J 460 -61.26 33.78 -3.49
CA GLN J 460 -61.59 33.20 -4.78
C GLN J 460 -61.91 31.71 -4.61
N HIS J 461 -62.32 31.08 -5.71
CA HIS J 461 -62.79 29.70 -5.65
C HIS J 461 -61.66 28.74 -5.29
N GLU J 462 -60.51 28.87 -5.96
CA GLU J 462 -59.42 27.92 -5.75
C GLU J 462 -58.94 27.92 -4.31
N GLU J 463 -58.74 29.11 -3.74
CA GLU J 463 -58.29 29.19 -2.35
C GLU J 463 -59.36 28.70 -1.39
N LYS J 464 -60.63 29.05 -1.67
CA LYS J 464 -61.72 28.59 -0.83
C LYS J 464 -61.85 27.07 -0.86
N GLN J 465 -61.76 26.48 -2.05
CA GLN J 465 -61.88 25.03 -2.16
C GLN J 465 -60.72 24.32 -1.47
N SER J 466 -59.50 24.87 -1.59
CA SER J 466 -58.35 24.25 -0.97
C SER J 466 -58.50 24.18 0.54
N LYS J 467 -58.93 25.29 1.16
CA LYS J 467 -59.11 25.29 2.61
C LYS J 467 -60.33 24.48 3.02
N LEU J 468 -61.34 24.36 2.15
CA LEU J 468 -62.52 23.58 2.46
C LEU J 468 -62.18 22.10 2.65
N ARG J 469 -61.14 21.60 1.97
CA ARG J 469 -60.67 20.25 2.22
C ARG J 469 -59.87 20.15 3.51
N SER J 470 -59.17 21.21 3.88
CA SER J 470 -58.36 21.22 5.09
C SER J 470 -59.16 21.51 6.34
N LEU J 471 -60.46 21.76 6.22
CA LEU J 471 -61.34 21.94 7.38
C LEU J 471 -62.18 20.71 7.67
N ARG J 472 -62.71 20.07 6.64
CA ARG J 472 -63.52 18.86 6.84
C ARG J 472 -62.69 17.76 7.48
N ASN J 473 -61.43 17.61 7.05
CA ASN J 473 -60.57 16.58 7.60
C ASN J 473 -60.36 16.79 9.10
N ARG J 474 -60.00 18.02 9.49
CA ARG J 474 -59.74 18.29 10.90
C ARG J 474 -61.00 18.19 11.74
N GLN J 475 -62.17 18.49 11.17
CA GLN J 475 -63.41 18.29 11.91
C GLN J 475 -63.64 16.82 12.19
N SER J 476 -63.39 15.96 11.21
CA SER J 476 -63.50 14.52 11.44
C SER J 476 -62.39 14.02 12.35
N LEU J 477 -61.21 14.64 12.30
CA LEU J 477 -60.09 14.23 13.13
C LEU J 477 -60.33 14.49 14.62
N PHE J 478 -61.23 15.40 14.97
CA PHE J 478 -61.54 15.67 16.36
C PHE J 478 -62.68 14.82 16.89
N GLN J 479 -63.24 13.95 16.07
CA GLN J 479 -64.30 13.04 16.48
C GLN J 479 -63.77 11.66 16.84
N GLU J 480 -62.76 11.18 16.12
CA GLU J 480 -62.23 9.85 16.33
C GLU J 480 -61.46 9.72 17.64
N GLU J 481 -61.08 10.84 18.25
CA GLU J 481 -60.40 10.86 19.53
C GLU J 481 -61.32 11.36 20.63
N GLY J 482 -62.59 10.98 20.57
CA GLY J 482 -63.58 11.56 21.47
C GLY J 482 -63.83 13.00 21.11
N MET J 483 -63.88 13.85 22.13
CA MET J 483 -63.99 15.30 22.01
C MET J 483 -65.36 15.73 21.47
N LEU J 484 -66.18 14.76 21.06
CA LEU J 484 -67.62 14.99 20.89
C LEU J 484 -68.38 14.55 22.12
N SER J 485 -68.05 13.38 22.66
CA SER J 485 -68.56 13.00 23.96
C SER J 485 -68.09 13.96 25.04
N LEU J 486 -66.83 14.39 24.96
CA LEU J 486 -66.26 15.28 25.97
C LEU J 486 -67.06 16.58 26.05
N VAL J 487 -67.25 17.24 24.91
CA VAL J 487 -68.03 18.48 24.91
C VAL J 487 -69.47 18.18 25.29
N LEU J 488 -69.98 17.00 24.93
CA LEU J 488 -71.28 16.57 25.41
C LEU J 488 -71.27 16.36 26.91
N ASN J 489 -70.19 15.77 27.45
CA ASN J 489 -70.13 15.48 28.87
C ASN J 489 -70.11 16.75 29.71
N CYS J 490 -69.40 17.78 29.25
CA CYS J 490 -69.38 19.04 29.97
C CYS J 490 -70.78 19.65 30.08
N ILE J 491 -71.55 19.58 28.99
CA ILE J 491 -72.90 20.14 29.01
C ILE J 491 -73.76 19.40 30.02
N ASP J 492 -73.63 18.07 30.09
CA ASP J 492 -74.42 17.31 31.06
C ASP J 492 -74.16 17.77 32.48
N ARG J 493 -72.88 17.94 32.84
CA ARG J 493 -72.53 18.33 34.21
C ARG J 493 -72.92 19.77 34.49
N LEU J 494 -72.60 20.69 33.57
CA LEU J 494 -72.91 22.10 33.82
C LEU J 494 -74.41 22.35 33.83
N ASN J 495 -75.17 21.69 32.94
CA ASN J 495 -76.59 21.99 32.80
C ASN J 495 -77.42 21.52 33.98
N VAL J 496 -76.83 20.79 34.91
CA VAL J 496 -77.54 20.44 36.14
C VAL J 496 -77.90 21.70 36.93
N TYR J 497 -76.96 22.65 37.00
CA TYR J 497 -77.17 23.91 37.70
C TYR J 497 -78.11 24.79 36.87
N THR J 498 -79.36 24.91 37.30
CA THR J 498 -80.38 25.62 36.53
C THR J 498 -80.39 27.10 36.93
N THR J 499 -81.44 27.82 36.51
CA THR J 499 -81.71 29.19 36.93
C THR J 499 -80.58 30.14 36.55
N ALA J 500 -79.68 30.39 37.48
CA ALA J 500 -78.60 31.33 37.24
C ALA J 500 -77.40 30.90 38.08
N ALA J 501 -76.42 31.80 38.22
CA ALA J 501 -75.25 31.52 39.04
C ALA J 501 -75.59 31.34 40.51
N HIS J 502 -76.77 31.80 40.94
CA HIS J 502 -77.15 31.69 42.34
C HIS J 502 -77.25 30.23 42.78
N PHE J 503 -77.83 29.37 41.94
CA PHE J 503 -77.86 27.96 42.29
C PHE J 503 -76.48 27.33 42.20
N ALA J 504 -75.64 27.82 41.29
CA ALA J 504 -74.26 27.37 41.22
C ALA J 504 -73.40 27.92 42.36
N GLU J 505 -74.02 28.56 43.37
CA GLU J 505 -73.25 29.20 44.43
C GLU J 505 -72.39 28.19 45.19
N TYR J 506 -72.91 26.99 45.42
CA TYR J 506 -72.17 25.98 46.19
C TYR J 506 -71.15 25.26 45.31
N ALA J 507 -70.39 26.07 44.57
CA ALA J 507 -69.23 25.58 43.84
C ALA J 507 -68.07 26.57 43.92
N GLY J 508 -68.20 27.65 44.68
CA GLY J 508 -67.24 28.73 44.67
C GLY J 508 -67.85 30.00 44.09
N GLU J 509 -68.27 30.92 44.95
CA GLU J 509 -68.98 32.11 44.49
C GLU J 509 -68.08 33.03 43.68
N GLU J 510 -66.76 32.87 43.77
CA GLU J 510 -65.85 33.67 42.95
C GLU J 510 -65.96 33.30 41.47
N ALA J 511 -66.36 32.07 41.17
CA ALA J 511 -66.55 31.63 39.79
C ALA J 511 -67.99 31.75 39.32
N ALA J 512 -68.89 32.22 40.18
CA ALA J 512 -70.30 32.30 39.81
C ALA J 512 -70.52 33.32 38.71
N GLU J 513 -69.90 34.50 38.81
CA GLU J 513 -70.09 35.54 37.81
C GLU J 513 -69.50 35.19 36.46
N SER J 514 -68.68 34.14 36.37
CA SER J 514 -68.16 33.64 35.10
C SER J 514 -68.90 32.39 34.65
N TRP J 515 -70.20 32.32 34.89
CA TRP J 515 -71.00 31.15 34.52
C TRP J 515 -71.55 31.26 33.10
N LYS J 516 -72.15 32.40 32.76
CA LYS J 516 -72.88 32.52 31.50
C LYS J 516 -71.98 32.23 30.32
N GLU J 517 -70.81 32.86 30.27
CA GLU J 517 -69.95 32.72 29.10
C GLU J 517 -69.46 31.29 28.93
N ILE J 518 -69.10 30.61 30.02
CA ILE J 518 -68.67 29.21 29.90
C ILE J 518 -69.79 28.36 29.31
N VAL J 519 -71.02 28.55 29.80
CA VAL J 519 -72.14 27.80 29.25
C VAL J 519 -72.32 28.12 27.77
N ASN J 520 -72.17 29.41 27.41
CA ASN J 520 -72.31 29.81 26.01
C ASN J 520 -71.25 29.16 25.13
N LEU J 521 -69.97 29.29 25.52
CA LEU J 521 -68.87 29.03 24.60
C LEU J 521 -68.85 27.60 24.07
N LEU J 522 -69.35 26.63 24.85
CA LEU J 522 -69.36 25.25 24.36
C LEU J 522 -70.25 25.10 23.13
N TYR J 523 -71.39 25.78 23.12
CA TYR J 523 -72.41 25.50 22.11
C TYR J 523 -71.94 25.88 20.70
N GLU J 524 -71.40 27.08 20.52
CA GLU J 524 -70.93 27.42 19.18
C GLU J 524 -69.64 26.67 18.83
N LEU J 525 -68.91 26.19 19.84
CA LEU J 525 -67.80 25.27 19.57
C LEU J 525 -68.30 24.00 18.91
N LEU J 526 -69.37 23.42 19.47
CA LEU J 526 -69.93 22.20 18.88
C LEU J 526 -70.51 22.47 17.50
N ALA J 527 -71.04 23.68 17.28
CA ALA J 527 -71.53 24.03 15.95
C ALA J 527 -70.41 24.01 14.92
N SER J 528 -69.21 24.42 15.32
CA SER J 528 -68.08 24.37 14.40
C SER J 528 -67.74 22.94 14.01
N LEU J 529 -67.83 22.00 14.96
CA LEU J 529 -67.53 20.60 14.68
C LEU J 529 -68.60 19.91 13.84
N ILE J 530 -69.76 20.54 13.63
CA ILE J 530 -70.86 19.93 12.90
C ILE J 530 -71.14 20.65 11.59
N ARG J 531 -71.04 21.97 11.57
CA ARG J 531 -71.38 22.74 10.37
C ARG J 531 -70.54 22.29 9.18
N GLY J 532 -71.20 22.03 8.06
CA GLY J 532 -70.53 21.63 6.85
C GLY J 532 -70.33 20.14 6.73
N ASN J 533 -69.71 19.54 7.74
CA ASN J 533 -69.40 18.11 7.69
C ASN J 533 -70.66 17.27 7.73
N ARG J 534 -70.59 16.08 7.14
CA ARG J 534 -71.73 15.19 7.02
C ARG J 534 -71.64 13.97 7.93
N ALA J 535 -70.46 13.38 8.08
CA ALA J 535 -70.33 12.17 8.88
C ALA J 535 -70.67 12.42 10.35
N ASN J 536 -70.23 13.56 10.89
CA ASN J 536 -70.48 13.86 12.30
C ASN J 536 -71.98 14.07 12.56
N CYS J 537 -72.72 14.57 11.57
CA CYS J 537 -74.13 14.84 11.76
C CYS J 537 -74.93 13.57 12.06
N ALA J 538 -74.48 12.43 11.52
CA ALA J 538 -75.21 11.18 11.74
C ALA J 538 -75.17 10.74 13.20
N LEU J 539 -74.21 11.22 13.98
CA LEU J 539 -74.07 10.76 15.35
C LEU J 539 -75.22 11.22 16.24
N PHE J 540 -75.88 12.32 15.86
CA PHE J 540 -76.93 12.90 16.70
C PHE J 540 -78.30 12.26 16.51
N SER J 541 -78.40 11.22 15.69
CA SER J 541 -79.69 10.55 15.53
C SER J 541 -80.19 9.97 16.84
N THR J 542 -79.30 9.33 17.60
CA THR J 542 -79.68 8.80 18.90
C THR J 542 -79.81 9.89 19.94
N ASN J 543 -79.04 10.97 19.81
CA ASN J 543 -79.06 12.08 20.76
C ASN J 543 -79.96 13.22 20.31
N LEU J 544 -80.81 12.99 19.31
CA LEU J 544 -81.71 14.04 18.85
C LEU J 544 -82.65 14.49 19.97
N ASP J 545 -83.17 13.54 20.74
CA ASP J 545 -84.10 13.89 21.82
C ASP J 545 -83.44 14.77 22.86
N TRP J 546 -82.13 14.63 23.06
CA TRP J 546 -81.46 15.38 24.12
C TRP J 546 -81.32 16.86 23.76
N VAL J 547 -80.87 17.16 22.52
CA VAL J 547 -80.66 18.55 22.13
C VAL J 547 -81.99 19.29 22.06
N VAL J 548 -83.02 18.65 21.49
CA VAL J 548 -84.31 19.30 21.35
C VAL J 548 -84.98 19.49 22.69
N SER J 549 -84.50 18.81 23.73
CA SER J 549 -85.18 18.83 25.02
C SER J 549 -85.21 20.24 25.60
N LYS J 550 -84.06 20.90 25.71
CA LYS J 550 -84.01 22.15 26.45
C LYS J 550 -84.79 23.29 25.79
N LEU J 551 -84.22 23.89 24.74
CA LEU J 551 -84.87 24.94 23.95
C LEU J 551 -85.50 26.04 24.81
N ASP J 552 -85.13 26.14 26.09
CA ASP J 552 -85.83 27.05 26.99
C ASP J 552 -84.93 27.88 27.90
N ARG J 553 -83.67 27.51 28.12
CA ARG J 553 -82.81 28.25 29.03
C ARG J 553 -82.69 29.70 28.60
N LEU J 554 -82.82 30.62 29.57
CA LEU J 554 -82.80 32.04 29.26
C LEU J 554 -81.46 32.48 28.70
N GLU J 555 -80.39 31.73 28.93
CA GLU J 555 -79.12 31.95 28.23
C GLU J 555 -78.75 30.66 27.49
N ALA J 556 -79.47 30.41 26.40
CA ALA J 556 -79.07 29.42 25.42
C ALA J 556 -79.52 29.78 24.00
N SER J 557 -80.13 30.95 23.80
CA SER J 557 -80.94 31.19 22.61
C SER J 557 -80.12 31.06 21.34
N SER J 558 -79.00 31.76 21.27
CA SER J 558 -78.15 31.70 20.08
C SER J 558 -77.53 30.31 19.93
N GLY J 559 -77.10 29.72 21.03
CA GLY J 559 -76.42 28.43 20.93
C GLY J 559 -77.29 27.32 20.39
N ILE J 560 -78.49 27.15 20.97
CA ILE J 560 -79.31 25.98 20.65
C ILE J 560 -79.94 26.10 19.26
N LEU J 561 -80.42 27.30 18.91
CA LEU J 561 -81.05 27.45 17.61
C LEU J 561 -80.04 27.28 16.47
N GLU J 562 -78.76 27.56 16.72
CA GLU J 562 -77.77 27.40 15.68
C GLU J 562 -77.28 25.95 15.58
N VAL J 563 -77.12 25.26 16.72
CA VAL J 563 -76.69 23.87 16.67
C VAL J 563 -77.78 23.00 16.05
N LEU J 564 -79.05 23.33 16.32
CA LEU J 564 -80.13 22.57 15.70
C LEU J 564 -80.24 22.88 14.21
N TYR J 565 -79.93 24.12 13.82
CA TYR J 565 -80.02 24.50 12.42
C TYR J 565 -79.01 23.75 11.56
N CYS J 566 -77.82 23.47 12.09
CA CYS J 566 -76.76 22.88 11.30
C CYS J 566 -76.87 21.36 11.19
N VAL J 567 -77.67 20.71 12.04
CA VAL J 567 -77.84 19.26 11.94
C VAL J 567 -79.02 18.86 11.07
N LEU J 568 -79.91 19.80 10.72
CA LEU J 568 -81.02 19.51 9.81
C LEU J 568 -80.76 20.02 8.40
N ILE J 569 -79.55 20.47 8.11
CA ILE J 569 -79.20 20.94 6.77
C ILE J 569 -78.38 19.93 5.99
N GLU J 570 -77.81 18.92 6.65
CA GLU J 570 -76.94 17.96 5.99
C GLU J 570 -77.52 16.56 5.96
N SER J 571 -77.96 16.03 7.10
CA SER J 571 -78.38 14.64 7.19
C SER J 571 -79.89 14.54 7.12
N PRO J 572 -80.46 13.89 6.09
CA PRO J 572 -81.90 13.62 6.09
C PRO J 572 -82.31 12.50 7.04
N GLU J 573 -81.35 11.74 7.56
CA GLU J 573 -81.69 10.62 8.45
C GLU J 573 -82.27 11.12 9.77
N VAL J 574 -81.60 12.09 10.40
CA VAL J 574 -82.12 12.65 11.65
C VAL J 574 -83.45 13.36 11.39
N LEU J 575 -83.68 13.81 10.15
CA LEU J 575 -84.94 14.45 9.82
C LEU J 575 -86.13 13.50 9.95
N ASN J 576 -85.89 12.19 9.88
CA ASN J 576 -86.94 11.19 9.92
C ASN J 576 -87.22 10.65 11.33
N ILE J 577 -86.67 11.28 12.36
CA ILE J 577 -86.75 10.72 13.71
C ILE J 577 -87.46 11.74 14.61
N ILE J 578 -88.47 12.41 14.09
CA ILE J 578 -89.32 13.31 14.85
C ILE J 578 -90.75 12.82 14.72
N GLN J 579 -91.39 12.50 15.86
CA GLN J 579 -92.68 11.80 15.80
C GLN J 579 -93.89 12.73 15.88
N GLU J 580 -94.15 13.30 17.06
CA GLU J 580 -95.29 14.20 17.17
C GLU J 580 -95.04 15.35 18.15
N ASN J 581 -94.09 15.17 19.07
CA ASN J 581 -93.94 16.10 20.18
C ASN J 581 -92.80 17.09 20.00
N HIS J 582 -91.76 16.70 19.26
CA HIS J 582 -90.66 17.62 19.01
C HIS J 582 -91.10 18.80 18.17
N ILE J 583 -92.04 18.56 17.25
CA ILE J 583 -92.55 19.64 16.41
C ILE J 583 -93.27 20.69 17.25
N LYS J 584 -94.12 20.25 18.19
CA LYS J 584 -94.84 21.23 18.99
C LYS J 584 -93.92 21.90 20.00
N SER J 585 -92.81 21.25 20.37
CA SER J 585 -91.83 21.89 21.24
C SER J 585 -91.20 23.09 20.58
N ILE J 586 -90.70 22.93 19.35
CA ILE J 586 -90.13 24.06 18.63
C ILE J 586 -91.21 25.06 18.24
N ILE J 587 -92.44 24.60 18.03
CA ILE J 587 -93.55 25.51 17.79
C ILE J 587 -93.77 26.41 19.01
N SER J 588 -93.74 25.81 20.20
CA SER J 588 -93.89 26.59 21.42
C SER J 588 -92.73 27.57 21.61
N LEU J 589 -91.56 27.25 21.04
CA LEU J 589 -90.43 28.17 21.11
C LEU J 589 -90.76 29.51 20.47
N LEU J 590 -91.43 29.49 19.31
CA LEU J 590 -91.86 30.72 18.69
C LEU J 590 -92.87 31.46 19.56
N ASP J 591 -93.63 30.74 20.37
CA ASP J 591 -94.67 31.34 21.19
C ASP J 591 -94.10 31.99 22.46
N LYS J 592 -92.89 31.61 22.88
CA LYS J 592 -92.33 32.13 24.12
C LYS J 592 -91.16 33.08 23.92
N HIS J 593 -90.49 33.05 22.77
CA HIS J 593 -89.32 33.88 22.53
C HIS J 593 -89.57 34.94 21.46
N GLY J 594 -90.83 35.20 21.14
CA GLY J 594 -91.17 36.28 20.24
C GLY J 594 -91.15 35.87 18.79
N ARG J 595 -91.27 36.88 17.93
CA ARG J 595 -91.27 36.68 16.49
C ARG J 595 -89.82 36.67 16.00
N ASN J 596 -89.30 35.49 15.71
CA ASN J 596 -87.91 35.30 15.33
C ASN J 596 -87.90 34.58 13.99
N HIS J 597 -87.32 35.23 12.97
CA HIS J 597 -87.26 34.62 11.65
C HIS J 597 -86.37 33.38 11.63
N LYS J 598 -85.47 33.24 12.60
CA LYS J 598 -84.58 32.08 12.62
C LYS J 598 -85.35 30.79 12.81
N VAL J 599 -86.31 30.77 13.74
CA VAL J 599 -87.11 29.56 13.96
C VAL J 599 -87.94 29.21 12.73
N LEU J 600 -88.57 30.22 12.12
CA LEU J 600 -89.38 29.96 10.92
C LEU J 600 -88.53 29.37 9.81
N ASP J 601 -87.27 29.79 9.72
CA ASP J 601 -86.36 29.20 8.75
C ASP J 601 -86.10 27.73 9.06
N VAL J 602 -85.98 27.40 10.35
CA VAL J 602 -85.72 26.01 10.73
C VAL J 602 -86.87 25.11 10.32
N LEU J 603 -88.11 25.57 10.48
CA LEU J 603 -89.26 24.77 10.06
C LEU J 603 -89.23 24.48 8.57
N CYS J 604 -88.65 25.38 7.77
CA CYS J 604 -88.48 25.10 6.34
C CYS J 604 -87.54 23.93 6.13
N SER J 605 -86.63 23.67 7.07
CA SER J 605 -85.74 22.53 6.95
C SER J 605 -86.47 21.21 7.15
N LEU J 606 -87.48 21.19 8.02
CA LEU J 606 -88.29 19.99 8.19
C LEU J 606 -89.02 19.62 6.90
N CYS J 607 -89.14 20.57 5.98
CA CYS J 607 -89.77 20.35 4.68
C CYS J 607 -88.80 19.62 3.77
N VAL J 608 -89.05 19.68 2.45
CA VAL J 608 -88.24 18.97 1.46
C VAL J 608 -86.75 19.08 1.75
N CYS J 609 -86.07 17.94 1.73
CA CYS J 609 -84.63 17.88 1.89
C CYS J 609 -83.99 17.99 0.51
N ASN J 610 -82.72 17.63 0.36
CA ASN J 610 -82.02 17.80 -0.92
C ASN J 610 -82.64 16.87 -1.95
N GLY J 611 -83.53 17.42 -2.77
CA GLY J 611 -84.19 16.64 -3.79
C GLY J 611 -85.42 15.90 -3.30
N VAL J 612 -85.25 15.10 -2.26
CA VAL J 612 -86.32 14.25 -1.76
C VAL J 612 -87.16 15.03 -0.75
N ALA J 613 -88.46 14.73 -0.73
CA ALA J 613 -89.40 15.35 0.20
C ALA J 613 -90.10 14.25 0.99
N VAL J 614 -90.43 14.57 2.23
CA VAL J 614 -91.08 13.63 3.14
C VAL J 614 -92.45 14.18 3.52
N ARG J 615 -93.45 13.29 3.51
CA ARG J 615 -94.83 13.68 3.79
C ARG J 615 -95.32 13.26 5.16
N SER J 616 -94.60 12.37 5.85
CA SER J 616 -95.04 11.94 7.17
C SER J 616 -95.10 13.09 8.17
N ASN J 617 -94.28 14.12 7.98
CA ASN J 617 -94.31 15.30 8.83
C ASN J 617 -94.70 16.57 8.11
N GLN J 618 -94.82 16.55 6.78
CA GLN J 618 -95.29 17.74 6.06
C GLN J 618 -96.82 17.82 6.07
N ASP J 619 -97.43 17.55 7.23
CA ASP J 619 -98.78 17.98 7.54
C ASP J 619 -98.94 18.41 8.98
N LEU J 620 -98.06 17.97 9.90
CA LEU J 620 -98.24 18.27 11.31
C LEU J 620 -98.14 19.76 11.59
N ILE J 621 -97.18 20.44 10.95
CA ILE J 621 -97.09 21.89 11.10
C ILE J 621 -98.32 22.57 10.52
N THR J 622 -98.92 21.98 9.47
CA THR J 622 -100.12 22.55 8.91
C THR J 622 -101.31 22.43 9.85
N GLU J 623 -101.33 21.39 10.68
CA GLU J 623 -102.43 21.17 11.61
C GLU J 623 -102.15 21.68 13.01
N ASN J 624 -100.92 22.10 13.30
CA ASN J 624 -100.55 22.58 14.62
C ASN J 624 -100.22 24.06 14.65
N LEU J 625 -99.35 24.53 13.75
CA LEU J 625 -99.00 25.94 13.65
C LEU J 625 -99.49 26.41 12.28
N LEU J 626 -100.77 26.79 12.22
CA LEU J 626 -101.47 27.22 11.01
C LEU J 626 -102.97 27.35 11.26
N PRO J 627 -103.67 26.34 11.81
CA PRO J 627 -105.11 26.52 12.03
C PRO J 627 -105.44 27.62 13.02
N GLY J 628 -104.80 27.61 14.19
CA GLY J 628 -104.91 28.74 15.09
C GLY J 628 -104.40 30.00 14.44
N ARG J 629 -105.15 31.09 14.59
CA ARG J 629 -104.89 32.33 13.87
C ARG J 629 -104.44 33.44 14.82
N GLU J 630 -103.55 33.09 15.76
CA GLU J 630 -103.04 34.04 16.72
C GLU J 630 -101.55 34.30 16.58
N LEU J 631 -100.78 33.35 16.04
CA LEU J 631 -99.33 33.49 15.97
C LEU J 631 -98.91 34.31 14.75
N LEU J 632 -99.32 33.88 13.56
CA LEU J 632 -98.84 34.48 12.33
C LEU J 632 -99.55 35.80 12.05
N LEU J 633 -99.24 36.40 10.91
CA LEU J 633 -99.79 37.69 10.50
C LEU J 633 -100.76 37.45 9.34
N GLN J 634 -102.04 37.31 9.66
CA GLN J 634 -103.04 37.11 8.63
C GLN J 634 -103.28 38.39 7.84
N THR J 635 -103.81 38.24 6.63
CA THR J 635 -104.04 39.38 5.75
C THR J 635 -105.24 39.11 4.86
N ASN J 636 -105.82 40.19 4.35
CA ASN J 636 -107.06 40.13 3.58
C ASN J 636 -107.27 41.49 2.92
N LEU J 637 -108.43 41.63 2.25
CA LEU J 637 -108.81 42.86 1.56
C LEU J 637 -109.93 43.55 2.33
N ILE J 638 -109.82 44.87 2.48
CA ILE J 638 -110.82 45.69 3.16
C ILE J 638 -111.21 46.84 2.25
N ASN J 639 -112.50 47.15 2.22
CA ASN J 639 -113.00 48.29 1.46
C ASN J 639 -112.83 49.57 2.29
N TYR J 640 -113.37 50.67 1.80
CA TYR J 640 -113.19 51.99 2.41
C TYR J 640 -114.53 52.56 2.83
N VAL J 641 -114.49 53.44 3.84
CA VAL J 641 -115.69 54.09 4.35
C VAL J 641 -115.32 55.52 4.74
N THR J 642 -116.33 56.39 4.75
CA THR J 642 -116.14 57.80 5.06
C THR J 642 -117.36 58.29 5.83
N SER J 643 -117.16 59.33 6.64
CA SER J 643 -118.23 59.90 7.45
C SER J 643 -118.43 61.36 7.12
N ILE J 644 -119.69 61.80 7.19
CA ILE J 644 -120.08 63.18 6.87
C ILE J 644 -120.99 63.69 7.97
N ARG J 645 -120.79 64.95 8.37
CA ARG J 645 -121.60 65.56 9.41
C ARG J 645 -121.95 66.99 9.01
N PRO J 646 -123.05 67.54 9.55
CA PRO J 646 -123.39 68.94 9.27
C PRO J 646 -122.56 69.92 10.10
N ASN J 647 -122.87 71.21 9.99
CA ASN J 647 -122.15 72.22 10.76
C ASN J 647 -122.74 72.43 12.15
N ILE J 648 -123.85 71.77 12.49
CA ILE J 648 -124.51 72.06 13.74
C ILE J 648 -123.70 71.53 14.91
N PHE J 649 -123.84 72.18 16.06
CA PHE J 649 -123.02 71.85 17.24
C PHE J 649 -123.90 72.05 18.47
N VAL J 650 -124.28 70.93 19.11
CA VAL J 650 -125.16 70.94 20.26
C VAL J 650 -124.42 70.38 21.47
N GLY J 651 -124.58 71.04 22.62
CA GLY J 651 -123.96 70.58 23.85
C GLY J 651 -124.69 71.14 25.05
N ARG J 652 -124.40 70.56 26.22
CA ARG J 652 -125.06 70.91 27.46
C ARG J 652 -124.03 71.39 28.47
N ALA J 653 -124.27 72.56 29.05
CA ALA J 653 -123.38 73.14 30.06
C ALA J 653 -124.12 74.28 30.74
N GLU J 654 -123.53 74.78 31.82
CA GLU J 654 -124.11 75.89 32.56
C GLU J 654 -124.06 77.15 31.70
N GLY J 655 -125.21 77.58 31.21
CA GLY J 655 -125.31 78.70 30.30
C GLY J 655 -126.29 78.39 29.19
N SER J 656 -126.08 79.03 28.04
CA SER J 656 -126.94 78.80 26.89
C SER J 656 -126.72 77.37 26.40
N THR J 657 -127.68 76.49 26.67
CA THR J 657 -127.58 75.09 26.29
C THR J 657 -128.82 74.61 25.53
N GLN J 658 -129.58 75.54 24.98
CA GLN J 658 -130.79 75.24 24.20
C GLN J 658 -131.72 74.40 25.06
N TYR J 659 -132.25 73.27 24.57
CA TYR J 659 -133.23 72.49 25.29
C TYR J 659 -132.80 71.06 25.59
N GLY J 660 -131.78 70.54 24.90
CA GLY J 660 -131.47 69.13 25.04
C GLY J 660 -132.55 68.24 24.47
N LYS J 661 -133.13 68.63 23.35
CA LYS J 661 -134.20 67.85 22.72
C LYS J 661 -134.16 68.14 21.22
N TRP J 662 -133.66 67.18 20.44
CA TRP J 662 -133.41 67.39 19.02
C TRP J 662 -133.88 66.16 18.24
N TYR J 663 -134.19 66.37 16.96
CA TYR J 663 -134.88 65.36 16.16
C TYR J 663 -134.58 65.57 14.68
N PHE J 664 -134.33 64.46 13.97
CA PHE J 664 -134.15 64.53 12.53
C PHE J 664 -134.37 63.16 11.92
N GLU J 665 -134.58 63.15 10.60
CA GLU J 665 -134.75 61.91 9.85
C GLU J 665 -133.78 61.89 8.67
N VAL J 666 -133.95 60.95 7.74
CA VAL J 666 -133.04 60.82 6.62
C VAL J 666 -133.69 59.94 5.57
N MET J 667 -133.29 60.11 4.31
CA MET J 667 -133.82 59.35 3.18
C MET J 667 -132.73 58.53 2.50
N VAL J 668 -133.01 57.25 2.28
CA VAL J 668 -132.06 56.31 1.69
C VAL J 668 -132.73 55.60 0.52
N ASP J 669 -132.04 55.54 -0.62
CA ASP J 669 -132.56 54.92 -1.83
C ASP J 669 -131.44 54.19 -2.59
N GLU J 670 -130.65 53.40 -1.87
CA GLU J 670 -129.53 52.68 -2.45
C GLU J 670 -129.84 51.18 -2.53
N VAL J 671 -129.52 50.58 -3.67
CA VAL J 671 -129.88 49.18 -3.94
C VAL J 671 -128.64 48.34 -4.25
N VAL J 672 -127.51 48.65 -3.63
CA VAL J 672 -126.26 47.95 -3.93
C VAL J 672 -125.72 47.24 -2.69
N PRO J 673 -126.18 46.01 -2.42
CA PRO J 673 -125.78 45.35 -1.18
C PRO J 673 -124.46 44.62 -1.26
N PHE J 674 -124.08 44.15 -2.44
CA PHE J 674 -122.85 43.37 -2.55
C PHE J 674 -121.99 43.81 -3.69
N LEU J 675 -122.05 45.08 -4.06
CA LEU J 675 -121.14 45.60 -5.07
C LEU J 675 -119.72 45.58 -4.50
N THR J 676 -118.79 45.03 -5.29
CA THR J 676 -117.40 44.80 -4.88
C THR J 676 -117.33 43.96 -3.59
N ALA J 677 -117.79 42.72 -3.72
CA ALA J 677 -117.64 41.69 -2.69
C ALA J 677 -118.36 42.05 -1.39
N GLN J 678 -117.64 42.63 -0.44
CA GLN J 678 -118.17 42.88 0.89
C GLN J 678 -119.43 43.75 0.82
N ALA J 679 -120.19 43.71 1.92
CA ALA J 679 -121.43 44.45 1.99
C ALA J 679 -121.16 45.95 2.03
N THR J 680 -122.22 46.73 1.80
CA THR J 680 -122.14 48.18 1.77
C THR J 680 -122.51 48.70 3.16
N HIS J 681 -121.51 49.22 3.87
CA HIS J 681 -121.73 49.72 5.23
C HIS J 681 -122.58 50.98 5.21
N LEU J 682 -123.60 51.03 6.06
CA LEU J 682 -124.48 52.20 6.15
C LEU J 682 -124.96 52.34 7.59
N ARG J 683 -124.59 53.45 8.23
CA ARG J 683 -124.93 53.68 9.63
C ARG J 683 -125.16 55.17 9.87
N VAL J 684 -125.95 55.48 10.91
CA VAL J 684 -126.25 56.84 11.30
C VAL J 684 -126.28 56.92 12.82
N GLY J 685 -125.94 58.08 13.37
CA GLY J 685 -126.01 58.25 14.81
C GLY J 685 -125.30 59.51 15.27
N TRP J 686 -124.85 59.47 16.52
CA TRP J 686 -124.14 60.56 17.19
C TRP J 686 -122.68 60.22 17.42
N ALA J 687 -121.86 61.27 17.54
CA ALA J 687 -120.47 61.15 17.95
C ALA J 687 -120.06 62.47 18.59
N LEU J 688 -119.23 62.38 19.63
CA LEU J 688 -118.78 63.59 20.32
C LEU J 688 -117.59 64.22 19.60
N THR J 689 -117.19 65.39 20.08
CA THR J 689 -116.21 66.20 19.35
C THR J 689 -114.78 65.87 19.74
N GLU J 690 -114.47 64.58 19.82
CA GLU J 690 -113.11 64.08 19.93
C GLU J 690 -112.95 62.78 19.15
N GLY J 691 -113.69 62.62 18.07
CA GLY J 691 -113.71 61.39 17.30
C GLY J 691 -112.36 61.02 16.72
N TYR J 692 -111.89 61.82 15.75
CA TYR J 692 -110.65 61.54 15.00
C TYR J 692 -110.70 60.18 14.30
N SER J 693 -111.90 59.61 14.18
CA SER J 693 -112.05 58.29 13.58
C SER J 693 -111.65 58.21 12.11
N PRO J 694 -112.03 59.16 11.20
CA PRO J 694 -111.94 58.90 9.76
C PRO J 694 -110.68 58.20 9.29
N TYR J 695 -109.52 58.84 9.45
CA TYR J 695 -108.19 58.28 9.17
C TYR J 695 -108.23 57.29 8.01
N PRO J 696 -108.58 57.73 6.79
CA PRO J 696 -108.84 56.78 5.69
C PRO J 696 -107.69 55.79 5.48
N GLY J 697 -108.00 54.50 5.67
CA GLY J 697 -107.01 53.45 5.57
C GLY J 697 -107.12 52.43 6.68
N GLY J 698 -106.03 52.24 7.43
CA GLY J 698 -106.04 51.29 8.51
C GLY J 698 -106.91 51.74 9.67
N GLY J 699 -107.28 50.78 10.51
CA GLY J 699 -108.11 51.05 11.68
C GLY J 699 -107.75 50.14 12.82
N GLU J 700 -108.76 49.69 13.56
CA GLU J 700 -108.54 48.84 14.72
C GLU J 700 -108.96 47.40 14.47
N GLY J 701 -110.25 47.14 14.26
CA GLY J 701 -110.71 45.80 13.96
C GLY J 701 -110.29 45.36 12.57
N TRP J 702 -110.89 45.98 11.55
CA TRP J 702 -110.52 45.70 10.15
C TRP J 702 -110.71 47.00 9.37
N GLY J 703 -109.61 47.71 9.15
CA GLY J 703 -109.64 48.90 8.33
C GLY J 703 -110.17 50.11 9.07
N GLY J 704 -110.07 51.26 8.40
CA GLY J 704 -110.51 52.52 8.97
C GLY J 704 -112.02 52.65 8.94
N ASN J 705 -112.70 51.91 9.81
CA ASN J 705 -114.16 51.83 9.86
C ASN J 705 -114.80 53.16 10.20
N GLY J 706 -116.13 53.18 10.21
CA GLY J 706 -116.91 54.40 10.42
C GLY J 706 -117.45 54.50 11.83
N VAL J 707 -118.72 54.92 11.93
CA VAL J 707 -119.31 55.22 13.22
C VAL J 707 -119.67 53.93 13.96
N GLY J 708 -119.61 53.99 15.29
CA GLY J 708 -120.08 52.94 16.16
C GLY J 708 -119.01 52.02 16.71
N ASP J 709 -117.82 51.99 16.10
CA ASP J 709 -116.77 51.09 16.53
C ASP J 709 -115.77 51.78 17.45
N ASP J 710 -116.28 52.43 18.50
CA ASP J 710 -115.45 53.12 19.50
C ASP J 710 -116.34 53.50 20.67
N LEU J 711 -115.78 54.25 21.61
CA LEU J 711 -116.54 54.80 22.73
C LEU J 711 -116.84 56.28 22.54
N TYR J 712 -116.48 56.85 21.39
CA TYR J 712 -116.72 58.25 21.10
C TYR J 712 -117.80 58.44 20.03
N SER J 713 -118.52 57.38 19.67
CA SER J 713 -119.55 57.46 18.66
C SER J 713 -120.60 56.39 18.92
N TYR J 714 -121.87 56.77 18.76
CA TYR J 714 -122.99 55.88 18.97
C TYR J 714 -123.85 55.88 17.72
N GLY J 715 -124.13 54.70 17.17
CA GLY J 715 -124.80 54.61 15.90
C GLY J 715 -125.66 53.38 15.79
N PHE J 716 -126.37 53.29 14.66
CA PHE J 716 -127.32 52.24 14.38
C PHE J 716 -127.21 51.86 12.91
N ASP J 717 -127.43 50.58 12.60
CA ASP J 717 -127.32 50.10 11.23
C ASP J 717 -128.64 49.59 10.65
N GLY J 718 -129.58 49.18 11.49
CA GLY J 718 -130.82 48.63 11.01
C GLY J 718 -131.17 47.38 11.77
N LEU J 719 -130.14 46.67 12.23
CA LEU J 719 -130.32 45.45 12.99
C LEU J 719 -129.41 45.35 14.20
N HIS J 720 -128.52 46.30 14.42
CA HIS J 720 -127.55 46.17 15.51
C HIS J 720 -127.22 47.54 16.08
N LEU J 721 -126.81 47.55 17.34
CA LEU J 721 -126.28 48.72 18.00
C LEU J 721 -124.78 48.56 18.21
N TRP J 722 -124.02 49.58 17.81
CA TRP J 722 -122.56 49.49 17.80
C TRP J 722 -121.96 50.48 18.79
N THR J 723 -121.23 49.96 19.77
CA THR J 723 -120.48 50.76 20.75
C THR J 723 -119.27 49.95 21.16
N GLY J 724 -118.07 50.46 20.90
CA GLY J 724 -116.88 49.71 21.24
C GLY J 724 -116.55 48.58 20.30
N HIS J 725 -116.93 48.71 19.02
CA HIS J 725 -116.63 47.75 17.96
C HIS J 725 -117.35 46.42 18.14
N VAL J 726 -118.24 46.31 19.12
CA VAL J 726 -119.03 45.11 19.34
C VAL J 726 -120.50 45.43 19.12
N ALA J 727 -121.22 44.53 18.48
CA ALA J 727 -122.60 44.77 18.07
C ALA J 727 -123.55 43.83 18.79
N ARG J 728 -124.77 44.30 19.00
CA ARG J 728 -125.85 43.53 19.61
C ARG J 728 -127.11 43.66 18.77
N PRO J 729 -127.86 42.57 18.58
CA PRO J 729 -129.07 42.64 17.76
C PRO J 729 -130.16 43.44 18.45
N VAL J 730 -131.05 44.01 17.63
CA VAL J 730 -132.20 44.77 18.11
C VAL J 730 -133.47 44.12 17.57
N THR J 731 -134.59 44.53 18.16
CA THR J 731 -135.90 44.03 17.75
C THR J 731 -136.79 45.18 17.30
N SER J 732 -137.61 44.92 16.31
CA SER J 732 -138.52 45.90 15.73
C SER J 732 -139.44 45.19 14.75
N PRO J 733 -140.58 45.77 14.41
CA PRO J 733 -141.46 45.18 13.39
C PRO J 733 -140.88 45.40 12.00
N GLY J 734 -140.51 44.30 11.34
CA GLY J 734 -139.90 44.34 10.03
C GLY J 734 -138.55 43.65 10.01
N GLN J 735 -137.74 43.89 11.04
CA GLN J 735 -136.47 43.19 11.27
C GLN J 735 -135.57 43.13 10.04
N HIS J 736 -135.50 44.20 9.26
CA HIS J 736 -134.58 44.28 8.15
C HIS J 736 -133.72 45.52 8.29
N LEU J 737 -132.45 45.40 7.91
CA LEU J 737 -131.51 46.51 7.98
C LEU J 737 -131.91 47.59 6.98
N LEU J 738 -131.13 48.67 6.93
CA LEU J 738 -131.45 49.80 6.07
C LEU J 738 -131.59 49.34 4.62
N ALA J 739 -132.71 49.71 4.01
CA ALA J 739 -133.08 49.34 2.66
C ALA J 739 -133.52 50.60 1.93
N PRO J 740 -133.56 50.58 0.61
CA PRO J 740 -134.04 51.76 -0.12
C PRO J 740 -135.48 52.08 0.25
N GLU J 741 -135.81 53.37 0.20
CA GLU J 741 -137.14 53.88 0.52
C GLU J 741 -137.50 53.58 1.98
N ASP J 742 -136.73 54.18 2.89
CA ASP J 742 -136.92 53.98 4.32
C ASP J 742 -136.53 55.25 5.05
N VAL J 743 -136.99 55.34 6.30
CA VAL J 743 -136.75 56.49 7.17
C VAL J 743 -136.35 55.98 8.55
N VAL J 744 -135.33 56.60 9.13
CA VAL J 744 -134.95 56.32 10.51
C VAL J 744 -134.95 57.63 11.28
N SER J 745 -135.44 57.57 12.52
CA SER J 745 -135.56 58.75 13.36
C SER J 745 -134.72 58.54 14.62
N CYS J 746 -133.80 59.47 14.87
CA CYS J 746 -132.98 59.46 16.08
C CYS J 746 -133.60 60.37 17.14
N CYS J 747 -133.06 60.28 18.36
CA CYS J 747 -133.58 61.03 19.49
C CYS J 747 -132.42 61.55 20.33
N LEU J 748 -132.65 62.68 20.99
CA LEU J 748 -131.67 63.27 21.89
C LEU J 748 -132.37 63.91 23.07
N ASP J 749 -131.91 63.61 24.28
CA ASP J 749 -132.54 64.11 25.50
C ASP J 749 -131.48 64.16 26.59
N LEU J 750 -130.92 65.34 26.82
CA LEU J 750 -129.76 65.50 27.72
C LEU J 750 -130.17 65.89 29.14
N SER J 751 -131.10 65.19 29.74
CA SER J 751 -131.29 65.26 31.18
C SER J 751 -131.26 63.88 31.82
N VAL J 752 -131.92 62.91 31.19
CA VAL J 752 -131.76 61.47 31.35
C VAL J 752 -130.37 61.03 30.88
N PRO J 753 -129.56 61.92 30.28
CA PRO J 753 -129.16 61.75 28.87
C PRO J 753 -129.03 60.32 28.37
N SER J 754 -129.73 60.10 27.26
CA SER J 754 -129.91 58.80 26.63
C SER J 754 -130.29 59.03 25.17
N ILE J 755 -129.91 58.09 24.32
CA ILE J 755 -130.21 58.15 22.89
C ILE J 755 -131.13 56.99 22.53
N SER J 756 -132.24 57.30 21.86
CA SER J 756 -133.13 56.31 21.30
C SER J 756 -133.20 56.48 19.80
N PHE J 757 -133.73 55.46 19.13
CA PHE J 757 -133.89 55.46 17.69
C PHE J 757 -135.29 54.99 17.34
N ARG J 758 -135.73 55.36 16.14
CA ARG J 758 -137.07 55.03 15.68
C ARG J 758 -137.02 54.66 14.21
N ILE J 759 -137.51 53.46 13.89
CA ILE J 759 -137.68 53.03 12.50
C ILE J 759 -138.82 53.85 11.92
N ASN J 760 -139.04 53.74 10.60
CA ASN J 760 -139.93 54.63 9.85
C ASN J 760 -141.19 55.04 10.62
N GLY J 761 -141.85 54.09 11.28
CA GLY J 761 -143.04 54.45 12.03
C GLY J 761 -143.19 53.74 13.36
N CYS J 762 -142.16 53.06 13.82
CA CYS J 762 -142.23 52.28 15.04
C CYS J 762 -140.98 52.49 15.88
N PRO J 763 -141.08 52.36 17.20
CA PRO J 763 -139.90 52.55 18.05
C PRO J 763 -138.95 51.38 17.97
N VAL J 764 -137.67 51.68 18.18
CA VAL J 764 -136.62 50.66 18.25
C VAL J 764 -136.33 50.38 19.71
N GLN J 765 -136.47 49.12 20.11
CA GLN J 765 -136.41 48.73 21.52
C GLN J 765 -134.96 48.65 21.97
N GLY J 766 -134.43 49.81 22.36
CA GLY J 766 -133.07 49.89 22.87
C GLY J 766 -132.62 51.33 23.05
N VAL J 767 -131.99 51.63 24.18
CA VAL J 767 -131.57 52.98 24.51
C VAL J 767 -130.18 52.92 25.14
N PHE J 768 -129.34 53.92 24.88
CA PHE J 768 -128.03 54.02 25.56
C PHE J 768 -128.14 55.06 26.66
N GLU J 769 -127.35 54.96 27.72
CA GLU J 769 -127.40 56.00 28.79
C GLU J 769 -126.04 56.14 29.47
N ALA J 770 -126.02 56.69 30.68
CA ALA J 770 -124.76 56.81 31.46
C ALA J 770 -123.57 57.22 30.60
N PHE J 771 -123.74 58.23 29.75
CA PHE J 771 -122.60 58.74 28.95
C PHE J 771 -121.62 59.47 29.86
N ASN J 772 -120.83 60.39 29.30
CA ASN J 772 -119.88 61.22 30.09
C ASN J 772 -119.79 62.53 29.32
N LEU J 773 -120.93 63.09 28.95
CA LEU J 773 -121.01 64.26 28.09
C LEU J 773 -120.12 65.39 28.60
N ASP J 774 -119.12 65.74 27.78
CA ASP J 774 -118.21 66.83 28.10
C ASP J 774 -117.99 67.82 26.95
N GLY J 775 -118.25 67.42 25.71
CA GLY J 775 -118.09 68.32 24.59
C GLY J 775 -119.40 68.60 23.88
N LEU J 776 -119.47 68.25 22.60
CA LEU J 776 -120.66 68.50 21.79
C LEU J 776 -120.91 67.24 20.96
N PHE J 777 -121.79 67.34 19.96
CA PHE J 777 -122.22 66.15 19.26
C PHE J 777 -122.40 66.43 17.78
N PHE J 778 -122.19 65.39 16.97
CA PHE J 778 -122.30 65.45 15.52
C PHE J 778 -123.41 64.52 15.05
N PRO J 779 -124.29 64.95 14.15
CA PRO J 779 -125.08 63.99 13.37
C PRO J 779 -124.20 63.32 12.33
N VAL J 780 -123.86 62.05 12.52
CA VAL J 780 -122.87 61.37 11.71
C VAL J 780 -123.54 60.29 10.86
N VAL J 781 -123.02 60.12 9.64
CA VAL J 781 -123.47 59.10 8.71
C VAL J 781 -122.26 58.33 8.22
N SER J 782 -122.47 57.05 7.87
CA SER J 782 -121.41 56.18 7.39
C SER J 782 -121.85 55.54 6.07
N PHE J 783 -120.92 55.43 5.14
CA PHE J 783 -121.24 54.87 3.82
C PHE J 783 -119.98 54.32 3.18
N SER J 784 -120.10 53.20 2.47
CA SER J 784 -118.95 52.60 1.81
C SER J 784 -118.69 53.22 0.44
N ALA J 785 -119.63 53.06 -0.48
CA ALA J 785 -119.48 53.54 -1.85
C ALA J 785 -120.80 53.37 -2.59
N GLY J 786 -120.95 54.11 -3.68
CA GLY J 786 -122.15 54.05 -4.50
C GLY J 786 -123.41 54.44 -3.76
N VAL J 787 -123.38 55.57 -3.06
CA VAL J 787 -124.45 55.97 -2.15
C VAL J 787 -124.84 57.42 -2.45
N LYS J 788 -126.15 57.66 -2.55
CA LYS J 788 -126.75 58.96 -2.87
C LYS J 788 -127.80 59.35 -1.83
N VAL J 789 -127.48 59.19 -0.55
CA VAL J 789 -128.44 59.45 0.51
C VAL J 789 -128.80 60.93 0.59
N ARG J 790 -130.09 61.21 0.70
CA ARG J 790 -130.59 62.54 1.01
C ARG J 790 -130.73 62.69 2.51
N PHE J 791 -130.33 63.85 3.03
CA PHE J 791 -130.17 64.06 4.47
C PHE J 791 -131.17 65.12 4.93
N LEU J 792 -132.01 64.77 5.88
CA LEU J 792 -133.17 65.57 6.27
C LEU J 792 -132.85 66.41 7.49
N LEU J 793 -133.19 67.70 7.44
CA LEU J 793 -132.98 68.61 8.55
C LEU J 793 -134.27 69.19 9.11
N GLY J 794 -135.12 69.80 8.27
CA GLY J 794 -136.35 70.37 8.77
C GLY J 794 -136.80 71.67 8.14
N GLY J 795 -136.95 72.71 8.97
CA GLY J 795 -137.60 73.93 8.52
C GLY J 795 -136.93 74.60 7.34
N ARG J 796 -135.61 74.46 7.23
CA ARG J 796 -134.91 75.03 6.09
C ARG J 796 -135.44 74.43 4.78
N HIS J 797 -135.24 73.14 4.57
CA HIS J 797 -135.88 72.43 3.47
C HIS J 797 -136.38 71.05 3.84
N GLY J 798 -135.89 70.42 4.90
CA GLY J 798 -136.26 69.06 5.24
C GLY J 798 -137.72 68.87 5.54
N GLU J 799 -138.43 68.19 4.65
CA GLU J 799 -139.87 67.94 4.83
C GLU J 799 -140.02 66.77 5.80
N PHE J 800 -140.25 67.08 7.07
CA PHE J 800 -140.47 66.04 8.07
C PHE J 800 -141.68 65.20 7.71
N LYS J 801 -141.45 63.94 7.35
CA LYS J 801 -142.56 63.05 7.04
C LYS J 801 -143.44 62.81 8.26
N PHE J 802 -142.83 62.65 9.43
CA PHE J 802 -143.53 62.30 10.65
C PHE J 802 -143.44 63.43 11.66
N LEU J 803 -144.28 63.34 12.69
CA LEU J 803 -144.37 64.36 13.72
C LEU J 803 -143.39 64.07 14.85
N PRO J 804 -142.52 65.02 15.21
CA PRO J 804 -141.62 64.79 16.33
C PRO J 804 -142.39 64.59 17.61
N PRO J 805 -141.86 63.81 18.55
CA PRO J 805 -142.50 63.66 19.86
C PRO J 805 -142.59 64.99 20.59
N PRO J 806 -143.33 65.07 21.70
CA PRO J 806 -143.61 66.40 22.27
C PRO J 806 -142.37 67.08 22.84
N GLY J 807 -141.87 68.06 22.10
CA GLY J 807 -140.78 68.93 22.50
C GLY J 807 -139.45 68.47 21.92
N TYR J 808 -139.09 69.01 20.76
CA TYR J 808 -137.87 68.65 20.06
C TYR J 808 -137.60 69.70 18.99
N ALA J 809 -136.49 70.41 19.10
CA ALA J 809 -136.16 71.39 18.09
C ALA J 809 -135.78 70.71 16.78
N PRO J 810 -136.23 71.25 15.64
CA PRO J 810 -135.89 70.63 14.34
C PRO J 810 -134.44 70.77 13.93
N CYS J 811 -133.58 71.30 14.80
CA CYS J 811 -132.13 71.28 14.63
C CYS J 811 -131.64 72.26 13.57
N HIS J 812 -132.54 72.94 12.88
CA HIS J 812 -132.11 74.01 11.98
C HIS J 812 -131.85 75.31 12.72
N GLU J 813 -132.47 75.51 13.88
CA GLU J 813 -132.25 76.73 14.64
C GLU J 813 -130.80 76.81 15.14
N ALA J 814 -130.25 75.70 15.60
CA ALA J 814 -128.88 75.66 16.12
C ALA J 814 -127.90 75.70 14.96
N VAL J 815 -127.39 76.89 14.65
CA VAL J 815 -126.32 77.07 13.67
C VAL J 815 -125.43 78.19 14.20
N LEU J 816 -124.17 78.19 13.79
CA LEU J 816 -123.29 79.28 14.17
C LEU J 816 -123.81 80.56 13.53
N PRO J 817 -124.18 81.58 14.31
CA PRO J 817 -124.78 82.79 13.75
C PRO J 817 -123.76 83.74 13.13
N ARG J 818 -122.85 83.18 12.33
CA ARG J 818 -121.85 83.96 11.63
C ARG J 818 -121.61 83.50 10.20
N GLU J 819 -122.34 82.51 9.72
CA GLU J 819 -122.19 81.97 8.37
C GLU J 819 -123.39 81.07 8.08
N ARG J 820 -123.37 80.42 6.93
CA ARG J 820 -124.43 79.49 6.54
C ARG J 820 -124.03 78.06 6.91
N LEU J 821 -124.94 77.12 6.68
CA LEU J 821 -124.73 75.73 6.98
C LEU J 821 -124.40 74.95 5.71
N ARG J 822 -123.62 73.88 5.87
CA ARG J 822 -123.11 73.12 4.74
C ARG J 822 -122.66 71.75 5.25
N LEU J 823 -122.41 70.84 4.31
CA LEU J 823 -121.89 69.52 4.63
C LEU J 823 -120.39 69.47 4.35
N GLU J 824 -119.63 69.02 5.33
CA GLU J 824 -118.19 68.91 5.21
C GLU J 824 -117.72 67.60 5.85
N PRO J 825 -116.65 67.01 5.33
CA PRO J 825 -116.11 65.80 5.96
C PRO J 825 -115.25 66.15 7.16
N ILE J 826 -115.37 65.34 8.20
CA ILE J 826 -114.70 65.61 9.46
C ILE J 826 -113.23 65.20 9.37
N LYS J 827 -112.36 66.03 9.96
CA LYS J 827 -110.93 65.76 10.08
C LYS J 827 -110.29 65.55 8.71
N GLU J 828 -110.75 66.30 7.72
CA GLU J 828 -110.16 66.23 6.39
C GLU J 828 -108.76 66.82 6.39
N TYR J 829 -107.81 66.13 5.75
CA TYR J 829 -106.45 66.63 5.59
C TYR J 829 -105.97 66.64 4.15
N ARG J 830 -106.84 66.34 3.19
CA ARG J 830 -106.54 66.59 1.78
C ARG J 830 -107.83 67.03 1.10
N ARG J 831 -107.75 68.10 0.32
CA ARG J 831 -108.90 68.59 -0.43
C ARG J 831 -108.48 68.96 -1.85
N GLU J 832 -109.43 68.86 -2.77
CA GLU J 832 -109.15 69.14 -4.18
C GLU J 832 -109.07 70.65 -4.42
N GLY J 833 -108.58 71.02 -5.60
CA GLY J 833 -108.43 72.40 -5.96
C GLY J 833 -107.99 72.58 -7.40
N PRO J 834 -107.95 73.82 -7.88
CA PRO J 834 -107.52 74.06 -9.27
C PRO J 834 -106.12 73.56 -9.56
N ARG J 835 -105.17 73.76 -8.65
CA ARG J 835 -103.87 73.11 -8.80
C ARG J 835 -103.95 71.62 -8.48
N GLY J 836 -104.90 71.22 -7.65
CA GLY J 836 -105.08 69.83 -7.31
C GLY J 836 -105.20 69.63 -5.81
N PRO J 837 -104.42 68.67 -5.29
CA PRO J 837 -104.47 68.40 -3.85
C PRO J 837 -104.05 69.61 -3.02
N HIS J 838 -104.70 69.75 -1.86
CA HIS J 838 -104.36 70.78 -0.89
C HIS J 838 -104.21 70.12 0.46
N LEU J 839 -103.04 70.28 1.08
CA LEU J 839 -102.77 69.72 2.39
C LEU J 839 -103.19 70.72 3.45
N VAL J 840 -104.15 70.33 4.30
CA VAL J 840 -104.67 71.20 5.35
C VAL J 840 -104.40 70.55 6.70
N GLY J 841 -103.97 71.37 7.66
CA GLY J 841 -103.67 70.89 8.99
C GLY J 841 -104.89 70.87 9.88
N PRO J 842 -104.67 70.70 11.18
CA PRO J 842 -105.80 70.65 12.13
C PRO J 842 -106.57 71.96 12.14
N SER J 843 -107.89 71.85 12.23
CA SER J 843 -108.76 73.02 12.31
C SER J 843 -109.04 73.36 13.77
N ARG J 844 -109.90 74.35 13.99
CA ARG J 844 -110.29 74.77 15.34
C ARG J 844 -111.72 74.35 15.63
N CYS J 845 -112.05 74.29 16.91
CA CYS J 845 -113.37 73.88 17.35
C CYS J 845 -113.70 74.54 18.69
N LEU J 846 -114.99 74.57 19.01
CA LEU J 846 -115.47 75.17 20.25
C LEU J 846 -115.37 74.13 21.37
N SER J 847 -115.92 74.46 22.53
CA SER J 847 -115.88 73.57 23.68
C SER J 847 -117.06 73.89 24.60
N HIS J 848 -117.19 73.09 25.66
CA HIS J 848 -118.29 73.29 26.60
C HIS J 848 -118.17 74.64 27.30
N THR J 849 -116.95 74.99 27.74
CA THR J 849 -116.75 76.27 28.42
C THR J 849 -116.98 77.45 27.48
N ASP J 850 -116.58 77.31 26.22
CA ASP J 850 -116.75 78.40 25.27
C ASP J 850 -118.22 78.74 25.06
N PHE J 851 -119.07 77.73 24.96
CA PHE J 851 -120.50 77.94 24.76
C PHE J 851 -121.20 78.21 26.08
N VAL J 852 -120.72 79.21 26.82
CA VAL J 852 -121.32 79.58 28.10
C VAL J 852 -121.05 81.06 28.37
N PRO J 853 -122.05 81.92 28.28
CA PRO J 853 -121.84 83.35 28.60
C PRO J 853 -121.46 83.51 30.07
N CYS J 854 -120.63 84.51 30.34
CA CYS J 854 -120.16 84.81 31.68
C CYS J 854 -120.08 86.30 31.90
N PRO J 855 -121.04 86.88 32.61
CA PRO J 855 -120.91 88.29 32.97
C PRO J 855 -119.68 88.59 33.80
N VAL J 856 -119.15 89.79 33.64
CA VAL J 856 -117.96 90.18 34.39
C VAL J 856 -118.28 90.25 35.88
N ASP J 857 -117.23 90.13 36.69
CA ASP J 857 -117.38 90.16 38.15
C ASP J 857 -117.70 91.56 38.66
N LEU J 863 -115.14 106.07 47.66
CA LEU J 863 -115.62 106.53 46.36
C LEU J 863 -115.43 108.04 46.21
N PRO J 864 -114.73 108.46 45.16
CA PRO J 864 -114.54 109.89 44.90
C PRO J 864 -115.87 110.58 44.68
N PRO J 865 -116.04 111.80 45.19
CA PRO J 865 -117.33 112.49 45.01
C PRO J 865 -117.72 112.70 43.55
N HIS J 866 -116.75 113.00 42.68
CA HIS J 866 -117.08 113.32 41.30
C HIS J 866 -117.62 112.11 40.54
N LEU J 867 -117.23 110.90 40.96
CA LEU J 867 -117.77 109.70 40.33
C LEU J 867 -119.28 109.62 40.49
N GLU J 868 -119.78 109.90 41.70
CA GLU J 868 -121.20 109.91 41.99
C GLU J 868 -121.84 111.29 41.83
N ARG J 869 -121.04 112.31 41.48
CA ARG J 869 -121.61 113.65 41.34
C ARG J 869 -122.20 113.86 39.95
N ILE J 870 -121.58 113.29 38.92
CA ILE J 870 -122.04 113.53 37.55
C ILE J 870 -123.43 112.95 37.35
N ARG J 871 -123.55 111.62 37.44
CA ARG J 871 -124.82 110.90 37.37
C ARG J 871 -125.72 111.40 36.24
N GLU J 872 -126.71 112.24 36.59
CA GLU J 872 -127.66 112.73 35.61
C GLU J 872 -126.97 113.49 34.49
N LYS J 873 -125.87 114.19 34.81
CA LYS J 873 -125.16 114.94 33.79
C LYS J 873 -124.70 114.05 32.65
N LEU J 874 -124.17 112.86 32.98
CA LEU J 874 -123.88 111.87 31.95
C LEU J 874 -125.16 111.20 31.45
N ALA J 875 -126.12 111.00 32.35
CA ALA J 875 -127.39 110.38 31.95
C ALA J 875 -128.15 111.25 30.97
N GLU J 876 -128.27 112.55 31.25
CA GLU J 876 -128.93 113.45 30.33
C GLU J 876 -128.18 113.52 29.02
N ASN J 877 -126.84 113.52 29.07
CA ASN J 877 -126.05 113.48 27.85
C ASN J 877 -126.32 112.20 27.07
N ILE J 878 -126.47 111.08 27.78
CA ILE J 878 -126.93 109.86 27.12
C ILE J 878 -128.40 109.99 26.71
N HIS J 879 -129.20 110.65 27.54
CA HIS J 879 -130.63 110.80 27.25
C HIS J 879 -130.91 111.76 26.11
N GLU J 880 -129.92 112.55 25.67
CA GLU J 880 -130.10 113.37 24.49
C GLU J 880 -130.34 112.51 23.25
N LEU J 881 -129.59 111.42 23.11
CA LEU J 881 -129.71 110.57 21.94
C LEU J 881 -131.00 109.75 21.95
N TRP J 882 -131.68 109.67 23.09
CA TRP J 882 -132.88 108.84 23.18
C TRP J 882 -133.99 109.30 22.24
N ALA J 883 -133.95 110.55 21.79
CA ALA J 883 -134.89 111.02 20.77
C ALA J 883 -134.23 111.25 19.42
N LEU J 884 -132.89 111.31 19.37
CA LEU J 884 -132.16 111.69 18.16
C LEU J 884 -132.69 110.97 16.92
N THR J 885 -132.55 109.65 16.88
CA THR J 885 -133.10 108.88 15.77
C THR J 885 -134.57 108.55 15.96
N ARG J 886 -135.09 108.66 17.17
CA ARG J 886 -136.53 108.62 17.39
C ARG J 886 -137.24 109.89 16.95
N ILE J 887 -136.51 110.95 16.59
CA ILE J 887 -137.08 111.96 15.72
C ILE J 887 -137.23 111.43 14.29
N GLU J 888 -136.20 110.74 13.79
CA GLU J 888 -136.30 110.12 12.48
C GLU J 888 -137.38 109.04 12.47
N GLN J 889 -137.56 108.35 13.59
CA GLN J 889 -138.67 107.41 13.72
C GLN J 889 -140.01 108.12 13.82
N GLY J 890 -140.04 109.37 14.27
CA GLY J 890 -141.29 110.11 14.41
C GLY J 890 -142.11 109.62 15.59
N TRP J 891 -141.53 109.67 16.78
CA TRP J 891 -142.15 109.10 17.97
C TRP J 891 -142.34 110.14 19.06
N THR J 892 -142.88 111.31 18.71
CA THR J 892 -142.84 112.46 19.61
C THR J 892 -143.75 112.29 20.83
N TYR J 893 -143.16 111.75 21.89
CA TYR J 893 -143.80 111.56 23.20
C TYR J 893 -145.23 111.04 23.07
N GLY J 894 -145.35 109.82 22.56
CA GLY J 894 -146.62 109.14 22.52
C GLY J 894 -147.15 108.83 23.90
N PRO J 895 -148.30 109.41 24.24
CA PRO J 895 -148.84 109.25 25.60
C PRO J 895 -149.41 107.87 25.89
N VAL J 896 -149.49 106.96 24.91
CA VAL J 896 -150.14 105.68 25.12
C VAL J 896 -149.23 104.53 24.70
N ARG J 897 -147.95 104.82 24.49
CA ARG J 897 -146.92 103.82 24.17
C ARG J 897 -147.31 103.03 22.91
N ASP J 898 -147.32 103.75 21.79
CA ASP J 898 -147.64 103.14 20.50
C ASP J 898 -146.47 102.28 20.02
N ASP J 899 -146.53 100.98 20.29
CA ASP J 899 -145.44 100.08 19.92
C ASP J 899 -145.37 99.83 18.42
N ASN J 900 -146.43 100.15 17.68
CA ASN J 900 -146.46 99.82 16.26
C ASN J 900 -146.77 101.04 15.39
N LYS J 901 -147.54 101.98 15.91
CA LYS J 901 -147.92 103.18 15.17
C LYS J 901 -147.08 104.39 15.57
N ARG J 902 -145.80 104.15 15.86
CA ARG J 902 -144.75 105.16 15.85
C ARG J 902 -144.97 106.26 16.89
N LEU J 903 -144.95 105.86 18.16
CA LEU J 903 -144.96 106.81 19.28
C LEU J 903 -144.30 106.16 20.49
N HIS J 904 -143.83 107.00 21.42
CA HIS J 904 -143.03 106.55 22.57
C HIS J 904 -143.45 107.27 23.85
N PRO J 905 -143.50 106.57 24.98
CA PRO J 905 -144.02 107.17 26.22
C PRO J 905 -142.98 107.66 27.22
N CYS J 906 -141.68 107.47 26.96
CA CYS J 906 -140.64 107.85 27.91
C CYS J 906 -139.73 108.93 27.33
N LEU J 907 -140.30 109.76 26.46
CA LEU J 907 -139.53 110.76 25.73
C LEU J 907 -139.72 112.15 26.34
N VAL J 908 -139.38 112.28 27.63
CA VAL J 908 -139.47 113.55 28.36
C VAL J 908 -138.30 113.65 29.34
N ASN J 909 -138.29 114.72 30.13
CA ASN J 909 -137.25 114.96 31.11
C ASN J 909 -137.34 113.92 32.24
N PHE J 910 -136.24 113.83 33.00
CA PHE J 910 -136.10 112.78 34.00
C PHE J 910 -137.21 112.83 35.05
N HIS J 911 -137.46 114.01 35.60
CA HIS J 911 -138.52 114.13 36.60
C HIS J 911 -139.89 113.97 35.96
N SER J 912 -140.07 114.47 34.74
CA SER J 912 -141.29 114.20 33.99
C SER J 912 -141.41 112.74 33.57
N LEU J 913 -140.31 111.98 33.61
CA LEU J 913 -140.33 110.59 33.24
C LEU J 913 -141.09 109.76 34.29
N PRO J 914 -141.57 108.57 33.92
CA PRO J 914 -142.20 107.69 34.90
C PRO J 914 -141.23 107.21 35.97
N GLU J 915 -141.74 106.45 36.94
CA GLU J 915 -140.93 106.05 38.09
C GLU J 915 -139.69 105.25 37.71
N PRO J 916 -139.76 104.16 36.90
CA PRO J 916 -138.55 103.39 36.58
C PRO J 916 -137.81 103.91 35.36
N GLU J 917 -137.45 105.19 35.38
CA GLU J 917 -136.75 105.83 34.28
C GLU J 917 -135.50 106.57 34.69
N ARG J 918 -135.22 106.73 35.98
CA ARG J 918 -134.00 107.40 36.42
C ARG J 918 -132.86 106.40 36.60
N ASN J 919 -133.10 105.33 37.36
CA ASN J 919 -132.14 104.24 37.43
C ASN J 919 -132.07 103.46 36.13
N TYR J 920 -133.07 103.58 35.27
CA TYR J 920 -133.03 102.97 33.95
C TYR J 920 -131.82 103.44 33.14
N ASN J 921 -131.41 104.69 33.35
CA ASN J 921 -130.24 105.24 32.69
C ASN J 921 -129.09 105.52 33.66
N LEU J 922 -129.23 105.18 34.93
CA LEU J 922 -128.17 105.45 35.90
C LEU J 922 -127.74 104.22 36.68
N GLN J 923 -128.66 103.33 37.05
CA GLN J 923 -128.27 102.15 37.80
C GLN J 923 -127.36 101.24 36.98
N MET J 924 -127.73 100.97 35.73
CA MET J 924 -126.87 100.22 34.83
C MET J 924 -125.66 101.02 34.38
N SER J 925 -125.63 102.33 34.61
CA SER J 925 -124.47 103.17 34.33
C SER J 925 -123.63 103.42 35.57
N GLY J 926 -124.27 103.68 36.72
CA GLY J 926 -123.51 103.86 37.95
C GLY J 926 -122.76 102.60 38.36
N GLU J 927 -123.42 101.44 38.24
CA GLU J 927 -122.72 100.18 38.45
C GLU J 927 -121.64 99.97 37.40
N THR J 928 -121.90 100.38 36.16
CA THR J 928 -120.89 100.28 35.11
C THR J 928 -119.67 101.10 35.47
N LEU J 929 -119.87 102.34 35.95
CA LEU J 929 -118.76 103.14 36.43
C LEU J 929 -118.14 102.52 37.68
N LYS J 930 -118.97 101.96 38.57
CA LYS J 930 -118.45 101.27 39.73
C LYS J 930 -117.63 100.05 39.33
N THR J 931 -118.11 99.29 38.34
CA THR J 931 -117.34 98.17 37.82
C THR J 931 -116.17 98.64 36.95
N LEU J 932 -116.21 99.89 36.46
CA LEU J 932 -115.19 100.38 35.54
C LEU J 932 -113.80 100.34 36.18
N LEU J 933 -113.72 100.42 37.51
CA LEU J 933 -112.43 100.26 38.17
C LEU J 933 -111.89 98.85 37.97
N ALA J 934 -112.78 97.84 38.01
CA ALA J 934 -112.38 96.47 37.73
C ALA J 934 -112.01 96.25 36.28
N LEU J 935 -112.41 97.16 35.38
CA LEU J 935 -112.04 97.05 33.97
C LEU J 935 -110.56 97.31 33.74
N GLY J 936 -109.84 97.83 34.73
CA GLY J 936 -108.42 98.10 34.57
C GLY J 936 -108.10 99.34 33.76
N CYS J 937 -109.08 100.19 33.49
CA CYS J 937 -108.84 101.39 32.70
C CYS J 937 -108.10 102.43 33.53
N HIS J 938 -107.43 103.35 32.83
CA HIS J 938 -106.67 104.43 33.44
C HIS J 938 -107.46 105.72 33.20
N VAL J 939 -108.39 106.00 34.11
CA VAL J 939 -109.30 107.13 33.98
C VAL J 939 -109.29 107.94 35.27
N GLY J 940 -109.37 109.25 35.14
CA GLY J 940 -109.48 110.14 36.28
C GLY J 940 -110.11 111.45 35.90
N MET J 941 -111.19 111.83 36.60
CA MET J 941 -111.93 113.03 36.25
C MET J 941 -111.11 114.25 36.66
N ALA J 942 -110.42 114.85 35.68
CA ALA J 942 -109.57 116.00 35.97
C ALA J 942 -109.61 117.06 34.88
N ASP J 943 -110.51 116.97 33.90
CA ASP J 943 -110.56 117.93 32.82
C ASP J 943 -110.86 119.33 33.34
N GLU J 944 -112.09 119.52 33.85
CA GLU J 944 -112.51 120.79 34.45
C GLU J 944 -112.24 121.99 33.53
N LYS J 945 -112.44 121.80 32.23
CA LYS J 945 -112.26 122.90 31.29
C LYS J 945 -113.45 123.84 31.37
N ALA J 946 -113.38 124.82 32.29
CA ALA J 946 -114.44 125.79 32.55
C ALA J 946 -115.69 125.11 33.10
N GLU J 947 -115.66 123.79 33.23
CA GLU J 947 -116.70 122.98 33.85
C GLU J 947 -118.03 123.06 33.10
N ASP J 948 -118.06 123.84 32.01
CA ASP J 948 -119.27 123.95 31.21
C ASP J 948 -118.98 124.05 29.71
N ASN J 949 -117.74 123.88 29.28
CA ASN J 949 -117.39 124.04 27.88
C ASN J 949 -118.00 122.97 26.99
N LEU J 950 -118.55 121.90 27.57
CA LEU J 950 -119.20 120.87 26.79
C LEU J 950 -120.52 121.39 26.24
N LYS J 951 -120.50 121.94 25.03
CA LYS J 951 -121.67 122.57 24.44
C LYS J 951 -122.45 121.59 23.58
N LYS J 952 -123.77 121.76 23.57
CA LYS J 952 -124.67 120.85 22.88
C LYS J 952 -124.86 121.29 21.43
N THR J 953 -125.33 120.35 20.61
CA THR J 953 -125.61 120.57 19.20
C THR J 953 -127.11 120.44 18.98
N LYS J 954 -127.73 121.49 18.46
CA LYS J 954 -129.19 121.54 18.40
C LYS J 954 -129.61 122.34 17.17
N LEU J 955 -130.88 122.75 17.15
CA LEU J 955 -131.53 123.54 16.11
C LEU J 955 -131.55 122.88 14.73
N PRO J 956 -131.97 121.60 14.61
CA PRO J 956 -132.25 121.04 13.27
C PRO J 956 -133.73 121.20 12.88
N LYS J 957 -134.07 122.42 12.47
CA LYS J 957 -135.46 122.82 12.18
C LYS J 957 -136.27 122.81 13.47
N THR J 958 -137.57 122.52 13.37
CA THR J 958 -138.43 122.57 14.55
C THR J 958 -137.92 121.66 15.67
N TYR J 959 -137.88 120.35 15.44
CA TYR J 959 -137.19 119.38 16.28
C TYR J 959 -137.64 119.43 17.74
N MET J 960 -138.76 120.09 18.04
CA MET J 960 -139.16 120.36 19.42
C MET J 960 -140.51 119.71 19.68
N MET J 961 -140.70 119.24 20.91
CA MET J 961 -141.82 118.40 21.30
C MET J 961 -142.78 119.19 22.19
N SER J 962 -143.76 118.48 22.75
CA SER J 962 -144.57 119.07 23.82
C SER J 962 -143.79 119.20 25.13
N ASN J 963 -142.78 118.35 25.36
CA ASN J 963 -142.02 118.40 26.60
C ASN J 963 -141.03 119.57 26.63
N GLY J 964 -140.54 119.99 25.47
CA GLY J 964 -139.53 121.00 25.39
C GLY J 964 -138.11 120.46 25.44
N TYR J 965 -137.92 119.16 25.26
CA TYR J 965 -136.59 118.58 25.32
C TYR J 965 -135.69 119.12 24.21
N LYS J 966 -136.16 119.02 22.96
CA LYS J 966 -135.38 119.36 21.77
C LYS J 966 -133.98 118.77 21.90
N PRO J 967 -133.84 117.44 21.75
CA PRO J 967 -132.60 116.77 22.14
C PRO J 967 -131.37 117.39 21.50
N ALA J 968 -130.29 117.49 22.29
CA ALA J 968 -129.08 118.19 21.88
C ALA J 968 -127.90 117.53 22.57
N PRO J 969 -127.27 116.55 21.93
CA PRO J 969 -126.07 115.94 22.52
C PRO J 969 -124.97 116.97 22.73
N LEU J 970 -124.23 116.80 23.82
CA LEU J 970 -123.21 117.75 24.23
C LEU J 970 -121.96 117.59 23.36
N ASP J 971 -120.83 118.14 23.83
CA ASP J 971 -119.60 118.21 23.05
C ASP J 971 -118.69 117.00 23.26
N LEU J 972 -119.27 115.84 23.56
CA LEU J 972 -118.50 114.61 23.62
C LEU J 972 -118.27 114.04 22.22
N SER J 973 -117.82 114.88 21.30
CA SER J 973 -117.56 114.48 19.92
C SER J 973 -116.09 114.49 19.56
N HIS J 974 -115.31 115.45 20.07
CA HIS J 974 -113.89 115.54 19.77
C HIS J 974 -113.06 114.80 20.81
N VAL J 975 -113.40 113.54 21.06
CA VAL J 975 -112.66 112.67 21.97
C VAL J 975 -112.35 111.39 21.20
N ARG J 976 -111.11 111.28 20.72
CA ARG J 976 -110.69 110.18 19.87
C ARG J 976 -110.13 108.99 20.65
N LEU J 977 -110.44 108.89 21.94
CA LEU J 977 -110.14 107.73 22.79
C LEU J 977 -108.68 107.30 22.73
N THR J 978 -108.39 106.10 23.24
CA THR J 978 -107.06 105.54 23.34
C THR J 978 -107.06 104.13 22.79
N PRO J 979 -105.90 103.61 22.37
CA PRO J 979 -105.84 102.23 21.87
C PRO J 979 -106.49 101.22 22.79
N ALA J 980 -106.33 101.37 24.11
CA ALA J 980 -107.05 100.50 25.04
C ALA J 980 -108.54 100.81 25.05
N GLN J 981 -108.90 102.10 24.94
CA GLN J 981 -110.30 102.47 24.96
C GLN J 981 -111.06 101.93 23.76
N THR J 982 -110.38 101.72 22.64
CA THR J 982 -111.02 101.07 21.50
C THR J 982 -111.49 99.67 21.85
N THR J 983 -110.76 98.98 22.71
CA THR J 983 -111.17 97.67 23.22
C THR J 983 -111.87 97.73 24.57
N LEU J 984 -111.53 98.74 25.40
CA LEU J 984 -112.20 98.88 26.68
C LEU J 984 -113.70 99.14 26.50
N VAL J 985 -114.05 99.98 25.53
CA VAL J 985 -115.47 100.17 25.21
C VAL J 985 -116.08 98.87 24.72
N ASP J 986 -115.35 98.14 23.86
CA ASP J 986 -115.81 96.82 23.43
C ASP J 986 -115.85 95.85 24.59
N ARG J 987 -114.85 95.88 25.47
CA ARG J 987 -114.85 95.01 26.65
C ARG J 987 -116.03 95.34 27.55
N LEU J 988 -116.31 96.63 27.76
CA LEU J 988 -117.50 97.01 28.49
C LEU J 988 -118.76 96.58 27.75
N ALA J 989 -118.77 96.70 26.43
CA ALA J 989 -119.91 96.24 25.63
C ALA J 989 -120.10 94.74 25.77
N GLU J 990 -118.99 93.98 25.82
CA GLU J 990 -119.09 92.55 26.04
C GLU J 990 -119.71 92.24 27.39
N ASN J 991 -119.35 93.01 28.42
CA ASN J 991 -119.95 92.83 29.74
C ASN J 991 -121.45 93.10 29.70
N GLY J 992 -121.85 94.15 28.97
CA GLY J 992 -123.27 94.47 28.88
C GLY J 992 -124.07 93.37 28.21
N HIS J 993 -123.54 92.82 27.13
CA HIS J 993 -124.19 91.69 26.47
C HIS J 993 -124.21 90.47 27.38
N ASN J 994 -123.11 90.21 28.09
CA ASN J 994 -123.04 89.07 28.99
C ASN J 994 -123.96 89.24 30.19
N VAL J 995 -124.00 90.45 30.76
CA VAL J 995 -124.87 90.69 31.92
C VAL J 995 -126.32 90.49 31.55
N TRP J 996 -126.74 91.06 30.41
CA TRP J 996 -128.11 90.87 29.95
C TRP J 996 -128.38 89.42 29.61
N ALA J 997 -127.37 88.69 29.13
CA ALA J 997 -127.53 87.27 28.85
C ALA J 997 -127.84 86.50 30.13
N ARG J 998 -127.14 86.82 31.22
CA ARG J 998 -127.43 86.18 32.49
C ARG J 998 -128.83 86.51 32.97
N ASP J 999 -129.27 87.76 32.77
CA ASP J 999 -130.63 88.14 33.14
C ASP J 999 -131.65 87.38 32.32
N ARG J 1000 -131.40 87.26 31.01
CA ARG J 1000 -132.31 86.48 30.16
C ARG J 1000 -132.29 85.00 30.55
N VAL J 1001 -131.11 84.47 30.87
CA VAL J 1001 -130.99 83.06 31.25
C VAL J 1001 -131.70 82.80 32.57
N ALA J 1002 -131.73 83.78 33.46
CA ALA J 1002 -132.36 83.59 34.77
C ALA J 1002 -133.84 83.28 34.63
N GLN J 1003 -134.53 83.96 33.71
CA GLN J 1003 -135.95 83.73 33.51
C GLN J 1003 -136.18 82.56 32.56
N GLY J 1004 -135.58 81.41 32.86
CA GLY J 1004 -135.75 80.22 32.04
C GLY J 1004 -135.29 80.39 30.61
N TRP J 1005 -134.11 80.99 30.43
CA TRP J 1005 -133.56 81.30 29.11
C TRP J 1005 -134.55 82.14 28.30
N SER J 1006 -134.89 83.30 28.86
CA SER J 1006 -135.86 84.23 28.32
C SER J 1006 -137.26 83.64 28.19
N TYR J 1007 -137.51 82.49 28.83
CA TYR J 1007 -138.81 81.83 28.81
C TYR J 1007 -139.29 81.56 27.40
N SER J 1008 -138.36 81.18 26.53
CA SER J 1008 -138.64 80.88 25.12
C SER J 1008 -139.36 82.05 24.45
N ALA J 1009 -140.58 81.83 23.99
CA ALA J 1009 -141.37 82.88 23.35
C ALA J 1009 -142.85 82.71 23.69
N ARG J 1020 -133.12 84.69 21.99
CA ARG J 1020 -132.44 84.56 20.72
C ARG J 1020 -131.14 85.34 20.69
N LEU J 1021 -130.40 85.29 21.79
CA LEU J 1021 -129.12 85.99 21.92
C LEU J 1021 -128.07 85.00 22.41
N VAL J 1022 -126.89 85.04 21.79
CA VAL J 1022 -125.82 84.11 22.10
C VAL J 1022 -124.72 84.81 22.88
N PRO J 1023 -123.69 84.09 23.34
CA PRO J 1023 -122.63 84.74 24.12
C PRO J 1023 -121.85 85.74 23.29
N TYR J 1024 -121.25 86.70 23.99
CA TYR J 1024 -120.47 87.74 23.31
C TYR J 1024 -119.28 87.15 22.59
N ARG J 1025 -118.89 87.80 21.49
CA ARG J 1025 -117.77 87.43 20.62
C ARG J 1025 -118.12 86.19 19.80
N LEU J 1026 -119.26 85.57 20.11
CA LEU J 1026 -119.80 84.48 19.30
C LEU J 1026 -121.08 84.87 18.57
N LEU J 1027 -121.67 86.00 18.92
CA LEU J 1027 -122.96 86.41 18.38
C LEU J 1027 -122.79 86.91 16.93
N ASP J 1028 -123.86 87.47 16.39
CA ASP J 1028 -123.88 87.91 15.00
C ASP J 1028 -123.04 89.17 14.83
N GLU J 1029 -123.06 89.73 13.62
CA GLU J 1029 -122.33 90.96 13.32
C GLU J 1029 -123.18 92.20 13.54
N ALA J 1030 -124.49 92.12 13.25
CA ALA J 1030 -125.37 93.27 13.43
C ALA J 1030 -125.43 93.71 14.89
N THR J 1031 -125.56 92.75 15.80
CA THR J 1031 -125.60 93.09 17.22
C THR J 1031 -124.29 93.71 17.69
N LYS J 1032 -123.17 93.34 17.05
CA LYS J 1032 -121.88 93.94 17.39
C LYS J 1032 -121.76 95.39 16.98
N ARG J 1033 -122.68 95.90 16.16
CA ARG J 1033 -122.61 97.27 15.67
C ARG J 1033 -123.32 98.25 16.58
N SER J 1034 -124.58 97.97 16.95
CA SER J 1034 -125.36 98.91 17.74
C SER J 1034 -124.77 99.11 19.12
N ASN J 1035 -124.30 98.03 19.76
CA ASN J 1035 -123.83 98.11 21.13
C ASN J 1035 -122.58 98.97 21.29
N ARG J 1036 -121.80 99.17 20.22
CA ARG J 1036 -120.61 99.99 20.33
C ARG J 1036 -120.98 101.47 20.43
N ASP J 1037 -121.81 101.94 19.49
CA ASP J 1037 -122.15 103.37 19.44
C ASP J 1037 -122.96 103.78 20.67
N SER J 1038 -123.89 102.93 21.12
CA SER J 1038 -124.72 103.28 22.26
C SER J 1038 -123.88 103.47 23.52
N LEU J 1039 -122.96 102.55 23.78
CA LEU J 1039 -122.08 102.69 24.93
C LEU J 1039 -121.00 103.75 24.72
N CYS J 1040 -120.63 104.03 23.47
CA CYS J 1040 -119.58 105.01 23.21
C CYS J 1040 -119.98 106.39 23.73
N GLN J 1041 -121.22 106.81 23.45
CA GLN J 1041 -121.67 108.13 23.89
C GLN J 1041 -121.58 108.26 25.41
N ALA J 1042 -121.94 107.20 26.14
CA ALA J 1042 -121.72 107.19 27.58
C ALA J 1042 -120.23 107.24 27.91
N VAL J 1043 -119.41 106.56 27.11
CA VAL J 1043 -117.97 106.51 27.35
C VAL J 1043 -117.27 107.76 26.83
N ARG J 1044 -117.88 108.53 25.93
CA ARG J 1044 -117.24 109.73 25.40
C ARG J 1044 -117.13 110.84 26.43
N THR J 1045 -117.76 110.70 27.61
CA THR J 1045 -117.65 111.71 28.65
C THR J 1045 -116.25 111.79 29.22
N LEU J 1046 -115.37 110.85 28.90
CA LEU J 1046 -113.98 110.90 29.32
C LEU J 1046 -113.33 112.18 28.83
N LEU J 1047 -112.46 112.75 29.67
CA LEU J 1047 -111.78 114.01 29.42
C LEU J 1047 -112.74 115.19 29.28
N GLY J 1048 -114.00 115.01 29.67
CA GLY J 1048 -114.97 116.10 29.65
C GLY J 1048 -115.35 116.54 31.04
N TYR J 1049 -115.37 115.61 31.99
CA TYR J 1049 -115.71 115.92 33.37
C TYR J 1049 -114.50 115.67 34.28
N ASP J 1070 -102.02 67.31 17.55
CA ASP J 1070 -102.83 68.22 18.36
C ASP J 1070 -102.40 69.66 18.16
N ARG J 1071 -101.13 69.84 17.80
CA ARG J 1071 -100.56 71.17 17.59
C ARG J 1071 -100.09 71.39 16.16
N VAL J 1072 -99.30 70.45 15.63
CA VAL J 1072 -98.83 70.53 14.25
C VAL J 1072 -99.01 69.16 13.59
N ARG J 1073 -99.11 69.18 12.26
CA ARG J 1073 -99.26 67.97 11.44
C ARG J 1073 -98.22 68.06 10.33
N ILE J 1074 -97.03 67.52 10.58
CA ILE J 1074 -95.93 67.63 9.64
C ILE J 1074 -96.09 66.61 8.52
N PHE J 1075 -95.42 66.85 7.40
CA PHE J 1075 -95.45 65.96 6.25
C PHE J 1075 -94.04 65.78 5.72
N ARG J 1076 -93.78 64.61 5.16
CA ARG J 1076 -92.48 64.29 4.59
C ARG J 1076 -92.68 63.32 3.44
N ALA J 1077 -91.60 62.99 2.74
CA ALA J 1077 -91.55 61.88 1.77
C ALA J 1077 -91.05 60.60 2.43
N GLU J 1078 -91.40 59.42 1.88
CA GLU J 1078 -90.89 58.14 2.36
C GLU J 1078 -89.37 58.08 2.19
N LYS J 1079 -88.71 57.41 3.14
CA LYS J 1079 -87.25 57.46 3.23
C LYS J 1079 -86.56 56.38 2.40
N SER J 1080 -86.92 56.31 1.11
CA SER J 1080 -86.10 55.61 0.12
C SER J 1080 -85.89 56.44 -1.13
N TYR J 1081 -86.39 57.68 -1.16
CA TYR J 1081 -85.94 58.76 -2.06
C TYR J 1081 -84.78 59.57 -1.46
N THR J 1082 -84.18 59.12 -0.35
CA THR J 1082 -83.08 59.84 0.32
C THR J 1082 -81.95 60.10 -0.66
N VAL J 1083 -81.67 61.37 -0.94
CA VAL J 1083 -80.75 61.77 -2.01
C VAL J 1083 -79.38 62.12 -1.44
N GLN J 1084 -78.29 61.73 -2.11
CA GLN J 1084 -76.93 61.83 -1.60
C GLN J 1084 -75.96 62.48 -2.57
N SER J 1085 -76.42 62.84 -3.77
CA SER J 1085 -75.59 63.53 -4.74
C SER J 1085 -76.44 64.13 -5.86
N GLY J 1086 -76.18 65.38 -6.21
CA GLY J 1086 -76.85 66.05 -7.30
C GLY J 1086 -77.43 67.37 -6.87
N ARG J 1087 -78.22 67.96 -7.77
CA ARG J 1087 -78.84 69.25 -7.53
C ARG J 1087 -80.33 69.12 -7.86
N TRP J 1088 -81.15 69.47 -6.88
CA TRP J 1088 -82.56 69.10 -6.82
C TRP J 1088 -83.43 70.30 -6.44
N TYR J 1089 -84.70 70.28 -6.76
CA TYR J 1089 -85.54 71.45 -6.52
C TYR J 1089 -86.99 71.05 -6.29
N PHE J 1090 -87.70 71.83 -5.50
CA PHE J 1090 -89.15 71.73 -5.35
C PHE J 1090 -89.69 73.07 -4.88
N GLU J 1091 -90.98 73.30 -5.07
CA GLU J 1091 -91.61 74.54 -4.62
C GLU J 1091 -92.79 74.25 -3.71
N PHE J 1092 -93.15 75.27 -2.92
CA PHE J 1092 -94.26 75.21 -1.99
C PHE J 1092 -95.26 76.31 -2.31
N GLU J 1093 -96.53 76.03 -2.06
CA GLU J 1093 -97.61 76.97 -2.33
C GLU J 1093 -98.47 77.11 -1.09
N ALA J 1094 -98.71 78.34 -0.66
CA ALA J 1094 -99.53 78.63 0.50
C ALA J 1094 -100.65 79.57 0.14
N VAL J 1095 -101.78 79.44 0.82
CA VAL J 1095 -102.93 80.30 0.57
C VAL J 1095 -103.01 81.35 1.68
N THR J 1096 -103.10 80.88 2.92
CA THR J 1096 -103.16 81.78 4.06
C THR J 1096 -101.76 82.22 4.45
N THR J 1097 -101.63 82.90 5.59
CA THR J 1097 -100.37 83.43 6.07
C THR J 1097 -100.18 83.04 7.55
N GLY J 1098 -100.35 81.76 7.84
CA GLY J 1098 -100.19 81.28 9.20
C GLY J 1098 -98.75 80.97 9.55
N GLU J 1099 -98.49 79.78 10.07
CA GLU J 1099 -97.15 79.35 10.45
C GLU J 1099 -96.78 78.12 9.63
N MET J 1100 -95.84 78.28 8.69
CA MET J 1100 -95.41 77.21 7.80
C MET J 1100 -93.93 76.95 8.02
N ARG J 1101 -93.56 75.68 8.02
CA ARG J 1101 -92.16 75.27 8.08
C ARG J 1101 -91.79 74.58 6.79
N VAL J 1102 -90.74 75.07 6.13
CA VAL J 1102 -90.31 74.58 4.83
C VAL J 1102 -88.80 74.40 4.84
N GLY J 1103 -88.35 73.25 4.36
CA GLY J 1103 -86.92 73.00 4.31
C GLY J 1103 -86.65 71.55 3.99
N TRP J 1104 -85.41 71.13 4.19
CA TRP J 1104 -84.96 69.75 4.03
C TRP J 1104 -84.84 69.09 5.39
N ALA J 1105 -84.73 67.77 5.42
CA ALA J 1105 -84.66 67.04 6.68
C ALA J 1105 -83.91 65.74 6.48
N ARG J 1106 -83.27 65.29 7.56
CA ARG J 1106 -82.62 63.99 7.56
C ARG J 1106 -83.66 62.89 7.73
N PRO J 1107 -83.37 61.68 7.23
CA PRO J 1107 -84.39 60.63 7.26
C PRO J 1107 -84.85 60.22 8.66
N GLU J 1108 -84.05 60.49 9.69
CA GLU J 1108 -84.41 60.08 11.05
C GLU J 1108 -85.22 61.19 11.74
N LEU J 1109 -86.33 61.54 11.13
CA LEU J 1109 -87.18 62.61 11.65
C LEU J 1109 -88.05 62.08 12.78
N ARG J 1110 -87.75 62.49 14.00
CA ARG J 1110 -88.50 62.05 15.17
C ARG J 1110 -89.76 62.90 15.33
N PRO J 1111 -90.96 62.30 15.40
CA PRO J 1111 -92.17 63.10 15.63
C PRO J 1111 -92.28 63.61 17.05
N ASP J 1112 -93.37 64.30 17.37
CA ASP J 1112 -93.61 64.96 18.65
C ASP J 1112 -92.55 66.00 18.99
N VAL J 1113 -91.75 66.42 18.03
CA VAL J 1113 -90.73 67.44 18.22
C VAL J 1113 -90.87 68.47 17.13
N GLU J 1114 -90.96 69.75 17.51
CA GLU J 1114 -90.99 70.80 16.51
C GLU J 1114 -89.70 70.78 15.71
N LEU J 1115 -89.84 70.77 14.39
CA LEU J 1115 -88.67 70.65 13.53
C LEU J 1115 -87.87 71.94 13.51
N GLY J 1116 -86.56 71.80 13.32
CA GLY J 1116 -85.66 72.94 13.30
C GLY J 1116 -85.09 73.31 14.66
N ALA J 1117 -85.55 72.69 15.74
CA ALA J 1117 -85.01 72.99 17.06
C ALA J 1117 -83.67 72.33 17.32
N ASP J 1118 -83.24 71.43 16.44
CA ASP J 1118 -81.96 70.75 16.59
C ASP J 1118 -81.41 70.45 15.21
N GLU J 1119 -80.44 69.54 15.14
CA GLU J 1119 -79.72 69.21 13.92
C GLU J 1119 -80.50 68.30 12.98
N LEU J 1120 -81.67 67.81 13.38
CA LEU J 1120 -82.38 66.83 12.56
C LEU J 1120 -82.85 67.43 11.24
N ALA J 1121 -83.30 68.68 11.25
CA ALA J 1121 -83.89 69.26 10.05
C ALA J 1121 -83.45 70.71 9.90
N TYR J 1122 -83.12 71.08 8.66
CA TYR J 1122 -82.86 72.46 8.29
C TYR J 1122 -84.13 73.04 7.70
N VAL J 1123 -84.66 74.08 8.31
CA VAL J 1123 -85.99 74.58 7.96
C VAL J 1123 -85.99 76.10 7.99
N PHE J 1124 -86.86 76.71 7.18
CA PHE J 1124 -87.06 78.15 7.15
C PHE J 1124 -88.51 78.47 7.47
N ASN J 1125 -88.70 79.47 8.33
CA ASN J 1125 -90.04 79.95 8.68
C ASN J 1125 -90.18 81.37 8.15
N GLY J 1126 -91.09 81.56 7.20
CA GLY J 1126 -91.37 82.84 6.61
C GLY J 1126 -92.45 83.65 7.29
N HIS J 1127 -92.95 83.21 8.45
CA HIS J 1127 -93.91 84.02 9.18
C HIS J 1127 -93.23 85.20 9.85
N ARG J 1128 -92.06 84.97 10.46
CA ARG J 1128 -91.31 86.01 11.14
C ARG J 1128 -89.91 86.16 10.57
N GLY J 1129 -89.65 85.58 9.40
CA GLY J 1129 -88.33 85.62 8.82
C GLY J 1129 -87.28 84.90 9.65
N GLN J 1130 -87.57 83.67 10.06
CA GLN J 1130 -86.68 82.90 10.91
C GLN J 1130 -86.28 81.60 10.22
N ARG J 1131 -85.02 81.22 10.38
CA ARG J 1131 -84.51 79.92 9.98
C ARG J 1131 -84.10 79.17 11.24
N TRP J 1132 -84.53 77.92 11.37
CA TRP J 1132 -84.34 77.14 12.59
C TRP J 1132 -83.37 76.00 12.36
N HIS J 1133 -82.27 76.01 13.10
CA HIS J 1133 -81.37 74.87 13.22
C HIS J 1133 -80.59 75.06 14.51
N LEU J 1134 -80.83 74.18 15.48
CA LEU J 1134 -80.30 74.31 16.83
C LEU J 1134 -80.81 75.59 17.51
N GLY J 1135 -81.94 76.11 17.06
CA GLY J 1135 -82.47 77.38 17.53
C GLY J 1135 -82.79 78.31 16.38
N SER J 1136 -83.52 79.36 16.71
CA SER J 1136 -83.98 80.31 15.70
C SER J 1136 -82.88 81.30 15.35
N GLU J 1137 -83.07 81.98 14.20
CA GLU J 1137 -82.17 82.97 13.64
C GLU J 1137 -82.96 83.86 12.69
N PRO J 1138 -82.81 85.19 12.77
CA PRO J 1138 -83.55 86.07 11.87
C PRO J 1138 -83.02 85.98 10.44
N PHE J 1139 -83.90 85.69 9.49
CA PHE J 1139 -83.48 85.51 8.10
C PHE J 1139 -84.68 85.72 7.19
N GLY J 1140 -84.66 86.77 6.39
CA GLY J 1140 -85.71 87.01 5.42
C GLY J 1140 -86.88 87.80 5.98
N ARG J 1141 -87.81 88.09 5.09
CA ARG J 1141 -88.98 88.90 5.39
C ARG J 1141 -90.21 88.01 5.56
N PRO J 1142 -91.25 88.50 6.23
CA PRO J 1142 -92.49 87.72 6.37
C PRO J 1142 -93.19 87.48 5.04
N TRP J 1143 -94.32 86.80 5.09
CA TRP J 1143 -95.03 86.37 3.89
C TRP J 1143 -96.01 87.45 3.40
N GLN J 1144 -96.57 87.17 2.23
CA GLN J 1144 -97.80 87.80 1.74
C GLN J 1144 -98.73 86.67 1.33
N SER J 1145 -99.73 86.96 0.51
CA SER J 1145 -100.53 85.88 -0.07
C SER J 1145 -99.76 85.23 -1.21
N GLY J 1146 -100.15 83.99 -1.54
CA GLY J 1146 -99.49 83.25 -2.60
C GLY J 1146 -98.31 82.43 -2.13
N ASP J 1147 -97.23 83.10 -1.73
CA ASP J 1147 -96.08 82.47 -1.08
C ASP J 1147 -95.53 81.30 -1.89
N VAL J 1148 -95.05 81.62 -3.08
CA VAL J 1148 -94.43 80.64 -3.95
C VAL J 1148 -92.95 80.59 -3.57
N VAL J 1149 -92.58 79.57 -2.81
CA VAL J 1149 -91.22 79.45 -2.29
C VAL J 1149 -90.64 78.10 -2.70
N GLY J 1150 -89.36 78.11 -3.08
CA GLY J 1150 -88.67 76.89 -3.45
C GLY J 1150 -87.42 76.69 -2.61
N CYS J 1151 -86.83 75.50 -2.73
CA CYS J 1151 -85.67 75.13 -1.92
C CYS J 1151 -84.53 74.70 -2.83
N MET J 1152 -83.41 75.39 -2.73
CA MET J 1152 -82.22 75.05 -3.51
C MET J 1152 -81.43 74.01 -2.73
N ILE J 1153 -80.64 73.21 -3.43
CA ILE J 1153 -79.76 72.29 -2.72
C ILE J 1153 -78.59 71.84 -3.60
N ASP J 1154 -77.39 71.86 -3.05
CA ASP J 1154 -76.21 71.45 -3.82
C ASP J 1154 -75.24 70.79 -2.85
N LEU J 1155 -75.13 69.46 -2.93
CA LEU J 1155 -74.24 68.73 -2.05
C LEU J 1155 -72.78 68.82 -2.46
N THR J 1156 -72.48 69.30 -3.67
CA THR J 1156 -71.09 69.42 -4.08
C THR J 1156 -70.35 70.43 -3.20
N GLU J 1157 -70.91 71.62 -3.03
CA GLU J 1157 -70.35 72.63 -2.14
C GLU J 1157 -71.04 72.64 -0.78
N ASN J 1158 -72.00 71.76 -0.55
CA ASN J 1158 -72.66 71.62 0.75
C ASN J 1158 -73.32 72.93 1.17
N THR J 1159 -74.28 73.38 0.35
CA THR J 1159 -74.92 74.67 0.56
C THR J 1159 -76.41 74.56 0.25
N ILE J 1160 -77.22 75.25 1.05
CA ILE J 1160 -78.67 75.28 0.89
C ILE J 1160 -79.09 76.74 0.71
N ILE J 1161 -79.91 76.99 -0.31
CA ILE J 1161 -80.37 78.33 -0.64
C ILE J 1161 -81.89 78.32 -0.69
N PHE J 1162 -82.52 79.43 -0.32
CA PHE J 1162 -83.95 79.58 -0.44
C PHE J 1162 -84.27 80.72 -1.40
N THR J 1163 -85.39 80.60 -2.12
CA THR J 1163 -85.82 81.62 -3.06
C THR J 1163 -87.30 81.90 -2.81
N LEU J 1164 -87.64 83.19 -2.76
CA LEU J 1164 -89.03 83.63 -2.59
C LEU J 1164 -89.47 84.35 -3.86
N ASN J 1165 -90.55 83.86 -4.46
CA ASN J 1165 -91.07 84.42 -5.71
C ASN J 1165 -89.97 84.50 -6.77
N GLY J 1166 -89.14 83.47 -6.81
CA GLY J 1166 -88.01 83.46 -7.72
C GLY J 1166 -86.96 84.50 -7.40
N GLU J 1167 -86.72 84.77 -6.11
CA GLU J 1167 -85.71 85.74 -5.69
C GLU J 1167 -85.04 85.22 -4.42
N VAL J 1168 -83.70 85.12 -4.47
CA VAL J 1168 -82.96 84.59 -3.35
C VAL J 1168 -83.02 85.57 -2.18
N LEU J 1169 -83.11 85.04 -0.96
CA LEU J 1169 -83.16 85.87 0.24
C LEU J 1169 -81.74 86.09 0.77
N MET J 1170 -81.39 87.34 0.99
CA MET J 1170 -80.08 87.69 1.52
C MET J 1170 -80.02 87.37 3.01
N SER J 1171 -78.79 87.31 3.51
CA SER J 1171 -78.55 87.07 4.93
C SER J 1171 -78.60 88.40 5.68
N ASP J 1172 -78.19 88.39 6.94
CA ASP J 1172 -78.17 89.62 7.74
C ASP J 1172 -77.22 90.64 7.11
N SER J 1173 -76.00 90.23 6.80
CA SER J 1173 -75.06 91.08 6.09
C SER J 1173 -75.13 90.91 4.59
N GLY J 1174 -75.83 89.90 4.10
CA GLY J 1174 -75.94 89.64 2.68
C GLY J 1174 -75.01 88.53 2.22
N SER J 1175 -75.55 87.33 2.05
CA SER J 1175 -74.78 86.18 1.62
C SER J 1175 -75.74 85.14 1.04
N GLU J 1176 -75.24 83.94 0.80
CA GLU J 1176 -76.03 82.88 0.18
C GLU J 1176 -76.66 82.00 1.27
N THR J 1177 -77.64 82.60 1.95
CA THR J 1177 -78.55 81.90 2.87
C THR J 1177 -77.81 81.42 4.12
N ALA J 1178 -76.50 81.63 4.16
CA ALA J 1178 -75.69 81.38 5.35
C ALA J 1178 -75.72 79.92 5.79
N PHE J 1179 -76.41 79.06 5.04
CA PHE J 1179 -76.46 77.63 5.34
C PHE J 1179 -75.36 76.96 4.54
N ARG J 1180 -74.22 76.70 5.18
CA ARG J 1180 -73.10 76.10 4.48
C ARG J 1180 -72.46 75.05 5.38
N GLU J 1181 -71.58 74.25 4.77
CA GLU J 1181 -70.83 73.21 5.46
C GLU J 1181 -71.77 72.20 6.11
N ILE J 1182 -72.47 71.47 5.25
CA ILE J 1182 -73.44 70.45 5.66
C ILE J 1182 -72.89 69.09 5.25
N GLU J 1183 -72.99 68.12 6.16
CA GLU J 1183 -72.50 66.77 5.91
C GLU J 1183 -73.56 65.93 5.22
N ILE J 1184 -73.12 65.03 4.34
CA ILE J 1184 -74.05 64.21 3.58
C ILE J 1184 -74.83 63.29 4.50
N GLY J 1185 -74.14 62.58 5.38
CA GLY J 1185 -74.78 61.67 6.31
C GLY J 1185 -75.58 60.57 5.64
N ASP J 1186 -76.89 60.57 5.84
CA ASP J 1186 -77.80 59.61 5.23
C ASP J 1186 -78.75 60.26 4.23
N GLY J 1187 -78.27 61.27 3.52
CA GLY J 1187 -79.10 61.95 2.56
C GLY J 1187 -80.08 62.91 3.21
N PHE J 1188 -80.95 63.48 2.37
CA PHE J 1188 -82.01 64.41 2.75
C PHE J 1188 -83.33 64.13 2.03
N LEU J 1189 -84.43 64.59 2.60
CA LEU J 1189 -85.80 64.49 2.08
C LEU J 1189 -86.51 65.85 2.12
N PRO J 1190 -87.40 66.18 1.17
CA PRO J 1190 -88.33 67.28 1.32
C PRO J 1190 -89.18 67.09 2.57
N VAL J 1191 -89.37 68.14 3.38
CA VAL J 1191 -90.26 68.10 4.54
C VAL J 1191 -91.08 69.39 4.55
N CYS J 1192 -92.28 69.30 5.10
CA CYS J 1192 -93.16 70.45 5.22
C CYS J 1192 -94.12 70.22 6.37
N SER J 1193 -94.37 71.27 7.14
CA SER J 1193 -95.32 71.25 8.23
C SER J 1193 -96.46 72.22 7.94
N LEU J 1194 -97.42 72.28 8.86
CA LEU J 1194 -98.55 73.19 8.71
C LEU J 1194 -99.09 73.51 10.09
N GLY J 1195 -99.28 74.78 10.39
CA GLY J 1195 -99.96 75.18 11.59
C GLY J 1195 -101.45 75.02 11.45
N PRO J 1196 -102.16 75.24 12.56
CA PRO J 1196 -103.61 75.04 12.53
C PRO J 1196 -104.31 75.97 11.55
N GLY J 1197 -105.35 75.44 10.90
CA GLY J 1197 -106.21 76.21 10.03
C GLY J 1197 -105.65 76.53 8.67
N GLN J 1198 -104.33 76.51 8.49
CA GLN J 1198 -103.74 76.89 7.22
C GLN J 1198 -103.74 75.71 6.25
N VAL J 1199 -103.38 75.99 5.00
CA VAL J 1199 -103.37 74.99 3.94
C VAL J 1199 -102.11 75.17 3.09
N GLY J 1200 -101.51 74.05 2.69
CA GLY J 1200 -100.32 74.09 1.86
C GLY J 1200 -100.51 73.22 0.63
N HIS J 1201 -99.70 73.52 -0.39
CA HIS J 1201 -99.76 72.82 -1.67
C HIS J 1201 -98.34 72.58 -2.17
N LEU J 1202 -97.86 71.34 -2.04
CA LEU J 1202 -96.53 71.01 -2.52
C LEU J 1202 -96.53 70.79 -4.03
N ASN J 1203 -95.33 70.86 -4.61
CA ASN J 1203 -95.13 70.60 -6.03
C ASN J 1203 -93.74 69.99 -6.18
N LEU J 1204 -93.63 68.66 -6.30
CA LEU J 1204 -92.32 68.01 -6.50
C LEU J 1204 -91.87 68.02 -7.98
N GLY J 1205 -92.65 68.63 -8.87
CA GLY J 1205 -92.24 68.88 -10.26
C GLY J 1205 -92.33 67.67 -11.19
N GLN J 1206 -93.25 66.75 -10.95
CA GLN J 1206 -93.46 65.58 -11.82
C GLN J 1206 -93.85 65.96 -13.26
N ASP J 1207 -94.44 67.14 -13.46
CA ASP J 1207 -94.57 67.79 -14.77
C ASP J 1207 -94.05 69.24 -14.71
N VAL J 1208 -93.36 69.66 -15.77
CA VAL J 1208 -92.61 70.93 -15.77
C VAL J 1208 -93.49 72.15 -16.05
N SER J 1209 -94.61 72.04 -16.80
CA SER J 1209 -95.44 73.21 -17.07
C SER J 1209 -96.07 73.75 -15.80
N SER J 1210 -96.54 72.86 -14.91
CA SER J 1210 -97.20 73.31 -13.70
C SER J 1210 -96.25 74.09 -12.78
N LEU J 1211 -94.94 73.79 -12.83
CA LEU J 1211 -93.92 74.48 -12.04
C LEU J 1211 -93.84 75.94 -12.52
N ARG J 1212 -94.23 76.91 -11.67
CA ARG J 1212 -94.65 78.24 -12.13
C ARG J 1212 -93.48 79.13 -12.50
N PHE J 1213 -92.66 79.54 -11.53
CA PHE J 1213 -91.57 80.46 -11.85
C PHE J 1213 -90.40 79.71 -12.49
N PHE J 1214 -89.84 78.75 -11.74
CA PHE J 1214 -88.66 77.96 -12.15
C PHE J 1214 -87.79 78.86 -13.02
N ALA J 1215 -87.64 78.54 -14.33
CA ALA J 1215 -87.08 79.29 -15.44
C ALA J 1215 -86.01 80.31 -15.05
N ILE J 1216 -86.44 81.38 -14.37
CA ILE J 1216 -85.51 82.43 -13.97
C ILE J 1216 -84.46 81.90 -13.00
N CYS J 1217 -84.87 80.97 -12.14
CA CYS J 1217 -83.95 80.19 -11.31
C CYS J 1217 -84.13 78.72 -11.63
N GLY J 1218 -83.02 77.99 -11.69
CA GLY J 1218 -83.06 76.64 -12.23
C GLY J 1218 -82.19 76.44 -13.46
N LEU J 1219 -82.84 76.36 -14.63
CA LEU J 1219 -82.19 76.03 -15.89
C LEU J 1219 -80.78 76.57 -16.04
N GLN J 1220 -80.59 77.88 -15.90
CA GLN J 1220 -79.26 78.43 -16.15
C GLN J 1220 -78.43 78.53 -14.89
N GLU J 1221 -78.43 77.48 -14.08
CA GLU J 1221 -77.35 77.29 -13.12
C GLU J 1221 -77.17 75.80 -12.81
N GLY J 1222 -77.91 74.91 -13.46
CA GLY J 1222 -77.85 73.49 -13.16
C GLY J 1222 -78.75 72.97 -12.06
N PHE J 1223 -80.04 72.84 -12.31
CA PHE J 1223 -80.99 72.26 -11.36
C PHE J 1223 -82.09 71.50 -12.10
N GLU J 1224 -82.62 70.45 -11.48
CA GLU J 1224 -83.68 69.61 -12.04
C GLU J 1224 -84.68 69.30 -10.91
N PRO J 1225 -86.00 69.34 -11.13
CA PRO J 1225 -86.94 69.16 -10.03
C PRO J 1225 -86.94 67.73 -9.48
N PHE J 1226 -87.31 67.59 -8.21
CA PHE J 1226 -87.11 66.39 -7.42
C PHE J 1226 -87.73 65.12 -8.05
N ALA J 1227 -88.91 65.21 -8.66
CA ALA J 1227 -89.63 64.08 -9.23
C ALA J 1227 -89.64 64.06 -10.79
N ILE J 1228 -88.64 64.65 -11.46
CA ILE J 1228 -88.70 64.97 -12.91
C ILE J 1228 -89.13 63.82 -13.84
N ASN J 1229 -88.75 62.56 -13.55
CA ASN J 1229 -88.96 61.43 -14.45
C ASN J 1229 -89.42 60.17 -13.72
N MET J 1230 -90.67 60.18 -13.25
CA MET J 1230 -91.35 59.03 -12.63
C MET J 1230 -92.77 58.85 -13.20
N GLN J 1231 -93.18 57.62 -13.49
CA GLN J 1231 -94.51 57.30 -14.05
C GLN J 1231 -95.64 57.36 -13.02
N ARG J 1232 -95.33 57.42 -11.72
CA ARG J 1232 -96.31 57.45 -10.63
C ARG J 1232 -95.90 58.46 -9.55
N PRO J 1233 -96.86 59.18 -8.94
CA PRO J 1233 -96.57 60.25 -8.00
C PRO J 1233 -95.96 59.77 -6.69
N VAL J 1234 -95.21 60.63 -6.02
CA VAL J 1234 -94.52 60.36 -4.75
C VAL J 1234 -95.51 60.11 -3.60
N THR J 1235 -95.47 58.94 -2.95
CA THR J 1235 -96.16 58.70 -1.70
C THR J 1235 -95.55 59.53 -0.57
N THR J 1236 -96.37 59.82 0.43
CA THR J 1236 -95.97 60.69 1.53
C THR J 1236 -96.50 60.14 2.84
N TRP J 1237 -95.90 60.58 3.94
CA TRP J 1237 -96.27 60.19 5.29
C TRP J 1237 -96.66 61.41 6.11
N PHE J 1238 -97.14 61.14 7.32
CA PHE J 1238 -97.54 62.20 8.25
C PHE J 1238 -97.64 61.62 9.65
N SER J 1239 -97.66 62.52 10.63
CA SER J 1239 -97.83 62.12 12.02
C SER J 1239 -99.31 62.03 12.34
N LYS J 1240 -99.69 60.97 13.06
CA LYS J 1240 -101.09 60.65 13.25
C LYS J 1240 -101.72 61.46 14.38
N SER J 1241 -101.17 61.32 15.60
CA SER J 1241 -101.51 61.97 16.86
C SER J 1241 -102.00 60.92 17.85
N LEU J 1242 -102.92 60.07 17.39
CA LEU J 1242 -103.52 58.99 18.19
C LEU J 1242 -102.44 58.14 18.84
N PRO J 1243 -102.35 58.16 20.17
CA PRO J 1243 -101.29 57.40 20.84
C PRO J 1243 -101.46 55.90 20.67
N GLN J 1244 -100.33 55.19 20.64
CA GLN J 1244 -100.32 53.75 20.53
C GLN J 1244 -99.20 53.17 21.36
N PHE J 1245 -99.43 51.98 21.93
CA PHE J 1245 -98.43 51.37 22.78
C PHE J 1245 -97.25 50.83 21.98
N GLU J 1246 -96.07 50.90 22.57
CA GLU J 1246 -94.84 50.45 21.96
C GLU J 1246 -93.84 50.12 23.06
N PRO J 1247 -92.97 49.15 22.85
CA PRO J 1247 -92.00 48.79 23.91
C PRO J 1247 -91.06 49.95 24.21
N VAL J 1248 -90.67 50.03 25.47
CA VAL J 1248 -89.83 51.14 25.93
C VAL J 1248 -88.43 51.00 25.37
N PRO J 1249 -87.88 52.02 24.71
CA PRO J 1249 -86.51 51.93 24.22
C PRO J 1249 -85.53 52.09 25.36
N PRO J 1250 -84.53 51.20 25.47
CA PRO J 1250 -83.58 51.29 26.59
C PRO J 1250 -82.51 52.36 26.36
N GLU J 1251 -82.93 53.52 25.88
CA GLU J 1251 -82.06 54.69 25.79
C GLU J 1251 -82.81 55.95 26.19
N HIS J 1252 -83.96 55.69 26.82
CA HIS J 1252 -84.85 56.77 27.33
C HIS J 1252 -84.10 57.47 28.43
N PRO J 1253 -83.77 58.75 28.26
CA PRO J 1253 -83.07 59.48 29.26
C PRO J 1253 -83.40 58.98 30.65
N HIS J 1254 -84.57 59.37 31.15
CA HIS J 1254 -84.89 59.05 32.54
C HIS J 1254 -86.05 58.06 32.57
N TYR J 1255 -85.71 56.78 32.32
CA TYR J 1255 -86.55 55.62 32.61
C TYR J 1255 -85.71 54.35 32.46
N GLU J 1256 -85.67 53.51 33.49
CA GLU J 1256 -84.87 52.29 33.46
C GLU J 1256 -85.71 51.14 33.99
N VAL J 1257 -85.79 50.05 33.22
CA VAL J 1257 -86.54 48.86 33.60
C VAL J 1257 -85.62 47.66 33.47
N ALA J 1258 -85.86 46.66 34.31
CA ALA J 1258 -85.03 45.46 34.28
C ALA J 1258 -85.79 44.31 34.93
N ARG J 1259 -85.35 43.10 34.61
CA ARG J 1259 -85.86 41.88 35.23
C ARG J 1259 -85.05 41.60 36.48
N MET J 1260 -85.72 41.13 37.54
CA MET J 1260 -85.10 41.09 38.87
C MET J 1260 -84.41 39.76 39.15
N ASP J 1261 -85.18 38.67 39.19
CA ASP J 1261 -84.64 37.39 39.65
C ASP J 1261 -85.63 36.25 39.55
N GLY J 1262 -85.20 35.06 39.97
CA GLY J 1262 -86.06 33.90 40.05
C GLY J 1262 -85.85 33.14 41.34
N THR J 1263 -85.55 33.87 42.42
CA THR J 1263 -85.18 33.27 43.69
C THR J 1263 -86.35 32.49 44.29
N VAL J 1264 -86.02 31.63 45.25
CA VAL J 1264 -87.03 30.78 45.87
C VAL J 1264 -88.04 31.62 46.66
N ASP J 1265 -87.55 32.58 47.44
CA ASP J 1265 -88.45 33.38 48.27
C ASP J 1265 -89.28 34.33 47.43
N THR J 1266 -88.63 35.24 46.71
CA THR J 1266 -89.39 36.21 45.94
C THR J 1266 -89.66 35.68 44.53
N PRO J 1267 -90.87 35.89 44.01
CA PRO J 1267 -91.17 35.47 42.64
C PRO J 1267 -90.57 36.45 41.65
N PRO J 1268 -90.50 36.07 40.37
CA PRO J 1268 -89.98 37.00 39.37
C PRO J 1268 -90.83 38.27 39.30
N CYS J 1269 -90.10 39.39 39.20
CA CYS J 1269 -90.74 40.71 39.25
C CYS J 1269 -90.00 41.74 38.40
N LEU J 1270 -90.72 42.70 37.83
CA LEU J 1270 -90.10 43.79 37.04
C LEU J 1270 -90.21 45.07 37.87
N ARG J 1271 -89.18 45.92 37.89
CA ARG J 1271 -89.07 47.14 38.67
C ARG J 1271 -88.76 48.30 37.74
N LEU J 1272 -88.74 49.52 38.30
CA LEU J 1272 -88.45 50.72 37.53
C LEU J 1272 -87.38 51.53 38.25
N ALA J 1273 -87.01 52.65 37.63
CA ALA J 1273 -86.04 53.58 38.20
C ALA J 1273 -86.30 54.95 37.61
N HIS J 1274 -85.50 55.93 38.01
CA HIS J 1274 -85.67 57.30 37.55
C HIS J 1274 -84.40 58.07 37.90
N ARG J 1275 -84.29 59.27 37.34
CA ARG J 1275 -83.19 60.17 37.65
C ARG J 1275 -83.73 61.39 38.39
N THR J 1276 -84.12 61.19 39.64
CA THR J 1276 -84.73 62.23 40.45
C THR J 1276 -83.74 63.32 40.82
N TRP J 1277 -83.67 64.37 40.00
CA TRP J 1277 -82.78 65.49 40.26
C TRP J 1277 -83.22 66.72 39.46
N GLY J 1278 -82.25 67.46 38.95
CA GLY J 1278 -82.53 68.67 38.18
C GLY J 1278 -82.76 68.31 36.71
N SER J 1279 -82.14 69.08 35.83
CA SER J 1279 -82.24 68.88 34.38
C SER J 1279 -83.69 68.92 33.89
N GLN J 1280 -84.40 67.79 34.06
CA GLN J 1280 -85.77 67.70 33.59
C GLN J 1280 -86.67 66.97 34.60
N ASN J 1281 -87.94 66.81 34.25
CA ASN J 1281 -88.91 66.16 35.12
C ASN J 1281 -89.73 65.14 34.34
N SER J 1282 -90.95 64.87 34.83
CA SER J 1282 -91.83 63.89 34.20
C SER J 1282 -93.29 64.09 34.60
N LEU J 1283 -94.18 63.45 33.86
CA LEU J 1283 -95.61 63.52 34.15
C LEU J 1283 -96.13 62.16 34.60
N VAL J 1284 -97.27 61.75 34.04
CA VAL J 1284 -97.88 60.47 34.41
C VAL J 1284 -97.61 59.41 33.35
N GLU J 1285 -96.81 58.41 33.71
CA GLU J 1285 -96.43 57.36 32.78
C GLU J 1285 -97.47 56.26 32.73
N MET J 1286 -98.45 56.40 31.86
CA MET J 1286 -99.51 55.40 31.70
C MET J 1286 -98.95 54.13 31.09
N LEU J 1287 -98.33 53.29 31.93
CA LEU J 1287 -97.68 52.07 31.45
C LEU J 1287 -98.64 50.89 31.38
N PHE J 1288 -98.22 49.84 30.68
CA PHE J 1288 -99.02 48.63 30.53
C PHE J 1288 -98.17 47.48 30.00
N LEU J 1289 -98.38 46.27 30.49
CA LEU J 1289 -97.47 45.17 30.10
C LEU J 1289 -97.84 44.71 28.70
N ARG J 1290 -97.26 43.62 28.19
CA ARG J 1290 -97.47 43.22 26.77
C ARG J 1290 -97.95 41.79 26.63
N LEU J 1291 -99.26 41.60 26.49
CA LEU J 1291 -99.85 40.25 26.30
C LEU J 1291 -101.37 40.35 26.46
N SER J 1292 -102.01 39.37 27.09
CA SER J 1292 -103.48 39.42 27.12
C SER J 1292 -104.03 38.34 28.07
N LEU J 1293 -105.35 38.14 28.10
CA LEU J 1293 -105.97 37.07 28.90
C LEU J 1293 -107.42 36.90 28.48
N PRO J 1294 -107.70 36.40 27.27
CA PRO J 1294 -109.09 36.25 26.75
C PRO J 1294 -109.92 35.55 27.80
N VAL J 1295 -111.26 35.71 27.79
CA VAL J 1295 -111.94 35.10 28.96
C VAL J 1295 -112.13 33.59 28.72
N GLN J 1296 -113.29 33.13 28.24
CA GLN J 1296 -113.38 31.68 27.95
C GLN J 1296 -114.63 31.32 27.15
N PHE J 1297 -114.76 31.83 25.92
CA PHE J 1297 -115.88 31.42 25.05
C PHE J 1297 -115.72 32.06 23.68
N ASP J 1422 -101.00 24.35 48.17
CA ASP J 1422 -102.29 24.06 47.58
C ASP J 1422 -102.49 22.58 47.35
N ASP J 1423 -103.75 22.16 47.24
CA ASP J 1423 -104.04 20.81 46.84
C ASP J 1423 -103.82 20.68 45.33
N PRO J 1424 -103.28 19.54 44.87
CA PRO J 1424 -103.16 19.33 43.42
C PRO J 1424 -104.48 19.16 42.72
N GLU J 1425 -105.58 18.92 43.44
CA GLU J 1425 -106.88 18.87 42.79
C GLU J 1425 -107.38 20.26 42.45
N ILE J 1426 -107.33 21.19 43.41
CA ILE J 1426 -107.87 22.51 43.19
C ILE J 1426 -107.02 23.34 42.25
N ILE J 1427 -105.70 23.15 42.23
CA ILE J 1427 -104.83 24.00 41.45
C ILE J 1427 -104.79 23.56 39.99
N LEU J 1428 -105.28 22.37 39.68
CA LEU J 1428 -105.31 21.93 38.29
C LEU J 1428 -106.68 22.06 37.67
N ASN J 1429 -107.64 22.66 38.37
CA ASN J 1429 -108.96 22.90 37.84
C ASN J 1429 -109.38 24.35 37.94
N THR J 1430 -108.63 25.16 38.67
CA THR J 1430 -108.98 26.54 38.95
C THR J 1430 -108.89 27.41 37.70
N THR J 1431 -109.85 28.33 37.56
CA THR J 1431 -109.77 29.41 36.60
C THR J 1431 -109.93 30.72 37.35
N THR J 1432 -108.86 31.16 38.00
CA THR J 1432 -108.73 32.48 38.59
C THR J 1432 -107.25 32.71 38.89
N TYR J 1433 -106.65 33.75 38.31
CA TYR J 1433 -105.21 34.03 38.58
C TYR J 1433 -104.90 35.43 39.03
N TYR J 1434 -103.77 35.56 39.69
CA TYR J 1434 -103.29 36.61 40.58
C TYR J 1434 -102.01 37.20 40.03
N TYR J 1435 -101.94 38.53 40.03
CA TYR J 1435 -100.68 39.23 39.88
C TYR J 1435 -100.60 40.27 40.99
N SER J 1436 -99.45 40.91 41.11
CA SER J 1436 -99.19 41.75 42.26
C SER J 1436 -98.26 42.90 41.89
N VAL J 1437 -98.55 44.06 42.46
CA VAL J 1437 -97.64 45.20 42.41
C VAL J 1437 -97.38 45.62 43.85
N ARG J 1438 -96.22 46.23 44.06
CA ARG J 1438 -95.85 46.75 45.37
C ARG J 1438 -95.34 48.16 45.20
N VAL J 1439 -96.08 49.12 45.75
CA VAL J 1439 -95.65 50.50 45.74
C VAL J 1439 -94.58 50.68 46.80
N PHE J 1440 -93.38 51.09 46.49
CA PHE J 1440 -92.37 51.21 47.51
C PHE J 1440 -92.55 52.46 48.26
N ALA J 1441 -91.71 52.65 49.24
CA ALA J 1441 -91.73 53.82 50.10
C ALA J 1441 -91.27 55.04 49.32
N GLY J 1442 -91.73 56.21 49.73
CA GLY J 1442 -91.46 57.43 49.02
C GLY J 1442 -92.36 57.67 47.82
N GLN J 1443 -93.27 56.75 47.55
CA GLN J 1443 -94.27 56.95 46.50
C GLN J 1443 -95.65 56.98 47.14
N GLU J 1444 -96.41 58.01 46.84
CA GLU J 1444 -97.73 58.15 47.43
C GLU J 1444 -98.73 57.28 46.68
N PRO J 1445 -99.50 56.45 47.38
CA PRO J 1445 -100.62 55.74 46.75
C PRO J 1445 -101.75 56.65 46.31
N SER J 1446 -101.76 57.91 46.74
CA SER J 1446 -102.70 58.90 46.22
C SER J 1446 -102.51 59.13 44.73
N CYS J 1447 -101.27 59.00 44.23
CA CYS J 1447 -100.97 59.17 42.82
C CYS J 1447 -100.59 57.86 42.15
N VAL J 1448 -101.27 56.78 42.50
CA VAL J 1448 -101.02 55.46 41.93
C VAL J 1448 -102.37 54.85 41.58
N TRP J 1449 -102.50 54.37 40.35
CA TRP J 1449 -103.70 53.69 39.91
C TRP J 1449 -103.30 52.32 39.38
N VAL J 1450 -103.96 51.27 39.87
CA VAL J 1450 -103.60 49.90 39.52
C VAL J 1450 -104.85 49.19 39.02
N GLY J 1451 -104.73 48.47 37.91
CA GLY J 1451 -105.79 47.61 37.46
C GLY J 1451 -105.63 47.02 36.08
N TRP J 1452 -106.67 47.13 35.24
CA TRP J 1452 -106.71 46.43 33.97
C TRP J 1452 -107.20 47.37 32.87
N VAL J 1453 -106.72 47.13 31.66
CA VAL J 1453 -106.94 48.00 30.51
C VAL J 1453 -107.12 47.15 29.26
N THR J 1454 -108.19 47.39 28.51
CA THR J 1454 -108.47 46.79 27.22
C THR J 1454 -107.78 47.59 26.11
N PRO J 1455 -107.46 46.95 24.97
CA PRO J 1455 -106.68 47.64 23.92
C PRO J 1455 -107.26 48.93 23.36
N ASP J 1456 -108.59 49.10 23.32
CA ASP J 1456 -109.14 50.34 22.78
C ASP J 1456 -109.23 51.42 23.86
N TYR J 1457 -108.07 51.87 24.31
CA TYR J 1457 -107.95 52.89 25.33
C TYR J 1457 -106.75 53.77 24.96
N HIS J 1458 -107.01 55.04 24.66
CA HIS J 1458 -105.97 55.97 24.23
C HIS J 1458 -106.11 57.33 24.89
N GLN J 1459 -106.28 57.37 26.22
CA GLN J 1459 -106.34 58.62 26.95
C GLN J 1459 -104.97 58.95 27.51
N HIS J 1460 -104.30 59.92 26.89
CA HIS J 1460 -102.98 60.37 27.32
C HIS J 1460 -103.15 61.78 27.86
N ASP J 1461 -103.28 61.90 29.18
CA ASP J 1461 -103.44 63.19 29.82
C ASP J 1461 -102.69 63.18 31.15
N MET J 1462 -102.25 64.34 31.58
CA MET J 1462 -101.59 64.48 32.86
C MET J 1462 -102.55 64.84 33.98
N ASN J 1463 -103.82 65.01 33.69
CA ASN J 1463 -104.79 65.41 34.70
C ASN J 1463 -105.77 64.28 34.96
N PHE J 1464 -105.32 63.05 34.80
CA PHE J 1464 -106.22 61.91 34.87
C PHE J 1464 -106.60 61.60 36.32
N ASP J 1465 -107.90 61.54 36.56
CA ASP J 1465 -108.45 60.97 37.77
C ASP J 1465 -109.47 59.92 37.34
N LEU J 1466 -109.96 59.14 38.30
CA LEU J 1466 -110.89 58.05 38.01
C LEU J 1466 -112.22 58.53 37.47
N SER J 1467 -112.57 59.80 37.64
CA SER J 1467 -113.72 60.38 36.96
C SER J 1467 -113.49 60.48 35.47
N LYS J 1468 -112.24 60.60 35.03
CA LYS J 1468 -111.93 60.70 33.61
C LYS J 1468 -111.72 59.33 32.98
N VAL J 1469 -112.67 58.43 33.19
CA VAL J 1469 -112.64 57.10 32.61
C VAL J 1469 -113.90 56.93 31.80
N ARG J 1470 -113.75 56.49 30.56
CA ARG J 1470 -114.90 56.23 29.72
C ARG J 1470 -115.66 55.03 30.26
N ALA J 1471 -116.98 55.16 30.32
CA ALA J 1471 -117.86 54.10 30.78
C ALA J 1471 -119.23 54.34 30.19
N VAL J 1472 -119.72 53.38 29.42
CA VAL J 1472 -120.99 53.50 28.72
C VAL J 1472 -121.87 52.34 29.15
N THR J 1473 -123.06 52.67 29.64
CA THR J 1473 -124.02 51.67 30.14
C THR J 1473 -125.04 51.40 29.05
N VAL J 1474 -125.12 50.14 28.64
CA VAL J 1474 -126.10 49.71 27.65
C VAL J 1474 -127.19 48.92 28.35
N THR J 1475 -128.43 49.33 28.17
CA THR J 1475 -129.59 48.62 28.71
C THR J 1475 -130.52 48.27 27.56
N MET J 1476 -131.17 47.12 27.67
CA MET J 1476 -132.16 46.68 26.69
C MET J 1476 -133.36 46.12 27.43
N GLY J 1477 -134.53 46.27 26.83
CA GLY J 1477 -135.73 45.73 27.42
C GLY J 1477 -136.69 45.16 26.39
N ASP J 1478 -137.91 44.89 26.82
CA ASP J 1478 -138.94 44.38 25.92
C ASP J 1478 -139.71 45.55 25.31
N GLU J 1479 -140.73 45.23 24.52
CA GLU J 1479 -141.67 46.23 24.04
C GLU J 1479 -142.54 46.79 25.16
N GLN J 1480 -142.68 46.06 26.26
CA GLN J 1480 -143.40 46.57 27.42
C GLN J 1480 -142.62 47.66 28.14
N GLY J 1481 -141.32 47.75 27.91
CA GLY J 1481 -140.46 48.73 28.55
C GLY J 1481 -139.70 48.20 29.75
N ASN J 1482 -140.08 47.05 30.28
CA ASN J 1482 -139.35 46.43 31.36
C ASN J 1482 -138.00 45.93 30.86
N VAL J 1483 -136.95 46.23 31.62
CA VAL J 1483 -135.59 45.99 31.15
C VAL J 1483 -135.28 44.50 31.21
N HIS J 1484 -134.25 44.26 30.45
CA HIS J 1484 -133.87 42.98 30.19
C HIS J 1484 -132.45 42.58 30.36
N SER J 1485 -131.55 43.57 30.50
CA SER J 1485 -130.14 43.51 30.82
C SER J 1485 -129.63 44.94 30.94
N SER J 1486 -128.54 45.09 31.68
CA SER J 1486 -127.91 46.39 31.87
C SER J 1486 -126.41 46.18 31.85
N LEU J 1487 -125.80 46.35 30.68
CA LEU J 1487 -124.38 46.08 30.49
C LEU J 1487 -123.61 47.39 30.55
N LYS J 1488 -122.45 47.37 31.20
CA LYS J 1488 -121.56 48.51 31.26
C LYS J 1488 -120.21 48.13 30.68
N CYS J 1489 -119.85 48.76 29.56
CA CYS J 1489 -118.54 48.62 28.97
C CYS J 1489 -117.68 49.79 29.42
N SER J 1490 -116.49 49.50 29.91
CA SER J 1490 -115.52 50.53 30.23
C SER J 1490 -114.20 50.17 29.56
N ASN J 1491 -113.46 51.20 29.18
CA ASN J 1491 -112.16 50.98 28.56
C ASN J 1491 -111.04 50.85 29.57
N CYS J 1492 -111.36 50.68 30.85
CA CYS J 1492 -110.40 50.72 31.93
C CYS J 1492 -111.03 50.10 33.17
N TYR J 1493 -110.29 49.23 33.84
CA TYR J 1493 -110.77 48.55 35.04
C TYR J 1493 -109.67 48.65 36.09
N MET J 1494 -109.71 49.70 36.89
CA MET J 1494 -108.70 49.94 37.90
C MET J 1494 -109.32 50.32 39.23
N VAL J 1495 -108.46 50.45 40.23
CA VAL J 1495 -108.79 50.95 41.56
C VAL J 1495 -107.89 52.14 41.85
N TRP J 1496 -108.14 52.80 42.96
CA TRP J 1496 -107.27 53.86 43.43
C TRP J 1496 -106.48 53.35 44.64
N GLY J 1497 -105.15 53.47 44.56
CA GLY J 1497 -104.32 53.15 45.70
C GLY J 1497 -104.47 54.09 46.86
N GLY J 1498 -104.92 55.33 46.60
CA GLY J 1498 -105.23 56.26 47.66
C GLY J 1498 -106.49 55.95 48.41
N ASP J 1499 -107.30 55.00 47.92
CA ASP J 1499 -108.50 54.58 48.62
C ASP J 1499 -108.23 53.54 49.69
N PHE J 1500 -106.96 53.22 49.97
CA PHE J 1500 -106.65 52.27 51.03
C PHE J 1500 -105.73 52.88 52.08
N VAL J 1501 -104.78 53.70 51.64
CA VAL J 1501 -103.89 54.37 52.57
C VAL J 1501 -104.19 55.86 52.56
N ILE J 1509 -96.70 60.64 55.19
CA ILE J 1509 -95.42 59.96 55.10
C ILE J 1509 -95.52 58.56 55.68
N SER J 1510 -95.71 57.57 54.80
CA SER J 1510 -95.78 56.19 55.22
C SER J 1510 -94.44 55.50 54.98
N HIS J 1511 -93.91 54.83 56.00
CA HIS J 1511 -92.68 54.08 55.87
C HIS J 1511 -92.90 52.62 55.50
N THR J 1512 -94.07 52.29 54.97
CA THR J 1512 -94.40 50.91 54.61
C THR J 1512 -94.93 50.85 53.18
N ASP J 1513 -94.98 49.65 52.65
CA ASP J 1513 -95.27 49.43 51.23
C ASP J 1513 -96.69 48.90 51.05
N LEU J 1514 -97.54 49.71 50.44
CA LEU J 1514 -98.89 49.29 50.08
C LEU J 1514 -98.81 48.32 48.92
N VAL J 1515 -99.19 47.07 49.15
CA VAL J 1515 -99.13 46.03 48.14
C VAL J 1515 -100.54 45.76 47.67
N ILE J 1516 -100.79 45.97 46.39
CA ILE J 1516 -102.12 45.77 45.81
C ILE J 1516 -102.05 44.58 44.87
N GLY J 1517 -102.92 43.61 45.09
CA GLY J 1517 -103.04 42.45 44.23
C GLY J 1517 -104.44 42.32 43.68
N CYS J 1518 -104.55 41.80 42.48
CA CYS J 1518 -105.83 41.72 41.78
C CYS J 1518 -106.16 40.27 41.47
N LEU J 1519 -107.45 40.01 41.27
CA LEU J 1519 -107.95 38.66 41.08
C LEU J 1519 -108.94 38.65 39.92
N VAL J 1520 -108.66 37.83 38.93
CA VAL J 1520 -109.50 37.75 37.73
C VAL J 1520 -109.89 36.30 37.50
N ASP J 1521 -111.20 36.05 37.45
CA ASP J 1521 -111.76 34.71 37.30
C ASP J 1521 -112.25 34.55 35.87
N LEU J 1522 -111.55 33.73 35.09
CA LEU J 1522 -111.76 33.66 33.65
C LEU J 1522 -113.07 33.01 33.25
N ALA J 1523 -113.52 31.98 33.95
CA ALA J 1523 -114.73 31.29 33.52
C ALA J 1523 -115.99 32.03 33.92
N THR J 1524 -115.87 33.08 34.73
CA THR J 1524 -117.01 33.91 35.09
C THR J 1524 -116.86 35.34 34.62
N GLY J 1525 -115.64 35.78 34.33
CA GLY J 1525 -115.42 37.17 34.02
C GLY J 1525 -115.53 38.09 35.20
N LEU J 1526 -115.39 37.55 36.41
CA LEU J 1526 -115.52 38.33 37.63
C LEU J 1526 -114.13 38.78 38.07
N MET J 1527 -113.99 40.08 38.33
CA MET J 1527 -112.72 40.67 38.71
C MET J 1527 -112.85 41.32 40.08
N THR J 1528 -111.96 40.94 40.99
CA THR J 1528 -111.89 41.51 42.33
C THR J 1528 -110.47 41.93 42.63
N PHE J 1529 -110.30 42.70 43.70
CA PHE J 1529 -109.04 43.34 44.04
C PHE J 1529 -108.80 43.25 45.53
N THR J 1530 -107.60 42.83 45.91
CA THR J 1530 -107.23 42.65 47.30
C THR J 1530 -106.22 43.70 47.71
N ALA J 1531 -106.41 44.27 48.89
CA ALA J 1531 -105.50 45.27 49.43
C ALA J 1531 -104.83 44.71 50.67
N ASN J 1532 -103.56 44.31 50.52
CA ASN J 1532 -102.73 43.71 51.57
C ASN J 1532 -103.40 42.47 52.17
N GLY J 1533 -104.05 41.68 51.33
CA GLY J 1533 -104.78 40.52 51.80
C GLY J 1533 -106.14 40.83 52.37
N LYS J 1534 -106.53 42.10 52.45
CA LYS J 1534 -107.86 42.49 52.89
C LYS J 1534 -108.65 42.90 51.67
N GLU J 1535 -109.76 42.21 51.42
CA GLU J 1535 -110.55 42.42 50.21
C GLU J 1535 -111.21 43.80 50.22
N SER J 1536 -111.16 44.47 49.09
CA SER J 1536 -111.76 45.77 48.92
C SER J 1536 -113.23 45.58 48.59
N ASN J 1537 -114.00 46.67 48.71
CA ASN J 1537 -115.42 46.64 48.47
C ASN J 1537 -115.76 46.52 46.98
N THR J 1538 -114.87 46.96 46.10
CA THR J 1538 -115.19 47.00 44.69
C THR J 1538 -115.03 45.63 44.04
N PHE J 1539 -115.57 45.51 42.84
CA PHE J 1539 -115.55 44.30 42.04
C PHE J 1539 -115.96 44.67 40.62
N PHE J 1540 -115.70 43.75 39.69
CA PHE J 1540 -115.99 44.02 38.28
C PHE J 1540 -116.35 42.75 37.55
N GLN J 1541 -117.30 42.86 36.63
CA GLN J 1541 -117.75 41.74 35.82
C GLN J 1541 -117.90 42.19 34.38
N VAL J 1542 -117.45 41.34 33.45
CA VAL J 1542 -117.32 41.75 32.04
C VAL J 1542 -118.11 40.84 31.11
N GLU J 1543 -118.02 41.13 29.82
CA GLU J 1543 -118.64 40.33 28.77
C GLU J 1543 -117.90 39.00 28.61
N PRO J 1544 -118.49 38.01 27.92
CA PRO J 1544 -117.78 36.73 27.74
C PRO J 1544 -116.51 36.82 26.91
N ASN J 1545 -116.58 37.28 25.67
CA ASN J 1545 -115.42 37.25 24.79
C ASN J 1545 -114.76 38.61 24.80
N THR J 1546 -113.90 38.85 25.79
CA THR J 1546 -113.11 40.06 25.83
C THR J 1546 -111.75 39.75 26.43
N LYS J 1547 -110.79 40.62 26.14
CA LYS J 1547 -109.44 40.47 26.63
C LYS J 1547 -109.11 41.64 27.53
N LEU J 1548 -107.97 41.54 28.20
CA LEU J 1548 -107.57 42.55 29.17
C LEU J 1548 -106.06 42.56 29.30
N PHE J 1549 -105.36 43.68 29.43
CA PHE J 1549 -103.93 43.64 29.66
C PHE J 1549 -103.77 44.22 31.01
N PRO J 1550 -102.98 43.72 31.87
CA PRO J 1550 -102.67 44.25 33.22
C PRO J 1550 -102.10 45.65 33.11
N ALA J 1551 -102.49 46.54 34.02
CA ALA J 1551 -102.17 47.95 33.86
C ALA J 1551 -101.84 48.59 35.19
N VAL J 1552 -100.89 49.53 35.16
CA VAL J 1552 -100.53 50.37 36.30
C VAL J 1552 -100.32 51.78 35.76
N PHE J 1553 -101.01 52.76 36.34
CA PHE J 1553 -100.81 54.15 36.00
C PHE J 1553 -100.21 54.83 37.21
N VAL J 1554 -99.20 55.67 37.01
CA VAL J 1554 -98.48 56.25 38.12
C VAL J 1554 -97.89 57.58 37.72
N LEU J 1555 -97.92 58.54 38.65
CA LEU J 1555 -97.06 59.70 38.61
C LEU J 1555 -95.97 59.48 39.65
N PRO J 1556 -94.70 59.38 39.25
CA PRO J 1556 -93.66 58.94 40.19
C PRO J 1556 -93.21 60.08 41.08
N THR J 1557 -92.87 59.76 42.33
CA THR J 1557 -92.33 60.74 43.27
C THR J 1557 -91.17 60.18 44.09
N HIS J 1558 -90.34 59.32 43.52
CA HIS J 1558 -89.24 58.73 44.26
C HIS J 1558 -88.17 58.30 43.28
N GLN J 1559 -87.01 57.90 43.81
CA GLN J 1559 -85.99 57.30 42.96
C GLN J 1559 -86.39 55.89 42.56
N ASN J 1560 -87.08 55.17 43.45
CA ASN J 1560 -87.62 53.84 43.15
C ASN J 1560 -89.13 53.89 43.31
N VAL J 1561 -89.87 53.48 42.30
CA VAL J 1561 -91.31 53.77 42.35
C VAL J 1561 -92.16 52.54 42.61
N ILE J 1562 -92.22 51.62 41.64
CA ILE J 1562 -93.10 50.46 41.72
C ILE J 1562 -92.33 49.22 41.34
N GLN J 1563 -92.95 48.06 41.32
CA GLN J 1563 -92.27 46.83 40.98
C GLN J 1563 -93.25 45.74 40.68
N PHE J 1564 -93.67 45.62 39.42
CA PHE J 1564 -94.68 44.63 39.01
C PHE J 1564 -94.21 43.22 39.36
N GLU J 1565 -94.73 42.66 40.45
CA GLU J 1565 -94.35 41.27 40.77
C GLU J 1565 -95.22 40.30 39.97
N LEU J 1566 -94.73 39.08 39.76
CA LEU J 1566 -95.48 38.03 39.06
C LEU J 1566 -95.52 36.78 39.93
N GLY J 1567 -96.38 36.83 40.95
CA GLY J 1567 -96.47 35.76 41.91
C GLY J 1567 -97.85 35.13 42.00
N LYS J 1568 -97.91 34.04 42.75
CA LYS J 1568 -99.15 33.31 42.96
C LYS J 1568 -99.52 33.33 44.44
N GLN J 1569 -100.80 33.15 44.71
CA GLN J 1569 -101.29 33.05 46.08
C GLN J 1569 -101.40 31.58 46.48
N LYS J 1570 -102.12 31.30 47.56
CA LYS J 1570 -102.02 30.02 48.26
C LYS J 1570 -102.63 28.88 47.46
N ASN J 1571 -103.62 29.18 46.61
CA ASN J 1571 -104.27 28.09 45.88
C ASN J 1571 -104.66 28.45 44.45
N ILE J 1572 -103.98 29.42 43.83
CA ILE J 1572 -104.31 29.89 42.49
C ILE J 1572 -103.04 30.09 41.68
N MET J 1573 -103.04 29.74 40.41
CA MET J 1573 -101.78 29.85 39.68
C MET J 1573 -101.51 31.21 39.21
N PRO J 1574 -100.25 31.49 38.78
CA PRO J 1574 -99.87 32.82 38.27
C PRO J 1574 -100.35 33.16 36.86
N LEU J 1575 -100.13 34.40 36.40
CA LEU J 1575 -100.63 34.84 35.08
C LEU J 1575 -99.86 34.07 34.01
N SER J 1576 -98.70 33.56 34.35
CA SER J 1576 -97.79 32.91 33.42
C SER J 1576 -98.45 31.69 32.77
N ALA J 1577 -99.07 30.83 33.58
CA ALA J 1577 -99.77 29.67 33.05
C ALA J 1577 -101.22 30.00 32.70
N ALA J 1578 -101.42 31.09 31.96
CA ALA J 1578 -102.74 31.45 31.46
C ALA J 1578 -102.72 31.99 30.05
N MET J 1579 -101.58 32.51 29.56
CA MET J 1579 -101.50 33.14 28.25
C MET J 1579 -100.91 32.23 27.19
N PHE J 1580 -100.15 31.22 27.59
CA PHE J 1580 -99.51 30.29 26.65
C PHE J 1580 -100.24 28.95 26.73
N LEU J 1581 -100.67 28.45 25.58
CA LEU J 1581 -101.41 27.20 25.55
C LEU J 1581 -100.54 26.03 26.02
N SER J 1582 -99.27 26.03 25.65
CA SER J 1582 -98.37 24.96 26.09
C SER J 1582 -98.19 24.99 27.61
N GLU J 1583 -98.07 26.18 28.18
CA GLU J 1583 -97.83 26.33 29.62
C GLU J 1583 -99.11 26.30 30.44
N ARG J 1584 -100.28 26.10 29.81
CA ARG J 1584 -101.56 26.15 30.49
C ARG J 1584 -101.76 25.01 31.50
N LYS J 1585 -100.76 24.15 31.71
CA LYS J 1585 -100.87 23.07 32.68
C LYS J 1585 -99.71 23.02 33.67
N ASN J 1586 -98.80 23.99 33.63
CA ASN J 1586 -97.67 24.03 34.54
C ASN J 1586 -97.86 25.14 35.56
N PRO J 1587 -98.14 24.83 36.82
CA PRO J 1587 -98.45 25.89 37.79
C PRO J 1587 -97.25 26.76 38.17
N ALA J 1588 -96.04 26.37 37.82
CA ALA J 1588 -94.87 27.16 38.20
C ALA J 1588 -94.85 28.49 37.45
N PRO J 1589 -94.69 29.62 38.15
CA PRO J 1589 -94.65 30.91 37.45
C PRO J 1589 -93.45 31.01 36.52
N GLN J 1590 -93.63 31.74 35.42
CA GLN J 1590 -92.61 31.90 34.41
C GLN J 1590 -92.57 33.35 33.95
N CYS J 1591 -91.41 33.77 33.46
CA CYS J 1591 -91.22 35.12 32.91
C CYS J 1591 -90.48 35.03 31.58
N PRO J 1592 -91.16 34.60 30.52
CA PRO J 1592 -90.53 34.52 29.20
C PRO J 1592 -90.19 35.90 28.68
N PRO J 1593 -89.23 36.02 27.75
CA PRO J 1593 -88.78 37.34 27.31
C PRO J 1593 -89.84 38.15 26.57
N ARG J 1594 -90.94 37.54 26.13
CA ARG J 1594 -91.95 38.30 25.40
C ARG J 1594 -92.65 39.32 26.29
N LEU J 1595 -92.65 39.11 27.61
CA LEU J 1595 -93.32 40.01 28.53
C LEU J 1595 -92.48 41.28 28.67
N GLU J 1596 -92.92 42.36 28.04
CA GLU J 1596 -92.23 43.64 28.10
C GLU J 1596 -93.23 44.76 28.38
N VAL J 1597 -92.74 45.83 29.01
CA VAL J 1597 -93.60 46.95 29.35
C VAL J 1597 -93.71 47.89 28.14
N GLN J 1598 -94.78 48.69 28.14
CA GLN J 1598 -95.01 49.66 27.07
C GLN J 1598 -95.26 51.04 27.66
N MET J 1599 -94.83 52.06 26.91
CA MET J 1599 -95.04 53.44 27.28
C MET J 1599 -95.76 54.14 26.13
N LEU J 1600 -96.80 54.89 26.46
CA LEU J 1600 -97.61 55.54 25.44
C LEU J 1600 -96.89 56.75 24.86
N MET J 1601 -96.91 56.87 23.52
CA MET J 1601 -96.40 58.05 22.83
C MET J 1601 -97.48 58.51 21.84
N PRO J 1602 -97.84 59.79 21.85
CA PRO J 1602 -98.94 60.27 20.98
C PRO J 1602 -98.46 60.64 19.58
N VAL J 1603 -97.82 59.69 18.90
CA VAL J 1603 -97.35 59.91 17.53
C VAL J 1603 -97.15 58.57 16.86
N SER J 1604 -97.28 58.56 15.53
CA SER J 1604 -96.99 57.39 14.72
C SER J 1604 -96.56 57.90 13.35
N TRP J 1605 -96.54 57.00 12.36
CA TRP J 1605 -96.24 57.37 10.99
C TRP J 1605 -97.15 56.53 10.10
N SER J 1606 -98.23 57.14 9.60
CA SER J 1606 -99.19 56.45 8.75
C SER J 1606 -99.04 56.91 7.31
N ARG J 1607 -99.33 56.03 6.36
CA ARG J 1607 -99.19 56.34 4.95
C ARG J 1607 -100.40 57.07 4.38
N MET J 1608 -100.20 57.71 3.24
CA MET J 1608 -101.22 58.50 2.56
C MET J 1608 -101.67 57.78 1.31
N PRO J 1609 -102.89 57.25 1.28
CA PRO J 1609 -103.36 56.54 0.10
C PRO J 1609 -103.35 57.43 -1.12
N ASN J 1610 -103.01 56.83 -2.26
CA ASN J 1610 -102.88 57.55 -3.52
C ASN J 1610 -104.22 57.89 -4.16
N HIS J 1611 -105.32 57.30 -3.69
CA HIS J 1611 -106.63 57.57 -4.27
C HIS J 1611 -107.67 57.59 -3.17
N PHE J 1612 -108.52 58.61 -3.17
CA PHE J 1612 -109.58 58.78 -2.18
C PHE J 1612 -110.93 58.48 -2.80
N LEU J 1613 -111.98 58.72 -2.02
CA LEU J 1613 -113.35 58.39 -2.42
C LEU J 1613 -113.97 59.42 -3.36
N GLN J 1614 -113.21 60.39 -3.82
CA GLN J 1614 -113.71 61.47 -4.70
C GLN J 1614 -114.82 62.19 -3.95
N VAL J 1615 -116.05 62.21 -4.44
CA VAL J 1615 -117.13 62.91 -3.76
C VAL J 1615 -117.62 62.08 -2.56
N GLU J 1622 -127.33 70.02 -1.97
CA GLU J 1622 -127.57 71.30 -2.62
C GLU J 1622 -129.04 71.44 -2.99
N ARG J 1623 -129.54 70.50 -3.78
CA ARG J 1623 -130.93 70.50 -4.21
C ARG J 1623 -131.80 69.95 -3.09
N LEU J 1624 -133.05 69.64 -3.41
CA LEU J 1624 -133.99 69.05 -2.46
C LEU J 1624 -133.36 67.90 -1.68
N GLY J 1625 -133.30 68.04 -0.36
CA GLY J 1625 -132.75 67.04 0.51
C GLY J 1625 -131.26 67.15 0.78
N TRP J 1626 -130.52 67.91 -0.02
CA TRP J 1626 -129.07 68.04 0.13
C TRP J 1626 -128.40 66.67 0.13
N ALA J 1627 -128.51 65.99 -1.00
CA ALA J 1627 -128.02 64.62 -1.14
C ALA J 1627 -126.50 64.59 -1.23
N VAL J 1628 -125.94 63.43 -0.92
CA VAL J 1628 -124.52 63.19 -1.04
C VAL J 1628 -124.26 62.50 -2.38
N GLN J 1629 -123.03 62.60 -2.87
CA GLN J 1629 -122.64 62.04 -4.15
C GLN J 1629 -121.52 61.03 -3.93
N CYS J 1630 -121.72 59.82 -4.45
CA CYS J 1630 -120.70 58.77 -4.38
C CYS J 1630 -121.07 57.69 -5.39
N GLN J 1631 -120.18 57.43 -6.35
CA GLN J 1631 -120.41 56.40 -7.35
C GLN J 1631 -119.37 55.30 -7.33
N ASP J 1632 -118.08 55.65 -7.38
CA ASP J 1632 -117.03 54.66 -7.59
C ASP J 1632 -116.70 53.90 -6.30
N PRO J 1633 -116.30 52.64 -6.42
CA PRO J 1633 -115.80 51.90 -5.27
C PRO J 1633 -114.28 51.92 -5.17
N LEU J 1634 -113.78 51.59 -3.99
CA LEU J 1634 -112.35 51.57 -3.72
C LEU J 1634 -112.07 50.61 -2.57
N THR J 1635 -110.88 50.00 -2.61
CA THR J 1635 -110.52 49.00 -1.60
C THR J 1635 -109.02 49.03 -1.37
N MET J 1636 -108.57 48.28 -0.36
CA MET J 1636 -107.17 48.24 0.01
C MET J 1636 -106.86 46.94 0.74
N MET J 1637 -105.58 46.59 0.77
CA MET J 1637 -105.10 45.38 1.42
C MET J 1637 -104.65 45.70 2.84
N ALA J 1638 -104.85 44.77 3.77
CA ALA J 1638 -104.65 45.04 5.18
C ALA J 1638 -104.09 43.82 5.92
N LEU J 1639 -103.51 44.09 7.08
CA LEU J 1639 -102.96 43.09 7.99
C LEU J 1639 -103.71 43.11 9.31
N HIS J 1640 -103.68 41.99 10.04
CA HIS J 1640 -104.44 41.83 11.27
C HIS J 1640 -103.60 41.16 12.36
N ILE J 1641 -102.42 41.71 12.65
CA ILE J 1641 -101.59 41.19 13.74
C ILE J 1641 -102.46 40.95 14.97
N PRO J 1642 -102.63 39.71 15.40
CA PRO J 1642 -103.73 39.35 16.31
C PRO J 1642 -103.45 39.60 17.78
N GLU J 1643 -102.20 39.86 18.19
CA GLU J 1643 -101.86 39.98 19.61
C GLU J 1643 -102.65 41.07 20.29
N GLU J 1644 -102.64 42.27 19.73
CA GLU J 1644 -103.41 43.40 20.24
C GLU J 1644 -104.52 43.88 19.31
N ASN J 1645 -104.52 43.44 18.04
CA ASN J 1645 -105.53 43.76 17.04
C ASN J 1645 -105.55 45.25 16.66
N ARG J 1646 -104.52 45.69 15.91
CA ARG J 1646 -104.78 46.79 14.99
C ARG J 1646 -105.10 46.17 13.64
N CYS J 1647 -105.17 47.00 12.61
CA CYS J 1647 -105.29 46.53 11.24
C CYS J 1647 -104.53 47.55 10.40
N MET J 1648 -103.30 47.20 10.03
CA MET J 1648 -102.43 48.09 9.27
C MET J 1648 -102.36 47.69 7.81
N ASP J 1649 -101.91 48.65 7.00
CA ASP J 1649 -101.82 48.45 5.56
C ASP J 1649 -100.54 47.71 5.19
N ILE J 1650 -100.63 46.88 4.14
CA ILE J 1650 -99.45 46.18 3.64
C ILE J 1650 -98.45 47.15 3.00
N LEU J 1651 -98.94 48.22 2.40
CA LEU J 1651 -98.06 49.10 1.64
C LEU J 1651 -97.00 49.77 2.52
N GLU J 1652 -97.23 49.86 3.83
CA GLU J 1652 -96.25 50.52 4.69
C GLU J 1652 -95.18 49.58 5.22
N LEU J 1653 -95.28 48.28 4.94
CA LEU J 1653 -94.21 47.35 5.32
C LEU J 1653 -92.93 47.60 4.55
N SER J 1654 -92.96 48.41 3.49
CA SER J 1654 -91.72 48.83 2.83
C SER J 1654 -90.88 49.73 3.71
N GLU J 1655 -91.43 50.27 4.82
CA GLU J 1655 -90.72 51.22 5.67
C GLU J 1655 -90.56 50.70 7.11
N ARG J 1656 -90.67 49.41 7.33
CA ARG J 1656 -90.42 48.83 8.64
C ARG J 1656 -89.13 48.01 8.70
N LEU J 1657 -88.85 47.22 7.65
CA LEU J 1657 -87.57 46.54 7.47
C LEU J 1657 -87.33 45.45 8.52
N ASP J 1658 -88.24 45.28 9.45
CA ASP J 1658 -88.15 44.20 10.43
C ASP J 1658 -89.41 43.34 10.46
N LEU J 1659 -90.58 43.95 10.34
CA LEU J 1659 -91.81 43.17 10.21
C LEU J 1659 -91.94 42.57 8.82
N GLN J 1660 -91.40 43.26 7.81
CA GLN J 1660 -91.34 42.69 6.47
C GLN J 1660 -90.46 41.45 6.44
N ARG J 1661 -89.34 41.47 7.15
CA ARG J 1661 -88.42 40.34 7.13
C ARG J 1661 -89.07 39.08 7.68
N PHE J 1662 -89.84 39.22 8.77
CA PHE J 1662 -90.58 38.08 9.29
C PHE J 1662 -91.62 37.58 8.31
N HIS J 1663 -92.39 38.50 7.71
CA HIS J 1663 -93.43 38.08 6.78
C HIS J 1663 -92.86 37.55 5.48
N SER J 1664 -91.66 38.01 5.11
CA SER J 1664 -91.02 37.49 3.90
C SER J 1664 -90.75 36.00 4.02
N HIS J 1665 -90.23 35.57 5.18
CA HIS J 1665 -90.01 34.15 5.40
C HIS J 1665 -91.31 33.38 5.55
N THR J 1666 -92.38 34.05 5.99
CA THR J 1666 -93.65 33.35 6.19
C THR J 1666 -94.17 32.78 4.87
N LEU J 1667 -94.20 33.60 3.82
CA LEU J 1667 -94.64 33.09 2.52
C LEU J 1667 -93.64 32.11 1.93
N ARG J 1668 -92.41 32.06 2.46
CA ARG J 1668 -91.49 31.00 2.06
C ARG J 1668 -91.88 29.66 2.68
N LEU J 1669 -92.41 29.68 3.90
CA LEU J 1669 -92.90 28.44 4.50
C LEU J 1669 -94.03 27.84 3.67
N TYR J 1670 -94.96 28.68 3.21
CA TYR J 1670 -96.08 28.18 2.41
C TYR J 1670 -95.58 27.56 1.11
N ARG J 1671 -94.56 28.17 0.49
CA ARG J 1671 -93.90 27.53 -0.65
C ARG J 1671 -93.26 26.22 -0.26
N ALA J 1672 -92.79 26.11 0.99
CA ALA J 1672 -92.13 24.90 1.47
C ALA J 1672 -93.13 23.86 1.94
N VAL J 1673 -94.25 24.30 2.51
CA VAL J 1673 -95.29 23.35 2.90
C VAL J 1673 -95.87 22.64 1.69
N CYS J 1674 -96.09 23.37 0.60
CA CYS J 1674 -96.50 22.72 -0.64
C CYS J 1674 -95.29 22.01 -1.22
N ALA J 1675 -95.06 20.78 -0.78
CA ALA J 1675 -93.87 20.03 -1.15
C ALA J 1675 -94.02 19.57 -2.60
N LEU J 1676 -93.15 18.65 -3.02
CA LEU J 1676 -93.16 18.23 -4.41
C LEU J 1676 -94.42 17.43 -4.71
N GLY J 1677 -95.58 18.09 -4.63
CA GLY J 1677 -96.88 17.51 -4.88
C GLY J 1677 -97.56 17.11 -3.58
N ASN J 1678 -98.42 17.97 -3.05
CA ASN J 1678 -99.08 17.70 -1.78
C ASN J 1678 -100.52 18.19 -1.81
N ASN J 1679 -101.26 17.82 -2.86
CA ASN J 1679 -102.59 18.35 -3.10
C ASN J 1679 -103.51 18.29 -1.88
N ARG J 1680 -103.22 17.41 -0.92
CA ARG J 1680 -103.96 17.41 0.34
C ARG J 1680 -103.88 18.76 1.04
N VAL J 1681 -102.68 19.13 1.50
CA VAL J 1681 -102.53 20.35 2.28
C VAL J 1681 -102.45 21.60 1.44
N ALA J 1682 -102.34 21.46 0.11
CA ALA J 1682 -102.28 22.64 -0.75
C ALA J 1682 -103.56 23.44 -0.68
N HIS J 1683 -104.72 22.76 -0.66
CA HIS J 1683 -105.99 23.48 -0.66
C HIS J 1683 -106.23 24.17 0.67
N ALA J 1684 -105.78 23.59 1.77
CA ALA J 1684 -105.94 24.23 3.07
C ALA J 1684 -105.30 25.60 3.12
N LEU J 1685 -104.28 25.84 2.29
CA LEU J 1685 -103.69 27.16 2.20
C LEU J 1685 -104.60 28.13 1.45
N CYS J 1686 -105.45 27.62 0.55
CA CYS J 1686 -106.31 28.49 -0.24
C CYS J 1686 -107.25 29.28 0.66
N SER J 1687 -107.82 28.65 1.68
CA SER J 1687 -108.63 29.38 2.63
C SER J 1687 -107.80 30.33 3.47
N HIS J 1688 -106.49 30.08 3.60
CA HIS J 1688 -105.64 30.91 4.44
C HIS J 1688 -105.14 32.14 3.69
N VAL J 1689 -104.50 31.94 2.54
CA VAL J 1689 -103.93 33.09 1.85
C VAL J 1689 -105.01 33.85 1.08
N ASP J 1690 -105.57 33.24 0.04
CA ASP J 1690 -106.53 33.92 -0.83
C ASP J 1690 -106.99 33.08 -2.01
N GLN J 1691 -107.91 33.67 -2.77
CA GLN J 1691 -108.03 33.39 -4.19
C GLN J 1691 -108.12 34.67 -4.99
N ALA J 1692 -108.30 35.82 -4.34
CA ALA J 1692 -108.53 37.09 -5.03
C ALA J 1692 -107.34 38.04 -4.98
N GLN J 1693 -106.77 38.30 -3.79
CA GLN J 1693 -105.69 39.29 -3.73
C GLN J 1693 -104.43 38.83 -4.42
N LEU J 1694 -104.22 37.52 -4.59
CA LEU J 1694 -103.17 37.07 -5.50
C LEU J 1694 -103.43 37.61 -6.91
N LEU J 1695 -104.63 37.40 -7.43
CA LEU J 1695 -104.99 37.99 -8.72
C LEU J 1695 -105.03 39.51 -8.66
N HIS J 1696 -105.11 40.09 -7.46
CA HIS J 1696 -105.03 41.53 -7.31
C HIS J 1696 -103.61 42.02 -7.10
N ALA J 1697 -102.70 41.13 -6.69
CA ALA J 1697 -101.30 41.52 -6.52
C ALA J 1697 -100.59 41.71 -7.85
N LEU J 1698 -101.14 41.18 -8.93
CA LEU J 1698 -100.51 41.31 -10.25
C LEU J 1698 -100.43 42.77 -10.68
N GLU J 1699 -101.58 43.42 -10.83
CA GLU J 1699 -101.60 44.78 -11.36
C GLU J 1699 -101.03 45.80 -10.39
N ASP J 1700 -100.86 45.45 -9.11
CA ASP J 1700 -100.36 46.40 -8.14
C ASP J 1700 -98.91 46.76 -8.46
N ALA J 1701 -98.57 48.03 -8.29
CA ALA J 1701 -97.27 48.56 -8.67
C ALA J 1701 -96.39 48.96 -7.51
N HIS J 1702 -96.95 49.58 -6.48
CA HIS J 1702 -96.17 49.96 -5.31
C HIS J 1702 -95.76 48.70 -4.56
N LEU J 1703 -94.46 48.42 -4.52
CA LEU J 1703 -94.01 47.10 -4.11
C LEU J 1703 -92.73 47.18 -3.27
N PRO J 1704 -92.74 46.62 -2.06
CA PRO J 1704 -91.54 46.66 -1.21
C PRO J 1704 -90.36 45.82 -1.73
N GLY J 1705 -90.57 44.90 -2.66
CA GLY J 1705 -89.48 44.08 -3.15
C GLY J 1705 -89.59 42.63 -2.72
N PRO J 1706 -88.75 42.21 -1.77
CA PRO J 1706 -88.75 40.78 -1.36
C PRO J 1706 -90.12 40.30 -0.89
N LEU J 1707 -91.03 41.21 -0.62
CA LEU J 1707 -92.44 40.96 -0.33
C LEU J 1707 -93.13 40.70 -1.66
N ARG J 1708 -94.40 41.07 -1.79
CA ARG J 1708 -95.37 40.65 -2.81
C ARG J 1708 -94.77 40.19 -4.13
N ALA J 1709 -93.71 40.84 -4.62
CA ALA J 1709 -92.97 40.25 -5.73
C ALA J 1709 -92.64 38.78 -5.47
N GLY J 1710 -92.58 38.37 -4.20
CA GLY J 1710 -92.47 36.96 -3.85
C GLY J 1710 -93.78 36.19 -3.90
N TYR J 1711 -94.92 36.88 -3.93
CA TYR J 1711 -96.20 36.18 -4.11
C TYR J 1711 -96.27 35.48 -5.46
N TYR J 1712 -95.63 36.03 -6.48
CA TYR J 1712 -95.61 35.37 -7.79
C TYR J 1712 -95.05 33.96 -7.67
N ASP J 1713 -94.14 33.72 -6.73
CA ASP J 1713 -93.62 32.38 -6.48
C ASP J 1713 -94.54 31.54 -5.62
N LEU J 1714 -95.60 32.11 -5.08
CA LEU J 1714 -96.63 31.35 -4.40
C LEU J 1714 -97.82 31.04 -5.28
N LEU J 1715 -98.18 31.98 -6.17
CA LEU J 1715 -99.20 31.71 -7.17
C LEU J 1715 -98.77 30.59 -8.11
N ILE J 1716 -97.47 30.40 -8.28
CA ILE J 1716 -96.95 29.42 -9.24
C ILE J 1716 -96.76 28.09 -8.53
N SER J 1717 -97.08 28.05 -7.23
CA SER J 1717 -96.83 26.86 -6.43
C SER J 1717 -98.08 26.17 -5.93
N ILE J 1718 -99.22 26.85 -5.91
CA ILE J 1718 -100.47 26.27 -5.41
C ILE J 1718 -101.45 25.98 -6.53
N HIS J 1719 -101.12 26.39 -7.76
CA HIS J 1719 -102.00 26.12 -8.89
C HIS J 1719 -101.31 25.40 -10.04
N LEU J 1720 -99.99 25.49 -10.16
CA LEU J 1720 -99.25 24.85 -11.22
C LEU J 1720 -98.16 23.94 -10.63
N GLU J 1721 -97.30 23.45 -11.51
CA GLU J 1721 -96.26 22.45 -11.29
C GLU J 1721 -96.85 21.17 -10.72
N SER J 1722 -98.18 21.07 -10.69
CA SER J 1722 -98.84 19.78 -10.51
C SER J 1722 -98.93 19.01 -11.82
N ALA J 1723 -98.71 19.70 -12.95
CA ALA J 1723 -98.71 19.08 -14.27
C ALA J 1723 -97.43 19.45 -15.00
N CYS J 1724 -96.90 20.64 -14.73
CA CYS J 1724 -95.61 21.03 -15.31
C CYS J 1724 -94.52 20.07 -14.89
N ARG J 1725 -94.50 19.69 -13.61
CA ARG J 1725 -93.54 18.71 -13.14
C ARG J 1725 -93.72 17.36 -13.81
N SER J 1726 -94.91 17.07 -14.32
CA SER J 1726 -95.16 15.84 -15.06
C SER J 1726 -95.06 16.03 -16.56
N ARG J 1727 -95.66 17.10 -17.10
CA ARG J 1727 -95.62 17.33 -18.53
C ARG J 1727 -94.21 17.64 -19.05
N ARG J 1728 -93.31 18.11 -18.19
CA ARG J 1728 -91.92 18.31 -18.61
C ARG J 1728 -91.26 16.98 -18.94
N SER J 1729 -91.53 15.94 -18.14
CA SER J 1729 -91.03 14.61 -18.46
C SER J 1729 -91.65 14.07 -19.76
N MET J 1730 -92.86 14.53 -20.10
CA MET J 1730 -93.55 14.09 -21.30
C MET J 1730 -92.97 14.68 -22.58
N LEU J 1731 -92.05 15.63 -22.47
CA LEU J 1731 -91.59 16.37 -23.64
C LEU J 1731 -90.45 15.67 -24.39
N SER J 1732 -89.95 14.55 -23.88
CA SER J 1732 -88.79 13.91 -24.51
C SER J 1732 -89.18 12.89 -25.57
N GLU J 1733 -90.19 12.08 -25.32
CA GLU J 1733 -90.66 11.09 -26.28
C GLU J 1733 -91.71 11.70 -27.19
N TYR J 1734 -91.74 11.22 -28.44
CA TYR J 1734 -92.51 11.83 -29.51
C TYR J 1734 -93.42 10.81 -30.19
N ILE J 1735 -94.24 10.10 -29.40
CA ILE J 1735 -95.19 9.16 -29.98
C ILE J 1735 -96.15 9.90 -30.90
N VAL J 1736 -96.36 9.34 -32.09
CA VAL J 1736 -97.25 9.95 -33.08
C VAL J 1736 -98.18 8.90 -33.67
N PRO J 1737 -99.48 9.17 -33.78
CA PRO J 1737 -100.40 8.20 -34.36
C PRO J 1737 -100.68 8.46 -35.84
N LEU J 1738 -101.23 7.44 -36.48
CA LEU J 1738 -101.66 7.53 -37.89
C LEU J 1738 -102.95 8.34 -37.95
N THR J 1739 -102.85 9.59 -38.39
CA THR J 1739 -104.04 10.44 -38.48
C THR J 1739 -104.10 11.11 -39.85
N PRO J 1740 -105.31 11.42 -40.32
CA PRO J 1740 -105.42 12.19 -41.58
C PRO J 1740 -104.73 13.53 -41.52
N GLU J 1741 -104.73 14.19 -40.35
CA GLU J 1741 -104.02 15.46 -40.21
C GLU J 1741 -102.53 15.29 -40.42
N THR J 1742 -101.96 14.20 -39.91
CA THR J 1742 -100.54 13.92 -40.07
C THR J 1742 -100.16 13.73 -41.54
N ARG J 1743 -101.10 13.35 -42.39
CA ARG J 1743 -100.80 13.04 -43.78
C ARG J 1743 -100.35 14.24 -44.58
N ALA J 1744 -100.50 15.46 -44.05
CA ALA J 1744 -100.12 16.69 -44.76
C ALA J 1744 -99.25 17.52 -43.83
N ILE J 1745 -97.94 17.28 -43.87
CA ILE J 1745 -96.97 18.05 -43.10
C ILE J 1745 -95.70 18.18 -43.94
N THR J 1746 -95.21 19.40 -44.10
CA THR J 1746 -94.03 19.65 -44.92
C THR J 1746 -93.40 20.96 -44.46
N LEU J 1747 -92.46 21.47 -45.27
CA LEU J 1747 -91.74 22.71 -44.96
C LEU J 1747 -92.48 23.87 -45.62
N PHE J 1748 -93.56 24.30 -44.96
CA PHE J 1748 -94.37 25.45 -45.35
C PHE J 1748 -94.75 25.34 -46.83
N PRO J 1749 -95.69 24.46 -47.18
CA PRO J 1749 -96.00 24.21 -48.60
C PRO J 1749 -96.83 25.31 -49.26
N PRO J 1750 -97.26 26.36 -48.56
CA PRO J 1750 -97.66 27.58 -49.29
C PRO J 1750 -96.49 28.43 -49.76
N GLY J 1751 -95.27 27.93 -49.71
CA GLY J 1751 -94.13 28.67 -50.23
C GLY J 1751 -94.08 28.61 -51.74
N ARG J 1752 -93.63 29.70 -52.35
CA ARG J 1752 -93.56 29.83 -53.81
C ARG J 1752 -92.10 29.98 -54.20
N LYS J 1753 -91.54 28.94 -54.83
CA LYS J 1753 -90.17 28.95 -55.34
C LYS J 1753 -89.17 29.24 -54.23
N GLY J 1754 -88.99 30.51 -53.89
CA GLY J 1754 -88.09 30.87 -52.81
C GLY J 1754 -88.52 30.32 -51.47
N GLY J 1755 -89.84 30.16 -51.27
CA GLY J 1755 -90.35 29.58 -50.03
C GLY J 1755 -89.94 28.14 -49.81
N ASN J 1756 -89.51 27.44 -50.87
CA ASN J 1756 -88.98 26.09 -50.69
C ASN J 1756 -87.66 26.12 -49.93
N ALA J 1757 -86.78 27.05 -50.29
CA ALA J 1757 -85.47 27.18 -49.66
C ALA J 1757 -85.42 28.28 -48.61
N ARG J 1758 -86.56 28.86 -48.25
CA ARG J 1758 -86.63 29.91 -47.24
C ARG J 1758 -87.97 29.78 -46.54
N ARG J 1759 -88.36 30.83 -45.80
CA ARG J 1759 -89.64 30.88 -45.10
C ARG J 1759 -89.81 29.67 -44.18
N HIS J 1760 -88.94 29.65 -43.15
CA HIS J 1760 -88.93 28.54 -42.21
C HIS J 1760 -90.23 28.40 -41.45
N GLY J 1761 -91.04 29.45 -41.39
CA GLY J 1761 -92.25 29.42 -40.60
C GLY J 1761 -91.99 29.77 -39.15
N LEU J 1762 -92.91 30.51 -38.53
CA LEU J 1762 -92.73 30.93 -37.16
C LEU J 1762 -92.66 29.71 -36.25
N PRO J 1763 -91.68 29.63 -35.35
CA PRO J 1763 -91.55 28.43 -34.50
C PRO J 1763 -92.73 28.24 -33.58
N GLY J 1764 -93.57 27.26 -33.89
CA GLY J 1764 -94.74 26.96 -33.09
C GLY J 1764 -95.98 27.61 -33.66
N VAL J 1765 -96.81 26.84 -34.36
CA VAL J 1765 -98.07 27.34 -34.89
C VAL J 1765 -99.21 26.45 -34.44
N GLY J 1766 -99.02 25.14 -34.55
CA GLY J 1766 -100.08 24.19 -34.20
C GLY J 1766 -99.83 22.86 -34.90
N VAL J 1767 -100.91 22.11 -35.05
CA VAL J 1767 -100.94 20.76 -35.62
C VAL J 1767 -99.69 19.97 -35.24
N THR J 1768 -99.76 19.27 -34.11
CA THR J 1768 -98.65 18.47 -33.63
C THR J 1768 -98.98 16.99 -33.47
N THR J 1769 -100.24 16.65 -33.17
CA THR J 1769 -100.74 15.28 -33.07
C THR J 1769 -99.99 14.43 -32.06
N SER J 1770 -99.17 15.03 -31.20
CA SER J 1770 -98.46 14.25 -30.20
C SER J 1770 -99.42 13.86 -29.08
N LEU J 1771 -99.08 12.77 -28.38
CA LEU J 1771 -99.92 12.22 -27.32
C LEU J 1771 -99.43 12.76 -25.98
N ARG J 1772 -100.28 13.55 -25.31
CA ARG J 1772 -99.96 14.12 -24.02
C ARG J 1772 -101.20 14.05 -23.13
N PRO J 1773 -101.02 13.71 -21.85
CA PRO J 1773 -102.19 13.64 -20.96
C PRO J 1773 -102.76 15.03 -20.71
N PRO J 1774 -104.06 15.13 -20.49
CA PRO J 1774 -104.68 16.44 -20.20
C PRO J 1774 -104.63 16.78 -18.71
N HIS J 1775 -104.59 18.08 -18.45
CA HIS J 1775 -104.56 18.56 -17.07
C HIS J 1775 -105.91 18.36 -16.40
N HIS J 1776 -105.88 17.99 -15.12
CA HIS J 1776 -107.09 17.80 -14.33
C HIS J 1776 -107.06 18.73 -13.13
N PHE J 1777 -108.17 19.41 -12.88
CA PHE J 1777 -108.25 20.41 -11.83
C PHE J 1777 -109.61 20.31 -11.14
N SER J 1778 -109.64 20.68 -9.87
CA SER J 1778 -110.86 20.64 -9.09
C SER J 1778 -111.05 21.96 -8.34
N PRO J 1779 -112.30 22.38 -8.13
CA PRO J 1779 -112.56 23.64 -7.43
C PRO J 1779 -112.61 23.43 -5.93
N PRO J 1780 -112.09 24.37 -5.14
CA PRO J 1780 -112.12 24.21 -3.68
C PRO J 1780 -113.52 24.48 -3.13
N CYS J 1781 -113.93 23.65 -2.17
CA CYS J 1781 -115.22 23.80 -1.51
C CYS J 1781 -115.10 23.18 -0.13
N PHE J 1782 -115.15 24.00 0.91
CA PHE J 1782 -114.97 23.54 2.29
C PHE J 1782 -116.29 23.29 3.00
N VAL J 1783 -117.43 23.50 2.34
CA VAL J 1783 -118.72 23.13 2.90
C VAL J 1783 -119.18 21.77 2.41
N ALA J 1784 -118.39 21.08 1.61
CA ALA J 1784 -118.75 19.77 1.12
C ALA J 1784 -118.77 18.77 2.26
N ALA J 1785 -119.51 17.68 2.06
CA ALA J 1785 -119.66 16.66 3.08
C ALA J 1785 -118.32 15.99 3.37
N LEU J 1786 -118.18 15.47 4.58
CA LEU J 1786 -116.95 14.84 5.01
C LEU J 1786 -116.70 13.60 4.17
N PRO J 1787 -115.55 13.50 3.49
CA PRO J 1787 -115.29 12.34 2.62
C PRO J 1787 -115.24 11.02 3.35
N ALA J 1788 -114.34 10.93 4.34
CA ALA J 1788 -114.15 9.69 5.10
C ALA J 1788 -113.42 9.95 6.40
N GLU J 1793 -109.95 8.30 -2.96
CA GLU J 1793 -110.13 8.26 -4.41
C GLU J 1793 -108.92 8.88 -5.12
N ALA J 1794 -109.05 10.15 -5.49
CA ALA J 1794 -107.94 10.87 -6.09
C ALA J 1794 -106.80 10.98 -5.08
N PRO J 1795 -105.55 11.08 -5.52
CA PRO J 1795 -104.45 11.04 -4.56
C PRO J 1795 -104.41 12.31 -3.72
N ALA J 1796 -105.01 12.18 -2.53
CA ALA J 1796 -105.13 13.16 -1.46
C ALA J 1796 -105.95 14.38 -1.88
N ARG J 1797 -106.03 14.64 -3.18
CA ARG J 1797 -107.11 15.22 -3.97
C ARG J 1797 -106.56 15.50 -5.36
N LEU J 1798 -107.39 15.95 -6.29
CA LEU J 1798 -106.91 16.06 -7.67
C LEU J 1798 -105.99 17.28 -7.86
N SER J 1799 -106.52 18.50 -7.71
CA SER J 1799 -105.75 19.74 -7.82
C SER J 1799 -106.63 20.95 -7.56
N PRO J 1800 -106.06 22.06 -7.10
CA PRO J 1800 -106.83 23.32 -7.05
C PRO J 1800 -107.08 23.85 -8.45
N ALA J 1801 -108.11 24.69 -8.56
CA ALA J 1801 -108.50 25.28 -9.83
C ALA J 1801 -108.22 26.77 -9.84
N ILE J 1802 -108.34 27.36 -11.02
CA ILE J 1802 -108.10 28.79 -11.25
C ILE J 1802 -108.60 29.16 -12.64
N PRO J 1803 -109.14 30.37 -12.83
CA PRO J 1803 -109.56 30.79 -14.18
C PRO J 1803 -108.39 31.02 -15.14
N LEU J 1804 -107.96 29.98 -15.85
CA LEU J 1804 -106.86 30.12 -16.80
C LEU J 1804 -107.13 31.21 -17.84
N GLU J 1805 -108.39 31.43 -18.21
CA GLU J 1805 -108.70 32.42 -19.23
C GLU J 1805 -108.28 33.82 -18.80
N ALA J 1806 -108.54 34.19 -17.55
CA ALA J 1806 -108.16 35.51 -17.06
C ALA J 1806 -106.64 35.66 -16.98
N LEU J 1807 -105.95 34.60 -16.55
CA LEU J 1807 -104.50 34.69 -16.37
C LEU J 1807 -103.79 34.95 -17.69
N ARG J 1808 -104.21 34.26 -18.75
CA ARG J 1808 -103.52 34.36 -20.04
C ARG J 1808 -103.57 35.79 -20.57
N ASP J 1809 -104.76 36.38 -20.63
CA ASP J 1809 -104.89 37.75 -21.13
C ASP J 1809 -104.19 38.75 -20.23
N LYS J 1810 -104.34 38.59 -18.91
CA LYS J 1810 -103.76 39.55 -17.97
C LYS J 1810 -102.23 39.54 -18.03
N ALA J 1811 -101.63 38.35 -18.12
CA ALA J 1811 -100.17 38.25 -18.12
C ALA J 1811 -99.57 38.97 -19.33
N LEU J 1812 -100.11 38.73 -20.52
CA LEU J 1812 -99.58 39.36 -21.72
C LEU J 1812 -99.77 40.87 -21.68
N ARG J 1813 -100.95 41.33 -21.24
CA ARG J 1813 -101.18 42.76 -21.11
C ARG J 1813 -100.22 43.39 -20.12
N MET J 1814 -99.96 42.68 -19.01
CA MET J 1814 -99.00 43.15 -18.04
C MET J 1814 -97.60 43.29 -18.65
N LEU J 1815 -97.18 42.29 -19.42
CA LEU J 1815 -95.86 42.35 -20.05
C LEU J 1815 -95.84 43.39 -21.17
N GLY J 1816 -97.00 43.72 -21.74
CA GLY J 1816 -97.04 44.81 -22.71
C GLY J 1816 -96.61 46.14 -22.12
N GLU J 1817 -96.98 46.39 -20.87
CA GLU J 1817 -96.50 47.58 -20.17
C GLU J 1817 -95.00 47.53 -19.96
N ALA J 1818 -94.46 46.34 -19.67
CA ALA J 1818 -93.04 46.22 -19.31
C ALA J 1818 -92.12 46.71 -20.42
N VAL J 1819 -92.37 46.29 -21.65
CA VAL J 1819 -91.50 46.68 -22.76
C VAL J 1819 -91.58 48.18 -23.00
N ARG J 1820 -92.79 48.74 -22.95
CA ARG J 1820 -92.94 50.18 -23.16
C ARG J 1820 -92.33 50.98 -22.02
N ASP J 1821 -92.54 50.56 -20.78
CA ASP J 1821 -92.02 51.23 -19.59
C ASP J 1821 -90.50 51.10 -19.46
N GLY J 1822 -89.90 50.02 -19.97
CA GLY J 1822 -88.46 49.88 -19.93
C GLY J 1822 -87.75 50.87 -20.84
N GLY J 1823 -88.27 51.06 -22.05
CA GLY J 1823 -87.68 52.04 -22.95
C GLY J 1823 -87.82 53.46 -22.47
N GLN J 1824 -88.89 53.79 -21.75
CA GLN J 1824 -89.10 55.14 -21.21
C GLN J 1824 -88.08 55.58 -20.15
N HIS J 1825 -87.45 54.64 -19.45
CA HIS J 1825 -86.60 54.85 -18.26
C HIS J 1825 -87.34 55.49 -17.07
N ALA J 1826 -86.74 55.37 -15.87
CA ALA J 1826 -87.29 55.86 -14.60
C ALA J 1826 -86.20 55.92 -13.53
N ARG J 1827 -86.48 56.59 -12.41
CA ARG J 1827 -85.66 56.53 -11.18
C ARG J 1827 -86.28 55.70 -10.04
N ASP J 1828 -87.42 55.07 -10.29
CA ASP J 1828 -88.04 54.10 -9.40
C ASP J 1828 -88.85 53.09 -10.22
N PRO J 1829 -88.21 52.03 -10.78
CA PRO J 1829 -88.96 51.00 -11.48
C PRO J 1829 -89.87 50.22 -10.54
N VAL J 1830 -90.82 49.52 -11.14
CA VAL J 1830 -91.77 48.72 -10.37
C VAL J 1830 -91.01 47.67 -9.56
N GLY J 1831 -91.24 47.66 -8.25
CA GLY J 1831 -90.60 46.74 -7.36
C GLY J 1831 -89.32 47.26 -6.72
N GLY J 1832 -88.70 48.28 -7.31
CA GLY J 1832 -87.52 48.89 -6.71
C GLY J 1832 -86.31 48.94 -7.61
N SER J 1833 -86.05 47.87 -8.37
CA SER J 1833 -84.87 47.84 -9.24
C SER J 1833 -85.14 46.88 -10.40
N VAL J 1834 -85.51 47.44 -11.56
CA VAL J 1834 -85.69 46.78 -12.85
C VAL J 1834 -85.97 45.27 -12.77
N GLU J 1835 -85.06 44.51 -12.17
CA GLU J 1835 -85.15 43.06 -12.23
C GLU J 1835 -86.35 42.52 -11.45
N PHE J 1836 -86.70 43.12 -10.32
CA PHE J 1836 -87.99 42.83 -9.73
C PHE J 1836 -89.16 43.17 -10.66
N GLN J 1837 -88.96 44.03 -11.64
CA GLN J 1837 -90.04 44.33 -12.56
C GLN J 1837 -90.09 43.36 -13.73
N PHE J 1838 -89.07 42.52 -13.90
CA PHE J 1838 -89.00 41.57 -15.00
C PHE J 1838 -89.03 40.12 -14.56
N VAL J 1839 -88.16 39.70 -13.65
CA VAL J 1839 -87.98 38.27 -13.40
C VAL J 1839 -89.24 37.58 -12.86
N PRO J 1840 -90.00 38.14 -11.91
CA PRO J 1840 -91.14 37.36 -11.40
C PRO J 1840 -92.29 37.27 -12.39
N VAL J 1841 -92.42 38.24 -13.29
CA VAL J 1841 -93.58 38.27 -14.18
C VAL J 1841 -93.38 37.40 -15.42
N LEU J 1842 -92.18 37.40 -16.01
CA LEU J 1842 -91.96 36.55 -17.17
C LEU J 1842 -91.66 35.11 -16.79
N LYS J 1843 -91.29 34.85 -15.53
CA LYS J 1843 -91.21 33.48 -15.07
C LYS J 1843 -92.58 32.81 -15.09
N LEU J 1844 -93.62 33.56 -14.74
CA LEU J 1844 -94.97 33.05 -14.87
C LEU J 1844 -95.31 32.74 -16.34
N VAL J 1845 -94.83 33.59 -17.25
CA VAL J 1845 -95.08 33.37 -18.67
C VAL J 1845 -94.48 32.04 -19.11
N SER J 1846 -93.26 31.75 -18.67
CA SER J 1846 -92.58 30.52 -19.09
C SER J 1846 -93.35 29.29 -18.62
N THR J 1847 -93.82 29.29 -17.37
CA THR J 1847 -94.52 28.12 -16.84
C THR J 1847 -95.83 27.87 -17.57
N LEU J 1848 -96.57 28.94 -17.87
CA LEU J 1848 -97.80 28.79 -18.64
C LEU J 1848 -97.51 28.36 -20.08
N LEU J 1849 -96.31 28.62 -20.57
CA LEU J 1849 -96.01 28.34 -21.97
C LEU J 1849 -95.82 26.85 -22.23
N VAL J 1850 -95.20 26.13 -21.28
CA VAL J 1850 -94.96 24.71 -21.49
C VAL J 1850 -96.27 23.93 -21.51
N MET J 1851 -97.24 24.32 -20.69
CA MET J 1851 -98.56 23.69 -20.74
C MET J 1851 -99.31 23.99 -22.04
N GLY J 1852 -98.84 24.95 -22.82
CA GLY J 1852 -99.52 25.31 -24.05
C GLY J 1852 -100.88 25.93 -23.85
N ILE J 1853 -101.05 26.73 -22.80
CA ILE J 1853 -102.32 27.46 -22.64
C ILE J 1853 -102.50 28.44 -23.78
N PHE J 1854 -101.42 29.11 -24.19
CA PHE J 1854 -101.48 29.99 -25.34
C PHE J 1854 -101.67 29.19 -26.62
N GLY J 1855 -102.42 29.76 -27.56
CA GLY J 1855 -102.70 29.08 -28.81
C GLY J 1855 -102.68 29.96 -30.04
N ASP J 1856 -101.89 29.57 -31.04
CA ASP J 1856 -101.80 30.22 -32.33
C ASP J 1856 -101.64 31.73 -32.25
N GLU J 1857 -102.76 32.44 -32.00
CA GLU J 1857 -102.72 33.89 -31.97
C GLU J 1857 -101.84 34.40 -30.85
N ASP J 1858 -101.93 33.77 -29.68
CA ASP J 1858 -101.25 34.29 -28.50
C ASP J 1858 -99.73 34.25 -28.66
N VAL J 1859 -99.20 33.12 -29.11
CA VAL J 1859 -97.76 33.00 -29.28
C VAL J 1859 -97.26 33.91 -30.39
N LYS J 1860 -98.11 34.22 -31.37
CA LYS J 1860 -97.70 35.15 -32.41
C LYS J 1860 -97.51 36.57 -31.89
N GLN J 1861 -97.99 36.86 -30.68
CA GLN J 1861 -97.71 38.15 -30.03
C GLN J 1861 -96.49 38.11 -29.14
N ILE J 1862 -96.24 37.01 -28.43
CA ILE J 1862 -95.04 36.93 -27.60
C ILE J 1862 -93.79 37.00 -28.47
N LEU J 1863 -93.88 36.51 -29.70
CA LEU J 1863 -92.79 36.70 -30.65
C LEU J 1863 -92.68 38.16 -31.08
N LYS J 1864 -93.79 38.89 -31.09
CA LYS J 1864 -93.75 40.31 -31.46
C LYS J 1864 -93.02 41.15 -30.42
N MET J 1865 -92.73 40.61 -29.24
CA MET J 1865 -91.86 41.30 -28.29
C MET J 1865 -90.40 41.30 -28.72
N ILE J 1866 -90.05 40.54 -29.75
CA ILE J 1866 -88.73 40.61 -30.38
C ILE J 1866 -88.97 40.88 -31.87
N GLU J 1867 -89.98 41.71 -32.15
CA GLU J 1867 -90.59 41.97 -33.46
C GLU J 1867 -89.64 42.05 -34.65
N PRO J 1868 -88.60 42.89 -34.64
CA PRO J 1868 -87.92 43.22 -35.91
C PRO J 1868 -87.42 42.02 -36.71
N GLU J 1869 -86.96 40.95 -36.05
CA GLU J 1869 -86.44 39.80 -36.77
C GLU J 1869 -87.50 38.72 -36.98
N VAL J 1870 -88.03 38.18 -35.87
CA VAL J 1870 -88.93 37.03 -35.96
C VAL J 1870 -90.27 37.41 -36.57
N PHE J 1871 -90.81 38.58 -36.22
CA PHE J 1871 -92.13 38.97 -36.65
C PHE J 1871 -92.07 39.50 -38.08
N THR J 1872 -93.16 40.13 -38.53
CA THR J 1872 -93.29 40.66 -39.89
C THR J 1872 -93.12 39.54 -40.93
N GLU J 1873 -93.87 38.46 -40.74
CA GLU J 1873 -93.85 37.36 -41.70
C GLU J 1873 -94.37 37.80 -43.05
N GLU J 1874 -95.45 38.58 -43.06
CA GLU J 1874 -96.03 39.07 -44.31
C GLU J 1874 -95.23 40.24 -44.86
N LEU J 1922 -89.45 52.43 -32.01
CA LEU J 1922 -90.79 52.19 -31.50
C LEU J 1922 -90.79 51.03 -30.49
N GLU J 1923 -91.49 49.95 -30.85
CA GLU J 1923 -91.57 48.77 -29.99
C GLU J 1923 -90.30 47.94 -30.14
N GLU J 1924 -89.24 48.42 -29.51
CA GLU J 1924 -87.95 47.73 -29.56
C GLU J 1924 -88.06 46.35 -28.91
N GLY J 1925 -87.33 45.40 -29.47
CA GLY J 1925 -87.39 44.04 -28.97
C GLY J 1925 -86.78 43.88 -27.60
N LEU J 1926 -87.17 42.80 -26.93
CA LEU J 1926 -86.61 42.50 -25.62
C LEU J 1926 -85.11 42.24 -25.69
N LEU J 1927 -84.62 41.76 -26.83
CA LEU J 1927 -83.20 41.49 -27.02
C LEU J 1927 -82.50 42.68 -27.66
N GLN J 1928 -82.71 43.88 -27.11
CA GLN J 1928 -82.13 45.09 -27.67
C GLN J 1928 -81.41 45.92 -26.62
N MET J 1929 -81.87 45.86 -25.37
CA MET J 1929 -81.37 46.71 -24.31
C MET J 1929 -80.52 45.92 -23.33
N LYS J 1930 -79.70 46.64 -22.58
CA LYS J 1930 -78.86 46.02 -21.57
C LYS J 1930 -79.70 45.56 -20.39
N LEU J 1931 -79.40 44.37 -19.88
CA LEU J 1931 -80.16 43.76 -18.81
C LEU J 1931 -79.22 43.22 -17.73
N PRO J 1932 -79.68 43.13 -16.49
CA PRO J 1932 -78.85 42.57 -15.43
C PRO J 1932 -78.61 41.07 -15.65
N GLU J 1933 -77.76 40.51 -14.80
CA GLU J 1933 -77.29 39.13 -14.95
C GLU J 1933 -78.26 38.10 -14.40
N SER J 1934 -79.53 38.45 -14.19
CA SER J 1934 -80.53 37.49 -13.73
C SER J 1934 -81.63 37.28 -14.75
N VAL J 1935 -82.16 38.35 -15.34
CA VAL J 1935 -83.19 38.19 -16.35
C VAL J 1935 -82.65 37.53 -17.60
N LYS J 1936 -81.35 37.72 -17.89
CA LYS J 1936 -80.75 37.03 -19.04
C LYS J 1936 -80.87 35.52 -18.91
N LEU J 1937 -80.73 35.01 -17.68
CA LEU J 1937 -80.91 33.57 -17.46
C LEU J 1937 -82.31 33.14 -17.83
N GLN J 1938 -83.32 33.92 -17.44
CA GLN J 1938 -84.70 33.56 -17.74
C GLN J 1938 -84.97 33.59 -19.24
N MET J 1939 -84.36 34.55 -19.95
CA MET J 1939 -84.51 34.57 -21.41
C MET J 1939 -84.03 33.27 -22.03
N CYS J 1940 -82.93 32.71 -21.50
CA CYS J 1940 -82.48 31.40 -21.97
C CYS J 1940 -83.53 30.33 -21.70
N ASN J 1941 -84.16 30.37 -20.52
CA ASN J 1941 -85.22 29.41 -20.21
C ASN J 1941 -86.41 29.58 -21.15
N LEU J 1942 -86.59 30.77 -21.71
CA LEU J 1942 -87.69 30.99 -22.65
C LEU J 1942 -87.30 30.57 -24.06
N LEU J 1943 -86.09 30.91 -24.49
CA LEU J 1943 -85.62 30.50 -25.82
C LEU J 1943 -85.47 28.99 -25.91
N GLU J 1944 -85.15 28.32 -24.81
CA GLU J 1944 -84.95 26.88 -24.83
C GLU J 1944 -86.24 26.15 -25.19
N TYR J 1945 -87.39 26.66 -24.77
CA TYR J 1945 -88.67 26.02 -25.08
C TYR J 1945 -88.94 26.01 -26.58
N PHE J 1946 -88.33 26.92 -27.33
CA PHE J 1946 -88.65 27.02 -28.74
C PHE J 1946 -87.78 26.10 -29.60
N CYS J 1947 -86.62 25.68 -29.10
CA CYS J 1947 -85.76 24.79 -29.88
C CYS J 1947 -86.43 23.45 -30.11
N ASP J 1948 -86.90 22.80 -29.04
CA ASP J 1948 -87.55 21.49 -29.18
C ASP J 1948 -88.90 21.59 -29.86
N GLN J 1949 -89.55 22.76 -29.86
CA GLN J 1949 -90.75 22.92 -30.66
C GLN J 1949 -90.45 22.72 -32.14
N GLU J 1950 -89.32 23.27 -32.61
CA GLU J 1950 -88.88 22.95 -33.96
C GLU J 1950 -88.51 21.47 -34.08
N LEU J 1951 -87.85 20.92 -33.05
CA LEU J 1951 -87.51 19.50 -33.08
C LEU J 1951 -88.76 18.64 -33.12
N GLN J 1952 -89.77 18.99 -32.31
CA GLN J 1952 -91.03 18.26 -32.36
C GLN J 1952 -91.68 18.38 -33.74
N HIS J 1953 -91.55 19.55 -34.37
CA HIS J 1953 -92.02 19.71 -35.74
C HIS J 1953 -91.19 18.87 -36.71
N ARG J 1954 -89.90 18.68 -36.40
CA ARG J 1954 -89.01 17.96 -37.30
C ARG J 1954 -89.40 16.49 -37.42
N VAL J 1955 -89.57 15.82 -36.27
CA VAL J 1955 -89.85 14.38 -36.30
C VAL J 1955 -91.21 14.09 -36.91
N GLU J 1956 -92.17 15.00 -36.75
CA GLU J 1956 -93.48 14.79 -37.36
C GLU J 1956 -93.38 14.80 -38.89
N SER J 1957 -92.51 15.66 -39.43
CA SER J 1957 -92.29 15.66 -40.87
C SER J 1957 -91.76 14.32 -41.34
N LEU J 1958 -90.84 13.71 -40.58
CA LEU J 1958 -90.35 12.39 -40.94
C LEU J 1958 -91.46 11.35 -40.89
N ALA J 1959 -92.32 11.41 -39.87
CA ALA J 1959 -93.44 10.49 -39.80
C ALA J 1959 -94.35 10.65 -41.01
N ALA J 1960 -94.54 11.88 -41.46
CA ALA J 1960 -95.33 12.12 -42.68
C ALA J 1960 -94.68 11.44 -43.88
N PHE J 1961 -93.36 11.54 -44.01
CA PHE J 1961 -92.66 10.82 -45.06
C PHE J 1961 -92.59 9.34 -44.78
N ALA J 1962 -92.65 8.95 -43.50
CA ALA J 1962 -92.62 7.55 -43.11
C ALA J 1962 -93.96 6.87 -43.34
N GLU J 1963 -94.92 7.56 -43.93
CA GLU J 1963 -96.24 7.01 -44.22
C GLU J 1963 -96.50 6.80 -45.71
N ARG J 1964 -96.37 7.84 -46.54
CA ARG J 1964 -96.71 7.66 -47.95
C ARG J 1964 -95.65 6.87 -48.71
N TYR J 1965 -94.38 6.98 -48.32
CA TYR J 1965 -93.34 6.26 -49.05
C TYR J 1965 -93.34 4.77 -48.73
N VAL J 1966 -93.63 4.40 -47.49
CA VAL J 1966 -93.73 2.98 -47.16
C VAL J 1966 -94.97 2.36 -47.80
N ASP J 1967 -96.01 3.16 -48.07
CA ASP J 1967 -97.22 2.63 -48.69
C ASP J 1967 -96.96 2.19 -50.12
N LYS J 1968 -96.35 3.04 -50.93
CA LYS J 1968 -96.05 2.64 -52.31
C LYS J 1968 -95.02 1.53 -52.36
N LEU J 1969 -94.09 1.51 -51.40
CA LEU J 1969 -93.06 0.48 -51.37
C LEU J 1969 -93.69 -0.90 -51.22
N GLN J 1970 -94.68 -1.02 -50.32
CA GLN J 1970 -95.37 -2.29 -50.16
C GLN J 1970 -96.17 -2.64 -51.41
N ALA J 1971 -96.84 -1.65 -52.01
CA ALA J 1971 -97.63 -1.91 -53.21
C ALA J 1971 -96.75 -2.28 -54.39
N ASN J 1972 -95.65 -1.54 -54.60
CA ASN J 1972 -94.76 -1.83 -55.71
C ASN J 1972 -94.05 -3.17 -55.53
N GLN J 1973 -93.84 -3.59 -54.28
CA GLN J 1973 -93.15 -4.86 -54.04
C GLN J 1973 -94.04 -6.03 -54.44
N ARG J 1974 -95.37 -5.90 -54.23
CA ARG J 1974 -96.29 -6.92 -54.72
C ARG J 1974 -96.25 -7.03 -56.24
N SER J 1975 -96.18 -5.88 -56.93
CA SER J 1975 -96.04 -5.92 -58.38
C SER J 1975 -94.75 -6.63 -58.77
N ARG J 1976 -93.69 -6.45 -57.97
CA ARG J 1976 -92.44 -7.17 -58.21
C ARG J 1976 -92.62 -8.67 -58.00
N TYR J 1977 -93.61 -9.07 -57.20
CA TYR J 1977 -93.87 -10.50 -56.97
C TYR J 1977 -94.41 -11.15 -58.23
N ALA J 1978 -95.57 -10.69 -58.70
CA ALA J 1978 -96.25 -11.35 -59.82
C ALA J 1978 -95.42 -11.31 -61.10
N LEU J 1979 -94.54 -10.31 -61.23
CA LEU J 1979 -93.62 -10.30 -62.36
C LEU J 1979 -92.69 -11.50 -62.31
N LEU J 1980 -92.24 -11.88 -61.13
CA LEU J 1980 -91.33 -13.01 -60.95
C LEU J 1980 -91.97 -14.16 -60.17
N MET J 1981 -93.30 -14.15 -60.02
CA MET J 1981 -94.03 -15.21 -59.34
C MET J 1981 -94.20 -16.40 -60.27
N ARG J 1982 -95.12 -17.30 -59.92
CA ARG J 1982 -95.39 -18.54 -60.65
C ARG J 1982 -95.34 -18.36 -62.16
N ALA J 1983 -95.80 -17.20 -62.67
CA ALA J 1983 -95.63 -16.87 -64.07
C ALA J 1983 -94.19 -17.12 -64.52
N PHE J 1984 -93.24 -16.45 -63.89
CA PHE J 1984 -91.80 -16.71 -64.03
C PHE J 1984 -91.41 -16.73 -65.51
N THR J 1985 -90.34 -17.48 -65.83
CA THR J 1985 -89.90 -17.65 -67.21
C THR J 1985 -88.90 -18.79 -67.33
N MET J 1986 -87.62 -18.48 -67.18
CA MET J 1986 -86.55 -19.47 -67.40
C MET J 1986 -85.29 -18.97 -66.70
N SER J 1987 -84.14 -19.52 -67.10
CA SER J 1987 -82.77 -19.15 -66.72
C SER J 1987 -82.35 -19.71 -65.37
N ALA J 1988 -83.21 -20.41 -64.63
CA ALA J 1988 -82.81 -21.18 -63.46
C ALA J 1988 -82.16 -20.32 -62.39
N ALA J 1989 -80.95 -19.84 -62.67
CA ALA J 1989 -80.18 -19.06 -61.68
C ALA J 1989 -80.91 -17.80 -61.25
N GLU J 1990 -81.87 -17.32 -62.03
CA GLU J 1990 -82.67 -16.18 -61.61
C GLU J 1990 -83.39 -16.46 -60.30
N THR J 1991 -83.76 -17.72 -60.05
CA THR J 1991 -84.36 -18.08 -58.77
C THR J 1991 -83.40 -17.82 -57.63
N ALA J 1992 -82.11 -18.09 -57.83
CA ALA J 1992 -81.12 -17.81 -56.80
C ALA J 1992 -81.02 -16.31 -56.54
N ARG J 1993 -81.13 -15.49 -57.60
CA ARG J 1993 -81.08 -14.04 -57.42
C ARG J 1993 -82.24 -13.53 -56.59
N ARG J 1994 -83.45 -14.07 -56.82
CA ARG J 1994 -84.63 -13.65 -56.07
C ARG J 1994 -84.70 -14.48 -54.79
N THR J 1995 -84.06 -13.97 -53.75
CA THR J 1995 -83.99 -14.64 -52.45
C THR J 1995 -84.47 -13.78 -51.31
N ARG J 1996 -84.21 -12.47 -51.34
CA ARG J 1996 -84.73 -11.58 -50.30
C ARG J 1996 -86.25 -11.64 -50.27
N GLU J 1997 -86.85 -11.92 -51.43
CA GLU J 1997 -88.30 -11.75 -51.59
C GLU J 1997 -89.09 -12.78 -50.82
N PHE J 1998 -88.48 -13.91 -50.44
CA PHE J 1998 -89.17 -14.91 -49.64
C PHE J 1998 -88.34 -15.30 -48.41
N ARG J 1999 -87.02 -15.26 -48.53
CA ARG J 1999 -86.13 -15.56 -47.43
C ARG J 1999 -85.73 -14.28 -46.70
N SER J 2000 -85.00 -14.46 -45.59
CA SER J 2000 -84.51 -13.40 -44.72
C SER J 2000 -85.65 -12.76 -43.94
N PRO J 2001 -85.40 -12.32 -42.70
CA PRO J 2001 -86.45 -11.68 -41.93
C PRO J 2001 -86.87 -10.36 -42.57
N PRO J 2002 -88.07 -9.87 -42.26
CA PRO J 2002 -88.54 -8.63 -42.91
C PRO J 2002 -87.60 -7.45 -42.76
N GLN J 2003 -86.96 -7.30 -41.60
CA GLN J 2003 -86.02 -6.20 -41.42
C GLN J 2003 -84.85 -6.30 -42.39
N GLU J 2004 -84.41 -7.53 -42.71
CA GLU J 2004 -83.33 -7.70 -43.67
C GLU J 2004 -83.74 -7.21 -45.06
N GLN J 2005 -85.00 -7.43 -45.43
CA GLN J 2005 -85.46 -6.97 -46.74
C GLN J 2005 -85.40 -5.45 -46.84
N ILE J 2006 -85.77 -4.74 -45.79
CA ILE J 2006 -85.72 -3.28 -45.81
C ILE J 2006 -84.31 -2.79 -46.07
N ASN J 2007 -83.31 -3.44 -45.45
CA ASN J 2007 -81.93 -3.02 -45.65
C ASN J 2007 -81.52 -3.11 -47.11
N MET J 2008 -81.89 -4.21 -47.77
CA MET J 2008 -81.50 -4.40 -49.17
C MET J 2008 -82.18 -3.39 -50.08
N LEU J 2009 -83.49 -3.16 -49.88
CA LEU J 2009 -84.23 -2.27 -50.76
C LEU J 2009 -83.98 -0.79 -50.45
N LEU J 2010 -83.47 -0.46 -49.27
CA LEU J 2010 -83.23 0.92 -48.89
C LEU J 2010 -81.78 1.34 -49.07
N HIS J 2011 -80.86 0.38 -49.13
CA HIS J 2011 -79.44 0.68 -49.26
C HIS J 2011 -79.14 1.56 -50.46
N PHE J 2012 -79.59 1.13 -51.64
CA PHE J 2012 -79.24 1.84 -52.88
C PHE J 2012 -79.98 3.17 -53.03
N LYS J 2013 -81.12 3.33 -52.36
CA LYS J 2013 -81.94 4.53 -52.54
C LYS J 2013 -81.18 5.80 -52.18
N ASP J 2014 -80.74 5.93 -50.93
CA ASP J 2014 -79.99 7.09 -50.48
C ASP J 2014 -78.49 6.88 -50.54
N GLU J 2015 -78.03 5.84 -51.25
CA GLU J 2015 -76.60 5.63 -51.44
C GLU J 2015 -76.07 6.53 -52.55
N ALA J 2016 -74.80 6.32 -52.91
CA ALA J 2016 -74.16 7.10 -53.96
C ALA J 2016 -73.53 6.17 -54.98
N ASP J 2017 -73.60 6.58 -56.25
CA ASP J 2017 -72.97 5.86 -57.35
C ASP J 2017 -73.49 4.43 -57.50
N GLU J 2018 -72.78 3.47 -56.90
CA GLU J 2018 -73.10 2.06 -57.08
C GLU J 2018 -74.49 1.74 -56.55
N GLU J 2019 -75.24 0.96 -57.33
CA GLU J 2019 -76.57 0.52 -56.96
C GLU J 2019 -76.72 -0.96 -57.30
N ASP J 2020 -77.22 -1.74 -56.33
CA ASP J 2020 -77.42 -3.17 -56.51
C ASP J 2020 -78.87 -3.52 -56.19
N CYS J 2021 -79.44 -4.39 -57.02
CA CYS J 2021 -80.84 -4.78 -56.94
C CYS J 2021 -81.75 -3.56 -56.80
N PRO J 2022 -81.71 -2.63 -57.76
CA PRO J 2022 -82.33 -1.33 -57.59
C PRO J 2022 -83.86 -1.40 -57.71
N LEU J 2023 -84.48 -0.26 -57.46
CA LEU J 2023 -85.91 -0.04 -57.63
C LEU J 2023 -86.15 0.78 -58.89
N PRO J 2024 -87.41 0.89 -59.32
CA PRO J 2024 -87.70 1.76 -60.47
C PRO J 2024 -87.23 3.18 -60.22
N GLU J 2025 -86.71 3.81 -61.26
CA GLU J 2025 -86.17 5.16 -61.12
C GLU J 2025 -87.28 6.20 -61.18
N ASP J 2026 -88.31 6.00 -60.39
CA ASP J 2026 -89.41 6.94 -60.19
C ASP J 2026 -89.66 7.22 -58.72
N ILE J 2027 -89.51 6.22 -57.85
CA ILE J 2027 -89.63 6.42 -56.41
C ILE J 2027 -88.29 6.73 -55.75
N ARG J 2028 -87.19 6.67 -56.50
CA ARG J 2028 -85.87 6.99 -55.97
C ARG J 2028 -85.50 8.45 -56.21
N GLN J 2029 -86.47 9.31 -56.52
CA GLN J 2029 -86.22 10.72 -56.73
C GLN J 2029 -86.68 11.61 -55.59
N ASP J 2030 -87.75 11.22 -54.88
CA ASP J 2030 -88.23 12.04 -53.78
C ASP J 2030 -87.26 12.01 -52.60
N LEU J 2031 -86.60 10.88 -52.35
CA LEU J 2031 -85.57 10.85 -51.33
C LEU J 2031 -84.45 11.84 -51.65
N GLN J 2032 -83.97 11.83 -52.89
CA GLN J 2032 -82.95 12.78 -53.30
C GLN J 2032 -83.47 14.22 -53.27
N ASP J 2033 -84.78 14.40 -53.17
CA ASP J 2033 -85.36 15.71 -52.90
C ASP J 2033 -85.67 15.90 -51.42
N PHE J 2034 -86.31 14.93 -50.78
CA PHE J 2034 -86.61 15.04 -49.36
C PHE J 2034 -85.33 15.10 -48.52
N HIS J 2035 -84.41 14.16 -48.75
CA HIS J 2035 -83.14 14.19 -48.02
C HIS J 2035 -82.36 15.46 -48.35
N GLN J 2036 -82.47 15.94 -49.60
CA GLN J 2036 -81.98 17.27 -49.91
C GLN J 2036 -82.76 18.34 -49.16
N ASP J 2037 -84.10 18.20 -49.12
CA ASP J 2037 -84.92 19.18 -48.42
C ASP J 2037 -84.60 19.20 -46.93
N LEU J 2038 -84.46 18.02 -46.33
CA LEU J 2038 -84.06 17.96 -44.93
C LEU J 2038 -82.67 18.56 -44.72
N LEU J 2039 -81.71 18.20 -45.57
CA LEU J 2039 -80.39 18.80 -45.45
C LEU J 2039 -80.31 20.12 -46.21
N ALA J 2040 -81.34 20.93 -46.03
CA ALA J 2040 -81.32 22.36 -46.29
C ALA J 2040 -81.98 23.15 -45.19
N HIS J 2041 -82.84 22.52 -44.39
CA HIS J 2041 -83.57 23.18 -43.33
C HIS J 2041 -82.73 23.32 -42.07
N CYS J 2042 -82.13 22.21 -41.60
CA CYS J 2042 -81.49 22.21 -40.30
C CYS J 2042 -80.28 23.13 -40.23
N GLY J 2043 -79.17 22.76 -40.89
CA GLY J 2043 -77.98 23.58 -40.86
C GLY J 2043 -77.20 23.69 -42.15
N ILE J 2044 -77.52 22.83 -43.12
CA ILE J 2044 -76.61 22.62 -44.25
C ILE J 2044 -76.60 23.85 -45.16
N GLN J 2045 -75.41 24.32 -45.50
CA GLN J 2045 -75.29 25.39 -46.47
C GLN J 2045 -75.53 24.88 -47.88
N LEU J 2046 -75.00 23.71 -48.22
CA LEU J 2046 -75.16 23.08 -49.53
C LEU J 2046 -74.69 24.01 -50.64
N GLU J 2047 -73.40 24.32 -50.61
CA GLU J 2047 -72.78 25.19 -51.61
C GLU J 2047 -72.74 24.53 -52.97
N LYS J 2089 -76.21 41.82 -41.48
CA LYS J 2089 -77.49 41.73 -42.18
C LYS J 2089 -78.58 41.21 -41.24
N LYS J 2090 -79.81 41.19 -41.75
CA LYS J 2090 -80.91 40.67 -40.96
C LYS J 2090 -80.77 39.16 -40.80
N PRO J 2091 -80.83 38.63 -39.58
CA PRO J 2091 -80.71 37.17 -39.41
C PRO J 2091 -81.72 36.38 -40.21
N GLN J 2092 -82.97 36.85 -40.28
CA GLN J 2092 -84.03 36.22 -41.07
C GLN J 2092 -84.22 34.74 -40.73
N SER J 2093 -83.77 34.31 -39.56
CA SER J 2093 -83.86 32.92 -39.13
C SER J 2093 -83.52 32.82 -37.66
N LEU J 2094 -84.17 31.87 -36.98
CA LEU J 2094 -83.88 31.65 -35.57
C LEU J 2094 -82.44 31.18 -35.38
N GLN J 2095 -81.95 30.33 -36.28
CA GLN J 2095 -80.57 29.84 -36.18
C GLN J 2095 -79.58 31.00 -36.18
N GLU J 2096 -79.73 31.93 -37.13
CA GLU J 2096 -78.85 33.08 -37.17
C GLU J 2096 -79.06 34.00 -35.98
N LEU J 2097 -80.30 34.14 -35.52
CA LEU J 2097 -80.60 35.08 -34.44
C LEU J 2097 -79.92 34.64 -33.14
N VAL J 2098 -80.09 33.38 -32.75
CA VAL J 2098 -79.53 32.91 -31.50
C VAL J 2098 -78.00 32.93 -31.54
N SER J 2099 -77.43 32.43 -32.63
CA SER J 2099 -75.98 32.33 -32.74
C SER J 2099 -75.33 33.71 -32.70
N HIS J 2100 -75.90 34.67 -33.45
CA HIS J 2100 -75.33 36.01 -33.49
C HIS J 2100 -75.55 36.77 -32.19
N MET J 2101 -76.46 36.31 -31.33
CA MET J 2101 -76.82 37.07 -30.14
C MET J 2101 -76.03 36.60 -28.91
N VAL J 2102 -75.92 35.28 -28.72
CA VAL J 2102 -75.23 34.74 -27.55
C VAL J 2102 -73.77 35.19 -27.53
N VAL J 2103 -73.14 35.28 -28.70
CA VAL J 2103 -71.77 35.74 -28.77
C VAL J 2103 -71.65 37.18 -28.28
N ARG J 2104 -72.64 38.02 -28.62
CA ARG J 2104 -72.59 39.41 -28.19
C ARG J 2104 -72.61 39.52 -26.67
N TRP J 2105 -73.37 38.66 -26.00
CA TRP J 2105 -73.48 38.72 -24.54
C TRP J 2105 -72.15 38.44 -23.87
N ALA J 2106 -71.36 37.51 -24.40
CA ALA J 2106 -70.07 37.20 -23.80
C ALA J 2106 -69.01 38.24 -24.15
N GLN J 2107 -69.08 38.82 -25.35
CA GLN J 2107 -68.09 39.82 -25.75
C GLN J 2107 -68.19 41.11 -24.95
N GLU J 2108 -69.35 41.40 -24.35
CA GLU J 2108 -69.58 42.67 -23.67
C GLU J 2108 -69.76 42.50 -22.17
N ASP J 2109 -69.38 41.35 -21.62
CA ASP J 2109 -69.50 41.12 -20.18
C ASP J 2109 -68.63 39.93 -19.80
N TYR J 2110 -68.20 39.92 -18.54
CA TYR J 2110 -67.52 38.79 -17.93
C TYR J 2110 -68.53 38.15 -16.97
N VAL J 2111 -69.20 37.10 -17.45
CA VAL J 2111 -70.37 36.58 -16.76
C VAL J 2111 -69.94 35.79 -15.54
N GLN J 2112 -70.44 36.20 -14.37
CA GLN J 2112 -70.30 35.44 -13.14
C GLN J 2112 -71.50 34.51 -12.99
N SER J 2113 -71.69 33.91 -11.81
CA SER J 2113 -72.80 33.00 -11.54
C SER J 2113 -72.74 31.80 -12.47
N PRO J 2114 -71.83 30.86 -12.22
CA PRO J 2114 -71.64 29.72 -13.13
C PRO J 2114 -72.91 29.04 -13.61
N GLU J 2115 -73.97 29.10 -12.80
CA GLU J 2115 -75.24 28.53 -13.23
C GLU J 2115 -75.77 29.20 -14.49
N LEU J 2116 -75.44 30.48 -14.70
CA LEU J 2116 -75.83 31.16 -15.93
C LEU J 2116 -75.02 30.67 -17.12
N VAL J 2117 -73.69 30.69 -17.01
CA VAL J 2117 -72.84 30.41 -18.17
C VAL J 2117 -73.08 29.02 -18.72
N ARG J 2118 -73.52 28.08 -17.86
CA ARG J 2118 -73.86 26.75 -18.34
C ARG J 2118 -75.12 26.76 -19.22
N ALA J 2119 -75.94 27.81 -19.13
CA ALA J 2119 -77.21 27.81 -19.84
C ALA J 2119 -77.01 28.09 -21.33
N MET J 2120 -76.46 29.27 -21.68
CA MET J 2120 -76.37 29.64 -23.08
C MET J 2120 -75.42 28.73 -23.85
N PHE J 2121 -74.40 28.19 -23.18
CA PHE J 2121 -73.47 27.31 -23.89
C PHE J 2121 -74.12 25.99 -24.30
N SER J 2122 -75.23 25.61 -23.66
CA SER J 2122 -76.01 24.47 -24.16
C SER J 2122 -76.93 24.85 -25.32
N LEU J 2123 -77.09 26.14 -25.61
CA LEU J 2123 -77.94 26.54 -26.72
C LEU J 2123 -77.18 26.48 -28.05
N LEU J 2124 -76.16 27.30 -28.22
CA LEU J 2124 -75.52 27.43 -29.53
C LEU J 2124 -74.94 26.12 -30.00
N HIS J 2125 -74.58 25.23 -29.07
CA HIS J 2125 -74.15 23.89 -29.48
C HIS J 2125 -75.28 23.17 -30.21
N ARG J 2126 -76.52 23.30 -29.72
CA ARG J 2126 -77.65 22.71 -30.42
C ARG J 2126 -77.90 23.41 -31.76
N GLN J 2127 -77.81 24.74 -31.80
CA GLN J 2127 -78.01 25.47 -33.05
C GLN J 2127 -76.86 25.31 -34.04
N TYR J 2128 -75.72 24.76 -33.61
CA TYR J 2128 -74.63 24.49 -34.53
C TYR J 2128 -74.52 23.04 -34.93
N ASP J 2129 -75.11 22.12 -34.17
CA ASP J 2129 -75.15 20.70 -34.49
C ASP J 2129 -76.63 20.30 -34.54
N GLY J 2130 -77.24 20.48 -35.69
CA GLY J 2130 -78.64 20.16 -35.85
C GLY J 2130 -78.88 18.68 -35.92
N LEU J 2131 -78.15 18.01 -36.81
CA LEU J 2131 -78.30 16.58 -37.00
C LEU J 2131 -77.94 15.81 -35.73
N GLY J 2132 -77.02 16.33 -34.92
CA GLY J 2132 -76.66 15.64 -33.69
C GLY J 2132 -77.84 15.48 -32.74
N GLU J 2133 -78.63 16.54 -32.58
CA GLU J 2133 -79.83 16.43 -31.77
C GLU J 2133 -80.84 15.47 -32.40
N LEU J 2134 -81.02 15.56 -33.73
CA LEU J 2134 -81.95 14.68 -34.41
C LEU J 2134 -81.55 13.22 -34.26
N LEU J 2135 -80.26 12.92 -34.50
CA LEU J 2135 -79.79 11.55 -34.37
C LEU J 2135 -79.97 11.02 -32.96
N ARG J 2136 -79.94 11.91 -31.96
CA ARG J 2136 -80.13 11.53 -30.57
C ARG J 2136 -81.60 11.62 -30.13
N ALA J 2137 -82.51 11.78 -31.08
CA ALA J 2137 -83.93 11.88 -30.76
C ALA J 2137 -84.77 10.76 -31.36
N LEU J 2138 -84.39 10.26 -32.53
CA LEU J 2138 -85.12 9.16 -33.16
C LEU J 2138 -85.29 7.93 -32.28
N PRO J 2139 -84.28 7.48 -31.49
CA PRO J 2139 -84.51 6.29 -30.65
C PRO J 2139 -85.58 6.47 -29.59
N ARG J 2140 -86.18 7.67 -29.52
CA ARG J 2140 -87.30 7.92 -28.62
C ARG J 2140 -88.61 8.17 -29.38
N ALA J 2141 -88.64 7.90 -30.68
CA ALA J 2141 -89.80 8.15 -31.51
C ALA J 2141 -90.46 6.82 -31.88
N TYR J 2142 -91.78 6.83 -31.98
CA TYR J 2142 -92.52 5.61 -32.25
C TYR J 2142 -93.87 5.96 -32.89
N THR J 2143 -94.32 5.13 -33.82
CA THR J 2143 -95.58 5.32 -34.52
C THR J 2143 -96.56 4.21 -34.17
N ILE J 2144 -97.81 4.59 -33.92
CA ILE J 2144 -98.88 3.66 -33.61
C ILE J 2144 -100.09 3.98 -34.48
N SER J 2145 -101.10 3.13 -34.40
CA SER J 2145 -102.28 3.18 -35.25
C SER J 2145 -103.52 3.60 -34.45
N PRO J 2146 -104.53 4.13 -35.11
CA PRO J 2146 -105.77 4.51 -34.41
C PRO J 2146 -106.46 3.29 -33.79
N SER J 2147 -107.53 3.57 -33.06
CA SER J 2147 -108.32 2.62 -32.30
C SER J 2147 -107.54 2.04 -31.12
N SER J 2148 -106.27 2.42 -30.96
CA SER J 2148 -105.48 2.03 -29.81
C SER J 2148 -104.98 3.21 -29.00
N VAL J 2149 -105.17 4.44 -29.49
CA VAL J 2149 -104.68 5.62 -28.78
C VAL J 2149 -105.39 5.77 -27.44
N GLU J 2150 -106.68 5.43 -27.39
CA GLU J 2150 -107.42 5.53 -26.13
C GLU J 2150 -106.84 4.58 -25.08
N ASP J 2151 -106.46 3.36 -25.50
CA ASP J 2151 -105.84 2.43 -24.57
C ASP J 2151 -104.49 2.95 -24.08
N THR J 2152 -103.67 3.48 -25.00
CA THR J 2152 -102.39 4.03 -24.59
C THR J 2152 -102.55 5.27 -23.73
N MET J 2153 -103.61 6.05 -23.97
CA MET J 2153 -103.83 7.28 -23.21
C MET J 2153 -103.96 6.99 -21.72
N SER J 2154 -104.69 5.93 -21.38
CA SER J 2154 -104.79 5.53 -19.97
C SER J 2154 -103.43 5.10 -19.43
N LEU J 2155 -102.66 4.34 -20.22
CA LEU J 2155 -101.35 3.90 -19.78
C LEU J 2155 -100.42 5.08 -19.54
N LEU J 2156 -100.41 6.04 -20.47
CA LEU J 2156 -99.51 7.19 -20.35
C LEU J 2156 -99.85 8.02 -19.12
N GLU J 2157 -101.14 8.30 -18.91
CA GLU J 2157 -101.55 9.06 -17.74
C GLU J 2157 -101.25 8.31 -16.45
N CYS J 2158 -101.51 7.01 -16.43
CA CYS J 2158 -101.24 6.22 -15.23
C CYS J 2158 -99.76 6.13 -14.93
N LEU J 2159 -98.92 6.07 -15.98
CA LEU J 2159 -97.47 5.95 -15.76
C LEU J 2159 -96.90 7.20 -15.08
N GLY J 2160 -97.54 8.35 -15.27
CA GLY J 2160 -97.00 9.57 -14.70
C GLY J 2160 -96.89 9.53 -13.19
N GLN J 2161 -97.87 8.91 -12.52
CA GLN J 2161 -97.88 8.89 -11.06
C GLN J 2161 -96.68 8.12 -10.50
N ILE J 2162 -96.18 7.14 -11.24
CA ILE J 2162 -94.97 6.44 -10.79
C ILE J 2162 -93.78 7.38 -10.77
N ARG J 2163 -93.66 8.22 -11.80
CA ARG J 2163 -92.54 9.16 -11.86
C ARG J 2163 -92.55 10.14 -10.71
N SER J 2164 -93.75 10.59 -10.29
CA SER J 2164 -93.85 11.47 -9.15
C SER J 2164 -93.62 10.74 -7.83
N LEU J 2165 -93.67 9.41 -7.83
CA LEU J 2165 -93.44 8.65 -6.61
C LEU J 2165 -91.96 8.62 -6.24
N LEU J 2166 -91.07 8.66 -7.23
CA LEU J 2166 -89.64 8.56 -6.96
C LEU J 2166 -89.15 9.74 -6.13
N ILE J 2167 -89.58 10.96 -6.45
CA ILE J 2167 -89.06 12.14 -5.77
C ILE J 2167 -89.51 12.17 -4.31
N VAL J 2168 -90.77 11.83 -4.06
CA VAL J 2168 -91.29 11.83 -2.70
C VAL J 2168 -90.75 10.64 -1.92
N GLN J 2169 -90.44 10.86 -0.65
CA GLN J 2169 -90.04 9.76 0.23
C GLN J 2169 -91.22 8.81 0.45
N MET J 2170 -90.90 7.53 0.68
CA MET J 2170 -91.92 6.50 0.77
C MET J 2170 -92.88 6.75 1.93
N GLY J 2171 -94.16 6.76 1.64
CA GLY J 2171 -95.18 6.94 2.64
C GLY J 2171 -96.22 5.84 2.60
N PRO J 2172 -96.78 5.47 3.76
CA PRO J 2172 -97.79 4.41 3.77
C PRO J 2172 -98.99 4.68 2.87
N GLN J 2173 -99.46 5.93 2.83
CA GLN J 2173 -100.52 6.27 1.88
C GLN J 2173 -100.01 6.20 0.46
N GLU J 2174 -98.81 6.72 0.20
CA GLU J 2174 -98.23 6.63 -1.14
C GLU J 2174 -97.92 5.19 -1.53
N GLU J 2175 -97.57 4.34 -0.55
CA GLU J 2175 -97.32 2.94 -0.84
C GLU J 2175 -98.56 2.26 -1.40
N ASN J 2176 -99.73 2.56 -0.83
CA ASN J 2176 -100.98 2.07 -1.37
C ASN J 2176 -101.16 2.50 -2.82
N LEU J 2177 -100.87 3.78 -3.11
CA LEU J 2177 -101.16 4.34 -4.43
C LEU J 2177 -100.49 3.54 -5.55
N MET J 2178 -99.23 3.15 -5.35
CA MET J 2178 -98.49 2.48 -6.41
C MET J 2178 -99.08 1.10 -6.72
N ILE J 2179 -99.52 0.37 -5.70
CA ILE J 2179 -99.96 -1.01 -5.89
C ILE J 2179 -101.13 -1.07 -6.87
N GLN J 2180 -102.12 -0.19 -6.69
CA GLN J 2180 -103.16 -0.09 -7.71
C GLN J 2180 -102.58 0.47 -9.00
N SER J 2181 -101.63 1.40 -8.91
CA SER J 2181 -101.04 1.99 -10.10
C SER J 2181 -100.38 0.93 -10.96
N ILE J 2182 -99.51 0.11 -10.37
CA ILE J 2182 -98.86 -0.97 -11.12
C ILE J 2182 -99.89 -2.03 -11.51
N GLY J 2183 -100.89 -2.27 -10.66
CA GLY J 2183 -101.92 -3.25 -10.99
C GLY J 2183 -102.73 -2.84 -12.20
N ASN J 2184 -102.99 -1.55 -12.36
CA ASN J 2184 -103.68 -1.08 -13.55
C ASN J 2184 -102.77 -1.04 -14.78
N ILE J 2185 -101.45 -1.01 -14.59
CA ILE J 2185 -100.54 -1.06 -15.74
C ILE J 2185 -100.67 -2.39 -16.46
N MET J 2186 -100.73 -3.50 -15.70
CA MET J 2186 -100.75 -4.81 -16.32
C MET J 2186 -102.16 -5.24 -16.69
N ASN J 2187 -102.92 -4.33 -17.27
CA ASN J 2187 -104.21 -4.71 -17.86
C ASN J 2187 -104.57 -3.87 -19.08
N ASN J 2188 -103.66 -3.07 -19.63
CA ASN J 2188 -104.02 -2.02 -20.57
C ASN J 2188 -104.02 -2.47 -22.02
N LYS J 2189 -103.75 -3.74 -22.30
CA LYS J 2189 -103.77 -4.31 -23.65
C LYS J 2189 -102.65 -3.76 -24.52
N VAL J 2190 -101.89 -2.79 -24.02
CA VAL J 2190 -100.79 -2.20 -24.78
C VAL J 2190 -99.43 -2.65 -24.26
N PHE J 2191 -99.31 -2.96 -22.97
CA PHE J 2191 -98.08 -3.58 -22.47
C PHE J 2191 -98.09 -5.08 -22.75
N TYR J 2192 -98.53 -5.46 -23.95
CA TYR J 2192 -98.33 -6.80 -24.50
C TYR J 2192 -98.03 -6.80 -25.99
N GLN J 2193 -98.41 -5.76 -26.73
CA GLN J 2193 -98.29 -5.71 -28.17
C GLN J 2193 -97.08 -4.94 -28.66
N HIS J 2194 -96.66 -3.92 -27.93
CA HIS J 2194 -95.57 -3.03 -28.36
C HIS J 2194 -94.53 -2.93 -27.24
N PRO J 2195 -93.75 -3.98 -27.01
CA PRO J 2195 -92.68 -3.89 -26.01
C PRO J 2195 -91.66 -2.81 -26.31
N ASN J 2196 -91.47 -2.48 -27.59
CA ASN J 2196 -90.48 -1.45 -27.95
C ASN J 2196 -90.82 -0.11 -27.33
N LEU J 2197 -92.10 0.19 -27.12
CA LEU J 2197 -92.47 1.39 -26.39
C LEU J 2197 -91.87 1.38 -24.99
N MET J 2198 -92.06 0.29 -24.27
CA MET J 2198 -91.82 0.31 -22.83
C MET J 2198 -90.33 0.39 -22.51
N ARG J 2199 -89.46 -0.02 -23.44
CA ARG J 2199 -88.04 0.27 -23.30
C ARG J 2199 -87.70 1.70 -23.72
N ALA J 2200 -88.53 2.33 -24.56
CA ALA J 2200 -88.28 3.71 -24.92
C ALA J 2200 -88.79 4.66 -23.83
N LEU J 2201 -89.94 4.35 -23.24
CA LEU J 2201 -90.35 5.07 -22.03
C LEU J 2201 -89.51 4.63 -20.84
N GLY J 2202 -89.07 3.37 -20.83
CA GLY J 2202 -88.16 2.90 -19.81
C GLY J 2202 -88.71 2.95 -18.40
N MET J 2203 -89.94 2.48 -18.19
CA MET J 2203 -90.46 2.48 -16.83
C MET J 2203 -89.74 1.46 -15.97
N HIS J 2204 -89.17 0.43 -16.57
CA HIS J 2204 -88.38 -0.54 -15.80
C HIS J 2204 -87.20 0.14 -15.13
N GLU J 2205 -86.63 1.15 -15.79
CA GLU J 2205 -85.60 1.95 -15.15
C GLU J 2205 -86.14 2.65 -13.91
N THR J 2206 -87.25 3.38 -14.07
CA THR J 2206 -87.78 4.19 -12.97
C THR J 2206 -88.23 3.34 -11.80
N VAL J 2207 -88.93 2.24 -12.07
CA VAL J 2207 -89.42 1.40 -10.99
C VAL J 2207 -88.26 0.78 -10.21
N MET J 2208 -87.10 0.67 -10.85
CA MET J 2208 -85.95 0.05 -10.18
C MET J 2208 -85.49 0.86 -8.97
N GLU J 2209 -85.45 2.20 -9.10
CA GLU J 2209 -85.05 3.01 -7.95
C GLU J 2209 -86.08 2.93 -6.83
N VAL J 2210 -87.35 2.68 -7.17
CA VAL J 2210 -88.37 2.57 -6.13
C VAL J 2210 -88.01 1.46 -5.16
N MET J 2211 -87.51 0.33 -5.68
CA MET J 2211 -87.13 -0.78 -4.82
C MET J 2211 -85.87 -0.47 -4.02
N VAL J 2212 -84.91 0.22 -4.61
CA VAL J 2212 -83.63 0.43 -3.91
C VAL J 2212 -83.78 1.38 -2.74
N ASN J 2213 -84.69 2.35 -2.82
CA ASN J 2213 -84.86 3.30 -1.72
C ASN J 2213 -85.44 2.62 -0.49
N VAL J 2214 -86.48 1.81 -0.66
CA VAL J 2214 -87.12 1.19 0.49
C VAL J 2214 -86.21 0.15 1.13
N LEU J 2215 -85.44 -0.57 0.32
CA LEU J 2215 -84.58 -1.62 0.84
C LEU J 2215 -83.26 -1.09 1.39
N GLY J 2216 -82.90 0.16 1.09
CA GLY J 2216 -81.68 0.73 1.60
C GLY J 2216 -81.66 0.88 3.10
N GLY J 2217 -80.84 0.05 3.77
CA GLY J 2217 -80.81 0.05 5.22
C GLY J 2217 -79.55 -0.59 5.73
N GLY J 2218 -79.25 -0.33 7.00
CA GLY J 2218 -78.02 -0.84 7.60
C GLY J 2218 -78.00 -2.34 7.72
N GLU J 2219 -79.09 -2.94 8.18
CA GLU J 2219 -79.14 -4.37 8.43
C GLU J 2219 -80.54 -4.89 8.13
N THR J 2220 -80.82 -6.12 8.57
CA THR J 2220 -82.13 -6.72 8.34
C THR J 2220 -83.24 -6.02 9.10
N LYS J 2221 -82.92 -5.26 10.14
CA LYS J 2221 -83.93 -4.52 10.87
C LYS J 2221 -84.60 -3.44 10.01
N GLU J 2222 -83.93 -3.00 8.95
CA GLU J 2222 -84.49 -1.99 8.05
C GLU J 2222 -85.27 -2.68 6.92
N ILE J 2223 -86.38 -3.31 7.32
CA ILE J 2223 -87.28 -3.95 6.38
C ILE J 2223 -88.60 -3.18 6.38
N ARG J 2224 -88.52 -1.88 6.60
CA ARG J 2224 -89.71 -1.03 6.62
C ARG J 2224 -90.41 -1.06 5.27
N PHE J 2225 -91.74 -0.96 5.32
CA PHE J 2225 -92.60 -1.04 4.16
C PHE J 2225 -92.43 -2.36 3.40
N PRO J 2226 -92.76 -3.51 4.01
CA PRO J 2226 -92.85 -4.75 3.23
C PRO J 2226 -94.14 -4.80 2.44
N LYS J 2227 -94.43 -5.93 1.79
CA LYS J 2227 -95.61 -6.16 0.98
C LYS J 2227 -95.65 -5.30 -0.27
N MET J 2228 -94.66 -4.45 -0.51
CA MET J 2228 -94.55 -3.69 -1.74
C MET J 2228 -93.41 -4.16 -2.64
N VAL J 2229 -92.31 -4.66 -2.04
CA VAL J 2229 -91.27 -5.29 -2.84
C VAL J 2229 -91.82 -6.52 -3.54
N THR J 2230 -92.58 -7.34 -2.81
CA THR J 2230 -93.23 -8.49 -3.43
C THR J 2230 -94.24 -8.07 -4.48
N SER J 2231 -95.01 -7.02 -4.19
CA SER J 2231 -96.04 -6.58 -5.12
C SER J 2231 -95.46 -5.97 -6.39
N CYS J 2232 -94.19 -5.55 -6.37
CA CYS J 2232 -93.57 -4.94 -7.54
C CYS J 2232 -92.60 -5.89 -8.25
N CYS J 2233 -91.85 -6.69 -7.49
CA CYS J 2233 -90.93 -7.65 -8.10
C CYS J 2233 -91.65 -8.66 -8.98
N ARG J 2234 -92.91 -8.96 -8.69
CA ARG J 2234 -93.69 -9.84 -9.55
C ARG J 2234 -93.86 -9.23 -10.94
N PHE J 2235 -94.06 -7.91 -11.01
CA PHE J 2235 -94.21 -7.23 -12.28
C PHE J 2235 -92.94 -7.31 -13.12
N LEU J 2236 -91.77 -7.21 -12.47
CA LEU J 2236 -90.51 -7.25 -13.20
C LEU J 2236 -90.30 -8.59 -13.90
N CYS J 2237 -90.64 -9.69 -13.21
CA CYS J 2237 -90.42 -11.02 -13.79
C CYS J 2237 -91.21 -11.20 -15.08
N TYR J 2238 -92.49 -10.81 -15.08
CA TYR J 2238 -93.30 -10.95 -16.28
C TYR J 2238 -92.81 -10.04 -17.40
N PHE J 2239 -92.24 -8.90 -17.06
CA PHE J 2239 -91.64 -8.04 -18.09
C PHE J 2239 -90.50 -8.75 -18.78
N CYS J 2240 -89.71 -9.52 -18.02
CA CYS J 2240 -88.55 -10.22 -18.55
C CYS J 2240 -88.93 -11.40 -19.43
N ARG J 2241 -90.19 -11.80 -19.47
CA ARG J 2241 -90.64 -12.95 -20.24
C ARG J 2241 -91.58 -12.54 -21.36
N ILE J 2242 -91.25 -11.45 -22.06
CA ILE J 2242 -92.05 -11.00 -23.19
C ILE J 2242 -91.26 -10.98 -24.49
N SER J 2243 -89.95 -10.72 -24.47
CA SER J 2243 -89.15 -10.72 -25.67
C SER J 2243 -87.68 -10.87 -25.30
N ARG J 2244 -86.88 -11.29 -26.27
CA ARG J 2244 -85.46 -11.48 -26.02
C ARG J 2244 -84.77 -10.15 -25.69
N GLN J 2245 -85.08 -9.10 -26.45
CA GLN J 2245 -84.45 -7.81 -26.19
C GLN J 2245 -84.86 -7.27 -24.82
N ASN J 2246 -86.08 -7.57 -24.39
CA ASN J 2246 -86.47 -7.23 -23.02
C ASN J 2246 -85.59 -7.95 -22.00
N GLN J 2247 -85.19 -9.18 -22.29
CA GLN J 2247 -84.32 -9.91 -21.36
C GLN J 2247 -82.94 -9.27 -21.29
N ARG J 2248 -82.38 -8.87 -22.43
CA ARG J 2248 -81.07 -8.22 -22.46
C ARG J 2248 -81.09 -6.90 -21.71
N SER J 2249 -82.11 -6.07 -21.95
CA SER J 2249 -82.09 -4.71 -21.43
C SER J 2249 -82.02 -4.67 -19.91
N MET J 2250 -82.68 -5.60 -19.23
CA MET J 2250 -82.65 -5.65 -17.78
C MET J 2250 -81.52 -6.53 -17.24
N PHE J 2251 -80.97 -7.41 -18.09
CA PHE J 2251 -79.88 -8.28 -17.67
C PHE J 2251 -78.65 -7.49 -17.26
N ASP J 2252 -78.38 -6.38 -17.94
CA ASP J 2252 -77.16 -5.61 -17.69
C ASP J 2252 -77.05 -5.12 -16.26
N HIS J 2253 -78.17 -5.03 -15.54
CA HIS J 2253 -78.17 -4.62 -14.14
C HIS J 2253 -78.03 -5.79 -13.18
N LEU J 2254 -77.53 -6.94 -13.66
CA LEU J 2254 -77.41 -8.10 -12.79
C LEU J 2254 -76.46 -7.85 -11.64
N SER J 2255 -75.30 -7.25 -11.92
CA SER J 2255 -74.35 -6.94 -10.84
C SER J 2255 -74.96 -5.96 -9.86
N TYR J 2256 -75.68 -4.96 -10.36
CA TYR J 2256 -76.36 -4.01 -9.48
C TYR J 2256 -77.41 -4.71 -8.62
N LEU J 2257 -78.15 -5.65 -9.21
CA LEU J 2257 -79.26 -6.26 -8.50
C LEU J 2257 -78.76 -7.16 -7.37
N LEU J 2258 -77.76 -7.99 -7.63
CA LEU J 2258 -77.26 -8.91 -6.60
C LEU J 2258 -76.58 -8.18 -5.46
N GLU J 2259 -76.14 -6.94 -5.67
CA GLU J 2259 -75.46 -6.21 -4.59
C GLU J 2259 -76.37 -6.02 -3.39
N ASN J 2260 -77.65 -5.78 -3.63
CA ASN J 2260 -78.64 -5.56 -2.59
C ASN J 2260 -79.79 -6.56 -2.70
N SER J 2261 -79.44 -7.85 -2.75
CA SER J 2261 -80.44 -8.91 -2.86
C SER J 2261 -80.34 -9.96 -1.76
N GLY J 2262 -79.13 -10.33 -1.36
CA GLY J 2262 -78.96 -11.41 -0.40
C GLY J 2262 -78.91 -10.95 1.04
N ILE J 2263 -79.76 -9.98 1.40
CA ILE J 2263 -79.80 -9.47 2.76
C ILE J 2263 -81.21 -9.62 3.33
N GLY J 2264 -82.18 -9.02 2.65
CA GLY J 2264 -83.56 -9.06 3.10
C GLY J 2264 -84.27 -10.34 2.71
N LEU J 2265 -83.98 -11.42 3.42
CA LEU J 2265 -84.58 -12.72 3.14
C LEU J 2265 -85.53 -13.10 4.27
N GLY J 2266 -86.66 -13.71 3.91
CA GLY J 2266 -87.59 -14.18 4.92
C GLY J 2266 -89.05 -14.07 4.53
N MET J 2267 -89.36 -13.34 3.47
CA MET J 2267 -90.74 -13.18 3.02
C MET J 2267 -91.05 -14.18 1.91
N GLN J 2268 -92.23 -14.06 1.33
CA GLN J 2268 -92.69 -15.01 0.32
C GLN J 2268 -93.13 -14.28 -0.94
N GLY J 2269 -93.75 -15.02 -1.86
CA GLY J 2269 -94.21 -14.44 -3.11
C GLY J 2269 -93.07 -14.19 -4.07
N SER J 2270 -92.19 -13.26 -3.71
CA SER J 2270 -91.05 -12.89 -4.55
C SER J 2270 -89.98 -12.25 -3.69
N THR J 2271 -88.84 -12.00 -4.31
CA THR J 2271 -87.67 -11.39 -3.70
C THR J 2271 -86.79 -10.96 -4.87
N PRO J 2272 -85.90 -9.97 -4.72
CA PRO J 2272 -85.10 -9.56 -5.87
C PRO J 2272 -84.22 -10.67 -6.43
N LEU J 2273 -83.91 -11.68 -5.63
CA LEU J 2273 -83.13 -12.80 -6.13
C LEU J 2273 -83.88 -13.56 -7.22
N ASP J 2274 -85.21 -13.65 -7.11
CA ASP J 2274 -85.99 -14.38 -8.10
C ASP J 2274 -85.89 -13.72 -9.47
N VAL J 2275 -86.07 -12.40 -9.55
CA VAL J 2275 -85.97 -11.72 -10.83
C VAL J 2275 -84.54 -11.77 -11.34
N ALA J 2276 -83.56 -11.84 -10.44
CA ALA J 2276 -82.19 -12.05 -10.86
C ALA J 2276 -82.03 -13.38 -11.57
N ALA J 2277 -82.66 -14.43 -11.03
CA ALA J 2277 -82.61 -15.74 -11.68
C ALA J 2277 -83.37 -15.72 -12.99
N ALA J 2278 -84.53 -15.06 -13.02
CA ALA J 2278 -85.35 -15.01 -14.22
C ALA J 2278 -84.72 -14.18 -15.33
N SER J 2279 -83.66 -13.42 -15.04
CA SER J 2279 -83.02 -12.61 -16.07
C SER J 2279 -82.33 -13.45 -17.13
N VAL J 2280 -81.99 -14.70 -16.83
CA VAL J 2280 -81.45 -15.63 -17.83
C VAL J 2280 -81.99 -17.03 -17.57
N ILE J 2281 -82.96 -17.46 -18.39
CA ILE J 2281 -83.55 -18.78 -18.18
C ILE J 2281 -83.56 -19.60 -19.45
N ASP J 2282 -83.65 -18.94 -20.62
CA ASP J 2282 -83.69 -19.67 -21.88
C ASP J 2282 -82.93 -18.97 -23.00
N ASN J 2283 -82.05 -18.03 -22.67
CA ASN J 2283 -81.41 -17.21 -23.70
C ASN J 2283 -80.48 -18.05 -24.57
N ASN J 2284 -79.62 -18.85 -23.93
CA ASN J 2284 -78.60 -19.71 -24.51
C ASN J 2284 -77.40 -18.91 -25.02
N GLU J 2285 -77.49 -17.58 -25.04
CA GLU J 2285 -76.34 -16.73 -25.31
C GLU J 2285 -76.07 -15.74 -24.19
N LEU J 2286 -77.08 -15.34 -23.42
CA LEU J 2286 -76.83 -14.56 -22.22
C LEU J 2286 -76.03 -15.37 -21.21
N ALA J 2287 -76.32 -16.66 -21.09
CA ALA J 2287 -75.55 -17.52 -20.18
C ALA J 2287 -74.09 -17.56 -20.57
N LEU J 2288 -73.78 -17.49 -21.86
CA LEU J 2288 -72.39 -17.43 -22.30
C LEU J 2288 -71.76 -16.07 -22.03
N ALA J 2289 -72.57 -15.04 -21.75
CA ALA J 2289 -72.08 -13.69 -21.53
C ALA J 2289 -71.98 -13.33 -20.05
N LEU J 2290 -71.72 -14.32 -19.20
CA LEU J 2290 -71.47 -14.03 -17.80
C LEU J 2290 -70.08 -13.45 -17.63
N GLN J 2291 -69.77 -13.02 -16.40
CA GLN J 2291 -68.48 -12.39 -16.15
C GLN J 2291 -67.81 -12.93 -14.90
N GLU J 2292 -68.08 -14.20 -14.56
CA GLU J 2292 -67.40 -14.89 -13.48
C GLU J 2292 -67.63 -14.21 -12.13
N GLN J 2293 -67.21 -12.94 -12.00
CA GLN J 2293 -67.33 -12.23 -10.74
C GLN J 2293 -68.75 -12.24 -10.22
N ASP J 2294 -69.74 -12.21 -11.12
CA ASP J 2294 -71.12 -12.36 -10.69
C ASP J 2294 -71.36 -13.71 -10.05
N LEU J 2295 -70.84 -14.78 -10.67
CA LEU J 2295 -70.95 -16.11 -10.09
C LEU J 2295 -70.10 -16.24 -8.83
N GLU J 2296 -68.93 -15.59 -8.81
CA GLU J 2296 -68.07 -15.68 -7.64
C GLU J 2296 -68.73 -15.03 -6.43
N LYS J 2297 -69.36 -13.86 -6.63
CA LYS J 2297 -69.88 -13.12 -5.49
C LYS J 2297 -71.10 -13.80 -4.89
N VAL J 2298 -71.95 -14.39 -5.72
CA VAL J 2298 -73.11 -15.12 -5.20
C VAL J 2298 -72.67 -16.34 -4.41
N VAL J 2299 -71.56 -16.97 -4.82
CA VAL J 2299 -71.03 -18.09 -4.04
C VAL J 2299 -70.61 -17.62 -2.65
N SER J 2300 -69.96 -16.45 -2.58
CA SER J 2300 -69.56 -15.91 -1.28
C SER J 2300 -70.75 -15.70 -0.37
N TYR J 2301 -71.92 -15.39 -0.94
CA TYR J 2301 -73.15 -15.36 -0.15
C TYR J 2301 -73.42 -16.74 0.46
N LEU J 2302 -73.27 -17.79 -0.34
CA LEU J 2302 -73.54 -19.14 0.15
C LEU J 2302 -72.54 -19.55 1.23
N ALA J 2303 -71.33 -18.98 1.20
CA ALA J 2303 -70.41 -19.18 2.31
C ALA J 2303 -70.97 -18.62 3.61
N GLY J 2304 -71.75 -17.54 3.52
CA GLY J 2304 -72.38 -16.99 4.71
C GLY J 2304 -73.40 -17.93 5.33
N CYS J 2305 -74.28 -18.52 4.51
CA CYS J 2305 -75.32 -19.39 5.05
C CYS J 2305 -74.79 -20.75 5.47
N GLY J 2306 -73.48 -20.97 5.44
CA GLY J 2306 -72.90 -22.20 5.92
C GLY J 2306 -72.35 -22.07 7.33
N LEU J 2307 -72.35 -20.85 7.87
CA LEU J 2307 -71.88 -20.63 9.23
C LEU J 2307 -72.76 -19.71 10.07
N GLN J 2308 -73.80 -19.09 9.49
CA GLN J 2308 -74.64 -18.17 10.24
C GLN J 2308 -75.66 -18.96 11.05
N SER J 2309 -76.61 -18.27 11.66
CA SER J 2309 -77.63 -18.93 12.45
C SER J 2309 -79.03 -18.37 12.19
N CYS J 2310 -79.17 -17.46 11.23
CA CYS J 2310 -80.45 -16.85 10.89
C CYS J 2310 -81.09 -16.17 12.10
N PRO J 2311 -80.55 -15.03 12.54
CA PRO J 2311 -81.09 -14.38 13.75
C PRO J 2311 -82.57 -14.01 13.65
N MET J 2312 -83.05 -13.64 12.46
CA MET J 2312 -84.48 -13.41 12.29
C MET J 2312 -85.27 -14.70 12.51
N LEU J 2313 -84.76 -15.82 11.97
CA LEU J 2313 -85.35 -17.12 12.27
C LEU J 2313 -85.22 -17.44 13.75
N LEU J 2314 -84.08 -17.10 14.35
CA LEU J 2314 -83.89 -17.29 15.78
C LEU J 2314 -84.83 -16.43 16.60
N ALA J 2315 -85.22 -15.25 16.08
CA ALA J 2315 -86.05 -14.33 16.87
C ALA J 2315 -87.38 -14.95 17.26
N LYS J 2316 -87.83 -15.96 16.52
CA LYS J 2316 -89.03 -16.70 16.87
C LYS J 2316 -88.79 -17.71 17.99
N GLY J 2317 -87.59 -17.73 18.56
CA GLY J 2317 -87.26 -18.68 19.61
C GLY J 2317 -87.06 -20.08 19.09
N TYR J 2318 -86.09 -20.27 18.18
CA TYR J 2318 -85.80 -21.53 17.52
C TYR J 2318 -84.37 -21.96 17.85
N PRO J 2319 -84.08 -23.27 17.76
CA PRO J 2319 -82.74 -23.75 18.11
C PRO J 2319 -81.63 -23.04 17.34
N ASP J 2320 -81.68 -23.12 16.01
CA ASP J 2320 -80.66 -22.49 15.16
C ASP J 2320 -79.27 -23.02 15.52
N ILE J 2321 -79.10 -24.32 15.27
CA ILE J 2321 -77.94 -25.04 15.80
C ILE J 2321 -76.66 -24.57 15.13
N GLY J 2322 -76.50 -24.83 13.83
CA GLY J 2322 -75.25 -24.50 13.18
C GLY J 2322 -75.34 -23.65 11.93
N TRP J 2323 -76.47 -23.70 11.24
CA TRP J 2323 -76.60 -23.05 9.95
C TRP J 2323 -78.08 -23.04 9.54
N ASN J 2324 -78.38 -22.29 8.49
CA ASN J 2324 -79.74 -22.16 8.01
C ASN J 2324 -79.92 -22.78 6.63
N PRO J 2325 -80.74 -23.82 6.48
CA PRO J 2325 -81.02 -24.35 5.14
C PRO J 2325 -81.97 -23.50 4.33
N CYS J 2326 -82.77 -22.64 4.97
CA CYS J 2326 -83.72 -21.81 4.24
C CYS J 2326 -82.99 -20.86 3.29
N GLY J 2327 -81.98 -20.16 3.80
CA GLY J 2327 -81.23 -19.25 2.94
C GLY J 2327 -80.46 -19.97 1.85
N GLY J 2328 -79.85 -21.11 2.18
CA GLY J 2328 -79.05 -21.83 1.19
C GLY J 2328 -79.87 -22.32 0.02
N GLU J 2329 -81.10 -22.76 0.25
CA GLU J 2329 -81.92 -23.29 -0.83
C GLU J 2329 -82.30 -22.21 -1.84
N ARG J 2330 -82.16 -20.93 -1.50
CA ARG J 2330 -82.49 -19.86 -2.43
C ARG J 2330 -81.31 -19.49 -3.33
N TYR J 2331 -80.11 -19.37 -2.77
CA TYR J 2331 -78.94 -19.07 -3.59
C TYR J 2331 -78.70 -20.18 -4.60
N LEU J 2332 -78.81 -21.44 -4.17
CA LEU J 2332 -78.51 -22.56 -5.05
C LEU J 2332 -79.51 -22.67 -6.18
N ASP J 2333 -80.77 -22.31 -5.93
CA ASP J 2333 -81.77 -22.33 -6.99
C ASP J 2333 -81.38 -21.40 -8.14
N PHE J 2334 -80.69 -20.32 -7.85
CA PHE J 2334 -80.20 -19.43 -8.91
C PHE J 2334 -79.13 -20.12 -9.75
N LEU J 2335 -78.18 -20.80 -9.09
CA LEU J 2335 -77.08 -21.42 -9.81
C LEU J 2335 -77.56 -22.49 -10.78
N ARG J 2336 -78.71 -23.11 -10.50
CA ARG J 2336 -79.25 -24.12 -11.40
C ARG J 2336 -79.56 -23.54 -12.77
N PHE J 2337 -79.90 -22.26 -12.85
CA PHE J 2337 -80.28 -21.64 -14.11
C PHE J 2337 -79.08 -21.09 -14.88
N ALA J 2338 -77.88 -21.20 -14.34
CA ALA J 2338 -76.67 -20.71 -14.99
C ALA J 2338 -75.72 -21.83 -15.37
N VAL J 2339 -76.07 -23.08 -15.13
CA VAL J 2339 -75.23 -24.22 -15.50
C VAL J 2339 -75.76 -24.83 -16.79
N PHE J 2340 -77.08 -24.83 -16.95
CA PHE J 2340 -77.71 -25.29 -18.18
C PHE J 2340 -78.74 -24.27 -18.60
N VAL J 2341 -79.02 -24.24 -19.91
CA VAL J 2341 -80.01 -23.33 -20.46
C VAL J 2341 -81.12 -24.08 -21.20
N ASN J 2342 -80.77 -25.08 -22.00
CA ASN J 2342 -81.77 -25.83 -22.75
C ASN J 2342 -81.22 -27.24 -22.98
N GLY J 2343 -81.65 -28.17 -22.13
CA GLY J 2343 -81.29 -29.57 -22.29
C GLY J 2343 -79.81 -29.88 -22.14
N GLU J 2344 -79.25 -29.60 -20.96
CA GLU J 2344 -77.93 -30.07 -20.56
C GLU J 2344 -76.84 -29.60 -21.53
N SER J 2345 -76.66 -28.28 -21.55
CA SER J 2345 -75.63 -27.68 -22.40
C SER J 2345 -74.84 -26.63 -21.63
N VAL J 2346 -74.06 -25.82 -22.36
CA VAL J 2346 -73.19 -24.77 -21.84
C VAL J 2346 -72.39 -25.24 -20.63
N GLU J 2347 -71.13 -25.60 -20.87
CA GLU J 2347 -70.27 -26.14 -19.82
C GLU J 2347 -69.15 -25.21 -19.37
N GLU J 2348 -68.85 -24.15 -20.14
CA GLU J 2348 -67.75 -23.28 -19.78
C GLU J 2348 -67.97 -22.65 -18.41
N ASN J 2349 -69.15 -22.07 -18.18
CA ASN J 2349 -69.46 -21.55 -16.86
C ASN J 2349 -69.69 -22.68 -15.87
N ALA J 2350 -70.20 -23.82 -16.33
CA ALA J 2350 -70.36 -24.97 -15.46
C ALA J 2350 -69.01 -25.48 -14.98
N ASN J 2351 -68.01 -25.50 -15.85
CA ASN J 2351 -66.68 -25.98 -15.46
C ASN J 2351 -66.09 -25.13 -14.33
N VAL J 2352 -66.21 -23.81 -14.44
CA VAL J 2352 -65.63 -22.95 -13.42
C VAL J 2352 -66.44 -22.96 -12.12
N VAL J 2353 -67.71 -23.39 -12.17
CA VAL J 2353 -68.50 -23.44 -10.95
C VAL J 2353 -67.95 -24.49 -10.00
N VAL J 2354 -67.68 -25.70 -10.51
CA VAL J 2354 -67.20 -26.77 -9.65
C VAL J 2354 -65.78 -26.48 -9.17
N ARG J 2355 -64.94 -25.93 -10.03
CA ARG J 2355 -63.58 -25.58 -9.64
C ARG J 2355 -63.55 -24.45 -8.63
N LEU J 2356 -64.58 -23.60 -8.62
CA LEU J 2356 -64.66 -22.51 -7.65
C LEU J 2356 -65.36 -22.95 -6.36
N LEU J 2357 -66.40 -23.78 -6.49
CA LEU J 2357 -67.14 -24.24 -5.31
C LEU J 2357 -66.28 -25.12 -4.42
N ILE J 2358 -65.36 -25.89 -5.00
CA ILE J 2358 -64.51 -26.77 -4.20
C ILE J 2358 -63.56 -25.96 -3.33
N ARG J 2359 -63.17 -24.76 -3.78
CA ARG J 2359 -62.18 -23.97 -3.06
C ARG J 2359 -62.65 -23.63 -1.65
N LYS J 2360 -63.96 -23.41 -1.48
CA LYS J 2360 -64.52 -23.15 -0.17
C LYS J 2360 -65.26 -24.39 0.33
N PRO J 2361 -64.59 -25.28 1.07
CA PRO J 2361 -65.29 -26.48 1.54
C PRO J 2361 -66.43 -26.20 2.50
N GLU J 2362 -66.41 -25.06 3.19
CA GLU J 2362 -67.49 -24.71 4.09
C GLU J 2362 -68.83 -24.54 3.37
N CYS J 2363 -68.80 -24.38 2.04
CA CYS J 2363 -70.04 -24.30 1.27
C CYS J 2363 -70.91 -25.53 1.46
N PHE J 2364 -70.29 -26.71 1.59
CA PHE J 2364 -71.05 -27.91 1.89
C PHE J 2364 -71.61 -27.85 3.30
N GLY J 2365 -72.81 -28.39 3.49
CA GLY J 2365 -73.39 -28.51 4.80
C GLY J 2365 -72.51 -29.35 5.71
N PRO J 2366 -72.29 -28.88 6.93
CA PRO J 2366 -71.31 -29.54 7.81
C PRO J 2366 -71.71 -30.94 8.24
N ALA J 2367 -72.91 -31.41 7.89
CA ALA J 2367 -73.26 -32.79 8.19
C ALA J 2367 -72.33 -33.76 7.48
N LEU J 2368 -71.89 -33.43 6.26
CA LEU J 2368 -70.92 -34.22 5.52
C LEU J 2368 -69.85 -33.28 4.97
N ARG J 2369 -68.89 -33.86 4.26
CA ARG J 2369 -67.77 -33.11 3.68
C ARG J 2369 -67.06 -32.28 4.74
N GLY J 2370 -66.75 -32.93 5.86
CA GLY J 2370 -66.09 -32.26 6.95
C GLY J 2370 -65.09 -33.15 7.66
N GLU J 2371 -64.73 -32.80 8.90
CA GLU J 2371 -63.76 -33.56 9.67
C GLU J 2371 -64.39 -34.48 10.69
N GLY J 2372 -65.54 -34.10 11.26
CA GLY J 2372 -66.19 -34.92 12.26
C GLY J 2372 -66.78 -36.19 11.69
N GLY J 2373 -67.79 -36.06 10.85
CA GLY J 2373 -68.44 -37.21 10.24
C GLY J 2373 -69.19 -36.80 9.00
N SER J 2374 -69.73 -37.78 8.31
CA SER J 2374 -70.46 -37.53 7.08
C SER J 2374 -71.92 -37.99 7.13
N GLY J 2375 -72.17 -39.20 7.60
CA GLY J 2375 -73.54 -39.68 7.75
C GLY J 2375 -74.33 -39.70 6.46
N LEU J 2376 -73.75 -40.25 5.39
CA LEU J 2376 -74.38 -40.23 4.08
C LEU J 2376 -75.85 -40.67 4.15
N LEU J 2377 -76.09 -41.87 4.63
CA LEU J 2377 -77.45 -42.34 4.85
C LEU J 2377 -77.94 -42.04 6.26
N ALA J 2378 -77.15 -41.35 7.07
CA ALA J 2378 -77.54 -41.02 8.42
C ALA J 2378 -77.98 -39.57 8.59
N ALA J 2379 -77.38 -38.63 7.85
CA ALA J 2379 -77.76 -37.23 7.96
C ALA J 2379 -79.22 -37.03 7.59
N ILE J 2380 -79.66 -37.64 6.48
CA ILE J 2380 -81.07 -37.63 6.15
C ILE J 2380 -81.87 -38.44 7.16
N GLU J 2381 -81.33 -39.60 7.58
CA GLU J 2381 -82.00 -40.39 8.61
C GLU J 2381 -82.10 -39.61 9.92
N GLU J 2382 -81.07 -38.83 10.25
CA GLU J 2382 -81.17 -37.95 11.41
C GLU J 2382 -82.28 -36.93 11.21
N ALA J 2383 -82.39 -36.37 10.01
CA ALA J 2383 -83.49 -35.46 9.72
C ALA J 2383 -84.83 -36.17 9.83
N ILE J 2384 -84.89 -37.45 9.44
CA ILE J 2384 -86.11 -38.23 9.60
C ILE J 2384 -86.48 -38.36 11.07
N ARG J 2385 -85.47 -38.60 11.92
CA ARG J 2385 -85.74 -38.68 13.36
C ARG J 2385 -86.30 -37.37 13.89
N ILE J 2386 -85.74 -36.24 13.47
CA ILE J 2386 -86.28 -34.94 13.89
C ILE J 2386 -87.55 -34.60 13.13
N SER J 2387 -87.82 -35.26 12.00
CA SER J 2387 -89.05 -35.00 11.26
C SER J 2387 -90.27 -35.29 12.11
N GLU J 2388 -90.33 -36.47 12.71
CA GLU J 2388 -91.42 -36.82 13.62
C GLU J 2388 -91.04 -36.54 15.07
N ASP J 2389 -90.57 -35.32 15.33
CA ASP J 2389 -90.20 -34.89 16.68
C ASP J 2389 -90.65 -33.45 16.86
N PRO J 2390 -91.95 -33.22 17.11
CA PRO J 2390 -92.44 -31.85 17.24
C PRO J 2390 -91.77 -31.08 18.36
N ALA J 2391 -91.33 -31.76 19.42
CA ALA J 2391 -90.68 -31.08 20.54
C ALA J 2391 -89.37 -30.43 20.11
N ARG J 2392 -88.55 -31.15 19.34
CA ARG J 2392 -87.25 -30.64 18.92
C ARG J 2392 -87.38 -29.41 18.02
N ASP J 2393 -87.93 -29.61 16.83
CA ASP J 2393 -88.21 -28.62 15.78
C ASP J 2393 -87.99 -27.17 16.18
N GLY J 2394 -89.08 -26.40 16.25
CA GLY J 2394 -89.03 -25.05 16.73
C GLY J 2394 -90.21 -24.74 17.64
N PRO J 2395 -90.73 -25.77 18.31
CA PRO J 2395 -91.89 -25.79 19.21
C PRO J 2395 -93.11 -25.09 18.62
N ASN J 2414 -89.48 -24.08 8.89
CA ASN J 2414 -90.04 -22.74 8.83
C ASN J 2414 -91.48 -22.72 9.31
N ARG J 2415 -92.39 -22.26 8.45
CA ARG J 2415 -93.81 -22.23 8.79
C ARG J 2415 -94.41 -23.62 8.91
N VAL J 2416 -93.70 -24.65 8.48
CA VAL J 2416 -94.17 -26.03 8.56
C VAL J 2416 -93.36 -26.84 9.57
N HIS J 2417 -92.06 -26.99 9.32
CA HIS J 2417 -91.16 -27.72 10.21
C HIS J 2417 -89.73 -27.42 9.78
N LEU J 2418 -88.76 -28.07 10.43
CA LEU J 2418 -87.35 -27.89 10.15
C LEU J 2418 -86.74 -29.04 9.35
N GLY J 2419 -87.20 -30.27 9.58
CA GLY J 2419 -86.65 -31.41 8.86
C GLY J 2419 -86.84 -31.32 7.36
N HIS J 2420 -87.96 -30.76 6.91
CA HIS J 2420 -88.18 -30.58 5.48
C HIS J 2420 -87.16 -29.62 4.89
N ALA J 2421 -86.80 -28.57 5.65
CA ALA J 2421 -85.79 -27.63 5.17
C ALA J 2421 -84.44 -28.31 5.00
N ILE J 2422 -84.06 -29.18 5.94
CA ILE J 2422 -82.82 -29.94 5.80
C ILE J 2422 -82.88 -30.85 4.59
N MET J 2423 -84.01 -31.54 4.40
CA MET J 2423 -84.16 -32.39 3.22
C MET J 2423 -84.09 -31.56 1.95
N SER J 2424 -84.68 -30.37 1.96
CA SER J 2424 -84.68 -29.53 0.76
C SER J 2424 -83.26 -29.15 0.36
N PHE J 2425 -82.39 -28.86 1.33
CA PHE J 2425 -81.05 -28.41 1.02
C PHE J 2425 -80.26 -29.48 0.28
N TYR J 2426 -79.99 -30.61 0.96
CA TYR J 2426 -79.09 -31.61 0.40
C TYR J 2426 -79.62 -32.20 -0.89
N ALA J 2427 -80.94 -32.36 -0.99
CA ALA J 2427 -81.52 -32.82 -2.24
C ALA J 2427 -81.26 -31.81 -3.37
N ALA J 2428 -81.39 -30.52 -3.06
CA ALA J 2428 -81.16 -29.50 -4.08
C ALA J 2428 -79.68 -29.40 -4.45
N LEU J 2429 -78.78 -29.63 -3.49
CA LEU J 2429 -77.35 -29.54 -3.78
C LEU J 2429 -76.92 -30.61 -4.77
N ILE J 2430 -77.36 -31.85 -4.54
CA ILE J 2430 -77.02 -32.93 -5.46
C ILE J 2430 -77.72 -32.73 -6.80
N ASP J 2431 -78.88 -32.08 -6.81
CA ASP J 2431 -79.51 -31.72 -8.07
C ASP J 2431 -78.62 -30.78 -8.86
N LEU J 2432 -77.97 -29.83 -8.19
CA LEU J 2432 -77.00 -28.96 -8.85
C LEU J 2432 -75.84 -29.77 -9.40
N LEU J 2433 -75.22 -30.60 -8.56
CA LEU J 2433 -74.12 -31.45 -9.03
C LEU J 2433 -74.61 -32.76 -9.63
N GLY J 2434 -75.63 -32.69 -10.47
CA GLY J 2434 -76.01 -33.78 -11.34
C GLY J 2434 -76.16 -33.24 -12.74
N ARG J 2435 -76.46 -31.94 -12.81
CA ARG J 2435 -76.56 -31.22 -14.07
C ARG J 2435 -75.32 -30.38 -14.35
N CYS J 2436 -74.51 -30.12 -13.32
CA CYS J 2436 -73.17 -29.57 -13.48
C CYS J 2436 -72.17 -30.63 -13.91
N ALA J 2437 -72.67 -31.81 -14.30
CA ALA J 2437 -71.89 -32.92 -14.86
C ALA J 2437 -71.04 -32.40 -16.01
N PRO J 2438 -69.95 -33.09 -16.38
CA PRO J 2438 -69.06 -32.55 -17.42
C PRO J 2438 -69.79 -32.27 -18.72
N GLU J 2439 -70.39 -33.29 -19.31
CA GLU J 2439 -71.19 -33.15 -20.52
C GLU J 2439 -71.85 -34.48 -20.87
N MET J 2440 -72.65 -34.49 -21.93
CA MET J 2440 -73.10 -35.76 -22.48
C MET J 2440 -71.92 -36.48 -23.11
N HIS J 2441 -72.15 -37.74 -23.49
CA HIS J 2441 -71.05 -38.55 -24.02
C HIS J 2441 -70.56 -38.07 -25.38
N LEU J 2442 -71.07 -36.96 -25.91
CA LEU J 2442 -70.50 -36.37 -27.11
C LEU J 2442 -69.06 -35.94 -26.87
N ILE J 2443 -68.78 -35.42 -25.67
CA ILE J 2443 -67.44 -34.99 -25.31
C ILE J 2443 -66.72 -36.04 -24.46
N GLN J 2444 -67.46 -36.72 -23.57
CA GLN J 2444 -66.83 -37.64 -22.64
C GLN J 2444 -66.28 -38.90 -23.32
N ALA J 2445 -66.68 -39.15 -24.57
CA ALA J 2445 -66.21 -40.32 -25.30
C ALA J 2445 -65.18 -39.97 -26.37
N GLY J 2446 -64.79 -38.70 -26.49
CA GLY J 2446 -63.83 -38.32 -27.49
C GLY J 2446 -62.85 -37.24 -27.06
N LYS J 2447 -62.61 -37.14 -25.75
CA LYS J 2447 -61.76 -36.09 -25.20
C LYS J 2447 -61.22 -36.59 -23.87
N GLY J 2448 -60.33 -35.80 -23.27
CA GLY J 2448 -59.74 -36.17 -22.00
C GLY J 2448 -59.76 -35.06 -20.97
N GLU J 2449 -60.33 -33.91 -21.33
CA GLU J 2449 -60.47 -32.83 -20.38
C GLU J 2449 -61.66 -33.04 -19.46
N ALA J 2450 -62.82 -33.37 -20.05
CA ALA J 2450 -64.04 -33.53 -19.26
C ALA J 2450 -63.94 -34.69 -18.27
N LEU J 2451 -63.10 -35.69 -18.56
CA LEU J 2451 -62.97 -36.82 -17.65
C LEU J 2451 -62.39 -36.39 -16.31
N ARG J 2452 -61.59 -35.32 -16.29
CA ARG J 2452 -61.07 -34.82 -15.03
C ARG J 2452 -62.18 -34.36 -14.11
N ILE J 2453 -63.18 -33.65 -14.65
CA ILE J 2453 -64.28 -33.18 -13.83
C ILE J 2453 -65.13 -34.35 -13.35
N ARG J 2454 -65.37 -35.33 -14.22
CA ARG J 2454 -66.20 -36.46 -13.84
C ARG J 2454 -65.59 -37.23 -12.67
N ALA J 2455 -64.27 -37.35 -12.65
CA ALA J 2455 -63.61 -38.04 -11.53
C ALA J 2455 -63.83 -37.28 -10.22
N ILE J 2456 -63.80 -35.96 -10.27
CA ILE J 2456 -63.93 -35.16 -9.05
C ILE J 2456 -65.31 -35.36 -8.43
N LEU J 2457 -66.37 -35.11 -9.21
CA LEU J 2457 -67.72 -35.16 -8.66
C LEU J 2457 -68.11 -36.57 -8.25
N ARG J 2458 -67.62 -37.59 -8.99
CA ARG J 2458 -67.89 -38.96 -8.60
C ARG J 2458 -67.22 -39.34 -7.29
N SER J 2459 -66.12 -38.67 -6.94
CA SER J 2459 -65.41 -38.98 -5.70
C SER J 2459 -66.04 -38.36 -4.47
N LEU J 2460 -67.07 -37.52 -4.63
CA LEU J 2460 -67.69 -36.86 -3.49
C LEU J 2460 -69.01 -37.52 -3.08
N VAL J 2461 -69.65 -38.27 -3.95
CA VAL J 2461 -70.89 -38.98 -3.65
C VAL J 2461 -70.67 -40.47 -3.88
N PRO J 2462 -70.41 -41.23 -2.83
CA PRO J 2462 -70.29 -42.69 -2.97
C PRO J 2462 -71.57 -43.30 -3.49
N LEU J 2463 -71.44 -44.28 -4.39
CA LEU J 2463 -72.61 -44.90 -4.98
C LEU J 2463 -73.31 -45.84 -4.00
N ASP J 2464 -72.56 -46.43 -3.08
CA ASP J 2464 -73.14 -47.40 -2.15
C ASP J 2464 -74.23 -46.76 -1.28
N ASP J 2465 -73.96 -45.57 -0.75
CA ASP J 2465 -74.97 -44.88 0.03
C ASP J 2465 -76.07 -44.32 -0.87
N LEU J 2466 -75.69 -43.84 -2.06
CA LEU J 2466 -76.66 -43.20 -2.94
C LEU J 2466 -77.73 -44.19 -3.40
N VAL J 2467 -77.34 -45.42 -3.71
CA VAL J 2467 -78.32 -46.41 -4.18
C VAL J 2467 -79.32 -46.73 -3.08
N GLY J 2468 -78.87 -46.75 -1.82
CA GLY J 2468 -79.75 -47.07 -0.71
C GLY J 2468 -80.71 -45.96 -0.35
N ILE J 2469 -80.42 -44.72 -0.75
CA ILE J 2469 -81.25 -43.61 -0.33
C ILE J 2469 -82.63 -43.64 -0.98
N ILE J 2470 -82.79 -44.36 -2.08
CA ILE J 2470 -84.10 -44.45 -2.76
C ILE J 2470 -84.85 -45.60 -2.10
N SER J 2471 -85.48 -45.30 -0.98
CA SER J 2471 -86.22 -46.27 -0.19
C SER J 2471 -86.95 -45.53 0.92
N LEU J 2472 -87.76 -46.28 1.67
CA LEU J 2472 -88.49 -45.80 2.83
C LEU J 2472 -89.43 -44.64 2.49
N PRO J 2473 -90.54 -44.90 1.80
CA PRO J 2473 -91.57 -43.87 1.66
C PRO J 2473 -92.39 -43.76 2.93
N LEU J 2474 -92.84 -42.55 3.22
CA LEU J 2474 -93.48 -42.27 4.51
C LEU J 2474 -94.75 -43.08 4.70
N GLN J 2475 -95.78 -42.83 3.90
CA GLN J 2475 -97.06 -43.52 4.02
C GLN J 2475 -97.94 -43.12 2.85
N ILE J 2476 -99.18 -43.63 2.85
CA ILE J 2476 -100.19 -43.26 1.86
C ILE J 2476 -101.49 -42.98 2.60
N PRO J 2477 -102.23 -41.96 2.14
CA PRO J 2477 -103.52 -41.65 2.77
C PRO J 2477 -104.45 -42.86 2.81
N THR J 2478 -105.10 -43.06 3.94
CA THR J 2478 -105.95 -44.21 4.15
C THR J 2478 -106.94 -43.90 5.27
N LEU J 2479 -107.97 -44.75 5.36
CA LEU J 2479 -109.02 -44.62 6.38
C LEU J 2479 -109.71 -43.26 6.32
N GLN J 2487 -107.39 -39.52 5.32
CA GLN J 2487 -106.36 -39.08 6.26
C GLN J 2487 -104.99 -39.05 5.59
N PRO J 2488 -104.66 -37.91 4.99
CA PRO J 2488 -103.39 -37.74 4.30
C PRO J 2488 -102.30 -37.24 5.25
N LYS J 2489 -101.07 -37.17 4.74
CA LYS J 2489 -99.93 -36.70 5.53
C LYS J 2489 -99.80 -35.18 5.41
N MET J 2490 -98.64 -34.67 5.83
CA MET J 2490 -98.38 -33.23 5.79
C MET J 2490 -97.10 -32.92 5.02
N SER J 2491 -97.09 -31.78 4.34
CA SER J 2491 -95.92 -31.33 3.60
C SER J 2491 -94.99 -30.55 4.52
N ALA J 2492 -94.69 -31.14 5.67
CA ALA J 2492 -93.84 -30.49 6.67
C ALA J 2492 -92.63 -31.36 6.98
N SER J 2493 -92.73 -32.64 6.63
CA SER J 2493 -91.64 -33.58 6.89
C SER J 2493 -90.90 -33.94 5.61
N PHE J 2494 -89.89 -34.80 5.74
CA PHE J 2494 -89.10 -35.23 4.59
C PHE J 2494 -89.94 -36.10 3.67
N VAL J 2495 -90.47 -35.51 2.62
CA VAL J 2495 -91.33 -36.22 1.68
C VAL J 2495 -90.53 -37.16 0.79
N PRO J 2496 -91.15 -37.59 -0.31
CA PRO J 2496 -90.50 -38.50 -1.25
C PRO J 2496 -90.61 -37.97 -2.67
N ASP J 2497 -91.41 -36.92 -2.84
CA ASP J 2497 -91.58 -36.30 -4.15
C ASP J 2497 -90.28 -35.65 -4.60
N HIS J 2498 -89.54 -35.08 -3.65
CA HIS J 2498 -88.27 -34.44 -3.95
C HIS J 2498 -87.11 -35.39 -3.69
N LYS J 2499 -87.23 -36.61 -4.20
CA LYS J 2499 -86.16 -37.59 -4.09
C LYS J 2499 -85.66 -37.95 -5.48
N ALA J 2500 -86.25 -37.31 -6.49
CA ALA J 2500 -85.86 -37.54 -7.88
C ALA J 2500 -84.59 -36.78 -8.21
N SER J 2501 -84.12 -35.99 -7.25
CA SER J 2501 -82.88 -35.25 -7.41
C SER J 2501 -81.69 -36.19 -7.28
N MET J 2502 -81.94 -37.39 -6.78
CA MET J 2502 -80.91 -38.40 -6.67
C MET J 2502 -80.99 -39.37 -7.86
N VAL J 2503 -82.09 -39.28 -8.61
CA VAL J 2503 -82.27 -40.10 -9.80
C VAL J 2503 -81.42 -39.56 -10.95
N LEU J 2504 -81.47 -38.25 -11.14
CA LEU J 2504 -80.69 -37.59 -12.19
C LEU J 2504 -79.22 -37.52 -11.77
N PHE J 2505 -78.96 -37.77 -10.49
CA PHE J 2505 -77.61 -37.70 -9.96
C PHE J 2505 -76.83 -38.97 -10.28
N LEU J 2506 -77.55 -40.02 -10.66
CA LEU J 2506 -76.93 -41.29 -10.99
C LEU J 2506 -77.13 -41.63 -12.46
N ASP J 2507 -78.07 -40.94 -13.09
CA ASP J 2507 -78.36 -41.16 -14.50
C ASP J 2507 -77.28 -40.53 -15.38
N ARG J 2508 -76.63 -39.49 -14.86
CA ARG J 2508 -75.61 -38.77 -15.63
C ARG J 2508 -74.36 -38.52 -14.79
N VAL J 2509 -73.81 -39.58 -14.21
CA VAL J 2509 -72.59 -39.48 -13.43
C VAL J 2509 -71.90 -40.84 -13.31
N TYR J 2510 -72.66 -41.83 -12.87
CA TYR J 2510 -72.16 -43.20 -12.78
C TYR J 2510 -72.80 -44.06 -13.85
N GLY J 2511 -74.11 -43.86 -14.05
CA GLY J 2511 -74.88 -44.50 -15.11
C GLY J 2511 -74.98 -46.02 -15.00
N ILE J 2512 -76.01 -46.57 -15.64
CA ILE J 2512 -76.20 -48.01 -15.68
C ILE J 2512 -75.17 -48.66 -16.61
N GLU J 2513 -74.82 -49.91 -16.34
CA GLU J 2513 -73.79 -50.58 -17.13
C GLU J 2513 -74.01 -52.09 -17.22
N ASN J 2514 -73.60 -52.81 -16.17
CA ASN J 2514 -73.66 -54.27 -16.16
C ASN J 2514 -75.09 -54.78 -15.97
N GLN J 2515 -75.29 -55.49 -14.86
CA GLN J 2515 -76.60 -56.05 -14.55
C GLN J 2515 -77.05 -55.65 -13.15
N ASP J 2516 -76.54 -54.52 -12.68
CA ASP J 2516 -76.91 -54.00 -11.36
C ASP J 2516 -78.28 -53.35 -11.42
N PHE J 2517 -78.83 -53.23 -12.62
CA PHE J 2517 -80.16 -52.66 -12.82
C PHE J 2517 -81.20 -53.51 -12.11
N LEU J 2518 -80.95 -54.80 -12.00
CA LEU J 2518 -81.84 -55.72 -11.30
C LEU J 2518 -81.88 -55.38 -9.82
N LEU J 2519 -80.72 -55.12 -9.23
CA LEU J 2519 -80.63 -54.70 -7.84
C LEU J 2519 -81.20 -53.31 -7.69
N HIS J 2520 -81.08 -52.51 -8.76
CA HIS J 2520 -81.66 -51.17 -8.78
C HIS J 2520 -83.17 -51.27 -8.95
N VAL J 2521 -83.62 -52.31 -9.63
CA VAL J 2521 -85.04 -52.56 -9.80
C VAL J 2521 -85.59 -53.28 -8.57
N LEU J 2522 -84.69 -53.70 -7.69
CA LEU J 2522 -85.09 -54.34 -6.44
C LEU J 2522 -85.16 -53.30 -5.33
N ASP J 2523 -85.40 -52.05 -5.71
CA ASP J 2523 -85.52 -50.95 -4.76
C ASP J 2523 -86.36 -49.83 -5.36
N VAL J 2524 -86.29 -49.68 -6.68
CA VAL J 2524 -87.08 -48.67 -7.37
C VAL J 2524 -88.49 -49.17 -7.64
N GLY J 2525 -88.63 -50.48 -7.84
CA GLY J 2525 -89.93 -51.08 -8.08
C GLY J 2525 -90.74 -51.19 -6.80
N PHE J 2526 -90.06 -51.07 -5.67
CA PHE J 2526 -90.72 -51.09 -4.37
C PHE J 2526 -91.66 -49.89 -4.25
N LEU J 2527 -91.22 -48.76 -4.80
CA LEU J 2527 -92.04 -47.56 -4.83
C LEU J 2527 -93.07 -47.67 -5.95
N PRO J 2528 -92.69 -48.35 -7.02
CA PRO J 2528 -93.59 -48.56 -8.15
C PRO J 2528 -94.65 -49.59 -7.79
N ASP J 2529 -94.41 -50.34 -6.73
CA ASP J 2529 -95.37 -51.33 -6.24
C ASP J 2529 -96.64 -50.64 -5.76
N MET J 2530 -96.49 -49.38 -5.35
CA MET J 2530 -97.62 -48.57 -4.94
C MET J 2530 -98.12 -47.74 -6.11
N ARG J 2531 -98.25 -48.39 -7.26
CA ARG J 2531 -98.71 -47.71 -8.48
C ARG J 2531 -100.17 -47.32 -8.36
N ALA J 2532 -101.06 -48.27 -8.60
CA ALA J 2532 -102.50 -48.01 -8.51
C ALA J 2532 -103.02 -48.35 -7.13
N ALA J 2533 -102.20 -48.08 -6.10
CA ALA J 2533 -102.59 -48.33 -4.72
C ALA J 2533 -103.49 -47.22 -4.20
N ALA J 2534 -103.67 -46.19 -5.02
CA ALA J 2534 -104.53 -45.07 -4.67
C ALA J 2534 -105.32 -44.60 -5.88
N SER J 2535 -104.94 -45.10 -7.05
CA SER J 2535 -105.59 -44.73 -8.30
C SER J 2535 -106.93 -45.44 -8.45
N LEU J 2536 -107.89 -45.05 -7.62
CA LEU J 2536 -109.22 -45.66 -7.65
C LEU J 2536 -110.23 -44.77 -6.93
N ASP J 2537 -110.09 -44.68 -5.61
CA ASP J 2537 -111.00 -43.90 -4.79
C ASP J 2537 -110.91 -42.41 -5.13
N THR J 2538 -109.83 -41.78 -4.68
CA THR J 2538 -109.63 -40.35 -4.92
C THR J 2538 -108.17 -40.01 -5.16
N ALA J 2539 -107.30 -40.49 -4.27
CA ALA J 2539 -105.86 -40.21 -4.32
C ALA J 2539 -105.59 -38.70 -4.25
N THR J 2540 -105.34 -38.22 -3.04
CA THR J 2540 -105.10 -36.80 -2.81
C THR J 2540 -103.77 -36.37 -3.43
N PHE J 2541 -102.69 -36.50 -2.66
CA PHE J 2541 -101.37 -36.10 -3.12
C PHE J 2541 -100.89 -36.98 -4.27
N SER J 2542 -101.07 -36.48 -5.49
CA SER J 2542 -100.66 -37.22 -6.68
C SER J 2542 -99.23 -36.87 -7.08
N THR J 2543 -98.35 -36.78 -6.09
CA THR J 2543 -96.95 -36.45 -6.33
C THR J 2543 -96.20 -37.67 -6.84
N THR J 2544 -96.82 -38.83 -6.75
CA THR J 2544 -96.21 -40.07 -7.25
C THR J 2544 -96.18 -40.06 -8.77
N GLU J 2545 -97.13 -39.35 -9.37
CA GLU J 2545 -97.17 -39.21 -10.82
C GLU J 2545 -96.03 -38.32 -11.28
N MET J 2546 -95.58 -37.44 -10.40
CA MET J 2546 -94.46 -36.55 -10.71
C MET J 2546 -93.14 -37.32 -10.68
N ALA J 2547 -93.14 -38.45 -9.99
CA ALA J 2547 -91.97 -39.31 -9.93
C ALA J 2547 -91.92 -40.21 -11.15
N LEU J 2548 -92.97 -40.17 -11.96
CA LEU J 2548 -93.03 -40.93 -13.20
C LEU J 2548 -92.66 -40.03 -14.36
N ALA J 2549 -91.74 -39.11 -14.12
CA ALA J 2549 -91.25 -38.20 -15.15
C ALA J 2549 -89.74 -38.17 -15.13
N LEU J 2550 -89.15 -39.01 -14.30
CA LEU J 2550 -87.70 -39.09 -14.16
C LEU J 2550 -87.26 -40.46 -13.64
N ASN J 2551 -88.15 -41.45 -13.74
CA ASN J 2551 -87.84 -42.80 -13.31
C ASN J 2551 -88.24 -43.81 -14.38
N ARG J 2552 -89.48 -43.74 -14.83
CA ARG J 2552 -89.96 -44.61 -15.89
C ARG J 2552 -89.32 -44.22 -17.22
N TYR J 2553 -88.94 -42.96 -17.34
CA TYR J 2553 -88.26 -42.46 -18.53
C TYR J 2553 -86.84 -43.00 -18.58
N LEU J 2554 -86.24 -43.17 -17.41
CA LEU J 2554 -84.89 -43.71 -17.31
C LEU J 2554 -84.88 -45.21 -17.57
N CYS J 2555 -85.96 -45.87 -17.20
CA CYS J 2555 -86.10 -47.32 -17.42
C CYS J 2555 -86.41 -47.59 -18.88
N LEU J 2556 -87.12 -46.67 -19.51
CA LEU J 2556 -87.45 -46.79 -20.93
C LEU J 2556 -86.30 -46.26 -21.78
N ALA J 2557 -85.09 -46.69 -21.45
CA ALA J 2557 -83.90 -46.27 -22.16
C ALA J 2557 -82.80 -47.32 -22.02
N VAL J 2558 -83.23 -48.54 -21.69
CA VAL J 2558 -82.30 -49.66 -21.53
C VAL J 2558 -82.91 -50.94 -22.09
N LEU J 2559 -82.48 -51.33 -23.28
CA LEU J 2559 -82.96 -52.55 -23.91
C LEU J 2559 -82.18 -53.75 -23.41
N PRO J 2560 -81.25 -53.51 -22.49
CA PRO J 2560 -80.44 -54.57 -21.90
C PRO J 2560 -81.32 -55.45 -21.01
N LEU J 2561 -81.62 -56.65 -21.51
CA LEU J 2561 -82.43 -57.60 -20.75
C LEU J 2561 -81.93 -59.03 -20.99
N ILE J 2562 -81.96 -59.84 -19.92
CA ILE J 2562 -81.50 -61.21 -20.00
C ILE J 2562 -82.56 -62.19 -19.51
N THR J 2563 -82.17 -63.10 -18.62
CA THR J 2563 -83.08 -64.09 -18.09
C THR J 2563 -82.71 -64.49 -16.67
N LYS J 2564 -82.85 -65.78 -16.36
CA LYS J 2564 -82.53 -66.33 -15.05
C LYS J 2564 -83.31 -65.66 -13.93
N CYS J 2565 -84.48 -65.12 -14.26
CA CYS J 2565 -85.33 -64.44 -13.28
C CYS J 2565 -86.74 -64.28 -13.81
N ALA J 2566 -87.67 -63.97 -12.93
CA ALA J 2566 -89.07 -63.77 -13.31
C ALA J 2566 -89.67 -62.58 -12.57
N PRO J 2567 -88.80 -61.77 -11.97
CA PRO J 2567 -89.24 -60.58 -11.25
C PRO J 2567 -89.77 -59.53 -12.21
N LEU J 2568 -89.36 -59.62 -13.47
CA LEU J 2568 -89.81 -58.71 -14.51
C LEU J 2568 -91.30 -58.90 -14.78
N PHE J 2569 -91.78 -60.12 -14.57
CA PHE J 2569 -93.19 -60.43 -14.77
C PHE J 2569 -94.06 -59.63 -13.81
N ALA J 2570 -93.55 -59.42 -12.60
CA ALA J 2570 -94.25 -58.60 -11.61
C ALA J 2570 -94.17 -57.14 -12.02
N GLY J 2571 -93.10 -56.78 -12.71
CA GLY J 2571 -92.88 -55.41 -13.16
C GLY J 2571 -93.61 -55.16 -14.48
N THR J 2572 -93.81 -56.22 -15.26
CA THR J 2572 -94.49 -56.11 -16.55
C THR J 2572 -95.95 -55.73 -16.34
N GLU J 2573 -96.62 -56.43 -15.43
CA GLU J 2573 -98.02 -56.15 -15.14
C GLU J 2573 -98.16 -54.83 -14.38
N HIS J 2574 -97.12 -54.48 -13.63
CA HIS J 2574 -97.12 -53.24 -12.85
C HIS J 2574 -97.24 -52.02 -13.76
N ARG J 2575 -96.57 -52.08 -14.90
CA ARG J 2575 -96.66 -51.01 -15.89
C ARG J 2575 -98.05 -51.02 -16.52
N ALA J 2576 -98.61 -52.21 -16.70
CA ALA J 2576 -99.95 -52.36 -17.23
C ALA J 2576 -100.97 -51.92 -16.17
N ILE J 2577 -100.61 -52.10 -14.91
CA ILE J 2577 -101.48 -51.70 -13.80
C ILE J 2577 -101.49 -50.18 -13.68
N MET J 2578 -100.40 -49.55 -14.08
CA MET J 2578 -100.30 -48.09 -14.05
C MET J 2578 -101.04 -47.50 -15.24
N VAL J 2579 -101.16 -48.30 -16.30
CA VAL J 2579 -101.87 -47.87 -17.51
C VAL J 2579 -103.32 -48.30 -17.47
N ASP J 2580 -103.77 -48.80 -16.31
CA ASP J 2580 -105.14 -49.25 -16.14
C ASP J 2580 -106.09 -48.06 -16.23
N SER J 2581 -105.70 -46.96 -15.61
CA SER J 2581 -106.51 -45.74 -15.65
C SER J 2581 -106.49 -45.13 -17.04
N MET J 2582 -107.67 -45.05 -17.66
CA MET J 2582 -107.79 -44.49 -19.00
C MET J 2582 -107.90 -42.97 -18.95
N LEU J 2583 -108.18 -42.43 -17.77
CA LEU J 2583 -108.31 -40.99 -17.59
C LEU J 2583 -108.16 -40.60 -16.12
N HIS J 2584 -108.20 -41.59 -15.24
CA HIS J 2584 -108.11 -41.34 -13.81
C HIS J 2584 -106.72 -40.83 -13.43
N THR J 2585 -106.55 -39.51 -13.49
CA THR J 2585 -105.29 -38.84 -13.14
C THR J 2585 -104.12 -39.41 -13.94
N VAL J 2586 -104.02 -38.98 -15.20
CA VAL J 2586 -102.96 -39.49 -16.07
C VAL J 2586 -102.33 -38.37 -16.88
N TYR J 2587 -103.13 -37.37 -17.26
CA TYR J 2587 -102.71 -36.27 -18.12
C TYR J 2587 -102.35 -36.76 -19.52
N ARG J 2588 -102.98 -36.16 -20.53
CA ARG J 2588 -102.82 -36.60 -21.92
C ARG J 2588 -101.37 -36.58 -22.40
N LEU J 2589 -100.52 -35.81 -21.70
CA LEU J 2589 -99.12 -35.72 -22.07
C LEU J 2589 -98.27 -36.67 -21.21
N SER J 2590 -98.65 -36.80 -19.94
CA SER J 2590 -97.90 -37.65 -19.01
C SER J 2590 -98.26 -39.12 -19.21
N ARG J 2591 -99.35 -39.38 -19.92
CA ARG J 2591 -99.79 -40.74 -20.17
C ARG J 2591 -98.93 -41.39 -21.25
N GLY J 2592 -98.36 -40.56 -22.11
CA GLY J 2592 -97.53 -41.05 -23.21
C GLY J 2592 -96.21 -41.61 -22.72
N ARG J 2593 -95.77 -41.13 -21.55
CA ARG J 2593 -94.51 -41.60 -20.97
C ARG J 2593 -94.64 -43.04 -20.50
N SER J 2594 -95.77 -43.36 -19.88
CA SER J 2594 -96.03 -44.70 -19.41
C SER J 2594 -96.42 -45.62 -20.56
N LEU J 2595 -97.01 -45.04 -21.60
CA LEU J 2595 -97.43 -45.78 -22.77
C LEU J 2595 -96.23 -46.19 -23.61
N THR J 2596 -95.23 -45.32 -23.69
CA THR J 2596 -94.02 -45.60 -24.46
C THR J 2596 -93.02 -46.35 -23.60
N LYS J 2597 -93.35 -46.55 -22.33
CA LYS J 2597 -92.48 -47.25 -21.42
C LYS J 2597 -92.58 -48.75 -21.61
N ALA J 2598 -93.74 -49.22 -22.07
CA ALA J 2598 -93.98 -50.64 -22.27
C ALA J 2598 -93.99 -51.00 -23.75
N GLN J 2599 -94.34 -50.04 -24.59
CA GLN J 2599 -94.42 -50.27 -26.03
C GLN J 2599 -93.05 -50.61 -26.61
N ARG J 2600 -92.00 -50.18 -25.92
CA ARG J 2600 -90.63 -50.46 -26.35
C ARG J 2600 -89.96 -51.45 -25.41
N ASP J 2601 -90.68 -51.84 -24.35
CA ASP J 2601 -90.15 -52.79 -23.38
C ASP J 2601 -90.39 -54.23 -23.84
N VAL J 2602 -91.12 -54.37 -24.94
CA VAL J 2602 -91.44 -55.68 -25.48
C VAL J 2602 -90.28 -56.23 -26.32
N ILE J 2603 -89.60 -55.34 -27.04
CA ILE J 2603 -88.50 -55.74 -27.89
C ILE J 2603 -87.20 -55.88 -27.10
N GLU J 2604 -87.23 -56.73 -26.07
CA GLU J 2604 -86.05 -56.96 -25.24
C GLU J 2604 -86.23 -58.23 -24.40
N ASP J 2605 -87.47 -58.65 -24.22
CA ASP J 2605 -87.79 -59.84 -23.45
C ASP J 2605 -87.33 -61.09 -24.19
N CYS J 2606 -87.28 -62.21 -23.48
CA CYS J 2606 -86.80 -63.47 -24.07
C CYS J 2606 -87.96 -64.28 -24.64
N LEU J 2607 -88.93 -63.59 -25.23
CA LEU J 2607 -90.12 -64.21 -25.82
C LEU J 2607 -90.83 -65.12 -24.83
N MET J 2608 -90.77 -64.77 -23.54
CA MET J 2608 -91.40 -65.55 -22.49
C MET J 2608 -92.49 -64.75 -21.79
N ALA J 2609 -93.02 -63.75 -22.49
CA ALA J 2609 -94.12 -62.95 -21.96
C ALA J 2609 -95.36 -63.81 -21.81
N LEU J 2610 -95.48 -64.50 -20.68
CA LEU J 2610 -96.55 -65.47 -20.46
C LEU J 2610 -97.84 -64.80 -19.98
N CYS J 2611 -97.91 -64.53 -18.69
CA CYS J 2611 -99.12 -64.02 -18.06
C CYS J 2611 -99.53 -62.65 -18.59
N ARG J 2612 -98.57 -61.93 -19.16
CA ARG J 2612 -98.85 -60.60 -19.73
C ARG J 2612 -99.85 -60.69 -20.86
N TYR J 2613 -99.78 -61.77 -21.62
CA TYR J 2613 -100.74 -62.00 -22.70
C TYR J 2613 -102.07 -62.44 -22.12
N ILE J 2614 -102.00 -63.25 -21.06
CA ILE J 2614 -103.21 -63.72 -20.39
C ILE J 2614 -103.85 -62.60 -19.59
N ARG J 2615 -103.06 -61.60 -19.23
CA ARG J 2615 -103.57 -60.44 -18.53
C ARG J 2615 -104.51 -59.67 -19.45
N PRO J 2616 -104.11 -59.57 -20.72
CA PRO J 2616 -104.96 -58.97 -21.74
C PRO J 2616 -106.05 -59.96 -22.13
N SER J 2617 -105.64 -61.07 -22.74
CA SER J 2617 -106.53 -62.15 -23.12
C SER J 2617 -107.71 -61.64 -23.96
N MET J 2618 -108.87 -61.54 -23.31
CA MET J 2618 -110.07 -61.03 -23.98
C MET J 2618 -110.50 -59.71 -23.37
N LEU J 2619 -109.86 -59.33 -22.26
CA LEU J 2619 -110.11 -58.04 -21.64
C LEU J 2619 -109.64 -56.94 -22.58
N GLN J 2620 -108.58 -57.22 -23.33
CA GLN J 2620 -108.11 -56.32 -24.37
C GLN J 2620 -109.11 -56.33 -25.51
N HIS J 2621 -109.66 -57.50 -25.80
CA HIS J 2621 -110.69 -57.63 -26.82
C HIS J 2621 -111.98 -56.98 -26.32
N LEU J 2622 -112.19 -57.03 -25.01
CA LEU J 2622 -113.34 -56.36 -24.40
C LEU J 2622 -113.16 -54.86 -24.50
N LEU J 2623 -114.26 -54.12 -24.41
CA LEU J 2623 -114.27 -52.68 -24.58
C LEU J 2623 -113.64 -52.30 -25.92
N ARG J 2624 -114.05 -53.02 -26.97
CA ARG J 2624 -113.52 -52.78 -28.31
C ARG J 2624 -114.22 -51.61 -28.97
N ARG J 2625 -114.38 -50.52 -28.22
CA ARG J 2625 -115.01 -49.31 -28.71
C ARG J 2625 -114.62 -48.14 -27.83
N LEU J 2626 -113.55 -48.33 -27.07
CA LEU J 2626 -113.07 -47.30 -26.14
C LEU J 2626 -111.75 -46.72 -26.61
N VAL J 2627 -111.29 -45.68 -25.91
CA VAL J 2627 -110.03 -45.03 -26.23
C VAL J 2627 -108.85 -45.83 -25.68
N PHE J 2628 -109.15 -46.76 -24.78
CA PHE J 2628 -108.13 -47.60 -24.17
C PHE J 2628 -107.77 -48.78 -25.08
N ASP J 2629 -108.37 -48.81 -26.26
CA ASP J 2629 -108.13 -49.89 -27.22
C ASP J 2629 -106.73 -49.80 -27.82
N VAL J 2630 -106.33 -48.60 -28.23
CA VAL J 2630 -105.05 -48.39 -28.88
C VAL J 2630 -103.87 -48.53 -27.93
N PRO J 2631 -104.17 -48.79 -26.66
CA PRO J 2631 -103.13 -48.95 -25.64
C PRO J 2631 -102.36 -50.26 -25.85
N ILE J 2632 -103.07 -51.31 -26.22
CA ILE J 2632 -102.46 -52.62 -26.40
C ILE J 2632 -102.70 -53.17 -27.80
N LEU J 2633 -103.47 -52.46 -28.60
CA LEU J 2633 -103.76 -52.88 -29.97
C LEU J 2633 -102.50 -52.86 -30.81
N ASN J 2634 -101.80 -51.73 -30.82
CA ASN J 2634 -100.57 -51.59 -31.57
C ASN J 2634 -99.45 -52.38 -30.90
N GLU J 2635 -99.59 -52.60 -29.60
CA GLU J 2635 -98.60 -53.35 -28.83
C GLU J 2635 -98.68 -54.84 -29.15
N PHE J 2636 -99.89 -55.31 -29.46
CA PHE J 2636 -100.10 -56.72 -29.79
C PHE J 2636 -99.57 -57.00 -31.20
N ALA J 2637 -99.66 -56.02 -32.07
CA ALA J 2637 -99.20 -56.16 -33.45
C ALA J 2637 -97.68 -56.23 -33.51
N LYS J 2638 -97.02 -55.71 -32.47
CA LYS J 2638 -95.56 -55.71 -32.41
C LYS J 2638 -95.04 -57.10 -32.04
N MET J 2639 -95.88 -57.89 -31.39
CA MET J 2639 -95.49 -59.25 -31.01
C MET J 2639 -95.61 -60.20 -32.20
N PRO J 2640 -96.67 -60.03 -32.99
CA PRO J 2640 -96.90 -60.90 -34.13
C PRO J 2640 -95.98 -60.54 -35.30
N LEU J 2641 -95.51 -59.30 -35.33
CA LEU J 2641 -94.62 -58.84 -36.38
C LEU J 2641 -93.16 -59.16 -36.05
N LYS J 2642 -92.96 -59.86 -34.93
CA LYS J 2642 -91.62 -60.25 -34.50
C LYS J 2642 -91.60 -61.72 -34.12
N LEU J 2643 -92.56 -62.47 -34.66
CA LEU J 2643 -92.67 -63.89 -34.37
C LEU J 2643 -93.45 -64.63 -35.44
N LEU J 2644 -93.34 -64.16 -36.68
CA LEU J 2644 -94.06 -64.75 -37.80
C LEU J 2644 -93.29 -65.94 -38.37
N THR J 2645 -92.55 -66.62 -37.50
CA THR J 2645 -91.77 -67.80 -37.90
C THR J 2645 -91.34 -68.59 -36.67
N ASN J 2646 -91.77 -68.13 -35.50
CA ASN J 2646 -91.44 -68.79 -34.25
C ASN J 2646 -92.48 -68.50 -33.18
N HIS J 2647 -92.07 -68.57 -31.92
CA HIS J 2647 -92.94 -68.36 -30.77
C HIS J 2647 -94.16 -69.27 -30.81
N TYR J 2648 -93.99 -70.44 -31.41
CA TYR J 2648 -95.07 -71.42 -31.50
C TYR J 2648 -94.72 -72.64 -30.65
N GLU J 2649 -93.79 -72.45 -29.71
CA GLU J 2649 -93.37 -73.53 -28.83
C GLU J 2649 -94.09 -73.45 -27.49
N ARG J 2650 -95.42 -73.46 -27.53
CA ARG J 2650 -96.23 -73.42 -26.32
C ARG J 2650 -97.42 -74.37 -26.45
N CYS J 2651 -98.51 -74.03 -25.76
CA CYS J 2651 -99.72 -74.84 -25.80
C CYS J 2651 -100.95 -74.01 -25.51
N TRP J 2652 -101.11 -73.61 -24.24
CA TRP J 2652 -102.24 -72.79 -23.84
C TRP J 2652 -102.19 -71.43 -24.50
N LYS J 2653 -100.98 -70.92 -24.69
CA LYS J 2653 -100.78 -69.64 -25.36
C LYS J 2653 -101.20 -69.74 -26.82
N TYR J 2654 -100.89 -70.87 -27.44
CA TYR J 2654 -101.30 -71.13 -28.81
C TYR J 2654 -102.81 -71.21 -28.88
N TYR J 2655 -103.42 -71.73 -27.82
CA TYR J 2655 -104.87 -71.81 -27.72
C TYR J 2655 -105.44 -70.44 -27.36
N CYS J 2656 -104.66 -69.66 -26.64
CA CYS J 2656 -105.08 -68.32 -26.23
C CYS J 2656 -105.09 -67.36 -27.42
N LEU J 2657 -104.18 -67.61 -28.36
CA LEU J 2657 -104.09 -66.80 -29.56
C LEU J 2657 -105.35 -66.95 -30.41
N PRO J 2658 -105.77 -68.19 -30.61
CA PRO J 2658 -106.98 -68.47 -31.36
C PRO J 2658 -108.21 -68.02 -30.57
N THR J 2659 -108.12 -68.13 -29.26
CA THR J 2659 -109.20 -67.70 -28.38
C THR J 2659 -109.40 -66.20 -28.51
N GLY J 2660 -108.31 -65.49 -28.73
CA GLY J 2660 -108.37 -64.05 -28.93
C GLY J 2660 -108.73 -63.73 -30.38
N TRP J 2661 -108.21 -64.52 -31.30
CA TRP J 2661 -108.45 -64.31 -32.73
C TRP J 2661 -109.92 -64.46 -33.08
N ALA J 2662 -110.55 -65.49 -32.53
CA ALA J 2662 -111.97 -65.75 -32.79
C ALA J 2662 -112.83 -64.67 -32.14
N ASN J 2663 -112.42 -64.23 -30.95
CA ASN J 2663 -113.16 -63.20 -30.22
C ASN J 2663 -112.85 -61.82 -30.76
N PHE J 2664 -111.79 -61.71 -31.56
CA PHE J 2664 -111.38 -60.43 -32.13
C PHE J 2664 -112.36 -59.97 -33.20
N GLY J 2665 -113.19 -60.88 -33.68
CA GLY J 2665 -114.20 -60.54 -34.68
C GLY J 2665 -115.15 -59.49 -34.13
N VAL J 2666 -116.03 -59.91 -33.22
CA VAL J 2666 -116.97 -59.01 -32.55
C VAL J 2666 -117.80 -58.20 -33.55
N THR J 2667 -117.85 -56.89 -33.32
CA THR J 2667 -118.61 -55.99 -34.18
C THR J 2667 -117.90 -55.78 -35.51
N SER J 2668 -118.22 -56.61 -36.49
CA SER J 2668 -117.64 -56.47 -37.83
C SER J 2668 -118.53 -55.55 -38.68
N GLU J 2669 -119.71 -55.26 -38.18
CA GLU J 2669 -120.65 -54.38 -38.87
C GLU J 2669 -121.44 -53.54 -37.87
N GLU J 2670 -120.89 -52.40 -37.48
CA GLU J 2670 -121.54 -51.51 -36.53
C GLU J 2670 -121.11 -50.07 -36.76
N GLU J 2671 -119.96 -49.70 -36.21
CA GLU J 2671 -119.42 -48.36 -36.38
C GLU J 2671 -118.97 -48.15 -37.82
N LEU J 2672 -119.77 -47.43 -38.59
CA LEU J 2672 -119.49 -47.19 -40.00
C LEU J 2672 -118.51 -46.02 -40.18
N HIS J 2673 -117.93 -45.56 -39.09
CA HIS J 2673 -116.95 -44.48 -39.12
C HIS J 2673 -115.72 -44.88 -39.90
N LEU J 2674 -115.38 -44.09 -40.91
CA LEU J 2674 -114.22 -44.39 -41.76
C LEU J 2674 -112.91 -44.19 -41.01
N THR J 2675 -112.93 -43.27 -40.04
CA THR J 2675 -111.74 -42.97 -39.26
C THR J 2675 -111.75 -43.70 -37.93
N ARG J 2676 -112.58 -44.72 -37.82
CA ARG J 2676 -112.69 -45.50 -36.59
C ARG J 2676 -111.47 -46.38 -36.39
N LYS J 2677 -111.44 -47.09 -35.26
CA LYS J 2677 -110.32 -47.98 -34.95
C LYS J 2677 -110.32 -49.18 -35.88
N LEU J 2678 -111.45 -49.44 -36.52
CA LEU J 2678 -111.57 -50.56 -37.45
C LEU J 2678 -110.62 -50.36 -38.64
N PHE J 2679 -110.59 -49.15 -39.17
CA PHE J 2679 -109.71 -48.82 -40.28
C PHE J 2679 -108.29 -48.54 -39.78
N TRP J 2680 -108.16 -48.37 -38.47
CA TRP J 2680 -106.86 -48.14 -37.85
C TRP J 2680 -106.22 -49.46 -37.44
N GLY J 2681 -106.95 -50.25 -36.66
CA GLY J 2681 -106.45 -51.54 -36.20
C GLY J 2681 -106.86 -52.66 -37.16
N ILE J 2682 -106.89 -52.34 -38.45
CA ILE J 2682 -107.20 -53.33 -39.47
C ILE J 2682 -106.02 -54.29 -39.64
N PHE J 2683 -104.82 -53.77 -39.41
CA PHE J 2683 -103.60 -54.56 -39.50
C PHE J 2683 -103.52 -55.56 -38.35
N ASP J 2684 -104.24 -55.27 -37.27
CA ASP J 2684 -104.27 -56.14 -36.10
C ASP J 2684 -105.03 -57.42 -36.41
N SER J 2685 -105.88 -57.37 -37.43
CA SER J 2685 -106.65 -58.52 -37.85
C SER J 2685 -105.76 -59.51 -38.61
N LEU J 2686 -104.81 -58.97 -39.37
CA LEU J 2686 -103.88 -59.79 -40.13
C LEU J 2686 -102.87 -60.46 -39.22
N ALA J 2687 -102.71 -59.90 -38.02
CA ALA J 2687 -101.78 -60.45 -37.04
C ALA J 2687 -102.31 -61.75 -36.44
N HIS J 2688 -102.37 -62.78 -37.28
CA HIS J 2688 -102.86 -64.09 -36.85
C HIS J 2688 -102.28 -65.18 -37.74
N LYS J 2689 -101.20 -64.84 -38.42
CA LYS J 2689 -100.53 -65.79 -39.31
C LYS J 2689 -99.53 -66.64 -38.52
N LYS J 2690 -99.49 -66.43 -37.21
CA LYS J 2690 -98.61 -67.21 -36.34
C LYS J 2690 -99.09 -68.67 -36.29
N TYR J 2691 -100.40 -68.85 -36.22
CA TYR J 2691 -100.99 -70.18 -36.19
C TYR J 2691 -100.84 -70.84 -37.55
N ASP J 2692 -100.16 -71.99 -37.58
CA ASP J 2692 -99.92 -72.70 -38.82
C ASP J 2692 -101.17 -73.43 -39.29
N GLN J 2693 -101.10 -74.76 -39.32
CA GLN J 2693 -102.25 -75.58 -39.71
C GLN J 2693 -103.07 -75.93 -38.48
N GLU J 2694 -103.27 -74.95 -37.61
CA GLU J 2694 -104.05 -75.15 -36.39
C GLU J 2694 -105.54 -74.91 -36.66
N LEU J 2695 -105.98 -75.34 -37.84
CA LEU J 2695 -107.40 -75.26 -38.19
C LEU J 2695 -108.16 -76.31 -37.40
N TYR J 2696 -107.45 -77.35 -36.96
CA TYR J 2696 -108.03 -78.39 -36.12
C TYR J 2696 -107.34 -78.38 -34.76
N ARG J 2697 -107.17 -77.20 -34.20
CA ARG J 2697 -106.48 -77.05 -32.92
C ARG J 2697 -107.42 -77.32 -31.74
N MET J 2698 -108.69 -76.99 -31.91
CA MET J 2698 -109.67 -77.17 -30.85
C MET J 2698 -111.05 -77.50 -31.41
N ALA J 2699 -112.03 -77.65 -30.52
CA ALA J 2699 -113.39 -77.98 -30.92
C ALA J 2699 -114.17 -76.73 -31.31
N MET J 2700 -115.26 -76.47 -30.60
CA MET J 2700 -116.11 -75.31 -30.87
C MET J 2700 -116.97 -74.97 -29.66
N PRO J 2701 -116.60 -73.90 -28.95
CA PRO J 2701 -117.35 -73.47 -27.78
C PRO J 2701 -117.38 -71.95 -27.66
N CYS J 2702 -118.26 -71.43 -26.81
CA CYS J 2702 -118.39 -70.00 -26.61
C CYS J 2702 -118.82 -69.69 -25.18
N LEU J 2703 -119.78 -68.79 -25.03
CA LEU J 2703 -120.29 -68.40 -23.72
C LEU J 2703 -121.60 -69.12 -23.41
N LEU J 2751 -129.21 -86.00 -9.26
CA LEU J 2751 -130.51 -86.09 -9.90
C LEU J 2751 -131.55 -86.64 -8.92
N ASP J 2752 -131.23 -87.78 -8.33
CA ASP J 2752 -132.13 -88.47 -7.40
C ASP J 2752 -131.34 -88.73 -6.12
N SER J 2753 -131.91 -89.54 -5.22
CA SER J 2753 -131.23 -89.88 -3.97
C SER J 2753 -129.85 -90.50 -4.21
N PHE J 2754 -129.56 -90.93 -5.43
CA PHE J 2754 -128.22 -91.41 -5.76
C PHE J 2754 -127.20 -90.27 -5.75
N ILE J 2755 -127.66 -89.02 -5.86
CA ILE J 2755 -126.73 -87.89 -5.86
C ILE J 2755 -126.04 -87.74 -4.51
N ASN J 2756 -126.70 -88.18 -3.44
CA ASN J 2756 -126.06 -88.14 -2.12
C ASN J 2756 -124.85 -89.06 -2.05
N LYS J 2757 -124.78 -90.06 -2.91
CA LYS J 2757 -123.63 -90.94 -3.00
C LYS J 2757 -122.52 -90.40 -3.90
N PHE J 2758 -122.78 -89.32 -4.64
CA PHE J 2758 -121.71 -88.68 -5.40
C PHE J 2758 -120.76 -87.94 -4.46
N ALA J 2759 -121.31 -87.30 -3.42
CA ALA J 2759 -120.45 -86.68 -2.41
C ALA J 2759 -119.59 -87.72 -1.72
N GLU J 2760 -120.07 -88.96 -1.65
CA GLU J 2760 -119.22 -90.06 -1.17
C GLU J 2760 -117.98 -90.22 -2.05
N TYR J 2761 -118.20 -90.25 -3.38
CA TYR J 2761 -117.08 -90.40 -4.30
C TYR J 2761 -116.08 -89.26 -4.16
N THR J 2762 -116.58 -88.02 -4.07
CA THR J 2762 -115.68 -86.89 -3.87
C THR J 2762 -114.93 -87.02 -2.56
N HIS J 2763 -115.54 -87.63 -1.55
CA HIS J 2763 -114.85 -87.94 -0.30
C HIS J 2763 -114.05 -89.23 -0.38
N GLU J 2764 -114.53 -90.24 -1.11
CA GLU J 2764 -113.80 -91.51 -1.19
C GLU J 2764 -112.41 -91.31 -1.76
N LYS J 2765 -112.28 -90.50 -2.81
CA LYS J 2765 -110.97 -90.11 -3.29
C LYS J 2765 -110.27 -89.17 -2.31
N TRP J 2766 -111.04 -88.31 -1.64
CA TRP J 2766 -110.44 -87.36 -0.71
C TRP J 2766 -110.05 -88.01 0.61
N ALA J 2767 -110.75 -89.05 1.04
CA ALA J 2767 -110.37 -89.75 2.25
C ALA J 2767 -109.19 -90.70 2.02
N PHE J 2768 -109.11 -91.32 0.84
CA PHE J 2768 -108.11 -92.35 0.61
C PHE J 2768 -106.69 -91.80 0.67
N ASP J 2769 -106.45 -90.63 0.08
CA ASP J 2769 -105.10 -90.09 0.02
C ASP J 2769 -104.62 -89.57 1.37
N LYS J 2770 -105.53 -89.26 2.30
CA LYS J 2770 -105.12 -88.74 3.60
C LYS J 2770 -104.35 -89.78 4.39
N ILE J 2771 -104.88 -91.01 4.48
CA ILE J 2771 -104.13 -92.09 5.11
C ILE J 2771 -102.86 -92.37 4.33
N GLN J 2772 -102.94 -92.26 3.00
CA GLN J 2772 -101.75 -92.39 2.17
C GLN J 2772 -100.71 -91.32 2.48
N ASN J 2773 -101.15 -90.17 3.01
CA ASN J 2773 -100.27 -89.04 3.26
C ASN J 2773 -100.29 -88.62 4.73
N ASN J 2774 -100.34 -89.61 5.63
CA ASN J 2774 -100.17 -89.47 7.07
C ASN J 2774 -101.34 -88.79 7.77
N TRP J 2775 -102.38 -88.37 7.05
CA TRP J 2775 -103.54 -87.73 7.66
C TRP J 2775 -104.51 -88.84 8.07
N SER J 2776 -104.43 -89.28 9.32
CA SER J 2776 -105.17 -90.48 9.73
C SER J 2776 -106.54 -90.15 10.32
N TYR J 2777 -106.57 -89.52 11.48
CA TYR J 2777 -107.82 -89.17 12.15
C TYR J 2777 -107.50 -88.50 13.49
N GLY J 2778 -108.51 -87.80 14.02
CA GLY J 2778 -108.59 -87.53 15.44
C GLY J 2778 -109.03 -86.16 15.91
N GLU J 2779 -108.62 -85.07 15.29
CA GLU J 2779 -109.31 -83.82 15.59
C GLU J 2779 -109.67 -83.00 14.35
N ASN J 2780 -108.70 -82.81 13.46
CA ASN J 2780 -108.88 -81.97 12.27
C ASN J 2780 -107.65 -82.01 11.38
N VAL J 2781 -107.65 -81.20 10.32
CA VAL J 2781 -106.42 -80.94 9.57
C VAL J 2781 -105.55 -79.97 10.37
N ASP J 2782 -104.31 -80.37 10.64
CA ASP J 2782 -103.42 -79.54 11.45
C ASP J 2782 -101.99 -79.97 11.17
N GLU J 2783 -101.05 -79.07 11.49
CA GLU J 2783 -99.63 -79.38 11.30
C GLU J 2783 -99.08 -80.22 12.45
N GLU J 2784 -99.41 -79.85 13.69
CA GLU J 2784 -98.95 -80.62 14.84
C GLU J 2784 -99.70 -81.94 15.01
N LEU J 2785 -100.94 -82.02 14.50
CA LEU J 2785 -101.74 -83.22 14.62
C LEU J 2785 -101.63 -84.12 13.39
N LYS J 2786 -101.72 -83.54 12.19
CA LYS J 2786 -101.66 -84.28 10.94
C LYS J 2786 -102.69 -85.40 10.92
N THR J 2787 -103.96 -85.01 11.05
CA THR J 2787 -105.07 -85.94 11.17
C THR J 2787 -106.12 -85.63 10.10
N HIS J 2788 -107.06 -86.55 9.94
CA HIS J 2788 -108.17 -86.41 9.01
C HIS J 2788 -109.42 -86.06 9.80
N PRO J 2789 -109.98 -84.86 9.63
CA PRO J 2789 -111.12 -84.44 10.45
C PRO J 2789 -112.36 -85.30 10.26
N MET J 2790 -112.83 -85.39 9.01
CA MET J 2790 -114.10 -86.05 8.71
C MET J 2790 -113.81 -87.47 8.20
N LEU J 2791 -113.49 -88.34 9.15
CA LEU J 2791 -113.30 -89.76 8.85
C LEU J 2791 -114.64 -90.47 9.05
N ARG J 2792 -115.54 -90.27 8.08
CA ARG J 2792 -116.88 -90.80 8.20
C ARG J 2792 -117.54 -90.80 6.82
N PRO J 2793 -118.31 -91.84 6.48
CA PRO J 2793 -118.95 -91.86 5.16
C PRO J 2793 -120.06 -90.82 5.07
N TYR J 2794 -120.31 -90.36 3.84
CA TYR J 2794 -121.35 -89.38 3.57
C TYR J 2794 -122.74 -90.02 3.43
N LYS J 2795 -122.82 -91.35 3.37
CA LYS J 2795 -124.12 -92.01 3.21
C LYS J 2795 -125.06 -91.65 4.36
N THR J 2796 -124.55 -91.68 5.58
CA THR J 2796 -125.26 -91.21 6.77
C THR J 2796 -124.41 -90.11 7.38
N PHE J 2797 -124.61 -88.89 6.90
CA PHE J 2797 -123.75 -87.75 7.23
C PHE J 2797 -124.55 -86.67 7.95
N SER J 2798 -123.81 -85.78 8.62
CA SER J 2798 -124.39 -84.61 9.27
C SER J 2798 -124.62 -83.52 8.23
N GLU J 2799 -124.90 -82.30 8.70
CA GLU J 2799 -125.20 -81.17 7.83
C GLU J 2799 -124.01 -80.28 7.56
N LYS J 2800 -122.80 -80.65 8.00
CA LYS J 2800 -121.66 -79.77 7.82
C LYS J 2800 -121.18 -79.75 6.37
N ASP J 2801 -121.36 -80.84 5.63
CA ASP J 2801 -121.00 -80.88 4.22
C ASP J 2801 -122.14 -80.46 3.30
N LYS J 2802 -123.34 -80.21 3.85
CA LYS J 2802 -124.43 -79.67 3.04
C LYS J 2802 -124.14 -78.25 2.56
N GLU J 2803 -123.13 -77.59 3.11
CA GLU J 2803 -122.69 -76.29 2.63
C GLU J 2803 -121.79 -76.39 1.40
N ILE J 2804 -121.33 -77.59 1.06
CA ILE J 2804 -120.47 -77.79 -0.10
C ILE J 2804 -121.19 -78.69 -1.09
N TYR J 2805 -121.57 -79.88 -0.65
CA TYR J 2805 -122.28 -80.85 -1.48
C TYR J 2805 -123.77 -80.54 -1.44
N ARG J 2806 -124.60 -81.48 -1.93
CA ARG J 2806 -126.05 -81.33 -2.01
C ARG J 2806 -126.42 -80.29 -3.05
N TRP J 2807 -127.23 -79.30 -2.69
CA TRP J 2807 -127.76 -78.37 -3.68
C TRP J 2807 -126.70 -77.74 -4.57
N PRO J 2808 -125.54 -77.30 -4.08
CA PRO J 2808 -124.47 -76.90 -5.03
C PRO J 2808 -124.05 -78.01 -5.97
N ILE J 2809 -124.00 -79.26 -5.49
CA ILE J 2809 -123.69 -80.37 -6.40
C ILE J 2809 -124.97 -80.87 -7.09
N LYS J 2810 -126.15 -80.58 -6.54
CA LYS J 2810 -127.38 -80.87 -7.26
C LYS J 2810 -127.50 -79.99 -8.50
N GLU J 2811 -127.34 -78.67 -8.34
CA GLU J 2811 -127.41 -77.77 -9.49
C GLU J 2811 -126.30 -78.06 -10.49
N SER J 2812 -125.19 -78.64 -10.02
CA SER J 2812 -124.18 -79.15 -10.95
C SER J 2812 -124.74 -80.29 -11.79
N LEU J 2813 -125.58 -81.13 -11.20
CA LEU J 2813 -126.22 -82.23 -11.90
C LEU J 2813 -127.68 -81.93 -12.27
N LYS J 2814 -128.16 -80.72 -11.95
CA LYS J 2814 -129.50 -80.30 -12.33
C LYS J 2814 -129.53 -79.28 -13.46
N ALA J 2815 -128.43 -78.56 -13.68
CA ALA J 2815 -128.35 -77.66 -14.83
C ALA J 2815 -128.26 -78.45 -16.13
N MET J 2816 -127.64 -79.64 -16.08
CA MET J 2816 -127.48 -80.45 -17.28
C MET J 2816 -128.83 -80.94 -17.80
N ILE J 2817 -129.73 -81.31 -16.89
CA ILE J 2817 -131.05 -81.79 -17.32
C ILE J 2817 -131.90 -80.64 -17.86
N ALA J 2818 -131.52 -79.39 -17.57
CA ALA J 2818 -132.27 -78.25 -18.08
C ALA J 2818 -132.06 -78.06 -19.57
N TRP J 2819 -130.81 -77.85 -19.98
CA TRP J 2819 -130.50 -77.69 -21.39
C TRP J 2819 -130.26 -79.04 -22.06
N TYR J 2855 -111.28 -96.09 8.74
CA TYR J 2855 -112.16 -95.96 7.58
C TYR J 2855 -111.36 -95.67 6.32
N ASN J 2856 -111.32 -96.65 5.42
CA ASN J 2856 -110.54 -96.57 4.18
C ASN J 2856 -111.46 -96.89 3.00
N PRO J 2857 -112.26 -95.92 2.55
CA PRO J 2857 -113.10 -96.15 1.38
C PRO J 2857 -112.27 -96.32 0.12
N GLN J 2858 -112.80 -97.10 -0.81
CA GLN J 2858 -112.11 -97.40 -2.06
C GLN J 2858 -112.84 -96.77 -3.24
N PRO J 2859 -112.35 -95.65 -3.78
CA PRO J 2859 -112.98 -95.07 -4.96
C PRO J 2859 -112.60 -95.85 -6.21
N PRO J 2860 -113.59 -96.28 -7.00
CA PRO J 2860 -113.27 -97.04 -8.22
C PRO J 2860 -112.71 -96.15 -9.31
N ASP J 2861 -112.11 -96.79 -10.30
CA ASP J 2861 -111.58 -96.09 -11.46
C ASP J 2861 -112.72 -95.62 -12.35
N LEU J 2862 -112.67 -94.36 -12.75
CA LEU J 2862 -113.73 -93.76 -13.55
C LEU J 2862 -113.39 -93.66 -15.04
N SER J 2863 -112.12 -93.80 -15.41
CA SER J 2863 -111.69 -93.62 -16.78
C SER J 2863 -111.85 -94.87 -17.63
N GLY J 2864 -112.73 -95.79 -17.25
CA GLY J 2864 -112.94 -96.99 -18.04
C GLY J 2864 -113.42 -96.69 -19.45
N VAL J 2865 -114.27 -95.68 -19.60
CA VAL J 2865 -114.77 -95.24 -20.90
C VAL J 2865 -114.33 -93.80 -21.10
N THR J 2866 -113.51 -93.57 -22.13
CA THR J 2866 -113.08 -92.22 -22.46
C THR J 2866 -114.24 -91.42 -23.04
N LEU J 2867 -114.26 -90.12 -22.73
CA LEU J 2867 -115.32 -89.24 -23.20
C LEU J 2867 -115.07 -88.90 -24.67
N SER J 2868 -115.91 -89.43 -25.55
CA SER J 2868 -115.79 -89.13 -26.96
C SER J 2868 -116.26 -87.70 -27.24
N ARG J 2869 -116.10 -87.28 -28.51
CA ARG J 2869 -116.43 -85.91 -28.88
C ARG J 2869 -117.88 -85.55 -28.58
N GLU J 2870 -118.78 -86.54 -28.54
CA GLU J 2870 -120.14 -86.27 -28.09
C GLU J 2870 -120.15 -85.79 -26.63
N LEU J 2871 -119.27 -86.36 -25.80
CA LEU J 2871 -119.18 -85.99 -24.39
C LEU J 2871 -117.95 -85.16 -24.07
N GLN J 2872 -116.90 -85.21 -24.89
CA GLN J 2872 -115.71 -84.42 -24.61
C GLN J 2872 -115.99 -82.92 -24.69
N ALA J 2873 -116.71 -82.50 -25.73
CA ALA J 2873 -117.13 -81.10 -25.82
C ALA J 2873 -118.18 -80.76 -24.78
N MET J 2874 -118.82 -81.76 -24.18
CA MET J 2874 -119.77 -81.51 -23.10
C MET J 2874 -119.05 -81.28 -21.78
N ALA J 2875 -117.91 -81.94 -21.57
CA ALA J 2875 -117.04 -81.56 -20.46
C ALA J 2875 -116.42 -80.19 -20.70
N GLU J 2876 -116.17 -79.84 -21.97
CA GLU J 2876 -115.84 -78.46 -22.33
C GLU J 2876 -116.90 -77.50 -21.84
N GLN J 2877 -118.15 -77.97 -21.76
CA GLN J 2877 -119.24 -77.19 -21.18
C GLN J 2877 -119.36 -77.38 -19.68
N LEU J 2878 -119.00 -78.56 -19.16
CA LEU J 2878 -119.00 -78.76 -17.72
C LEU J 2878 -117.93 -77.90 -17.04
N ALA J 2879 -116.76 -77.79 -17.66
CA ALA J 2879 -115.75 -76.87 -17.14
C ALA J 2879 -116.20 -75.43 -17.27
N GLU J 2880 -117.02 -75.14 -18.28
CA GLU J 2880 -117.60 -73.80 -18.42
C GLU J 2880 -118.50 -73.45 -17.25
N ASN J 2881 -119.11 -74.47 -16.62
CA ASN J 2881 -119.96 -74.22 -15.45
C ASN J 2881 -119.15 -73.66 -14.30
N TYR J 2882 -117.91 -74.13 -14.14
CA TYR J 2882 -117.07 -73.66 -13.03
C TYR J 2882 -116.76 -72.17 -13.15
N HIS J 2883 -116.78 -71.64 -14.38
CA HIS J 2883 -116.60 -70.22 -14.61
C HIS J 2883 -117.92 -69.51 -14.88
N ASN J 2884 -119.04 -70.23 -14.90
CA ASN J 2884 -120.36 -69.63 -15.02
C ASN J 2884 -121.09 -69.58 -13.68
N THR J 2885 -121.27 -70.73 -13.03
CA THR J 2885 -121.94 -70.75 -11.73
C THR J 2885 -121.10 -70.05 -10.68
N TRP J 2886 -119.82 -70.42 -10.57
CA TRP J 2886 -118.92 -69.74 -9.65
C TRP J 2886 -118.39 -68.44 -10.24
N GLY J 2887 -118.25 -68.37 -11.57
CA GLY J 2887 -117.74 -67.16 -12.19
C GLY J 2887 -118.69 -65.99 -12.06
N ARG J 2888 -119.99 -66.24 -12.16
CA ARG J 2888 -120.97 -65.19 -11.88
C ARG J 2888 -120.88 -64.74 -10.43
N LYS J 2889 -120.70 -65.70 -9.51
CA LYS J 2889 -120.42 -65.35 -8.13
C LYS J 2889 -119.09 -64.61 -8.01
N LYS J 2890 -118.11 -64.99 -8.84
CA LYS J 2890 -116.83 -64.28 -8.84
C LYS J 2890 -117.00 -62.81 -9.21
N LYS J 2891 -117.85 -62.53 -10.20
CA LYS J 2891 -118.20 -61.13 -10.49
C LYS J 2891 -118.94 -60.50 -9.33
N GLN J 2892 -119.76 -61.28 -8.63
CA GLN J 2892 -120.49 -60.80 -7.46
C GLN J 2892 -119.70 -60.96 -6.16
N GLU J 2893 -118.49 -61.52 -6.23
CA GLU J 2893 -117.63 -61.65 -5.06
C GLU J 2893 -116.79 -60.39 -4.85
N LEU J 2894 -116.15 -59.89 -5.90
CA LEU J 2894 -115.34 -58.69 -5.79
C LEU J 2894 -116.16 -57.41 -5.82
N GLU J 2895 -117.42 -57.49 -6.28
CA GLU J 2895 -118.31 -56.34 -6.31
C GLU J 2895 -119.23 -56.28 -5.10
N ALA J 2896 -119.08 -57.21 -4.14
CA ALA J 2896 -119.84 -57.18 -2.89
C ALA J 2896 -118.92 -57.05 -1.68
N LYS J 2897 -117.65 -56.71 -1.89
CA LYS J 2897 -116.70 -56.54 -0.81
C LYS J 2897 -116.30 -55.08 -0.59
N GLY J 2898 -116.39 -54.24 -1.61
CA GLY J 2898 -116.02 -52.84 -1.48
C GLY J 2898 -114.95 -52.40 -2.45
N GLY J 2899 -114.81 -53.12 -3.56
CA GLY J 2899 -113.87 -52.79 -4.59
C GLY J 2899 -112.99 -53.97 -4.93
N GLY J 2900 -111.94 -53.70 -5.71
CA GLY J 2900 -111.00 -54.71 -6.11
C GLY J 2900 -111.29 -55.24 -7.51
N THR J 2901 -110.22 -55.59 -8.22
CA THR J 2901 -110.33 -56.14 -9.56
C THR J 2901 -109.36 -57.31 -9.71
N HIS J 2902 -109.74 -58.28 -10.54
CA HIS J 2902 -108.92 -59.45 -10.78
C HIS J 2902 -108.89 -59.75 -12.27
N PRO J 2903 -107.73 -60.18 -12.80
CA PRO J 2903 -107.63 -60.46 -14.24
C PRO J 2903 -108.39 -61.70 -14.69
N LEU J 2904 -108.92 -62.50 -13.76
CA LEU J 2904 -109.58 -63.74 -14.13
C LEU J 2904 -110.89 -63.52 -14.89
N LEU J 2905 -111.45 -62.31 -14.84
CA LEU J 2905 -112.74 -62.06 -15.47
C LEU J 2905 -112.63 -62.04 -16.98
N VAL J 2906 -112.36 -63.19 -17.58
CA VAL J 2906 -112.29 -63.34 -19.03
C VAL J 2906 -113.05 -64.61 -19.42
N PRO J 2907 -113.52 -64.70 -20.66
CA PRO J 2907 -114.23 -65.91 -21.09
C PRO J 2907 -113.37 -67.15 -20.94
N TYR J 2908 -114.05 -68.32 -20.94
CA TYR J 2908 -113.39 -69.57 -20.59
C TYR J 2908 -112.35 -69.96 -21.63
N ASP J 2909 -112.55 -69.60 -22.90
CA ASP J 2909 -111.59 -69.95 -23.94
C ASP J 2909 -110.22 -69.33 -23.69
N THR J 2910 -110.14 -68.26 -22.89
CA THR J 2910 -108.90 -67.55 -22.65
C THR J 2910 -108.31 -67.84 -21.28
N LEU J 2911 -108.73 -68.93 -20.64
CA LEU J 2911 -108.21 -69.27 -19.32
C LEU J 2911 -106.77 -69.74 -19.40
N THR J 2912 -106.09 -69.67 -18.26
CA THR J 2912 -104.69 -70.07 -18.20
C THR J 2912 -104.56 -71.59 -18.25
N ALA J 2913 -103.32 -72.05 -18.43
CA ALA J 2913 -103.06 -73.48 -18.48
C ALA J 2913 -103.38 -74.17 -17.16
N LYS J 2914 -103.35 -73.44 -16.04
CA LYS J 2914 -103.67 -74.06 -14.76
C LYS J 2914 -105.16 -74.35 -14.63
N GLU J 2915 -106.01 -73.45 -15.12
CA GLU J 2915 -107.45 -73.64 -15.03
C GLU J 2915 -108.03 -74.41 -16.21
N LYS J 2916 -107.22 -74.74 -17.22
CA LYS J 2916 -107.65 -75.55 -18.34
C LYS J 2916 -107.17 -76.99 -18.24
N ALA J 2917 -106.62 -77.39 -17.10
CA ALA J 2917 -106.12 -78.75 -16.92
C ALA J 2917 -106.71 -79.37 -15.66
N ARG J 2918 -107.04 -78.54 -14.67
CA ARG J 2918 -107.62 -79.02 -13.41
C ARG J 2918 -109.14 -78.90 -13.36
N ASP J 2919 -109.69 -77.79 -13.84
CA ASP J 2919 -111.14 -77.66 -13.91
C ASP J 2919 -111.73 -78.63 -14.92
N ARG J 2920 -111.04 -78.85 -16.05
CA ARG J 2920 -111.47 -79.89 -16.98
C ARG J 2920 -111.43 -81.26 -16.33
N GLU J 2921 -110.38 -81.54 -15.54
CA GLU J 2921 -110.37 -82.76 -14.74
C GLU J 2921 -111.52 -82.77 -13.75
N LYS J 2922 -111.80 -81.62 -13.12
CA LYS J 2922 -112.98 -81.50 -12.27
C LYS J 2922 -114.27 -81.65 -13.07
N ALA J 2923 -114.21 -81.52 -14.40
CA ALA J 2923 -115.36 -81.65 -15.26
C ALA J 2923 -115.40 -82.98 -16.01
N GLN J 2924 -114.25 -83.48 -16.46
CA GLN J 2924 -114.22 -84.74 -17.20
C GLN J 2924 -114.63 -85.91 -16.31
N GLU J 2925 -114.20 -85.91 -15.05
CA GLU J 2925 -114.48 -87.04 -14.17
C GLU J 2925 -115.94 -87.09 -13.75
N LEU J 2926 -116.63 -85.95 -13.76
CA LEU J 2926 -118.05 -85.95 -13.40
C LEU J 2926 -118.87 -86.76 -14.39
N LEU J 2927 -118.61 -86.58 -15.69
CA LEU J 2927 -119.27 -87.41 -16.69
C LEU J 2927 -118.91 -88.89 -16.50
N LYS J 2928 -117.67 -89.17 -16.11
CA LYS J 2928 -117.28 -90.54 -15.83
C LYS J 2928 -118.06 -91.10 -14.65
N PHE J 2929 -118.35 -90.26 -13.65
CA PHE J 2929 -119.24 -90.69 -12.58
C PHE J 2929 -120.66 -90.88 -13.08
N LEU J 2930 -121.09 -90.08 -14.06
CA LEU J 2930 -122.42 -90.28 -14.63
C LEU J 2930 -122.54 -91.66 -15.28
N GLN J 2931 -121.50 -92.07 -16.02
CA GLN J 2931 -121.53 -93.37 -16.68
C GLN J 2931 -121.54 -94.52 -15.68
N MET J 2932 -121.18 -94.26 -14.42
CA MET J 2932 -121.39 -95.25 -13.38
C MET J 2932 -122.89 -95.51 -13.19
N ASN J 2933 -123.25 -96.78 -13.05
CA ASN J 2933 -124.63 -97.20 -12.86
C ASN J 2933 -125.53 -96.80 -14.02
N GLY J 2934 -124.95 -96.66 -15.21
CA GLY J 2934 -125.71 -96.46 -16.42
C GLY J 2934 -126.55 -95.20 -16.51
N TYR J 2935 -125.97 -94.04 -16.17
CA TYR J 2935 -126.63 -92.75 -16.33
C TYR J 2935 -125.88 -91.97 -17.41
N ALA J 2936 -126.25 -92.21 -18.67
CA ALA J 2936 -125.63 -91.55 -19.80
C ALA J 2936 -126.56 -90.45 -20.32
N VAL J 2937 -126.03 -89.23 -20.44
CA VAL J 2937 -126.79 -88.07 -20.89
C VAL J 2937 -125.99 -87.43 -22.02
N THR J 2938 -126.48 -87.58 -23.25
CA THR J 2938 -125.86 -86.97 -24.43
C THR J 2938 -126.91 -86.17 -25.19
N ARG J 2939 -126.50 -85.03 -25.72
CA ARG J 2939 -127.40 -84.19 -26.49
C ARG J 2939 -127.12 -84.32 -27.99
N LEU J 2946 -110.58 -86.42 -33.51
CA LEU J 2946 -109.88 -85.26 -34.05
C LEU J 2946 -110.25 -85.02 -35.51
N ASP J 2947 -111.56 -84.99 -35.78
CA ASP J 2947 -112.05 -84.76 -37.13
C ASP J 2947 -111.65 -83.37 -37.61
N THR J 2948 -110.99 -83.32 -38.76
CA THR J 2948 -110.52 -82.06 -39.33
C THR J 2948 -111.68 -81.20 -39.79
N SER J 2949 -112.38 -80.59 -38.84
CA SER J 2949 -113.46 -79.65 -39.15
C SER J 2949 -112.86 -78.39 -39.76
N SER J 2950 -111.60 -78.13 -39.41
CA SER J 2950 -110.82 -77.02 -39.96
C SER J 2950 -111.39 -75.65 -39.62
N ILE J 2951 -110.71 -74.95 -38.71
CA ILE J 2951 -111.07 -73.57 -38.37
C ILE J 2951 -110.89 -72.68 -39.58
N GLU J 2952 -109.94 -73.04 -40.44
CA GLU J 2952 -109.72 -72.33 -41.69
C GLU J 2952 -110.95 -72.45 -42.58
N LYS J 2953 -111.50 -73.66 -42.63
CA LYS J 2953 -112.74 -73.90 -43.35
C LYS J 2953 -113.91 -73.30 -42.59
N ARG J 2954 -113.79 -73.29 -41.26
CA ARG J 2954 -114.80 -72.67 -40.41
C ARG J 2954 -114.75 -71.16 -40.61
N PHE J 2955 -113.55 -70.64 -40.81
CA PHE J 2955 -113.38 -69.23 -41.17
C PHE J 2955 -113.99 -69.00 -42.54
N ALA J 2956 -113.80 -69.98 -43.42
CA ALA J 2956 -114.41 -69.95 -44.74
C ALA J 2956 -115.92 -70.15 -44.59
N PHE J 2957 -116.31 -70.94 -43.60
CA PHE J 2957 -117.73 -71.13 -43.29
C PHE J 2957 -118.29 -69.86 -42.67
N GLY J 2958 -117.47 -69.18 -41.89
CA GLY J 2958 -117.84 -67.88 -41.34
C GLY J 2958 -117.86 -66.86 -42.47
N PHE J 2959 -117.04 -67.11 -43.49
CA PHE J 2959 -117.04 -66.29 -44.69
C PHE J 2959 -118.18 -66.71 -45.59
N LEU J 2960 -118.54 -67.99 -45.52
CA LEU J 2960 -119.65 -68.53 -46.32
C LEU J 2960 -120.96 -67.87 -45.92
N GLN J 2961 -121.15 -67.66 -44.63
CA GLN J 2961 -122.34 -66.97 -44.12
C GLN J 2961 -122.37 -65.54 -44.68
N GLN J 2962 -121.19 -64.96 -44.84
CA GLN J 2962 -121.07 -63.64 -45.44
C GLN J 2962 -121.14 -63.76 -46.97
N LEU J 2963 -120.69 -64.90 -47.48
CA LEU J 2963 -120.74 -65.15 -48.91
C LEU J 2963 -122.16 -65.50 -49.36
N LEU J 2964 -122.86 -66.28 -48.54
CA LEU J 2964 -124.25 -66.62 -48.82
C LEU J 2964 -125.10 -65.36 -48.79
N ARG J 2965 -124.74 -64.45 -47.90
CA ARG J 2965 -125.36 -63.13 -47.86
C ARG J 2965 -124.80 -62.30 -49.02
N TRP J 2966 -123.97 -61.32 -48.69
CA TRP J 2966 -123.29 -60.48 -49.68
C TRP J 2966 -124.27 -59.90 -50.70
N MET J 2967 -124.45 -60.62 -51.80
CA MET J 2967 -125.36 -60.20 -52.86
C MET J 2967 -126.81 -60.41 -52.47
N ASP J 2968 -127.02 -61.18 -51.41
CA ASP J 2968 -128.37 -61.47 -50.93
C ASP J 2968 -128.94 -60.29 -50.15
N ILE J 2969 -128.06 -59.44 -49.62
CA ILE J 2969 -128.48 -58.30 -48.82
C ILE J 2969 -128.10 -56.98 -49.49
N SER J 2970 -126.99 -56.97 -50.21
CA SER J 2970 -126.52 -55.76 -50.88
C SER J 2970 -127.09 -55.65 -52.28
N GLN J 2971 -126.83 -56.65 -53.11
CA GLN J 2971 -127.29 -56.63 -54.50
C GLN J 2971 -128.81 -56.67 -54.61
N GLU J 2972 -129.46 -57.07 -53.52
CA GLU J 2972 -130.92 -57.05 -53.45
C GLU J 2972 -131.41 -55.61 -53.34
N PHE J 2973 -130.50 -54.71 -53.00
CA PHE J 2973 -130.81 -53.29 -52.89
C PHE J 2973 -129.92 -52.46 -53.80
N ILE J 2974 -128.71 -52.97 -54.08
CA ILE J 2974 -127.78 -52.28 -54.95
C ILE J 2974 -128.27 -52.33 -56.40
N ALA J 2975 -128.79 -53.48 -56.80
CA ALA J 2975 -129.32 -53.66 -58.15
C ALA J 2975 -130.81 -53.31 -58.18
N HIS J 2976 -131.31 -52.80 -57.06
CA HIS J 2976 -132.71 -52.42 -56.94
C HIS J 2976 -132.84 -50.97 -56.47
N ILE J 2995 -126.21 -48.42 -45.30
CA ILE J 2995 -126.27 -49.31 -44.14
C ILE J 2995 -124.86 -49.52 -43.56
N LYS J 2996 -124.81 -49.93 -42.30
CA LYS J 2996 -123.55 -50.18 -41.63
C LYS J 2996 -122.98 -51.53 -42.04
N PHE J 2997 -123.79 -52.34 -42.72
CA PHE J 2997 -123.37 -53.65 -43.18
C PHE J 2997 -122.39 -53.55 -44.34
N PHE J 2998 -122.31 -52.35 -44.93
CA PHE J 2998 -121.40 -52.12 -46.05
C PHE J 2998 -120.03 -51.67 -45.55
N ALA J 2999 -119.59 -52.24 -44.44
CA ALA J 2999 -118.30 -51.91 -43.86
C ALA J 2999 -117.48 -53.19 -43.63
N LYS J 3000 -118.18 -54.31 -43.49
CA LYS J 3000 -117.53 -55.59 -43.28
C LYS J 3000 -116.79 -56.03 -44.53
N ILE J 3001 -117.28 -55.57 -45.68
CA ILE J 3001 -116.65 -55.88 -46.97
C ILE J 3001 -115.36 -55.07 -47.12
N LEU J 3002 -115.27 -53.96 -46.39
CA LEU J 3002 -114.08 -53.13 -46.43
C LEU J 3002 -113.15 -53.47 -45.26
N LEU J 3003 -113.30 -54.68 -44.73
CA LEU J 3003 -112.48 -55.13 -43.61
C LEU J 3003 -112.10 -56.59 -43.77
N PRO J 3004 -113.00 -57.37 -44.36
CA PRO J 3004 -112.76 -58.81 -44.56
C PRO J 3004 -112.00 -59.06 -45.86
N LEU J 3005 -112.32 -58.27 -46.88
CA LEU J 3005 -111.68 -58.41 -48.18
C LEU J 3005 -110.20 -58.05 -48.09
N ILE J 3006 -109.87 -57.09 -47.23
CA ILE J 3006 -108.49 -56.68 -47.03
C ILE J 3006 -107.73 -57.74 -46.24
N ASN J 3007 -108.43 -58.44 -45.37
CA ASN J 3007 -107.82 -59.46 -44.53
C ASN J 3007 -107.60 -60.75 -45.32
N GLN J 3008 -108.36 -60.91 -46.40
CA GLN J 3008 -108.26 -62.12 -47.23
C GLN J 3008 -107.07 -62.06 -48.16
N TYR J 3009 -106.53 -60.86 -48.36
CA TYR J 3009 -105.39 -60.67 -49.24
C TYR J 3009 -104.09 -61.08 -48.57
N PHE J 3010 -104.14 -61.27 -47.25
CA PHE J 3010 -102.95 -61.61 -46.48
C PHE J 3010 -102.86 -63.11 -46.23
N THR J 3011 -103.87 -63.65 -45.55
CA THR J 3011 -103.87 -65.06 -45.14
C THR J 3011 -103.70 -66.01 -46.32
N ASN J 3012 -104.31 -65.67 -47.45
CA ASN J 3012 -104.20 -66.50 -48.64
C ASN J 3012 -102.79 -66.43 -49.21
N HIS J 3013 -102.16 -65.26 -49.06
CA HIS J 3013 -100.81 -65.06 -49.55
C HIS J 3013 -99.77 -65.40 -48.48
N CYS J 3014 -100.24 -65.54 -47.25
CA CYS J 3014 -99.35 -65.89 -46.14
C CYS J 3014 -99.05 -67.38 -46.17
N LEU J 3015 -100.11 -68.20 -46.20
CA LEU J 3015 -99.95 -69.64 -46.25
C LEU J 3015 -99.33 -70.07 -47.57
N TYR J 3016 -100.16 -70.13 -48.62
CA TYR J 3016 -99.72 -70.51 -49.96
C TYR J 3016 -99.04 -71.88 -49.95
N PHE J 3017 -99.47 -72.74 -49.03
CA PHE J 3017 -98.91 -74.08 -48.92
C PHE J 3017 -99.98 -75.05 -48.41
N LEU J 3018 -101.20 -74.54 -48.28
CA LEU J 3018 -102.33 -75.36 -47.86
C LEU J 3018 -102.64 -76.40 -48.94
N SER J 3019 -102.30 -76.05 -50.19
CA SER J 3019 -102.49 -76.95 -51.31
C SER J 3019 -101.34 -77.95 -51.39
N THR J 3020 -101.26 -78.85 -50.41
CA THR J 3020 -100.21 -79.85 -50.36
C THR J 3020 -100.60 -81.03 -49.48
N PRO J 3021 -101.20 -80.74 -48.33
CA PRO J 3021 -101.58 -81.78 -47.39
C PRO J 3021 -103.09 -81.93 -47.29
N ALA J 3022 -103.68 -81.33 -46.26
CA ALA J 3022 -105.12 -81.41 -46.02
C ALA J 3022 -105.89 -80.65 -47.10
N LYS J 3023 -106.04 -81.28 -48.26
CA LYS J 3023 -106.73 -80.65 -49.39
C LYS J 3023 -108.24 -80.67 -49.20
N VAL J 3024 -108.86 -79.52 -49.39
CA VAL J 3024 -110.31 -79.39 -49.29
C VAL J 3024 -110.84 -78.54 -50.43
N LEU J 3025 -111.88 -79.02 -51.09
CA LEU J 3025 -112.48 -78.31 -52.22
C LEU J 3025 -113.33 -77.13 -51.74
N GLY J 3026 -113.48 -77.02 -50.42
CA GLY J 3026 -114.25 -75.94 -49.82
C GLY J 3026 -113.60 -74.59 -50.11
N SER J 3027 -112.28 -74.60 -50.27
CA SER J 3027 -111.54 -73.39 -50.58
C SER J 3027 -111.82 -72.94 -52.01
N GLY J 3028 -111.96 -73.91 -52.91
CA GLY J 3028 -112.22 -73.63 -54.31
C GLY J 3028 -113.64 -73.12 -54.51
N GLY J 3029 -114.51 -73.44 -53.55
CA GLY J 3029 -115.90 -72.99 -53.60
C GLY J 3029 -116.01 -71.49 -53.42
N HIS J 3030 -115.27 -70.97 -52.43
CA HIS J 3030 -115.28 -69.54 -52.12
C HIS J 3030 -114.74 -68.72 -53.30
N ALA J 3031 -113.87 -69.33 -54.08
CA ALA J 3031 -113.32 -68.67 -55.27
C ALA J 3031 -114.40 -68.47 -56.31
N SER J 3032 -115.31 -69.43 -56.40
CA SER J 3032 -116.42 -69.37 -57.35
C SER J 3032 -117.63 -68.71 -56.72
N ASN J 3033 -117.81 -68.89 -55.42
CA ASN J 3033 -118.92 -68.28 -54.70
C ASN J 3033 -118.80 -66.76 -54.69
N LYS J 3034 -117.56 -66.29 -54.73
CA LYS J 3034 -117.29 -64.86 -54.79
C LYS J 3034 -117.26 -64.39 -56.24
N GLU J 3035 -116.92 -65.32 -57.13
CA GLU J 3035 -116.86 -65.01 -58.56
C GLU J 3035 -118.24 -64.62 -59.08
N LYS J 3036 -119.27 -65.27 -58.55
CA LYS J 3036 -120.65 -64.95 -58.92
C LYS J 3036 -121.04 -63.60 -58.33
N GLU J 3037 -120.48 -63.28 -57.17
CA GLU J 3037 -120.71 -61.99 -56.53
C GLU J 3037 -119.85 -60.92 -57.20
N MET J 3038 -118.76 -61.35 -57.82
CA MET J 3038 -117.86 -60.45 -58.52
C MET J 3038 -118.40 -60.16 -59.91
N ILE J 3039 -119.44 -60.87 -60.30
CA ILE J 3039 -120.06 -60.68 -61.61
C ILE J 3039 -120.88 -59.40 -61.62
N THR J 3040 -122.21 -59.55 -61.63
CA THR J 3040 -123.13 -58.42 -61.71
C THR J 3040 -122.80 -57.55 -62.92
N SER J 3041 -121.78 -56.71 -62.77
CA SER J 3041 -121.23 -55.94 -63.86
C SER J 3041 -119.76 -56.26 -64.00
N LEU J 3042 -119.44 -57.33 -64.73
CA LEU J 3042 -118.07 -57.80 -64.90
C LEU J 3042 -117.30 -56.94 -65.90
N PHE J 3043 -117.67 -55.67 -66.00
CA PHE J 3043 -117.01 -54.73 -66.89
C PHE J 3043 -117.28 -53.31 -66.43
N CYS J 3044 -117.70 -53.17 -65.17
CA CYS J 3044 -118.03 -51.86 -64.61
C CYS J 3044 -117.99 -51.88 -63.09
N LYS J 3045 -119.07 -52.36 -62.47
CA LYS J 3045 -119.23 -52.39 -61.02
C LYS J 3045 -119.07 -51.00 -60.42
N LEU J 3046 -118.67 -50.95 -59.15
CA LEU J 3046 -118.47 -49.68 -58.46
C LEU J 3046 -117.60 -49.84 -57.21
N ALA J 3047 -117.50 -48.77 -56.43
CA ALA J 3047 -116.77 -48.76 -55.17
C ALA J 3047 -115.29 -49.12 -55.35
N ALA J 3048 -114.96 -50.38 -55.09
CA ALA J 3048 -113.58 -50.83 -55.13
C ALA J 3048 -113.32 -51.83 -56.26
N LEU J 3049 -112.12 -51.78 -56.82
CA LEU J 3049 -111.71 -52.72 -57.85
C LEU J 3049 -110.59 -53.62 -57.33
N VAL J 3050 -110.29 -53.47 -56.04
CA VAL J 3050 -109.25 -54.25 -55.39
C VAL J 3050 -109.66 -55.71 -55.22
N ARG J 3051 -110.96 -55.95 -55.33
CA ARG J 3051 -111.49 -57.31 -55.25
C ARG J 3051 -110.96 -58.15 -56.43
N HIS J 3052 -110.72 -57.48 -57.54
CA HIS J 3052 -110.14 -58.13 -58.71
C HIS J 3052 -108.70 -58.53 -58.40
N ARG J 3053 -108.00 -57.68 -57.67
CA ARG J 3053 -106.65 -57.97 -57.23
C ARG J 3053 -106.67 -59.02 -56.12
N VAL J 3054 -107.73 -58.99 -55.31
CA VAL J 3054 -107.91 -59.98 -54.26
C VAL J 3054 -108.23 -61.33 -54.89
N SER J 3055 -108.86 -61.31 -56.06
CA SER J 3055 -109.16 -62.52 -56.80
C SER J 3055 -107.88 -63.07 -57.40
N LEU J 3056 -106.97 -62.17 -57.77
CA LEU J 3056 -105.69 -62.56 -58.35
C LEU J 3056 -104.84 -63.27 -57.30
N PHE J 3057 -105.04 -62.91 -56.04
CA PHE J 3057 -104.31 -63.54 -54.94
C PHE J 3057 -104.82 -64.95 -54.71
N GLY J 3058 -106.14 -65.12 -54.82
CA GLY J 3058 -106.75 -66.43 -54.65
C GLY J 3058 -106.57 -67.27 -55.90
N THR J 3059 -106.19 -66.61 -56.99
CA THR J 3059 -105.95 -67.28 -58.26
C THR J 3059 -104.72 -68.17 -58.17
N ASP J 3060 -103.74 -67.75 -57.38
CA ASP J 3060 -102.51 -68.51 -57.20
C ASP J 3060 -102.76 -69.78 -56.41
N ALA J 3061 -103.77 -69.75 -55.54
CA ALA J 3061 -104.10 -70.90 -54.70
C ALA J 3061 -104.56 -72.08 -55.55
N PRO J 3062 -105.27 -71.79 -56.63
CA PRO J 3062 -105.76 -72.82 -57.53
C PRO J 3062 -104.76 -73.10 -58.62
N ALA J 3063 -104.50 -72.09 -59.45
CA ALA J 3063 -103.52 -72.21 -60.53
C ALA J 3063 -102.18 -71.64 -60.09
N VAL J 3134 -109.72 -88.11 -59.17
CA VAL J 3134 -110.40 -87.71 -57.94
C VAL J 3134 -111.52 -86.72 -58.26
N ALA J 3135 -112.03 -86.06 -57.21
CA ALA J 3135 -113.11 -85.10 -57.38
C ALA J 3135 -112.64 -83.88 -58.17
N LEU J 3136 -111.68 -83.14 -57.61
CA LEU J 3136 -111.12 -81.96 -58.25
C LEU J 3136 -112.19 -80.93 -58.60
N LEU J 3137 -112.94 -81.19 -59.66
CA LEU J 3137 -113.99 -80.28 -60.11
C LEU J 3137 -115.36 -80.95 -60.01
N PRO J 3138 -116.39 -80.14 -59.78
CA PRO J 3138 -117.75 -80.65 -59.68
C PRO J 3138 -118.75 -79.60 -60.12
N VAL J 3139 -119.67 -79.25 -59.23
CA VAL J 3139 -120.68 -78.23 -59.52
C VAL J 3139 -120.03 -76.85 -59.60
N LEU J 3140 -119.70 -76.44 -60.82
CA LEU J 3140 -119.06 -75.15 -61.05
C LEU J 3140 -119.36 -74.62 -62.45
N THR J 3141 -118.75 -75.25 -63.44
CA THR J 3141 -118.87 -74.84 -64.83
C THR J 3141 -118.50 -73.37 -65.03
N THR J 3142 -117.45 -72.94 -64.32
CA THR J 3142 -116.97 -71.58 -64.41
C THR J 3142 -116.43 -71.30 -65.80
N LEU J 3143 -115.77 -72.30 -66.38
CA LEU J 3143 -115.25 -72.21 -67.74
C LEU J 3143 -116.41 -72.03 -68.72
N PHE J 3144 -117.51 -72.73 -68.46
CA PHE J 3144 -118.72 -72.60 -69.25
C PHE J 3144 -119.31 -71.21 -69.02
N GLN J 3145 -119.19 -70.73 -67.79
CA GLN J 3145 -119.67 -69.40 -67.45
C GLN J 3145 -118.73 -68.34 -68.01
N HIS J 3146 -117.48 -68.74 -68.25
CA HIS J 3146 -116.49 -67.85 -68.82
C HIS J 3146 -116.74 -67.65 -70.31
N ILE J 3147 -117.39 -68.63 -70.93
CA ILE J 3147 -117.68 -68.58 -72.34
C ILE J 3147 -118.87 -67.67 -72.64
N ALA J 3148 -119.57 -67.25 -71.59
CA ALA J 3148 -120.75 -66.42 -71.74
C ALA J 3148 -120.42 -65.04 -72.27
N GLN J 3149 -119.86 -64.19 -71.41
CA GLN J 3149 -119.56 -62.81 -71.76
C GLN J 3149 -118.41 -62.70 -72.76
N HIS J 3150 -117.58 -63.75 -72.83
CA HIS J 3150 -116.44 -63.74 -73.72
C HIS J 3150 -116.87 -63.96 -75.17
N GLN J 3151 -118.05 -64.55 -75.35
CA GLN J 3151 -118.58 -64.82 -76.69
C GLN J 3151 -118.89 -63.52 -77.42
N PHE J 3152 -119.78 -62.72 -76.84
CA PHE J 3152 -120.18 -61.45 -77.43
C PHE J 3152 -119.04 -60.45 -77.39
N GLY J 3153 -118.02 -60.74 -76.58
CA GLY J 3153 -116.84 -59.89 -76.48
C GLY J 3153 -116.05 -59.92 -77.79
N ASP J 3154 -116.27 -60.97 -78.58
CA ASP J 3154 -115.65 -61.09 -79.89
C ASP J 3154 -116.35 -60.17 -80.88
N ASP J 3155 -117.62 -59.90 -80.61
CA ASP J 3155 -118.40 -58.99 -81.45
C ASP J 3155 -118.16 -57.55 -81.02
N VAL J 3156 -117.52 -57.37 -79.87
CA VAL J 3156 -117.19 -56.05 -79.37
C VAL J 3156 -116.17 -55.38 -80.29
N ILE J 3157 -115.31 -56.20 -80.90
CA ILE J 3157 -114.35 -55.70 -81.88
C ILE J 3157 -115.09 -55.28 -83.14
N LEU J 3158 -116.19 -55.98 -83.42
CA LEU J 3158 -117.04 -55.65 -84.56
C LEU J 3158 -118.04 -54.57 -84.16
N ASP J 3159 -118.10 -54.28 -82.86
CA ASP J 3159 -118.97 -53.22 -82.36
C ASP J 3159 -118.20 -51.90 -82.32
N ASP J 3160 -117.00 -51.90 -82.86
CA ASP J 3160 -116.16 -50.71 -82.92
C ASP J 3160 -115.17 -50.81 -84.08
N VAL J 3161 -115.51 -51.62 -85.07
CA VAL J 3161 -114.66 -51.79 -86.25
C VAL J 3161 -114.93 -50.70 -87.28
N CYS J 3170 -119.13 -53.94 -72.91
CA CYS J 3170 -117.82 -54.58 -72.85
C CYS J 3170 -116.70 -53.56 -73.03
N SER J 3171 -116.07 -53.20 -71.92
CA SER J 3171 -114.97 -52.23 -71.94
C SER J 3171 -113.98 -52.51 -70.82
N ILE J 3172 -114.43 -53.27 -69.82
CA ILE J 3172 -113.56 -53.64 -68.70
C ILE J 3172 -113.61 -55.14 -68.46
N TYR J 3173 -114.39 -55.84 -69.28
CA TYR J 3173 -114.42 -57.29 -69.26
C TYR J 3173 -113.15 -57.81 -69.93
N SER J 3174 -112.55 -56.96 -70.75
CA SER J 3174 -111.27 -57.26 -71.38
C SER J 3174 -110.15 -56.79 -70.47
N LEU J 3175 -110.51 -56.28 -69.31
CA LEU J 3175 -109.55 -55.79 -68.33
C LEU J 3175 -109.65 -56.56 -67.02
N GLY J 3176 -110.79 -56.45 -66.36
CA GLY J 3176 -110.99 -57.10 -65.07
C GLY J 3176 -111.27 -58.60 -65.24
N THR J 3177 -112.20 -58.92 -66.13
CA THR J 3177 -112.58 -60.31 -66.36
C THR J 3177 -111.51 -61.03 -67.18
N THR J 3178 -110.58 -60.27 -67.73
CA THR J 3178 -109.49 -60.85 -68.51
C THR J 3178 -108.20 -60.86 -67.70
N LYS J 3179 -108.24 -60.23 -66.52
CA LYS J 3179 -107.10 -60.21 -65.62
C LYS J 3179 -106.88 -61.59 -65.02
N ASN J 3180 -107.86 -62.06 -64.26
CA ASN J 3180 -107.79 -63.37 -63.63
C ASN J 3180 -107.87 -64.48 -64.67
N THR J 3181 -108.44 -64.16 -65.82
CA THR J 3181 -108.53 -65.11 -66.92
C THR J 3181 -107.15 -65.41 -67.49
N TYR J 3182 -106.43 -64.36 -67.85
CA TYR J 3182 -105.08 -64.50 -68.38
C TYR J 3182 -104.13 -64.97 -67.28
N VAL J 3183 -104.45 -64.65 -66.04
CA VAL J 3183 -103.64 -65.06 -64.90
C VAL J 3183 -103.73 -66.57 -64.70
N GLU J 3184 -104.91 -67.04 -64.31
CA GLU J 3184 -105.14 -68.45 -64.01
C GLU J 3184 -104.76 -69.36 -65.18
N LYS J 3185 -104.89 -68.84 -66.40
CA LYS J 3185 -104.51 -69.61 -67.59
C LYS J 3185 -103.00 -69.76 -67.65
N LEU J 3186 -102.28 -68.68 -67.35
CA LEU J 3186 -100.82 -68.70 -67.37
C LEU J 3186 -100.29 -69.20 -66.03
N ARG J 3187 -101.15 -69.26 -65.02
CA ARG J 3187 -100.75 -69.72 -63.70
C ARG J 3187 -100.97 -71.22 -63.56
N PRO J 3188 -101.64 -71.82 -64.53
CA PRO J 3188 -101.88 -73.27 -64.53
C PRO J 3188 -100.56 -74.02 -64.48
N ALA J 3189 -99.91 -74.14 -65.63
CA ALA J 3189 -98.56 -74.70 -65.73
C ALA J 3189 -98.41 -76.07 -65.09
N LEU J 3190 -98.43 -76.10 -63.75
CA LEU J 3190 -98.22 -77.33 -63.00
C LEU J 3190 -99.31 -78.36 -63.28
N GLY J 3191 -100.45 -78.22 -62.61
CA GLY J 3191 -101.54 -79.17 -62.77
C GLY J 3191 -102.30 -78.94 -64.07
N GLU J 3192 -103.10 -79.92 -64.47
CA GLU J 3192 -103.90 -79.83 -65.69
C GLU J 3192 -105.05 -80.82 -65.65
N CYS J 3193 -106.26 -80.31 -65.43
CA CYS J 3193 -107.46 -81.15 -65.34
C CYS J 3193 -107.77 -81.80 -66.68
N LEU J 3194 -108.49 -81.08 -67.53
CA LEU J 3194 -108.85 -81.59 -68.84
C LEU J 3194 -109.19 -80.44 -69.81
N ALA J 3195 -110.10 -80.71 -70.73
CA ALA J 3195 -110.50 -79.70 -71.71
C ALA J 3195 -111.92 -79.95 -72.22
N ARG J 3196 -112.90 -79.81 -71.34
CA ARG J 3196 -114.30 -80.02 -71.69
C ARG J 3196 -114.95 -78.72 -72.13
N LEU J 3197 -115.23 -78.63 -73.43
CA LEU J 3197 -115.86 -77.44 -74.04
C LEU J 3197 -115.03 -76.18 -73.85
N ALA J 3198 -113.76 -76.35 -73.49
CA ALA J 3198 -112.86 -75.21 -73.30
C ALA J 3198 -112.34 -74.76 -74.65
N ALA J 3199 -112.03 -75.73 -75.52
CA ALA J 3199 -111.57 -75.44 -76.86
C ALA J 3199 -112.68 -74.81 -77.68
N ALA J 3200 -113.93 -75.13 -77.32
CA ALA J 3200 -115.09 -74.55 -77.97
C ALA J 3200 -115.12 -73.05 -77.75
N MET J 3201 -114.89 -72.63 -76.51
CA MET J 3201 -114.83 -71.21 -76.18
C MET J 3201 -113.53 -70.61 -76.68
N PRO J 3202 -112.48 -71.44 -76.71
CA PRO J 3202 -111.18 -71.00 -77.18
C PRO J 3202 -111.20 -70.71 -78.68
N VAL J 3203 -111.73 -71.65 -79.45
CA VAL J 3203 -111.83 -71.49 -80.89
C VAL J 3203 -112.80 -70.36 -81.24
N ALA J 3204 -113.75 -70.11 -80.35
CA ALA J 3204 -114.69 -69.00 -80.51
C ALA J 3204 -114.01 -67.69 -80.14
N PHE J 3205 -112.84 -67.79 -79.52
CA PHE J 3205 -112.07 -66.63 -79.12
C PHE J 3205 -110.80 -66.52 -79.97
N LEU J 3206 -110.19 -67.65 -80.28
CA LEU J 3206 -108.95 -67.66 -81.06
C LEU J 3206 -109.19 -67.16 -82.48
N GLU J 3207 -110.05 -67.85 -83.21
CA GLU J 3207 -110.36 -67.50 -84.59
C GLU J 3207 -110.97 -66.11 -84.67
N PRO J 3208 -111.69 -65.72 -83.62
CA PRO J 3208 -112.29 -64.40 -83.55
C PRO J 3208 -111.20 -63.34 -83.37
N GLN J 3209 -110.19 -63.66 -82.57
CA GLN J 3209 -109.09 -62.74 -82.33
C GLN J 3209 -108.02 -62.87 -83.41
N LEU J 3210 -108.04 -63.99 -84.13
CA LEU J 3210 -107.07 -64.23 -85.20
C LEU J 3210 -107.34 -63.28 -86.36
N ASN J 3211 -108.55 -62.74 -86.42
CA ASN J 3211 -108.93 -61.82 -87.48
C ASN J 3211 -109.40 -60.48 -86.90
N GLU J 3212 -109.25 -60.33 -85.59
CA GLU J 3212 -109.68 -59.11 -84.92
C GLU J 3212 -108.61 -58.02 -85.04
N TYR J 3213 -107.47 -58.37 -85.63
CA TYR J 3213 -106.38 -57.42 -85.80
C TYR J 3213 -106.49 -56.72 -87.15
N ASN J 3214 -107.53 -57.04 -87.90
CA ASN J 3214 -107.76 -56.42 -89.20
C ASN J 3214 -108.55 -55.12 -89.04
N ALA J 3215 -109.36 -55.06 -87.99
CA ALA J 3215 -110.16 -53.87 -87.70
C ALA J 3215 -109.26 -52.72 -87.27
N CYS J 3216 -109.16 -51.71 -88.13
CA CYS J 3216 -108.31 -50.54 -87.86
C CYS J 3216 -108.96 -49.62 -86.84
N SER J 3217 -108.51 -48.37 -86.82
CA SER J 3217 -109.01 -47.35 -85.90
C SER J 3217 -108.92 -47.82 -84.45
N VAL J 3218 -109.88 -48.63 -84.02
CA VAL J 3218 -109.89 -49.16 -82.67
C VAL J 3218 -109.34 -50.58 -82.64
N TYR J 3219 -108.04 -50.71 -82.41
CA TYR J 3219 -107.40 -52.02 -82.37
C TYR J 3219 -107.46 -52.61 -80.96
N THR J 3220 -108.14 -51.92 -80.07
CA THR J 3220 -108.29 -52.33 -78.67
C THR J 3220 -106.94 -52.53 -77.99
N THR J 3221 -106.85 -53.56 -77.15
CA THR J 3221 -105.62 -53.83 -76.41
C THR J 3221 -104.95 -55.11 -76.89
N LYS J 3222 -103.63 -55.16 -76.77
CA LYS J 3222 -102.86 -56.34 -77.16
C LYS J 3222 -102.51 -57.17 -75.95
N SER J 3223 -103.04 -56.79 -74.79
CA SER J 3223 -102.81 -57.51 -73.54
C SER J 3223 -103.51 -58.86 -73.57
N PRO J 3224 -104.78 -58.85 -73.96
CA PRO J 3224 -105.57 -60.08 -74.06
C PRO J 3224 -105.12 -60.88 -75.27
N ARG J 3225 -104.39 -60.23 -76.18
CA ARG J 3225 -103.83 -60.89 -77.34
C ARG J 3225 -102.69 -61.83 -76.91
N GLU J 3226 -102.14 -61.55 -75.73
CA GLU J 3226 -101.10 -62.40 -75.15
C GLU J 3226 -101.72 -63.40 -74.20
N ARG J 3227 -103.02 -63.25 -73.95
CA ARG J 3227 -103.75 -64.16 -73.07
C ARG J 3227 -104.04 -65.47 -73.78
N ALA J 3228 -104.10 -65.41 -75.11
CA ALA J 3228 -104.31 -66.61 -75.92
C ALA J 3228 -103.08 -67.51 -75.78
N ILE J 3229 -101.91 -66.88 -75.69
CA ILE J 3229 -100.66 -67.61 -75.48
C ILE J 3229 -100.58 -68.09 -74.04
N LEU J 3230 -101.15 -67.29 -73.14
CA LEU J 3230 -101.17 -67.63 -71.72
C LEU J 3230 -102.05 -68.85 -71.46
N GLY J 3231 -103.08 -69.01 -72.30
CA GLY J 3231 -103.99 -70.14 -72.18
C GLY J 3231 -103.56 -71.27 -73.10
N LEU J 3232 -102.49 -71.04 -73.86
CA LEU J 3232 -101.98 -72.05 -74.79
C LEU J 3232 -101.20 -73.13 -74.04
N PRO J 3233 -101.91 -73.91 -73.24
CA PRO J 3233 -101.30 -74.99 -72.48
C PRO J 3233 -102.34 -76.02 -72.07
N ASN J 3234 -103.48 -76.00 -72.77
CA ASN J 3234 -104.57 -76.91 -72.46
C ASN J 3234 -104.36 -78.27 -73.15
N SER J 3235 -104.60 -78.31 -74.45
CA SER J 3235 -104.45 -79.54 -75.23
C SER J 3235 -104.10 -79.23 -76.68
N VAL J 3236 -104.62 -80.07 -77.58
CA VAL J 3236 -104.35 -79.91 -79.01
C VAL J 3236 -105.08 -78.68 -79.56
N PRO J 3241 -114.38 -72.13 -86.17
CA PRO J 3241 -113.42 -73.18 -86.48
C PRO J 3241 -112.60 -72.83 -87.70
N ASP J 3242 -111.28 -72.75 -87.52
CA ASP J 3242 -110.38 -72.47 -88.63
C ASP J 3242 -110.36 -73.63 -89.61
N ILE J 3243 -110.33 -74.84 -89.06
CA ILE J 3243 -110.34 -76.06 -89.86
C ILE J 3243 -110.73 -77.25 -89.00
N PRO J 3244 -111.37 -76.96 -87.87
CA PRO J 3244 -111.78 -78.00 -86.93
C PRO J 3244 -113.05 -78.70 -87.41
N VAL J 3245 -112.90 -79.55 -88.41
CA VAL J 3245 -114.04 -80.30 -88.95
C VAL J 3245 -114.48 -81.36 -87.96
N LEU J 3246 -113.59 -82.32 -87.69
CA LEU J 3246 -113.87 -83.38 -86.74
C LEU J 3246 -113.37 -83.00 -85.35
N ASP J 3247 -113.74 -81.82 -84.89
CA ASP J 3247 -113.30 -81.33 -83.58
C ASP J 3247 -114.23 -80.27 -83.02
N ARG J 3248 -114.96 -79.58 -83.90
CA ARG J 3248 -115.84 -78.50 -83.46
C ARG J 3248 -117.31 -78.81 -83.75
N LEU J 3249 -117.78 -78.38 -84.92
CA LEU J 3249 -119.19 -78.52 -85.29
C LEU J 3249 -119.59 -79.98 -85.42
N MET J 3250 -118.79 -80.75 -86.17
CA MET J 3250 -119.08 -82.16 -86.39
C MET J 3250 -118.47 -83.02 -85.28
N ALA J 3251 -118.86 -82.75 -84.05
CA ALA J 3251 -118.35 -83.50 -82.89
C ALA J 3251 -119.26 -83.34 -81.68
N ASP J 3252 -120.56 -83.49 -81.90
CA ASP J 3252 -121.53 -83.36 -80.82
C ASP J 3252 -122.05 -84.74 -80.40
N ILE J 3253 -121.33 -85.79 -80.82
CA ILE J 3253 -121.72 -87.15 -80.51
C ILE J 3253 -121.24 -87.56 -79.12
N GLY J 3254 -119.96 -87.30 -78.86
CA GLY J 3254 -119.37 -87.63 -77.57
C GLY J 3254 -118.15 -86.76 -77.29
N ALA J 3261 -111.11 -88.59 -78.55
CA ALA J 3261 -110.06 -87.68 -78.09
C ALA J 3261 -108.73 -88.41 -77.97
N ARG J 3262 -108.49 -89.35 -78.88
CA ARG J 3262 -107.26 -90.14 -78.87
C ARG J 3262 -106.15 -89.41 -79.63
N TYR J 3263 -105.54 -90.10 -80.59
CA TYR J 3263 -104.44 -89.55 -81.34
C TYR J 3263 -104.89 -88.97 -82.68
N THR J 3264 -105.86 -88.06 -82.63
CA THR J 3264 -106.34 -87.39 -83.82
C THR J 3264 -105.25 -86.47 -84.37
N GLU J 3265 -104.54 -86.95 -85.39
CA GLU J 3265 -103.42 -86.21 -85.98
C GLU J 3265 -103.87 -84.91 -86.64
N MET J 3266 -104.40 -84.00 -85.83
CA MET J 3266 -104.86 -82.70 -86.32
C MET J 3266 -105.08 -81.74 -85.15
N PRO J 3267 -104.36 -80.62 -85.16
CA PRO J 3267 -104.48 -79.62 -84.11
C PRO J 3267 -104.20 -78.23 -84.67
N HIS J 3268 -102.95 -77.79 -84.52
CA HIS J 3268 -102.51 -76.53 -85.11
C HIS J 3268 -101.91 -76.79 -86.48
N VAL J 3269 -102.30 -77.91 -87.08
CA VAL J 3269 -101.80 -78.30 -88.40
C VAL J 3269 -102.49 -77.50 -89.50
N ILE J 3270 -103.49 -76.70 -89.12
CA ILE J 3270 -104.17 -75.83 -90.07
C ILE J 3270 -103.24 -74.71 -90.50
N GLU J 3271 -102.18 -74.50 -89.72
CA GLU J 3271 -101.17 -73.50 -90.02
C GLU J 3271 -99.79 -74.02 -89.65
N ILE J 3272 -99.61 -75.34 -89.78
CA ILE J 3272 -98.33 -75.97 -89.47
C ILE J 3272 -97.24 -75.46 -90.42
N THR J 3273 -97.45 -75.70 -91.71
CA THR J 3273 -96.52 -75.21 -92.73
C THR J 3273 -97.05 -73.91 -93.32
N LEU J 3274 -98.35 -73.69 -93.18
CA LEU J 3274 -99.01 -72.50 -93.71
C LEU J 3274 -98.48 -71.24 -93.03
N PRO J 3275 -98.58 -71.19 -91.70
CA PRO J 3275 -98.07 -70.05 -90.93
C PRO J 3275 -96.55 -70.02 -91.02
N MET J 3276 -95.95 -71.18 -91.23
CA MET J 3276 -94.51 -71.27 -91.43
C MET J 3276 -94.13 -70.63 -92.75
N LEU J 3277 -94.91 -70.92 -93.79
CA LEU J 3277 -94.70 -70.30 -95.09
C LEU J 3277 -95.12 -68.84 -95.05
N CYS J 3278 -96.13 -68.55 -94.24
CA CYS J 3278 -96.62 -67.19 -94.08
C CYS J 3278 -95.55 -66.33 -93.40
N SER J 3279 -94.95 -66.88 -92.35
CA SER J 3279 -93.89 -66.18 -91.63
C SER J 3279 -92.66 -66.05 -92.52
N TYR J 3280 -92.35 -67.12 -93.25
CA TYR J 3280 -91.20 -67.13 -94.15
C TYR J 3280 -91.38 -66.08 -95.25
N LEU J 3281 -92.62 -65.90 -95.69
CA LEU J 3281 -92.94 -64.88 -96.68
C LEU J 3281 -92.97 -63.51 -96.03
N PRO J 3282 -93.44 -63.47 -94.78
CA PRO J 3282 -93.46 -62.23 -94.02
C PRO J 3282 -92.03 -61.79 -93.72
N ARG J 3283 -91.16 -62.77 -93.49
CA ARG J 3283 -89.75 -62.50 -93.25
C ARG J 3283 -89.05 -62.15 -94.55
N TRP J 3284 -89.49 -62.79 -95.65
CA TRP J 3284 -88.93 -62.51 -96.97
C TRP J 3284 -89.22 -61.07 -97.35
N TRP J 3285 -90.43 -60.62 -97.09
CA TRP J 3285 -90.79 -59.22 -97.31
C TRP J 3285 -90.11 -58.34 -96.26
N GLU J 3286 -90.09 -57.03 -96.51
CA GLU J 3286 -89.48 -56.10 -95.57
C GLU J 3286 -90.19 -56.14 -94.22
N ARG J 3287 -91.51 -55.98 -94.25
CA ARG J 3287 -92.34 -56.03 -93.05
C ARG J 3287 -91.88 -55.04 -91.99
N GLY J 3288 -91.36 -53.90 -92.43
CA GLY J 3288 -90.86 -52.89 -91.51
C GLY J 3288 -91.91 -51.83 -91.22
N PRO J 3289 -93.11 -52.28 -90.84
CA PRO J 3289 -94.21 -51.38 -90.54
C PRO J 3289 -95.14 -51.99 -89.51
N GLU J 3290 -96.00 -51.15 -88.93
CA GLU J 3290 -96.98 -51.60 -87.95
C GLU J 3290 -98.06 -52.41 -88.62
N ALA J 3291 -98.29 -52.14 -89.90
CA ALA J 3291 -99.26 -52.88 -90.70
C ALA J 3291 -98.80 -54.32 -90.88
N PRO J 3292 -97.48 -54.50 -90.90
CA PRO J 3292 -96.90 -55.84 -90.97
C PRO J 3292 -97.17 -56.58 -89.69
N PRO J 3293 -97.08 -57.90 -89.74
CA PRO J 3293 -97.40 -58.78 -88.61
C PRO J 3293 -98.82 -58.49 -88.10
N PRO J 3294 -98.96 -57.41 -87.32
CA PRO J 3294 -100.24 -56.98 -86.79
C PRO J 3294 -100.93 -58.11 -86.05
N ALA J 3295 -101.54 -59.03 -86.80
CA ALA J 3295 -102.11 -60.23 -86.23
C ALA J 3295 -101.01 -61.08 -85.63
N LEU J 3296 -99.92 -61.24 -86.38
CA LEU J 3296 -98.76 -61.98 -85.91
C LEU J 3296 -98.12 -61.25 -84.72
N PRO J 3297 -98.19 -59.92 -84.74
CA PRO J 3297 -97.66 -59.12 -83.64
C PRO J 3297 -98.53 -59.25 -82.40
N ALA J 3298 -99.64 -59.95 -82.52
CA ALA J 3298 -100.56 -60.14 -81.41
C ALA J 3298 -101.10 -61.56 -81.34
N GLY J 3299 -100.43 -62.50 -82.01
CA GLY J 3299 -100.86 -63.90 -81.98
C GLY J 3299 -99.73 -64.88 -82.29
N ALA J 3300 -98.73 -64.45 -83.05
CA ALA J 3300 -97.62 -65.33 -83.41
C ALA J 3300 -96.69 -65.55 -82.22
N PRO J 3301 -96.95 -64.84 -81.13
CA PRO J 3301 -96.22 -65.06 -79.89
C PRO J 3301 -96.72 -66.33 -79.23
N PRO J 3302 -97.89 -66.79 -79.67
CA PRO J 3302 -98.47 -68.03 -79.17
C PRO J 3302 -98.02 -69.21 -80.01
N PRO J 3303 -97.28 -68.92 -81.08
CA PRO J 3303 -96.78 -69.96 -81.97
C PRO J 3303 -95.59 -70.68 -81.34
N CYS J 3304 -95.05 -70.10 -80.27
CA CYS J 3304 -93.91 -70.68 -79.58
C CYS J 3304 -94.36 -71.60 -78.46
N THR J 3305 -95.61 -71.43 -78.02
CA THR J 3305 -96.17 -72.26 -76.95
C THR J 3305 -96.46 -73.67 -77.43
N ALA J 3306 -96.40 -73.85 -78.75
CA ALA J 3306 -96.67 -75.16 -79.35
C ALA J 3306 -95.51 -76.12 -79.15
N VAL J 3307 -94.39 -75.60 -78.62
CA VAL J 3307 -93.21 -76.42 -78.37
C VAL J 3307 -93.30 -77.09 -77.00
N THR J 3308 -94.48 -77.02 -76.39
CA THR J 3308 -94.68 -77.60 -75.06
C THR J 3308 -94.89 -79.11 -75.14
N SER J 3309 -96.08 -79.51 -75.56
CA SER J 3309 -96.44 -80.93 -75.64
C SER J 3309 -95.61 -81.67 -76.68
N ASP J 3310 -95.03 -80.94 -77.61
CA ASP J 3310 -94.21 -81.54 -78.66
C ASP J 3310 -92.78 -81.76 -78.18
N HIS J 3311 -92.65 -82.28 -76.96
CA HIS J 3311 -91.35 -82.50 -76.33
C HIS J 3311 -90.52 -81.23 -76.36
N LEU J 3312 -89.30 -81.32 -76.87
CA LEU J 3312 -88.47 -80.15 -77.08
C LEU J 3312 -88.89 -79.48 -78.38
N ASN J 3313 -88.55 -80.12 -79.49
CA ASN J 3313 -88.92 -79.64 -80.82
C ASN J 3313 -88.68 -80.73 -81.86
N SER J 3314 -89.71 -81.50 -82.18
CA SER J 3314 -89.61 -82.53 -83.20
C SER J 3314 -89.21 -81.90 -84.52
N LEU J 3315 -89.86 -80.79 -84.84
CA LEU J 3315 -89.45 -79.96 -85.97
C LEU J 3315 -88.39 -78.99 -85.49
N LEU J 3316 -87.18 -79.50 -85.25
CA LEU J 3316 -86.09 -78.73 -84.67
C LEU J 3316 -85.70 -77.55 -85.56
N GLY J 3317 -85.71 -77.77 -86.87
CA GLY J 3317 -85.36 -76.72 -87.83
C GLY J 3317 -86.39 -75.60 -87.79
N ASN J 3318 -87.63 -75.95 -87.47
CA ASN J 3318 -88.69 -74.97 -87.37
C ASN J 3318 -88.46 -74.05 -86.17
N ILE J 3319 -88.00 -74.63 -85.07
CA ILE J 3319 -87.71 -73.86 -83.87
C ILE J 3319 -86.35 -73.16 -84.01
N LEU J 3320 -85.59 -73.57 -85.01
CA LEU J 3320 -84.28 -72.97 -85.28
C LEU J 3320 -84.38 -71.94 -86.39
N ARG J 3321 -85.60 -71.63 -86.81
CA ARG J 3321 -85.82 -70.68 -87.89
C ARG J 3321 -86.92 -69.69 -87.54
N ILE J 3322 -87.88 -70.12 -86.73
CA ILE J 3322 -88.99 -69.26 -86.32
C ILE J 3322 -88.47 -68.05 -85.55
N ILE J 3323 -87.44 -68.27 -84.75
CA ILE J 3323 -86.80 -67.18 -84.02
C ILE J 3323 -85.89 -66.40 -84.94
N VAL J 3324 -85.26 -67.10 -85.88
CA VAL J 3324 -84.38 -66.46 -86.85
C VAL J 3324 -85.17 -65.56 -87.78
N ASN J 3325 -86.35 -66.01 -88.17
CA ASN J 3325 -87.25 -65.21 -88.99
C ASN J 3325 -87.82 -64.06 -88.17
N ASN J 3326 -88.02 -64.32 -86.88
CA ASN J 3326 -88.47 -63.28 -85.95
C ASN J 3326 -87.34 -62.29 -85.74
N LEU J 3327 -86.11 -62.79 -85.76
CA LEU J 3327 -84.93 -61.94 -85.63
C LEU J 3327 -84.79 -61.08 -86.87
N GLY J 3328 -85.21 -61.60 -88.02
CA GLY J 3328 -85.18 -60.85 -89.27
C GLY J 3328 -86.12 -59.66 -89.19
N ILE J 3329 -87.23 -59.83 -88.47
CA ILE J 3329 -88.16 -58.75 -88.23
C ILE J 3329 -87.50 -57.71 -87.31
N ASP J 3330 -86.64 -58.18 -86.43
CA ASP J 3330 -85.86 -57.30 -85.57
C ASP J 3330 -84.64 -56.78 -86.33
N GLU J 3331 -84.20 -57.56 -87.32
CA GLU J 3331 -83.09 -57.15 -88.18
C GLU J 3331 -83.56 -56.10 -89.17
N ALA J 3332 -84.88 -56.01 -89.35
CA ALA J 3332 -85.47 -55.02 -90.23
C ALA J 3332 -85.27 -53.62 -89.65
N THR J 3333 -85.08 -53.57 -88.33
CA THR J 3333 -84.82 -52.34 -87.58
C THR J 3333 -86.00 -51.36 -87.62
N TRP J 3334 -86.48 -51.00 -86.44
CA TRP J 3334 -87.60 -50.07 -86.30
C TRP J 3334 -87.15 -48.64 -86.57
N MET J 3335 -87.99 -47.68 -86.22
CA MET J 3335 -87.69 -46.27 -86.43
C MET J 3335 -87.55 -45.53 -85.11
N LYS J 3336 -88.17 -44.36 -85.02
CA LYS J 3336 -88.13 -43.56 -83.80
C LYS J 3336 -88.92 -44.26 -82.70
N ARG J 3337 -90.22 -43.97 -82.62
CA ARG J 3337 -91.09 -44.65 -81.68
C ARG J 3337 -91.29 -46.09 -82.14
N LEU J 3338 -92.09 -46.26 -83.19
CA LEU J 3338 -92.30 -47.54 -83.84
C LEU J 3338 -92.70 -48.65 -82.86
N ALA J 3339 -91.77 -49.56 -82.60
CA ALA J 3339 -92.01 -50.67 -81.70
C ALA J 3339 -91.68 -50.28 -80.25
N VAL J 3340 -92.28 -49.19 -79.80
CA VAL J 3340 -92.09 -48.73 -78.43
C VAL J 3340 -92.73 -49.70 -77.44
N PHE J 3341 -93.97 -50.08 -77.72
CA PHE J 3341 -94.67 -51.06 -76.90
C PHE J 3341 -94.59 -52.43 -77.54
N ALA J 3342 -94.19 -52.46 -78.80
CA ALA J 3342 -94.05 -53.72 -79.54
C ALA J 3342 -92.66 -54.31 -79.32
N GLN J 3343 -92.34 -54.61 -78.06
CA GLN J 3343 -91.06 -55.21 -77.72
C GLN J 3343 -91.18 -55.96 -76.39
N PRO J 3344 -92.40 -56.01 -75.87
CA PRO J 3344 -92.67 -56.72 -74.62
C PRO J 3344 -92.86 -58.21 -74.86
N ILE J 3345 -92.77 -58.61 -76.12
CA ILE J 3345 -92.90 -60.01 -76.49
C ILE J 3345 -91.56 -60.73 -76.38
N VAL J 3346 -90.57 -60.03 -75.84
CA VAL J 3346 -89.25 -60.60 -75.66
C VAL J 3346 -89.25 -61.63 -74.53
N SER J 3347 -90.28 -61.57 -73.69
CA SER J 3347 -90.42 -62.51 -72.59
C SER J 3347 -90.64 -63.92 -73.12
N ARG J 3348 -91.43 -64.04 -74.18
CA ARG J 3348 -91.66 -65.33 -74.83
C ARG J 3348 -90.44 -65.74 -75.63
N ALA J 3349 -89.66 -64.75 -76.04
CA ALA J 3349 -88.44 -65.01 -76.81
C ALA J 3349 -87.37 -65.65 -75.91
N ARG J 3350 -87.52 -65.46 -74.60
CA ARG J 3350 -86.61 -66.06 -73.63
C ARG J 3350 -87.08 -67.46 -73.26
N PRO J 3351 -87.77 -68.11 -74.18
CA PRO J 3351 -88.27 -69.47 -73.97
C PRO J 3351 -88.11 -70.28 -75.25
N GLU J 3352 -87.97 -69.57 -76.37
CA GLU J 3352 -87.76 -70.22 -77.66
C GLU J 3352 -86.32 -70.69 -77.79
N LEU J 3353 -85.47 -70.21 -76.89
CA LEU J 3353 -84.07 -70.57 -76.89
C LEU J 3353 -83.81 -71.76 -75.97
N LEU J 3354 -84.90 -72.43 -75.57
CA LEU J 3354 -84.79 -73.60 -74.70
C LEU J 3354 -84.07 -74.74 -75.41
N HIS J 3355 -84.70 -75.30 -76.42
CA HIS J 3355 -84.10 -76.35 -77.23
C HIS J 3355 -83.42 -75.72 -78.45
N SER J 3356 -82.82 -74.55 -78.23
CA SER J 3356 -82.14 -73.83 -79.30
C SER J 3356 -80.93 -74.62 -79.80
N HIS J 3357 -81.17 -75.52 -80.75
CA HIS J 3357 -80.09 -76.29 -81.35
C HIS J 3357 -79.46 -75.50 -82.49
N PHE J 3358 -79.28 -74.20 -82.28
CA PHE J 3358 -78.73 -73.32 -83.30
C PHE J 3358 -77.21 -73.49 -83.41
N ILE J 3359 -76.79 -74.73 -83.64
CA ILE J 3359 -75.36 -75.01 -83.85
C ILE J 3359 -74.92 -74.43 -85.18
N PRO J 3360 -75.90 -74.16 -86.05
CA PRO J 3360 -75.63 -73.51 -87.32
C PRO J 3360 -75.09 -72.11 -87.07
N THR J 3361 -75.96 -71.22 -86.62
CA THR J 3361 -75.59 -69.82 -86.35
C THR J 3361 -74.91 -69.21 -87.57
N ILE J 3362 -73.59 -69.07 -87.48
CA ILE J 3362 -72.76 -68.57 -88.58
C ILE J 3362 -73.31 -67.28 -89.16
N GLY J 3363 -74.24 -67.39 -90.10
CA GLY J 3363 -74.91 -66.24 -90.67
C GLY J 3363 -75.85 -65.63 -89.64
N ARG J 3364 -76.52 -66.48 -88.87
CA ARG J 3364 -77.38 -66.04 -87.79
C ARG J 3364 -76.53 -65.44 -86.68
N LEU J 3365 -75.34 -66.00 -86.50
CA LEU J 3365 -74.37 -65.45 -85.55
C LEU J 3365 -73.87 -64.11 -86.09
N ARG J 3366 -73.65 -64.05 -87.40
CA ARG J 3366 -73.26 -62.81 -88.06
C ARG J 3366 -74.43 -61.84 -88.06
N LYS J 3367 -75.64 -62.36 -88.14
CA LYS J 3367 -76.84 -61.54 -88.08
C LYS J 3367 -76.94 -60.85 -86.73
N ARG J 3368 -76.41 -61.50 -85.70
CA ARG J 3368 -76.36 -60.93 -84.37
C ARG J 3368 -75.08 -60.12 -84.19
N ALA J 3369 -74.11 -60.34 -85.07
CA ALA J 3369 -72.83 -59.67 -84.99
C ALA J 3369 -72.75 -58.46 -85.92
N GLY J 3370 -72.99 -58.68 -87.20
CA GLY J 3370 -72.88 -57.62 -88.20
C GLY J 3370 -73.89 -56.51 -87.94
N LYS J 3371 -75.07 -56.88 -87.44
CA LYS J 3371 -76.10 -55.89 -87.09
C LYS J 3371 -75.61 -55.06 -85.91
N VAL J 3372 -75.06 -55.73 -84.91
CA VAL J 3372 -74.50 -55.05 -83.75
C VAL J 3372 -73.31 -54.21 -84.17
N VAL J 3373 -72.52 -54.74 -85.11
CA VAL J 3373 -71.40 -54.01 -85.67
C VAL J 3373 -71.91 -52.80 -86.46
N ALA J 3374 -73.04 -52.98 -87.14
CA ALA J 3374 -73.69 -51.89 -87.83
C ALA J 3374 -74.27 -50.92 -86.80
N GLU J 3375 -74.75 -51.48 -85.69
CA GLU J 3375 -75.24 -50.68 -84.58
C GLU J 3375 -74.09 -49.97 -83.89
N GLU J 3376 -72.96 -50.65 -83.80
CA GLU J 3376 -71.75 -50.06 -83.24
C GLU J 3376 -71.26 -48.95 -84.15
N GLU J 3377 -71.39 -49.15 -85.45
CA GLU J 3377 -71.03 -48.13 -86.43
C GLU J 3377 -72.02 -46.98 -86.36
N GLN J 3378 -73.29 -47.31 -86.13
CA GLN J 3378 -74.34 -46.30 -86.01
C GLN J 3378 -74.15 -45.51 -84.72
N LEU J 3379 -73.78 -46.21 -83.65
CA LEU J 3379 -73.51 -45.58 -82.37
C LEU J 3379 -72.27 -44.71 -82.48
N ARG J 3380 -71.28 -45.20 -83.20
CA ARG J 3380 -70.05 -44.45 -83.45
C ARG J 3380 -70.35 -43.23 -84.31
N LEU J 3381 -71.34 -43.36 -85.18
CA LEU J 3381 -71.76 -42.26 -86.04
C LEU J 3381 -72.54 -41.23 -85.21
N GLU J 3382 -72.97 -41.64 -84.02
CA GLU J 3382 -73.70 -40.75 -83.12
C GLU J 3382 -72.80 -40.27 -81.98
N ALA J 3383 -71.92 -41.15 -81.51
CA ALA J 3383 -71.02 -40.82 -80.42
C ALA J 3383 -69.95 -39.84 -80.88
N LYS J 3384 -69.35 -40.11 -82.04
CA LYS J 3384 -68.34 -39.23 -82.61
C LYS J 3384 -68.96 -37.93 -83.06
N ALA J 3385 -70.27 -37.97 -83.32
CA ALA J 3385 -71.02 -36.77 -83.68
C ALA J 3385 -71.26 -35.92 -82.42
N GLU J 3386 -71.00 -36.52 -81.27
CA GLU J 3386 -71.13 -35.83 -80.00
C GLU J 3386 -69.75 -35.60 -79.38
N ALA J 3387 -68.81 -36.46 -79.74
CA ALA J 3387 -67.45 -36.35 -79.23
C ALA J 3387 -66.66 -35.29 -80.00
N GLU J 3388 -66.94 -35.18 -81.30
CA GLU J 3388 -66.25 -34.22 -82.14
C GLU J 3388 -67.15 -33.02 -82.43
N GLU J 3389 -67.91 -32.60 -81.43
CA GLU J 3389 -68.81 -31.46 -81.57
C GLU J 3389 -68.87 -30.63 -80.29
N GLY J 3390 -67.76 -29.97 -79.98
CA GLY J 3390 -67.70 -29.10 -78.81
C GLY J 3390 -67.49 -27.66 -79.24
N GLU J 3391 -68.36 -27.18 -80.12
CA GLU J 3391 -68.26 -25.83 -80.65
C GLU J 3391 -69.16 -24.87 -79.88
N LEU J 3392 -69.36 -25.16 -78.59
CA LEU J 3392 -70.18 -24.33 -77.72
C LEU J 3392 -71.59 -24.13 -78.27
N LEU J 3393 -72.40 -25.18 -78.25
CA LEU J 3393 -73.77 -25.12 -78.74
C LEU J 3393 -74.62 -26.19 -78.08
N VAL J 3394 -75.63 -25.77 -77.31
CA VAL J 3394 -76.52 -26.69 -76.62
C VAL J 3394 -77.65 -27.15 -77.54
N ARG J 3395 -77.59 -26.74 -78.80
CA ARG J 3395 -78.60 -27.12 -79.79
C ARG J 3395 -78.37 -28.55 -80.25
N ASP J 3396 -77.15 -29.04 -80.05
CA ASP J 3396 -76.79 -30.40 -80.46
C ASP J 3396 -77.33 -31.42 -79.45
N GLU J 3397 -77.81 -30.93 -78.31
CA GLU J 3397 -78.36 -31.79 -77.27
C GLU J 3397 -79.60 -32.53 -77.78
N PHE J 3398 -80.28 -31.94 -78.75
CA PHE J 3398 -81.44 -32.57 -79.35
C PHE J 3398 -81.01 -33.51 -80.47
N SER J 3399 -79.83 -33.24 -81.04
CA SER J 3399 -79.32 -34.04 -82.15
C SER J 3399 -78.38 -35.14 -81.65
N VAL J 3400 -77.29 -34.75 -80.99
CA VAL J 3400 -76.32 -35.70 -80.48
C VAL J 3400 -76.95 -36.59 -79.41
N LEU J 3401 -77.50 -35.98 -78.37
CA LEU J 3401 -78.21 -36.72 -77.34
C LEU J 3401 -79.64 -36.99 -77.80
N CYS J 3402 -80.52 -37.31 -76.86
CA CYS J 3402 -81.92 -37.62 -77.15
C CYS J 3402 -82.07 -38.80 -78.13
N ARG J 3403 -81.55 -38.63 -79.33
CA ARG J 3403 -81.57 -39.68 -80.34
C ARG J 3403 -80.72 -40.88 -79.91
N ASP J 3404 -79.81 -40.65 -78.97
CA ASP J 3404 -78.97 -41.72 -78.43
C ASP J 3404 -79.82 -42.71 -77.65
N LEU J 3405 -80.91 -42.22 -77.07
CA LEU J 3405 -81.81 -43.07 -76.30
C LEU J 3405 -82.62 -43.98 -77.23
N TYR J 3406 -82.76 -43.57 -78.48
CA TYR J 3406 -83.48 -44.35 -79.47
C TYR J 3406 -82.70 -45.62 -79.81
N ALA J 3407 -81.39 -45.46 -80.00
CA ALA J 3407 -80.52 -46.59 -80.30
C ALA J 3407 -80.25 -47.40 -79.05
N LEU J 3408 -80.31 -46.73 -77.89
CA LEU J 3408 -80.08 -47.38 -76.62
C LEU J 3408 -81.17 -48.39 -76.31
N TYR J 3409 -82.42 -47.98 -76.46
CA TYR J 3409 -83.56 -48.85 -76.23
C TYR J 3409 -83.59 -49.98 -77.25
N PRO J 3410 -83.05 -49.70 -78.43
CA PRO J 3410 -82.94 -50.70 -79.48
C PRO J 3410 -81.86 -51.71 -79.11
N LEU J 3411 -80.80 -51.23 -78.48
CA LEU J 3411 -79.69 -52.08 -78.06
C LEU J 3411 -80.09 -52.96 -76.88
N LEU J 3412 -81.07 -52.50 -76.10
CA LEU J 3412 -81.55 -53.24 -74.94
C LEU J 3412 -82.64 -54.23 -75.36
N ILE J 3413 -82.53 -54.74 -76.57
CA ILE J 3413 -83.51 -55.70 -77.08
C ILE J 3413 -82.80 -56.97 -77.59
N ARG J 3414 -81.71 -56.78 -78.31
CA ARG J 3414 -80.95 -57.89 -78.85
C ARG J 3414 -80.05 -58.52 -77.78
N TYR J 3415 -79.66 -57.70 -76.80
CA TYR J 3415 -78.78 -58.16 -75.74
C TYR J 3415 -79.51 -59.10 -74.78
N VAL J 3416 -80.83 -58.96 -74.72
CA VAL J 3416 -81.65 -59.79 -73.85
C VAL J 3416 -81.95 -61.13 -74.51
N ASP J 3417 -81.45 -61.31 -75.72
CA ASP J 3417 -81.66 -62.56 -76.47
C ASP J 3417 -80.35 -63.33 -76.62
N ASN J 3418 -79.25 -62.60 -76.75
CA ASN J 3418 -77.94 -63.21 -76.94
C ASN J 3418 -77.41 -63.80 -75.64
N ASN J 3419 -77.96 -63.33 -74.51
CA ASN J 3419 -77.53 -63.80 -73.20
C ASN J 3419 -77.85 -65.27 -73.01
N ARG J 3420 -79.12 -65.63 -73.20
CA ARG J 3420 -79.55 -67.02 -73.08
C ARG J 3420 -78.91 -67.87 -74.18
N ALA J 3421 -78.57 -67.23 -75.29
CA ALA J 3421 -77.92 -67.90 -76.41
C ALA J 3421 -76.51 -68.30 -76.04
N HIS J 3422 -75.86 -67.48 -75.22
CA HIS J 3422 -74.50 -67.74 -74.77
C HIS J 3422 -74.49 -68.61 -73.52
N TRP J 3423 -75.69 -68.87 -72.99
CA TRP J 3423 -75.82 -69.72 -71.80
C TRP J 3423 -75.96 -71.18 -72.20
N LEU J 3424 -75.54 -71.50 -73.41
CA LEU J 3424 -75.58 -72.86 -73.91
C LEU J 3424 -74.49 -73.07 -74.96
N THR J 3425 -74.08 -71.96 -75.59
CA THR J 3425 -73.02 -72.00 -76.58
C THR J 3425 -71.70 -71.56 -75.95
N GLU J 3426 -71.35 -72.20 -74.84
CA GLU J 3426 -70.12 -71.88 -74.13
C GLU J 3426 -69.30 -73.13 -73.86
N PRO J 3427 -69.97 -74.27 -73.79
CA PRO J 3427 -69.31 -75.55 -73.55
C PRO J 3427 -68.38 -75.91 -74.71
N ASN J 3428 -68.98 -76.29 -75.83
CA ASN J 3428 -68.23 -76.67 -77.02
C ASN J 3428 -67.47 -75.48 -77.60
N ALA J 3429 -67.95 -74.28 -77.30
CA ALA J 3429 -67.33 -73.06 -77.80
C ALA J 3429 -65.97 -72.84 -77.15
N ASN J 3430 -65.90 -73.01 -75.83
CA ASN J 3430 -64.65 -72.85 -75.10
C ASN J 3430 -63.78 -74.09 -75.24
N ALA J 3431 -64.40 -75.23 -75.53
CA ALA J 3431 -63.67 -76.46 -75.73
C ALA J 3431 -63.22 -76.57 -77.18
N GLU J 3432 -62.50 -77.65 -77.49
CA GLU J 3432 -61.97 -77.89 -78.83
C GLU J 3432 -61.13 -76.71 -79.34
N GLU J 3433 -61.81 -75.72 -79.91
CA GLU J 3433 -61.12 -74.54 -80.45
C GLU J 3433 -61.88 -73.27 -80.10
N LEU J 3434 -61.92 -72.34 -81.05
CA LEU J 3434 -62.61 -71.07 -80.87
C LEU J 3434 -62.94 -70.43 -82.21
N PHE J 3435 -62.27 -69.31 -82.51
CA PHE J 3435 -62.39 -68.60 -83.78
C PHE J 3435 -63.81 -68.06 -84.05
N ARG J 3436 -64.81 -68.91 -83.90
CA ARG J 3436 -66.20 -68.53 -84.16
C ARG J 3436 -66.65 -67.39 -83.26
N MET J 3437 -66.59 -67.60 -81.95
CA MET J 3437 -67.03 -66.59 -81.00
C MET J 3437 -65.99 -65.49 -80.82
N VAL J 3438 -64.83 -65.67 -81.44
CA VAL J 3438 -63.75 -64.69 -81.36
C VAL J 3438 -64.15 -63.40 -82.06
N GLY J 3439 -65.01 -63.52 -83.06
CA GLY J 3439 -65.51 -62.36 -83.79
C GLY J 3439 -66.43 -61.54 -82.90
N GLU J 3440 -67.25 -62.23 -82.10
CA GLU J 3440 -68.17 -61.57 -81.18
C GLU J 3440 -67.42 -60.84 -80.09
N ILE J 3441 -66.36 -61.46 -79.58
CA ILE J 3441 -65.56 -60.88 -78.51
C ILE J 3441 -64.82 -59.64 -78.99
N PHE J 3442 -64.35 -59.67 -80.23
CA PHE J 3442 -63.62 -58.54 -80.80
C PHE J 3442 -64.57 -57.38 -81.09
N ILE J 3443 -65.85 -57.69 -81.24
CA ILE J 3443 -66.85 -56.68 -81.54
C ILE J 3443 -67.75 -56.42 -80.34
N TYR J 3444 -67.38 -56.96 -79.20
CA TYR J 3444 -68.15 -56.78 -77.98
C TYR J 3444 -67.72 -55.52 -77.24
N TRP J 3445 -66.89 -54.71 -77.90
CA TRP J 3445 -66.43 -53.45 -77.32
C TRP J 3445 -67.42 -52.33 -77.59
N SER J 3446 -68.72 -52.64 -77.46
CA SER J 3446 -69.76 -51.66 -77.67
C SER J 3446 -69.77 -50.63 -76.54
N LYS J 3447 -69.98 -51.09 -75.32
CA LYS J 3447 -69.96 -50.22 -74.16
C LYS J 3447 -68.54 -49.71 -73.90
N SER J 3448 -67.55 -50.47 -74.35
CA SER J 3448 -66.16 -50.07 -74.24
C SER J 3448 -65.90 -48.86 -75.12
N HIS J 3449 -66.68 -48.74 -76.19
CA HIS J 3449 -66.60 -47.58 -77.07
C HIS J 3449 -67.77 -46.65 -76.80
N ASN J 3450 -68.36 -46.78 -75.62
CA ASN J 3450 -69.50 -45.96 -75.23
C ASN J 3450 -69.55 -45.75 -73.73
N PHE J 3451 -70.21 -46.67 -73.02
CA PHE J 3451 -70.38 -46.56 -71.57
C PHE J 3451 -69.05 -46.48 -70.84
N LYS J 3452 -68.03 -47.12 -71.40
CA LYS J 3452 -66.70 -47.08 -70.81
C LYS J 3452 -65.83 -46.03 -71.50
N ARG J 3453 -66.33 -45.46 -72.58
CA ARG J 3453 -65.60 -44.45 -73.32
C ARG J 3453 -66.00 -43.04 -72.88
N GLU J 3454 -66.41 -42.92 -71.63
CA GLU J 3454 -66.79 -41.64 -71.03
C GLU J 3454 -67.93 -40.96 -71.79
N GLU J 3455 -68.76 -41.76 -72.47
CA GLU J 3455 -69.92 -41.23 -73.16
C GLU J 3455 -71.06 -41.04 -72.17
N GLN J 3456 -71.13 -39.85 -71.58
CA GLN J 3456 -72.15 -39.54 -70.58
C GLN J 3456 -73.54 -39.67 -71.19
N ASN J 3457 -73.68 -39.32 -72.46
CA ASN J 3457 -74.95 -39.42 -73.18
C ASN J 3457 -75.39 -40.88 -73.27
N PHE J 3458 -74.48 -41.75 -73.67
CA PHE J 3458 -74.76 -43.18 -73.72
C PHE J 3458 -74.97 -43.72 -72.31
N VAL J 3459 -74.27 -43.12 -71.35
CA VAL J 3459 -74.43 -43.48 -69.96
C VAL J 3459 -75.73 -42.88 -69.42
N VAL J 3460 -76.21 -41.85 -70.10
CA VAL J 3460 -77.48 -41.22 -69.72
C VAL J 3460 -78.66 -42.03 -70.23
N GLN J 3461 -78.76 -43.27 -69.77
CA GLN J 3461 -79.91 -44.12 -70.10
C GLN J 3461 -81.16 -43.45 -69.56
N ASN J 3462 -81.05 -42.95 -68.33
CA ASN J 3462 -82.13 -42.19 -67.69
C ASN J 3462 -83.47 -42.91 -67.78
N GLU J 3463 -84.23 -42.59 -68.83
CA GLU J 3463 -85.49 -43.24 -69.08
C GLU J 3463 -85.26 -44.72 -69.37
N ILE J 3464 -84.18 -45.01 -70.11
CA ILE J 3464 -83.79 -46.38 -70.39
C ILE J 3464 -83.34 -47.07 -69.11
N ASN J 3465 -82.81 -46.27 -68.18
CA ASN J 3465 -82.39 -46.78 -66.89
C ASN J 3465 -83.57 -46.88 -65.93
N ASN J 3466 -84.63 -46.12 -66.22
CA ASN J 3466 -85.81 -46.10 -65.37
C ASN J 3466 -86.96 -46.90 -65.99
N MET J 3467 -87.71 -46.25 -66.88
CA MET J 3467 -88.86 -46.88 -67.52
C MET J 3467 -88.48 -47.58 -68.82
N SER J 3468 -87.19 -47.94 -68.94
CA SER J 3468 -86.66 -48.63 -70.12
C SER J 3468 -86.95 -47.86 -71.41
N VAL J 3511 -75.31 -48.58 -61.93
CA VAL J 3511 -75.76 -49.82 -61.31
C VAL J 3511 -75.35 -51.02 -62.16
N ALA J 3512 -76.13 -52.10 -62.07
CA ALA J 3512 -75.85 -53.31 -62.80
C ALA J 3512 -77.05 -53.74 -63.65
N THR J 3513 -76.97 -53.48 -64.96
CA THR J 3513 -78.05 -53.84 -65.87
C THR J 3513 -77.55 -53.96 -67.31
N LEU J 3514 -77.20 -55.18 -67.71
CA LEU J 3514 -76.74 -55.48 -69.06
C LEU J 3514 -75.57 -54.59 -69.48
N LYS J 3515 -75.60 -54.14 -70.73
CA LYS J 3515 -74.57 -53.27 -71.29
C LYS J 3515 -73.18 -53.90 -71.19
N LYS J 3516 -72.59 -53.87 -70.00
CA LYS J 3516 -71.27 -54.45 -69.76
C LYS J 3516 -71.39 -55.75 -68.98
N MET J 3517 -72.57 -56.00 -68.43
CA MET J 3517 -72.81 -57.22 -67.66
C MET J 3517 -72.81 -58.44 -68.57
N LEU J 3518 -73.15 -58.23 -69.83
CA LEU J 3518 -73.16 -59.31 -70.81
C LEU J 3518 -71.74 -59.68 -71.23
N PRO J 3519 -70.84 -58.72 -71.15
CA PRO J 3519 -69.46 -58.94 -71.53
C PRO J 3519 -68.76 -59.85 -70.53
N ILE J 3520 -69.25 -59.85 -69.30
CA ILE J 3520 -68.65 -60.66 -68.24
C ILE J 3520 -68.85 -62.16 -68.49
N GLY J 3521 -69.92 -62.49 -69.22
CA GLY J 3521 -70.23 -63.89 -69.51
C GLY J 3521 -69.28 -64.46 -70.55
N LEU J 3522 -68.70 -63.59 -71.37
CA LEU J 3522 -67.78 -64.02 -72.43
C LEU J 3522 -66.38 -63.48 -72.21
N ASN J 3523 -66.18 -62.77 -71.10
CA ASN J 3523 -64.87 -62.22 -70.77
C ASN J 3523 -63.85 -63.34 -70.60
N MET J 3524 -64.31 -64.45 -70.03
CA MET J 3524 -63.46 -65.62 -69.85
C MET J 3524 -63.15 -66.26 -71.19
N CYS J 3525 -64.12 -66.25 -72.09
CA CYS J 3525 -63.95 -66.82 -73.42
C CYS J 3525 -63.06 -65.91 -74.27
N ALA J 3526 -62.98 -64.65 -73.89
CA ALA J 3526 -62.14 -63.68 -74.59
C ALA J 3526 -60.68 -63.89 -74.21
N PRO J 3527 -60.43 -64.14 -72.93
CA PRO J 3527 -59.09 -64.37 -72.43
C PRO J 3527 -58.69 -65.83 -72.62
N THR J 3528 -59.63 -66.65 -73.07
CA THR J 3528 -59.38 -68.07 -73.29
C THR J 3528 -58.46 -68.27 -74.49
N ASP J 3529 -58.63 -67.43 -75.50
CA ASP J 3529 -57.81 -67.52 -76.71
C ASP J 3529 -56.65 -66.53 -76.64
N GLN J 3530 -56.40 -66.01 -75.45
CA GLN J 3530 -55.31 -65.06 -75.25
C GLN J 3530 -53.97 -65.78 -75.10
N ASP J 3531 -53.22 -65.41 -74.08
CA ASP J 3531 -51.91 -65.99 -73.84
C ASP J 3531 -52.02 -67.45 -73.39
N LEU J 3532 -51.55 -68.37 -74.22
CA LEU J 3532 -51.54 -69.79 -73.88
C LEU J 3532 -50.22 -70.14 -73.20
N ILE J 3533 -49.51 -69.13 -72.73
CA ILE J 3533 -48.24 -69.33 -72.05
C ILE J 3533 -47.87 -68.10 -71.21
N MET J 3534 -47.09 -67.20 -71.80
CA MET J 3534 -46.59 -66.04 -71.09
C MET J 3534 -47.47 -64.81 -71.29
N LEU J 3535 -48.11 -64.37 -70.21
CA LEU J 3535 -48.88 -63.13 -70.24
C LEU J 3535 -47.94 -61.96 -70.00
N ALA J 3536 -47.79 -61.58 -68.74
CA ALA J 3536 -46.81 -60.56 -68.32
C ALA J 3536 -47.00 -59.20 -69.00
N LYS J 3537 -46.81 -59.17 -70.32
CA LYS J 3537 -46.89 -57.94 -71.09
C LYS J 3537 -48.28 -57.30 -71.00
N THR J 3538 -49.29 -58.12 -70.72
CA THR J 3538 -50.65 -57.62 -70.55
C THR J 3538 -50.73 -56.68 -69.34
N ARG J 3539 -49.95 -57.00 -68.31
CA ARG J 3539 -49.88 -56.16 -67.11
C ARG J 3539 -49.19 -54.85 -67.43
N TYR J 3540 -48.17 -54.92 -68.29
CA TYR J 3540 -47.46 -53.73 -68.71
C TYR J 3540 -48.33 -52.89 -69.62
N ALA J 3541 -49.19 -53.56 -70.39
CA ALA J 3541 -50.12 -52.90 -71.27
C ALA J 3541 -51.26 -52.29 -70.47
N LEU J 3542 -51.59 -52.91 -69.34
CA LEU J 3542 -52.61 -52.40 -68.45
C LEU J 3542 -52.13 -51.11 -67.80
N LYS J 3543 -50.83 -51.05 -67.52
CA LYS J 3543 -50.22 -49.86 -66.95
C LYS J 3543 -50.06 -48.79 -68.03
N ASP J 3544 -49.87 -49.25 -69.27
CA ASP J 3544 -49.72 -48.35 -70.41
C ASP J 3544 -51.05 -47.68 -70.72
N THR J 3545 -52.12 -48.47 -70.75
CA THR J 3545 -53.46 -47.95 -71.01
C THR J 3545 -53.92 -47.09 -69.85
N ASP J 3546 -53.36 -47.34 -68.67
CA ASP J 3546 -53.68 -46.54 -67.49
C ASP J 3546 -53.06 -45.15 -67.61
N GLU J 3547 -52.02 -45.04 -68.42
CA GLU J 3547 -51.37 -43.77 -68.67
C GLU J 3547 -52.03 -43.04 -69.84
N GLU J 3548 -53.11 -43.63 -70.35
CA GLU J 3548 -53.87 -43.06 -71.47
C GLU J 3548 -52.99 -42.83 -72.69
N VAL J 3549 -52.69 -43.91 -73.41
CA VAL J 3549 -51.88 -43.82 -74.62
C VAL J 3549 -52.73 -44.10 -75.86
N ARG J 3550 -53.87 -43.41 -75.95
CA ARG J 3550 -54.80 -43.53 -77.07
C ARG J 3550 -55.25 -44.97 -77.28
N GLU J 3551 -54.80 -45.58 -78.36
CA GLU J 3551 -55.18 -46.96 -78.69
C GLU J 3551 -54.05 -47.65 -79.46
N PHE J 3552 -53.91 -47.28 -80.72
CA PHE J 3552 -52.86 -47.85 -81.56
C PHE J 3552 -51.53 -47.16 -81.26
N LEU J 3553 -51.59 -46.07 -80.51
CA LEU J 3553 -50.39 -45.33 -80.13
C LEU J 3553 -49.65 -46.05 -79.01
N GLN J 3554 -50.29 -47.06 -78.43
CA GLN J 3554 -49.68 -47.86 -77.38
C GLN J 3554 -49.17 -49.19 -77.95
N ASN J 3555 -49.84 -49.66 -78.99
CA ASN J 3555 -49.47 -50.92 -79.63
C ASN J 3555 -48.07 -50.84 -80.23
N ASN J 3556 -47.75 -49.68 -80.80
CA ASN J 3556 -46.42 -49.44 -81.35
C ASN J 3556 -45.40 -49.44 -80.23
N LEU J 3557 -45.80 -48.91 -79.07
CA LEU J 3557 -44.94 -48.91 -77.89
C LEU J 3557 -44.90 -50.32 -77.30
N HIS J 3558 -45.99 -51.06 -77.48
CA HIS J 3558 -46.05 -52.44 -77.01
C HIS J 3558 -45.28 -53.35 -77.95
N LEU J 3559 -45.13 -52.91 -79.19
CA LEU J 3559 -44.36 -53.66 -80.18
C LEU J 3559 -42.89 -53.70 -79.77
N GLN J 3560 -42.47 -52.69 -79.02
CA GLN J 3560 -41.11 -52.64 -78.50
C GLN J 3560 -41.10 -53.00 -77.03
N GLY J 3561 -41.20 -54.29 -76.73
CA GLY J 3561 -41.21 -54.76 -75.35
C GLY J 3561 -40.42 -56.06 -75.22
N LYS J 3562 -39.23 -56.09 -75.80
CA LYS J 3562 -38.35 -57.25 -75.77
C LYS J 3562 -39.05 -58.50 -76.29
N VAL J 3563 -39.50 -59.35 -75.37
CA VAL J 3563 -40.20 -60.57 -75.73
C VAL J 3563 -40.95 -61.14 -74.54
N GLU J 3564 -41.75 -62.17 -74.77
CA GLU J 3564 -42.46 -62.85 -73.71
C GLU J 3564 -41.49 -63.70 -72.88
N GLY J 3565 -41.51 -63.52 -71.58
CA GLY J 3565 -40.58 -64.24 -70.70
C GLY J 3565 -41.33 -65.14 -69.71
N SER J 3566 -41.01 -66.42 -69.73
CA SER J 3566 -41.63 -67.39 -68.84
C SER J 3566 -40.80 -68.67 -68.76
N PRO J 3567 -40.15 -68.88 -67.62
CA PRO J 3567 -39.31 -70.07 -67.42
C PRO J 3567 -39.05 -70.32 -65.95
N SER J 3568 -40.10 -70.43 -65.15
CA SER J 3568 -39.96 -70.69 -63.72
C SER J 3568 -41.19 -71.40 -63.17
N LEU J 3569 -41.80 -70.81 -62.14
CA LEU J 3569 -43.00 -71.38 -61.54
C LEU J 3569 -44.18 -71.31 -62.49
N ARG J 3570 -45.32 -71.86 -62.09
CA ARG J 3570 -46.50 -71.97 -62.96
C ARG J 3570 -46.08 -72.63 -64.28
N TRP J 3571 -46.42 -72.03 -65.43
CA TRP J 3571 -46.08 -72.47 -66.78
C TRP J 3571 -46.48 -73.92 -67.01
N GLN J 3572 -45.68 -74.91 -66.57
CA GLN J 3572 -46.03 -76.33 -66.60
C GLN J 3572 -47.24 -76.68 -65.72
N MET J 3573 -47.53 -75.88 -64.70
CA MET J 3573 -48.80 -75.94 -63.95
C MET J 3573 -50.00 -75.32 -64.69
N ALA J 3574 -49.78 -74.67 -65.84
CA ALA J 3574 -50.81 -73.94 -66.59
C ALA J 3574 -50.69 -74.07 -68.12
N LEU J 3575 -49.55 -73.69 -68.72
CA LEU J 3575 -49.40 -73.74 -70.17
C LEU J 3575 -49.25 -75.16 -70.68
N TYR J 3576 -49.07 -76.12 -69.78
CA TYR J 3576 -48.97 -77.52 -70.17
C TYR J 3576 -50.29 -77.99 -70.78
N ARG J 3577 -51.39 -77.52 -70.20
CA ARG J 3577 -52.72 -77.83 -70.72
C ARG J 3577 -52.98 -77.04 -71.98
N GLY J 3578 -52.43 -75.82 -72.03
CA GLY J 3578 -52.59 -74.95 -73.19
C GLY J 3578 -51.75 -75.44 -74.37
N LEU J 3579 -50.73 -76.24 -74.06
CA LEU J 3579 -49.86 -76.79 -75.11
C LEU J 3579 -50.45 -78.10 -75.61
N PRO J 3580 -51.66 -78.41 -75.19
CA PRO J 3580 -52.34 -79.64 -75.61
C PRO J 3580 -53.77 -79.35 -76.03
N GLY J 3581 -54.25 -78.14 -75.73
CA GLY J 3581 -55.61 -77.74 -76.05
C GLY J 3581 -55.63 -76.74 -77.20
N ARG J 3582 -54.53 -76.04 -77.40
CA ARG J 3582 -54.44 -75.05 -78.47
C ARG J 3582 -54.24 -75.73 -79.82
N GLU J 3583 -52.99 -76.03 -80.16
CA GLU J 3583 -52.62 -76.64 -81.43
C GLU J 3583 -53.15 -75.81 -82.60
N GLU J 3584 -52.67 -74.59 -82.72
CA GLU J 3584 -53.11 -73.69 -83.79
C GLU J 3584 -51.92 -73.12 -84.55
N ASP J 3585 -51.31 -72.07 -84.00
CA ASP J 3585 -50.17 -71.42 -84.65
C ASP J 3585 -49.33 -70.64 -83.65
N ALA J 3586 -48.20 -70.11 -84.13
CA ALA J 3586 -47.29 -69.33 -83.29
C ALA J 3586 -46.37 -68.47 -84.15
N ASP J 3587 -46.55 -67.15 -84.08
CA ASP J 3587 -45.74 -66.23 -84.87
C ASP J 3587 -45.74 -64.83 -84.26
N ASP J 3588 -45.17 -63.88 -84.98
CA ASP J 3588 -45.09 -62.50 -84.52
C ASP J 3588 -46.18 -61.65 -85.17
N PRO J 3589 -47.08 -62.31 -85.89
CA PRO J 3589 -48.19 -61.62 -86.53
C PRO J 3589 -49.22 -61.19 -85.50
N GLU J 3590 -49.25 -61.88 -84.37
CA GLU J 3590 -50.14 -61.54 -83.26
C GLU J 3590 -49.70 -60.21 -82.65
N LYS J 3591 -48.48 -60.19 -82.12
CA LYS J 3591 -47.92 -58.99 -81.48
C LYS J 3591 -48.87 -58.45 -80.42
N ILE J 3592 -49.32 -57.22 -80.62
CA ILE J 3592 -50.35 -56.64 -79.77
C ILE J 3592 -51.70 -57.16 -80.25
N VAL J 3593 -52.58 -56.25 -80.67
CA VAL J 3593 -53.88 -56.60 -81.24
C VAL J 3593 -54.65 -57.57 -80.35
N ARG J 3594 -54.30 -58.85 -80.44
CA ARG J 3594 -54.90 -59.88 -79.60
C ARG J 3594 -54.52 -59.63 -78.15
N ARG J 3595 -53.35 -59.05 -77.94
CA ARG J 3595 -52.90 -58.68 -76.61
C ARG J 3595 -53.43 -57.30 -76.25
N VAL J 3596 -53.68 -56.48 -77.28
CA VAL J 3596 -54.22 -55.14 -77.08
C VAL J 3596 -55.74 -55.19 -77.06
N GLN J 3597 -56.29 -56.38 -77.21
CA GLN J 3597 -57.74 -56.57 -77.22
C GLN J 3597 -58.31 -56.39 -75.81
N GLU J 3598 -58.04 -57.35 -74.94
CA GLU J 3598 -58.58 -57.34 -73.58
C GLU J 3598 -57.79 -56.41 -72.68
N VAL J 3599 -56.68 -55.86 -73.19
CA VAL J 3599 -55.84 -54.96 -72.42
C VAL J 3599 -56.59 -53.70 -72.02
N SER J 3600 -56.92 -52.88 -73.01
CA SER J 3600 -57.66 -51.64 -72.76
C SER J 3600 -59.11 -51.93 -72.43
N ALA J 3601 -59.59 -53.12 -72.79
CA ALA J 3601 -60.96 -53.52 -72.55
C ALA J 3601 -61.20 -53.75 -71.05
N VAL J 3602 -60.38 -54.59 -70.45
CA VAL J 3602 -60.51 -54.91 -69.03
C VAL J 3602 -59.96 -53.77 -68.18
N LEU J 3603 -59.23 -52.85 -68.81
CA LEU J 3603 -58.68 -51.71 -68.10
C LEU J 3603 -59.80 -50.81 -67.59
N TYR J 3604 -60.68 -50.40 -68.49
CA TYR J 3604 -61.81 -49.57 -68.12
C TYR J 3604 -62.81 -50.36 -67.28
N HIS J 3605 -62.87 -51.66 -67.50
CA HIS J 3605 -63.73 -52.55 -66.74
C HIS J 3605 -63.26 -52.60 -65.28
N LEU J 3606 -61.95 -52.48 -65.09
CA LEU J 3606 -61.37 -52.44 -63.76
C LEU J 3606 -61.70 -51.11 -63.09
N GLU J 3607 -61.68 -50.05 -63.89
CA GLU J 3607 -61.99 -48.72 -63.39
C GLU J 3607 -63.46 -48.63 -62.98
N GLN J 3608 -64.30 -49.40 -63.66
CA GLN J 3608 -65.71 -49.45 -63.32
C GLN J 3608 -65.93 -50.21 -62.02
N THR J 3609 -64.93 -51.00 -61.64
CA THR J 3609 -64.99 -51.77 -60.40
C THR J 3609 -64.00 -51.23 -59.38
N GLU J 3610 -63.26 -50.20 -59.76
CA GLU J 3610 -62.28 -49.59 -58.87
C GLU J 3610 -62.97 -48.69 -57.84
N HIS J 3611 -62.79 -47.39 -57.99
CA HIS J 3611 -63.43 -46.42 -57.11
C HIS J 3611 -64.89 -46.27 -57.47
N PRO J 3612 -65.25 -46.74 -58.66
CA PRO J 3612 -66.63 -46.70 -59.12
C PRO J 3612 -67.44 -47.82 -58.50
N TYR J 3613 -66.75 -48.83 -57.98
CA TYR J 3613 -67.41 -49.96 -57.34
C TYR J 3613 -66.45 -50.66 -56.38
N LEU J 3623 -70.46 -28.31 -37.75
CA LEU J 3623 -71.60 -28.88 -38.52
C LEU J 3623 -72.88 -28.13 -38.15
N LEU J 3624 -73.34 -28.30 -36.91
CA LEU J 3624 -74.56 -27.59 -36.44
C LEU J 3624 -74.81 -27.95 -34.98
N SER J 3625 -74.86 -26.95 -34.11
CA SER J 3625 -75.15 -27.20 -32.68
C SER J 3625 -76.63 -27.49 -32.48
N LYS J 3626 -77.06 -27.64 -31.23
CA LYS J 3626 -78.49 -27.88 -30.94
C LYS J 3626 -79.25 -26.62 -31.27
N GLN J 3627 -78.55 -25.51 -31.47
CA GLN J 3627 -79.27 -24.23 -31.68
C GLN J 3627 -79.31 -23.89 -33.18
N ARG J 3628 -78.16 -23.53 -33.77
CA ARG J 3628 -78.16 -23.10 -35.18
C ARG J 3628 -79.14 -24.00 -35.92
N ARG J 3629 -79.05 -25.30 -35.68
CA ARG J 3629 -79.99 -26.25 -36.30
C ARG J 3629 -81.38 -25.62 -36.34
N ARG J 3630 -81.98 -25.43 -35.17
CA ARG J 3630 -83.36 -24.90 -35.11
C ARG J 3630 -83.49 -23.75 -36.11
N ALA J 3631 -82.74 -22.68 -35.89
CA ALA J 3631 -82.87 -21.49 -36.74
C ALA J 3631 -83.08 -21.87 -38.20
N VAL J 3632 -82.23 -22.73 -38.76
CA VAL J 3632 -82.36 -23.01 -40.22
C VAL J 3632 -83.84 -23.31 -40.50
N VAL J 3633 -84.43 -24.29 -39.81
CA VAL J 3633 -85.88 -24.54 -40.00
C VAL J 3633 -86.58 -23.18 -40.00
N ALA J 3634 -86.59 -22.49 -38.86
CA ALA J 3634 -87.30 -21.19 -38.75
C ALA J 3634 -87.11 -20.35 -40.01
N CYS J 3635 -85.87 -20.06 -40.38
CA CYS J 3635 -85.60 -19.17 -41.53
C CYS J 3635 -86.49 -19.52 -42.71
N PHE J 3636 -86.93 -20.77 -42.79
CA PHE J 3636 -87.71 -21.16 -43.99
C PHE J 3636 -89.14 -20.66 -43.86
N ARG J 3637 -89.58 -20.28 -42.66
CA ARG J 3637 -91.01 -19.90 -42.47
C ARG J 3637 -91.19 -18.39 -42.27
N MET J 3638 -90.15 -17.58 -42.48
CA MET J 3638 -90.22 -16.11 -42.20
C MET J 3638 -91.31 -15.46 -43.06
N THR J 3639 -91.91 -14.37 -42.57
CA THR J 3639 -93.06 -13.76 -43.28
C THR J 3639 -92.67 -12.78 -44.39
N PRO J 3640 -93.38 -12.77 -45.53
CA PRO J 3640 -93.14 -11.75 -46.56
C PRO J 3640 -93.43 -10.36 -46.01
N LEU J 3641 -92.89 -9.36 -46.71
CA LEU J 3641 -93.05 -7.98 -46.26
C LEU J 3641 -94.45 -7.47 -46.51
N TYR J 3642 -95.11 -7.96 -47.57
CA TYR J 3642 -96.39 -7.35 -47.93
C TYR J 3642 -97.55 -7.75 -46.99
N ASN J 3643 -97.37 -8.47 -45.87
CA ASN J 3643 -98.47 -8.71 -44.95
C ASN J 3643 -98.27 -7.96 -43.64
N LEU J 3644 -97.47 -6.91 -43.65
CA LEU J 3644 -97.31 -6.34 -42.32
C LEU J 3644 -98.26 -5.17 -42.13
N PRO J 3645 -98.76 -4.99 -40.91
CA PRO J 3645 -99.61 -3.83 -40.62
C PRO J 3645 -98.85 -2.54 -40.86
N THR J 3646 -99.59 -1.51 -41.29
CA THR J 3646 -98.95 -0.26 -41.68
C THR J 3646 -98.21 0.38 -40.51
N HIS J 3647 -98.80 0.36 -39.31
CA HIS J 3647 -98.16 1.00 -38.18
C HIS J 3647 -96.82 0.35 -37.84
N ARG J 3648 -96.76 -0.97 -37.88
CA ARG J 3648 -95.50 -1.65 -37.56
C ARG J 3648 -94.48 -1.52 -38.67
N ALA J 3649 -94.92 -1.48 -39.92
CA ALA J 3649 -94.02 -1.38 -41.06
C ALA J 3649 -93.41 0.01 -41.22
N CYS J 3650 -93.68 0.92 -40.29
CA CYS J 3650 -93.09 2.25 -40.29
C CYS J 3650 -91.96 2.36 -39.27
N ASN J 3651 -92.13 1.78 -38.09
CA ASN J 3651 -91.07 1.80 -37.08
C ASN J 3651 -89.81 1.11 -37.57
N MET J 3652 -89.96 0.02 -38.32
CA MET J 3652 -88.79 -0.64 -38.89
C MET J 3652 -88.10 0.24 -39.91
N PHE J 3653 -88.85 1.06 -40.64
CA PHE J 3653 -88.25 1.95 -41.63
C PHE J 3653 -87.32 2.96 -40.97
N LEU J 3654 -87.79 3.63 -39.92
CA LEU J 3654 -86.98 4.65 -39.26
C LEU J 3654 -85.72 4.05 -38.65
N GLU J 3655 -85.88 2.94 -37.92
CA GLU J 3655 -84.73 2.31 -37.28
C GLU J 3655 -83.74 1.79 -38.32
N SER J 3656 -84.24 1.26 -39.44
CA SER J 3656 -83.35 0.81 -40.50
C SER J 3656 -82.79 1.97 -41.31
N TYR J 3657 -83.48 3.11 -41.36
CA TYR J 3657 -83.04 4.23 -42.18
C TYR J 3657 -81.99 5.07 -41.42
N LYS J 3658 -81.36 4.49 -40.41
CA LYS J 3658 -80.14 5.05 -39.84
C LYS J 3658 -78.98 4.64 -40.74
N ALA J 3659 -79.13 4.91 -42.03
CA ALA J 3659 -78.07 4.69 -43.02
C ALA J 3659 -77.94 5.89 -43.95
N ALA J 3660 -78.50 7.05 -43.56
CA ALA J 3660 -78.28 8.30 -44.27
C ALA J 3660 -77.80 9.43 -43.38
N TRP J 3661 -77.97 9.33 -42.06
CA TRP J 3661 -77.35 10.28 -41.14
C TRP J 3661 -76.04 9.78 -40.58
N ILE J 3662 -75.97 8.52 -40.16
CA ILE J 3662 -74.79 8.03 -39.47
C ILE J 3662 -73.56 8.04 -40.37
N LEU J 3663 -73.76 7.96 -41.68
CA LEU J 3663 -72.62 8.02 -42.61
C LEU J 3663 -72.40 9.40 -43.19
N THR J 3664 -73.43 10.20 -43.36
CA THR J 3664 -73.23 11.55 -43.87
C THR J 3664 -72.46 12.38 -42.86
N GLU J 3665 -71.65 13.31 -43.35
CA GLU J 3665 -70.84 14.18 -42.52
C GLU J 3665 -71.23 15.63 -42.79
N ASP J 3666 -71.48 16.37 -41.72
CA ASP J 3666 -71.77 17.79 -41.83
C ASP J 3666 -70.51 18.64 -41.78
N HIS J 3667 -69.47 18.13 -41.11
CA HIS J 3667 -68.24 18.90 -40.85
C HIS J 3667 -68.62 20.22 -40.20
N SER J 3668 -68.67 21.27 -41.02
CA SER J 3668 -69.20 22.58 -40.62
C SER J 3668 -68.62 23.04 -39.29
N PHE J 3669 -69.38 22.85 -38.20
CA PHE J 3669 -68.93 23.24 -36.89
C PHE J 3669 -67.71 22.43 -36.46
N GLU J 3670 -66.53 23.06 -36.55
CA GLU J 3670 -65.21 22.51 -36.29
C GLU J 3670 -64.18 23.61 -36.50
N ASP J 3671 -64.09 24.07 -37.75
CA ASP J 3671 -63.21 25.16 -38.13
C ASP J 3671 -63.90 26.52 -38.10
N ARG J 3672 -65.19 26.57 -38.47
CA ARG J 3672 -65.95 27.80 -38.33
C ARG J 3672 -66.31 28.09 -36.88
N MET J 3673 -66.22 27.08 -36.00
CA MET J 3673 -66.56 27.28 -34.60
C MET J 3673 -65.49 28.11 -33.90
N ILE J 3674 -64.26 27.60 -33.86
CA ILE J 3674 -63.17 28.31 -33.21
C ILE J 3674 -62.80 29.59 -33.96
N ASP J 3675 -63.29 29.75 -35.19
CA ASP J 3675 -63.02 30.97 -35.94
C ASP J 3675 -63.91 32.11 -35.47
N ASP J 3676 -65.24 31.94 -35.57
CA ASP J 3676 -66.14 33.02 -35.15
C ASP J 3676 -66.16 33.17 -33.64
N LEU J 3677 -66.20 32.05 -32.92
CA LEU J 3677 -65.98 32.09 -31.48
C LEU J 3677 -64.49 32.27 -31.18
N SER J 3678 -64.17 32.57 -29.93
CA SER J 3678 -62.79 32.74 -29.50
C SER J 3678 -62.09 33.84 -30.29
N LYS J 3679 -61.38 33.43 -31.35
CA LYS J 3679 -60.70 34.39 -32.21
C LYS J 3679 -61.69 35.39 -32.77
N ALA J 3680 -61.25 36.64 -32.91
CA ALA J 3680 -62.07 37.78 -33.30
C ALA J 3680 -63.21 38.04 -32.32
N GLY J 3681 -63.19 37.39 -31.15
CA GLY J 3681 -64.20 37.68 -30.15
C GLY J 3681 -64.12 39.10 -29.62
N GLU J 3682 -62.90 39.54 -29.30
CA GLU J 3682 -62.69 40.91 -28.81
C GLU J 3682 -62.78 41.85 -30.00
N GLN J 3683 -63.99 42.31 -30.29
CA GLN J 3683 -64.24 43.20 -31.41
C GLN J 3683 -64.04 44.65 -30.97
N GLU J 3684 -64.42 45.59 -31.85
CA GLU J 3684 -64.30 47.01 -31.55
C GLU J 3684 -65.30 47.50 -30.52
N GLU J 3685 -66.09 46.59 -29.92
CA GLU J 3685 -67.04 46.99 -28.89
C GLU J 3685 -66.32 47.59 -27.69
N GLU J 3686 -65.19 47.02 -27.31
CA GLU J 3686 -64.42 47.55 -26.19
C GLU J 3686 -63.95 48.97 -26.49
N GLU J 3687 -64.08 49.86 -25.51
CA GLU J 3687 -63.76 51.27 -25.68
C GLU J 3687 -62.42 51.66 -25.07
N GLU J 3688 -62.09 51.13 -23.90
CA GLU J 3688 -60.85 51.50 -23.23
C GLU J 3688 -60.41 50.37 -22.31
N GLU J 3689 -59.13 50.41 -21.96
CA GLU J 3689 -58.54 49.43 -21.04
C GLU J 3689 -57.41 50.10 -20.28
N VAL J 3690 -57.02 49.48 -19.17
CA VAL J 3690 -56.00 50.07 -18.31
C VAL J 3690 -54.80 49.13 -18.20
N GLU J 3691 -55.01 47.96 -17.60
CA GLU J 3691 -53.90 47.04 -17.38
C GLU J 3691 -54.15 45.64 -17.93
N GLU J 3692 -55.38 45.14 -17.83
CA GLU J 3692 -55.74 43.80 -18.29
C GLU J 3692 -56.69 43.90 -19.47
N LYS J 3693 -57.16 42.73 -19.92
CA LYS J 3693 -58.08 42.67 -21.05
C LYS J 3693 -59.25 41.75 -20.71
N LYS J 3694 -60.40 42.08 -21.26
CA LYS J 3694 -61.60 41.30 -21.02
C LYS J 3694 -61.45 39.92 -21.67
N PRO J 3695 -61.66 38.83 -20.93
CA PRO J 3695 -61.51 37.49 -21.52
C PRO J 3695 -62.45 37.28 -22.69
N ASP J 3696 -61.91 36.71 -23.77
CA ASP J 3696 -62.69 36.43 -24.97
C ASP J 3696 -63.62 35.24 -24.72
N PRO J 3697 -64.66 35.08 -25.55
CA PRO J 3697 -65.72 34.10 -25.23
C PRO J 3697 -65.24 32.70 -24.93
N LEU J 3698 -64.22 32.19 -25.63
CA LEU J 3698 -63.69 30.87 -25.33
C LEU J 3698 -63.10 30.81 -23.93
N HIS J 3699 -62.45 31.91 -23.51
CA HIS J 3699 -61.78 31.90 -22.22
C HIS J 3699 -62.75 31.67 -21.07
N GLN J 3700 -63.98 32.19 -21.18
CA GLN J 3700 -64.98 31.91 -20.17
C GLN J 3700 -65.33 30.42 -20.13
N LEU J 3701 -65.41 29.79 -21.31
CA LEU J 3701 -65.85 28.41 -21.40
C LEU J 3701 -64.92 27.48 -20.64
N VAL J 3702 -63.62 27.54 -20.94
CA VAL J 3702 -62.69 26.57 -20.37
C VAL J 3702 -62.59 26.73 -18.86
N LEU J 3703 -62.52 27.98 -18.38
CA LEU J 3703 -62.41 28.22 -16.95
C LEU J 3703 -63.64 27.71 -16.21
N HIS J 3704 -64.80 27.72 -16.88
CA HIS J 3704 -65.99 27.11 -16.30
C HIS J 3704 -65.78 25.62 -16.05
N PHE J 3705 -65.20 24.91 -17.03
CA PHE J 3705 -64.89 23.51 -16.81
C PHE J 3705 -63.84 23.34 -15.72
N SER J 3706 -62.85 24.23 -15.69
CA SER J 3706 -61.90 24.24 -14.58
C SER J 3706 -62.62 24.56 -13.27
N ARG J 3707 -63.60 25.45 -13.31
CA ARG J 3707 -64.34 25.82 -12.11
C ARG J 3707 -65.09 24.62 -11.54
N THR J 3708 -65.83 23.90 -12.40
CA THR J 3708 -66.56 22.73 -11.93
C THR J 3708 -65.65 21.55 -11.61
N ALA J 3709 -64.44 21.52 -12.18
CA ALA J 3709 -63.52 20.44 -11.86
C ALA J 3709 -63.02 20.55 -10.43
N LEU J 3710 -62.76 21.77 -9.96
CA LEU J 3710 -62.27 21.98 -8.61
C LEU J 3710 -63.33 21.82 -7.54
N THR J 3711 -64.61 21.72 -7.92
CA THR J 3711 -65.66 21.56 -6.93
C THR J 3711 -65.42 20.30 -6.11
N GLU J 3712 -65.48 20.45 -4.80
CA GLU J 3712 -65.16 19.33 -3.90
C GLU J 3712 -66.28 18.30 -3.96
N LYS J 3713 -66.01 17.19 -4.64
CA LYS J 3713 -67.00 16.14 -4.83
C LYS J 3713 -66.30 14.80 -4.68
N SER J 3714 -67.09 13.73 -4.64
CA SER J 3714 -66.55 12.38 -4.48
C SER J 3714 -66.24 11.73 -5.82
N LYS J 3715 -67.20 11.75 -6.74
CA LYS J 3715 -67.03 11.18 -8.07
C LYS J 3715 -67.62 12.13 -9.10
N LEU J 3716 -66.94 12.26 -10.23
CA LEU J 3716 -67.40 13.14 -11.30
C LEU J 3716 -68.71 12.61 -11.90
N ASP J 3717 -69.58 13.54 -12.27
CA ASP J 3717 -70.85 13.20 -12.88
C ASP J 3717 -70.65 12.96 -14.37
N GLU J 3718 -71.75 12.84 -15.12
CA GLU J 3718 -71.65 12.56 -16.55
C GLU J 3718 -71.36 13.83 -17.34
N ASP J 3719 -72.28 14.79 -17.31
CA ASP J 3719 -72.09 16.09 -17.96
C ASP J 3719 -71.73 15.91 -19.44
N TYR J 3720 -72.71 15.38 -20.19
CA TYR J 3720 -72.49 15.14 -21.60
C TYR J 3720 -72.11 16.43 -22.33
N LEU J 3721 -72.52 17.58 -21.78
CA LEU J 3721 -72.13 18.86 -22.34
C LEU J 3721 -70.62 18.97 -22.43
N TYR J 3722 -69.90 18.39 -21.45
CA TYR J 3722 -68.45 18.39 -21.52
C TYR J 3722 -67.95 17.56 -22.69
N MET J 3723 -68.58 16.41 -22.95
CA MET J 3723 -68.20 15.59 -24.10
C MET J 3723 -68.41 16.33 -25.41
N ALA J 3724 -69.52 17.06 -25.52
CA ALA J 3724 -69.84 17.72 -26.79
C ALA J 3724 -68.78 18.74 -27.18
N TYR J 3725 -68.21 19.44 -26.19
CA TYR J 3725 -67.18 20.44 -26.47
C TYR J 3725 -65.77 19.88 -26.41
N ALA J 3726 -65.53 18.82 -25.64
CA ALA J 3726 -64.20 18.23 -25.61
C ALA J 3726 -63.81 17.68 -26.98
N ASP J 3727 -64.74 17.01 -27.65
CA ASP J 3727 -64.44 16.42 -28.95
C ASP J 3727 -64.20 17.49 -30.00
N ILE J 3728 -65.06 18.52 -30.03
CA ILE J 3728 -64.94 19.52 -31.09
C ILE J 3728 -63.69 20.38 -30.90
N MET J 3729 -63.15 20.46 -29.69
CA MET J 3729 -61.87 21.14 -29.51
C MET J 3729 -60.70 20.32 -30.04
N ALA J 3730 -60.87 19.01 -30.21
CA ALA J 3730 -59.76 18.17 -30.64
C ALA J 3730 -59.58 18.20 -32.16
N LYS J 3731 -60.67 18.07 -32.91
CA LYS J 3731 -60.58 18.09 -34.37
C LYS J 3731 -60.20 19.47 -34.91
N SER J 3732 -60.27 20.51 -34.10
CA SER J 3732 -59.90 21.85 -34.55
C SER J 3732 -58.41 22.00 -34.79
N CYS J 3733 -57.59 21.03 -34.36
CA CYS J 3733 -56.14 21.12 -34.49
C CYS J 3733 -55.58 20.12 -35.49
N HIS J 3734 -55.94 18.85 -35.38
CA HIS J 3734 -55.35 17.77 -36.18
C HIS J 3734 -55.92 17.68 -37.58
N LEU J 3735 -56.61 18.72 -38.07
CA LEU J 3735 -57.21 18.67 -39.40
C LEU J 3735 -56.18 18.33 -40.47
N GLU J 3736 -55.03 19.00 -40.42
CA GLU J 3736 -53.95 18.76 -41.38
C GLU J 3736 -52.99 17.67 -40.91
N GLU J 3737 -53.16 17.14 -39.72
CA GLU J 3737 -52.27 16.10 -39.20
C GLU J 3737 -52.46 14.79 -39.96
N GLU J 3747 -47.04 5.87 -53.82
CA GLU J 3747 -48.41 6.33 -53.98
C GLU J 3747 -48.52 7.82 -53.69
N GLU J 3748 -47.38 8.47 -53.49
CA GLU J 3748 -47.35 9.90 -53.21
C GLU J 3748 -45.96 10.43 -53.53
N VAL J 3749 -45.91 11.56 -54.23
CA VAL J 3749 -44.62 12.16 -54.58
C VAL J 3749 -43.91 12.65 -53.32
N GLU J 3750 -42.60 12.81 -53.43
CA GLU J 3750 -41.79 13.28 -52.32
C GLU J 3750 -42.13 14.73 -51.99
N VAL J 3751 -42.25 15.02 -50.70
CA VAL J 3751 -42.61 16.36 -50.25
C VAL J 3751 -41.40 17.27 -50.32
N SER J 3752 -41.57 18.45 -50.89
CA SER J 3752 -40.47 19.42 -50.94
C SER J 3752 -40.25 20.04 -49.56
N PHE J 3753 -39.09 20.68 -49.42
CA PHE J 3753 -38.70 21.23 -48.13
C PHE J 3753 -39.62 22.38 -47.71
N GLU J 3754 -39.91 23.29 -48.64
CA GLU J 3754 -40.62 24.52 -48.29
C GLU J 3754 -42.04 24.24 -47.80
N GLU J 3755 -42.72 23.26 -48.39
CA GLU J 3755 -44.13 23.05 -48.08
C GLU J 3755 -44.31 22.40 -46.71
N LYS J 3756 -43.39 21.50 -46.32
CA LYS J 3756 -43.61 20.71 -45.11
C LYS J 3756 -43.56 21.56 -43.85
N GLU J 3757 -42.83 22.67 -43.86
CA GLU J 3757 -42.88 23.59 -42.72
C GLU J 3757 -44.25 24.25 -42.59
N MET J 3758 -44.96 24.48 -43.69
CA MET J 3758 -46.28 25.09 -43.60
C MET J 3758 -47.23 24.26 -42.76
N GLU J 3759 -47.18 22.93 -42.91
CA GLU J 3759 -48.02 22.08 -42.09
C GLU J 3759 -47.62 22.16 -40.62
N LYS J 3760 -46.32 22.02 -40.31
CA LYS J 3760 -45.92 22.06 -38.92
C LYS J 3760 -45.92 23.48 -38.35
N GLN J 3761 -46.04 24.51 -39.18
CA GLN J 3761 -46.32 25.84 -38.65
C GLN J 3761 -47.81 26.09 -38.47
N ARG J 3762 -48.63 25.65 -39.42
CA ARG J 3762 -50.07 25.75 -39.27
C ARG J 3762 -50.55 24.95 -38.06
N LEU J 3763 -50.04 23.73 -37.90
CA LEU J 3763 -50.37 22.93 -36.72
C LEU J 3763 -49.89 23.63 -35.45
N LEU J 3764 -48.69 24.19 -35.48
CA LEU J 3764 -48.17 24.89 -34.31
C LEU J 3764 -49.01 26.11 -33.97
N TYR J 3765 -49.58 26.78 -34.97
CA TYR J 3765 -50.45 27.92 -34.71
C TYR J 3765 -51.87 27.51 -34.35
N GLN J 3766 -52.38 26.45 -34.98
CA GLN J 3766 -53.74 26.02 -34.71
C GLN J 3766 -53.93 25.67 -33.24
N GLN J 3767 -52.95 25.01 -32.64
CA GLN J 3767 -53.00 24.73 -31.21
C GLN J 3767 -52.36 25.82 -30.37
N SER J 3768 -51.70 26.81 -31.00
CA SER J 3768 -51.14 27.92 -30.23
C SER J 3768 -52.24 28.73 -29.55
N ARG J 3769 -53.33 29.00 -30.28
CA ARG J 3769 -54.46 29.69 -29.70
C ARG J 3769 -55.12 28.89 -28.60
N LEU J 3770 -54.92 27.57 -28.59
CA LEU J 3770 -55.63 26.69 -27.67
C LEU J 3770 -54.80 26.31 -26.44
N HIS J 3771 -53.60 26.85 -26.28
CA HIS J 3771 -52.89 26.71 -25.01
C HIS J 3771 -52.60 28.04 -24.32
N THR J 3772 -52.45 29.12 -25.08
CA THR J 3772 -52.35 30.44 -24.46
C THR J 3772 -53.65 30.81 -23.77
N ARG J 3773 -54.78 30.42 -24.35
CA ARG J 3773 -56.10 30.78 -23.85
C ARG J 3773 -56.55 29.79 -22.77
N GLY J 3774 -55.79 29.77 -21.67
CA GLY J 3774 -56.06 28.86 -20.58
C GLY J 3774 -55.91 27.41 -20.99
N ALA J 3775 -57.04 26.70 -21.08
CA ALA J 3775 -57.10 25.36 -21.64
C ALA J 3775 -56.08 24.40 -21.04
N ALA J 3776 -54.94 24.23 -21.70
CA ALA J 3776 -53.96 23.19 -21.43
C ALA J 3776 -53.83 22.86 -19.94
N GLU J 3777 -53.82 23.88 -19.09
CA GLU J 3777 -53.86 23.64 -17.65
C GLU J 3777 -55.30 23.43 -17.20
N MET J 3778 -56.01 22.50 -17.84
CA MET J 3778 -57.25 21.99 -17.27
C MET J 3778 -57.29 20.47 -17.44
N VAL J 3779 -56.59 19.95 -18.43
CA VAL J 3779 -56.59 18.51 -18.67
C VAL J 3779 -55.93 17.77 -17.52
N LEU J 3780 -54.88 18.35 -16.92
CA LEU J 3780 -54.31 17.76 -15.72
C LEU J 3780 -55.28 17.85 -14.56
N GLN J 3781 -56.03 18.94 -14.48
CA GLN J 3781 -57.03 19.10 -13.43
C GLN J 3781 -58.20 18.14 -13.63
N MET J 3782 -58.54 17.83 -14.88
CA MET J 3782 -59.66 16.94 -15.15
C MET J 3782 -59.31 15.49 -14.84
N ILE J 3783 -58.11 15.06 -15.19
CA ILE J 3783 -57.68 13.68 -14.92
C ILE J 3783 -57.56 13.46 -13.42
N SER J 3784 -57.02 14.44 -12.69
CA SER J 3784 -56.79 14.29 -11.26
C SER J 3784 -58.10 14.07 -10.52
N ALA J 3785 -59.18 14.73 -10.95
CA ALA J 3785 -60.46 14.60 -10.28
C ALA J 3785 -60.99 13.17 -10.38
N CYS J 3786 -60.85 12.56 -11.55
CA CYS J 3786 -61.29 11.17 -11.76
C CYS J 3786 -60.21 10.23 -11.24
N LYS J 3787 -60.43 9.67 -10.04
CA LYS J 3787 -59.40 8.89 -9.37
C LYS J 3787 -59.00 7.63 -10.15
N GLY J 3788 -59.91 6.67 -10.29
CA GLY J 3788 -59.54 5.41 -10.90
C GLY J 3788 -60.60 4.75 -11.75
N GLU J 3789 -61.61 5.52 -12.17
CA GLU J 3789 -62.75 4.97 -12.90
C GLU J 3789 -62.61 5.29 -14.38
N THR J 3790 -62.37 4.26 -15.18
CA THR J 3790 -62.11 4.45 -16.61
C THR J 3790 -63.40 4.58 -17.41
N GLY J 3791 -64.29 5.46 -16.97
CA GLY J 3791 -65.51 5.72 -17.69
C GLY J 3791 -65.25 6.55 -18.94
N ALA J 3792 -66.36 7.06 -19.50
CA ALA J 3792 -66.27 7.92 -20.68
C ALA J 3792 -65.64 9.27 -20.37
N MET J 3793 -65.47 9.61 -19.09
CA MET J 3793 -64.92 10.91 -18.70
C MET J 3793 -63.51 11.11 -19.23
N VAL J 3794 -62.58 10.28 -18.77
CA VAL J 3794 -61.17 10.44 -19.14
C VAL J 3794 -60.95 10.09 -20.60
N SER J 3795 -61.73 9.15 -21.14
CA SER J 3795 -61.54 8.74 -22.53
C SER J 3795 -61.70 9.93 -23.47
N SER J 3796 -62.74 10.73 -23.26
CA SER J 3796 -62.91 11.94 -24.07
C SER J 3796 -61.96 13.05 -23.67
N THR J 3797 -61.34 12.96 -22.49
CA THR J 3797 -60.37 13.95 -22.05
C THR J 3797 -58.96 13.63 -22.56
N LEU J 3798 -58.55 12.38 -22.42
CA LEU J 3798 -57.25 11.97 -22.97
C LEU J 3798 -57.20 12.15 -24.48
N LYS J 3799 -58.33 11.99 -25.17
CA LYS J 3799 -58.38 12.23 -26.60
C LYS J 3799 -58.00 13.68 -26.91
N LEU J 3800 -58.45 14.62 -26.08
CA LEU J 3800 -58.09 16.01 -26.25
C LEU J 3800 -56.58 16.21 -26.08
N GLY J 3801 -56.03 15.70 -24.98
CA GLY J 3801 -54.65 16.01 -24.63
C GLY J 3801 -53.64 15.65 -25.69
N ILE J 3802 -53.94 14.65 -26.52
CA ILE J 3802 -53.06 14.30 -27.62
C ILE J 3802 -53.01 15.43 -28.65
N SER J 3803 -54.14 16.12 -28.84
CA SER J 3803 -54.21 17.10 -29.91
C SER J 3803 -53.44 18.38 -29.59
N ILE J 3804 -53.35 18.75 -28.31
CA ILE J 3804 -52.64 19.97 -27.96
C ILE J 3804 -51.13 19.80 -28.15
N LEU J 3805 -50.60 18.64 -27.77
CA LEU J 3805 -49.16 18.43 -27.71
C LEU J 3805 -48.68 17.34 -28.67
N ASN J 3806 -49.27 17.30 -29.87
CA ASN J 3806 -48.69 16.48 -30.93
C ASN J 3806 -47.36 17.09 -31.37
N GLY J 3807 -46.65 16.33 -32.22
CA GLY J 3807 -45.31 16.76 -32.59
C GLY J 3807 -44.42 16.83 -31.37
N GLY J 3808 -43.70 17.93 -31.22
CA GLY J 3808 -42.93 18.13 -30.01
C GLY J 3808 -43.58 19.12 -29.05
N ASN J 3809 -44.00 20.27 -29.58
CA ASN J 3809 -44.67 21.32 -28.82
C ASN J 3809 -43.98 21.59 -27.48
N ALA J 3810 -42.77 22.17 -27.57
CA ALA J 3810 -41.98 22.40 -26.37
C ALA J 3810 -42.69 23.33 -25.40
N GLU J 3811 -43.36 24.36 -25.92
CA GLU J 3811 -43.94 25.39 -25.05
C GLU J 3811 -45.03 24.82 -24.15
N VAL J 3812 -45.90 23.97 -24.70
CA VAL J 3812 -47.00 23.46 -23.89
C VAL J 3812 -46.49 22.54 -22.79
N GLN J 3813 -45.40 21.81 -23.04
CA GLN J 3813 -44.82 20.98 -22.00
C GLN J 3813 -44.31 21.82 -20.84
N GLN J 3814 -43.74 22.99 -21.13
CA GLN J 3814 -43.22 23.85 -20.08
C GLN J 3814 -44.32 24.33 -19.14
N LYS J 3815 -45.48 24.69 -19.69
CA LYS J 3815 -46.58 25.16 -18.86
C LYS J 3815 -47.07 24.06 -17.93
N MET J 3816 -47.17 22.83 -18.44
CA MET J 3816 -47.64 21.72 -17.62
C MET J 3816 -46.68 21.43 -16.48
N LEU J 3817 -45.37 21.51 -16.74
CA LEU J 3817 -44.40 21.24 -15.68
C LEU J 3817 -44.50 22.30 -14.59
N ASP J 3818 -44.68 23.56 -14.97
CA ASP J 3818 -44.72 24.63 -13.99
C ASP J 3818 -45.87 24.46 -13.00
N TYR J 3819 -47.04 24.07 -13.50
CA TYR J 3819 -48.19 23.89 -12.61
C TYR J 3819 -47.95 22.77 -11.61
N LEU J 3820 -47.40 21.65 -12.07
CA LEU J 3820 -47.15 20.52 -11.17
C LEU J 3820 -46.14 20.90 -10.09
N LYS J 3821 -45.18 21.75 -10.43
CA LYS J 3821 -44.24 22.28 -9.45
C LYS J 3821 -44.87 23.34 -8.55
N ASP J 3822 -46.04 23.88 -8.93
CA ASP J 3822 -46.67 24.97 -8.20
C ASP J 3822 -47.74 24.47 -7.24
N LYS J 3823 -48.70 23.67 -7.75
CA LYS J 3823 -49.72 23.11 -6.88
C LYS J 3823 -49.12 22.20 -5.83
N LYS J 3824 -48.13 21.39 -6.22
CA LYS J 3824 -47.33 20.59 -5.28
C LYS J 3824 -48.20 19.64 -4.45
N GLU J 3825 -49.30 19.19 -5.05
CA GLU J 3825 -50.11 18.12 -4.51
C GLU J 3825 -49.93 16.88 -5.38
N VAL J 3826 -50.23 15.71 -4.81
CA VAL J 3826 -50.00 14.50 -5.60
C VAL J 3826 -51.14 14.36 -6.59
N GLY J 3827 -52.30 13.94 -6.10
CA GLY J 3827 -53.58 14.17 -6.76
C GLY J 3827 -53.75 13.61 -8.15
N PHE J 3828 -52.64 13.38 -8.85
CA PHE J 3828 -52.65 13.05 -10.27
C PHE J 3828 -51.90 11.76 -10.56
N PHE J 3829 -50.69 11.61 -10.03
CA PHE J 3829 -49.94 10.38 -10.25
C PHE J 3829 -50.60 9.17 -9.59
N GLN J 3830 -51.44 9.39 -8.59
CA GLN J 3830 -52.26 8.30 -8.09
C GLN J 3830 -53.19 7.77 -9.18
N SER J 3831 -53.80 8.68 -9.94
CA SER J 3831 -54.74 8.28 -10.99
C SER J 3831 -54.03 7.48 -12.08
N ILE J 3832 -52.91 8.02 -12.60
CA ILE J 3832 -52.20 7.34 -13.67
C ILE J 3832 -51.75 5.95 -13.22
N GLN J 3833 -51.20 5.85 -12.01
CA GLN J 3833 -50.75 4.56 -11.52
C GLN J 3833 -51.91 3.58 -11.37
N ALA J 3834 -53.02 4.04 -10.79
CA ALA J 3834 -54.17 3.15 -10.58
C ALA J 3834 -54.84 2.81 -11.89
N LEU J 3835 -54.99 3.81 -12.78
CA LEU J 3835 -55.77 3.61 -14.01
C LEU J 3835 -55.16 2.51 -14.88
N MET J 3836 -53.85 2.58 -15.12
CA MET J 3836 -53.23 1.63 -16.04
C MET J 3836 -53.14 0.22 -15.46
N GLN J 3837 -53.34 0.06 -14.16
CA GLN J 3837 -53.41 -1.29 -13.59
C GLN J 3837 -54.75 -1.96 -13.89
N THR J 3838 -55.76 -1.20 -14.29
CA THR J 3838 -57.05 -1.76 -14.67
C THR J 3838 -57.15 -2.07 -16.15
N CYS J 3839 -56.10 -1.80 -16.92
CA CYS J 3839 -56.10 -2.12 -18.34
C CYS J 3839 -56.14 -3.63 -18.53
N SER J 3840 -56.80 -4.06 -19.61
CA SER J 3840 -56.97 -5.47 -19.88
C SER J 3840 -55.83 -6.01 -20.73
N VAL J 3841 -55.72 -7.33 -20.76
CA VAL J 3841 -54.76 -8.04 -21.58
C VAL J 3841 -55.50 -9.10 -22.39
N LEU J 3842 -54.76 -9.82 -23.20
CA LEU J 3842 -55.36 -10.82 -24.08
C LEU J 3842 -55.74 -12.04 -23.23
N ASP J 3843 -56.99 -12.05 -22.78
CA ASP J 3843 -57.52 -13.20 -22.08
C ASP J 3843 -57.87 -14.31 -23.07
N LEU J 3844 -57.80 -15.55 -22.59
CA LEU J 3844 -58.11 -16.70 -23.43
C LEU J 3844 -59.45 -17.33 -23.12
N ASN J 3845 -59.89 -17.32 -21.86
CA ASN J 3845 -61.20 -17.87 -21.53
C ASN J 3845 -62.31 -17.11 -22.26
N ALA J 3846 -62.22 -15.79 -22.29
CA ALA J 3846 -63.24 -15.00 -22.98
C ALA J 3846 -63.27 -15.30 -24.47
N PHE J 3847 -62.15 -15.73 -25.05
CA PHE J 3847 -62.13 -16.06 -26.47
C PHE J 3847 -63.05 -17.24 -26.79
N GLU J 3848 -63.05 -18.26 -25.93
CA GLU J 3848 -63.91 -19.42 -26.14
C GLU J 3848 -65.38 -19.03 -26.13
N ARG J 3849 -65.74 -18.04 -25.31
CA ARG J 3849 -67.13 -17.61 -25.23
C ARG J 3849 -67.60 -17.02 -26.55
N GLN J 3850 -66.73 -16.29 -27.25
CA GLN J 3850 -67.05 -15.90 -28.62
C GLN J 3850 -67.15 -17.11 -29.54
N ASN J 3851 -66.21 -18.05 -29.42
CA ASN J 3851 -66.06 -19.08 -30.44
C ASN J 3851 -67.28 -19.98 -30.56
N LYS J 3852 -68.12 -20.07 -29.52
CA LYS J 3852 -69.39 -20.77 -29.64
C LYS J 3852 -70.57 -19.83 -29.80
N ALA J 3853 -70.50 -18.63 -29.24
CA ALA J 3853 -71.56 -17.64 -29.46
C ALA J 3853 -71.65 -17.25 -30.92
N GLU J 3854 -70.52 -17.18 -31.61
CA GLU J 3854 -70.52 -16.92 -33.04
C GLU J 3854 -71.09 -18.09 -33.84
N GLY J 3855 -71.26 -19.25 -33.22
CA GLY J 3855 -71.84 -20.38 -33.94
C GLY J 3855 -73.26 -20.12 -34.40
N LEU J 3856 -74.03 -19.41 -33.60
CA LEU J 3856 -75.39 -19.08 -34.02
C LEU J 3856 -75.38 -17.91 -34.99
N GLY J 3857 -76.37 -17.78 -35.86
CA GLY J 3857 -76.38 -16.80 -36.92
C GLY J 3857 -77.53 -15.80 -36.86
N MET J 3858 -78.65 -16.21 -36.26
CA MET J 3858 -79.80 -15.34 -36.16
C MET J 3858 -80.75 -15.88 -35.10
N VAL J 3859 -81.48 -14.97 -34.46
CA VAL J 3859 -82.52 -15.34 -33.50
C VAL J 3859 -83.67 -15.98 -34.26
N ASN J 3860 -84.62 -16.57 -33.52
CA ASN J 3860 -85.78 -17.20 -34.17
C ASN J 3860 -86.39 -16.30 -35.23
N GLU J 3861 -86.90 -15.14 -34.83
CA GLU J 3861 -87.16 -14.06 -35.77
C GLU J 3861 -87.06 -12.74 -35.01
N ASP J 3862 -85.85 -12.17 -34.97
CA ASP J 3862 -85.67 -10.79 -34.49
C ASP J 3862 -84.40 -10.25 -35.14
N GLY J 3863 -84.57 -9.62 -36.31
CA GLY J 3863 -83.52 -8.83 -36.94
C GLY J 3863 -82.12 -9.42 -36.96
N THR J 3864 -82.02 -10.76 -36.84
CA THR J 3864 -80.74 -11.44 -36.69
C THR J 3864 -79.98 -10.92 -35.47
N VAL J 3865 -78.71 -11.30 -35.34
CA VAL J 3865 -77.89 -10.85 -34.22
C VAL J 3865 -77.66 -9.34 -34.39
N ILE J 3866 -78.29 -8.54 -33.54
CA ILE J 3866 -78.19 -7.09 -33.66
C ILE J 3866 -76.78 -6.62 -33.32
N ASN J 3867 -76.15 -7.25 -32.33
CA ASN J 3867 -74.80 -6.85 -31.94
C ASN J 3867 -73.79 -7.13 -33.04
N ARG J 3868 -74.07 -8.13 -33.90
CA ARG J 3868 -73.20 -8.50 -35.00
C ARG J 3868 -71.78 -8.79 -34.53
N GLN J 3869 -70.89 -7.81 -34.65
CA GLN J 3869 -69.51 -7.99 -34.21
C GLN J 3869 -69.44 -8.22 -32.70
N ASN J 3870 -70.03 -7.31 -31.92
CA ASN J 3870 -70.03 -7.40 -30.46
C ASN J 3870 -68.62 -7.59 -29.93
N GLY J 3871 -67.67 -6.81 -30.47
CA GLY J 3871 -66.25 -7.00 -30.18
C GLY J 3871 -65.87 -6.86 -28.73
N GLU J 3872 -66.76 -6.30 -27.89
CA GLU J 3872 -66.43 -6.04 -26.50
C GLU J 3872 -66.30 -7.37 -25.78
N LYS J 3873 -65.05 -7.82 -25.60
CA LYS J 3873 -64.75 -9.03 -24.87
C LYS J 3873 -63.23 -9.20 -24.69
N VAL J 3874 -62.52 -9.49 -25.79
CA VAL J 3874 -61.10 -9.81 -25.70
C VAL J 3874 -60.30 -8.59 -25.22
N MET J 3875 -60.51 -7.44 -25.85
CA MET J 3875 -59.89 -6.20 -25.39
C MET J 3875 -60.92 -5.19 -24.92
N ALA J 3876 -61.85 -4.78 -25.79
CA ALA J 3876 -62.83 -3.74 -25.50
C ALA J 3876 -62.17 -2.45 -25.01
N ASP J 3877 -60.86 -2.33 -25.16
CA ASP J 3877 -60.14 -1.16 -24.67
C ASP J 3877 -59.06 -0.64 -25.62
N ASP J 3878 -58.71 -1.36 -26.68
CA ASP J 3878 -57.59 -0.95 -27.51
C ASP J 3878 -57.74 0.48 -28.04
N GLU J 3879 -58.98 0.90 -28.28
CA GLU J 3879 -59.21 2.29 -28.69
C GLU J 3879 -58.88 3.28 -27.57
N PHE J 3880 -58.73 2.80 -26.34
CA PHE J 3880 -58.45 3.67 -25.20
C PHE J 3880 -57.07 3.44 -24.60
N THR J 3881 -56.73 2.19 -24.29
CA THR J 3881 -55.44 1.90 -23.66
C THR J 3881 -54.26 2.21 -24.58
N GLN J 3882 -54.49 2.26 -25.89
CA GLN J 3882 -53.43 2.66 -26.81
C GLN J 3882 -53.15 4.16 -26.73
N ASP J 3883 -54.10 4.96 -26.26
CA ASP J 3883 -53.90 6.40 -26.13
C ASP J 3883 -53.25 6.79 -24.80
N LEU J 3884 -53.48 6.03 -23.74
CA LEU J 3884 -52.87 6.36 -22.46
C LEU J 3884 -51.35 6.33 -22.56
N PHE J 3885 -50.79 5.29 -23.19
CA PHE J 3885 -49.34 5.22 -23.35
C PHE J 3885 -48.84 6.27 -24.33
N ARG J 3886 -49.59 6.53 -25.40
CA ARG J 3886 -49.20 7.58 -26.33
C ARG J 3886 -49.14 8.93 -25.62
N PHE J 3887 -50.06 9.18 -24.69
CA PHE J 3887 -50.02 10.43 -23.93
C PHE J 3887 -48.73 10.53 -23.13
N LEU J 3888 -48.33 9.44 -22.48
CA LEU J 3888 -47.09 9.44 -21.73
C LEU J 3888 -45.88 9.63 -22.63
N GLN J 3889 -45.87 8.96 -23.79
CA GLN J 3889 -44.73 9.07 -24.69
C GLN J 3889 -44.55 10.49 -25.19
N LEU J 3890 -45.65 11.14 -25.59
CA LEU J 3890 -45.56 12.49 -26.12
C LEU J 3890 -45.12 13.51 -25.07
N LEU J 3891 -45.26 13.17 -23.78
CA LEU J 3891 -44.77 14.08 -22.74
C LEU J 3891 -43.26 14.24 -22.83
N CYS J 3892 -42.54 13.12 -22.97
CA CYS J 3892 -41.09 13.13 -23.03
C CYS J 3892 -40.62 13.10 -24.48
N GLU J 3893 -41.08 14.06 -25.27
CA GLU J 3893 -40.72 14.17 -26.66
C GLU J 3893 -39.77 15.35 -26.86
N GLY J 3894 -38.92 15.24 -27.87
CA GLY J 3894 -37.89 16.26 -28.06
C GLY J 3894 -36.75 16.17 -27.08
N HIS J 3895 -36.57 15.00 -26.45
CA HIS J 3895 -35.45 14.75 -25.53
C HIS J 3895 -35.48 15.71 -24.34
N ASN J 3896 -36.68 16.10 -23.92
CA ASN J 3896 -36.82 16.94 -22.73
C ASN J 3896 -36.26 16.21 -21.53
N ASN J 3897 -35.36 16.86 -20.80
CA ASN J 3897 -34.64 16.23 -19.69
C ASN J 3897 -35.16 16.70 -18.34
N ASP J 3898 -36.44 17.02 -18.27
CA ASP J 3898 -37.09 17.31 -17.00
C ASP J 3898 -38.23 16.35 -16.69
N PHE J 3899 -39.13 16.13 -17.65
CA PHE J 3899 -40.10 15.03 -17.50
C PHE J 3899 -39.39 13.69 -17.46
N GLN J 3900 -38.36 13.50 -18.29
CA GLN J 3900 -37.64 12.23 -18.27
C GLN J 3900 -36.99 11.96 -16.92
N ASN J 3901 -36.80 13.01 -16.11
CA ASN J 3901 -36.32 12.85 -14.75
C ASN J 3901 -37.43 12.97 -13.71
N TYR J 3902 -38.46 13.77 -13.99
CA TYR J 3902 -39.56 13.95 -13.04
C TYR J 3902 -40.36 12.67 -12.87
N LEU J 3903 -40.62 11.96 -13.96
CA LEU J 3903 -41.45 10.75 -13.89
C LEU J 3903 -40.81 9.68 -13.00
N ARG J 3904 -39.48 9.68 -12.90
CA ARG J 3904 -38.81 8.69 -12.06
C ARG J 3904 -39.08 8.95 -10.58
N THR J 3905 -38.90 10.20 -10.15
CA THR J 3905 -39.12 10.58 -8.76
C THR J 3905 -39.66 12.01 -8.72
N GLN J 3906 -40.66 12.23 -7.89
CA GLN J 3906 -41.22 13.56 -7.69
C GLN J 3906 -40.57 14.17 -6.46
N THR J 3907 -39.75 15.20 -6.67
CA THR J 3907 -39.13 15.88 -5.54
C THR J 3907 -40.19 16.68 -4.77
N GLY J 3908 -39.85 16.99 -3.52
CA GLY J 3908 -40.84 17.61 -2.66
C GLY J 3908 -42.04 16.70 -2.45
N ASN J 3909 -43.23 17.28 -2.55
CA ASN J 3909 -44.48 16.57 -2.32
C ASN J 3909 -44.44 15.74 -1.05
N THR J 3910 -45.08 14.58 -1.06
CA THR J 3910 -45.03 13.69 0.09
C THR J 3910 -44.58 12.28 -0.27
N THR J 3911 -45.01 11.76 -1.43
CA THR J 3911 -44.67 10.40 -1.84
C THR J 3911 -44.39 10.38 -3.33
N THR J 3912 -43.64 9.36 -3.76
CA THR J 3912 -43.29 9.16 -5.15
C THR J 3912 -43.97 7.92 -5.69
N ILE J 3913 -44.08 7.85 -7.02
CA ILE J 3913 -44.77 6.76 -7.70
C ILE J 3913 -43.85 5.98 -8.63
N ASN J 3914 -42.94 6.66 -9.33
CA ASN J 3914 -41.97 6.03 -10.23
C ASN J 3914 -42.67 5.26 -11.35
N ILE J 3915 -43.31 6.03 -12.23
CA ILE J 3915 -44.03 5.49 -13.38
C ILE J 3915 -43.17 4.55 -14.20
N ILE J 3916 -41.86 4.81 -14.28
CA ILE J 3916 -40.98 4.00 -15.12
C ILE J 3916 -41.12 2.53 -14.79
N ILE J 3917 -40.83 2.16 -13.55
CA ILE J 3917 -40.97 0.77 -13.14
C ILE J 3917 -42.44 0.35 -13.09
N CYS J 3918 -43.36 1.31 -13.06
CA CYS J 3918 -44.78 0.99 -13.01
C CYS J 3918 -45.35 0.66 -14.39
N THR J 3919 -44.62 0.91 -15.47
CA THR J 3919 -45.07 0.54 -16.79
C THR J 3919 -44.44 -0.77 -17.29
N VAL J 3920 -43.22 -1.07 -16.87
CA VAL J 3920 -42.56 -2.29 -17.31
C VAL J 3920 -43.33 -3.52 -16.83
N ASP J 3921 -43.99 -3.42 -15.67
CA ASP J 3921 -44.78 -4.55 -15.19
C ASP J 3921 -45.92 -4.88 -16.14
N TYR J 3922 -46.53 -3.86 -16.75
CA TYR J 3922 -47.56 -4.12 -17.75
C TYR J 3922 -46.98 -4.86 -18.94
N LEU J 3923 -45.80 -4.48 -19.40
CA LEU J 3923 -45.20 -5.19 -20.53
C LEU J 3923 -44.45 -6.42 -20.01
N LEU J 3924 -45.08 -7.10 -19.08
CA LEU J 3924 -44.73 -8.45 -18.68
C LEU J 3924 -45.96 -9.33 -18.56
N ARG J 3925 -47.07 -8.80 -18.04
CA ARG J 3925 -48.32 -9.55 -18.02
C ARG J 3925 -48.85 -9.75 -19.43
N LEU J 3926 -48.74 -8.71 -20.27
CA LEU J 3926 -49.12 -8.84 -21.67
C LEU J 3926 -48.26 -9.86 -22.38
N GLN J 3927 -46.96 -9.89 -22.08
CA GLN J 3927 -46.08 -10.88 -22.70
C GLN J 3927 -46.47 -12.29 -22.28
N GLU J 3928 -46.76 -12.50 -21.00
CA GLU J 3928 -47.24 -13.80 -20.56
C GLU J 3928 -48.57 -14.18 -21.20
N SER J 3929 -49.31 -13.21 -21.74
CA SER J 3929 -50.59 -13.52 -22.37
C SER J 3929 -50.41 -13.98 -23.81
N ILE J 3930 -49.55 -13.32 -24.58
CA ILE J 3930 -49.32 -13.73 -25.96
C ILE J 3930 -48.68 -15.11 -26.00
N SER J 3931 -47.66 -15.34 -25.17
CA SER J 3931 -47.03 -16.64 -25.11
C SER J 3931 -48.03 -17.71 -24.71
N ASP J 3932 -48.97 -17.36 -23.83
CA ASP J 3932 -50.06 -18.26 -23.50
C ASP J 3932 -50.92 -18.54 -24.73
N PHE J 3933 -51.22 -17.50 -25.51
CA PHE J 3933 -52.04 -17.68 -26.70
C PHE J 3933 -51.36 -18.59 -27.72
N TYR J 3934 -50.03 -18.59 -27.75
CA TYR J 3934 -49.31 -19.40 -28.72
C TYR J 3934 -49.54 -20.88 -28.51
N TRP J 3935 -49.54 -21.33 -27.26
CA TRP J 3935 -49.74 -22.75 -26.97
C TRP J 3935 -51.11 -23.24 -27.44
N TYR J 3936 -52.14 -22.39 -27.32
CA TYR J 3936 -53.47 -22.79 -27.76
C TYR J 3936 -53.49 -23.10 -29.26
N TYR J 3937 -52.60 -22.48 -30.03
CA TYR J 3937 -52.53 -22.70 -31.47
C TYR J 3937 -51.30 -23.51 -31.88
N SER J 3938 -50.59 -24.10 -30.92
CA SER J 3938 -49.39 -24.86 -31.26
C SER J 3938 -49.71 -26.14 -32.01
N GLY J 3939 -50.84 -26.76 -31.72
CA GLY J 3939 -51.17 -28.05 -32.31
C GLY J 3939 -51.96 -27.96 -33.58
N LYS J 3940 -52.47 -26.77 -33.91
CA LYS J 3940 -53.21 -26.59 -35.15
C LYS J 3940 -52.23 -26.41 -36.31
N ASP J 3941 -52.76 -26.15 -37.49
CA ASP J 3941 -51.92 -26.03 -38.68
C ASP J 3941 -52.20 -24.73 -39.43
N VAL J 3942 -53.43 -24.23 -39.35
CA VAL J 3942 -53.83 -22.98 -39.98
C VAL J 3942 -54.61 -22.15 -38.98
N ILE J 3943 -54.36 -20.85 -38.96
CA ILE J 3943 -55.03 -19.95 -38.04
C ILE J 3943 -56.28 -19.40 -38.72
N GLU J 3944 -57.44 -19.62 -38.12
CA GLU J 3944 -58.68 -19.17 -38.72
C GLU J 3944 -58.78 -17.65 -38.67
N GLU J 3945 -59.76 -17.11 -39.39
CA GLU J 3945 -59.86 -15.67 -39.59
C GLU J 3945 -60.04 -14.93 -38.28
N GLN J 3946 -60.87 -15.46 -37.38
CA GLN J 3946 -61.03 -14.84 -36.08
C GLN J 3946 -59.89 -15.15 -35.13
N GLY J 3947 -58.96 -16.03 -35.53
CA GLY J 3947 -57.75 -16.21 -34.76
C GLY J 3947 -56.66 -15.20 -35.04
N LYS J 3948 -56.83 -14.40 -36.10
CA LYS J 3948 -55.89 -13.36 -36.47
C LYS J 3948 -56.40 -11.96 -36.18
N ARG J 3949 -57.71 -11.74 -36.27
CA ARG J 3949 -58.27 -10.42 -36.02
C ARG J 3949 -58.00 -9.96 -34.60
N ASN J 3950 -58.20 -10.85 -33.62
CA ASN J 3950 -57.87 -10.52 -32.24
C ASN J 3950 -56.36 -10.50 -32.03
N PHE J 3951 -55.63 -11.39 -32.70
CA PHE J 3951 -54.18 -11.47 -32.49
C PHE J 3951 -53.50 -10.19 -32.90
N SER J 3952 -53.86 -9.63 -34.07
CA SER J 3952 -53.24 -8.39 -34.52
C SER J 3952 -53.59 -7.23 -33.60
N LYS J 3953 -54.73 -7.31 -32.92
CA LYS J 3953 -55.10 -6.26 -31.97
C LYS J 3953 -54.08 -6.17 -30.84
N ALA J 3954 -53.70 -7.31 -30.27
CA ALA J 3954 -52.77 -7.32 -29.14
C ALA J 3954 -51.37 -6.87 -29.56
N MET J 3955 -50.88 -7.35 -30.70
CA MET J 3955 -49.52 -7.01 -31.11
C MET J 3955 -49.38 -5.52 -31.44
N SER J 3956 -50.44 -4.91 -31.95
CA SER J 3956 -50.40 -3.46 -32.19
C SER J 3956 -50.25 -2.69 -30.89
N VAL J 3957 -50.91 -3.14 -29.83
CA VAL J 3957 -50.77 -2.50 -28.52
C VAL J 3957 -49.34 -2.64 -28.01
N ALA J 3958 -48.76 -3.83 -28.16
CA ALA J 3958 -47.40 -4.05 -27.66
C ALA J 3958 -46.39 -3.15 -28.35
N LYS J 3959 -46.61 -2.88 -29.64
CA LYS J 3959 -45.71 -1.97 -30.35
C LYS J 3959 -45.76 -0.58 -29.77
N GLN J 3960 -46.97 -0.08 -29.43
CA GLN J 3960 -47.10 1.25 -28.88
C GLN J 3960 -46.40 1.36 -27.54
N VAL J 3961 -46.48 0.32 -26.71
CA VAL J 3961 -45.78 0.34 -25.43
C VAL J 3961 -44.27 0.42 -25.64
N PHE J 3962 -43.75 -0.35 -26.59
CA PHE J 3962 -42.31 -0.33 -26.84
C PHE J 3962 -41.83 1.05 -27.29
N ASN J 3963 -42.66 1.76 -28.06
CA ASN J 3963 -42.27 3.11 -28.49
C ASN J 3963 -42.05 4.01 -27.29
N SER J 3964 -42.93 3.92 -26.28
CA SER J 3964 -42.79 4.76 -25.10
C SER J 3964 -41.48 4.50 -24.37
N LEU J 3965 -41.17 3.22 -24.11
CA LEU J 3965 -39.99 2.87 -23.35
C LEU J 3965 -38.73 3.49 -23.95
N THR J 3966 -38.66 3.59 -25.28
CA THR J 3966 -37.52 4.23 -25.90
C THR J 3966 -37.44 5.71 -25.55
N GLU J 3967 -38.57 6.39 -25.44
CA GLU J 3967 -38.56 7.83 -25.26
C GLU J 3967 -38.37 8.26 -23.81
N TYR J 3968 -38.20 7.31 -22.88
CA TYR J 3968 -37.65 7.66 -21.58
C TYR J 3968 -36.13 7.56 -21.56
N ILE J 3969 -35.52 6.96 -22.58
CA ILE J 3969 -34.09 6.71 -22.61
C ILE J 3969 -33.39 7.57 -23.67
N GLN J 3970 -34.04 7.81 -24.80
CA GLN J 3970 -33.48 8.68 -25.83
C GLN J 3970 -33.14 10.05 -25.25
N GLY J 3971 -32.01 10.61 -25.66
CA GLY J 3971 -31.51 11.79 -25.02
C GLY J 3971 -30.98 11.45 -23.64
N PRO J 3972 -29.84 10.73 -23.60
CA PRO J 3972 -29.45 9.94 -22.42
C PRO J 3972 -29.80 10.52 -21.06
N CYS J 3973 -30.43 9.70 -20.24
CA CYS J 3973 -30.96 10.06 -18.93
C CYS J 3973 -30.44 9.08 -17.89
N THR J 3974 -29.12 8.93 -17.84
CA THR J 3974 -28.40 7.88 -17.12
C THR J 3974 -29.08 7.45 -15.83
N GLY J 3975 -29.56 8.41 -15.04
CA GLY J 3975 -30.32 8.06 -13.85
C GLY J 3975 -31.50 7.16 -14.16
N ASN J 3976 -32.16 7.39 -15.30
CA ASN J 3976 -33.25 6.53 -15.73
C ASN J 3976 -32.75 5.21 -16.32
N GLN J 3977 -31.58 5.22 -16.95
CA GLN J 3977 -31.06 3.98 -17.55
C GLN J 3977 -30.81 2.91 -16.50
N GLN J 3978 -30.24 3.29 -15.35
CA GLN J 3978 -29.96 2.30 -14.31
C GLN J 3978 -31.25 1.71 -13.75
N SER J 3979 -32.35 2.46 -13.78
CA SER J 3979 -33.62 1.95 -13.25
C SER J 3979 -34.09 0.75 -14.04
N LEU J 3980 -34.05 0.83 -15.38
CA LEU J 3980 -34.45 -0.32 -16.19
C LEU J 3980 -33.48 -1.48 -16.03
N ALA J 3981 -32.20 -1.21 -15.85
CA ALA J 3981 -31.24 -2.29 -15.64
C ALA J 3981 -31.54 -3.04 -14.37
N HIS J 3982 -31.87 -2.33 -13.29
CA HIS J 3982 -32.26 -2.96 -12.03
C HIS J 3982 -33.77 -3.16 -11.97
N SER J 3983 -34.32 -3.77 -13.03
CA SER J 3983 -35.76 -3.95 -13.16
C SER J 3983 -36.05 -5.31 -13.78
N ARG J 3984 -37.29 -5.74 -13.59
CA ARG J 3984 -37.77 -7.03 -14.10
C ARG J 3984 -38.08 -6.91 -15.61
N LEU J 3985 -37.03 -6.59 -16.37
CA LEU J 3985 -37.13 -6.38 -17.81
C LEU J 3985 -36.52 -7.48 -18.64
N TRP J 3986 -35.36 -8.01 -18.24
CA TRP J 3986 -34.72 -9.06 -19.01
C TRP J 3986 -35.57 -10.32 -19.12
N ASP J 3987 -36.24 -10.70 -18.03
CA ASP J 3987 -37.08 -11.89 -18.11
C ASP J 3987 -38.27 -11.68 -19.03
N ALA J 3988 -38.55 -10.43 -19.42
CA ALA J 3988 -39.62 -10.17 -20.37
C ALA J 3988 -39.14 -10.34 -21.81
N VAL J 3989 -37.95 -9.82 -22.13
CA VAL J 3989 -37.46 -9.90 -23.51
C VAL J 3989 -37.10 -11.35 -23.86
N VAL J 3990 -36.51 -12.08 -22.93
CA VAL J 3990 -36.14 -13.48 -23.20
C VAL J 3990 -37.39 -14.29 -23.52
N GLY J 3991 -38.49 -14.00 -22.84
CA GLY J 3991 -39.76 -14.62 -23.22
C GLY J 3991 -40.21 -14.18 -24.60
N PHE J 3992 -40.03 -12.89 -24.92
CA PHE J 3992 -40.38 -12.40 -26.25
C PHE J 3992 -39.54 -13.08 -27.31
N LEU J 3993 -38.24 -13.23 -27.06
CA LEU J 3993 -37.38 -13.91 -28.03
C LEU J 3993 -37.86 -15.32 -28.30
N HIS J 3994 -38.34 -16.01 -27.27
CA HIS J 3994 -38.82 -17.38 -27.45
C HIS J 3994 -40.06 -17.42 -28.35
N VAL J 3995 -41.04 -16.57 -28.06
CA VAL J 3995 -42.29 -16.61 -28.83
C VAL J 3995 -42.08 -16.08 -30.24
N PHE J 3996 -41.14 -15.16 -30.42
CA PHE J 3996 -40.87 -14.62 -31.76
C PHE J 3996 -40.36 -15.70 -32.71
N ALA J 3997 -39.63 -16.68 -32.19
CA ALA J 3997 -38.99 -17.65 -33.07
C ALA J 3997 -40.00 -18.60 -33.71
N HIS J 3998 -40.93 -19.13 -32.90
CA HIS J 3998 -41.81 -20.19 -33.39
C HIS J 3998 -42.83 -19.65 -34.40
N MET J 3999 -43.50 -18.54 -34.07
CA MET J 3999 -44.47 -17.99 -35.00
C MET J 3999 -43.79 -17.52 -36.29
N MET J 4000 -42.62 -16.89 -36.18
CA MET J 4000 -41.85 -16.56 -37.36
C MET J 4000 -41.55 -17.80 -38.19
N MET J 4001 -41.40 -18.95 -37.51
CA MET J 4001 -41.16 -20.20 -38.22
C MET J 4001 -42.47 -20.84 -38.68
N LYS J 4002 -43.50 -20.82 -37.83
CA LYS J 4002 -44.77 -21.43 -38.18
C LYS J 4002 -45.46 -20.70 -39.32
N LEU J 4003 -45.45 -19.36 -39.27
CA LEU J 4003 -46.21 -18.57 -40.24
C LEU J 4003 -45.71 -18.79 -41.67
N ALA J 4004 -44.40 -19.00 -41.82
CA ALA J 4004 -43.83 -19.16 -43.16
C ALA J 4004 -44.31 -20.40 -43.88
N GLN J 4005 -44.90 -21.36 -43.18
CA GLN J 4005 -45.37 -22.60 -43.80
C GLN J 4005 -46.80 -22.48 -44.29
N ASP J 4006 -47.08 -21.40 -45.03
CA ASP J 4006 -48.42 -21.12 -45.55
C ASP J 4006 -48.32 -19.92 -46.46
N SER J 4007 -49.31 -19.80 -47.36
CA SER J 4007 -49.36 -18.70 -48.30
C SER J 4007 -50.46 -17.69 -48.03
N SER J 4008 -51.49 -18.07 -47.27
CA SER J 4008 -52.61 -17.17 -47.00
C SER J 4008 -52.40 -16.29 -45.78
N GLN J 4009 -51.74 -16.79 -44.76
CA GLN J 4009 -51.48 -16.03 -43.54
C GLN J 4009 -50.20 -15.21 -43.61
N ILE J 4010 -49.62 -15.06 -44.79
CA ILE J 4010 -48.38 -14.31 -44.95
C ILE J 4010 -48.57 -12.85 -44.55
N GLU J 4011 -49.80 -12.32 -44.67
CA GLU J 4011 -50.03 -10.91 -44.40
C GLU J 4011 -49.76 -10.57 -42.94
N LEU J 4012 -50.09 -11.48 -42.02
CA LEU J 4012 -49.83 -11.23 -40.61
C LEU J 4012 -48.34 -11.17 -40.32
N LEU J 4013 -47.53 -11.88 -41.11
CA LEU J 4013 -46.10 -11.97 -40.80
C LEU J 4013 -45.43 -10.61 -40.92
N LYS J 4014 -45.91 -9.75 -41.83
CA LYS J 4014 -45.26 -8.46 -42.05
C LYS J 4014 -45.25 -7.61 -40.78
N GLU J 4015 -46.42 -7.42 -40.15
CA GLU J 4015 -46.45 -6.62 -38.94
C GLU J 4015 -45.83 -7.33 -37.74
N LEU J 4016 -45.64 -8.64 -37.82
CA LEU J 4016 -44.87 -9.32 -36.77
C LEU J 4016 -43.41 -8.90 -36.82
N LEU J 4017 -42.85 -8.77 -38.03
CA LEU J 4017 -41.47 -8.29 -38.15
C LEU J 4017 -41.35 -6.85 -37.66
N ASP J 4018 -42.37 -6.03 -37.90
CA ASP J 4018 -42.33 -4.65 -37.42
C ASP J 4018 -42.19 -4.60 -35.90
N LEU J 4019 -42.77 -5.57 -35.19
CA LEU J 4019 -42.56 -5.64 -33.74
C LEU J 4019 -41.11 -5.91 -33.41
N GLN J 4020 -40.44 -6.75 -34.19
CA GLN J 4020 -39.02 -7.01 -33.98
C GLN J 4020 -38.21 -5.73 -34.15
N LYS J 4021 -38.55 -4.93 -35.15
CA LYS J 4021 -37.87 -3.65 -35.36
C LYS J 4021 -38.00 -2.75 -34.13
N ASP J 4022 -39.20 -2.67 -33.58
CA ASP J 4022 -39.45 -1.77 -32.47
C ASP J 4022 -39.03 -2.35 -31.13
N MET J 4023 -38.55 -3.60 -31.11
CA MET J 4023 -38.02 -4.21 -29.89
C MET J 4023 -36.51 -4.12 -29.80
N VAL J 4024 -35.81 -4.38 -30.91
CA VAL J 4024 -34.35 -4.32 -30.88
C VAL J 4024 -33.88 -2.87 -30.76
N VAL J 4025 -34.64 -1.93 -31.30
CA VAL J 4025 -34.22 -0.53 -31.30
C VAL J 4025 -34.13 0.01 -29.88
N MET J 4026 -35.02 -0.45 -28.99
CA MET J 4026 -34.93 0.00 -27.61
C MET J 4026 -33.71 -0.57 -26.90
N LEU J 4027 -33.24 -1.75 -27.31
CA LEU J 4027 -31.98 -2.26 -26.78
C LEU J 4027 -30.81 -1.39 -27.17
N LEU J 4028 -30.88 -0.76 -28.36
CA LEU J 4028 -29.86 0.23 -28.71
C LEU J 4028 -29.90 1.42 -27.77
N SER J 4029 -31.10 1.88 -27.39
CA SER J 4029 -31.21 3.03 -26.51
C SER J 4029 -30.53 2.77 -25.17
N LEU J 4030 -30.72 1.58 -24.60
CA LEU J 4030 -29.99 1.22 -23.40
C LEU J 4030 -28.49 1.30 -23.63
N LEU J 4031 -28.05 0.88 -24.81
CA LEU J 4031 -26.62 0.77 -25.08
C LEU J 4031 -25.98 2.09 -25.47
N GLU J 4032 -26.75 3.09 -25.88
CA GLU J 4032 -26.15 4.36 -26.31
C GLU J 4032 -25.55 5.11 -25.14
N GLY J 4033 -24.43 5.80 -25.40
CA GLY J 4033 -23.78 6.55 -24.35
C GLY J 4033 -23.07 5.70 -23.32
N ASN J 4034 -22.77 4.45 -23.65
CA ASN J 4034 -22.18 3.50 -22.72
C ASN J 4034 -20.66 3.54 -22.78
N VAL J 4035 -20.03 3.19 -21.66
CA VAL J 4035 -18.58 3.13 -21.58
C VAL J 4035 -18.15 1.73 -22.02
N VAL J 4036 -16.89 1.61 -22.45
CA VAL J 4036 -16.39 0.31 -22.88
C VAL J 4036 -16.32 -0.62 -21.68
N ASN J 4037 -16.69 -1.88 -21.89
CA ASN J 4037 -16.66 -2.89 -20.85
C ASN J 4037 -17.51 -2.47 -19.65
N GLY J 4038 -18.60 -1.77 -19.93
CA GLY J 4038 -19.46 -1.24 -18.89
C GLY J 4038 -20.37 -2.29 -18.29
N MET J 4039 -21.12 -1.87 -17.28
CA MET J 4039 -21.99 -2.80 -16.58
C MET J 4039 -23.27 -3.07 -17.35
N ILE J 4040 -23.79 -2.05 -18.05
CA ILE J 4040 -25.01 -2.23 -18.84
C ILE J 4040 -24.76 -3.23 -19.97
N ALA J 4041 -23.63 -3.11 -20.66
CA ALA J 4041 -23.34 -4.00 -21.77
C ALA J 4041 -23.06 -5.43 -21.31
N ARG J 4042 -22.66 -5.63 -20.07
CA ARG J 4042 -22.41 -6.98 -19.57
C ARG J 4042 -23.70 -7.80 -19.54
N GLN J 4043 -24.78 -7.18 -19.07
CA GLN J 4043 -26.06 -7.89 -19.05
C GLN J 4043 -26.61 -8.10 -20.45
N MET J 4044 -26.23 -7.26 -21.40
CA MET J 4044 -26.68 -7.44 -22.78
C MET J 4044 -26.23 -8.78 -23.33
N VAL J 4045 -24.93 -9.09 -23.21
CA VAL J 4045 -24.44 -10.39 -23.65
C VAL J 4045 -24.88 -11.48 -22.69
N ASP J 4046 -24.99 -11.17 -21.40
CA ASP J 4046 -25.39 -12.18 -20.42
C ASP J 4046 -26.81 -12.67 -20.69
N MET J 4047 -27.73 -11.75 -20.98
CA MET J 4047 -29.11 -12.14 -21.27
C MET J 4047 -29.20 -13.00 -22.53
N LEU J 4048 -28.29 -12.80 -23.48
CA LEU J 4048 -28.30 -13.63 -24.68
C LEU J 4048 -27.86 -15.05 -24.38
N VAL J 4049 -27.04 -15.26 -23.36
CA VAL J 4049 -26.51 -16.59 -23.06
C VAL J 4049 -27.62 -17.55 -22.68
N GLU J 4050 -28.46 -17.15 -21.72
CA GLU J 4050 -29.52 -18.04 -21.26
C GLU J 4050 -30.66 -18.15 -22.27
N SER J 4051 -30.71 -17.27 -23.27
CA SER J 4051 -31.65 -17.38 -24.37
C SER J 4051 -31.00 -17.87 -25.65
N SER J 4052 -29.78 -18.41 -25.55
CA SER J 4052 -28.97 -18.72 -26.73
C SER J 4052 -29.73 -19.60 -27.72
N SER J 4053 -30.33 -20.69 -27.22
CA SER J 4053 -30.97 -21.66 -28.10
C SER J 4053 -32.03 -21.01 -28.99
N ASN J 4054 -32.76 -20.02 -28.47
CA ASN J 4054 -33.78 -19.36 -29.28
C ASN J 4054 -33.17 -18.37 -30.25
N VAL J 4055 -32.05 -17.75 -29.88
CA VAL J 4055 -31.48 -16.67 -30.70
C VAL J 4055 -31.03 -17.22 -32.06
N GLU J 4056 -30.24 -18.29 -32.06
CA GLU J 4056 -29.72 -18.81 -33.31
C GLU J 4056 -30.82 -19.40 -34.21
N MET J 4057 -31.97 -19.75 -33.64
CA MET J 4057 -33.11 -20.13 -34.46
C MET J 4057 -33.55 -18.98 -35.35
N ILE J 4058 -33.57 -17.76 -34.80
CA ILE J 4058 -33.87 -16.59 -35.62
C ILE J 4058 -32.75 -16.33 -36.62
N LEU J 4059 -31.50 -16.41 -36.16
CA LEU J 4059 -30.37 -16.16 -37.06
C LEU J 4059 -30.34 -17.14 -38.22
N LYS J 4060 -30.59 -18.43 -37.94
CA LYS J 4060 -30.58 -19.43 -38.99
C LYS J 4060 -31.66 -19.17 -40.03
N PHE J 4061 -32.79 -18.58 -39.60
CA PHE J 4061 -33.89 -18.34 -40.52
C PHE J 4061 -33.49 -17.38 -41.63
N PHE J 4062 -32.77 -16.32 -41.29
CA PHE J 4062 -32.33 -15.38 -42.31
C PHE J 4062 -31.34 -16.00 -43.28
N ASP J 4063 -30.51 -16.93 -42.81
CA ASP J 4063 -29.48 -17.51 -43.69
C ASP J 4063 -30.11 -18.23 -44.88
N MET J 4064 -31.15 -19.02 -44.64
CA MET J 4064 -31.74 -19.80 -45.72
C MET J 4064 -32.27 -18.92 -46.83
N PHE J 4065 -32.96 -17.83 -46.48
CA PHE J 4065 -33.55 -16.96 -47.48
C PHE J 4065 -32.57 -15.95 -48.04
N LEU J 4066 -31.35 -15.88 -47.49
CA LEU J 4066 -30.29 -15.04 -48.02
C LEU J 4066 -29.28 -15.83 -48.84
N LYS J 4067 -29.33 -17.15 -48.79
CA LYS J 4067 -28.50 -17.99 -49.66
C LYS J 4067 -29.31 -18.66 -50.76
N LEU J 4068 -30.60 -18.91 -50.54
CA LEU J 4068 -31.46 -19.38 -51.61
C LEU J 4068 -31.56 -18.37 -52.73
N LYS J 4069 -31.49 -17.08 -52.41
CA LYS J 4069 -31.41 -16.05 -53.45
C LYS J 4069 -30.15 -16.20 -54.29
N ASP J 4070 -29.10 -16.81 -53.74
CA ASP J 4070 -27.88 -17.05 -54.48
C ASP J 4070 -27.92 -18.35 -55.26
N ILE J 4071 -28.50 -19.40 -54.68
CA ILE J 4071 -28.65 -20.67 -55.41
C ILE J 4071 -29.56 -20.48 -56.62
N VAL J 4072 -30.72 -19.88 -56.41
CA VAL J 4072 -31.64 -19.56 -57.50
C VAL J 4072 -31.05 -18.37 -58.26
N GLY J 4073 -30.47 -18.64 -59.42
CA GLY J 4073 -29.80 -17.61 -60.18
C GLY J 4073 -28.48 -18.12 -60.76
N SER J 4074 -27.84 -19.03 -60.03
CA SER J 4074 -26.63 -19.67 -60.54
C SER J 4074 -26.99 -20.61 -61.69
N GLU J 4075 -26.11 -20.68 -62.69
CA GLU J 4075 -26.40 -21.51 -63.85
C GLU J 4075 -26.36 -23.00 -63.53
N ALA J 4076 -25.70 -23.38 -62.43
CA ALA J 4076 -25.71 -24.77 -62.00
C ALA J 4076 -27.14 -25.23 -61.69
N PHE J 4077 -27.91 -24.39 -61.01
CA PHE J 4077 -29.30 -24.72 -60.74
C PHE J 4077 -30.13 -24.70 -62.00
N GLN J 4078 -29.76 -23.88 -62.98
CA GLN J 4078 -30.51 -23.81 -64.24
C GLN J 4078 -30.41 -25.09 -65.05
N ASP J 4079 -29.48 -25.99 -64.72
CA ASP J 4079 -29.41 -27.25 -65.45
C ASP J 4079 -30.62 -28.14 -65.16
N TYR J 4080 -30.99 -28.27 -63.88
CA TYR J 4080 -32.07 -29.17 -63.52
C TYR J 4080 -33.44 -28.66 -63.94
N VAL J 4081 -33.57 -27.37 -64.22
CA VAL J 4081 -34.85 -26.83 -64.70
C VAL J 4081 -34.92 -26.99 -66.21
N THR J 4082 -35.90 -27.79 -66.66
CA THR J 4082 -36.21 -27.94 -68.09
C THR J 4082 -37.73 -27.77 -68.24
N ASP J 4083 -38.15 -26.51 -68.30
CA ASP J 4083 -39.56 -26.18 -68.38
C ASP J 4083 -39.73 -24.79 -68.98
N PRO J 4084 -40.04 -24.69 -70.28
CA PRO J 4084 -40.07 -23.37 -70.93
C PRO J 4084 -41.00 -22.38 -70.26
N ARG J 4085 -42.11 -22.82 -69.67
CA ARG J 4085 -43.02 -21.88 -69.01
C ARG J 4085 -42.38 -21.31 -67.75
N GLY J 4086 -41.55 -22.08 -67.06
CA GLY J 4086 -40.77 -21.55 -65.96
C GLY J 4086 -40.84 -22.30 -64.64
N LEU J 4087 -41.75 -23.26 -64.54
CA LEU J 4087 -41.95 -23.98 -63.29
C LEU J 4087 -40.86 -25.05 -63.11
N ILE J 4088 -40.96 -25.80 -62.01
CA ILE J 4088 -40.04 -26.88 -61.71
C ILE J 4088 -40.80 -27.94 -60.90
N SER J 4089 -40.28 -29.15 -60.91
CA SER J 4089 -40.89 -30.26 -60.17
C SER J 4089 -40.45 -30.19 -58.71
N LYS J 4090 -40.90 -31.15 -57.90
CA LYS J 4090 -40.58 -31.21 -56.48
C LYS J 4090 -39.36 -32.07 -56.19
N LYS J 4091 -39.33 -33.29 -56.72
CA LYS J 4091 -38.20 -34.19 -56.45
C LYS J 4091 -36.90 -33.62 -57.01
N ASP J 4092 -36.97 -33.00 -58.19
CA ASP J 4092 -35.77 -32.40 -58.78
C ASP J 4092 -35.23 -31.27 -57.92
N PHE J 4093 -36.11 -30.48 -57.32
CA PHE J 4093 -35.66 -29.45 -56.37
C PHE J 4093 -34.91 -30.08 -55.20
N GLN J 4094 -35.41 -31.21 -54.70
CA GLN J 4094 -34.71 -31.90 -53.62
C GLN J 4094 -33.33 -32.37 -54.08
N LYS J 4095 -33.24 -32.89 -55.30
CA LYS J 4095 -31.94 -33.32 -55.83
C LYS J 4095 -31.00 -32.14 -56.00
N ALA J 4096 -31.49 -31.04 -56.59
CA ALA J 4096 -30.63 -29.89 -56.84
C ALA J 4096 -30.09 -29.31 -55.54
N MET J 4097 -30.94 -29.19 -54.52
CA MET J 4097 -30.46 -28.73 -53.22
C MET J 4097 -29.46 -29.71 -52.62
N ASP J 4098 -29.74 -31.00 -52.73
CA ASP J 4098 -28.85 -32.02 -52.17
C ASP J 4098 -27.53 -32.05 -52.94
N SER J 4099 -27.57 -31.86 -54.26
CA SER J 4099 -26.36 -31.90 -55.08
C SER J 4099 -25.32 -30.89 -54.57
N GLN J 4100 -25.76 -29.67 -54.27
CA GLN J 4100 -24.86 -28.67 -53.73
C GLN J 4100 -24.65 -28.89 -52.24
N LYS J 4101 -23.66 -28.18 -51.71
CA LYS J 4101 -23.29 -28.34 -50.30
C LYS J 4101 -24.26 -27.53 -49.43
N GLN J 4102 -23.93 -27.43 -48.13
CA GLN J 4102 -24.75 -26.82 -47.08
C GLN J 4102 -26.19 -27.30 -47.15
N PHE J 4103 -27.12 -26.58 -46.51
CA PHE J 4103 -28.53 -26.92 -46.52
C PHE J 4103 -28.76 -28.35 -46.04
N THR J 4104 -28.47 -28.56 -44.76
CA THR J 4104 -28.64 -29.85 -44.12
C THR J 4104 -30.02 -30.42 -44.40
N GLY J 4105 -30.08 -31.76 -44.52
CA GLY J 4105 -31.27 -32.47 -44.92
C GLY J 4105 -32.59 -31.98 -44.35
N PRO J 4106 -32.72 -31.93 -43.03
CA PRO J 4106 -33.98 -31.45 -42.44
C PRO J 4106 -34.36 -30.05 -42.89
N GLU J 4107 -33.38 -29.17 -43.10
CA GLU J 4107 -33.68 -27.84 -43.63
C GLU J 4107 -34.29 -27.93 -45.02
N ILE J 4108 -33.79 -28.86 -45.85
CA ILE J 4108 -34.37 -29.05 -47.17
C ILE J 4108 -35.83 -29.47 -47.05
N GLN J 4109 -36.13 -30.36 -46.10
CA GLN J 4109 -37.52 -30.74 -45.88
C GLN J 4109 -38.37 -29.54 -45.50
N PHE J 4110 -37.82 -28.64 -44.68
CA PHE J 4110 -38.55 -27.43 -44.30
C PHE J 4110 -38.76 -26.53 -45.51
N LEU J 4111 -37.72 -26.33 -46.33
CA LEU J 4111 -37.84 -25.44 -47.48
C LEU J 4111 -38.87 -25.97 -48.49
N LEU J 4112 -38.91 -27.28 -48.70
CA LEU J 4112 -39.94 -27.86 -49.55
C LEU J 4112 -41.32 -27.66 -48.94
N SER J 4113 -41.44 -27.80 -47.62
CA SER J 4113 -42.73 -27.66 -46.95
C SER J 4113 -43.30 -26.26 -47.13
N CYS J 4114 -42.48 -25.23 -46.94
CA CYS J 4114 -42.96 -23.86 -47.07
C CYS J 4114 -43.18 -23.44 -48.51
N SER J 4115 -42.73 -24.23 -49.48
CA SER J 4115 -42.98 -23.92 -50.88
C SER J 4115 -44.46 -24.13 -51.21
N GLU J 4116 -44.81 -23.79 -52.46
CA GLU J 4116 -46.18 -23.91 -52.93
C GLU J 4116 -46.47 -25.35 -53.32
N ALA J 4117 -47.62 -25.57 -53.96
CA ALA J 4117 -48.13 -26.91 -54.20
C ALA J 4117 -48.92 -26.91 -55.50
N ASP J 4118 -49.77 -27.93 -55.66
CA ASP J 4118 -50.69 -28.15 -56.79
C ASP J 4118 -49.95 -28.87 -57.90
N GLU J 4119 -50.47 -30.04 -58.29
CA GLU J 4119 -49.96 -30.93 -59.33
C GLU J 4119 -48.63 -31.57 -58.93
N ASN J 4120 -48.09 -31.23 -57.75
CA ASN J 4120 -46.81 -31.73 -57.24
C ASN J 4120 -45.64 -31.38 -58.16
N GLU J 4121 -45.87 -30.55 -59.18
CA GLU J 4121 -44.80 -30.17 -60.09
C GLU J 4121 -44.87 -28.69 -60.47
N MET J 4122 -45.47 -27.86 -59.62
CA MET J 4122 -45.62 -26.43 -59.88
C MET J 4122 -44.99 -25.69 -58.70
N ILE J 4123 -43.70 -25.34 -58.84
CA ILE J 4123 -42.96 -24.60 -57.82
C ILE J 4123 -42.26 -23.46 -58.54
N ASN J 4124 -42.87 -22.27 -58.52
CA ASN J 4124 -42.33 -21.12 -59.22
C ASN J 4124 -41.20 -20.54 -58.38
N PHE J 4125 -39.97 -20.88 -58.74
CA PHE J 4125 -38.82 -20.46 -57.95
C PHE J 4125 -38.53 -18.97 -58.10
N GLU J 4126 -38.83 -18.39 -59.27
CA GLU J 4126 -38.52 -16.98 -59.50
C GLU J 4126 -39.28 -16.07 -58.53
N GLU J 4127 -40.46 -16.50 -58.08
CA GLU J 4127 -41.24 -15.74 -57.11
C GLU J 4127 -41.04 -16.25 -55.69
N PHE J 4128 -40.71 -17.52 -55.51
CA PHE J 4128 -40.49 -18.08 -54.19
C PHE J 4128 -39.32 -17.43 -53.46
N ALA J 4129 -38.33 -16.92 -54.20
CA ALA J 4129 -37.19 -16.27 -53.56
C ALA J 4129 -37.53 -14.85 -53.13
N ASN J 4130 -38.16 -14.08 -54.02
CA ASN J 4130 -38.47 -12.69 -53.72
C ASN J 4130 -39.79 -12.54 -52.98
N ARG J 4131 -39.95 -13.25 -51.86
CA ARG J 4131 -41.09 -13.05 -50.99
C ARG J 4131 -40.71 -12.77 -49.55
N PHE J 4132 -39.42 -12.74 -49.23
CA PHE J 4132 -38.98 -12.38 -47.88
C PHE J 4132 -37.78 -11.44 -47.91
N GLN J 4133 -37.44 -10.86 -49.05
CA GLN J 4133 -36.35 -9.90 -49.10
C GLN J 4133 -36.80 -8.53 -48.62
N GLU J 4134 -37.76 -7.93 -49.32
CA GLU J 4134 -38.26 -6.62 -48.92
C GLU J 4134 -38.88 -6.62 -47.53
N PRO J 4135 -39.80 -7.55 -47.19
CA PRO J 4135 -40.35 -7.53 -45.82
C PRO J 4135 -39.31 -7.74 -44.73
N ALA J 4136 -38.24 -8.49 -45.01
CA ALA J 4136 -37.20 -8.76 -44.03
C ALA J 4136 -35.88 -8.08 -44.39
N ARG J 4137 -35.92 -7.05 -45.24
CA ARG J 4137 -34.72 -6.26 -45.48
C ARG J 4137 -34.28 -5.54 -44.21
N ASP J 4138 -35.23 -5.09 -43.41
CA ASP J 4138 -34.95 -4.56 -42.08
C ASP J 4138 -34.72 -5.75 -41.14
N ILE J 4139 -34.75 -5.50 -39.83
CA ILE J 4139 -34.53 -6.54 -38.83
C ILE J 4139 -33.12 -7.09 -38.99
N GLY J 4140 -32.86 -7.76 -40.13
CA GLY J 4140 -31.53 -8.25 -40.41
C GLY J 4140 -30.48 -7.16 -40.33
N PHE J 4141 -30.83 -5.94 -40.73
CA PHE J 4141 -29.90 -4.83 -40.58
C PHE J 4141 -29.74 -4.46 -39.11
N ASN J 4142 -30.84 -4.40 -38.37
CA ASN J 4142 -30.79 -3.93 -36.99
C ASN J 4142 -30.33 -5.00 -36.01
N VAL J 4143 -30.03 -6.20 -36.47
CA VAL J 4143 -29.34 -7.18 -35.62
C VAL J 4143 -27.87 -7.13 -35.97
N ALA J 4144 -27.56 -6.77 -37.22
CA ALA J 4144 -26.17 -6.55 -37.61
C ALA J 4144 -25.57 -5.40 -36.82
N VAL J 4145 -26.32 -4.31 -36.66
CA VAL J 4145 -25.86 -3.19 -35.84
C VAL J 4145 -25.74 -3.61 -34.38
N LEU J 4146 -26.68 -4.42 -33.90
CA LEU J 4146 -26.65 -4.84 -32.50
C LEU J 4146 -25.41 -5.67 -32.19
N LEU J 4147 -25.14 -6.68 -33.02
CA LEU J 4147 -23.98 -7.53 -32.77
C LEU J 4147 -22.67 -6.75 -32.91
N THR J 4148 -22.59 -5.89 -33.93
CA THR J 4148 -21.37 -5.12 -34.15
C THR J 4148 -21.07 -4.20 -32.98
N ASN J 4149 -22.10 -3.51 -32.48
CA ASN J 4149 -21.91 -2.61 -31.35
C ASN J 4149 -21.50 -3.36 -30.10
N LEU J 4150 -22.12 -4.52 -29.86
CA LEU J 4150 -21.75 -5.33 -28.70
C LEU J 4150 -20.32 -5.85 -28.82
N SER J 4151 -19.92 -6.26 -30.03
CA SER J 4151 -18.59 -6.84 -30.21
C SER J 4151 -17.49 -5.84 -29.87
N GLU J 4152 -17.72 -4.55 -30.15
CA GLU J 4152 -16.71 -3.54 -29.90
C GLU J 4152 -16.59 -3.22 -28.41
N HIS J 4153 -17.72 -2.95 -27.76
CA HIS J 4153 -17.67 -2.49 -26.37
C HIS J 4153 -17.14 -3.57 -25.43
N VAL J 4154 -17.56 -4.82 -25.62
CA VAL J 4154 -16.96 -5.93 -24.89
C VAL J 4154 -16.11 -6.73 -25.87
N PRO J 4155 -14.78 -6.62 -25.82
CA PRO J 4155 -13.95 -7.21 -26.86
C PRO J 4155 -13.39 -8.59 -26.53
N HIS J 4156 -13.52 -9.03 -25.27
CA HIS J 4156 -12.95 -10.30 -24.85
C HIS J 4156 -14.00 -11.05 -24.02
N ASP J 4157 -14.82 -11.84 -24.70
CA ASP J 4157 -15.78 -12.72 -24.06
C ASP J 4157 -16.06 -13.87 -25.01
N PRO J 4158 -15.64 -15.09 -24.68
CA PRO J 4158 -15.84 -16.20 -25.62
C PRO J 4158 -17.30 -16.52 -25.90
N ARG J 4159 -18.20 -16.20 -24.96
CA ARG J 4159 -19.63 -16.43 -25.21
C ARG J 4159 -20.11 -15.61 -26.40
N LEU J 4160 -19.67 -14.36 -26.49
CA LEU J 4160 -20.14 -13.47 -27.56
C LEU J 4160 -19.66 -13.94 -28.93
N ARG J 4161 -18.43 -14.45 -29.01
CA ARG J 4161 -17.87 -14.83 -30.30
C ARG J 4161 -18.64 -15.97 -30.95
N ASN J 4162 -19.19 -16.87 -30.14
CA ASN J 4162 -19.92 -18.01 -30.68
C ASN J 4162 -21.07 -17.57 -31.56
N PHE J 4163 -21.82 -16.54 -31.14
CA PHE J 4163 -22.91 -16.02 -31.96
C PHE J 4163 -22.40 -15.36 -33.24
N LEU J 4164 -21.25 -14.70 -33.18
CA LEU J 4164 -20.77 -13.93 -34.32
C LEU J 4164 -20.48 -14.83 -35.52
N GLU J 4165 -19.91 -16.01 -35.28
CA GLU J 4165 -19.62 -16.92 -36.38
C GLU J 4165 -20.85 -17.62 -36.92
N LEU J 4166 -22.01 -17.44 -36.30
CA LEU J 4166 -23.25 -18.00 -36.81
C LEU J 4166 -23.95 -17.08 -37.80
N ALA J 4167 -23.42 -15.87 -38.01
CA ALA J 4167 -24.05 -14.88 -38.87
C ALA J 4167 -23.04 -14.28 -39.82
N GLU J 4168 -22.25 -15.13 -40.46
CA GLU J 4168 -21.32 -14.68 -41.50
C GLU J 4168 -21.98 -14.48 -42.85
N SER J 4169 -23.32 -14.56 -42.91
CA SER J 4169 -24.07 -14.17 -44.09
C SER J 4169 -24.68 -12.79 -43.95
N ILE J 4170 -25.40 -12.55 -42.85
CA ILE J 4170 -25.96 -11.22 -42.60
C ILE J 4170 -24.84 -10.20 -42.44
N LEU J 4171 -23.84 -10.53 -41.61
CA LEU J 4171 -22.75 -9.60 -41.35
C LEU J 4171 -21.93 -9.31 -42.60
N GLU J 4172 -21.92 -10.22 -43.56
CA GLU J 4172 -21.20 -10.02 -44.81
C GLU J 4172 -22.05 -9.32 -45.86
N TYR J 4173 -23.32 -9.69 -45.97
CA TYR J 4173 -24.21 -9.02 -46.92
C TYR J 4173 -24.37 -7.55 -46.59
N PHE J 4174 -24.55 -7.22 -45.32
CA PHE J 4174 -24.67 -5.82 -44.89
C PHE J 4174 -23.31 -5.24 -44.50
N ARG J 4175 -22.29 -5.46 -45.31
CA ARG J 4175 -21.02 -4.77 -45.09
C ARG J 4175 -21.02 -3.37 -45.71
N PRO J 4176 -21.40 -3.18 -47.00
CA PRO J 4176 -21.43 -1.85 -47.60
C PRO J 4176 -22.75 -1.12 -47.39
N TYR J 4177 -23.30 -1.22 -46.18
CA TYR J 4177 -24.54 -0.51 -45.87
C TYR J 4177 -24.54 0.21 -44.53
N LEU J 4178 -23.59 -0.05 -43.64
CA LEU J 4178 -23.50 0.63 -42.36
C LEU J 4178 -22.25 1.49 -42.32
N GLY J 4179 -22.40 2.72 -41.81
CA GLY J 4179 -21.30 3.65 -41.69
C GLY J 4179 -20.98 3.91 -40.24
N ARG J 4180 -19.69 4.05 -39.94
CA ARG J 4180 -19.21 4.24 -38.58
C ARG J 4180 -18.64 5.64 -38.45
N ILE J 4181 -19.13 6.39 -37.46
CA ILE J 4181 -18.73 7.76 -37.22
C ILE J 4181 -18.18 7.84 -35.79
N GLU J 4182 -17.33 8.82 -35.56
CA GLU J 4182 -16.57 8.93 -34.31
C GLU J 4182 -16.63 10.35 -33.77
N ILE J 4183 -17.84 10.89 -33.67
CA ILE J 4183 -18.04 12.25 -33.18
C ILE J 4183 -17.75 12.33 -31.68
N MET J 4184 -17.65 13.55 -31.17
CA MET J 4184 -17.38 13.79 -29.75
C MET J 4184 -18.30 14.90 -29.26
N GLY J 4185 -19.06 14.63 -28.21
CA GLY J 4185 -19.97 15.65 -27.72
C GLY J 4185 -20.58 15.29 -26.40
N ALA J 4186 -21.41 16.22 -25.91
CA ALA J 4186 -22.12 16.06 -24.64
C ALA J 4186 -21.18 15.86 -23.47
N SER J 4187 -20.94 14.61 -23.10
CA SER J 4187 -20.14 14.21 -21.94
C SER J 4187 -18.64 14.45 -22.10
N ARG J 4188 -18.20 15.18 -23.14
CA ARG J 4188 -16.79 15.44 -23.39
C ARG J 4188 -16.01 14.13 -23.56
N ARG J 4189 -16.56 13.25 -24.38
CA ARG J 4189 -15.99 11.92 -24.56
C ARG J 4189 -16.27 11.45 -25.98
N ILE J 4190 -15.45 10.49 -26.45
CA ILE J 4190 -15.60 9.94 -27.79
C ILE J 4190 -16.66 8.85 -27.77
N GLU J 4191 -17.56 8.91 -28.74
CA GLU J 4191 -18.61 7.92 -28.88
C GLU J 4191 -18.78 7.58 -30.35
N ARG J 4192 -19.28 6.37 -30.61
CA ARG J 4192 -19.42 5.87 -31.97
C ARG J 4192 -20.88 5.93 -32.41
N ILE J 4193 -21.08 6.11 -33.72
CA ILE J 4193 -22.40 6.22 -34.31
C ILE J 4193 -22.52 5.23 -35.45
N TYR J 4194 -23.66 4.53 -35.52
CA TYR J 4194 -23.96 3.62 -36.60
C TYR J 4194 -25.26 4.05 -37.26
N PHE J 4195 -25.37 3.81 -38.56
CA PHE J 4195 -26.53 4.24 -39.31
C PHE J 4195 -26.59 3.44 -40.61
N GLU J 4196 -27.55 3.79 -41.47
CA GLU J 4196 -27.85 3.06 -42.68
C GLU J 4196 -27.80 3.99 -43.88
N ILE J 4197 -27.27 3.50 -45.00
CA ILE J 4197 -27.17 4.25 -46.24
C ILE J 4197 -27.74 3.41 -47.37
N SER J 4198 -28.57 4.03 -48.21
CA SER J 4198 -29.24 3.32 -49.29
C SER J 4198 -28.27 3.05 -50.44
N GLU J 4199 -28.70 2.15 -51.33
CA GLU J 4199 -27.86 1.83 -52.49
C GLU J 4199 -27.71 3.05 -53.39
N THR J 4200 -28.83 3.74 -53.68
CA THR J 4200 -28.78 4.91 -54.54
C THR J 4200 -27.96 6.03 -53.90
N ASN J 4201 -27.96 6.11 -52.58
CA ASN J 4201 -27.18 7.13 -51.90
C ASN J 4201 -25.69 6.94 -52.19
N ARG J 4202 -25.21 5.70 -52.13
CA ARG J 4202 -23.83 5.39 -52.46
C ARG J 4202 -23.60 5.32 -53.96
N ALA J 4203 -24.61 4.91 -54.72
CA ALA J 4203 -24.43 4.75 -56.17
C ALA J 4203 -24.05 6.08 -56.82
N GLN J 4204 -24.70 7.17 -56.41
CA GLN J 4204 -24.35 8.47 -56.97
C GLN J 4204 -23.15 9.06 -56.23
N TRP J 4205 -22.09 8.28 -56.08
CA TRP J 4205 -20.87 8.79 -55.45
C TRP J 4205 -19.63 8.37 -56.23
N GLU J 4206 -19.70 7.26 -56.95
CA GLU J 4206 -18.55 6.74 -57.67
C GLU J 4206 -18.55 7.10 -59.14
N MET J 4207 -19.52 7.88 -59.59
CA MET J 4207 -19.49 8.39 -60.96
C MET J 4207 -18.28 9.31 -61.12
N PRO J 4208 -17.62 9.29 -62.28
CA PRO J 4208 -16.33 9.99 -62.41
C PRO J 4208 -16.38 11.47 -62.09
N GLN J 4209 -17.51 12.15 -62.33
CA GLN J 4209 -17.57 13.59 -62.10
C GLN J 4209 -17.33 13.92 -60.62
N VAL J 4210 -17.97 13.18 -59.72
CA VAL J 4210 -17.81 13.46 -58.30
C VAL J 4210 -16.40 13.10 -57.83
N LYS J 4211 -15.85 12.01 -58.35
CA LYS J 4211 -14.53 11.55 -57.91
C LYS J 4211 -13.47 12.59 -58.20
N GLU J 4212 -13.51 13.20 -59.39
CA GLU J 4212 -12.54 14.25 -59.70
C GLU J 4212 -12.73 15.48 -58.82
N SER J 4213 -13.98 15.76 -58.42
CA SER J 4213 -14.21 16.86 -57.49
C SER J 4213 -13.55 16.60 -56.14
N LYS J 4214 -13.59 15.35 -55.68
CA LYS J 4214 -12.88 14.99 -54.45
C LYS J 4214 -11.39 15.27 -54.57
N ARG J 4215 -10.78 14.86 -55.67
CA ARG J 4215 -9.34 15.03 -55.83
C ARG J 4215 -8.94 16.50 -55.86
N GLN J 4216 -9.71 17.33 -56.56
CA GLN J 4216 -9.35 18.73 -56.66
C GLN J 4216 -9.54 19.46 -55.34
N PHE J 4217 -10.59 19.11 -54.60
CA PHE J 4217 -10.81 19.75 -53.29
C PHE J 4217 -9.71 19.39 -52.31
N ILE J 4218 -9.31 18.11 -52.28
CA ILE J 4218 -8.24 17.69 -51.36
C ILE J 4218 -6.94 18.40 -51.71
N PHE J 4219 -6.70 18.66 -52.99
CA PHE J 4219 -5.44 19.26 -53.41
C PHE J 4219 -5.30 20.68 -52.89
N ASP J 4220 -6.35 21.50 -53.02
CA ASP J 4220 -6.26 22.93 -52.73
C ASP J 4220 -6.77 23.29 -51.35
N VAL J 4221 -6.65 22.40 -50.37
CA VAL J 4221 -6.91 22.73 -48.98
C VAL J 4221 -5.74 22.40 -48.06
N VAL J 4222 -4.68 21.77 -48.58
CA VAL J 4222 -3.51 21.45 -47.78
C VAL J 4222 -2.41 22.46 -48.07
N ASN J 4223 -2.37 22.96 -49.30
CA ASN J 4223 -1.35 23.91 -49.73
C ASN J 4223 -1.89 25.32 -49.98
N GLU J 4224 -2.89 25.72 -49.19
CA GLU J 4224 -3.30 27.11 -49.05
C GLU J 4224 -3.63 27.35 -47.58
N GLY J 4225 -4.30 28.46 -47.30
CA GLY J 4225 -4.51 28.93 -45.95
C GLY J 4225 -5.62 28.22 -45.19
N GLY J 4226 -5.40 26.95 -44.84
CA GLY J 4226 -6.33 26.26 -43.97
C GLY J 4226 -5.88 26.21 -42.53
N GLU J 4227 -5.46 25.02 -42.08
CA GLU J 4227 -4.75 24.74 -40.84
C GLU J 4227 -5.54 25.10 -39.59
N ALA J 4228 -6.66 25.81 -39.74
CA ALA J 4228 -7.62 26.00 -38.66
C ALA J 4228 -9.05 25.89 -39.19
N GLU J 4229 -9.42 26.77 -40.11
CA GLU J 4229 -10.75 26.87 -40.70
C GLU J 4229 -10.96 25.90 -41.86
N LYS J 4230 -10.12 24.89 -41.96
CA LYS J 4230 -10.29 23.89 -43.01
C LYS J 4230 -11.61 23.13 -42.85
N MET J 4231 -12.08 22.98 -41.62
CA MET J 4231 -13.26 22.14 -41.38
C MET J 4231 -14.52 22.75 -41.97
N GLU J 4232 -14.69 24.07 -41.84
CA GLU J 4232 -15.88 24.69 -42.42
C GLU J 4232 -15.85 24.62 -43.94
N LEU J 4233 -14.66 24.61 -44.54
CA LEU J 4233 -14.56 24.38 -45.97
C LEU J 4233 -15.05 22.99 -46.34
N PHE J 4234 -14.72 21.98 -45.51
CA PHE J 4234 -15.18 20.63 -45.77
C PHE J 4234 -16.70 20.54 -45.73
N VAL J 4235 -17.32 21.20 -44.74
CA VAL J 4235 -18.78 21.23 -44.70
C VAL J 4235 -19.32 21.97 -45.91
N SER J 4236 -18.69 23.08 -46.29
CA SER J 4236 -19.09 23.77 -47.50
C SER J 4236 -18.90 22.88 -48.74
N PHE J 4237 -17.88 22.03 -48.71
CA PHE J 4237 -17.70 21.06 -49.79
C PHE J 4237 -18.88 20.11 -49.87
N CYS J 4238 -19.34 19.61 -48.72
CA CYS J 4238 -20.48 18.70 -48.72
C CYS J 4238 -21.74 19.36 -49.24
N GLU J 4239 -22.00 20.60 -48.82
CA GLU J 4239 -23.28 21.25 -49.08
C GLU J 4239 -23.51 21.61 -50.55
N ASP J 4240 -22.49 21.58 -51.41
CA ASP J 4240 -22.72 21.75 -52.86
C ASP J 4240 -22.58 20.46 -53.66
N THR J 4241 -21.85 19.43 -53.21
CA THR J 4241 -22.04 18.10 -53.79
C THR J 4241 -23.44 17.57 -53.49
N ILE J 4242 -24.05 18.03 -52.40
CA ILE J 4242 -25.47 17.74 -52.17
C ILE J 4242 -26.30 18.24 -53.35
N PHE J 4243 -26.07 19.47 -53.80
CA PHE J 4243 -26.81 20.07 -54.91
C PHE J 4243 -26.47 19.40 -56.25
N GLU J 4244 -25.19 19.09 -56.48
CA GLU J 4244 -24.74 18.40 -57.68
C GLU J 4244 -25.43 17.03 -57.90
N MET J 4245 -25.59 16.20 -56.85
CA MET J 4245 -26.20 14.88 -57.04
C MET J 4245 -27.68 14.98 -57.36
N GLN J 4246 -28.35 16.02 -56.85
CA GLN J 4246 -29.76 16.21 -57.18
C GLN J 4246 -29.95 16.51 -58.66
N ILE J 4247 -29.08 17.33 -59.25
CA ILE J 4247 -29.16 17.68 -60.68
C ILE J 4247 -29.00 16.44 -61.53
N ALA J 4248 -28.07 15.54 -61.20
CA ALA J 4248 -27.83 14.36 -62.01
C ALA J 4248 -29.03 13.42 -62.01
N ALA J 4249 -29.78 13.37 -60.91
CA ALA J 4249 -30.98 12.55 -60.87
C ALA J 4249 -32.04 13.07 -61.83
N GLN J 4250 -32.15 14.39 -61.95
CA GLN J 4250 -33.18 15.01 -62.78
C GLN J 4250 -32.91 14.85 -64.28
N ILE J 4251 -31.75 14.36 -64.68
CA ILE J 4251 -31.43 14.16 -66.08
C ILE J 4251 -31.37 12.68 -66.44
N SER J 4252 -31.84 11.80 -65.57
CA SER J 4252 -31.82 10.37 -65.84
C SER J 4252 -33.00 9.68 -65.16
N TRP J 4541 -49.09 21.68 -76.75
CA TRP J 4541 -48.38 22.27 -75.61
C TRP J 4541 -47.79 21.20 -74.70
N GLY J 4542 -48.53 20.12 -74.50
CA GLY J 4542 -47.97 19.04 -73.73
C GLY J 4542 -46.79 18.70 -74.59
N GLU J 4543 -46.98 18.81 -75.90
CA GLU J 4543 -45.89 18.52 -76.83
C GLU J 4543 -44.69 19.36 -76.47
N LEU J 4544 -44.80 20.66 -76.63
CA LEU J 4544 -43.73 21.54 -76.19
C LEU J 4544 -43.09 20.93 -74.97
N GLU J 4545 -43.79 20.87 -73.85
CA GLU J 4545 -43.16 20.36 -72.63
C GLU J 4545 -42.28 19.13 -72.84
N VAL J 4546 -42.94 18.02 -73.09
CA VAL J 4546 -42.19 16.78 -73.25
C VAL J 4546 -40.96 16.96 -74.13
N GLN J 4547 -41.16 17.49 -75.33
CA GLN J 4547 -40.04 17.65 -76.26
C GLN J 4547 -38.91 18.49 -75.65
N ARG J 4548 -39.19 19.74 -75.27
CA ARG J 4548 -38.19 20.56 -74.63
C ARG J 4548 -37.40 19.71 -73.70
N VAL J 4549 -38.07 19.07 -72.76
CA VAL J 4549 -37.25 18.33 -71.77
C VAL J 4549 -36.41 17.25 -72.41
N LYS J 4550 -37.02 16.27 -73.05
CA LYS J 4550 -36.16 15.20 -73.57
C LYS J 4550 -34.96 15.80 -74.34
N PHE J 4551 -35.16 16.89 -75.05
CA PHE J 4551 -34.07 17.45 -75.87
C PHE J 4551 -32.98 18.05 -75.02
N LEU J 4552 -33.32 19.04 -74.22
CA LEU J 4552 -32.31 19.65 -73.41
C LEU J 4552 -31.67 18.57 -72.57
N ASN J 4553 -32.23 17.38 -72.52
CA ASN J 4553 -31.53 16.41 -71.69
C ASN J 4553 -30.70 15.34 -72.41
N TYR J 4554 -30.73 15.40 -73.72
CA TYR J 4554 -29.78 14.55 -74.41
C TYR J 4554 -28.53 15.41 -74.51
N LEU J 4555 -28.69 16.70 -74.79
CA LEU J 4555 -27.55 17.62 -74.93
C LEU J 4555 -27.05 18.14 -73.64
N SER J 4556 -27.19 17.38 -72.59
CA SER J 4556 -26.63 17.78 -71.33
C SER J 4556 -26.13 16.55 -70.68
N ARG J 4557 -25.98 15.49 -71.43
CA ARG J 4557 -25.37 14.31 -70.89
C ARG J 4557 -24.30 14.12 -71.92
N ASN J 4558 -24.62 14.27 -73.20
CA ASN J 4558 -23.61 14.21 -74.24
C ASN J 4558 -22.79 15.49 -74.30
N PHE J 4559 -22.45 16.14 -73.18
CA PHE J 4559 -21.69 17.39 -73.18
C PHE J 4559 -20.22 17.25 -73.60
N TYR J 4560 -19.51 16.19 -73.21
CA TYR J 4560 -18.07 16.09 -73.51
C TYR J 4560 -17.73 15.59 -74.94
N THR J 4561 -18.61 14.81 -75.55
CA THR J 4561 -18.46 14.29 -76.86
C THR J 4561 -18.61 15.46 -77.75
N LEU J 4562 -19.67 16.23 -77.63
CA LEU J 4562 -19.80 17.30 -78.59
C LEU J 4562 -18.56 18.13 -78.46
N LYS J 4563 -18.05 18.39 -77.28
CA LYS J 4563 -16.79 19.15 -77.27
C LYS J 4563 -15.75 18.56 -78.18
N TYR J 4564 -15.18 17.37 -77.96
CA TYR J 4564 -14.11 16.83 -78.85
C TYR J 4564 -14.40 16.80 -80.34
N LEU J 4565 -15.65 16.65 -80.68
CA LEU J 4565 -15.98 16.65 -82.06
C LEU J 4565 -15.64 18.00 -82.65
N ALA J 4566 -15.77 19.09 -81.93
CA ALA J 4566 -15.49 20.36 -82.54
C ALA J 4566 -14.07 20.39 -82.88
N LEU J 4567 -13.23 19.96 -81.96
CA LEU J 4567 -11.82 19.86 -82.24
C LEU J 4567 -11.52 19.04 -83.49
N PHE J 4568 -12.06 17.85 -83.63
CA PHE J 4568 -11.76 17.15 -84.88
C PHE J 4568 -12.24 17.93 -86.09
N LEU J 4569 -13.45 18.43 -86.09
CA LEU J 4569 -13.91 19.14 -87.27
C LEU J 4569 -13.02 20.35 -87.57
N ALA J 4570 -12.45 21.03 -86.59
CA ALA J 4570 -11.58 22.17 -86.98
C ALA J 4570 -10.20 21.75 -87.33
N PHE J 4571 -9.66 20.69 -86.77
CA PHE J 4571 -8.37 20.26 -87.23
C PHE J 4571 -8.58 19.83 -88.66
N ALA J 4572 -9.83 19.56 -89.07
CA ALA J 4572 -10.01 19.27 -90.51
C ALA J 4572 -10.04 20.52 -91.35
N ILE J 4573 -11.13 21.26 -91.30
CA ILE J 4573 -11.22 22.47 -92.06
C ILE J 4573 -9.90 23.15 -92.02
N ASN J 4574 -9.11 23.21 -90.99
CA ASN J 4574 -7.85 23.98 -91.14
C ASN J 4574 -6.95 23.35 -92.21
N PHE J 4575 -6.97 22.05 -92.37
CA PHE J 4575 -6.08 21.36 -93.33
C PHE J 4575 -6.46 21.49 -94.79
N ILE J 4576 -7.77 21.62 -95.03
CA ILE J 4576 -8.31 21.90 -96.35
C ILE J 4576 -7.93 23.33 -96.80
N LEU J 4577 -7.61 24.25 -95.89
CA LEU J 4577 -7.10 25.58 -96.26
C LEU J 4577 -5.67 25.56 -96.81
N LEU J 4578 -4.84 24.56 -96.52
CA LEU J 4578 -3.48 24.50 -96.97
C LEU J 4578 -3.47 24.02 -98.38
N PHE J 4579 -4.42 24.40 -99.22
CA PHE J 4579 -4.47 24.19 -100.66
C PHE J 4579 -4.93 25.47 -101.39
N TYR J 4580 -5.15 26.57 -100.67
CA TYR J 4580 -5.36 27.87 -101.30
C TYR J 4580 -4.12 28.28 -102.11
N LYS J 4581 -4.36 28.99 -103.21
CA LYS J 4581 -3.36 29.46 -104.17
C LYS J 4581 -3.76 30.86 -104.65
N VAL J 4582 -2.85 31.62 -105.25
CA VAL J 4582 -3.19 32.93 -105.83
C VAL J 4582 -2.68 33.11 -107.24
N SER J 4583 -3.48 33.73 -108.10
CA SER J 4583 -3.15 34.03 -109.50
C SER J 4583 -3.65 35.41 -109.91
N ASP J 4584 -2.86 36.14 -110.69
CA ASP J 4584 -3.25 37.41 -111.30
C ASP J 4584 -4.24 37.24 -112.47
N SER J 4585 -4.31 36.05 -113.08
CA SER J 4585 -5.33 35.68 -114.05
C SER J 4585 -6.36 34.74 -113.39
N PRO J 4586 -7.65 35.13 -113.29
CA PRO J 4586 -8.69 34.33 -112.64
C PRO J 4586 -8.88 32.92 -113.23
N PRO J 4587 -9.52 31.99 -112.51
CA PRO J 4587 -9.83 30.63 -112.98
C PRO J 4587 -10.42 30.60 -114.39
N ASN J 4626 -7.75 42.02 -110.69
CA ASN J 4626 -6.96 41.82 -109.48
C ASN J 4626 -6.86 40.32 -109.11
N MET J 4627 -5.91 39.96 -108.25
CA MET J 4627 -5.58 38.57 -107.95
C MET J 4627 -6.68 37.80 -107.19
N VAL J 4628 -6.88 36.53 -107.55
CA VAL J 4628 -8.00 35.69 -107.08
C VAL J 4628 -7.53 34.52 -106.23
N TYR J 4629 -8.09 34.37 -105.03
CA TYR J 4629 -7.85 33.27 -104.09
C TYR J 4629 -8.65 32.01 -104.45
N TYR J 4630 -8.40 31.42 -105.62
CA TYR J 4630 -9.04 30.17 -105.99
C TYR J 4630 -8.46 28.97 -105.24
N PHE J 4631 -9.14 27.82 -105.32
CA PHE J 4631 -8.74 26.63 -104.59
C PHE J 4631 -8.01 25.63 -105.49
N LEU J 4632 -6.79 25.24 -105.13
CA LEU J 4632 -5.93 24.38 -105.96
C LEU J 4632 -5.97 22.93 -105.50
N GLU J 4633 -7.14 22.30 -105.62
CA GLU J 4633 -7.39 20.95 -105.09
C GLU J 4633 -6.47 19.87 -105.66
N GLU J 4634 -6.44 18.71 -105.00
CA GLU J 4634 -5.70 17.51 -105.42
C GLU J 4634 -6.33 16.82 -106.64
N SER J 4635 -6.39 17.54 -107.77
CA SER J 4635 -7.06 17.23 -109.03
C SER J 4635 -8.58 17.05 -108.97
N THR J 4636 -9.08 16.18 -108.08
CA THR J 4636 -10.51 15.87 -107.97
C THR J 4636 -11.31 17.01 -107.35
N GLY J 4637 -12.48 17.31 -107.94
CA GLY J 4637 -13.44 18.28 -107.45
C GLY J 4637 -14.11 18.08 -106.12
N TYR J 4638 -13.60 17.17 -105.31
CA TYR J 4638 -14.24 16.88 -104.03
C TYR J 4638 -13.74 17.72 -102.83
N MET J 4639 -13.28 18.96 -102.98
CA MET J 4639 -12.74 19.74 -101.85
C MET J 4639 -13.38 21.11 -101.74
N GLU J 4640 -13.49 21.83 -102.84
CA GLU J 4640 -14.31 23.04 -102.90
C GLU J 4640 -15.72 22.85 -102.33
N PRO J 4641 -16.37 21.67 -102.40
CA PRO J 4641 -17.69 21.58 -101.78
C PRO J 4641 -17.62 21.21 -100.30
N ALA J 4642 -16.90 20.17 -99.95
CA ALA J 4642 -16.77 19.72 -98.57
C ALA J 4642 -16.37 20.82 -97.62
N LEU J 4643 -15.48 21.71 -98.04
CA LEU J 4643 -15.19 22.89 -97.27
C LEU J 4643 -16.50 23.67 -97.14
N TRP J 4644 -17.39 23.62 -98.14
CA TRP J 4644 -18.67 24.30 -97.90
C TRP J 4644 -19.63 23.54 -96.98
N CYS J 4645 -19.46 22.24 -96.80
CA CYS J 4645 -20.31 21.56 -95.81
C CYS J 4645 -19.71 21.30 -94.43
N LEU J 4646 -18.43 21.59 -94.21
CA LEU J 4646 -17.89 21.44 -92.85
C LEU J 4646 -17.80 22.80 -92.18
N SER J 4647 -18.31 23.83 -92.80
CA SER J 4647 -18.39 25.08 -92.11
C SER J 4647 -19.75 25.16 -91.38
N LEU J 4648 -20.81 24.87 -92.09
CA LEU J 4648 -22.09 24.89 -91.42
C LEU J 4648 -22.17 23.93 -90.24
N LEU J 4649 -21.45 22.84 -90.21
CA LEU J 4649 -21.53 22.00 -89.05
C LEU J 4649 -20.77 22.74 -88.01
N HIS J 4650 -19.50 23.02 -88.18
CA HIS J 4650 -18.83 23.82 -87.16
C HIS J 4650 -19.69 24.96 -86.59
N THR J 4651 -20.75 25.41 -87.27
CA THR J 4651 -21.64 26.39 -86.52
C THR J 4651 -22.99 25.85 -85.91
N LEU J 4652 -23.25 24.55 -85.84
CA LEU J 4652 -24.36 23.89 -85.13
C LEU J 4652 -23.90 23.37 -83.77
N VAL J 4653 -22.81 22.59 -83.75
CA VAL J 4653 -22.32 22.06 -82.48
C VAL J 4653 -21.81 23.20 -81.61
N ALA J 4654 -21.35 24.29 -82.21
CA ALA J 4654 -21.00 25.48 -81.43
C ALA J 4654 -22.21 26.03 -80.71
N PHE J 4655 -23.40 25.92 -81.33
CA PHE J 4655 -24.62 26.39 -80.66
C PHE J 4655 -24.98 25.49 -79.48
N LEU J 4656 -24.80 24.18 -79.64
CA LEU J 4656 -25.03 23.27 -78.51
C LEU J 4656 -24.00 23.46 -77.41
N MET J 4657 -22.82 23.89 -77.69
CA MET J 4657 -21.94 24.01 -76.56
C MET J 4657 -22.59 25.12 -75.75
N ILE J 4658 -23.06 26.21 -76.33
CA ILE J 4658 -23.63 27.26 -75.51
C ILE J 4658 -24.92 26.83 -74.79
N ILE J 4659 -25.93 26.37 -75.53
CA ILE J 4659 -27.15 25.88 -74.89
C ILE J 4659 -26.77 24.91 -73.76
N GLY J 4660 -25.84 23.97 -73.99
CA GLY J 4660 -25.53 22.90 -73.04
C GLY J 4660 -24.94 23.40 -71.73
N TYR J 4661 -23.94 24.28 -71.79
CA TYR J 4661 -23.35 24.88 -70.59
C TYR J 4661 -24.40 25.59 -69.74
N ASN J 4662 -25.36 26.26 -70.38
CA ASN J 4662 -26.41 27.03 -69.72
C ASN J 4662 -27.36 26.16 -68.87
N CYS J 4663 -27.29 24.84 -68.94
CA CYS J 4663 -28.09 23.94 -68.12
C CYS J 4663 -27.28 22.93 -67.32
N LEU J 4664 -26.10 22.53 -67.78
CA LEU J 4664 -25.26 21.61 -67.01
C LEU J 4664 -24.52 22.30 -65.85
N LYS J 4665 -23.97 23.50 -66.08
CA LYS J 4665 -23.00 24.12 -65.15
C LYS J 4665 -23.44 25.45 -64.55
N VAL J 4666 -24.30 26.22 -65.21
CA VAL J 4666 -24.81 27.48 -64.65
C VAL J 4666 -25.57 27.34 -63.33
N PRO J 4667 -26.48 26.36 -63.11
CA PRO J 4667 -27.20 26.27 -61.85
C PRO J 4667 -26.30 26.24 -60.62
N LEU J 4668 -25.13 25.61 -60.70
CA LEU J 4668 -24.20 25.56 -59.57
C LEU J 4668 -23.44 26.87 -59.35
N VAL J 4669 -23.05 27.61 -60.39
CA VAL J 4669 -22.38 28.90 -60.18
C VAL J 4669 -23.29 29.96 -59.58
N ILE J 4670 -24.61 29.85 -59.76
CA ILE J 4670 -25.59 30.62 -59.03
C ILE J 4670 -25.69 30.15 -57.58
N PHE J 4671 -25.82 28.84 -57.32
CA PHE J 4671 -25.88 28.31 -55.96
C PHE J 4671 -24.70 28.77 -55.10
N LYS J 4672 -23.47 28.67 -55.61
CA LYS J 4672 -22.26 29.11 -54.89
C LYS J 4672 -22.27 30.60 -54.51
N ARG J 4673 -23.12 31.44 -55.11
CA ARG J 4673 -23.18 32.88 -54.86
C ARG J 4673 -24.40 33.31 -54.07
N GLU J 4674 -25.56 32.72 -54.34
CA GLU J 4674 -26.77 32.96 -53.54
C GLU J 4674 -26.59 32.51 -52.08
N LYS J 4675 -25.81 31.46 -51.85
CA LYS J 4675 -25.38 31.00 -50.53
C LYS J 4675 -24.62 32.07 -49.74
N GLU J 4676 -23.72 32.83 -50.37
CA GLU J 4676 -22.89 33.80 -49.65
C GLU J 4676 -23.72 34.93 -49.08
N LEU J 4677 -24.66 35.49 -49.85
CA LEU J 4677 -25.52 36.59 -49.42
C LEU J 4677 -26.25 36.25 -48.13
N ALA J 4678 -26.80 35.04 -48.05
CA ALA J 4678 -27.49 34.64 -46.82
C ALA J 4678 -26.54 34.59 -45.64
N ARG J 4679 -25.33 34.05 -45.84
CA ARG J 4679 -24.42 33.85 -44.73
C ARG J 4679 -23.74 35.15 -44.30
N LYS J 4680 -23.58 36.09 -45.21
CA LYS J 4680 -22.98 37.38 -44.88
C LYS J 4680 -23.99 38.37 -44.33
N LEU J 4681 -25.26 37.99 -44.22
CA LEU J 4681 -26.29 38.79 -43.58
C LEU J 4681 -26.70 38.24 -42.24
N GLU J 4682 -26.92 36.92 -42.16
CA GLU J 4682 -27.35 36.31 -40.91
C GLU J 4682 -26.32 36.48 -39.80
N PHE J 4683 -25.04 36.46 -40.13
CA PHE J 4683 -24.00 36.48 -39.11
C PHE J 4683 -23.10 37.70 -39.15
N ASP J 4684 -23.19 38.53 -40.19
CA ASP J 4684 -22.31 39.69 -40.30
C ASP J 4684 -23.12 40.98 -40.44
N GLY J 4685 -24.34 40.88 -40.95
CA GLY J 4685 -25.12 42.08 -41.19
C GLY J 4685 -24.52 42.99 -42.23
N LEU J 4686 -24.08 42.42 -43.36
CA LEU J 4686 -23.35 43.19 -44.36
C LEU J 4686 -24.16 44.41 -44.83
N TYR J 4687 -25.44 44.20 -45.12
CA TYR J 4687 -26.28 45.25 -45.66
C TYR J 4687 -27.16 45.90 -44.60
N ILE J 4688 -26.90 45.61 -43.34
CA ILE J 4688 -27.63 46.20 -42.23
C ILE J 4688 -26.72 47.11 -41.40
N THR J 4689 -25.56 46.61 -41.00
CA THR J 4689 -24.67 47.35 -40.11
C THR J 4689 -23.71 48.25 -40.88
N GLU J 4690 -23.02 47.71 -41.88
CA GLU J 4690 -21.97 48.46 -42.58
C GLU J 4690 -22.28 48.53 -44.08
N GLN J 4691 -21.29 49.01 -44.84
CA GLN J 4691 -21.27 49.06 -46.29
C GLN J 4691 -20.23 48.07 -46.82
N PRO J 4692 -20.49 47.41 -47.96
CA PRO J 4692 -19.73 46.20 -48.31
C PRO J 4692 -18.22 46.37 -48.40
N GLY J 4693 -17.76 47.15 -49.37
CA GLY J 4693 -16.36 47.52 -49.45
C GLY J 4693 -16.17 48.95 -49.91
N ASP J 4694 -17.25 49.53 -50.46
CA ASP J 4694 -17.27 50.88 -51.02
C ASP J 4694 -16.37 50.94 -52.25
N ASP J 4695 -15.71 49.83 -52.59
CA ASP J 4695 -14.83 49.81 -53.75
C ASP J 4695 -15.03 48.58 -54.65
N ASP J 4696 -15.49 47.48 -54.07
CA ASP J 4696 -15.61 46.24 -54.84
C ASP J 4696 -16.76 46.33 -55.85
N VAL J 4697 -16.82 45.32 -56.71
CA VAL J 4697 -17.85 45.23 -57.74
C VAL J 4697 -18.85 44.11 -57.44
N LYS J 4698 -18.37 42.96 -56.98
CA LYS J 4698 -19.27 41.87 -56.60
C LYS J 4698 -19.62 41.94 -55.11
N GLY J 4699 -19.97 43.14 -54.67
CA GLY J 4699 -20.45 43.37 -53.32
C GLY J 4699 -21.56 44.40 -53.28
N GLN J 4700 -21.78 45.08 -54.41
CA GLN J 4700 -22.86 46.05 -54.53
C GLN J 4700 -23.73 45.83 -55.76
N TRP J 4701 -23.26 45.13 -56.79
CA TRP J 4701 -24.15 44.72 -57.87
C TRP J 4701 -25.25 43.80 -57.36
N ASP J 4702 -24.96 43.02 -56.32
CA ASP J 4702 -25.96 42.15 -55.70
C ASP J 4702 -26.88 42.90 -54.74
N ARG J 4703 -26.74 44.22 -54.60
CA ARG J 4703 -27.74 44.99 -53.88
C ARG J 4703 -29.06 45.07 -54.63
N LEU J 4704 -29.10 44.57 -55.87
CA LEU J 4704 -30.29 44.68 -56.71
C LEU J 4704 -31.22 43.48 -56.59
N VAL J 4705 -30.92 42.51 -55.73
CA VAL J 4705 -31.72 41.29 -55.65
C VAL J 4705 -32.52 41.20 -54.35
N LEU J 4706 -32.10 41.85 -53.28
CA LEU J 4706 -32.76 41.66 -51.99
C LEU J 4706 -34.22 42.09 -52.01
N ASN J 4707 -34.56 43.09 -52.84
CA ASN J 4707 -35.92 43.62 -52.85
C ASN J 4707 -36.92 42.70 -53.55
N THR J 4708 -36.46 41.83 -54.45
CA THR J 4708 -37.44 41.02 -55.16
C THR J 4708 -37.96 39.90 -54.26
N PRO J 4709 -39.24 39.52 -54.41
CA PRO J 4709 -39.78 38.43 -53.59
C PRO J 4709 -39.51 37.05 -54.18
N SER J 4710 -38.28 36.82 -54.64
CA SER J 4710 -37.87 35.51 -55.12
C SER J 4710 -36.41 35.21 -54.81
N PHE J 4711 -35.87 35.83 -53.75
CA PHE J 4711 -34.45 35.69 -53.46
C PHE J 4711 -34.01 34.25 -53.26
N PRO J 4712 -34.66 33.43 -52.41
CA PRO J 4712 -34.16 32.05 -52.27
C PRO J 4712 -34.67 31.12 -53.38
N SER J 4713 -34.05 31.17 -54.56
CA SER J 4713 -34.49 30.34 -55.72
C SER J 4713 -33.78 29.00 -55.85
N ASN J 4714 -32.54 28.86 -55.34
CA ASN J 4714 -31.73 27.64 -55.48
C ASN J 4714 -31.07 27.17 -54.17
N TYR J 4715 -30.76 28.07 -53.23
CA TYR J 4715 -30.02 27.79 -52.00
C TYR J 4715 -30.76 26.93 -50.95
N TRP J 4716 -31.80 26.18 -51.31
CA TRP J 4716 -32.69 25.39 -50.42
C TRP J 4716 -33.46 26.18 -49.34
N ASP J 4717 -32.85 27.16 -48.69
CA ASP J 4717 -33.34 27.88 -47.51
C ASP J 4717 -34.26 29.05 -47.87
N LYS J 4718 -35.49 28.74 -48.33
CA LYS J 4718 -36.54 29.65 -48.70
C LYS J 4718 -37.14 30.31 -47.51
N PHE J 4719 -36.31 30.86 -46.64
CA PHE J 4719 -36.79 31.60 -45.50
C PHE J 4719 -35.61 32.43 -45.07
N VAL J 4720 -34.71 32.71 -45.98
CA VAL J 4720 -33.54 33.45 -45.64
C VAL J 4720 -33.94 34.89 -45.51
N LYS J 4721 -35.20 35.13 -45.29
CA LYS J 4721 -35.69 36.50 -45.25
C LYS J 4721 -36.52 36.80 -44.01
N ARG J 4722 -37.01 35.77 -43.32
CA ARG J 4722 -37.81 35.95 -42.12
C ARG J 4722 -37.00 35.84 -40.83
N LYS J 4723 -36.00 34.97 -40.80
CA LYS J 4723 -35.18 34.75 -39.62
C LYS J 4723 -33.98 35.69 -39.54
N VAL J 4724 -33.72 36.50 -40.56
CA VAL J 4724 -32.86 37.66 -40.36
C VAL J 4724 -33.68 38.81 -39.78
N LEU J 4725 -34.98 38.88 -40.12
CA LEU J 4725 -35.85 39.92 -39.59
C LEU J 4725 -35.93 39.88 -38.07
N ASP J 4726 -35.69 38.73 -37.47
CA ASP J 4726 -35.86 38.56 -36.03
C ASP J 4726 -34.57 38.69 -35.24
N LYS J 4727 -33.42 38.36 -35.82
CA LYS J 4727 -32.17 38.51 -35.09
C LYS J 4727 -31.84 39.98 -34.89
N HIS J 4728 -31.61 40.72 -35.99
CA HIS J 4728 -31.37 42.14 -35.89
C HIS J 4728 -32.60 42.81 -35.32
N GLY J 4729 -33.68 42.81 -36.10
CA GLY J 4729 -35.00 43.13 -35.57
C GLY J 4729 -35.09 44.42 -34.77
N ASP J 4730 -35.23 44.26 -33.46
CA ASP J 4730 -35.54 45.39 -32.58
C ASP J 4730 -34.44 46.44 -32.57
N ILE J 4731 -33.17 46.01 -32.55
CA ILE J 4731 -32.08 46.97 -32.43
C ILE J 4731 -32.03 47.89 -33.64
N PHE J 4732 -32.42 47.40 -34.80
CA PHE J 4732 -32.49 48.23 -35.99
C PHE J 4732 -33.94 48.65 -36.21
N GLY J 4733 -34.19 49.36 -37.30
CA GLY J 4733 -35.56 49.76 -37.60
C GLY J 4733 -36.41 48.58 -38.02
N ARG J 4734 -37.32 48.14 -37.15
CA ARG J 4734 -38.20 47.03 -37.50
C ARG J 4734 -39.10 47.38 -38.67
N GLU J 4735 -39.58 48.63 -38.71
CA GLU J 4735 -40.47 49.05 -39.78
C GLU J 4735 -39.75 49.39 -41.07
N ARG J 4736 -38.42 49.55 -41.04
CA ARG J 4736 -37.70 49.89 -42.27
C ARG J 4736 -36.97 48.72 -42.90
N ILE J 4737 -36.53 47.73 -42.11
CA ILE J 4737 -36.01 46.50 -42.72
C ILE J 4737 -37.14 45.63 -43.25
N ALA J 4738 -38.39 45.98 -42.95
CA ALA J 4738 -39.53 45.27 -43.50
C ALA J 4738 -39.67 45.49 -45.01
N GLU J 4739 -39.05 46.53 -45.56
CA GLU J 4739 -39.12 46.78 -47.00
C GLU J 4739 -37.78 46.76 -47.70
N LEU J 4740 -36.68 47.09 -47.01
CA LEU J 4740 -35.40 47.09 -47.70
C LEU J 4740 -34.93 45.69 -48.05
N LEU J 4741 -35.41 44.67 -47.34
CA LEU J 4741 -35.37 43.28 -47.82
C LEU J 4741 -36.67 42.90 -48.51
N GLY J 4742 -37.13 43.71 -49.46
CA GLY J 4742 -38.40 43.45 -50.12
C GLY J 4742 -39.50 43.04 -49.17
N MET J 4743 -40.25 42.00 -49.53
CA MET J 4743 -41.19 41.30 -48.66
C MET J 4743 -42.15 42.28 -47.96
N ASP J 4744 -42.85 43.08 -48.76
CA ASP J 4744 -43.77 44.07 -48.24
C ASP J 4744 -44.95 43.41 -47.52
N LEU J 4745 -45.69 44.23 -46.77
CA LEU J 4745 -46.80 43.81 -45.92
C LEU J 4745 -46.35 42.94 -44.76
N ALA J 4746 -45.04 42.85 -44.52
CA ALA J 4746 -44.53 41.99 -43.45
C ALA J 4746 -45.00 42.47 -42.09
N SER J 4747 -44.90 43.77 -41.83
CA SER J 4747 -45.25 44.29 -40.50
C SER J 4747 -46.75 44.19 -40.24
N LEU J 4748 -47.56 44.19 -41.30
CA LEU J 4748 -49.01 44.06 -41.15
C LEU J 4748 -49.47 42.61 -41.32
N GLU J 4749 -49.21 42.01 -42.47
CA GLU J 4749 -49.63 40.64 -42.75
C GLU J 4749 -48.48 39.66 -42.52
N ILE J 4750 -48.04 39.57 -41.27
CA ILE J 4750 -46.99 38.63 -40.91
C ILE J 4750 -47.55 37.21 -40.81
N THR J 4751 -48.52 37.02 -39.92
CA THR J 4751 -49.16 35.72 -39.72
C THR J 4751 -50.39 35.53 -40.59
N ALA J 4752 -50.48 36.26 -41.71
CA ALA J 4752 -51.63 36.12 -42.60
C ALA J 4752 -51.76 34.70 -43.14
N HIS J 4753 -50.64 34.00 -43.33
CA HIS J 4753 -50.65 32.61 -43.79
C HIS J 4753 -50.93 31.69 -42.60
N ASN J 4754 -52.16 31.79 -42.10
CA ASN J 4754 -52.57 31.00 -40.94
C ASN J 4754 -53.86 30.23 -41.23
N GLU J 4755 -54.72 30.79 -42.07
CA GLU J 4755 -56.01 30.16 -42.38
C GLU J 4755 -55.82 28.81 -43.05
N ARG J 4756 -55.25 28.79 -44.25
CA ARG J 4756 -55.07 27.57 -45.04
C ARG J 4756 -54.17 27.91 -46.22
N LYS J 4757 -54.00 26.95 -47.13
CA LYS J 4757 -53.20 27.12 -48.33
C LYS J 4757 -54.11 27.13 -49.55
N PRO J 4758 -54.08 28.18 -50.37
CA PRO J 4758 -54.94 28.23 -51.56
C PRO J 4758 -54.31 27.46 -52.71
N ASP J 4759 -55.05 27.39 -53.82
CA ASP J 4759 -54.60 26.70 -55.01
C ASP J 4759 -54.23 27.69 -56.10
N PRO J 4760 -53.19 27.40 -56.88
CA PRO J 4760 -52.79 28.32 -57.95
C PRO J 4760 -53.62 28.08 -59.21
N PRO J 4761 -53.89 29.13 -59.99
CA PRO J 4761 -54.68 28.95 -61.21
C PRO J 4761 -53.79 28.59 -62.38
N PRO J 4762 -54.07 27.47 -63.05
CA PRO J 4762 -53.30 27.12 -64.25
C PRO J 4762 -53.63 28.07 -65.41
N GLY J 4763 -52.88 27.90 -66.50
CA GLY J 4763 -53.10 28.71 -67.68
C GLY J 4763 -51.94 28.60 -68.63
N LEU J 4764 -51.99 29.45 -69.66
CA LEU J 4764 -50.94 29.53 -70.66
C LEU J 4764 -51.01 30.90 -71.32
N LEU J 4765 -50.04 31.18 -72.20
CA LEU J 4765 -49.96 32.44 -72.93
C LEU J 4765 -49.80 33.63 -71.99
N THR J 4766 -50.81 33.89 -71.16
CA THR J 4766 -50.75 34.98 -70.21
C THR J 4766 -49.73 34.78 -69.11
N TRP J 4767 -49.19 33.56 -68.96
CA TRP J 4767 -48.18 33.31 -67.93
C TRP J 4767 -46.86 34.03 -68.20
N LEU J 4768 -46.67 34.57 -69.39
CA LEU J 4768 -45.41 35.23 -69.73
C LEU J 4768 -45.25 36.60 -69.08
N MET J 4769 -46.15 37.01 -68.19
CA MET J 4769 -45.95 38.24 -67.43
C MET J 4769 -45.43 37.98 -66.01
N SER J 4770 -45.59 36.75 -65.51
CA SER J 4770 -45.10 36.39 -64.17
C SER J 4770 -43.59 36.18 -64.20
N ILE J 4771 -42.88 37.25 -64.58
CA ILE J 4771 -41.42 37.26 -64.64
C ILE J 4771 -40.93 38.36 -63.71
N ASP J 4772 -40.21 37.98 -62.66
CA ASP J 4772 -39.62 38.94 -61.75
C ASP J 4772 -38.39 39.59 -62.39
N VAL J 4773 -38.64 40.41 -63.41
CA VAL J 4773 -37.63 40.94 -64.32
C VAL J 4773 -36.40 41.47 -63.56
N LYS J 4774 -36.62 42.04 -62.37
CA LYS J 4774 -35.50 42.60 -61.62
C LYS J 4774 -34.52 41.51 -61.20
N TYR J 4775 -34.98 40.34 -60.77
CA TYR J 4775 -34.08 39.24 -60.43
C TYR J 4775 -33.33 38.76 -61.67
N GLN J 4776 -33.97 38.72 -62.84
CA GLN J 4776 -33.27 38.24 -64.03
C GLN J 4776 -32.08 39.11 -64.38
N ILE J 4777 -32.21 40.44 -64.23
CA ILE J 4777 -31.10 41.33 -64.53
C ILE J 4777 -29.89 40.99 -63.67
N TRP J 4778 -30.13 40.67 -62.40
CA TRP J 4778 -29.06 40.32 -61.47
C TRP J 4778 -28.33 39.07 -61.93
N LYS J 4779 -29.03 37.94 -62.11
CA LYS J 4779 -28.34 36.73 -62.57
C LYS J 4779 -27.74 36.91 -63.95
N PHE J 4780 -28.40 37.66 -64.83
CA PHE J 4780 -27.85 37.93 -66.15
C PHE J 4780 -26.79 39.01 -66.13
N GLY J 4781 -26.28 39.34 -64.93
CA GLY J 4781 -25.15 40.23 -64.79
C GLY J 4781 -24.03 39.53 -64.05
N VAL J 4782 -24.30 38.30 -63.58
CA VAL J 4782 -23.37 37.42 -62.87
C VAL J 4782 -22.77 36.44 -63.85
N ILE J 4783 -23.57 35.74 -64.67
CA ILE J 4783 -23.02 34.73 -65.59
C ILE J 4783 -22.08 35.34 -66.65
N PHE J 4784 -22.27 36.60 -67.03
CA PHE J 4784 -21.41 37.31 -67.98
C PHE J 4784 -20.10 37.76 -67.35
N THR J 4785 -19.84 37.40 -66.09
CA THR J 4785 -18.56 37.66 -65.46
C THR J 4785 -17.72 36.42 -65.26
N ASP J 4786 -18.32 35.22 -65.38
CA ASP J 4786 -17.65 33.93 -65.23
C ASP J 4786 -16.66 33.70 -66.36
N ASN J 4787 -15.42 33.29 -66.08
CA ASN J 4787 -14.41 33.11 -67.12
C ASN J 4787 -14.84 32.06 -68.14
N SER J 4788 -15.70 31.09 -67.79
CA SER J 4788 -16.19 30.08 -68.74
C SER J 4788 -17.12 30.60 -69.85
N PHE J 4789 -18.13 31.45 -69.60
CA PHE J 4789 -19.14 31.80 -70.59
C PHE J 4789 -18.61 32.98 -71.25
N LEU J 4790 -17.32 33.00 -71.48
CA LEU J 4790 -16.79 34.08 -72.27
C LEU J 4790 -15.64 33.48 -72.97
N TYR J 4791 -15.47 32.18 -72.88
CA TYR J 4791 -14.47 31.52 -73.69
C TYR J 4791 -15.43 30.75 -74.43
N SER J 4792 -16.70 30.69 -74.09
CA SER J 4792 -17.64 30.03 -75.00
C SER J 4792 -18.22 31.03 -75.93
N GLY J 4793 -18.24 32.28 -75.58
CA GLY J 4793 -18.70 33.29 -76.51
C GLY J 4793 -17.72 33.48 -77.66
N TRP J 4794 -16.44 33.49 -77.37
CA TRP J 4794 -15.48 33.74 -78.42
C TRP J 4794 -15.30 32.50 -79.18
N TYR J 4795 -16.17 31.52 -79.09
CA TYR J 4795 -16.01 30.41 -80.02
C TYR J 4795 -17.04 30.76 -81.00
N MET J 4796 -18.20 31.13 -80.54
CA MET J 4796 -19.29 31.41 -81.46
C MET J 4796 -18.97 32.56 -82.35
N VAL J 4797 -18.43 33.66 -81.89
CA VAL J 4797 -18.23 34.75 -82.83
C VAL J 4797 -16.98 34.67 -83.68
N MET J 4798 -16.29 33.53 -83.65
CA MET J 4798 -15.17 33.33 -84.54
C MET J 4798 -15.80 32.55 -85.64
N SER J 4799 -16.72 31.64 -85.38
CA SER J 4799 -17.25 30.84 -86.46
C SER J 4799 -18.22 31.59 -87.39
N LEU J 4800 -19.05 32.41 -86.80
CA LEU J 4800 -19.95 33.16 -87.62
C LEU J 4800 -19.11 34.06 -88.46
N LEU J 4801 -17.97 34.51 -87.95
CA LEU J 4801 -17.15 35.46 -88.71
C LEU J 4801 -16.47 34.68 -89.80
N GLY J 4802 -15.98 33.50 -89.51
CA GLY J 4802 -15.40 32.65 -90.49
C GLY J 4802 -16.32 32.52 -91.64
N HIS J 4803 -17.61 32.49 -91.40
CA HIS J 4803 -18.48 32.48 -92.61
C HIS J 4803 -18.23 33.69 -93.51
N TYR J 4804 -17.36 34.62 -93.12
CA TYR J 4804 -17.01 35.76 -93.98
C TYR J 4804 -15.60 35.78 -94.66
N ASN J 4805 -14.63 34.98 -94.22
CA ASN J 4805 -13.34 34.96 -94.88
C ASN J 4805 -12.73 33.57 -94.90
N ASN J 4806 -13.47 32.59 -94.40
CA ASN J 4806 -13.02 31.22 -94.16
C ASN J 4806 -11.64 30.99 -93.71
N PHE J 4807 -10.89 31.97 -93.21
CA PHE J 4807 -9.55 31.79 -92.64
C PHE J 4807 -9.61 32.00 -91.15
N PHE J 4808 -10.70 32.56 -90.63
CA PHE J 4808 -10.81 32.83 -89.25
C PHE J 4808 -11.11 31.57 -88.54
N PHE J 4809 -11.18 30.49 -89.29
CA PHE J 4809 -11.49 29.24 -88.68
C PHE J 4809 -10.19 28.70 -88.13
N ALA J 4810 -9.03 29.34 -88.35
CA ALA J 4810 -7.71 29.06 -87.73
C ALA J 4810 -7.61 29.11 -86.19
N ALA J 4811 -8.41 29.92 -85.50
CA ALA J 4811 -8.32 30.12 -84.06
C ALA J 4811 -8.62 28.86 -83.21
N HIS J 4812 -9.10 27.80 -83.83
CA HIS J 4812 -9.46 26.61 -83.06
C HIS J 4812 -8.29 25.65 -83.05
N LEU J 4813 -7.43 25.77 -84.02
CA LEU J 4813 -6.26 24.98 -83.91
C LEU J 4813 -5.73 25.39 -82.55
N LEU J 4814 -6.18 26.54 -82.02
CA LEU J 4814 -5.64 27.06 -80.74
C LEU J 4814 -6.46 26.77 -79.52
N ASP J 4815 -7.13 25.64 -79.49
CA ASP J 4815 -7.83 25.29 -78.30
C ASP J 4815 -7.21 24.02 -77.87
N ILE J 4816 -6.53 23.34 -78.78
CA ILE J 4816 -5.79 22.18 -78.40
C ILE J 4816 -5.15 22.50 -77.07
N ALA J 4817 -4.37 23.55 -77.02
CA ALA J 4817 -3.70 23.93 -75.80
C ALA J 4817 -4.66 24.49 -74.85
N MET J 4818 -5.62 23.69 -74.45
CA MET J 4818 -6.60 24.12 -73.50
C MET J 4818 -7.35 22.84 -73.18
N GLU J 4819 -7.00 21.74 -73.86
CA GLU J 4819 -7.59 20.44 -73.59
C GLU J 4819 -6.42 19.57 -73.20
N VAL J 4820 -6.08 18.57 -73.99
CA VAL J 4820 -4.96 17.71 -73.71
C VAL J 4820 -4.39 17.86 -72.28
N LYS J 4821 -4.96 17.19 -71.28
CA LYS J 4821 -4.56 17.39 -69.89
C LYS J 4821 -3.09 17.77 -69.73
N THR J 4822 -2.21 17.13 -70.51
CA THR J 4822 -0.78 17.41 -70.38
C THR J 4822 -0.46 18.86 -70.76
N LEU J 4823 -1.01 19.34 -71.88
CA LEU J 4823 -0.66 20.67 -72.36
C LEU J 4823 -1.07 21.77 -71.38
N ARG J 4824 -2.03 21.48 -70.56
CA ARG J 4824 -2.38 22.51 -69.70
C ARG J 4824 -1.22 22.57 -68.76
N THR J 4825 -0.70 21.49 -68.26
CA THR J 4825 0.39 21.62 -67.26
C THR J 4825 1.58 22.54 -67.63
N ILE J 4826 2.10 22.37 -68.86
CA ILE J 4826 3.26 23.06 -69.43
C ILE J 4826 2.98 24.55 -69.47
N LEU J 4827 1.80 24.90 -69.96
CA LEU J 4827 1.44 26.26 -70.19
C LEU J 4827 1.19 26.85 -68.85
N SER J 4828 0.64 26.09 -67.92
CA SER J 4828 0.42 26.57 -66.56
C SER J 4828 1.71 26.99 -65.97
N SER J 4829 2.77 26.19 -66.13
CA SER J 4829 4.12 26.51 -65.66
C SER J 4829 4.66 27.82 -66.24
N VAL J 4830 4.44 28.09 -67.53
CA VAL J 4830 4.78 29.39 -68.14
C VAL J 4830 3.99 30.53 -67.49
N THR J 4831 2.65 30.44 -67.44
CA THR J 4831 1.83 31.56 -66.96
C THR J 4831 1.98 31.86 -65.53
N HIS J 4832 2.20 30.86 -64.66
CA HIS J 4832 2.44 31.03 -63.21
C HIS J 4832 3.47 32.11 -62.82
N ASN J 4833 4.71 32.05 -63.31
CA ASN J 4833 5.66 33.16 -63.21
C ASN J 4833 5.42 34.16 -64.36
N GLY J 4834 4.42 35.06 -64.27
CA GLY J 4834 4.02 35.84 -65.41
C GLY J 4834 4.07 37.32 -65.23
N LYS J 4835 4.19 37.79 -64.00
CA LYS J 4835 4.41 39.19 -63.79
C LYS J 4835 5.88 39.30 -63.85
N GLN J 4836 6.63 38.48 -63.13
CA GLN J 4836 8.09 38.43 -63.23
C GLN J 4836 8.61 38.31 -64.70
N LEU J 4837 7.88 37.65 -65.61
CA LEU J 4837 8.16 37.76 -67.06
C LEU J 4837 7.79 39.11 -67.69
N VAL J 4838 6.61 39.69 -67.47
CA VAL J 4838 6.30 40.96 -68.13
C VAL J 4838 7.23 42.06 -67.63
N MET J 4839 7.47 42.18 -66.33
CA MET J 4839 8.32 43.27 -65.88
C MET J 4839 9.78 43.13 -66.26
N THR J 4840 10.28 41.91 -66.49
CA THR J 4840 11.65 41.74 -66.98
C THR J 4840 11.77 42.07 -68.46
N VAL J 4841 10.72 41.84 -69.28
CA VAL J 4841 10.76 42.37 -70.65
C VAL J 4841 10.72 43.87 -70.51
N GLY J 4842 10.08 44.37 -69.46
CA GLY J 4842 10.11 45.81 -69.24
C GLY J 4842 11.52 46.27 -69.06
N LEU J 4843 12.13 45.98 -67.93
CA LEU J 4843 13.54 46.32 -67.69
C LEU J 4843 14.34 46.29 -68.93
N LEU J 4844 13.99 45.48 -69.92
CA LEU J 4844 14.76 45.64 -71.17
C LEU J 4844 14.45 47.02 -71.73
N ALA J 4845 13.37 47.26 -72.42
CA ALA J 4845 13.04 48.53 -73.04
C ALA J 4845 13.88 49.67 -72.46
N VAL J 4846 14.08 49.75 -71.15
CA VAL J 4846 14.81 50.86 -70.53
C VAL J 4846 16.34 50.74 -70.64
N VAL J 4847 16.84 49.52 -70.65
CA VAL J 4847 18.29 49.38 -70.77
C VAL J 4847 18.77 49.85 -72.15
N VAL J 4848 18.06 49.46 -73.20
CA VAL J 4848 18.36 49.88 -74.58
C VAL J 4848 18.01 51.34 -74.82
N TYR J 4849 17.17 51.95 -73.99
CA TYR J 4849 17.04 53.41 -73.99
C TYR J 4849 18.35 54.08 -73.56
N LEU J 4850 19.00 53.66 -72.47
CA LEU J 4850 20.31 54.22 -72.11
C LEU J 4850 21.36 54.03 -73.20
N TYR J 4851 21.43 52.87 -73.86
CA TYR J 4851 22.32 52.70 -75.00
C TYR J 4851 21.95 53.60 -76.18
N THR J 4852 20.67 53.91 -76.39
CA THR J 4852 20.26 54.83 -77.45
C THR J 4852 20.71 56.26 -77.17
N VAL J 4853 20.54 56.76 -75.95
CA VAL J 4853 20.97 58.12 -75.60
C VAL J 4853 22.49 58.27 -75.76
N VAL J 4854 23.28 57.27 -75.35
CA VAL J 4854 24.74 57.30 -75.56
C VAL J 4854 25.12 57.22 -77.04
N ALA J 4855 24.44 56.41 -77.85
CA ALA J 4855 24.71 56.39 -79.29
C ALA J 4855 24.44 57.74 -79.95
N PHE J 4856 23.27 58.33 -79.69
CA PHE J 4856 22.85 59.59 -80.32
C PHE J 4856 23.75 60.78 -79.96
N ASN J 4857 24.23 60.87 -78.72
CA ASN J 4857 25.10 61.96 -78.26
C ASN J 4857 26.58 61.81 -78.66
N PHE J 4858 27.03 60.71 -79.25
CA PHE J 4858 28.47 60.49 -79.55
C PHE J 4858 28.74 59.76 -80.86
N PHE J 4859 28.26 58.53 -81.02
CA PHE J 4859 28.75 57.59 -82.02
C PHE J 4859 28.05 57.65 -83.38
N ARG J 4860 27.13 58.59 -83.63
CA ARG J 4860 26.25 58.54 -84.81
C ARG J 4860 26.93 58.47 -86.18
N LYS J 4861 28.19 58.89 -86.32
CA LYS J 4861 28.95 58.74 -87.57
C LYS J 4861 29.25 57.29 -87.98
N PHE J 4862 29.18 56.32 -87.05
CA PHE J 4862 29.43 54.91 -87.34
C PHE J 4862 28.24 54.16 -87.95
N TYR J 4863 27.03 54.70 -87.87
CA TYR J 4863 25.84 54.09 -88.47
C TYR J 4863 25.79 54.41 -89.97
N ASN J 4864 25.26 53.50 -90.79
CA ASN J 4864 25.18 53.66 -92.24
C ASN J 4864 24.17 52.65 -92.83
N LYS J 4865 23.76 52.85 -94.08
CA LYS J 4865 22.77 52.00 -94.75
C LYS J 4865 22.98 51.78 -96.26
N SER J 4866 23.99 52.39 -96.89
CA SER J 4866 24.22 52.25 -98.34
C SER J 4866 25.68 52.49 -98.74
N GLU J 4867 26.09 51.89 -99.86
CA GLU J 4867 27.36 52.17 -100.55
C GLU J 4867 27.25 53.24 -101.66
N ASP J 4868 26.06 53.78 -101.92
CA ASP J 4868 25.77 54.64 -103.08
C ASP J 4868 26.35 56.05 -103.06
N GLU J 4869 27.17 56.42 -102.07
CA GLU J 4869 27.69 57.78 -101.84
C GLU J 4869 26.60 58.85 -101.58
N ASP J 4870 27.02 60.06 -101.21
CA ASP J 4870 26.16 61.14 -100.69
C ASP J 4870 25.44 60.85 -99.36
N GLU J 4871 25.87 59.82 -98.62
CA GLU J 4871 25.43 59.47 -97.28
C GLU J 4871 23.91 59.37 -97.01
N PRO J 4872 23.11 58.68 -97.85
CA PRO J 4872 21.69 58.48 -97.59
C PRO J 4872 21.44 57.50 -96.43
N ASP J 4873 20.27 57.60 -95.80
CA ASP J 4873 19.80 56.69 -94.76
C ASP J 4873 20.69 56.58 -93.51
N MET J 4874 21.22 57.69 -93.00
CA MET J 4874 21.93 57.71 -91.71
C MET J 4874 20.94 57.49 -90.57
N LYS J 4875 20.95 56.29 -89.95
CA LYS J 4875 19.89 55.81 -89.06
C LYS J 4875 19.81 56.48 -87.69
N CYS J 4876 20.66 57.46 -87.42
CA CYS J 4876 20.70 58.21 -86.16
C CYS J 4876 20.40 59.71 -86.32
N ASP J 4877 19.97 60.18 -87.49
CA ASP J 4877 19.64 61.60 -87.68
C ASP J 4877 18.43 62.06 -86.84
N ASP J 4878 17.65 61.12 -86.30
CA ASP J 4878 16.57 61.39 -85.37
C ASP J 4878 16.57 60.38 -84.23
N MET J 4879 16.27 60.82 -83.01
CA MET J 4879 15.75 59.92 -81.98
C MET J 4879 14.40 59.35 -82.42
N MET J 4880 13.95 58.28 -81.77
CA MET J 4880 12.78 57.47 -82.17
C MET J 4880 12.95 56.70 -83.50
N THR J 4881 13.68 57.23 -84.49
CA THR J 4881 14.24 56.42 -85.59
C THR J 4881 15.38 55.56 -85.06
N CYS J 4882 16.30 56.14 -84.29
CA CYS J 4882 17.43 55.43 -83.73
C CYS J 4882 17.02 54.33 -82.73
N TYR J 4883 15.99 54.59 -81.91
CA TYR J 4883 15.45 53.62 -80.95
C TYR J 4883 14.78 52.40 -81.63
N LEU J 4884 14.66 52.38 -82.96
CA LEU J 4884 14.04 51.28 -83.69
C LEU J 4884 15.06 50.80 -84.69
N PHE J 4885 16.32 50.82 -84.30
CA PHE J 4885 17.38 50.09 -84.94
C PHE J 4885 17.90 49.15 -83.86
N HIS J 4886 18.08 49.70 -82.66
CA HIS J 4886 18.26 48.96 -81.43
C HIS J 4886 17.15 47.97 -81.02
N MET J 4887 16.01 47.73 -81.73
CA MET J 4887 15.24 46.55 -81.36
C MET J 4887 15.03 45.57 -82.51
N TYR J 4888 14.85 46.06 -83.74
CA TYR J 4888 14.66 45.15 -84.87
C TYR J 4888 15.99 44.51 -85.26
N VAL J 4889 17.07 45.28 -85.24
CA VAL J 4889 18.41 44.79 -85.58
C VAL J 4889 19.33 44.93 -84.36
N GLY J 4890 18.74 45.15 -83.19
CA GLY J 4890 19.45 45.43 -81.96
C GLY J 4890 19.51 44.17 -81.11
N VAL J 4891 18.61 44.04 -80.14
CA VAL J 4891 18.54 42.89 -79.24
C VAL J 4891 18.47 41.59 -80.04
N ARG J 4892 18.08 41.68 -81.30
CA ARG J 4892 18.07 40.52 -82.19
C ARG J 4892 19.50 40.09 -82.51
N ALA J 4893 19.62 39.12 -83.40
CA ALA J 4893 20.90 38.51 -83.75
C ALA J 4893 21.53 37.87 -82.51
N GLY J 4894 22.83 37.60 -82.56
CA GLY J 4894 23.48 36.95 -81.45
C GLY J 4894 24.86 37.47 -81.12
N GLY J 4895 25.16 38.66 -81.66
CA GLY J 4895 26.40 39.35 -81.37
C GLY J 4895 26.26 40.80 -80.88
N GLY J 4896 25.32 41.58 -81.35
CA GLY J 4896 25.16 42.90 -80.83
C GLY J 4896 25.40 44.00 -81.81
N ILE J 4897 24.89 45.20 -81.55
CA ILE J 4897 25.12 46.31 -82.42
C ILE J 4897 26.56 46.32 -82.35
N GLY J 4898 27.17 45.68 -83.31
CA GLY J 4898 28.59 45.60 -83.35
C GLY J 4898 28.64 44.91 -84.65
N ASP J 4899 27.56 44.22 -84.96
CA ASP J 4899 27.46 43.57 -86.25
C ASP J 4899 26.36 44.25 -87.00
N GLU J 4900 26.56 45.51 -87.35
CA GLU J 4900 25.56 46.29 -88.04
C GLU J 4900 25.85 47.75 -87.74
N ILE J 4901 27.09 48.17 -87.87
CA ILE J 4901 27.43 49.51 -87.48
C ILE J 4901 28.88 49.71 -87.77
N GLU J 4902 29.32 49.55 -89.01
CA GLU J 4902 30.73 49.72 -89.44
C GLU J 4902 31.81 49.29 -88.46
N ASP J 4903 33.07 49.45 -88.83
CA ASP J 4903 34.14 48.93 -87.97
C ASP J 4903 34.96 50.04 -87.42
N PRO J 4904 35.61 49.76 -86.30
CA PRO J 4904 36.27 50.97 -85.76
C PRO J 4904 37.74 50.73 -85.41
N ALA J 4905 38.52 50.49 -86.47
CA ALA J 4905 39.95 50.25 -86.41
C ALA J 4905 40.80 51.52 -86.57
N GLY J 4906 40.27 52.59 -87.19
CA GLY J 4906 41.04 53.77 -87.54
C GLY J 4906 41.09 54.81 -86.46
N ASP J 4907 41.39 54.39 -85.25
CA ASP J 4907 41.55 55.34 -84.19
C ASP J 4907 40.47 56.35 -83.98
N GLU J 4908 40.75 57.29 -83.09
CA GLU J 4908 39.79 58.31 -82.77
C GLU J 4908 38.58 57.60 -82.28
N TYR J 4909 38.36 57.58 -80.95
CA TYR J 4909 37.26 56.85 -80.31
C TYR J 4909 37.23 55.38 -80.79
N GLU J 4910 38.26 54.59 -80.46
CA GLU J 4910 38.27 53.22 -80.86
C GLU J 4910 37.99 52.53 -79.63
N LEU J 4911 38.85 52.67 -78.66
CA LEU J 4911 38.66 51.92 -77.45
C LEU J 4911 37.47 52.46 -76.74
N TYR J 4912 36.69 53.43 -77.26
CA TYR J 4912 35.36 53.76 -76.74
C TYR J 4912 34.27 52.94 -77.42
N ARG J 4913 34.47 52.44 -78.64
CA ARG J 4913 33.61 51.45 -79.29
C ARG J 4913 33.76 50.05 -78.71
N VAL J 4914 34.97 49.52 -78.48
CA VAL J 4914 35.07 48.14 -77.99
C VAL J 4914 34.50 48.02 -76.58
N VAL J 4915 34.76 49.02 -75.72
CA VAL J 4915 34.19 48.99 -74.39
C VAL J 4915 32.68 49.16 -74.45
N PHE J 4916 32.15 49.93 -75.42
CA PHE J 4916 30.70 50.11 -75.58
C PHE J 4916 30.02 48.84 -76.09
N ASP J 4917 30.73 47.98 -76.83
CA ASP J 4917 30.09 46.78 -77.35
C ASP J 4917 30.14 45.63 -76.35
N ILE J 4918 31.29 45.40 -75.75
CA ILE J 4918 31.44 44.27 -74.82
C ILE J 4918 30.48 44.40 -73.65
N THR J 4919 30.39 45.60 -73.05
CA THR J 4919 29.49 45.77 -71.92
C THR J 4919 28.03 45.63 -72.36
N PHE J 4920 27.73 45.93 -73.62
CA PHE J 4920 26.38 45.68 -74.13
C PHE J 4920 26.11 44.20 -74.24
N PHE J 4921 27.07 43.42 -74.74
CA PHE J 4921 26.85 42.01 -74.98
C PHE J 4921 26.55 41.26 -73.69
N PHE J 4922 27.28 41.56 -72.63
CA PHE J 4922 27.06 40.87 -71.36
C PHE J 4922 25.77 41.32 -70.70
N PHE J 4923 25.45 42.61 -70.78
CA PHE J 4923 24.36 43.17 -69.98
C PHE J 4923 22.98 42.98 -70.58
N VAL J 4924 22.86 42.46 -71.80
CA VAL J 4924 21.53 42.16 -72.33
C VAL J 4924 21.47 40.72 -72.84
N ILE J 4925 22.41 40.33 -73.70
CA ILE J 4925 22.37 38.99 -74.29
C ILE J 4925 22.65 37.93 -73.25
N VAL J 4926 23.76 38.05 -72.51
CA VAL J 4926 24.15 36.97 -71.61
C VAL J 4926 23.32 36.97 -70.33
N ILE J 4927 23.03 38.12 -69.72
CA ILE J 4927 22.21 38.16 -68.50
C ILE J 4927 20.69 38.20 -68.80
N LEU J 4928 20.13 39.18 -69.48
CA LEU J 4928 18.66 39.31 -69.58
C LEU J 4928 18.00 38.14 -70.32
N LEU J 4929 18.56 37.63 -71.41
CA LEU J 4929 18.05 36.40 -72.04
C LEU J 4929 18.43 35.11 -71.27
N ALA J 4930 19.16 35.18 -70.16
CA ALA J 4930 19.25 34.10 -69.18
C ALA J 4930 18.23 34.23 -68.04
N ILE J 4931 17.88 35.43 -67.58
CA ILE J 4931 16.80 35.63 -66.61
C ILE J 4931 15.47 35.14 -67.17
N ILE J 4932 15.10 35.50 -68.40
CA ILE J 4932 13.85 35.05 -69.03
C ILE J 4932 13.81 33.52 -69.18
N GLN J 4933 14.96 32.85 -69.25
CA GLN J 4933 15.04 31.39 -69.20
C GLN J 4933 14.95 30.84 -67.77
N GLY J 4934 15.61 31.47 -66.79
CA GLY J 4934 15.58 31.03 -65.39
C GLY J 4934 14.19 31.05 -64.77
N LEU J 4935 13.37 32.04 -65.10
CA LEU J 4935 11.97 32.11 -64.64
C LEU J 4935 11.09 31.00 -65.21
N ILE J 4936 11.47 30.37 -66.32
CA ILE J 4936 10.77 29.20 -66.87
C ILE J 4936 11.28 27.91 -66.25
N ILE J 4937 12.61 27.68 -66.20
CA ILE J 4937 13.18 26.43 -65.65
C ILE J 4937 12.82 26.24 -64.18
N ASP J 4938 12.82 27.32 -63.40
CA ASP J 4938 12.44 27.26 -62.00
C ASP J 4938 10.95 26.96 -61.76
N ALA J 4939 10.06 27.38 -62.67
CA ALA J 4939 8.63 27.17 -62.47
C ALA J 4939 8.25 25.68 -62.48
N PHE J 4940 8.91 24.84 -63.28
CA PHE J 4940 8.69 23.40 -63.24
C PHE J 4940 9.09 22.82 -61.89
N GLY J 4941 10.18 23.28 -61.28
CA GLY J 4941 10.61 22.86 -59.96
C GLY J 4941 9.62 23.22 -58.85
N GLU J 4942 9.05 24.43 -58.87
CA GLU J 4942 8.00 24.79 -57.90
C GLU J 4942 6.70 24.01 -58.14
N LEU J 4943 6.26 23.86 -59.38
CA LEU J 4943 4.98 23.21 -59.67
C LEU J 4943 5.03 21.70 -59.37
N ARG J 4944 6.13 21.01 -59.72
CA ARG J 4944 6.34 19.59 -59.38
C ARG J 4944 6.65 19.37 -57.90
N ASP J 4945 7.05 20.40 -57.18
CA ASP J 4945 7.12 20.35 -55.75
C ASP J 4945 5.69 20.39 -55.27
N GLN J 4946 5.03 21.53 -55.31
CA GLN J 4946 3.65 21.64 -54.92
C GLN J 4946 2.82 20.42 -55.27
N GLN J 4947 3.27 19.56 -56.16
CA GLN J 4947 2.53 18.33 -56.43
C GLN J 4947 3.27 17.19 -55.82
N GLU J 4948 3.97 17.41 -54.73
CA GLU J 4948 4.62 16.34 -54.02
C GLU J 4948 4.66 16.76 -52.61
N GLN J 4949 3.66 17.49 -52.19
CA GLN J 4949 3.53 17.79 -50.81
C GLN J 4949 2.24 17.06 -50.59
N VAL J 4950 1.24 17.33 -51.40
CA VAL J 4950 0.01 16.59 -51.24
C VAL J 4950 0.34 15.09 -51.11
N LYS J 4951 0.81 14.42 -52.15
CA LYS J 4951 1.11 13.01 -52.14
C LYS J 4951 2.12 12.65 -51.11
N GLU J 4952 2.24 13.46 -50.09
CA GLU J 4952 3.12 13.09 -49.00
C GLU J 4952 2.63 13.80 -47.79
N ASP J 4953 1.35 14.13 -47.78
CA ASP J 4953 0.76 14.70 -46.59
C ASP J 4953 -0.65 14.24 -46.66
N MET J 4954 -0.90 13.23 -47.45
CA MET J 4954 -2.18 12.66 -47.49
C MET J 4954 -1.73 11.25 -47.59
N GLU J 4955 -0.75 10.89 -46.79
CA GLU J 4955 -0.27 9.52 -46.75
C GLU J 4955 0.69 9.53 -45.61
N THR J 4956 0.54 10.49 -44.70
CA THR J 4956 1.36 10.56 -43.51
C THR J 4956 0.62 11.36 -42.49
N LYS J 4957 -0.70 11.34 -42.55
CA LYS J 4957 -1.56 12.09 -41.65
C LYS J 4957 -2.99 11.80 -41.94
N CYS J 4958 -3.88 12.24 -41.08
CA CYS J 4958 -5.28 12.07 -41.36
C CYS J 4958 -5.76 13.33 -42.01
N PHE J 4959 -7.05 13.46 -42.18
CA PHE J 4959 -7.59 14.67 -42.74
C PHE J 4959 -8.75 15.11 -41.89
N ILE J 4960 -9.10 14.39 -40.85
CA ILE J 4960 -10.15 14.90 -40.01
C ILE J 4960 -9.50 15.25 -38.70
N CYS J 4961 -8.79 14.31 -38.09
CA CYS J 4961 -8.06 14.63 -36.88
C CYS J 4961 -6.81 15.39 -37.22
N GLY J 4962 -5.65 14.77 -37.16
CA GLY J 4962 -4.41 15.43 -37.54
C GLY J 4962 -3.27 14.61 -37.03
N ILE J 4963 -3.53 13.36 -36.69
CA ILE J 4963 -2.50 12.50 -36.13
C ILE J 4963 -1.61 11.93 -37.20
N GLY J 4964 -0.55 11.26 -36.80
CA GLY J 4964 0.41 10.81 -37.79
C GLY J 4964 0.21 9.41 -38.29
N SER J 4965 1.08 8.96 -39.17
CA SER J 4965 0.97 7.63 -39.65
C SER J 4965 1.57 6.79 -38.59
N ASP J 4966 2.42 7.38 -37.76
CA ASP J 4966 3.11 6.63 -36.73
C ASP J 4966 2.16 6.01 -35.74
N TYR J 4967 1.89 6.72 -34.66
CA TYR J 4967 1.04 6.17 -33.61
C TYR J 4967 0.18 5.02 -34.10
N PHE J 4968 -0.58 5.23 -35.16
CA PHE J 4968 -1.50 4.22 -35.68
C PHE J 4968 -0.80 3.04 -36.32
N ASP J 4969 0.48 2.81 -36.05
CA ASP J 4969 1.18 1.65 -36.58
C ASP J 4969 1.78 0.81 -35.45
N THR J 4970 1.09 0.73 -34.32
CA THR J 4970 1.50 -0.12 -33.21
C THR J 4970 1.00 -1.56 -33.38
N THR J 4971 0.12 -1.80 -34.34
CA THR J 4971 -0.51 -3.09 -34.57
C THR J 4971 -0.36 -3.45 -36.05
N PRO J 4972 -0.84 -4.63 -36.51
CA PRO J 4972 -0.99 -4.82 -37.96
C PRO J 4972 -1.80 -3.69 -38.57
N HIS J 4973 -1.81 -3.59 -39.91
CA HIS J 4973 -2.05 -2.30 -40.57
C HIS J 4973 -3.20 -1.54 -39.92
N GLY J 4974 -2.86 -0.42 -39.27
CA GLY J 4974 -3.83 0.33 -38.51
C GLY J 4974 -4.18 1.64 -39.18
N PHE J 4975 -3.19 2.31 -39.76
CA PHE J 4975 -3.47 3.53 -40.51
C PHE J 4975 -4.33 3.23 -41.72
N GLU J 4976 -4.15 2.06 -42.33
CA GLU J 4976 -5.07 1.63 -43.37
C GLU J 4976 -6.44 1.34 -42.79
N THR J 4977 -6.49 1.01 -41.50
CA THR J 4977 -7.83 0.87 -40.84
C THR J 4977 -8.34 2.27 -40.44
N HIS J 4978 -7.64 3.04 -39.61
CA HIS J 4978 -8.18 4.34 -39.17
C HIS J 4978 -8.78 5.08 -40.34
N THR J 4979 -8.34 4.87 -41.57
CA THR J 4979 -9.10 5.57 -42.61
C THR J 4979 -9.79 4.60 -43.57
N LEU J 4980 -10.45 3.59 -43.02
CA LEU J 4980 -11.42 2.80 -43.78
C LEU J 4980 -12.68 2.47 -43.00
N GLU J 4981 -12.66 2.43 -41.68
CA GLU J 4981 -13.82 2.19 -40.82
C GLU J 4981 -14.00 3.28 -39.78
N GLU J 4982 -12.92 3.83 -39.27
CA GLU J 4982 -13.11 4.94 -38.37
C GLU J 4982 -13.23 6.15 -39.28
N HIS J 4983 -12.56 7.25 -38.95
CA HIS J 4983 -12.60 8.41 -39.81
C HIS J 4983 -12.49 7.96 -41.25
N ASN J 4984 -13.14 8.65 -42.17
CA ASN J 4984 -13.07 8.30 -43.57
C ASN J 4984 -13.93 9.19 -44.43
N LEU J 4985 -13.48 10.42 -44.68
CA LEU J 4985 -14.23 11.37 -45.50
C LEU J 4985 -15.61 10.88 -45.83
N ALA J 4986 -15.75 10.17 -46.92
CA ALA J 4986 -17.05 9.69 -47.33
C ALA J 4986 -18.05 9.50 -46.19
N ASN J 4987 -17.78 8.59 -45.26
CA ASN J 4987 -18.74 8.28 -44.21
C ASN J 4987 -19.34 9.54 -43.61
N TYR J 4988 -18.53 10.57 -43.39
CA TYR J 4988 -19.04 11.79 -42.79
C TYR J 4988 -20.01 12.52 -43.71
N MET J 4989 -19.93 12.31 -45.03
CA MET J 4989 -20.83 13.02 -45.92
C MET J 4989 -22.18 12.31 -46.01
N PHE J 4990 -22.15 11.02 -46.17
CA PHE J 4990 -23.36 10.29 -46.24
C PHE J 4990 -24.15 10.46 -44.96
N PHE J 4991 -23.59 11.01 -43.90
CA PHE J 4991 -24.37 11.27 -42.72
C PHE J 4991 -25.19 12.42 -43.13
N LEU J 4992 -24.61 13.51 -43.53
CA LEU J 4992 -25.38 14.68 -43.85
C LEU J 4992 -26.45 14.43 -44.84
N MET J 4993 -26.69 13.20 -45.26
CA MET J 4993 -27.81 12.99 -46.14
C MET J 4993 -28.67 11.96 -45.52
N TYR J 4994 -28.32 11.50 -44.35
CA TYR J 4994 -29.17 10.59 -43.64
C TYR J 4994 -29.98 11.55 -42.91
N LEU J 4995 -29.38 12.47 -42.17
CA LEU J 4995 -30.19 13.32 -41.30
C LEU J 4995 -31.30 14.03 -42.08
N ILE J 4996 -30.98 14.54 -43.27
CA ILE J 4996 -31.95 15.33 -44.03
C ILE J 4996 -33.15 14.46 -44.42
N ASN J 4997 -32.89 13.24 -44.87
CA ASN J 4997 -33.97 12.39 -45.35
C ASN J 4997 -34.93 12.01 -44.22
N LYS J 4998 -34.39 11.67 -43.06
CA LYS J 4998 -35.22 11.15 -41.97
C LYS J 4998 -36.12 12.24 -41.39
N ASP J 4999 -37.27 11.82 -40.89
CA ASP J 4999 -38.20 12.73 -40.22
C ASP J 4999 -37.59 13.19 -38.89
N GLU J 5000 -38.14 14.30 -38.38
CA GLU J 5000 -37.55 14.96 -37.22
C GLU J 5000 -37.85 14.25 -35.90
N THR J 5001 -39.00 13.60 -35.80
CA THR J 5001 -39.48 13.13 -34.49
C THR J 5001 -38.77 11.87 -33.99
N GLU J 5002 -38.04 11.33 -35.01
CA GLU J 5002 -37.31 10.10 -34.89
C GLU J 5002 -35.82 10.17 -34.91
N HIS J 5003 -35.26 11.34 -35.03
CA HIS J 5003 -33.86 11.40 -34.95
C HIS J 5003 -33.60 10.75 -33.63
N THR J 5004 -32.57 9.94 -33.50
CA THR J 5004 -32.23 9.28 -32.26
C THR J 5004 -31.82 10.26 -31.30
N GLY J 5005 -30.67 10.09 -30.73
CA GLY J 5005 -30.26 10.99 -29.68
C GLY J 5005 -28.90 11.54 -29.87
N GLN J 5006 -28.12 10.91 -30.72
CA GLN J 5006 -26.80 11.35 -31.00
C GLN J 5006 -26.87 11.91 -32.36
N GLU J 5007 -28.06 12.16 -32.85
CA GLU J 5007 -28.19 12.79 -34.12
C GLU J 5007 -28.87 14.06 -33.81
N SER J 5008 -29.83 14.12 -32.95
CA SER J 5008 -30.40 15.42 -32.76
C SER J 5008 -29.36 16.40 -32.32
N TYR J 5009 -28.20 15.96 -31.86
CA TYR J 5009 -27.11 16.86 -31.45
C TYR J 5009 -26.30 17.32 -32.60
N VAL J 5010 -26.07 16.50 -33.61
CA VAL J 5010 -25.34 16.88 -34.79
C VAL J 5010 -26.26 17.32 -35.84
N TRP J 5011 -27.41 17.85 -35.49
CA TRP J 5011 -28.30 18.42 -36.46
C TRP J 5011 -28.85 19.59 -35.80
N LYS J 5012 -28.33 19.99 -34.65
CA LYS J 5012 -28.75 21.20 -34.00
C LYS J 5012 -27.48 21.89 -33.90
N MET J 5013 -26.54 21.45 -34.68
CA MET J 5013 -25.26 22.06 -34.70
C MET J 5013 -24.77 22.04 -36.10
N TYR J 5014 -25.64 22.02 -37.08
CA TYR J 5014 -25.18 22.14 -38.42
C TYR J 5014 -26.10 23.24 -38.74
N GLN J 5015 -27.29 23.24 -38.17
CA GLN J 5015 -28.19 24.35 -38.36
C GLN J 5015 -27.48 25.60 -37.86
N GLU J 5016 -27.31 25.83 -36.57
CA GLU J 5016 -26.47 26.93 -36.07
C GLU J 5016 -25.15 26.47 -36.58
N ARG J 5017 -24.09 27.27 -36.52
CA ARG J 5017 -22.90 26.62 -37.10
C ARG J 5017 -21.76 26.72 -36.09
N CYS J 5018 -21.56 25.65 -35.33
CA CYS J 5018 -20.71 25.64 -34.15
C CYS J 5018 -19.85 24.39 -34.14
N TRP J 5019 -19.13 24.13 -35.23
CA TRP J 5019 -18.53 22.82 -35.45
C TRP J 5019 -17.49 22.52 -34.38
N ASP J 5020 -17.85 21.66 -33.44
CA ASP J 5020 -16.96 21.27 -32.35
C ASP J 5020 -16.95 19.76 -32.19
N PHE J 5021 -17.98 19.10 -32.72
CA PHE J 5021 -18.13 17.66 -32.50
C PHE J 5021 -17.13 16.83 -33.30
N PHE J 5022 -16.48 17.40 -34.30
CA PHE J 5022 -15.42 16.67 -34.97
C PHE J 5022 -14.29 16.40 -33.98
N PRO J 5023 -13.66 15.22 -34.03
CA PRO J 5023 -12.67 14.87 -33.00
C PRO J 5023 -11.51 15.85 -32.91
N ALA J 5024 -10.80 16.05 -34.02
CA ALA J 5024 -9.74 17.03 -34.14
C ALA J 5024 -8.75 16.95 -32.97
N GLY J 5025 -8.09 15.81 -32.86
CA GLY J 5025 -7.05 15.66 -31.86
C GLY J 5025 -7.16 14.42 -31.00
N ASP J 5026 -8.33 13.80 -30.98
CA ASP J 5026 -8.57 12.65 -30.13
C ASP J 5026 -9.23 11.54 -30.94
N CYS J 5027 -9.01 10.29 -30.52
CA CYS J 5027 -9.52 9.13 -31.23
C CYS J 5027 -10.07 8.13 -30.21
N PHE J 5028 -11.00 7.29 -30.67
CA PHE J 5028 -11.57 6.26 -29.81
C PHE J 5028 -10.49 5.34 -29.26
N ARG J 5029 -9.52 4.98 -30.10
CA ARG J 5029 -8.38 4.20 -29.63
C ARG J 5029 -7.57 4.99 -28.61
N LYS J 5030 -7.37 6.28 -28.87
CA LYS J 5030 -6.53 7.09 -27.97
C LYS J 5030 -7.17 7.26 -26.60
N GLN J 5031 -8.48 7.52 -26.55
CA GLN J 5031 -9.11 7.76 -25.26
C GLN J 5031 -9.16 6.50 -24.42
N TYR J 5032 -9.78 5.46 -24.95
CA TYR J 5032 -9.90 4.19 -24.27
C TYR J 5032 -8.79 3.32 -24.72
N GLU J 5033 -7.58 3.51 -24.20
CA GLU J 5033 -6.40 2.76 -24.65
C GLU J 5033 -5.83 1.90 -23.58
N ASP J 5034 -6.57 1.74 -22.50
CA ASP J 5034 -6.13 0.87 -21.45
C ASP J 5034 -7.36 0.10 -21.09
N GLN J 5035 -8.50 0.77 -21.10
CA GLN J 5035 -9.74 0.11 -20.70
C GLN J 5035 -9.85 -1.06 -21.60
N LEU J 5036 -9.11 -1.07 -22.69
CA LEU J 5036 -9.06 -2.26 -23.52
C LEU J 5036 -8.49 -2.01 -24.88
N SER J 5037 -7.42 -2.70 -25.17
CA SER J 5037 -6.85 -2.60 -26.48
C SER J 5037 -7.13 -3.88 -27.23
N GLY K 1 -129.62 21.28 15.76
CA GLY K 1 -129.36 22.51 16.50
C GLY K 1 -128.90 23.65 15.63
N VAL K 2 -129.79 24.16 14.78
CA VAL K 2 -129.50 25.26 13.88
C VAL K 2 -130.46 26.40 14.17
N GLU K 3 -129.95 27.62 14.11
CA GLU K 3 -130.74 28.83 14.33
C GLU K 3 -130.71 29.68 13.08
N ILE K 4 -131.86 30.24 12.73
CA ILE K 4 -132.02 31.03 11.51
C ILE K 4 -132.59 32.40 11.88
N GLU K 5 -131.97 33.45 11.35
CA GLU K 5 -132.41 34.82 11.60
C GLU K 5 -132.44 35.59 10.28
N THR K 6 -133.62 35.99 9.86
CA THR K 6 -133.75 36.69 8.58
C THR K 6 -133.08 38.05 8.65
N ILE K 7 -132.46 38.44 7.53
CA ILE K 7 -131.79 39.72 7.42
C ILE K 7 -132.50 40.65 6.44
N SER K 8 -132.94 40.12 5.29
CA SER K 8 -133.73 40.86 4.33
C SER K 8 -134.87 39.98 3.86
N PRO K 9 -136.08 40.51 3.68
CA PRO K 9 -137.20 39.69 3.24
C PRO K 9 -136.99 39.12 1.85
N GLY K 10 -137.55 37.94 1.62
CA GLY K 10 -137.51 37.30 0.32
C GLY K 10 -138.88 37.05 -0.23
N ASP K 11 -139.01 36.10 -1.16
CA ASP K 11 -140.32 35.79 -1.73
C ASP K 11 -141.27 35.27 -0.66
N GLY K 12 -140.80 34.38 0.20
CA GLY K 12 -141.60 33.85 1.28
C GLY K 12 -142.62 32.79 0.90
N ARG K 13 -142.65 32.39 -0.37
CA ARG K 13 -143.63 31.41 -0.84
C ARG K 13 -142.98 30.18 -1.47
N THR K 14 -141.94 30.37 -2.28
CA THR K 14 -141.29 29.26 -2.98
C THR K 14 -140.13 28.75 -2.15
N PHE K 15 -140.15 27.47 -1.82
CA PHE K 15 -139.10 26.87 -1.02
C PHE K 15 -138.50 25.67 -1.75
N PRO K 16 -137.19 25.46 -1.62
CA PRO K 16 -136.56 24.32 -2.32
C PRO K 16 -137.09 23.00 -1.80
N LYS K 17 -137.17 22.03 -2.70
CA LYS K 17 -137.61 20.68 -2.40
C LYS K 17 -136.63 19.69 -3.00
N LYS K 18 -136.86 18.41 -2.73
CA LYS K 18 -135.96 17.37 -3.21
C LYS K 18 -135.98 17.29 -4.74
N GLY K 19 -134.84 16.92 -5.31
CA GLY K 19 -134.73 16.83 -6.75
C GLY K 19 -134.69 18.16 -7.46
N GLN K 20 -134.22 19.21 -6.79
CA GLN K 20 -134.16 20.54 -7.37
C GLN K 20 -132.77 21.14 -7.14
N THR K 21 -132.27 21.86 -8.13
CA THR K 21 -130.96 22.48 -8.02
C THR K 21 -131.05 23.80 -7.26
N CYS K 22 -130.02 24.07 -6.46
CA CYS K 22 -129.91 25.31 -5.71
C CYS K 22 -128.54 25.92 -5.93
N VAL K 23 -128.50 27.24 -6.12
CA VAL K 23 -127.25 27.98 -6.27
C VAL K 23 -127.13 28.91 -5.08
N VAL K 24 -125.97 28.90 -4.44
CA VAL K 24 -125.74 29.66 -3.22
C VAL K 24 -124.48 30.48 -3.40
N HIS K 25 -124.64 31.79 -3.60
CA HIS K 25 -123.52 32.70 -3.81
C HIS K 25 -123.17 33.37 -2.49
N TYR K 26 -122.67 32.56 -1.57
CA TYR K 26 -122.59 32.86 -0.15
C TYR K 26 -121.20 33.31 0.26
N THR K 27 -121.03 33.58 1.56
CA THR K 27 -119.76 33.78 2.22
C THR K 27 -119.84 33.14 3.59
N GLY K 28 -118.68 32.78 4.14
CA GLY K 28 -118.65 32.09 5.42
C GLY K 28 -117.60 32.61 6.37
N MET K 29 -117.93 32.66 7.66
CA MET K 29 -117.02 33.14 8.69
C MET K 29 -116.98 32.16 9.86
N LEU K 30 -116.08 32.45 10.80
CA LEU K 30 -115.96 31.69 12.04
C LEU K 30 -116.57 32.48 13.19
N GLN K 31 -116.81 31.78 14.30
CA GLN K 31 -117.53 32.37 15.42
C GLN K 31 -116.78 33.55 16.03
N ASN K 32 -115.45 33.52 16.01
CA ASN K 32 -114.65 34.56 16.65
C ASN K 32 -114.47 35.81 15.80
N GLY K 33 -114.96 35.81 14.56
CA GLY K 33 -114.88 36.98 13.71
C GLY K 33 -113.93 36.89 12.54
N LYS K 34 -113.32 35.74 12.31
CA LYS K 34 -112.47 35.50 11.15
C LYS K 34 -113.27 34.72 10.12
N LYS K 35 -113.13 35.09 8.86
CA LYS K 35 -113.78 34.35 7.78
C LYS K 35 -112.78 33.47 7.05
N PHE K 36 -113.18 32.22 6.81
CA PHE K 36 -112.29 31.20 6.27
C PHE K 36 -112.82 30.63 4.95
N ASP K 37 -113.88 31.19 4.40
CA ASP K 37 -114.41 30.70 3.14
C ASP K 37 -115.28 31.78 2.53
N SER K 38 -115.39 31.74 1.20
CA SER K 38 -116.23 32.69 0.48
C SER K 38 -116.48 32.16 -0.92
N SER K 39 -117.52 32.68 -1.54
CA SER K 39 -117.83 32.43 -2.95
C SER K 39 -117.87 33.71 -3.77
N ARG K 40 -118.13 34.85 -3.14
CA ARG K 40 -118.11 36.12 -3.85
C ARG K 40 -116.71 36.47 -4.34
N ASP K 41 -115.70 36.13 -3.54
CA ASP K 41 -114.32 36.41 -3.94
C ASP K 41 -113.94 35.64 -5.20
N ARG K 42 -114.34 34.37 -5.30
CA ARG K 42 -114.12 33.63 -6.53
C ARG K 42 -115.07 34.03 -7.64
N ASN K 43 -116.14 34.77 -7.32
CA ASN K 43 -117.09 35.29 -8.31
C ASN K 43 -117.69 34.15 -9.14
N LYS K 44 -117.95 33.02 -8.50
CA LYS K 44 -118.59 31.89 -9.15
C LYS K 44 -119.73 31.42 -8.26
N PRO K 45 -120.97 31.37 -8.76
CA PRO K 45 -122.08 30.92 -7.91
C PRO K 45 -122.00 29.44 -7.59
N PHE K 46 -121.76 29.11 -6.33
CA PHE K 46 -121.74 27.72 -5.89
C PHE K 46 -123.12 27.10 -6.09
N LYS K 47 -123.15 25.93 -6.71
CA LYS K 47 -124.39 25.21 -6.97
C LYS K 47 -124.30 23.80 -6.40
N PHE K 48 -125.43 23.33 -5.87
CA PHE K 48 -125.49 22.01 -5.25
C PHE K 48 -126.91 21.50 -5.35
N ARG K 49 -127.05 20.17 -5.25
CA ARG K 49 -128.35 19.52 -5.37
C ARG K 49 -128.70 18.86 -4.04
N ILE K 50 -129.90 19.16 -3.55
CA ILE K 50 -130.34 18.62 -2.28
C ILE K 50 -130.70 17.14 -2.44
N GLY K 51 -130.50 16.37 -1.37
CA GLY K 51 -130.95 14.99 -1.30
C GLY K 51 -129.84 13.95 -1.37
N LYS K 52 -128.71 14.26 -1.98
CA LYS K 52 -127.62 13.28 -2.11
C LYS K 52 -126.54 13.46 -1.06
N GLN K 53 -126.71 14.40 -0.12
CA GLN K 53 -125.80 14.56 1.02
C GLN K 53 -124.36 14.80 0.58
N GLU K 54 -124.18 15.66 -0.41
CA GLU K 54 -122.84 16.10 -0.80
C GLU K 54 -122.39 17.33 -0.02
N VAL K 55 -123.24 17.85 0.87
CA VAL K 55 -122.95 19.03 1.67
C VAL K 55 -123.23 18.68 3.13
N ILE K 56 -122.58 19.42 4.04
CA ILE K 56 -122.80 19.20 5.46
C ILE K 56 -124.27 19.33 5.79
N LYS K 57 -124.76 18.43 6.66
CA LYS K 57 -126.19 18.35 6.95
C LYS K 57 -126.72 19.65 7.55
N GLY K 58 -125.93 20.30 8.42
CA GLY K 58 -126.36 21.56 8.99
C GLY K 58 -126.68 22.60 7.93
N PHE K 59 -125.79 22.73 6.93
CA PHE K 59 -126.01 23.71 5.87
C PHE K 59 -127.29 23.43 5.08
N GLU K 60 -127.52 22.17 4.74
CA GLU K 60 -128.68 21.84 3.92
C GLU K 60 -129.97 22.02 4.69
N GLU K 61 -130.00 21.61 5.97
CA GLU K 61 -131.21 21.79 6.76
C GLU K 61 -131.45 23.26 7.08
N GLY K 62 -130.39 24.05 7.17
CA GLY K 62 -130.58 25.49 7.29
C GLY K 62 -131.17 26.10 6.03
N ALA K 63 -130.65 25.71 4.86
CA ALA K 63 -131.14 26.26 3.61
C ALA K 63 -132.56 25.80 3.30
N ALA K 64 -132.96 24.64 3.82
CA ALA K 64 -134.31 24.14 3.56
C ALA K 64 -135.39 25.05 4.13
N GLN K 65 -135.04 25.95 5.05
CA GLN K 65 -136.01 26.79 5.74
C GLN K 65 -136.07 28.21 5.19
N MET K 66 -135.46 28.49 4.05
CA MET K 66 -135.48 29.82 3.46
C MET K 66 -135.98 29.75 2.02
N SER K 67 -136.47 30.89 1.54
CA SER K 67 -137.09 31.01 0.23
C SER K 67 -136.15 31.67 -0.76
N LEU K 68 -136.65 31.86 -1.97
CA LEU K 68 -135.85 32.49 -3.02
C LEU K 68 -135.59 33.96 -2.70
N GLY K 69 -134.37 34.41 -2.98
CA GLY K 69 -134.01 35.80 -2.86
C GLY K 69 -133.70 36.27 -1.46
N GLN K 70 -133.83 35.41 -0.46
CA GLN K 70 -133.64 35.79 0.93
C GLN K 70 -132.17 35.67 1.33
N ARG K 71 -131.66 36.69 2.01
CA ARG K 71 -130.36 36.65 2.65
C ARG K 71 -130.59 36.54 4.15
N ALA K 72 -129.91 35.60 4.80
CA ALA K 72 -130.17 35.34 6.20
C ALA K 72 -128.86 35.06 6.91
N LYS K 73 -128.95 34.90 8.23
CA LYS K 73 -127.81 34.60 9.09
C LYS K 73 -128.03 33.21 9.67
N LEU K 74 -127.03 32.35 9.52
CA LEU K 74 -127.13 30.96 9.93
C LEU K 74 -126.06 30.65 10.97
N THR K 75 -126.41 29.82 11.93
CA THR K 75 -125.51 29.47 13.03
C THR K 75 -125.63 27.97 13.28
N CYS K 76 -124.57 27.22 12.97
CA CYS K 76 -124.54 25.79 13.18
C CYS K 76 -123.83 25.45 14.48
N THR K 77 -124.37 24.47 15.20
CA THR K 77 -123.70 23.94 16.37
C THR K 77 -122.48 23.13 15.92
N PRO K 78 -121.44 23.07 16.76
CA PRO K 78 -120.27 22.26 16.37
C PRO K 78 -120.57 20.79 16.19
N ASP K 79 -121.63 20.29 16.83
CA ASP K 79 -121.97 18.87 16.72
C ASP K 79 -122.57 18.50 15.37
N VAL K 80 -122.93 19.47 14.53
CA VAL K 80 -123.57 19.16 13.26
C VAL K 80 -122.62 19.34 12.08
N ALA K 81 -121.50 20.04 12.25
CA ALA K 81 -120.54 20.28 11.18
C ALA K 81 -119.14 20.08 11.71
N TYR K 82 -118.47 19.02 11.24
CA TYR K 82 -117.08 18.73 11.59
C TYR K 82 -116.91 18.67 13.11
N GLY K 83 -117.61 17.70 13.69
CA GLY K 83 -117.76 17.62 15.14
C GLY K 83 -116.49 17.61 15.95
N ALA K 84 -115.71 16.53 15.88
CA ALA K 84 -114.55 16.37 16.74
C ALA K 84 -113.24 16.71 16.04
N THR K 85 -112.91 15.98 14.97
CA THR K 85 -111.65 16.21 14.28
C THR K 85 -111.68 17.52 13.50
N GLY K 86 -112.80 17.81 12.84
CA GLY K 86 -112.87 18.97 11.98
C GLY K 86 -112.14 18.71 10.68
N HIS K 87 -112.07 19.76 9.86
CA HIS K 87 -111.35 19.70 8.60
C HIS K 87 -109.91 20.14 8.87
N PRO K 88 -108.93 19.25 8.76
CA PRO K 88 -107.57 19.61 9.20
C PRO K 88 -106.97 20.70 8.32
N GLY K 89 -106.48 21.75 8.98
CA GLY K 89 -105.78 22.82 8.31
C GLY K 89 -106.59 24.08 8.09
N VAL K 90 -107.90 24.07 8.32
CA VAL K 90 -108.75 25.23 8.12
C VAL K 90 -109.50 25.62 9.39
N ILE K 91 -110.09 24.63 10.07
CA ILE K 91 -110.94 24.92 11.22
C ILE K 91 -110.43 24.18 12.45
N PRO K 92 -110.42 24.81 13.62
CA PRO K 92 -109.98 24.12 14.83
C PRO K 92 -111.03 23.13 15.29
N PRO K 93 -110.64 22.14 16.11
CA PRO K 93 -111.63 21.20 16.64
C PRO K 93 -112.63 21.89 17.56
N ASN K 94 -113.87 21.41 17.54
CA ASN K 94 -114.92 21.86 18.43
C ASN K 94 -115.12 23.37 18.36
N ALA K 95 -115.54 23.84 17.19
CA ALA K 95 -115.76 25.27 16.96
C ALA K 95 -117.16 25.51 16.41
N THR K 96 -117.73 26.63 16.80
CA THR K 96 -119.03 27.05 16.28
C THR K 96 -118.87 27.70 14.91
N LEU K 97 -119.89 27.53 14.07
CA LEU K 97 -119.83 28.01 12.70
C LEU K 97 -120.85 29.11 12.46
N ILE K 98 -120.49 30.04 11.57
CA ILE K 98 -121.34 31.16 11.18
C ILE K 98 -121.35 31.24 9.67
N PHE K 99 -122.53 31.41 9.08
CA PHE K 99 -122.67 31.45 7.64
C PHE K 99 -123.54 32.62 7.22
N ASP K 100 -123.11 33.32 6.17
CA ASP K 100 -123.92 34.34 5.51
C ASP K 100 -124.36 33.75 4.18
N VAL K 101 -125.65 33.44 4.06
CA VAL K 101 -126.16 32.61 2.98
C VAL K 101 -127.29 33.34 2.28
N GLU K 102 -127.24 33.38 0.96
CA GLU K 102 -128.35 33.88 0.16
C GLU K 102 -128.49 33.02 -1.09
N LEU K 103 -129.70 32.99 -1.64
CA LEU K 103 -130.06 32.13 -2.74
C LEU K 103 -130.42 32.98 -3.95
N LEU K 104 -129.83 32.66 -5.10
CA LEU K 104 -130.02 33.51 -6.29
C LEU K 104 -131.33 33.20 -7.00
N ASN K 105 -131.49 31.98 -7.50
CA ASN K 105 -132.68 31.61 -8.26
C ASN K 105 -132.90 30.11 -8.14
N LEU K 106 -133.82 29.59 -8.95
CA LEU K 106 -134.22 28.18 -8.92
C LEU K 106 -134.72 27.77 -7.54
N GLU K 107 -135.88 28.35 -7.19
CA GLU K 107 -136.55 28.06 -5.92
C GLU K 107 -135.68 28.39 -4.72
N MET L 1 -91.47 -17.76 -24.51
CA MET L 1 -91.71 -16.33 -24.64
C MET L 1 -93.17 -16.06 -24.99
N ALA L 2 -93.56 -14.78 -24.97
CA ALA L 2 -94.90 -14.35 -25.35
C ALA L 2 -94.88 -13.49 -26.61
N ASP L 3 -93.88 -13.70 -27.47
CA ASP L 3 -93.72 -12.92 -28.69
C ASP L 3 -94.13 -13.66 -29.95
N GLN L 4 -94.65 -14.87 -29.82
CA GLN L 4 -95.08 -15.66 -30.97
C GLN L 4 -96.53 -15.42 -31.35
N LEU L 5 -97.22 -14.49 -30.69
CA LEU L 5 -98.62 -14.20 -30.96
C LEU L 5 -98.76 -12.81 -31.53
N THR L 6 -99.52 -12.69 -32.62
CA THR L 6 -99.76 -11.39 -33.23
C THR L 6 -100.71 -10.56 -32.36
N GLU L 7 -100.80 -9.28 -32.70
CA GLU L 7 -101.54 -8.35 -31.85
C GLU L 7 -103.05 -8.58 -31.90
N GLU L 8 -103.57 -9.02 -33.04
CA GLU L 8 -105.02 -9.13 -33.16
C GLU L 8 -105.59 -10.22 -32.27
N GLN L 9 -104.91 -11.37 -32.18
CA GLN L 9 -105.42 -12.44 -31.33
C GLN L 9 -105.21 -12.13 -29.86
N ILE L 10 -104.15 -11.37 -29.53
CA ILE L 10 -104.02 -10.82 -28.18
C ILE L 10 -105.20 -9.92 -27.85
N ALA L 11 -105.62 -9.09 -28.81
CA ALA L 11 -106.79 -8.25 -28.60
C ALA L 11 -108.04 -9.11 -28.39
N GLU L 12 -108.18 -10.17 -29.18
CA GLU L 12 -109.33 -11.05 -29.03
C GLU L 12 -109.35 -11.70 -27.65
N PHE L 13 -108.18 -12.17 -27.18
CA PHE L 13 -108.10 -12.76 -25.85
C PHE L 13 -108.42 -11.73 -24.77
N LYS L 14 -107.93 -10.50 -24.94
CA LYS L 14 -108.24 -9.44 -23.98
C LYS L 14 -109.74 -9.16 -23.93
N GLU L 15 -110.38 -9.08 -25.09
CA GLU L 15 -111.83 -8.87 -25.12
C GLU L 15 -112.56 -10.03 -24.45
N ALA L 16 -112.15 -11.26 -24.75
CA ALA L 16 -112.80 -12.42 -24.14
C ALA L 16 -112.66 -12.41 -22.63
N PHE L 17 -111.47 -12.07 -22.13
CA PHE L 17 -111.24 -12.04 -20.70
C PHE L 17 -112.00 -10.90 -20.03
N SER L 18 -112.05 -9.74 -20.68
CA SER L 18 -112.69 -8.57 -20.09
C SER L 18 -114.21 -8.71 -20.11
N LEU L 19 -114.75 -9.41 -21.11
CA LEU L 19 -116.20 -9.53 -21.23
C LEU L 19 -116.81 -10.17 -19.99
N PHE L 20 -116.06 -11.06 -19.32
CA PHE L 20 -116.53 -11.71 -18.11
C PHE L 20 -115.65 -11.32 -16.92
N ASP L 21 -115.24 -10.05 -16.86
CA ASP L 21 -114.47 -9.58 -15.73
C ASP L 21 -115.32 -9.59 -14.46
N LYS L 22 -114.70 -10.00 -13.35
CA LYS L 22 -115.45 -10.18 -12.11
C LYS L 22 -115.92 -8.83 -11.54
N ASP L 23 -114.97 -7.98 -11.16
CA ASP L 23 -115.30 -6.65 -10.67
C ASP L 23 -114.35 -5.60 -11.22
N GLY L 24 -113.76 -5.88 -12.39
CA GLY L 24 -112.78 -4.99 -12.99
C GLY L 24 -111.36 -5.21 -12.57
N ASP L 25 -111.12 -6.07 -11.58
CA ASP L 25 -109.76 -6.36 -11.11
C ASP L 25 -109.11 -7.54 -11.81
N GLY L 26 -109.85 -8.26 -12.65
CA GLY L 26 -109.27 -9.39 -13.35
C GLY L 26 -109.02 -10.61 -12.50
N THR L 27 -109.73 -10.76 -11.38
CA THR L 27 -109.59 -11.91 -10.50
C THR L 27 -110.77 -12.85 -10.70
N ILE L 28 -110.50 -14.04 -11.21
CA ILE L 28 -111.52 -15.03 -11.55
C ILE L 28 -111.11 -16.37 -10.96
N THR L 29 -112.08 -17.27 -10.82
CA THR L 29 -111.91 -18.54 -10.14
C THR L 29 -111.83 -19.69 -11.14
N THR L 30 -111.74 -20.91 -10.61
CA THR L 30 -111.40 -22.06 -11.45
C THR L 30 -112.57 -22.48 -12.33
N LYS L 31 -113.80 -22.42 -11.81
CA LYS L 31 -114.94 -22.90 -12.60
C LYS L 31 -115.18 -22.02 -13.81
N ALA L 32 -115.03 -20.71 -13.65
CA ALA L 32 -115.40 -19.77 -14.71
C ALA L 32 -114.37 -19.70 -15.83
N LEU L 33 -113.12 -20.04 -15.56
CA LEU L 33 -112.11 -19.99 -16.60
C LEU L 33 -112.38 -21.02 -17.68
N GLY L 34 -112.88 -22.21 -17.29
CA GLY L 34 -113.28 -23.18 -18.29
C GLY L 34 -114.39 -22.67 -19.18
N THR L 35 -115.36 -21.97 -18.59
CA THR L 35 -116.47 -21.42 -19.38
C THR L 35 -115.96 -20.37 -20.36
N VAL L 36 -115.12 -19.44 -19.88
CA VAL L 36 -114.65 -18.38 -20.76
C VAL L 36 -113.72 -18.93 -21.83
N MET L 37 -112.97 -19.99 -21.51
CA MET L 37 -112.06 -20.59 -22.47
C MET L 37 -112.80 -21.43 -23.50
N ARG L 38 -113.91 -22.06 -23.12
CA ARG L 38 -114.74 -22.76 -24.08
C ARG L 38 -115.67 -21.82 -24.84
N SER L 39 -115.74 -20.55 -24.43
CA SER L 39 -116.63 -19.61 -25.11
C SER L 39 -116.10 -19.19 -26.48
N LEU L 40 -114.77 -19.14 -26.66
CA LEU L 40 -114.19 -18.64 -27.91
C LEU L 40 -113.71 -19.74 -28.84
N GLY L 41 -114.18 -20.97 -28.65
CA GLY L 41 -113.97 -22.00 -29.66
C GLY L 41 -113.23 -23.25 -29.22
N GLN L 42 -112.13 -23.10 -28.47
CA GLN L 42 -111.35 -24.25 -28.04
C GLN L 42 -112.06 -24.93 -26.88
N ASN L 43 -112.36 -26.23 -27.04
CA ASN L 43 -113.09 -27.01 -26.04
C ASN L 43 -112.35 -28.30 -25.74
N PRO L 44 -111.27 -28.22 -24.94
CA PRO L 44 -110.57 -29.45 -24.52
C PRO L 44 -111.15 -30.07 -23.26
N THR L 45 -110.48 -31.08 -22.73
CA THR L 45 -110.94 -31.83 -21.55
C THR L 45 -110.67 -31.07 -20.26
N GLU L 46 -110.78 -31.74 -19.12
CA GLU L 46 -110.60 -31.10 -17.83
C GLU L 46 -109.19 -31.26 -17.27
N ALA L 47 -108.34 -32.09 -17.87
CA ALA L 47 -107.01 -32.34 -17.31
C ALA L 47 -106.12 -31.12 -17.43
N GLU L 48 -106.09 -30.49 -18.61
CA GLU L 48 -105.21 -29.35 -18.83
C GLU L 48 -105.58 -28.19 -17.92
N LEU L 49 -106.87 -27.94 -17.72
CA LEU L 49 -107.29 -26.89 -16.80
C LEU L 49 -107.05 -27.28 -15.34
N GLN L 50 -106.86 -28.57 -15.06
CA GLN L 50 -106.43 -28.98 -13.74
C GLN L 50 -104.96 -28.69 -13.52
N ASP L 51 -104.15 -28.90 -14.55
CA ASP L 51 -102.71 -28.64 -14.42
C ASP L 51 -102.36 -27.16 -14.54
N MET L 52 -103.23 -26.33 -15.12
CA MET L 52 -102.91 -24.91 -15.27
C MET L 52 -102.73 -24.22 -13.92
N ILE L 53 -103.64 -24.49 -12.97
CA ILE L 53 -103.48 -23.93 -11.63
C ILE L 53 -102.27 -24.55 -10.95
N ASN L 54 -101.92 -25.78 -11.31
CA ASN L 54 -100.73 -26.41 -10.73
C ASN L 54 -99.45 -25.71 -11.16
N GLU L 55 -99.37 -25.30 -12.43
CA GLU L 55 -98.19 -24.57 -12.89
C GLU L 55 -98.07 -23.22 -12.18
N VAL L 56 -99.18 -22.50 -12.04
CA VAL L 56 -99.17 -21.20 -11.39
C VAL L 56 -100.03 -21.24 -10.13
N ASN L 61 -104.45 -21.32 -6.14
CA ASN L 61 -104.66 -20.33 -5.09
C ASN L 61 -106.05 -19.69 -5.22
N GLY L 62 -106.73 -19.98 -6.32
CA GLY L 62 -108.01 -19.39 -6.58
C GLY L 62 -107.99 -17.96 -7.06
N THR L 63 -106.80 -17.43 -7.34
CA THR L 63 -106.62 -16.04 -7.78
C THR L 63 -105.91 -16.08 -9.13
N ILE L 64 -106.68 -15.94 -10.21
CA ILE L 64 -106.15 -15.97 -11.57
C ILE L 64 -106.28 -14.58 -12.17
N ASP L 65 -105.19 -14.10 -12.76
CA ASP L 65 -105.13 -12.79 -13.38
C ASP L 65 -104.92 -12.92 -14.88
N PHE L 66 -105.01 -11.79 -15.57
CA PHE L 66 -104.83 -11.80 -17.02
C PHE L 66 -103.43 -12.22 -17.47
N PRO L 67 -102.33 -11.76 -16.85
CA PRO L 67 -101.01 -12.22 -17.32
C PRO L 67 -100.82 -13.73 -17.30
N ALA L 68 -101.28 -14.41 -16.24
CA ALA L 68 -101.14 -15.86 -16.18
C ALA L 68 -101.95 -16.54 -17.28
N PHE L 69 -103.18 -16.07 -17.49
CA PHE L 69 -104.02 -16.59 -18.56
C PHE L 69 -103.34 -16.42 -19.91
N LEU L 70 -102.80 -15.22 -20.16
CA LEU L 70 -102.15 -14.97 -21.44
C LEU L 70 -100.94 -15.86 -21.61
N THR L 71 -100.15 -16.06 -20.55
CA THR L 71 -98.96 -16.90 -20.68
C THR L 71 -99.32 -18.34 -20.98
N MET L 72 -100.32 -18.90 -20.28
CA MET L 72 -100.68 -20.28 -20.52
C MET L 72 -101.34 -20.47 -21.89
N MET L 73 -102.20 -19.54 -22.30
CA MET L 73 -102.74 -19.58 -23.65
C MET L 73 -101.64 -19.48 -24.69
N ALA L 74 -100.65 -18.60 -24.44
CA ALA L 74 -99.56 -18.39 -25.38
C ALA L 74 -98.74 -19.66 -25.55
N ARG L 75 -98.43 -20.34 -24.45
CA ARG L 75 -97.56 -21.50 -24.56
C ARG L 75 -98.33 -22.78 -24.87
N LYS L 76 -99.67 -22.74 -24.86
CA LYS L 76 -100.43 -23.84 -25.46
C LYS L 76 -100.76 -23.61 -26.93
N MET L 77 -100.66 -22.39 -27.43
CA MET L 77 -100.69 -22.17 -28.87
C MET L 77 -99.33 -22.32 -29.52
N LYS L 78 -98.27 -21.99 -28.77
CA LYS L 78 -96.93 -21.95 -29.35
C LYS L 78 -96.43 -23.32 -29.74
N ASP L 79 -96.78 -24.36 -28.96
CA ASP L 79 -96.35 -25.71 -29.32
C ASP L 79 -96.94 -26.14 -30.66
N THR L 80 -98.24 -25.87 -30.86
CA THR L 80 -98.87 -26.18 -32.14
C THR L 80 -98.25 -25.35 -33.26
N ASP L 81 -98.00 -24.06 -33.00
CA ASP L 81 -97.39 -23.22 -34.03
C ASP L 81 -96.02 -23.75 -34.43
N SER L 82 -95.21 -24.15 -33.45
CA SER L 82 -93.88 -24.67 -33.74
C SER L 82 -93.95 -26.01 -34.45
N GLU L 83 -94.88 -26.88 -34.05
CA GLU L 83 -95.02 -28.17 -34.71
C GLU L 83 -95.52 -28.03 -36.14
N GLU L 84 -96.27 -26.97 -36.43
CA GLU L 84 -96.78 -26.77 -37.77
C GLU L 84 -95.86 -25.95 -38.67
N GLU L 85 -95.00 -25.11 -38.10
CA GLU L 85 -94.13 -24.26 -38.91
C GLU L 85 -93.09 -25.04 -39.71
N ILE L 86 -92.89 -26.33 -39.39
CA ILE L 86 -91.88 -27.12 -40.09
C ILE L 86 -92.38 -27.65 -41.43
N ARG L 87 -93.68 -27.54 -41.70
CA ARG L 87 -94.27 -28.00 -42.94
C ARG L 87 -94.51 -26.87 -43.95
N GLU L 88 -94.93 -25.70 -43.47
CA GLU L 88 -95.20 -24.59 -44.38
C GLU L 88 -93.92 -23.93 -44.86
N ALA L 89 -92.89 -23.87 -44.00
CA ALA L 89 -91.64 -23.24 -44.39
C ALA L 89 -90.91 -23.99 -45.49
N PHE L 90 -91.24 -25.27 -45.69
CA PHE L 90 -90.64 -26.07 -46.76
C PHE L 90 -91.35 -25.89 -48.10
N ARG L 91 -92.54 -25.27 -48.10
CA ARG L 91 -93.32 -25.15 -49.33
C ARG L 91 -92.55 -24.43 -50.43
N VAL L 92 -91.78 -23.41 -50.06
CA VAL L 92 -91.02 -22.66 -51.07
C VAL L 92 -89.86 -23.49 -51.61
N PHE L 93 -89.36 -24.45 -50.83
CA PHE L 93 -88.17 -25.17 -51.25
C PHE L 93 -88.43 -26.09 -52.44
N ASP L 94 -89.65 -26.59 -52.59
CA ASP L 94 -90.04 -27.41 -53.72
C ASP L 94 -91.04 -26.65 -54.58
N LYS L 95 -90.90 -26.78 -55.90
CA LYS L 95 -91.73 -26.01 -56.81
C LYS L 95 -93.21 -26.38 -56.68
N ASP L 96 -93.51 -27.68 -56.72
CA ASP L 96 -94.89 -28.12 -56.64
C ASP L 96 -95.45 -28.10 -55.22
N GLY L 97 -94.58 -28.13 -54.21
CA GLY L 97 -95.01 -28.10 -52.83
C GLY L 97 -95.33 -29.44 -52.21
N ASN L 98 -95.30 -30.53 -52.99
CA ASN L 98 -95.63 -31.84 -52.46
C ASN L 98 -94.52 -32.40 -51.57
N GLY L 99 -93.26 -32.19 -51.95
CA GLY L 99 -92.15 -32.68 -51.17
C GLY L 99 -90.96 -33.15 -51.98
N TYR L 100 -91.18 -33.45 -53.26
CA TYR L 100 -90.10 -33.90 -54.13
C TYR L 100 -89.23 -32.72 -54.54
N ILE L 101 -87.92 -32.87 -54.37
CA ILE L 101 -86.96 -31.81 -54.67
C ILE L 101 -85.70 -32.43 -55.26
N SER L 102 -85.26 -31.92 -56.40
CA SER L 102 -84.03 -32.38 -57.02
C SER L 102 -82.82 -31.94 -56.20
N ALA L 103 -81.84 -32.84 -56.08
CA ALA L 103 -80.64 -32.54 -55.31
C ALA L 103 -79.75 -31.52 -56.00
N ALA L 104 -79.81 -31.43 -57.33
CA ALA L 104 -78.99 -30.45 -58.05
C ALA L 104 -79.52 -29.03 -57.86
N ALA L 105 -80.83 -28.86 -57.72
CA ALA L 105 -81.41 -27.52 -57.63
C ALA L 105 -80.96 -26.80 -56.36
N LEU L 106 -80.88 -27.53 -55.25
CA LEU L 106 -80.53 -26.90 -53.98
C LEU L 106 -79.09 -26.39 -53.95
N ARG L 107 -78.27 -26.76 -54.94
CA ARG L 107 -76.88 -26.32 -54.93
C ARG L 107 -76.73 -24.82 -55.10
N HIS L 108 -77.71 -24.14 -55.71
CA HIS L 108 -77.63 -22.71 -55.91
C HIS L 108 -78.76 -21.93 -55.25
N VAL L 109 -79.68 -22.59 -54.56
CA VAL L 109 -80.78 -21.87 -53.92
C VAL L 109 -80.69 -22.02 -52.40
N MET L 110 -80.08 -23.11 -51.93
CA MET L 110 -79.97 -23.36 -50.50
C MET L 110 -78.78 -22.63 -49.88
N THR L 111 -78.02 -21.87 -50.65
CA THR L 111 -76.93 -21.07 -50.13
C THR L 111 -77.29 -19.61 -49.96
N ASN L 112 -78.56 -19.24 -50.16
CA ASN L 112 -78.97 -17.84 -50.17
C ASN L 112 -80.26 -17.64 -49.38
N LEU L 113 -80.33 -18.23 -48.19
CA LEU L 113 -81.47 -18.03 -47.31
C LEU L 113 -81.30 -16.83 -46.37
N GLY L 114 -80.21 -16.08 -46.49
CA GLY L 114 -79.96 -14.97 -45.60
C GLY L 114 -79.16 -15.31 -44.37
N GLU L 115 -78.87 -16.58 -44.14
CA GLU L 115 -78.07 -17.02 -43.01
C GLU L 115 -76.57 -16.93 -43.27
N LYS L 116 -76.17 -16.40 -44.43
CA LYS L 116 -74.77 -16.28 -44.82
C LYS L 116 -74.07 -17.64 -44.82
N LEU L 117 -74.79 -18.68 -45.23
CA LEU L 117 -74.25 -20.04 -45.27
C LEU L 117 -73.64 -20.30 -46.63
N THR L 118 -72.32 -20.53 -46.67
CA THR L 118 -71.62 -20.77 -47.91
C THR L 118 -71.63 -22.25 -48.26
N ASP L 119 -70.90 -22.61 -49.32
CA ASP L 119 -71.04 -23.94 -49.92
C ASP L 119 -70.56 -25.05 -48.99
N GLU L 120 -69.56 -24.79 -48.15
CA GLU L 120 -68.96 -25.87 -47.36
C GLU L 120 -69.95 -26.46 -46.37
N GLU L 121 -70.70 -25.61 -45.68
CA GLU L 121 -71.66 -26.09 -44.68
C GLU L 121 -72.72 -26.97 -45.33
N VAL L 122 -73.26 -26.51 -46.48
CA VAL L 122 -74.27 -27.34 -47.14
C VAL L 122 -73.64 -28.59 -47.73
N ASP L 123 -72.37 -28.55 -48.11
CA ASP L 123 -71.67 -29.77 -48.51
C ASP L 123 -71.72 -30.81 -47.39
N GLU L 124 -71.32 -30.40 -46.20
CA GLU L 124 -71.33 -31.33 -45.08
C GLU L 124 -72.76 -31.72 -44.69
N MET L 125 -73.72 -30.80 -44.85
CA MET L 125 -75.09 -31.07 -44.42
C MET L 125 -75.75 -32.10 -45.33
N ILE L 126 -75.62 -31.94 -46.65
CA ILE L 126 -76.27 -32.87 -47.58
C ILE L 126 -75.45 -34.13 -47.80
N ARG L 127 -74.13 -34.08 -47.56
CA ARG L 127 -73.30 -35.27 -47.72
C ARG L 127 -73.57 -36.29 -46.61
N GLU L 128 -74.02 -35.85 -45.44
CA GLU L 128 -74.20 -36.72 -44.28
C GLU L 128 -75.51 -37.53 -44.35
N ALA L 129 -76.30 -37.34 -45.39
CA ALA L 129 -77.56 -38.07 -45.53
C ALA L 129 -77.31 -39.56 -45.78
N GLY L 135 -81.05 -38.37 -56.33
CA GLY L 135 -82.43 -38.67 -56.00
C GLY L 135 -83.19 -37.49 -55.42
N GLN L 136 -84.48 -37.70 -55.18
CA GLN L 136 -85.35 -36.67 -54.63
C GLN L 136 -85.74 -37.04 -53.21
N VAL L 137 -85.72 -36.05 -52.31
CA VAL L 137 -85.92 -36.27 -50.89
C VAL L 137 -87.15 -35.49 -50.44
N ASN L 138 -88.06 -36.16 -49.74
CA ASN L 138 -89.30 -35.54 -49.29
C ASN L 138 -89.05 -34.66 -48.07
N TYR L 139 -90.13 -34.12 -47.50
CA TYR L 139 -90.01 -33.18 -46.39
C TYR L 139 -89.70 -33.86 -45.07
N GLU L 140 -90.24 -35.07 -44.82
CA GLU L 140 -90.04 -35.72 -43.53
C GLU L 140 -88.59 -36.15 -43.35
N ALA L 141 -87.93 -36.57 -44.45
CA ALA L 141 -86.51 -36.87 -44.35
C ALA L 141 -85.71 -35.62 -44.04
N PHE L 142 -86.12 -34.46 -44.55
CA PHE L 142 -85.49 -33.20 -44.15
C PHE L 142 -85.76 -32.89 -42.68
N VAL L 143 -86.95 -33.20 -42.19
CA VAL L 143 -87.25 -33.01 -40.77
C VAL L 143 -86.28 -33.82 -39.93
N GLN L 144 -86.12 -35.10 -40.24
CA GLN L 144 -85.15 -35.94 -39.53
C GLN L 144 -83.73 -35.42 -39.76
N MET L 145 -83.48 -34.82 -40.93
CA MET L 145 -82.15 -34.38 -41.31
C MET L 145 -81.69 -33.20 -40.46
N MET L 146 -82.54 -32.20 -40.27
CA MET L 146 -82.16 -31.00 -39.53
C MET L 146 -82.55 -31.02 -38.06
N THR L 147 -83.75 -31.50 -37.71
CA THR L 147 -84.17 -31.49 -36.31
C THR L 147 -83.26 -32.36 -35.45
N ALA L 148 -82.92 -33.55 -35.95
CA ALA L 148 -82.06 -34.49 -35.24
C ALA L 148 -82.58 -34.81 -33.84
ZN ZN M . 13.31 -4.74 -37.56
CA CA N . 6.57 -34.80 -35.14
PG ATP O . 26.05 -5.04 -50.78
O1G ATP O . 25.94 -6.52 -51.09
O2G ATP O . 26.79 -4.74 -49.50
O3G ATP O . 26.46 -4.20 -51.96
PB ATP O . 24.12 -3.21 -49.82
O1B ATP O . 25.36 -2.40 -49.55
O2B ATP O . 22.98 -2.60 -50.60
O3B ATP O . 24.52 -4.61 -50.51
PA ATP O . 24.39 -4.73 -47.53
O1A ATP O . 25.67 -4.07 -47.13
O2A ATP O . 24.44 -6.06 -48.25
O3A ATP O . 23.54 -3.71 -48.42
O5' ATP O . 23.47 -4.90 -46.22
C5' ATP O . 23.39 -3.87 -45.25
C4' ATP O . 22.53 -2.72 -45.78
O4' ATP O . 21.32 -3.26 -46.29
C3' ATP O . 22.19 -1.75 -44.68
O3' ATP O . 22.30 -0.41 -45.15
C2' ATP O . 20.77 -2.07 -44.28
O2' ATP O . 19.98 -0.91 -44.06
C1' ATP O . 20.23 -2.86 -45.46
N9 ATP O . 19.51 -4.00 -44.89
C8 ATP O . 19.80 -5.30 -44.98
N7 ATP O . 18.89 -6.03 -44.30
C5 ATP O . 18.01 -5.17 -43.78
C6 ATP O . 16.81 -5.26 -42.96
N6 ATP O . 16.34 -6.45 -42.54
N1 ATP O . 16.19 -4.11 -42.63
C2 ATP O . 16.64 -2.92 -43.03
N3 ATP O . 17.72 -2.77 -43.78
C4 ATP O . 18.43 -3.84 -44.17
N1 CFF P . 6.65 -25.63 -52.42
C2 CFF P . 6.03 -24.51 -51.88
C10 CFF P . 6.11 -26.97 -52.10
C6 CFF P . 7.74 -25.60 -53.25
N3 CFF P . 6.59 -23.28 -52.16
O11 CFF P . 5.03 -24.60 -51.18
C12 CFF P . 6.05 -22.06 -51.52
C4 CFF P . 7.62 -23.18 -53.05
C5 CFF P . 8.17 -24.27 -53.59
N9 CFF P . 8.23 -22.05 -53.52
O13 CFF P . 8.30 -26.60 -53.67
N7 CFF P . 9.14 -23.86 -54.46
C8 CFF P . 9.11 -22.48 -54.39
C14 CFF P . 10.00 -24.69 -55.30
ZN ZN Q . 26.55 14.98 -26.64
CA CA R . 49.11 4.57 -8.30
PG ATP S . 35.28 28.35 -35.71
O1G ATP S . 36.65 28.08 -35.13
O2G ATP S . 34.34 29.05 -34.77
O3G ATP S . 35.31 28.93 -37.11
PB ATP S . 33.11 26.61 -36.21
O1B ATP S . 32.38 27.92 -36.32
O2B ATP S . 33.00 25.59 -37.32
O3B ATP S . 34.67 26.88 -35.93
PA ATP S . 33.04 26.55 -33.44
O1A ATP S . 32.34 27.87 -33.35
O2A ATP S . 34.54 26.48 -33.27
O3A ATP S . 32.66 25.89 -34.85
O5' ATP S . 32.36 25.54 -32.40
C5' ATP S . 30.95 25.53 -32.20
C4' ATP S . 30.27 24.86 -33.39
O4' ATP S . 30.91 23.61 -33.63
C3' ATP S . 28.82 24.56 -33.10
O3' ATP S . 28.01 24.87 -34.22
C2' ATP S . 28.76 23.10 -32.76
O2' ATP S . 27.64 22.44 -33.33
C1' ATP S . 30.04 22.54 -33.33
N9 ATP S . 30.60 21.66 -32.29
C8 ATP S . 31.73 21.80 -31.59
N7 ATP S . 31.87 20.76 -30.73
C5 ATP S . 30.81 19.95 -30.90
C6 ATP S . 30.32 18.71 -30.32
N6 ATP S . 31.02 18.08 -29.36
N1 ATP S . 29.17 18.22 -30.78
C2 ATP S . 28.46 18.83 -31.73
N3 ATP S . 28.83 19.97 -32.30
C4 ATP S . 29.98 20.55 -31.92
N1 CFF T . 51.55 6.43 -27.34
C2 CFF T . 50.29 5.96 -27.67
C10 CFF T . 52.39 5.68 -26.38
C6 CFF T . 52.13 7.57 -27.86
N3 CFF T . 49.52 6.75 -28.49
O11 CFF T . 49.88 4.90 -27.24
C12 CFF T . 48.12 6.36 -28.78
C4 CFF T . 50.06 7.84 -29.12
C5 CFF T . 51.30 8.23 -28.84
N9 CFF T . 49.49 8.65 -30.04
O13 CFF T . 53.21 7.99 -27.53
N7 CFF T . 51.57 9.33 -29.62
C8 CFF T . 50.42 9.53 -30.36
C14 CFF T . 52.82 10.09 -29.69
ZN ZN U . 4.93 29.48 -26.65
CA CA V . 4.30 49.49 -3.12
PG ATP W . -0.11 40.31 -40.61
O1G ATP W . -0.13 41.59 -39.81
O2G ATP W . -1.29 39.41 -40.34
O3G ATP W . 0.22 40.48 -42.06
PB ATP W . 1.45 37.97 -40.27
O1B ATP W . 0.40 37.41 -41.19
O2B ATP W . 2.91 37.80 -40.61
O3B ATP W . 1.17 39.53 -40.01
PA ATP W . -0.11 37.73 -38.00
O1A ATP W . -1.29 37.20 -38.76
O2A ATP W . -0.05 39.19 -37.64
O3A ATP W . 1.22 37.36 -38.81
O5' ATP W . 0.06 36.88 -36.65
C5' ATP W . -0.14 35.46 -36.67
C4' ATP W . 1.05 34.78 -37.32
O4' ATP W . 2.24 35.29 -36.74
C3' ATP W . 1.02 33.28 -37.08
O3' ATP W . 1.38 32.60 -38.27
C2' ATP W . 2.01 33.03 -35.98
O2' ATP W . 2.80 31.87 -36.20
C1' ATP W . 2.89 34.26 -35.97
N9 ATP W . 3.04 34.65 -34.57
C8 ATP W . 2.59 35.74 -33.93
N7 ATP W . 2.94 35.70 -32.63
C5 ATP W . 3.62 34.57 -32.44
C6 ATP W . 4.28 33.90 -31.32
N6 ATP W . 4.28 34.45 -30.09
N1 ATP W . 4.86 32.72 -31.54
C2 ATP W . 4.87 32.15 -32.76
N3 ATP W . 4.30 32.69 -33.82
C4 ATP W . 3.68 33.88 -33.71
N1 CFF X . 13.95 53.24 -19.69
C2 CFF X . 14.40 51.94 -19.86
C10 CFF X . 14.09 53.90 -18.38
C6 CFF X . 13.39 54.01 -20.69
N3 CFF X . 14.20 51.35 -21.09
O11 CFF X . 14.93 51.33 -18.95
C12 CFF X . 14.57 49.93 -21.30
C4 CFF X . 13.73 52.08 -22.14
C5 CFF X . 13.36 53.36 -21.97
N9 CFF X . 13.57 51.71 -23.43
O13 CFF X . 12.96 55.13 -20.51
N7 CFF X . 12.95 53.84 -23.18
C8 CFF X . 13.15 52.79 -24.06
C14 CFF X . 12.47 55.19 -23.51
ZN ZN Y . -8.23 10.00 -37.93
CA CA Z . -38.16 10.41 -30.29
PG ATP AA . -9.26 7.14 -56.05
O1G ATP AA . -10.76 7.23 -56.14
O2G ATP AA . -8.75 5.85 -55.45
O3G ATP AA . -8.53 7.58 -57.29
PB ATP AA . -7.45 8.39 -54.25
O1B ATP AA . -6.54 7.32 -54.81
O2B ATP AA . -7.02 9.83 -54.26
O3B ATP AA . -8.89 8.29 -54.97
PA ATP AA . -8.67 6.68 -52.46
O1A ATP AA . -7.88 5.49 -52.91
O2A ATP AA . -10.07 6.89 -52.99
O3A ATP AA . -7.82 8.00 -52.74
O5' ATP AA . -8.75 6.66 -50.85
C5' ATP AA . -7.61 6.29 -50.08
C4' ATP AA . -6.60 7.42 -50.07
O4' ATP AA . -7.27 8.64 -49.75
C3' ATP AA . -5.52 7.19 -49.03
O3' ATP AA . -4.25 7.54 -49.57
C2' ATP AA . -5.89 8.09 -47.88
O2' ATP AA . -4.76 8.75 -47.31
C1' ATP AA . -6.84 9.11 -48.48
N9 ATP AA . -7.95 9.22 -47.53
C8 ATP AA . -9.24 8.87 -47.70
N7 ATP AA . -9.94 9.14 -46.57
C5 ATP AA . -9.08 9.66 -45.68
C6 ATP AA . -9.15 10.16 -44.31
N6 ATP AA . -10.31 10.16 -43.64
N1 ATP AA . -8.02 10.61 -43.76
C2 ATP AA . -6.85 10.62 -44.41
N3 ATP AA . -6.72 10.18 -45.66
C4 ATP AA . -7.78 9.70 -46.32
N1 CFF BA . -31.12 21.35 -44.86
C2 CFF BA . -29.96 21.68 -44.16
C10 CFF BA . -32.42 21.45 -44.19
C6 CFF BA . -31.14 20.95 -46.18
N3 CFF BA . -28.76 21.53 -44.82
O11 CFF BA . -30.01 22.09 -43.01
C12 CFF BA . -27.49 21.77 -44.11
C4 CFF BA . -28.73 21.20 -46.14
C5 CFF BA . -29.86 20.94 -46.81
N9 CFF BA . -27.65 21.10 -46.96
O13 CFF BA . -32.17 20.63 -46.75
N7 CFF BA . -29.52 20.68 -48.11
C8 CFF BA . -28.15 20.82 -48.16
C14 CFF BA . -30.43 20.40 -49.23
#